data_9N8B
#
_entry.id   9N8B
#
_cell.length_a   1.00
_cell.length_b   1.00
_cell.length_c   1.00
_cell.angle_alpha   90.00
_cell.angle_beta   90.00
_cell.angle_gamma   90.00
#
_symmetry.space_group_name_H-M   'P 1'
#
_entity_poly.entity_id   1
_entity_poly.type   'polypeptide(L)'
_entity_poly.pdbx_seq_one_letter_code
;AVNVNTNVAAMTAQRYLTGATNAQQTSMERLSSGFKINSAKDDAAGLQISNRLNVQSRGLDVAVRNANDGISIAQTAEGA
MNETTNILQRMRDLSLQSANGSNSKSERVAIQEEITALNDELNRIAETTSFGGNKLLNGTFSTKSFQIGADNGEAVMLTL
KDMRSDNRMMGGTSYVAAEGKDKDWKVQAGANDITFTLKDIDGNDQTITVNAKEGDDIEEVATYINGQTDMVKASVNEKG
QLQIFAGNNKVTGDVAFSGGLAGALNMQAGTAETVDTIDVTSVGGAQQSVAVIDSALKYVDSHRAELGAFQNRFNHAISN
LDNINENVNASKSRIKDTDFAKETTALTKSQILSQASSSVLAQAKQAPNAALSLLG
;
_entity_poly.pdbx_strand_id   A,B,C,D,E,F,G,H,I,J,K,L,M,N,O,P,Q,R,S,T,U,V,W,X,Y,Z,a,b,c,d,e,f,g
#
# COMPACT_ATOMS: atom_id res chain seq x y z
N ALA A 1 -47.86 19.29 -112.24
CA ALA A 1 -48.29 18.32 -113.28
C ALA A 1 -47.33 18.40 -114.46
N VAL A 2 -46.91 17.26 -115.00
CA VAL A 2 -45.97 17.22 -116.16
C VAL A 2 -44.88 18.27 -115.94
N ASN A 3 -44.37 18.37 -114.71
CA ASN A 3 -43.25 19.33 -114.43
C ASN A 3 -42.07 18.54 -113.86
N VAL A 4 -40.93 18.58 -114.55
CA VAL A 4 -39.72 17.83 -114.08
C VAL A 4 -38.57 18.82 -113.90
N ASN A 5 -38.66 19.98 -114.56
CA ASN A 5 -37.55 20.97 -114.49
C ASN A 5 -37.40 21.49 -113.06
N THR A 6 -38.45 21.39 -112.25
CA THR A 6 -38.38 21.98 -110.88
C THR A 6 -39.12 21.08 -109.88
N ASN A 7 -38.54 20.87 -108.69
CA ASN A 7 -39.23 20.10 -107.63
C ASN A 7 -39.24 20.98 -106.38
N VAL A 8 -40.13 21.97 -106.32
CA VAL A 8 -40.14 22.91 -105.16
C VAL A 8 -40.24 22.10 -103.88
N ALA A 9 -41.08 21.06 -103.88
CA ALA A 9 -41.18 20.19 -102.68
C ALA A 9 -39.77 19.93 -102.17
N ALA A 10 -38.90 19.43 -103.06
CA ALA A 10 -37.52 19.09 -102.63
C ALA A 10 -36.87 20.32 -102.02
N MET A 11 -36.96 21.46 -102.70
CA MET A 11 -36.29 22.69 -102.19
C MET A 11 -36.81 22.97 -100.79
N THR A 12 -38.13 22.91 -100.62
CA THR A 12 -38.72 23.20 -99.29
C THR A 12 -38.15 22.22 -98.26
N ALA A 13 -38.18 20.93 -98.57
CA ALA A 13 -37.69 19.93 -97.60
C ALA A 13 -36.22 20.23 -97.28
N GLN A 14 -35.41 20.45 -98.32
CA GLN A 14 -33.97 20.73 -98.10
C GLN A 14 -33.86 21.90 -97.12
N ARG A 15 -34.63 22.96 -97.35
CA ARG A 15 -34.47 24.17 -96.50
C ARG A 15 -34.63 23.73 -95.04
N TYR A 16 -35.64 22.91 -94.77
CA TYR A 16 -35.91 22.50 -93.37
C TYR A 16 -34.79 21.59 -92.88
N LEU A 17 -34.28 20.74 -93.78
CA LEU A 17 -33.19 19.81 -93.40
C LEU A 17 -31.98 20.64 -92.96
N THR A 18 -31.65 21.67 -93.73
CA THR A 18 -30.47 22.51 -93.40
C THR A 18 -30.73 23.16 -92.03
N GLY A 19 -31.95 23.62 -91.79
CA GLY A 19 -32.29 24.21 -90.49
C GLY A 19 -32.10 23.21 -89.36
N ALA A 20 -32.57 21.97 -89.56
CA ALA A 20 -32.42 20.91 -88.54
C ALA A 20 -30.92 20.63 -88.35
N THR A 21 -30.16 20.62 -89.44
CA THR A 21 -28.72 20.36 -89.35
C THR A 21 -28.10 21.42 -88.44
N ASN A 22 -28.50 22.68 -88.61
CA ASN A 22 -27.87 23.77 -87.81
C ASN A 22 -28.28 23.60 -86.35
N ALA A 23 -29.54 23.21 -86.13
CA ALA A 23 -29.99 22.99 -84.74
C ALA A 23 -29.05 21.97 -84.09
N GLN A 24 -28.76 20.89 -84.81
CA GLN A 24 -27.89 19.84 -84.23
C GLN A 24 -26.52 20.44 -83.92
N GLN A 25 -25.89 21.08 -84.91
CA GLN A 25 -24.51 21.58 -84.68
C GLN A 25 -24.51 22.49 -83.45
N THR A 26 -25.46 23.42 -83.38
CA THR A 26 -25.49 24.37 -82.25
C THR A 26 -25.61 23.59 -80.94
N SER A 27 -26.57 22.67 -80.86
CA SER A 27 -26.80 21.93 -79.59
C SER A 27 -25.58 21.06 -79.28
N MET A 28 -25.05 20.35 -80.27
CA MET A 28 -23.92 19.42 -80.01
C MET A 28 -22.73 20.22 -79.48
N GLU A 29 -22.46 21.37 -80.09
CA GLU A 29 -21.33 22.21 -79.65
C GLU A 29 -21.59 22.66 -78.21
N ARG A 30 -22.85 22.98 -77.89
CA ARG A 30 -23.16 23.45 -76.53
C ARG A 30 -22.86 22.33 -75.53
N LEU A 31 -23.33 21.12 -75.83
CA LEU A 31 -23.10 19.97 -74.91
C LEU A 31 -21.60 19.73 -74.77
N SER A 32 -20.85 19.86 -75.86
CA SER A 32 -19.39 19.59 -75.84
C SER A 32 -18.70 20.57 -74.88
N SER A 33 -19.03 21.86 -74.98
CA SER A 33 -18.33 22.86 -74.14
C SER A 33 -18.99 22.90 -72.75
N GLY A 34 -20.31 22.79 -72.71
CA GLY A 34 -21.02 22.95 -71.43
C GLY A 34 -21.43 24.40 -71.26
N PHE A 35 -21.23 25.21 -72.32
CA PHE A 35 -21.56 26.65 -72.26
C PHE A 35 -22.69 26.98 -73.24
N LYS A 36 -23.77 27.58 -72.74
CA LYS A 36 -24.88 28.00 -73.63
C LYS A 36 -24.35 29.13 -74.52
N ILE A 37 -23.61 30.06 -73.92
CA ILE A 37 -23.02 31.20 -74.69
C ILE A 37 -21.65 30.77 -75.18
N ASN A 38 -21.53 30.44 -76.46
CA ASN A 38 -20.23 29.97 -77.02
C ASN A 38 -19.68 31.03 -77.98
N SER A 39 -20.51 32.02 -78.33
CA SER A 39 -20.06 33.11 -79.23
C SER A 39 -20.99 34.32 -79.04
N ALA A 40 -20.70 35.42 -79.73
CA ALA A 40 -21.61 36.59 -79.66
C ALA A 40 -22.88 36.25 -80.42
N LYS A 41 -22.81 35.25 -81.31
CA LYS A 41 -23.98 34.85 -82.14
C LYS A 41 -25.14 34.46 -81.22
N ASP A 42 -24.83 34.04 -79.99
CA ASP A 42 -25.90 33.70 -79.01
C ASP A 42 -25.72 34.52 -77.73
N ASP A 43 -26.75 35.26 -77.32
CA ASP A 43 -26.69 36.04 -76.05
C ASP A 43 -25.42 36.89 -75.99
N ALA A 44 -25.27 37.82 -76.94
CA ALA A 44 -24.10 38.72 -76.92
C ALA A 44 -24.06 39.45 -75.59
N ALA A 45 -25.23 39.89 -75.10
CA ALA A 45 -25.30 40.59 -73.80
C ALA A 45 -24.73 39.67 -72.73
N GLY A 46 -25.13 38.40 -72.74
CA GLY A 46 -24.60 37.44 -71.77
C GLY A 46 -23.09 37.35 -71.90
N LEU A 47 -22.61 37.11 -73.12
CA LEU A 47 -21.14 37.08 -73.35
C LEU A 47 -20.54 38.19 -72.51
N GLN A 48 -21.12 39.39 -72.58
CA GLN A 48 -20.57 40.55 -71.84
C GLN A 48 -20.72 40.33 -70.33
N ILE A 49 -21.95 40.19 -69.84
CA ILE A 49 -22.14 40.10 -68.36
C ILE A 49 -21.35 38.88 -67.86
N SER A 50 -21.39 37.77 -68.59
CA SER A 50 -20.72 36.53 -68.12
C SER A 50 -19.20 36.76 -68.08
N ASN A 51 -18.66 37.35 -69.14
CA ASN A 51 -17.19 37.56 -69.19
C ASN A 51 -16.80 38.47 -68.05
N ARG A 52 -17.60 39.50 -67.78
CA ARG A 52 -17.31 40.43 -66.67
C ARG A 52 -17.39 39.66 -65.36
N LEU A 53 -18.44 38.84 -65.20
CA LEU A 53 -18.56 38.01 -63.99
C LEU A 53 -17.33 37.09 -63.91
N ASN A 54 -16.91 36.55 -65.05
CA ASN A 54 -15.77 35.60 -65.04
C ASN A 54 -14.55 36.33 -64.48
N VAL A 55 -14.29 37.55 -64.96
CA VAL A 55 -13.15 38.34 -64.45
C VAL A 55 -13.31 38.49 -62.93
N GLN A 56 -14.52 38.84 -62.48
CA GLN A 56 -14.71 39.09 -61.03
C GLN A 56 -14.40 37.80 -60.26
N SER A 57 -14.95 36.67 -60.71
CA SER A 57 -14.71 35.39 -60.00
C SER A 57 -13.21 35.12 -59.94
N ARG A 58 -12.54 35.15 -61.09
CA ARG A 58 -11.08 34.88 -61.14
C ARG A 58 -10.37 35.93 -60.26
N GLY A 59 -10.76 37.19 -60.40
CA GLY A 59 -10.16 38.25 -59.59
C GLY A 59 -10.32 37.97 -58.11
N LEU A 60 -11.54 37.58 -57.70
CA LEU A 60 -11.82 37.31 -56.27
C LEU A 60 -10.88 36.19 -55.81
N ASP A 61 -10.69 35.18 -56.65
CA ASP A 61 -9.77 34.07 -56.31
C ASP A 61 -8.39 34.65 -56.00
N VAL A 62 -7.85 35.43 -56.93
CA VAL A 62 -6.49 36.01 -56.75
C VAL A 62 -6.51 36.84 -55.46
N ALA A 63 -7.59 37.58 -55.24
CA ALA A 63 -7.68 38.46 -54.05
C ALA A 63 -7.54 37.59 -52.80
N VAL A 64 -8.28 36.48 -52.74
CA VAL A 64 -8.22 35.60 -51.54
C VAL A 64 -6.76 35.23 -51.30
N ARG A 65 -6.06 34.80 -52.35
CA ARG A 65 -4.62 34.48 -52.20
C ARG A 65 -3.90 35.70 -51.63
N ASN A 66 -4.01 36.84 -52.30
CA ASN A 66 -3.30 38.06 -51.85
C ASN A 66 -3.57 38.23 -50.36
N ALA A 67 -4.81 38.04 -49.92
CA ALA A 67 -5.17 38.22 -48.50
C ALA A 67 -4.45 37.18 -47.66
N ASN A 68 -4.40 35.94 -48.14
CA ASN A 68 -3.71 34.86 -47.40
C ASN A 68 -2.24 35.27 -47.23
N ASP A 69 -1.63 35.83 -48.28
CA ASP A 69 -0.24 36.33 -48.14
C ASP A 69 -0.20 37.34 -46.99
N GLY A 70 -1.18 38.24 -46.96
CA GLY A 70 -1.18 39.27 -45.92
C GLY A 70 -1.20 38.66 -44.54
N ILE A 71 -2.11 37.71 -44.31
CA ILE A 71 -2.24 37.12 -42.95
C ILE A 71 -0.92 36.40 -42.63
N SER A 72 -0.26 35.86 -43.65
CA SER A 72 0.99 35.11 -43.43
C SER A 72 2.10 36.06 -42.98
N ILE A 73 2.31 37.14 -43.74
CA ILE A 73 3.39 38.11 -43.40
C ILE A 73 3.13 38.61 -41.97
N ALA A 74 1.88 38.95 -41.67
CA ALA A 74 1.53 39.43 -40.32
C ALA A 74 1.83 38.34 -39.29
N GLN A 75 1.37 37.11 -39.55
CA GLN A 75 1.55 36.02 -38.55
C GLN A 75 3.03 35.94 -38.18
N THR A 76 3.91 35.92 -39.20
CA THR A 76 5.36 35.79 -38.95
C THR A 76 5.81 36.94 -38.05
N ALA A 77 5.45 38.17 -38.40
CA ALA A 77 5.88 39.34 -37.61
C ALA A 77 5.37 39.21 -36.18
N GLU A 78 4.10 38.83 -36.01
CA GLU A 78 3.51 38.72 -34.65
C GLU A 78 4.33 37.69 -33.87
N GLY A 79 4.65 36.56 -34.51
CA GLY A 79 5.39 35.49 -33.82
C GLY A 79 6.73 36.01 -33.32
N ALA A 80 7.42 36.79 -34.16
CA ALA A 80 8.73 37.35 -33.75
C ALA A 80 8.53 38.24 -32.53
N MET A 81 7.51 39.10 -32.57
CA MET A 81 7.28 40.05 -31.45
C MET A 81 7.01 39.24 -30.18
N ASN A 82 6.38 38.07 -30.31
CA ASN A 82 6.15 37.21 -29.13
C ASN A 82 7.49 37.00 -28.41
N GLU A 83 8.49 36.46 -29.11
CA GLU A 83 9.79 36.19 -28.46
C GLU A 83 10.35 37.50 -27.92
N THR A 84 10.22 38.58 -28.71
CA THR A 84 10.71 39.90 -28.26
C THR A 84 10.15 40.15 -26.85
N THR A 85 8.84 39.93 -26.69
CA THR A 85 8.19 40.20 -25.38
C THR A 85 8.89 39.36 -24.31
N ASN A 86 9.06 38.07 -24.55
CA ASN A 86 9.66 37.18 -23.53
C ASN A 86 11.03 37.73 -23.12
N ILE A 87 11.85 38.10 -24.09
CA ILE A 87 13.23 38.58 -23.77
C ILE A 87 13.12 39.84 -22.91
N LEU A 88 12.24 40.76 -23.31
CA LEU A 88 12.08 42.03 -22.54
C LEU A 88 11.69 41.67 -21.11
N GLN A 89 10.78 40.71 -20.93
CA GLN A 89 10.31 40.37 -19.57
C GLN A 89 11.50 39.85 -18.76
N ARG A 90 12.28 38.94 -19.35
CA ARG A 90 13.49 38.44 -18.64
C ARG A 90 14.34 39.65 -18.23
N MET A 91 14.60 40.56 -19.16
CA MET A 91 15.49 41.71 -18.86
C MET A 91 14.91 42.51 -17.68
N ARG A 92 13.60 42.73 -17.67
CA ARG A 92 12.95 43.51 -16.59
C ARG A 92 13.22 42.83 -15.24
N ASP A 93 13.02 41.52 -15.17
CA ASP A 93 13.20 40.78 -13.90
C ASP A 93 14.67 40.92 -13.46
N LEU A 94 15.60 40.71 -14.39
CA LEU A 94 17.03 40.79 -14.04
C LEU A 94 17.29 42.18 -13.47
N SER A 95 16.62 43.19 -14.02
CA SER A 95 16.83 44.59 -13.57
C SER A 95 16.39 44.73 -12.11
N LEU A 96 15.23 44.14 -11.78
CA LEU A 96 14.71 44.23 -10.40
C LEU A 96 15.69 43.52 -9.46
N GLN A 97 16.17 42.35 -9.86
CA GLN A 97 17.18 41.65 -9.02
C GLN A 97 18.34 42.61 -8.79
N SER A 98 18.77 43.32 -9.83
CA SER A 98 19.92 44.24 -9.71
C SER A 98 19.62 45.34 -8.69
N ALA A 99 18.37 45.78 -8.62
CA ALA A 99 18.02 46.90 -7.73
C ALA A 99 18.34 46.54 -6.27
N ASN A 100 18.05 45.31 -5.86
CA ASN A 100 18.24 44.93 -4.43
C ASN A 100 19.66 45.32 -3.99
N GLY A 101 19.77 46.06 -2.88
CA GLY A 101 21.08 46.54 -2.40
C GLY A 101 22.05 45.39 -2.14
N SER A 102 21.53 44.23 -1.75
CA SER A 102 22.40 43.07 -1.43
C SER A 102 23.42 42.87 -2.55
N ASN A 103 22.95 42.91 -3.80
CA ASN A 103 23.84 42.70 -4.96
C ASN A 103 25.01 43.69 -4.90
N SER A 104 26.24 43.19 -4.94
CA SER A 104 27.41 44.11 -4.99
C SER A 104 27.75 44.38 -6.46
N LYS A 105 28.65 45.33 -6.71
CA LYS A 105 28.96 45.71 -8.12
C LYS A 105 29.18 44.44 -8.95
N SER A 106 29.93 43.48 -8.42
CA SER A 106 30.24 42.25 -9.19
C SER A 106 28.93 41.58 -9.61
N GLU A 107 27.97 41.49 -8.70
CA GLU A 107 26.67 40.85 -9.02
C GLU A 107 26.02 41.63 -10.17
N ARG A 108 25.99 42.95 -10.04
CA ARG A 108 25.33 43.78 -11.08
C ARG A 108 26.08 43.58 -12.40
N VAL A 109 27.41 43.49 -12.33
CA VAL A 109 28.22 43.27 -13.57
C VAL A 109 27.72 41.98 -14.23
N ALA A 110 27.54 40.92 -13.42
CA ALA A 110 27.08 39.64 -13.97
C ALA A 110 25.73 39.85 -14.67
N ILE A 111 24.79 40.48 -13.98
CA ILE A 111 23.43 40.67 -14.56
C ILE A 111 23.60 41.45 -15.86
N GLN A 112 24.32 42.56 -15.81
CA GLN A 112 24.50 43.40 -17.02
C GLN A 112 24.93 42.50 -18.18
N GLU A 113 25.85 41.58 -17.92
CA GLU A 113 26.36 40.76 -19.05
C GLU A 113 25.17 40.07 -19.72
N GLU A 114 24.28 39.48 -18.93
CA GLU A 114 23.12 38.77 -19.52
C GLU A 114 22.26 39.78 -20.28
N ILE A 115 22.03 40.94 -19.66
CA ILE A 115 21.16 41.99 -20.30
C ILE A 115 21.79 42.39 -21.63
N THR A 116 23.11 42.54 -21.68
CA THR A 116 23.77 42.88 -22.96
C THR A 116 23.42 41.80 -23.98
N ALA A 117 23.54 40.52 -23.58
CA ALA A 117 23.25 39.41 -24.51
C ALA A 117 21.82 39.53 -25.02
N LEU A 118 20.87 39.66 -24.09
CA LEU A 118 19.44 39.68 -24.51
C LEU A 118 19.20 40.89 -25.42
N ASN A 119 19.83 42.02 -25.10
CA ASN A 119 19.69 43.22 -25.97
C ASN A 119 20.08 42.82 -27.39
N ASP A 120 21.25 42.19 -27.55
CA ASP A 120 21.73 41.79 -28.88
C ASP A 120 20.71 40.84 -29.50
N GLU A 121 20.20 39.89 -28.72
CA GLU A 121 19.21 38.91 -29.23
C GLU A 121 17.98 39.68 -29.74
N LEU A 122 17.52 40.67 -28.98
CA LEU A 122 16.37 41.48 -29.44
C LEU A 122 16.72 42.06 -30.81
N ASN A 123 17.87 42.72 -30.91
CA ASN A 123 18.26 43.35 -32.20
C ASN A 123 18.31 42.26 -33.28
N ARG A 124 18.90 41.11 -32.96
CA ARG A 124 19.04 40.02 -33.98
C ARG A 124 17.64 39.71 -34.49
N ILE A 125 16.73 39.33 -33.60
CA ILE A 125 15.34 38.94 -34.01
C ILE A 125 14.85 40.00 -34.98
N ALA A 126 15.06 41.28 -34.66
CA ALA A 126 14.53 42.36 -35.52
C ALA A 126 15.25 42.41 -36.86
N GLU A 127 16.56 42.19 -36.88
CA GLU A 127 17.30 42.35 -38.15
C GLU A 127 17.31 41.04 -38.95
N THR A 128 16.70 39.98 -38.41
CA THR A 128 16.74 38.67 -39.10
C THR A 128 15.33 38.23 -39.51
N THR A 129 14.34 38.43 -38.64
CA THR A 129 12.97 37.94 -38.98
C THR A 129 12.66 38.34 -40.41
N SER A 130 12.45 37.36 -41.30
CA SER A 130 12.24 37.68 -42.73
C SER A 130 11.12 36.82 -43.30
N PHE A 131 10.56 37.24 -44.43
CA PHE A 131 9.50 36.45 -45.10
C PHE A 131 9.97 36.08 -46.49
N GLY A 132 10.87 35.11 -46.58
CA GLY A 132 11.41 34.70 -47.89
C GLY A 132 12.50 35.63 -48.34
N GLY A 133 12.82 36.62 -47.51
CA GLY A 133 13.90 37.56 -47.85
C GLY A 133 13.56 38.98 -47.45
N ASN A 134 12.28 39.36 -47.55
CA ASN A 134 11.86 40.71 -47.10
C ASN A 134 11.91 40.74 -45.57
N LYS A 135 12.84 41.52 -45.01
CA LYS A 135 12.90 41.66 -43.52
C LYS A 135 11.62 42.35 -43.06
N LEU A 136 11.03 41.90 -41.96
CA LEU A 136 9.72 42.46 -41.53
C LEU A 136 9.85 43.36 -40.31
N LEU A 137 10.93 43.26 -39.53
CA LEU A 137 10.97 44.04 -38.26
C LEU A 137 12.02 45.14 -38.28
N ASN A 138 13.00 45.08 -39.18
CA ASN A 138 14.11 46.09 -39.13
C ASN A 138 13.59 47.49 -39.45
N GLY A 139 12.37 47.59 -39.96
CA GLY A 139 11.80 48.91 -40.31
C GLY A 139 11.69 49.08 -41.81
N THR A 140 12.44 48.29 -42.58
CA THR A 140 12.42 48.40 -44.06
C THR A 140 10.98 48.22 -44.55
N PHE A 141 10.32 47.14 -44.13
CA PHE A 141 8.90 46.94 -44.49
C PHE A 141 8.09 48.07 -43.84
N SER A 142 7.30 48.80 -44.61
CA SER A 142 6.58 49.97 -44.04
C SER A 142 5.40 50.38 -44.92
N THR A 143 4.23 50.59 -44.34
CA THR A 143 3.04 51.05 -45.10
C THR A 143 2.97 50.32 -46.44
N LYS A 144 2.98 48.98 -46.42
CA LYS A 144 2.83 48.20 -47.66
C LYS A 144 1.35 47.91 -47.88
N SER A 145 0.88 48.04 -49.11
CA SER A 145 -0.57 47.83 -49.41
C SER A 145 -0.81 46.38 -49.84
N PHE A 146 -1.84 45.75 -49.30
CA PHE A 146 -2.17 44.34 -49.64
C PHE A 146 -3.55 44.29 -50.31
N GLN A 147 -3.58 44.38 -51.65
CA GLN A 147 -4.84 44.34 -52.41
C GLN A 147 -5.63 43.09 -52.01
N ILE A 148 -6.90 43.26 -51.62
CA ILE A 148 -7.72 42.09 -51.20
C ILE A 148 -9.07 42.14 -51.92
N GLY A 149 -9.07 42.58 -53.18
CA GLY A 149 -10.34 42.72 -53.93
C GLY A 149 -10.18 42.36 -55.39
N ALA A 150 -11.29 42.23 -56.12
CA ALA A 150 -11.24 41.83 -57.54
C ALA A 150 -11.14 43.05 -58.44
N ASP A 151 -10.87 44.21 -57.83
CA ASP A 151 -10.77 45.46 -58.63
C ASP A 151 -9.57 46.27 -58.13
N ASN A 152 -9.14 47.26 -58.90
CA ASN A 152 -7.99 48.10 -58.52
C ASN A 152 -8.40 49.06 -57.40
N GLY A 153 -7.47 49.38 -56.50
CA GLY A 153 -7.75 50.39 -55.45
C GLY A 153 -8.35 49.79 -54.18
N GLU A 154 -8.80 48.54 -54.23
CA GLU A 154 -9.48 47.95 -53.06
C GLU A 154 -8.45 47.66 -51.96
N ALA A 155 -7.16 47.81 -52.25
CA ALA A 155 -6.09 47.44 -51.29
C ALA A 155 -6.29 47.97 -49.87
N VAL A 156 -5.80 47.24 -48.87
CA VAL A 156 -5.86 47.68 -47.44
C VAL A 156 -4.43 47.84 -46.96
N MET A 157 -4.10 48.95 -46.27
CA MET A 157 -2.68 49.22 -45.91
C MET A 157 -2.21 48.36 -44.73
N LEU A 158 -0.89 48.19 -44.59
CA LEU A 158 -0.33 47.45 -43.43
C LEU A 158 1.05 48.05 -43.10
N THR A 159 1.26 48.43 -41.85
CA THR A 159 2.54 49.09 -41.48
C THR A 159 3.22 48.32 -40.36
N LEU A 160 4.41 47.76 -40.64
CA LEU A 160 5.19 47.08 -39.57
C LEU A 160 6.22 48.06 -39.02
N LYS A 161 6.20 48.30 -37.72
CA LYS A 161 7.11 49.30 -37.10
C LYS A 161 8.46 48.64 -36.77
N ASP A 162 9.54 49.43 -36.78
CA ASP A 162 10.87 48.90 -36.41
C ASP A 162 10.83 48.40 -34.96
N MET A 163 11.35 47.20 -34.71
CA MET A 163 11.32 46.63 -33.34
C MET A 163 12.75 46.57 -32.79
N ARG A 164 13.67 47.34 -33.38
CA ARG A 164 15.06 47.39 -32.88
C ARG A 164 15.05 47.93 -31.44
N SER A 165 16.02 47.51 -30.62
CA SER A 165 16.04 47.92 -29.20
C SER A 165 16.35 49.41 -29.06
N ASP A 166 16.71 50.07 -30.16
CA ASP A 166 17.09 51.50 -30.10
C ASP A 166 15.97 52.35 -30.70
N ASN A 167 14.90 51.71 -31.18
CA ASN A 167 13.76 52.48 -31.72
C ASN A 167 13.35 53.52 -30.66
N ARG A 168 13.24 54.79 -31.07
CA ARG A 168 12.91 55.87 -30.10
C ARG A 168 11.71 55.44 -29.25
N MET A 169 10.73 54.79 -29.86
CA MET A 169 9.50 54.40 -29.12
C MET A 169 9.88 53.44 -27.99
N MET A 170 10.82 52.53 -28.24
CA MET A 170 11.16 51.51 -27.21
C MET A 170 12.01 52.17 -26.12
N GLY A 171 11.47 53.20 -25.46
CA GLY A 171 12.22 53.91 -24.41
C GLY A 171 11.48 55.15 -23.95
N GLY A 172 12.20 56.24 -23.72
CA GLY A 172 11.56 57.50 -23.27
C GLY A 172 12.60 58.55 -22.92
N THR A 173 12.35 59.33 -21.88
CA THR A 173 13.33 60.35 -21.43
C THR A 173 13.52 60.20 -19.92
N SER A 174 14.74 60.42 -19.43
CA SER A 174 15.02 60.22 -17.99
C SER A 174 15.52 61.53 -17.37
N TYR A 175 14.75 62.08 -16.44
CA TYR A 175 15.18 63.31 -15.72
C TYR A 175 15.65 62.90 -14.33
N VAL A 176 16.87 63.28 -13.96
CA VAL A 176 17.42 62.90 -12.63
C VAL A 176 17.62 64.16 -11.80
N ALA A 177 17.30 64.10 -10.50
CA ALA A 177 17.48 65.26 -9.60
C ALA A 177 18.97 65.55 -9.42
N ALA A 178 19.30 66.75 -8.91
CA ALA A 178 20.71 67.13 -8.71
C ALA A 178 21.08 67.03 -7.23
N GLU A 179 20.10 67.20 -6.35
CA GLU A 179 20.39 67.19 -4.89
C GLU A 179 20.06 65.83 -4.30
N GLY A 180 21.08 65.13 -3.78
CA GLY A 180 20.85 63.82 -3.14
C GLY A 180 20.34 64.00 -1.73
N LYS A 181 19.35 63.21 -1.33
CA LYS A 181 18.77 63.34 0.03
C LYS A 181 19.23 62.16 0.88
N ASP A 182 19.80 62.43 2.06
CA ASP A 182 20.36 61.35 2.91
C ASP A 182 19.21 60.59 3.58
N LYS A 183 19.54 59.48 4.26
CA LYS A 183 18.50 58.66 4.93
C LYS A 183 17.74 59.53 5.93
N ASP A 184 18.34 60.62 6.40
CA ASP A 184 17.70 61.45 7.45
C ASP A 184 17.01 62.66 6.80
N TRP A 185 16.87 62.66 5.47
CA TRP A 185 16.11 63.76 4.83
C TRP A 185 14.64 63.35 4.77
N LYS A 186 13.76 64.26 5.19
CA LYS A 186 12.30 63.96 5.14
C LYS A 186 11.62 65.09 4.37
N VAL A 187 10.43 64.81 3.82
CA VAL A 187 9.67 65.89 3.13
C VAL A 187 9.50 67.04 4.12
N GLN A 188 9.89 68.25 3.72
CA GLN A 188 9.74 69.43 4.60
C GLN A 188 8.37 70.05 4.39
N ALA A 189 7.69 70.45 5.46
CA ALA A 189 6.31 70.99 5.33
C ALA A 189 6.35 72.26 4.48
N GLY A 190 5.45 72.37 3.50
CA GLY A 190 5.41 73.54 2.61
C GLY A 190 6.23 73.29 1.35
N ALA A 191 7.17 72.36 1.41
CA ALA A 191 7.99 72.01 0.23
C ALA A 191 7.66 70.58 -0.19
N ASN A 192 6.38 70.23 -0.15
CA ASN A 192 5.95 68.84 -0.48
C ASN A 192 5.14 68.84 -1.79
N ASP A 193 5.30 69.88 -2.61
CA ASP A 193 4.46 69.99 -3.83
C ASP A 193 5.35 69.74 -5.06
N ILE A 194 4.96 68.81 -5.93
CA ILE A 194 5.71 68.61 -7.19
C ILE A 194 4.71 68.73 -8.35
N THR A 195 5.03 69.54 -9.35
CA THR A 195 4.06 69.78 -10.46
C THR A 195 4.58 69.13 -11.75
N PHE A 196 3.74 68.32 -12.39
CA PHE A 196 4.13 67.65 -13.65
C PHE A 196 3.34 68.25 -14.81
N THR A 197 3.95 69.16 -15.57
CA THR A 197 3.27 69.77 -16.74
C THR A 197 3.82 69.12 -18.01
N LEU A 198 2.98 68.32 -18.70
CA LEU A 198 3.42 67.58 -19.91
C LEU A 198 2.28 67.56 -20.92
N LYS A 199 2.50 67.05 -22.14
CA LYS A 199 1.43 67.12 -23.18
C LYS A 199 0.99 65.72 -23.62
N ASP A 200 0.97 64.74 -22.72
CA ASP A 200 0.46 63.38 -23.06
C ASP A 200 1.05 62.90 -24.39
N ILE A 201 0.23 62.23 -25.19
CA ILE A 201 0.71 61.67 -26.50
C ILE A 201 -0.12 62.29 -27.61
N ASP A 202 -1.40 62.57 -27.34
CA ASP A 202 -2.30 63.16 -28.37
C ASP A 202 -2.07 64.67 -28.43
N GLY A 203 -1.13 65.19 -27.64
CA GLY A 203 -0.89 66.65 -27.59
C GLY A 203 -1.71 67.29 -26.49
N ASN A 204 -2.80 66.64 -26.09
CA ASN A 204 -3.61 67.15 -24.96
C ASN A 204 -2.68 67.39 -23.78
N ASP A 205 -2.65 68.60 -23.22
CA ASP A 205 -1.72 68.92 -22.12
C ASP A 205 -2.35 68.49 -20.79
N GLN A 206 -1.55 67.92 -19.89
CA GLN A 206 -2.06 67.55 -18.54
C GLN A 206 -1.13 68.12 -17.47
N THR A 207 -1.68 68.40 -16.30
CA THR A 207 -0.86 68.93 -15.18
C THR A 207 -1.09 68.06 -13.94
N ILE A 208 -0.17 67.12 -13.69
CA ILE A 208 -0.28 66.24 -12.49
C ILE A 208 0.31 67.00 -11.30
N THR A 209 -0.49 67.17 -10.23
CA THR A 209 0.00 67.93 -9.05
C THR A 209 0.09 66.98 -7.87
N VAL A 210 1.30 66.52 -7.54
CA VAL A 210 1.47 65.52 -6.46
C VAL A 210 1.89 66.22 -5.18
N ASN A 211 1.04 66.18 -4.14
CA ASN A 211 1.40 66.79 -2.85
C ASN A 211 1.97 65.68 -1.96
N ALA A 212 3.29 65.58 -1.88
CA ALA A 212 3.94 64.50 -1.11
C ALA A 212 3.47 64.54 0.34
N LYS A 213 3.36 63.38 0.97
CA LYS A 213 2.99 63.35 2.41
C LYS A 213 4.15 63.93 3.22
N GLU A 214 3.85 64.81 4.18
CA GLU A 214 4.90 65.47 4.99
C GLU A 214 5.74 64.42 5.72
N GLY A 215 7.04 64.66 5.86
CA GLY A 215 7.91 63.73 6.61
C GLY A 215 7.97 62.35 5.97
N ASP A 216 8.39 62.27 4.71
CA ASP A 216 8.57 60.95 4.05
C ASP A 216 9.98 60.88 3.45
N ASP A 217 10.56 59.69 3.37
CA ASP A 217 11.96 59.60 2.89
C ASP A 217 11.97 59.68 1.37
N ILE A 218 13.12 60.02 0.78
CA ILE A 218 13.16 60.21 -0.70
C ILE A 218 12.55 58.98 -1.38
N GLU A 219 12.83 57.79 -0.85
CA GLU A 219 12.32 56.55 -1.49
C GLU A 219 10.80 56.57 -1.43
N GLU A 220 10.24 56.90 -0.26
CA GLU A 220 8.77 56.97 -0.11
C GLU A 220 8.21 58.04 -1.05
N VAL A 221 8.92 59.16 -1.20
CA VAL A 221 8.47 60.21 -2.16
C VAL A 221 8.22 59.51 -3.50
N ALA A 222 9.20 58.75 -3.98
CA ALA A 222 9.05 58.09 -5.30
C ALA A 222 7.82 57.21 -5.27
N THR A 223 7.72 56.35 -4.24
CA THR A 223 6.57 55.40 -4.21
C THR A 223 5.28 56.22 -4.27
N TYR A 224 5.24 57.35 -3.56
CA TYR A 224 3.98 58.15 -3.52
C TYR A 224 3.67 58.60 -4.93
N ILE A 225 4.65 59.20 -5.60
CA ILE A 225 4.42 59.67 -6.99
C ILE A 225 3.96 58.49 -7.82
N ASN A 226 4.68 57.37 -7.76
CA ASN A 226 4.36 56.20 -8.61
C ASN A 226 2.89 55.82 -8.39
N GLY A 227 2.35 56.14 -7.21
CA GLY A 227 0.96 55.79 -6.91
C GLY A 227 -0.01 56.89 -7.29
N GLN A 228 0.45 58.15 -7.33
CA GLN A 228 -0.47 59.27 -7.58
C GLN A 228 -0.52 59.59 -9.08
N THR A 229 0.09 58.74 -9.91
CA THR A 229 0.05 58.95 -11.38
C THR A 229 0.60 57.72 -12.10
N ASP A 230 0.36 57.64 -13.41
CA ASP A 230 0.86 56.50 -14.21
C ASP A 230 1.66 57.05 -15.39
N MET A 231 1.52 58.35 -15.66
CA MET A 231 2.21 58.95 -16.83
C MET A 231 3.72 58.97 -16.59
N VAL A 232 4.15 59.46 -15.42
CA VAL A 232 5.60 59.49 -15.09
C VAL A 232 5.90 58.34 -14.12
N LYS A 233 7.13 57.83 -14.14
CA LYS A 233 7.54 56.75 -13.20
C LYS A 233 8.74 57.26 -12.39
N ALA A 234 8.71 57.08 -11.06
CA ALA A 234 9.79 57.63 -10.22
C ALA A 234 10.67 56.51 -9.68
N SER A 235 11.94 56.83 -9.37
CA SER A 235 12.89 55.83 -8.84
C SER A 235 14.03 56.58 -8.15
N VAL A 236 14.54 56.05 -7.04
CA VAL A 236 15.62 56.74 -6.28
C VAL A 236 16.96 56.07 -6.61
N ASN A 237 17.98 56.85 -6.97
CA ASN A 237 19.29 56.28 -7.34
C ASN A 237 20.12 56.03 -6.08
N GLU A 238 21.37 55.59 -6.26
CA GLU A 238 22.25 55.30 -5.09
C GLU A 238 22.42 56.56 -4.25
N LYS A 239 22.67 57.70 -4.89
CA LYS A 239 22.94 58.96 -4.14
C LYS A 239 21.64 59.48 -3.50
N GLY A 240 20.49 58.96 -3.92
CA GLY A 240 19.21 59.47 -3.40
C GLY A 240 18.59 60.42 -4.42
N GLN A 241 19.36 60.81 -5.43
CA GLN A 241 18.84 61.72 -6.48
C GLN A 241 17.65 61.05 -7.17
N LEU A 242 16.44 61.52 -6.89
CA LEU A 242 15.23 60.89 -7.47
C LEU A 242 15.28 61.03 -8.98
N GLN A 243 14.93 59.97 -9.70
CA GLN A 243 14.91 60.04 -11.18
C GLN A 243 13.45 59.99 -11.64
N ILE A 244 13.14 60.56 -12.79
CA ILE A 244 11.76 60.50 -13.34
C ILE A 244 11.84 60.03 -14.80
N PHE A 245 11.29 58.85 -15.09
CA PHE A 245 11.29 58.35 -16.49
C PHE A 245 9.93 58.64 -17.13
N ALA A 246 9.93 59.25 -18.32
CA ALA A 246 8.68 59.53 -19.04
C ALA A 246 8.63 58.73 -20.33
N GLY A 247 7.79 57.69 -20.38
CA GLY A 247 7.68 56.85 -21.59
C GLY A 247 7.25 57.66 -22.80
N ASN A 248 8.03 57.61 -23.88
CA ASN A 248 7.68 58.34 -25.12
C ASN A 248 6.25 57.97 -25.51
N ASN A 249 5.89 56.70 -25.35
CA ASN A 249 4.52 56.24 -25.70
C ASN A 249 3.49 57.02 -24.89
N LYS A 250 3.76 57.27 -23.60
CA LYS A 250 2.78 57.96 -22.73
C LYS A 250 2.91 59.48 -22.89
N VAL A 251 4.04 60.05 -22.45
CA VAL A 251 4.20 61.53 -22.47
C VAL A 251 5.02 61.93 -23.71
N THR A 252 4.63 63.02 -24.37
CA THR A 252 5.43 63.51 -25.52
C THR A 252 6.08 64.84 -25.16
N GLY A 253 6.90 65.38 -26.06
CA GLY A 253 7.60 66.66 -25.82
C GLY A 253 8.47 66.57 -24.59
N ASP A 254 8.28 67.48 -23.63
CA ASP A 254 9.17 67.53 -22.44
C ASP A 254 8.36 67.79 -21.17
N VAL A 255 8.63 67.04 -20.10
CA VAL A 255 7.93 67.28 -18.80
C VAL A 255 8.53 68.51 -18.14
N ALA A 256 7.71 69.31 -17.46
CA ALA A 256 8.22 70.50 -16.74
C ALA A 256 7.99 70.30 -15.25
N PHE A 257 9.04 70.42 -14.43
CA PHE A 257 8.89 70.16 -12.98
C PHE A 257 8.86 71.50 -12.23
N SER A 258 7.74 71.80 -11.56
CA SER A 258 7.65 73.03 -10.75
C SER A 258 7.11 72.70 -9.37
N GLY A 259 7.30 73.58 -8.40
CA GLY A 259 6.84 73.30 -7.02
C GLY A 259 7.99 73.31 -6.02
N GLY A 260 7.67 73.51 -4.74
CA GLY A 260 8.72 73.60 -3.71
C GLY A 260 9.55 72.33 -3.63
N LEU A 261 8.90 71.17 -3.58
CA LEU A 261 9.65 69.89 -3.56
C LEU A 261 10.56 69.87 -4.80
N ALA A 262 10.00 70.24 -5.95
CA ALA A 262 10.81 70.26 -7.19
C ALA A 262 12.05 71.12 -6.97
N GLY A 263 11.87 72.29 -6.35
CA GLY A 263 13.01 73.19 -6.10
C GLY A 263 14.06 72.49 -5.27
N ALA A 264 13.64 71.79 -4.21
CA ALA A 264 14.58 71.10 -3.33
C ALA A 264 15.30 70.00 -4.13
N LEU A 265 14.56 69.26 -4.94
CA LEU A 265 15.15 68.14 -5.71
C LEU A 265 16.10 68.69 -6.77
N ASN A 266 15.79 69.84 -7.34
CA ASN A 266 16.62 70.41 -8.43
C ASN A 266 16.70 69.39 -9.57
N MET A 267 15.54 69.03 -10.13
CA MET A 267 15.52 68.06 -11.26
C MET A 267 16.31 68.65 -12.43
N GLN A 268 17.02 67.79 -13.18
CA GLN A 268 17.85 68.27 -14.32
C GLN A 268 17.17 67.92 -15.64
N ALA A 269 17.86 68.12 -16.76
CA ALA A 269 17.24 67.87 -18.09
C ALA A 269 17.08 66.37 -18.32
N GLY A 270 16.33 65.99 -19.36
CA GLY A 270 16.07 64.56 -19.61
C GLY A 270 16.97 63.98 -20.69
N THR A 271 17.58 62.83 -20.42
CA THR A 271 18.43 62.14 -21.43
C THR A 271 17.62 61.03 -22.08
N ALA A 272 17.60 60.98 -23.42
CA ALA A 272 16.79 59.97 -24.12
C ALA A 272 17.33 58.59 -23.76
N GLU A 273 16.47 57.69 -23.28
CA GLU A 273 16.93 56.35 -22.84
C GLU A 273 16.16 55.29 -23.61
N THR A 274 16.86 54.34 -24.24
CA THR A 274 16.17 53.22 -24.93
C THR A 274 16.65 51.91 -24.29
N VAL A 275 15.98 50.81 -24.60
CA VAL A 275 16.40 49.49 -24.04
C VAL A 275 17.87 49.28 -24.39
N ASP A 276 18.28 49.77 -25.57
CA ASP A 276 19.68 49.59 -26.02
C ASP A 276 20.62 50.36 -25.09
N THR A 277 20.10 51.32 -24.33
CA THR A 277 20.99 52.16 -23.48
C THR A 277 20.88 51.79 -22.00
N ILE A 278 20.22 50.67 -21.67
CA ILE A 278 20.01 50.32 -20.23
C ILE A 278 21.33 49.83 -19.63
N ASP A 279 21.59 50.16 -18.36
CA ASP A 279 22.80 49.69 -17.65
C ASP A 279 22.40 49.35 -16.22
N VAL A 280 22.45 48.07 -15.85
CA VAL A 280 21.97 47.70 -14.48
C VAL A 280 23.17 47.63 -13.53
N THR A 281 24.32 48.19 -13.94
CA THR A 281 25.54 48.11 -13.10
C THR A 281 25.39 49.03 -11.88
N SER A 282 24.45 49.97 -11.93
CA SER A 282 24.23 50.90 -10.79
C SER A 282 22.75 50.87 -10.39
N VAL A 283 22.48 50.78 -9.08
CA VAL A 283 21.06 50.66 -8.62
C VAL A 283 20.22 51.70 -9.37
N GLY A 284 20.74 52.93 -9.48
CA GLY A 284 20.00 53.96 -10.24
C GLY A 284 19.68 53.47 -11.64
N GLY A 285 20.67 52.93 -12.35
CA GLY A 285 20.43 52.39 -13.70
C GLY A 285 19.41 51.28 -13.65
N ALA A 286 19.47 50.44 -12.62
CA ALA A 286 18.55 49.29 -12.51
C ALA A 286 17.11 49.81 -12.46
N GLN A 287 16.83 50.73 -11.54
CA GLN A 287 15.44 51.23 -11.38
C GLN A 287 15.00 51.86 -12.71
N GLN A 288 15.88 52.67 -13.31
CA GLN A 288 15.52 53.36 -14.58
C GLN A 288 15.21 52.29 -15.64
N SER A 289 16.05 51.26 -15.72
CA SER A 289 15.85 50.22 -16.75
C SER A 289 14.47 49.60 -16.60
N VAL A 290 14.06 49.32 -15.36
CA VAL A 290 12.75 48.63 -15.18
C VAL A 290 11.72 49.43 -15.98
N ALA A 291 11.73 50.75 -15.81
CA ALA A 291 10.76 51.61 -16.53
C ALA A 291 11.01 51.52 -18.04
N VAL A 292 12.25 51.62 -18.48
CA VAL A 292 12.51 51.64 -19.94
C VAL A 292 11.91 50.37 -20.54
N ILE A 293 12.13 49.22 -19.88
CA ILE A 293 11.61 47.93 -20.42
C ILE A 293 10.09 48.01 -20.42
N ASP A 294 9.49 48.56 -19.36
CA ASP A 294 8.01 48.64 -19.26
C ASP A 294 7.47 49.45 -20.45
N SER A 295 8.08 50.60 -20.72
CA SER A 295 7.63 51.43 -21.86
C SER A 295 7.70 50.60 -23.13
N ALA A 296 8.83 49.91 -23.33
CA ALA A 296 8.99 49.07 -24.54
C ALA A 296 7.91 48.02 -24.56
N LEU A 297 7.76 47.27 -23.46
CA LEU A 297 6.77 46.16 -23.46
C LEU A 297 5.46 46.72 -24.03
N LYS A 298 5.11 47.94 -23.62
CA LYS A 298 3.89 48.58 -24.18
C LYS A 298 4.03 48.66 -25.70
N TYR A 299 5.03 49.43 -26.17
CA TYR A 299 5.22 49.62 -27.63
C TYR A 299 5.04 48.29 -28.34
N VAL A 300 5.76 47.27 -27.87
CA VAL A 300 5.70 45.95 -28.56
C VAL A 300 4.26 45.44 -28.56
N ASP A 301 3.63 45.40 -27.39
CA ASP A 301 2.25 44.85 -27.30
C ASP A 301 1.34 45.67 -28.23
N SER A 302 1.51 46.98 -28.24
CA SER A 302 0.65 47.85 -29.08
C SER A 302 0.75 47.40 -30.53
N HIS A 303 1.97 47.26 -31.04
CA HIS A 303 2.16 46.84 -32.45
C HIS A 303 1.47 45.49 -32.65
N ARG A 304 1.71 44.56 -31.72
CA ARG A 304 1.11 43.21 -31.85
C ARG A 304 -0.41 43.35 -31.94
N ALA A 305 -1.00 44.16 -31.07
CA ALA A 305 -2.48 44.30 -31.05
C ALA A 305 -2.96 44.76 -32.42
N GLU A 306 -2.33 45.80 -32.98
CA GLU A 306 -2.75 46.32 -34.30
C GLU A 306 -2.68 45.19 -35.32
N LEU A 307 -1.57 44.44 -35.33
CA LEU A 307 -1.45 43.29 -36.25
C LEU A 307 -2.62 42.33 -35.97
N GLY A 308 -2.90 42.08 -34.70
CA GLY A 308 -4.04 41.20 -34.35
C GLY A 308 -5.26 41.58 -35.14
N ALA A 309 -5.63 42.86 -35.10
CA ALA A 309 -6.82 43.34 -35.85
C ALA A 309 -6.57 43.11 -37.34
N PHE A 310 -5.38 43.46 -37.82
CA PHE A 310 -5.12 43.32 -39.27
C PHE A 310 -5.47 41.89 -39.67
N GLN A 311 -5.09 40.92 -38.85
CA GLN A 311 -5.41 39.50 -39.14
C GLN A 311 -6.93 39.35 -39.12
N ASN A 312 -7.57 39.72 -38.01
CA ASN A 312 -9.04 39.56 -37.88
C ASN A 312 -9.71 40.18 -39.11
N ARG A 313 -9.33 41.41 -39.46
CA ARG A 313 -9.96 42.12 -40.60
C ARG A 313 -9.74 41.28 -41.87
N PHE A 314 -8.50 40.85 -42.13
CA PHE A 314 -8.22 40.11 -43.37
C PHE A 314 -8.98 38.79 -43.36
N ASN A 315 -9.09 38.16 -42.20
CA ASN A 315 -9.88 36.91 -42.10
C ASN A 315 -11.31 37.24 -42.52
N HIS A 316 -11.86 38.32 -41.97
CA HIS A 316 -13.26 38.69 -42.29
C HIS A 316 -13.38 38.93 -43.79
N ALA A 317 -12.40 39.63 -44.37
CA ALA A 317 -12.44 39.90 -45.82
C ALA A 317 -12.51 38.58 -46.57
N ILE A 318 -11.71 37.59 -46.17
CA ILE A 318 -11.69 36.28 -46.88
C ILE A 318 -13.11 35.73 -46.88
N SER A 319 -13.75 35.72 -45.71
CA SER A 319 -15.10 35.13 -45.62
C SER A 319 -16.04 35.86 -46.58
N ASN A 320 -16.03 37.19 -46.51
CA ASN A 320 -16.93 37.98 -47.39
C ASN A 320 -16.57 37.68 -48.84
N LEU A 321 -15.27 37.65 -49.14
CA LEU A 321 -14.83 37.45 -50.55
C LEU A 321 -15.38 36.13 -51.07
N ASP A 322 -15.27 35.05 -50.30
CA ASP A 322 -15.70 33.73 -50.84
C ASP A 322 -17.21 33.76 -51.07
N ASN A 323 -17.97 34.33 -50.14
CA ASN A 323 -19.44 34.34 -50.28
C ASN A 323 -19.77 34.99 -51.63
N ILE A 324 -19.16 36.14 -51.90
CA ILE A 324 -19.41 36.84 -53.18
C ILE A 324 -19.02 35.90 -54.32
N ASN A 325 -17.84 35.29 -54.23
CA ASN A 325 -17.38 34.42 -55.34
C ASN A 325 -18.46 33.37 -55.61
N GLU A 326 -18.94 32.72 -54.56
CA GLU A 326 -19.93 31.63 -54.75
C GLU A 326 -21.14 32.17 -55.50
N ASN A 327 -21.72 33.26 -55.00
CA ASN A 327 -22.93 33.83 -55.64
C ASN A 327 -22.58 34.26 -57.07
N VAL A 328 -21.41 34.85 -57.27
CA VAL A 328 -21.00 35.34 -58.62
C VAL A 328 -20.95 34.13 -59.57
N ASN A 329 -20.33 33.04 -59.13
CA ASN A 329 -20.21 31.84 -59.99
C ASN A 329 -21.61 31.35 -60.35
N ALA A 330 -22.50 31.26 -59.36
CA ALA A 330 -23.88 30.83 -59.64
C ALA A 330 -24.47 31.73 -60.71
N SER A 331 -24.25 33.04 -60.59
CA SER A 331 -24.85 33.99 -61.55
C SER A 331 -24.24 33.76 -62.93
N LYS A 332 -22.92 33.57 -62.98
CA LYS A 332 -22.26 33.28 -64.28
C LYS A 332 -22.90 32.02 -64.86
N SER A 333 -23.18 31.04 -64.00
CA SER A 333 -23.72 29.76 -64.51
C SER A 333 -25.07 30.00 -65.17
N ARG A 334 -26.09 30.35 -64.39
CA ARG A 334 -27.46 30.49 -64.97
C ARG A 334 -27.38 31.23 -66.31
N ILE A 335 -26.46 32.19 -66.43
CA ILE A 335 -26.37 33.00 -67.68
C ILE A 335 -25.58 32.22 -68.73
N LYS A 336 -24.46 31.58 -68.36
CA LYS A 336 -23.59 30.95 -69.39
C LYS A 336 -23.70 29.43 -69.43
N ASP A 337 -23.91 28.76 -68.29
CA ASP A 337 -23.91 27.27 -68.28
C ASP A 337 -24.94 26.73 -69.28
N THR A 338 -24.77 25.48 -69.71
CA THR A 338 -25.79 24.88 -70.62
C THR A 338 -26.67 23.92 -69.80
N ASP A 339 -27.99 24.00 -69.98
CA ASP A 339 -28.90 23.06 -69.27
C ASP A 339 -28.98 21.77 -70.08
N PHE A 340 -28.24 20.75 -69.67
CA PHE A 340 -28.22 19.49 -70.46
C PHE A 340 -29.66 19.04 -70.69
N ALA A 341 -30.44 18.96 -69.60
CA ALA A 341 -31.84 18.50 -69.72
C ALA A 341 -32.47 19.11 -70.97
N LYS A 342 -32.35 20.42 -71.13
CA LYS A 342 -33.00 21.11 -72.27
C LYS A 342 -32.18 20.89 -73.54
N GLU A 343 -30.86 21.07 -73.45
CA GLU A 343 -30.02 20.95 -74.67
C GLU A 343 -30.15 19.55 -75.25
N THR A 344 -29.97 18.53 -74.40
CA THR A 344 -30.10 17.12 -74.86
C THR A 344 -31.44 16.98 -75.58
N THR A 345 -32.52 17.39 -74.94
CA THR A 345 -33.87 17.23 -75.52
C THR A 345 -33.87 17.93 -76.88
N ALA A 346 -33.31 19.14 -76.95
CA ALA A 346 -33.28 19.90 -78.22
C ALA A 346 -32.52 19.10 -79.28
N LEU A 347 -31.37 18.55 -78.93
CA LEU A 347 -30.56 17.78 -79.91
C LEU A 347 -31.41 16.62 -80.44
N THR A 348 -32.07 15.90 -79.53
CA THR A 348 -32.92 14.76 -79.94
C THR A 348 -33.96 15.27 -80.94
N LYS A 349 -34.72 16.29 -80.56
CA LYS A 349 -35.81 16.80 -81.43
C LYS A 349 -35.18 17.18 -82.78
N SER A 350 -34.03 17.84 -82.75
CA SER A 350 -33.34 18.24 -84.00
C SER A 350 -33.04 16.99 -84.83
N GLN A 351 -32.52 15.94 -84.18
CA GLN A 351 -32.19 14.70 -84.92
C GLN A 351 -33.45 14.17 -85.59
N ILE A 352 -34.56 14.10 -84.85
CA ILE A 352 -35.81 13.54 -85.44
C ILE A 352 -36.22 14.43 -86.62
N LEU A 353 -36.13 15.74 -86.45
CA LEU A 353 -36.53 16.69 -87.53
C LEU A 353 -35.67 16.42 -88.76
N SER A 354 -34.36 16.20 -88.56
CA SER A 354 -33.45 15.92 -89.69
C SER A 354 -33.92 14.65 -90.39
N GLN A 355 -34.24 13.62 -89.61
CA GLN A 355 -34.66 12.33 -90.21
C GLN A 355 -35.93 12.56 -91.03
N ALA A 356 -36.91 13.26 -90.47
CA ALA A 356 -38.19 13.46 -91.18
C ALA A 356 -37.95 14.26 -92.45
N SER A 357 -37.18 15.34 -92.34
CA SER A 357 -36.90 16.19 -93.52
C SER A 357 -36.29 15.33 -94.63
N SER A 358 -35.28 14.53 -94.29
CA SER A 358 -34.60 13.71 -95.31
C SER A 358 -35.60 12.73 -95.93
N SER A 359 -36.44 12.12 -95.10
CA SER A 359 -37.47 11.18 -95.61
C SER A 359 -38.29 11.92 -96.67
N VAL A 360 -38.88 13.05 -96.29
CA VAL A 360 -39.69 13.84 -97.26
C VAL A 360 -38.84 14.07 -98.50
N LEU A 361 -37.60 14.56 -98.30
CA LEU A 361 -36.74 14.89 -99.47
C LEU A 361 -36.75 13.71 -100.43
N ALA A 362 -36.46 12.52 -99.93
CA ALA A 362 -36.40 11.33 -100.80
C ALA A 362 -37.71 11.23 -101.59
N GLN A 363 -38.84 11.19 -100.89
CA GLN A 363 -40.15 11.02 -101.57
C GLN A 363 -40.30 12.14 -102.60
N ALA A 364 -39.87 13.35 -102.26
CA ALA A 364 -40.02 14.50 -103.19
C ALA A 364 -39.25 14.20 -104.47
N LYS A 365 -38.02 13.69 -104.35
CA LYS A 365 -37.18 13.42 -105.54
C LYS A 365 -37.93 12.46 -106.47
N GLN A 366 -38.76 11.58 -105.90
CA GLN A 366 -39.44 10.55 -106.74
C GLN A 366 -40.66 11.18 -107.43
N ALA A 367 -41.05 12.38 -107.02
CA ALA A 367 -42.28 12.98 -107.59
C ALA A 367 -42.16 13.14 -109.11
N PRO A 368 -41.10 13.77 -109.67
CA PRO A 368 -41.02 13.98 -111.10
C PRO A 368 -41.20 12.68 -111.90
N ASN A 369 -40.79 11.55 -111.31
CA ASN A 369 -40.83 10.25 -112.05
C ASN A 369 -42.22 10.08 -112.66
N ALA A 370 -43.27 10.51 -111.94
CA ALA A 370 -44.64 10.31 -112.44
C ALA A 370 -44.74 10.75 -113.89
N ALA A 371 -44.08 11.87 -114.23
CA ALA A 371 -44.19 12.40 -115.61
C ALA A 371 -43.80 11.32 -116.62
N LEU A 372 -42.69 10.62 -116.36
CA LEU A 372 -42.21 9.59 -117.31
C LEU A 372 -43.35 8.61 -117.56
N SER A 373 -43.91 8.06 -116.48
CA SER A 373 -45.02 7.07 -116.63
C SER A 373 -46.17 7.74 -117.38
N LEU A 374 -46.52 8.95 -116.98
CA LEU A 374 -47.68 9.66 -117.60
C LEU A 374 -47.54 9.60 -119.12
N LEU A 375 -46.45 10.16 -119.65
CA LEU A 375 -46.30 10.22 -121.13
C LEU A 375 -44.94 9.64 -121.52
N GLY A 376 -44.95 8.61 -122.37
CA GLY A 376 -43.69 7.97 -122.81
C GLY A 376 -42.89 7.46 -121.63
N ALA B 1 -7.95 23.67 -46.07
CA ALA B 1 -8.03 23.25 -47.49
C ALA B 1 -7.68 21.77 -47.59
N VAL B 2 -7.77 21.04 -46.48
CA VAL B 2 -7.50 19.56 -46.48
C VAL B 2 -6.26 19.27 -47.34
N ASN B 3 -5.19 20.05 -47.14
CA ASN B 3 -3.93 19.80 -47.90
C ASN B 3 -3.17 18.65 -47.23
N VAL B 4 -2.16 18.10 -47.90
CA VAL B 4 -1.45 16.91 -47.33
C VAL B 4 0.05 17.21 -47.21
N ASN B 5 0.61 18.01 -48.12
CA ASN B 5 2.08 18.23 -48.11
C ASN B 5 2.49 19.12 -46.94
N THR B 6 1.55 19.45 -46.06
CA THR B 6 1.85 20.30 -44.87
C THR B 6 0.90 19.97 -43.72
N ASN B 7 1.35 20.14 -42.48
CA ASN B 7 0.45 19.95 -41.32
C ASN B 7 0.88 20.92 -40.20
N VAL B 8 0.56 22.20 -40.36
CA VAL B 8 1.03 23.22 -39.38
C VAL B 8 0.48 22.84 -38.00
N ALA B 9 -0.72 22.26 -37.96
CA ALA B 9 -1.29 21.82 -36.67
C ALA B 9 -0.25 20.98 -35.95
N ALA B 10 0.27 19.95 -36.63
CA ALA B 10 1.28 19.07 -36.01
C ALA B 10 2.49 19.92 -35.60
N MET B 11 2.99 20.75 -36.52
CA MET B 11 4.19 21.57 -36.24
C MET B 11 3.96 22.37 -34.96
N THR B 12 2.76 22.94 -34.81
CA THR B 12 2.43 23.72 -33.59
C THR B 12 2.43 22.80 -32.38
N ALA B 13 1.78 21.65 -32.49
CA ALA B 13 1.70 20.69 -31.37
C ALA B 13 3.13 20.31 -30.94
N GLN B 14 3.98 20.00 -31.92
CA GLN B 14 5.36 19.57 -31.60
C GLN B 14 6.06 20.71 -30.86
N ARG B 15 5.92 21.95 -31.33
CA ARG B 15 6.69 23.06 -30.71
C ARG B 15 6.39 23.06 -29.21
N TYR B 16 5.11 22.90 -28.86
CA TYR B 16 4.73 22.92 -27.43
C TYR B 16 5.20 21.63 -26.74
N LEU B 17 5.09 20.51 -27.44
CA LEU B 17 5.56 19.23 -26.87
C LEU B 17 7.02 19.40 -26.44
N THR B 18 7.88 19.89 -27.34
CA THR B 18 9.29 20.13 -26.97
C THR B 18 9.33 21.00 -25.71
N GLY B 19 8.65 22.15 -25.77
CA GLY B 19 8.65 23.04 -24.60
C GLY B 19 8.39 22.26 -23.33
N ALA B 20 7.37 21.40 -23.34
CA ALA B 20 7.01 20.62 -22.14
C ALA B 20 8.15 19.65 -21.80
N THR B 21 8.65 18.93 -22.80
CA THR B 21 9.73 17.94 -22.54
C THR B 21 10.87 18.65 -21.81
N ASN B 22 11.34 19.78 -22.35
CA ASN B 22 12.49 20.49 -21.75
C ASN B 22 12.12 20.91 -20.32
N ALA B 23 10.91 21.44 -20.15
CA ALA B 23 10.48 21.91 -18.81
C ALA B 23 10.46 20.74 -17.84
N GLN B 24 9.99 19.58 -18.31
CA GLN B 24 9.98 18.36 -17.45
C GLN B 24 11.43 18.10 -17.03
N GLN B 25 12.33 17.99 -18.00
CA GLN B 25 13.74 17.66 -17.69
C GLN B 25 14.32 18.72 -16.74
N THR B 26 14.03 20.00 -17.00
CA THR B 26 14.61 21.09 -16.18
C THR B 26 14.26 20.85 -14.71
N SER B 27 12.98 20.66 -14.41
CA SER B 27 12.53 20.51 -13.00
C SER B 27 13.05 19.18 -12.45
N MET B 28 13.07 18.14 -13.28
CA MET B 28 13.51 16.81 -12.81
C MET B 28 14.92 16.96 -12.26
N GLU B 29 15.80 17.65 -12.99
CA GLU B 29 17.17 17.87 -12.48
C GLU B 29 17.07 18.50 -11.09
N ARG B 30 16.49 19.70 -11.01
CA ARG B 30 16.43 20.41 -9.70
C ARG B 30 15.97 19.43 -8.62
N LEU B 31 14.95 18.63 -8.92
CA LEU B 31 14.40 17.73 -7.86
C LEU B 31 15.50 16.77 -7.43
N SER B 32 16.19 16.15 -8.39
CA SER B 32 17.25 15.16 -8.06
C SER B 32 18.43 15.87 -7.39
N SER B 33 18.86 16.99 -7.95
CA SER B 33 20.04 17.70 -7.42
C SER B 33 19.75 18.28 -6.04
N GLY B 34 18.55 18.83 -5.85
CA GLY B 34 18.25 19.52 -4.59
C GLY B 34 18.66 20.98 -4.71
N PHE B 35 19.12 21.39 -5.89
CA PHE B 35 19.57 22.79 -6.09
C PHE B 35 18.84 23.40 -7.28
N LYS B 36 18.19 24.55 -7.08
CA LYS B 36 17.46 25.23 -8.17
C LYS B 36 18.47 25.73 -9.21
N ILE B 37 19.55 26.38 -8.77
CA ILE B 37 20.57 26.91 -9.71
C ILE B 37 21.52 25.76 -10.09
N ASN B 38 21.01 24.81 -10.88
CA ASN B 38 21.85 23.65 -11.30
C ASN B 38 22.93 24.15 -12.28
N SER B 39 22.57 25.06 -13.19
CA SER B 39 23.53 25.56 -14.21
C SER B 39 23.52 27.10 -14.23
N ALA B 40 24.58 27.69 -14.78
CA ALA B 40 24.69 29.17 -14.84
C ALA B 40 23.48 29.74 -15.57
N LYS B 41 22.87 28.96 -16.47
CA LYS B 41 21.72 29.47 -17.25
C LYS B 41 20.68 30.04 -16.29
N ASP B 42 20.62 29.49 -15.08
CA ASP B 42 19.65 29.98 -14.06
C ASP B 42 20.34 30.99 -13.14
N ASP B 43 19.71 32.14 -12.90
CA ASP B 43 20.25 33.14 -11.93
C ASP B 43 21.77 33.22 -12.03
N ALA B 44 22.30 33.60 -13.19
CA ALA B 44 23.77 33.79 -13.32
C ALA B 44 24.27 34.60 -12.12
N ALA B 45 23.54 35.63 -11.71
CA ALA B 45 23.97 36.49 -10.59
C ALA B 45 23.94 35.65 -9.30
N GLY B 46 22.87 34.88 -9.11
CA GLY B 46 22.80 34.01 -7.91
C GLY B 46 23.99 33.08 -7.86
N LEU B 47 24.28 32.41 -8.98
CA LEU B 47 25.50 31.56 -9.03
C LEU B 47 26.62 32.29 -8.30
N GLN B 48 26.92 33.51 -8.74
CA GLN B 48 28.04 34.26 -8.13
C GLN B 48 27.79 34.43 -6.63
N ILE B 49 26.59 34.88 -6.26
CA ILE B 49 26.27 35.11 -4.83
C ILE B 49 26.34 33.77 -4.08
N SER B 50 25.70 32.74 -4.64
CA SER B 50 25.69 31.42 -3.96
C SER B 50 27.13 30.98 -3.75
N ASN B 51 27.91 30.93 -4.83
CA ASN B 51 29.33 30.49 -4.73
C ASN B 51 30.02 31.34 -3.67
N ARG B 52 29.87 32.66 -3.76
CA ARG B 52 30.60 33.53 -2.80
C ARG B 52 30.14 33.19 -1.39
N LEU B 53 28.84 32.99 -1.20
CA LEU B 53 28.31 32.61 0.13
C LEU B 53 28.89 31.24 0.51
N ASN B 54 28.87 30.29 -0.43
CA ASN B 54 29.37 28.93 -0.13
C ASN B 54 30.84 29.04 0.26
N VAL B 55 31.61 29.84 -0.48
CA VAL B 55 33.03 30.05 -0.14
C VAL B 55 33.08 30.52 1.31
N GLN B 56 32.24 31.50 1.66
CA GLN B 56 32.23 32.04 3.04
C GLN B 56 31.87 30.92 4.02
N SER B 57 30.84 30.13 3.71
CA SER B 57 30.40 29.09 4.67
C SER B 57 31.58 28.17 4.97
N ARG B 58 32.20 27.62 3.93
CA ARG B 58 33.33 26.68 4.14
C ARG B 58 34.43 27.42 4.91
N GLY B 59 34.67 28.68 4.56
CA GLY B 59 35.75 29.44 5.21
C GLY B 59 35.54 29.52 6.71
N LEU B 60 34.31 29.83 7.14
CA LEU B 60 34.02 29.97 8.58
C LEU B 60 34.24 28.61 9.26
N ASP B 61 33.90 27.52 8.58
CA ASP B 61 34.18 26.17 9.15
C ASP B 61 35.69 26.06 9.43
N VAL B 62 36.51 26.33 8.42
CA VAL B 62 37.98 26.22 8.60
C VAL B 62 38.41 27.20 9.70
N ALA B 63 37.79 28.39 9.73
CA ALA B 63 38.16 29.40 10.73
C ALA B 63 37.97 28.82 12.13
N VAL B 64 36.85 28.13 12.38
CA VAL B 64 36.58 27.61 13.75
C VAL B 64 37.59 26.49 14.04
N ARG B 65 37.94 25.70 13.03
CA ARG B 65 38.97 24.65 13.23
C ARG B 65 40.27 25.35 13.66
N ASN B 66 40.65 26.39 12.92
CA ASN B 66 41.88 27.15 13.27
C ASN B 66 41.70 27.74 14.66
N ALA B 67 40.50 28.28 14.94
CA ALA B 67 40.25 28.94 16.24
C ALA B 67 40.35 27.90 17.36
N ASN B 68 39.69 26.75 17.18
CA ASN B 68 39.72 25.71 18.25
C ASN B 68 41.16 25.27 18.47
N ASP B 69 41.93 25.15 17.39
CA ASP B 69 43.36 24.78 17.53
C ASP B 69 44.05 25.84 18.40
N GLY B 70 43.77 27.12 18.13
CA GLY B 70 44.34 28.18 18.96
C GLY B 70 43.98 27.97 20.42
N ILE B 71 42.71 27.66 20.67
CA ILE B 71 42.25 27.39 22.07
C ILE B 71 43.10 26.24 22.62
N SER B 72 43.24 25.18 21.84
CA SER B 72 44.01 24.00 22.30
C SER B 72 45.43 24.42 22.68
N ILE B 73 46.08 25.18 21.80
CA ILE B 73 47.49 25.57 22.08
C ILE B 73 47.52 26.36 23.39
N ALA B 74 46.59 27.31 23.54
CA ALA B 74 46.59 28.16 24.75
C ALA B 74 46.40 27.30 26.00
N GLN B 75 45.36 26.46 26.01
CA GLN B 75 45.08 25.69 27.25
C GLN B 75 46.32 24.85 27.59
N THR B 76 46.85 24.11 26.60
CA THR B 76 48.03 23.26 26.85
C THR B 76 49.08 24.11 27.56
N ALA B 77 49.40 25.26 26.99
CA ALA B 77 50.45 26.13 27.56
C ALA B 77 50.04 26.60 28.96
N GLU B 78 48.81 27.07 29.11
CA GLU B 78 48.39 27.62 30.42
C GLU B 78 48.52 26.48 31.45
N GLY B 79 48.08 25.28 31.08
CA GLY B 79 48.11 24.15 32.02
C GLY B 79 49.51 23.92 32.54
N ALA B 80 50.49 23.91 31.64
CA ALA B 80 51.89 23.72 32.07
C ALA B 80 52.24 24.81 33.09
N MET B 81 52.02 26.07 32.70
CA MET B 81 52.40 27.19 33.60
C MET B 81 51.78 26.95 34.98
N ASN B 82 50.61 26.32 35.00
CA ASN B 82 49.91 26.07 36.29
C ASN B 82 50.87 25.30 37.20
N GLU B 83 51.45 24.21 36.68
CA GLU B 83 52.38 23.40 37.49
C GLU B 83 53.60 24.27 37.82
N THR B 84 54.07 25.04 36.85
CA THR B 84 55.23 25.95 37.09
C THR B 84 54.92 26.80 38.32
N THR B 85 53.71 27.34 38.41
CA THR B 85 53.31 28.20 39.56
C THR B 85 53.45 27.40 40.86
N ASN B 86 52.93 26.17 40.89
CA ASN B 86 52.99 25.35 42.12
C ASN B 86 54.46 25.09 42.49
N ILE B 87 55.28 24.75 41.50
CA ILE B 87 56.72 24.50 41.76
C ILE B 87 57.31 25.78 42.35
N LEU B 88 57.02 26.92 41.71
CA LEU B 88 57.61 28.20 42.17
C LEU B 88 57.16 28.47 43.61
N GLN B 89 55.86 28.30 43.87
CA GLN B 89 55.33 28.54 45.24
C GLN B 89 56.10 27.65 46.22
N ARG B 90 56.19 26.35 45.93
CA ARG B 90 56.87 25.43 46.86
C ARG B 90 58.25 26.02 47.17
N MET B 91 58.94 26.47 46.13
CA MET B 91 60.31 27.03 46.32
C MET B 91 60.23 28.17 47.33
N ARG B 92 59.24 29.04 47.19
CA ARG B 92 59.12 30.21 48.10
C ARG B 92 59.01 29.71 49.54
N ASP B 93 58.15 28.72 49.77
CA ASP B 93 57.96 28.21 51.15
C ASP B 93 59.30 27.71 51.68
N LEU B 94 60.01 26.92 50.87
CA LEU B 94 61.31 26.36 51.31
C LEU B 94 62.26 27.53 51.58
N SER B 95 62.24 28.55 50.72
CA SER B 95 63.18 29.69 50.88
C SER B 95 62.93 30.35 52.24
N LEU B 96 61.66 30.58 52.57
CA LEU B 96 61.32 31.17 53.89
C LEU B 96 61.86 30.23 54.98
N GLN B 97 61.60 28.93 54.85
CA GLN B 97 62.05 27.97 55.88
C GLN B 97 63.56 28.13 56.07
N SER B 98 64.31 28.17 54.98
CA SER B 98 65.79 28.28 55.06
C SER B 98 66.17 29.58 55.77
N ALA B 99 65.48 30.67 55.44
CA ALA B 99 65.85 31.99 56.00
C ALA B 99 65.88 31.94 57.53
N ASN B 100 65.18 30.99 58.14
CA ASN B 100 65.12 30.93 59.62
C ASN B 100 66.54 30.76 60.17
N GLY B 101 66.77 31.24 61.40
CA GLY B 101 68.10 31.13 62.02
C GLY B 101 68.42 29.71 62.48
N SER B 102 67.41 28.96 62.94
CA SER B 102 67.68 27.60 63.50
C SER B 102 68.39 26.76 62.42
N ASN B 103 67.86 26.79 61.21
CA ASN B 103 68.45 25.96 60.12
C ASN B 103 69.94 26.32 60.01
N SER B 104 70.82 25.35 60.25
CA SER B 104 72.29 25.59 60.11
C SER B 104 72.71 25.31 58.67
N LYS B 105 73.97 25.58 58.33
CA LYS B 105 74.43 25.41 56.93
C LYS B 105 73.97 24.03 56.42
N SER B 106 74.13 22.99 57.25
CA SER B 106 73.79 21.63 56.77
C SER B 106 72.33 21.61 56.33
N GLU B 107 71.44 22.14 57.15
CA GLU B 107 69.99 22.16 56.81
C GLU B 107 69.82 22.99 55.53
N ARG B 108 70.44 24.15 55.47
CA ARG B 108 70.29 25.04 54.28
C ARG B 108 70.72 24.25 53.04
N VAL B 109 71.79 23.47 53.15
CA VAL B 109 72.27 22.64 52.00
C VAL B 109 71.14 21.69 51.61
N ALA B 110 70.55 21.01 52.58
CA ALA B 110 69.46 20.06 52.29
C ALA B 110 68.35 20.82 51.55
N ILE B 111 67.99 21.99 52.07
CA ILE B 111 66.91 22.78 51.43
C ILE B 111 67.35 23.11 50.00
N GLN B 112 68.61 23.54 49.85
CA GLN B 112 69.11 23.89 48.50
C GLN B 112 68.86 22.71 47.57
N GLU B 113 69.03 21.49 48.06
CA GLU B 113 68.89 20.29 47.18
C GLU B 113 67.48 20.28 46.58
N GLU B 114 66.46 20.43 47.43
CA GLU B 114 65.07 20.50 46.90
C GLU B 114 65.01 21.63 45.88
N ILE B 115 65.42 22.84 46.30
CA ILE B 115 65.40 24.01 45.39
C ILE B 115 66.06 23.61 44.07
N THR B 116 67.27 23.05 44.14
CA THR B 116 68.01 22.74 42.89
C THR B 116 67.11 21.90 42.00
N ALA B 117 66.46 20.90 42.58
CA ALA B 117 65.62 19.99 41.77
C ALA B 117 64.48 20.79 41.15
N LEU B 118 63.75 21.55 41.97
CA LEU B 118 62.59 22.30 41.44
C LEU B 118 63.07 23.27 40.36
N ASN B 119 64.23 23.89 40.57
CA ASN B 119 64.79 24.83 39.56
C ASN B 119 64.94 24.08 38.24
N ASP B 120 65.53 22.89 38.29
CA ASP B 120 65.74 22.08 37.07
C ASP B 120 64.37 21.66 36.53
N GLU B 121 63.43 21.37 37.43
CA GLU B 121 62.08 20.89 36.98
C GLU B 121 61.39 22.00 36.21
N LEU B 122 61.52 23.25 36.66
CA LEU B 122 60.93 24.38 35.90
C LEU B 122 61.52 24.35 34.50
N ASN B 123 62.85 24.24 34.42
CA ASN B 123 63.52 24.27 33.10
C ASN B 123 62.93 23.13 32.26
N ARG B 124 62.75 21.94 32.85
CA ARG B 124 62.27 20.80 32.06
C ARG B 124 60.90 21.15 31.47
N ILE B 125 59.96 21.54 32.32
CA ILE B 125 58.58 21.83 31.81
C ILE B 125 58.71 22.79 30.64
N ALA B 126 59.49 23.85 30.80
CA ALA B 126 59.61 24.87 29.75
C ALA B 126 60.17 24.25 28.47
N GLU B 127 61.21 23.43 28.57
CA GLU B 127 61.87 22.90 27.35
C GLU B 127 61.14 21.63 26.84
N THR B 128 60.15 21.13 27.58
CA THR B 128 59.48 19.87 27.16
C THR B 128 58.08 20.15 26.62
N THR B 129 57.27 20.92 27.35
CA THR B 129 55.87 21.16 26.93
C THR B 129 55.81 21.33 25.41
N SER B 130 55.05 20.46 24.73
CA SER B 130 55.04 20.53 23.25
C SER B 130 53.66 20.17 22.70
N PHE B 131 53.12 21.01 21.82
CA PHE B 131 51.83 20.66 21.16
C PHE B 131 52.13 19.88 19.88
N GLY B 132 52.20 18.55 19.97
CA GLY B 132 52.50 17.72 18.79
C GLY B 132 53.98 17.76 18.45
N GLY B 133 54.80 18.23 19.38
CA GLY B 133 56.25 18.34 19.13
C GLY B 133 56.66 19.79 18.93
N ASN B 134 55.68 20.68 18.76
CA ASN B 134 55.99 22.13 18.66
C ASN B 134 56.19 22.66 20.08
N LYS B 135 57.44 22.86 20.49
CA LYS B 135 57.73 23.33 21.88
C LYS B 135 57.05 24.69 22.08
N LEU B 136 56.50 24.94 23.27
CA LEU B 136 55.72 26.20 23.47
C LEU B 136 56.40 27.12 24.48
N LEU B 137 56.93 26.59 25.58
CA LEU B 137 57.44 27.50 26.64
C LEU B 137 58.98 27.52 26.69
N ASN B 138 59.65 27.19 25.58
CA ASN B 138 61.14 27.30 25.58
C ASN B 138 61.57 28.59 24.86
N GLY B 139 60.61 29.43 24.46
CA GLY B 139 60.94 30.69 23.77
C GLY B 139 61.07 30.48 22.28
N THR B 140 60.97 29.23 21.82
CA THR B 140 61.03 28.95 20.36
C THR B 140 59.70 29.36 19.71
N PHE B 141 58.59 29.15 20.41
CA PHE B 141 57.27 29.56 19.88
C PHE B 141 57.11 31.06 20.11
N SER B 142 57.28 31.86 19.05
CA SER B 142 57.11 33.33 19.17
C SER B 142 55.73 33.70 18.61
N THR B 143 55.48 35.00 18.47
CA THR B 143 54.16 35.47 17.99
C THR B 143 53.73 34.65 16.76
N LYS B 144 52.58 33.99 16.84
CA LYS B 144 52.06 33.27 15.64
C LYS B 144 50.63 33.76 15.38
N SER B 145 50.26 33.91 14.11
CA SER B 145 48.92 34.44 13.77
C SER B 145 47.93 33.29 13.54
N PHE B 146 46.84 33.26 14.32
CA PHE B 146 45.80 32.21 14.13
C PHE B 146 44.64 32.80 13.33
N GLN B 147 44.56 32.46 12.05
CA GLN B 147 43.47 32.97 11.17
C GLN B 147 42.12 32.56 11.77
N ILE B 148 41.23 33.53 11.98
CA ILE B 148 39.87 33.21 12.52
C ILE B 148 38.82 33.91 11.65
N GLY B 149 38.85 33.65 10.34
CA GLY B 149 37.90 34.29 9.42
C GLY B 149 37.83 33.56 8.10
N ALA B 150 36.79 33.81 7.30
CA ALA B 150 36.62 33.09 6.02
C ALA B 150 37.47 33.76 4.94
N ASP B 151 37.91 34.99 5.18
CA ASP B 151 38.72 35.73 4.18
C ASP B 151 40.11 35.95 4.78
N ASN B 152 41.12 36.11 3.92
CA ASN B 152 42.52 36.24 4.43
C ASN B 152 42.70 37.56 5.17
N GLY B 153 43.77 37.66 5.96
CA GLY B 153 44.08 38.91 6.66
C GLY B 153 43.40 39.01 8.01
N GLU B 154 42.41 38.16 8.25
CA GLU B 154 41.65 38.23 9.52
C GLU B 154 42.34 37.31 10.53
N ALA B 155 43.40 37.78 11.18
CA ALA B 155 44.17 36.90 12.10
C ALA B 155 44.45 37.61 13.43
N VAL B 156 44.78 36.84 14.46
CA VAL B 156 45.11 37.42 15.79
C VAL B 156 46.49 36.89 16.19
N MET B 157 47.33 37.74 16.79
CA MET B 157 48.72 37.33 17.12
C MET B 157 48.81 36.77 18.53
N LEU B 158 48.91 35.44 18.68
CA LEU B 158 49.10 34.85 20.02
C LEU B 158 50.60 34.78 20.30
N THR B 159 51.05 35.24 21.47
CA THR B 159 52.50 35.28 21.76
C THR B 159 52.82 34.46 23.02
N LEU B 160 53.67 33.44 22.87
CA LEU B 160 54.11 32.65 24.06
C LEU B 160 55.45 33.22 24.54
N LYS B 161 55.79 33.01 25.81
CA LYS B 161 57.04 33.62 26.37
C LYS B 161 57.86 32.54 27.06
N ASP B 162 59.18 32.70 27.08
CA ASP B 162 60.07 31.72 27.76
C ASP B 162 59.66 31.58 29.22
N MET B 163 59.52 30.34 29.70
CA MET B 163 59.19 30.13 31.13
C MET B 163 60.41 29.53 31.83
N ARG B 164 61.58 29.54 31.16
CA ARG B 164 62.81 28.95 31.75
C ARG B 164 63.14 29.67 33.06
N SER B 165 63.84 29.00 33.97
CA SER B 165 64.11 29.58 35.30
C SER B 165 65.06 30.79 35.19
N ASP B 166 65.54 31.09 33.99
CA ASP B 166 66.53 32.19 33.87
C ASP B 166 65.99 33.29 32.94
N ASN B 167 64.81 33.11 32.36
CA ASN B 167 64.23 34.21 31.54
C ASN B 167 64.36 35.50 32.36
N ARG B 168 64.91 36.56 31.76
CA ARG B 168 65.15 37.80 32.55
C ARG B 168 63.93 38.14 33.39
N MET B 169 62.73 38.09 32.81
CA MET B 169 61.52 38.51 33.54
C MET B 169 61.42 37.73 34.86
N MET B 170 61.77 36.45 34.84
CA MET B 170 61.65 35.62 36.07
C MET B 170 62.78 35.96 37.03
N GLY B 171 62.96 37.24 37.35
CA GLY B 171 63.99 37.65 38.32
C GLY B 171 64.08 39.16 38.47
N GLY B 172 65.28 39.70 38.65
CA GLY B 172 65.45 41.16 38.77
C GLY B 172 66.87 41.54 39.19
N THR B 173 67.08 42.82 39.50
CA THR B 173 68.42 43.30 39.91
C THR B 173 68.48 43.38 41.44
N SER B 174 69.57 42.93 42.05
CA SER B 174 69.68 42.91 43.53
C SER B 174 70.83 43.79 43.99
N TYR B 175 70.59 44.64 44.99
CA TYR B 175 71.63 45.58 45.47
C TYR B 175 71.90 45.30 46.93
N VAL B 176 73.10 44.81 47.23
CA VAL B 176 73.46 44.47 48.64
C VAL B 176 74.20 45.67 49.25
N ALA B 177 74.01 45.91 50.55
CA ALA B 177 74.68 47.02 51.25
C ALA B 177 76.11 46.62 51.60
N ALA B 178 77.00 47.59 51.82
CA ALA B 178 78.37 47.27 52.24
C ALA B 178 78.45 47.32 53.77
N GLU B 179 78.45 48.52 54.33
CA GLU B 179 78.54 48.66 55.80
C GLU B 179 77.38 47.90 56.43
N GLY B 180 77.68 46.90 57.27
CA GLY B 180 76.63 46.12 57.93
C GLY B 180 76.21 46.75 59.24
N LYS B 181 75.05 46.37 59.78
CA LYS B 181 74.59 46.91 61.08
C LYS B 181 74.55 45.76 62.09
N ASP B 182 75.23 45.93 63.24
CA ASP B 182 75.21 44.89 64.30
C ASP B 182 73.88 44.97 65.06
N LYS B 183 73.65 44.05 65.99
CA LYS B 183 72.38 44.02 66.74
C LYS B 183 72.18 45.34 67.49
N ASP B 184 73.27 45.98 67.92
CA ASP B 184 73.15 47.22 68.73
C ASP B 184 72.90 48.43 67.81
N TRP B 185 73.31 48.36 66.55
CA TRP B 185 73.16 49.55 65.68
C TRP B 185 71.70 49.98 65.65
N LYS B 186 71.45 51.29 65.78
CA LYS B 186 70.06 51.82 65.69
C LYS B 186 70.04 53.01 64.73
N VAL B 187 68.97 53.16 63.96
CA VAL B 187 68.84 54.33 63.05
C VAL B 187 69.12 55.59 63.89
N GLN B 188 69.97 56.48 63.40
CA GLN B 188 70.29 57.73 64.12
C GLN B 188 69.56 58.89 63.45
N ALA B 189 69.58 60.08 64.07
CA ALA B 189 68.95 61.27 63.45
C ALA B 189 69.77 61.70 62.24
N GLY B 190 69.16 62.44 61.32
CA GLY B 190 69.86 62.90 60.10
C GLY B 190 70.06 61.75 59.14
N ALA B 191 70.83 60.73 59.55
CA ALA B 191 71.01 59.53 58.72
C ALA B 191 69.84 58.59 58.97
N ASN B 192 68.62 59.05 58.67
CA ASN B 192 67.41 58.23 58.89
C ASN B 192 66.64 58.07 57.59
N ASP B 193 66.54 59.16 56.82
CA ASP B 193 65.74 59.11 55.57
C ASP B 193 66.55 58.47 54.44
N ILE B 194 65.87 57.87 53.47
CA ILE B 194 66.58 57.30 52.29
C ILE B 194 65.71 57.56 51.05
N THR B 195 66.35 57.89 49.92
CA THR B 195 65.59 58.23 48.69
C THR B 195 65.75 57.10 47.68
N PHE B 196 64.67 56.76 46.97
CA PHE B 196 64.73 55.66 45.97
C PHE B 196 64.22 56.18 44.62
N THR B 197 65.06 56.94 43.92
CA THR B 197 64.68 57.39 42.55
C THR B 197 64.90 56.22 41.60
N LEU B 198 63.83 55.74 40.96
CA LEU B 198 63.97 54.54 40.09
C LEU B 198 63.35 54.81 38.72
N LYS B 199 63.09 53.75 37.95
CA LYS B 199 62.43 53.91 36.64
C LYS B 199 61.31 52.86 36.58
N ASP B 200 60.05 53.30 36.48
CA ASP B 200 58.92 52.34 36.52
C ASP B 200 59.01 51.42 35.30
N ILE B 201 58.34 50.28 35.35
CA ILE B 201 58.34 49.33 34.20
C ILE B 201 57.96 50.12 32.94
N ASP B 202 57.00 51.03 33.06
CA ASP B 202 56.60 51.88 31.90
C ASP B 202 57.63 53.00 31.70
N GLY B 203 58.28 53.44 32.78
CA GLY B 203 59.33 54.47 32.65
C GLY B 203 59.27 55.51 33.75
N ASN B 204 58.07 55.84 34.23
CA ASN B 204 57.91 56.90 35.25
C ASN B 204 58.99 56.76 36.33
N ASP B 205 59.60 57.88 36.74
CA ASP B 205 60.70 57.82 37.73
C ASP B 205 60.15 57.36 39.09
N GLN B 206 58.95 57.81 39.45
CA GLN B 206 58.31 57.34 40.71
C GLN B 206 59.35 57.37 41.84
N THR B 207 59.98 58.52 42.08
CA THR B 207 60.95 58.64 43.20
C THR B 207 60.24 58.29 44.51
N ILE B 208 60.92 57.51 45.37
CA ILE B 208 60.30 57.09 46.66
C ILE B 208 61.21 57.53 47.81
N THR B 209 60.67 58.32 48.74
CA THR B 209 61.46 58.76 49.92
C THR B 209 60.97 57.99 51.14
N VAL B 210 61.88 57.31 51.84
CA VAL B 210 61.50 56.55 53.05
C VAL B 210 62.21 57.17 54.26
N ASN B 211 61.48 57.95 55.07
CA ASN B 211 62.08 58.53 56.30
C ASN B 211 62.00 57.47 57.40
N ALA B 212 63.00 56.60 57.48
CA ALA B 212 62.97 55.49 58.47
C ALA B 212 62.91 56.04 59.89
N LYS B 213 62.23 55.33 60.79
CA LYS B 213 62.14 55.77 62.21
C LYS B 213 63.47 55.46 62.90
N GLU B 214 63.89 56.32 63.83
CA GLU B 214 65.20 56.14 64.52
C GLU B 214 65.10 55.03 65.56
N GLY B 215 66.22 54.67 66.20
CA GLY B 215 66.22 53.65 67.24
C GLY B 215 65.72 52.30 66.72
N ASP B 216 66.02 52.00 65.46
CA ASP B 216 65.52 50.74 64.84
C ASP B 216 66.70 49.90 64.37
N ASP B 217 66.67 48.59 64.64
CA ASP B 217 67.73 47.68 64.15
C ASP B 217 67.58 47.53 62.64
N ILE B 218 68.63 47.06 61.96
CA ILE B 218 68.57 46.99 60.48
C ILE B 218 67.30 46.23 60.08
N GLU B 219 66.96 45.16 60.81
CA GLU B 219 65.78 44.34 60.41
C GLU B 219 64.53 45.23 60.41
N GLU B 220 64.33 46.01 61.48
CA GLU B 220 63.11 46.85 61.58
C GLU B 220 63.09 47.84 60.42
N VAL B 221 64.26 48.40 60.07
CA VAL B 221 64.32 49.38 58.95
C VAL B 221 63.80 48.68 57.71
N ALA B 222 64.28 47.47 57.45
CA ALA B 222 63.87 46.72 56.25
C ALA B 222 62.36 46.51 56.29
N THR B 223 61.85 46.03 57.42
CA THR B 223 60.40 45.80 57.55
C THR B 223 59.67 47.10 57.19
N TYR B 224 60.13 48.22 57.75
CA TYR B 224 59.47 49.52 57.48
C TYR B 224 59.49 49.79 55.99
N ILE B 225 60.65 49.62 55.35
CA ILE B 225 60.75 49.96 53.91
C ILE B 225 59.70 49.14 53.16
N ASN B 226 59.61 47.85 53.47
CA ASN B 226 58.65 46.96 52.77
C ASN B 226 57.23 47.50 53.00
N GLY B 227 56.97 48.03 54.20
CA GLY B 227 55.64 48.56 54.52
C GLY B 227 55.30 49.80 53.70
N GLN B 228 56.26 50.71 53.55
CA GLN B 228 55.99 51.99 52.86
C GLN B 228 55.82 51.76 51.36
N THR B 229 56.70 50.99 50.73
CA THR B 229 56.63 50.86 49.25
C THR B 229 56.45 49.41 48.82
N ASP B 230 56.05 49.18 47.57
CA ASP B 230 55.85 47.80 47.05
C ASP B 230 56.68 47.62 45.77
N MET B 231 57.36 48.68 45.33
CA MET B 231 58.20 48.59 44.10
C MET B 231 59.49 47.84 44.44
N VAL B 232 60.10 48.17 45.57
CA VAL B 232 61.39 47.52 45.96
C VAL B 232 61.14 46.61 47.18
N LYS B 233 61.97 45.59 47.36
CA LYS B 233 61.83 44.70 48.54
C LYS B 233 63.14 44.75 49.34
N ALA B 234 63.05 44.98 50.65
CA ALA B 234 64.27 45.13 51.48
C ALA B 234 64.48 43.89 52.34
N SER B 235 65.73 43.45 52.49
CA SER B 235 66.04 42.25 53.31
C SER B 235 67.39 42.49 54.01
N VAL B 236 67.78 41.59 54.92
CA VAL B 236 69.04 41.76 55.69
C VAL B 236 69.84 40.46 55.66
N ASN B 237 71.12 40.53 55.27
CA ASN B 237 71.99 39.32 55.32
C ASN B 237 72.57 39.20 56.72
N GLU B 238 73.06 38.02 57.09
CA GLU B 238 73.56 37.84 58.48
C GLU B 238 74.60 38.92 58.77
N LYS B 239 75.21 39.46 57.71
CA LYS B 239 76.25 40.50 57.87
C LYS B 239 75.60 41.80 58.37
N GLY B 240 74.27 41.83 58.46
CA GLY B 240 73.56 43.05 58.88
C GLY B 240 73.50 44.04 57.73
N GLN B 241 73.75 43.58 56.51
CA GLN B 241 73.72 44.49 55.34
C GLN B 241 72.32 44.45 54.72
N LEU B 242 71.78 45.63 54.39
CA LEU B 242 70.40 45.70 53.84
C LEU B 242 70.42 45.23 52.37
N GLN B 243 69.72 44.14 52.08
CA GLN B 243 69.65 43.62 50.70
C GLN B 243 68.36 44.12 50.05
N ILE B 244 68.47 44.91 48.99
CA ILE B 244 67.26 45.46 48.31
C ILE B 244 67.13 44.83 46.92
N PHE B 245 65.98 44.23 46.63
CA PHE B 245 65.75 43.59 45.32
C PHE B 245 64.70 44.38 44.54
N ALA B 246 64.93 44.59 43.24
CA ALA B 246 63.93 45.29 42.41
C ALA B 246 63.47 44.37 41.27
N GLY B 247 62.22 43.93 41.31
CA GLY B 247 61.71 43.01 40.27
C GLY B 247 61.69 43.68 38.91
N ASN B 248 62.26 43.02 37.91
CA ASN B 248 62.29 43.58 36.53
C ASN B 248 60.86 43.83 36.07
N ASN B 249 59.90 43.13 36.66
CA ASN B 249 58.47 43.31 36.30
C ASN B 249 57.98 44.67 36.77
N LYS B 250 58.67 45.28 37.75
CA LYS B 250 58.18 46.57 38.32
C LYS B 250 59.17 47.70 38.01
N VAL B 251 60.45 47.51 38.30
CA VAL B 251 61.42 48.64 38.13
C VAL B 251 62.32 48.38 36.92
N THR B 252 62.31 49.30 35.93
CA THR B 252 63.23 49.17 34.78
C THR B 252 64.56 49.88 35.13
N GLY B 253 65.45 50.01 34.14
CA GLY B 253 66.74 50.67 34.37
C GLY B 253 67.40 50.18 35.65
N ASP B 254 67.78 51.10 36.54
CA ASP B 254 68.40 50.73 37.83
C ASP B 254 67.78 51.58 38.94
N VAL B 255 68.22 51.37 40.19
CA VAL B 255 67.64 52.14 41.34
C VAL B 255 68.74 53.01 41.94
N ALA B 256 68.59 54.33 41.84
CA ALA B 256 69.61 55.27 42.36
C ALA B 256 69.40 55.44 43.87
N PHE B 257 70.02 54.57 44.67
CA PHE B 257 69.91 54.70 46.14
C PHE B 257 70.56 56.03 46.55
N SER B 258 69.83 56.87 47.29
CA SER B 258 70.35 58.19 47.70
C SER B 258 69.87 58.52 49.11
N GLY B 259 70.54 59.44 49.80
CA GLY B 259 70.09 59.84 51.15
C GLY B 259 71.14 59.54 52.20
N GLY B 260 71.01 60.16 53.38
CA GLY B 260 72.01 59.97 54.46
C GLY B 260 72.03 58.54 54.96
N LEU B 261 70.85 57.94 55.16
CA LEU B 261 70.82 56.52 55.60
C LEU B 261 71.54 55.68 54.54
N ALA B 262 71.31 55.98 53.26
CA ALA B 262 72.00 55.25 52.17
C ALA B 262 73.51 55.41 52.34
N GLY B 263 73.98 56.63 52.65
CA GLY B 263 75.41 56.84 52.91
C GLY B 263 75.85 56.00 54.09
N ALA B 264 75.02 55.93 55.14
CA ALA B 264 75.35 55.08 56.30
C ALA B 264 75.37 53.61 55.86
N LEU B 265 74.37 53.20 55.09
CA LEU B 265 74.30 51.79 54.61
C LEU B 265 75.46 51.53 53.65
N ASN B 266 75.93 52.56 52.95
CA ASN B 266 77.00 52.37 51.93
C ASN B 266 76.53 51.30 50.95
N MET B 267 75.32 51.48 50.39
CA MET B 267 74.75 50.48 49.45
C MET B 267 75.73 50.27 48.30
N GLN B 268 75.83 49.04 47.80
CA GLN B 268 76.80 48.73 46.70
C GLN B 268 76.08 48.73 45.35
N ALA B 269 76.70 48.10 44.34
CA ALA B 269 76.12 48.13 42.97
C ALA B 269 75.10 47.01 42.78
N GLY B 270 74.38 47.02 41.66
CA GLY B 270 73.32 46.01 41.43
C GLY B 270 73.82 44.74 40.77
N THR B 271 73.10 43.64 40.93
CA THR B 271 73.47 42.35 40.29
C THR B 271 72.19 41.70 39.74
N ALA B 272 72.19 41.25 38.49
CA ALA B 272 71.01 40.53 37.96
C ALA B 272 70.89 39.18 38.66
N GLU B 273 69.67 38.83 39.10
CA GLU B 273 69.43 37.52 39.78
C GLU B 273 68.10 36.95 39.29
N THR B 274 68.10 35.71 38.84
CA THR B 274 66.82 35.05 38.42
C THR B 274 66.64 33.77 39.24
N VAL B 275 65.51 33.09 39.09
CA VAL B 275 65.23 31.89 39.93
C VAL B 275 66.40 30.92 39.77
N ASP B 276 66.88 30.76 38.54
CA ASP B 276 67.99 29.79 38.30
C ASP B 276 69.14 30.12 39.25
N THR B 277 69.41 31.39 39.46
CA THR B 277 70.56 31.80 40.32
C THR B 277 70.09 32.12 41.74
N ILE B 278 69.48 31.15 42.43
CA ILE B 278 69.11 31.40 43.85
C ILE B 278 69.90 30.43 44.73
N ASP B 279 70.49 30.94 45.82
CA ASP B 279 71.21 30.06 46.77
C ASP B 279 70.57 30.21 48.16
N VAL B 280 69.89 29.16 48.62
CA VAL B 280 69.24 29.20 49.97
C VAL B 280 70.19 28.60 51.00
N THR B 281 71.49 28.49 50.66
CA THR B 281 72.48 28.00 51.65
C THR B 281 72.98 29.18 52.48
N SER B 282 72.40 30.36 52.29
CA SER B 282 72.79 31.55 53.08
C SER B 282 71.55 32.31 53.55
N VAL B 283 71.51 32.71 54.82
CA VAL B 283 70.29 33.39 55.35
C VAL B 283 69.97 34.57 54.44
N GLY B 284 70.98 35.36 54.09
CA GLY B 284 70.76 36.48 53.15
C GLY B 284 70.22 35.96 51.83
N GLY B 285 70.90 34.97 51.24
CA GLY B 285 70.41 34.37 49.99
C GLY B 285 68.93 34.05 50.10
N ALA B 286 68.53 33.38 51.18
CA ALA B 286 67.10 32.98 51.31
C ALA B 286 66.22 34.22 51.17
N GLN B 287 66.54 35.27 51.93
CA GLN B 287 65.76 36.52 51.85
C GLN B 287 65.59 36.88 50.36
N GLN B 288 66.71 36.94 49.63
CA GLN B 288 66.65 37.33 48.21
C GLN B 288 65.72 36.35 47.47
N SER B 289 65.88 35.05 47.70
CA SER B 289 65.06 34.08 46.94
C SER B 289 63.58 34.40 47.13
N VAL B 290 63.14 34.61 48.37
CA VAL B 290 61.69 34.84 48.59
C VAL B 290 61.27 35.94 47.63
N ALA B 291 62.06 37.01 47.56
CA ALA B 291 61.72 38.15 46.67
C ALA B 291 61.74 37.70 45.21
N VAL B 292 62.83 37.07 44.78
CA VAL B 292 62.94 36.68 43.34
C VAL B 292 61.74 35.82 42.99
N ILE B 293 61.46 34.82 43.84
CA ILE B 293 60.35 33.88 43.52
C ILE B 293 59.04 34.66 43.42
N ASP B 294 58.83 35.61 44.33
CA ASP B 294 57.61 36.46 44.26
C ASP B 294 57.53 37.11 42.88
N SER B 295 58.61 37.75 42.46
CA SER B 295 58.60 38.46 41.14
C SER B 295 58.30 37.45 40.04
N ALA B 296 58.90 36.26 40.14
CA ALA B 296 58.71 35.23 39.09
C ALA B 296 57.24 34.81 39.06
N LEU B 297 56.65 34.62 40.23
CA LEU B 297 55.23 34.16 40.30
C LEU B 297 54.37 35.19 39.57
N LYS B 298 54.64 36.47 39.80
CA LYS B 298 53.85 37.54 39.12
C LYS B 298 53.98 37.36 37.61
N TYR B 299 55.20 37.26 37.11
CA TYR B 299 55.41 37.14 35.64
C TYR B 299 54.59 35.98 35.11
N VAL B 300 54.71 34.82 35.75
CA VAL B 300 54.00 33.61 35.25
C VAL B 300 52.50 33.93 35.22
N ASP B 301 51.96 34.44 36.31
CA ASP B 301 50.50 34.72 36.38
C ASP B 301 50.11 35.65 35.24
N SER B 302 50.91 36.69 35.02
CA SER B 302 50.57 37.68 33.96
C SER B 302 50.38 36.95 32.64
N HIS B 303 51.35 36.12 32.25
CA HIS B 303 51.26 35.43 30.94
C HIS B 303 50.02 34.54 30.95
N ARG B 304 49.79 33.84 32.06
CA ARG B 304 48.63 32.92 32.15
C ARG B 304 47.37 33.74 31.85
N ALA B 305 47.25 34.92 32.47
CA ALA B 305 46.06 35.76 32.27
C ALA B 305 45.91 36.08 30.78
N GLU B 306 46.98 36.54 30.15
CA GLU B 306 46.91 36.91 28.71
C GLU B 306 46.43 35.70 27.92
N LEU B 307 47.06 34.54 28.14
CA LEU B 307 46.60 33.31 27.46
C LEU B 307 45.10 33.17 27.68
N GLY B 308 44.66 33.34 28.92
CA GLY B 308 43.22 33.20 29.23
C GLY B 308 42.37 34.19 28.44
N ALA B 309 42.79 35.45 28.41
CA ALA B 309 42.05 36.42 27.58
C ALA B 309 42.00 35.87 26.16
N PHE B 310 43.17 35.55 25.59
CA PHE B 310 43.22 35.02 24.21
C PHE B 310 42.11 34.00 24.05
N GLN B 311 42.07 33.03 24.97
CA GLN B 311 41.04 31.97 24.88
C GLN B 311 39.66 32.63 24.84
N ASN B 312 39.31 33.39 25.89
CA ASN B 312 37.96 34.00 25.95
C ASN B 312 37.70 34.72 24.62
N ARG B 313 38.67 35.53 24.18
CA ARG B 313 38.47 36.31 22.92
C ARG B 313 38.05 35.31 21.84
N PHE B 314 38.81 34.23 21.69
CA PHE B 314 38.50 33.26 20.62
C PHE B 314 37.12 32.64 20.89
N ASN B 315 36.79 32.43 22.15
CA ASN B 315 35.49 31.79 22.48
C ASN B 315 34.36 32.65 21.91
N HIS B 316 34.39 33.94 22.18
CA HIS B 316 33.36 34.86 21.63
C HIS B 316 33.47 34.83 20.10
N ALA B 317 34.70 34.76 19.60
CA ALA B 317 34.91 34.74 18.13
C ALA B 317 34.21 33.52 17.53
N ILE B 318 34.47 32.33 18.08
CA ILE B 318 33.89 31.11 17.46
C ILE B 318 32.37 31.23 17.51
N SER B 319 31.82 31.73 18.60
CA SER B 319 30.36 31.90 18.71
C SER B 319 29.88 32.78 17.56
N ASN B 320 30.54 33.92 17.36
CA ASN B 320 30.17 34.84 16.27
C ASN B 320 30.26 34.10 14.94
N LEU B 321 31.37 33.40 14.70
CA LEU B 321 31.58 32.74 13.40
C LEU B 321 30.42 31.78 13.11
N ASP B 322 30.06 30.94 14.09
CA ASP B 322 29.00 29.93 13.81
C ASP B 322 27.69 30.67 13.50
N ASN B 323 27.41 31.74 14.24
CA ASN B 323 26.13 32.47 14.04
C ASN B 323 26.09 32.99 12.61
N ILE B 324 27.17 33.65 12.19
CA ILE B 324 27.23 34.17 10.80
C ILE B 324 27.06 32.97 9.87
N ASN B 325 27.77 31.87 10.15
CA ASN B 325 27.71 30.69 9.26
C ASN B 325 26.25 30.22 9.16
N GLU B 326 25.57 30.16 10.30
CA GLU B 326 24.17 29.66 10.30
C GLU B 326 23.34 30.52 9.35
N ASN B 327 23.40 31.85 9.53
CA ASN B 327 22.59 32.78 8.69
C ASN B 327 23.11 32.76 7.26
N VAL B 328 24.42 32.72 7.07
CA VAL B 328 25.00 32.68 5.70
C VAL B 328 24.46 31.43 5.00
N ASN B 329 24.44 30.30 5.71
CA ASN B 329 23.96 29.03 5.10
C ASN B 329 22.51 29.24 4.68
N ALA B 330 21.72 29.83 5.57
CA ALA B 330 20.28 30.03 5.28
C ALA B 330 20.16 30.89 4.01
N SER B 331 20.96 31.94 3.92
CA SER B 331 20.86 32.85 2.76
C SER B 331 21.08 32.03 1.49
N LYS B 332 22.11 31.18 1.49
CA LYS B 332 22.44 30.40 0.28
C LYS B 332 21.26 29.50 -0.05
N SER B 333 20.67 28.89 0.98
CA SER B 333 19.53 27.96 0.75
C SER B 333 18.40 28.72 0.04
N ARG B 334 18.20 29.99 0.41
CA ARG B 334 17.10 30.78 -0.18
C ARG B 334 17.38 31.03 -1.66
N ILE B 335 18.64 30.97 -2.07
CA ILE B 335 18.98 31.35 -3.48
C ILE B 335 19.25 30.11 -4.33
N LYS B 336 19.84 29.06 -3.75
CA LYS B 336 20.24 27.90 -4.59
C LYS B 336 19.35 26.68 -4.37
N ASP B 337 18.89 26.44 -3.14
CA ASP B 337 18.14 25.18 -2.87
C ASP B 337 16.85 25.14 -3.69
N THR B 338 16.35 23.93 -3.96
CA THR B 338 15.07 23.78 -4.72
C THR B 338 13.89 23.70 -3.76
N ASP B 339 12.84 24.49 -3.99
CA ASP B 339 11.61 24.36 -3.16
C ASP B 339 10.86 23.15 -3.71
N PHE B 340 10.95 22.02 -3.03
CA PHE B 340 10.34 20.78 -3.59
C PHE B 340 8.87 21.07 -3.95
N ALA B 341 8.16 21.78 -3.07
CA ALA B 341 6.73 22.06 -3.33
C ALA B 341 6.58 22.70 -4.71
N LYS B 342 7.24 23.84 -4.93
CA LYS B 342 7.07 24.57 -6.20
C LYS B 342 7.51 23.68 -7.37
N GLU B 343 8.68 23.05 -7.26
CA GLU B 343 9.21 22.23 -8.39
C GLU B 343 8.30 21.03 -8.64
N THR B 344 7.84 20.37 -7.57
CA THR B 344 7.02 19.15 -7.78
C THR B 344 5.80 19.56 -8.60
N THR B 345 5.14 20.65 -8.21
CA THR B 345 3.99 21.15 -8.98
C THR B 345 4.43 21.34 -10.44
N ALA B 346 5.56 22.03 -10.64
CA ALA B 346 6.02 22.34 -12.01
C ALA B 346 6.15 21.04 -12.80
N LEU B 347 6.81 20.04 -12.23
CA LEU B 347 7.04 18.77 -12.98
C LEU B 347 5.69 18.14 -13.30
N THR B 348 4.80 18.05 -12.30
CA THR B 348 3.46 17.49 -12.53
C THR B 348 2.80 18.27 -13.67
N LYS B 349 2.79 19.60 -13.56
CA LYS B 349 2.15 20.45 -14.60
C LYS B 349 2.80 20.15 -15.95
N SER B 350 4.13 20.20 -16.00
CA SER B 350 4.83 20.00 -17.30
C SER B 350 4.39 18.67 -17.90
N GLN B 351 4.36 17.62 -17.07
CA GLN B 351 4.00 16.27 -17.58
C GLN B 351 2.60 16.34 -18.18
N ILE B 352 1.64 16.90 -17.45
CA ILE B 352 0.24 16.92 -17.95
C ILE B 352 0.20 17.66 -19.29
N LEU B 353 0.87 18.81 -19.36
CA LEU B 353 0.89 19.60 -20.62
C LEU B 353 1.46 18.72 -21.74
N SER B 354 2.55 18.01 -21.46
CA SER B 354 3.20 17.18 -22.50
C SER B 354 2.20 16.12 -22.99
N GLN B 355 1.56 15.43 -22.05
CA GLN B 355 0.62 14.34 -22.43
C GLN B 355 -0.44 14.96 -23.33
N ALA B 356 -0.92 16.15 -22.98
CA ALA B 356 -1.93 16.83 -23.81
C ALA B 356 -1.36 17.03 -25.22
N SER B 357 -0.24 17.73 -25.33
CA SER B 357 0.30 18.03 -26.68
C SER B 357 0.49 16.73 -27.46
N SER B 358 0.98 15.69 -26.79
CA SER B 358 1.18 14.38 -27.46
C SER B 358 -0.17 13.85 -27.96
N SER B 359 -1.21 14.01 -27.16
CA SER B 359 -2.57 13.55 -27.57
C SER B 359 -3.03 14.39 -28.75
N VAL B 360 -2.82 15.70 -28.70
CA VAL B 360 -3.22 16.60 -29.82
C VAL B 360 -2.44 16.17 -31.06
N LEU B 361 -1.15 15.89 -30.90
CA LEU B 361 -0.30 15.51 -32.06
C LEU B 361 -0.88 14.24 -32.69
N ALA B 362 -1.37 13.31 -31.88
CA ALA B 362 -2.00 12.09 -32.43
C ALA B 362 -3.15 12.51 -33.33
N GLN B 363 -4.05 13.35 -32.80
CA GLN B 363 -5.21 13.83 -33.59
C GLN B 363 -4.71 14.70 -34.75
N ALA B 364 -3.57 15.36 -34.56
CA ALA B 364 -3.01 16.24 -35.61
C ALA B 364 -2.71 15.39 -36.83
N LYS B 365 -1.97 14.30 -36.64
CA LYS B 365 -1.76 13.38 -37.78
C LYS B 365 -3.13 12.77 -38.08
N GLN B 366 -3.34 12.21 -39.28
CA GLN B 366 -4.66 11.68 -39.69
C GLN B 366 -5.47 12.84 -40.27
N ALA B 367 -5.02 14.07 -40.06
CA ALA B 367 -5.71 15.20 -40.73
C ALA B 367 -5.62 14.98 -42.24
N PRO B 368 -4.44 14.72 -42.85
CA PRO B 368 -4.39 14.43 -44.28
C PRO B 368 -5.36 13.29 -44.61
N ASN B 369 -5.58 12.36 -43.68
CA ASN B 369 -6.42 11.18 -44.01
C ASN B 369 -7.77 11.69 -44.55
N ALA B 370 -8.19 12.87 -44.11
CA ALA B 370 -9.47 13.43 -44.58
C ALA B 370 -9.46 13.43 -46.11
N ALA B 371 -8.46 14.09 -46.71
CA ALA B 371 -8.42 14.20 -48.18
C ALA B 371 -8.73 12.85 -48.83
N LEU B 372 -8.09 11.79 -48.34
CA LEU B 372 -8.27 10.48 -49.01
C LEU B 372 -9.76 10.19 -49.12
N SER B 373 -10.52 10.48 -48.07
CA SER B 373 -11.97 10.23 -48.07
C SER B 373 -12.61 11.01 -49.23
N LEU B 374 -12.22 12.27 -49.40
CA LEU B 374 -12.81 13.12 -50.47
C LEU B 374 -12.68 12.37 -51.79
N LEU B 375 -11.50 11.86 -52.11
CA LEU B 375 -11.34 11.04 -53.34
C LEU B 375 -10.12 10.13 -53.19
N GLY B 376 -10.25 8.87 -53.59
CA GLY B 376 -9.15 7.91 -53.48
C GLY B 376 -9.23 7.09 -52.20
N ALA C 1 -26.71 21.80 -94.63
CA ALA C 1 -26.42 21.02 -95.85
C ALA C 1 -25.75 19.70 -95.46
N VAL C 2 -26.21 18.59 -96.04
CA VAL C 2 -25.54 17.29 -95.75
C VAL C 2 -24.21 17.26 -96.51
N ASN C 3 -23.10 17.31 -95.78
CA ASN C 3 -21.76 17.31 -96.41
C ASN C 3 -20.93 16.19 -95.77
N VAL C 4 -20.26 15.37 -96.59
CA VAL C 4 -19.52 14.20 -96.04
C VAL C 4 -18.03 14.51 -95.98
N ASN C 5 -17.55 15.42 -96.84
CA ASN C 5 -16.09 15.69 -96.90
C ASN C 5 -15.66 16.61 -95.76
N THR C 6 -16.60 17.08 -94.93
CA THR C 6 -16.20 17.90 -93.75
C THR C 6 -17.20 17.68 -92.62
N ASN C 7 -16.72 17.58 -91.37
CA ASN C 7 -17.61 17.40 -90.21
C ASN C 7 -17.16 18.35 -89.10
N VAL C 8 -17.43 19.65 -89.26
CA VAL C 8 -16.94 20.65 -88.27
C VAL C 8 -17.50 20.31 -86.89
N ALA C 9 -18.69 19.73 -86.84
CA ALA C 9 -19.28 19.32 -85.55
C ALA C 9 -18.29 18.42 -84.82
N ALA C 10 -17.72 17.45 -85.54
CA ALA C 10 -16.73 16.54 -84.93
C ALA C 10 -15.53 17.35 -84.46
N MET C 11 -15.03 18.24 -85.32
CA MET C 11 -13.81 19.00 -84.98
C MET C 11 -14.06 19.74 -83.66
N THR C 12 -15.24 20.36 -83.52
CA THR C 12 -15.54 21.13 -82.29
C THR C 12 -15.45 20.19 -81.09
N ALA C 13 -16.08 19.02 -81.19
CA ALA C 13 -16.05 18.06 -80.07
C ALA C 13 -14.60 17.76 -79.72
N GLN C 14 -13.80 17.38 -80.71
CA GLN C 14 -12.39 17.03 -80.45
C GLN C 14 -11.73 18.18 -79.68
N ARG C 15 -11.88 19.41 -80.17
CA ARG C 15 -11.18 20.54 -79.53
C ARG C 15 -11.55 20.57 -78.05
N TYR C 16 -12.84 20.45 -77.75
CA TYR C 16 -13.29 20.51 -76.33
C TYR C 16 -12.85 19.24 -75.60
N LEU C 17 -12.92 18.10 -76.28
CA LEU C 17 -12.45 16.84 -75.64
C LEU C 17 -10.98 17.02 -75.26
N THR C 18 -10.13 17.38 -76.23
CA THR C 18 -8.68 17.49 -75.94
C THR C 18 -8.51 18.45 -74.77
N GLY C 19 -9.27 19.53 -74.74
CA GLY C 19 -9.20 20.46 -73.62
C GLY C 19 -9.46 19.75 -72.31
N ALA C 20 -10.50 18.91 -72.27
CA ALA C 20 -10.85 18.19 -71.03
C ALA C 20 -9.73 17.21 -70.65
N THR C 21 -9.21 16.48 -71.65
CA THR C 21 -8.14 15.49 -71.37
C THR C 21 -7.00 16.21 -70.65
N ASN C 22 -6.62 17.38 -71.16
CA ASN C 22 -5.53 18.16 -70.52
C ASN C 22 -5.94 18.54 -69.09
N ALA C 23 -7.16 19.04 -68.91
CA ALA C 23 -7.58 19.51 -67.57
C ALA C 23 -7.56 18.34 -66.59
N GLN C 24 -8.04 17.17 -67.04
CA GLN C 24 -8.00 15.97 -66.17
C GLN C 24 -6.53 15.71 -65.81
N GLN C 25 -5.67 15.68 -66.82
CA GLN C 25 -4.24 15.37 -66.58
C GLN C 25 -3.67 16.36 -65.57
N THR C 26 -3.89 17.65 -65.78
CA THR C 26 -3.29 18.66 -64.88
C THR C 26 -3.73 18.39 -63.44
N SER C 27 -5.03 18.26 -63.23
CA SER C 27 -5.55 18.08 -61.85
C SER C 27 -4.99 16.78 -61.28
N MET C 28 -4.96 15.71 -62.09
CA MET C 28 -4.51 14.40 -61.55
C MET C 28 -3.09 14.54 -61.02
N GLU C 29 -2.23 15.25 -61.76
CA GLU C 29 -0.84 15.47 -61.30
C GLU C 29 -0.86 16.31 -60.03
N ARG C 30 -1.66 17.36 -59.99
CA ARG C 30 -1.72 18.25 -58.81
C ARG C 30 -2.20 17.43 -57.60
N LEU C 31 -3.08 16.45 -57.85
CA LEU C 31 -3.58 15.59 -56.76
C LEU C 31 -2.47 14.63 -56.32
N SER C 32 -1.91 13.88 -57.26
CA SER C 32 -0.86 12.89 -56.92
C SER C 32 0.30 13.60 -56.21
N SER C 33 0.79 14.69 -56.78
CA SER C 33 1.95 15.41 -56.18
C SER C 33 1.53 16.12 -54.90
N GLY C 34 0.23 16.32 -54.69
CA GLY C 34 -0.23 17.09 -53.52
C GLY C 34 0.25 18.53 -53.60
N PHE C 35 0.84 18.91 -54.74
CA PHE C 35 1.32 20.29 -54.93
C PHE C 35 0.48 20.99 -56.01
N LYS C 36 0.45 22.33 -55.96
CA LYS C 36 -0.32 23.11 -56.96
C LYS C 36 0.64 23.58 -58.05
N ILE C 37 1.81 24.09 -57.64
CA ILE C 37 2.84 24.55 -58.62
C ILE C 37 3.80 23.39 -58.87
N ASN C 38 3.43 22.46 -59.76
CA ASN C 38 4.31 21.32 -60.08
C ASN C 38 5.18 21.73 -61.27
N SER C 39 4.96 22.93 -61.79
CA SER C 39 5.75 23.44 -62.94
C SER C 39 5.61 24.96 -63.01
N ALA C 40 6.55 25.63 -63.68
CA ALA C 40 6.50 27.10 -63.80
C ALA C 40 5.19 27.51 -64.46
N LYS C 41 4.72 26.69 -65.41
CA LYS C 41 3.45 27.01 -66.13
C LYS C 41 2.34 27.23 -65.10
N ASP C 42 2.33 26.45 -64.03
CA ASP C 42 1.25 26.56 -63.01
C ASP C 42 1.25 27.97 -62.43
N ASP C 43 2.41 28.45 -61.97
CA ASP C 43 2.50 29.80 -61.34
C ASP C 43 3.97 30.21 -61.25
N ALA C 44 4.49 30.84 -62.31
CA ALA C 44 5.94 31.18 -62.32
C ALA C 44 6.27 32.00 -61.08
N ALA C 45 5.47 33.04 -60.78
CA ALA C 45 5.77 33.91 -59.63
C ALA C 45 5.74 33.07 -58.35
N GLY C 46 4.67 32.29 -58.18
CA GLY C 46 4.57 31.42 -57.00
C GLY C 46 5.77 30.50 -56.93
N LEU C 47 6.08 29.82 -58.04
CA LEU C 47 7.28 28.95 -58.07
C LEU C 47 8.44 29.73 -57.46
N GLN C 48 8.77 30.89 -58.03
CA GLN C 48 9.93 31.66 -57.52
C GLN C 48 9.75 31.91 -56.03
N ILE C 49 8.56 32.40 -55.63
CA ILE C 49 8.33 32.71 -54.18
C ILE C 49 8.37 31.42 -53.36
N SER C 50 7.68 30.37 -53.82
CA SER C 50 7.60 29.14 -53.02
C SER C 50 9.01 28.55 -52.87
N ASN C 51 9.79 28.56 -53.95
CA ASN C 51 11.18 28.06 -53.87
C ASN C 51 11.88 28.83 -52.76
N ARG C 52 11.77 30.16 -52.77
CA ARG C 52 12.50 30.96 -51.76
C ARG C 52 12.06 30.49 -50.37
N LEU C 53 10.76 30.38 -50.14
CA LEU C 53 10.27 30.00 -48.79
C LEU C 53 10.85 28.64 -48.43
N ASN C 54 10.82 27.68 -49.36
CA ASN C 54 11.31 26.33 -49.04
C ASN C 54 12.78 26.44 -48.63
N VAL C 55 13.56 27.21 -49.39
CA VAL C 55 14.99 27.42 -49.03
C VAL C 55 15.02 27.95 -47.60
N GLN C 56 14.19 28.96 -47.30
CA GLN C 56 14.22 29.58 -45.95
C GLN C 56 13.91 28.50 -44.90
N SER C 57 12.85 27.72 -45.12
CA SER C 57 12.46 26.71 -44.11
C SER C 57 13.62 25.74 -43.88
N ARG C 58 14.15 25.18 -44.95
CA ARG C 58 15.23 24.17 -44.80
C ARG C 58 16.36 24.87 -44.04
N GLY C 59 16.67 26.10 -44.42
CA GLY C 59 17.76 26.83 -43.75
C GLY C 59 17.46 27.01 -42.28
N LEU C 60 16.22 27.38 -41.94
CA LEU C 60 15.84 27.60 -40.53
C LEU C 60 16.07 26.29 -39.77
N ASP C 61 15.71 25.17 -40.39
CA ASP C 61 15.95 23.85 -39.74
C ASP C 61 17.45 23.70 -39.46
N VAL C 62 18.30 23.96 -40.45
CA VAL C 62 19.76 23.83 -40.25
C VAL C 62 20.17 24.80 -39.16
N ALA C 63 19.64 26.02 -39.19
CA ALA C 63 20.03 27.04 -38.18
C ALA C 63 19.85 26.45 -36.79
N VAL C 64 18.72 25.79 -36.54
CA VAL C 64 18.45 25.30 -35.16
C VAL C 64 19.48 24.21 -34.82
N ARG C 65 19.86 23.39 -35.80
CA ARG C 65 20.92 22.39 -35.53
C ARG C 65 22.15 23.15 -35.03
N ASN C 66 22.60 24.13 -35.81
CA ASN C 66 23.82 24.88 -35.42
C ASN C 66 23.61 25.46 -34.03
N ALA C 67 22.42 26.02 -33.80
CA ALA C 67 22.12 26.64 -32.48
C ALA C 67 22.19 25.57 -31.40
N ASN C 68 21.50 24.44 -31.60
CA ASN C 68 21.51 23.36 -30.58
C ASN C 68 22.96 22.91 -30.37
N ASP C 69 23.73 22.79 -31.46
CA ASP C 69 25.14 22.37 -31.35
C ASP C 69 25.90 23.40 -30.50
N GLY C 70 25.66 24.68 -30.76
CA GLY C 70 26.31 25.72 -29.95
C GLY C 70 25.95 25.55 -28.49
N ILE C 71 24.67 25.31 -28.21
CA ILE C 71 24.23 25.08 -26.81
C ILE C 71 25.05 23.92 -26.24
N SER C 72 25.18 22.83 -27.01
CA SER C 72 25.91 21.64 -26.52
C SER C 72 27.33 22.05 -26.12
N ILE C 73 28.02 22.78 -26.99
CA ILE C 73 29.43 23.16 -26.70
C ILE C 73 29.43 23.95 -25.40
N ALA C 74 28.58 24.98 -25.32
CA ALA C 74 28.51 25.80 -24.09
C ALA C 74 28.24 24.89 -22.90
N GLN C 75 27.18 24.09 -22.97
CA GLN C 75 26.83 23.20 -21.83
C GLN C 75 28.10 22.48 -21.37
N THR C 76 28.77 21.79 -22.29
CA THR C 76 29.95 20.99 -21.90
C THR C 76 30.96 21.90 -21.21
N ALA C 77 31.26 23.05 -21.82
CA ALA C 77 32.28 23.95 -21.26
C ALA C 77 31.86 24.40 -19.86
N GLU C 78 30.63 24.91 -19.73
CA GLU C 78 30.16 25.40 -18.41
C GLU C 78 30.28 24.25 -17.41
N GLY C 79 29.83 23.06 -17.80
CA GLY C 79 29.84 21.91 -16.88
C GLY C 79 31.25 21.64 -16.38
N ALA C 80 32.23 21.64 -17.28
CA ALA C 80 33.63 21.40 -16.88
C ALA C 80 34.05 22.50 -15.90
N MET C 81 33.72 23.75 -16.22
CA MET C 81 34.14 24.90 -15.37
C MET C 81 33.65 24.66 -13.94
N ASN C 82 32.48 24.03 -13.80
CA ASN C 82 31.95 23.72 -12.44
C ASN C 82 33.04 23.03 -11.63
N GLU C 83 33.56 21.90 -12.13
CA GLU C 83 34.54 21.13 -11.32
C GLU C 83 35.70 22.07 -10.97
N THR C 84 36.12 22.92 -11.92
CA THR C 84 37.24 23.85 -11.67
C THR C 84 36.90 24.67 -10.42
N THR C 85 35.71 25.27 -10.38
CA THR C 85 35.30 26.05 -9.18
C THR C 85 35.43 25.17 -7.95
N ASN C 86 34.93 23.94 -8.03
CA ASN C 86 34.96 23.05 -6.84
C ASN C 86 36.41 22.84 -6.40
N ILE C 87 37.29 22.51 -7.34
CA ILE C 87 38.72 22.23 -6.99
C ILE C 87 39.30 23.50 -6.37
N LEU C 88 39.05 24.64 -7.00
CA LEU C 88 39.61 25.91 -6.49
C LEU C 88 39.10 26.12 -5.06
N GLN C 89 37.81 25.89 -4.81
CA GLN C 89 37.25 26.15 -3.47
C GLN C 89 37.99 25.30 -2.45
N ARG C 90 38.12 24.00 -2.73
CA ARG C 90 38.83 23.10 -1.78
C ARG C 90 40.21 23.71 -1.52
N MET C 91 40.89 24.17 -2.57
CA MET C 91 42.25 24.72 -2.41
C MET C 91 42.19 25.90 -1.45
N ARG C 92 41.16 26.74 -1.59
CA ARG C 92 41.02 27.93 -0.71
C ARG C 92 40.91 27.46 0.74
N ASP C 93 40.06 26.45 0.98
CA ASP C 93 39.89 25.92 2.36
C ASP C 93 41.25 25.41 2.85
N LEU C 94 41.96 24.66 2.00
CA LEU C 94 43.28 24.11 2.38
C LEU C 94 44.20 25.27 2.76
N SER C 95 44.20 26.33 1.94
CA SER C 95 45.12 27.47 2.21
C SER C 95 44.80 28.07 3.57
N LEU C 96 43.52 28.26 3.87
CA LEU C 96 43.10 28.84 5.17
C LEU C 96 43.64 27.95 6.29
N GLN C 97 43.47 26.64 6.16
CA GLN C 97 43.95 25.69 7.20
C GLN C 97 45.45 25.89 7.39
N SER C 98 46.19 25.94 6.28
CA SER C 98 47.68 26.08 6.36
C SER C 98 48.03 27.35 7.13
N ALA C 99 47.37 28.46 6.82
CA ALA C 99 47.70 29.75 7.44
C ALA C 99 47.67 29.66 8.97
N ASN C 100 46.92 28.72 9.54
CA ASN C 100 46.77 28.69 11.01
C ASN C 100 48.15 28.50 11.66
N GLY C 101 48.37 29.12 12.82
CA GLY C 101 49.67 29.04 13.51
C GLY C 101 50.00 27.64 13.97
N SER C 102 48.99 26.88 14.41
CA SER C 102 49.24 25.52 14.94
C SER C 102 50.01 24.69 13.91
N ASN C 103 49.53 24.67 12.67
CA ASN C 103 50.17 23.82 11.63
C ASN C 103 51.67 24.10 11.62
N SER C 104 52.50 23.06 11.55
CA SER C 104 53.98 23.22 11.52
C SER C 104 54.49 23.05 10.10
N LYS C 105 55.82 23.15 9.90
CA LYS C 105 56.39 23.08 8.53
C LYS C 105 55.98 21.76 7.88
N SER C 106 56.09 20.66 8.62
CA SER C 106 55.68 19.34 8.09
C SER C 106 54.24 19.43 7.58
N GLU C 107 53.33 19.83 8.46
CA GLU C 107 51.89 19.93 8.07
C GLU C 107 51.75 20.80 6.83
N ARG C 108 52.36 21.98 6.84
CA ARG C 108 52.16 22.90 5.69
C ARG C 108 52.65 22.19 4.43
N VAL C 109 53.78 21.49 4.52
CA VAL C 109 54.31 20.74 3.34
C VAL C 109 53.23 19.73 2.92
N ALA C 110 52.64 19.05 3.90
CA ALA C 110 51.57 18.07 3.57
C ALA C 110 50.48 18.79 2.76
N ILE C 111 49.95 19.87 3.30
CA ILE C 111 48.85 20.59 2.58
C ILE C 111 49.37 20.97 1.20
N GLN C 112 50.63 21.41 1.12
CA GLN C 112 51.18 21.87 -0.18
C GLN C 112 50.98 20.76 -1.21
N GLU C 113 51.22 19.51 -0.81
CA GLU C 113 51.12 18.38 -1.77
C GLU C 113 49.71 18.33 -2.34
N GLU C 114 48.70 18.40 -1.46
CA GLU C 114 47.30 18.28 -1.96
C GLU C 114 47.07 19.42 -2.95
N ILE C 115 47.39 20.65 -2.54
CA ILE C 115 47.22 21.81 -3.45
C ILE C 115 47.97 21.50 -4.75
N THR C 116 49.24 21.13 -4.64
CA THR C 116 50.03 20.85 -5.87
C THR C 116 49.21 19.97 -6.80
N ALA C 117 48.64 18.89 -6.27
CA ALA C 117 47.90 17.95 -7.13
C ALA C 117 46.67 18.65 -7.72
N LEU C 118 45.87 19.26 -6.85
CA LEU C 118 44.64 19.95 -7.33
C LEU C 118 45.04 20.95 -8.42
N ASN C 119 46.13 21.67 -8.21
CA ASN C 119 46.61 22.64 -9.23
C ASN C 119 46.75 21.90 -10.56
N ASP C 120 47.45 20.76 -10.54
CA ASP C 120 47.64 19.96 -11.78
C ASP C 120 46.27 19.51 -12.29
N GLU C 121 45.36 19.19 -11.36
CA GLU C 121 44.02 18.68 -11.77
C GLU C 121 43.32 19.77 -12.60
N LEU C 122 43.38 21.02 -12.15
CA LEU C 122 42.78 22.12 -12.93
C LEU C 122 43.43 22.15 -14.31
N ASN C 123 44.76 22.12 -14.35
CA ASN C 123 45.46 22.20 -15.65
C ASN C 123 44.97 21.05 -16.53
N ARG C 124 44.83 19.86 -15.96
CA ARG C 124 44.36 18.70 -16.75
C ARG C 124 42.98 19.02 -17.33
N ILE C 125 42.05 19.49 -16.48
CA ILE C 125 40.67 19.76 -16.95
C ILE C 125 40.75 20.70 -18.15
N ALA C 126 41.63 21.69 -18.06
CA ALA C 126 41.75 22.70 -19.15
C ALA C 126 42.28 22.04 -20.42
N GLU C 127 43.17 21.06 -20.29
CA GLU C 127 43.81 20.49 -21.51
C GLU C 127 43.10 19.20 -21.94
N THR C 128 42.04 18.81 -21.25
CA THR C 128 41.37 17.53 -21.61
C THR C 128 39.95 17.81 -22.12
N THR C 129 39.24 18.76 -21.53
CA THR C 129 37.84 19.01 -21.93
C THR C 129 37.78 19.27 -23.43
N SER C 130 37.14 18.37 -24.17
CA SER C 130 37.07 18.51 -25.65
C SER C 130 35.70 18.03 -26.17
N PHE C 131 35.05 18.82 -27.01
CA PHE C 131 33.76 18.39 -27.62
C PHE C 131 34.07 17.67 -28.92
N GLY C 132 34.14 16.34 -28.87
CA GLY C 132 34.43 15.53 -30.07
C GLY C 132 35.87 15.71 -30.53
N GLY C 133 36.78 15.98 -29.59
CA GLY C 133 38.19 16.20 -29.94
C GLY C 133 38.50 17.68 -30.03
N ASN C 134 37.46 18.51 -30.07
CA ASN C 134 37.66 19.98 -30.17
C ASN C 134 37.93 20.55 -28.78
N LYS C 135 39.20 20.85 -28.47
CA LYS C 135 39.57 21.40 -27.13
C LYS C 135 38.71 22.61 -26.84
N LEU C 136 38.29 22.80 -25.59
CA LEU C 136 37.33 23.90 -25.28
C LEU C 136 37.91 24.91 -24.28
N LEU C 137 38.67 24.46 -23.28
CA LEU C 137 39.12 25.41 -22.24
C LEU C 137 40.65 25.54 -22.18
N ASN C 138 41.36 25.19 -23.25
CA ASN C 138 42.85 25.23 -23.21
C ASN C 138 43.34 26.57 -23.75
N GLY C 139 42.46 27.34 -24.38
CA GLY C 139 42.86 28.63 -24.99
C GLY C 139 42.87 28.56 -26.50
N THR C 140 42.93 27.34 -27.06
CA THR C 140 43.00 27.17 -28.54
C THR C 140 41.63 27.45 -29.15
N PHE C 141 40.56 27.27 -28.37
CA PHE C 141 39.20 27.59 -28.88
C PHE C 141 38.96 29.09 -28.67
N SER C 142 39.32 29.90 -29.66
CA SER C 142 39.09 31.36 -29.57
C SER C 142 37.66 31.67 -30.04
N THR C 143 37.35 32.94 -30.22
CA THR C 143 35.97 33.34 -30.61
C THR C 143 35.55 32.55 -31.85
N LYS C 144 34.48 31.76 -31.74
CA LYS C 144 33.95 31.03 -32.93
C LYS C 144 32.53 31.52 -33.19
N SER C 145 32.17 31.73 -34.46
CA SER C 145 30.82 32.24 -34.79
C SER C 145 29.90 31.06 -35.12
N PHE C 146 28.74 31.00 -34.46
CA PHE C 146 27.75 29.92 -34.73
C PHE C 146 26.59 30.49 -35.55
N GLN C 147 26.61 30.26 -36.87
CA GLN C 147 25.53 30.79 -37.75
C GLN C 147 24.18 30.23 -37.28
N ILE C 148 23.23 31.11 -36.97
CA ILE C 148 21.91 30.66 -36.46
C ILE C 148 20.78 31.32 -37.27
N GLY C 149 20.99 31.47 -38.57
CA GLY C 149 19.97 32.13 -39.42
C GLY C 149 19.87 31.49 -40.79
N ALA C 150 18.65 31.39 -41.33
CA ALA C 150 18.44 30.77 -42.65
C ALA C 150 19.38 31.39 -43.68
N ASP C 151 19.56 32.72 -43.59
CA ASP C 151 20.43 33.42 -44.56
C ASP C 151 21.83 33.58 -43.95
N ASN C 152 22.85 33.74 -44.80
CA ASN C 152 24.23 33.89 -44.29
C ASN C 152 24.38 35.27 -43.64
N GLY C 153 25.42 35.45 -42.84
CA GLY C 153 25.65 36.75 -42.17
C GLY C 153 24.91 36.83 -40.86
N GLU C 154 24.36 35.71 -40.40
CA GLU C 154 23.56 35.73 -39.15
C GLU C 154 24.23 34.81 -38.13
N ALA C 155 25.35 35.25 -37.55
CA ALA C 155 26.10 34.39 -36.60
C ALA C 155 26.36 35.14 -35.29
N VAL C 156 26.45 34.42 -34.17
CA VAL C 156 26.78 35.05 -32.87
C VAL C 156 28.16 34.56 -32.44
N MET C 157 29.07 35.48 -32.11
CA MET C 157 30.46 35.09 -31.77
C MET C 157 30.50 34.53 -30.35
N LEU C 158 30.92 33.27 -30.18
CA LEU C 158 31.07 32.68 -28.82
C LEU C 158 32.57 32.59 -28.51
N THR C 159 32.99 33.12 -27.37
CA THR C 159 34.42 33.09 -27.00
C THR C 159 34.62 32.20 -25.76
N LEU C 160 35.45 31.17 -25.87
CA LEU C 160 35.76 30.32 -24.69
C LEU C 160 37.16 30.70 -24.20
N LYS C 161 37.29 30.99 -22.91
CA LYS C 161 38.60 31.46 -22.38
C LYS C 161 39.46 30.27 -21.93
N ASP C 162 40.73 30.52 -21.63
CA ASP C 162 41.64 29.45 -21.12
C ASP C 162 41.54 29.42 -19.60
N MET C 163 41.09 28.29 -19.05
CA MET C 163 40.92 28.17 -17.58
C MET C 163 42.13 27.44 -16.99
N ARG C 164 43.31 27.63 -17.58
CA ARG C 164 44.54 27.02 -17.02
C ARG C 164 44.91 27.76 -15.73
N SER C 165 45.63 27.08 -14.84
CA SER C 165 46.01 27.69 -13.54
C SER C 165 47.05 28.79 -13.75
N ASP C 166 47.60 28.88 -14.96
CA ASP C 166 48.65 29.88 -15.25
C ASP C 166 48.02 31.12 -15.90
N ASN C 167 46.79 31.00 -16.40
CA ASN C 167 46.12 32.14 -17.06
C ASN C 167 46.34 33.41 -16.23
N ARG C 168 46.87 34.46 -16.85
CA ARG C 168 47.20 35.70 -16.10
C ARG C 168 45.95 36.18 -15.34
N MET C 169 44.80 36.16 -16.00
CA MET C 169 43.57 36.69 -15.36
C MET C 169 43.28 35.93 -14.07
N MET C 170 43.58 34.63 -14.04
CA MET C 170 43.25 33.82 -12.84
C MET C 170 43.91 34.45 -11.61
N GLY C 171 45.13 34.95 -11.74
CA GLY C 171 45.85 35.49 -10.59
C GLY C 171 45.87 37.02 -10.58
N GLY C 172 46.93 37.61 -10.02
CA GLY C 172 47.04 39.07 -9.94
C GLY C 172 48.46 39.52 -9.60
N THR C 173 48.59 40.63 -8.88
CA THR C 173 49.94 41.17 -8.56
C THR C 173 50.10 41.25 -7.05
N SER C 174 51.25 40.79 -6.52
CA SER C 174 51.44 40.77 -5.05
C SER C 174 52.52 41.78 -4.65
N TYR C 175 52.17 42.71 -3.77
CA TYR C 175 53.17 43.69 -3.27
C TYR C 175 53.37 43.42 -1.78
N VAL C 176 54.60 43.12 -1.38
CA VAL C 176 54.87 42.80 0.05
C VAL C 176 55.81 43.87 0.62
N ALA C 177 55.47 44.41 1.79
CA ALA C 177 56.33 45.42 2.44
C ALA C 177 57.67 44.78 2.83
N ALA C 178 58.66 45.61 3.15
CA ALA C 178 59.98 45.07 3.56
C ALA C 178 60.15 45.21 5.08
N GLU C 179 59.47 46.20 5.68
CA GLU C 179 59.65 46.44 7.13
C GLU C 179 58.73 45.51 7.95
N GLY C 180 59.21 44.32 8.28
CA GLY C 180 58.41 43.42 9.14
C GLY C 180 58.14 44.05 10.48
N LYS C 181 56.88 44.07 10.91
CA LYS C 181 56.50 44.71 12.19
C LYS C 181 56.25 43.63 13.25
N ASP C 182 56.83 43.79 14.45
CA ASP C 182 56.69 42.75 15.49
C ASP C 182 55.37 42.95 16.25
N LYS C 183 55.19 42.23 17.36
CA LYS C 183 53.95 42.36 18.15
C LYS C 183 53.91 43.74 18.80
N ASP C 184 55.06 44.26 19.23
CA ASP C 184 55.06 45.56 19.96
C ASP C 184 54.68 46.68 18.99
N TRP C 185 55.09 46.57 17.72
CA TRP C 185 54.84 47.68 16.76
C TRP C 185 53.36 48.05 16.76
N LYS C 186 53.05 49.35 16.62
CA LYS C 186 51.64 49.79 16.54
C LYS C 186 51.54 50.84 15.43
N VAL C 187 50.33 51.30 15.11
CA VAL C 187 50.13 52.30 14.02
C VAL C 187 50.73 53.65 14.46
N GLN C 188 51.19 53.72 15.72
CA GLN C 188 51.87 54.94 16.20
C GLN C 188 50.91 56.12 15.98
N ALA C 189 51.34 57.13 15.22
CA ALA C 189 50.50 58.31 14.94
C ALA C 189 51.15 59.11 13.81
N GLY C 190 50.39 59.99 13.15
CA GLY C 190 50.94 60.72 11.99
C GLY C 190 51.10 59.80 10.79
N ALA C 191 51.70 58.64 11.00
CA ALA C 191 51.85 57.64 9.91
C ALA C 191 50.61 56.75 9.89
N ASN C 192 49.48 57.27 10.38
CA ASN C 192 48.22 56.49 10.41
C ASN C 192 47.54 56.58 9.05
N ASP C 193 48.27 57.00 8.02
CA ASP C 193 47.64 57.20 6.69
C ASP C 193 48.36 56.37 5.63
N ILE C 194 47.61 55.67 4.78
CA ILE C 194 48.21 54.93 3.64
C ILE C 194 47.31 55.16 2.43
N THR C 195 47.88 55.30 1.24
CA THR C 195 47.01 55.64 0.07
C THR C 195 47.36 54.72 -1.10
N PHE C 196 46.36 54.03 -1.65
CA PHE C 196 46.58 53.11 -2.77
C PHE C 196 46.15 53.80 -4.07
N THR C 197 47.10 54.27 -4.87
CA THR C 197 46.76 54.88 -6.18
C THR C 197 46.72 53.77 -7.22
N LEU C 198 45.52 53.39 -7.68
CA LEU C 198 45.41 52.25 -8.61
C LEU C 198 44.47 52.58 -9.76
N LYS C 199 44.44 51.72 -10.79
CA LYS C 199 43.53 51.93 -11.96
C LYS C 199 42.55 50.77 -12.01
N ASP C 200 41.26 51.06 -12.18
CA ASP C 200 40.22 50.00 -12.20
C ASP C 200 40.41 49.09 -13.41
N ILE C 201 39.82 47.89 -13.39
CA ILE C 201 39.88 47.01 -14.58
C ILE C 201 39.38 47.82 -15.77
N ASP C 202 38.37 48.66 -15.56
CA ASP C 202 37.85 49.53 -16.65
C ASP C 202 38.71 50.78 -16.77
N GLY C 203 39.92 50.75 -16.18
CA GLY C 203 40.84 51.89 -16.32
C GLY C 203 40.47 53.06 -15.43
N ASN C 204 39.26 53.03 -14.86
CA ASN C 204 38.83 54.11 -13.95
C ASN C 204 39.94 54.34 -12.91
N ASP C 205 40.51 55.55 -12.88
CA ASP C 205 41.54 55.87 -11.86
C ASP C 205 40.89 55.90 -10.48
N GLN C 206 41.49 55.23 -9.50
CA GLN C 206 40.93 55.20 -8.13
C GLN C 206 42.00 55.63 -7.13
N THR C 207 41.61 56.35 -6.07
CA THR C 207 42.58 56.76 -5.03
C THR C 207 42.05 56.29 -3.67
N ILE C 208 42.37 55.05 -3.30
CA ILE C 208 41.87 54.50 -2.01
C ILE C 208 42.76 55.02 -0.88
N THR C 209 42.18 55.73 0.09
CA THR C 209 42.97 56.23 1.24
C THR C 209 42.50 55.53 2.52
N VAL C 210 43.35 54.68 3.09
CA VAL C 210 42.98 53.96 4.34
C VAL C 210 43.66 54.67 5.52
N ASN C 211 42.89 55.41 6.32
CA ASN C 211 43.47 56.07 7.52
C ASN C 211 43.41 55.07 8.69
N ALA C 212 44.48 54.27 8.86
CA ALA C 212 44.48 53.23 9.91
C ALA C 212 44.27 53.85 11.29
N LYS C 213 43.59 53.14 12.19
CA LYS C 213 43.39 53.63 13.57
C LYS C 213 44.68 53.42 14.36
N GLU C 214 45.13 54.41 15.12
CA GLU C 214 46.41 54.32 15.86
C GLU C 214 46.34 53.20 16.92
N GLY C 215 47.45 52.49 17.13
CA GLY C 215 47.49 51.48 18.21
C GLY C 215 47.27 50.05 17.70
N ASP C 216 46.89 49.89 16.43
CA ASP C 216 46.59 48.53 15.91
C ASP C 216 47.90 47.80 15.60
N ASP C 217 47.91 46.46 15.73
CA ASP C 217 49.11 45.67 15.41
C ASP C 217 49.13 45.39 13.90
N ILE C 218 50.28 44.98 13.37
CA ILE C 218 50.37 44.78 11.90
C ILE C 218 49.15 43.97 11.43
N GLU C 219 48.78 42.92 12.16
CA GLU C 219 47.66 42.06 11.72
C GLU C 219 46.37 42.90 11.66
N GLU C 220 46.10 43.67 12.69
CA GLU C 220 44.83 44.46 12.74
C GLU C 220 44.84 45.49 11.60
N VAL C 221 45.99 46.10 11.34
CA VAL C 221 46.07 47.03 10.18
C VAL C 221 45.53 46.29 8.96
N ALA C 222 45.97 45.05 8.75
CA ALA C 222 45.54 44.29 7.57
C ALA C 222 44.02 44.19 7.55
N THR C 223 43.42 43.79 8.67
CA THR C 223 41.96 43.58 8.70
C THR C 223 41.29 44.92 8.37
N TYR C 224 41.79 46.01 8.93
CA TYR C 224 41.20 47.34 8.68
C TYR C 224 41.25 47.64 7.19
N ILE C 225 42.44 47.50 6.60
CA ILE C 225 42.57 47.72 5.13
C ILE C 225 41.52 46.86 4.44
N ASN C 226 41.47 45.57 4.78
CA ASN C 226 40.52 44.64 4.11
C ASN C 226 39.09 45.13 4.30
N GLY C 227 38.77 45.69 5.47
CA GLY C 227 37.40 46.14 5.73
C GLY C 227 37.04 47.39 4.95
N GLN C 228 37.99 48.33 4.82
CA GLN C 228 37.67 49.62 4.16
C GLN C 228 37.47 49.44 2.66
N THR C 229 38.30 48.63 2.00
CA THR C 229 38.21 48.53 0.52
C THR C 229 38.08 47.07 0.08
N ASP C 230 37.61 46.84 -1.14
CA ASP C 230 37.54 45.46 -1.69
C ASP C 230 38.50 45.36 -2.88
N MET C 231 38.91 46.50 -3.42
CA MET C 231 39.84 46.50 -4.59
C MET C 231 41.10 45.73 -4.23
N VAL C 232 41.76 46.11 -3.13
CA VAL C 232 43.03 45.45 -2.72
C VAL C 232 42.76 44.60 -1.48
N LYS C 233 43.52 43.51 -1.30
CA LYS C 233 43.36 42.65 -0.09
C LYS C 233 44.71 42.64 0.65
N ALA C 234 44.69 42.72 1.98
CA ALA C 234 45.95 42.79 2.74
C ALA C 234 46.13 41.56 3.63
N SER C 235 47.38 41.17 3.89
CA SER C 235 47.67 40.01 4.77
C SER C 235 49.06 40.17 5.38
N VAL C 236 49.42 39.32 6.35
CA VAL C 236 50.74 39.50 7.04
C VAL C 236 51.53 38.20 6.93
N ASN C 237 52.85 38.30 6.75
CA ASN C 237 53.72 37.09 6.60
C ASN C 237 54.30 36.74 7.96
N GLU C 238 55.06 35.63 8.03
CA GLU C 238 55.66 35.18 9.30
C GLU C 238 56.61 36.26 9.81
N LYS C 239 57.13 37.10 8.92
CA LYS C 239 58.14 38.12 9.33
C LYS C 239 57.42 39.37 9.82
N GLY C 240 56.10 39.43 9.66
CA GLY C 240 55.35 40.63 10.08
C GLY C 240 55.30 41.66 8.96
N GLN C 241 55.71 41.27 7.76
CA GLN C 241 55.67 42.20 6.59
C GLN C 241 54.26 42.17 6.02
N LEU C 242 53.70 43.35 5.73
CA LEU C 242 52.32 43.43 5.20
C LEU C 242 52.32 43.04 3.72
N GLN C 243 51.38 42.20 3.31
CA GLN C 243 51.29 41.75 1.90
C GLN C 243 49.98 42.27 1.31
N ILE C 244 50.05 43.00 0.19
CA ILE C 244 48.82 43.51 -0.47
C ILE C 244 48.70 42.84 -1.84
N PHE C 245 47.58 42.15 -2.09
CA PHE C 245 47.38 41.46 -3.37
C PHE C 245 46.40 42.23 -4.25
N ALA C 246 46.88 42.77 -5.37
CA ALA C 246 45.95 43.45 -6.31
C ALA C 246 45.54 42.44 -7.37
N GLY C 247 44.28 42.03 -7.37
CA GLY C 247 43.79 41.08 -8.37
C GLY C 247 43.74 41.71 -9.75
N ASN C 248 44.30 41.03 -10.75
CA ASN C 248 44.31 41.57 -12.14
C ASN C 248 42.88 41.80 -12.60
N ASN C 249 41.95 40.99 -12.09
CA ASN C 249 40.52 41.13 -12.48
C ASN C 249 39.96 42.47 -12.01
N LYS C 250 40.46 42.99 -10.89
CA LYS C 250 39.92 44.27 -10.34
C LYS C 250 40.85 45.42 -10.71
N VAL C 251 42.15 45.26 -10.48
CA VAL C 251 43.12 46.37 -10.74
C VAL C 251 43.94 46.04 -11.99
N THR C 252 44.12 47.02 -12.88
CA THR C 252 44.92 46.80 -14.11
C THR C 252 46.11 47.75 -14.09
N GLY C 253 47.32 47.22 -13.90
CA GLY C 253 48.52 48.07 -13.83
C GLY C 253 49.23 47.91 -12.50
N ASP C 254 49.70 49.02 -11.92
CA ASP C 254 50.49 48.94 -10.66
C ASP C 254 49.82 49.78 -9.57
N VAL C 255 49.65 49.22 -8.38
CA VAL C 255 49.08 49.99 -7.24
C VAL C 255 50.22 50.79 -6.60
N ALA C 256 50.19 52.12 -6.74
CA ALA C 256 51.25 52.97 -6.17
C ALA C 256 50.92 53.29 -4.72
N PHE C 257 51.72 52.80 -3.78
CA PHE C 257 51.45 53.01 -2.34
C PHE C 257 52.12 54.30 -1.87
N SER C 258 51.38 55.13 -1.13
CA SER C 258 51.93 56.43 -0.66
C SER C 258 51.36 56.75 0.72
N GLY C 259 52.11 57.51 1.53
CA GLY C 259 51.65 57.86 2.89
C GLY C 259 52.64 57.43 3.95
N GLY C 260 52.52 57.99 5.15
CA GLY C 260 53.47 57.67 6.23
C GLY C 260 53.44 56.19 6.60
N LEU C 261 52.24 55.63 6.74
CA LEU C 261 52.13 54.17 7.01
C LEU C 261 52.94 53.47 5.92
N ALA C 262 52.72 53.85 4.66
CA ALA C 262 53.50 53.26 3.55
C ALA C 262 54.99 53.56 3.78
N GLY C 263 55.29 54.79 4.19
CA GLY C 263 56.69 55.15 4.48
C GLY C 263 57.28 54.24 5.53
N ALA C 264 56.47 53.87 6.53
CA ALA C 264 56.93 52.97 7.62
C ALA C 264 56.96 51.52 7.12
N LEU C 265 56.22 51.21 6.07
CA LEU C 265 56.12 49.80 5.59
C LEU C 265 57.10 49.57 4.43
N ASN C 266 57.34 50.60 3.61
CA ASN C 266 58.23 50.47 2.44
C ASN C 266 57.79 49.27 1.60
N MET C 267 56.56 49.30 1.07
CA MET C 267 56.07 48.21 0.19
C MET C 267 57.04 48.06 -0.99
N GLN C 268 57.20 46.84 -1.51
CA GLN C 268 58.20 46.63 -2.59
C GLN C 268 57.50 46.55 -3.95
N ALA C 269 58.16 45.93 -4.94
CA ALA C 269 57.58 45.85 -6.31
C ALA C 269 56.42 44.84 -6.33
N GLY C 270 55.63 44.87 -7.41
CA GLY C 270 54.48 43.95 -7.52
C GLY C 270 54.86 42.69 -8.27
N THR C 271 55.20 41.62 -7.55
CA THR C 271 55.54 40.34 -8.19
C THR C 271 54.26 39.69 -8.72
N ALA C 272 54.27 39.19 -9.96
CA ALA C 272 53.04 38.63 -10.53
C ALA C 272 52.79 37.24 -9.94
N GLU C 273 51.54 36.94 -9.58
CA GLU C 273 51.23 35.64 -8.94
C GLU C 273 50.01 35.02 -9.63
N THR C 274 50.07 33.72 -9.95
CA THR C 274 48.87 33.03 -10.51
C THR C 274 48.60 31.80 -9.65
N VAL C 275 47.44 31.18 -9.82
CA VAL C 275 47.08 29.98 -9.00
C VAL C 275 48.19 28.95 -9.19
N ASP C 276 48.79 28.91 -10.39
CA ASP C 276 49.86 27.92 -10.68
C ASP C 276 51.07 28.20 -9.79
N THR C 277 51.14 29.38 -9.17
CA THR C 277 52.34 29.75 -8.37
C THR C 277 52.05 29.66 -6.88
N ILE C 278 50.88 29.16 -6.47
CA ILE C 278 50.54 29.18 -5.01
C ILE C 278 51.45 28.18 -4.27
N ASP C 279 51.96 28.57 -3.12
CA ASP C 279 52.82 27.68 -2.30
C ASP C 279 52.50 27.95 -0.83
N VAL C 280 51.84 27.01 -0.15
CA VAL C 280 51.39 27.24 1.26
C VAL C 280 52.41 26.67 2.24
N THR C 281 53.64 26.43 1.80
CA THR C 281 54.68 25.94 2.74
C THR C 281 54.97 27.02 3.79
N SER C 282 54.59 28.27 3.52
CA SER C 282 54.82 29.38 4.48
C SER C 282 53.51 30.12 4.75
N VAL C 283 53.31 30.62 5.97
CA VAL C 283 52.01 31.26 6.33
C VAL C 283 51.76 32.43 5.35
N GLY C 284 52.79 33.25 5.11
CA GLY C 284 52.62 34.39 4.19
C GLY C 284 52.12 33.90 2.84
N GLY C 285 52.68 32.79 2.34
CA GLY C 285 52.23 32.24 1.06
C GLY C 285 50.75 31.91 1.13
N ALA C 286 50.32 31.27 2.22
CA ALA C 286 48.91 30.85 2.35
C ALA C 286 48.01 32.09 2.29
N GLN C 287 48.34 33.11 3.06
CA GLN C 287 47.47 34.31 3.11
C GLN C 287 47.35 34.87 1.68
N GLN C 288 48.48 35.04 1.00
CA GLN C 288 48.47 35.57 -0.38
C GLN C 288 47.69 34.60 -1.25
N SER C 289 47.86 33.30 -1.01
CA SER C 289 47.17 32.29 -1.85
C SER C 289 45.67 32.49 -1.75
N VAL C 290 45.16 32.71 -0.54
CA VAL C 290 43.68 32.82 -0.38
C VAL C 290 43.19 33.85 -1.40
N ALA C 291 43.83 35.01 -1.45
CA ALA C 291 43.42 36.07 -2.40
C ALA C 291 43.49 35.52 -3.82
N VAL C 292 44.62 34.91 -4.19
CA VAL C 292 44.78 34.46 -5.60
C VAL C 292 43.57 33.57 -5.92
N ILE C 293 43.30 32.58 -5.07
CA ILE C 293 42.19 31.63 -5.37
C ILE C 293 40.90 32.45 -5.46
N ASP C 294 40.72 33.41 -4.56
CA ASP C 294 39.51 34.27 -4.60
C ASP C 294 39.39 34.90 -5.99
N SER C 295 40.44 35.62 -6.42
CA SER C 295 40.43 36.24 -7.76
C SER C 295 40.09 35.19 -8.80
N ALA C 296 40.72 34.01 -8.70
CA ALA C 296 40.51 32.96 -9.71
C ALA C 296 39.04 32.53 -9.70
N LEU C 297 38.51 32.24 -8.51
CA LEU C 297 37.11 31.77 -8.40
C LEU C 297 36.23 32.78 -9.13
N LYS C 298 36.52 34.07 -8.96
CA LYS C 298 35.76 35.11 -9.69
C LYS C 298 35.89 34.86 -11.18
N TYR C 299 37.11 34.94 -11.71
CA TYR C 299 37.34 34.77 -13.17
C TYR C 299 36.50 33.60 -13.66
N VAL C 300 36.61 32.45 -13.01
CA VAL C 300 35.89 31.24 -13.50
C VAL C 300 34.40 31.53 -13.49
N ASP C 301 33.86 32.03 -12.38
CA ASP C 301 32.40 32.28 -12.28
C ASP C 301 31.98 33.25 -13.38
N SER C 302 32.76 34.31 -13.58
CA SER C 302 32.41 35.32 -14.61
C SER C 302 32.20 34.63 -15.96
N HIS C 303 33.13 33.76 -16.34
CA HIS C 303 33.03 33.14 -17.68
C HIS C 303 31.78 32.26 -17.73
N ARG C 304 31.47 31.58 -16.61
CA ARG C 304 30.29 30.70 -16.57
C ARG C 304 29.05 31.55 -16.85
N ALA C 305 28.98 32.74 -16.26
CA ALA C 305 27.82 33.63 -16.47
C ALA C 305 27.72 33.97 -17.95
N GLU C 306 28.84 34.34 -18.57
CA GLU C 306 28.82 34.70 -20.01
C GLU C 306 28.28 33.50 -20.81
N LEU C 307 28.78 32.31 -20.50
CA LEU C 307 28.32 31.08 -21.21
C LEU C 307 26.81 30.94 -21.00
N GLY C 308 26.35 31.14 -19.77
CA GLY C 308 24.91 31.02 -19.47
C GLY C 308 24.11 31.96 -20.36
N ALA C 309 24.54 33.21 -20.46
CA ALA C 309 23.83 34.18 -21.32
C ALA C 309 23.85 33.65 -22.76
N PHE C 310 25.04 33.28 -23.25
CA PHE C 310 25.13 32.70 -24.61
C PHE C 310 24.08 31.60 -24.73
N GLN C 311 24.00 30.73 -23.73
CA GLN C 311 22.99 29.65 -23.75
C GLN C 311 21.60 30.29 -23.85
N ASN C 312 21.19 31.01 -22.80
CA ASN C 312 19.83 31.61 -22.79
C ASN C 312 19.58 32.31 -24.14
N ARG C 313 20.54 33.11 -24.59
CA ARG C 313 20.32 33.87 -25.85
C ARG C 313 19.92 32.88 -26.94
N PHE C 314 20.68 31.82 -27.11
CA PHE C 314 20.38 30.84 -28.18
C PHE C 314 19.01 30.20 -27.92
N ASN C 315 18.70 29.95 -26.65
CA ASN C 315 17.41 29.30 -26.30
C ASN C 315 16.26 30.18 -26.80
N HIS C 316 16.32 31.48 -26.50
CA HIS C 316 15.28 32.41 -27.02
C HIS C 316 15.33 32.38 -28.55
N ALA C 317 16.53 32.34 -29.10
CA ALA C 317 16.66 32.36 -30.57
C ALA C 317 16.00 31.11 -31.16
N ILE C 318 16.26 29.94 -30.60
CA ILE C 318 15.72 28.69 -31.22
C ILE C 318 14.19 28.75 -31.18
N SER C 319 13.61 29.28 -30.12
CA SER C 319 12.13 29.43 -30.08
C SER C 319 11.70 30.34 -31.23
N ASN C 320 12.36 31.48 -31.39
CA ASN C 320 12.01 32.42 -32.49
C ASN C 320 12.20 31.68 -33.82
N LEU C 321 13.33 31.02 -33.99
CA LEU C 321 13.61 30.35 -35.28
C LEU C 321 12.47 29.39 -35.61
N ASP C 322 12.05 28.56 -34.66
CA ASP C 322 11.02 27.53 -34.97
C ASP C 322 9.69 28.22 -35.28
N ASN C 323 9.37 29.30 -34.56
CA ASN C 323 8.07 29.98 -34.77
C ASN C 323 8.01 30.51 -36.20
N ILE C 324 9.08 31.17 -36.65
CA ILE C 324 9.14 31.69 -38.04
C ILE C 324 8.96 30.50 -38.99
N ASN C 325 9.66 29.40 -38.72
CA ASN C 325 9.60 28.24 -39.64
C ASN C 325 8.15 27.78 -39.76
N GLU C 326 7.45 27.72 -38.62
CA GLU C 326 6.05 27.22 -38.63
C GLU C 326 5.21 28.12 -39.55
N ASN C 327 5.28 29.43 -39.34
CA ASN C 327 4.45 30.37 -40.13
C ASN C 327 4.93 30.33 -41.59
N VAL C 328 6.25 30.27 -41.80
CA VAL C 328 6.80 30.22 -43.18
C VAL C 328 6.25 28.97 -43.86
N ASN C 329 6.28 27.83 -43.16
CA ASN C 329 5.80 26.56 -43.76
C ASN C 329 4.33 26.72 -44.13
N ALA C 330 3.54 27.30 -43.21
CA ALA C 330 2.10 27.48 -43.46
C ALA C 330 1.93 28.36 -44.71
N SER C 331 2.69 29.44 -44.80
CA SER C 331 2.60 30.33 -45.97
C SER C 331 2.94 29.54 -47.24
N LYS C 332 4.06 28.82 -47.21
CA LYS C 332 4.49 28.06 -48.40
C LYS C 332 3.34 27.15 -48.82
N SER C 333 2.62 26.62 -47.82
CA SER C 333 1.49 25.71 -48.14
C SER C 333 0.50 26.47 -49.03
N ARG C 334 -0.02 27.59 -48.55
CA ARG C 334 -1.08 28.32 -49.31
C ARG C 334 -0.66 28.51 -50.77
N ILE C 335 0.64 28.72 -51.03
CA ILE C 335 1.05 29.04 -52.44
C ILE C 335 1.35 27.75 -53.22
N LYS C 336 1.75 26.67 -52.56
CA LYS C 336 2.17 25.47 -53.33
C LYS C 336 1.31 24.24 -53.04
N ASP C 337 0.71 24.13 -51.85
CA ASP C 337 -0.03 22.88 -51.50
C ASP C 337 -1.21 22.68 -52.47
N THR C 338 -1.72 21.46 -52.57
CA THR C 338 -2.92 21.21 -53.40
C THR C 338 -4.17 21.19 -52.52
N ASP C 339 -5.18 21.99 -52.86
CA ASP C 339 -6.46 21.95 -52.10
C ASP C 339 -7.25 20.77 -52.65
N PHE C 340 -7.13 19.61 -52.03
CA PHE C 340 -7.80 18.40 -52.58
C PHE C 340 -9.27 18.73 -52.84
N ALA C 341 -9.95 19.28 -51.84
CA ALA C 341 -11.37 19.64 -52.00
C ALA C 341 -11.58 20.29 -53.36
N LYS C 342 -10.75 21.27 -53.71
CA LYS C 342 -10.94 22.01 -54.98
C LYS C 342 -10.51 21.11 -56.14
N GLU C 343 -9.33 20.51 -56.04
CA GLU C 343 -8.80 19.69 -57.16
C GLU C 343 -9.69 18.47 -57.37
N THR C 344 -10.15 17.82 -56.30
CA THR C 344 -10.93 16.58 -56.52
C THR C 344 -12.16 16.93 -57.34
N THR C 345 -12.82 18.04 -56.97
CA THR C 345 -14.04 18.47 -57.70
C THR C 345 -13.64 18.74 -59.15
N ALA C 346 -12.48 19.39 -59.35
CA ALA C 346 -12.05 19.74 -60.72
C ALA C 346 -11.85 18.46 -61.53
N LEU C 347 -11.18 17.46 -60.94
CA LEU C 347 -10.98 16.18 -61.65
C LEU C 347 -12.36 15.61 -62.00
N THR C 348 -13.27 15.54 -61.03
CA THR C 348 -14.58 14.92 -61.30
C THR C 348 -15.24 15.69 -62.45
N LYS C 349 -15.15 17.02 -62.41
CA LYS C 349 -15.78 17.86 -63.47
C LYS C 349 -15.12 17.53 -64.81
N SER C 350 -13.79 17.45 -64.82
CA SER C 350 -13.09 17.21 -66.11
C SER C 350 -13.58 15.89 -66.71
N GLN C 351 -13.69 14.85 -65.90
CA GLN C 351 -14.10 13.52 -66.43
C GLN C 351 -15.49 13.66 -67.05
N ILE C 352 -16.40 14.36 -66.37
CA ILE C 352 -17.79 14.46 -66.90
C ILE C 352 -17.71 15.09 -68.29
N LEU C 353 -17.22 16.32 -68.37
CA LEU C 353 -17.13 17.02 -69.68
C LEU C 353 -16.49 16.05 -70.67
N SER C 354 -15.52 15.27 -70.22
CA SER C 354 -14.81 14.34 -71.14
C SER C 354 -15.81 13.33 -71.70
N GLN C 355 -16.49 12.61 -70.81
CA GLN C 355 -17.43 11.56 -71.25
C GLN C 355 -18.51 12.21 -72.11
N ALA C 356 -18.95 13.40 -71.71
CA ALA C 356 -19.95 14.13 -72.52
C ALA C 356 -19.40 14.32 -73.93
N SER C 357 -18.27 15.00 -74.05
CA SER C 357 -17.70 15.29 -75.39
C SER C 357 -17.61 13.99 -76.18
N SER C 358 -17.16 12.91 -75.53
CA SER C 358 -16.98 11.62 -76.25
C SER C 358 -18.33 11.22 -76.86
N SER C 359 -19.38 11.28 -76.05
CA SER C 359 -20.73 10.86 -76.53
C SER C 359 -21.12 11.74 -77.71
N VAL C 360 -20.93 13.06 -77.58
CA VAL C 360 -21.27 13.99 -78.69
C VAL C 360 -20.44 13.60 -79.91
N LEU C 361 -19.14 13.40 -79.72
CA LEU C 361 -18.24 13.07 -80.86
C LEU C 361 -18.79 11.84 -81.58
N ALA C 362 -19.12 10.79 -80.82
CA ALA C 362 -19.66 9.58 -81.44
C ALA C 362 -20.86 9.97 -82.29
N GLN C 363 -21.79 10.75 -81.70
CA GLN C 363 -23.00 11.17 -82.44
C GLN C 363 -22.57 11.95 -83.69
N ALA C 364 -21.53 12.77 -83.56
CA ALA C 364 -21.06 13.60 -84.69
C ALA C 364 -20.58 12.71 -85.83
N LYS C 365 -19.78 11.69 -85.50
CA LYS C 365 -19.20 10.83 -86.57
C LYS C 365 -20.33 10.26 -87.42
N GLN C 366 -21.52 10.08 -86.84
CA GLN C 366 -22.63 9.45 -87.60
C GLN C 366 -23.27 10.46 -88.56
N ALA C 367 -22.94 11.75 -88.43
CA ALA C 367 -23.63 12.77 -89.26
C ALA C 367 -23.59 12.40 -90.75
N PRO C 368 -22.41 12.16 -91.36
CA PRO C 368 -22.36 11.90 -92.81
C PRO C 368 -23.25 10.72 -93.21
N ASN C 369 -23.51 9.80 -92.27
CA ASN C 369 -24.29 8.58 -92.63
C ASN C 369 -25.59 9.02 -93.30
N ALA C 370 -26.12 10.18 -92.91
CA ALA C 370 -27.39 10.65 -93.49
C ALA C 370 -27.30 10.59 -95.01
N ALA C 371 -26.30 11.26 -95.59
CA ALA C 371 -26.18 11.32 -97.07
C ALA C 371 -26.56 10.00 -97.72
N LEU C 372 -26.01 8.88 -97.24
CA LEU C 372 -26.25 7.61 -97.96
C LEU C 372 -27.75 7.49 -98.28
N SER C 373 -28.60 7.75 -97.30
CA SER C 373 -30.06 7.61 -97.52
C SER C 373 -30.46 8.52 -98.68
N LEU C 374 -30.02 9.77 -98.64
CA LEU C 374 -30.38 10.72 -99.71
C LEU C 374 -29.92 10.14 -101.05
N LEU C 375 -28.73 9.53 -101.07
CA LEU C 375 -28.19 8.92 -102.32
C LEU C 375 -29.10 7.76 -102.71
N GLY C 376 -29.56 6.99 -101.72
CA GLY C 376 -30.49 5.87 -101.99
C GLY C 376 -30.34 5.31 -103.39
N ALA D 1 -43.95 19.60 -142.76
CA ALA D 1 -44.30 18.69 -143.88
C ALA D 1 -43.45 17.43 -143.77
N VAL D 2 -43.87 16.34 -144.42
CA VAL D 2 -43.12 15.05 -144.25
C VAL D 2 -41.85 15.09 -145.11
N ASN D 3 -40.75 14.53 -144.59
CA ASN D 3 -39.47 14.46 -145.35
C ASN D 3 -38.62 13.38 -144.69
N VAL D 4 -37.67 12.79 -145.42
CA VAL D 4 -36.90 11.65 -144.87
C VAL D 4 -35.44 12.04 -144.64
N ASN D 5 -34.87 12.86 -145.52
CA ASN D 5 -33.42 13.19 -145.42
C ASN D 5 -33.13 13.85 -144.07
N THR D 6 -34.03 14.72 -143.60
CA THR D 6 -33.74 15.47 -142.34
C THR D 6 -34.82 15.19 -141.29
N ASN D 7 -34.42 14.96 -140.04
CA ASN D 7 -35.41 14.76 -138.94
C ASN D 7 -35.09 15.77 -137.83
N VAL D 8 -35.57 17.01 -137.98
CA VAL D 8 -35.21 18.06 -137.00
C VAL D 8 -35.57 17.57 -135.59
N ALA D 9 -36.75 16.97 -135.44
CA ALA D 9 -37.19 16.54 -134.10
C ALA D 9 -36.07 15.73 -133.46
N ALA D 10 -35.53 14.76 -134.21
CA ALA D 10 -34.48 13.88 -133.65
C ALA D 10 -33.28 14.72 -133.22
N MET D 11 -32.85 15.64 -134.09
CA MET D 11 -31.65 16.45 -133.78
C MET D 11 -31.89 17.22 -132.48
N THR D 12 -33.06 17.86 -132.35
CA THR D 12 -33.36 18.63 -131.12
C THR D 12 -33.36 17.68 -129.93
N ALA D 13 -33.97 16.50 -130.10
CA ALA D 13 -34.03 15.53 -128.99
C ALA D 13 -32.61 15.22 -128.52
N GLN D 14 -31.71 14.95 -129.46
CA GLN D 14 -30.31 14.61 -129.10
C GLN D 14 -29.70 15.79 -128.34
N ARG D 15 -29.94 17.02 -128.80
CA ARG D 15 -29.28 18.17 -128.15
C ARG D 15 -29.64 18.15 -126.66
N TYR D 16 -30.94 18.01 -126.36
CA TYR D 16 -31.40 18.00 -124.95
C TYR D 16 -30.87 16.72 -124.26
N LEU D 17 -30.87 15.61 -124.98
CA LEU D 17 -30.36 14.33 -124.40
C LEU D 17 -28.91 14.55 -123.99
N THR D 18 -28.10 15.13 -124.86
CA THR D 18 -26.65 15.29 -124.54
C THR D 18 -26.57 16.09 -123.24
N GLY D 19 -27.28 17.20 -123.18
CA GLY D 19 -27.25 18.03 -121.96
C GLY D 19 -27.57 17.19 -120.73
N ALA D 20 -28.63 16.40 -120.80
CA ALA D 20 -29.05 15.60 -119.63
C ALA D 20 -27.92 14.63 -119.26
N THR D 21 -27.40 13.91 -120.25
CA THR D 21 -26.35 12.90 -119.97
C THR D 21 -25.16 13.63 -119.34
N ASN D 22 -24.75 14.75 -119.92
CA ASN D 22 -23.59 15.50 -119.39
C ASN D 22 -23.92 16.01 -117.99
N ALA D 23 -25.15 16.50 -117.79
CA ALA D 23 -25.57 16.98 -116.46
C ALA D 23 -25.44 15.84 -115.47
N GLN D 24 -25.92 14.65 -115.85
CA GLN D 24 -25.84 13.46 -114.97
C GLN D 24 -24.37 13.23 -114.62
N GLN D 25 -23.50 13.23 -115.62
CA GLN D 25 -22.06 12.92 -115.37
C GLN D 25 -21.50 13.91 -114.37
N THR D 26 -21.76 15.21 -114.57
CA THR D 26 -21.17 16.23 -113.66
C THR D 26 -21.59 15.93 -112.24
N SER D 27 -22.90 15.74 -112.02
CA SER D 27 -23.39 15.54 -110.63
C SER D 27 -22.82 14.24 -110.09
N MET D 28 -22.76 13.20 -110.92
CA MET D 28 -22.28 11.89 -110.42
C MET D 28 -20.85 12.06 -109.90
N GLU D 29 -20.03 12.85 -110.60
CA GLU D 29 -18.65 13.10 -110.14
C GLU D 29 -18.69 13.75 -108.76
N ARG D 30 -19.57 14.74 -108.59
CA ARG D 30 -19.63 15.49 -107.31
C ARG D 30 -20.12 14.54 -106.22
N LEU D 31 -21.04 13.64 -106.57
CA LEU D 31 -21.62 12.72 -105.56
C LEU D 31 -20.54 11.71 -105.15
N SER D 32 -19.62 11.41 -106.06
CA SER D 32 -18.55 10.43 -105.76
C SER D 32 -17.43 11.13 -104.97
N SER D 33 -16.81 12.14 -105.58
CA SER D 33 -15.69 12.85 -104.93
C SER D 33 -16.17 13.53 -103.64
N GLY D 34 -17.42 13.96 -103.62
CA GLY D 34 -17.93 14.71 -102.45
C GLY D 34 -17.45 16.15 -102.50
N PHE D 35 -17.05 16.62 -103.68
CA PHE D 35 -16.56 18.01 -103.84
C PHE D 35 -17.25 18.67 -105.03
N LYS D 36 -17.68 19.92 -104.87
CA LYS D 36 -18.36 20.65 -105.97
C LYS D 36 -17.30 21.08 -106.98
N ILE D 37 -16.15 21.57 -106.50
CA ILE D 37 -15.04 21.96 -107.41
C ILE D 37 -14.11 20.76 -107.61
N ASN D 38 -14.33 20.00 -108.68
CA ASN D 38 -13.45 18.85 -108.99
C ASN D 38 -12.45 19.32 -110.05
N SER D 39 -12.83 20.34 -110.82
CA SER D 39 -11.93 20.91 -111.85
C SER D 39 -12.15 22.42 -111.91
N ALA D 40 -11.21 23.16 -112.50
CA ALA D 40 -11.34 24.64 -112.53
C ALA D 40 -12.66 25.01 -113.20
N LYS D 41 -13.06 24.27 -114.24
CA LYS D 41 -14.31 24.59 -114.97
C LYS D 41 -15.46 24.73 -113.97
N ASP D 42 -15.55 23.84 -112.99
CA ASP D 42 -16.69 23.85 -112.04
C ASP D 42 -16.82 25.23 -111.41
N ASP D 43 -15.73 25.81 -110.92
CA ASP D 43 -15.74 27.16 -110.29
C ASP D 43 -14.31 27.69 -110.22
N ALA D 44 -13.82 28.27 -111.31
CA ALA D 44 -12.41 28.73 -111.35
C ALA D 44 -12.03 29.44 -110.06
N ALA D 45 -12.67 30.57 -109.77
CA ALA D 45 -12.27 31.34 -108.58
C ALA D 45 -12.40 30.45 -107.34
N GLY D 46 -13.47 29.66 -107.27
CA GLY D 46 -13.69 28.82 -106.09
C GLY D 46 -12.47 27.93 -105.87
N LEU D 47 -12.00 27.28 -106.94
CA LEU D 47 -10.78 26.46 -106.82
C LEU D 47 -9.69 27.30 -106.16
N GLN D 48 -9.40 28.47 -106.72
CA GLN D 48 -8.27 29.28 -106.18
C GLN D 48 -8.56 29.60 -104.71
N ILE D 49 -9.76 30.07 -104.39
CA ILE D 49 -10.06 30.48 -102.99
C ILE D 49 -9.98 29.23 -102.11
N SER D 50 -10.63 28.15 -102.53
CA SER D 50 -10.65 26.91 -101.72
C SER D 50 -9.21 26.41 -101.53
N ASN D 51 -8.42 26.40 -102.62
CA ASN D 51 -7.04 25.86 -102.52
C ASN D 51 -6.31 26.65 -101.44
N ARG D 52 -6.43 27.98 -101.48
CA ARG D 52 -5.72 28.83 -100.50
C ARG D 52 -6.19 28.47 -99.09
N LEU D 53 -7.50 28.30 -98.90
CA LEU D 53 -8.00 27.87 -97.58
C LEU D 53 -7.38 26.52 -97.23
N ASN D 54 -7.35 25.59 -98.18
CA ASN D 54 -6.81 24.23 -97.91
C ASN D 54 -5.34 24.36 -97.50
N VAL D 55 -4.57 25.14 -98.26
CA VAL D 55 -3.14 25.33 -97.93
C VAL D 55 -3.07 25.76 -96.46
N GLN D 56 -3.87 26.76 -96.09
CA GLN D 56 -3.84 27.26 -94.69
C GLN D 56 -4.18 26.12 -93.74
N SER D 57 -5.23 25.36 -94.02
CA SER D 57 -5.65 24.29 -93.08
C SER D 57 -4.47 23.36 -92.82
N ARG D 58 -3.80 22.94 -93.88
CA ARG D 58 -2.66 22.00 -93.72
C ARG D 58 -1.63 22.69 -92.83
N GLY D 59 -1.30 23.94 -93.16
CA GLY D 59 -0.30 24.69 -92.37
C GLY D 59 -0.71 24.77 -90.93
N LEU D 60 -1.97 25.10 -90.67
CA LEU D 60 -2.44 25.26 -89.27
C LEU D 60 -2.15 23.94 -88.55
N ASP D 61 -2.45 22.82 -89.21
CA ASP D 61 -2.12 21.50 -88.60
C ASP D 61 -0.63 21.43 -88.32
N VAL D 62 0.20 21.77 -89.31
CA VAL D 62 1.67 21.64 -89.14
C VAL D 62 2.08 22.52 -87.96
N ALA D 63 1.51 23.73 -87.89
CA ALA D 63 1.90 24.66 -86.81
C ALA D 63 1.65 24.01 -85.46
N VAL D 64 0.48 23.38 -85.29
CA VAL D 64 0.14 22.85 -83.93
C VAL D 64 1.21 21.82 -83.54
N ARG D 65 1.64 21.00 -84.49
CA ARG D 65 2.71 20.01 -84.21
C ARG D 65 3.95 20.78 -83.77
N ASN D 66 4.34 21.80 -84.54
CA ASN D 66 5.57 22.57 -84.21
C ASN D 66 5.42 23.15 -82.80
N ALA D 67 4.24 23.69 -82.50
CA ALA D 67 4.01 24.31 -81.17
C ALA D 67 4.09 23.22 -80.09
N ASN D 68 3.50 22.06 -80.37
CA ASN D 68 3.60 20.94 -79.40
C ASN D 68 5.08 20.60 -79.22
N ASP D 69 5.83 20.58 -80.33
CA ASP D 69 7.29 20.33 -80.22
C ASP D 69 7.88 21.38 -79.28
N GLY D 70 7.52 22.65 -79.48
CA GLY D 70 8.08 23.73 -78.64
C GLY D 70 7.88 23.42 -77.17
N ILE D 71 6.64 23.14 -76.76
CA ILE D 71 6.38 22.91 -75.31
C ILE D 71 7.11 21.64 -74.89
N SER D 72 7.14 20.63 -75.77
CA SER D 72 7.83 19.36 -75.45
C SER D 72 9.30 19.65 -75.13
N ILE D 73 9.95 20.44 -75.98
CA ILE D 73 11.37 20.82 -75.72
C ILE D 73 11.41 21.58 -74.40
N ALA D 74 10.53 22.55 -74.23
CA ALA D 74 10.59 23.40 -73.02
C ALA D 74 10.36 22.55 -71.76
N GLN D 75 9.29 21.75 -71.74
CA GLN D 75 8.98 20.99 -70.50
C GLN D 75 10.21 20.16 -70.11
N THR D 76 10.77 19.42 -71.07
CA THR D 76 11.93 18.56 -70.77
C THR D 76 12.97 19.40 -70.03
N ALA D 77 13.32 20.55 -70.60
CA ALA D 77 14.36 21.41 -69.99
C ALA D 77 13.96 21.82 -68.57
N GLU D 78 12.73 22.29 -68.40
CA GLU D 78 12.34 22.82 -67.06
C GLU D 78 12.42 21.68 -66.02
N GLY D 79 11.91 20.51 -66.40
CA GLY D 79 11.94 19.36 -65.48
C GLY D 79 13.35 19.08 -65.04
N ALA D 80 14.31 19.21 -65.97
CA ALA D 80 15.72 19.01 -65.60
C ALA D 80 16.08 20.06 -64.55
N MET D 81 15.80 21.34 -64.84
CA MET D 81 16.21 22.41 -63.92
C MET D 81 15.58 22.18 -62.53
N ASN D 82 14.49 21.41 -62.49
CA ASN D 82 13.84 21.09 -61.19
C ASN D 82 14.88 20.42 -60.30
N GLU D 83 15.56 19.40 -60.84
CA GLU D 83 16.58 18.67 -60.04
C GLU D 83 17.72 19.62 -59.72
N THR D 84 18.13 20.45 -60.69
CA THR D 84 19.21 21.43 -60.47
C THR D 84 18.88 22.23 -59.21
N THR D 85 17.65 22.74 -59.13
CA THR D 85 17.26 23.57 -57.97
C THR D 85 17.41 22.74 -56.70
N ASN D 86 16.92 21.50 -56.73
CA ASN D 86 16.97 20.64 -55.53
C ASN D 86 18.42 20.45 -55.10
N ILE D 87 19.31 20.17 -56.05
CA ILE D 87 20.75 19.97 -55.75
C ILE D 87 21.30 21.29 -55.19
N LEU D 88 21.04 22.40 -55.88
CA LEU D 88 21.52 23.71 -55.39
C LEU D 88 20.99 23.93 -53.98
N GLN D 89 19.72 23.57 -53.74
CA GLN D 89 19.12 23.80 -52.40
C GLN D 89 19.86 22.96 -51.36
N ARG D 90 20.06 21.69 -51.64
CA ARG D 90 20.77 20.80 -50.69
C ARG D 90 22.13 21.42 -50.39
N MET D 91 22.81 21.89 -51.44
CA MET D 91 24.18 22.45 -51.25
C MET D 91 24.09 23.63 -50.28
N ARG D 92 23.06 24.47 -50.42
CA ARG D 92 22.91 25.65 -49.54
C ARG D 92 22.80 25.17 -48.09
N ASP D 93 21.97 24.16 -47.86
CA ASP D 93 21.79 23.64 -46.47
C ASP D 93 23.14 23.16 -45.95
N LEU D 94 23.86 22.40 -46.76
CA LEU D 94 25.18 21.86 -46.34
C LEU D 94 26.09 23.04 -45.99
N SER D 95 26.11 24.07 -46.84
CA SER D 95 27.02 25.21 -46.61
C SER D 95 26.71 25.84 -45.24
N LEU D 96 25.43 26.00 -44.93
CA LEU D 96 25.03 26.60 -43.63
C LEU D 96 25.62 25.75 -42.50
N GLN D 97 25.47 24.43 -42.60
CA GLN D 97 26.00 23.52 -41.55
C GLN D 97 27.50 23.76 -41.43
N SER D 98 28.20 23.79 -42.55
CA SER D 98 29.68 23.98 -42.53
C SER D 98 30.03 25.25 -41.76
N ALA D 99 29.34 26.34 -42.05
CA ALA D 99 29.65 27.64 -41.41
C ALA D 99 29.52 27.56 -39.89
N ASN D 100 28.74 26.62 -39.38
CA ASN D 100 28.65 26.45 -37.90
C ASN D 100 30.06 26.22 -37.36
N GLY D 101 30.41 26.90 -36.27
CA GLY D 101 31.78 26.81 -35.73
C GLY D 101 32.02 25.54 -34.93
N SER D 102 30.96 24.83 -34.52
CA SER D 102 31.16 23.55 -33.81
C SER D 102 31.85 22.57 -34.75
N ASN D 103 31.49 22.62 -36.03
CA ASN D 103 32.11 21.73 -37.04
C ASN D 103 33.63 21.96 -37.02
N SER D 104 34.41 20.89 -36.97
CA SER D 104 35.89 21.01 -37.01
C SER D 104 36.35 20.94 -38.48
N LYS D 105 37.67 20.98 -38.71
CA LYS D 105 38.19 20.97 -40.11
C LYS D 105 37.75 19.68 -40.80
N SER D 106 37.75 18.57 -40.07
CA SER D 106 37.37 17.27 -40.68
C SER D 106 35.98 17.38 -41.30
N GLU D 107 34.99 17.81 -40.51
CA GLU D 107 33.59 17.88 -41.01
C GLU D 107 33.53 18.83 -42.20
N ARG D 108 34.26 19.95 -42.14
CA ARG D 108 34.28 20.89 -43.28
C ARG D 108 34.63 20.09 -44.54
N VAL D 109 35.73 19.33 -44.48
CA VAL D 109 36.19 18.54 -45.67
C VAL D 109 35.07 17.56 -46.05
N ALA D 110 34.48 16.91 -45.05
CA ALA D 110 33.42 15.91 -45.33
C ALA D 110 32.27 16.58 -46.09
N ILE D 111 31.81 17.73 -45.59
CA ILE D 111 30.72 18.46 -46.29
C ILE D 111 31.23 18.81 -47.69
N GLN D 112 32.48 19.26 -47.78
CA GLN D 112 33.03 19.69 -49.09
C GLN D 112 32.91 18.51 -50.07
N GLU D 113 33.12 17.29 -49.58
CA GLU D 113 33.05 16.10 -50.46
C GLU D 113 31.66 16.04 -51.09
N GLU D 114 30.62 16.14 -50.27
CA GLU D 114 29.24 16.09 -50.80
C GLU D 114 29.07 17.23 -51.81
N ILE D 115 29.38 18.45 -51.38
CA ILE D 115 29.29 19.61 -52.31
C ILE D 115 30.00 19.24 -53.61
N THR D 116 31.28 18.87 -53.53
CA THR D 116 32.03 18.55 -54.77
C THR D 116 31.21 17.63 -55.66
N ALA D 117 30.67 16.56 -55.08
CA ALA D 117 29.92 15.58 -55.89
C ALA D 117 28.71 16.26 -56.53
N LEU D 118 27.96 17.02 -55.72
CA LEU D 118 26.72 17.64 -56.25
C LEU D 118 27.10 18.65 -57.34
N ASN D 119 28.21 19.35 -57.15
CA ASN D 119 28.67 20.33 -58.17
C ASN D 119 28.81 19.60 -59.51
N ASP D 120 29.44 18.42 -59.48
CA ASP D 120 29.64 17.64 -60.71
C ASP D 120 28.27 17.22 -61.27
N GLU D 121 27.34 16.88 -60.39
CA GLU D 121 26.00 16.43 -60.82
C GLU D 121 25.30 17.57 -61.57
N LEU D 122 25.40 18.80 -61.06
CA LEU D 122 24.83 19.95 -61.78
C LEU D 122 25.43 19.95 -63.19
N ASN D 123 26.75 19.77 -63.27
CA ASN D 123 27.42 19.83 -64.60
C ASN D 123 26.94 18.66 -65.46
N ARG D 124 26.76 17.48 -64.87
CA ARG D 124 26.27 16.31 -65.64
C ARG D 124 24.89 16.65 -66.20
N ILE D 125 23.98 17.10 -65.34
CA ILE D 125 22.59 17.42 -65.80
C ILE D 125 22.72 18.39 -66.96
N ALA D 126 23.55 19.42 -66.80
CA ALA D 126 23.68 20.45 -67.84
C ALA D 126 24.18 19.84 -69.15
N GLU D 127 25.21 18.98 -69.09
CA GLU D 127 25.81 18.45 -70.35
C GLU D 127 25.01 17.26 -70.88
N THR D 128 24.19 16.61 -70.05
CA THR D 128 23.50 15.38 -70.52
C THR D 128 22.08 15.69 -70.99
N THR D 129 21.29 16.43 -70.20
CA THR D 129 19.88 16.65 -70.58
C THR D 129 19.80 16.99 -72.06
N SER D 130 19.12 16.16 -72.85
CA SER D 130 19.04 16.38 -74.31
C SER D 130 17.67 15.96 -74.84
N PHE D 131 17.15 16.68 -75.84
CA PHE D 131 15.86 16.32 -76.45
C PHE D 131 16.16 15.55 -77.75
N GLY D 132 16.23 14.22 -77.66
CA GLY D 132 16.61 13.43 -78.84
C GLY D 132 18.00 13.80 -79.31
N GLY D 133 18.95 13.93 -78.38
CA GLY D 133 20.34 14.18 -78.79
C GLY D 133 20.64 15.66 -78.89
N ASN D 134 19.63 16.49 -79.13
CA ASN D 134 19.86 17.96 -79.14
C ASN D 134 20.09 18.41 -77.71
N LYS D 135 21.33 18.74 -77.36
CA LYS D 135 21.65 19.12 -75.96
C LYS D 135 20.90 20.41 -75.62
N LEU D 136 20.28 20.48 -74.44
CA LEU D 136 19.42 21.65 -74.12
C LEU D 136 20.09 22.60 -73.13
N LEU D 137 20.63 22.11 -72.02
CA LEU D 137 21.14 23.05 -70.99
C LEU D 137 22.67 23.07 -70.95
N ASN D 138 23.34 23.07 -72.11
CA ASN D 138 24.82 23.17 -72.14
C ASN D 138 25.23 24.53 -72.72
N GLY D 139 24.25 25.29 -73.21
CA GLY D 139 24.54 26.61 -73.81
C GLY D 139 24.78 26.50 -75.30
N THR D 140 24.60 25.30 -75.87
CA THR D 140 24.75 25.16 -77.34
C THR D 140 23.39 25.42 -78.02
N PHE D 141 22.28 25.02 -77.38
CA PHE D 141 20.94 25.20 -77.98
C PHE D 141 20.72 26.68 -78.26
N SER D 142 21.14 27.54 -77.32
CA SER D 142 21.00 29.01 -77.50
C SER D 142 19.58 29.36 -77.94
N THR D 143 19.44 30.20 -78.96
CA THR D 143 18.10 30.62 -79.43
C THR D 143 17.67 29.73 -80.59
N LYS D 144 16.36 29.48 -80.71
CA LYS D 144 15.84 28.68 -81.85
C LYS D 144 14.41 29.13 -82.14
N SER D 145 14.16 29.60 -83.38
CA SER D 145 12.80 30.06 -83.76
C SER D 145 11.86 28.85 -83.87
N PHE D 146 10.60 29.01 -83.50
CA PHE D 146 9.60 27.92 -83.62
C PHE D 146 8.40 28.44 -84.42
N GLN D 147 8.33 28.09 -85.71
CA GLN D 147 7.23 28.59 -86.57
C GLN D 147 5.90 28.03 -86.07
N ILE D 148 5.07 28.87 -85.45
CA ILE D 148 3.73 28.41 -84.99
C ILE D 148 2.68 29.06 -85.90
N GLY D 149 3.08 29.46 -87.11
CA GLY D 149 2.15 30.11 -88.03
C GLY D 149 2.02 29.37 -89.35
N ALA D 150 0.80 29.30 -89.90
CA ALA D 150 0.56 28.55 -91.15
C ALA D 150 1.43 29.15 -92.26
N ASP D 151 1.42 30.47 -92.40
CA ASP D 151 2.28 31.13 -93.41
C ASP D 151 3.68 31.33 -92.81
N ASN D 152 4.67 31.64 -93.65
CA ASN D 152 6.05 31.81 -93.16
C ASN D 152 6.16 33.12 -92.37
N GLY D 153 7.11 33.18 -91.43
CA GLY D 153 7.34 34.44 -90.70
C GLY D 153 6.50 34.55 -89.43
N GLU D 154 6.19 33.44 -88.78
CA GLU D 154 5.47 33.48 -87.49
C GLU D 154 6.16 32.56 -86.50
N ALA D 155 7.28 33.00 -85.92
CA ALA D 155 8.04 32.11 -85.02
C ALA D 155 8.35 32.82 -83.70
N VAL D 156 8.69 32.05 -82.67
CA VAL D 156 9.05 32.63 -81.34
C VAL D 156 10.49 32.23 -81.02
N MET D 157 11.35 33.20 -80.71
CA MET D 157 12.78 32.89 -80.46
C MET D 157 12.96 32.40 -79.02
N LEU D 158 12.75 31.11 -78.77
CA LEU D 158 13.01 30.58 -77.41
C LEU D 158 14.52 30.49 -77.20
N THR D 159 15.00 30.88 -76.01
CA THR D 159 16.46 30.84 -75.71
C THR D 159 16.70 30.04 -74.44
N LEU D 160 17.50 28.97 -74.52
CA LEU D 160 17.85 28.19 -73.31
C LEU D 160 19.26 28.60 -72.85
N LYS D 161 19.38 29.15 -71.64
CA LYS D 161 20.69 29.62 -71.12
C LYS D 161 21.46 28.43 -70.54
N ASP D 162 22.79 28.55 -70.48
CA ASP D 162 23.63 27.46 -69.91
C ASP D 162 23.31 27.30 -68.43
N MET D 163 23.22 26.06 -67.95
CA MET D 163 22.91 25.82 -66.52
C MET D 163 24.14 25.21 -65.85
N ARG D 164 25.28 25.25 -66.52
CA ARG D 164 26.53 24.69 -65.96
C ARG D 164 26.89 25.46 -64.68
N SER D 165 27.46 24.78 -63.70
CA SER D 165 27.77 25.42 -62.40
C SER D 165 28.77 26.56 -62.59
N ASP D 166 29.54 26.53 -63.67
CA ASP D 166 30.59 27.56 -63.88
C ASP D 166 30.04 28.72 -64.72
N ASN D 167 28.74 28.71 -65.04
CA ASN D 167 28.13 29.83 -65.78
C ASN D 167 28.29 31.12 -64.96
N ARG D 168 28.58 32.24 -65.62
CA ARG D 168 28.84 33.50 -64.88
C ARG D 168 27.61 33.90 -64.06
N MET D 169 26.44 33.92 -64.67
CA MET D 169 25.22 34.37 -63.94
C MET D 169 25.02 33.51 -62.70
N MET D 170 25.48 32.25 -62.73
CA MET D 170 25.25 31.33 -61.59
C MET D 170 25.91 31.89 -60.34
N GLY D 171 26.78 32.89 -60.49
CA GLY D 171 27.48 33.46 -59.33
C GLY D 171 27.66 34.97 -59.43
N GLY D 172 28.63 35.53 -58.69
CA GLY D 172 28.91 36.98 -58.73
C GLY D 172 30.30 37.29 -58.23
N THR D 173 30.55 38.54 -57.86
CA THR D 173 31.91 38.97 -57.42
C THR D 173 31.97 39.05 -55.89
N SER D 174 32.97 38.43 -55.27
CA SER D 174 33.12 38.47 -53.79
C SER D 174 34.20 39.47 -53.41
N TYR D 175 33.98 40.23 -52.34
CA TYR D 175 35.01 41.19 -51.85
C TYR D 175 35.25 40.90 -50.37
N VAL D 176 36.48 40.58 -50.00
CA VAL D 176 36.82 40.31 -48.57
C VAL D 176 37.66 41.45 -48.03
N ALA D 177 37.39 41.89 -46.80
CA ALA D 177 38.18 42.98 -46.17
C ALA D 177 39.59 42.46 -45.88
N ALA D 178 40.52 43.38 -45.59
CA ALA D 178 41.92 42.98 -45.32
C ALA D 178 42.21 43.15 -43.83
N GLU D 179 41.29 43.71 -43.06
CA GLU D 179 41.57 43.99 -41.62
C GLU D 179 40.69 43.09 -40.75
N GLY D 180 41.28 42.03 -40.20
CA GLY D 180 40.51 41.13 -39.32
C GLY D 180 40.10 41.84 -38.04
N LYS D 181 38.81 41.81 -37.72
CA LYS D 181 38.32 42.47 -36.48
C LYS D 181 38.06 41.40 -35.42
N ASP D 182 38.66 41.54 -34.24
CA ASP D 182 38.50 40.54 -33.15
C ASP D 182 37.18 40.81 -32.40
N LYS D 183 36.85 39.96 -31.43
CA LYS D 183 35.57 40.10 -30.70
C LYS D 183 35.53 41.48 -30.04
N ASP D 184 36.65 41.94 -29.49
CA ASP D 184 36.66 43.23 -28.74
C ASP D 184 36.37 44.38 -29.71
N TRP D 185 36.82 44.26 -30.96
CA TRP D 185 36.63 45.37 -31.93
C TRP D 185 35.16 45.77 -31.97
N LYS D 186 34.90 47.07 -32.10
CA LYS D 186 33.51 47.57 -32.17
C LYS D 186 33.43 48.65 -33.24
N VAL D 187 32.21 49.04 -33.63
CA VAL D 187 32.06 50.16 -34.60
C VAL D 187 32.24 51.45 -33.82
N GLN D 188 33.48 51.93 -33.72
CA GLN D 188 33.75 53.18 -32.96
C GLN D 188 33.02 54.33 -33.66
N ALA D 189 32.38 55.20 -32.87
CA ALA D 189 31.67 56.36 -33.44
C ALA D 189 32.66 57.24 -34.22
N GLY D 190 32.23 57.81 -35.34
CA GLY D 190 33.13 58.61 -36.18
C GLY D 190 33.45 57.88 -37.47
N ALA D 191 33.40 56.55 -37.44
CA ALA D 191 33.66 55.74 -38.65
C ALA D 191 32.62 54.63 -38.69
N ASN D 192 31.33 55.00 -38.65
CA ASN D 192 30.25 53.98 -38.64
C ASN D 192 29.57 53.96 -40.00
N ASP D 193 30.03 54.79 -40.93
CA ASP D 193 29.34 54.89 -42.23
C ASP D 193 30.03 54.04 -43.29
N ILE D 194 29.28 53.22 -44.03
CA ILE D 194 29.87 52.46 -45.17
C ILE D 194 28.95 52.69 -46.36
N THR D 195 29.47 53.30 -47.43
CA THR D 195 28.63 53.63 -48.60
C THR D 195 28.96 52.71 -49.77
N PHE D 196 27.96 51.97 -50.27
CA PHE D 196 28.17 51.08 -51.43
C PHE D 196 27.83 51.85 -52.71
N THR D 197 28.78 51.95 -53.63
CA THR D 197 28.48 52.62 -54.93
C THR D 197 28.51 51.55 -56.03
N LEU D 198 27.36 51.27 -56.64
CA LEU D 198 27.32 50.15 -57.63
C LEU D 198 26.17 50.36 -58.61
N LYS D 199 26.32 49.90 -59.84
CA LYS D 199 25.21 49.99 -60.82
C LYS D 199 24.25 48.82 -60.56
N ASP D 200 23.00 48.95 -60.97
CA ASP D 200 22.04 47.83 -60.83
C ASP D 200 22.25 46.87 -62.01
N ILE D 201 21.54 45.74 -62.02
CA ILE D 201 21.64 44.78 -63.16
C ILE D 201 21.34 45.55 -64.45
N ASP D 202 20.29 46.37 -64.44
CA ASP D 202 19.91 47.13 -65.65
C ASP D 202 21.00 48.15 -65.97
N GLY D 203 21.59 48.74 -64.93
CA GLY D 203 22.62 49.79 -65.12
C GLY D 203 22.29 51.01 -64.30
N ASN D 204 21.10 51.04 -63.70
CA ASN D 204 20.70 52.18 -62.84
C ASN D 204 21.60 52.20 -61.61
N ASP D 205 22.42 53.25 -61.47
CA ASP D 205 23.38 53.31 -60.34
C ASP D 205 22.64 53.36 -59.01
N GLN D 206 23.15 52.64 -57.99
CA GLN D 206 22.51 52.68 -56.65
C GLN D 206 23.53 53.26 -55.66
N THR D 207 23.03 53.88 -54.58
CA THR D 207 23.94 54.48 -53.56
C THR D 207 23.49 54.03 -52.16
N ILE D 208 23.78 52.79 -51.80
CA ILE D 208 23.43 52.28 -50.45
C ILE D 208 24.37 52.94 -49.44
N THR D 209 23.85 53.37 -48.29
CA THR D 209 24.71 53.97 -47.23
C THR D 209 24.32 53.37 -45.88
N VAL D 210 24.81 52.17 -45.58
CA VAL D 210 24.44 51.49 -44.31
C VAL D 210 25.25 52.11 -43.17
N ASN D 211 24.77 53.19 -42.57
CA ASN D 211 25.46 53.78 -41.39
C ASN D 211 25.37 52.75 -40.26
N ALA D 212 26.47 52.07 -39.95
CA ALA D 212 26.45 50.99 -38.93
C ALA D 212 26.11 51.56 -37.55
N LYS D 213 25.42 50.78 -36.73
CA LYS D 213 25.10 51.23 -35.35
C LYS D 213 26.38 51.09 -34.52
N GLU D 214 26.75 52.13 -33.79
CA GLU D 214 28.02 52.11 -33.02
C GLU D 214 27.98 51.03 -31.95
N GLY D 215 29.14 50.50 -31.57
CA GLY D 215 29.20 49.51 -30.48
C GLY D 215 28.91 48.09 -30.95
N ASP D 216 28.75 47.90 -32.26
CA ASP D 216 28.36 46.56 -32.78
C ASP D 216 29.63 45.74 -33.07
N ASP D 217 29.54 44.42 -32.96
CA ASP D 217 30.70 43.56 -33.32
C ASP D 217 30.71 43.37 -34.84
N ILE D 218 31.81 42.87 -35.40
CA ILE D 218 31.91 42.75 -36.87
C ILE D 218 30.73 41.91 -37.39
N GLU D 219 30.38 40.84 -36.68
CA GLU D 219 29.22 40.01 -37.09
C GLU D 219 27.97 40.90 -37.15
N GLU D 220 27.70 41.64 -36.08
CA GLU D 220 26.49 42.51 -36.03
C GLU D 220 26.56 43.49 -37.22
N VAL D 221 27.75 43.98 -37.55
CA VAL D 221 27.87 44.87 -38.74
C VAL D 221 27.32 44.10 -39.94
N ALA D 222 27.75 42.86 -40.12
CA ALA D 222 27.30 42.11 -41.31
C ALA D 222 25.79 41.94 -41.27
N THR D 223 25.25 41.53 -40.12
CA THR D 223 23.80 41.26 -40.04
C THR D 223 23.07 42.56 -40.38
N TYR D 224 23.50 43.68 -39.80
CA TYR D 224 22.82 44.99 -40.03
C TYR D 224 22.88 45.30 -41.52
N ILE D 225 24.07 45.15 -42.12
CA ILE D 225 24.22 45.45 -43.57
C ILE D 225 23.26 44.54 -44.34
N ASN D 226 23.19 43.26 -43.97
CA ASN D 226 22.32 42.30 -44.70
C ASN D 226 20.86 42.74 -44.55
N GLY D 227 20.51 43.37 -43.42
CA GLY D 227 19.13 43.81 -43.19
C GLY D 227 18.82 45.12 -43.87
N GLN D 228 19.84 45.93 -44.16
CA GLN D 228 19.58 47.28 -44.73
C GLN D 228 19.52 47.20 -46.26
N THR D 229 20.19 46.23 -46.87
CA THR D 229 20.23 46.19 -48.35
C THR D 229 19.94 44.77 -48.85
N ASP D 230 19.72 44.62 -50.15
CA ASP D 230 19.51 43.28 -50.74
C ASP D 230 20.55 43.07 -51.84
N MET D 231 21.10 44.17 -52.37
CA MET D 231 22.09 44.08 -53.47
C MET D 231 23.32 43.32 -52.99
N VAL D 232 23.79 43.59 -51.77
CA VAL D 232 25.04 42.94 -51.29
C VAL D 232 24.72 42.05 -50.09
N LYS D 233 25.36 40.88 -50.00
CA LYS D 233 25.17 39.98 -48.84
C LYS D 233 26.50 39.94 -48.07
N ALA D 234 26.51 40.37 -46.81
CA ALA D 234 27.78 40.47 -46.06
C ALA D 234 27.99 39.24 -45.18
N SER D 235 29.25 38.90 -44.93
CA SER D 235 29.59 37.73 -44.07
C SER D 235 30.99 37.94 -43.49
N VAL D 236 31.40 37.10 -42.55
CA VAL D 236 32.72 37.31 -41.89
C VAL D 236 33.53 36.03 -41.95
N ASN D 237 34.81 36.11 -42.34
CA ASN D 237 35.67 34.90 -42.42
C ASN D 237 36.25 34.61 -41.04
N GLU D 238 37.00 33.52 -40.91
CA GLU D 238 37.57 33.12 -39.59
C GLU D 238 38.48 34.23 -39.08
N LYS D 239 39.22 34.88 -39.98
CA LYS D 239 40.17 35.93 -39.55
C LYS D 239 39.38 37.12 -39.00
N GLY D 240 38.06 37.13 -39.20
CA GLY D 240 37.24 38.27 -38.75
C GLY D 240 37.25 39.39 -39.78
N GLN D 241 37.35 39.04 -41.06
CA GLN D 241 37.38 40.07 -42.13
C GLN D 241 36.02 40.05 -42.84
N LEU D 242 35.37 41.21 -42.93
CA LEU D 242 34.00 41.25 -43.52
C LEU D 242 34.08 40.85 -44.99
N GLN D 243 33.15 40.00 -45.44
CA GLN D 243 33.12 39.58 -46.86
C GLN D 243 31.82 40.07 -47.48
N ILE D 244 31.88 40.95 -48.48
CA ILE D 244 30.65 41.40 -49.19
C ILE D 244 30.55 40.64 -50.51
N PHE D 245 29.43 39.97 -50.75
CA PHE D 245 29.23 39.28 -52.06
C PHE D 245 28.16 40.03 -52.86
N ALA D 246 28.38 40.17 -54.17
CA ALA D 246 27.37 40.83 -55.04
C ALA D 246 27.01 39.88 -56.18
N GLY D 247 25.71 39.60 -56.33
CA GLY D 247 25.26 38.69 -57.41
C GLY D 247 25.26 39.38 -58.76
N ASN D 248 25.87 38.76 -59.77
CA ASN D 248 25.85 39.35 -61.14
C ASN D 248 24.39 39.57 -61.52
N ASN D 249 23.50 38.69 -61.09
CA ASN D 249 22.06 38.80 -61.44
C ASN D 249 21.49 40.11 -60.90
N LYS D 250 22.12 40.70 -59.88
CA LYS D 250 21.58 41.93 -59.26
C LYS D 250 22.54 43.10 -59.49
N VAL D 251 23.85 42.84 -59.47
CA VAL D 251 24.85 43.94 -59.58
C VAL D 251 25.77 43.67 -60.77
N THR D 252 25.94 44.67 -61.64
CA THR D 252 26.84 44.53 -62.81
C THR D 252 28.03 45.49 -62.65
N GLY D 253 29.26 44.98 -62.83
CA GLY D 253 30.46 45.82 -62.72
C GLY D 253 31.11 45.69 -61.35
N ASP D 254 31.75 46.78 -60.88
CA ASP D 254 32.46 46.72 -59.58
C ASP D 254 31.59 47.32 -58.47
N VAL D 255 32.11 47.36 -57.24
CA VAL D 255 31.36 47.99 -56.12
C VAL D 255 32.33 48.96 -55.42
N ALA D 256 32.04 50.27 -55.46
CA ALA D 256 32.97 51.26 -54.89
C ALA D 256 32.66 51.47 -53.40
N PHE D 257 33.20 50.60 -52.54
CA PHE D 257 33.00 50.77 -51.08
C PHE D 257 33.62 52.10 -50.64
N SER D 258 32.92 52.86 -49.80
CA SER D 258 33.44 54.18 -49.35
C SER D 258 33.01 54.43 -47.91
N GLY D 259 33.54 55.49 -47.28
CA GLY D 259 33.13 55.85 -45.93
C GLY D 259 34.21 55.62 -44.89
N GLY D 260 33.94 55.97 -43.64
CA GLY D 260 34.92 55.76 -42.55
C GLY D 260 35.04 54.30 -42.17
N LEU D 261 33.90 53.60 -42.07
CA LEU D 261 33.92 52.17 -41.66
C LEU D 261 34.70 51.39 -42.71
N ALA D 262 34.45 51.67 -43.98
CA ALA D 262 35.20 50.99 -45.06
C ALA D 262 36.68 51.35 -44.93
N GLY D 263 36.98 52.57 -44.50
CA GLY D 263 38.39 52.96 -44.27
C GLY D 263 39.01 52.02 -43.26
N ALA D 264 38.28 51.69 -42.19
CA ALA D 264 38.79 50.74 -41.18
C ALA D 264 38.80 49.32 -41.76
N LEU D 265 37.69 48.88 -42.33
CA LEU D 265 37.59 47.49 -42.85
C LEU D 265 38.63 47.29 -43.96
N ASN D 266 38.85 48.31 -44.78
CA ASN D 266 39.81 48.19 -45.92
C ASN D 266 39.33 47.06 -46.84
N MET D 267 38.18 47.27 -47.48
CA MET D 267 37.68 46.26 -48.44
C MET D 267 38.71 46.14 -49.58
N GLN D 268 38.93 44.93 -50.08
CA GLN D 268 39.98 44.73 -51.13
C GLN D 268 39.32 44.58 -52.51
N ALA D 269 40.05 43.97 -53.45
CA ALA D 269 39.53 43.85 -54.84
C ALA D 269 38.52 42.70 -54.94
N GLY D 270 37.73 42.68 -56.01
CA GLY D 270 36.71 41.63 -56.18
C GLY D 270 37.25 40.37 -56.81
N THR D 271 36.77 39.20 -56.37
CA THR D 271 37.19 37.91 -56.98
C THR D 271 35.93 37.21 -57.49
N ALA D 272 35.85 36.94 -58.79
CA ALA D 272 34.63 36.32 -59.35
C ALA D 272 34.42 34.95 -58.72
N GLU D 273 33.19 34.65 -58.29
CA GLU D 273 32.90 33.36 -57.62
C GLU D 273 31.69 32.71 -58.29
N THR D 274 31.80 31.43 -58.65
CA THR D 274 30.64 30.70 -59.22
C THR D 274 30.45 29.42 -58.40
N VAL D 275 29.30 28.76 -58.54
CA VAL D 275 29.02 27.55 -57.71
C VAL D 275 30.18 26.57 -57.89
N ASP D 276 30.82 26.58 -59.06
CA ASP D 276 31.94 25.63 -59.34
C ASP D 276 33.16 26.00 -58.50
N THR D 277 33.19 27.21 -57.94
CA THR D 277 34.38 27.67 -57.19
C THR D 277 34.10 27.63 -55.68
N ILE D 278 32.95 27.08 -55.27
CA ILE D 278 32.60 27.13 -53.82
C ILE D 278 33.48 26.15 -53.04
N ASP D 279 33.86 26.52 -51.83
CA ASP D 279 34.66 25.63 -50.95
C ASP D 279 34.19 25.83 -49.51
N VAL D 280 33.80 24.74 -48.83
CA VAL D 280 33.25 24.91 -47.45
C VAL D 280 34.26 24.37 -46.45
N THR D 281 35.55 24.37 -46.81
CA THR D 281 36.58 23.92 -45.85
C THR D 281 37.00 25.12 -44.97
N SER D 282 36.37 26.28 -45.17
CA SER D 282 36.68 27.48 -44.35
C SER D 282 35.39 28.20 -44.01
N VAL D 283 35.23 28.66 -42.77
CA VAL D 283 33.95 29.31 -42.36
C VAL D 283 33.68 30.47 -43.30
N GLY D 284 34.70 31.25 -43.62
CA GLY D 284 34.52 32.35 -44.60
C GLY D 284 34.01 31.82 -45.92
N GLY D 285 34.62 30.74 -46.42
CA GLY D 285 34.23 30.19 -47.72
C GLY D 285 32.79 29.71 -47.67
N ALA D 286 32.41 29.08 -46.56
CA ALA D 286 31.02 28.58 -46.41
C ALA D 286 30.07 29.77 -46.47
N GLN D 287 30.36 30.83 -45.73
CA GLN D 287 29.42 31.98 -45.68
C GLN D 287 29.23 32.50 -47.10
N GLN D 288 30.34 32.76 -47.82
CA GLN D 288 30.24 33.29 -49.20
C GLN D 288 29.45 32.30 -50.06
N SER D 289 29.61 31.00 -49.80
CA SER D 289 28.95 30.00 -50.67
C SER D 289 27.44 30.16 -50.55
N VAL D 290 26.93 30.37 -49.33
CA VAL D 290 25.47 30.47 -49.15
C VAL D 290 24.98 31.54 -50.13
N ALA D 291 25.68 32.67 -50.20
CA ALA D 291 25.26 33.77 -51.10
C ALA D 291 25.39 33.32 -52.56
N VAL D 292 26.50 32.71 -52.92
CA VAL D 292 26.71 32.31 -54.35
C VAL D 292 25.54 31.42 -54.74
N ILE D 293 25.23 30.42 -53.91
CA ILE D 293 24.12 29.48 -54.23
C ILE D 293 22.83 30.27 -54.30
N ASP D 294 22.60 31.17 -53.34
CA ASP D 294 21.35 31.96 -53.34
C ASP D 294 21.25 32.68 -54.69
N SER D 295 22.35 33.28 -55.12
CA SER D 295 22.34 33.99 -56.43
C SER D 295 21.98 33.00 -57.52
N ALA D 296 22.57 31.80 -57.47
CA ALA D 296 22.32 30.80 -58.52
C ALA D 296 20.85 30.41 -58.50
N LEU D 297 20.32 30.15 -57.31
CA LEU D 297 18.90 29.70 -57.22
C LEU D 297 18.06 30.76 -57.93
N LYS D 298 18.31 32.04 -57.65
CA LYS D 298 17.57 33.11 -58.37
C LYS D 298 17.71 32.88 -59.88
N TYR D 299 18.95 32.85 -60.37
CA TYR D 299 19.17 32.70 -61.83
C TYR D 299 18.36 31.52 -62.35
N VAL D 300 18.53 30.34 -61.76
CA VAL D 300 17.84 29.15 -62.31
C VAL D 300 16.34 29.43 -62.31
N ASP D 301 15.82 29.99 -61.22
CA ASP D 301 14.36 30.23 -61.11
C ASP D 301 13.94 31.18 -62.23
N SER D 302 14.71 32.24 -62.44
CA SER D 302 14.38 33.21 -63.51
C SER D 302 14.20 32.46 -64.83
N HIS D 303 15.14 31.57 -65.16
CA HIS D 303 15.05 30.86 -66.46
C HIS D 303 13.77 30.01 -66.43
N ARG D 304 13.59 29.25 -65.35
CA ARG D 304 12.42 28.34 -65.30
C ARG D 304 11.18 29.19 -65.56
N ALA D 305 11.13 30.37 -64.94
CA ALA D 305 9.95 31.25 -65.10
C ALA D 305 9.78 31.61 -66.59
N GLU D 306 10.81 32.20 -67.20
CA GLU D 306 10.65 32.67 -68.60
C GLU D 306 10.20 31.48 -69.45
N LEU D 307 10.76 30.29 -69.18
CA LEU D 307 10.33 29.08 -69.92
C LEU D 307 8.82 28.90 -69.71
N GLY D 308 8.39 28.92 -68.45
CA GLY D 308 6.97 28.72 -68.14
C GLY D 308 6.10 29.61 -69.02
N ALA D 309 6.47 30.88 -69.15
CA ALA D 309 5.73 31.78 -70.04
C ALA D 309 5.70 31.18 -71.45
N PHE D 310 6.88 30.87 -72.00
CA PHE D 310 6.92 30.35 -73.39
C PHE D 310 5.90 29.21 -73.49
N GLN D 311 5.97 28.26 -72.56
CA GLN D 311 5.05 27.10 -72.60
C GLN D 311 3.62 27.62 -72.71
N ASN D 312 3.19 28.43 -71.74
CA ASN D 312 1.79 28.92 -71.74
C ASN D 312 1.49 29.62 -73.07
N ARG D 313 2.40 30.47 -73.53
CA ARG D 313 2.16 31.23 -74.78
C ARG D 313 1.84 30.23 -75.89
N PHE D 314 2.67 29.19 -76.00
CA PHE D 314 2.47 28.20 -77.09
C PHE D 314 1.10 27.54 -76.91
N ASN D 315 0.71 27.31 -75.64
CA ASN D 315 -0.60 26.65 -75.36
C ASN D 315 -1.72 27.53 -75.93
N HIS D 316 -1.71 28.82 -75.60
CA HIS D 316 -2.78 29.73 -76.07
C HIS D 316 -2.76 29.74 -77.59
N ALA D 317 -1.56 29.86 -78.15
CA ALA D 317 -1.43 29.83 -79.63
C ALA D 317 -2.12 28.58 -80.15
N ILE D 318 -1.81 27.42 -79.57
CA ILE D 318 -2.41 26.15 -80.04
C ILE D 318 -3.93 26.33 -80.09
N SER D 319 -4.53 26.76 -78.99
CA SER D 319 -6.01 26.88 -78.93
C SER D 319 -6.48 27.79 -80.07
N ASN D 320 -5.79 28.91 -80.27
CA ASN D 320 -6.15 29.82 -81.38
C ASN D 320 -6.04 29.07 -82.70
N LEU D 321 -4.86 28.53 -83.00
CA LEU D 321 -4.65 27.79 -84.27
C LEU D 321 -5.74 26.74 -84.42
N ASP D 322 -6.08 26.07 -83.32
CA ASP D 322 -7.14 25.04 -83.36
C ASP D 322 -8.45 25.70 -83.81
N ASN D 323 -8.82 26.81 -83.16
CA ASN D 323 -10.11 27.48 -83.49
C ASN D 323 -10.06 27.97 -84.93
N ILE D 324 -8.97 28.60 -85.34
CA ILE D 324 -8.95 29.16 -86.72
C ILE D 324 -9.12 27.99 -87.68
N ASN D 325 -8.48 26.85 -87.38
CA ASN D 325 -8.56 25.69 -88.29
C ASN D 325 -10.03 25.29 -88.40
N GLU D 326 -10.71 25.20 -87.26
CA GLU D 326 -12.12 24.75 -87.27
C GLU D 326 -12.92 25.63 -88.23
N ASN D 327 -12.79 26.95 -88.10
CA ASN D 327 -13.59 27.87 -88.94
C ASN D 327 -13.09 27.81 -90.39
N VAL D 328 -11.78 27.77 -90.60
CA VAL D 328 -11.21 27.78 -91.98
C VAL D 328 -11.73 26.54 -92.71
N ASN D 329 -11.71 25.39 -92.05
CA ASN D 329 -12.21 24.14 -92.67
C ASN D 329 -13.68 24.34 -93.01
N ALA D 330 -14.46 24.88 -92.08
CA ALA D 330 -15.91 25.04 -92.30
C ALA D 330 -16.13 25.94 -93.52
N SER D 331 -15.35 27.01 -93.62
CA SER D 331 -15.50 27.92 -94.78
C SER D 331 -15.19 27.15 -96.08
N LYS D 332 -14.17 26.30 -96.05
CA LYS D 332 -13.78 25.55 -97.27
C LYS D 332 -14.92 24.62 -97.67
N SER D 333 -15.57 24.01 -96.68
CA SER D 333 -16.69 23.08 -96.96
C SER D 333 -17.76 23.83 -97.74
N ARG D 334 -18.02 25.08 -97.38
CA ARG D 334 -19.11 25.84 -98.04
C ARG D 334 -18.72 26.13 -99.50
N ILE D 335 -17.42 26.27 -99.79
CA ILE D 335 -17.02 26.67 -101.17
C ILE D 335 -16.67 25.43 -102.01
N LYS D 336 -16.36 24.29 -101.37
CA LYS D 336 -15.92 23.12 -102.16
C LYS D 336 -16.79 21.89 -101.88
N ASP D 337 -17.03 21.56 -100.61
CA ASP D 337 -17.78 20.31 -100.28
C ASP D 337 -19.14 20.33 -100.98
N THR D 338 -19.63 19.15 -101.41
CA THR D 338 -20.92 19.09 -102.15
C THR D 338 -22.11 18.96 -101.20
N ASP D 339 -23.23 19.58 -101.54
CA ASP D 339 -24.46 19.40 -100.73
C ASP D 339 -25.20 18.21 -101.32
N PHE D 340 -24.97 17.00 -100.78
CA PHE D 340 -25.59 15.81 -101.39
C PHE D 340 -27.07 16.09 -101.64
N ALA D 341 -27.74 16.69 -100.66
CA ALA D 341 -29.18 17.02 -100.83
C ALA D 341 -29.41 17.61 -102.21
N LYS D 342 -28.73 18.70 -102.55
CA LYS D 342 -29.00 19.37 -103.84
C LYS D 342 -28.48 18.47 -104.97
N GLU D 343 -27.28 17.94 -104.80
CA GLU D 343 -26.66 17.11 -105.86
C GLU D 343 -27.56 15.91 -106.16
N THR D 344 -27.91 15.13 -105.14
CA THR D 344 -28.67 13.88 -105.41
C THR D 344 -29.98 14.27 -106.12
N THR D 345 -30.58 15.39 -105.73
CA THR D 345 -31.81 15.86 -106.40
C THR D 345 -31.48 16.14 -107.87
N ALA D 346 -30.40 16.89 -108.11
CA ALA D 346 -30.03 17.26 -109.50
C ALA D 346 -29.77 16.00 -110.32
N LEU D 347 -29.08 15.02 -109.74
CA LEU D 347 -28.86 13.74 -110.47
C LEU D 347 -30.24 13.12 -110.77
N THR D 348 -31.08 12.98 -109.76
CA THR D 348 -32.38 12.30 -109.98
C THR D 348 -33.09 13.03 -111.12
N LYS D 349 -33.10 14.36 -111.08
CA LYS D 349 -33.78 15.15 -112.12
C LYS D 349 -33.16 14.85 -113.49
N SER D 350 -31.83 14.87 -113.56
CA SER D 350 -31.16 14.66 -114.86
C SER D 350 -31.55 13.30 -115.43
N GLN D 351 -31.57 12.27 -114.56
CA GLN D 351 -31.89 10.91 -115.04
C GLN D 351 -33.29 10.94 -115.66
N ILE D 352 -34.24 11.60 -115.00
CA ILE D 352 -35.63 11.64 -115.52
C ILE D 352 -35.61 12.35 -116.88
N LEU D 353 -34.93 13.49 -116.95
CA LEU D 353 -34.87 14.25 -118.22
C LEU D 353 -34.37 13.33 -119.32
N SER D 354 -33.36 12.50 -119.01
CA SER D 354 -32.79 11.59 -120.03
C SER D 354 -33.86 10.63 -120.54
N GLN D 355 -34.54 9.91 -119.64
CA GLN D 355 -35.53 8.91 -120.08
C GLN D 355 -36.58 9.61 -120.95
N ALA D 356 -36.96 10.82 -120.55
CA ALA D 356 -37.95 11.59 -121.33
C ALA D 356 -37.41 11.83 -122.74
N SER D 357 -36.20 12.41 -122.81
CA SER D 357 -35.61 12.72 -124.13
C SER D 357 -35.51 11.44 -124.96
N SER D 358 -35.08 10.33 -124.33
CA SER D 358 -34.92 9.06 -125.07
C SER D 358 -36.29 8.63 -125.60
N SER D 359 -37.33 8.75 -124.78
CA SER D 359 -38.70 8.35 -125.22
C SER D 359 -39.11 9.21 -126.41
N VAL D 360 -38.81 10.51 -126.33
CA VAL D 360 -39.14 11.42 -127.47
C VAL D 360 -38.28 10.99 -128.66
N LEU D 361 -36.99 10.76 -128.44
CA LEU D 361 -36.07 10.43 -129.57
C LEU D 361 -36.58 9.16 -130.26
N ALA D 362 -37.07 8.21 -129.46
CA ALA D 362 -37.61 6.96 -130.04
C ALA D 362 -38.76 7.32 -130.98
N GLN D 363 -39.76 8.04 -130.46
CA GLN D 363 -40.92 8.41 -131.31
C GLN D 363 -40.41 9.25 -132.48
N ALA D 364 -39.40 10.08 -132.24
CA ALA D 364 -38.88 10.95 -133.30
C ALA D 364 -38.37 10.09 -134.46
N LYS D 365 -37.66 9.01 -134.13
CA LYS D 365 -37.08 8.15 -135.20
C LYS D 365 -38.22 7.55 -136.02
N GLN D 366 -39.41 7.43 -135.44
CA GLN D 366 -40.53 6.76 -136.15
C GLN D 366 -41.22 7.77 -137.08
N ALA D 367 -40.88 9.05 -136.95
CA ALA D 367 -41.58 10.09 -137.76
C ALA D 367 -41.49 9.77 -139.25
N PRO D 368 -40.30 9.55 -139.84
CA PRO D 368 -40.19 9.34 -141.29
C PRO D 368 -41.07 8.21 -141.82
N ASN D 369 -41.39 7.22 -140.98
CA ASN D 369 -42.16 6.05 -141.47
C ASN D 369 -43.46 6.52 -142.14
N ALA D 370 -44.06 7.60 -141.65
CA ALA D 370 -45.34 8.06 -142.21
C ALA D 370 -45.22 8.23 -143.72
N ALA D 371 -44.15 8.89 -144.17
CA ALA D 371 -43.95 9.13 -145.62
C ALA D 371 -44.12 7.82 -146.38
N LEU D 372 -43.47 6.75 -145.90
CA LEU D 372 -43.54 5.45 -146.61
C LEU D 372 -45.02 5.13 -146.84
N SER D 373 -45.82 5.23 -145.79
CA SER D 373 -47.27 4.90 -145.91
C SER D 373 -47.91 5.81 -146.96
N LEU D 374 -47.42 7.04 -147.09
CA LEU D 374 -48.06 7.99 -148.03
C LEU D 374 -48.10 7.39 -149.43
N LEU D 375 -46.93 7.05 -149.98
CA LEU D 375 -46.90 6.53 -151.38
C LEU D 375 -46.09 5.24 -151.40
N GLY D 376 -46.77 4.11 -151.61
CA GLY D 376 -46.08 2.81 -151.61
C GLY D 376 -46.56 1.93 -150.47
N ALA E 1 12.49 16.22 -29.46
CA ALA E 1 11.51 15.92 -28.38
C ALA E 1 11.69 14.47 -27.94
N VAL E 2 10.87 13.56 -28.48
CA VAL E 2 10.98 12.12 -28.11
C VAL E 2 12.38 11.64 -28.50
N ASN E 3 13.09 11.03 -27.55
CA ASN E 3 14.47 10.52 -27.80
C ASN E 3 14.57 9.11 -27.23
N VAL E 4 13.98 8.12 -27.89
CA VAL E 4 13.96 6.74 -27.33
C VAL E 4 15.40 6.30 -27.03
N ASN E 5 16.34 6.61 -27.92
CA ASN E 5 17.73 6.10 -27.74
C ASN E 5 18.48 6.85 -26.63
N THR E 6 18.12 8.09 -26.32
CA THR E 6 18.92 8.86 -25.32
C THR E 6 18.02 9.41 -24.23
N ASN E 7 18.29 9.05 -22.96
CA ASN E 7 17.49 9.58 -21.82
C ASN E 7 18.41 10.44 -20.94
N VAL E 8 18.88 11.57 -21.47
CA VAL E 8 19.82 12.45 -20.71
C VAL E 8 19.25 12.66 -19.31
N ALA E 9 17.93 12.81 -19.21
CA ALA E 9 17.31 13.01 -17.89
C ALA E 9 17.79 11.91 -16.95
N ALA E 10 17.63 10.65 -17.36
CA ALA E 10 18.06 9.52 -16.50
C ALA E 10 19.53 9.71 -16.12
N MET E 11 20.39 10.02 -17.09
CA MET E 11 21.84 10.10 -16.78
C MET E 11 22.04 11.16 -15.69
N THR E 12 21.33 12.27 -15.79
CA THR E 12 21.47 13.36 -14.79
C THR E 12 21.04 12.81 -13.43
N ALA E 13 19.94 12.05 -13.41
CA ALA E 13 19.49 11.44 -12.14
C ALA E 13 20.61 10.55 -11.59
N GLN E 14 20.99 9.53 -12.36
CA GLN E 14 22.04 8.59 -11.89
C GLN E 14 23.20 9.40 -11.30
N ARG E 15 23.70 10.37 -12.04
CA ARG E 15 24.89 11.13 -11.55
C ARG E 15 24.59 11.60 -10.13
N TYR E 16 23.43 12.23 -9.92
CA TYR E 16 23.09 12.77 -8.58
C TYR E 16 22.89 11.61 -7.60
N LEU E 17 22.21 10.54 -8.03
CA LEU E 17 21.96 9.39 -7.13
C LEU E 17 23.30 8.86 -6.61
N THR E 18 24.25 8.62 -7.51
CA THR E 18 25.56 8.07 -7.10
C THR E 18 26.21 9.07 -6.13
N GLY E 19 26.17 10.36 -6.46
CA GLY E 19 26.83 11.35 -5.61
C GLY E 19 26.32 11.23 -4.18
N ALA E 20 25.00 11.16 -4.03
CA ALA E 20 24.41 11.02 -2.69
C ALA E 20 24.83 9.68 -2.07
N THR E 21 24.73 8.60 -2.85
CA THR E 21 25.06 7.25 -2.32
C THR E 21 26.47 7.28 -1.74
N ASN E 22 27.42 7.89 -2.46
CA ASN E 22 28.82 7.99 -1.97
C ASN E 22 28.83 8.79 -0.67
N ALA E 23 28.19 9.96 -0.67
CA ALA E 23 28.19 10.82 0.53
C ALA E 23 27.59 10.03 1.70
N GLN E 24 26.56 9.23 1.41
CA GLN E 24 25.91 8.42 2.47
C GLN E 24 26.94 7.45 3.06
N GLN E 25 27.63 6.69 2.20
CA GLN E 25 28.62 5.71 2.68
C GLN E 25 29.67 6.43 3.53
N THR E 26 30.12 7.60 3.07
CA THR E 26 31.18 8.33 3.81
C THR E 26 30.71 8.60 5.23
N SER E 27 29.52 9.16 5.38
CA SER E 27 29.00 9.50 6.73
C SER E 27 28.78 8.23 7.54
N MET E 28 28.21 7.19 6.92
CA MET E 28 27.92 5.94 7.66
C MET E 28 29.24 5.41 8.25
N GLU E 29 30.30 5.43 7.44
CA GLU E 29 31.62 4.97 7.94
C GLU E 29 32.03 5.82 9.13
N ARG E 30 31.95 7.15 8.99
CA ARG E 30 32.42 8.04 10.08
C ARG E 30 31.59 7.78 11.32
N LEU E 31 30.29 7.58 11.15
CA LEU E 31 29.38 7.34 12.31
C LEU E 31 29.77 6.04 13.00
N SER E 32 30.13 5.01 12.23
CA SER E 32 30.47 3.69 12.82
C SER E 32 31.84 3.75 13.49
N SER E 33 32.79 4.43 12.86
CA SER E 33 34.18 4.47 13.39
C SER E 33 34.27 5.35 14.64
N GLY E 34 33.67 6.54 14.59
CA GLY E 34 33.82 7.49 15.70
C GLY E 34 34.90 8.50 15.36
N PHE E 35 35.41 8.45 14.12
CA PHE E 35 36.47 9.39 13.69
C PHE E 35 36.06 10.03 12.36
N LYS E 36 36.31 11.35 12.22
CA LYS E 36 35.96 12.08 10.98
C LYS E 36 37.01 11.79 9.91
N ILE E 37 38.27 11.60 10.33
CA ILE E 37 39.37 11.27 9.38
C ILE E 37 39.63 9.77 9.44
N ASN E 38 39.06 9.01 8.50
CA ASN E 38 39.23 7.53 8.49
C ASN E 38 40.15 7.15 7.32
N SER E 39 40.62 8.14 6.56
CA SER E 39 41.54 7.88 5.43
C SER E 39 42.21 9.22 5.05
N ALA E 40 43.35 9.17 4.38
CA ALA E 40 44.08 10.42 4.07
C ALA E 40 43.23 11.31 3.16
N LYS E 41 42.33 10.70 2.38
CA LYS E 41 41.44 11.47 1.46
C LYS E 41 40.60 12.44 2.30
N ASP E 42 40.19 12.02 3.50
CA ASP E 42 39.30 12.86 4.34
C ASP E 42 40.02 14.16 4.71
N ASP E 43 41.25 14.06 5.23
CA ASP E 43 41.97 15.28 5.68
C ASP E 43 43.46 14.97 5.82
N ALA E 44 44.25 15.29 4.79
CA ALA E 44 45.70 14.99 4.82
C ALA E 44 46.33 15.58 6.08
N ALA E 45 46.29 16.91 6.21
CA ALA E 45 46.96 17.57 7.36
C ALA E 45 46.40 16.97 8.66
N GLY E 46 45.09 16.77 8.71
CA GLY E 46 44.47 16.23 9.94
C GLY E 46 45.09 14.90 10.31
N LEU E 47 45.15 13.97 9.36
CA LEU E 47 45.79 12.65 9.62
C LEU E 47 47.19 12.92 10.17
N GLN E 48 47.97 13.74 9.47
CA GLN E 48 49.36 14.00 9.90
C GLN E 48 49.38 14.50 11.34
N ILE E 49 48.69 15.61 11.62
CA ILE E 49 48.76 16.20 12.99
C ILE E 49 48.14 15.23 13.99
N SER E 50 46.98 14.65 13.65
CA SER E 50 46.30 13.76 14.61
C SER E 50 47.24 12.63 14.99
N ASN E 51 47.87 12.01 13.98
CA ASN E 51 48.78 10.88 14.27
C ASN E 51 49.82 11.37 15.27
N ARG E 52 50.44 12.52 14.99
CA ARG E 52 51.51 13.01 15.89
C ARG E 52 50.92 13.23 17.28
N LEU E 53 49.73 13.85 17.35
CA LEU E 53 49.11 14.13 18.67
C LEU E 53 48.82 12.80 19.37
N ASN E 54 48.29 11.83 18.64
CA ASN E 54 48.04 10.48 19.24
C ASN E 54 49.38 9.93 19.72
N VAL E 55 50.41 10.02 18.88
CA VAL E 55 51.74 9.48 19.26
C VAL E 55 52.13 10.15 20.58
N GLN E 56 52.02 11.47 20.63
CA GLN E 56 52.43 12.20 21.86
C GLN E 56 51.65 11.66 23.05
N SER E 57 50.33 11.56 22.93
CA SER E 57 49.50 11.14 24.08
C SER E 57 49.92 9.73 24.55
N ARG E 58 49.98 8.78 23.63
CA ARG E 58 50.31 7.39 24.03
C ARG E 58 51.66 7.43 24.76
N GLY E 59 52.59 8.21 24.21
CA GLY E 59 53.92 8.34 24.84
C GLY E 59 53.79 8.92 26.24
N LEU E 60 52.96 9.95 26.39
CA LEU E 60 52.81 10.61 27.71
C LEU E 60 52.33 9.55 28.71
N ASP E 61 51.42 8.68 28.28
CA ASP E 61 50.91 7.61 29.18
C ASP E 61 52.08 6.75 29.64
N VAL E 62 52.91 6.30 28.70
CA VAL E 62 54.08 5.45 29.06
C VAL E 62 54.98 6.26 29.99
N ALA E 63 55.20 7.53 29.68
CA ALA E 63 56.03 8.40 30.53
C ALA E 63 55.46 8.39 31.95
N VAL E 64 54.14 8.55 32.08
CA VAL E 64 53.51 8.59 33.43
C VAL E 64 53.87 7.29 34.16
N ARG E 65 53.69 6.15 33.49
CA ARG E 65 54.05 4.85 34.10
C ARG E 65 55.53 4.89 34.46
N ASN E 66 56.38 5.28 33.51
CA ASN E 66 57.85 5.29 33.77
C ASN E 66 58.12 6.13 35.01
N ALA E 67 57.58 7.34 35.04
CA ALA E 67 57.85 8.25 36.17
C ALA E 67 57.34 7.61 37.46
N ASN E 68 56.18 6.95 37.40
CA ASN E 68 55.63 6.27 38.58
C ASN E 68 56.64 5.24 39.07
N ASP E 69 57.20 4.47 38.13
CA ASP E 69 58.21 3.44 38.50
C ASP E 69 59.41 4.14 39.13
N GLY E 70 59.82 5.28 38.59
CA GLY E 70 60.93 6.04 39.19
C GLY E 70 60.65 6.32 40.64
N ILE E 71 59.43 6.77 40.94
CA ILE E 71 59.05 7.07 42.35
C ILE E 71 59.16 5.77 43.14
N SER E 72 58.66 4.66 42.60
CA SER E 72 58.66 3.38 43.34
C SER E 72 60.08 3.03 43.76
N ILE E 73 61.03 3.02 42.82
CA ILE E 73 62.41 2.61 43.17
C ILE E 73 62.92 3.54 44.25
N ALA E 74 62.71 4.83 44.08
CA ALA E 74 63.20 5.83 45.06
C ALA E 74 62.56 5.51 46.42
N GLN E 75 61.25 5.23 46.42
CA GLN E 75 60.55 4.95 47.69
C GLN E 75 61.18 3.71 48.33
N THR E 76 61.40 2.66 47.54
CA THR E 76 61.93 1.40 48.12
C THR E 76 63.26 1.72 48.79
N ALA E 77 64.14 2.40 48.08
CA ALA E 77 65.48 2.71 48.64
C ALA E 77 65.31 3.56 49.89
N GLU E 78 64.47 4.59 49.80
CA GLU E 78 64.28 5.50 50.96
C GLU E 78 63.86 4.67 52.17
N GLY E 79 63.00 3.67 51.96
CA GLY E 79 62.50 2.88 53.09
C GLY E 79 63.65 2.20 53.81
N ALA E 80 64.51 1.51 53.04
CA ALA E 80 65.67 0.83 53.65
C ALA E 80 66.53 1.86 54.39
N MET E 81 66.76 3.01 53.78
CA MET E 81 67.62 4.04 54.40
C MET E 81 67.11 4.30 55.82
N ASN E 82 65.79 4.38 55.99
CA ASN E 82 65.21 4.69 57.32
C ASN E 82 65.70 3.65 58.32
N GLU E 83 65.63 2.38 57.97
CA GLU E 83 66.01 1.32 58.95
C GLU E 83 67.50 1.51 59.30
N THR E 84 68.32 1.83 58.30
CA THR E 84 69.74 2.10 58.60
C THR E 84 69.81 3.20 59.65
N THR E 85 69.03 4.27 59.46
CA THR E 85 69.10 5.42 60.41
C THR E 85 68.80 4.91 61.81
N ASN E 86 67.79 4.06 61.94
CA ASN E 86 67.45 3.49 63.28
C ASN E 86 68.67 2.74 63.81
N ILE E 87 69.28 1.90 62.99
CA ILE E 87 70.44 1.09 63.46
C ILE E 87 71.57 2.04 63.83
N LEU E 88 71.83 3.03 62.98
CA LEU E 88 72.94 3.98 63.23
C LEU E 88 72.72 4.64 64.59
N GLN E 89 71.51 5.13 64.81
CA GLN E 89 71.22 5.83 66.08
C GLN E 89 71.45 4.85 67.23
N ARG E 90 70.98 3.61 67.08
CA ARG E 90 71.11 2.63 68.19
C ARG E 90 72.59 2.39 68.46
N MET E 91 73.37 2.15 67.40
CA MET E 91 74.83 1.90 67.57
C MET E 91 75.44 3.16 68.20
N ARG E 92 75.02 4.33 67.74
CA ARG E 92 75.55 5.60 68.29
C ARG E 92 75.25 5.66 69.79
N ASP E 93 74.02 5.34 70.19
CA ASP E 93 73.68 5.47 71.63
C ASP E 93 74.46 4.42 72.41
N LEU E 94 74.51 3.19 71.88
CA LEU E 94 75.27 2.11 72.57
C LEU E 94 76.73 2.53 72.67
N SER E 95 77.24 3.21 71.65
CA SER E 95 78.65 3.68 71.70
C SER E 95 78.81 4.61 72.91
N LEU E 96 77.90 5.57 73.05
CA LEU E 96 77.98 6.53 74.19
C LEU E 96 78.01 5.71 75.49
N GLN E 97 77.25 4.62 75.55
CA GLN E 97 77.17 3.82 76.79
C GLN E 97 78.56 3.24 77.11
N SER E 98 79.22 2.67 76.10
CA SER E 98 80.61 2.16 76.31
C SER E 98 81.53 3.34 76.58
N ALA E 99 81.32 4.44 75.86
CA ALA E 99 82.22 5.62 76.00
C ALA E 99 82.13 6.17 77.43
N ASN E 100 81.09 5.78 78.19
CA ASN E 100 80.98 6.23 79.60
C ASN E 100 82.33 5.95 80.28
N GLY E 101 82.88 4.75 80.08
CA GLY E 101 84.20 4.42 80.67
C GLY E 101 84.07 3.93 82.09
N SER E 102 82.92 4.20 82.72
CA SER E 102 82.67 3.71 84.10
C SER E 102 82.40 2.20 84.02
N ASN E 103 82.10 1.69 82.83
CA ASN E 103 81.83 0.24 82.64
C ASN E 103 83.17 -0.53 82.63
N SER E 104 83.10 -1.85 82.71
CA SER E 104 84.34 -2.67 82.64
C SER E 104 84.48 -3.25 81.23
N LYS E 105 85.64 -3.84 80.94
CA LYS E 105 85.90 -4.39 79.58
C LYS E 105 84.79 -5.38 79.23
N SER E 106 84.30 -6.13 80.22
CA SER E 106 83.24 -7.14 79.96
C SER E 106 82.08 -6.45 79.25
N GLU E 107 81.61 -5.33 79.80
CA GLU E 107 80.52 -4.56 79.14
C GLU E 107 81.05 -4.05 77.80
N ARG E 108 82.23 -3.44 77.82
CA ARG E 108 82.83 -2.93 76.56
C ARG E 108 82.77 -4.05 75.51
N VAL E 109 83.15 -5.27 75.90
CA VAL E 109 83.08 -6.41 74.95
C VAL E 109 81.61 -6.63 74.60
N ALA E 110 80.76 -6.79 75.61
CA ALA E 110 79.32 -7.07 75.36
C ALA E 110 78.78 -6.05 74.35
N ILE E 111 78.93 -4.76 74.65
CA ILE E 111 78.38 -3.71 73.76
C ILE E 111 78.96 -3.91 72.35
N GLN E 112 80.29 -4.06 72.27
CA GLN E 112 80.92 -4.21 70.94
C GLN E 112 80.24 -5.36 70.20
N GLU E 113 80.06 -6.49 70.87
CA GLU E 113 79.39 -7.65 70.23
C GLU E 113 78.08 -7.17 69.63
N GLU E 114 77.29 -6.44 70.42
CA GLU E 114 75.98 -5.94 69.92
C GLU E 114 76.22 -5.05 68.71
N ILE E 115 77.18 -4.12 68.81
CA ILE E 115 77.48 -3.20 67.68
C ILE E 115 77.86 -4.06 66.47
N THR E 116 78.70 -5.07 66.68
CA THR E 116 79.17 -5.92 65.57
C THR E 116 77.95 -6.53 64.88
N ALA E 117 76.99 -7.02 65.68
CA ALA E 117 75.76 -7.60 65.09
C ALA E 117 75.05 -6.51 64.28
N LEU E 118 74.72 -5.40 64.93
CA LEU E 118 74.04 -4.27 64.24
C LEU E 118 74.86 -3.94 63.00
N ASN E 119 76.19 -3.94 63.14
CA ASN E 119 77.07 -3.59 61.99
C ASN E 119 76.70 -4.50 60.81
N ASP E 120 76.66 -5.81 61.06
CA ASP E 120 76.36 -6.75 59.97
C ASP E 120 74.98 -6.40 59.41
N GLU E 121 74.04 -6.02 60.28
CA GLU E 121 72.66 -5.73 59.82
C GLU E 121 72.74 -4.62 58.77
N LEU E 122 73.47 -3.55 59.06
CA LEU E 122 73.57 -2.42 58.11
C LEU E 122 74.11 -2.98 56.79
N ASN E 123 75.16 -3.79 56.87
CA ASN E 123 75.81 -4.31 55.64
C ASN E 123 74.76 -5.08 54.83
N ARG E 124 74.01 -5.99 55.46
CA ARG E 124 73.07 -6.81 54.67
C ARG E 124 72.01 -5.87 54.08
N ILE E 125 71.46 -4.98 54.91
CA ILE E 125 70.41 -4.03 54.41
C ILE E 125 70.93 -3.45 53.10
N ALA E 126 72.19 -3.04 53.09
CA ALA E 126 72.77 -2.40 51.88
C ALA E 126 72.90 -3.43 50.75
N GLU E 127 73.24 -4.68 51.08
CA GLU E 127 73.51 -5.68 50.00
C GLU E 127 72.26 -6.52 49.69
N THR E 128 71.18 -6.35 50.45
CA THR E 128 70.00 -7.23 50.24
C THR E 128 68.87 -6.43 49.57
N THR E 129 68.80 -5.12 49.82
CA THR E 129 67.69 -4.31 49.26
C THR E 129 67.66 -4.48 47.75
N SER E 130 66.49 -4.72 47.17
CA SER E 130 66.45 -4.99 45.70
C SER E 130 65.05 -4.73 45.13
N PHE E 131 64.89 -3.63 44.40
CA PHE E 131 63.59 -3.41 43.72
C PHE E 131 63.41 -4.56 42.72
N GLY E 132 62.56 -5.52 43.03
CA GLY E 132 62.45 -6.69 42.15
C GLY E 132 63.78 -7.43 42.11
N GLY E 133 64.51 -7.31 41.00
CA GLY E 133 65.83 -7.96 40.88
C GLY E 133 66.97 -6.96 41.05
N ASN E 134 66.80 -5.75 40.53
CA ASN E 134 67.90 -4.74 40.58
C ASN E 134 68.22 -4.40 42.03
N LYS E 135 69.51 -4.45 42.41
CA LYS E 135 69.92 -4.05 43.78
C LYS E 135 69.93 -2.52 43.83
N LEU E 136 69.91 -1.93 45.02
CA LEU E 136 69.79 -0.45 45.10
C LEU E 136 70.92 0.16 45.94
N LEU E 137 71.11 -0.30 47.17
CA LEU E 137 72.09 0.38 48.05
C LEU E 137 73.47 -0.29 47.99
N ASN E 138 73.58 -1.47 47.38
CA ASN E 138 74.88 -2.19 47.40
C ASN E 138 75.97 -1.29 46.83
N GLY E 139 75.60 -0.48 45.84
CA GLY E 139 76.58 0.43 45.19
C GLY E 139 76.61 0.21 43.69
N THR E 140 76.06 -0.92 43.23
CA THR E 140 76.10 -1.24 41.78
C THR E 140 75.11 -0.36 41.00
N PHE E 141 74.05 0.12 41.65
CA PHE E 141 73.00 0.89 40.94
C PHE E 141 73.64 2.09 40.22
N SER E 142 74.59 2.76 40.89
CA SER E 142 75.21 3.97 40.30
C SER E 142 74.12 4.98 39.92
N THR E 143 74.05 5.37 38.64
CA THR E 143 73.05 6.36 38.20
C THR E 143 72.33 5.88 36.93
N LYS E 144 71.00 5.94 36.91
CA LYS E 144 70.23 5.57 35.70
C LYS E 144 69.36 6.77 35.32
N SER E 145 69.13 7.00 34.02
CA SER E 145 68.22 8.11 33.65
C SER E 145 66.81 7.55 33.45
N PHE E 146 65.79 8.31 33.87
CA PHE E 146 64.38 7.84 33.74
C PHE E 146 63.65 8.71 32.73
N GLN E 147 63.44 8.19 31.53
CA GLN E 147 62.69 8.95 30.49
C GLN E 147 61.29 9.24 31.04
N ILE E 148 60.97 10.52 31.26
CA ILE E 148 59.65 10.89 31.84
C ILE E 148 58.93 11.84 30.88
N GLY E 149 59.14 11.66 29.58
CA GLY E 149 58.51 12.54 28.57
C GLY E 149 58.04 11.74 27.37
N ALA E 150 57.42 12.39 26.39
CA ALA E 150 56.86 11.64 25.24
C ALA E 150 57.83 11.75 24.06
N ASP E 151 59.02 12.30 24.31
CA ASP E 151 60.05 12.37 23.24
C ASP E 151 61.39 11.93 23.83
N ASN E 152 62.33 11.49 22.99
CA ASN E 152 63.61 10.98 23.51
C ASN E 152 64.42 12.14 24.10
N GLY E 153 65.48 11.83 24.83
CA GLY E 153 66.32 12.89 25.42
C GLY E 153 65.55 13.73 26.41
N GLU E 154 64.60 13.13 27.11
CA GLU E 154 63.83 13.86 28.14
C GLU E 154 64.17 13.24 29.50
N ALA E 155 64.82 12.09 29.49
CA ALA E 155 65.13 11.36 30.75
C ALA E 155 65.82 12.27 31.77
N VAL E 156 65.56 12.03 33.06
CA VAL E 156 66.25 12.79 34.14
C VAL E 156 67.06 11.77 34.95
N MET E 157 68.35 12.00 35.12
CA MET E 157 69.22 11.00 35.80
C MET E 157 68.87 10.86 37.28
N LEU E 158 68.97 9.65 37.82
CA LEU E 158 68.74 9.43 39.28
C LEU E 158 69.91 8.60 39.79
N THR E 159 70.52 8.98 40.92
CA THR E 159 71.72 8.25 41.39
C THR E 159 71.50 7.65 42.77
N LEU E 160 71.86 6.38 42.96
CA LEU E 160 71.79 5.75 44.30
C LEU E 160 73.22 5.46 44.74
N LYS E 161 73.61 5.88 45.94
CA LYS E 161 75.03 5.73 46.35
C LYS E 161 75.20 4.52 47.27
N ASP E 162 76.43 4.03 47.40
CA ASP E 162 76.72 2.88 48.30
C ASP E 162 76.25 3.22 49.71
N MET E 163 75.62 2.26 50.38
CA MET E 163 75.16 2.48 51.77
C MET E 163 75.81 1.44 52.69
N ARG E 164 76.94 0.85 52.26
CA ARG E 164 77.64 -0.13 53.12
C ARG E 164 78.30 0.63 54.28
N SER E 165 78.58 -0.06 55.39
CA SER E 165 79.11 0.64 56.59
C SER E 165 80.60 0.92 56.42
N ASP E 166 81.18 0.63 55.25
CA ASP E 166 82.61 0.95 55.01
C ASP E 166 82.74 1.93 53.84
N ASN E 167 81.70 2.70 53.55
CA ASN E 167 81.81 3.73 52.49
C ASN E 167 82.75 4.83 52.99
N ARG E 168 83.45 5.52 52.08
CA ARG E 168 84.32 6.64 52.49
C ARG E 168 83.49 7.66 53.28
N MET E 169 82.33 8.03 52.75
CA MET E 169 81.47 9.06 53.40
C MET E 169 80.94 8.51 54.72
N MET E 170 80.95 7.19 54.89
CA MET E 170 80.40 6.58 56.12
C MET E 170 81.33 6.86 57.30
N GLY E 171 82.57 7.29 57.03
CA GLY E 171 83.55 7.53 58.11
C GLY E 171 84.37 8.77 57.88
N GLY E 172 85.41 8.98 58.70
CA GLY E 172 86.30 10.13 58.55
C GLY E 172 87.68 9.84 59.10
N THR E 173 88.67 10.66 58.78
CA THR E 173 90.04 10.47 59.35
C THR E 173 90.03 10.94 60.81
N SER E 174 90.55 10.12 61.72
CA SER E 174 90.54 10.47 63.16
C SER E 174 91.96 10.76 63.65
N TYR E 175 92.28 12.03 63.90
CA TYR E 175 93.65 12.41 64.35
C TYR E 175 93.74 12.24 65.86
N VAL E 176 94.85 11.65 66.33
CA VAL E 176 95.04 11.45 67.79
C VAL E 176 96.28 12.23 68.23
N ALA E 177 96.24 12.84 69.41
CA ALA E 177 97.43 13.55 69.94
C ALA E 177 98.45 12.51 70.41
N ALA E 178 99.60 12.40 69.75
CA ALA E 178 100.57 11.35 70.11
C ALA E 178 100.92 11.46 71.60
N GLU E 179 101.26 12.65 72.07
CA GLU E 179 101.68 12.82 73.48
C GLU E 179 100.47 12.64 74.39
N GLY E 180 100.55 11.75 75.38
CA GLY E 180 99.44 11.62 76.34
C GLY E 180 99.56 12.65 77.45
N LYS E 181 98.50 12.83 78.24
CA LYS E 181 98.50 13.87 79.30
C LYS E 181 98.15 13.23 80.64
N ASP E 182 98.56 13.85 81.75
CA ASP E 182 98.33 13.26 83.09
C ASP E 182 96.90 13.56 83.55
N LYS E 183 96.44 12.84 84.58
CA LYS E 183 95.08 13.07 85.13
C LYS E 183 94.88 14.58 85.35
N ASP E 184 95.83 15.23 86.03
CA ASP E 184 95.65 16.67 86.37
C ASP E 184 96.39 17.55 85.35
N TRP E 185 96.60 17.05 84.13
CA TRP E 185 97.22 17.90 83.08
C TRP E 185 96.35 19.14 82.90
N LYS E 186 96.96 20.33 82.91
CA LYS E 186 96.14 21.56 82.82
C LYS E 186 96.64 22.43 81.67
N VAL E 187 95.95 23.54 81.41
CA VAL E 187 96.38 24.47 80.32
C VAL E 187 97.30 25.54 80.91
N GLN E 188 98.61 25.40 80.71
CA GLN E 188 99.56 26.42 81.22
C GLN E 188 99.53 27.61 80.26
N ALA E 189 99.07 28.76 80.74
CA ALA E 189 98.96 29.95 79.86
C ALA E 189 100.30 30.16 79.14
N GLY E 190 100.25 30.38 77.82
CA GLY E 190 101.49 30.56 77.03
C GLY E 190 101.47 29.66 75.81
N ALA E 191 100.87 28.47 75.94
CA ALA E 191 100.74 27.57 74.78
C ALA E 191 99.29 27.08 74.72
N ASN E 192 98.35 27.95 75.07
CA ASN E 192 96.92 27.57 75.12
C ASN E 192 96.26 27.79 73.76
N ASP E 193 97.07 27.91 72.69
CA ASP E 193 96.50 28.21 71.36
C ASP E 193 96.72 26.99 70.45
N ILE E 194 95.69 26.62 69.68
CA ILE E 194 95.82 25.48 68.72
C ILE E 194 95.13 25.89 67.41
N THR E 195 95.78 25.62 66.28
CA THR E 195 95.20 26.01 64.96
C THR E 195 95.01 24.76 64.10
N PHE E 196 93.75 24.43 63.76
CA PHE E 196 93.51 23.28 62.85
C PHE E 196 93.43 23.80 61.42
N THR E 197 94.56 23.86 60.73
CA THR E 197 94.55 24.28 59.31
C THR E 197 94.09 23.08 58.46
N LEU E 198 93.01 23.22 57.71
CA LEU E 198 92.51 22.04 56.95
C LEU E 198 91.96 22.49 55.60
N LYS E 199 91.14 21.63 54.97
CA LYS E 199 90.51 21.96 53.67
C LYS E 199 89.02 21.61 53.75
N ASP E 200 88.12 22.57 53.50
CA ASP E 200 86.67 22.34 53.66
C ASP E 200 86.14 21.41 52.57
N ILE E 201 85.01 20.74 52.84
CA ILE E 201 84.37 19.87 51.82
C ILE E 201 84.18 20.69 50.54
N ASP E 202 84.09 21.95 50.60
CA ASP E 202 83.82 22.85 49.45
C ASP E 202 85.13 23.49 48.99
N GLY E 203 86.28 22.96 49.43
CA GLY E 203 87.58 23.50 49.00
C GLY E 203 87.90 24.83 49.65
N ASN E 204 87.88 24.88 50.99
CA ASN E 204 88.13 26.14 51.73
C ASN E 204 89.07 25.84 52.90
N ASP E 205 90.10 26.66 53.10
CA ASP E 205 91.09 26.37 54.16
C ASP E 205 90.38 26.30 55.51
N GLN E 206 89.39 27.18 55.73
CA GLN E 206 88.62 27.12 56.99
C GLN E 206 89.60 26.94 58.15
N THR E 207 90.67 27.73 58.17
CA THR E 207 91.71 27.57 59.21
C THR E 207 91.12 28.01 60.56
N ILE E 208 90.83 27.04 61.43
CA ILE E 208 90.21 27.36 62.75
C ILE E 208 91.33 27.47 63.80
N THR E 209 91.14 28.31 64.80
CA THR E 209 92.13 28.43 65.90
C THR E 209 91.39 28.43 67.24
N VAL E 210 91.74 27.51 68.13
CA VAL E 210 91.06 27.42 69.46
C VAL E 210 91.99 27.98 70.53
N ASN E 211 91.58 29.07 71.18
CA ASN E 211 92.40 29.63 72.29
C ASN E 211 91.96 28.97 73.60
N ALA E 212 92.35 27.72 73.81
CA ALA E 212 91.89 26.99 75.01
C ALA E 212 92.05 27.90 76.24
N LYS E 213 90.97 28.04 77.03
CA LYS E 213 91.05 28.86 78.26
C LYS E 213 92.16 28.28 79.15
N GLU E 214 92.84 29.14 79.91
CA GLU E 214 94.00 28.67 80.73
C GLU E 214 93.54 27.84 81.92
N GLY E 215 94.25 26.76 82.23
CA GLY E 215 93.93 25.96 83.44
C GLY E 215 92.97 24.81 83.19
N ASP E 216 92.36 24.76 82.01
CA ASP E 216 91.34 23.72 81.73
C ASP E 216 92.01 22.34 81.75
N ASP E 217 91.29 21.32 82.24
CA ASP E 217 91.84 19.94 82.18
C ASP E 217 91.71 19.43 80.74
N ILE E 218 92.52 18.44 80.36
CA ILE E 218 92.52 17.95 78.95
C ILE E 218 91.07 17.74 78.51
N GLU E 219 90.24 17.13 79.36
CA GLU E 219 88.83 16.85 79.01
C GLU E 219 88.10 18.17 78.75
N GLU E 220 88.26 19.14 79.67
CA GLU E 220 87.60 20.45 79.49
C GLU E 220 88.05 21.07 78.17
N VAL E 221 89.34 20.98 77.88
CA VAL E 221 89.87 21.54 76.60
C VAL E 221 89.09 20.90 75.46
N ALA E 222 89.02 19.57 75.45
CA ALA E 222 88.28 18.87 74.38
C ALA E 222 86.91 19.52 74.21
N THR E 223 86.16 19.64 75.31
CA THR E 223 84.81 20.24 75.24
C THR E 223 84.94 21.62 74.61
N TYR E 224 85.93 22.40 75.06
CA TYR E 224 86.14 23.76 74.52
C TYR E 224 86.33 23.64 73.01
N ILE E 225 87.16 22.69 72.59
CA ILE E 225 87.44 22.53 71.14
C ILE E 225 86.10 22.37 70.42
N ASN E 226 85.27 21.43 70.88
CA ASN E 226 83.98 21.17 70.18
C ASN E 226 83.17 22.46 70.13
N GLY E 227 83.10 23.17 71.25
CA GLY E 227 82.31 24.41 71.30
C GLY E 227 82.84 25.41 70.29
N GLN E 228 84.16 25.49 70.13
CA GLN E 228 84.75 26.51 69.22
C GLN E 228 84.27 26.28 67.79
N THR E 229 84.20 25.03 67.32
CA THR E 229 83.82 24.82 65.90
C THR E 229 83.23 23.42 65.69
N ASP E 230 82.40 23.26 64.65
CA ASP E 230 81.81 21.94 64.33
C ASP E 230 82.57 21.33 63.16
N MET E 231 83.52 22.08 62.60
CA MET E 231 84.31 21.57 61.45
C MET E 231 85.16 20.38 61.93
N VAL E 232 85.38 20.28 63.24
CA VAL E 232 86.20 19.17 63.80
C VAL E 232 85.53 18.67 65.08
N LYS E 233 85.92 17.48 65.55
CA LYS E 233 85.33 16.90 66.78
C LYS E 233 86.45 16.57 67.76
N ALA E 234 86.16 16.50 69.07
CA ALA E 234 87.21 16.28 70.08
C ALA E 234 86.86 15.08 70.97
N SER E 235 87.88 14.36 71.45
CA SER E 235 87.65 13.16 72.31
C SER E 235 88.90 12.90 73.15
N VAL E 236 88.78 12.12 74.21
CA VAL E 236 89.96 11.77 75.05
C VAL E 236 89.99 10.25 75.24
N ASN E 237 91.12 9.60 74.93
CA ASN E 237 91.22 8.12 75.07
C ASN E 237 91.61 7.78 76.50
N GLU E 238 91.62 6.49 76.84
CA GLU E 238 92.02 6.04 78.20
C GLU E 238 93.46 6.47 78.47
N LYS E 239 94.30 6.49 77.42
CA LYS E 239 95.72 6.93 77.57
C LYS E 239 95.75 8.38 78.03
N GLY E 240 94.63 9.09 77.93
CA GLY E 240 94.59 10.52 78.31
C GLY E 240 95.03 11.40 77.16
N GLN E 241 95.29 10.80 75.99
CA GLN E 241 95.66 11.59 74.80
C GLN E 241 94.38 12.22 74.21
N LEU E 242 94.53 13.29 73.43
CA LEU E 242 93.35 13.92 72.79
C LEU E 242 93.02 13.19 71.48
N GLN E 243 91.74 13.13 71.12
CA GLN E 243 91.32 12.49 69.85
C GLN E 243 90.51 13.50 69.04
N ILE E 244 91.00 13.88 67.86
CA ILE E 244 90.23 14.81 66.99
C ILE E 244 89.72 14.02 65.76
N PHE E 245 88.40 14.00 65.56
CA PHE E 245 87.81 13.28 64.40
C PHE E 245 87.25 14.31 63.41
N ALA E 246 87.39 14.04 62.11
CA ALA E 246 86.80 14.94 61.09
C ALA E 246 86.14 14.08 60.00
N GLY E 247 84.83 14.24 59.81
CA GLY E 247 84.11 13.42 58.82
C GLY E 247 84.57 13.69 57.40
N ASN E 248 84.60 12.65 56.57
CA ASN E 248 84.96 12.85 55.14
C ASN E 248 83.93 13.77 54.50
N ASN E 249 82.89 14.13 55.27
CA ASN E 249 81.80 14.99 54.74
C ASN E 249 82.13 16.46 55.01
N LYS E 250 83.16 16.74 55.80
CA LYS E 250 83.44 18.16 56.17
C LYS E 250 84.83 18.55 55.68
N VAL E 251 85.81 17.67 55.86
CA VAL E 251 87.21 18.03 55.49
C VAL E 251 87.62 17.24 54.24
N THR E 252 87.75 17.92 53.09
CA THR E 252 88.23 17.23 51.88
C THR E 252 89.77 17.27 51.88
N GLY E 253 90.39 16.59 52.85
CA GLY E 253 91.86 16.55 52.91
C GLY E 253 92.37 16.15 54.28
N ASP E 254 93.55 16.63 54.65
CA ASP E 254 94.17 16.25 55.95
C ASP E 254 93.89 17.34 56.99
N VAL E 255 94.27 17.11 58.25
CA VAL E 255 94.11 18.16 59.29
C VAL E 255 95.50 18.51 59.84
N ALA E 256 95.96 19.74 59.59
CA ALA E 256 97.29 20.17 60.08
C ALA E 256 97.11 20.99 61.35
N PHE E 257 97.67 20.51 62.47
CA PHE E 257 97.52 21.23 63.76
C PHE E 257 98.75 22.09 64.02
N SER E 258 98.55 23.30 64.56
CA SER E 258 99.68 24.20 64.88
C SER E 258 99.39 24.95 66.17
N GLY E 259 100.43 25.41 66.87
CA GLY E 259 100.23 26.13 68.14
C GLY E 259 100.99 25.47 69.28
N GLY E 260 101.02 26.09 70.45
CA GLY E 260 101.68 25.48 71.61
C GLY E 260 100.98 24.19 72.01
N LEU E 261 99.65 24.21 72.03
CA LEU E 261 98.88 22.98 72.33
C LEU E 261 99.33 21.88 71.36
N ALA E 262 99.59 22.26 70.10
CA ALA E 262 100.09 21.27 69.11
C ALA E 262 101.42 20.71 69.62
N GLY E 263 102.31 21.59 70.10
CA GLY E 263 103.57 21.10 70.68
C GLY E 263 103.29 20.19 71.85
N ALA E 264 102.40 20.62 72.75
CA ALA E 264 102.04 19.80 73.94
C ALA E 264 101.39 18.50 73.47
N LEU E 265 100.63 18.56 72.38
CA LEU E 265 99.91 17.35 71.90
C LEU E 265 100.29 17.07 70.44
N ASN E 266 101.52 16.62 70.20
CA ASN E 266 101.91 16.25 68.82
C ASN E 266 100.84 15.30 68.28
N MET E 267 100.44 15.47 67.02
CA MET E 267 99.31 14.64 66.49
C MET E 267 99.87 13.38 65.82
N GLN E 268 98.98 12.47 65.40
CA GLN E 268 99.41 11.18 64.79
C GLN E 268 98.99 11.13 63.31
N ALA E 269 98.69 12.28 62.70
CA ALA E 269 98.34 12.34 61.25
C ALA E 269 96.95 11.77 61.00
N GLY E 270 96.26 11.28 62.03
CA GLY E 270 94.86 10.81 61.86
C GLY E 270 94.76 9.48 61.12
N THR E 271 93.59 8.84 61.19
CA THR E 271 93.36 7.54 60.50
C THR E 271 91.89 7.43 60.08
N ALA E 272 91.62 6.94 58.87
CA ALA E 272 90.23 6.79 58.39
C ALA E 272 89.48 5.78 59.26
N GLU E 273 88.24 6.10 59.64
CA GLU E 273 87.45 5.22 60.52
C GLU E 273 86.01 5.13 60.00
N THR E 274 85.67 4.03 59.33
CA THR E 274 84.27 3.83 58.85
C THR E 274 83.45 3.23 59.98
N VAL E 275 82.12 3.28 59.88
CA VAL E 275 81.25 2.65 60.92
C VAL E 275 81.52 1.15 60.93
N ASP E 276 81.89 0.58 59.79
CA ASP E 276 82.21 -0.87 59.74
C ASP E 276 83.42 -1.13 60.63
N THR E 277 84.41 -0.23 60.62
CA THR E 277 85.67 -0.47 61.37
C THR E 277 85.56 0.03 62.81
N ILE E 278 84.43 0.64 63.20
CA ILE E 278 84.36 1.24 64.57
C ILE E 278 84.56 0.15 65.63
N ASP E 279 85.04 0.55 66.82
CA ASP E 279 85.21 -0.41 67.94
C ASP E 279 85.02 0.37 69.24
N VAL E 280 84.16 -0.12 70.13
CA VAL E 280 83.88 0.64 71.39
C VAL E 280 84.63 0.01 72.56
N THR E 281 85.33 -1.10 72.32
CA THR E 281 86.02 -1.80 73.43
C THR E 281 86.94 -0.80 74.15
N SER E 282 87.65 0.01 73.38
CA SER E 282 88.54 1.05 73.98
C SER E 282 87.72 2.31 74.29
N VAL E 283 87.86 2.85 75.50
CA VAL E 283 87.12 4.09 75.88
C VAL E 283 87.30 5.12 74.76
N GLY E 284 88.55 5.37 74.37
CA GLY E 284 88.82 6.37 73.31
C GLY E 284 88.20 5.93 72.01
N GLY E 285 88.38 4.66 71.64
CA GLY E 285 87.77 4.15 70.41
C GLY E 285 86.27 4.38 70.41
N ALA E 286 85.63 4.12 71.55
CA ALA E 286 84.17 4.36 71.66
C ALA E 286 83.86 5.80 71.29
N GLN E 287 84.47 6.76 71.98
CA GLN E 287 84.15 8.19 71.73
C GLN E 287 84.34 8.47 70.24
N GLN E 288 85.47 8.03 69.67
CA GLN E 288 85.74 8.34 68.24
C GLN E 288 84.58 7.77 67.42
N SER E 289 84.16 6.54 67.73
CA SER E 289 83.06 5.90 66.97
C SER E 289 81.83 6.81 67.01
N VAL E 290 81.56 7.42 68.16
CA VAL E 290 80.35 8.29 68.30
C VAL E 290 80.42 9.34 67.19
N ALA E 291 81.56 10.00 67.06
CA ALA E 291 81.71 11.03 65.99
C ALA E 291 81.58 10.35 64.62
N VAL E 292 82.23 9.19 64.47
CA VAL E 292 82.20 8.49 63.15
C VAL E 292 80.75 8.22 62.79
N ILE E 293 80.01 7.59 63.70
CA ILE E 293 78.61 7.20 63.37
C ILE E 293 77.78 8.47 63.17
N ASP E 294 78.12 9.53 63.90
CA ASP E 294 77.37 10.81 63.76
C ASP E 294 77.58 11.34 62.34
N SER E 295 78.83 11.34 61.87
CA SER E 295 79.12 11.84 60.51
C SER E 295 78.35 10.99 59.50
N ALA E 296 78.31 9.68 59.74
CA ALA E 296 77.58 8.77 58.83
C ALA E 296 76.09 9.13 58.88
N LEU E 297 75.55 9.35 60.08
CA LEU E 297 74.09 9.60 60.22
C LEU E 297 73.72 10.76 59.28
N LYS E 298 74.56 11.79 59.23
CA LYS E 298 74.30 12.93 58.31
C LYS E 298 74.31 12.43 56.87
N TYR E 299 75.30 11.63 56.50
CA TYR E 299 75.40 11.15 55.09
C TYR E 299 74.12 10.42 54.72
N VAL E 300 73.64 9.55 55.63
CA VAL E 300 72.43 8.75 55.29
C VAL E 300 71.28 9.72 55.01
N ASP E 301 71.02 10.62 55.94
CA ASP E 301 69.89 11.58 55.76
C ASP E 301 70.14 12.43 54.53
N SER E 302 71.41 12.72 54.23
CA SER E 302 71.75 13.56 53.05
C SER E 302 71.19 12.90 51.78
N HIS E 303 71.50 11.62 51.58
CA HIS E 303 71.03 10.93 50.35
C HIS E 303 69.52 10.76 50.44
N ARG E 304 69.03 10.49 51.65
CA ARG E 304 67.56 10.36 51.84
C ARG E 304 66.91 11.67 51.36
N ALA E 305 67.52 12.81 51.68
CA ALA E 305 66.97 14.12 51.26
C ALA E 305 66.91 14.17 49.73
N GLU E 306 67.98 13.74 49.06
CA GLU E 306 68.02 13.82 47.58
C GLU E 306 66.87 12.99 47.01
N LEU E 307 66.68 11.78 47.54
CA LEU E 307 65.61 10.90 47.02
C LEU E 307 64.26 11.59 47.25
N GLY E 308 64.09 12.20 48.42
CA GLY E 308 62.84 12.93 48.71
C GLY E 308 62.61 13.99 47.67
N ALA E 309 63.64 14.77 47.35
CA ALA E 309 63.52 15.80 46.30
C ALA E 309 63.11 15.14 44.99
N PHE E 310 63.75 14.01 44.66
CA PHE E 310 63.45 13.32 43.39
C PHE E 310 61.98 12.92 43.36
N GLN E 311 61.50 12.31 44.44
CA GLN E 311 60.11 11.82 44.44
C GLN E 311 59.17 13.00 44.16
N ASN E 312 59.38 14.12 44.86
CA ASN E 312 58.50 15.31 44.66
C ASN E 312 58.64 15.76 43.21
N ARG E 313 59.88 15.88 42.73
CA ARG E 313 60.11 16.36 41.34
C ARG E 313 59.23 15.52 40.42
N PHE E 314 59.23 14.20 40.62
CA PHE E 314 58.47 13.33 39.71
C PHE E 314 56.97 13.62 39.89
N ASN E 315 56.52 13.80 41.13
CA ASN E 315 55.08 14.02 41.37
C ASN E 315 54.61 15.23 40.55
N HIS E 316 55.30 16.37 40.70
CA HIS E 316 54.93 17.58 39.94
C HIS E 316 54.99 17.24 38.45
N ALA E 317 56.06 16.58 38.03
CA ALA E 317 56.23 16.24 36.60
C ALA E 317 55.03 15.41 36.14
N ILE E 318 54.66 14.38 36.90
CA ILE E 318 53.54 13.50 36.50
C ILE E 318 52.32 14.39 36.25
N SER E 319 52.06 15.31 37.18
CA SER E 319 50.87 16.19 37.06
C SER E 319 50.94 16.96 35.75
N ASN E 320 52.08 17.61 35.48
CA ASN E 320 52.20 18.43 34.25
C ASN E 320 51.95 17.53 33.04
N LEU E 321 52.55 16.35 33.03
CA LEU E 321 52.35 15.40 31.90
C LEU E 321 50.85 15.16 31.76
N ASP E 322 50.16 14.88 32.86
CA ASP E 322 48.72 14.58 32.81
C ASP E 322 47.98 15.76 32.19
N ASN E 323 48.27 16.98 32.66
CA ASN E 323 47.55 18.17 32.15
C ASN E 323 47.72 18.22 30.64
N ILE E 324 48.96 18.12 30.17
CA ILE E 324 49.23 18.14 28.70
C ILE E 324 48.42 17.00 28.06
N ASN E 325 48.47 15.81 28.67
CA ASN E 325 47.77 14.65 28.08
C ASN E 325 46.29 14.99 27.93
N GLU E 326 45.69 15.55 28.97
CA GLU E 326 44.24 15.87 28.93
C GLU E 326 43.98 16.80 27.74
N ASN E 327 44.78 17.86 27.64
CA ASN E 327 44.57 18.85 26.55
C ASN E 327 44.85 18.20 25.20
N VAL E 328 45.97 17.47 25.07
CA VAL E 328 46.32 16.94 23.73
C VAL E 328 45.19 16.01 23.29
N ASN E 329 44.63 15.23 24.21
CA ASN E 329 43.53 14.31 23.88
C ASN E 329 42.33 15.15 23.42
N ALA E 330 42.06 16.24 24.12
CA ALA E 330 40.96 17.14 23.70
C ALA E 330 41.24 17.64 22.30
N SER E 331 42.48 18.07 22.06
CA SER E 331 42.84 18.66 20.74
C SER E 331 42.61 17.63 19.64
N LYS E 332 43.14 16.41 19.82
CA LYS E 332 43.04 15.42 18.73
C LYS E 332 41.56 15.18 18.44
N SER E 333 40.74 15.19 19.49
CA SER E 333 39.29 14.89 19.30
C SER E 333 38.70 15.85 18.27
N ARG E 334 38.92 17.16 18.45
CA ARG E 334 38.33 18.16 17.54
C ARG E 334 38.75 17.87 16.11
N ILE E 335 40.02 17.52 15.90
CA ILE E 335 40.55 17.29 14.53
C ILE E 335 40.09 15.93 13.98
N LYS E 336 40.07 14.89 14.82
CA LYS E 336 39.77 13.53 14.30
C LYS E 336 38.40 13.02 14.71
N ASP E 337 38.03 13.09 15.99
CA ASP E 337 36.75 12.48 16.46
C ASP E 337 35.56 13.04 15.67
N THR E 338 34.55 12.20 15.44
CA THR E 338 33.36 12.63 14.64
C THR E 338 32.34 13.31 15.55
N ASP E 339 31.59 14.29 15.02
CA ASP E 339 30.52 14.96 15.80
C ASP E 339 29.21 14.31 15.40
N PHE E 340 28.72 13.36 16.19
CA PHE E 340 27.51 12.60 15.74
C PHE E 340 26.43 13.59 15.28
N ALA E 341 26.33 14.75 15.91
CA ALA E 341 25.27 15.70 15.54
C ALA E 341 25.35 16.02 14.05
N LYS E 342 26.50 16.54 13.61
CA LYS E 342 26.63 16.96 12.19
C LYS E 342 26.53 15.73 11.28
N GLU E 343 27.22 14.66 11.65
CA GLU E 343 27.25 13.46 10.78
C GLU E 343 25.84 12.87 10.65
N THR E 344 25.10 12.79 11.76
CA THR E 344 23.77 12.14 11.70
C THR E 344 22.86 12.93 10.76
N THR E 345 22.90 14.26 10.84
CA THR E 345 22.08 15.10 9.93
C THR E 345 22.55 14.86 8.49
N ALA E 346 23.87 14.79 8.27
CA ALA E 346 24.40 14.60 6.91
C ALA E 346 23.86 13.30 6.33
N LEU E 347 23.90 12.23 7.13
CA LEU E 347 23.38 10.92 6.66
C LEU E 347 21.92 11.11 6.26
N THR E 348 21.15 11.80 7.10
CA THR E 348 19.70 12.00 6.83
C THR E 348 19.53 12.77 5.52
N LYS E 349 20.23 13.89 5.38
CA LYS E 349 20.13 14.70 4.14
C LYS E 349 20.49 13.78 2.97
N SER E 350 21.58 13.04 3.12
CA SER E 350 22.04 12.16 2.01
C SER E 350 20.95 11.16 1.67
N GLN E 351 20.41 10.48 2.68
CA GLN E 351 19.39 9.44 2.42
C GLN E 351 18.21 10.08 1.68
N ILE E 352 17.81 11.28 2.12
CA ILE E 352 16.65 11.98 1.50
C ILE E 352 16.96 12.20 0.02
N LEU E 353 18.10 12.80 -0.28
CA LEU E 353 18.43 13.13 -1.69
C LEU E 353 18.47 11.84 -2.49
N SER E 354 19.01 10.77 -1.90
CA SER E 354 19.12 9.48 -2.61
C SER E 354 17.70 9.01 -2.99
N GLN E 355 16.79 9.05 -2.03
CA GLN E 355 15.40 8.63 -2.31
C GLN E 355 14.82 9.56 -3.36
N ALA E 356 15.08 10.86 -3.22
CA ALA E 356 14.51 11.84 -4.17
C ALA E 356 15.01 11.52 -5.57
N SER E 357 16.33 11.41 -5.73
CA SER E 357 16.91 11.11 -7.07
C SER E 357 16.28 9.83 -7.61
N SER E 358 16.15 8.81 -6.76
CA SER E 358 15.62 7.51 -7.24
C SER E 358 14.22 7.72 -7.82
N SER E 359 13.38 8.46 -7.10
CA SER E 359 12.00 8.71 -7.58
C SER E 359 12.07 9.40 -8.94
N VAL E 360 12.91 10.43 -9.05
CA VAL E 360 13.05 11.18 -10.32
C VAL E 360 13.43 10.19 -11.42
N LEU E 361 14.45 9.38 -11.16
CA LEU E 361 14.93 8.41 -12.18
C LEU E 361 13.75 7.56 -12.64
N ALA E 362 12.92 7.12 -11.69
CA ALA E 362 11.80 6.23 -12.06
C ALA E 362 10.95 6.93 -13.12
N GLN E 363 10.57 8.18 -12.85
CA GLN E 363 9.76 8.95 -13.82
C GLN E 363 10.56 9.13 -15.10
N ALA E 364 11.86 9.42 -14.97
CA ALA E 364 12.71 9.67 -16.16
C ALA E 364 12.72 8.41 -17.04
N LYS E 365 12.81 7.24 -16.43
CA LYS E 365 12.88 5.98 -17.22
C LYS E 365 11.59 5.84 -18.03
N GLN E 366 10.49 6.44 -17.56
CA GLN E 366 9.20 6.32 -18.26
C GLN E 366 9.11 7.35 -19.38
N ALA E 367 10.10 8.24 -19.50
CA ALA E 367 10.01 9.31 -20.51
C ALA E 367 9.91 8.72 -21.92
N PRO E 368 10.89 7.91 -22.42
CA PRO E 368 10.80 7.43 -23.80
C PRO E 368 9.49 6.67 -24.00
N ASN E 369 8.96 6.05 -22.95
CA ASN E 369 7.66 5.34 -23.04
C ASN E 369 6.67 6.27 -23.76
N ALA E 370 6.81 7.58 -23.54
CA ALA E 370 5.88 8.55 -24.16
C ALA E 370 6.01 8.47 -25.68
N ALA E 371 7.19 8.06 -26.16
CA ALA E 371 7.41 8.00 -27.61
C ALA E 371 6.50 6.92 -28.22
N LEU E 372 6.66 5.68 -27.76
CA LEU E 372 5.87 4.60 -28.40
C LEU E 372 4.38 4.96 -28.37
N SER E 373 3.99 5.92 -27.52
CA SER E 373 2.58 6.36 -27.52
C SER E 373 2.23 6.92 -28.91
N LEU E 374 3.08 7.80 -29.44
CA LEU E 374 2.78 8.44 -30.75
C LEU E 374 2.88 7.40 -31.86
N LEU E 375 4.01 6.69 -31.93
CA LEU E 375 4.21 5.72 -33.04
C LEU E 375 3.07 4.70 -32.99
N GLY E 376 2.46 4.42 -34.15
CA GLY E 376 1.32 3.49 -34.20
C GLY E 376 0.36 3.74 -33.04
N ALA F 1 -5.31 14.66 -76.90
CA ALA F 1 -5.55 13.70 -78.00
C ALA F 1 -5.71 12.30 -77.40
N VAL F 2 -6.90 11.70 -77.54
CA VAL F 2 -7.16 10.36 -76.96
C VAL F 2 -6.22 9.34 -77.63
N ASN F 3 -5.38 8.69 -76.83
CA ASN F 3 -4.42 7.69 -77.38
C ASN F 3 -4.21 6.59 -76.33
N VAL F 4 -3.75 5.42 -76.76
CA VAL F 4 -3.62 4.29 -75.79
C VAL F 4 -2.16 3.81 -75.77
N ASN F 5 -1.32 4.30 -76.69
CA ASN F 5 0.07 3.78 -76.75
C ASN F 5 0.95 4.54 -75.76
N THR F 6 0.38 5.51 -75.05
CA THR F 6 1.15 6.30 -74.05
C THR F 6 0.20 6.74 -72.93
N ASN F 7 0.68 6.77 -71.68
CA ASN F 7 -0.18 7.26 -70.57
C ASN F 7 0.69 8.15 -69.67
N VAL F 8 1.01 9.35 -70.14
CA VAL F 8 1.88 10.27 -69.36
C VAL F 8 1.31 10.39 -67.95
N ALA F 9 -0.02 10.42 -67.84
CA ALA F 9 -0.68 10.53 -66.52
C ALA F 9 -0.15 9.42 -65.62
N ALA F 10 -0.17 8.17 -66.09
CA ALA F 10 0.28 7.04 -65.27
C ALA F 10 1.75 7.25 -64.89
N MET F 11 2.57 7.61 -65.88
CA MET F 11 4.02 7.80 -65.61
C MET F 11 4.16 8.82 -64.48
N THR F 12 3.45 9.94 -64.60
CA THR F 12 3.55 11.00 -63.58
C THR F 12 3.19 10.42 -62.22
N ALA F 13 2.07 9.68 -62.17
CA ALA F 13 1.60 9.13 -60.88
C ALA F 13 2.69 8.21 -60.30
N GLN F 14 3.17 7.27 -61.09
CA GLN F 14 4.17 6.30 -60.56
C GLN F 14 5.35 7.09 -60.01
N ARG F 15 5.84 8.06 -60.79
CA ARG F 15 6.99 8.87 -60.35
C ARG F 15 6.73 9.37 -58.91
N TYR F 16 5.52 9.85 -58.65
CA TYR F 16 5.21 10.43 -57.32
C TYR F 16 5.06 9.30 -56.32
N LEU F 17 4.45 8.19 -56.74
CA LEU F 17 4.24 7.03 -55.83
C LEU F 17 5.60 6.53 -55.34
N THR F 18 6.55 6.33 -56.26
CA THR F 18 7.86 5.78 -55.87
C THR F 18 8.47 6.68 -54.81
N GLY F 19 8.53 7.98 -55.08
CA GLY F 19 9.14 8.91 -54.13
C GLY F 19 8.50 8.76 -52.76
N ALA F 20 7.18 8.65 -52.73
CA ALA F 20 6.47 8.48 -51.45
C ALA F 20 6.97 7.21 -50.76
N THR F 21 6.88 6.07 -51.44
CA THR F 21 7.25 4.78 -50.79
C THR F 21 8.68 4.89 -50.28
N ASN F 22 9.58 5.45 -51.09
CA ASN F 22 11.00 5.57 -50.68
C ASN F 22 11.06 6.37 -49.38
N ALA F 23 10.39 7.53 -49.35
CA ALA F 23 10.43 8.38 -48.14
C ALA F 23 9.83 7.61 -46.97
N GLN F 24 8.74 6.89 -47.22
CA GLN F 24 8.10 6.08 -46.15
C GLN F 24 9.13 5.09 -45.63
N GLN F 25 9.84 4.41 -46.55
CA GLN F 25 10.89 3.45 -46.13
C GLN F 25 11.90 4.21 -45.26
N THR F 26 12.34 5.37 -45.72
CA THR F 26 13.38 6.13 -44.97
C THR F 26 12.85 6.42 -43.57
N SER F 27 11.62 6.93 -43.48
CA SER F 27 11.04 7.27 -42.16
C SER F 27 10.94 6.00 -41.30
N MET F 28 10.38 4.93 -41.87
CA MET F 28 10.19 3.68 -41.07
C MET F 28 11.55 3.22 -40.54
N GLU F 29 12.57 3.26 -41.38
CA GLU F 29 13.93 2.84 -40.95
C GLU F 29 14.32 3.66 -39.72
N ARG F 30 14.20 4.98 -39.82
CA ARG F 30 14.63 5.86 -38.70
C ARG F 30 13.81 5.50 -37.47
N LEU F 31 12.49 5.30 -37.65
CA LEU F 31 11.61 4.99 -36.51
C LEU F 31 12.07 3.69 -35.85
N SER F 32 12.34 2.65 -36.65
CA SER F 32 12.72 1.33 -36.08
C SER F 32 14.06 1.44 -35.36
N SER F 33 15.09 1.90 -36.07
CA SER F 33 16.45 1.96 -35.48
C SER F 33 16.47 2.91 -34.29
N GLY F 34 15.78 4.04 -34.40
CA GLY F 34 15.82 5.05 -33.33
C GLY F 34 16.87 6.10 -33.64
N PHE F 35 17.50 5.99 -34.81
CA PHE F 35 18.55 6.97 -35.21
C PHE F 35 18.18 7.63 -36.54
N LYS F 36 18.24 8.96 -36.59
CA LYS F 36 17.95 9.69 -37.84
C LYS F 36 19.01 9.33 -38.88
N ILE F 37 20.28 9.28 -38.48
CA ILE F 37 21.39 8.98 -39.43
C ILE F 37 21.74 7.49 -39.35
N ASN F 38 21.17 6.67 -40.25
CA ASN F 38 21.45 5.21 -40.25
C ASN F 38 22.38 4.88 -41.42
N SER F 39 22.87 5.91 -42.12
CA SER F 39 23.80 5.72 -43.26
C SER F 39 24.43 7.08 -43.59
N ALA F 40 25.56 7.09 -44.30
CA ALA F 40 26.27 8.37 -44.57
C ALA F 40 25.37 9.33 -45.34
N LYS F 41 24.55 8.81 -46.26
CA LYS F 41 23.68 9.67 -47.08
C LYS F 41 22.86 10.61 -46.20
N ASP F 42 22.37 10.11 -45.07
CA ASP F 42 21.49 10.93 -44.18
C ASP F 42 22.18 12.23 -43.78
N ASP F 43 23.42 12.15 -43.28
CA ASP F 43 24.18 13.37 -42.92
C ASP F 43 25.67 13.01 -42.85
N ALA F 44 26.37 13.08 -43.98
CA ALA F 44 27.79 12.66 -43.99
C ALA F 44 28.52 13.30 -42.81
N ALA F 45 28.41 14.63 -42.69
CA ALA F 45 29.12 15.35 -41.60
C ALA F 45 28.58 14.86 -40.26
N GLY F 46 27.27 14.61 -40.19
CA GLY F 46 26.69 14.12 -38.94
C GLY F 46 27.28 12.78 -38.56
N LEU F 47 27.39 11.88 -39.53
CA LEU F 47 28.00 10.56 -39.26
C LEU F 47 29.38 10.81 -38.63
N GLN F 48 30.20 11.63 -39.28
CA GLN F 48 31.58 11.84 -38.76
C GLN F 48 31.51 12.43 -37.35
N ILE F 49 30.75 13.51 -37.15
CA ILE F 49 30.78 14.12 -35.79
C ILE F 49 30.17 13.12 -34.80
N SER F 50 29.07 12.48 -35.18
CA SER F 50 28.39 11.57 -34.22
C SER F 50 29.33 10.41 -33.89
N ASN F 51 29.95 9.83 -34.90
CA ASN F 51 30.84 8.67 -34.66
C ASN F 51 31.94 9.12 -33.72
N ARG F 52 32.49 10.31 -33.96
CA ARG F 52 33.60 10.81 -33.10
C ARG F 52 33.05 11.04 -31.69
N LEU F 53 31.83 11.55 -31.57
CA LEU F 53 31.20 11.75 -30.23
C LEU F 53 30.95 10.39 -29.59
N ASN F 54 30.45 9.42 -30.37
CA ASN F 54 30.18 8.07 -29.82
C ASN F 54 31.50 7.53 -29.27
N VAL F 55 32.57 7.67 -30.04
CA VAL F 55 33.90 7.22 -29.55
C VAL F 55 34.17 7.91 -28.22
N GLN F 56 34.01 9.24 -28.17
CA GLN F 56 34.35 9.98 -26.91
C GLN F 56 33.52 9.43 -25.77
N SER F 57 32.21 9.28 -25.97
CA SER F 57 31.33 8.84 -24.86
C SER F 57 31.80 7.47 -24.35
N ARG F 58 31.93 6.50 -25.26
CA ARG F 58 32.29 5.12 -24.82
C ARG F 58 33.63 5.19 -24.10
N GLY F 59 34.60 5.90 -24.67
CA GLY F 59 35.94 5.99 -24.06
C GLY F 59 35.87 6.66 -22.70
N LEU F 60 34.99 7.65 -22.54
CA LEU F 60 34.83 8.32 -21.23
C LEU F 60 34.39 7.28 -20.20
N ASP F 61 33.48 6.38 -20.59
CA ASP F 61 33.03 5.30 -19.67
C ASP F 61 34.24 4.45 -19.28
N VAL F 62 35.02 4.04 -20.28
CA VAL F 62 36.21 3.19 -20.00
C VAL F 62 37.10 3.96 -19.03
N ALA F 63 37.29 5.26 -19.29
CA ALA F 63 38.17 6.07 -18.41
C ALA F 63 37.61 6.07 -16.99
N VAL F 64 36.29 6.21 -16.84
CA VAL F 64 35.71 6.32 -15.47
C VAL F 64 36.04 5.02 -14.72
N ARG F 65 35.84 3.87 -15.37
CA ARG F 65 36.19 2.58 -14.73
C ARG F 65 37.69 2.59 -14.40
N ASN F 66 38.51 3.00 -15.37
CA ASN F 66 39.98 2.99 -15.16
C ASN F 66 40.29 3.83 -13.92
N ALA F 67 39.73 5.03 -13.83
CA ALA F 67 40.03 5.92 -12.69
C ALA F 67 39.50 5.28 -11.40
N ASN F 68 38.32 4.64 -11.47
CA ASN F 68 37.76 3.96 -10.29
C ASN F 68 38.74 2.87 -9.86
N ASP F 69 39.36 2.18 -10.81
CA ASP F 69 40.38 1.16 -10.46
C ASP F 69 41.56 1.85 -9.77
N GLY F 70 41.98 3.00 -10.30
CA GLY F 70 43.10 3.74 -9.67
C GLY F 70 42.74 4.11 -8.25
N ILE F 71 41.50 4.54 -8.03
CA ILE F 71 41.03 4.86 -6.66
C ILE F 71 41.16 3.59 -5.82
N SER F 72 40.65 2.47 -6.34
CA SER F 72 40.67 1.21 -5.57
C SER F 72 42.11 0.92 -5.15
N ILE F 73 43.05 0.94 -6.10
CA ILE F 73 44.46 0.59 -5.77
C ILE F 73 44.93 1.52 -4.64
N ALA F 74 44.72 2.82 -4.80
CA ALA F 74 45.22 3.77 -3.78
C ALA F 74 44.59 3.40 -2.43
N GLN F 75 43.27 3.16 -2.42
CA GLN F 75 42.57 2.86 -1.16
C GLN F 75 43.19 1.60 -0.54
N THR F 76 43.36 0.54 -1.34
CA THR F 76 43.90 -0.72 -0.81
C THR F 76 45.24 -0.42 -0.14
N ALA F 77 46.11 0.31 -0.84
CA ALA F 77 47.45 0.62 -0.29
C ALA F 77 47.30 1.49 0.97
N GLU F 78 46.43 2.48 0.92
CA GLU F 78 46.30 3.42 2.07
C GLU F 78 45.99 2.60 3.33
N GLY F 79 45.06 1.66 3.22
CA GLY F 79 44.65 0.87 4.41
C GLY F 79 45.83 0.13 5.01
N ALA F 80 46.67 -0.45 4.16
CA ALA F 80 47.87 -1.18 4.65
C ALA F 80 48.72 -0.21 5.48
N MET F 81 49.00 0.97 4.93
CA MET F 81 49.88 1.92 5.64
C MET F 81 49.24 2.29 6.98
N ASN F 82 47.90 2.29 7.03
CA ASN F 82 47.20 2.63 8.29
C ASN F 82 47.65 1.65 9.38
N GLU F 83 47.53 0.35 9.11
CA GLU F 83 47.92 -0.67 10.11
C GLU F 83 49.40 -0.50 10.41
N THR F 84 50.21 -0.26 9.38
CA THR F 84 51.67 -0.06 9.59
C THR F 84 51.86 0.99 10.67
N THR F 85 51.19 2.14 10.52
CA THR F 85 51.33 3.23 11.51
C THR F 85 51.13 2.66 12.92
N ASN F 86 50.02 1.95 13.11
CA ASN F 86 49.71 1.41 14.46
C ASN F 86 50.93 0.67 14.98
N ILE F 87 51.43 -0.28 14.20
CA ILE F 87 52.60 -1.09 14.64
C ILE F 87 53.74 -0.15 14.98
N LEU F 88 54.02 0.82 14.10
CA LEU F 88 55.11 1.79 14.37
C LEU F 88 54.85 2.45 15.73
N GLN F 89 53.63 2.97 15.92
CA GLN F 89 53.32 3.71 17.18
C GLN F 89 53.53 2.75 18.35
N ARG F 90 53.06 1.51 18.22
CA ARG F 90 53.18 0.54 19.33
C ARG F 90 54.66 0.37 19.66
N MET F 91 55.49 0.21 18.63
CA MET F 91 56.94 0.05 18.85
C MET F 91 57.47 1.28 19.58
N ARG F 92 57.02 2.46 19.18
CA ARG F 92 57.52 3.71 19.80
C ARG F 92 57.23 3.66 21.31
N ASP F 93 56.01 3.25 21.66
CA ASP F 93 55.66 3.15 23.10
C ASP F 93 56.60 2.14 23.77
N LEU F 94 56.79 0.98 23.16
CA LEU F 94 57.65 -0.07 23.76
C LEU F 94 59.02 0.56 24.03
N SER F 95 59.56 1.25 23.03
CA SER F 95 60.92 1.84 23.17
C SER F 95 60.91 2.79 24.37
N LEU F 96 59.97 3.74 24.40
CA LEU F 96 59.95 4.73 25.49
C LEU F 96 59.97 3.99 26.83
N GLN F 97 59.18 2.92 26.94
CA GLN F 97 59.17 2.12 28.20
C GLN F 97 60.54 1.50 28.41
N SER F 98 61.07 0.82 27.39
CA SER F 98 62.39 0.16 27.52
C SER F 98 63.39 1.15 28.11
N ALA F 99 63.44 2.35 27.54
CA ALA F 99 64.42 3.36 27.98
C ALA F 99 64.34 3.55 29.50
N ASN F 100 63.14 3.48 30.08
CA ASN F 100 63.03 3.78 31.54
C ASN F 100 64.14 3.03 32.28
N GLY F 101 64.92 3.75 33.10
CA GLY F 101 66.05 3.13 33.81
C GLY F 101 65.62 2.03 34.76
N SER F 102 64.38 2.07 35.22
CA SER F 102 63.89 1.07 36.21
C SER F 102 64.02 -0.32 35.62
N ASN F 103 63.82 -0.45 34.31
CA ASN F 103 63.89 -1.77 33.64
C ASN F 103 65.32 -2.31 33.76
N SER F 104 65.47 -3.63 33.84
CA SER F 104 66.82 -4.25 33.85
C SER F 104 67.03 -4.93 32.49
N LYS F 105 68.21 -5.50 32.26
CA LYS F 105 68.51 -6.13 30.96
C LYS F 105 67.44 -7.18 30.65
N SER F 106 66.99 -7.91 31.68
CA SER F 106 66.02 -9.00 31.45
C SER F 106 64.76 -8.47 30.76
N GLU F 107 64.15 -7.43 31.32
CA GLU F 107 62.88 -6.93 30.73
C GLU F 107 63.21 -6.32 29.36
N ARG F 108 64.36 -5.66 29.25
CA ARG F 108 64.69 -4.99 27.96
C ARG F 108 64.73 -6.08 26.88
N VAL F 109 65.20 -7.28 27.24
CA VAL F 109 65.19 -8.41 26.26
C VAL F 109 63.73 -8.68 25.86
N ALA F 110 62.84 -8.77 26.85
CA ALA F 110 61.42 -9.08 26.55
C ALA F 110 60.88 -8.01 25.60
N ILE F 111 61.17 -6.75 25.90
CA ILE F 111 60.66 -5.65 25.04
C ILE F 111 61.20 -5.87 23.63
N GLN F 112 62.51 -6.12 23.52
CA GLN F 112 63.12 -6.35 22.18
C GLN F 112 62.34 -7.47 21.48
N GLU F 113 61.92 -8.50 22.24
CA GLU F 113 61.24 -9.66 21.62
C GLU F 113 59.98 -9.15 20.90
N GLU F 114 59.19 -8.31 21.57
CA GLU F 114 57.93 -7.83 20.96
C GLU F 114 58.29 -7.00 19.72
N ILE F 115 59.21 -6.04 19.89
CA ILE F 115 59.63 -5.19 18.75
C ILE F 115 60.05 -6.10 17.60
N THR F 116 60.91 -7.10 17.87
CA THR F 116 61.41 -7.96 16.78
C THR F 116 60.23 -8.47 15.97
N ALA F 117 59.19 -8.94 16.66
CA ALA F 117 57.99 -9.45 15.96
C ALA F 117 57.36 -8.33 15.14
N LEU F 118 57.19 -7.16 15.74
CA LEU F 118 56.54 -6.04 15.02
C LEU F 118 57.38 -5.75 13.77
N ASN F 119 58.70 -5.63 13.94
CA ASN F 119 59.59 -5.38 12.79
C ASN F 119 59.21 -6.33 11.65
N ASP F 120 59.15 -7.63 11.95
CA ASP F 120 58.84 -8.62 10.90
C ASP F 120 57.43 -8.35 10.35
N GLU F 121 56.48 -8.02 11.22
CA GLU F 121 55.09 -7.82 10.76
C GLU F 121 55.06 -6.65 9.77
N LEU F 122 55.77 -5.57 10.07
CA LEU F 122 55.85 -4.46 9.09
C LEU F 122 56.26 -5.04 7.75
N ASN F 123 57.37 -5.77 7.73
CA ASN F 123 57.88 -6.29 6.43
C ASN F 123 56.79 -7.14 5.79
N ARG F 124 56.11 -7.98 6.58
CA ARG F 124 55.08 -8.87 5.99
C ARG F 124 54.09 -7.99 5.23
N ILE F 125 53.50 -7.01 5.92
CA ILE F 125 52.44 -6.17 5.28
C ILE F 125 53.03 -5.62 3.98
N ALA F 126 54.28 -5.17 4.02
CA ALA F 126 54.91 -4.57 2.83
C ALA F 126 55.05 -5.60 1.71
N GLU F 127 55.40 -6.84 2.03
CA GLU F 127 55.67 -7.84 0.97
C GLU F 127 54.41 -8.65 0.63
N THR F 128 53.30 -8.41 1.32
CA THR F 128 52.09 -9.24 1.08
C THR F 128 50.94 -8.41 0.52
N THR F 129 50.86 -7.13 0.86
CA THR F 129 49.73 -6.29 0.38
C THR F 129 49.75 -6.27 -1.14
N SER F 130 48.67 -6.73 -1.79
CA SER F 130 48.65 -6.82 -3.27
C SER F 130 47.25 -6.50 -3.80
N PHE F 131 47.13 -6.28 -5.11
CA PHE F 131 45.83 -5.97 -5.74
C PHE F 131 45.57 -7.01 -6.82
N GLY F 132 45.15 -8.20 -6.43
CA GLY F 132 44.93 -9.28 -7.41
C GLY F 132 46.24 -9.97 -7.76
N GLY F 133 47.23 -9.86 -6.87
CA GLY F 133 48.55 -10.48 -7.10
C GLY F 133 49.62 -9.43 -7.30
N ASN F 134 49.23 -8.23 -7.75
CA ASN F 134 50.22 -7.16 -8.02
C ASN F 134 50.64 -6.55 -6.67
N LYS F 135 51.87 -6.80 -6.24
CA LYS F 135 52.35 -6.26 -4.93
C LYS F 135 52.33 -4.73 -5.01
N LEU F 136 52.16 -4.06 -3.89
CA LEU F 136 52.01 -2.58 -3.92
C LEU F 136 53.06 -1.87 -3.05
N LEU F 137 53.48 -2.49 -1.95
CA LEU F 137 54.37 -1.75 -1.01
C LEU F 137 55.81 -2.26 -1.06
N ASN F 138 56.05 -3.41 -1.72
CA ASN F 138 57.43 -3.99 -1.70
C ASN F 138 58.39 -3.02 -2.40
N GLY F 139 57.88 -2.31 -3.41
CA GLY F 139 58.74 -1.38 -4.17
C GLY F 139 58.60 -1.65 -5.66
N THR F 140 58.19 -2.87 -6.02
CA THR F 140 58.07 -3.24 -7.45
C THR F 140 57.09 -2.29 -8.15
N PHE F 141 55.90 -2.14 -7.59
CA PHE F 141 54.92 -1.18 -8.18
C PHE F 141 55.54 0.22 -8.09
N SER F 142 55.72 0.87 -9.24
CA SER F 142 56.38 2.20 -9.23
C SER F 142 55.90 3.04 -10.43
N THR F 143 55.47 4.28 -10.17
CA THR F 143 55.07 5.21 -11.25
C THR F 143 54.26 4.50 -12.34
N LYS F 144 53.10 3.94 -12.00
CA LYS F 144 52.22 3.35 -13.06
C LYS F 144 51.30 4.47 -13.56
N SER F 145 51.20 4.64 -14.87
CA SER F 145 50.40 5.77 -15.41
C SER F 145 48.96 5.31 -15.62
N PHE F 146 48.00 5.99 -15.00
CA PHE F 146 46.58 5.58 -15.10
C PHE F 146 45.85 6.44 -16.12
N GLN F 147 45.68 5.92 -17.34
CA GLN F 147 44.96 6.67 -18.39
C GLN F 147 43.54 6.95 -17.91
N ILE F 148 43.15 8.23 -17.82
CA ILE F 148 41.80 8.60 -17.29
C ILE F 148 41.10 9.55 -18.26
N GLY F 149 41.10 9.24 -19.55
CA GLY F 149 40.52 10.18 -20.53
C GLY F 149 40.19 9.52 -21.86
N ALA F 150 39.27 10.11 -22.62
CA ALA F 150 38.84 9.50 -23.90
C ALA F 150 40.02 9.36 -24.85
N ASP F 151 40.90 10.34 -24.91
CA ASP F 151 42.03 10.30 -25.87
C ASP F 151 43.28 9.77 -25.16
N ASN F 152 44.33 9.48 -25.91
CA ASN F 152 45.56 8.91 -25.31
C ASN F 152 46.42 10.01 -24.69
N GLY F 153 47.48 9.63 -23.98
CA GLY F 153 48.42 10.62 -23.42
C GLY F 153 47.76 11.63 -22.51
N GLU F 154 46.96 11.18 -21.56
CA GLU F 154 46.38 12.12 -20.56
C GLU F 154 46.40 11.42 -19.20
N ALA F 155 47.22 10.39 -19.06
CA ALA F 155 47.28 9.61 -17.80
C ALA F 155 47.94 10.41 -16.68
N VAL F 156 47.80 9.94 -15.44
CA VAL F 156 48.43 10.62 -14.28
C VAL F 156 49.32 9.59 -13.58
N MET F 157 50.54 9.98 -13.22
CA MET F 157 51.51 9.03 -12.62
C MET F 157 51.13 8.76 -11.15
N LEU F 158 51.17 7.50 -10.73
CA LEU F 158 50.92 7.17 -9.31
C LEU F 158 52.15 6.42 -8.78
N THR F 159 52.82 6.98 -7.77
CA THR F 159 54.08 6.34 -7.28
C THR F 159 53.83 5.67 -5.93
N LEU F 160 53.89 4.34 -5.89
CA LEU F 160 53.75 3.62 -4.59
C LEU F 160 55.16 3.39 -4.03
N LYS F 161 55.55 4.13 -2.99
CA LYS F 161 56.92 4.04 -2.44
C LYS F 161 57.09 2.76 -1.61
N ASP F 162 58.33 2.32 -1.41
CA ASP F 162 58.62 1.12 -0.59
C ASP F 162 58.19 1.41 0.85
N MET F 163 57.68 0.40 1.55
CA MET F 163 57.24 0.58 2.96
C MET F 163 57.97 -0.43 3.86
N ARG F 164 59.02 -1.06 3.35
CA ARG F 164 59.75 -2.10 4.13
C ARG F 164 60.44 -1.45 5.32
N SER F 165 60.55 -2.18 6.43
CA SER F 165 61.15 -1.62 7.68
C SER F 165 62.62 -1.26 7.47
N ASP F 166 63.18 -1.52 6.29
CA ASP F 166 64.62 -1.27 6.07
C ASP F 166 64.82 -0.20 4.98
N ASN F 167 63.73 0.30 4.40
CA ASN F 167 63.86 1.41 3.41
C ASN F 167 64.63 2.56 4.07
N ARG F 168 65.59 3.13 3.36
CA ARG F 168 66.43 4.20 3.95
C ARG F 168 65.52 5.31 4.48
N MET F 169 64.48 5.66 3.73
CA MET F 169 63.57 6.77 4.14
C MET F 169 63.04 6.49 5.54
N MET F 170 62.70 5.23 5.82
CA MET F 170 62.20 4.86 7.18
C MET F 170 63.40 4.75 8.11
N GLY F 171 64.14 5.85 8.31
CA GLY F 171 65.32 5.85 9.18
C GLY F 171 66.15 7.11 9.00
N GLY F 172 67.39 7.10 9.47
CA GLY F 172 68.27 8.27 9.34
C GLY F 172 69.67 7.99 9.85
N THR F 173 70.62 8.88 9.58
CA THR F 173 72.00 8.71 10.10
C THR F 173 71.99 8.99 11.61
N SER F 174 72.78 8.23 12.38
CA SER F 174 72.82 8.42 13.85
C SER F 174 74.27 8.67 14.30
N TYR F 175 74.52 9.84 14.89
CA TYR F 175 75.89 10.20 15.33
C TYR F 175 75.93 10.15 16.85
N VAL F 176 76.94 9.47 17.41
CA VAL F 176 77.05 9.34 18.88
C VAL F 176 78.38 9.97 19.33
N ALA F 177 78.41 10.56 20.52
CA ALA F 177 79.65 11.16 21.04
C ALA F 177 80.61 10.04 21.46
N ALA F 178 81.87 10.38 21.70
CA ALA F 178 82.85 9.35 22.13
C ALA F 178 83.10 9.51 23.63
N GLU F 179 83.15 10.74 24.12
CA GLU F 179 83.48 10.98 25.56
C GLU F 179 82.19 10.98 26.39
N GLY F 180 81.98 9.92 27.18
CA GLY F 180 80.80 9.87 28.07
C GLY F 180 81.00 10.75 29.29
N LYS F 181 80.01 11.56 29.64
CA LYS F 181 80.13 12.48 30.80
C LYS F 181 79.35 11.88 31.97
N ASP F 182 79.96 11.79 33.14
CA ASP F 182 79.30 11.11 34.30
C ASP F 182 78.26 12.04 34.92
N LYS F 183 77.47 11.51 35.87
CA LYS F 183 76.41 12.31 36.53
C LYS F 183 77.04 13.57 37.12
N ASP F 184 78.26 13.48 37.62
CA ASP F 184 78.88 14.65 38.30
C ASP F 184 79.44 15.62 37.26
N TRP F 185 79.45 15.23 35.99
CA TRP F 185 79.90 16.18 34.93
C TRP F 185 78.86 17.29 34.77
N LYS F 186 79.31 18.49 34.42
CA LYS F 186 78.37 19.61 34.17
C LYS F 186 78.88 20.37 32.94
N VAL F 187 78.03 21.16 32.29
CA VAL F 187 78.53 21.99 31.14
C VAL F 187 79.50 23.02 31.69
N GLN F 188 80.77 22.95 31.30
CA GLN F 188 81.77 23.96 31.72
C GLN F 188 81.61 25.21 30.83
N ALA F 189 81.77 26.39 31.42
CA ALA F 189 81.57 27.64 30.66
C ALA F 189 82.68 27.78 29.61
N GLY F 190 82.38 28.47 28.51
CA GLY F 190 83.37 28.63 27.42
C GLY F 190 83.30 27.47 26.45
N ALA F 191 82.69 26.36 26.88
CA ALA F 191 82.52 25.19 26.01
C ALA F 191 81.03 24.86 25.91
N ASN F 192 80.18 25.87 26.11
CA ASN F 192 78.71 25.63 26.10
C ASN F 192 78.15 25.93 24.72
N ASP F 193 79.01 26.04 23.72
CA ASP F 193 78.56 26.38 22.34
C ASP F 193 78.65 25.14 21.45
N ILE F 194 77.57 24.83 20.72
CA ILE F 194 77.63 23.69 19.76
C ILE F 194 76.96 24.13 18.45
N THR F 195 77.63 23.89 17.32
CA THR F 195 77.09 24.33 16.01
C THR F 195 76.85 23.09 15.12
N PHE F 196 75.64 22.97 14.58
CA PHE F 196 75.32 21.82 13.69
C PHE F 196 75.28 22.31 12.24
N THR F 197 76.17 21.79 11.39
CA THR F 197 76.15 22.18 9.96
C THR F 197 75.53 21.04 9.15
N LEU F 198 74.34 21.24 8.61
CA LEU F 198 73.64 20.12 7.90
C LEU F 198 72.86 20.67 6.70
N LYS F 199 72.69 19.86 5.66
CA LYS F 199 71.90 20.27 4.47
C LYS F 199 70.47 19.73 4.64
N ASP F 200 69.47 20.61 4.61
CA ASP F 200 68.05 20.19 4.77
C ASP F 200 67.67 19.20 3.66
N ILE F 201 66.58 18.45 3.87
CA ILE F 201 66.16 17.42 2.86
C ILE F 201 66.06 18.08 1.49
N ASP F 202 65.40 19.24 1.41
CA ASP F 202 65.23 19.95 0.12
C ASP F 202 66.62 20.26 -0.45
N GLY F 203 67.58 20.57 0.43
CA GLY F 203 68.96 20.82 -0.03
C GLY F 203 69.60 22.03 0.64
N ASN F 204 68.80 23.01 1.05
CA ASN F 204 69.38 24.26 1.61
C ASN F 204 70.22 23.94 2.86
N ASP F 205 71.37 24.59 3.00
CA ASP F 205 72.27 24.36 4.17
C ASP F 205 71.66 25.02 5.40
N GLN F 206 71.92 24.47 6.58
CA GLN F 206 71.38 25.05 7.84
C GLN F 206 72.54 25.23 8.83
N THR F 207 72.34 26.04 9.88
CA THR F 207 73.38 26.19 10.92
C THR F 207 72.70 26.32 12.29
N ILE F 208 72.58 25.20 13.01
CA ILE F 208 71.95 25.23 14.36
C ILE F 208 73.03 25.53 15.40
N THR F 209 72.99 26.72 16.00
CA THR F 209 74.01 27.10 17.01
C THR F 209 73.40 26.99 18.41
N VAL F 210 72.99 25.77 18.80
CA VAL F 210 72.46 25.57 20.18
C VAL F 210 73.57 25.97 21.16
N ASN F 211 73.24 26.81 22.15
CA ASN F 211 74.24 27.20 23.18
C ASN F 211 73.75 26.70 24.54
N ALA F 212 74.23 25.54 24.98
CA ALA F 212 73.70 24.97 26.24
C ALA F 212 73.97 25.89 27.42
N LYS F 213 73.21 25.72 28.51
CA LYS F 213 73.38 26.57 29.71
C LYS F 213 74.49 25.98 30.58
N GLU F 214 75.19 26.83 31.34
CA GLU F 214 76.28 26.35 32.22
C GLU F 214 75.69 25.51 33.35
N GLY F 215 76.37 24.43 33.73
CA GLY F 215 75.92 23.60 34.85
C GLY F 215 75.03 22.45 34.40
N ASP F 216 74.51 22.52 33.18
CA ASP F 216 73.55 21.49 32.72
C ASP F 216 74.24 20.12 32.73
N ASP F 217 73.53 19.08 33.19
CA ASP F 217 74.10 17.70 33.14
C ASP F 217 73.88 17.15 31.73
N ILE F 218 74.54 16.04 31.38
CA ILE F 218 74.44 15.54 29.98
C ILE F 218 72.96 15.42 29.60
N GLU F 219 72.12 14.89 30.50
CA GLU F 219 70.70 14.67 30.16
C GLU F 219 70.03 16.02 29.85
N GLU F 220 70.28 17.04 30.68
CA GLU F 220 69.68 18.37 30.45
C GLU F 220 70.18 18.93 29.12
N VAL F 221 71.46 18.70 28.78
CA VAL F 221 72.00 19.18 27.48
C VAL F 221 71.16 18.56 26.36
N ALA F 222 70.90 17.26 26.46
CA ALA F 222 70.15 16.57 25.38
C ALA F 222 68.77 17.21 25.23
N THR F 223 68.09 17.44 26.34
CA THR F 223 66.73 18.03 26.29
C THR F 223 66.82 19.43 25.66
N TYR F 224 67.83 20.20 26.04
CA TYR F 224 68.00 21.56 25.50
C TYR F 224 68.06 21.47 23.99
N ILE F 225 68.95 20.62 23.48
CA ILE F 225 69.11 20.50 22.00
C ILE F 225 67.73 20.16 21.42
N ASN F 226 67.10 19.09 21.93
CA ASN F 226 65.80 18.65 21.38
C ASN F 226 64.85 19.85 21.35
N GLY F 227 64.95 20.73 22.35
CA GLY F 227 64.05 21.89 22.42
C GLY F 227 64.40 22.96 21.41
N GLN F 228 65.69 23.33 21.32
CA GLN F 228 66.08 24.45 20.42
C GLN F 228 65.87 24.06 18.96
N THR F 229 66.10 22.80 18.59
CA THR F 229 66.02 22.44 17.15
C THR F 229 65.17 21.20 16.92
N ASP F 230 64.53 21.12 15.76
CA ASP F 230 63.75 19.90 15.40
C ASP F 230 64.49 19.19 14.27
N MET F 231 65.55 19.81 13.76
CA MET F 231 66.31 19.21 12.62
C MET F 231 67.04 17.97 13.13
N VAL F 232 67.59 18.03 14.34
CA VAL F 232 68.30 16.86 14.94
C VAL F 232 67.64 16.51 16.27
N LYS F 233 67.65 15.23 16.64
CA LYS F 233 67.00 14.78 17.90
C LYS F 233 68.08 14.13 18.79
N ALA F 234 68.35 14.73 19.95
CA ALA F 234 69.46 14.23 20.80
C ALA F 234 69.00 13.14 21.76
N SER F 235 69.94 12.52 22.47
CA SER F 235 69.65 11.45 23.46
C SER F 235 70.94 11.19 24.23
N VAL F 236 70.87 10.44 25.33
CA VAL F 236 72.09 10.10 26.10
C VAL F 236 72.08 8.59 26.33
N ASN F 237 73.20 7.91 26.08
CA ASN F 237 73.25 6.43 26.22
C ASN F 237 73.52 6.06 27.66
N GLU F 238 73.78 4.78 27.93
CA GLU F 238 74.03 4.32 29.31
C GLU F 238 75.31 4.96 29.87
N LYS F 239 76.40 4.92 29.10
CA LYS F 239 77.70 5.43 29.61
C LYS F 239 77.58 6.92 29.92
N GLY F 240 76.81 7.66 29.12
CA GLY F 240 76.70 9.11 29.31
C GLY F 240 77.01 9.83 28.02
N GLN F 241 77.30 9.08 26.96
CA GLN F 241 77.61 9.69 25.64
C GLN F 241 76.32 10.27 25.06
N LEU F 242 76.42 11.36 24.30
CA LEU F 242 75.23 11.99 23.68
C LEU F 242 74.95 11.30 22.34
N GLN F 243 73.67 11.16 21.99
CA GLN F 243 73.30 10.47 20.71
C GLN F 243 72.44 11.43 19.88
N ILE F 244 73.03 12.05 18.86
CA ILE F 244 72.25 12.93 17.94
C ILE F 244 71.76 12.09 16.76
N PHE F 245 70.45 12.08 16.51
CA PHE F 245 69.90 11.33 15.36
C PHE F 245 69.27 12.32 14.39
N ALA F 246 69.62 12.21 13.10
CA ALA F 246 69.01 13.09 12.08
C ALA F 246 68.29 12.23 11.05
N GLY F 247 66.96 12.27 11.03
CA GLY F 247 66.19 11.45 10.09
C GLY F 247 66.50 11.81 8.64
N ASN F 248 66.57 10.81 7.77
CA ASN F 248 66.93 11.06 6.35
C ASN F 248 65.89 11.99 5.75
N ASN F 249 64.65 11.93 6.23
CA ASN F 249 63.56 12.75 5.62
C ASN F 249 63.79 14.23 5.95
N LYS F 250 64.70 14.54 6.88
CA LYS F 250 64.94 15.95 7.27
C LYS F 250 66.33 16.37 6.81
N VAL F 251 67.36 15.61 7.14
CA VAL F 251 68.75 16.00 6.78
C VAL F 251 69.20 15.17 5.60
N THR F 252 69.93 15.77 4.65
CA THR F 252 70.46 15.02 3.48
C THR F 252 71.98 15.06 3.49
N GLY F 253 72.60 14.41 4.46
CA GLY F 253 74.07 14.39 4.56
C GLY F 253 74.55 14.29 5.99
N ASP F 254 75.86 14.15 6.19
CA ASP F 254 76.43 14.06 7.57
C ASP F 254 76.41 15.46 8.21
N VAL F 255 76.10 15.52 9.50
CA VAL F 255 76.07 16.84 10.22
C VAL F 255 77.50 17.18 10.65
N ALA F 256 77.92 18.44 10.46
CA ALA F 256 79.25 18.88 10.91
C ALA F 256 79.15 19.47 12.32
N PHE F 257 79.19 18.61 13.33
CA PHE F 257 79.13 19.08 14.75
C PHE F 257 80.38 19.92 15.03
N SER F 258 80.19 21.13 15.55
CA SER F 258 81.33 22.03 15.86
C SER F 258 81.03 22.79 17.15
N GLY F 259 82.01 23.54 17.66
CA GLY F 259 81.79 24.35 18.87
C GLY F 259 82.48 23.75 20.08
N GLY F 260 82.53 24.51 21.18
CA GLY F 260 83.22 24.05 22.41
C GLY F 260 82.63 22.75 22.92
N LEU F 261 81.30 22.69 23.04
CA LEU F 261 80.62 21.44 23.48
C LEU F 261 81.13 20.29 22.62
N ALA F 262 80.95 20.42 21.30
CA ALA F 262 81.43 19.36 20.37
C ALA F 262 82.82 18.92 20.82
N GLY F 263 83.73 19.88 21.02
CA GLY F 263 85.11 19.52 21.38
C GLY F 263 85.11 18.60 22.58
N ALA F 264 84.34 18.94 23.61
CA ALA F 264 84.28 18.13 24.84
C ALA F 264 83.62 16.77 24.53
N LEU F 265 82.54 16.79 23.74
CA LEU F 265 81.80 15.53 23.48
C LEU F 265 82.58 14.65 22.48
N ASN F 266 83.23 15.26 21.50
CA ASN F 266 83.94 14.48 20.45
C ASN F 266 82.91 13.58 19.75
N MET F 267 81.97 14.21 19.02
CA MET F 267 80.92 13.44 18.30
C MET F 267 81.61 12.57 17.24
N GLN F 268 81.13 11.33 17.06
CA GLN F 268 81.78 10.40 16.10
C GLN F 268 81.03 10.39 14.78
N ALA F 269 81.22 9.35 13.97
CA ALA F 269 80.59 9.28 12.62
C ALA F 269 79.10 8.95 12.76
N GLY F 270 78.38 8.96 11.63
CA GLY F 270 76.92 8.71 11.67
C GLY F 270 76.53 7.39 11.04
N THR F 271 76.57 6.30 11.81
CA THR F 271 76.10 4.99 11.29
C THR F 271 74.65 5.14 10.83
N ALA F 272 74.19 4.25 9.93
CA ALA F 272 72.80 4.30 9.45
C ALA F 272 71.92 3.46 10.37
N GLU F 273 70.72 3.95 10.68
CA GLU F 273 69.81 3.23 11.61
C GLU F 273 68.41 3.23 11.03
N THR F 274 68.01 2.14 10.36
CA THR F 274 66.62 2.04 9.85
C THR F 274 65.81 1.21 10.85
N VAL F 275 64.49 1.38 10.88
CA VAL F 275 63.65 0.65 11.87
C VAL F 275 64.15 -0.79 11.94
N ASP F 276 64.38 -1.41 10.78
CA ASP F 276 64.79 -2.84 10.75
C ASP F 276 65.98 -3.03 11.71
N THR F 277 66.69 -1.95 12.05
CA THR F 277 67.92 -2.08 12.88
C THR F 277 67.71 -1.49 14.27
N ILE F 278 66.51 -1.60 14.85
CA ILE F 278 66.28 -0.95 16.17
C ILE F 278 66.48 -1.97 17.29
N ASP F 279 67.56 -1.85 18.06
CA ASP F 279 67.80 -2.75 19.21
C ASP F 279 67.54 -1.97 20.50
N VAL F 280 66.59 -2.42 21.32
CA VAL F 280 66.23 -1.66 22.55
C VAL F 280 66.83 -2.36 23.77
N THR F 281 67.68 -3.37 23.56
CA THR F 281 68.21 -4.13 24.72
C THR F 281 69.08 -3.19 25.57
N SER F 282 69.43 -2.02 25.05
CA SER F 282 70.22 -1.03 25.84
C SER F 282 69.48 0.31 25.84
N VAL F 283 69.62 1.08 26.92
CA VAL F 283 68.86 2.36 27.02
C VAL F 283 69.25 3.25 25.83
N GLY F 284 70.54 3.35 25.54
CA GLY F 284 71.00 4.16 24.40
C GLY F 284 70.26 3.74 23.15
N GLY F 285 70.19 2.44 22.89
CA GLY F 285 69.49 1.93 21.71
C GLY F 285 68.01 2.27 21.75
N ALA F 286 67.38 2.11 22.91
CA ALA F 286 65.96 2.49 23.05
C ALA F 286 65.80 3.97 22.70
N GLN F 287 66.60 4.85 23.29
CA GLN F 287 66.43 6.30 23.04
C GLN F 287 66.55 6.57 21.53
N GLN F 288 67.60 6.05 20.91
CA GLN F 288 67.79 6.27 19.45
C GLN F 288 66.60 5.67 18.71
N SER F 289 66.11 4.52 19.15
CA SER F 289 65.02 3.85 18.40
C SER F 289 63.79 4.76 18.36
N VAL F 290 63.46 5.39 19.49
CA VAL F 290 62.30 6.32 19.51
C VAL F 290 62.48 7.28 18.33
N ALA F 291 63.65 7.89 18.22
CA ALA F 291 63.88 8.88 17.16
C ALA F 291 63.66 8.24 15.78
N VAL F 292 64.24 7.05 15.56
CA VAL F 292 64.10 6.40 14.23
C VAL F 292 62.60 6.22 13.95
N ILE F 293 61.88 5.64 14.90
CA ILE F 293 60.43 5.35 14.68
C ILE F 293 59.73 6.65 14.28
N ASP F 294 60.06 7.76 14.97
CA ASP F 294 59.40 9.05 14.65
C ASP F 294 59.69 9.42 13.20
N SER F 295 60.94 9.35 12.78
CA SER F 295 61.30 9.65 11.37
C SER F 295 60.50 8.71 10.46
N ALA F 296 60.36 7.45 10.85
CA ALA F 296 59.61 6.49 10.03
C ALA F 296 58.15 6.96 9.94
N LEU F 297 57.54 7.26 11.08
CA LEU F 297 56.10 7.63 11.08
C LEU F 297 55.90 8.79 10.09
N LYS F 298 56.82 9.75 10.11
CA LYS F 298 56.72 10.91 9.19
C LYS F 298 56.70 10.40 7.75
N TYR F 299 57.66 9.54 7.41
CA TYR F 299 57.74 9.00 6.02
C TYR F 299 56.41 8.31 5.71
N VAL F 300 55.97 7.44 6.62
CA VAL F 300 54.69 6.70 6.40
C VAL F 300 53.59 7.72 6.15
N ASP F 301 53.37 8.65 7.08
CA ASP F 301 52.26 9.60 6.94
C ASP F 301 52.39 10.33 5.61
N SER F 302 53.53 10.98 5.38
CA SER F 302 53.73 11.75 4.13
C SER F 302 53.20 10.94 2.95
N HIS F 303 53.66 9.70 2.82
CA HIS F 303 53.23 8.86 1.67
C HIS F 303 51.70 8.82 1.66
N ARG F 304 51.10 8.51 2.82
CA ARG F 304 49.62 8.45 2.90
C ARG F 304 49.05 9.74 2.34
N ALA F 305 49.54 10.88 2.81
CA ALA F 305 49.03 12.18 2.33
C ALA F 305 49.08 12.19 0.81
N GLU F 306 50.25 11.95 0.23
CA GLU F 306 50.39 11.91 -1.25
C GLU F 306 49.25 11.06 -1.81
N LEU F 307 49.11 9.83 -1.32
CA LEU F 307 48.08 8.92 -1.89
C LEU F 307 46.70 9.55 -1.68
N GLY F 308 46.51 10.23 -0.55
CA GLY F 308 45.22 10.88 -0.27
C GLY F 308 44.86 11.83 -1.40
N ALA F 309 45.79 12.70 -1.79
CA ALA F 309 45.53 13.64 -2.89
C ALA F 309 45.14 12.84 -4.14
N PHE F 310 45.93 11.82 -4.46
CA PHE F 310 45.64 11.00 -5.66
C PHE F 310 44.16 10.63 -5.65
N GLN F 311 43.70 10.04 -4.54
CA GLN F 311 42.28 9.62 -4.46
C GLN F 311 41.40 10.84 -4.74
N ASN F 312 41.56 11.90 -3.95
CA ASN F 312 40.70 13.10 -4.10
C ASN F 312 40.79 13.62 -5.54
N ARG F 313 42.00 13.74 -6.07
CA ARG F 313 42.20 14.26 -7.45
C ARG F 313 41.42 13.37 -8.41
N PHE F 314 41.56 12.06 -8.26
CA PHE F 314 40.86 11.12 -9.17
C PHE F 314 39.36 11.26 -8.95
N ASN F 315 38.94 11.52 -7.72
CA ASN F 315 37.49 11.71 -7.45
C ASN F 315 36.98 12.89 -8.30
N HIS F 316 37.65 14.03 -8.20
CA HIS F 316 37.18 15.23 -8.94
C HIS F 316 37.20 14.88 -10.43
N ALA F 317 38.26 14.20 -10.86
CA ALA F 317 38.38 13.85 -12.29
C ALA F 317 37.16 13.03 -12.71
N ILE F 318 36.79 12.03 -11.90
CA ILE F 318 35.64 11.16 -12.25
C ILE F 318 34.42 12.07 -12.44
N SER F 319 34.22 13.01 -11.52
CA SER F 319 33.03 13.91 -11.61
C SER F 319 33.04 14.63 -12.96
N ASN F 320 34.16 15.26 -13.31
CA ASN F 320 34.23 16.01 -14.58
C ASN F 320 33.98 15.06 -15.74
N LEU F 321 34.62 13.89 -15.71
CA LEU F 321 34.48 12.93 -16.83
C LEU F 321 33.00 12.59 -16.99
N ASP F 322 32.31 12.38 -15.87
CA ASP F 322 30.87 12.03 -15.92
C ASP F 322 30.10 13.20 -16.54
N ASN F 323 30.38 14.42 -16.08
CA ASN F 323 29.69 15.61 -16.60
C ASN F 323 29.85 15.63 -18.12
N ILE F 324 31.09 15.54 -18.60
CA ILE F 324 31.34 15.61 -20.06
C ILE F 324 30.51 14.51 -20.72
N ASN F 325 30.51 13.31 -20.15
CA ASN F 325 29.79 12.18 -20.78
C ASN F 325 28.33 12.60 -20.95
N GLU F 326 27.71 13.09 -19.88
CA GLU F 326 26.28 13.44 -19.93
C GLU F 326 26.05 14.45 -21.06
N ASN F 327 26.84 15.53 -21.07
CA ASN F 327 26.62 16.60 -22.08
C ASN F 327 26.88 16.02 -23.48
N VAL F 328 27.93 15.24 -23.64
CA VAL F 328 28.28 14.68 -24.98
C VAL F 328 27.11 13.80 -25.44
N ASN F 329 26.59 12.97 -24.54
CA ASN F 329 25.49 12.06 -24.93
C ASN F 329 24.29 12.91 -25.36
N ALA F 330 24.05 14.00 -24.64
CA ALA F 330 22.97 14.92 -25.05
C ALA F 330 23.25 15.41 -26.47
N SER F 331 24.48 15.83 -26.71
CA SER F 331 24.85 16.38 -28.05
C SER F 331 24.64 15.30 -29.09
N LYS F 332 25.14 14.09 -28.83
CA LYS F 332 25.06 13.02 -29.84
C LYS F 332 23.59 12.81 -30.22
N SER F 333 22.70 12.90 -29.23
CA SER F 333 21.26 12.63 -29.51
C SER F 333 20.76 13.56 -30.60
N ARG F 334 20.91 14.87 -30.40
CA ARG F 334 20.39 15.87 -31.37
C ARG F 334 20.79 15.49 -32.80
N ILE F 335 22.02 15.03 -33.02
CA ILE F 335 22.50 14.78 -34.40
C ILE F 335 22.15 13.36 -34.87
N LYS F 336 21.90 12.42 -33.95
CA LYS F 336 21.71 11.01 -34.40
C LYS F 336 20.33 10.45 -34.06
N ASP F 337 19.89 10.53 -32.81
CA ASP F 337 18.60 9.88 -32.46
C ASP F 337 17.47 10.49 -33.30
N THR F 338 16.42 9.71 -33.57
CA THR F 338 15.29 10.20 -34.39
C THR F 338 14.22 10.82 -33.47
N ASP F 339 13.56 11.89 -33.92
CA ASP F 339 12.48 12.50 -33.12
C ASP F 339 11.14 11.95 -33.61
N PHE F 340 10.57 10.98 -32.89
CA PHE F 340 9.33 10.33 -33.37
C PHE F 340 8.31 11.43 -33.70
N ALA F 341 8.26 12.48 -32.89
CA ALA F 341 7.30 13.58 -33.15
C ALA F 341 7.27 13.87 -34.64
N LYS F 342 8.41 14.29 -35.19
CA LYS F 342 8.48 14.63 -36.64
C LYS F 342 8.45 13.35 -37.46
N GLU F 343 9.21 12.34 -37.05
CA GLU F 343 9.32 11.10 -37.87
C GLU F 343 7.93 10.47 -38.02
N THR F 344 7.23 10.25 -36.91
CA THR F 344 5.90 9.57 -36.99
C THR F 344 5.02 10.38 -37.92
N THR F 345 5.06 11.71 -37.80
CA THR F 345 4.27 12.57 -38.71
C THR F 345 4.74 12.31 -40.15
N ALA F 346 6.04 12.37 -40.39
CA ALA F 346 6.53 12.24 -41.78
C ALA F 346 6.02 10.92 -42.37
N LEU F 347 6.06 9.85 -41.57
CA LEU F 347 5.58 8.54 -42.06
C LEU F 347 4.14 8.70 -42.51
N THR F 348 3.28 9.23 -41.63
CA THR F 348 1.84 9.33 -41.96
C THR F 348 1.70 10.09 -43.29
N LYS F 349 2.39 11.22 -43.41
CA LYS F 349 2.29 12.04 -44.63
C LYS F 349 2.59 11.15 -45.83
N SER F 350 3.72 10.43 -45.78
CA SER F 350 4.11 9.58 -46.93
C SER F 350 2.97 8.60 -47.21
N GLN F 351 2.40 8.02 -46.15
CA GLN F 351 1.32 7.01 -46.34
C GLN F 351 0.17 7.64 -47.10
N ILE F 352 -0.32 8.80 -46.65
CA ILE F 352 -1.53 9.40 -47.30
C ILE F 352 -1.18 9.71 -48.75
N LEU F 353 0.01 10.28 -48.99
CA LEU F 353 0.37 10.69 -50.37
C LEU F 353 0.41 9.43 -51.24
N SER F 354 1.02 8.36 -50.73
CA SER F 354 1.12 7.11 -51.52
C SER F 354 -0.29 6.60 -51.83
N GLN F 355 -1.15 6.56 -50.82
CA GLN F 355 -2.52 6.05 -51.02
C GLN F 355 -3.19 6.88 -52.11
N ALA F 356 -3.06 8.21 -52.03
CA ALA F 356 -3.66 9.09 -53.04
C ALA F 356 -3.02 8.81 -54.40
N SER F 357 -1.68 8.85 -54.45
CA SER F 357 -0.98 8.64 -55.73
C SER F 357 -1.57 7.41 -56.43
N SER F 358 -1.64 6.29 -55.70
CA SER F 358 -2.14 5.03 -56.32
C SER F 358 -3.56 5.25 -56.86
N SER F 359 -4.40 5.95 -56.09
CA SER F 359 -5.79 6.22 -56.52
C SER F 359 -5.75 6.95 -57.86
N VAL F 360 -4.94 8.00 -57.95
CA VAL F 360 -4.79 8.73 -59.24
C VAL F 360 -4.29 7.75 -60.30
N LEU F 361 -3.33 6.90 -59.93
CA LEU F 361 -2.75 5.95 -60.91
C LEU F 361 -3.87 5.04 -61.43
N ALA F 362 -4.76 4.61 -60.54
CA ALA F 362 -5.86 3.73 -60.95
C ALA F 362 -6.73 4.48 -61.96
N GLN F 363 -7.08 5.73 -61.63
CA GLN F 363 -7.87 6.55 -62.58
C GLN F 363 -7.10 6.60 -63.90
N ALA F 364 -5.80 6.90 -63.84
CA ALA F 364 -5.00 7.06 -65.06
C ALA F 364 -5.07 5.78 -65.88
N LYS F 365 -4.95 4.63 -65.23
CA LYS F 365 -4.92 3.35 -65.98
C LYS F 365 -6.19 3.23 -66.82
N GLN F 366 -7.31 3.72 -66.30
CA GLN F 366 -8.61 3.59 -67.01
C GLN F 366 -8.75 4.66 -68.08
N ALA F 367 -8.00 5.76 -67.95
CA ALA F 367 -8.11 6.89 -68.91
C ALA F 367 -8.03 6.37 -70.35
N PRO F 368 -6.97 5.64 -70.78
CA PRO F 368 -6.87 5.23 -72.18
C PRO F 368 -8.11 4.47 -72.62
N ASN F 369 -8.83 3.84 -71.69
CA ASN F 369 -9.98 2.99 -72.07
C ASN F 369 -11.00 3.81 -72.85
N ALA F 370 -10.94 5.14 -72.75
CA ALA F 370 -11.95 6.00 -73.40
C ALA F 370 -12.05 5.66 -74.88
N ALA F 371 -10.92 5.60 -75.59
CA ALA F 371 -10.96 5.38 -77.05
C ALA F 371 -11.79 4.13 -77.37
N LEU F 372 -11.31 2.97 -76.91
CA LEU F 372 -12.03 1.70 -77.19
C LEU F 372 -13.46 1.84 -76.69
N SER F 373 -13.64 2.34 -75.47
CA SER F 373 -14.98 2.43 -74.86
C SER F 373 -15.93 3.19 -75.81
N LEU F 374 -15.45 4.26 -76.43
CA LEU F 374 -16.37 5.08 -77.26
C LEU F 374 -16.06 4.88 -78.73
N LEU F 375 -15.10 5.64 -79.26
CA LEU F 375 -14.82 5.57 -80.72
C LEU F 375 -14.64 4.11 -81.14
N GLY F 376 -13.93 3.32 -80.33
CA GLY F 376 -13.71 1.90 -80.65
C GLY F 376 -13.50 1.68 -82.13
N ALA G 1 -23.46 11.30 -127.29
CA ALA G 1 -24.27 10.13 -127.66
C ALA G 1 -23.99 9.01 -126.66
N VAL G 2 -25.03 8.32 -126.19
CA VAL G 2 -24.79 7.17 -125.28
C VAL G 2 -23.80 6.23 -125.98
N ASN G 3 -22.66 5.97 -125.36
CA ASN G 3 -21.63 5.10 -125.97
C ASN G 3 -21.47 3.85 -125.11
N VAL G 4 -21.79 2.69 -125.66
CA VAL G 4 -21.66 1.41 -124.91
C VAL G 4 -20.16 1.11 -124.72
N ASN G 5 -19.32 1.51 -125.68
CA ASN G 5 -17.89 1.16 -125.62
C ASN G 5 -17.23 1.76 -124.37
N THR G 6 -17.54 3.02 -124.02
CA THR G 6 -16.83 3.65 -122.88
C THR G 6 -17.80 4.11 -121.80
N ASN G 7 -17.35 4.16 -120.55
CA ASN G 7 -18.20 4.65 -119.43
C ASN G 7 -17.33 5.56 -118.56
N VAL G 8 -17.00 6.75 -119.06
CA VAL G 8 -16.07 7.65 -118.31
C VAL G 8 -16.60 7.81 -116.88
N ALA G 9 -17.92 7.86 -116.72
CA ALA G 9 -18.52 8.02 -115.38
C ALA G 9 -17.98 6.93 -114.45
N ALA G 10 -17.97 5.69 -114.92
CA ALA G 10 -17.51 4.58 -114.07
C ALA G 10 -16.04 4.82 -113.71
N MET G 11 -15.22 5.19 -114.70
CA MET G 11 -13.78 5.36 -114.44
C MET G 11 -13.63 6.41 -113.33
N THR G 12 -14.38 7.51 -113.45
CA THR G 12 -14.29 8.59 -112.43
C THR G 12 -14.73 8.03 -111.07
N ALA G 13 -15.87 7.33 -111.05
CA ALA G 13 -16.34 6.73 -109.79
C ALA G 13 -15.27 5.78 -109.25
N GLN G 14 -14.79 4.86 -110.09
CA GLN G 14 -13.83 3.84 -109.61
C GLN G 14 -12.63 4.57 -108.98
N ARG G 15 -12.17 5.64 -109.63
CA ARG G 15 -10.97 6.33 -109.11
C ARG G 15 -11.23 6.77 -107.68
N TYR G 16 -12.36 7.44 -107.44
CA TYR G 16 -12.64 7.94 -106.07
C TYR G 16 -12.84 6.76 -105.14
N LEU G 17 -13.50 5.71 -105.63
CA LEU G 17 -13.75 4.52 -104.79
C LEU G 17 -12.41 3.99 -104.28
N THR G 18 -11.48 3.76 -105.20
CA THR G 18 -10.13 3.28 -104.80
C THR G 18 -9.59 4.26 -103.77
N GLY G 19 -9.54 5.55 -104.12
CA GLY G 19 -9.02 6.55 -103.18
C GLY G 19 -9.60 6.33 -101.80
N ALA G 20 -10.91 6.11 -101.71
CA ALA G 20 -11.57 5.89 -100.41
C ALA G 20 -11.04 4.59 -99.78
N THR G 21 -11.02 3.51 -100.56
CA THR G 21 -10.58 2.21 -100.02
C THR G 21 -9.21 2.40 -99.39
N ASN G 22 -8.25 2.88 -100.17
CA ASN G 22 -6.87 3.10 -99.66
C ASN G 22 -6.95 3.86 -98.34
N ALA G 23 -7.65 4.99 -98.34
CA ALA G 23 -7.69 5.84 -97.13
C ALA G 23 -8.19 4.99 -95.96
N GLN G 24 -9.22 4.17 -96.20
CA GLN G 24 -9.78 3.32 -95.13
C GLN G 24 -8.67 2.40 -94.61
N GLN G 25 -7.90 1.80 -95.52
CA GLN G 25 -6.81 0.88 -95.09
C GLN G 25 -5.87 1.68 -94.17
N THR G 26 -5.41 2.84 -94.63
CA THR G 26 -4.45 3.63 -93.84
C THR G 26 -5.01 3.83 -92.43
N SER G 27 -6.27 4.26 -92.34
CA SER G 27 -6.88 4.53 -91.01
C SER G 27 -6.96 3.24 -90.20
N MET G 28 -7.43 2.16 -90.81
CA MET G 28 -7.62 0.90 -90.04
C MET G 28 -6.27 0.45 -89.46
N GLU G 29 -5.20 0.53 -90.25
CA GLU G 29 -3.86 0.19 -89.71
C GLU G 29 -3.55 1.12 -88.53
N ARG G 30 -3.70 2.42 -88.73
CA ARG G 30 -3.34 3.38 -87.65
C ARG G 30 -4.14 3.03 -86.39
N LEU G 31 -5.41 2.64 -86.57
CA LEU G 31 -6.27 2.31 -85.41
C LEU G 31 -5.74 1.03 -84.75
N SER G 32 -5.55 -0.03 -85.54
CA SER G 32 -5.13 -1.33 -84.97
C SER G 32 -3.76 -1.22 -84.32
N SER G 33 -2.83 -0.53 -84.98
CA SER G 33 -1.46 -0.38 -84.43
C SER G 33 -1.47 0.62 -83.28
N GLY G 34 -2.28 1.67 -83.39
CA GLY G 34 -2.30 2.72 -82.36
C GLY G 34 -1.23 3.76 -82.62
N PHE G 35 -0.35 3.50 -83.58
CA PHE G 35 0.71 4.47 -83.94
C PHE G 35 0.39 5.11 -85.29
N LYS G 36 0.37 6.45 -85.34
CA LYS G 36 0.03 7.16 -86.60
C LYS G 36 1.11 6.87 -87.64
N ILE G 37 2.38 6.98 -87.25
CA ILE G 37 3.50 6.74 -88.21
C ILE G 37 3.81 5.24 -88.20
N ASN G 38 3.38 4.51 -89.23
CA ASN G 38 3.64 3.06 -89.30
C ASN G 38 4.63 2.79 -90.44
N SER G 39 4.89 3.80 -91.28
CA SER G 39 5.86 3.65 -92.39
C SER G 39 6.50 5.00 -92.69
N ALA G 40 7.62 4.99 -93.41
CA ALA G 40 8.25 6.28 -93.81
C ALA G 40 7.22 7.08 -94.61
N LYS G 41 6.42 6.39 -95.43
CA LYS G 41 5.40 7.07 -96.25
C LYS G 41 4.58 7.99 -95.34
N ASP G 42 4.18 7.49 -94.17
CA ASP G 42 3.37 8.29 -93.24
C ASP G 42 4.08 9.63 -92.98
N ASP G 43 5.28 9.57 -92.37
CA ASP G 43 6.07 10.82 -92.13
C ASP G 43 7.53 10.42 -91.93
N ALA G 44 8.35 10.52 -92.99
CA ALA G 44 9.76 10.09 -92.87
C ALA G 44 10.42 10.84 -91.71
N ALA G 45 10.27 12.16 -91.67
CA ALA G 45 10.94 12.96 -90.62
C ALA G 45 10.53 12.41 -89.25
N GLY G 46 9.22 12.30 -89.02
CA GLY G 46 8.73 11.82 -87.72
C GLY G 46 9.37 10.49 -87.38
N LEU G 47 9.37 9.56 -88.34
CA LEU G 47 9.92 8.21 -88.06
C LEU G 47 11.30 8.38 -87.45
N GLN G 48 12.17 9.15 -88.11
CA GLN G 48 13.53 9.40 -87.57
C GLN G 48 13.39 10.00 -86.17
N ILE G 49 12.78 11.18 -86.08
CA ILE G 49 12.66 11.87 -84.77
C ILE G 49 12.12 10.85 -83.76
N SER G 50 11.03 10.17 -84.11
CA SER G 50 10.41 9.21 -83.16
C SER G 50 11.42 8.12 -82.78
N ASN G 51 12.05 7.51 -83.79
CA ASN G 51 12.98 6.39 -83.49
C ASN G 51 14.05 6.90 -82.54
N ARG G 52 14.58 8.09 -82.82
CA ARG G 52 15.67 8.66 -81.96
C ARG G 52 15.12 8.86 -80.55
N LEU G 53 13.91 9.42 -80.44
CA LEU G 53 13.28 9.63 -79.10
C LEU G 53 13.08 8.26 -78.43
N ASN G 54 12.60 7.28 -79.19
CA ASN G 54 12.36 5.93 -78.62
C ASN G 54 13.68 5.38 -78.08
N VAL G 55 14.75 5.52 -78.86
CA VAL G 55 16.09 5.05 -78.40
C VAL G 55 16.38 5.70 -77.06
N GLN G 56 16.25 7.03 -76.99
CA GLN G 56 16.58 7.74 -75.75
C GLN G 56 15.74 7.16 -74.61
N SER G 57 14.43 7.04 -74.83
CA SER G 57 13.53 6.56 -73.74
C SER G 57 14.05 5.22 -73.20
N ARG G 58 14.13 4.21 -74.07
CA ARG G 58 14.55 2.87 -73.61
C ARG G 58 15.90 3.00 -72.92
N GLY G 59 16.79 3.82 -73.50
CA GLY G 59 18.10 4.05 -72.88
C GLY G 59 17.93 4.62 -71.48
N LEU G 60 16.98 5.54 -71.33
CA LEU G 60 16.76 6.18 -70.00
C LEU G 60 16.29 5.12 -69.00
N ASP G 61 15.41 4.21 -69.43
CA ASP G 61 15.00 3.11 -68.53
C ASP G 61 16.24 2.32 -68.13
N VAL G 62 17.04 1.90 -69.11
CA VAL G 62 18.26 1.09 -68.81
C VAL G 62 19.12 1.89 -67.84
N ALA G 63 19.30 3.18 -68.11
CA ALA G 63 20.20 4.00 -67.26
C ALA G 63 19.68 4.00 -65.83
N VAL G 64 18.37 4.12 -65.67
CA VAL G 64 17.78 4.18 -64.29
C VAL G 64 18.18 2.88 -63.58
N ARG G 65 18.09 1.75 -64.28
CA ARG G 65 18.50 0.46 -63.69
C ARG G 65 19.99 0.52 -63.33
N ASN G 66 20.83 0.98 -64.26
CA ASN G 66 22.28 1.00 -64.00
C ASN G 66 22.55 1.86 -62.77
N ALA G 67 21.84 2.98 -62.66
CA ALA G 67 21.98 3.83 -61.46
C ALA G 67 21.50 3.05 -60.24
N ASN G 68 20.33 2.41 -60.34
CA ASN G 68 19.80 1.62 -59.20
C ASN G 68 20.90 0.65 -58.75
N ASP G 69 21.51 -0.05 -59.71
CA ASP G 69 22.57 -1.02 -59.37
C ASP G 69 23.71 -0.28 -58.68
N GLY G 70 24.09 0.88 -59.22
CA GLY G 70 25.18 1.67 -58.63
C GLY G 70 24.96 1.87 -57.14
N ILE G 71 23.86 2.55 -56.77
CA ILE G 71 23.61 2.84 -55.34
C ILE G 71 23.48 1.52 -54.58
N SER G 72 22.88 0.50 -55.20
CA SER G 72 22.80 -0.81 -54.52
C SER G 72 24.21 -1.23 -54.10
N ILE G 73 25.16 -1.14 -55.04
CA ILE G 73 26.56 -1.59 -54.74
C ILE G 73 27.07 -0.76 -53.56
N ALA G 74 27.00 0.56 -53.68
CA ALA G 74 27.53 1.42 -52.59
C ALA G 74 26.88 1.00 -51.28
N GLN G 75 25.56 0.83 -51.29
CA GLN G 75 24.83 0.46 -50.05
C GLN G 75 25.53 -0.73 -49.39
N THR G 76 25.74 -1.81 -50.14
CA THR G 76 26.32 -3.03 -49.53
C THR G 76 27.65 -2.64 -48.90
N ALA G 77 28.48 -1.91 -49.65
CA ALA G 77 29.81 -1.52 -49.14
C ALA G 77 29.64 -0.68 -47.88
N GLU G 78 28.74 0.30 -47.91
CA GLU G 78 28.56 1.21 -46.74
C GLU G 78 28.21 0.36 -45.53
N GLY G 79 27.25 -0.55 -45.68
CA GLY G 79 26.80 -1.37 -44.54
C GLY G 79 27.94 -2.19 -43.97
N ALA G 80 28.76 -2.78 -44.84
CA ALA G 80 29.91 -3.56 -44.36
C ALA G 80 30.79 -2.66 -43.51
N MET G 81 31.06 -1.45 -43.99
CA MET G 81 31.98 -0.53 -43.26
C MET G 81 31.36 -0.19 -41.90
N ASN G 82 30.03 -0.27 -41.80
CA ASN G 82 29.35 0.07 -40.52
C ASN G 82 29.78 -0.95 -39.46
N GLU G 83 29.83 -2.23 -39.82
CA GLU G 83 30.32 -3.23 -38.85
C GLU G 83 31.80 -2.95 -38.56
N THR G 84 32.55 -2.56 -39.59
CA THR G 84 33.99 -2.24 -39.41
C THR G 84 34.12 -1.18 -38.31
N THR G 85 33.42 -0.05 -38.45
CA THR G 85 33.61 1.04 -37.45
C THR G 85 33.23 0.50 -36.07
N ASN G 86 32.18 -0.30 -35.99
CA ASN G 86 31.78 -0.90 -34.69
C ASN G 86 32.99 -1.64 -34.12
N ILE G 87 33.58 -2.53 -34.93
CA ILE G 87 34.72 -3.35 -34.44
C ILE G 87 35.88 -2.41 -34.09
N LEU G 88 36.18 -1.47 -34.97
CA LEU G 88 37.28 -0.51 -34.72
C LEU G 88 37.06 0.14 -33.35
N GLN G 89 35.86 0.68 -33.12
CA GLN G 89 35.57 1.36 -31.84
C GLN G 89 35.88 0.41 -30.69
N ARG G 90 35.36 -0.82 -30.76
CA ARG G 90 35.56 -1.77 -29.64
C ARG G 90 37.06 -1.90 -29.36
N MET G 91 37.86 -1.95 -30.41
CA MET G 91 39.33 -2.06 -30.24
C MET G 91 39.82 -0.85 -29.45
N ARG G 92 39.33 0.35 -29.80
CA ARG G 92 39.82 1.57 -29.11
C ARG G 92 39.49 1.46 -27.62
N ASP G 93 38.27 1.03 -27.32
CA ASP G 93 37.85 0.95 -25.89
C ASP G 93 38.79 0.00 -25.15
N LEU G 94 39.02 -1.19 -25.71
CA LEU G 94 39.88 -2.20 -25.03
C LEU G 94 41.27 -1.60 -24.83
N SER G 95 41.74 -0.84 -25.81
CA SER G 95 43.10 -0.26 -25.73
C SER G 95 43.18 0.73 -24.56
N LEU G 96 42.18 1.58 -24.39
CA LEU G 96 42.16 2.51 -23.24
C LEU G 96 42.22 1.69 -21.96
N GLN G 97 41.45 0.61 -21.91
CA GLN G 97 41.43 -0.27 -20.70
C GLN G 97 42.84 -0.85 -20.49
N SER G 98 43.48 -1.30 -21.56
CA SER G 98 44.80 -1.95 -21.43
C SER G 98 45.80 -0.97 -20.82
N ALA G 99 45.78 0.29 -21.26
CA ALA G 99 46.78 1.27 -20.78
C ALA G 99 46.68 1.47 -19.27
N ASN G 100 45.48 1.36 -18.69
CA ASN G 100 45.36 1.65 -17.24
C ASN G 100 46.37 0.78 -16.47
N GLY G 101 47.10 1.38 -15.54
CA GLY G 101 48.15 0.65 -14.80
C GLY G 101 47.62 -0.54 -14.04
N SER G 102 46.38 -0.48 -13.55
CA SER G 102 45.85 -1.58 -12.71
C SER G 102 46.05 -2.90 -13.46
N ASN G 103 45.97 -2.87 -14.78
CA ASN G 103 46.10 -4.11 -15.60
C ASN G 103 47.51 -4.68 -15.47
N SER G 104 47.64 -6.00 -15.49
CA SER G 104 48.98 -6.64 -15.44
C SER G 104 49.20 -7.39 -16.76
N LYS G 105 50.39 -7.95 -16.97
CA LYS G 105 50.68 -8.62 -18.26
C LYS G 105 49.56 -9.64 -18.51
N SER G 106 49.10 -10.28 -17.45
CA SER G 106 48.00 -11.27 -17.59
C SER G 106 46.80 -10.59 -18.25
N GLU G 107 46.36 -9.47 -17.68
CA GLU G 107 45.17 -8.77 -18.23
C GLU G 107 45.49 -8.26 -19.63
N ARG G 108 46.63 -7.60 -19.81
CA ARG G 108 46.93 -7.00 -21.14
C ARG G 108 46.98 -8.12 -22.19
N VAL G 109 47.52 -9.28 -21.82
CA VAL G 109 47.55 -10.45 -22.75
C VAL G 109 46.10 -10.82 -23.10
N ALA G 110 45.23 -10.88 -22.10
CA ALA G 110 43.81 -11.21 -22.34
C ALA G 110 43.23 -10.20 -23.33
N ILE G 111 43.49 -8.91 -23.09
CA ILE G 111 42.93 -7.86 -23.98
C ILE G 111 43.50 -8.07 -25.38
N GLN G 112 44.82 -8.28 -25.48
CA GLN G 112 45.44 -8.47 -26.81
C GLN G 112 44.72 -9.62 -27.51
N GLU G 113 44.40 -10.66 -26.76
CA GLU G 113 43.72 -11.85 -27.37
C GLU G 113 42.47 -11.35 -28.08
N GLU G 114 41.63 -10.57 -27.39
CA GLU G 114 40.39 -10.05 -28.00
C GLU G 114 40.75 -9.19 -29.22
N ILE G 115 41.71 -8.28 -29.06
CA ILE G 115 42.09 -7.38 -30.18
C ILE G 115 42.46 -8.24 -31.39
N THR G 116 43.34 -9.22 -31.20
CA THR G 116 43.82 -10.01 -32.36
C THR G 116 42.62 -10.62 -33.08
N ALA G 117 41.65 -11.12 -32.30
CA ALA G 117 40.44 -11.71 -32.91
C ALA G 117 39.74 -10.67 -33.77
N LEU G 118 39.59 -9.46 -33.24
CA LEU G 118 38.86 -8.39 -33.98
C LEU G 118 39.67 -8.00 -35.23
N ASN G 119 40.99 -7.92 -35.10
CA ASN G 119 41.84 -7.62 -36.27
C ASN G 119 41.48 -8.59 -37.39
N ASP G 120 41.41 -9.88 -37.06
CA ASP G 120 41.09 -10.91 -38.08
C ASP G 120 39.71 -10.60 -38.67
N GLU G 121 38.75 -10.25 -37.82
CA GLU G 121 37.36 -10.02 -38.34
C GLU G 121 37.37 -8.83 -39.29
N LEU G 122 38.09 -7.76 -38.95
CA LEU G 122 38.20 -6.62 -39.88
C LEU G 122 38.71 -7.14 -41.22
N ASN G 123 39.86 -7.81 -41.21
CA ASN G 123 40.45 -8.32 -42.47
C ASN G 123 39.44 -9.29 -43.11
N ARG G 124 38.75 -10.08 -42.28
CA ARG G 124 37.75 -11.04 -42.82
C ARG G 124 36.69 -10.24 -43.58
N ILE G 125 36.14 -9.20 -42.93
CA ILE G 125 35.06 -8.43 -43.59
C ILE G 125 35.60 -7.90 -44.92
N ALA G 126 36.83 -7.41 -44.91
CA ALA G 126 37.38 -6.79 -46.14
C ALA G 126 37.49 -7.82 -47.26
N GLU G 127 37.78 -9.08 -46.95
CA GLU G 127 38.01 -10.06 -48.03
C GLU G 127 36.78 -10.92 -48.29
N THR G 128 35.66 -10.65 -47.60
CA THR G 128 34.47 -11.53 -47.76
C THR G 128 33.26 -10.73 -48.22
N THR G 129 33.28 -9.40 -48.09
CA THR G 129 32.11 -8.58 -48.48
C THR G 129 32.08 -8.42 -50.00
N SER G 130 31.08 -9.02 -50.66
CA SER G 130 31.05 -8.98 -52.14
C SER G 130 29.63 -8.73 -52.65
N PHE G 131 29.50 -8.13 -53.83
CA PHE G 131 28.16 -7.92 -54.44
C PHE G 131 28.01 -8.90 -55.60
N GLY G 132 27.28 -9.99 -55.38
CA GLY G 132 27.11 -11.02 -56.43
C GLY G 132 28.42 -11.71 -56.77
N GLY G 133 29.37 -11.69 -55.83
CA GLY G 133 30.65 -12.39 -56.04
C GLY G 133 31.76 -11.44 -56.43
N ASN G 134 31.41 -10.19 -56.76
CA ASN G 134 32.45 -9.16 -57.06
C ASN G 134 32.92 -8.57 -55.74
N LYS G 135 34.19 -8.81 -55.36
CA LYS G 135 34.67 -8.33 -54.04
C LYS G 135 34.63 -6.80 -54.03
N LEU G 136 34.48 -6.20 -52.84
CA LEU G 136 34.32 -4.73 -52.78
C LEU G 136 35.40 -4.09 -51.91
N LEU G 137 35.70 -4.64 -50.74
CA LEU G 137 36.62 -3.95 -49.80
C LEU G 137 38.07 -4.45 -49.92
N ASN G 138 38.30 -5.57 -50.58
CA ASN G 138 39.68 -6.13 -50.62
C ASN G 138 40.61 -5.14 -51.32
N GLY G 139 40.12 -4.48 -52.37
CA GLY G 139 40.94 -3.55 -53.15
C GLY G 139 40.87 -3.87 -54.63
N THR G 140 40.30 -5.02 -54.97
CA THR G 140 40.16 -5.41 -56.40
C THR G 140 39.24 -4.40 -57.11
N PHE G 141 38.24 -3.90 -56.40
CA PHE G 141 37.26 -2.97 -57.02
C PHE G 141 37.84 -1.55 -57.00
N SER G 142 38.41 -1.10 -58.11
CA SER G 142 38.91 0.29 -58.20
C SER G 142 37.85 1.16 -58.88
N THR G 143 38.21 2.37 -59.30
CA THR G 143 37.26 3.26 -60.00
C THR G 143 36.47 2.44 -61.02
N LYS G 144 35.15 2.35 -60.86
CA LYS G 144 34.32 1.65 -61.87
C LYS G 144 33.69 2.67 -62.81
N SER G 145 32.72 2.25 -63.62
CA SER G 145 32.12 3.17 -64.63
C SER G 145 30.74 3.64 -64.16
N PHE G 146 29.77 2.74 -64.09
CA PHE G 146 28.39 3.11 -63.68
C PHE G 146 27.80 4.11 -64.68
N GLN G 147 27.52 3.65 -65.91
CA GLN G 147 26.88 4.52 -66.92
C GLN G 147 25.48 4.88 -66.42
N ILE G 148 25.08 6.15 -66.52
CA ILE G 148 23.75 6.58 -65.99
C ILE G 148 23.08 7.52 -67.00
N GLY G 149 23.09 7.17 -68.28
CA GLY G 149 22.53 8.08 -69.32
C GLY G 149 22.19 7.35 -70.60
N ALA G 150 21.37 7.97 -71.45
CA ALA G 150 20.91 7.30 -72.69
C ALA G 150 22.02 7.26 -73.73
N ASP G 151 23.00 8.18 -73.63
CA ASP G 151 24.06 8.24 -74.66
C ASP G 151 25.35 7.65 -74.09
N ASN G 152 26.40 7.58 -74.91
CA ASN G 152 27.67 6.96 -74.47
C ASN G 152 28.57 8.02 -73.82
N GLY G 153 29.51 7.57 -72.99
CA GLY G 153 30.51 8.51 -72.41
C GLY G 153 29.95 9.42 -71.35
N GLU G 154 29.07 8.92 -70.48
CA GLU G 154 28.45 9.83 -69.48
C GLU G 154 28.45 9.15 -68.10
N ALA G 155 29.24 8.08 -67.94
CA ALA G 155 29.24 7.32 -66.67
C ALA G 155 29.90 8.16 -65.56
N VAL G 156 29.70 7.76 -64.30
CA VAL G 156 30.29 8.51 -63.14
C VAL G 156 31.26 7.58 -62.41
N MET G 157 32.56 7.85 -62.51
CA MET G 157 33.59 6.96 -61.90
C MET G 157 33.32 6.78 -60.41
N LEU G 158 33.39 5.55 -59.91
CA LEU G 158 33.23 5.30 -58.45
C LEU G 158 34.35 4.35 -58.00
N THR G 159 35.23 4.83 -57.12
CA THR G 159 36.35 4.00 -56.63
C THR G 159 36.00 3.41 -55.27
N LEU G 160 36.54 2.24 -54.94
CA LEU G 160 36.30 1.64 -53.60
C LEU G 160 37.68 1.40 -52.97
N LYS G 161 37.96 2.04 -51.83
CA LYS G 161 39.31 1.93 -51.21
C LYS G 161 39.42 0.64 -50.38
N ASP G 162 40.65 0.16 -50.16
CA ASP G 162 40.87 -1.05 -49.33
C ASP G 162 40.42 -0.75 -47.90
N MET G 163 39.70 -1.68 -47.29
CA MET G 163 39.26 -1.50 -45.88
C MET G 163 40.04 -2.46 -44.98
N ARG G 164 41.06 -3.15 -45.54
CA ARG G 164 41.86 -4.11 -44.74
C ARG G 164 42.59 -3.37 -43.62
N SER G 165 42.82 -4.03 -42.49
CA SER G 165 43.43 -3.34 -41.31
C SER G 165 44.93 -3.14 -41.51
N ASP G 166 45.45 -3.48 -42.69
CA ASP G 166 46.90 -3.32 -42.97
C ASP G 166 47.10 -2.23 -44.04
N ASN G 167 46.01 -1.74 -44.62
CA ASN G 167 46.13 -0.63 -45.60
C ASN G 167 46.77 0.58 -44.88
N ARG G 168 47.84 1.13 -45.45
CA ARG G 168 48.56 2.25 -44.79
C ARG G 168 47.55 3.26 -44.22
N MET G 169 46.57 3.67 -45.01
CA MET G 169 45.63 4.72 -44.55
C MET G 169 45.03 4.30 -43.21
N MET G 170 44.74 3.01 -43.04
CA MET G 170 44.21 2.53 -41.73
C MET G 170 45.38 2.44 -40.75
N GLY G 171 46.11 3.54 -40.59
CA GLY G 171 47.28 3.56 -39.68
C GLY G 171 48.11 4.81 -39.91
N GLY G 172 49.38 4.77 -39.53
CA GLY G 172 50.25 5.95 -39.67
C GLY G 172 51.68 5.67 -39.26
N THR G 173 52.45 6.72 -38.96
CA THR G 173 53.88 6.55 -38.60
C THR G 173 54.09 6.89 -37.13
N SER G 174 54.73 5.99 -36.38
CA SER G 174 54.98 6.21 -34.94
C SER G 174 56.43 6.63 -34.70
N TYR G 175 56.65 7.83 -34.15
CA TYR G 175 58.03 8.27 -33.81
C TYR G 175 58.15 8.26 -32.30
N VAL G 176 59.00 7.38 -31.74
CA VAL G 176 59.14 7.28 -30.27
C VAL G 176 60.44 7.98 -29.86
N ALA G 177 60.56 8.36 -28.58
CA ALA G 177 61.78 9.04 -28.10
C ALA G 177 62.85 7.99 -27.78
N ALA G 178 63.98 8.42 -27.20
CA ALA G 178 65.04 7.47 -26.81
C ALA G 178 65.36 7.65 -25.33
N GLU G 179 65.01 8.81 -24.75
CA GLU G 179 65.37 9.08 -23.34
C GLU G 179 64.14 8.93 -22.45
N GLY G 180 64.18 8.00 -21.49
CA GLY G 180 63.07 7.83 -20.54
C GLY G 180 63.16 8.85 -19.42
N LYS G 181 62.03 9.46 -19.06
CA LYS G 181 62.00 10.46 -17.96
C LYS G 181 61.18 9.90 -16.80
N ASP G 182 61.71 9.94 -15.57
CA ASP G 182 61.00 9.33 -14.42
C ASP G 182 60.15 10.37 -13.70
N LYS G 183 59.47 9.97 -12.62
CA LYS G 183 58.59 10.91 -11.88
C LYS G 183 59.40 12.15 -11.49
N ASP G 184 60.64 11.97 -11.02
CA ASP G 184 61.42 13.12 -10.52
C ASP G 184 61.68 14.11 -11.67
N TRP G 185 61.73 13.62 -12.91
CA TRP G 185 62.07 14.52 -14.04
C TRP G 185 61.00 15.60 -14.19
N LYS G 186 61.42 16.84 -14.42
CA LYS G 186 60.46 17.95 -14.67
C LYS G 186 60.96 18.75 -15.86
N VAL G 187 60.07 19.25 -16.70
CA VAL G 187 60.51 20.09 -17.85
C VAL G 187 61.47 21.15 -17.30
N GLN G 188 62.73 21.12 -17.72
CA GLN G 188 63.71 22.14 -17.27
C GLN G 188 63.51 23.41 -18.08
N ALA G 189 63.38 24.55 -17.41
CA ALA G 189 63.27 25.83 -18.14
C ALA G 189 64.53 26.01 -18.98
N GLY G 190 64.40 26.59 -20.18
CA GLY G 190 65.56 26.69 -21.09
C GLY G 190 65.46 25.60 -22.14
N ALA G 191 64.69 24.56 -21.86
CA ALA G 191 64.47 23.48 -22.83
C ALA G 191 62.97 23.20 -22.88
N ASN G 192 62.15 24.25 -22.82
CA ASN G 192 60.67 24.06 -22.78
C ASN G 192 60.09 24.14 -24.20
N ASP G 193 60.93 24.14 -25.23
CA ASP G 193 60.42 24.32 -26.61
C ASP G 193 60.56 23.03 -27.42
N ILE G 194 59.50 22.64 -28.13
CA ILE G 194 59.58 21.46 -29.02
C ILE G 194 58.86 21.82 -30.33
N THR G 195 59.56 21.74 -31.46
CA THR G 195 58.95 22.19 -32.75
C THR G 195 58.71 20.98 -33.66
N PHE G 196 57.46 20.80 -34.07
CA PHE G 196 57.12 19.67 -35.00
C PHE G 196 57.04 20.21 -36.42
N THR G 197 58.01 19.89 -37.25
CA THR G 197 57.99 20.33 -38.68
C THR G 197 57.48 19.17 -39.53
N LEU G 198 56.33 19.36 -40.19
CA LEU G 198 55.72 18.24 -40.97
C LEU G 198 55.04 18.79 -42.23
N LYS G 199 54.59 17.90 -43.11
CA LYS G 199 53.88 18.33 -44.35
C LYS G 199 52.44 17.81 -44.28
N ASP G 200 51.46 18.71 -44.37
CA ASP G 200 50.03 18.32 -44.34
C ASP G 200 49.76 17.33 -45.49
N ILE G 201 48.82 16.41 -45.30
CA ILE G 201 48.44 15.49 -46.41
C ILE G 201 48.07 16.37 -47.61
N ASP G 202 47.58 17.59 -47.33
CA ASP G 202 47.20 18.53 -48.41
C ASP G 202 48.45 18.85 -49.25
N GLY G 203 49.60 19.00 -48.60
CA GLY G 203 50.84 19.32 -49.32
C GLY G 203 51.43 20.63 -48.83
N ASN G 204 50.82 21.24 -47.82
CA ASN G 204 51.39 22.49 -47.23
C ASN G 204 52.22 22.12 -46.00
N ASP G 205 53.29 22.88 -45.72
CA ASP G 205 54.19 22.53 -44.59
C ASP G 205 53.75 23.27 -43.33
N GLN G 206 53.84 22.61 -42.17
CA GLN G 206 53.47 23.24 -40.88
C GLN G 206 54.68 23.20 -39.95
N THR G 207 54.90 24.26 -39.16
CA THR G 207 56.01 24.25 -38.18
C THR G 207 55.42 24.40 -36.78
N ILE G 208 54.81 23.35 -36.26
CA ILE G 208 54.13 23.43 -34.93
C ILE G 208 55.16 23.72 -33.85
N THR G 209 54.90 24.71 -32.98
CA THR G 209 55.80 24.99 -31.84
C THR G 209 55.00 24.81 -30.54
N VAL G 210 55.48 23.97 -29.64
CA VAL G 210 54.72 23.69 -28.39
C VAL G 210 55.60 24.04 -27.19
N ASN G 211 55.58 25.31 -26.76
CA ASN G 211 56.38 25.71 -25.57
C ASN G 211 55.77 25.05 -24.34
N ALA G 212 56.31 23.90 -23.93
CA ALA G 212 55.74 23.13 -22.79
C ALA G 212 55.90 23.91 -21.49
N LYS G 213 55.05 23.63 -20.50
CA LYS G 213 55.08 24.40 -19.23
C LYS G 213 56.20 23.87 -18.32
N GLU G 214 56.91 24.78 -17.64
CA GLU G 214 58.01 24.36 -16.74
C GLU G 214 57.43 23.62 -15.54
N GLY G 215 57.99 22.46 -15.19
CA GLY G 215 57.53 21.70 -14.02
C GLY G 215 56.70 20.48 -14.42
N ASP G 216 56.25 20.43 -15.67
CA ASP G 216 55.38 19.31 -16.11
C ASP G 216 56.15 17.99 -16.08
N ASP G 217 55.49 16.91 -15.71
CA ASP G 217 56.13 15.57 -15.76
C ASP G 217 55.95 15.05 -17.18
N ILE G 218 56.69 14.01 -17.57
CA ILE G 218 56.62 13.57 -18.99
C ILE G 218 55.15 13.33 -19.35
N GLU G 219 54.37 12.77 -18.44
CA GLU G 219 52.94 12.48 -18.71
C GLU G 219 52.19 13.79 -18.97
N GLU G 220 52.44 14.81 -18.16
CA GLU G 220 51.76 16.12 -18.33
C GLU G 220 52.21 16.76 -19.65
N VAL G 221 53.50 16.65 -19.99
CA VAL G 221 54.01 17.20 -21.26
C VAL G 221 53.18 16.60 -22.39
N ALA G 222 52.94 15.30 -22.33
CA ALA G 222 52.16 14.63 -23.40
C ALA G 222 50.80 15.32 -23.50
N THR G 223 50.11 15.51 -22.37
CA THR G 223 48.75 16.09 -22.43
C THR G 223 48.83 17.46 -23.10
N TYR G 224 49.83 18.27 -22.70
CA TYR G 224 49.95 19.63 -23.27
C TYR G 224 50.08 19.49 -24.78
N ILE G 225 50.96 18.62 -25.25
CA ILE G 225 51.19 18.50 -26.72
C ILE G 225 49.87 18.09 -27.38
N ASN G 226 49.21 17.06 -26.84
CA ASN G 226 47.95 16.57 -27.47
C ASN G 226 46.96 17.72 -27.58
N GLY G 227 46.89 18.57 -26.55
CA GLY G 227 45.93 19.69 -26.55
C GLY G 227 46.37 20.82 -27.47
N GLN G 228 47.65 21.15 -27.47
CA GLN G 228 48.13 22.30 -28.28
C GLN G 228 47.87 22.06 -29.76
N THR G 229 47.99 20.82 -30.23
CA THR G 229 47.84 20.56 -31.68
C THR G 229 47.13 19.24 -31.94
N ASP G 230 46.44 19.12 -33.07
CA ASP G 230 45.73 17.87 -33.42
C ASP G 230 46.50 17.16 -34.54
N MET G 231 47.51 17.81 -35.09
CA MET G 231 48.27 17.22 -36.22
C MET G 231 48.94 15.94 -35.72
N VAL G 232 49.54 15.97 -34.53
CA VAL G 232 50.26 14.78 -34.01
C VAL G 232 49.74 14.45 -32.61
N LYS G 233 49.47 13.17 -32.33
CA LYS G 233 49.04 12.75 -30.98
C LYS G 233 50.28 12.27 -30.21
N ALA G 234 50.22 12.26 -28.88
CA ALA G 234 51.41 11.89 -28.09
C ALA G 234 51.02 11.10 -26.85
N SER G 235 51.94 10.29 -26.32
CA SER G 235 51.66 9.48 -25.09
C SER G 235 52.99 9.04 -24.48
N VAL G 236 52.97 8.51 -23.26
CA VAL G 236 54.21 8.07 -22.57
C VAL G 236 54.15 6.55 -22.40
N ASN G 237 55.28 5.86 -22.56
CA ASN G 237 55.31 4.37 -22.44
C ASN G 237 55.70 3.98 -21.01
N GLU G 238 55.82 2.68 -20.75
CA GLU G 238 56.17 2.20 -19.39
C GLU G 238 57.56 2.70 -19.00
N LYS G 239 58.49 2.73 -19.94
CA LYS G 239 59.90 3.12 -19.63
C LYS G 239 59.95 4.62 -19.33
N GLY G 240 58.87 5.35 -19.60
CA GLY G 240 58.87 6.80 -19.38
C GLY G 240 59.36 7.55 -20.60
N GLN G 241 59.09 7.02 -21.79
CA GLN G 241 59.54 7.67 -23.05
C GLN G 241 58.32 8.20 -23.81
N LEU G 242 58.45 9.36 -24.44
CA LEU G 242 57.29 9.98 -25.14
C LEU G 242 57.13 9.35 -26.53
N GLN G 243 55.91 8.94 -26.86
CA GLN G 243 55.64 8.40 -28.21
C GLN G 243 54.84 9.46 -28.97
N ILE G 244 55.20 9.75 -30.21
CA ILE G 244 54.42 10.73 -31.03
C ILE G 244 53.94 10.03 -32.30
N PHE G 245 52.62 10.00 -32.53
CA PHE G 245 52.05 9.30 -33.71
C PHE G 245 51.58 10.32 -34.75
N ALA G 246 51.85 10.06 -36.02
CA ALA G 246 51.37 10.95 -37.10
C ALA G 246 50.45 10.14 -38.03
N GLY G 247 49.16 10.47 -38.04
CA GLY G 247 48.20 9.75 -38.88
C GLY G 247 48.49 9.93 -40.35
N ASN G 248 48.59 8.84 -41.11
CA ASN G 248 48.93 8.92 -42.55
C ASN G 248 47.89 9.77 -43.27
N ASN G 249 46.70 9.90 -42.68
CA ASN G 249 45.61 10.66 -43.34
C ASN G 249 45.73 12.16 -43.03
N LYS G 250 46.55 12.52 -42.05
CA LYS G 250 46.70 13.95 -41.66
C LYS G 250 48.09 14.45 -42.05
N VAL G 251 49.14 13.73 -41.66
CA VAL G 251 50.52 14.18 -41.97
C VAL G 251 51.10 13.30 -43.06
N THR G 252 51.67 13.91 -44.10
CA THR G 252 52.33 13.11 -45.18
C THR G 252 53.85 13.25 -45.06
N GLY G 253 54.55 12.14 -44.81
CA GLY G 253 56.03 12.19 -44.75
C GLY G 253 56.52 12.18 -43.32
N ASP G 254 57.83 12.35 -43.12
CA ASP G 254 58.41 12.29 -41.75
C ASP G 254 58.14 13.60 -41.00
N VAL G 255 58.21 13.58 -39.67
CA VAL G 255 58.02 14.81 -38.86
C VAL G 255 59.38 15.22 -38.29
N ALA G 256 59.88 16.39 -38.69
CA ALA G 256 61.19 16.88 -38.18
C ALA G 256 61.01 17.38 -36.75
N PHE G 257 61.87 16.91 -35.83
CA PHE G 257 61.71 17.31 -34.41
C PHE G 257 62.80 18.33 -34.07
N SER G 258 62.41 19.44 -33.42
CA SER G 258 63.40 20.51 -33.12
C SER G 258 63.09 21.14 -31.77
N GLY G 259 64.09 21.77 -31.14
CA GLY G 259 63.86 22.47 -29.87
C GLY G 259 64.65 21.85 -28.73
N GLY G 260 64.76 22.56 -27.61
CA GLY G 260 65.49 22.05 -26.44
C GLY G 260 64.86 20.78 -25.89
N LEU G 261 63.54 20.80 -25.68
CA LEU G 261 62.83 19.61 -25.15
C LEU G 261 63.01 18.47 -26.15
N ALA G 262 62.90 18.78 -27.44
CA ALA G 262 63.17 17.75 -28.46
C ALA G 262 64.56 17.17 -28.20
N GLY G 263 65.53 18.05 -27.95
CA GLY G 263 66.91 17.59 -27.70
C GLY G 263 66.94 16.66 -26.50
N ALA G 264 66.27 17.03 -25.41
CA ALA G 264 66.29 16.20 -24.18
C ALA G 264 65.63 14.85 -24.47
N LEU G 265 64.49 14.85 -25.15
CA LEU G 265 63.75 13.59 -25.41
C LEU G 265 64.53 12.72 -26.40
N ASN G 266 65.24 13.36 -27.34
CA ASN G 266 65.99 12.61 -28.38
C ASN G 266 65.03 11.66 -29.09
N MET G 267 64.10 12.22 -29.88
CA MET G 267 63.11 11.38 -30.62
C MET G 267 63.86 10.46 -31.60
N GLN G 268 63.30 9.28 -31.88
CA GLN G 268 63.98 8.31 -32.78
C GLN G 268 63.28 8.27 -34.14
N ALA G 269 63.49 7.20 -34.91
CA ALA G 269 62.93 7.13 -36.27
C ALA G 269 61.42 6.87 -36.22
N GLY G 270 60.73 7.12 -37.34
CA GLY G 270 59.27 6.89 -37.39
C GLY G 270 58.94 5.52 -37.93
N THR G 271 58.64 4.57 -37.05
CA THR G 271 58.23 3.20 -37.49
C THR G 271 56.81 3.26 -38.02
N ALA G 272 56.43 2.34 -38.91
CA ALA G 272 55.08 2.37 -39.50
C ALA G 272 54.15 1.45 -38.71
N GLU G 273 52.96 1.95 -38.35
CA GLU G 273 52.02 1.15 -37.52
C GLU G 273 50.64 1.15 -38.18
N THR G 274 50.05 -0.04 -38.37
CA THR G 274 48.66 -0.11 -38.91
C THR G 274 47.82 -0.91 -37.91
N VAL G 275 46.50 -0.92 -38.11
CA VAL G 275 45.61 -1.63 -37.14
C VAL G 275 46.10 -3.07 -37.04
N ASP G 276 46.53 -3.65 -38.17
CA ASP G 276 47.01 -5.05 -38.16
C ASP G 276 48.23 -5.16 -37.24
N THR G 277 48.97 -4.06 -37.03
CA THR G 277 50.22 -4.15 -36.23
C THR G 277 49.98 -3.72 -34.79
N ILE G 278 48.77 -3.29 -34.42
CA ILE G 278 48.58 -2.76 -33.04
C ILE G 278 48.77 -3.89 -32.02
N ASP G 279 49.42 -3.59 -30.89
CA ASP G 279 49.61 -4.59 -29.81
C ASP G 279 49.42 -3.87 -28.47
N VAL G 280 48.63 -4.43 -27.55
CA VAL G 280 48.34 -3.72 -26.29
C VAL G 280 49.01 -4.44 -25.11
N THR G 281 49.79 -5.49 -25.39
CA THR G 281 50.39 -6.28 -24.29
C THR G 281 51.21 -5.34 -23.39
N SER G 282 51.46 -4.12 -23.86
CA SER G 282 52.26 -3.14 -23.06
C SER G 282 51.52 -1.80 -23.03
N VAL G 283 51.75 -0.99 -21.99
CA VAL G 283 51.00 0.28 -21.86
C VAL G 283 51.30 1.15 -23.08
N GLY G 284 52.58 1.32 -23.41
CA GLY G 284 52.95 2.21 -24.54
C GLY G 284 52.23 1.77 -25.80
N GLY G 285 52.20 0.46 -26.05
CA GLY G 285 51.51 -0.06 -27.24
C GLY G 285 50.03 0.29 -27.21
N ALA G 286 49.39 0.12 -26.06
CA ALA G 286 47.96 0.47 -25.94
C ALA G 286 47.77 1.96 -26.24
N GLN G 287 48.52 2.82 -25.58
CA GLN G 287 48.40 4.28 -25.81
C GLN G 287 48.59 4.55 -27.30
N GLN G 288 49.65 3.97 -27.88
CA GLN G 288 49.94 4.19 -29.31
C GLN G 288 48.76 3.66 -30.14
N SER G 289 48.26 2.48 -29.79
CA SER G 289 47.17 1.88 -30.60
C SER G 289 46.00 2.87 -30.67
N VAL G 290 45.63 3.47 -29.53
CA VAL G 290 44.41 4.35 -29.55
C VAL G 290 44.56 5.30 -30.73
N ALA G 291 45.73 5.93 -30.87
CA ALA G 291 45.95 6.90 -31.96
C ALA G 291 45.80 6.22 -33.33
N VAL G 292 46.43 5.05 -33.50
CA VAL G 292 46.28 4.31 -34.79
C VAL G 292 44.79 4.11 -35.03
N ILE G 293 44.07 3.59 -34.04
CA ILE G 293 42.62 3.28 -34.22
C ILE G 293 41.91 4.57 -34.65
N ASP G 294 42.21 5.68 -33.98
CA ASP G 294 41.54 6.96 -34.30
C ASP G 294 41.78 7.29 -35.78
N SER G 295 43.04 7.23 -36.21
CA SER G 295 43.37 7.58 -37.61
C SER G 295 42.57 6.67 -38.54
N ALA G 296 42.57 5.37 -38.27
CA ALA G 296 41.86 4.41 -39.14
C ALA G 296 40.37 4.74 -39.13
N LEU G 297 39.81 4.99 -37.95
CA LEU G 297 38.35 5.26 -37.85
C LEU G 297 38.02 6.41 -38.81
N LYS G 298 38.82 7.48 -38.78
CA LYS G 298 38.56 8.65 -39.64
C LYS G 298 38.59 8.19 -41.10
N TYR G 299 39.61 7.41 -41.47
CA TYR G 299 39.74 6.96 -42.88
C TYR G 299 38.46 6.23 -43.27
N VAL G 300 38.00 5.32 -42.42
CA VAL G 300 36.77 4.55 -42.72
C VAL G 300 35.60 5.53 -42.88
N ASP G 301 35.39 6.37 -41.85
CA ASP G 301 34.28 7.36 -41.90
C ASP G 301 34.42 8.17 -43.19
N SER G 302 35.64 8.60 -43.49
CA SER G 302 35.85 9.41 -44.73
C SER G 302 35.30 8.66 -45.93
N HIS G 303 35.70 7.40 -46.11
CA HIS G 303 35.27 6.64 -47.31
C HIS G 303 33.75 6.46 -47.24
N ARG G 304 33.23 6.25 -46.04
CA ARG G 304 31.75 6.10 -45.87
C ARG G 304 31.08 7.36 -46.41
N ALA G 305 31.61 8.53 -46.05
CA ALA G 305 31.00 9.81 -46.50
C ALA G 305 30.97 9.87 -48.02
N GLU G 306 32.09 9.55 -48.66
CA GLU G 306 32.17 9.63 -50.14
C GLU G 306 31.10 8.72 -50.72
N LEU G 307 30.97 7.50 -50.19
CA LEU G 307 29.94 6.55 -50.67
C LEU G 307 28.57 7.21 -50.54
N GLY G 308 28.30 7.81 -49.38
CA GLY G 308 26.98 8.44 -49.16
C GLY G 308 26.70 9.48 -50.23
N ALA G 309 27.69 10.34 -50.51
CA ALA G 309 27.50 11.38 -51.53
C ALA G 309 27.16 10.71 -52.86
N PHE G 310 28.00 9.75 -53.28
CA PHE G 310 27.74 9.01 -54.54
C PHE G 310 26.28 8.58 -54.56
N GLN G 311 25.81 7.99 -53.46
CA GLN G 311 24.41 7.49 -53.41
C GLN G 311 23.46 8.66 -53.65
N ASN G 312 23.66 9.77 -52.93
CA ASN G 312 22.77 10.95 -53.09
C ASN G 312 22.88 11.47 -54.52
N ARG G 313 24.11 11.59 -55.03
CA ARG G 313 24.33 12.11 -56.41
C ARG G 313 23.55 11.22 -57.38
N PHE G 314 23.72 9.90 -57.24
CA PHE G 314 23.05 8.96 -58.15
C PHE G 314 21.53 9.11 -57.97
N ASN G 315 21.08 9.25 -56.73
CA ASN G 315 19.63 9.37 -56.47
C ASN G 315 19.07 10.55 -57.26
N HIS G 316 19.70 11.72 -57.14
CA HIS G 316 19.22 12.92 -57.86
C HIS G 316 19.22 12.63 -59.36
N ALA G 317 20.29 11.99 -59.83
CA ALA G 317 20.40 11.69 -61.27
C ALA G 317 19.21 10.83 -61.70
N ILE G 318 18.96 9.74 -60.96
CA ILE G 318 17.78 8.90 -61.26
C ILE G 318 16.58 9.83 -61.43
N SER G 319 16.39 10.74 -60.47
CA SER G 319 15.20 11.63 -60.53
C SER G 319 15.19 12.38 -61.85
N ASN G 320 16.30 13.03 -62.19
CA ASN G 320 16.35 13.82 -63.45
C ASN G 320 16.00 12.88 -64.62
N LEU G 321 16.63 11.70 -64.65
CA LEU G 321 16.38 10.76 -65.78
C LEU G 321 14.87 10.52 -65.88
N ASP G 322 14.21 10.30 -64.73
CA ASP G 322 12.76 9.97 -64.75
C ASP G 322 11.98 11.11 -65.41
N ASN G 323 12.16 12.35 -64.93
CA ASN G 323 11.34 13.45 -65.49
C ASN G 323 11.66 13.61 -66.97
N ILE G 324 12.93 13.50 -67.34
CA ILE G 324 13.30 13.59 -68.78
C ILE G 324 12.54 12.50 -69.53
N ASN G 325 12.57 11.27 -69.01
CA ASN G 325 11.90 10.13 -69.71
C ASN G 325 10.43 10.48 -69.88
N GLU G 326 9.77 10.88 -68.79
CA GLU G 326 8.31 11.17 -68.86
C GLU G 326 8.06 12.16 -70.00
N ASN G 327 8.85 13.24 -70.04
CA ASN G 327 8.67 14.26 -71.11
C ASN G 327 8.97 13.61 -72.46
N VAL G 328 10.03 12.81 -72.55
CA VAL G 328 10.42 12.22 -73.86
C VAL G 328 9.23 11.41 -74.38
N ASN G 329 8.73 10.48 -73.56
CA ASN G 329 7.60 9.62 -73.98
C ASN G 329 6.49 10.52 -74.49
N ALA G 330 6.17 11.59 -73.75
CA ALA G 330 5.08 12.49 -74.14
C ALA G 330 5.35 13.05 -75.54
N SER G 331 6.54 13.57 -75.76
CA SER G 331 6.88 14.18 -77.07
C SER G 331 6.70 13.11 -78.15
N LYS G 332 7.27 11.93 -77.91
CA LYS G 332 7.16 10.83 -78.90
C LYS G 332 5.69 10.65 -79.27
N SER G 333 4.82 10.55 -78.25
CA SER G 333 3.38 10.29 -78.54
C SER G 333 2.87 11.37 -79.50
N ARG G 334 3.07 12.64 -79.16
CA ARG G 334 2.51 13.73 -80.00
C ARG G 334 2.88 13.50 -81.46
N ILE G 335 3.99 12.80 -81.73
CA ILE G 335 4.46 12.63 -83.14
C ILE G 335 4.08 11.24 -83.66
N LYS G 336 4.01 10.22 -82.80
CA LYS G 336 3.81 8.85 -83.32
C LYS G 336 2.43 8.28 -82.96
N ASP G 337 1.86 8.65 -81.82
CA ASP G 337 0.58 8.00 -81.39
C ASP G 337 -0.56 8.36 -82.35
N THR G 338 -1.69 7.66 -82.26
CA THR G 338 -2.86 7.99 -83.10
C THR G 338 -3.92 8.73 -82.29
N ASP G 339 -4.41 9.87 -82.78
CA ASP G 339 -5.53 10.54 -82.09
C ASP G 339 -6.79 9.73 -82.41
N PHE G 340 -7.08 8.71 -81.61
CA PHE G 340 -8.22 7.81 -81.95
C PHE G 340 -9.40 8.67 -82.41
N ALA G 341 -9.68 9.76 -81.70
CA ALA G 341 -10.79 10.64 -82.09
C ALA G 341 -10.65 11.02 -83.57
N LYS G 342 -9.57 11.72 -83.91
CA LYS G 342 -9.40 12.19 -85.31
C LYS G 342 -9.41 10.98 -86.24
N GLU G 343 -8.67 9.94 -85.89
CA GLU G 343 -8.57 8.76 -86.80
C GLU G 343 -9.95 8.14 -86.99
N THR G 344 -10.68 7.91 -85.90
CA THR G 344 -11.97 7.20 -86.03
C THR G 344 -12.90 8.00 -86.94
N THR G 345 -12.97 9.32 -86.73
CA THR G 345 -13.80 10.16 -87.64
C THR G 345 -13.38 9.87 -89.07
N ALA G 346 -12.09 9.94 -89.36
CA ALA G 346 -11.62 9.74 -90.75
C ALA G 346 -12.13 8.40 -91.28
N LEU G 347 -12.08 7.36 -90.45
CA LEU G 347 -12.51 6.01 -90.93
C LEU G 347 -13.96 6.10 -91.37
N THR G 348 -14.81 6.71 -90.55
CA THR G 348 -16.25 6.77 -90.90
C THR G 348 -16.39 7.55 -92.20
N LYS G 349 -15.67 8.67 -92.30
CA LYS G 349 -15.72 9.47 -93.55
C LYS G 349 -15.34 8.57 -94.72
N SER G 350 -14.25 7.83 -94.59
CA SER G 350 -13.77 6.97 -95.70
C SER G 350 -14.87 5.97 -96.06
N GLN G 351 -15.45 5.32 -95.06
CA GLN G 351 -16.52 4.33 -95.31
C GLN G 351 -17.66 5.02 -96.07
N ILE G 352 -18.10 6.18 -95.59
CA ILE G 352 -19.23 6.89 -96.24
C ILE G 352 -18.84 7.13 -97.71
N LEU G 353 -17.63 7.60 -97.93
CA LEU G 353 -17.18 7.91 -99.32
C LEU G 353 -17.19 6.65 -100.16
N SER G 354 -16.77 5.52 -99.58
CA SER G 354 -16.71 4.25 -100.34
C SER G 354 -18.12 3.85 -100.76
N GLN G 355 -19.06 3.84 -99.81
CA GLN G 355 -20.46 3.46 -100.11
C GLN G 355 -21.02 4.47 -101.12
N ALA G 356 -20.74 5.75 -100.88
CA ALA G 356 -21.25 6.80 -101.78
C ALA G 356 -20.77 6.51 -103.20
N SER G 357 -19.46 6.43 -103.39
CA SER G 357 -18.90 6.21 -104.74
C SER G 357 -19.50 4.92 -105.32
N SER G 358 -19.62 3.88 -104.49
CA SER G 358 -20.13 2.58 -105.00
C SER G 358 -21.52 2.78 -105.60
N SER G 359 -22.38 3.49 -104.87
CA SER G 359 -23.77 3.70 -105.36
C SER G 359 -23.73 4.45 -106.69
N VAL G 360 -22.90 5.49 -106.76
CA VAL G 360 -22.76 6.26 -108.03
C VAL G 360 -22.31 5.29 -109.12
N LEU G 361 -21.31 4.45 -108.81
CA LEU G 361 -20.77 3.50 -109.82
C LEU G 361 -21.90 2.58 -110.28
N ALA G 362 -22.75 2.15 -109.35
CA ALA G 362 -23.86 1.24 -109.72
C ALA G 362 -24.70 1.89 -110.80
N GLN G 363 -25.08 3.15 -110.60
CA GLN G 363 -25.88 3.88 -111.61
C GLN G 363 -25.07 3.99 -112.89
N ALA G 364 -23.80 4.36 -112.78
CA ALA G 364 -22.94 4.53 -113.98
C ALA G 364 -22.96 3.24 -114.79
N LYS G 365 -22.75 2.10 -114.14
CA LYS G 365 -22.70 0.81 -114.88
C LYS G 365 -23.95 0.71 -115.75
N GLN G 366 -25.09 1.20 -115.25
CA GLN G 366 -26.37 1.08 -115.99
C GLN G 366 -26.46 2.16 -117.06
N ALA G 367 -25.58 3.16 -117.03
CA ALA G 367 -25.72 4.28 -118.00
C ALA G 367 -25.83 3.73 -119.43
N PRO G 368 -24.86 2.96 -119.96
CA PRO G 368 -24.92 2.52 -121.36
C PRO G 368 -26.24 1.84 -121.73
N ASN G 369 -26.99 1.35 -120.73
CA ASN G 369 -28.23 0.59 -121.04
C ASN G 369 -29.16 1.46 -121.89
N ALA G 370 -28.99 2.77 -121.82
CA ALA G 370 -29.80 3.68 -122.66
C ALA G 370 -29.78 3.18 -124.11
N ALA G 371 -28.58 3.04 -124.68
CA ALA G 371 -28.47 2.60 -126.09
C ALA G 371 -29.42 1.43 -126.34
N LEU G 372 -29.35 0.42 -125.49
CA LEU G 372 -30.19 -0.79 -125.70
C LEU G 372 -31.64 -0.33 -125.91
N SER G 373 -32.08 0.63 -125.09
CA SER G 373 -33.48 1.13 -125.22
C SER G 373 -33.63 1.87 -126.56
N LEU G 374 -32.65 2.67 -126.92
CA LEU G 374 -32.79 3.44 -128.18
C LEU G 374 -33.11 2.43 -129.29
N LEU G 375 -32.23 1.44 -129.51
CA LEU G 375 -32.41 0.53 -130.66
C LEU G 375 -32.38 -0.91 -130.16
N GLY G 376 -33.47 -1.66 -130.39
CA GLY G 376 -33.54 -3.06 -129.95
C GLY G 376 -33.93 -3.19 -128.50
N ALA H 1 -23.66 -29.69 -104.25
CA ALA H 1 -23.10 -28.35 -103.98
C ALA H 1 -24.14 -27.53 -103.22
N VAL H 2 -25.34 -27.42 -103.77
CA VAL H 2 -26.44 -26.65 -103.11
C VAL H 2 -27.56 -27.61 -102.75
N ASN H 3 -27.23 -28.89 -102.54
CA ASN H 3 -28.26 -29.89 -102.13
C ASN H 3 -28.90 -29.43 -100.81
N VAL H 4 -30.23 -29.41 -100.77
CA VAL H 4 -30.93 -28.93 -99.54
C VAL H 4 -31.41 -30.14 -98.74
N ASN H 5 -31.56 -31.29 -99.40
CA ASN H 5 -32.12 -32.48 -98.69
C ASN H 5 -31.15 -32.93 -97.60
N THR H 6 -29.90 -32.47 -97.64
CA THR H 6 -28.93 -32.81 -96.57
C THR H 6 -28.20 -31.57 -96.09
N ASN H 7 -27.48 -31.66 -94.97
CA ASN H 7 -26.67 -30.53 -94.48
C ASN H 7 -25.62 -31.08 -93.51
N VAL H 8 -24.56 -31.70 -94.03
CA VAL H 8 -23.53 -32.32 -93.16
C VAL H 8 -22.97 -31.24 -92.22
N ALA H 9 -22.77 -30.03 -92.74
CA ALA H 9 -22.18 -28.96 -91.92
C ALA H 9 -22.98 -28.81 -90.63
N ALA H 10 -24.31 -28.79 -90.74
CA ALA H 10 -25.17 -28.64 -89.55
C ALA H 10 -24.91 -29.81 -88.59
N MET H 11 -24.95 -31.04 -89.12
CA MET H 11 -24.74 -32.24 -88.27
C MET H 11 -23.42 -32.05 -87.52
N THR H 12 -22.38 -31.62 -88.22
CA THR H 12 -21.06 -31.43 -87.59
C THR H 12 -21.21 -30.50 -86.39
N ALA H 13 -21.65 -29.27 -86.61
CA ALA H 13 -21.76 -28.30 -85.51
C ALA H 13 -22.58 -28.92 -84.38
N GLN H 14 -23.69 -29.59 -84.72
CA GLN H 14 -24.56 -30.20 -83.69
C GLN H 14 -23.71 -31.16 -82.85
N ARG H 15 -22.88 -31.98 -83.49
CA ARG H 15 -22.09 -32.98 -82.74
C ARG H 15 -21.11 -32.25 -81.82
N TYR H 16 -20.41 -31.25 -82.34
CA TYR H 16 -19.42 -30.51 -81.52
C TYR H 16 -20.16 -29.75 -80.43
N LEU H 17 -21.35 -29.26 -80.74
CA LEU H 17 -22.18 -28.56 -79.72
C LEU H 17 -22.51 -29.56 -78.60
N THR H 18 -23.03 -30.73 -78.96
CA THR H 18 -23.44 -31.70 -77.92
C THR H 18 -22.23 -31.99 -77.03
N GLY H 19 -21.08 -32.17 -77.66
CA GLY H 19 -19.85 -32.45 -76.87
C GLY H 19 -19.61 -31.35 -75.86
N ALA H 20 -19.62 -30.09 -76.32
CA ALA H 20 -19.32 -28.96 -75.40
C ALA H 20 -20.39 -28.88 -74.31
N THR H 21 -21.66 -29.03 -74.69
CA THR H 21 -22.76 -28.93 -73.69
C THR H 21 -22.54 -29.98 -72.61
N ASN H 22 -22.23 -31.21 -73.02
CA ASN H 22 -22.08 -32.30 -72.01
C ASN H 22 -20.92 -31.95 -71.08
N ALA H 23 -19.87 -31.33 -71.62
CA ALA H 23 -18.73 -30.93 -70.78
C ALA H 23 -19.18 -29.90 -69.75
N GLN H 24 -19.99 -28.93 -70.20
CA GLN H 24 -20.53 -27.92 -69.26
C GLN H 24 -21.20 -28.65 -68.10
N GLN H 25 -22.10 -29.58 -68.41
CA GLN H 25 -22.88 -30.28 -67.34
C GLN H 25 -21.88 -30.91 -66.37
N THR H 26 -20.85 -31.56 -66.90
CA THR H 26 -19.86 -32.24 -66.02
C THR H 26 -19.18 -31.21 -65.13
N SER H 27 -18.72 -30.11 -65.72
CA SER H 27 -17.97 -29.09 -64.93
C SER H 27 -18.90 -28.47 -63.89
N MET H 28 -20.15 -28.23 -64.26
CA MET H 28 -21.13 -27.64 -63.31
C MET H 28 -21.32 -28.61 -62.13
N GLU H 29 -21.53 -29.89 -62.42
CA GLU H 29 -21.73 -30.88 -61.33
C GLU H 29 -20.48 -30.88 -60.45
N ARG H 30 -19.29 -30.86 -61.07
CA ARG H 30 -18.04 -30.91 -60.29
C ARG H 30 -17.96 -29.66 -59.40
N LEU H 31 -18.16 -28.49 -59.99
CA LEU H 31 -18.06 -27.22 -59.22
C LEU H 31 -19.12 -27.21 -58.12
N SER H 32 -20.33 -27.69 -58.41
CA SER H 32 -21.45 -27.62 -57.42
C SER H 32 -21.15 -28.50 -56.20
N SER H 33 -20.76 -29.75 -56.43
CA SER H 33 -20.54 -30.68 -55.30
C SER H 33 -19.13 -30.49 -54.76
N GLY H 34 -18.22 -29.97 -55.59
CA GLY H 34 -16.82 -29.82 -55.17
C GLY H 34 -16.06 -31.13 -55.28
N PHE H 35 -16.78 -32.20 -55.64
CA PHE H 35 -16.13 -33.54 -55.74
C PHE H 35 -15.88 -33.88 -57.21
N LYS H 36 -14.61 -34.05 -57.57
CA LYS H 36 -14.27 -34.35 -58.98
C LYS H 36 -14.89 -35.69 -59.36
N ILE H 37 -14.82 -36.68 -58.46
CA ILE H 37 -15.39 -38.03 -58.73
C ILE H 37 -16.84 -38.05 -58.24
N ASN H 38 -17.75 -37.48 -59.01
CA ASN H 38 -19.20 -37.49 -58.62
C ASN H 38 -19.79 -38.85 -59.00
N SER H 39 -19.04 -39.67 -59.74
CA SER H 39 -19.53 -41.00 -60.18
C SER H 39 -18.35 -41.82 -60.67
N ALA H 40 -18.48 -43.15 -60.65
CA ALA H 40 -17.36 -44.03 -61.05
C ALA H 40 -17.01 -43.78 -62.52
N LYS H 41 -17.99 -43.31 -63.31
CA LYS H 41 -17.72 -42.98 -64.73
C LYS H 41 -16.59 -41.95 -64.78
N ASP H 42 -16.45 -41.14 -63.74
CA ASP H 42 -15.34 -40.15 -63.70
C ASP H 42 -14.00 -40.87 -63.57
N ASP H 43 -13.86 -41.75 -62.57
CA ASP H 43 -12.59 -42.49 -62.34
C ASP H 43 -12.86 -43.67 -61.40
N ALA H 44 -12.93 -44.88 -61.95
CA ALA H 44 -13.24 -46.07 -61.13
C ALA H 44 -12.22 -46.21 -60.00
N ALA H 45 -10.93 -46.21 -60.35
CA ALA H 45 -9.88 -46.41 -59.33
C ALA H 45 -10.06 -45.35 -58.23
N GLY H 46 -10.15 -44.08 -58.63
CA GLY H 46 -10.26 -43.00 -57.65
C GLY H 46 -11.45 -43.24 -56.73
N LEU H 47 -12.59 -43.62 -57.28
CA LEU H 47 -13.80 -43.80 -56.44
C LEU H 47 -13.45 -44.85 -55.38
N GLN H 48 -12.97 -46.01 -55.81
CA GLN H 48 -12.70 -47.10 -54.84
C GLN H 48 -11.66 -46.63 -53.82
N ILE H 49 -10.56 -46.05 -54.28
CA ILE H 49 -9.50 -45.70 -53.30
C ILE H 49 -10.09 -44.66 -52.34
N SER H 50 -10.79 -43.66 -52.88
CA SER H 50 -11.36 -42.58 -52.03
C SER H 50 -12.37 -43.20 -51.07
N ASN H 51 -13.24 -44.08 -51.60
CA ASN H 51 -14.28 -44.69 -50.75
C ASN H 51 -13.58 -45.38 -49.58
N ARG H 52 -12.53 -46.14 -49.86
CA ARG H 52 -11.77 -46.83 -48.79
C ARG H 52 -11.05 -45.79 -47.93
N LEU H 53 -10.46 -44.78 -48.55
CA LEU H 53 -9.73 -43.72 -47.80
C LEU H 53 -10.72 -42.98 -46.89
N ASN H 54 -11.88 -42.60 -47.44
CA ASN H 54 -12.91 -41.89 -46.62
C ASN H 54 -13.36 -42.82 -45.50
N VAL H 55 -13.58 -44.11 -45.81
CA VAL H 55 -13.92 -45.06 -44.73
C VAL H 55 -12.87 -44.91 -43.63
N GLN H 56 -11.59 -44.99 -43.99
CA GLN H 56 -10.51 -44.90 -42.99
C GLN H 56 -10.66 -43.60 -42.19
N SER H 57 -10.86 -42.48 -42.88
CA SER H 57 -10.91 -41.17 -42.17
C SER H 57 -12.01 -41.22 -41.11
N ARG H 58 -13.24 -41.54 -41.52
CA ARG H 58 -14.37 -41.61 -40.57
C ARG H 58 -13.99 -42.57 -39.45
N GLY H 59 -13.39 -43.71 -39.80
CA GLY H 59 -13.00 -44.73 -38.80
C GLY H 59 -11.99 -44.18 -37.82
N LEU H 60 -11.03 -43.41 -38.31
CA LEU H 60 -10.02 -42.79 -37.41
C LEU H 60 -10.74 -41.88 -36.42
N ASP H 61 -11.80 -41.21 -36.87
CA ASP H 61 -12.59 -40.34 -35.94
C ASP H 61 -13.23 -41.22 -34.86
N VAL H 62 -13.96 -42.26 -35.26
CA VAL H 62 -14.58 -43.16 -34.26
C VAL H 62 -13.49 -43.63 -33.31
N ALA H 63 -12.32 -43.93 -33.85
CA ALA H 63 -11.22 -44.44 -33.00
C ALA H 63 -10.92 -43.43 -31.90
N VAL H 64 -10.72 -42.16 -32.26
CA VAL H 64 -10.30 -41.18 -31.21
C VAL H 64 -11.38 -41.14 -30.12
N ARG H 65 -12.64 -41.21 -30.50
CA ARG H 65 -13.74 -41.22 -29.50
C ARG H 65 -13.51 -42.41 -28.56
N ASN H 66 -13.33 -43.60 -29.12
CA ASN H 66 -13.14 -44.81 -28.29
C ASN H 66 -11.94 -44.59 -27.37
N ALA H 67 -10.80 -44.15 -27.92
CA ALA H 67 -9.60 -43.97 -27.11
C ALA H 67 -9.90 -42.95 -26.01
N ASN H 68 -10.56 -41.85 -26.39
CA ASN H 68 -10.87 -40.78 -25.41
C ASN H 68 -11.59 -41.41 -24.22
N ASP H 69 -12.62 -42.22 -24.48
CA ASP H 69 -13.41 -42.77 -23.34
C ASP H 69 -12.52 -43.75 -22.57
N GLY H 70 -11.56 -44.37 -23.23
CA GLY H 70 -10.63 -45.24 -22.48
C GLY H 70 -9.93 -44.42 -21.42
N ILE H 71 -9.42 -43.25 -21.80
CA ILE H 71 -8.78 -42.35 -20.80
C ILE H 71 -9.85 -41.92 -19.80
N SER H 72 -11.08 -41.72 -20.27
CA SER H 72 -12.18 -41.27 -19.40
C SER H 72 -12.46 -42.32 -18.32
N ILE H 73 -12.70 -43.57 -18.73
CA ILE H 73 -12.93 -44.66 -17.74
C ILE H 73 -11.69 -44.76 -16.86
N ALA H 74 -10.51 -44.67 -17.45
CA ALA H 74 -9.27 -44.85 -16.67
C ALA H 74 -9.17 -43.77 -15.59
N GLN H 75 -9.38 -42.50 -15.97
CA GLN H 75 -9.19 -41.41 -14.98
C GLN H 75 -10.23 -41.56 -13.86
N THR H 76 -11.47 -41.89 -14.23
CA THR H 76 -12.53 -42.09 -13.20
C THR H 76 -12.02 -43.09 -12.18
N ALA H 77 -11.48 -44.21 -12.67
CA ALA H 77 -11.00 -45.28 -11.75
C ALA H 77 -9.78 -44.80 -10.96
N GLU H 78 -8.81 -44.18 -11.64
CA GLU H 78 -7.57 -43.79 -10.93
C GLU H 78 -7.92 -42.78 -9.83
N GLY H 79 -8.82 -41.84 -10.14
CA GLY H 79 -9.21 -40.82 -9.16
C GLY H 79 -9.84 -41.46 -7.94
N ALA H 80 -10.71 -42.44 -8.17
CA ALA H 80 -11.36 -43.12 -7.04
C ALA H 80 -10.28 -43.77 -6.17
N MET H 81 -9.31 -44.42 -6.82
CA MET H 81 -8.26 -45.14 -6.05
C MET H 81 -7.43 -44.12 -5.27
N ASN H 82 -7.42 -42.86 -5.73
CA ASN H 82 -6.64 -41.82 -5.02
C ASN H 82 -7.22 -41.68 -3.61
N GLU H 83 -8.54 -41.60 -3.50
CA GLU H 83 -9.18 -41.51 -2.16
C GLU H 83 -8.87 -42.78 -1.37
N THR H 84 -8.90 -43.94 -2.04
CA THR H 84 -8.57 -45.21 -1.35
C THR H 84 -7.20 -45.07 -0.69
N THR H 85 -6.21 -44.55 -1.43
CA THR H 85 -4.85 -44.37 -0.87
C THR H 85 -4.94 -43.47 0.36
N ASN H 86 -5.68 -42.38 0.26
CA ASN H 86 -5.78 -41.42 1.39
C ASN H 86 -6.31 -42.18 2.61
N ILE H 87 -7.37 -42.96 2.42
CA ILE H 87 -7.98 -43.67 3.57
C ILE H 87 -6.93 -44.64 4.12
N LEU H 88 -6.29 -45.41 3.24
CA LEU H 88 -5.32 -46.43 3.72
C LEU H 88 -4.26 -45.72 4.57
N GLN H 89 -3.74 -44.60 4.08
CA GLN H 89 -2.68 -43.88 4.81
C GLN H 89 -3.21 -43.54 6.20
N ARG H 90 -4.44 -43.04 6.27
CA ARG H 90 -5.05 -42.65 7.57
C ARG H 90 -5.09 -43.87 8.48
N MET H 91 -5.57 -45.00 7.97
CA MET H 91 -5.65 -46.22 8.80
C MET H 91 -4.25 -46.57 9.30
N ARG H 92 -3.23 -46.41 8.46
CA ARG H 92 -1.84 -46.77 8.85
C ARG H 92 -1.44 -45.93 10.05
N ASP H 93 -1.71 -44.62 10.00
CA ASP H 93 -1.31 -43.73 11.12
C ASP H 93 -2.07 -44.14 12.38
N LEU H 94 -3.38 -44.35 12.27
CA LEU H 94 -4.18 -44.71 13.45
C LEU H 94 -3.61 -45.98 14.07
N SER H 95 -3.22 -46.94 13.22
CA SER H 95 -2.70 -48.23 13.75
C SER H 95 -1.40 -48.00 14.52
N LEU H 96 -0.51 -47.17 13.99
CA LEU H 96 0.77 -46.87 14.69
C LEU H 96 0.44 -46.25 16.05
N GLN H 97 -0.57 -45.39 16.12
CA GLN H 97 -0.98 -44.79 17.42
C GLN H 97 -1.49 -45.91 18.34
N SER H 98 -2.29 -46.83 17.79
CA SER H 98 -2.81 -47.96 18.60
C SER H 98 -1.66 -48.79 19.14
N ALA H 99 -0.57 -48.88 18.39
CA ALA H 99 0.56 -49.74 18.80
C ALA H 99 1.28 -49.13 20.00
N ASN H 100 1.03 -47.84 20.29
CA ASN H 100 1.78 -47.17 21.37
C ASN H 100 1.47 -47.89 22.69
N GLY H 101 2.46 -47.93 23.60
CA GLY H 101 2.26 -48.60 24.90
C GLY H 101 1.34 -47.78 25.79
N SER H 102 1.30 -46.47 25.59
CA SER H 102 0.48 -45.59 26.46
C SER H 102 -0.99 -45.91 26.29
N ASN H 103 -1.41 -46.25 25.07
CA ASN H 103 -2.86 -46.48 24.81
C ASN H 103 -3.42 -47.55 25.74
N SER H 104 -4.67 -47.40 26.16
CA SER H 104 -5.34 -48.42 27.01
C SER H 104 -6.40 -49.13 26.16
N LYS H 105 -7.03 -50.17 26.73
CA LYS H 105 -8.01 -50.94 25.93
C LYS H 105 -9.03 -49.96 25.32
N SER H 106 -9.56 -49.05 26.13
CA SER H 106 -10.61 -48.13 25.62
C SER H 106 -10.06 -47.28 24.48
N GLU H 107 -8.83 -46.79 24.63
CA GLU H 107 -8.22 -45.94 23.57
C GLU H 107 -8.20 -46.74 22.27
N ARG H 108 -7.69 -47.97 22.34
CA ARG H 108 -7.62 -48.81 21.12
C ARG H 108 -9.04 -49.00 20.60
N VAL H 109 -9.97 -49.33 21.50
CA VAL H 109 -11.38 -49.58 21.08
C VAL H 109 -11.84 -48.37 20.25
N ALA H 110 -11.57 -47.15 20.74
CA ALA H 110 -11.92 -45.94 19.98
C ALA H 110 -11.20 -45.97 18.62
N ILE H 111 -9.88 -46.15 18.63
CA ILE H 111 -9.13 -46.11 17.34
C ILE H 111 -9.73 -47.17 16.41
N GLN H 112 -10.04 -48.34 16.96
CA GLN H 112 -10.55 -49.45 16.11
C GLN H 112 -11.84 -49.00 15.45
N GLU H 113 -12.68 -48.29 16.18
CA GLU H 113 -13.99 -47.88 15.62
C GLU H 113 -13.75 -46.96 14.43
N GLU H 114 -12.82 -46.01 14.55
CA GLU H 114 -12.51 -45.14 13.40
C GLU H 114 -12.10 -46.02 12.22
N ILE H 115 -11.21 -46.98 12.47
CA ILE H 115 -10.72 -47.88 11.39
C ILE H 115 -11.92 -48.66 10.83
N THR H 116 -12.78 -49.16 11.71
CA THR H 116 -13.93 -49.98 11.25
C THR H 116 -14.73 -49.18 10.22
N ALA H 117 -15.06 -47.93 10.54
CA ALA H 117 -15.86 -47.10 9.61
C ALA H 117 -15.08 -46.87 8.32
N LEU H 118 -13.80 -46.51 8.46
CA LEU H 118 -12.98 -46.22 7.25
C LEU H 118 -12.96 -47.47 6.36
N ASN H 119 -12.84 -48.65 6.98
CA ASN H 119 -12.85 -49.91 6.20
C ASN H 119 -14.12 -49.93 5.36
N ASP H 120 -15.27 -49.67 5.99
CA ASP H 120 -16.56 -49.73 5.26
C ASP H 120 -16.52 -48.73 4.10
N GLU H 121 -15.93 -47.55 4.33
CA GLU H 121 -15.91 -46.51 3.26
C GLU H 121 -15.15 -47.07 2.05
N LEU H 122 -13.97 -47.65 2.28
CA LEU H 122 -13.23 -48.29 1.16
C LEU H 122 -14.21 -49.19 0.41
N ASN H 123 -14.83 -50.12 1.12
CA ASN H 123 -15.78 -51.06 0.48
C ASN H 123 -16.78 -50.26 -0.36
N ARG H 124 -17.27 -49.14 0.19
CA ARG H 124 -18.24 -48.30 -0.56
C ARG H 124 -17.57 -47.82 -1.84
N ILE H 125 -16.43 -47.13 -1.71
CA ILE H 125 -15.77 -46.55 -2.91
C ILE H 125 -15.69 -47.66 -3.94
N ALA H 126 -15.36 -48.87 -3.50
CA ALA H 126 -15.20 -50.00 -4.43
C ALA H 126 -16.53 -50.37 -5.09
N GLU H 127 -17.59 -50.52 -4.30
CA GLU H 127 -18.87 -51.00 -4.88
C GLU H 127 -19.77 -49.83 -5.30
N THR H 128 -19.21 -48.63 -5.46
CA THR H 128 -20.02 -47.49 -5.97
C THR H 128 -19.38 -46.89 -7.21
N THR H 129 -18.05 -46.79 -7.27
CA THR H 129 -17.41 -46.12 -8.42
C THR H 129 -17.99 -46.72 -9.70
N SER H 130 -18.52 -45.88 -10.60
CA SER H 130 -19.16 -46.41 -11.83
C SER H 130 -19.06 -45.40 -12.97
N PHE H 131 -18.71 -45.87 -14.17
CA PHE H 131 -18.68 -44.98 -15.36
C PHE H 131 -20.06 -45.03 -16.02
N GLY H 132 -21.02 -44.28 -15.49
CA GLY H 132 -22.38 -44.25 -16.06
C GLY H 132 -23.12 -45.55 -15.82
N GLY H 133 -22.97 -46.14 -14.63
CA GLY H 133 -23.70 -47.37 -14.31
C GLY H 133 -22.84 -48.61 -14.48
N ASN H 134 -21.73 -48.49 -15.22
CA ASN H 134 -20.79 -49.63 -15.35
C ASN H 134 -19.84 -49.61 -14.15
N LYS H 135 -20.05 -50.50 -13.18
CA LYS H 135 -19.20 -50.52 -11.96
C LYS H 135 -17.76 -50.82 -12.35
N LEU H 136 -16.79 -50.36 -11.57
CA LEU H 136 -15.36 -50.50 -11.98
C LEU H 136 -14.56 -51.25 -10.91
N LEU H 137 -14.39 -50.65 -9.73
CA LEU H 137 -13.50 -51.26 -8.71
C LEU H 137 -14.17 -52.46 -8.02
N ASN H 138 -15.47 -52.69 -8.24
CA ASN H 138 -16.16 -53.79 -7.53
C ASN H 138 -15.48 -55.12 -7.87
N GLY H 139 -14.91 -55.20 -9.08
CA GLY H 139 -14.21 -56.43 -9.50
C GLY H 139 -14.91 -57.07 -10.67
N THR H 140 -16.05 -56.53 -11.08
CA THR H 140 -16.83 -57.16 -12.18
C THR H 140 -16.42 -56.53 -13.51
N PHE H 141 -15.49 -55.57 -13.47
CA PHE H 141 -14.98 -54.94 -14.72
C PHE H 141 -13.67 -55.62 -15.12
N SER H 142 -13.77 -56.73 -15.84
CA SER H 142 -12.56 -57.48 -16.28
C SER H 142 -11.92 -56.73 -17.46
N THR H 143 -10.92 -57.35 -18.08
CA THR H 143 -10.21 -56.66 -19.19
C THR H 143 -11.22 -56.40 -20.31
N LYS H 144 -11.27 -55.15 -20.80
CA LYS H 144 -12.23 -54.79 -21.87
C LYS H 144 -11.43 -54.26 -23.07
N SER H 145 -11.78 -54.68 -24.28
CA SER H 145 -11.11 -54.16 -25.48
C SER H 145 -11.70 -52.79 -25.83
N PHE H 146 -10.86 -51.83 -26.23
CA PHE H 146 -11.38 -50.47 -26.49
C PHE H 146 -11.34 -50.16 -27.99
N GLN H 147 -11.03 -51.14 -28.83
CA GLN H 147 -11.08 -50.96 -30.31
C GLN H 147 -10.51 -49.59 -30.69
N ILE H 148 -9.22 -49.36 -30.45
CA ILE H 148 -8.61 -48.09 -30.94
C ILE H 148 -8.05 -48.41 -32.33
N GLY H 149 -8.34 -47.56 -33.32
CA GLY H 149 -7.92 -47.88 -34.70
C GLY H 149 -9.11 -47.81 -35.64
N ALA H 150 -8.88 -47.81 -36.95
CA ALA H 150 -9.99 -47.62 -37.91
C ALA H 150 -10.48 -48.96 -38.47
N ASP H 151 -9.92 -50.09 -38.00
CA ASP H 151 -10.31 -51.38 -38.61
C ASP H 151 -10.56 -52.42 -37.51
N ASN H 152 -11.07 -53.59 -37.90
CA ASN H 152 -11.39 -54.64 -36.89
C ASN H 152 -10.10 -55.16 -36.25
N GLY H 153 -10.24 -55.87 -35.13
CA GLY H 153 -9.06 -56.43 -34.45
C GLY H 153 -8.30 -55.40 -33.65
N GLU H 154 -7.84 -54.33 -34.31
CA GLU H 154 -7.11 -53.25 -33.62
C GLU H 154 -7.82 -52.96 -32.30
N ALA H 155 -7.15 -53.20 -31.16
CA ALA H 155 -7.77 -52.96 -29.84
C ALA H 155 -6.71 -53.07 -28.74
N VAL H 156 -6.99 -52.51 -27.56
CA VAL H 156 -6.04 -52.61 -26.42
C VAL H 156 -6.84 -53.01 -25.18
N MET H 157 -6.38 -54.02 -24.44
CA MET H 157 -7.19 -54.51 -23.29
C MET H 157 -6.86 -53.71 -22.02
N LEU H 158 -7.88 -53.31 -21.28
CA LEU H 158 -7.67 -52.60 -19.99
C LEU H 158 -8.42 -53.36 -18.90
N THR H 159 -7.72 -53.76 -17.84
CA THR H 159 -8.37 -54.55 -16.76
C THR H 159 -8.39 -53.71 -15.48
N LEU H 160 -9.57 -53.58 -14.86
CA LEU H 160 -9.69 -52.85 -13.58
C LEU H 160 -9.74 -53.87 -12.45
N LYS H 161 -8.65 -54.00 -11.69
CA LYS H 161 -8.59 -55.03 -10.61
C LYS H 161 -9.54 -54.68 -9.47
N ASP H 162 -10.09 -55.70 -8.80
CA ASP H 162 -10.98 -55.46 -7.63
C ASP H 162 -10.20 -54.69 -6.57
N MET H 163 -10.74 -53.57 -6.11
CA MET H 163 -10.05 -52.73 -5.09
C MET H 163 -10.84 -52.80 -3.78
N ARG H 164 -11.55 -53.90 -3.55
CA ARG H 164 -12.31 -54.06 -2.28
C ARG H 164 -11.33 -54.28 -1.12
N SER H 165 -11.84 -54.36 0.11
CA SER H 165 -10.94 -54.47 1.29
C SER H 165 -10.68 -55.95 1.63
N ASP H 166 -11.27 -56.87 0.86
CA ASP H 166 -11.10 -58.31 1.16
C ASP H 166 -10.38 -59.02 0.01
N ASN H 167 -9.90 -58.25 -0.98
CA ASN H 167 -9.12 -58.85 -2.09
C ASN H 167 -7.84 -59.44 -1.51
N ARG H 168 -7.47 -60.65 -1.94
CA ARG H 168 -6.27 -61.32 -1.38
C ARG H 168 -5.06 -60.41 -1.58
N MET H 169 -4.97 -59.77 -2.75
CA MET H 169 -3.80 -58.90 -3.05
C MET H 169 -3.69 -57.82 -1.99
N MET H 170 -4.82 -57.36 -1.43
CA MET H 170 -4.79 -56.27 -0.45
C MET H 170 -3.97 -56.68 0.78
N GLY H 171 -4.11 -57.95 1.21
CA GLY H 171 -3.42 -58.39 2.44
C GLY H 171 -2.33 -59.40 2.16
N GLY H 172 -2.04 -60.26 3.15
CA GLY H 172 -0.99 -61.29 3.01
C GLY H 172 -1.10 -62.33 4.10
N THR H 173 -0.06 -63.15 4.29
CA THR H 173 -0.15 -64.24 5.30
C THR H 173 0.64 -63.83 6.55
N SER H 174 0.06 -64.06 7.73
CA SER H 174 0.73 -63.62 8.99
C SER H 174 1.10 -64.82 9.85
N TYR H 175 2.40 -64.95 10.18
CA TYR H 175 2.86 -66.07 11.03
C TYR H 175 3.23 -65.49 12.39
N VAL H 176 2.76 -66.13 13.47
CA VAL H 176 3.07 -65.64 14.84
C VAL H 176 3.79 -66.75 15.61
N ALA H 177 4.76 -66.39 16.44
CA ALA H 177 5.52 -67.38 17.23
C ALA H 177 4.59 -68.02 18.27
N ALA H 178 5.00 -69.15 18.86
CA ALA H 178 4.13 -69.84 19.83
C ALA H 178 4.74 -69.71 21.24
N GLU H 179 6.00 -69.29 21.32
CA GLU H 179 6.67 -69.19 22.63
C GLU H 179 6.79 -67.72 23.03
N GLY H 180 6.29 -67.38 24.22
CA GLY H 180 6.36 -65.99 24.69
C GLY H 180 7.74 -65.64 25.20
N LYS H 181 8.33 -64.55 24.71
CA LYS H 181 9.67 -64.12 25.16
C LYS H 181 9.51 -62.99 26.17
N ASP H 182 10.07 -63.15 27.37
CA ASP H 182 9.91 -62.13 28.44
C ASP H 182 10.90 -61.00 28.23
N LYS H 183 10.97 -60.06 29.18
CA LYS H 183 11.88 -58.89 29.04
C LYS H 183 13.33 -59.37 29.12
N ASP H 184 13.61 -60.36 29.97
CA ASP H 184 15.02 -60.81 30.15
C ASP H 184 15.46 -61.60 28.93
N TRP H 185 14.51 -62.16 28.17
CA TRP H 185 14.89 -63.02 27.04
C TRP H 185 15.86 -62.28 26.13
N LYS H 186 17.01 -62.90 25.84
CA LYS H 186 18.00 -62.28 24.92
C LYS H 186 18.56 -63.37 24.00
N VAL H 187 18.94 -62.97 22.79
CA VAL H 187 19.44 -63.96 21.79
C VAL H 187 20.52 -64.80 22.46
N GLN H 188 20.28 -66.10 22.62
CA GLN H 188 21.31 -67.00 23.19
C GLN H 188 22.37 -67.23 22.10
N ALA H 189 23.64 -67.33 22.50
CA ALA H 189 24.73 -67.47 21.50
C ALA H 189 24.41 -68.60 20.52
N GLY H 190 24.10 -69.79 21.02
CA GLY H 190 23.89 -70.94 20.12
C GLY H 190 22.78 -70.70 19.12
N ALA H 191 21.57 -70.39 19.60
CA ALA H 191 20.42 -70.16 18.71
C ALA H 191 20.34 -68.67 18.39
N ASN H 192 20.93 -68.25 17.27
CA ASN H 192 20.96 -66.80 16.94
C ASN H 192 20.66 -66.63 15.44
N ASP H 193 20.22 -67.70 14.78
CA ASP H 193 20.03 -67.62 13.31
C ASP H 193 18.59 -68.01 12.97
N ILE H 194 17.93 -67.23 12.11
CA ILE H 194 16.56 -67.61 11.65
C ILE H 194 16.54 -67.43 10.14
N THR H 195 16.52 -68.55 9.40
CA THR H 195 16.61 -68.44 7.92
C THR H 195 15.23 -68.63 7.30
N PHE H 196 14.82 -67.70 6.43
CA PHE H 196 13.47 -67.78 5.82
C PHE H 196 13.62 -68.21 4.36
N THR H 197 12.98 -69.32 3.98
CA THR H 197 12.99 -69.73 2.56
C THR H 197 11.57 -69.56 2.00
N LEU H 198 11.38 -68.64 1.06
CA LEU H 198 10.00 -68.37 0.57
C LEU H 198 9.96 -68.31 -0.96
N LYS H 199 8.80 -68.60 -1.54
CA LYS H 199 8.65 -68.57 -3.02
C LYS H 199 8.29 -67.13 -3.40
N ASP H 200 9.20 -66.43 -4.08
CA ASP H 200 8.96 -64.99 -4.40
C ASP H 200 7.75 -64.89 -5.33
N ILE H 201 7.27 -63.66 -5.54
CA ILE H 201 6.10 -63.44 -6.45
C ILE H 201 6.45 -64.01 -7.84
N ASP H 202 7.66 -63.72 -8.33
CA ASP H 202 8.09 -64.20 -9.65
C ASP H 202 8.40 -65.71 -9.55
N GLY H 203 8.20 -66.28 -8.37
CA GLY H 203 8.41 -67.74 -8.19
C GLY H 203 9.88 -68.08 -8.01
N ASN H 204 10.75 -67.07 -7.97
CA ASN H 204 12.19 -67.35 -7.71
C ASN H 204 12.36 -67.60 -6.20
N ASP H 205 12.55 -68.86 -5.81
CA ASP H 205 12.69 -69.19 -4.37
C ASP H 205 13.83 -68.36 -3.78
N GLN H 206 13.58 -67.72 -2.63
CA GLN H 206 14.63 -66.91 -1.96
C GLN H 206 14.98 -67.57 -0.63
N THR H 207 16.18 -67.30 -0.10
CA THR H 207 16.54 -67.84 1.24
C THR H 207 17.18 -66.72 2.04
N ILE H 208 16.46 -66.19 3.04
CA ILE H 208 16.96 -65.02 3.81
C ILE H 208 17.60 -65.52 5.11
N THR H 209 18.89 -65.24 5.30
CA THR H 209 19.58 -65.64 6.55
C THR H 209 19.71 -64.42 7.46
N VAL H 210 18.92 -64.38 8.54
CA VAL H 210 19.04 -63.25 9.51
C VAL H 210 19.74 -63.78 10.75
N ASN H 211 21.00 -63.39 10.97
CA ASN H 211 21.76 -63.85 12.15
C ASN H 211 21.58 -62.82 13.27
N ALA H 212 20.55 -63.00 14.08
CA ALA H 212 20.26 -62.02 15.17
C ALA H 212 21.51 -61.77 16.00
N LYS H 213 21.75 -60.51 16.35
CA LYS H 213 22.93 -60.15 17.17
C LYS H 213 22.73 -60.67 18.59
N GLU H 214 23.81 -61.03 19.28
CA GLU H 214 23.71 -61.61 20.64
C GLU H 214 23.17 -60.58 21.64
N GLY H 215 22.29 -61.00 22.55
CA GLY H 215 21.80 -60.08 23.60
C GLY H 215 20.59 -59.27 23.18
N ASP H 216 20.22 -59.31 21.89
CA ASP H 216 19.10 -58.47 21.40
C ASP H 216 17.80 -58.91 22.09
N ASP H 217 16.95 -57.95 22.48
CA ASP H 217 15.63 -58.32 23.07
C ASP H 217 14.69 -58.71 21.93
N ILE H 218 13.58 -59.38 22.25
CA ILE H 218 12.69 -59.87 21.16
C ILE H 218 12.41 -58.72 20.19
N GLU H 219 12.25 -57.50 20.69
CA GLU H 219 11.93 -56.34 19.81
C GLU H 219 13.15 -56.07 18.92
N GLU H 220 14.34 -56.06 19.51
CA GLU H 220 15.57 -55.76 18.73
C GLU H 220 15.70 -56.82 17.63
N VAL H 221 15.24 -58.04 17.91
CA VAL H 221 15.25 -59.09 16.85
C VAL H 221 14.38 -58.58 15.70
N ALA H 222 13.16 -58.14 16.03
CA ALA H 222 12.24 -57.69 14.96
C ALA H 222 12.91 -56.57 14.17
N THR H 223 13.43 -55.56 14.86
CA THR H 223 14.02 -54.40 14.13
C THR H 223 15.12 -54.93 13.20
N TYR H 224 15.95 -55.84 13.69
CA TYR H 224 17.08 -56.36 12.88
C TYR H 224 16.50 -57.00 11.63
N ILE H 225 15.53 -57.89 11.81
CA ILE H 225 14.92 -58.59 10.65
C ILE H 225 14.35 -57.53 9.70
N ASN H 226 13.57 -56.59 10.23
CA ASN H 226 12.94 -55.56 9.37
C ASN H 226 14.02 -54.85 8.54
N GLY H 227 15.21 -54.65 9.12
CA GLY H 227 16.30 -53.97 8.40
C GLY H 227 17.01 -54.91 7.45
N GLN H 228 17.21 -56.16 7.86
CA GLN H 228 18.00 -57.11 7.01
C GLN H 228 17.22 -57.45 5.74
N THR H 229 15.91 -57.63 5.83
CA THR H 229 15.15 -58.07 4.64
C THR H 229 13.97 -57.14 4.35
N ASP H 230 13.45 -57.22 3.13
CA ASP H 230 12.26 -56.40 2.77
C ASP H 230 11.13 -57.35 2.38
N MET H 231 11.45 -58.63 2.23
CA MET H 231 10.43 -59.62 1.79
C MET H 231 9.39 -59.81 2.89
N VAL H 232 9.84 -59.84 4.15
CA VAL H 232 8.89 -60.07 5.27
C VAL H 232 9.07 -58.95 6.30
N LYS H 233 7.98 -58.49 6.89
CA LYS H 233 8.06 -57.43 7.96
C LYS H 233 7.78 -58.11 9.30
N ALA H 234 8.55 -57.78 10.33
CA ALA H 234 8.40 -58.48 11.63
C ALA H 234 7.90 -57.52 12.72
N SER H 235 7.33 -58.07 13.80
CA SER H 235 6.83 -57.24 14.93
C SER H 235 6.72 -58.13 16.17
N VAL H 236 6.42 -57.52 17.32
CA VAL H 236 6.25 -58.31 18.58
C VAL H 236 4.84 -58.04 19.13
N ASN H 237 4.15 -59.09 19.61
CA ASN H 237 2.80 -58.91 20.20
C ASN H 237 2.93 -58.58 21.69
N GLU H 238 1.80 -58.36 22.36
CA GLU H 238 1.83 -58.02 23.80
C GLU H 238 2.42 -59.18 24.60
N LYS H 239 2.22 -60.41 24.14
CA LYS H 239 2.70 -61.59 24.94
C LYS H 239 4.19 -61.82 24.70
N GLY H 240 4.83 -60.95 23.92
CA GLY H 240 6.26 -61.10 23.63
C GLY H 240 6.49 -62.15 22.56
N GLN H 241 5.43 -62.53 21.84
CA GLN H 241 5.57 -63.52 20.74
C GLN H 241 5.85 -62.74 19.44
N LEU H 242 6.89 -63.12 18.71
CA LEU H 242 7.26 -62.39 17.46
C LEU H 242 6.19 -62.64 16.41
N GLN H 243 5.91 -61.65 15.57
CA GLN H 243 4.93 -61.82 14.45
C GLN H 243 5.64 -61.46 13.15
N ILE H 244 5.49 -62.30 12.12
CA ILE H 244 6.12 -62.01 10.79
C ILE H 244 5.02 -61.96 9.73
N PHE H 245 4.98 -60.91 8.93
CA PHE H 245 3.96 -60.77 7.86
C PHE H 245 4.63 -60.93 6.50
N ALA H 246 3.88 -61.37 5.50
CA ALA H 246 4.42 -61.54 4.14
C ALA H 246 3.35 -61.11 3.13
N GLY H 247 3.40 -59.85 2.68
CA GLY H 247 2.38 -59.34 1.75
C GLY H 247 2.24 -60.25 0.54
N ASN H 248 1.01 -60.60 0.18
CA ASN H 248 0.80 -61.53 -0.96
C ASN H 248 1.59 -61.02 -2.17
N ASN H 249 1.67 -59.71 -2.35
CA ASN H 249 2.34 -59.15 -3.54
C ASN H 249 3.81 -59.57 -3.59
N LYS H 250 4.52 -59.58 -2.45
CA LYS H 250 5.98 -59.84 -2.50
C LYS H 250 6.31 -61.28 -2.09
N VAL H 251 5.36 -62.03 -1.53
CA VAL H 251 5.72 -63.45 -1.19
C VAL H 251 4.58 -64.39 -1.57
N THR H 252 4.81 -65.28 -2.53
CA THR H 252 3.79 -66.29 -2.89
C THR H 252 4.08 -67.54 -2.05
N GLY H 253 3.23 -68.56 -2.15
CA GLY H 253 3.41 -69.76 -1.32
C GLY H 253 3.41 -69.42 0.15
N ASP H 254 4.03 -70.26 0.99
CA ASP H 254 4.13 -69.95 2.44
C ASP H 254 5.58 -69.59 2.75
N VAL H 255 6.02 -69.80 4.00
CA VAL H 255 7.39 -69.39 4.39
C VAL H 255 8.07 -70.55 5.14
N ALA H 256 9.34 -70.82 4.83
CA ALA H 256 10.08 -71.88 5.54
C ALA H 256 10.86 -71.24 6.69
N PHE H 257 10.41 -71.46 7.93
CA PHE H 257 11.13 -70.92 9.12
C PHE H 257 12.18 -71.93 9.55
N SER H 258 13.45 -71.56 9.48
CA SER H 258 14.56 -72.50 9.82
C SER H 258 15.54 -71.82 10.77
N GLY H 259 16.36 -72.59 11.47
CA GLY H 259 17.40 -71.97 12.31
C GLY H 259 17.15 -72.17 13.80
N GLY H 260 18.21 -72.07 14.60
CA GLY H 260 18.09 -72.27 16.05
C GLY H 260 17.14 -71.26 16.67
N LEU H 261 17.28 -69.99 16.30
CA LEU H 261 16.39 -68.94 16.84
C LEU H 261 14.95 -69.32 16.50
N ALA H 262 14.72 -69.74 15.25
CA ALA H 262 13.36 -70.17 14.85
C ALA H 262 12.86 -71.19 15.86
N GLY H 263 13.72 -72.14 16.23
CA GLY H 263 13.32 -73.20 17.18
C GLY H 263 12.84 -72.58 18.48
N ALA H 264 13.60 -71.62 19.01
CA ALA H 264 13.23 -70.96 20.28
C ALA H 264 11.89 -70.25 20.07
N LEU H 265 11.71 -69.59 18.94
CA LEU H 265 10.46 -68.83 18.70
C LEU H 265 9.30 -69.79 18.46
N ASN H 266 9.56 -70.91 17.79
CA ASN H 266 8.48 -71.87 17.46
C ASN H 266 7.38 -71.14 16.67
N MET H 267 7.69 -70.69 15.46
CA MET H 267 6.71 -69.93 14.65
C MET H 267 5.51 -70.84 14.32
N GLN H 268 4.29 -70.28 14.38
CA GLN H 268 3.08 -71.06 14.03
C GLN H 268 2.79 -70.89 12.54
N ALA H 269 1.78 -71.59 12.02
CA ALA H 269 1.44 -71.52 10.58
C ALA H 269 0.89 -70.12 10.27
N GLY H 270 0.83 -69.77 8.97
CA GLY H 270 0.36 -68.42 8.59
C GLY H 270 -1.15 -68.32 8.50
N THR H 271 -1.69 -67.11 8.62
CA THR H 271 -3.16 -66.90 8.50
C THR H 271 -3.39 -65.80 7.45
N ALA H 272 -4.45 -65.94 6.65
CA ALA H 272 -4.73 -64.93 5.60
C ALA H 272 -5.29 -63.68 6.27
N GLU H 273 -4.58 -62.56 6.15
CA GLU H 273 -5.02 -61.31 6.84
C GLU H 273 -5.19 -60.20 5.80
N THR H 274 -6.43 -59.76 5.56
CA THR H 274 -6.68 -58.63 4.62
C THR H 274 -7.10 -57.41 5.43
N VAL H 275 -7.16 -56.25 4.78
CA VAL H 275 -7.52 -54.99 5.49
C VAL H 275 -8.90 -55.18 6.14
N ASP H 276 -9.81 -55.87 5.45
CA ASP H 276 -11.18 -56.06 5.97
C ASP H 276 -11.12 -56.80 7.31
N THR H 277 -9.99 -57.46 7.60
CA THR H 277 -9.89 -58.28 8.84
C THR H 277 -8.82 -57.72 9.77
N ILE H 278 -8.56 -56.41 9.73
CA ILE H 278 -7.57 -55.80 10.67
C ILE H 278 -8.29 -55.44 11.98
N ASP H 279 -7.58 -55.57 13.12
CA ASP H 279 -8.18 -55.24 14.43
C ASP H 279 -7.06 -54.70 15.32
N VAL H 280 -7.03 -53.38 15.57
CA VAL H 280 -5.89 -52.80 16.32
C VAL H 280 -6.17 -52.85 17.82
N THR H 281 -7.24 -53.54 18.25
CA THR H 281 -7.59 -53.55 19.69
C THR H 281 -6.46 -54.24 20.45
N SER H 282 -5.49 -54.82 19.74
CA SER H 282 -4.35 -55.50 20.40
C SER H 282 -3.05 -54.96 19.78
N VAL H 283 -2.07 -54.65 20.61
CA VAL H 283 -0.81 -54.04 20.08
C VAL H 283 -0.28 -54.95 18.97
N GLY H 284 -0.28 -56.26 19.19
CA GLY H 284 0.17 -57.19 18.15
C GLY H 284 -0.63 -56.98 16.87
N GLY H 285 -1.95 -56.95 16.98
CA GLY H 285 -2.81 -56.75 15.80
C GLY H 285 -2.50 -55.41 15.16
N ALA H 286 -2.30 -54.38 15.97
CA ALA H 286 -1.98 -53.04 15.43
C ALA H 286 -0.68 -53.12 14.63
N GLN H 287 0.39 -53.58 15.26
CA GLN H 287 1.69 -53.73 14.54
C GLN H 287 1.41 -54.48 13.23
N GLN H 288 0.67 -55.59 13.32
CA GLN H 288 0.40 -56.41 12.12
C GLN H 288 -0.36 -55.59 11.09
N SER H 289 -1.35 -54.82 11.54
CA SER H 289 -2.18 -54.04 10.58
C SER H 289 -1.26 -53.12 9.77
N VAL H 290 -0.27 -52.52 10.42
CA VAL H 290 0.60 -51.55 9.70
C VAL H 290 1.15 -52.27 8.48
N ALA H 291 1.59 -53.52 8.66
CA ALA H 291 2.13 -54.31 7.54
C ALA H 291 1.03 -54.57 6.51
N VAL H 292 -0.14 -55.04 6.97
CA VAL H 292 -1.25 -55.38 6.04
C VAL H 292 -1.56 -54.12 5.21
N ILE H 293 -1.69 -52.97 5.88
CA ILE H 293 -2.06 -51.72 5.17
C ILE H 293 -0.93 -51.35 4.21
N ASP H 294 0.33 -51.49 4.66
CA ASP H 294 1.48 -51.21 3.78
C ASP H 294 1.33 -52.00 2.48
N SER H 295 1.10 -53.31 2.60
CA SER H 295 1.02 -54.15 1.39
C SER H 295 -0.16 -53.67 0.54
N ALA H 296 -1.26 -53.31 1.18
CA ALA H 296 -2.44 -52.81 0.43
C ALA H 296 -2.04 -51.58 -0.36
N LEU H 297 -1.32 -50.66 0.29
CA LEU H 297 -0.95 -49.39 -0.40
C LEU H 297 -0.22 -49.74 -1.70
N LYS H 298 0.71 -50.70 -1.64
CA LYS H 298 1.52 -51.03 -2.84
C LYS H 298 0.61 -51.62 -3.93
N TYR H 299 -0.36 -52.44 -3.54
CA TYR H 299 -1.31 -53.02 -4.53
C TYR H 299 -2.04 -51.87 -5.22
N VAL H 300 -2.53 -50.91 -4.44
CA VAL H 300 -3.26 -49.76 -5.02
C VAL H 300 -2.29 -49.01 -5.93
N ASP H 301 -1.09 -48.72 -5.42
CA ASP H 301 -0.13 -47.92 -6.21
C ASP H 301 0.15 -48.64 -7.53
N SER H 302 0.35 -49.96 -7.49
CA SER H 302 0.68 -50.71 -8.72
C SER H 302 -0.45 -50.53 -9.72
N HIS H 303 -1.69 -50.72 -9.28
CA HIS H 303 -2.85 -50.63 -10.20
C HIS H 303 -2.89 -49.21 -10.79
N ARG H 304 -2.69 -48.20 -9.95
CA ARG H 304 -2.77 -46.79 -10.42
C ARG H 304 -1.69 -46.57 -11.48
N ALA H 305 -0.48 -47.04 -11.21
CA ALA H 305 0.63 -46.85 -12.17
C ALA H 305 0.27 -47.50 -13.51
N GLU H 306 -0.37 -48.66 -13.46
CA GLU H 306 -0.84 -49.31 -14.72
C GLU H 306 -1.82 -48.36 -15.40
N LEU H 307 -2.90 -48.00 -14.70
CA LEU H 307 -3.93 -47.12 -15.31
C LEU H 307 -3.25 -45.86 -15.84
N GLY H 308 -2.23 -45.39 -15.13
CA GLY H 308 -1.53 -44.16 -15.57
C GLY H 308 -0.86 -44.39 -16.91
N ALA H 309 -0.20 -45.53 -17.07
CA ALA H 309 0.46 -45.86 -18.35
C ALA H 309 -0.60 -45.95 -19.45
N PHE H 310 -1.71 -46.64 -19.16
CA PHE H 310 -2.81 -46.75 -20.14
C PHE H 310 -3.15 -45.35 -20.67
N GLN H 311 -3.33 -44.40 -19.76
CA GLN H 311 -3.70 -43.02 -20.16
C GLN H 311 -2.59 -42.46 -21.07
N ASN H 312 -1.33 -42.53 -20.61
CA ASN H 312 -0.22 -41.97 -21.40
C ASN H 312 -0.21 -42.65 -22.78
N ARG H 313 -0.41 -43.97 -22.79
CA ARG H 313 -0.38 -44.72 -24.07
C ARG H 313 -1.44 -44.12 -25.00
N PHE H 314 -2.70 -44.10 -24.55
CA PHE H 314 -3.78 -43.62 -25.43
C PHE H 314 -3.48 -42.20 -25.89
N ASN H 315 -2.81 -41.42 -25.04
CA ASN H 315 -2.48 -40.03 -25.43
C ASN H 315 -1.63 -40.05 -26.71
N HIS H 316 -0.56 -40.85 -26.71
CA HIS H 316 0.29 -40.96 -27.93
C HIS H 316 -0.57 -41.52 -29.06
N ALA H 317 -1.45 -42.48 -28.73
CA ALA H 317 -2.31 -43.09 -29.76
C ALA H 317 -3.10 -41.98 -30.46
N ILE H 318 -3.79 -41.16 -29.67
CA ILE H 318 -4.60 -40.05 -30.26
C ILE H 318 -3.67 -39.20 -31.14
N SER H 319 -2.50 -38.84 -30.61
CA SER H 319 -1.58 -37.93 -31.36
C SER H 319 -1.09 -38.60 -32.64
N ASN H 320 -1.25 -39.92 -32.76
CA ASN H 320 -0.87 -40.61 -34.02
C ASN H 320 -2.12 -40.68 -34.90
N LEU H 321 -3.20 -41.25 -34.35
CA LEU H 321 -4.46 -41.39 -35.13
C LEU H 321 -4.78 -40.07 -35.82
N ASP H 322 -4.79 -38.97 -35.08
CA ASP H 322 -5.21 -37.67 -35.67
C ASP H 322 -4.25 -37.26 -36.79
N ASN H 323 -2.95 -37.52 -36.60
CA ASN H 323 -1.93 -37.18 -37.63
C ASN H 323 -2.27 -37.95 -38.91
N ILE H 324 -2.46 -39.26 -38.79
CA ILE H 324 -2.82 -40.08 -39.99
C ILE H 324 -4.11 -39.49 -40.57
N ASN H 325 -5.05 -39.10 -39.73
CA ASN H 325 -6.34 -38.58 -40.22
C ASN H 325 -6.05 -37.42 -41.17
N GLU H 326 -5.22 -36.48 -40.75
CA GLU H 326 -4.96 -35.28 -41.59
C GLU H 326 -4.35 -35.72 -42.92
N ASN H 327 -3.32 -36.58 -42.87
CA ASN H 327 -2.62 -36.98 -44.12
C ASN H 327 -3.59 -37.74 -45.03
N VAL H 328 -4.40 -38.63 -44.46
CA VAL H 328 -5.39 -39.40 -45.26
C VAL H 328 -6.37 -38.41 -45.89
N ASN H 329 -6.91 -37.50 -45.08
CA ASN H 329 -7.90 -36.52 -45.60
C ASN H 329 -7.22 -35.73 -46.73
N ALA H 330 -5.97 -35.31 -46.51
CA ALA H 330 -5.25 -34.54 -47.53
C ALA H 330 -5.20 -35.35 -48.83
N SER H 331 -4.87 -36.63 -48.73
CA SER H 331 -4.76 -37.48 -49.95
C SER H 331 -6.13 -37.58 -50.62
N LYS H 332 -7.19 -37.70 -49.81
CA LYS H 332 -8.56 -37.81 -50.37
C LYS H 332 -8.81 -36.59 -51.27
N SER H 333 -8.34 -35.42 -50.84
CA SER H 333 -8.52 -34.20 -51.65
C SER H 333 -7.83 -34.38 -53.00
N ARG H 334 -6.59 -34.88 -53.00
CA ARG H 334 -5.83 -34.98 -54.26
C ARG H 334 -6.60 -35.85 -55.26
N ILE H 335 -7.49 -36.72 -54.80
CA ILE H 335 -8.17 -37.65 -55.76
C ILE H 335 -9.64 -37.28 -55.93
N LYS H 336 -10.34 -36.89 -54.87
CA LYS H 336 -11.81 -36.65 -55.00
C LYS H 336 -12.13 -35.16 -55.09
N ASP H 337 -11.60 -34.34 -54.18
CA ASP H 337 -11.96 -32.89 -54.15
C ASP H 337 -11.63 -32.24 -55.50
N THR H 338 -12.49 -31.33 -55.98
CA THR H 338 -12.26 -30.66 -57.28
C THR H 338 -11.31 -29.47 -57.13
N ASP H 339 -10.61 -29.10 -58.20
CA ASP H 339 -9.76 -27.89 -58.16
C ASP H 339 -10.56 -26.78 -58.85
N PHE H 340 -11.27 -25.96 -58.07
CA PHE H 340 -12.16 -24.93 -58.68
C PHE H 340 -11.42 -24.25 -59.83
N ALA H 341 -10.20 -23.77 -59.59
CA ALA H 341 -9.46 -23.01 -60.63
C ALA H 341 -9.61 -23.72 -61.98
N LYS H 342 -9.15 -24.97 -62.08
CA LYS H 342 -9.19 -25.68 -63.38
C LYS H 342 -10.65 -25.90 -63.79
N GLU H 343 -11.50 -26.35 -62.85
CA GLU H 343 -12.90 -26.66 -63.20
C GLU H 343 -13.57 -25.39 -63.73
N THR H 344 -13.41 -24.27 -63.02
CA THR H 344 -14.00 -22.99 -63.49
C THR H 344 -13.44 -22.67 -64.86
N THR H 345 -12.11 -22.71 -64.99
CA THR H 345 -11.48 -22.47 -66.31
C THR H 345 -12.20 -23.32 -67.35
N ALA H 346 -12.36 -24.62 -67.08
CA ALA H 346 -12.99 -25.51 -68.05
C ALA H 346 -14.40 -25.01 -68.37
N LEU H 347 -15.20 -24.75 -67.33
CA LEU H 347 -16.60 -24.35 -67.58
C LEU H 347 -16.60 -23.22 -68.61
N THR H 348 -15.80 -22.18 -68.35
CA THR H 348 -15.72 -21.03 -69.30
C THR H 348 -15.44 -21.58 -70.69
N LYS H 349 -14.27 -22.22 -70.87
CA LYS H 349 -13.90 -22.73 -72.21
C LYS H 349 -15.09 -23.48 -72.81
N SER H 350 -15.72 -24.34 -72.00
CA SER H 350 -16.85 -25.14 -72.52
C SER H 350 -17.96 -24.21 -73.01
N GLN H 351 -18.30 -23.19 -72.21
CA GLN H 351 -19.36 -22.24 -72.59
C GLN H 351 -18.96 -21.55 -73.90
N ILE H 352 -17.73 -21.06 -73.97
CA ILE H 352 -17.26 -20.33 -75.18
C ILE H 352 -17.39 -21.27 -76.38
N LEU H 353 -16.96 -22.53 -76.22
CA LEU H 353 -17.08 -23.50 -77.33
C LEU H 353 -18.56 -23.67 -77.69
N SER H 354 -19.43 -23.72 -76.69
CA SER H 354 -20.87 -23.96 -76.95
C SER H 354 -21.44 -22.83 -77.81
N GLN H 355 -21.19 -21.58 -77.39
CA GLN H 355 -21.75 -20.43 -78.14
C GLN H 355 -21.18 -20.45 -79.56
N ALA H 356 -19.89 -20.72 -79.69
CA ALA H 356 -19.25 -20.69 -81.03
C ALA H 356 -19.94 -21.73 -81.92
N SER H 357 -20.14 -22.93 -81.39
CA SER H 357 -20.77 -24.02 -82.17
C SER H 357 -22.18 -23.59 -82.60
N SER H 358 -22.93 -22.98 -81.68
CA SER H 358 -24.30 -22.54 -82.00
C SER H 358 -24.25 -21.56 -83.16
N SER H 359 -23.35 -20.59 -83.08
CA SER H 359 -23.27 -19.56 -84.15
C SER H 359 -23.03 -20.25 -85.48
N VAL H 360 -22.10 -21.21 -85.49
CA VAL H 360 -21.80 -21.97 -86.74
C VAL H 360 -23.07 -22.70 -87.16
N LEU H 361 -23.78 -23.28 -86.21
CA LEU H 361 -25.02 -24.05 -86.54
C LEU H 361 -26.02 -23.11 -87.20
N ALA H 362 -26.12 -21.88 -86.70
CA ALA H 362 -27.05 -20.89 -87.30
C ALA H 362 -26.63 -20.62 -88.74
N GLN H 363 -25.36 -20.26 -88.94
CA GLN H 363 -24.85 -20.01 -90.32
C GLN H 363 -25.05 -21.29 -91.13
N ALA H 364 -24.87 -22.45 -90.51
CA ALA H 364 -24.97 -23.73 -91.24
C ALA H 364 -26.39 -23.90 -91.80
N LYS H 365 -27.40 -23.57 -91.02
CA LYS H 365 -28.80 -23.80 -91.48
C LYS H 365 -29.09 -22.95 -92.72
N GLN H 366 -28.49 -21.77 -92.84
CA GLN H 366 -28.82 -20.86 -93.97
C GLN H 366 -28.22 -21.36 -95.29
N ALA H 367 -27.29 -22.31 -95.26
CA ALA H 367 -26.62 -22.72 -96.50
C ALA H 367 -27.64 -23.25 -97.53
N PRO H 368 -28.53 -24.21 -97.21
CA PRO H 368 -29.48 -24.69 -98.21
C PRO H 368 -30.23 -23.53 -98.86
N ASN H 369 -30.33 -22.38 -98.17
CA ASN H 369 -31.12 -21.24 -98.72
C ASN H 369 -30.52 -20.84 -100.07
N ALA H 370 -29.21 -20.95 -100.22
CA ALA H 370 -28.55 -20.54 -101.48
C ALA H 370 -29.31 -21.14 -102.66
N ALA H 371 -29.85 -22.36 -102.50
CA ALA H 371 -30.53 -23.02 -103.62
C ALA H 371 -31.70 -22.15 -104.08
N LEU H 372 -32.50 -21.66 -103.14
CA LEU H 372 -33.71 -20.89 -103.53
C LEU H 372 -33.28 -19.76 -104.46
N SER H 373 -32.18 -19.09 -104.13
CA SER H 373 -31.71 -17.95 -104.96
C SER H 373 -31.49 -18.44 -106.39
N LEU H 374 -31.02 -19.69 -106.53
CA LEU H 374 -30.80 -20.27 -107.89
C LEU H 374 -32.16 -20.73 -108.45
N LEU H 375 -33.11 -19.80 -108.59
CA LEU H 375 -34.44 -20.14 -109.16
C LEU H 375 -35.05 -21.32 -108.41
N GLY H 376 -34.71 -21.46 -107.12
CA GLY H 376 -35.27 -22.55 -106.29
C GLY H 376 -35.55 -23.79 -107.10
N ALA I 1 -43.45 -31.96 -155.82
CA ALA I 1 -42.22 -31.91 -155.02
C ALA I 1 -42.57 -31.65 -153.55
N VAL I 2 -43.36 -30.60 -153.29
CA VAL I 2 -43.77 -30.27 -151.90
C VAL I 2 -45.01 -31.10 -151.56
N ASN I 3 -44.83 -32.11 -150.70
CA ASN I 3 -45.97 -33.03 -150.38
C ASN I 3 -46.80 -32.44 -149.25
N VAL I 4 -47.96 -31.87 -149.59
CA VAL I 4 -48.89 -31.35 -148.53
C VAL I 4 -49.33 -32.56 -147.71
N ASN I 5 -49.27 -33.76 -148.29
CA ASN I 5 -49.72 -34.99 -147.59
C ASN I 5 -48.86 -35.21 -146.34
N THR I 6 -47.54 -35.09 -146.44
CA THR I 6 -46.66 -35.42 -145.28
C THR I 6 -45.61 -34.33 -145.06
N ASN I 7 -45.39 -33.94 -143.79
CA ASN I 7 -44.36 -32.92 -143.46
C ASN I 7 -43.33 -33.57 -142.52
N VAL I 8 -42.21 -34.03 -143.07
CA VAL I 8 -41.17 -34.72 -142.25
C VAL I 8 -40.63 -33.74 -141.20
N ALA I 9 -40.39 -32.50 -141.60
CA ALA I 9 -39.79 -31.51 -140.67
C ALA I 9 -40.66 -31.44 -139.42
N ALA I 10 -41.98 -31.42 -139.59
CA ALA I 10 -42.89 -31.32 -138.43
C ALA I 10 -42.59 -32.49 -137.49
N MET I 11 -42.56 -33.70 -138.03
CA MET I 11 -42.30 -34.89 -137.18
C MET I 11 -40.97 -34.68 -136.46
N THR I 12 -39.93 -34.30 -137.20
CA THR I 12 -38.60 -34.07 -136.61
C THR I 12 -38.74 -33.14 -135.41
N ALA I 13 -39.29 -31.94 -135.64
CA ALA I 13 -39.42 -30.94 -134.55
C ALA I 13 -40.07 -31.61 -133.34
N GLN I 14 -41.17 -32.32 -133.56
CA GLN I 14 -41.89 -32.95 -132.42
C GLN I 14 -40.95 -33.91 -131.70
N ARG I 15 -40.18 -34.71 -132.44
CA ARG I 15 -39.32 -35.71 -131.75
C ARG I 15 -38.43 -34.99 -130.75
N TYR I 16 -37.77 -33.92 -131.20
CA TYR I 16 -36.87 -33.15 -130.31
C TYR I 16 -37.71 -32.44 -129.24
N LEU I 17 -38.89 -31.96 -129.62
CA LEU I 17 -39.78 -31.25 -128.66
C LEU I 17 -40.17 -32.23 -127.53
N THR I 18 -40.59 -33.43 -127.90
CA THR I 18 -40.99 -34.43 -126.88
C THR I 18 -39.79 -34.67 -125.96
N GLY I 19 -38.61 -34.86 -126.55
CA GLY I 19 -37.42 -35.08 -125.74
C GLY I 19 -37.24 -33.94 -124.75
N ALA I 20 -37.33 -32.70 -125.24
CA ALA I 20 -37.14 -31.52 -124.37
C ALA I 20 -38.19 -31.52 -123.26
N THR I 21 -39.45 -31.80 -123.62
CA THR I 21 -40.53 -31.76 -122.61
C THR I 21 -40.16 -32.71 -121.48
N ASN I 22 -39.79 -33.95 -121.82
CA ASN I 22 -39.50 -34.96 -120.77
C ASN I 22 -38.28 -34.50 -119.96
N ALA I 23 -37.29 -33.92 -120.64
CA ALA I 23 -36.10 -33.41 -119.93
C ALA I 23 -36.55 -32.40 -118.89
N GLN I 24 -37.41 -31.46 -119.29
CA GLN I 24 -37.91 -30.44 -118.34
C GLN I 24 -38.64 -31.16 -117.21
N GLN I 25 -39.53 -32.09 -117.55
CA GLN I 25 -40.33 -32.80 -116.52
C GLN I 25 -39.38 -33.45 -115.52
N THR I 26 -38.32 -34.10 -116.01
CA THR I 26 -37.37 -34.80 -115.11
C THR I 26 -36.69 -33.77 -114.20
N SER I 27 -36.18 -32.69 -114.79
CA SER I 27 -35.48 -31.64 -114.00
C SER I 27 -36.45 -31.08 -112.97
N MET I 28 -37.69 -30.80 -113.37
CA MET I 28 -38.68 -30.19 -112.44
C MET I 28 -38.89 -31.12 -111.24
N GLU I 29 -39.05 -32.42 -111.50
CA GLU I 29 -39.30 -33.39 -110.39
C GLU I 29 -38.10 -33.37 -109.44
N ARG I 30 -36.89 -33.41 -110.00
CA ARG I 30 -35.68 -33.46 -109.15
C ARG I 30 -35.65 -32.22 -108.26
N LEU I 31 -35.78 -31.04 -108.87
CA LEU I 31 -35.73 -29.78 -108.09
C LEU I 31 -36.79 -29.82 -106.97
N SER I 32 -38.01 -30.25 -107.31
CA SER I 32 -39.12 -30.26 -106.31
C SER I 32 -38.81 -31.24 -105.18
N SER I 33 -38.37 -32.45 -105.52
CA SER I 33 -38.13 -33.49 -104.48
C SER I 33 -36.80 -33.24 -103.78
N GLY I 34 -35.80 -32.78 -104.52
CA GLY I 34 -34.46 -32.58 -103.93
C GLY I 34 -33.64 -33.85 -104.02
N PHE I 35 -34.16 -34.88 -104.70
CA PHE I 35 -33.43 -36.17 -104.83
C PHE I 35 -33.12 -36.44 -106.31
N LYS I 36 -31.86 -36.68 -106.63
CA LYS I 36 -31.46 -37.00 -108.02
C LYS I 36 -32.06 -38.35 -108.40
N ILE I 37 -32.01 -39.33 -107.48
CA ILE I 37 -32.61 -40.67 -107.74
C ILE I 37 -34.07 -40.63 -107.26
N ASN I 38 -34.95 -39.98 -108.01
CA ASN I 38 -36.39 -39.97 -107.66
C ASN I 38 -36.98 -41.36 -107.89
N SER I 39 -36.68 -41.97 -109.03
CA SER I 39 -37.27 -43.29 -109.37
C SER I 39 -36.16 -44.28 -109.69
N ALA I 40 -36.52 -45.54 -109.99
CA ALA I 40 -35.51 -46.54 -110.38
C ALA I 40 -35.02 -46.24 -111.80
N LYS I 41 -35.83 -45.51 -112.57
CA LYS I 41 -35.46 -45.22 -113.99
C LYS I 41 -34.04 -44.65 -114.04
N ASP I 42 -33.64 -43.89 -113.01
CA ASP I 42 -32.30 -43.24 -113.01
C ASP I 42 -31.44 -43.80 -111.87
N ASP I 43 -30.17 -44.09 -112.14
CA ASP I 43 -29.23 -44.56 -111.09
C ASP I 43 -29.85 -45.72 -110.30
N ALA I 44 -30.39 -46.73 -110.99
CA ALA I 44 -30.92 -47.91 -110.28
C ALA I 44 -29.86 -48.41 -109.30
N ALA I 45 -28.63 -48.61 -109.79
CA ALA I 45 -27.53 -49.01 -108.89
C ALA I 45 -27.52 -48.10 -107.67
N GLY I 46 -27.53 -46.79 -107.91
CA GLY I 46 -27.49 -45.83 -106.80
C GLY I 46 -28.64 -46.08 -105.84
N LEU I 47 -29.83 -46.37 -106.38
CA LEU I 47 -31.02 -46.59 -105.52
C LEU I 47 -30.65 -47.63 -104.47
N GLN I 48 -30.15 -48.79 -104.91
CA GLN I 48 -29.82 -49.87 -103.96
C GLN I 48 -28.83 -49.33 -102.94
N ILE I 49 -27.72 -48.75 -103.42
CA ILE I 49 -26.66 -48.26 -102.49
C ILE I 49 -27.30 -47.23 -101.56
N SER I 50 -28.03 -46.27 -102.12
CA SER I 50 -28.62 -45.20 -101.29
C SER I 50 -29.53 -45.83 -100.22
N ASN I 51 -30.39 -46.76 -100.64
CA ASN I 51 -31.34 -47.37 -99.67
C ASN I 51 -30.52 -47.96 -98.53
N ARG I 52 -29.51 -48.77 -98.86
CA ARG I 52 -28.68 -49.40 -97.81
C ARG I 52 -28.14 -48.29 -96.91
N LEU I 53 -27.55 -47.25 -97.52
CA LEU I 53 -26.99 -46.14 -96.73
C LEU I 53 -28.12 -45.55 -95.87
N ASN I 54 -29.23 -45.17 -96.50
CA ASN I 54 -30.36 -44.57 -95.76
C ASN I 54 -30.70 -45.49 -94.58
N VAL I 55 -30.81 -46.79 -94.85
CA VAL I 55 -31.13 -47.76 -93.77
C VAL I 55 -30.09 -47.60 -92.66
N GLN I 56 -28.82 -47.56 -93.05
CA GLN I 56 -27.73 -47.45 -92.03
C GLN I 56 -27.90 -46.15 -91.25
N SER I 57 -28.20 -45.06 -91.94
CA SER I 57 -28.31 -43.73 -91.26
C SER I 57 -29.42 -43.80 -90.22
N ARG I 58 -30.64 -44.15 -90.65
CA ARG I 58 -31.78 -44.26 -89.71
C ARG I 58 -31.41 -45.28 -88.63
N GLY I 59 -30.73 -46.35 -89.03
CA GLY I 59 -30.29 -47.36 -88.05
C GLY I 59 -29.38 -46.75 -87.01
N LEU I 60 -28.36 -46.01 -87.46
CA LEU I 60 -27.42 -45.36 -86.51
C LEU I 60 -28.21 -44.47 -85.57
N ASP I 61 -29.24 -43.79 -86.10
CA ASP I 61 -30.06 -42.89 -85.26
C ASP I 61 -30.68 -43.69 -84.12
N VAL I 62 -31.43 -44.74 -84.44
CA VAL I 62 -32.14 -45.51 -83.37
C VAL I 62 -31.09 -46.16 -82.47
N ALA I 63 -29.92 -46.49 -83.03
CA ALA I 63 -28.86 -47.13 -82.25
C ALA I 63 -28.42 -46.17 -81.14
N VAL I 64 -28.13 -44.92 -81.50
CA VAL I 64 -27.70 -43.92 -80.49
C VAL I 64 -28.79 -43.87 -79.42
N ARG I 65 -30.05 -43.81 -79.83
CA ARG I 65 -31.17 -43.82 -78.86
C ARG I 65 -30.96 -44.97 -77.87
N ASN I 66 -30.77 -46.19 -78.37
CA ASN I 66 -30.65 -47.36 -77.47
C ASN I 66 -29.47 -47.12 -76.54
N ALA I 67 -28.33 -46.69 -77.09
CA ALA I 67 -27.12 -46.47 -76.28
C ALA I 67 -27.42 -45.44 -75.18
N ASN I 68 -28.10 -44.37 -75.56
CA ASN I 68 -28.46 -43.33 -74.56
C ASN I 68 -29.24 -44.00 -73.43
N ASP I 69 -30.25 -44.78 -73.78
CA ASP I 69 -31.05 -45.51 -72.75
C ASP I 69 -30.08 -46.28 -71.85
N GLY I 70 -29.13 -46.98 -72.46
CA GLY I 70 -28.20 -47.79 -71.66
C GLY I 70 -27.53 -46.96 -70.58
N ILE I 71 -26.90 -45.85 -70.98
CA ILE I 71 -26.16 -45.01 -69.99
C ILE I 71 -27.17 -44.56 -68.94
N SER I 72 -28.39 -44.23 -69.36
CA SER I 72 -29.44 -43.80 -68.41
C SER I 72 -29.68 -44.91 -67.39
N ILE I 73 -29.98 -46.12 -67.85
CA ILE I 73 -30.26 -47.25 -66.92
C ILE I 73 -29.07 -47.39 -65.97
N ALA I 74 -27.86 -47.42 -66.52
CA ALA I 74 -26.65 -47.61 -65.70
C ALA I 74 -26.58 -46.49 -64.67
N GLN I 75 -26.78 -45.24 -65.11
CA GLN I 75 -26.66 -44.09 -64.18
C GLN I 75 -27.64 -44.29 -63.03
N THR I 76 -28.88 -44.66 -63.34
CA THR I 76 -29.91 -44.81 -62.28
C THR I 76 -29.37 -45.82 -61.26
N ALA I 77 -28.90 -46.96 -61.73
CA ALA I 77 -28.41 -48.02 -60.80
C ALA I 77 -27.18 -47.52 -60.03
N GLU I 78 -26.22 -46.92 -60.72
CA GLU I 78 -24.97 -46.52 -60.04
C GLU I 78 -25.30 -45.47 -58.96
N GLY I 79 -26.20 -44.55 -59.28
CA GLY I 79 -26.58 -43.51 -58.32
C GLY I 79 -27.22 -44.12 -57.07
N ALA I 80 -28.07 -45.12 -57.27
CA ALA I 80 -28.68 -45.80 -56.11
C ALA I 80 -27.54 -46.38 -55.25
N MET I 81 -26.55 -47.00 -55.88
CA MET I 81 -25.47 -47.64 -55.10
C MET I 81 -24.73 -46.58 -54.28
N ASN I 82 -24.78 -45.33 -54.74
CA ASN I 82 -24.09 -44.23 -54.01
C ASN I 82 -24.62 -44.19 -52.58
N GLU I 83 -25.95 -44.21 -52.42
CA GLU I 83 -26.55 -44.15 -51.07
C GLU I 83 -26.22 -45.45 -50.34
N THR I 84 -26.30 -46.59 -51.04
CA THR I 84 -25.94 -47.88 -50.41
C THR I 84 -24.54 -47.75 -49.80
N THR I 85 -23.60 -47.19 -50.55
CA THR I 85 -22.21 -47.05 -50.05
C THR I 85 -22.23 -46.19 -48.79
N ASN I 86 -22.95 -45.07 -48.83
CA ASN I 86 -22.95 -44.15 -47.67
C ASN I 86 -23.53 -44.89 -46.46
N ILE I 87 -24.64 -45.61 -46.65
CA ILE I 87 -25.30 -46.28 -45.50
C ILE I 87 -24.31 -47.30 -44.92
N LEU I 88 -23.64 -48.06 -45.78
CA LEU I 88 -22.72 -49.12 -45.28
C LEU I 88 -21.65 -48.46 -44.41
N GLN I 89 -21.07 -47.36 -44.90
CA GLN I 89 -20.01 -46.67 -44.14
C GLN I 89 -20.59 -46.21 -42.80
N ARG I 90 -21.83 -45.71 -42.82
CA ARG I 90 -22.49 -45.29 -41.55
C ARG I 90 -22.56 -46.49 -40.63
N MET I 91 -23.00 -47.63 -41.15
CA MET I 91 -23.11 -48.86 -40.33
C MET I 91 -21.72 -49.22 -39.81
N ARG I 92 -20.69 -49.09 -40.66
CA ARG I 92 -19.31 -49.44 -40.25
C ARG I 92 -18.92 -48.60 -39.04
N ASP I 93 -19.19 -47.29 -39.11
CA ASP I 93 -18.84 -46.40 -37.99
C ASP I 93 -19.57 -46.86 -36.73
N LEU I 94 -20.86 -47.16 -36.86
CA LEU I 94 -21.67 -47.59 -35.69
C LEU I 94 -20.98 -48.80 -35.06
N SER I 95 -20.59 -49.77 -35.89
CA SER I 95 -19.97 -51.00 -35.35
C SER I 95 -18.66 -50.65 -34.64
N LEU I 96 -17.80 -49.87 -35.29
CA LEU I 96 -16.50 -49.49 -34.69
C LEU I 96 -16.76 -48.91 -33.29
N GLN I 97 -17.83 -48.15 -33.15
CA GLN I 97 -18.19 -47.58 -31.83
C GLN I 97 -18.68 -48.70 -30.92
N SER I 98 -19.66 -49.48 -31.37
CA SER I 98 -20.23 -50.55 -30.52
C SER I 98 -19.10 -51.39 -29.92
N ALA I 99 -18.07 -51.64 -30.71
CA ALA I 99 -16.94 -52.47 -30.23
C ALA I 99 -16.38 -51.88 -28.94
N ASN I 100 -16.18 -50.55 -28.91
CA ASN I 100 -15.54 -49.91 -27.73
C ASN I 100 -16.13 -50.52 -26.45
N GLY I 101 -15.27 -50.93 -25.52
CA GLY I 101 -15.73 -51.58 -24.28
C GLY I 101 -16.66 -50.72 -23.46
N SER I 102 -16.39 -49.41 -23.36
CA SER I 102 -17.22 -48.57 -22.47
C SER I 102 -18.71 -48.86 -22.72
N ASN I 103 -19.11 -48.99 -23.98
CA ASN I 103 -20.53 -49.23 -24.31
C ASN I 103 -21.03 -50.45 -23.54
N SER I 104 -22.10 -50.28 -22.76
CA SER I 104 -22.70 -51.44 -22.04
C SER I 104 -23.73 -52.10 -22.96
N LYS I 105 -24.28 -53.24 -22.53
CA LYS I 105 -25.23 -53.98 -23.41
C LYS I 105 -26.31 -53.02 -23.89
N SER I 106 -26.82 -52.18 -22.98
CA SER I 106 -27.91 -51.24 -23.35
C SER I 106 -27.48 -50.41 -24.55
N GLU I 107 -26.28 -49.81 -24.49
CA GLU I 107 -25.81 -48.94 -25.59
C GLU I 107 -25.76 -49.76 -26.88
N ARG I 108 -25.15 -50.95 -26.81
CA ARG I 108 -24.99 -51.77 -28.04
C ARG I 108 -26.38 -52.03 -28.61
N VAL I 109 -27.35 -52.35 -27.76
CA VAL I 109 -28.75 -52.55 -28.26
C VAL I 109 -29.12 -51.34 -29.10
N ALA I 110 -28.96 -50.13 -28.56
CA ALA I 110 -29.39 -48.92 -29.29
C ALA I 110 -28.64 -48.82 -30.63
N ILE I 111 -27.32 -49.02 -30.62
CA ILE I 111 -26.53 -48.97 -31.88
C ILE I 111 -27.10 -50.04 -32.82
N GLN I 112 -27.34 -51.23 -32.28
CA GLN I 112 -27.91 -52.34 -33.10
C GLN I 112 -29.21 -51.84 -33.73
N GLU I 113 -30.03 -51.12 -32.97
CA GLU I 113 -31.35 -50.69 -33.51
C GLU I 113 -31.13 -49.79 -34.71
N GLU I 114 -30.15 -48.89 -34.64
CA GLU I 114 -29.84 -48.05 -35.82
C GLU I 114 -29.37 -48.96 -36.96
N ILE I 115 -28.51 -49.93 -36.66
CA ILE I 115 -28.06 -50.89 -37.71
C ILE I 115 -29.28 -51.59 -38.28
N THR I 116 -30.20 -52.05 -37.42
CA THR I 116 -31.36 -52.82 -37.91
C THR I 116 -32.10 -51.99 -38.95
N ALA I 117 -32.39 -50.73 -38.61
CA ALA I 117 -33.13 -49.86 -39.54
C ALA I 117 -32.32 -49.67 -40.82
N LEU I 118 -31.03 -49.36 -40.67
CA LEU I 118 -30.20 -49.09 -41.87
C LEU I 118 -30.17 -50.35 -42.72
N ASN I 119 -30.11 -51.53 -42.09
CA ASN I 119 -30.13 -52.80 -42.84
C ASN I 119 -31.38 -52.81 -43.73
N ASP I 120 -32.54 -52.59 -43.12
CA ASP I 120 -33.81 -52.64 -43.88
C ASP I 120 -33.73 -51.62 -45.03
N GLU I 121 -33.15 -50.45 -44.76
CA GLU I 121 -33.07 -49.40 -45.80
C GLU I 121 -32.29 -49.94 -47.00
N LEU I 122 -31.13 -50.56 -46.75
CA LEU I 122 -30.35 -51.15 -47.86
C LEU I 122 -31.28 -52.08 -48.64
N ASN I 123 -32.00 -52.94 -47.93
CA ASN I 123 -32.92 -53.89 -48.59
C ASN I 123 -33.94 -53.10 -49.42
N ARG I 124 -34.53 -52.07 -48.81
CA ARG I 124 -35.54 -51.25 -49.52
C ARG I 124 -34.90 -50.73 -50.81
N ILE I 125 -33.78 -50.02 -50.68
CA ILE I 125 -33.15 -49.38 -51.87
C ILE I 125 -33.02 -50.45 -52.95
N ALA I 126 -32.61 -51.66 -52.57
CA ALA I 126 -32.37 -52.72 -53.57
C ALA I 126 -33.67 -53.17 -54.21
N GLU I 127 -34.74 -53.30 -53.43
CA GLU I 127 -36.01 -53.84 -53.98
C GLU I 127 -36.88 -52.73 -54.57
N THR I 128 -36.40 -51.49 -54.54
CA THR I 128 -37.24 -50.36 -54.99
C THR I 128 -36.61 -49.71 -56.24
N THR I 129 -35.30 -49.49 -56.22
CA THR I 129 -34.63 -48.83 -57.37
C THR I 129 -35.19 -49.44 -58.66
N SER I 130 -35.89 -48.64 -59.47
CA SER I 130 -36.52 -49.19 -60.70
C SER I 130 -36.46 -48.17 -61.85
N PHE I 131 -36.07 -48.61 -63.03
CA PHE I 131 -36.06 -47.72 -64.22
C PHE I 131 -37.31 -48.01 -65.04
N GLY I 132 -38.36 -47.20 -64.85
CA GLY I 132 -39.61 -47.40 -65.61
C GLY I 132 -40.34 -48.66 -65.19
N GLY I 133 -40.25 -49.03 -63.91
CA GLY I 133 -40.98 -50.21 -63.41
C GLY I 133 -40.14 -51.47 -63.57
N ASN I 134 -39.03 -51.37 -64.30
CA ASN I 134 -38.10 -52.53 -64.39
C ASN I 134 -37.15 -52.45 -63.19
N LYS I 135 -37.39 -53.26 -62.17
CA LYS I 135 -36.53 -53.22 -60.95
C LYS I 135 -35.08 -53.43 -61.38
N LEU I 136 -34.14 -52.78 -60.71
CA LEU I 136 -32.72 -52.85 -61.17
C LEU I 136 -31.84 -53.60 -60.17
N LEU I 137 -31.81 -53.17 -58.91
CA LEU I 137 -30.83 -53.76 -57.95
C LEU I 137 -31.48 -54.85 -57.09
N ASN I 138 -32.55 -55.49 -57.56
CA ASN I 138 -33.15 -56.62 -56.79
C ASN I 138 -32.50 -57.92 -57.28
N GLY I 139 -31.77 -57.86 -58.39
CA GLY I 139 -31.11 -59.06 -58.93
C GLY I 139 -31.85 -59.61 -60.14
N THR I 140 -33.13 -59.27 -60.27
CA THR I 140 -33.95 -59.82 -61.39
C THR I 140 -33.38 -59.35 -62.74
N PHE I 141 -32.81 -58.15 -62.78
CA PHE I 141 -32.30 -57.60 -64.06
C PHE I 141 -31.40 -58.64 -64.73
N SER I 142 -30.63 -59.37 -63.93
CA SER I 142 -29.68 -60.37 -64.50
C SER I 142 -28.81 -59.69 -65.56
N THR I 143 -28.68 -60.32 -66.72
CA THR I 143 -27.88 -59.73 -67.83
C THR I 143 -28.84 -59.36 -68.96
N LYS I 144 -28.67 -58.17 -69.55
CA LYS I 144 -29.51 -57.76 -70.70
C LYS I 144 -28.63 -57.14 -71.78
N SER I 145 -28.88 -57.48 -73.05
CA SER I 145 -28.11 -56.91 -74.17
C SER I 145 -28.67 -55.55 -74.58
N PHE I 146 -27.82 -54.65 -75.07
CA PHE I 146 -28.28 -53.33 -75.57
C PHE I 146 -27.77 -53.16 -77.00
N GLN I 147 -28.67 -53.15 -77.99
CA GLN I 147 -28.26 -53.08 -79.41
C GLN I 147 -27.66 -51.70 -79.69
N ILE I 148 -26.34 -51.61 -79.74
CA ILE I 148 -25.68 -50.28 -79.95
C ILE I 148 -25.10 -50.23 -81.36
N GLY I 149 -25.74 -50.92 -82.30
CA GLY I 149 -25.26 -50.94 -83.70
C GLY I 149 -26.42 -50.89 -84.67
N ALA I 150 -26.16 -50.46 -85.90
CA ALA I 150 -27.22 -50.32 -86.91
C ALA I 150 -27.78 -51.70 -87.26
N ASP I 151 -26.91 -52.70 -87.39
CA ASP I 151 -27.36 -54.05 -87.83
C ASP I 151 -27.62 -54.92 -86.60
N ASN I 152 -28.09 -56.15 -86.83
CA ASN I 152 -28.37 -57.08 -85.71
C ASN I 152 -27.07 -57.63 -85.16
N GLY I 153 -27.07 -58.10 -83.91
CA GLY I 153 -25.88 -58.74 -83.35
C GLY I 153 -24.93 -57.76 -82.69
N GLU I 154 -25.02 -56.47 -83.03
CA GLU I 154 -24.07 -55.48 -82.49
C GLU I 154 -24.59 -55.02 -81.13
N ALA I 155 -24.37 -55.80 -80.08
CA ALA I 155 -24.96 -55.45 -78.77
C ALA I 155 -23.96 -55.67 -77.64
N VAL I 156 -24.09 -54.89 -76.56
CA VAL I 156 -23.21 -55.04 -75.38
C VAL I 156 -24.08 -55.50 -74.20
N MET I 157 -23.65 -56.54 -73.48
CA MET I 157 -24.49 -57.09 -72.39
C MET I 157 -24.17 -56.37 -71.07
N LEU I 158 -25.19 -55.93 -70.35
CA LEU I 158 -24.97 -55.29 -69.02
C LEU I 158 -25.66 -56.14 -67.96
N THR I 159 -24.96 -56.42 -66.86
CA THR I 159 -25.55 -57.25 -65.78
C THR I 159 -25.59 -56.45 -64.48
N LEU I 160 -26.78 -56.27 -63.91
CA LEU I 160 -26.89 -55.57 -62.60
C LEU I 160 -26.93 -56.61 -61.50
N LYS I 161 -25.90 -56.64 -60.65
CA LYS I 161 -25.81 -57.66 -59.58
C LYS I 161 -26.78 -57.32 -58.44
N ASP I 162 -27.15 -58.31 -57.63
CA ASP I 162 -28.03 -58.06 -56.46
C ASP I 162 -27.32 -57.07 -55.53
N MET I 163 -28.07 -56.19 -54.88
CA MET I 163 -27.45 -55.26 -53.91
C MET I 163 -28.17 -55.41 -52.56
N ARG I 164 -28.92 -56.49 -52.39
CA ARG I 164 -29.65 -56.73 -51.12
C ARG I 164 -28.64 -57.01 -50.01
N SER I 165 -29.06 -56.89 -48.75
CA SER I 165 -28.14 -57.07 -47.60
C SER I 165 -27.90 -58.55 -47.32
N ASP I 166 -28.52 -59.45 -48.09
CA ASP I 166 -28.40 -60.90 -47.81
C ASP I 166 -27.74 -61.62 -48.98
N ASN I 167 -27.10 -60.89 -49.89
CA ASN I 167 -26.36 -61.56 -51.00
C ASN I 167 -25.03 -62.07 -50.45
N ARG I 168 -24.71 -63.34 -50.68
CA ARG I 168 -23.46 -63.93 -50.15
C ARG I 168 -22.31 -62.95 -50.41
N MET I 169 -22.20 -62.44 -51.63
CA MET I 169 -21.06 -61.56 -51.97
C MET I 169 -20.89 -60.47 -50.91
N MET I 170 -21.99 -60.00 -50.31
CA MET I 170 -21.88 -58.88 -49.34
C MET I 170 -21.49 -59.44 -47.98
N GLY I 171 -20.43 -60.25 -47.92
CA GLY I 171 -19.99 -60.87 -46.66
C GLY I 171 -19.06 -62.04 -46.93
N GLY I 172 -19.01 -63.00 -46.00
CA GLY I 172 -18.10 -64.15 -46.14
C GLY I 172 -18.31 -65.17 -45.04
N THR I 173 -17.25 -65.92 -44.70
CA THR I 173 -17.38 -66.99 -43.67
C THR I 173 -16.54 -66.60 -42.45
N SER I 174 -17.06 -66.84 -41.24
CA SER I 174 -16.33 -66.44 -40.01
C SER I 174 -15.94 -67.66 -39.20
N TYR I 175 -14.65 -67.82 -38.89
CA TYR I 175 -14.21 -68.94 -38.03
C TYR I 175 -13.91 -68.36 -36.65
N VAL I 176 -14.38 -69.02 -35.59
CA VAL I 176 -14.16 -68.50 -34.20
C VAL I 176 -13.39 -69.54 -33.39
N ALA I 177 -12.30 -69.12 -32.75
CA ALA I 177 -11.49 -70.06 -31.93
C ALA I 177 -12.31 -70.50 -30.72
N ALA I 178 -12.41 -71.81 -30.49
CA ALA I 178 -13.18 -72.34 -29.35
C ALA I 178 -12.55 -71.88 -28.03
N GLU I 179 -11.23 -72.07 -27.90
CA GLU I 179 -10.55 -71.72 -26.63
C GLU I 179 -10.57 -70.19 -26.46
N GLY I 180 -10.92 -69.72 -25.26
CA GLY I 180 -10.93 -68.28 -24.98
C GLY I 180 -9.73 -67.87 -24.15
N LYS I 181 -8.69 -67.34 -24.82
CA LYS I 181 -7.46 -66.92 -24.09
C LYS I 181 -7.79 -65.74 -23.17
N ASP I 182 -7.29 -65.78 -21.93
CA ASP I 182 -7.52 -64.68 -20.97
C ASP I 182 -6.46 -63.59 -21.19
N LYS I 183 -6.52 -62.51 -20.40
CA LYS I 183 -5.56 -61.39 -20.55
C LYS I 183 -4.14 -61.90 -20.32
N ASP I 184 -3.95 -62.80 -19.35
CA ASP I 184 -2.59 -63.28 -19.01
C ASP I 184 -2.01 -64.12 -20.16
N TRP I 185 -2.87 -64.68 -21.01
CA TRP I 185 -2.36 -65.58 -22.08
C TRP I 185 -1.33 -64.83 -22.95
N LYS I 186 -0.15 -65.42 -23.11
CA LYS I 186 0.88 -64.81 -23.99
C LYS I 186 1.33 -65.88 -24.99
N VAL I 187 1.69 -65.46 -26.21
CA VAL I 187 2.17 -66.43 -27.24
C VAL I 187 3.37 -67.18 -26.66
N GLN I 188 3.27 -68.51 -26.58
CA GLN I 188 4.36 -69.32 -26.00
C GLN I 188 5.33 -69.72 -27.11
N ALA I 189 6.61 -69.87 -26.78
CA ALA I 189 7.63 -70.21 -27.80
C ALA I 189 7.26 -71.54 -28.45
N GLY I 190 7.51 -71.68 -29.74
CA GLY I 190 7.15 -72.91 -30.46
C GLY I 190 5.76 -72.82 -31.06
N ALA I 191 4.74 -72.67 -30.21
CA ALA I 191 3.34 -72.54 -30.68
C ALA I 191 3.09 -71.09 -31.12
N ASN I 192 3.92 -70.56 -32.01
CA ASN I 192 3.79 -69.15 -32.43
C ASN I 192 3.50 -69.10 -33.92
N ASP I 193 3.38 -70.25 -34.56
CA ASP I 193 3.19 -70.25 -36.04
C ASP I 193 1.75 -70.62 -36.37
N ILE I 194 1.07 -69.81 -37.17
CA ILE I 194 -0.29 -70.19 -37.63
C ILE I 194 -0.30 -70.04 -39.15
N THR I 195 -0.56 -71.13 -39.87
CA THR I 195 -0.52 -71.07 -41.36
C THR I 195 -1.95 -71.20 -41.90
N PHE I 196 -2.32 -70.36 -42.85
CA PHE I 196 -3.69 -70.40 -43.40
C PHE I 196 -3.67 -70.97 -44.81
N THR I 197 -4.35 -72.09 -45.03
CA THR I 197 -4.44 -72.65 -46.41
C THR I 197 -5.80 -72.26 -46.98
N LEU I 198 -5.83 -71.29 -47.91
CA LEU I 198 -7.14 -70.81 -48.40
C LEU I 198 -7.16 -70.83 -49.94
N LYS I 199 -8.35 -70.89 -50.52
CA LYS I 199 -8.48 -70.86 -52.00
C LYS I 199 -8.89 -69.46 -52.42
N ASP I 200 -7.99 -68.74 -53.12
CA ASP I 200 -8.29 -67.34 -53.53
C ASP I 200 -9.56 -67.34 -54.40
N ILE I 201 -10.22 -66.18 -54.48
CA ILE I 201 -11.47 -66.06 -55.29
C ILE I 201 -11.20 -66.59 -56.70
N ASP I 202 -10.02 -66.31 -57.25
CA ASP I 202 -9.70 -66.71 -58.64
C ASP I 202 -9.33 -68.20 -58.67
N GLY I 203 -9.57 -68.92 -57.58
CA GLY I 203 -9.24 -70.35 -57.51
C GLY I 203 -7.75 -70.57 -57.26
N ASN I 204 -7.03 -69.49 -56.98
CA ASN I 204 -5.57 -69.60 -56.69
C ASN I 204 -5.40 -70.21 -55.30
N ASP I 205 -4.41 -71.09 -55.14
CA ASP I 205 -4.14 -71.72 -53.81
C ASP I 205 -3.23 -70.80 -53.02
N GLN I 206 -3.62 -70.44 -51.79
CA GLN I 206 -2.83 -69.50 -50.98
C GLN I 206 -2.48 -70.15 -49.65
N THR I 207 -1.20 -70.11 -49.26
CA THR I 207 -0.82 -70.64 -47.93
C THR I 207 -0.07 -69.53 -47.20
N ILE I 208 -0.68 -68.93 -46.18
CA ILE I 208 -0.06 -67.75 -45.50
C ILE I 208 0.42 -68.18 -44.12
N THR I 209 1.70 -67.94 -43.82
CA THR I 209 2.27 -68.32 -42.50
C THR I 209 2.45 -67.06 -41.65
N VAL I 210 1.91 -67.09 -40.43
CA VAL I 210 2.03 -65.91 -39.52
C VAL I 210 2.79 -66.36 -38.27
N ASN I 211 3.97 -65.77 -38.03
CA ASN I 211 4.79 -66.14 -36.86
C ASN I 211 4.57 -65.10 -35.75
N ALA I 212 3.45 -65.20 -35.03
CA ALA I 212 3.13 -64.22 -33.97
C ALA I 212 4.30 -64.11 -33.00
N LYS I 213 4.66 -62.90 -32.60
CA LYS I 213 5.82 -62.70 -31.69
C LYS I 213 5.48 -63.26 -30.31
N GLU I 214 6.47 -63.87 -29.65
CA GLU I 214 6.25 -64.43 -28.29
C GLU I 214 5.98 -63.29 -27.30
N GLY I 215 5.02 -63.46 -26.40
CA GLY I 215 4.68 -62.43 -25.42
C GLY I 215 3.48 -61.61 -25.85
N ASP I 216 3.07 -61.74 -27.11
CA ASP I 216 1.88 -61.03 -27.62
C ASP I 216 0.64 -61.54 -26.87
N ASP I 217 -0.31 -60.64 -26.58
CA ASP I 217 -1.59 -61.08 -25.95
C ASP I 217 -2.56 -61.48 -27.05
N ILE I 218 -3.64 -62.18 -26.71
CA ILE I 218 -4.56 -62.70 -27.76
C ILE I 218 -4.93 -61.55 -28.70
N GLU I 219 -5.17 -60.36 -28.16
CA GLU I 219 -5.51 -59.19 -29.00
C GLU I 219 -4.33 -58.88 -29.93
N GLU I 220 -3.11 -58.91 -29.40
CA GLU I 220 -1.93 -58.53 -30.23
C GLU I 220 -1.80 -59.54 -31.38
N VAL I 221 -2.06 -60.80 -31.11
CA VAL I 221 -2.00 -61.83 -32.19
C VAL I 221 -2.90 -61.34 -33.33
N ALA I 222 -4.11 -60.90 -33.01
CA ALA I 222 -5.05 -60.48 -34.07
C ALA I 222 -4.44 -59.33 -34.86
N THR I 223 -3.92 -58.31 -34.18
CA THR I 223 -3.38 -57.13 -34.90
C THR I 223 -2.28 -57.61 -35.84
N TYR I 224 -1.33 -58.39 -35.31
CA TYR I 224 -0.18 -58.87 -36.14
C TYR I 224 -0.74 -59.57 -37.37
N ILE I 225 -1.76 -60.40 -37.17
CA ILE I 225 -2.35 -61.16 -38.31
C ILE I 225 -2.89 -60.15 -39.33
N ASN I 226 -3.64 -59.16 -38.85
CA ASN I 226 -4.28 -58.19 -39.78
C ASN I 226 -3.20 -57.42 -40.54
N GLY I 227 -1.96 -57.44 -40.05
CA GLY I 227 -0.85 -56.77 -40.74
C GLY I 227 -0.07 -57.72 -41.63
N GLN I 228 0.12 -58.97 -41.18
CA GLN I 228 0.95 -59.93 -41.94
C GLN I 228 0.13 -60.53 -43.08
N THR I 229 -1.12 -60.10 -43.27
CA THR I 229 -1.92 -60.59 -44.42
C THR I 229 -3.12 -59.66 -44.64
N ASP I 230 -3.70 -59.69 -45.83
CA ASP I 230 -4.92 -58.88 -46.11
C ASP I 230 -6.02 -59.83 -46.60
N MET I 231 -5.70 -61.11 -46.72
CA MET I 231 -6.68 -62.09 -47.25
C MET I 231 -7.72 -62.40 -46.16
N VAL I 232 -7.36 -62.19 -44.90
CA VAL I 232 -8.30 -62.48 -43.76
C VAL I 232 -8.27 -61.32 -42.77
N LYS I 233 -9.38 -61.10 -42.06
CA LYS I 233 -9.42 -60.04 -41.01
C LYS I 233 -9.64 -60.72 -39.66
N ALA I 234 -8.85 -60.35 -38.65
CA ALA I 234 -8.95 -61.07 -37.35
C ALA I 234 -9.42 -60.14 -36.23
N SER I 235 -10.00 -60.71 -35.18
CA SER I 235 -10.51 -59.91 -34.04
C SER I 235 -10.67 -60.83 -32.82
N VAL I 236 -10.83 -60.26 -31.62
CA VAL I 236 -11.01 -61.08 -30.39
C VAL I 236 -12.36 -60.71 -29.76
N ASN I 237 -13.11 -61.71 -29.29
CA ASN I 237 -14.44 -61.46 -28.70
C ASN I 237 -14.31 -61.18 -27.20
N GLU I 238 -15.43 -60.94 -26.52
CA GLU I 238 -15.41 -60.64 -25.06
C GLU I 238 -14.99 -61.88 -24.28
N LYS I 239 -15.09 -63.05 -24.92
CA LYS I 239 -14.69 -64.32 -24.26
C LYS I 239 -13.21 -64.59 -24.56
N GLY I 240 -12.50 -63.58 -25.07
CA GLY I 240 -11.08 -63.73 -25.39
C GLY I 240 -10.84 -64.79 -26.45
N GLN I 241 -11.76 -64.89 -27.42
CA GLN I 241 -11.64 -65.91 -28.49
C GLN I 241 -11.31 -65.21 -29.81
N LEU I 242 -10.24 -65.64 -30.47
CA LEU I 242 -9.83 -65.02 -31.77
C LEU I 242 -10.90 -65.30 -32.82
N GLN I 243 -11.19 -64.32 -33.66
CA GLN I 243 -12.16 -64.51 -34.77
C GLN I 243 -11.47 -64.14 -36.08
N ILE I 244 -11.53 -65.01 -37.08
CA ILE I 244 -10.95 -64.67 -38.41
C ILE I 244 -12.10 -64.60 -39.42
N PHE I 245 -12.14 -63.55 -40.23
CA PHE I 245 -13.23 -63.39 -41.24
C PHE I 245 -12.64 -63.43 -42.65
N ALA I 246 -13.26 -64.21 -43.53
CA ALA I 246 -12.79 -64.29 -44.93
C ALA I 246 -13.96 -64.02 -45.87
N GLY I 247 -14.04 -62.81 -46.41
CA GLY I 247 -15.14 -62.45 -47.33
C GLY I 247 -15.15 -63.34 -48.56
N ASN I 248 -16.34 -63.67 -49.06
CA ASN I 248 -16.46 -64.54 -50.25
C ASN I 248 -15.70 -63.89 -51.41
N ASN I 249 -15.57 -62.56 -51.37
CA ASN I 249 -14.88 -61.83 -52.47
C ASN I 249 -13.41 -62.21 -52.55
N LYS I 250 -12.75 -62.49 -51.42
CA LYS I 250 -11.28 -62.74 -51.47
C LYS I 250 -10.97 -64.20 -51.13
N VAL I 251 -11.99 -65.01 -50.85
CA VAL I 251 -11.76 -66.44 -50.46
C VAL I 251 -12.88 -67.29 -51.04
N THR I 252 -12.54 -68.41 -51.68
CA THR I 252 -13.58 -69.24 -52.33
C THR I 252 -13.54 -70.66 -51.75
N GLY I 253 -13.88 -70.81 -50.48
CA GLY I 253 -13.91 -72.15 -49.87
C GLY I 253 -13.53 -72.12 -48.40
N ASP I 254 -13.34 -73.29 -47.80
CA ASP I 254 -13.01 -73.37 -46.36
C ASP I 254 -11.58 -72.85 -46.13
N VAL I 255 -11.38 -72.00 -45.12
CA VAL I 255 -10.01 -71.52 -44.78
C VAL I 255 -9.38 -72.55 -43.86
N ALA I 256 -8.34 -73.24 -44.31
CA ALA I 256 -7.71 -74.31 -43.51
C ALA I 256 -6.67 -73.70 -42.56
N PHE I 257 -6.76 -74.02 -41.28
CA PHE I 257 -5.84 -73.42 -40.27
C PHE I 257 -4.74 -74.43 -39.93
N SER I 258 -3.50 -73.96 -39.79
CA SER I 258 -2.36 -74.87 -39.51
C SER I 258 -1.43 -74.22 -38.48
N GLY I 259 -0.48 -75.00 -37.94
CA GLY I 259 0.51 -74.42 -37.00
C GLY I 259 0.18 -74.74 -35.55
N GLY I 260 1.15 -74.55 -34.65
CA GLY I 260 0.93 -74.83 -33.23
C GLY I 260 -0.07 -73.89 -32.61
N LEU I 261 0.06 -72.59 -32.90
CA LEU I 261 -0.85 -71.58 -32.29
C LEU I 261 -2.27 -71.96 -32.68
N ALA I 262 -2.46 -72.42 -33.92
CA ALA I 262 -3.80 -72.86 -34.36
C ALA I 262 -4.34 -73.86 -33.34
N GLY I 263 -3.52 -74.86 -32.98
CA GLY I 263 -3.96 -75.88 -32.03
C GLY I 263 -4.36 -75.26 -30.70
N ALA I 264 -3.56 -74.31 -30.21
CA ALA I 264 -3.87 -73.63 -28.93
C ALA I 264 -5.20 -72.90 -29.05
N LEU I 265 -5.39 -72.13 -30.14
CA LEU I 265 -6.63 -71.35 -30.31
C LEU I 265 -7.81 -72.29 -30.53
N ASN I 266 -7.60 -73.38 -31.28
CA ASN I 266 -8.69 -74.34 -31.58
C ASN I 266 -9.76 -73.62 -32.39
N MET I 267 -9.45 -73.27 -33.64
CA MET I 267 -10.45 -72.58 -34.51
C MET I 267 -11.59 -73.55 -34.82
N GLN I 268 -12.82 -73.04 -34.92
CA GLN I 268 -14.00 -73.91 -35.19
C GLN I 268 -14.49 -73.68 -36.63
N ALA I 269 -15.38 -74.54 -37.12
CA ALA I 269 -15.89 -74.43 -38.50
C ALA I 269 -16.50 -73.05 -38.74
N GLY I 270 -16.35 -72.51 -39.95
CA GLY I 270 -16.88 -71.17 -40.27
C GLY I 270 -18.39 -71.15 -40.42
N THR I 271 -18.97 -69.95 -40.56
CA THR I 271 -20.43 -69.80 -40.73
C THR I 271 -20.69 -68.71 -41.76
N ALA I 272 -21.68 -68.91 -42.62
CA ALA I 272 -22.02 -67.86 -43.61
C ALA I 272 -22.42 -66.59 -42.85
N GLU I 273 -21.72 -65.49 -43.10
CA GLU I 273 -22.04 -64.20 -42.44
C GLU I 273 -22.28 -63.15 -43.52
N THR I 274 -23.48 -62.57 -43.56
CA THR I 274 -23.79 -61.48 -44.51
C THR I 274 -24.19 -60.23 -43.72
N VAL I 275 -24.29 -59.09 -44.39
CA VAL I 275 -24.64 -57.82 -43.68
C VAL I 275 -25.98 -58.01 -42.97
N ASP I 276 -26.91 -58.72 -43.59
CA ASP I 276 -28.27 -58.89 -43.00
C ASP I 276 -28.15 -59.60 -41.65
N THR I 277 -27.04 -60.30 -41.41
CA THR I 277 -26.93 -61.10 -40.16
C THR I 277 -26.06 -60.39 -39.12
N ILE I 278 -25.56 -59.19 -39.41
CA ILE I 278 -24.61 -58.53 -38.45
C ILE I 278 -25.35 -58.22 -37.14
N ASP I 279 -24.64 -58.33 -36.01
CA ASP I 279 -25.26 -58.07 -34.69
C ASP I 279 -24.23 -57.39 -33.79
N VAL I 280 -24.40 -56.09 -33.51
CA VAL I 280 -23.37 -55.35 -32.74
C VAL I 280 -23.74 -55.34 -31.26
N THR I 281 -24.56 -56.30 -30.80
CA THR I 281 -24.91 -56.37 -29.36
C THR I 281 -23.74 -56.96 -28.57
N SER I 282 -22.92 -57.80 -29.20
CA SER I 282 -21.73 -58.39 -28.52
C SER I 282 -20.45 -57.85 -29.14
N VAL I 283 -19.44 -57.58 -28.33
CA VAL I 283 -18.18 -56.98 -28.87
C VAL I 283 -17.71 -57.83 -30.05
N GLY I 284 -17.75 -59.16 -29.88
CA GLY I 284 -17.32 -60.06 -30.97
C GLY I 284 -18.10 -59.75 -32.24
N GLY I 285 -19.42 -59.66 -32.12
CA GLY I 285 -20.27 -59.32 -33.29
C GLY I 285 -19.91 -57.95 -33.82
N ALA I 286 -19.61 -57.01 -32.93
CA ALA I 286 -19.21 -55.66 -33.36
C ALA I 286 -17.99 -55.77 -34.26
N GLN I 287 -16.91 -56.38 -33.74
CA GLN I 287 -15.68 -56.55 -34.55
C GLN I 287 -16.04 -57.30 -35.83
N GLN I 288 -16.79 -58.39 -35.71
CA GLN I 288 -17.08 -59.22 -36.91
C GLN I 288 -17.75 -58.33 -37.96
N SER I 289 -18.72 -57.53 -37.53
CA SER I 289 -19.46 -56.70 -38.52
C SER I 289 -18.48 -55.81 -39.26
N VAL I 290 -17.61 -55.10 -38.53
CA VAL I 290 -16.70 -54.16 -39.22
C VAL I 290 -16.23 -54.82 -40.50
N ALA I 291 -15.73 -56.05 -40.40
CA ALA I 291 -15.20 -56.76 -41.59
C ALA I 291 -16.32 -57.05 -42.58
N VAL I 292 -17.45 -57.58 -42.09
CA VAL I 292 -18.54 -57.97 -43.03
C VAL I 292 -18.92 -56.73 -43.83
N ILE I 293 -19.10 -55.59 -43.14
CA ILE I 293 -19.52 -54.34 -43.84
C ILE I 293 -18.43 -53.95 -44.83
N ASP I 294 -17.17 -54.00 -44.41
CA ASP I 294 -16.05 -53.58 -45.28
C ASP I 294 -16.08 -54.45 -46.55
N SER I 295 -16.24 -55.75 -46.38
CA SER I 295 -16.24 -56.67 -47.55
C SER I 295 -17.35 -56.24 -48.50
N ALA I 296 -18.53 -55.95 -47.97
CA ALA I 296 -19.67 -55.55 -48.81
C ALA I 296 -19.28 -54.29 -49.60
N LEU I 297 -18.69 -53.32 -48.91
CA LEU I 297 -18.34 -52.04 -49.59
C LEU I 297 -17.57 -52.38 -50.87
N LYS I 298 -16.58 -53.25 -50.77
CA LYS I 298 -15.84 -53.68 -51.97
C LYS I 298 -16.83 -54.16 -53.02
N TYR I 299 -17.70 -55.10 -52.67
CA TYR I 299 -18.65 -55.69 -53.65
C TYR I 299 -19.36 -54.54 -54.33
N VAL I 300 -19.80 -53.57 -53.53
CA VAL I 300 -20.54 -52.41 -54.09
C VAL I 300 -19.60 -51.62 -55.00
N ASP I 301 -18.41 -51.29 -54.50
CA ASP I 301 -17.48 -50.46 -55.30
C ASP I 301 -17.17 -51.16 -56.63
N SER I 302 -16.89 -52.46 -56.58
CA SER I 302 -16.54 -53.20 -57.82
C SER I 302 -17.73 -53.15 -58.76
N HIS I 303 -18.94 -53.38 -58.23
CA HIS I 303 -20.15 -53.29 -59.08
C HIS I 303 -20.18 -51.91 -59.74
N ARG I 304 -19.96 -50.86 -58.94
CA ARG I 304 -20.02 -49.47 -59.47
C ARG I 304 -18.99 -49.33 -60.58
N ALA I 305 -17.78 -49.84 -60.37
CA ALA I 305 -16.71 -49.67 -61.36
C ALA I 305 -17.19 -50.25 -62.70
N GLU I 306 -17.75 -51.46 -62.67
CA GLU I 306 -18.27 -52.08 -63.91
C GLU I 306 -19.21 -51.10 -64.58
N LEU I 307 -20.20 -50.60 -63.83
CA LEU I 307 -21.22 -49.71 -64.44
C LEU I 307 -20.53 -48.47 -65.01
N GLY I 308 -19.58 -47.91 -64.28
CA GLY I 308 -18.87 -46.72 -64.77
C GLY I 308 -18.24 -46.99 -66.12
N ALA I 309 -17.54 -48.12 -66.24
CA ALA I 309 -16.87 -48.46 -67.52
C ALA I 309 -17.93 -48.63 -68.60
N PHE I 310 -19.03 -49.31 -68.27
CA PHE I 310 -20.13 -49.49 -69.25
C PHE I 310 -20.56 -48.13 -69.76
N GLN I 311 -20.72 -47.16 -68.85
CA GLN I 311 -21.14 -45.80 -69.25
C GLN I 311 -20.06 -45.20 -70.14
N ASN I 312 -18.80 -45.27 -69.70
CA ASN I 312 -17.69 -44.68 -70.49
C ASN I 312 -17.63 -45.38 -71.85
N ARG I 313 -17.77 -46.70 -71.85
CA ARG I 313 -17.72 -47.47 -73.12
C ARG I 313 -18.78 -46.90 -74.05
N PHE I 314 -20.01 -46.75 -73.57
CA PHE I 314 -21.09 -46.30 -74.48
C PHE I 314 -20.82 -44.86 -74.93
N ASN I 315 -20.29 -44.01 -74.05
CA ASN I 315 -19.93 -42.64 -74.48
C ASN I 315 -19.09 -42.72 -75.76
N HIS I 316 -17.97 -43.45 -75.69
CA HIS I 316 -17.09 -43.57 -76.88
C HIS I 316 -17.92 -44.12 -78.03
N ALA I 317 -18.73 -45.13 -77.75
CA ALA I 317 -19.55 -45.77 -78.81
C ALA I 317 -20.43 -44.72 -79.47
N ILE I 318 -21.16 -43.94 -78.69
CA ILE I 318 -22.11 -42.94 -79.27
C ILE I 318 -21.33 -42.00 -80.18
N SER I 319 -20.16 -41.53 -79.72
CA SER I 319 -19.39 -40.54 -80.52
C SER I 319 -18.98 -41.17 -81.86
N ASN I 320 -18.48 -42.40 -81.83
CA ASN I 320 -18.12 -43.08 -83.09
C ASN I 320 -19.36 -43.17 -83.98
N LEU I 321 -20.49 -43.58 -83.41
CA LEU I 321 -21.71 -43.77 -84.24
C LEU I 321 -22.06 -42.43 -84.90
N ASP I 322 -22.00 -41.33 -84.15
CA ASP I 322 -22.41 -40.03 -84.73
C ASP I 322 -21.39 -39.63 -85.81
N ASN I 323 -20.12 -39.94 -85.59
CA ASN I 323 -19.10 -39.66 -86.64
C ASN I 323 -19.50 -40.42 -87.91
N ILE I 324 -19.79 -41.71 -87.78
CA ILE I 324 -20.23 -42.52 -88.95
C ILE I 324 -21.51 -41.91 -89.52
N ASN I 325 -22.45 -41.56 -88.65
CA ASN I 325 -23.76 -41.05 -89.16
C ASN I 325 -23.48 -39.88 -90.10
N GLU I 326 -22.67 -38.92 -89.64
CA GLU I 326 -22.40 -37.73 -90.48
C GLU I 326 -21.82 -38.19 -91.82
N ASN I 327 -20.80 -39.03 -91.79
CA ASN I 327 -20.12 -39.44 -93.05
C ASN I 327 -21.11 -40.21 -93.93
N VAL I 328 -21.91 -41.09 -93.32
CA VAL I 328 -22.88 -41.91 -94.10
C VAL I 328 -23.85 -40.95 -94.79
N ASN I 329 -24.40 -40.00 -94.04
CA ASN I 329 -25.40 -39.07 -94.61
C ASN I 329 -24.75 -38.30 -95.76
N ALA I 330 -23.50 -37.85 -95.57
CA ALA I 330 -22.81 -37.09 -96.62
C ALA I 330 -22.77 -37.94 -97.89
N SER I 331 -22.38 -39.21 -97.75
CA SER I 331 -22.29 -40.10 -98.92
C SER I 331 -23.66 -40.23 -99.57
N LYS I 332 -24.69 -40.43 -98.74
CA LYS I 332 -26.06 -40.61 -99.28
C LYS I 332 -26.40 -39.40 -100.15
N SER I 333 -26.08 -38.20 -99.66
CA SER I 333 -26.39 -36.97 -100.43
C SER I 333 -25.67 -37.04 -101.77
N ARG I 334 -24.36 -37.29 -101.75
CA ARG I 334 -23.57 -37.27 -103.00
C ARG I 334 -24.25 -38.18 -104.03
N ILE I 335 -24.93 -39.24 -103.57
CA ILE I 335 -25.50 -40.21 -104.56
C ILE I 335 -26.99 -39.96 -104.77
N LYS I 336 -27.70 -39.44 -103.76
CA LYS I 336 -29.19 -39.32 -103.90
C LYS I 336 -29.66 -37.88 -104.07
N ASP I 337 -29.05 -36.92 -103.37
CA ASP I 337 -29.58 -35.52 -103.41
C ASP I 337 -29.37 -34.88 -104.78
N THR I 338 -30.09 -33.78 -105.06
CA THR I 338 -29.97 -33.09 -106.37
C THR I 338 -29.06 -31.88 -106.26
N ASP I 339 -28.25 -31.61 -107.28
CA ASP I 339 -27.43 -30.37 -107.28
C ASP I 339 -28.29 -29.28 -107.91
N PHE I 340 -29.03 -28.54 -107.09
CA PHE I 340 -29.96 -27.53 -107.66
C PHE I 340 -29.25 -26.76 -108.77
N ALA I 341 -28.01 -26.36 -108.53
CA ALA I 341 -27.26 -25.58 -109.54
C ALA I 341 -27.35 -26.28 -110.90
N LYS I 342 -26.86 -27.52 -110.96
CA LYS I 342 -26.85 -28.26 -112.25
C LYS I 342 -28.30 -28.47 -112.71
N GLU I 343 -29.18 -28.87 -111.79
CA GLU I 343 -30.58 -29.16 -112.17
C GLU I 343 -31.21 -27.91 -112.79
N THR I 344 -31.11 -26.78 -112.09
CA THR I 344 -31.72 -25.52 -112.60
C THR I 344 -31.09 -25.21 -113.95
N THR I 345 -29.77 -25.31 -114.04
CA THR I 345 -29.10 -25.10 -115.35
C THR I 345 -29.79 -25.96 -116.40
N ALA I 346 -29.85 -27.26 -116.17
CA ALA I 346 -30.47 -28.17 -117.16
C ALA I 346 -31.89 -27.70 -117.43
N LEU I 347 -32.67 -27.45 -116.38
CA LEU I 347 -34.08 -27.05 -116.58
C LEU I 347 -34.11 -25.89 -117.57
N THR I 348 -33.35 -24.83 -117.28
CA THR I 348 -33.36 -23.64 -118.17
C THR I 348 -33.02 -24.09 -119.59
N LYS I 349 -31.89 -24.78 -119.76
CA LYS I 349 -31.45 -25.19 -121.11
C LYS I 349 -32.60 -25.95 -121.78
N SER I 350 -33.18 -26.91 -121.06
CA SER I 350 -34.29 -27.71 -121.62
C SER I 350 -35.40 -26.77 -122.08
N GLN I 351 -35.71 -25.78 -121.25
CA GLN I 351 -36.81 -24.84 -121.59
C GLN I 351 -36.46 -24.06 -122.85
N ILE I 352 -35.23 -23.56 -122.94
CA ILE I 352 -34.81 -22.87 -124.18
C ILE I 352 -35.04 -23.83 -125.34
N LEU I 353 -34.52 -25.05 -125.23
CA LEU I 353 -34.68 -26.04 -126.32
C LEU I 353 -36.17 -26.22 -126.63
N SER I 354 -37.01 -26.28 -125.59
CA SER I 354 -38.46 -26.51 -125.79
C SER I 354 -39.02 -25.39 -126.65
N GLN I 355 -38.69 -24.15 -126.31
CA GLN I 355 -39.22 -23.00 -127.06
C GLN I 355 -38.71 -23.06 -128.51
N ALA I 356 -37.43 -23.41 -128.68
CA ALA I 356 -36.84 -23.46 -130.03
C ALA I 356 -37.56 -24.53 -130.86
N SER I 357 -37.81 -25.69 -130.25
CA SER I 357 -38.50 -26.79 -130.97
C SER I 357 -39.90 -26.33 -131.40
N SER I 358 -40.63 -25.70 -130.48
CA SER I 358 -41.97 -25.18 -130.84
C SER I 358 -41.82 -24.15 -131.97
N SER I 359 -40.82 -23.28 -131.87
CA SER I 359 -40.65 -22.22 -132.89
C SER I 359 -40.52 -22.84 -134.28
N VAL I 360 -39.63 -23.83 -134.43
CA VAL I 360 -39.40 -24.40 -135.79
C VAL I 360 -40.70 -25.10 -136.22
N LEU I 361 -41.37 -25.77 -135.28
CA LEU I 361 -42.65 -26.45 -135.59
C LEU I 361 -43.58 -25.44 -136.26
N ALA I 362 -43.69 -24.24 -135.67
CA ALA I 362 -44.59 -23.21 -136.22
C ALA I 362 -44.26 -22.99 -137.70
N GLN I 363 -43.01 -22.67 -137.99
CA GLN I 363 -42.58 -22.40 -139.39
C GLN I 363 -42.72 -23.70 -140.19
N ALA I 364 -42.43 -24.83 -139.56
CA ALA I 364 -42.53 -26.13 -140.27
C ALA I 364 -43.98 -26.36 -140.72
N LYS I 365 -44.94 -25.98 -139.88
CA LYS I 365 -46.37 -26.22 -140.23
C LYS I 365 -46.75 -25.35 -141.44
N GLN I 366 -46.03 -24.26 -141.65
CA GLN I 366 -46.39 -23.33 -142.75
C GLN I 366 -45.73 -23.82 -144.04
N ALA I 367 -44.92 -24.86 -143.95
CA ALA I 367 -44.20 -25.35 -145.15
C ALA I 367 -45.19 -25.76 -146.24
N PRO I 368 -46.24 -26.58 -146.00
CA PRO I 368 -47.20 -26.92 -147.06
C PRO I 368 -47.88 -25.69 -147.67
N ASN I 369 -47.84 -24.55 -146.97
CA ASN I 369 -48.56 -23.34 -147.46
C ASN I 369 -47.94 -22.91 -148.80
N ALA I 370 -46.70 -23.33 -149.06
CA ALA I 370 -46.06 -23.02 -150.35
C ALA I 370 -46.81 -23.74 -151.48
N ALA I 371 -47.23 -24.98 -151.22
CA ALA I 371 -47.89 -25.78 -152.28
C ALA I 371 -49.15 -25.08 -152.78
N LEU I 372 -50.03 -24.66 -151.87
CA LEU I 372 -51.33 -24.07 -152.33
C LEU I 372 -51.04 -22.82 -153.16
N SER I 373 -50.05 -22.03 -152.75
CA SER I 373 -49.68 -20.82 -153.53
C SER I 373 -49.15 -21.24 -154.91
N LEU I 374 -48.32 -22.29 -154.94
CA LEU I 374 -47.72 -22.74 -156.22
C LEU I 374 -48.82 -22.99 -157.25
N LEU I 375 -49.83 -23.80 -156.89
CA LEU I 375 -50.91 -24.14 -157.85
C LEU I 375 -52.26 -24.02 -157.16
N GLY I 376 -53.21 -23.33 -157.80
CA GLY I 376 -54.56 -23.16 -157.22
C GLY I 376 -54.49 -22.41 -155.89
N ALA J 1 -11.94 -29.72 -26.86
CA ALA J 1 -11.36 -28.36 -26.80
C ALA J 1 -12.38 -27.36 -27.32
N VAL J 2 -12.09 -26.06 -27.20
CA VAL J 2 -12.98 -25.00 -27.76
C VAL J 2 -14.45 -25.39 -27.47
N ASN J 3 -14.72 -25.82 -26.24
CA ASN J 3 -16.10 -26.20 -25.84
C ASN J 3 -16.66 -25.11 -24.92
N VAL J 4 -17.98 -24.97 -24.88
CA VAL J 4 -18.59 -23.85 -24.07
C VAL J 4 -19.64 -24.42 -23.12
N ASN J 5 -19.70 -25.74 -22.98
CA ASN J 5 -20.66 -26.35 -22.02
C ASN J 5 -19.91 -27.22 -21.01
N THR J 6 -18.60 -27.02 -20.88
CA THR J 6 -17.80 -27.78 -19.89
C THR J 6 -16.46 -27.08 -19.64
N ASN J 7 -16.12 -26.85 -18.37
CA ASN J 7 -14.80 -26.24 -18.03
C ASN J 7 -14.17 -27.13 -16.96
N VAL J 8 -13.77 -28.34 -17.31
CA VAL J 8 -13.22 -29.30 -16.30
C VAL J 8 -12.08 -28.62 -15.55
N ALA J 9 -11.32 -27.77 -16.22
CA ALA J 9 -10.20 -27.06 -15.57
C ALA J 9 -10.77 -26.19 -14.44
N ALA J 10 -11.84 -25.45 -14.72
CA ALA J 10 -12.48 -24.65 -13.66
C ALA J 10 -12.93 -25.59 -12.55
N MET J 11 -13.64 -26.65 -12.91
CA MET J 11 -14.17 -27.58 -11.88
C MET J 11 -13.00 -27.98 -10.98
N THR J 12 -11.85 -28.28 -11.60
CA THR J 12 -10.67 -28.70 -10.81
C THR J 12 -10.29 -27.57 -9.86
N ALA J 13 -10.22 -26.36 -10.38
CA ALA J 13 -9.83 -25.21 -9.52
C ALA J 13 -10.71 -25.21 -8.28
N GLN J 14 -12.02 -25.07 -8.49
CA GLN J 14 -12.97 -25.07 -7.35
C GLN J 14 -12.60 -26.22 -6.41
N ARG J 15 -12.42 -27.42 -6.95
CA ARG J 15 -12.19 -28.58 -6.06
C ARG J 15 -11.00 -28.26 -5.15
N TYR J 16 -9.90 -27.78 -5.73
CA TYR J 16 -8.70 -27.53 -4.89
C TYR J 16 -8.98 -26.35 -3.98
N LEU J 17 -9.60 -25.30 -4.54
CA LEU J 17 -9.93 -24.09 -3.73
C LEU J 17 -10.71 -24.54 -2.49
N THR J 18 -11.74 -25.35 -2.70
CA THR J 18 -12.58 -25.81 -1.56
C THR J 18 -11.65 -26.43 -0.53
N GLY J 19 -10.85 -27.40 -0.96
CA GLY J 19 -9.94 -28.06 -0.01
C GLY J 19 -9.14 -27.05 0.76
N ALA J 20 -8.59 -26.04 0.07
CA ALA J 20 -7.77 -25.02 0.75
C ALA J 20 -8.62 -24.26 1.77
N THR J 21 -9.79 -23.78 1.35
CA THR J 21 -10.67 -23.00 2.26
C THR J 21 -10.95 -23.83 3.51
N ASN J 22 -11.26 -25.11 3.32
CA ASN J 22 -11.55 -26.01 4.46
C ASN J 22 -10.34 -26.02 5.39
N ALA J 23 -9.16 -26.21 4.82
CA ALA J 23 -7.93 -26.29 5.64
C ALA J 23 -7.78 -24.98 6.43
N GLN J 24 -8.02 -23.85 5.76
CA GLN J 24 -7.91 -22.54 6.44
C GLN J 24 -8.81 -22.56 7.68
N GLN J 25 -10.08 -22.95 7.50
CA GLN J 25 -11.04 -22.92 8.62
C GLN J 25 -10.48 -23.77 9.77
N THR J 26 -10.04 -24.99 9.47
CA THR J 26 -9.60 -25.89 10.57
C THR J 26 -8.44 -25.26 11.32
N SER J 27 -7.44 -24.76 10.60
CA SER J 27 -6.31 -24.07 11.26
C SER J 27 -6.84 -22.92 12.10
N MET J 28 -7.53 -21.97 11.46
CA MET J 28 -8.07 -20.79 12.19
C MET J 28 -8.68 -21.28 13.51
N GLU J 29 -9.55 -22.28 13.45
CA GLU J 29 -10.25 -22.74 14.67
C GLU J 29 -9.20 -23.15 15.69
N ARG J 30 -8.21 -23.94 15.26
CA ARG J 30 -7.18 -24.44 16.20
C ARG J 30 -6.42 -23.25 16.80
N LEU J 31 -6.11 -22.26 15.97
CA LEU J 31 -5.36 -21.08 16.45
C LEU J 31 -6.21 -20.33 17.48
N SER J 32 -7.45 -20.00 17.12
CA SER J 32 -8.32 -19.19 18.02
C SER J 32 -8.59 -19.97 19.31
N SER J 33 -8.85 -21.27 19.19
CA SER J 33 -9.17 -22.10 20.39
C SER J 33 -7.92 -22.33 21.22
N GLY J 34 -6.80 -22.66 20.57
CA GLY J 34 -5.57 -23.00 21.31
C GLY J 34 -5.46 -24.49 21.52
N PHE J 35 -6.43 -25.25 21.01
CA PHE J 35 -6.40 -26.74 21.13
C PHE J 35 -6.48 -27.35 19.73
N LYS J 36 -5.71 -28.41 19.50
CA LYS J 36 -5.67 -29.05 18.15
C LYS J 36 -6.88 -29.98 18.03
N ILE J 37 -7.13 -30.79 19.06
CA ILE J 37 -8.29 -31.74 19.03
C ILE J 37 -9.50 -31.00 19.59
N ASN J 38 -10.12 -30.17 18.77
CA ASN J 38 -11.35 -29.46 19.21
C ASN J 38 -12.49 -30.48 19.13
N SER J 39 -12.89 -30.87 17.92
CA SER J 39 -13.90 -31.94 17.76
C SER J 39 -13.17 -33.29 17.78
N ALA J 40 -13.91 -34.39 17.93
CA ALA J 40 -13.26 -35.72 17.87
C ALA J 40 -12.84 -35.99 16.43
N LYS J 41 -13.49 -35.33 15.47
CA LYS J 41 -13.11 -35.48 14.05
C LYS J 41 -11.60 -35.36 13.94
N ASP J 42 -11.01 -34.42 14.68
CA ASP J 42 -9.54 -34.19 14.62
C ASP J 42 -8.82 -35.49 15.01
N ASP J 43 -9.23 -36.12 16.11
CA ASP J 43 -8.52 -37.33 16.60
C ASP J 43 -9.38 -38.03 17.65
N ALA J 44 -10.17 -39.02 17.21
CA ALA J 44 -11.08 -39.70 18.14
C ALA J 44 -10.29 -40.13 19.38
N ALA J 45 -9.15 -40.79 19.18
CA ALA J 45 -8.37 -41.30 20.33
C ALA J 45 -7.87 -40.13 21.17
N GLY J 46 -7.41 -39.07 20.51
CA GLY J 46 -6.89 -37.91 21.26
C GLY J 46 -7.94 -37.38 22.21
N LEU J 47 -9.15 -37.16 21.70
CA LEU J 47 -10.27 -36.68 22.56
C LEU J 47 -10.40 -37.64 23.74
N GLN J 48 -10.44 -38.94 23.47
CA GLN J 48 -10.64 -39.92 24.56
C GLN J 48 -9.58 -39.72 25.64
N ILE J 49 -8.30 -39.84 25.27
CA ILE J 49 -7.22 -39.77 26.30
C ILE J 49 -7.18 -38.35 26.89
N SER J 50 -7.30 -37.33 26.06
CA SER J 50 -7.17 -35.95 26.58
C SER J 50 -8.26 -35.73 27.64
N ASN J 51 -9.49 -36.14 27.34
CA ASN J 51 -10.61 -35.94 28.29
C ASN J 51 -10.26 -36.62 29.61
N ARG J 52 -9.80 -37.88 29.54
CA ARG J 52 -9.51 -38.62 30.79
C ARG J 52 -8.36 -37.91 31.52
N LEU J 53 -7.34 -37.50 30.78
CA LEU J 53 -6.21 -36.77 31.39
C LEU J 53 -6.76 -35.50 32.04
N ASN J 54 -7.60 -34.77 31.31
CA ASN J 54 -8.19 -33.52 31.85
C ASN J 54 -8.90 -33.87 33.16
N VAL J 55 -9.71 -34.94 33.14
CA VAL J 55 -10.45 -35.33 34.36
C VAL J 55 -9.44 -35.55 35.47
N GLN J 56 -8.37 -36.30 35.20
CA GLN J 56 -7.40 -36.63 36.27
C GLN J 56 -6.82 -35.32 36.82
N SER J 57 -6.39 -34.41 35.95
CA SER J 57 -5.78 -33.14 36.40
C SER J 57 -6.75 -32.41 37.31
N ARG J 58 -7.99 -32.21 36.85
CA ARG J 58 -8.98 -31.46 37.65
C ARG J 58 -9.17 -32.20 38.98
N GLY J 59 -9.32 -33.52 38.92
CA GLY J 59 -9.50 -34.31 40.15
C GLY J 59 -8.31 -34.13 41.08
N LEU J 60 -7.11 -34.05 40.50
CA LEU J 60 -5.88 -33.92 41.32
C LEU J 60 -5.95 -32.59 42.09
N ASP J 61 -6.53 -31.55 41.46
CA ASP J 61 -6.71 -30.27 42.18
C ASP J 61 -7.64 -30.49 43.37
N VAL J 62 -8.77 -31.15 43.13
CA VAL J 62 -9.76 -31.37 44.22
C VAL J 62 -9.03 -32.13 45.33
N ALA J 63 -8.25 -33.13 44.95
CA ALA J 63 -7.53 -33.95 45.96
C ALA J 63 -6.64 -33.04 46.80
N VAL J 64 -5.82 -32.21 46.13
CA VAL J 64 -4.89 -31.31 46.87
C VAL J 64 -5.71 -30.44 47.82
N ARG J 65 -6.84 -29.90 47.35
CA ARG J 65 -7.72 -29.09 48.22
C ARG J 65 -8.17 -29.94 49.41
N ASN J 66 -8.70 -31.14 49.15
CA ASN J 66 -9.22 -32.01 50.23
C ASN J 66 -8.10 -32.29 51.23
N ALA J 67 -6.88 -32.50 50.75
CA ALA J 67 -5.77 -32.84 51.66
C ALA J 67 -5.48 -31.67 52.58
N ASN J 68 -5.48 -30.45 52.03
CA ASN J 68 -5.24 -29.25 52.86
C ASN J 68 -6.34 -29.18 53.90
N ASP J 69 -7.59 -29.42 53.49
CA ASP J 69 -8.72 -29.40 54.44
C ASP J 69 -8.45 -30.45 55.52
N GLY J 70 -7.90 -31.59 55.14
CA GLY J 70 -7.54 -32.60 56.15
C GLY J 70 -6.52 -32.02 57.11
N ILE J 71 -5.46 -31.44 56.57
CA ILE J 71 -4.38 -30.90 57.45
C ILE J 71 -5.02 -29.87 58.39
N SER J 72 -5.98 -29.10 57.87
CA SER J 72 -6.59 -28.03 58.69
C SER J 72 -7.35 -28.65 59.87
N ILE J 73 -8.16 -29.67 59.59
CA ILE J 73 -8.90 -30.34 60.71
C ILE J 73 -7.86 -30.81 61.73
N ALA J 74 -6.82 -31.49 61.27
CA ALA J 74 -5.83 -32.04 62.22
C ALA J 74 -5.16 -30.91 62.99
N GLN J 75 -4.73 -29.85 62.29
CA GLN J 75 -4.01 -28.74 62.96
C GLN J 75 -4.90 -28.18 64.07
N THR J 76 -6.16 -27.91 63.75
CA THR J 76 -7.11 -27.36 64.74
C THR J 76 -7.14 -28.30 65.94
N ALA J 77 -7.36 -29.58 65.69
CA ALA J 77 -7.43 -30.57 66.79
C ALA J 77 -6.12 -30.56 67.58
N GLU J 78 -4.98 -30.67 66.90
CA GLU J 78 -3.68 -30.78 67.60
C GLU J 78 -3.49 -29.53 68.48
N GLY J 79 -3.72 -28.34 67.91
CA GLY J 79 -3.49 -27.10 68.67
C GLY J 79 -4.30 -27.13 69.95
N ALA J 80 -5.57 -27.50 69.85
CA ALA J 80 -6.44 -27.56 71.03
C ALA J 80 -5.84 -28.55 72.03
N MET J 81 -5.51 -29.75 71.56
CA MET J 81 -4.96 -30.79 72.46
C MET J 81 -3.71 -30.23 73.16
N ASN J 82 -3.01 -29.30 72.51
CA ASN J 82 -1.76 -28.74 73.09
C ASN J 82 -2.09 -28.10 74.44
N GLU J 83 -3.15 -27.29 74.49
CA GLU J 83 -3.55 -26.68 75.79
C GLU J 83 -4.02 -27.81 76.72
N THR J 84 -4.76 -28.77 76.18
CA THR J 84 -5.19 -29.92 77.01
C THR J 84 -3.97 -30.42 77.80
N THR J 85 -2.86 -30.68 77.12
CA THR J 85 -1.65 -31.21 77.80
C THR J 85 -1.21 -30.22 78.88
N ASN J 86 -1.11 -28.94 78.53
CA ASN J 86 -0.62 -27.95 79.51
C ASN J 86 -1.49 -27.99 80.76
N ILE J 87 -2.81 -27.97 80.60
CA ILE J 87 -3.70 -27.93 81.79
C ILE J 87 -3.39 -29.15 82.64
N LEU J 88 -3.31 -30.33 82.01
CA LEU J 88 -3.05 -31.57 82.76
C LEU J 88 -1.79 -31.36 83.60
N GLN J 89 -0.76 -30.79 83.00
CA GLN J 89 0.53 -30.60 83.73
C GLN J 89 0.29 -29.71 84.94
N ARG J 90 -0.35 -28.56 84.74
CA ARG J 90 -0.54 -27.61 85.88
C ARG J 90 -1.26 -28.38 86.99
N MET J 91 -2.29 -29.15 86.62
CA MET J 91 -3.04 -29.95 87.61
C MET J 91 -2.05 -30.82 88.38
N ARG J 92 -1.15 -31.49 87.66
CA ARG J 92 -0.18 -32.41 88.33
C ARG J 92 0.60 -31.62 89.38
N ASP J 93 1.13 -30.47 89.00
CA ASP J 93 1.96 -29.68 89.96
C ASP J 93 1.13 -29.42 91.21
N LEU J 94 -0.11 -28.99 91.02
CA LEU J 94 -0.96 -28.66 92.19
C LEU J 94 -1.08 -29.90 93.07
N SER J 95 -1.33 -31.06 92.46
CA SER J 95 -1.51 -32.30 93.25
C SER J 95 -0.22 -32.61 94.00
N LEU J 96 0.93 -32.43 93.34
CA LEU J 96 2.23 -32.70 94.00
C LEU J 96 2.29 -31.86 95.27
N GLN J 97 1.94 -30.57 95.15
CA GLN J 97 2.01 -29.68 96.32
C GLN J 97 1.09 -30.23 97.41
N SER J 98 -0.11 -30.68 97.04
CA SER J 98 -1.07 -31.14 98.08
C SER J 98 -0.44 -32.26 98.90
N ALA J 99 0.43 -33.05 98.29
CA ALA J 99 1.06 -34.20 99.00
C ALA J 99 2.06 -33.67 100.03
N ASN J 100 2.45 -32.40 99.91
CA ASN J 100 3.41 -31.78 100.87
C ASN J 100 2.90 -31.99 102.29
N GLY J 101 3.80 -32.30 103.23
CA GLY J 101 3.39 -32.59 104.62
C GLY J 101 2.66 -31.43 105.26
N SER J 102 3.23 -30.22 105.20
CA SER J 102 2.60 -29.07 105.91
C SER J 102 1.17 -28.90 105.40
N ASN J 103 0.95 -29.20 104.12
CA ASN J 103 -0.41 -29.01 103.54
C ASN J 103 -1.44 -29.73 104.41
N SER J 104 -2.36 -28.98 105.01
CA SER J 104 -3.44 -29.59 105.82
C SER J 104 -4.65 -29.85 104.91
N LYS J 105 -5.82 -30.11 105.48
CA LYS J 105 -7.03 -30.28 104.65
C LYS J 105 -7.34 -28.93 103.99
N SER J 106 -7.27 -27.85 104.77
CA SER J 106 -7.63 -26.52 104.23
C SER J 106 -6.76 -26.20 103.01
N GLU J 107 -5.46 -26.42 103.15
CA GLU J 107 -4.54 -26.18 102.01
C GLU J 107 -5.02 -27.01 100.82
N ARG J 108 -5.23 -28.31 101.04
CA ARG J 108 -5.63 -29.20 99.91
C ARG J 108 -6.99 -28.75 99.36
N VAL J 109 -7.90 -28.30 100.23
CA VAL J 109 -9.24 -27.86 99.76
C VAL J 109 -9.05 -26.76 98.71
N ALA J 110 -8.25 -25.74 99.03
CA ALA J 110 -8.07 -24.61 98.10
C ALA J 110 -7.43 -25.12 96.80
N ILE J 111 -6.41 -25.97 96.92
CA ILE J 111 -5.76 -26.55 95.72
C ILE J 111 -6.82 -27.32 94.93
N GLN J 112 -7.70 -28.04 95.63
CA GLN J 112 -8.76 -28.83 94.95
C GLN J 112 -9.64 -27.87 94.15
N GLU J 113 -9.88 -26.68 94.68
CA GLU J 113 -10.68 -25.68 93.95
C GLU J 113 -10.03 -25.46 92.58
N GLU J 114 -8.71 -25.26 92.57
CA GLU J 114 -7.99 -25.05 91.29
C GLU J 114 -8.15 -26.30 90.41
N ILE J 115 -7.96 -27.48 90.99
CA ILE J 115 -8.12 -28.75 90.22
C ILE J 115 -9.53 -28.80 89.65
N THR J 116 -10.54 -28.49 90.48
CA THR J 116 -11.95 -28.51 90.02
C THR J 116 -12.08 -27.61 88.81
N ALA J 117 -11.61 -26.37 88.92
CA ALA J 117 -11.77 -25.41 87.81
C ALA J 117 -11.06 -25.92 86.56
N LEU J 118 -9.82 -26.41 86.71
CA LEU J 118 -9.04 -26.82 85.52
C LEU J 118 -9.65 -28.05 84.87
N ASN J 119 -10.18 -29.00 85.65
CA ASN J 119 -10.82 -30.16 84.98
C ASN J 119 -12.05 -29.65 84.21
N ASP J 120 -12.75 -28.65 84.75
CA ASP J 120 -13.88 -28.08 84.00
C ASP J 120 -13.36 -27.54 82.67
N GLU J 121 -12.23 -26.82 82.71
CA GLU J 121 -11.69 -26.22 81.47
C GLU J 121 -11.37 -27.35 80.49
N LEU J 122 -10.67 -28.38 80.94
CA LEU J 122 -10.40 -29.54 80.05
C LEU J 122 -11.72 -29.94 79.39
N ASN J 123 -12.71 -30.28 80.21
CA ASN J 123 -14.01 -30.72 79.67
C ASN J 123 -14.49 -29.70 78.63
N ARG J 124 -14.27 -28.41 78.90
CA ARG J 124 -14.78 -27.37 77.98
C ARG J 124 -14.05 -27.55 76.65
N ILE J 125 -12.72 -27.47 76.66
CA ILE J 125 -11.94 -27.58 75.40
C ILE J 125 -12.47 -28.79 74.64
N ALA J 126 -12.69 -29.90 75.35
CA ALA J 126 -13.12 -31.14 74.68
C ALA J 126 -14.47 -30.95 74.00
N GLU J 127 -15.41 -30.26 74.64
CA GLU J 127 -16.78 -30.18 74.06
C GLU J 127 -16.97 -28.89 73.27
N THR J 128 -15.89 -28.17 72.95
CA THR J 128 -16.04 -26.87 72.26
C THR J 128 -15.21 -26.83 70.97
N THR J 129 -13.95 -27.25 71.02
CA THR J 129 -13.09 -27.16 69.82
C THR J 129 -13.85 -27.71 68.61
N SER J 130 -14.11 -26.87 67.62
CA SER J 130 -14.87 -27.32 66.42
C SER J 130 -14.25 -26.71 65.16
N PHE J 131 -14.56 -27.31 64.01
CA PHE J 131 -14.06 -26.78 62.71
C PHE J 131 -15.27 -26.31 61.90
N GLY J 132 -15.56 -25.01 61.95
CA GLY J 132 -16.70 -24.48 61.17
C GLY J 132 -18.03 -24.94 61.73
N GLY J 133 -18.01 -25.65 62.84
CA GLY J 133 -19.26 -26.14 63.45
C GLY J 133 -19.25 -27.65 63.67
N ASN J 134 -18.31 -28.35 63.04
CA ASN J 134 -18.17 -29.81 63.28
C ASN J 134 -17.27 -30.01 64.50
N LYS J 135 -17.84 -30.48 65.61
CA LYS J 135 -17.05 -30.65 66.86
C LYS J 135 -15.92 -31.65 66.60
N LEU J 136 -14.87 -31.60 67.41
CA LEU J 136 -13.69 -32.47 67.10
C LEU J 136 -13.33 -33.37 68.28
N LEU J 137 -13.10 -32.81 69.46
CA LEU J 137 -12.60 -33.64 70.59
C LEU J 137 -13.74 -34.12 71.50
N ASN J 138 -15.00 -33.83 71.15
CA ASN J 138 -16.12 -34.20 72.05
C ASN J 138 -16.34 -35.71 72.01
N GLY J 139 -15.88 -36.37 70.94
CA GLY J 139 -16.11 -37.83 70.79
C GLY J 139 -17.20 -38.10 69.78
N THR J 140 -17.31 -37.26 68.75
CA THR J 140 -18.38 -37.42 67.72
C THR J 140 -17.73 -37.51 66.33
N PHE J 141 -16.56 -36.89 66.16
CA PHE J 141 -15.85 -36.96 64.86
C PHE J 141 -15.56 -38.43 64.54
N SER J 142 -15.26 -39.21 65.58
CA SER J 142 -14.96 -40.66 65.39
C SER J 142 -13.94 -40.80 64.26
N THR J 143 -14.28 -41.58 63.23
CA THR J 143 -13.35 -41.77 62.09
C THR J 143 -13.99 -41.18 60.83
N LYS J 144 -13.20 -40.46 60.02
CA LYS J 144 -13.74 -39.94 58.74
C LYS J 144 -12.72 -40.21 57.63
N SER J 145 -13.19 -40.24 56.38
CA SER J 145 -12.29 -40.57 55.24
C SER J 145 -12.06 -39.32 54.37
N PHE J 146 -10.80 -38.95 54.14
CA PHE J 146 -10.50 -37.79 53.26
C PHE J 146 -10.06 -38.33 51.89
N GLN J 147 -10.82 -38.06 50.83
CA GLN J 147 -10.53 -38.65 49.49
C GLN J 147 -9.04 -38.57 49.12
N ILE J 148 -8.41 -37.41 49.26
CA ILE J 148 -6.99 -37.23 48.85
C ILE J 148 -6.66 -38.13 47.66
N GLY J 149 -7.50 -38.11 46.62
CA GLY J 149 -7.26 -38.94 45.43
C GLY J 149 -8.05 -38.45 44.23
N ALA J 150 -7.55 -38.72 43.02
CA ALA J 150 -8.22 -38.24 41.80
C ALA J 150 -9.27 -39.24 41.35
N ASP J 151 -9.37 -40.37 42.06
CA ASP J 151 -10.35 -41.43 41.70
C ASP J 151 -10.97 -41.97 42.97
N ASN J 152 -12.07 -42.72 42.86
CA ASN J 152 -12.80 -43.17 44.07
C ASN J 152 -11.95 -44.18 44.86
N GLY J 153 -12.30 -44.39 46.13
CA GLY J 153 -11.58 -45.37 46.95
C GLY J 153 -10.10 -45.08 47.05
N GLU J 154 -9.73 -43.82 47.29
CA GLU J 154 -8.30 -43.49 47.49
C GLU J 154 -8.17 -42.67 48.76
N ALA J 155 -9.14 -42.79 49.68
CA ALA J 155 -9.13 -41.91 50.88
C ALA J 155 -8.31 -42.51 52.03
N VAL J 156 -8.12 -41.74 53.10
CA VAL J 156 -7.38 -42.21 54.31
C VAL J 156 -8.29 -41.96 55.51
N MET J 157 -8.18 -42.74 56.58
CA MET J 157 -9.13 -42.60 57.71
C MET J 157 -8.52 -41.77 58.83
N LEU J 158 -9.12 -40.62 59.15
CA LEU J 158 -8.64 -39.82 60.30
C LEU J 158 -9.56 -40.10 61.49
N THR J 159 -9.00 -40.53 62.62
CA THR J 159 -9.85 -40.90 63.78
C THR J 159 -9.59 -39.93 64.93
N LEU J 160 -10.52 -39.02 65.19
CA LEU J 160 -10.38 -38.13 66.37
C LEU J 160 -11.06 -38.81 67.55
N LYS J 161 -10.52 -38.66 68.76
CA LYS J 161 -11.07 -39.39 69.93
C LYS J 161 -11.55 -38.39 70.99
N ASP J 162 -12.40 -38.85 71.92
CA ASP J 162 -12.92 -37.97 72.99
C ASP J 162 -11.76 -37.50 73.87
N MET J 163 -11.89 -36.31 74.45
CA MET J 163 -10.83 -35.78 75.34
C MET J 163 -11.48 -35.27 76.63
N ARG J 164 -12.75 -35.63 76.86
CA ARG J 164 -13.41 -35.23 78.13
C ARG J 164 -12.65 -35.88 79.29
N SER J 165 -12.59 -35.21 80.44
CA SER J 165 -11.80 -35.72 81.59
C SER J 165 -12.33 -37.10 82.02
N ASP J 166 -13.55 -37.46 81.59
CA ASP J 166 -14.16 -38.75 82.00
C ASP J 166 -13.68 -39.88 81.08
N ASN J 167 -13.00 -39.54 79.98
CA ASN J 167 -12.56 -40.57 79.01
C ASN J 167 -11.86 -41.72 79.75
N ARG J 168 -12.19 -42.96 79.41
CA ARG J 168 -11.61 -44.12 80.13
C ARG J 168 -10.09 -44.11 79.93
N MET J 169 -9.65 -43.85 78.71
CA MET J 169 -8.19 -43.84 78.41
C MET J 169 -7.50 -42.80 79.30
N MET J 170 -8.19 -41.69 79.59
CA MET J 170 -7.60 -40.62 80.43
C MET J 170 -7.20 -41.20 81.79
N GLY J 171 -8.02 -42.10 82.35
CA GLY J 171 -7.73 -42.63 83.69
C GLY J 171 -7.35 -44.09 83.69
N GLY J 172 -7.49 -44.78 84.82
CA GLY J 172 -7.14 -46.21 84.93
C GLY J 172 -7.84 -46.86 86.12
N THR J 173 -7.13 -47.73 86.84
CA THR J 173 -7.71 -48.41 88.02
C THR J 173 -6.80 -48.19 89.23
N SER J 174 -7.37 -47.79 90.38
CA SER J 174 -6.54 -47.47 91.57
C SER J 174 -6.77 -48.50 92.68
N TYR J 175 -5.79 -49.38 92.91
CA TYR J 175 -5.91 -50.40 93.97
C TYR J 175 -5.31 -49.83 95.26
N VAL J 176 -6.01 -49.96 96.38
CA VAL J 176 -5.47 -49.47 97.68
C VAL J 176 -5.32 -50.65 98.64
N ALA J 177 -4.25 -50.68 99.44
CA ALA J 177 -4.02 -51.76 100.42
C ALA J 177 -5.09 -51.70 101.51
N ALA J 178 -5.40 -52.84 102.14
CA ALA J 178 -6.40 -52.87 103.22
C ALA J 178 -5.78 -52.38 104.53
N GLU J 179 -4.61 -52.90 104.89
CA GLU J 179 -4.01 -52.54 106.21
C GLU J 179 -3.15 -51.29 106.08
N GLY J 180 -3.50 -50.22 106.81
CA GLY J 180 -2.67 -49.01 106.80
C GLY J 180 -1.44 -49.21 107.68
N LYS J 181 -0.39 -49.81 107.13
CA LYS J 181 0.83 -50.12 107.93
C LYS J 181 1.31 -48.87 108.65
N ASP J 182 1.66 -49.01 109.94
CA ASP J 182 2.13 -47.85 110.75
C ASP J 182 3.60 -47.56 110.41
N LYS J 183 4.11 -46.42 110.89
CA LYS J 183 5.52 -46.04 110.63
C LYS J 183 6.43 -47.18 111.12
N ASP J 184 6.12 -47.78 112.26
CA ASP J 184 6.96 -48.86 112.83
C ASP J 184 7.06 -50.01 111.82
N TRP J 185 5.92 -50.37 111.21
CA TRP J 185 5.89 -51.53 110.28
C TRP J 185 7.03 -51.45 109.28
N LYS J 186 7.65 -52.60 108.99
CA LYS J 186 8.73 -52.65 107.97
C LYS J 186 8.53 -53.92 107.14
N VAL J 187 9.27 -54.08 106.06
CA VAL J 187 9.18 -55.31 105.22
C VAL J 187 9.44 -56.51 106.14
N GLN J 188 10.12 -56.27 107.27
CA GLN J 188 10.50 -57.38 108.17
C GLN J 188 11.22 -58.44 107.33
N ALA J 189 10.96 -59.72 107.59
CA ALA J 189 11.65 -60.80 106.85
C ALA J 189 10.62 -61.74 106.22
N GLY J 190 10.99 -62.42 105.15
CA GLY J 190 10.06 -63.36 104.48
C GLY J 190 8.97 -62.61 103.73
N ALA J 191 8.29 -61.68 104.40
CA ALA J 191 7.24 -60.86 103.75
C ALA J 191 7.91 -59.76 102.92
N ASN J 192 8.73 -60.15 101.95
CA ASN J 192 9.38 -59.16 101.06
C ASN J 192 8.87 -59.41 99.63
N ASP J 193 8.53 -60.67 99.34
CA ASP J 193 8.07 -61.03 97.98
C ASP J 193 6.72 -60.36 97.70
N ILE J 194 6.66 -59.54 96.65
CA ILE J 194 5.37 -58.90 96.26
C ILE J 194 5.23 -59.10 94.74
N THR J 195 4.25 -59.91 94.32
CA THR J 195 4.13 -60.24 92.88
C THR J 195 2.85 -59.66 92.28
N PHE J 196 2.97 -58.98 91.14
CA PHE J 196 1.77 -58.43 90.46
C PHE J 196 1.62 -59.10 89.09
N THR J 197 0.45 -59.70 88.83
CA THR J 197 0.20 -60.30 87.50
C THR J 197 -0.73 -59.38 86.72
N LEU J 198 -0.31 -58.94 85.53
CA LEU J 198 -1.14 -57.99 84.75
C LEU J 198 -1.11 -58.39 83.28
N LYS J 199 -2.23 -58.20 82.58
CA LYS J 199 -2.28 -58.51 81.12
C LYS J 199 -1.84 -57.24 80.38
N ASP J 200 -0.82 -57.35 79.52
CA ASP J 200 -0.30 -56.17 78.81
C ASP J 200 -1.46 -55.50 78.07
N ILE J 201 -1.43 -54.17 77.96
CA ILE J 201 -2.46 -53.46 77.16
C ILE J 201 -2.62 -54.26 75.85
N ASP J 202 -1.51 -54.80 75.35
CA ASP J 202 -1.54 -55.63 74.12
C ASP J 202 -2.33 -56.91 74.41
N GLY J 203 -2.09 -57.52 75.57
CA GLY J 203 -2.82 -58.75 75.96
C GLY J 203 -1.90 -59.72 76.67
N ASN J 204 -0.67 -59.87 76.17
CA ASN J 204 0.29 -60.83 76.77
C ASN J 204 0.42 -60.55 78.27
N ASP J 205 0.20 -61.57 79.10
CA ASP J 205 0.32 -61.40 80.58
C ASP J 205 1.76 -61.02 80.92
N GLN J 206 1.94 -60.09 81.85
CA GLN J 206 3.30 -59.66 82.27
C GLN J 206 3.41 -59.78 83.79
N THR J 207 3.34 -61.00 84.32
CA THR J 207 3.51 -61.20 85.78
C THR J 207 4.84 -60.57 86.20
N ILE J 208 4.79 -59.61 87.14
CA ILE J 208 6.05 -59.00 87.65
C ILE J 208 6.21 -59.38 89.12
N THR J 209 7.44 -59.69 89.54
CA THR J 209 7.69 -60.02 90.97
C THR J 209 8.65 -58.97 91.55
N VAL J 210 8.33 -58.44 92.73
CA VAL J 210 9.26 -57.49 93.41
C VAL J 210 9.60 -58.08 94.78
N ASN J 211 10.77 -57.75 95.32
CA ASN J 211 11.19 -58.27 96.65
C ASN J 211 11.57 -57.08 97.54
N ALA J 212 10.58 -56.42 98.14
CA ALA J 212 10.84 -55.25 99.00
C ALA J 212 12.07 -55.49 99.86
N LYS J 213 13.05 -54.59 99.80
CA LYS J 213 14.28 -54.73 100.61
C LYS J 213 13.88 -54.97 102.07
N GLU J 214 14.58 -55.88 102.75
CA GLU J 214 14.25 -56.21 104.17
C GLU J 214 13.99 -54.93 104.97
N GLY J 215 12.98 -54.95 105.84
CA GLY J 215 12.71 -53.80 106.72
C GLY J 215 12.34 -52.55 105.94
N ASP J 216 13.19 -51.51 106.01
CA ASP J 216 12.89 -50.22 105.33
C ASP J 216 11.55 -49.67 105.85
N ASP J 217 10.70 -49.16 104.95
CA ASP J 217 9.40 -48.56 105.38
C ASP J 217 8.42 -48.58 104.19
N ILE J 218 7.12 -48.47 104.48
CA ILE J 218 6.09 -48.54 103.40
C ILE J 218 6.46 -47.54 102.29
N GLU J 219 6.87 -46.33 102.66
CA GLU J 219 7.21 -45.30 101.65
C GLU J 219 8.37 -45.83 100.80
N GLU J 220 9.44 -46.30 101.45
CA GLU J 220 10.60 -46.86 100.70
C GLU J 220 10.09 -48.03 99.87
N VAL J 221 9.25 -48.89 100.46
CA VAL J 221 8.66 -50.03 99.70
C VAL J 221 8.10 -49.46 98.39
N ALA J 222 7.18 -48.52 98.49
CA ALA J 222 6.54 -47.96 97.28
C ALA J 222 7.64 -47.53 96.32
N THR J 223 8.65 -46.82 96.83
CA THR J 223 9.71 -46.29 95.94
C THR J 223 10.36 -47.45 95.20
N TYR J 224 10.72 -48.52 95.90
CA TYR J 224 11.42 -49.65 95.26
C TYR J 224 10.55 -50.23 94.16
N ILE J 225 9.26 -50.43 94.46
CA ILE J 225 8.34 -51.05 93.45
C ILE J 225 8.25 -50.12 92.24
N ASN J 226 8.09 -48.83 92.50
CA ASN J 226 7.96 -47.85 91.38
C ASN J 226 9.21 -47.94 90.51
N GLY J 227 10.39 -47.93 91.14
CA GLY J 227 11.66 -48.02 90.39
C GLY J 227 11.86 -49.40 89.80
N GLN J 228 11.33 -50.43 90.46
CA GLN J 228 11.55 -51.81 89.98
C GLN J 228 10.86 -52.00 88.64
N THR J 229 9.60 -51.56 88.52
CA THR J 229 8.83 -51.73 87.27
C THR J 229 7.95 -50.51 87.03
N ASP J 230 7.79 -50.12 85.77
CA ASP J 230 6.96 -48.93 85.43
C ASP J 230 5.56 -49.37 85.04
N MET J 231 5.38 -50.66 84.74
CA MET J 231 4.06 -51.15 84.27
C MET J 231 2.98 -50.57 85.18
N VAL J 232 3.16 -50.71 86.50
CA VAL J 232 2.20 -50.11 87.47
C VAL J 232 2.93 -49.03 88.26
N LYS J 233 2.21 -48.30 89.11
CA LYS J 233 2.85 -47.27 89.96
C LYS J 233 2.14 -47.28 91.32
N ALA J 234 2.86 -46.99 92.40
CA ALA J 234 2.22 -47.12 93.73
C ALA J 234 2.73 -46.04 94.69
N SER J 235 1.97 -45.77 95.75
CA SER J 235 2.37 -44.77 96.76
C SER J 235 1.59 -45.03 98.06
N VAL J 236 1.95 -44.32 99.14
CA VAL J 236 1.27 -44.50 100.45
C VAL J 236 0.11 -43.51 100.54
N ASN J 237 -0.81 -43.70 101.50
CA ASN J 237 -1.91 -42.72 101.70
C ASN J 237 -1.84 -42.18 103.12
N GLU J 238 -2.77 -41.29 103.49
CA GLU J 238 -2.81 -40.73 104.87
C GLU J 238 -3.01 -41.87 105.87
N LYS J 239 -3.72 -42.93 105.45
CA LYS J 239 -3.99 -44.07 106.35
C LYS J 239 -2.75 -44.97 106.43
N GLY J 240 -1.73 -44.67 105.62
CA GLY J 240 -0.52 -45.51 105.59
C GLY J 240 -0.71 -46.72 104.68
N GLN J 241 -1.85 -46.80 104.00
CA GLN J 241 -2.12 -47.93 103.06
C GLN J 241 -1.35 -47.67 101.74
N LEU J 242 -0.89 -48.75 101.09
CA LEU J 242 -0.17 -48.60 99.81
C LEU J 242 -1.18 -48.52 98.67
N GLN J 243 -1.27 -47.35 98.02
CA GLN J 243 -2.18 -47.18 96.86
C GLN J 243 -1.41 -47.55 95.60
N ILE J 244 -1.90 -48.50 94.82
CA ILE J 244 -1.24 -48.85 93.53
C ILE J 244 -2.18 -48.49 92.37
N PHE J 245 -1.85 -47.45 91.62
CA PHE J 245 -2.69 -47.05 90.45
C PHE J 245 -2.12 -47.68 89.18
N ALA J 246 -3.01 -48.21 88.34
CA ALA J 246 -2.56 -48.79 87.06
C ALA J 246 -3.30 -48.10 85.92
N GLY J 247 -2.62 -47.19 85.21
CA GLY J 247 -3.23 -46.50 84.07
C GLY J 247 -3.64 -47.47 82.97
N ASN J 248 -4.80 -47.24 82.33
CA ASN J 248 -5.28 -48.20 81.31
C ASN J 248 -4.26 -48.28 80.18
N ASN J 249 -3.64 -47.16 79.82
CA ASN J 249 -2.69 -47.14 78.67
C ASN J 249 -1.69 -48.31 78.78
N LYS J 250 -1.33 -48.71 79.99
CA LYS J 250 -0.28 -49.75 80.13
C LYS J 250 -0.90 -51.04 80.70
N VAL J 251 -1.83 -50.92 81.64
CA VAL J 251 -2.36 -52.13 82.31
C VAL J 251 -3.79 -52.43 81.83
N THR J 252 -4.10 -53.69 81.58
CA THR J 252 -5.47 -54.09 81.16
C THR J 252 -5.90 -55.30 81.98
N GLY J 253 -7.21 -55.48 82.17
CA GLY J 253 -7.73 -56.60 82.98
C GLY J 253 -7.57 -56.33 84.47
N ASP J 254 -8.42 -56.94 85.30
CA ASP J 254 -8.23 -56.79 86.77
C ASP J 254 -6.82 -57.24 87.13
N VAL J 255 -6.01 -56.36 87.71
CA VAL J 255 -4.59 -56.70 88.03
C VAL J 255 -4.57 -57.73 89.17
N ALA J 256 -3.65 -58.69 89.11
CA ALA J 256 -3.56 -59.75 90.15
C ALA J 256 -2.42 -59.42 91.11
N PHE J 257 -2.75 -59.20 92.39
CA PHE J 257 -1.71 -58.86 93.40
C PHE J 257 -1.42 -60.10 94.25
N SER J 258 -0.15 -60.47 94.38
CA SER J 258 0.21 -61.72 95.10
C SER J 258 1.55 -61.54 95.85
N GLY J 259 1.98 -62.57 96.58
CA GLY J 259 3.28 -62.50 97.28
C GLY J 259 3.11 -62.36 98.78
N GLY J 260 4.16 -62.65 99.55
CA GLY J 260 4.08 -62.57 101.02
C GLY J 260 3.79 -61.15 101.46
N LEU J 261 4.46 -60.18 100.85
CA LEU J 261 4.20 -58.76 101.20
C LEU J 261 2.72 -58.45 100.97
N ALA J 262 2.18 -58.83 99.82
CA ALA J 262 0.73 -58.62 99.57
C ALA J 262 -0.06 -59.35 100.67
N GLY J 263 0.38 -60.56 101.02
CA GLY J 263 -0.33 -61.34 102.06
C GLY J 263 -0.42 -60.56 103.36
N ALA J 264 0.53 -59.67 103.62
CA ALA J 264 0.54 -58.88 104.88
C ALA J 264 -0.26 -57.60 104.71
N LEU J 265 -0.21 -56.98 103.51
CA LEU J 265 -0.88 -55.67 103.30
C LEU J 265 -2.32 -55.88 102.84
N ASN J 266 -2.64 -57.10 102.39
CA ASN J 266 -4.02 -57.40 101.91
C ASN J 266 -4.41 -56.38 100.84
N MET J 267 -3.71 -56.35 99.71
CA MET J 267 -4.09 -55.44 98.61
C MET J 267 -5.51 -55.75 98.17
N GLN J 268 -6.34 -54.72 97.97
CA GLN J 268 -7.76 -54.95 97.62
C GLN J 268 -7.96 -54.72 96.11
N ALA J 269 -9.22 -54.63 95.66
CA ALA J 269 -9.50 -54.35 94.23
C ALA J 269 -9.35 -52.85 93.97
N GLY J 270 -9.47 -52.43 92.70
CA GLY J 270 -9.23 -51.01 92.37
C GLY J 270 -10.44 -50.28 91.84
N THR J 271 -10.35 -48.96 91.70
CA THR J 271 -11.50 -48.15 91.22
C THR J 271 -11.14 -47.50 89.88
N ALA J 272 -12.11 -47.38 88.98
CA ALA J 272 -11.84 -46.78 87.66
C ALA J 272 -11.65 -45.27 87.83
N GLU J 273 -10.49 -44.86 88.34
CA GLU J 273 -10.25 -43.42 88.62
C GLU J 273 -9.87 -42.69 87.32
N THR J 274 -10.70 -41.75 86.88
CA THR J 274 -10.35 -40.93 85.69
C THR J 274 -10.07 -39.51 86.17
N VAL J 275 -9.42 -38.69 85.33
CA VAL J 275 -9.06 -37.31 85.75
C VAL J 275 -10.34 -36.63 86.24
N ASP J 276 -11.43 -36.80 85.50
CA ASP J 276 -12.72 -36.18 85.89
C ASP J 276 -12.94 -36.38 87.39
N THR J 277 -12.47 -37.52 87.93
CA THR J 277 -12.76 -37.81 89.36
C THR J 277 -11.46 -37.85 90.17
N ILE J 278 -10.59 -36.85 90.02
CA ILE J 278 -9.38 -36.81 90.89
C ILE J 278 -9.63 -35.81 92.02
N ASP J 279 -9.46 -36.26 93.26
CA ASP J 279 -9.63 -35.35 94.43
C ASP J 279 -8.31 -35.25 95.18
N VAL J 280 -7.88 -34.03 95.51
CA VAL J 280 -6.56 -33.85 96.17
C VAL J 280 -6.78 -33.54 97.65
N THR J 281 -8.01 -33.27 98.06
CA THR J 281 -8.26 -32.90 99.47
C THR J 281 -7.60 -33.94 100.38
N SER J 282 -7.61 -35.21 99.96
CA SER J 282 -6.91 -36.26 100.73
C SER J 282 -5.51 -36.44 100.16
N VAL J 283 -4.47 -36.38 101.00
CA VAL J 283 -3.07 -36.49 100.51
C VAL J 283 -2.93 -37.81 99.75
N GLY J 284 -3.56 -38.87 100.24
CA GLY J 284 -3.54 -40.16 99.52
C GLY J 284 -4.07 -39.97 98.11
N GLY J 285 -5.18 -39.24 97.99
CA GLY J 285 -5.77 -39.00 96.65
C GLY J 285 -4.76 -38.33 95.73
N ALA J 286 -3.99 -37.38 96.26
CA ALA J 286 -3.00 -36.66 95.43
C ALA J 286 -2.09 -37.66 94.73
N GLN J 287 -1.52 -38.59 95.50
CA GLN J 287 -0.60 -39.60 94.90
C GLN J 287 -1.30 -40.23 93.70
N GLN J 288 -2.46 -40.85 93.93
CA GLN J 288 -3.23 -41.50 92.83
C GLN J 288 -3.34 -40.48 91.69
N SER J 289 -3.93 -39.31 91.98
CA SER J 289 -4.14 -38.29 90.92
C SER J 289 -2.85 -38.15 90.10
N VAL J 290 -1.69 -38.12 90.76
CA VAL J 290 -0.43 -37.88 90.00
C VAL J 290 -0.38 -38.94 88.90
N ALA J 291 -0.52 -40.21 89.28
CA ALA J 291 -0.50 -41.28 88.27
C ALA J 291 -1.62 -41.04 87.26
N VAL J 292 -2.81 -40.66 87.74
CA VAL J 292 -3.95 -40.45 86.81
C VAL J 292 -3.55 -39.38 85.80
N ILE J 293 -3.06 -38.24 86.30
CA ILE J 293 -2.61 -37.15 85.38
C ILE J 293 -1.55 -37.71 84.42
N ASP J 294 -0.55 -38.41 84.96
CA ASP J 294 0.51 -38.99 84.10
C ASP J 294 -0.14 -39.84 83.01
N SER J 295 -1.06 -40.72 83.39
CA SER J 295 -1.69 -41.63 82.40
C SER J 295 -2.32 -40.77 81.31
N ALA J 296 -3.00 -39.70 81.70
CA ALA J 296 -3.68 -38.84 80.72
C ALA J 296 -2.63 -38.22 79.78
N LEU J 297 -1.55 -37.70 80.35
CA LEU J 297 -0.51 -37.05 79.53
C LEU J 297 -0.10 -38.01 78.42
N LYS J 298 0.10 -39.28 78.78
CA LYS J 298 0.51 -40.29 77.77
C LYS J 298 -0.56 -40.38 76.69
N TYR J 299 -1.83 -40.57 77.09
CA TYR J 299 -2.92 -40.73 76.09
C TYR J 299 -2.96 -39.50 75.19
N VAL J 300 -2.94 -38.31 75.79
CA VAL J 300 -3.10 -37.08 74.97
C VAL J 300 -1.96 -37.05 73.95
N ASP J 301 -0.72 -37.18 74.41
CA ASP J 301 0.44 -37.09 73.49
C ASP J 301 0.32 -38.18 72.43
N SER J 302 -0.17 -39.36 72.82
CA SER J 302 -0.29 -40.48 71.85
C SER J 302 -1.13 -40.00 70.66
N HIS J 303 -2.29 -39.42 70.93
CA HIS J 303 -3.17 -38.94 69.84
C HIS J 303 -2.43 -37.84 69.08
N ARG J 304 -1.79 -36.94 69.83
CA ARG J 304 -1.10 -35.79 69.18
C ARG J 304 -0.13 -36.36 68.14
N ALA J 305 0.63 -37.38 68.53
CA ALA J 305 1.61 -38.00 67.61
C ALA J 305 0.87 -38.57 66.40
N GLU J 306 -0.22 -39.30 66.64
CA GLU J 306 -0.99 -39.91 65.53
C GLU J 306 -1.43 -38.79 64.57
N LEU J 307 -2.03 -37.73 65.11
CA LEU J 307 -2.53 -36.63 64.27
C LEU J 307 -1.33 -36.00 63.56
N GLY J 308 -0.21 -35.88 64.26
CA GLY J 308 1.00 -35.29 63.65
C GLY J 308 1.45 -36.11 62.45
N ALA J 309 1.48 -37.43 62.60
CA ALA J 309 1.89 -38.31 61.48
C ALA J 309 0.91 -38.12 60.33
N PHE J 310 -0.39 -38.07 60.65
CA PHE J 310 -1.42 -37.86 59.61
C PHE J 310 -1.04 -36.62 58.81
N GLN J 311 -0.68 -35.54 59.51
CA GLN J 311 -0.35 -34.27 58.82
C GLN J 311 0.85 -34.50 57.90
N ASN J 312 1.92 -35.10 58.44
CA ASN J 312 3.13 -35.31 57.61
C ASN J 312 2.77 -36.16 56.39
N ARG J 313 1.96 -37.20 56.61
CA ARG J 313 1.59 -38.12 55.49
C ARG J 313 0.86 -37.31 54.43
N PHE J 314 -0.20 -36.59 54.82
CA PHE J 314 -0.99 -35.87 53.80
C PHE J 314 -0.09 -34.84 53.14
N ASN J 315 0.83 -34.23 53.90
CA ASN J 315 1.79 -33.27 53.30
C ASN J 315 2.47 -33.95 52.12
N HIS J 316 3.05 -35.13 52.35
CA HIS J 316 3.79 -35.85 51.27
C HIS J 316 2.80 -36.18 50.16
N ALA J 317 1.59 -36.60 50.54
CA ALA J 317 0.58 -36.98 49.53
C ALA J 317 0.33 -35.80 48.60
N ILE J 318 0.04 -34.63 49.16
CA ILE J 318 -0.17 -33.42 48.33
C ILE J 318 1.02 -33.31 47.37
N SER J 319 2.24 -33.32 47.91
CA SER J 319 3.44 -33.14 47.06
C SER J 319 3.36 -34.10 45.88
N ASN J 320 3.10 -35.37 46.16
CA ASN J 320 3.02 -36.39 45.08
C ASN J 320 1.89 -36.01 44.13
N LEU J 321 0.69 -35.74 44.66
CA LEU J 321 -0.46 -35.47 43.76
C LEU J 321 -0.06 -34.33 42.83
N ASP J 322 0.60 -33.31 43.38
CA ASP J 322 0.98 -32.13 42.55
C ASP J 322 1.86 -32.60 41.39
N ASN J 323 2.91 -33.36 41.67
CA ASN J 323 3.84 -33.78 40.60
C ASN J 323 3.05 -34.52 39.52
N ILE J 324 2.15 -35.41 39.94
CA ILE J 324 1.32 -36.16 38.95
C ILE J 324 0.51 -35.13 38.16
N ASN J 325 -0.06 -34.13 38.83
CA ASN J 325 -0.87 -33.09 38.14
C ASN J 325 0.02 -32.41 37.11
N GLU J 326 1.25 -32.04 37.52
CA GLU J 326 2.18 -31.34 36.61
C GLU J 326 2.38 -32.19 35.34
N ASN J 327 2.72 -33.47 35.51
CA ASN J 327 3.02 -34.33 34.35
C ASN J 327 1.74 -34.52 33.52
N VAL J 328 0.60 -34.70 34.18
CA VAL J 328 -0.67 -34.98 33.44
C VAL J 328 -0.97 -33.77 32.55
N ASN J 329 -0.89 -32.57 33.11
CA ASN J 329 -1.14 -31.34 32.32
C ASN J 329 -0.14 -31.30 31.16
N ALA J 330 1.14 -31.53 31.47
CA ALA J 330 2.19 -31.52 30.42
C ALA J 330 1.77 -32.48 29.30
N SER J 331 1.39 -33.70 29.68
CA SER J 331 1.01 -34.72 28.68
C SER J 331 -0.23 -34.24 27.93
N LYS J 332 -1.24 -33.75 28.66
CA LYS J 332 -2.50 -33.35 28.01
C LYS J 332 -2.15 -32.34 26.91
N SER J 333 -1.17 -31.48 27.18
CA SER J 333 -0.76 -30.47 26.17
C SER J 333 -0.29 -31.17 24.90
N ARG J 334 0.67 -32.09 25.03
CA ARG J 334 1.25 -32.73 23.82
C ARG J 334 0.13 -33.38 22.99
N ILE J 335 -0.93 -33.84 23.64
CA ILE J 335 -2.00 -34.58 22.89
C ILE J 335 -3.10 -33.61 22.47
N LYS J 336 -3.14 -32.40 23.01
CA LYS J 336 -4.28 -31.48 22.71
C LYS J 336 -3.78 -30.07 22.36
N ASP J 337 -3.00 -29.44 23.23
CA ASP J 337 -2.58 -28.04 23.00
C ASP J 337 -2.13 -27.88 21.55
N THR J 338 -2.56 -26.78 20.91
CA THR J 338 -2.18 -26.52 19.50
C THR J 338 -0.71 -26.11 19.44
N ASP J 339 -0.01 -26.49 18.37
CA ASP J 339 1.39 -26.04 18.20
C ASP J 339 1.34 -24.77 17.36
N PHE J 340 1.38 -23.60 17.99
CA PHE J 340 1.21 -22.36 17.21
C PHE J 340 2.16 -22.39 16.01
N ALA J 341 3.42 -22.78 16.21
CA ALA J 341 4.40 -22.74 15.11
C ALA J 341 3.85 -23.52 13.91
N LYS J 342 3.48 -24.78 14.12
CA LYS J 342 3.02 -25.63 13.01
C LYS J 342 1.72 -25.06 12.43
N GLU J 343 0.75 -24.77 13.29
CA GLU J 343 -0.57 -24.33 12.80
C GLU J 343 -0.47 -22.98 12.08
N THR J 344 0.34 -22.07 12.62
CA THR J 344 0.53 -20.77 11.93
C THR J 344 0.99 -21.03 10.50
N THR J 345 2.01 -21.87 10.34
CA THR J 345 2.55 -22.17 8.99
C THR J 345 1.44 -22.77 8.14
N ALA J 346 0.69 -23.71 8.71
CA ALA J 346 -0.38 -24.39 7.93
C ALA J 346 -1.35 -23.33 7.40
N LEU J 347 -1.71 -22.36 8.24
CA LEU J 347 -2.73 -21.35 7.82
C LEU J 347 -2.20 -20.59 6.61
N THR J 348 -0.98 -20.03 6.70
CA THR J 348 -0.50 -19.20 5.58
C THR J 348 -0.43 -20.06 4.31
N LYS J 349 0.00 -21.31 4.45
CA LYS J 349 0.04 -22.22 3.28
C LYS J 349 -1.37 -22.28 2.69
N SER J 350 -2.37 -22.59 3.52
CA SER J 350 -3.75 -22.71 3.03
C SER J 350 -4.12 -21.42 2.29
N GLN J 351 -3.84 -20.28 2.91
CA GLN J 351 -4.17 -18.97 2.30
C GLN J 351 -3.52 -18.90 0.92
N ILE J 352 -2.22 -19.14 0.84
CA ILE J 352 -1.53 -18.97 -0.47
C ILE J 352 -2.25 -19.85 -1.49
N LEU J 353 -2.52 -21.10 -1.12
CA LEU J 353 -3.17 -22.04 -2.07
C LEU J 353 -4.50 -21.42 -2.52
N SER J 354 -5.26 -20.87 -1.56
CA SER J 354 -6.59 -20.31 -1.91
C SER J 354 -6.41 -19.22 -2.96
N GLN J 355 -5.50 -18.28 -2.70
CA GLN J 355 -5.29 -17.15 -3.64
C GLN J 355 -4.91 -17.75 -5.00
N ALA J 356 -3.98 -18.70 -5.00
CA ALA J 356 -3.51 -19.29 -6.26
C ALA J 356 -4.69 -19.92 -7.00
N SER J 357 -5.46 -20.74 -6.29
CA SER J 357 -6.59 -21.45 -6.95
C SER J 357 -7.54 -20.42 -7.55
N SER J 358 -7.87 -19.40 -6.77
CA SER J 358 -8.78 -18.33 -7.27
C SER J 358 -8.21 -17.77 -8.57
N SER J 359 -6.92 -17.39 -8.55
CA SER J 359 -6.27 -16.84 -9.76
C SER J 359 -6.51 -17.80 -10.92
N VAL J 360 -6.18 -19.08 -10.72
CA VAL J 360 -6.34 -20.09 -11.80
C VAL J 360 -7.82 -20.10 -12.20
N LEU J 361 -8.73 -20.12 -11.22
CA LEU J 361 -10.17 -20.18 -11.54
C LEU J 361 -10.50 -19.00 -12.47
N ALA J 362 -9.98 -17.81 -12.15
CA ALA J 362 -10.27 -16.62 -12.99
C ALA J 362 -9.80 -16.90 -14.42
N GLN J 363 -8.56 -17.36 -14.57
CA GLN J 363 -8.04 -17.68 -15.93
C GLN J 363 -8.94 -18.75 -16.55
N ALA J 364 -9.31 -19.75 -15.76
CA ALA J 364 -10.15 -20.86 -16.29
C ALA J 364 -11.47 -20.28 -16.81
N LYS J 365 -12.12 -19.45 -15.99
CA LYS J 365 -13.44 -18.90 -16.41
C LYS J 365 -13.28 -18.25 -17.79
N GLN J 366 -12.07 -17.79 -18.12
CA GLN J 366 -11.91 -17.05 -19.40
C GLN J 366 -11.65 -18.04 -20.55
N ALA J 367 -11.40 -19.30 -20.23
CA ALA J 367 -11.07 -20.29 -21.29
C ALA J 367 -12.18 -20.32 -22.33
N PRO J 368 -13.46 -20.61 -22.01
CA PRO J 368 -14.49 -20.69 -23.04
C PRO J 368 -14.52 -19.42 -23.90
N ASN J 369 -14.12 -18.29 -23.32
CA ASN J 369 -14.14 -17.01 -24.08
C ASN J 369 -13.31 -17.19 -25.34
N ALA J 370 -12.28 -18.04 -25.28
CA ALA J 370 -11.47 -18.32 -26.50
C ALA J 370 -12.39 -18.88 -27.59
N ALA J 371 -13.43 -19.60 -27.19
CA ALA J 371 -14.35 -20.20 -28.17
C ALA J 371 -15.20 -19.10 -28.81
N LEU J 372 -15.36 -17.97 -28.12
CA LEU J 372 -16.21 -16.88 -28.66
C LEU J 372 -15.49 -16.28 -29.87
N SER J 373 -14.17 -16.49 -29.96
CA SER J 373 -13.45 -16.04 -31.18
C SER J 373 -13.74 -17.08 -32.25
N LEU J 374 -13.19 -16.93 -33.45
CA LEU J 374 -13.56 -17.87 -34.54
C LEU J 374 -15.08 -17.85 -34.64
N LEU J 375 -15.67 -16.65 -34.79
CA LEU J 375 -17.15 -16.51 -34.87
C LEU J 375 -17.76 -17.18 -33.65
N GLY J 376 -18.92 -17.80 -33.82
CA GLY J 376 -19.59 -18.47 -32.69
C GLY J 376 -18.58 -19.02 -31.70
N ALA K 1 -27.99 -32.49 -75.51
CA ALA K 1 -27.82 -31.56 -76.63
C ALA K 1 -28.40 -30.20 -76.23
N VAL K 2 -29.41 -29.73 -76.95
CA VAL K 2 -30.08 -28.45 -76.58
C VAL K 2 -31.57 -28.72 -76.38
N ASN K 3 -32.03 -28.68 -75.14
CA ASN K 3 -33.46 -28.95 -74.84
C ASN K 3 -34.01 -27.79 -73.98
N VAL K 4 -35.30 -27.82 -73.66
CA VAL K 4 -35.93 -26.72 -72.88
C VAL K 4 -36.80 -27.32 -71.77
N ASN K 5 -37.55 -28.38 -72.07
CA ASN K 5 -38.49 -28.93 -71.05
C ASN K 5 -37.74 -29.56 -69.90
N THR K 6 -36.42 -29.73 -70.02
CA THR K 6 -35.64 -30.30 -68.89
C THR K 6 -34.36 -29.51 -68.64
N ASN K 7 -33.80 -29.62 -67.43
CA ASN K 7 -32.53 -28.95 -67.07
C ASN K 7 -31.86 -29.76 -65.96
N VAL K 8 -31.43 -30.98 -66.27
CA VAL K 8 -30.85 -31.88 -65.22
C VAL K 8 -29.74 -31.14 -64.49
N ALA K 9 -28.99 -30.28 -65.19
CA ALA K 9 -27.91 -29.51 -64.54
C ALA K 9 -28.51 -28.73 -63.37
N ALA K 10 -29.65 -28.07 -63.60
CA ALA K 10 -30.30 -27.29 -62.52
C ALA K 10 -30.71 -28.23 -61.39
N MET K 11 -31.29 -29.39 -61.74
CA MET K 11 -31.70 -30.38 -60.71
C MET K 11 -30.46 -30.74 -59.89
N THR K 12 -29.33 -30.97 -60.54
CA THR K 12 -28.11 -31.41 -59.82
C THR K 12 -27.72 -30.32 -58.83
N ALA K 13 -27.70 -29.07 -59.29
CA ALA K 13 -27.31 -27.95 -58.41
C ALA K 13 -28.27 -27.93 -57.22
N GLN K 14 -29.57 -27.93 -57.49
CA GLN K 14 -30.56 -27.88 -56.39
C GLN K 14 -30.22 -28.96 -55.37
N ARG K 15 -29.98 -30.19 -55.84
CA ARG K 15 -29.75 -31.30 -54.89
C ARG K 15 -28.56 -30.95 -54.02
N TYR K 16 -27.45 -30.53 -54.62
CA TYR K 16 -26.23 -30.27 -53.82
C TYR K 16 -26.49 -29.07 -52.92
N LEU K 17 -27.24 -28.08 -53.43
CA LEU K 17 -27.57 -26.89 -52.61
C LEU K 17 -28.35 -27.34 -51.39
N THR K 18 -29.37 -28.19 -51.58
CA THR K 18 -30.22 -28.60 -50.45
C THR K 18 -29.30 -29.22 -49.40
N GLY K 19 -28.36 -30.05 -49.85
CA GLY K 19 -27.40 -30.64 -48.91
C GLY K 19 -26.69 -29.56 -48.12
N ALA K 20 -26.18 -28.54 -48.82
CA ALA K 20 -25.41 -27.48 -48.12
C ALA K 20 -26.31 -26.82 -47.08
N THR K 21 -27.51 -26.37 -47.48
CA THR K 21 -28.40 -25.66 -46.54
C THR K 21 -28.68 -26.58 -45.33
N ASN K 22 -28.99 -27.84 -45.59
CA ASN K 22 -29.30 -28.78 -44.49
C ASN K 22 -28.08 -28.84 -43.55
N ALA K 23 -26.89 -28.97 -44.13
CA ALA K 23 -25.67 -29.06 -43.30
C ALA K 23 -25.52 -27.75 -42.52
N GLN K 24 -25.74 -26.62 -43.19
CA GLN K 24 -25.61 -25.31 -42.53
C GLN K 24 -26.53 -25.29 -41.32
N GLN K 25 -27.80 -25.66 -41.51
CA GLN K 25 -28.76 -25.60 -40.38
C GLN K 25 -28.22 -26.43 -39.22
N THR K 26 -27.76 -27.65 -39.51
CA THR K 26 -27.31 -28.55 -38.41
C THR K 26 -26.16 -27.88 -37.68
N SER K 27 -25.16 -27.40 -38.42
CA SER K 27 -23.98 -26.78 -37.77
C SER K 27 -24.42 -25.54 -36.98
N MET K 28 -25.33 -24.75 -37.55
CA MET K 28 -25.77 -23.50 -36.88
C MET K 28 -26.45 -23.88 -35.55
N GLU K 29 -27.30 -24.90 -35.57
CA GLU K 29 -27.88 -25.38 -34.29
C GLU K 29 -26.73 -25.80 -33.37
N ARG K 30 -25.87 -26.70 -33.85
CA ARG K 30 -24.76 -27.19 -33.01
C ARG K 30 -24.08 -26.00 -32.32
N LEU K 31 -23.72 -24.97 -33.09
CA LEU K 31 -22.96 -23.84 -32.48
C LEU K 31 -23.88 -23.08 -31.52
N SER K 32 -25.11 -22.78 -31.95
CA SER K 32 -26.03 -21.97 -31.10
C SER K 32 -26.23 -22.66 -29.75
N SER K 33 -26.32 -23.99 -29.74
CA SER K 33 -26.60 -24.72 -28.48
C SER K 33 -25.30 -25.02 -27.73
N GLY K 34 -24.32 -25.60 -28.43
CA GLY K 34 -23.07 -26.01 -27.79
C GLY K 34 -23.04 -27.50 -27.55
N PHE K 35 -24.12 -28.20 -27.89
CA PHE K 35 -24.19 -29.66 -27.71
C PHE K 35 -24.11 -30.35 -29.08
N LYS K 36 -23.05 -31.16 -29.29
CA LYS K 36 -22.89 -31.88 -30.58
C LYS K 36 -24.15 -32.72 -30.81
N ILE K 37 -24.73 -33.26 -29.75
CA ILE K 37 -25.97 -34.09 -29.87
C ILE K 37 -27.16 -33.24 -29.42
N ASN K 38 -28.02 -32.86 -30.36
CA ASN K 38 -29.23 -32.09 -30.00
C ASN K 38 -30.47 -32.95 -30.29
N SER K 39 -30.24 -34.19 -30.74
CA SER K 39 -31.36 -35.10 -31.07
C SER K 39 -30.84 -36.55 -31.07
N ALA K 40 -31.70 -37.52 -31.34
CA ALA K 40 -31.24 -38.93 -31.45
C ALA K 40 -30.72 -39.15 -32.87
N LYS K 41 -31.13 -38.29 -33.80
CA LYS K 41 -30.68 -38.44 -35.21
C LYS K 41 -29.15 -38.48 -35.22
N ASP K 42 -28.51 -37.77 -34.29
CA ASP K 42 -27.03 -37.81 -34.19
C ASP K 42 -26.63 -38.61 -32.95
N ASP K 43 -25.74 -39.59 -33.10
CA ASP K 43 -25.25 -40.40 -31.96
C ASP K 43 -26.42 -40.83 -31.08
N ALA K 44 -27.32 -41.66 -31.62
CA ALA K 44 -28.43 -42.18 -30.79
C ALA K 44 -27.83 -42.79 -29.52
N ALA K 45 -26.79 -43.61 -29.68
CA ALA K 45 -26.11 -44.20 -28.51
C ALA K 45 -25.45 -43.07 -27.70
N GLY K 46 -24.86 -42.10 -28.38
CA GLY K 46 -24.29 -40.95 -27.65
C GLY K 46 -25.36 -40.35 -26.77
N LEU K 47 -26.54 -40.10 -27.34
CA LEU K 47 -27.66 -39.61 -26.50
C LEU K 47 -27.76 -40.54 -25.28
N GLN K 48 -27.78 -41.85 -25.52
CA GLN K 48 -27.95 -42.80 -24.38
C GLN K 48 -26.86 -42.56 -23.34
N ILE K 49 -25.59 -42.68 -23.74
CA ILE K 49 -24.50 -42.56 -22.72
C ILE K 49 -24.52 -41.15 -22.14
N SER K 50 -24.59 -40.12 -22.99
CA SER K 50 -24.54 -38.73 -22.49
C SER K 50 -25.63 -38.54 -21.45
N ASN K 51 -26.85 -39.01 -21.74
CA ASN K 51 -27.99 -38.81 -20.81
C ASN K 51 -27.68 -39.52 -19.48
N ARG K 52 -27.23 -40.77 -19.54
CA ARG K 52 -26.99 -41.53 -18.30
C ARG K 52 -25.86 -40.87 -17.52
N LEU K 53 -24.84 -40.37 -18.23
CA LEU K 53 -23.75 -39.65 -17.54
C LEU K 53 -24.30 -38.36 -16.92
N ASN K 54 -25.15 -37.64 -17.65
CA ASN K 54 -25.77 -36.43 -17.09
C ASN K 54 -26.54 -36.86 -15.83
N VAL K 55 -27.26 -37.97 -15.92
CA VAL K 55 -27.99 -38.49 -14.73
C VAL K 55 -26.99 -38.63 -13.58
N GLN K 56 -25.84 -39.24 -13.86
CA GLN K 56 -24.84 -39.46 -12.78
C GLN K 56 -24.38 -38.11 -12.26
N SER K 57 -24.02 -37.18 -13.14
CA SER K 57 -23.48 -35.87 -12.67
C SER K 57 -24.50 -35.21 -11.75
N ARG K 58 -25.74 -35.06 -12.20
CA ARG K 58 -26.75 -34.34 -11.37
C ARG K 58 -26.87 -35.09 -10.05
N GLY K 59 -26.95 -36.42 -10.12
CA GLY K 59 -27.09 -37.22 -8.89
C GLY K 59 -25.92 -37.03 -7.96
N LEU K 60 -24.71 -36.96 -8.52
CA LEU K 60 -23.49 -36.81 -7.69
C LEU K 60 -23.62 -35.53 -6.87
N ASP K 61 -24.09 -34.46 -7.50
CA ASP K 61 -24.27 -33.17 -6.78
C ASP K 61 -25.22 -33.40 -5.60
N VAL K 62 -26.38 -33.99 -5.86
CA VAL K 62 -27.37 -34.23 -4.77
C VAL K 62 -26.67 -35.05 -3.69
N ALA K 63 -25.88 -36.03 -4.10
CA ALA K 63 -25.20 -36.90 -3.13
C ALA K 63 -24.33 -36.04 -2.21
N VAL K 64 -23.50 -35.17 -2.81
CA VAL K 64 -22.60 -34.31 -1.99
C VAL K 64 -23.45 -33.54 -0.99
N ARG K 65 -24.50 -32.88 -1.47
CA ARG K 65 -25.37 -32.08 -0.58
C ARG K 65 -25.83 -32.96 0.57
N ASN K 66 -26.34 -34.15 0.26
CA ASN K 66 -26.86 -35.04 1.32
C ASN K 66 -25.73 -35.31 2.32
N ALA K 67 -24.53 -35.57 1.81
CA ALA K 67 -23.40 -35.88 2.71
C ALA K 67 -23.15 -34.68 3.61
N ASN K 68 -23.08 -33.48 3.01
CA ASN K 68 -22.78 -32.27 3.80
C ASN K 68 -23.83 -32.14 4.90
N ASP K 69 -25.10 -32.37 4.56
CA ASP K 69 -26.17 -32.31 5.58
C ASP K 69 -25.88 -33.38 6.65
N GLY K 70 -25.45 -34.56 6.21
CA GLY K 70 -25.08 -35.61 7.18
C GLY K 70 -24.06 -35.07 8.16
N ILE K 71 -22.93 -34.59 7.64
CA ILE K 71 -21.85 -34.11 8.55
C ILE K 71 -22.44 -33.00 9.43
N SER K 72 -23.43 -32.27 8.90
CA SER K 72 -24.06 -31.19 9.69
C SER K 72 -24.74 -31.78 10.92
N ILE K 73 -25.62 -32.77 10.72
CA ILE K 73 -26.33 -33.41 11.85
C ILE K 73 -25.27 -33.85 12.87
N ALA K 74 -24.25 -34.57 12.40
CA ALA K 74 -23.21 -35.10 13.32
C ALA K 74 -22.52 -33.93 14.02
N GLN K 75 -22.18 -32.88 13.26
CA GLN K 75 -21.49 -31.70 13.85
C GLN K 75 -22.35 -31.15 14.98
N THR K 76 -23.62 -30.86 14.69
CA THR K 76 -24.52 -30.29 15.72
C THR K 76 -24.54 -31.25 16.91
N ALA K 77 -24.86 -32.53 16.67
CA ALA K 77 -24.97 -33.50 17.78
C ALA K 77 -23.67 -33.48 18.59
N GLU K 78 -22.52 -33.56 17.92
CA GLU K 78 -21.23 -33.63 18.66
C GLU K 78 -21.10 -32.40 19.56
N GLY K 79 -21.51 -31.23 19.06
CA GLY K 79 -21.38 -29.99 19.85
C GLY K 79 -22.12 -30.12 21.17
N ALA K 80 -23.34 -30.66 21.12
CA ALA K 80 -24.14 -30.85 22.35
C ALA K 80 -23.37 -31.75 23.30
N MET K 81 -22.84 -32.87 22.79
CA MET K 81 -22.10 -33.82 23.63
C MET K 81 -20.96 -33.06 24.34
N ASN K 82 -20.37 -32.09 23.64
CA ASN K 82 -19.22 -31.35 24.23
C ASN K 82 -19.67 -30.66 25.52
N GLU K 83 -20.80 -29.96 25.48
CA GLU K 83 -21.31 -29.34 26.74
C GLU K 83 -21.67 -30.47 27.72
N THR K 84 -22.27 -31.54 27.22
CA THR K 84 -22.70 -32.65 28.11
C THR K 84 -21.51 -33.09 28.96
N THR K 85 -20.36 -33.34 28.33
CA THR K 85 -19.21 -33.87 29.12
C THR K 85 -18.78 -32.81 30.14
N ASN K 86 -18.64 -31.56 29.71
CA ASN K 86 -18.16 -30.52 30.65
C ASN K 86 -19.01 -30.56 31.92
N ILE K 87 -20.33 -30.62 31.76
CA ILE K 87 -21.25 -30.64 32.92
C ILE K 87 -20.94 -31.90 33.73
N LEU K 88 -20.84 -33.05 33.06
CA LEU K 88 -20.55 -34.32 33.76
C LEU K 88 -19.27 -34.16 34.56
N GLN K 89 -18.23 -33.60 33.95
CA GLN K 89 -16.92 -33.49 34.63
C GLN K 89 -17.09 -32.69 35.92
N ARG K 90 -17.77 -31.54 35.84
CA ARG K 90 -17.94 -30.69 37.04
C ARG K 90 -18.64 -31.52 38.12
N MET K 91 -19.63 -32.31 37.72
CA MET K 91 -20.38 -33.13 38.69
C MET K 91 -19.40 -34.07 39.40
N ARG K 92 -18.44 -34.60 38.65
CA ARG K 92 -17.42 -35.52 39.24
C ARG K 92 -16.59 -34.76 40.27
N ASP K 93 -16.12 -33.57 39.91
CA ASP K 93 -15.27 -32.77 40.84
C ASP K 93 -16.07 -32.44 42.08
N LEU K 94 -17.29 -31.94 41.90
CA LEU K 94 -18.17 -31.66 43.07
C LEU K 94 -18.28 -32.95 43.87
N SER K 95 -18.44 -34.08 43.19
CA SER K 95 -18.65 -35.37 43.90
C SER K 95 -17.43 -35.67 44.79
N LEU K 96 -16.23 -35.52 44.25
CA LEU K 96 -15.01 -35.76 45.05
C LEU K 96 -15.05 -34.84 46.27
N GLN K 97 -15.39 -33.57 46.08
CA GLN K 97 -15.36 -32.62 47.21
C GLN K 97 -16.34 -33.11 48.28
N SER K 98 -17.50 -33.61 47.87
CA SER K 98 -18.52 -34.08 48.84
C SER K 98 -17.95 -35.25 49.63
N ALA K 99 -17.17 -36.10 48.99
CA ALA K 99 -16.64 -37.30 49.67
C ALA K 99 -15.74 -36.91 50.85
N ASN K 100 -15.01 -35.79 50.71
CA ASN K 100 -14.05 -35.40 51.79
C ASN K 100 -14.79 -35.35 53.12
N GLY K 101 -14.25 -36.00 54.16
CA GLY K 101 -14.93 -36.05 55.46
C GLY K 101 -15.13 -34.67 56.07
N SER K 102 -14.28 -33.72 55.70
CA SER K 102 -14.35 -32.35 56.30
C SER K 102 -15.75 -31.77 56.07
N ASN K 103 -16.34 -32.03 54.90
CA ASN K 103 -17.67 -31.45 54.57
C ASN K 103 -18.71 -31.94 55.58
N SER K 104 -19.62 -31.07 56.01
CA SER K 104 -20.71 -31.48 56.93
C SER K 104 -21.98 -31.77 56.11
N LYS K 105 -22.99 -32.37 56.75
CA LYS K 105 -24.22 -32.73 55.99
C LYS K 105 -24.70 -31.49 55.23
N SER K 106 -24.65 -30.33 55.89
CA SER K 106 -25.09 -29.07 55.23
C SER K 106 -24.29 -28.88 53.95
N GLU K 107 -22.97 -29.00 54.04
CA GLU K 107 -22.11 -28.79 52.84
C GLU K 107 -22.54 -29.77 51.76
N ARG K 108 -22.73 -31.04 52.13
CA ARG K 108 -23.10 -32.06 51.12
C ARG K 108 -24.40 -31.63 50.46
N VAL K 109 -25.40 -31.27 51.28
CA VAL K 109 -26.69 -30.78 50.73
C VAL K 109 -26.38 -29.74 49.65
N ALA K 110 -25.51 -28.79 49.96
CA ALA K 110 -25.26 -27.69 49.00
C ALA K 110 -24.76 -28.29 47.68
N ILE K 111 -23.77 -29.17 47.76
CA ILE K 111 -23.19 -29.75 46.53
C ILE K 111 -24.29 -30.50 45.79
N GLN K 112 -25.17 -31.18 46.53
CA GLN K 112 -26.29 -31.93 45.89
C GLN K 112 -27.14 -30.93 45.13
N GLU K 113 -27.39 -29.76 45.72
CA GLU K 113 -28.24 -28.74 45.04
C GLU K 113 -27.62 -28.43 43.69
N GLU K 114 -26.32 -28.14 43.67
CA GLU K 114 -25.65 -27.79 42.39
C GLU K 114 -25.69 -28.99 41.44
N ILE K 115 -25.41 -30.18 41.97
CA ILE K 115 -25.41 -31.41 41.11
C ILE K 115 -26.83 -31.61 40.56
N THR K 116 -27.85 -31.43 41.39
CA THR K 116 -29.24 -31.54 40.90
C THR K 116 -29.41 -30.64 39.69
N ALA K 117 -29.01 -29.38 39.82
CA ALA K 117 -29.20 -28.41 38.71
C ALA K 117 -28.45 -28.87 37.47
N LEU K 118 -27.17 -29.23 37.63
CA LEU K 118 -26.35 -29.64 36.46
C LEU K 118 -26.97 -30.91 35.85
N ASN K 119 -27.47 -31.81 36.69
CA ASN K 119 -28.14 -33.03 36.17
C ASN K 119 -29.26 -32.59 35.24
N ASP K 120 -30.02 -31.56 35.65
CA ASP K 120 -31.16 -31.11 34.82
C ASP K 120 -30.62 -30.55 33.50
N GLU K 121 -29.52 -29.79 33.57
CA GLU K 121 -28.97 -29.17 32.34
C GLU K 121 -28.65 -30.28 31.35
N LEU K 122 -28.18 -31.43 31.85
CA LEU K 122 -27.90 -32.58 30.95
C LEU K 122 -29.21 -32.99 30.27
N ASN K 123 -30.25 -33.21 31.07
CA ASN K 123 -31.55 -33.67 30.50
C ASN K 123 -32.05 -32.61 29.50
N ARG K 124 -31.90 -31.33 29.84
CA ARG K 124 -32.33 -30.25 28.91
C ARG K 124 -31.60 -30.42 27.58
N ILE K 125 -30.27 -30.53 27.62
CA ILE K 125 -29.47 -30.65 26.37
C ILE K 125 -30.00 -31.84 25.60
N ALA K 126 -30.22 -32.96 26.28
CA ALA K 126 -30.66 -34.19 25.59
C ALA K 126 -31.99 -33.93 24.89
N GLU K 127 -32.94 -33.30 25.57
CA GLU K 127 -34.30 -33.14 24.99
C GLU K 127 -34.38 -31.91 24.09
N THR K 128 -33.38 -31.03 24.11
CA THR K 128 -33.50 -29.77 23.33
C THR K 128 -32.69 -29.81 22.03
N THR K 129 -31.41 -30.18 22.08
CA THR K 129 -30.57 -30.12 20.86
C THR K 129 -31.39 -30.62 19.66
N SER K 130 -31.56 -29.78 18.64
CA SER K 130 -32.42 -30.18 17.50
C SER K 130 -31.87 -29.61 16.19
N PHE K 131 -31.82 -30.43 15.15
CA PHE K 131 -31.40 -29.94 13.82
C PHE K 131 -32.68 -29.73 12.99
N GLY K 132 -32.99 -28.48 12.65
CA GLY K 132 -34.18 -28.20 11.85
C GLY K 132 -35.45 -28.57 12.60
N GLY K 133 -35.35 -28.72 13.91
CA GLY K 133 -36.52 -29.11 14.72
C GLY K 133 -36.54 -30.61 14.96
N ASN K 134 -35.78 -31.37 14.17
CA ASN K 134 -35.68 -32.83 14.43
C ASN K 134 -34.77 -33.03 15.65
N LYS K 135 -35.37 -33.32 16.81
CA LYS K 135 -34.57 -33.52 18.05
C LYS K 135 -33.57 -34.64 17.80
N LEU K 136 -32.38 -34.56 18.41
CA LEU K 136 -31.33 -35.56 18.10
C LEU K 136 -30.98 -36.41 19.32
N LEU K 137 -30.30 -35.84 20.32
CA LEU K 137 -29.80 -36.64 21.48
C LEU K 137 -30.94 -37.22 22.32
N ASN K 138 -32.19 -36.79 22.09
CA ASN K 138 -33.30 -37.25 22.97
C ASN K 138 -33.41 -38.77 22.87
N GLY K 139 -32.74 -39.35 21.87
CA GLY K 139 -32.81 -40.82 21.68
C GLY K 139 -33.81 -41.19 20.59
N THR K 140 -34.69 -40.27 20.22
CA THR K 140 -35.74 -40.59 19.22
C THR K 140 -35.13 -40.72 17.83
N PHE K 141 -34.02 -40.03 17.55
CA PHE K 141 -33.44 -40.05 16.19
C PHE K 141 -33.21 -41.49 15.74
N SER K 142 -32.82 -42.36 16.68
CA SER K 142 -32.55 -43.78 16.34
C SER K 142 -31.53 -43.84 15.21
N THR K 143 -31.84 -44.61 14.16
CA THR K 143 -30.89 -44.77 13.02
C THR K 143 -31.50 -44.12 11.77
N LYS K 144 -30.68 -43.38 11.01
CA LYS K 144 -31.16 -42.78 9.75
C LYS K 144 -30.18 -43.12 8.63
N SER K 145 -30.69 -43.33 7.41
CA SER K 145 -29.81 -43.63 6.26
C SER K 145 -29.54 -42.35 5.47
N PHE K 146 -28.28 -42.05 5.17
CA PHE K 146 -27.94 -40.84 4.38
C PHE K 146 -27.46 -41.27 2.99
N GLN K 147 -28.32 -41.11 1.98
CA GLN K 147 -27.96 -41.52 0.60
C GLN K 147 -26.83 -40.63 0.10
N ILE K 148 -25.60 -41.16 0.08
CA ILE K 148 -24.44 -40.38 -0.43
C ILE K 148 -23.97 -41.01 -1.74
N GLY K 149 -24.89 -41.63 -2.48
CA GLY K 149 -24.54 -42.27 -3.75
C GLY K 149 -25.48 -41.86 -4.87
N ALA K 150 -24.96 -41.73 -6.09
CA ALA K 150 -25.80 -41.25 -7.22
C ALA K 150 -26.79 -42.35 -7.63
N ASP K 151 -26.58 -43.57 -7.16
CA ASP K 151 -27.50 -44.70 -7.48
C ASP K 151 -28.14 -45.17 -6.17
N ASN K 152 -29.36 -45.68 -6.23
CA ASN K 152 -30.07 -46.05 -4.98
C ASN K 152 -29.29 -47.16 -4.26
N GLY K 153 -29.47 -47.27 -2.94
CA GLY K 153 -28.82 -48.35 -2.18
C GLY K 153 -27.49 -47.91 -1.60
N GLU K 154 -26.93 -46.83 -2.12
CA GLU K 154 -25.60 -46.36 -1.65
C GLU K 154 -25.80 -45.39 -0.48
N ALA K 155 -26.09 -45.92 0.71
CA ALA K 155 -26.36 -45.04 1.88
C ALA K 155 -25.58 -45.53 3.10
N VAL K 156 -25.46 -44.68 4.13
CA VAL K 156 -24.72 -45.05 5.38
C VAL K 156 -25.68 -44.94 6.56
N MET K 157 -25.59 -45.88 7.51
CA MET K 157 -26.53 -45.88 8.66
C MET K 157 -25.92 -45.10 9.82
N LEU K 158 -26.39 -43.88 10.05
CA LEU K 158 -25.92 -43.11 11.23
C LEU K 158 -26.93 -43.32 12.35
N THR K 159 -26.50 -43.85 13.49
CA THR K 159 -27.44 -44.00 14.63
C THR K 159 -27.03 -43.03 15.75
N LEU K 160 -27.98 -42.21 16.21
CA LEU K 160 -27.68 -41.29 17.33
C LEU K 160 -28.20 -41.92 18.62
N LYS K 161 -27.41 -41.89 19.69
CA LYS K 161 -27.81 -42.56 20.95
C LYS K 161 -28.59 -41.59 21.83
N ASP K 162 -29.09 -42.07 22.97
CA ASP K 162 -29.80 -41.19 23.93
C ASP K 162 -28.80 -40.74 24.99
N MET K 163 -28.79 -39.44 25.31
CA MET K 163 -27.82 -38.89 26.29
C MET K 163 -28.58 -38.48 27.55
N ARG K 164 -29.88 -38.80 27.61
CA ARG K 164 -30.68 -38.47 28.82
C ARG K 164 -30.01 -39.11 30.04
N SER K 165 -29.94 -38.40 31.16
CA SER K 165 -29.22 -38.91 32.35
C SER K 165 -29.78 -40.27 32.77
N ASP K 166 -31.05 -40.55 32.42
CA ASP K 166 -31.69 -41.80 32.88
C ASP K 166 -31.14 -42.98 32.06
N ASN K 167 -30.53 -42.71 30.91
CA ASN K 167 -30.06 -43.82 30.03
C ASN K 167 -29.25 -44.81 30.86
N ARG K 168 -29.55 -46.10 30.75
CA ARG K 168 -28.83 -47.13 31.53
C ARG K 168 -27.35 -47.08 31.17
N MET K 169 -27.04 -46.82 29.90
CA MET K 169 -25.62 -46.72 29.47
C MET K 169 -24.92 -45.66 30.31
N MET K 170 -25.63 -44.56 30.62
CA MET K 170 -25.04 -43.51 31.49
C MET K 170 -25.18 -43.97 32.94
N GLY K 171 -24.62 -45.14 33.26
CA GLY K 171 -24.69 -45.68 34.63
C GLY K 171 -24.10 -47.07 34.71
N GLY K 172 -24.51 -47.86 35.69
CA GLY K 172 -23.98 -49.22 35.87
C GLY K 172 -24.75 -50.00 36.92
N THR K 173 -24.06 -50.84 37.69
CA THR K 173 -24.74 -51.58 38.79
C THR K 173 -23.95 -51.41 40.09
N SER K 174 -24.62 -50.99 41.15
CA SER K 174 -23.95 -50.79 42.47
C SER K 174 -23.99 -52.09 43.28
N TYR K 175 -23.05 -52.25 44.21
CA TYR K 175 -22.99 -53.46 45.07
C TYR K 175 -22.43 -53.06 46.43
N VAL K 176 -23.30 -52.86 47.41
CA VAL K 176 -22.82 -52.38 48.75
C VAL K 176 -22.72 -53.58 49.70
N ALA K 177 -21.57 -53.75 50.33
CA ALA K 177 -21.38 -54.86 51.29
C ALA K 177 -22.40 -54.72 52.42
N ALA K 178 -22.96 -55.82 52.89
CA ALA K 178 -23.92 -55.76 54.01
C ALA K 178 -23.16 -55.46 55.31
N GLU K 179 -22.04 -56.16 55.54
CA GLU K 179 -21.34 -55.98 56.84
C GLU K 179 -20.39 -54.78 56.78
N GLY K 180 -20.41 -53.94 57.80
CA GLY K 180 -19.49 -52.79 57.87
C GLY K 180 -18.21 -53.17 58.59
N LYS K 181 -17.07 -52.62 58.14
CA LYS K 181 -15.77 -52.93 58.78
C LYS K 181 -15.31 -51.70 59.55
N ASP K 182 -15.14 -51.81 60.87
CA ASP K 182 -14.76 -50.66 61.72
C ASP K 182 -13.30 -50.29 61.46
N LYS K 183 -12.88 -49.11 61.93
CA LYS K 183 -11.45 -48.70 61.79
C LYS K 183 -10.58 -49.82 62.36
N ASP K 184 -10.99 -50.39 63.49
CA ASP K 184 -10.17 -51.44 64.16
C ASP K 184 -9.99 -52.64 63.22
N TRP K 185 -11.06 -53.05 62.52
CA TRP K 185 -10.99 -54.24 61.65
C TRP K 185 -9.89 -54.08 60.61
N LYS K 186 -9.14 -55.16 60.34
CA LYS K 186 -8.09 -55.12 59.30
C LYS K 186 -8.17 -56.46 58.55
N VAL K 187 -7.78 -56.49 57.28
CA VAL K 187 -7.93 -57.78 56.54
C VAL K 187 -7.37 -58.88 57.44
N GLN K 188 -8.21 -59.85 57.81
CA GLN K 188 -7.73 -60.97 58.65
C GLN K 188 -6.99 -61.97 57.75
N ALA K 189 -6.15 -62.81 58.34
CA ALA K 189 -5.40 -63.81 57.56
C ALA K 189 -6.32 -64.98 57.20
N GLY K 190 -6.15 -65.55 56.01
CA GLY K 190 -7.01 -66.67 55.57
C GLY K 190 -8.25 -66.15 54.89
N ALA K 191 -8.63 -64.91 55.17
CA ALA K 191 -9.81 -64.30 54.51
C ALA K 191 -9.32 -63.14 53.65
N ASN K 192 -8.15 -63.29 53.02
CA ASN K 192 -7.56 -62.18 52.21
C ASN K 192 -7.94 -62.36 50.74
N ASP K 193 -8.85 -63.29 50.44
CA ASP K 193 -9.17 -63.58 49.02
C ASP K 193 -10.57 -63.09 48.66
N ILE K 194 -10.70 -62.34 47.57
CA ILE K 194 -12.05 -61.93 47.08
C ILE K 194 -12.11 -62.28 45.59
N THR K 195 -13.25 -62.76 45.11
CA THR K 195 -13.31 -63.22 43.69
C THR K 195 -14.50 -62.58 42.98
N PHE K 196 -14.26 -61.93 41.85
CA PHE K 196 -15.36 -61.35 41.06
C PHE K 196 -15.57 -62.21 39.82
N THR K 197 -16.77 -62.78 39.65
CA THR K 197 -17.07 -63.58 38.45
C THR K 197 -18.08 -62.80 37.60
N LEU K 198 -17.62 -62.12 36.55
CA LEU K 198 -18.55 -61.25 35.79
C LEU K 198 -18.40 -61.49 34.29
N LYS K 199 -19.46 -61.22 33.52
CA LYS K 199 -19.39 -61.36 32.04
C LYS K 199 -19.06 -59.99 31.46
N ASP K 200 -17.91 -59.86 30.81
CA ASP K 200 -17.51 -58.56 30.23
C ASP K 200 -18.63 -58.07 29.31
N ILE K 201 -18.85 -56.76 29.25
CA ILE K 201 -19.98 -56.22 28.43
C ILE K 201 -19.95 -56.90 27.06
N ASP K 202 -18.76 -57.11 26.49
CA ASP K 202 -18.63 -57.78 25.17
C ASP K 202 -19.25 -59.17 25.26
N GLY K 203 -18.99 -59.91 26.33
CA GLY K 203 -19.60 -61.24 26.52
C GLY K 203 -18.66 -62.21 27.24
N ASN K 204 -17.36 -62.11 26.98
CA ASN K 204 -16.39 -63.06 27.59
C ASN K 204 -16.56 -63.07 29.11
N ASP K 205 -16.44 -64.26 29.72
CA ASP K 205 -16.54 -64.38 31.19
C ASP K 205 -15.19 -64.02 31.81
N GLN K 206 -15.20 -63.40 33.00
CA GLN K 206 -13.93 -63.00 33.67
C GLN K 206 -13.94 -63.51 35.11
N THR K 207 -12.78 -63.91 35.63
CA THR K 207 -12.72 -64.33 37.06
C THR K 207 -11.64 -63.49 37.75
N ILE K 208 -11.92 -62.21 37.97
CA ILE K 208 -10.95 -61.32 38.65
C ILE K 208 -10.85 -61.76 40.11
N THR K 209 -9.69 -62.30 40.50
CA THR K 209 -9.49 -62.73 41.91
C THR K 209 -8.40 -61.85 42.52
N VAL K 210 -8.72 -61.16 43.61
CA VAL K 210 -7.74 -60.21 44.21
C VAL K 210 -7.39 -60.67 45.62
N ASN K 211 -6.10 -60.93 45.87
CA ASN K 211 -5.66 -61.29 47.24
C ASN K 211 -5.21 -60.02 47.94
N ALA K 212 -6.03 -59.49 48.84
CA ALA K 212 -5.72 -58.24 49.55
C ALA K 212 -4.65 -58.51 50.62
N LYS K 213 -3.79 -57.52 50.89
CA LYS K 213 -2.72 -57.69 51.90
C LYS K 213 -3.34 -57.79 53.29
N GLU K 214 -2.76 -58.60 54.16
CA GLU K 214 -3.29 -58.75 55.54
C GLU K 214 -3.01 -57.48 56.34
N GLY K 215 -3.95 -57.07 57.20
CA GLY K 215 -3.72 -55.90 58.06
C GLY K 215 -4.02 -54.59 57.37
N ASP K 216 -4.76 -54.63 56.26
CA ASP K 216 -5.17 -53.38 55.58
C ASP K 216 -6.57 -53.00 56.06
N ASP K 217 -6.84 -51.69 56.19
CA ASP K 217 -8.20 -51.25 56.59
C ASP K 217 -9.13 -51.35 55.38
N ILE K 218 -10.44 -51.22 55.61
CA ILE K 218 -11.41 -51.40 54.49
C ILE K 218 -11.03 -50.46 53.35
N GLU K 219 -10.60 -49.24 53.65
CA GLU K 219 -10.31 -48.28 52.54
C GLU K 219 -9.06 -48.75 51.78
N GLU K 220 -8.06 -49.26 52.49
CA GLU K 220 -6.88 -49.83 51.80
C GLU K 220 -7.36 -51.01 50.94
N VAL K 221 -8.30 -51.81 51.45
CA VAL K 221 -8.86 -52.91 50.63
C VAL K 221 -9.44 -52.26 49.36
N ALA K 222 -10.24 -51.22 49.55
CA ALA K 222 -10.88 -50.57 48.38
C ALA K 222 -9.80 -50.12 47.41
N THR K 223 -8.76 -49.46 47.93
CA THR K 223 -7.69 -48.95 47.05
C THR K 223 -7.06 -50.12 46.29
N TYR K 224 -6.77 -51.22 47.01
CA TYR K 224 -6.10 -52.37 46.34
C TYR K 224 -6.98 -52.87 45.21
N ILE K 225 -8.27 -53.05 45.49
CA ILE K 225 -9.17 -53.60 44.44
C ILE K 225 -9.08 -52.69 43.22
N ASN K 226 -9.11 -51.37 43.45
CA ASN K 226 -9.05 -50.40 42.32
C ASN K 226 -7.70 -50.56 41.61
N GLY K 227 -6.64 -50.80 42.37
CA GLY K 227 -5.30 -50.93 41.76
C GLY K 227 -5.17 -52.17 40.91
N GLN K 228 -5.77 -53.29 41.34
CA GLN K 228 -5.58 -54.57 40.59
C GLN K 228 -6.52 -54.60 39.39
N THR K 229 -7.83 -54.48 39.61
CA THR K 229 -8.79 -54.60 38.48
C THR K 229 -9.33 -53.23 38.08
N ASP K 230 -9.57 -53.03 36.79
CA ASP K 230 -10.16 -51.75 36.31
C ASP K 230 -11.58 -52.02 35.83
N MET K 231 -12.01 -53.29 35.89
CA MET K 231 -13.38 -53.65 35.48
C MET K 231 -14.36 -53.05 36.50
N VAL K 232 -14.07 -53.20 37.78
CA VAL K 232 -14.99 -52.70 38.85
C VAL K 232 -14.27 -51.61 39.63
N LYS K 233 -15.02 -50.66 40.21
CA LYS K 233 -14.40 -49.61 41.06
C LYS K 233 -14.92 -49.82 42.49
N ALA K 234 -14.02 -49.82 43.48
CA ALA K 234 -14.48 -50.12 44.86
C ALA K 234 -14.24 -48.91 45.77
N SER K 235 -15.24 -48.57 46.59
CA SER K 235 -15.14 -47.40 47.51
C SER K 235 -15.87 -47.72 48.80
N VAL K 236 -15.37 -47.20 49.93
CA VAL K 236 -16.01 -47.49 51.25
C VAL K 236 -17.01 -46.37 51.54
N ASN K 237 -18.01 -46.65 52.38
CA ASN K 237 -19.03 -45.63 52.74
C ASN K 237 -18.73 -45.07 54.12
N GLU K 238 -19.74 -44.49 54.78
CA GLU K 238 -19.56 -43.92 56.13
C GLU K 238 -19.86 -44.99 57.17
N LYS K 239 -20.49 -46.08 56.76
CA LYS K 239 -20.88 -47.14 57.72
C LYS K 239 -19.76 -48.18 57.79
N GLY K 240 -18.69 -47.99 57.02
CA GLY K 240 -17.58 -48.96 56.99
C GLY K 240 -17.85 -50.07 55.99
N GLN K 241 -18.91 -49.93 55.18
CA GLN K 241 -19.27 -50.99 54.20
C GLN K 241 -18.56 -50.70 52.87
N LEU K 242 -18.11 -51.75 52.19
CA LEU K 242 -17.38 -51.57 50.90
C LEU K 242 -18.39 -51.58 49.75
N GLN K 243 -18.49 -50.46 49.03
CA GLN K 243 -19.41 -50.37 47.86
C GLN K 243 -18.61 -50.69 46.60
N ILE K 244 -19.19 -51.47 45.69
CA ILE K 244 -18.50 -51.81 44.42
C ILE K 244 -19.43 -51.49 43.24
N PHE K 245 -19.02 -50.57 42.37
CA PHE K 245 -19.85 -50.18 41.21
C PHE K 245 -19.42 -50.98 39.99
N ALA K 246 -20.34 -51.21 39.05
CA ALA K 246 -20.01 -51.97 37.83
C ALA K 246 -20.53 -51.20 36.62
N GLY K 247 -19.64 -50.49 35.92
CA GLY K 247 -20.05 -49.70 34.74
C GLY K 247 -20.76 -50.58 33.73
N ASN K 248 -21.98 -50.19 33.34
CA ASN K 248 -22.74 -50.96 32.32
C ASN K 248 -21.89 -51.07 31.05
N ASN K 249 -21.12 -50.02 30.76
CA ASN K 249 -20.30 -50.01 29.52
C ASN K 249 -19.11 -50.96 29.64
N LYS K 250 -18.89 -51.54 30.82
CA LYS K 250 -17.70 -52.41 31.01
C LYS K 250 -18.12 -53.81 31.47
N VAL K 251 -19.28 -53.92 32.12
CA VAL K 251 -19.68 -55.25 32.68
C VAL K 251 -21.14 -55.53 32.31
N THR K 252 -21.50 -56.80 32.10
CA THR K 252 -22.91 -57.15 31.82
C THR K 252 -23.37 -58.17 32.87
N GLY K 253 -24.67 -58.47 32.91
CA GLY K 253 -25.21 -59.42 33.90
C GLY K 253 -24.98 -58.91 35.33
N ASP K 254 -24.96 -59.82 36.29
CA ASP K 254 -24.74 -59.43 37.72
C ASP K 254 -23.43 -60.03 38.22
N VAL K 255 -22.45 -59.17 38.56
CA VAL K 255 -21.14 -59.66 39.08
C VAL K 255 -21.43 -60.56 40.29
N ALA K 256 -20.81 -61.74 40.32
CA ALA K 256 -20.99 -62.65 41.47
C ALA K 256 -19.77 -62.51 42.38
N PHE K 257 -19.97 -62.22 43.67
CA PHE K 257 -18.83 -61.96 44.57
C PHE K 257 -18.48 -63.24 45.33
N SER K 258 -17.25 -63.73 45.17
CA SER K 258 -16.81 -64.97 45.86
C SER K 258 -15.55 -64.67 46.66
N GLY K 259 -14.93 -65.72 47.24
CA GLY K 259 -13.70 -65.53 48.03
C GLY K 259 -14.01 -65.42 49.51
N GLY K 260 -12.98 -65.59 50.36
CA GLY K 260 -13.18 -65.56 51.81
C GLY K 260 -13.55 -64.18 52.31
N LEU K 261 -12.88 -63.15 51.80
CA LEU K 261 -13.14 -61.77 52.28
C LEU K 261 -14.61 -61.48 52.04
N ALA K 262 -15.11 -61.83 50.85
CA ALA K 262 -16.53 -61.63 50.53
C ALA K 262 -17.39 -62.25 51.63
N GLY K 263 -16.99 -63.43 52.11
CA GLY K 263 -17.76 -64.12 53.17
C GLY K 263 -17.95 -63.18 54.35
N ALA K 264 -16.89 -62.50 54.76
CA ALA K 264 -16.98 -61.54 55.89
C ALA K 264 -17.80 -60.32 55.44
N LEU K 265 -17.65 -59.89 54.18
CA LEU K 265 -18.32 -58.66 53.70
C LEU K 265 -19.82 -58.90 53.49
N ASN K 266 -20.20 -60.09 53.02
CA ASN K 266 -21.64 -60.37 52.72
C ASN K 266 -22.15 -59.33 51.72
N MET K 267 -21.64 -59.37 50.48
CA MET K 267 -22.07 -58.39 49.45
C MET K 267 -23.58 -58.58 49.18
N GLN K 268 -24.27 -57.50 48.78
CA GLN K 268 -25.73 -57.57 48.50
C GLN K 268 -25.95 -57.72 46.99
N ALA K 269 -27.19 -57.54 46.51
CA ALA K 269 -27.45 -57.78 45.07
C ALA K 269 -27.13 -56.53 44.26
N GLY K 270 -27.48 -56.53 42.97
CA GLY K 270 -27.17 -55.39 42.09
C GLY K 270 -28.26 -54.34 42.09
N THR K 271 -27.97 -53.15 42.61
CA THR K 271 -28.96 -52.03 42.58
C THR K 271 -28.61 -51.13 41.40
N ALA K 272 -29.55 -50.89 40.48
CA ALA K 272 -29.21 -50.11 39.28
C ALA K 272 -28.99 -48.65 39.68
N GLU K 273 -27.96 -48.02 39.11
CA GLU K 273 -27.69 -46.58 39.40
C GLU K 273 -27.35 -45.86 38.09
N THR K 274 -27.92 -44.67 37.88
CA THR K 274 -27.60 -43.86 36.69
C THR K 274 -27.33 -42.42 37.15
N VAL K 275 -26.62 -41.63 36.36
CA VAL K 275 -26.26 -40.25 36.80
C VAL K 275 -27.49 -39.60 37.44
N ASP K 276 -28.66 -39.73 36.80
CA ASP K 276 -29.89 -39.09 37.32
C ASP K 276 -30.10 -39.48 38.79
N THR K 277 -29.65 -40.69 39.18
CA THR K 277 -29.92 -41.18 40.55
C THR K 277 -28.79 -40.80 41.51
N ILE K 278 -27.74 -40.13 41.02
CA ILE K 278 -26.58 -39.86 41.93
C ILE K 278 -27.04 -38.89 43.02
N ASP K 279 -26.57 -39.12 44.25
CA ASP K 279 -26.91 -38.24 45.39
C ASP K 279 -25.67 -38.15 46.29
N VAL K 280 -25.09 -36.96 46.43
CA VAL K 280 -23.82 -36.84 47.19
C VAL K 280 -24.11 -36.48 48.65
N THR K 281 -25.39 -36.50 49.07
CA THR K 281 -25.71 -36.07 50.45
C THR K 281 -25.01 -36.98 51.46
N SER K 282 -24.53 -38.15 51.02
CA SER K 282 -23.80 -39.08 51.91
C SER K 282 -22.42 -39.40 51.31
N VAL K 283 -21.42 -39.67 52.16
CA VAL K 283 -20.06 -39.92 51.64
C VAL K 283 -20.10 -41.11 50.69
N GLY K 284 -20.86 -42.16 51.04
CA GLY K 284 -20.97 -43.34 50.16
C GLY K 284 -21.52 -42.91 48.81
N GLY K 285 -22.56 -42.09 48.81
CA GLY K 285 -23.15 -41.61 47.55
C GLY K 285 -22.13 -40.86 46.74
N ALA K 286 -21.32 -40.04 47.42
CA ALA K 286 -20.28 -39.25 46.72
C ALA K 286 -19.33 -40.21 46.02
N GLN K 287 -18.85 -41.21 46.75
CA GLN K 287 -17.89 -42.19 46.17
C GLN K 287 -18.55 -42.88 44.97
N GLN K 288 -19.75 -43.41 45.14
CA GLN K 288 -20.42 -44.16 44.04
C GLN K 288 -20.63 -43.22 42.87
N SER K 289 -20.96 -41.96 43.14
CA SER K 289 -21.27 -41.02 42.04
C SER K 289 -20.03 -40.79 41.18
N VAL K 290 -18.86 -40.64 41.80
CA VAL K 290 -17.62 -40.49 41.00
C VAL K 290 -17.63 -41.61 39.96
N ALA K 291 -17.86 -42.84 40.39
CA ALA K 291 -17.81 -43.98 39.43
C ALA K 291 -18.92 -43.81 38.38
N VAL K 292 -20.14 -43.53 38.82
CA VAL K 292 -21.26 -43.44 37.85
C VAL K 292 -20.87 -42.40 36.80
N ILE K 293 -20.45 -41.21 37.25
CA ILE K 293 -20.10 -40.11 36.31
C ILE K 293 -19.00 -40.62 35.37
N ASP K 294 -18.01 -41.32 35.92
CA ASP K 294 -16.88 -41.84 35.09
C ASP K 294 -17.45 -42.71 33.97
N SER K 295 -18.36 -43.63 34.33
CA SER K 295 -18.98 -44.51 33.32
C SER K 295 -19.64 -43.63 32.25
N ALA K 296 -20.43 -42.65 32.69
CA ALA K 296 -21.09 -41.75 31.73
C ALA K 296 -20.02 -41.11 30.85
N LEU K 297 -18.95 -40.59 31.45
CA LEU K 297 -17.95 -39.86 30.65
C LEU K 297 -17.48 -40.78 29.53
N LYS K 298 -17.23 -42.05 29.86
CA LYS K 298 -16.88 -43.02 28.79
C LYS K 298 -18.02 -43.07 27.77
N TYR K 299 -19.22 -43.43 28.23
CA TYR K 299 -20.36 -43.59 27.28
C TYR K 299 -20.43 -42.40 26.34
N VAL K 300 -20.52 -41.18 26.89
CA VAL K 300 -20.69 -39.99 26.03
C VAL K 300 -19.50 -39.93 25.06
N ASP K 301 -18.28 -39.89 25.59
CA ASP K 301 -17.09 -39.74 24.72
C ASP K 301 -17.08 -40.87 23.69
N SER K 302 -17.45 -42.07 24.10
CA SER K 302 -17.53 -43.21 23.14
C SER K 302 -18.40 -42.78 21.96
N HIS K 303 -19.65 -42.38 22.24
CA HIS K 303 -20.58 -42.02 21.14
C HIS K 303 -19.89 -40.95 20.29
N ARG K 304 -19.31 -39.95 20.95
CA ARG K 304 -18.65 -38.85 20.20
C ARG K 304 -17.68 -39.45 19.19
N ALA K 305 -16.71 -40.24 19.67
CA ALA K 305 -15.70 -40.79 18.75
C ALA K 305 -16.38 -41.49 17.58
N GLU K 306 -17.46 -42.23 17.86
CA GLU K 306 -18.20 -42.93 16.78
C GLU K 306 -18.70 -41.91 15.76
N LEU K 307 -19.31 -40.83 16.24
CA LEU K 307 -19.75 -39.75 15.31
C LEU K 307 -18.51 -39.18 14.62
N GLY K 308 -17.38 -39.14 15.34
CA GLY K 308 -16.14 -38.61 14.75
C GLY K 308 -15.81 -39.37 13.49
N ALA K 309 -15.91 -40.70 13.54
CA ALA K 309 -15.65 -41.52 12.35
C ALA K 309 -16.64 -41.13 11.25
N PHE K 310 -17.93 -41.18 11.58
CA PHE K 310 -18.99 -40.85 10.58
C PHE K 310 -18.54 -39.61 9.80
N GLN K 311 -18.22 -38.54 10.52
CA GLN K 311 -17.86 -37.27 9.83
C GLN K 311 -16.64 -37.51 8.93
N ASN K 312 -15.58 -38.10 9.48
CA ASN K 312 -14.34 -38.30 8.69
C ASN K 312 -14.69 -39.14 7.45
N ARG K 313 -15.41 -40.24 7.65
CA ARG K 313 -15.78 -41.12 6.52
C ARG K 313 -16.55 -40.28 5.49
N PHE K 314 -17.57 -39.56 5.95
CA PHE K 314 -18.42 -38.78 5.02
C PHE K 314 -17.53 -37.79 4.25
N ASN K 315 -16.61 -37.14 4.96
CA ASN K 315 -15.74 -36.12 4.30
C ASN K 315 -15.00 -36.80 3.15
N HIS K 316 -14.36 -37.93 3.41
CA HIS K 316 -13.60 -38.64 2.35
C HIS K 316 -14.55 -38.95 1.20
N ALA K 317 -15.73 -39.49 1.54
CA ALA K 317 -16.69 -39.89 0.48
C ALA K 317 -17.00 -38.68 -0.40
N ILE K 318 -17.35 -37.56 0.24
CA ILE K 318 -17.62 -36.31 -0.54
C ILE K 318 -16.49 -36.14 -1.56
N SER K 319 -15.24 -36.10 -1.09
CA SER K 319 -14.11 -35.85 -2.01
C SER K 319 -14.20 -36.82 -3.19
N ASN K 320 -14.40 -38.10 -2.90
CA ASN K 320 -14.46 -39.12 -3.98
C ASN K 320 -15.55 -38.73 -4.96
N LEU K 321 -16.74 -38.39 -4.44
CA LEU K 321 -17.88 -38.02 -5.33
C LEU K 321 -17.42 -36.87 -6.22
N ASP K 322 -16.76 -35.87 -5.63
CA ASP K 322 -16.34 -34.68 -6.42
C ASP K 322 -15.41 -35.14 -7.55
N ASN K 323 -14.41 -35.95 -7.22
CA ASN K 323 -13.43 -36.38 -8.25
C ASN K 323 -14.20 -37.09 -9.36
N ILE K 324 -15.10 -37.99 -8.99
CA ILE K 324 -15.91 -38.73 -10.01
C ILE K 324 -16.63 -37.68 -10.86
N ASN K 325 -17.31 -36.74 -10.21
CA ASN K 325 -18.09 -35.72 -10.95
C ASN K 325 -17.16 -35.08 -12.00
N GLU K 326 -15.95 -34.69 -11.57
CA GLU K 326 -15.04 -33.98 -12.50
C GLU K 326 -14.84 -34.84 -13.75
N ASN K 327 -14.47 -36.10 -13.58
CA ASN K 327 -14.20 -36.99 -14.74
C ASN K 327 -15.50 -37.26 -15.50
N VAL K 328 -16.60 -37.46 -14.78
CA VAL K 328 -17.87 -37.82 -15.45
C VAL K 328 -18.32 -36.63 -16.32
N ASN K 329 -18.24 -35.42 -15.76
CA ASN K 329 -18.59 -34.23 -16.57
C ASN K 329 -17.64 -34.15 -17.77
N ALA K 330 -16.34 -34.35 -17.53
CA ALA K 330 -15.36 -34.32 -18.62
C ALA K 330 -15.77 -35.35 -19.68
N SER K 331 -16.11 -36.56 -19.25
CA SER K 331 -16.48 -37.63 -20.19
C SER K 331 -17.69 -37.16 -21.00
N LYS K 332 -18.71 -36.68 -20.31
CA LYS K 332 -19.96 -36.28 -21.01
C LYS K 332 -19.56 -35.32 -22.14
N SER K 333 -18.71 -34.36 -21.82
CA SER K 333 -18.33 -33.35 -22.85
C SER K 333 -17.84 -34.07 -24.10
N ARG K 334 -16.76 -34.85 -24.00
CA ARG K 334 -16.18 -35.47 -25.22
C ARG K 334 -17.30 -36.08 -26.06
N ILE K 335 -18.29 -36.71 -25.42
CA ILE K 335 -19.36 -37.42 -26.18
C ILE K 335 -20.42 -36.43 -26.66
N LYS K 336 -20.72 -35.40 -25.87
CA LYS K 336 -21.85 -34.49 -26.23
C LYS K 336 -21.43 -33.05 -26.50
N ASP K 337 -20.33 -32.56 -25.92
CA ASP K 337 -19.99 -31.12 -26.09
C ASP K 337 -19.76 -30.80 -27.57
N THR K 338 -19.76 -29.52 -27.93
CA THR K 338 -19.49 -29.14 -29.34
C THR K 338 -18.01 -28.74 -29.47
N ASP K 339 -17.43 -28.96 -30.65
CA ASP K 339 -16.04 -28.51 -30.89
C ASP K 339 -16.15 -27.27 -31.78
N PHE K 340 -16.36 -26.10 -31.18
CA PHE K 340 -16.57 -24.87 -32.00
C PHE K 340 -15.64 -24.92 -33.21
N ALA K 341 -14.34 -25.09 -32.98
CA ALA K 341 -13.38 -25.09 -34.09
C ALA K 341 -13.91 -25.95 -35.23
N LYS K 342 -14.13 -27.24 -34.96
CA LYS K 342 -14.58 -28.16 -36.03
C LYS K 342 -15.92 -27.67 -36.59
N GLU K 343 -16.86 -27.36 -35.72
CA GLU K 343 -18.22 -26.98 -36.20
C GLU K 343 -18.12 -25.68 -37.00
N THR K 344 -17.41 -24.69 -36.49
CA THR K 344 -17.32 -23.39 -37.20
C THR K 344 -16.78 -23.65 -38.61
N THR K 345 -15.73 -24.46 -38.70
CA THR K 345 -15.16 -24.80 -40.03
C THR K 345 -16.28 -25.38 -40.89
N ALA K 346 -16.97 -26.40 -40.39
CA ALA K 346 -18.06 -27.03 -41.17
C ALA K 346 -18.97 -25.93 -41.73
N LEU K 347 -19.43 -25.03 -40.85
CA LEU K 347 -20.36 -23.97 -41.29
C LEU K 347 -19.69 -23.17 -42.40
N THR K 348 -18.44 -22.75 -42.19
CA THR K 348 -17.74 -21.91 -43.19
C THR K 348 -17.77 -22.63 -44.54
N LYS K 349 -17.32 -23.89 -44.56
CA LYS K 349 -17.28 -24.67 -45.82
C LYS K 349 -18.70 -24.80 -46.37
N SER K 350 -19.66 -25.13 -45.50
CA SER K 350 -21.05 -25.35 -45.97
C SER K 350 -21.57 -24.07 -46.63
N GLN K 351 -21.35 -22.92 -46.00
CA GLN K 351 -21.86 -21.64 -46.53
C GLN K 351 -21.21 -21.38 -47.89
N ILE K 352 -19.90 -21.55 -47.97
CA ILE K 352 -19.18 -21.37 -49.26
C ILE K 352 -19.78 -22.34 -50.28
N LEU K 353 -20.00 -23.59 -49.87
CA LEU K 353 -20.51 -24.61 -50.82
C LEU K 353 -21.89 -24.17 -51.31
N SER K 354 -22.70 -23.63 -50.40
CA SER K 354 -24.06 -23.18 -50.80
C SER K 354 -23.91 -22.11 -51.87
N GLN K 355 -23.06 -21.11 -51.61
CA GLN K 355 -22.86 -20.01 -52.59
C GLN K 355 -22.38 -20.62 -53.90
N ALA K 356 -21.43 -21.56 -53.81
CA ALA K 356 -20.93 -22.21 -55.04
C ALA K 356 -22.12 -22.78 -55.82
N SER K 357 -22.86 -23.70 -55.21
CA SER K 357 -23.97 -24.36 -55.93
C SER K 357 -24.94 -23.30 -56.46
N SER K 358 -25.24 -22.29 -55.64
CA SER K 358 -26.22 -21.25 -56.06
C SER K 358 -25.74 -20.63 -57.37
N SER K 359 -24.47 -20.20 -57.41
CA SER K 359 -23.93 -19.53 -58.61
C SER K 359 -24.09 -20.47 -59.81
N VAL K 360 -23.71 -21.74 -59.63
CA VAL K 360 -23.85 -22.73 -60.73
C VAL K 360 -25.34 -22.79 -61.12
N LEU K 361 -26.23 -22.84 -60.13
CA LEU K 361 -27.68 -22.96 -60.42
C LEU K 361 -28.08 -21.81 -61.35
N ALA K 362 -27.67 -20.60 -61.01
CA ALA K 362 -27.97 -19.44 -61.88
C ALA K 362 -27.53 -19.77 -63.31
N GLN K 363 -26.24 -20.05 -63.48
CA GLN K 363 -25.72 -20.30 -64.85
C GLN K 363 -26.58 -21.40 -65.49
N ALA K 364 -26.93 -22.42 -64.72
CA ALA K 364 -27.70 -23.56 -65.27
C ALA K 364 -29.04 -23.04 -65.81
N LYS K 365 -29.72 -22.19 -65.05
CA LYS K 365 -31.05 -21.69 -65.48
C LYS K 365 -30.90 -20.99 -66.83
N GLN K 366 -29.79 -20.27 -67.02
CA GLN K 366 -29.59 -19.50 -68.27
C GLN K 366 -29.29 -20.47 -69.43
N ALA K 367 -29.04 -21.74 -69.14
CA ALA K 367 -28.63 -22.67 -70.23
C ALA K 367 -29.76 -22.81 -71.27
N PRO K 368 -30.98 -23.26 -70.93
CA PRO K 368 -32.01 -23.47 -71.94
C PRO K 368 -32.10 -22.25 -72.84
N ASN K 369 -31.80 -21.06 -72.31
CA ASN K 369 -31.90 -19.80 -73.08
C ASN K 369 -31.21 -20.01 -74.43
N ALA K 370 -30.13 -20.78 -74.45
CA ALA K 370 -29.38 -20.99 -75.72
C ALA K 370 -30.33 -21.52 -76.79
N ALA K 371 -31.32 -22.33 -76.41
CA ALA K 371 -32.24 -22.90 -77.40
C ALA K 371 -32.92 -21.76 -78.17
N LEU K 372 -33.30 -20.70 -77.47
CA LEU K 372 -34.03 -19.58 -78.13
C LEU K 372 -33.19 -19.04 -79.28
N SER K 373 -31.87 -18.96 -79.10
CA SER K 373 -31.00 -18.37 -80.14
C SER K 373 -31.28 -19.06 -81.47
N LEU K 374 -31.53 -20.38 -81.45
CA LEU K 374 -31.82 -21.13 -82.69
C LEU K 374 -33.28 -20.87 -83.09
N LEU K 375 -33.60 -19.64 -83.50
CA LEU K 375 -34.98 -19.34 -83.98
C LEU K 375 -35.99 -19.98 -83.03
N GLY K 376 -35.85 -19.72 -81.72
CA GLY K 376 -36.79 -20.27 -80.73
C GLY K 376 -36.37 -21.65 -80.25
N ALA L 1 -46.81 -34.78 -124.35
CA ALA L 1 -46.87 -34.43 -125.78
C ALA L 1 -47.53 -33.06 -125.92
N VAL L 2 -46.92 -32.01 -125.37
CA VAL L 2 -47.54 -30.65 -125.39
C VAL L 2 -49.06 -30.81 -125.24
N ASN L 3 -49.48 -31.58 -124.23
CA ASN L 3 -50.93 -31.80 -123.98
C ASN L 3 -51.46 -30.63 -123.14
N VAL L 4 -52.76 -30.65 -122.81
CA VAL L 4 -53.38 -29.51 -122.07
C VAL L 4 -54.19 -30.05 -120.89
N ASN L 5 -54.93 -31.14 -121.11
CA ASN L 5 -55.83 -31.66 -120.05
C ASN L 5 -55.03 -32.08 -118.81
N THR L 6 -53.89 -32.76 -119.00
CA THR L 6 -53.15 -33.30 -117.82
C THR L 6 -51.77 -32.65 -117.68
N ASN L 7 -51.39 -32.32 -116.44
CA ASN L 7 -50.04 -31.76 -116.18
C ASN L 7 -49.41 -32.57 -115.04
N VAL L 8 -48.83 -33.72 -115.37
CA VAL L 8 -48.28 -34.61 -114.30
C VAL L 8 -47.25 -33.83 -113.48
N ALA L 9 -46.42 -33.04 -114.15
CA ALA L 9 -45.35 -32.31 -113.43
C ALA L 9 -46.00 -31.53 -112.27
N ALA L 10 -47.12 -30.87 -112.55
CA ALA L 10 -47.82 -30.10 -111.51
C ALA L 10 -48.20 -31.04 -110.37
N MET L 11 -48.75 -32.20 -110.70
CA MET L 11 -49.21 -33.14 -109.65
C MET L 11 -47.99 -33.55 -108.81
N THR L 12 -46.89 -33.89 -109.45
CA THR L 12 -45.70 -34.36 -108.70
C THR L 12 -45.26 -33.25 -107.75
N ALA L 13 -45.13 -32.03 -108.28
CA ALA L 13 -44.65 -30.91 -107.45
C ALA L 13 -45.59 -30.74 -106.25
N GLN L 14 -46.90 -30.79 -106.50
CA GLN L 14 -47.89 -30.60 -105.40
C GLN L 14 -47.64 -31.66 -104.34
N ARG L 15 -47.37 -32.90 -104.76
CA ARG L 15 -47.17 -34.00 -103.78
C ARG L 15 -45.99 -33.64 -102.89
N TYR L 16 -44.87 -33.24 -103.49
CA TYR L 16 -43.67 -32.98 -102.66
C TYR L 16 -43.96 -31.77 -101.78
N LEU L 17 -44.73 -30.81 -102.30
CA LEU L 17 -45.10 -29.62 -101.49
C LEU L 17 -45.81 -30.11 -100.22
N THR L 18 -46.81 -30.97 -100.39
CA THR L 18 -47.56 -31.48 -99.22
C THR L 18 -46.54 -32.06 -98.24
N GLY L 19 -45.68 -32.96 -98.73
CA GLY L 19 -44.69 -33.60 -97.84
C GLY L 19 -43.96 -32.54 -97.04
N ALA L 20 -43.48 -31.49 -97.71
CA ALA L 20 -42.72 -30.43 -97.02
C ALA L 20 -43.60 -29.73 -95.99
N THR L 21 -44.76 -29.23 -96.43
CA THR L 21 -45.70 -28.56 -95.51
C THR L 21 -45.91 -29.44 -94.27
N ASN L 22 -46.42 -30.65 -94.49
CA ASN L 22 -46.69 -31.56 -93.35
C ASN L 22 -45.47 -31.56 -92.42
N ALA L 23 -44.28 -31.78 -92.99
CA ALA L 23 -43.06 -31.87 -92.15
C ALA L 23 -42.91 -30.55 -91.38
N GLN L 24 -43.14 -29.42 -92.05
CA GLN L 24 -43.00 -28.11 -91.39
C GLN L 24 -43.95 -28.06 -90.20
N GLN L 25 -45.19 -28.51 -90.40
CA GLN L 25 -46.20 -28.48 -89.30
C GLN L 25 -45.67 -29.33 -88.15
N THR L 26 -45.23 -30.56 -88.45
CA THR L 26 -44.75 -31.47 -87.38
C THR L 26 -43.64 -30.79 -86.61
N SER L 27 -42.64 -30.26 -87.32
CA SER L 27 -41.49 -29.64 -86.63
C SER L 27 -41.96 -28.45 -85.80
N MET L 28 -42.81 -27.62 -86.40
CA MET L 28 -43.29 -26.40 -85.69
C MET L 28 -43.92 -26.82 -84.36
N GLU L 29 -44.77 -27.85 -84.40
CA GLU L 29 -45.40 -28.33 -83.15
C GLU L 29 -44.31 -28.72 -82.16
N ARG L 30 -43.37 -29.57 -82.59
CA ARG L 30 -42.35 -30.07 -81.65
C ARG L 30 -41.63 -28.87 -81.02
N LEU L 31 -41.24 -27.89 -81.83
CA LEU L 31 -40.55 -26.69 -81.31
C LEU L 31 -41.48 -25.99 -80.31
N SER L 32 -42.74 -25.78 -80.67
CA SER L 32 -43.69 -25.05 -79.79
C SER L 32 -43.82 -25.77 -78.45
N SER L 33 -43.80 -27.11 -78.46
CA SER L 33 -44.03 -27.88 -77.22
C SER L 33 -42.70 -28.23 -76.55
N GLY L 34 -41.61 -28.23 -77.32
CA GLY L 34 -40.32 -28.66 -76.77
C GLY L 34 -40.31 -30.16 -76.56
N PHE L 35 -41.38 -30.82 -77.03
CA PHE L 35 -41.49 -32.30 -76.87
C PHE L 35 -41.41 -32.96 -78.25
N LYS L 36 -40.45 -33.88 -78.41
CA LYS L 36 -40.33 -34.62 -79.69
C LYS L 36 -41.57 -35.51 -79.85
N ILE L 37 -41.94 -36.22 -78.80
CA ILE L 37 -43.15 -37.08 -78.84
C ILE L 37 -44.33 -36.24 -78.36
N ASN L 38 -45.07 -35.62 -79.28
CA ASN L 38 -46.28 -34.87 -78.88
C ASN L 38 -47.47 -35.84 -78.92
N SER L 39 -47.88 -36.23 -80.14
CA SER L 39 -48.97 -37.23 -80.28
C SER L 39 -48.36 -38.64 -80.27
N ALA L 40 -49.21 -39.67 -80.24
CA ALA L 40 -48.73 -41.07 -80.21
C ALA L 40 -48.05 -41.43 -81.54
N LYS L 41 -48.54 -40.84 -82.64
CA LYS L 41 -47.99 -41.15 -83.98
C LYS L 41 -46.46 -40.97 -83.95
N ASP L 42 -45.98 -39.99 -83.19
CA ASP L 42 -44.52 -39.69 -83.16
C ASP L 42 -43.74 -40.95 -82.79
N ASP L 43 -44.13 -41.63 -81.72
CA ASP L 43 -43.35 -42.81 -81.24
C ASP L 43 -44.18 -43.59 -80.22
N ALA L 44 -44.99 -44.55 -80.68
CA ALA L 44 -45.78 -45.36 -79.75
C ALA L 44 -44.89 -45.85 -78.62
N ALA L 45 -43.75 -46.42 -78.96
CA ALA L 45 -42.84 -46.97 -77.93
C ALA L 45 -42.48 -45.86 -76.95
N GLY L 46 -41.93 -44.77 -77.46
CA GLY L 46 -41.50 -43.67 -76.58
C GLY L 46 -42.66 -43.19 -75.74
N LEU L 47 -43.79 -42.91 -76.38
CA LEU L 47 -44.96 -42.37 -75.62
C LEU L 47 -45.18 -43.26 -74.39
N GLN L 48 -45.36 -44.56 -74.61
CA GLN L 48 -45.67 -45.45 -73.46
C GLN L 48 -44.52 -45.40 -72.45
N ILE L 49 -43.28 -45.62 -72.89
CA ILE L 49 -42.17 -45.65 -71.88
C ILE L 49 -42.03 -44.26 -71.27
N SER L 50 -42.17 -43.21 -72.09
CA SER L 50 -41.96 -41.84 -71.57
C SER L 50 -43.02 -41.55 -70.50
N ASN L 51 -44.27 -41.90 -70.78
CA ASN L 51 -45.36 -41.61 -69.81
C ASN L 51 -45.03 -42.37 -68.53
N ARG L 52 -44.57 -43.61 -68.66
CA ARG L 52 -44.27 -44.43 -67.45
C ARG L 52 -43.17 -43.73 -66.66
N LEU L 53 -42.16 -43.20 -67.35
CA LEU L 53 -41.08 -42.46 -66.66
C LEU L 53 -41.66 -41.20 -66.02
N ASN L 54 -42.51 -40.48 -66.75
CA ASN L 54 -43.16 -39.27 -66.18
C ASN L 54 -43.94 -39.68 -64.93
N VAL L 55 -44.73 -40.75 -65.03
CA VAL L 55 -45.49 -41.25 -63.85
C VAL L 55 -44.50 -41.45 -62.71
N GLN L 56 -43.40 -42.16 -62.99
CA GLN L 56 -42.42 -42.46 -61.91
C GLN L 56 -41.86 -41.15 -61.35
N SER L 57 -41.47 -40.23 -62.23
CA SER L 57 -40.82 -38.99 -61.75
C SER L 57 -41.76 -38.27 -60.77
N ARG L 58 -42.99 -38.00 -61.20
CA ARG L 58 -43.94 -37.25 -60.35
C ARG L 58 -44.16 -38.03 -59.05
N GLY L 59 -44.30 -39.34 -59.15
CA GLY L 59 -44.49 -40.17 -57.93
C GLY L 59 -43.34 -40.00 -56.97
N LEU L 60 -42.12 -39.94 -57.49
CA LEU L 60 -40.93 -39.75 -56.61
C LEU L 60 -41.13 -38.46 -55.82
N ASP L 61 -41.57 -37.39 -56.49
CA ASP L 61 -41.74 -36.08 -55.80
C ASP L 61 -42.72 -36.25 -54.64
N VAL L 62 -43.87 -36.87 -54.91
CA VAL L 62 -44.90 -37.05 -53.85
C VAL L 62 -44.27 -37.85 -52.72
N ALA L 63 -43.56 -38.92 -53.06
CA ALA L 63 -42.92 -39.76 -52.03
C ALA L 63 -42.04 -38.86 -51.16
N VAL L 64 -41.18 -38.06 -51.79
CA VAL L 64 -40.25 -37.19 -51.03
C VAL L 64 -41.09 -36.42 -50.01
N ARG L 65 -42.16 -35.77 -50.47
CA ARG L 65 -43.02 -34.99 -49.54
C ARG L 65 -43.51 -35.93 -48.43
N ASN L 66 -44.00 -37.11 -48.80
CA ASN L 66 -44.52 -38.08 -47.81
C ASN L 66 -43.41 -38.41 -46.81
N ALA L 67 -42.16 -38.47 -47.28
CA ALA L 67 -41.02 -38.75 -46.38
C ALA L 67 -40.76 -37.53 -45.50
N ASN L 68 -40.64 -36.36 -46.12
CA ASN L 68 -40.36 -35.13 -45.35
C ASN L 68 -41.30 -35.07 -44.16
N ASP L 69 -42.60 -35.28 -44.39
CA ASP L 69 -43.58 -35.14 -43.29
C ASP L 69 -43.35 -36.25 -42.25
N GLY L 70 -43.02 -37.45 -42.70
CA GLY L 70 -42.69 -38.51 -41.74
C GLY L 70 -41.52 -38.07 -40.86
N ILE L 71 -40.51 -37.45 -41.48
CA ILE L 71 -39.38 -36.92 -40.69
C ILE L 71 -39.94 -35.92 -39.68
N SER L 72 -40.90 -35.10 -40.12
CA SER L 72 -41.47 -34.06 -39.23
C SER L 72 -42.19 -34.72 -38.05
N ILE L 73 -43.08 -35.68 -38.31
CA ILE L 73 -43.86 -36.29 -37.19
C ILE L 73 -42.85 -36.81 -36.19
N ALA L 74 -41.79 -37.45 -36.69
CA ALA L 74 -40.76 -38.02 -35.79
C ALA L 74 -40.11 -36.89 -35.00
N GLN L 75 -39.70 -35.82 -35.67
CA GLN L 75 -39.03 -34.69 -34.99
C GLN L 75 -39.96 -34.13 -33.90
N THR L 76 -41.21 -33.85 -34.26
CA THR L 76 -42.17 -33.25 -33.30
C THR L 76 -42.26 -34.17 -32.08
N ALA L 77 -42.56 -35.45 -32.32
CA ALA L 77 -42.71 -36.41 -31.21
C ALA L 77 -41.42 -36.44 -30.38
N GLU L 78 -40.27 -36.60 -31.02
CA GLU L 78 -39.00 -36.72 -30.26
C GLU L 78 -38.80 -35.48 -29.40
N GLY L 79 -39.08 -34.30 -29.95
CA GLY L 79 -38.84 -33.06 -29.19
C GLY L 79 -39.62 -33.07 -27.88
N ALA L 80 -40.88 -33.50 -27.93
CA ALA L 80 -41.70 -33.57 -26.70
C ALA L 80 -41.04 -34.54 -25.73
N MET L 81 -40.67 -35.72 -26.21
CA MET L 81 -40.07 -36.75 -25.33
C MET L 81 -38.83 -36.17 -24.66
N ASN L 82 -38.19 -35.20 -25.31
CA ASN L 82 -36.98 -34.57 -24.74
C ASN L 82 -37.35 -33.89 -23.42
N GLU L 83 -38.44 -33.11 -23.43
CA GLU L 83 -38.90 -32.45 -22.18
C GLU L 83 -39.26 -33.55 -21.17
N THR L 84 -39.88 -34.62 -21.64
CA THR L 84 -40.22 -35.75 -20.74
C THR L 84 -38.96 -36.15 -19.98
N THR L 85 -37.86 -36.38 -20.70
CA THR L 85 -36.60 -36.82 -20.04
C THR L 85 -36.22 -35.79 -18.97
N ASN L 86 -36.23 -34.51 -19.35
CA ASN L 86 -35.81 -33.45 -18.40
C ASN L 86 -36.66 -33.58 -17.14
N ILE L 87 -37.98 -33.67 -17.29
CA ILE L 87 -38.88 -33.72 -16.11
C ILE L 87 -38.48 -34.94 -15.27
N LEU L 88 -38.35 -36.10 -15.91
CA LEU L 88 -38.02 -37.34 -15.15
C LEU L 88 -36.72 -37.11 -14.39
N GLN L 89 -35.69 -36.62 -15.08
CA GLN L 89 -34.36 -36.44 -14.42
C GLN L 89 -34.56 -35.60 -13.16
N ARG L 90 -35.26 -34.47 -13.29
CA ARG L 90 -35.48 -33.58 -12.13
C ARG L 90 -36.15 -34.38 -11.02
N MET L 91 -37.16 -35.18 -11.38
CA MET L 91 -37.87 -35.99 -10.37
C MET L 91 -36.85 -36.92 -9.70
N ARG L 92 -35.91 -37.44 -10.47
CA ARG L 92 -34.88 -38.36 -9.93
C ARG L 92 -34.08 -37.64 -8.86
N ASP L 93 -33.63 -36.43 -9.15
CA ASP L 93 -32.78 -35.69 -8.19
C ASP L 93 -33.60 -35.41 -6.93
N LEU L 94 -34.84 -34.97 -7.10
CA LEU L 94 -35.71 -34.68 -5.94
C LEU L 94 -35.84 -35.95 -5.10
N SER L 95 -35.99 -37.10 -5.75
CA SER L 95 -36.18 -38.37 -5.00
C SER L 95 -34.94 -38.68 -4.16
N LEU L 96 -33.74 -38.54 -4.75
CA LEU L 96 -32.48 -38.81 -4.01
C LEU L 96 -32.42 -37.87 -2.81
N GLN L 97 -32.82 -36.61 -3.00
CA GLN L 97 -32.78 -35.62 -1.91
C GLN L 97 -33.68 -36.13 -0.77
N SER L 98 -34.85 -36.65 -1.12
CA SER L 98 -35.80 -37.12 -0.07
C SER L 98 -35.18 -38.28 0.70
N ALA L 99 -34.55 -39.22 0.00
CA ALA L 99 -34.00 -40.42 0.67
C ALA L 99 -33.14 -40.01 1.87
N ASN L 100 -32.37 -38.92 1.75
CA ASN L 100 -31.45 -38.52 2.84
C ASN L 100 -32.21 -38.52 4.16
N GLY L 101 -31.59 -39.01 5.23
CA GLY L 101 -32.29 -39.10 6.54
C GLY L 101 -32.54 -37.76 7.17
N SER L 102 -31.76 -36.74 6.81
CA SER L 102 -31.90 -35.41 7.47
C SER L 102 -33.32 -34.89 7.27
N ASN L 103 -33.84 -35.00 6.05
CA ASN L 103 -35.19 -34.46 5.74
C ASN L 103 -36.20 -35.01 6.74
N SER L 104 -37.16 -34.19 7.15
CA SER L 104 -38.25 -34.66 8.06
C SER L 104 -39.53 -34.83 7.23
N LYS L 105 -40.53 -35.51 7.79
CA LYS L 105 -41.76 -35.78 7.00
C LYS L 105 -42.16 -34.50 6.25
N SER L 106 -42.04 -33.34 6.92
CA SER L 106 -42.40 -32.05 6.28
C SER L 106 -41.68 -31.95 4.93
N GLU L 107 -40.35 -32.02 4.94
CA GLU L 107 -39.59 -31.86 3.67
C GLU L 107 -40.08 -32.91 2.68
N ARG L 108 -40.14 -34.16 3.12
CA ARG L 108 -40.54 -35.26 2.20
C ARG L 108 -41.87 -34.86 1.54
N VAL L 109 -42.84 -34.43 2.34
CA VAL L 109 -44.18 -34.10 1.79
C VAL L 109 -43.99 -33.02 0.73
N ALA L 110 -43.19 -31.99 1.06
CA ALA L 110 -43.00 -30.87 0.12
C ALA L 110 -42.43 -31.39 -1.20
N ILE L 111 -41.39 -32.23 -1.12
CA ILE L 111 -40.76 -32.76 -2.35
C ILE L 111 -41.85 -33.47 -3.16
N GLN L 112 -42.69 -34.27 -2.49
CA GLN L 112 -43.72 -35.05 -3.21
C GLN L 112 -44.61 -34.08 -4.00
N GLU L 113 -44.91 -32.92 -3.40
CA GLU L 113 -45.77 -31.93 -4.08
C GLU L 113 -45.15 -31.60 -5.44
N GLU L 114 -43.85 -31.28 -5.46
CA GLU L 114 -43.18 -30.93 -6.74
C GLU L 114 -43.28 -32.12 -7.68
N ILE L 115 -42.94 -33.32 -7.19
CA ILE L 115 -42.96 -34.53 -8.04
C ILE L 115 -44.36 -34.67 -8.64
N THR L 116 -45.41 -34.55 -7.84
CA THR L 116 -46.78 -34.77 -8.37
C THR L 116 -47.00 -33.82 -9.54
N ALA L 117 -46.58 -32.56 -9.38
CA ALA L 117 -46.74 -31.56 -10.45
C ALA L 117 -45.98 -32.02 -11.69
N LEU L 118 -44.75 -32.47 -11.51
CA LEU L 118 -43.92 -32.91 -12.66
C LEU L 118 -44.58 -34.14 -13.28
N ASN L 119 -45.15 -35.02 -12.46
CA ASN L 119 -45.89 -36.19 -13.00
C ASN L 119 -46.99 -35.66 -13.92
N ASP L 120 -47.69 -34.63 -13.46
CA ASP L 120 -48.82 -34.08 -14.26
C ASP L 120 -48.27 -33.58 -15.60
N GLU L 121 -47.13 -32.88 -15.56
CA GLU L 121 -46.55 -32.31 -16.81
C GLU L 121 -46.22 -33.46 -17.76
N LEU L 122 -45.68 -34.55 -17.23
CA LEU L 122 -45.40 -35.73 -18.08
C LEU L 122 -46.71 -36.16 -18.75
N ASN L 123 -47.78 -36.27 -17.97
CA ASN L 123 -49.07 -36.76 -18.52
C ASN L 123 -49.62 -35.71 -19.51
N ARG L 124 -49.53 -34.43 -19.15
CA ARG L 124 -49.99 -33.36 -20.08
C ARG L 124 -49.22 -33.51 -21.41
N ILE L 125 -47.89 -33.52 -21.36
CA ILE L 125 -47.08 -33.60 -22.61
C ILE L 125 -47.59 -34.78 -23.41
N ALA L 126 -47.79 -35.92 -22.76
CA ALA L 126 -48.19 -37.14 -23.49
C ALA L 126 -49.54 -36.93 -24.17
N GLU L 127 -50.52 -36.37 -23.46
CA GLU L 127 -51.89 -36.27 -24.04
C GLU L 127 -52.01 -35.03 -24.93
N THR L 128 -51.08 -34.08 -24.84
CA THR L 128 -51.22 -32.81 -25.61
C THR L 128 -50.33 -32.83 -26.85
N THR L 129 -49.07 -33.26 -26.73
CA THR L 129 -48.17 -33.19 -27.90
C THR L 129 -48.91 -33.72 -29.13
N SER L 130 -49.16 -32.85 -30.12
CA SER L 130 -49.95 -33.29 -31.30
C SER L 130 -49.36 -32.69 -32.57
N PHE L 131 -49.47 -33.41 -33.68
CA PHE L 131 -49.01 -32.87 -34.99
C PHE L 131 -50.25 -32.69 -35.86
N GLY L 132 -50.59 -31.43 -36.18
CA GLY L 132 -51.76 -31.15 -37.02
C GLY L 132 -53.02 -31.77 -36.45
N GLY L 133 -53.15 -31.79 -35.13
CA GLY L 133 -54.39 -32.30 -34.51
C GLY L 133 -54.32 -33.79 -34.22
N ASN L 134 -53.45 -34.52 -34.92
CA ASN L 134 -53.27 -35.96 -34.62
C ASN L 134 -52.35 -36.08 -33.40
N LYS L 135 -52.87 -36.60 -32.29
CA LYS L 135 -52.06 -36.71 -31.06
C LYS L 135 -50.98 -37.77 -31.30
N LEU L 136 -49.81 -37.63 -30.68
CA LEU L 136 -48.70 -38.56 -30.99
C LEU L 136 -48.32 -39.44 -29.80
N LEU L 137 -47.92 -38.85 -28.66
CA LEU L 137 -47.39 -39.67 -27.53
C LEU L 137 -48.51 -40.26 -26.66
N ASN L 138 -49.76 -39.87 -26.87
CA ASN L 138 -50.88 -40.32 -26.00
C ASN L 138 -50.97 -41.84 -26.05
N GLY L 139 -50.48 -42.46 -27.13
CA GLY L 139 -50.55 -43.93 -27.28
C GLY L 139 -51.64 -44.33 -28.25
N THR L 140 -52.16 -43.36 -29.02
CA THR L 140 -53.22 -43.67 -30.03
C THR L 140 -52.59 -43.65 -31.42
N PHE L 141 -51.43 -43.00 -31.58
CA PHE L 141 -50.72 -43.04 -32.87
C PHE L 141 -49.78 -44.25 -32.85
N SER L 142 -50.07 -45.28 -33.65
CA SER L 142 -49.14 -46.44 -33.71
C SER L 142 -49.20 -47.13 -35.06
N THR L 143 -48.11 -47.79 -35.45
CA THR L 143 -48.09 -48.56 -36.72
C THR L 143 -48.60 -47.70 -37.87
N LYS L 144 -48.19 -46.42 -37.92
CA LYS L 144 -48.56 -45.58 -39.09
C LYS L 144 -47.52 -45.81 -40.19
N SER L 145 -47.97 -46.16 -41.39
CA SER L 145 -47.04 -46.44 -42.52
C SER L 145 -46.83 -45.19 -43.37
N PHE L 146 -45.69 -45.10 -44.06
CA PHE L 146 -45.42 -43.94 -44.96
C PHE L 146 -45.03 -44.47 -46.34
N GLN L 147 -45.78 -44.10 -47.39
CA GLN L 147 -45.54 -44.65 -48.75
C GLN L 147 -44.07 -44.51 -49.15
N ILE L 148 -43.54 -43.29 -49.17
CA ILE L 148 -42.10 -43.05 -49.51
C ILE L 148 -41.68 -43.93 -50.68
N GLY L 149 -42.50 -44.02 -51.74
CA GLY L 149 -42.12 -44.80 -52.94
C GLY L 149 -43.03 -44.49 -54.10
N ALA L 150 -42.48 -44.32 -55.31
CA ALA L 150 -43.35 -43.91 -56.45
C ALA L 150 -44.38 -45.01 -56.69
N ASP L 151 -44.02 -46.26 -56.44
CA ASP L 151 -44.95 -47.40 -56.70
C ASP L 151 -45.73 -47.71 -55.41
N ASN L 152 -46.82 -48.48 -55.54
CA ASN L 152 -47.59 -48.89 -54.34
C ASN L 152 -46.79 -49.99 -53.63
N GLY L 153 -47.06 -50.20 -52.35
CA GLY L 153 -46.35 -51.26 -51.59
C GLY L 153 -45.22 -50.67 -50.78
N GLU L 154 -44.37 -49.84 -51.40
CA GLU L 154 -43.32 -49.17 -50.61
C GLU L 154 -44.02 -48.50 -49.42
N ALA L 155 -43.53 -48.75 -48.21
CA ALA L 155 -44.14 -48.18 -46.99
C ALA L 155 -43.27 -48.54 -45.79
N VAL L 156 -43.13 -47.62 -44.83
CA VAL L 156 -42.35 -47.99 -43.61
C VAL L 156 -43.20 -47.65 -42.38
N MET L 157 -43.38 -48.63 -41.48
CA MET L 157 -44.27 -48.43 -40.31
C MET L 157 -43.57 -47.62 -39.23
N LEU L 158 -44.29 -46.72 -38.58
CA LEU L 158 -43.73 -45.96 -37.44
C LEU L 158 -44.69 -46.08 -36.26
N THR L 159 -44.23 -46.62 -35.15
CA THR L 159 -45.11 -46.84 -33.98
C THR L 159 -44.68 -45.91 -32.84
N LEU L 160 -45.55 -44.98 -32.46
CA LEU L 160 -45.24 -44.06 -31.33
C LEU L 160 -45.72 -44.73 -30.04
N LYS L 161 -44.79 -45.12 -29.17
CA LYS L 161 -45.15 -45.85 -27.92
C LYS L 161 -45.72 -44.87 -26.89
N ASP L 162 -46.71 -45.32 -26.11
CA ASP L 162 -47.35 -44.45 -25.09
C ASP L 162 -46.27 -43.92 -24.15
N MET L 163 -46.30 -42.61 -23.89
CA MET L 163 -45.30 -42.00 -22.96
C MET L 163 -46.02 -41.62 -21.66
N ARG L 164 -47.35 -41.83 -21.60
CA ARG L 164 -48.10 -41.42 -20.39
C ARG L 164 -47.43 -42.09 -19.19
N SER L 165 -47.23 -41.34 -18.09
CA SER L 165 -46.47 -41.88 -16.93
C SER L 165 -47.01 -43.22 -16.43
N ASP L 166 -48.27 -43.56 -16.74
CA ASP L 166 -48.85 -44.80 -16.19
C ASP L 166 -48.50 -45.97 -17.11
N ASN L 167 -47.81 -45.70 -18.22
CA ASN L 167 -47.50 -46.78 -19.19
C ASN L 167 -46.70 -47.88 -18.50
N ARG L 168 -46.96 -49.14 -18.82
CA ARG L 168 -46.31 -50.28 -18.12
C ARG L 168 -44.79 -50.10 -18.15
N MET L 169 -44.21 -49.88 -19.34
CA MET L 169 -42.73 -49.78 -19.48
C MET L 169 -42.21 -48.61 -18.65
N MET L 170 -43.06 -47.60 -18.39
CA MET L 170 -42.59 -46.39 -17.67
C MET L 170 -42.36 -46.75 -16.20
N GLY L 171 -42.40 -48.04 -15.88
CA GLY L 171 -42.15 -48.50 -14.50
C GLY L 171 -41.52 -49.87 -14.47
N GLY L 172 -41.92 -50.70 -13.51
CA GLY L 172 -41.37 -52.07 -13.40
C GLY L 172 -42.12 -52.87 -12.34
N THR L 173 -41.40 -53.62 -11.51
CA THR L 173 -42.05 -54.43 -10.45
C THR L 173 -41.22 -54.31 -9.16
N SER L 174 -41.89 -54.14 -8.02
CA SER L 174 -41.16 -53.94 -6.75
C SER L 174 -41.45 -55.06 -5.77
N TYR L 175 -40.41 -55.60 -5.13
CA TYR L 175 -40.59 -56.67 -4.10
C TYR L 175 -39.95 -56.16 -2.82
N VAL L 176 -40.71 -56.18 -1.71
CA VAL L 176 -40.18 -55.65 -0.41
C VAL L 176 -40.05 -56.82 0.57
N ALA L 177 -38.96 -56.85 1.34
CA ALA L 177 -38.77 -57.92 2.36
C ALA L 177 -39.84 -57.80 3.44
N ALA L 178 -40.12 -58.88 4.17
CA ALA L 178 -41.14 -58.86 5.22
C ALA L 178 -40.48 -58.70 6.59
N GLU L 179 -39.22 -59.13 6.71
CA GLU L 179 -38.52 -59.05 8.02
C GLU L 179 -37.47 -57.93 7.97
N GLY L 180 -37.75 -56.81 8.64
CA GLY L 180 -36.80 -55.68 8.63
C GLY L 180 -35.66 -55.91 9.60
N LYS L 181 -34.43 -55.93 9.09
CA LYS L 181 -33.23 -56.17 9.94
C LYS L 181 -32.86 -54.87 10.65
N ASP L 182 -32.36 -54.95 11.89
CA ASP L 182 -32.02 -53.74 12.67
C ASP L 182 -30.59 -53.30 12.35
N LYS L 183 -30.08 -52.29 13.06
CA LYS L 183 -28.68 -51.85 12.85
C LYS L 183 -27.72 -52.99 13.21
N ASP L 184 -27.89 -53.58 14.39
CA ASP L 184 -26.93 -54.61 14.85
C ASP L 184 -26.92 -55.81 13.89
N TRP L 185 -28.05 -56.10 13.24
CA TRP L 185 -28.11 -57.29 12.37
C TRP L 185 -26.97 -57.24 11.35
N LYS L 186 -26.23 -58.34 11.21
CA LYS L 186 -25.17 -58.40 10.17
C LYS L 186 -25.29 -59.75 9.46
N VAL L 187 -24.93 -59.80 8.18
CA VAL L 187 -25.09 -61.07 7.40
C VAL L 187 -24.54 -62.22 8.26
N GLN L 188 -25.39 -63.18 8.64
CA GLN L 188 -24.93 -64.27 9.52
C GLN L 188 -24.22 -65.31 8.65
N ALA L 189 -23.07 -65.81 9.12
CA ALA L 189 -22.30 -66.80 8.34
C ALA L 189 -23.18 -68.00 7.99
N GLY L 190 -23.11 -68.46 6.75
CA GLY L 190 -23.93 -69.61 6.31
C GLY L 190 -25.25 -69.15 5.70
N ALA L 191 -25.55 -67.85 5.79
CA ALA L 191 -26.78 -67.30 5.19
C ALA L 191 -26.43 -66.06 4.37
N ASN L 192 -25.26 -66.07 3.73
CA ASN L 192 -24.80 -64.89 2.96
C ASN L 192 -25.19 -65.08 1.50
N ASP L 193 -26.21 -65.90 1.24
CA ASP L 193 -26.55 -66.22 -0.18
C ASP L 193 -27.97 -65.76 -0.51
N ILE L 194 -28.12 -65.05 -1.63
CA ILE L 194 -29.47 -64.62 -2.10
C ILE L 194 -29.51 -64.86 -3.62
N THR L 195 -30.23 -65.90 -4.06
CA THR L 195 -30.22 -66.25 -5.50
C THR L 195 -31.43 -65.62 -6.19
N PHE L 196 -31.20 -64.63 -7.05
CA PHE L 196 -32.31 -64.04 -7.82
C PHE L 196 -32.47 -64.88 -9.09
N THR L 197 -33.65 -65.47 -9.29
CA THR L 197 -33.90 -66.22 -10.55
C THR L 197 -35.03 -65.51 -11.30
N LEU L 198 -34.75 -65.03 -12.52
CA LEU L 198 -35.77 -64.23 -13.26
C LEU L 198 -35.64 -64.47 -14.76
N LYS L 199 -36.57 -63.93 -15.55
CA LYS L 199 -36.50 -64.06 -17.03
C LYS L 199 -36.02 -62.73 -17.63
N ASP L 200 -35.06 -62.79 -18.56
CA ASP L 200 -34.55 -61.56 -19.21
C ASP L 200 -35.59 -61.02 -20.19
N ILE L 201 -35.47 -59.76 -20.60
CA ILE L 201 -36.48 -59.14 -21.51
C ILE L 201 -36.72 -60.06 -22.70
N ASP L 202 -35.65 -60.51 -23.36
CA ASP L 202 -35.81 -61.35 -24.58
C ASP L 202 -36.63 -62.59 -24.23
N GLY L 203 -36.57 -63.03 -22.97
CA GLY L 203 -37.28 -64.26 -22.56
C GLY L 203 -36.31 -65.36 -22.20
N ASN L 204 -35.05 -65.01 -21.95
CA ASN L 204 -34.06 -66.04 -21.50
C ASN L 204 -34.07 -66.07 -19.97
N ASP L 205 -33.72 -67.20 -19.38
CA ASP L 205 -33.66 -67.33 -17.89
C ASP L 205 -32.29 -66.86 -17.41
N GLN L 206 -32.24 -66.22 -16.25
CA GLN L 206 -30.95 -65.74 -15.68
C GLN L 206 -30.87 -66.15 -14.21
N THR L 207 -29.72 -66.65 -13.76
CA THR L 207 -29.58 -66.96 -12.31
C THR L 207 -28.57 -65.99 -11.70
N ILE L 208 -28.96 -65.29 -10.64
CA ILE L 208 -28.02 -64.36 -9.96
C ILE L 208 -27.85 -64.81 -8.51
N THR L 209 -26.95 -65.76 -8.25
CA THR L 209 -26.68 -66.21 -6.87
C THR L 209 -25.69 -65.23 -6.23
N VAL L 210 -26.11 -63.99 -5.99
CA VAL L 210 -25.23 -63.01 -5.30
C VAL L 210 -24.88 -63.58 -3.93
N ASN L 211 -23.58 -63.66 -3.61
CA ASN L 211 -23.15 -64.15 -2.27
C ASN L 211 -22.63 -62.96 -1.45
N ALA L 212 -23.43 -62.50 -0.50
CA ALA L 212 -23.05 -61.31 0.32
C ALA L 212 -21.88 -61.66 1.23
N LYS L 213 -21.35 -60.68 1.96
CA LYS L 213 -20.18 -60.91 2.83
C LYS L 213 -20.61 -60.74 4.29
N GLU L 214 -20.19 -61.68 5.16
CA GLU L 214 -20.60 -61.64 6.59
C GLU L 214 -20.11 -60.32 7.21
N GLY L 215 -20.91 -59.72 8.10
CA GLY L 215 -20.47 -58.50 8.80
C GLY L 215 -20.93 -57.24 8.09
N ASP L 216 -21.67 -57.40 6.99
CA ASP L 216 -22.22 -56.21 6.28
C ASP L 216 -23.61 -55.89 6.84
N ASP L 217 -23.95 -54.61 6.97
CA ASP L 217 -25.30 -54.21 7.46
C ASP L 217 -26.28 -54.25 6.30
N ILE L 218 -27.57 -54.10 6.58
CA ILE L 218 -28.59 -54.21 5.50
C ILE L 218 -28.25 -53.23 4.38
N GLU L 219 -27.79 -52.02 4.74
CA GLU L 219 -27.45 -51.00 3.72
C GLU L 219 -26.32 -51.51 2.83
N GLU L 220 -25.28 -52.06 3.43
CA GLU L 220 -24.13 -52.59 2.64
C GLU L 220 -24.60 -53.82 1.85
N VAL L 221 -25.51 -54.62 2.42
CA VAL L 221 -26.07 -55.76 1.65
C VAL L 221 -26.65 -55.19 0.36
N ALA L 222 -27.49 -54.17 0.48
CA ALA L 222 -28.15 -53.57 -0.70
C ALA L 222 -27.09 -53.07 -1.67
N THR L 223 -26.05 -52.42 -1.14
CA THR L 223 -24.99 -51.84 -2.01
C THR L 223 -24.29 -52.98 -2.74
N TYR L 224 -24.02 -54.08 -2.04
CA TYR L 224 -23.33 -55.23 -2.66
C TYR L 224 -24.23 -55.80 -3.74
N ILE L 225 -25.51 -55.95 -3.42
CA ILE L 225 -26.46 -56.53 -4.42
C ILE L 225 -26.39 -55.68 -5.69
N ASN L 226 -26.44 -54.36 -5.53
CA ASN L 226 -26.39 -53.45 -6.70
C ASN L 226 -25.04 -53.59 -7.40
N GLY L 227 -23.97 -53.81 -6.64
CA GLY L 227 -22.62 -53.89 -7.26
C GLY L 227 -22.42 -55.18 -8.03
N GLN L 228 -23.23 -56.22 -7.74
CA GLN L 228 -23.00 -57.53 -8.39
C GLN L 228 -23.84 -57.64 -9.65
N THR L 229 -25.09 -57.20 -9.62
CA THR L 229 -25.97 -57.38 -10.80
C THR L 229 -26.56 -56.04 -11.24
N ASP L 230 -26.97 -55.94 -12.51
CA ASP L 230 -27.66 -54.72 -12.96
C ASP L 230 -29.13 -55.05 -13.17
N MET L 231 -29.44 -56.34 -13.29
CA MET L 231 -30.84 -56.79 -13.55
C MET L 231 -31.77 -56.18 -12.50
N VAL L 232 -31.41 -56.28 -11.22
CA VAL L 232 -32.31 -55.79 -10.14
C VAL L 232 -31.67 -54.58 -9.46
N LYS L 233 -32.45 -53.81 -8.72
CA LYS L 233 -31.88 -52.66 -7.95
C LYS L 233 -32.28 -52.84 -6.48
N ALA L 234 -31.35 -52.62 -5.55
CA ALA L 234 -31.66 -52.90 -4.12
C ALA L 234 -31.73 -51.60 -3.33
N SER L 235 -32.50 -51.62 -2.24
CA SER L 235 -32.64 -50.42 -1.37
C SER L 235 -33.07 -50.85 0.04
N VAL L 236 -32.92 -49.95 1.01
CA VAL L 236 -33.35 -50.26 2.41
C VAL L 236 -34.46 -49.29 2.80
N ASN L 237 -35.53 -49.78 3.42
CA ASN L 237 -36.68 -48.89 3.74
C ASN L 237 -36.50 -48.28 5.14
N GLU L 238 -37.44 -47.44 5.57
CA GLU L 238 -37.32 -46.77 6.88
C GLU L 238 -37.31 -47.82 8.00
N LYS L 239 -38.04 -48.92 7.83
CA LYS L 239 -38.14 -49.93 8.91
C LYS L 239 -36.88 -50.81 8.91
N GLY L 240 -36.14 -50.83 7.80
CA GLY L 240 -34.97 -51.72 7.70
C GLY L 240 -35.26 -52.92 6.82
N GLN L 241 -36.33 -52.86 6.03
CA GLN L 241 -36.67 -53.97 5.10
C GLN L 241 -36.00 -53.70 3.75
N LEU L 242 -35.31 -54.71 3.20
CA LEU L 242 -34.65 -54.54 1.87
C LEU L 242 -35.73 -54.44 0.79
N GLN L 243 -35.51 -53.58 -0.20
CA GLN L 243 -36.47 -53.44 -1.32
C GLN L 243 -35.75 -53.79 -2.63
N ILE L 244 -36.35 -54.65 -3.46
CA ILE L 244 -35.74 -55.03 -4.76
C ILE L 244 -36.67 -54.57 -5.88
N PHE L 245 -36.17 -53.75 -6.80
CA PHE L 245 -37.00 -53.30 -7.95
C PHE L 245 -36.55 -54.02 -9.22
N ALA L 246 -37.52 -54.49 -10.01
CA ALA L 246 -37.19 -55.18 -11.28
C ALA L 246 -37.74 -54.35 -12.44
N GLY L 247 -36.85 -53.69 -13.20
CA GLY L 247 -37.30 -52.85 -14.32
C GLY L 247 -37.98 -53.65 -15.41
N ASN L 248 -39.23 -53.31 -15.73
CA ASN L 248 -39.99 -54.06 -16.75
C ASN L 248 -39.18 -54.13 -18.05
N ASN L 249 -38.38 -53.09 -18.31
CA ASN L 249 -37.59 -53.04 -19.58
C ASN L 249 -36.58 -54.20 -19.59
N LYS L 250 -35.85 -54.39 -18.50
CA LYS L 250 -34.78 -55.43 -18.50
C LYS L 250 -35.36 -56.79 -18.08
N VAL L 251 -36.00 -56.84 -16.91
CA VAL L 251 -36.51 -58.15 -16.41
C VAL L 251 -37.85 -58.44 -17.09
N THR L 252 -38.28 -59.70 -17.09
CA THR L 252 -39.62 -60.05 -17.63
C THR L 252 -40.25 -61.07 -16.67
N GLY L 253 -41.59 -61.13 -16.64
CA GLY L 253 -42.27 -62.03 -15.69
C GLY L 253 -42.04 -61.61 -14.26
N ASP L 254 -41.74 -62.57 -13.37
CA ASP L 254 -41.54 -62.25 -11.93
C ASP L 254 -40.21 -62.82 -11.45
N VAL L 255 -39.58 -62.17 -10.46
CA VAL L 255 -38.30 -62.67 -9.90
C VAL L 255 -38.61 -63.67 -8.78
N ALA L 256 -37.85 -64.76 -8.69
CA ALA L 256 -38.05 -65.74 -7.60
C ALA L 256 -36.88 -65.63 -6.62
N PHE L 257 -37.16 -65.44 -5.34
CA PHE L 257 -36.07 -65.22 -4.35
C PHE L 257 -35.74 -66.54 -3.66
N SER L 258 -34.46 -66.94 -3.67
CA SER L 258 -34.03 -68.19 -3.02
C SER L 258 -32.65 -67.99 -2.37
N GLY L 259 -32.40 -68.66 -1.23
CA GLY L 259 -31.09 -68.53 -0.56
C GLY L 259 -31.23 -68.26 0.92
N GLY L 260 -30.14 -68.42 1.68
CA GLY L 260 -30.20 -68.22 3.14
C GLY L 260 -30.60 -66.80 3.50
N LEU L 261 -29.93 -65.81 2.91
CA LEU L 261 -30.27 -64.40 3.17
C LEU L 261 -31.73 -64.18 2.77
N ALA L 262 -32.12 -64.72 1.61
CA ALA L 262 -33.51 -64.55 1.12
C ALA L 262 -34.47 -65.07 2.20
N GLY L 263 -34.19 -66.27 2.72
CA GLY L 263 -35.05 -66.87 3.76
C GLY L 263 -35.15 -65.94 4.96
N ALA L 264 -34.02 -65.39 5.41
CA ALA L 264 -34.02 -64.46 6.56
C ALA L 264 -34.82 -63.20 6.19
N LEU L 265 -34.57 -62.64 5.01
CA LEU L 265 -35.25 -61.38 4.60
C LEU L 265 -36.74 -61.66 4.42
N ASN L 266 -37.10 -62.89 4.05
CA ASN L 266 -38.53 -63.24 3.79
C ASN L 266 -39.07 -62.25 2.75
N MET L 267 -38.52 -62.29 1.54
CA MET L 267 -38.96 -61.35 0.47
C MET L 267 -40.45 -61.59 0.18
N GLN L 268 -41.19 -60.54 -0.16
CA GLN L 268 -42.65 -60.67 -0.39
C GLN L 268 -42.95 -60.71 -1.89
N ALA L 269 -44.19 -60.43 -2.29
CA ALA L 269 -44.59 -60.51 -3.71
C ALA L 269 -44.13 -59.26 -4.47
N GLY L 270 -44.37 -59.24 -5.78
CA GLY L 270 -43.95 -58.09 -6.62
C GLY L 270 -45.13 -57.20 -6.98
N THR L 271 -45.24 -56.04 -6.33
CA THR L 271 -46.33 -55.07 -6.66
C THR L 271 -45.93 -54.27 -7.90
N ALA L 272 -46.90 -53.84 -8.70
CA ALA L 272 -46.60 -53.03 -9.91
C ALA L 272 -46.31 -51.59 -9.48
N GLU L 273 -45.18 -51.05 -9.94
CA GLU L 273 -44.83 -49.64 -9.62
C GLU L 273 -44.57 -48.88 -10.92
N THR L 274 -45.24 -47.74 -11.11
CA THR L 274 -44.97 -46.90 -12.30
C THR L 274 -44.69 -45.47 -11.83
N VAL L 275 -44.13 -44.62 -12.67
CA VAL L 275 -43.76 -43.26 -12.21
C VAL L 275 -45.03 -42.60 -11.63
N ASP L 276 -46.17 -42.78 -12.29
CA ASP L 276 -47.42 -42.15 -11.82
C ASP L 276 -47.69 -42.59 -10.38
N THR L 277 -47.17 -43.76 -9.96
CA THR L 277 -47.49 -44.30 -8.61
C THR L 277 -46.37 -44.00 -7.61
N ILE L 278 -45.32 -43.28 -8.01
CA ILE L 278 -44.17 -43.09 -7.07
C ILE L 278 -44.61 -42.17 -5.93
N ASP L 279 -43.97 -42.29 -4.76
CA ASP L 279 -44.28 -41.44 -3.60
C ASP L 279 -43.02 -41.35 -2.73
N VAL L 280 -42.52 -40.15 -2.48
CA VAL L 280 -41.23 -39.99 -1.73
C VAL L 280 -41.51 -39.47 -0.33
N THR L 281 -42.78 -39.43 0.09
CA THR L 281 -43.10 -39.02 1.48
C THR L 281 -42.54 -40.06 2.44
N SER L 282 -42.14 -41.22 1.91
CA SER L 282 -41.58 -42.31 2.74
C SER L 282 -40.15 -42.61 2.29
N VAL L 283 -39.23 -42.79 3.25
CA VAL L 283 -37.79 -43.02 2.90
C VAL L 283 -37.73 -44.18 1.89
N GLY L 284 -38.39 -45.30 2.20
CA GLY L 284 -38.36 -46.46 1.31
C GLY L 284 -38.85 -46.09 -0.07
N GLY L 285 -39.98 -45.38 -0.12
CA GLY L 285 -40.55 -44.98 -1.43
C GLY L 285 -39.54 -44.17 -2.21
N ALA L 286 -38.84 -43.25 -1.55
CA ALA L 286 -37.87 -42.38 -2.25
C ALA L 286 -36.83 -43.25 -2.95
N GLN L 287 -36.22 -44.18 -2.23
CA GLN L 287 -35.15 -45.02 -2.83
C GLN L 287 -35.75 -45.77 -4.03
N GLN L 288 -36.92 -46.36 -3.86
CA GLN L 288 -37.57 -47.16 -4.94
C GLN L 288 -37.86 -46.26 -6.13
N SER L 289 -38.24 -45.02 -5.87
CA SER L 289 -38.61 -44.09 -6.97
C SER L 289 -37.39 -43.85 -7.86
N VAL L 290 -36.22 -43.64 -7.24
CA VAL L 290 -34.99 -43.44 -8.05
C VAL L 290 -34.95 -44.55 -9.10
N ALA L 291 -35.20 -45.78 -8.67
CA ALA L 291 -35.20 -46.92 -9.61
C ALA L 291 -36.29 -46.76 -10.67
N VAL L 292 -37.53 -46.51 -10.25
CA VAL L 292 -38.66 -46.42 -11.21
C VAL L 292 -38.30 -45.36 -12.26
N ILE L 293 -37.83 -44.19 -11.80
CA ILE L 293 -37.50 -43.07 -12.73
C ILE L 293 -36.41 -43.55 -13.67
N ASP L 294 -35.36 -44.20 -13.14
CA ASP L 294 -34.26 -44.69 -14.00
C ASP L 294 -34.83 -45.61 -15.07
N SER L 295 -35.63 -46.60 -14.66
CA SER L 295 -36.16 -47.58 -15.64
C SER L 295 -36.97 -46.83 -16.70
N ALA L 296 -37.74 -45.83 -16.26
CA ALA L 296 -38.56 -45.04 -17.21
C ALA L 296 -37.62 -44.27 -18.14
N LEU L 297 -36.58 -43.66 -17.57
CA LEU L 297 -35.62 -42.90 -18.40
C LEU L 297 -35.15 -43.82 -19.53
N LYS L 298 -34.79 -45.06 -19.20
CA LYS L 298 -34.32 -46.01 -20.23
C LYS L 298 -35.39 -46.12 -21.32
N TYR L 299 -36.63 -46.36 -20.92
CA TYR L 299 -37.71 -46.57 -21.91
C TYR L 299 -37.81 -45.37 -22.81
N VAL L 300 -37.91 -44.19 -22.22
CA VAL L 300 -38.03 -42.94 -23.05
C VAL L 300 -36.86 -42.92 -24.02
N ASP L 301 -35.63 -43.08 -23.50
CA ASP L 301 -34.41 -43.00 -24.34
C ASP L 301 -34.53 -44.04 -25.46
N SER L 302 -34.95 -45.26 -25.13
CA SER L 302 -35.12 -46.31 -26.16
C SER L 302 -36.02 -45.77 -27.27
N HIS L 303 -37.24 -45.37 -26.91
CA HIS L 303 -38.19 -44.90 -27.94
C HIS L 303 -37.52 -43.81 -28.77
N ARG L 304 -36.83 -42.89 -28.09
CA ARG L 304 -36.19 -41.76 -28.81
C ARG L 304 -35.19 -42.32 -29.84
N ALA L 305 -34.26 -43.16 -29.40
CA ALA L 305 -33.22 -43.68 -30.32
C ALA L 305 -33.90 -44.36 -31.52
N GLU L 306 -35.01 -45.05 -31.27
CA GLU L 306 -35.74 -45.73 -32.37
C GLU L 306 -36.23 -44.67 -33.36
N LEU L 307 -36.68 -43.52 -32.84
CA LEU L 307 -37.11 -42.44 -33.74
C LEU L 307 -35.87 -41.94 -34.50
N GLY L 308 -34.74 -41.85 -33.81
CA GLY L 308 -33.50 -41.43 -34.50
C GLY L 308 -33.26 -42.33 -35.69
N ALA L 309 -33.48 -43.62 -35.53
CA ALA L 309 -33.33 -44.57 -36.65
C ALA L 309 -34.31 -44.17 -37.76
N PHE L 310 -35.59 -44.08 -37.44
CA PHE L 310 -36.62 -43.74 -38.46
C PHE L 310 -36.17 -42.50 -39.22
N GLN L 311 -35.71 -41.47 -38.51
CA GLN L 311 -35.36 -40.20 -39.19
C GLN L 311 -34.17 -40.42 -40.12
N ASN L 312 -33.07 -40.97 -39.61
CA ASN L 312 -31.85 -41.11 -40.46
C ASN L 312 -32.15 -42.04 -41.63
N ARG L 313 -32.80 -43.17 -41.36
CA ARG L 313 -33.19 -44.09 -42.46
C ARG L 313 -33.95 -43.27 -43.51
N PHE L 314 -34.93 -42.48 -43.06
CA PHE L 314 -35.74 -41.67 -44.00
C PHE L 314 -34.83 -40.69 -44.73
N ASN L 315 -33.88 -40.10 -44.02
CA ASN L 315 -33.00 -39.08 -44.65
C ASN L 315 -32.30 -39.72 -45.85
N HIS L 316 -31.74 -40.92 -45.66
CA HIS L 316 -31.05 -41.63 -46.76
C HIS L 316 -32.08 -41.89 -47.87
N ALA L 317 -33.26 -42.35 -47.48
CA ALA L 317 -34.30 -42.70 -48.48
C ALA L 317 -34.56 -41.49 -49.37
N ILE L 318 -34.76 -40.32 -48.77
CA ILE L 318 -35.07 -39.10 -49.56
C ILE L 318 -33.95 -38.90 -50.59
N SER L 319 -32.69 -38.99 -50.14
CA SER L 319 -31.55 -38.75 -51.05
C SER L 319 -31.64 -39.72 -52.24
N ASN L 320 -31.92 -40.99 -51.97
CA ASN L 320 -32.05 -41.99 -53.06
C ASN L 320 -33.16 -41.52 -54.00
N LEU L 321 -34.32 -41.18 -53.44
CA LEU L 321 -35.47 -40.74 -54.28
C LEU L 321 -35.02 -39.55 -55.13
N ASP L 322 -34.29 -38.61 -54.52
CA ASP L 322 -33.85 -37.40 -55.25
C ASP L 322 -32.97 -37.82 -56.42
N ASN L 323 -31.93 -38.62 -56.14
CA ASN L 323 -30.98 -39.01 -57.20
C ASN L 323 -31.73 -39.78 -58.28
N ILE L 324 -32.56 -40.76 -57.87
CA ILE L 324 -33.25 -41.61 -58.88
C ILE L 324 -34.14 -40.69 -59.73
N ASN L 325 -34.76 -39.69 -59.10
CA ASN L 325 -35.59 -38.74 -59.87
C ASN L 325 -34.71 -38.05 -60.91
N GLU L 326 -33.56 -37.51 -60.48
CA GLU L 326 -32.71 -36.74 -61.42
C GLU L 326 -32.40 -37.63 -62.63
N ASN L 327 -32.00 -38.88 -62.38
CA ASN L 327 -31.61 -39.78 -63.50
C ASN L 327 -32.86 -40.12 -64.33
N VAL L 328 -33.99 -40.38 -63.66
CA VAL L 328 -35.23 -40.77 -64.40
C VAL L 328 -35.64 -39.60 -65.29
N ASN L 329 -35.59 -38.38 -64.76
CA ASN L 329 -35.96 -37.18 -65.56
C ASN L 329 -35.03 -37.11 -66.77
N ALA L 330 -33.74 -37.35 -66.56
CA ALA L 330 -32.77 -37.26 -67.66
C ALA L 330 -33.21 -38.18 -68.79
N SER L 331 -33.57 -39.42 -68.46
CA SER L 331 -33.93 -40.37 -69.54
C SER L 331 -35.17 -39.87 -70.26
N LYS L 332 -36.16 -39.42 -69.50
CA LYS L 332 -37.43 -38.95 -70.12
C LYS L 332 -37.06 -37.95 -71.21
N SER L 333 -36.10 -37.07 -70.91
CA SER L 333 -35.69 -36.03 -71.89
C SER L 333 -35.13 -36.73 -73.14
N ARG L 334 -34.18 -37.65 -72.97
CA ARG L 334 -33.53 -38.27 -74.15
C ARG L 334 -34.60 -38.95 -75.00
N ILE L 335 -35.82 -39.09 -74.47
CA ILE L 335 -36.89 -39.82 -75.21
C ILE L 335 -37.96 -38.84 -75.70
N LYS L 336 -38.48 -37.99 -74.81
CA LYS L 336 -39.63 -37.12 -75.22
C LYS L 336 -39.19 -35.69 -75.53
N ASP L 337 -38.12 -35.19 -74.91
CA ASP L 337 -37.75 -33.77 -75.11
C ASP L 337 -37.36 -33.52 -76.57
N THR L 338 -37.53 -32.28 -77.05
CA THR L 338 -37.20 -31.93 -78.45
C THR L 338 -35.76 -31.42 -78.52
N ASP L 339 -34.96 -31.91 -79.47
CA ASP L 339 -33.59 -31.39 -79.65
C ASP L 339 -33.68 -30.19 -80.59
N PHE L 340 -33.71 -28.99 -80.02
CA PHE L 340 -33.90 -27.77 -80.86
C PHE L 340 -32.88 -27.78 -82.02
N ALA L 341 -31.63 -28.16 -81.74
CA ALA L 341 -30.64 -28.22 -82.82
C ALA L 341 -31.24 -28.97 -84.02
N LYS L 342 -31.59 -30.24 -83.83
CA LYS L 342 -32.09 -31.04 -84.98
C LYS L 342 -33.39 -30.44 -85.51
N GLU L 343 -34.33 -30.13 -84.61
CA GLU L 343 -35.65 -29.65 -85.08
C GLU L 343 -35.48 -28.35 -85.88
N THR L 344 -34.77 -27.36 -85.33
CA THR L 344 -34.69 -26.06 -86.04
C THR L 344 -34.12 -26.32 -87.43
N THR L 345 -33.11 -27.19 -87.53
CA THR L 345 -32.51 -27.50 -88.86
C THR L 345 -33.58 -28.14 -89.75
N ALA L 346 -34.38 -29.04 -89.19
CA ALA L 346 -35.48 -29.65 -89.97
C ALA L 346 -36.40 -28.54 -90.50
N LEU L 347 -36.77 -27.60 -89.63
CA LEU L 347 -37.70 -26.53 -90.04
C LEU L 347 -37.08 -25.80 -91.24
N THR L 348 -35.81 -25.40 -91.13
CA THR L 348 -35.18 -24.61 -92.21
C THR L 348 -35.21 -25.45 -93.49
N LYS L 349 -34.88 -26.74 -93.37
CA LYS L 349 -34.86 -27.62 -94.55
C LYS L 349 -36.26 -27.66 -95.16
N SER L 350 -37.28 -27.86 -94.33
CA SER L 350 -38.66 -27.99 -94.85
C SER L 350 -39.07 -26.70 -95.55
N GLN L 351 -38.86 -25.56 -94.90
CA GLN L 351 -39.30 -24.27 -95.49
C GLN L 351 -38.62 -24.10 -96.85
N ILE L 352 -37.30 -24.30 -96.89
CA ILE L 352 -36.56 -24.14 -98.17
C ILE L 352 -37.15 -25.11 -99.20
N LEU L 353 -37.27 -26.38 -98.83
CA LEU L 353 -37.76 -27.39 -99.78
C LEU L 353 -39.16 -26.99 -100.25
N SER L 354 -39.98 -26.49 -99.31
CA SER L 354 -41.35 -26.06 -99.66
C SER L 354 -41.28 -24.99 -100.73
N GLN L 355 -40.52 -23.93 -100.48
CA GLN L 355 -40.46 -22.80 -101.45
C GLN L 355 -39.97 -23.32 -102.81
N ALA L 356 -39.07 -24.29 -102.78
CA ALA L 356 -38.59 -24.88 -104.05
C ALA L 356 -39.78 -25.51 -104.78
N SER L 357 -40.45 -26.47 -104.12
CA SER L 357 -41.59 -27.17 -104.75
C SER L 357 -42.59 -26.12 -105.25
N SER L 358 -42.83 -25.08 -104.45
CA SER L 358 -43.75 -24.00 -104.87
C SER L 358 -43.22 -23.36 -106.15
N SER L 359 -41.93 -23.03 -106.18
CA SER L 359 -41.35 -22.38 -107.38
C SER L 359 -41.55 -23.30 -108.59
N VAL L 360 -41.24 -24.58 -108.43
CA VAL L 360 -41.38 -25.55 -109.55
C VAL L 360 -42.86 -25.59 -109.96
N LEU L 361 -43.76 -25.62 -108.98
CA LEU L 361 -45.21 -25.73 -109.30
C LEU L 361 -45.60 -24.57 -110.20
N ALA L 362 -45.16 -23.36 -109.86
CA ALA L 362 -45.51 -22.17 -110.66
C ALA L 362 -45.04 -22.38 -112.10
N GLN L 363 -43.77 -22.77 -112.26
CA GLN L 363 -43.25 -23.06 -113.62
C GLN L 363 -44.12 -24.15 -114.25
N ALA L 364 -44.47 -25.18 -113.48
CA ALA L 364 -45.25 -26.32 -114.03
C ALA L 364 -46.62 -25.83 -114.49
N LYS L 365 -47.24 -24.92 -113.74
CA LYS L 365 -48.60 -24.43 -114.09
C LYS L 365 -48.53 -23.80 -115.49
N GLN L 366 -47.46 -23.07 -115.79
CA GLN L 366 -47.36 -22.36 -117.09
C GLN L 366 -47.04 -23.33 -118.22
N ALA L 367 -47.05 -24.64 -117.95
CA ALA L 367 -46.68 -25.64 -118.99
C ALA L 367 -47.64 -25.58 -120.18
N PRO L 368 -48.97 -25.73 -120.00
CA PRO L 368 -49.90 -25.79 -121.14
C PRO L 368 -49.83 -24.58 -122.09
N ASN L 369 -49.29 -23.45 -121.61
CA ASN L 369 -49.25 -22.23 -122.45
C ASN L 369 -48.61 -22.56 -123.80
N ALA L 370 -47.72 -23.55 -123.82
CA ALA L 370 -47.07 -23.96 -125.07
C ALA L 370 -48.13 -24.29 -126.12
N ALA L 371 -49.19 -24.99 -125.70
CA ALA L 371 -50.23 -25.42 -126.66
C ALA L 371 -50.83 -24.18 -127.33
N LEU L 372 -51.10 -23.14 -126.55
CA LEU L 372 -51.75 -21.93 -127.12
C LEU L 372 -50.89 -21.43 -128.28
N SER L 373 -49.58 -21.35 -128.06
CA SER L 373 -48.66 -20.85 -129.13
C SER L 373 -48.79 -21.77 -130.34
N LEU L 374 -48.80 -23.09 -130.10
CA LEU L 374 -48.93 -24.05 -131.23
C LEU L 374 -50.21 -23.73 -131.99
N LEU L 375 -51.31 -23.51 -131.26
CA LEU L 375 -52.62 -23.21 -131.91
C LEU L 375 -52.46 -21.94 -132.76
N GLY L 376 -51.81 -20.92 -132.20
CA GLY L 376 -51.62 -19.65 -132.92
C GLY L 376 -51.62 -18.47 -131.96
N ALA M 1 -19.37 -23.19 -1.13
CA ALA M 1 -17.95 -23.11 -0.74
C ALA M 1 -17.62 -21.69 -0.29
N VAL M 2 -17.23 -20.83 -1.24
CA VAL M 2 -16.92 -19.41 -0.89
C VAL M 2 -18.25 -18.66 -0.81
N ASN M 3 -18.77 -18.49 0.40
CA ASN M 3 -20.09 -17.81 0.57
C ASN M 3 -19.89 -16.50 1.31
N VAL M 4 -20.57 -15.44 0.87
CA VAL M 4 -20.45 -14.12 1.54
C VAL M 4 -21.56 -13.98 2.58
N ASN M 5 -22.70 -14.64 2.37
CA ASN M 5 -23.85 -14.46 3.30
C ASN M 5 -23.62 -15.24 4.59
N THR M 6 -22.41 -15.77 4.80
CA THR M 6 -22.11 -16.46 6.09
C THR M 6 -20.61 -16.42 6.37
N ASN M 7 -20.22 -16.67 7.62
CA ASN M 7 -18.78 -16.73 7.98
C ASN M 7 -18.67 -17.54 9.28
N VAL M 8 -18.90 -18.85 9.19
CA VAL M 8 -18.87 -19.71 10.39
C VAL M 8 -17.52 -19.51 11.10
N ALA M 9 -16.45 -19.35 10.31
CA ALA M 9 -15.11 -19.15 10.89
C ALA M 9 -15.17 -17.99 11.89
N ALA M 10 -15.78 -16.87 11.49
CA ALA M 10 -15.86 -15.70 12.38
C ALA M 10 -16.61 -16.09 13.66
N MET M 11 -17.78 -16.71 13.49
CA MET M 11 -18.55 -17.15 14.67
C MET M 11 -17.63 -17.98 15.56
N THR M 12 -16.91 -18.93 14.96
CA THR M 12 -16.01 -19.81 15.75
C THR M 12 -15.08 -18.91 16.57
N ALA M 13 -14.45 -17.94 15.91
CA ALA M 13 -13.56 -17.01 16.63
C ALA M 13 -14.31 -16.38 17.81
N GLN M 14 -15.34 -15.60 17.52
CA GLN M 14 -16.11 -14.92 18.59
C GLN M 14 -16.35 -15.92 19.72
N ARG M 15 -16.84 -17.12 19.39
CA ARG M 15 -17.15 -18.11 20.45
C ARG M 15 -15.95 -18.21 21.39
N TYR M 16 -14.74 -18.22 20.84
CA TYR M 16 -13.53 -18.39 21.69
C TYR M 16 -13.14 -17.04 22.27
N LEU M 17 -13.29 -15.97 21.48
CA LEU M 17 -12.96 -14.61 21.97
C LEU M 17 -13.79 -14.34 23.22
N THR M 18 -15.10 -14.58 23.14
CA THR M 18 -16.00 -14.31 24.28
C THR M 18 -15.56 -15.18 25.46
N GLY M 19 -15.30 -16.46 25.20
CA GLY M 19 -14.84 -17.35 26.27
C GLY M 19 -13.60 -16.78 26.93
N ALA M 20 -12.63 -16.36 26.12
CA ALA M 20 -11.37 -15.80 26.67
C ALA M 20 -11.67 -14.53 27.46
N THR M 21 -12.42 -13.59 26.86
CA THR M 21 -12.67 -12.29 27.54
C THR M 21 -13.38 -12.57 28.86
N ASN M 22 -14.34 -13.48 28.86
CA ASN M 22 -15.12 -13.75 30.09
C ASN M 22 -14.16 -14.26 31.16
N ALA M 23 -13.30 -15.22 30.80
CA ALA M 23 -12.38 -15.81 31.79
C ALA M 23 -11.44 -14.72 32.30
N GLN M 24 -11.02 -13.82 31.41
CA GLN M 24 -10.14 -12.71 31.83
C GLN M 24 -10.84 -11.96 32.96
N GLN M 25 -12.08 -11.55 32.74
CA GLN M 25 -12.82 -10.76 33.76
C GLN M 25 -12.86 -11.55 35.07
N THR M 26 -13.17 -12.84 34.99
CA THR M 26 -13.29 -13.66 36.21
C THR M 26 -11.98 -13.59 37.00
N SER M 27 -10.86 -13.82 36.32
CA SER M 27 -9.55 -13.82 37.01
C SER M 27 -9.25 -12.42 37.53
N MET M 28 -9.56 -11.39 36.74
CA MET M 28 -9.25 -10.00 37.16
C MET M 28 -9.97 -9.71 38.48
N GLU M 29 -11.21 -10.17 38.62
CA GLU M 29 -11.93 -9.96 39.90
C GLU M 29 -11.14 -10.63 41.02
N ARG M 30 -10.77 -11.89 40.84
CA ARG M 30 -10.09 -12.62 41.94
C ARG M 30 -8.80 -11.87 42.32
N LEU M 31 -8.07 -11.37 41.33
CA LEU M 31 -6.80 -10.64 41.60
C LEU M 31 -7.11 -9.40 42.44
N SER M 32 -8.09 -8.60 42.02
CA SER M 32 -8.46 -7.36 42.74
C SER M 32 -9.09 -7.70 44.10
N SER M 33 -10.00 -8.67 44.12
CA SER M 33 -10.72 -9.00 45.37
C SER M 33 -9.76 -9.63 46.39
N GLY M 34 -8.86 -10.48 45.92
CA GLY M 34 -7.99 -11.22 46.85
C GLY M 34 -8.71 -12.47 47.32
N PHE M 35 -9.89 -12.73 46.75
CA PHE M 35 -10.70 -13.90 47.17
C PHE M 35 -11.11 -14.72 45.95
N LYS M 36 -10.82 -16.02 45.98
CA LYS M 36 -11.21 -16.91 44.86
C LYS M 36 -12.74 -17.01 44.82
N ILE M 37 -13.35 -17.28 45.98
CA ILE M 37 -14.84 -17.38 46.06
C ILE M 37 -15.42 -15.98 46.20
N ASN M 38 -15.92 -15.40 45.11
CA ASN M 38 -16.58 -14.08 45.19
C ASN M 38 -18.09 -14.31 45.11
N SER M 39 -18.56 -14.99 44.05
CA SER M 39 -20.00 -15.34 43.96
C SER M 39 -20.16 -16.80 44.34
N ALA M 40 -21.40 -17.29 44.43
CA ALA M 40 -21.59 -18.74 44.72
C ALA M 40 -21.43 -19.53 43.43
N LYS M 41 -21.24 -18.84 42.30
CA LYS M 41 -21.02 -19.54 41.01
C LYS M 41 -19.58 -20.07 40.98
N ASP M 42 -18.82 -19.82 42.05
CA ASP M 42 -17.40 -20.28 42.12
C ASP M 42 -17.37 -21.62 42.84
N ASP M 43 -17.47 -21.61 44.17
CA ASP M 43 -17.51 -22.87 44.96
C ASP M 43 -18.65 -22.77 45.95
N ALA M 44 -19.87 -23.09 45.52
CA ALA M 44 -21.04 -22.95 46.42
C ALA M 44 -20.72 -23.59 47.78
N ALA M 45 -20.24 -24.83 47.76
CA ALA M 45 -19.88 -25.50 49.03
C ALA M 45 -18.78 -24.69 49.73
N GLY M 46 -17.81 -24.21 48.95
CA GLY M 46 -16.75 -23.39 49.54
C GLY M 46 -17.35 -22.18 50.24
N LEU M 47 -18.22 -21.45 49.55
CA LEU M 47 -18.87 -20.25 50.15
C LEU M 47 -19.48 -20.71 51.48
N GLN M 48 -20.26 -21.78 51.46
CA GLN M 48 -20.94 -22.23 52.69
C GLN M 48 -19.90 -22.41 53.80
N ILE M 49 -18.92 -23.29 53.60
CA ILE M 49 -17.96 -23.56 54.71
C ILE M 49 -17.20 -22.27 55.03
N SER M 50 -16.89 -21.47 54.01
CA SER M 50 -16.10 -20.24 54.25
C SER M 50 -16.88 -19.32 55.19
N ASN M 51 -18.18 -19.15 54.91
CA ASN M 51 -19.02 -18.29 55.77
C ASN M 51 -18.97 -18.85 57.19
N ARG M 52 -19.21 -20.17 57.33
CA ARG M 52 -19.22 -20.79 58.68
C ARG M 52 -17.87 -20.49 59.36
N LEU M 53 -16.78 -20.68 58.63
CA LEU M 53 -15.43 -20.43 59.20
C LEU M 53 -15.36 -18.96 59.63
N ASN M 54 -15.69 -18.04 58.73
CA ASN M 54 -15.57 -16.59 59.04
C ASN M 54 -16.39 -16.30 60.30
N VAL M 55 -17.62 -16.83 60.34
CA VAL M 55 -18.50 -16.60 61.51
C VAL M 55 -17.76 -17.08 62.76
N GLN M 56 -17.27 -18.32 62.71
CA GLN M 56 -16.55 -18.87 63.89
C GLN M 56 -15.41 -17.92 64.23
N SER M 57 -14.64 -17.49 63.23
CA SER M 57 -13.47 -16.62 63.52
C SER M 57 -13.95 -15.35 64.22
N ARG M 58 -14.94 -14.66 63.63
CA ARG M 58 -15.44 -13.40 64.24
C ARG M 58 -15.88 -13.72 65.66
N GLY M 59 -16.61 -14.82 65.83
CA GLY M 59 -17.09 -15.20 67.18
C GLY M 59 -15.92 -15.41 68.12
N LEU M 60 -14.91 -16.13 67.67
CA LEU M 60 -13.71 -16.38 68.52
C LEU M 60 -13.16 -15.02 68.95
N ASP M 61 -13.06 -14.08 68.01
CA ASP M 61 -12.48 -12.75 68.34
C ASP M 61 -13.27 -12.14 69.48
N VAL M 62 -14.59 -12.06 69.33
CA VAL M 62 -15.45 -11.42 70.38
C VAL M 62 -15.26 -12.20 71.67
N ALA M 63 -15.29 -13.53 71.59
CA ALA M 63 -15.21 -14.35 72.82
C ALA M 63 -13.95 -13.99 73.60
N VAL M 64 -12.81 -13.95 72.90
CA VAL M 64 -11.52 -13.59 73.57
C VAL M 64 -11.75 -12.28 74.33
N ARG M 65 -12.26 -11.27 73.64
CA ARG M 65 -12.50 -9.95 74.27
C ARG M 65 -13.33 -10.17 75.54
N ASN M 66 -14.42 -10.93 75.41
CA ASN M 66 -15.31 -11.17 76.57
C ASN M 66 -14.47 -11.73 77.72
N ALA M 67 -13.63 -12.72 77.43
CA ALA M 67 -12.83 -13.37 78.49
C ALA M 67 -11.88 -12.34 79.11
N ASN M 68 -11.23 -11.54 78.27
CA ASN M 68 -10.30 -10.50 78.79
C ASN M 68 -11.11 -9.61 79.74
N ASP M 69 -12.33 -9.26 79.35
CA ASP M 69 -13.21 -8.48 80.27
C ASP M 69 -13.37 -9.30 81.55
N GLY M 70 -13.61 -10.60 81.39
CA GLY M 70 -13.77 -11.47 82.57
C GLY M 70 -12.54 -11.40 83.46
N ILE M 71 -11.36 -11.59 82.89
CA ILE M 71 -10.15 -11.60 83.76
C ILE M 71 -10.03 -10.22 84.41
N SER M 72 -10.31 -9.17 83.64
CA SER M 72 -10.22 -7.79 84.17
C SER M 72 -11.15 -7.67 85.38
N ILE M 73 -12.42 -8.07 85.21
CA ILE M 73 -13.40 -7.96 86.32
C ILE M 73 -12.84 -8.72 87.52
N ALA M 74 -12.49 -10.00 87.33
CA ALA M 74 -12.05 -10.81 88.48
C ALA M 74 -10.82 -10.17 89.12
N GLN M 75 -9.83 -9.79 88.31
CA GLN M 75 -8.58 -9.25 88.90
C GLN M 75 -8.91 -7.98 89.67
N THR M 76 -9.82 -7.16 89.14
CA THR M 76 -10.23 -5.92 89.84
C THR M 76 -10.72 -6.31 91.23
N ALA M 77 -11.63 -7.28 91.30
CA ALA M 77 -12.17 -7.72 92.60
C ALA M 77 -11.06 -8.33 93.45
N GLU M 78 -10.20 -9.15 92.83
CA GLU M 78 -9.11 -9.83 93.59
C GLU M 78 -8.21 -8.77 94.22
N GLY M 79 -7.84 -7.75 93.45
CA GLY M 79 -6.96 -6.68 93.96
C GLY M 79 -7.62 -5.93 95.10
N ALA M 80 -8.92 -5.65 94.97
CA ALA M 80 -9.64 -4.98 96.07
C ALA M 80 -9.58 -5.89 97.31
N MET M 81 -9.92 -7.16 97.13
CA MET M 81 -9.92 -8.11 98.27
C MET M 81 -8.53 -8.17 98.88
N ASN M 82 -7.50 -7.86 98.10
CA ASN M 82 -6.11 -7.93 98.61
C ASN M 82 -6.00 -6.98 99.79
N GLU M 83 -6.41 -5.72 99.59
CA GLU M 83 -6.35 -4.73 100.69
C GLU M 83 -7.29 -5.19 101.81
N THR M 84 -8.46 -5.73 101.43
CA THR M 84 -9.45 -6.13 102.47
C THR M 84 -8.76 -7.12 103.41
N THR M 85 -8.08 -8.11 102.84
CA THR M 85 -7.40 -9.14 103.67
C THR M 85 -6.44 -8.42 104.62
N ASN M 86 -5.67 -7.46 104.10
CA ASN M 86 -4.70 -6.72 104.95
C ASN M 86 -5.45 -6.03 106.07
N ILE M 87 -6.57 -5.37 105.75
CA ILE M 87 -7.33 -4.61 106.78
C ILE M 87 -7.76 -5.57 107.89
N LEU M 88 -8.23 -6.76 107.51
CA LEU M 88 -8.62 -7.78 108.53
C LEU M 88 -7.42 -8.06 109.42
N GLN M 89 -6.27 -8.36 108.82
CA GLN M 89 -5.06 -8.72 109.62
C GLN M 89 -4.67 -7.55 110.51
N ARG M 90 -4.75 -6.32 109.98
CA ARG M 90 -4.47 -5.13 110.81
C ARG M 90 -5.34 -5.19 112.07
N MET M 91 -6.63 -5.46 111.88
CA MET M 91 -7.57 -5.52 113.03
C MET M 91 -7.09 -6.62 113.98
N ARG M 92 -6.63 -7.74 113.43
CA ARG M 92 -6.20 -8.88 114.27
C ARG M 92 -5.10 -8.40 115.22
N ASP M 93 -4.12 -7.65 114.68
CA ASP M 93 -3.01 -7.14 115.52
C ASP M 93 -3.61 -6.30 116.65
N LEU M 94 -4.51 -5.38 116.30
CA LEU M 94 -5.11 -4.48 117.32
C LEU M 94 -5.84 -5.33 118.36
N SER M 95 -6.61 -6.31 117.90
CA SER M 95 -7.38 -7.17 118.84
C SER M 95 -6.42 -7.82 119.83
N LEU M 96 -5.34 -8.40 119.33
CA LEU M 96 -4.35 -9.08 120.21
C LEU M 96 -3.80 -8.06 121.22
N GLN M 97 -3.43 -6.87 120.73
CA GLN M 97 -2.85 -5.84 121.62
C GLN M 97 -3.83 -5.56 122.75
N SER M 98 -5.11 -5.38 122.42
CA SER M 98 -6.13 -5.18 123.48
C SER M 98 -6.15 -6.38 124.42
N ALA M 99 -6.25 -7.58 123.87
CA ALA M 99 -6.38 -8.79 124.72
C ALA M 99 -5.26 -8.80 125.78
N ASN M 100 -4.13 -8.17 125.48
CA ASN M 100 -2.99 -8.19 126.43
C ASN M 100 -3.47 -7.63 127.77
N GLY M 101 -3.25 -8.38 128.86
CA GLY M 101 -3.73 -7.98 130.18
C GLY M 101 -3.32 -6.55 130.53
N SER M 102 -2.10 -6.16 130.13
CA SER M 102 -1.59 -4.82 130.50
C SER M 102 -2.58 -3.74 130.04
N ASN M 103 -3.13 -3.91 128.83
CA ASN M 103 -4.07 -2.90 128.29
C ASN M 103 -5.33 -2.87 129.16
N SER M 104 -5.59 -1.73 129.82
CA SER M 104 -6.79 -1.58 130.67
C SER M 104 -7.96 -1.11 129.80
N LYS M 105 -9.09 -0.79 130.42
CA LYS M 105 -10.29 -0.37 129.65
C LYS M 105 -9.91 0.80 128.74
N SER M 106 -9.21 1.80 129.28
CA SER M 106 -8.87 3.00 128.48
C SER M 106 -8.26 2.57 127.14
N GLU M 107 -7.25 1.71 127.19
CA GLU M 107 -6.61 1.21 125.94
C GLU M 107 -7.66 0.44 125.13
N ARG M 108 -8.26 -0.57 125.72
CA ARG M 108 -9.31 -1.37 125.02
C ARG M 108 -10.30 -0.40 124.36
N VAL M 109 -10.70 0.65 125.07
CA VAL M 109 -11.67 1.65 124.53
C VAL M 109 -11.06 2.27 123.27
N ALA M 110 -9.82 2.74 123.38
CA ALA M 110 -9.13 3.36 122.21
C ALA M 110 -9.02 2.31 121.09
N ILE M 111 -8.48 1.14 121.40
CA ILE M 111 -8.30 0.10 120.35
C ILE M 111 -9.68 -0.23 119.77
N GLN M 112 -10.71 -0.21 120.62
CA GLN M 112 -12.09 -0.50 120.16
C GLN M 112 -12.45 0.47 119.03
N GLU M 113 -12.33 1.78 119.27
CA GLU M 113 -12.76 2.75 118.24
C GLU M 113 -11.90 2.56 116.99
N GLU M 114 -10.64 2.16 117.18
CA GLU M 114 -9.73 1.98 116.02
C GLU M 114 -10.31 0.92 115.10
N ILE M 115 -10.57 -0.27 115.63
CA ILE M 115 -11.09 -1.39 114.78
C ILE M 115 -12.47 -0.99 114.26
N THR M 116 -13.26 -0.27 115.07
CA THR M 116 -14.58 0.19 114.59
C THR M 116 -14.36 0.99 113.30
N ALA M 117 -13.40 1.91 113.33
CA ALA M 117 -13.11 2.73 112.13
C ALA M 117 -12.67 1.82 110.99
N LEU M 118 -11.72 0.92 111.25
CA LEU M 118 -11.26 -0.01 110.20
C LEU M 118 -12.48 -0.75 109.65
N ASN M 119 -13.34 -1.23 110.55
CA ASN M 119 -14.55 -1.97 110.12
C ASN M 119 -15.28 -1.13 109.08
N ASP M 120 -15.38 0.18 109.31
CA ASP M 120 -16.08 1.09 108.37
C ASP M 120 -15.41 1.00 107.00
N GLU M 121 -14.07 1.01 106.98
CA GLU M 121 -13.33 0.95 105.69
C GLU M 121 -13.65 -0.38 105.00
N LEU M 122 -13.64 -1.47 105.76
CA LEU M 122 -14.02 -2.78 105.17
C LEU M 122 -15.39 -2.62 104.52
N ASN M 123 -16.36 -2.11 105.28
CA ASN M 123 -17.73 -1.92 104.74
C ASN M 123 -17.66 -0.98 103.53
N ARG M 124 -16.79 0.03 103.59
CA ARG M 124 -16.75 1.03 102.49
C ARG M 124 -16.32 0.32 101.21
N ILE M 125 -15.20 -0.40 101.26
CA ILE M 125 -14.68 -1.03 100.00
C ILE M 125 -15.79 -1.92 99.43
N ALA M 126 -16.53 -2.60 100.31
CA ALA M 126 -17.59 -3.51 99.85
C ALA M 126 -18.65 -2.73 99.07
N GLU M 127 -18.93 -1.49 99.48
CA GLU M 127 -20.02 -0.72 98.83
C GLU M 127 -19.43 0.31 97.87
N THR M 128 -18.11 0.34 97.71
CA THR M 128 -17.50 1.27 96.73
C THR M 128 -16.97 0.47 95.53
N THR M 129 -16.43 -0.73 95.78
CA THR M 129 -15.88 -1.56 94.68
C THR M 129 -16.90 -1.65 93.56
N SER M 130 -16.62 -1.00 92.43
CA SER M 130 -17.56 -1.01 91.28
C SER M 130 -16.78 -1.00 89.96
N PHE M 131 -16.81 -2.12 89.23
CA PHE M 131 -16.14 -2.17 87.92
C PHE M 131 -16.91 -1.30 86.94
N GLY M 132 -16.45 -0.06 86.73
CA GLY M 132 -17.15 0.86 85.82
C GLY M 132 -18.64 0.89 86.10
N GLY M 133 -19.02 1.19 87.34
CA GLY M 133 -20.44 1.27 87.71
C GLY M 133 -20.98 -0.07 88.20
N ASN M 134 -20.90 -1.12 87.38
CA ASN M 134 -21.33 -2.46 87.84
C ASN M 134 -20.81 -2.65 89.26
N LYS M 135 -21.73 -2.73 90.24
CA LYS M 135 -21.30 -2.84 91.66
C LYS M 135 -20.64 -4.20 91.89
N LEU M 136 -19.57 -4.23 92.69
CA LEU M 136 -18.83 -5.49 92.93
C LEU M 136 -18.62 -5.68 94.43
N LEU M 137 -18.51 -6.92 94.89
CA LEU M 137 -18.21 -7.20 96.32
C LEU M 137 -19.23 -6.52 97.24
N ASN M 138 -20.44 -6.25 96.73
CA ASN M 138 -21.51 -5.67 97.59
C ASN M 138 -22.69 -6.64 97.59
N GLY M 139 -22.45 -7.88 97.16
CA GLY M 139 -23.52 -8.88 97.08
C GLY M 139 -24.30 -8.75 95.79
N THR M 140 -24.36 -7.55 95.22
CA THR M 140 -25.16 -7.33 93.99
C THR M 140 -24.65 -8.28 92.91
N PHE M 141 -23.39 -8.11 92.49
CA PHE M 141 -22.79 -8.99 91.46
C PHE M 141 -22.80 -10.44 91.97
N SER M 142 -23.51 -11.33 91.28
CA SER M 142 -23.49 -12.77 91.64
C SER M 142 -23.92 -13.61 90.44
N THR M 143 -23.37 -14.82 90.33
CA THR M 143 -23.77 -15.75 89.25
C THR M 143 -23.89 -14.98 87.93
N LYS M 144 -22.80 -14.39 87.45
CA LYS M 144 -22.83 -13.72 86.12
C LYS M 144 -21.99 -14.55 85.15
N SER M 145 -22.59 -14.99 84.05
CA SER M 145 -21.87 -15.89 83.11
C SER M 145 -21.06 -15.09 82.09
N PHE M 146 -19.95 -15.67 81.60
CA PHE M 146 -19.14 -14.98 80.56
C PHE M 146 -19.00 -15.91 79.35
N GLN M 147 -19.67 -15.54 78.24
CA GLN M 147 -19.59 -16.35 77.00
C GLN M 147 -18.17 -16.28 76.45
N ILE M 148 -17.41 -17.36 76.57
CA ILE M 148 -15.99 -17.36 76.11
C ILE M 148 -15.84 -18.29 74.92
N GLY M 149 -16.93 -18.49 74.17
CA GLY M 149 -16.87 -19.35 72.97
C GLY M 149 -17.68 -18.77 71.83
N ALA M 150 -17.34 -19.12 70.59
CA ALA M 150 -18.03 -18.57 69.41
C ALA M 150 -19.51 -18.96 69.44
N ASP M 151 -19.82 -20.22 69.76
CA ASP M 151 -21.23 -20.67 69.70
C ASP M 151 -21.90 -20.44 71.06
N ASN M 152 -23.23 -20.34 71.08
CA ASN M 152 -23.97 -20.07 72.34
C ASN M 152 -23.84 -21.28 73.27
N GLY M 153 -23.94 -21.05 74.59
CA GLY M 153 -23.84 -22.14 75.56
C GLY M 153 -22.42 -22.29 76.07
N GLU M 154 -21.46 -21.74 75.34
CA GLU M 154 -20.03 -21.81 75.75
C GLU M 154 -19.75 -20.64 76.70
N ALA M 155 -20.46 -20.58 77.83
CA ALA M 155 -20.28 -19.47 78.79
C ALA M 155 -19.87 -20.03 80.16
N VAL M 156 -19.17 -19.23 80.95
CA VAL M 156 -18.68 -19.71 82.28
C VAL M 156 -19.28 -18.82 83.38
N MET M 157 -19.95 -19.43 84.37
CA MET M 157 -20.58 -18.66 85.47
C MET M 157 -19.50 -18.11 86.40
N LEU M 158 -19.68 -16.89 86.90
CA LEU M 158 -18.72 -16.30 87.86
C LEU M 158 -19.50 -15.75 89.06
N THR M 159 -18.97 -15.89 90.28
CA THR M 159 -19.74 -15.45 91.46
C THR M 159 -18.87 -14.57 92.36
N LEU M 160 -19.43 -13.48 92.88
CA LEU M 160 -18.67 -12.59 93.81
C LEU M 160 -19.38 -12.61 95.17
N LYS M 161 -18.80 -13.32 96.14
CA LYS M 161 -19.43 -13.43 97.48
C LYS M 161 -19.40 -12.08 98.19
N ASP M 162 -20.47 -11.73 98.90
CA ASP M 162 -20.56 -10.42 99.60
C ASP M 162 -19.35 -10.26 100.52
N MET M 163 -18.82 -9.04 100.61
CA MET M 163 -17.65 -8.77 101.48
C MET M 163 -18.07 -7.88 102.65
N ARG M 164 -19.34 -7.45 102.69
CA ARG M 164 -19.85 -6.59 103.78
C ARG M 164 -19.42 -7.20 105.13
N SER M 165 -18.77 -6.40 105.98
CA SER M 165 -18.26 -6.92 107.27
C SER M 165 -19.34 -7.80 107.93
N ASP M 166 -20.59 -7.37 107.85
CA ASP M 166 -21.71 -8.21 108.38
C ASP M 166 -21.99 -9.34 107.40
N ASN M 167 -21.05 -10.27 107.23
CA ASN M 167 -21.28 -11.44 106.35
C ASN M 167 -21.47 -12.69 107.21
N ARG M 168 -22.38 -13.58 106.79
CA ARG M 168 -22.56 -14.84 107.55
C ARG M 168 -21.19 -15.47 107.76
N MET M 169 -20.45 -15.68 106.67
CA MET M 169 -19.12 -16.35 106.77
C MET M 169 -18.20 -15.55 107.70
N MET M 170 -18.28 -14.22 107.63
CA MET M 170 -17.40 -13.36 108.47
C MET M 170 -17.65 -13.71 109.94
N GLY M 171 -18.91 -13.87 110.33
CA GLY M 171 -19.25 -14.19 111.73
C GLY M 171 -19.21 -15.69 111.98
N GLY M 172 -19.85 -16.13 113.07
CA GLY M 172 -19.87 -17.57 113.41
C GLY M 172 -20.81 -17.84 114.58
N THR M 173 -20.39 -18.69 115.51
CA THR M 173 -21.21 -18.96 116.73
C THR M 173 -20.31 -18.95 117.96
N SER M 174 -20.34 -17.86 118.73
CA SER M 174 -19.56 -17.80 119.99
C SER M 174 -20.20 -18.70 121.04
N TYR M 175 -19.44 -19.17 122.03
CA TYR M 175 -19.99 -20.05 123.10
C TYR M 175 -19.23 -19.82 124.39
N VAL M 176 -19.45 -18.66 125.02
CA VAL M 176 -18.78 -18.33 126.31
C VAL M 176 -19.39 -19.22 127.40
N ALA M 177 -18.73 -19.32 128.57
CA ALA M 177 -19.31 -20.09 129.69
C ALA M 177 -19.91 -19.09 130.69
N ALA M 178 -20.52 -19.59 131.77
CA ALA M 178 -21.04 -18.69 132.81
C ALA M 178 -20.35 -19.04 134.14
N GLU M 179 -20.09 -20.32 134.37
CA GLU M 179 -19.34 -20.73 135.59
C GLU M 179 -17.93 -20.13 135.50
N GLY M 180 -17.49 -19.44 136.55
CA GLY M 180 -16.15 -18.80 136.54
C GLY M 180 -15.15 -19.62 137.34
N LYS M 181 -13.92 -19.74 136.82
CA LYS M 181 -12.85 -20.47 137.55
C LYS M 181 -11.85 -19.45 138.12
N ASP M 182 -11.28 -19.73 139.29
CA ASP M 182 -10.37 -18.76 139.94
C ASP M 182 -8.91 -19.08 139.62
N LYS M 183 -7.99 -18.20 140.01
CA LYS M 183 -6.54 -18.43 139.76
C LYS M 183 -6.13 -19.76 140.40
N ASP M 184 -6.70 -20.07 141.57
CA ASP M 184 -6.30 -21.30 142.30
C ASP M 184 -7.13 -22.48 141.80
N TRP M 185 -8.04 -22.26 140.85
CA TRP M 185 -8.93 -23.36 140.40
C TRP M 185 -8.09 -24.48 139.80
N LYS M 186 -8.40 -25.73 140.13
CA LYS M 186 -7.70 -26.89 139.53
C LYS M 186 -8.77 -27.82 138.95
N VAL M 187 -8.47 -28.45 137.80
CA VAL M 187 -9.52 -29.28 137.13
C VAL M 187 -9.87 -30.47 138.03
N GLN M 188 -11.16 -30.81 138.11
CA GLN M 188 -11.59 -31.98 138.91
C GLN M 188 -11.54 -33.23 138.02
N ALA M 189 -10.93 -34.31 138.53
CA ALA M 189 -10.87 -35.58 137.76
C ALA M 189 -12.28 -36.09 137.49
N GLY M 190 -12.49 -36.70 136.32
CA GLY M 190 -13.81 -37.27 135.98
C GLY M 190 -14.68 -36.29 135.22
N ALA M 191 -14.39 -34.99 135.36
CA ALA M 191 -15.15 -33.97 134.61
C ALA M 191 -14.24 -33.37 133.53
N ASN M 192 -12.93 -33.54 133.68
CA ASN M 192 -11.97 -32.93 132.73
C ASN M 192 -12.38 -33.24 131.29
N ASP M 193 -12.54 -34.52 130.95
CA ASP M 193 -12.85 -34.86 129.54
C ASP M 193 -14.04 -34.01 129.07
N ILE M 194 -13.90 -33.34 127.93
CA ILE M 194 -14.99 -32.47 127.41
C ILE M 194 -15.30 -32.87 125.96
N THR M 195 -16.58 -32.98 125.62
CA THR M 195 -16.97 -33.43 124.26
C THR M 195 -17.50 -32.24 123.46
N PHE M 196 -17.06 -32.10 122.20
CA PHE M 196 -17.57 -31.01 121.33
C PHE M 196 -18.43 -31.66 120.23
N THR M 197 -19.75 -31.44 120.28
CA THR M 197 -20.64 -32.10 119.30
C THR M 197 -21.11 -31.09 118.26
N LEU M 198 -20.85 -31.35 116.98
CA LEU M 198 -21.25 -30.41 115.89
C LEU M 198 -21.38 -31.19 114.58
N LYS M 199 -21.71 -30.50 113.48
CA LYS M 199 -21.82 -31.16 112.16
C LYS M 199 -20.74 -30.59 111.24
N ASP M 200 -20.15 -31.44 110.40
CA ASP M 200 -19.05 -30.99 109.50
C ASP M 200 -19.59 -29.95 108.53
N ILE M 201 -18.72 -29.03 108.07
CA ILE M 201 -19.15 -28.06 107.02
C ILE M 201 -19.62 -28.87 105.81
N ASP M 202 -19.18 -30.12 105.72
CA ASP M 202 -19.59 -31.01 104.60
C ASP M 202 -20.88 -31.76 104.98
N GLY M 203 -21.33 -31.63 106.23
CA GLY M 203 -22.60 -32.25 106.64
C GLY M 203 -22.40 -33.52 107.46
N ASN M 204 -21.18 -33.77 107.94
CA ASN M 204 -20.90 -35.03 108.66
C ASN M 204 -20.89 -34.77 110.17
N ASP M 205 -21.63 -35.57 110.94
CA ASP M 205 -21.69 -35.35 112.40
C ASP M 205 -20.26 -35.36 112.96
N GLN M 206 -19.92 -34.34 113.74
CA GLN M 206 -18.55 -34.24 114.33
C GLN M 206 -18.65 -34.23 115.84
N THR M 207 -18.88 -35.38 116.47
CA THR M 207 -18.92 -35.47 117.95
C THR M 207 -17.49 -35.67 118.46
N ILE M 208 -16.66 -34.64 118.39
CA ILE M 208 -15.25 -34.74 118.86
C ILE M 208 -15.27 -34.82 120.39
N THR M 209 -14.45 -35.70 120.98
CA THR M 209 -14.35 -35.77 122.46
C THR M 209 -12.91 -35.45 122.88
N VAL M 210 -12.72 -34.54 123.82
CA VAL M 210 -11.34 -34.12 124.23
C VAL M 210 -11.06 -34.64 125.64
N ASN M 211 -10.01 -35.46 125.79
CA ASN M 211 -9.64 -35.95 127.14
C ASN M 211 -8.80 -34.87 127.83
N ALA M 212 -9.45 -33.92 128.50
CA ALA M 212 -8.72 -32.83 129.18
C ALA M 212 -7.94 -33.39 130.37
N LYS M 213 -7.06 -32.57 130.95
CA LYS M 213 -6.25 -33.02 132.10
C LYS M 213 -6.79 -32.38 133.38
N GLU M 214 -6.33 -32.85 134.55
CA GLU M 214 -6.76 -32.29 135.85
C GLU M 214 -5.73 -31.27 136.34
N GLY M 215 -6.12 -30.42 137.30
CA GLY M 215 -5.19 -29.42 137.85
C GLY M 215 -4.68 -28.48 136.77
N ASP M 216 -5.56 -28.03 135.88
CA ASP M 216 -5.16 -27.06 134.82
C ASP M 216 -5.97 -25.78 135.04
N ASP M 217 -5.33 -24.61 134.97
CA ASP M 217 -6.11 -23.36 135.05
C ASP M 217 -7.02 -23.31 133.82
N ILE M 218 -8.20 -22.69 133.95
CA ILE M 218 -9.18 -22.70 132.82
C ILE M 218 -8.44 -22.26 131.53
N GLU M 219 -7.49 -21.34 131.65
CA GLU M 219 -6.72 -20.87 130.47
C GLU M 219 -5.94 -22.05 129.88
N GLU M 220 -5.21 -22.78 130.74
CA GLU M 220 -4.47 -23.98 130.26
C GLU M 220 -5.46 -24.93 129.59
N VAL M 221 -6.62 -25.12 130.24
CA VAL M 221 -7.64 -26.04 129.67
C VAL M 221 -7.90 -25.61 128.23
N ALA M 222 -8.34 -24.36 128.04
CA ALA M 222 -8.63 -23.86 126.68
C ALA M 222 -7.44 -24.15 125.76
N THR M 223 -6.23 -23.83 126.21
CA THR M 223 -5.06 -24.01 125.33
C THR M 223 -5.04 -25.49 124.90
N TYR M 224 -5.19 -26.40 125.86
CA TYR M 224 -5.20 -27.86 125.55
C TYR M 224 -6.40 -28.14 124.65
N ILE M 225 -7.53 -27.48 124.94
CA ILE M 225 -8.75 -27.71 124.14
C ILE M 225 -8.45 -27.35 122.68
N ASN M 226 -7.83 -26.18 122.48
CA ASN M 226 -7.52 -25.73 121.09
C ASN M 226 -6.65 -26.78 120.41
N GLY M 227 -5.70 -27.37 121.15
CA GLY M 227 -4.80 -28.37 120.57
C GLY M 227 -5.55 -29.63 120.15
N GLN M 228 -6.41 -30.14 121.03
CA GLN M 228 -7.10 -31.42 120.73
C GLN M 228 -8.09 -31.22 119.58
N THR M 229 -8.80 -30.09 119.56
CA THR M 229 -9.80 -29.84 118.50
C THR M 229 -9.58 -28.46 117.86
N ASP M 230 -9.43 -28.42 116.54
CA ASP M 230 -9.27 -27.12 115.84
C ASP M 230 -10.64 -26.70 115.28
N MET M 231 -11.57 -27.66 115.18
CA MET M 231 -12.91 -27.35 114.62
C MET M 231 -13.52 -26.21 115.43
N VAL M 232 -13.36 -26.24 116.76
CA VAL M 232 -13.86 -25.12 117.60
C VAL M 232 -12.65 -24.32 118.11
N LYS M 233 -12.88 -23.05 118.44
CA LYS M 233 -11.79 -22.19 118.98
C LYS M 233 -12.03 -21.99 120.47
N ALA M 234 -11.01 -22.24 121.30
CA ALA M 234 -11.19 -22.15 122.76
C ALA M 234 -10.72 -20.79 123.29
N SER M 235 -11.58 -20.09 124.02
CA SER M 235 -11.19 -18.79 124.64
C SER M 235 -11.69 -18.79 126.09
N VAL M 236 -11.21 -17.86 126.91
CA VAL M 236 -11.73 -17.73 128.30
C VAL M 236 -11.85 -16.25 128.63
N ASN M 237 -13.06 -15.80 128.99
CA ASN M 237 -13.27 -14.35 129.26
C ASN M 237 -12.61 -13.99 130.59
N GLU M 238 -12.32 -12.71 130.81
CA GLU M 238 -11.73 -12.27 132.10
C GLU M 238 -12.61 -12.77 133.25
N LYS M 239 -13.86 -13.11 132.97
CA LYS M 239 -14.79 -13.60 134.03
C LYS M 239 -14.44 -15.06 134.39
N GLY M 240 -13.33 -15.57 133.84
CA GLY M 240 -12.89 -16.94 134.14
C GLY M 240 -13.86 -17.97 133.56
N GLN M 241 -14.55 -17.60 132.48
CA GLN M 241 -15.52 -18.53 131.83
C GLN M 241 -15.02 -18.87 130.42
N LEU M 242 -15.02 -20.15 130.06
CA LEU M 242 -14.48 -20.58 128.74
C LEU M 242 -15.40 -20.11 127.62
N GLN M 243 -14.83 -19.50 126.57
CA GLN M 243 -15.64 -19.05 125.40
C GLN M 243 -15.28 -19.94 124.20
N ILE M 244 -16.26 -20.28 123.37
CA ILE M 244 -16.00 -21.19 122.22
C ILE M 244 -16.61 -20.58 120.95
N PHE M 245 -15.82 -19.81 120.19
CA PHE M 245 -16.33 -19.27 118.91
C PHE M 245 -16.23 -20.36 117.85
N ALA M 246 -17.20 -20.41 116.92
CA ALA M 246 -17.14 -21.40 115.82
C ALA M 246 -17.44 -20.71 114.50
N GLY M 247 -16.41 -20.42 113.71
CA GLY M 247 -16.61 -19.79 112.39
C GLY M 247 -17.48 -20.66 111.51
N ASN M 248 -18.56 -20.07 110.96
CA ASN M 248 -19.49 -20.85 110.11
C ASN M 248 -18.70 -21.65 109.08
N ASN M 249 -17.64 -21.07 108.54
CA ASN M 249 -16.87 -21.76 107.47
C ASN M 249 -16.52 -23.20 107.86
N LYS M 250 -16.56 -23.52 109.16
CA LYS M 250 -16.11 -24.87 109.59
C LYS M 250 -17.25 -25.63 110.28
N VAL M 251 -18.04 -24.94 111.10
CA VAL M 251 -19.10 -25.64 111.88
C VAL M 251 -20.46 -25.37 111.23
N THR M 252 -21.21 -26.42 110.93
CA THR M 252 -22.58 -26.24 110.40
C THR M 252 -23.60 -26.48 111.52
N GLY M 253 -24.22 -25.42 112.03
CA GLY M 253 -25.27 -25.58 113.05
C GLY M 253 -24.84 -25.17 114.44
N ASP M 254 -25.67 -25.44 115.45
CA ASP M 254 -25.34 -25.09 116.86
C ASP M 254 -24.39 -26.15 117.44
N VAL M 255 -23.60 -25.77 118.45
CA VAL M 255 -22.62 -26.71 119.05
C VAL M 255 -23.15 -27.19 120.41
N ALA M 256 -23.55 -28.46 120.50
CA ALA M 256 -24.01 -29.03 121.78
C ALA M 256 -22.80 -29.57 122.54
N PHE M 257 -22.57 -29.10 123.78
CA PHE M 257 -21.35 -29.50 124.53
C PHE M 257 -21.64 -30.74 125.38
N SER M 258 -20.67 -31.65 125.48
CA SER M 258 -20.83 -32.85 126.36
C SER M 258 -19.56 -33.02 127.20
N GLY M 259 -19.64 -33.87 128.24
CA GLY M 259 -18.47 -34.08 129.13
C GLY M 259 -18.71 -33.52 130.51
N GLY M 260 -17.87 -33.90 131.49
CA GLY M 260 -18.00 -33.35 132.84
C GLY M 260 -17.80 -31.84 132.85
N LEU M 261 -16.86 -31.34 132.03
CA LEU M 261 -16.64 -29.87 131.93
C LEU M 261 -17.95 -29.22 131.48
N ALA M 262 -18.67 -29.85 130.54
CA ALA M 262 -19.98 -29.30 130.13
C ALA M 262 -20.84 -29.12 131.39
N GLY M 263 -20.74 -30.07 132.33
CA GLY M 263 -21.47 -29.91 133.60
C GLY M 263 -20.83 -28.84 134.47
N ALA M 264 -19.50 -28.86 134.61
CA ALA M 264 -18.83 -27.90 135.50
C ALA M 264 -19.06 -26.47 135.00
N LEU M 265 -18.82 -26.23 133.71
CA LEU M 265 -18.97 -24.86 133.15
C LEU M 265 -20.40 -24.68 132.66
N ASN M 266 -20.71 -23.54 132.04
CA ASN M 266 -22.06 -23.33 131.47
C ASN M 266 -21.94 -23.14 129.96
N MET M 267 -23.03 -23.35 129.22
CA MET M 267 -22.98 -23.22 127.74
C MET M 267 -23.85 -22.02 127.33
N GLN M 268 -23.21 -20.97 126.78
CA GLN M 268 -23.97 -19.79 126.31
C GLN M 268 -24.51 -20.08 124.90
N ALA M 269 -25.21 -19.12 124.30
CA ALA M 269 -25.78 -19.31 122.95
C ALA M 269 -24.71 -19.03 121.89
N GLY M 270 -24.92 -19.52 120.66
CA GLY M 270 -23.95 -19.33 119.57
C GLY M 270 -24.06 -17.94 118.96
N THR M 271 -23.72 -16.90 119.73
CA THR M 271 -23.88 -15.51 119.23
C THR M 271 -23.12 -15.36 117.91
N ALA M 272 -23.80 -14.83 116.89
CA ALA M 272 -23.16 -14.65 115.57
C ALA M 272 -21.82 -13.92 115.74
N GLU M 273 -21.80 -12.87 116.56
CA GLU M 273 -20.55 -12.10 116.80
C GLU M 273 -19.83 -11.89 115.47
N THR M 274 -20.44 -11.14 114.55
CA THR M 274 -19.85 -10.93 113.21
C THR M 274 -18.74 -9.88 113.28
N VAL M 275 -17.80 -9.92 112.34
CA VAL M 275 -16.73 -8.87 112.30
C VAL M 275 -17.41 -7.52 112.56
N ASP M 276 -18.57 -7.32 111.94
CA ASP M 276 -19.29 -6.02 112.09
C ASP M 276 -19.50 -5.74 113.58
N THR M 277 -19.70 -6.77 114.39
CA THR M 277 -20.01 -6.54 115.83
C THR M 277 -18.79 -6.79 116.72
N ILE M 278 -17.62 -7.06 116.14
CA ILE M 278 -16.46 -7.41 117.01
C ILE M 278 -16.27 -6.30 118.06
N ASP M 279 -16.24 -6.68 119.34
CA ASP M 279 -15.99 -5.70 120.42
C ASP M 279 -14.71 -6.11 121.15
N VAL M 280 -13.71 -5.23 121.21
CA VAL M 280 -12.40 -5.58 121.83
C VAL M 280 -12.27 -4.86 123.17
N THR M 281 -13.32 -4.17 123.59
CA THR M 281 -13.29 -3.40 124.85
C THR M 281 -13.08 -4.34 126.04
N SER M 282 -13.22 -5.64 125.84
CA SER M 282 -13.00 -6.64 126.92
C SER M 282 -12.22 -7.83 126.36
N VAL M 283 -11.25 -8.34 127.12
CA VAL M 283 -10.40 -9.45 126.61
C VAL M 283 -11.31 -10.62 126.20
N GLY M 284 -12.34 -10.89 127.00
CA GLY M 284 -13.30 -11.95 126.62
C GLY M 284 -13.78 -11.72 125.19
N GLY M 285 -14.42 -10.58 124.95
CA GLY M 285 -14.85 -10.25 123.57
C GLY M 285 -13.64 -10.27 122.64
N ALA M 286 -12.52 -9.69 123.09
CA ALA M 286 -11.32 -9.63 122.24
C ALA M 286 -10.97 -11.04 121.76
N GLN M 287 -10.86 -12.00 122.68
CA GLN M 287 -10.52 -13.39 122.31
C GLN M 287 -11.46 -13.85 121.19
N GLN M 288 -12.77 -13.77 121.46
CA GLN M 288 -13.78 -14.20 120.45
C GLN M 288 -13.55 -13.39 119.17
N SER M 289 -13.47 -12.07 119.29
CA SER M 289 -13.30 -11.22 118.09
C SER M 289 -12.07 -11.67 117.30
N VAL M 290 -10.98 -12.00 118.01
CA VAL M 290 -9.75 -12.48 117.32
C VAL M 290 -10.16 -13.65 116.42
N ALA M 291 -10.83 -14.65 117.01
CA ALA M 291 -11.22 -15.85 116.24
C ALA M 291 -12.04 -15.40 115.02
N VAL M 292 -12.99 -14.49 115.23
CA VAL M 292 -13.80 -13.98 114.09
C VAL M 292 -12.84 -13.49 113.00
N ILE M 293 -11.96 -12.56 113.35
CA ILE M 293 -11.01 -11.98 112.35
C ILE M 293 -10.32 -13.14 111.63
N ASP M 294 -9.89 -14.15 112.39
CA ASP M 294 -9.16 -15.30 111.79
C ASP M 294 -10.08 -15.98 110.77
N SER M 295 -11.31 -16.30 111.19
CA SER M 295 -12.29 -16.94 110.28
C SER M 295 -12.44 -16.06 109.04
N ALA M 296 -12.42 -14.75 109.24
CA ALA M 296 -12.62 -13.82 108.11
C ALA M 296 -11.48 -14.00 107.10
N LEU M 297 -10.24 -13.72 107.49
CA LEU M 297 -9.14 -13.78 106.50
C LEU M 297 -9.20 -15.12 105.76
N LYS M 298 -9.48 -16.20 106.48
CA LYS M 298 -9.55 -17.54 105.85
C LYS M 298 -10.63 -17.52 104.78
N TYR M 299 -11.84 -17.09 105.14
CA TYR M 299 -12.97 -17.03 104.18
C TYR M 299 -12.58 -16.18 102.98
N VAL M 300 -12.12 -14.97 103.25
CA VAL M 300 -11.78 -14.05 102.14
C VAL M 300 -10.81 -14.76 101.19
N ASP M 301 -9.68 -15.24 101.73
CA ASP M 301 -8.65 -15.85 100.84
C ASP M 301 -9.31 -16.96 100.02
N SER M 302 -10.30 -17.63 100.59
CA SER M 302 -11.02 -18.71 99.86
C SER M 302 -11.70 -18.11 98.62
N HIS M 303 -12.40 -16.99 98.80
CA HIS M 303 -13.02 -16.32 97.62
C HIS M 303 -11.90 -15.89 96.67
N ARG M 304 -10.80 -15.39 97.23
CA ARG M 304 -9.68 -14.90 96.39
C ARG M 304 -9.17 -16.07 95.53
N ALA M 305 -9.02 -17.25 96.14
CA ALA M 305 -8.53 -18.42 95.39
C ALA M 305 -9.50 -18.72 94.24
N GLU M 306 -10.80 -18.71 94.55
CA GLU M 306 -11.82 -18.94 93.49
C GLU M 306 -11.56 -17.97 92.35
N LEU M 307 -11.41 -16.68 92.67
CA LEU M 307 -11.23 -15.65 91.62
C LEU M 307 -9.95 -15.95 90.85
N GLY M 308 -8.89 -16.34 91.55
CA GLY M 308 -7.61 -16.66 90.89
C GLY M 308 -7.79 -17.78 89.89
N ALA M 309 -8.45 -18.86 90.30
CA ALA M 309 -8.71 -19.97 89.37
C ALA M 309 -9.43 -19.43 88.13
N PHE M 310 -10.50 -18.66 88.35
CA PHE M 310 -11.27 -18.08 87.22
C PHE M 310 -10.29 -17.46 86.22
N GLN M 311 -9.39 -16.59 86.71
CA GLN M 311 -8.45 -15.88 85.81
C GLN M 311 -7.56 -16.92 85.11
N ASN M 312 -6.94 -17.80 85.89
CA ASN M 312 -6.00 -18.80 85.31
C ASN M 312 -6.76 -19.57 84.23
N ARG M 313 -7.95 -20.06 84.56
CA ARG M 313 -8.73 -20.88 83.60
C ARG M 313 -8.90 -20.07 82.32
N PHE M 314 -9.30 -18.82 82.43
CA PHE M 314 -9.57 -18.02 81.20
C PHE M 314 -8.27 -17.90 80.39
N ASN M 315 -7.15 -17.61 81.05
CA ASN M 315 -5.88 -17.40 80.31
C ASN M 315 -5.68 -18.60 79.39
N HIS M 316 -5.82 -19.80 79.95
CA HIS M 316 -5.68 -21.03 79.13
C HIS M 316 -6.76 -21.03 78.06
N ALA M 317 -8.00 -20.74 78.43
CA ALA M 317 -9.09 -20.71 77.43
C ALA M 317 -8.68 -19.76 76.30
N ILE M 318 -8.26 -18.55 76.66
CA ILE M 318 -7.91 -17.52 75.63
C ILE M 318 -6.86 -18.11 74.69
N SER M 319 -5.82 -18.74 75.26
CA SER M 319 -4.74 -19.33 74.43
C SER M 319 -5.34 -20.36 73.48
N ASN M 320 -6.17 -21.27 73.99
CA ASN M 320 -6.83 -22.26 73.11
C ASN M 320 -7.63 -21.52 72.04
N LEU M 321 -8.39 -20.52 72.45
CA LEU M 321 -9.22 -19.76 71.49
C LEU M 321 -8.33 -19.23 70.37
N ASP M 322 -7.24 -18.54 70.72
CA ASP M 322 -6.39 -17.91 69.67
C ASP M 322 -5.85 -18.99 68.74
N ASN M 323 -5.41 -20.11 69.30
CA ASN M 323 -4.82 -21.20 68.46
C ASN M 323 -5.86 -21.62 67.42
N ILE M 324 -7.08 -21.89 67.87
CA ILE M 324 -8.17 -22.28 66.93
C ILE M 324 -8.30 -21.17 65.88
N ASN M 325 -8.44 -19.91 66.33
CA ASN M 325 -8.61 -18.79 65.39
C ASN M 325 -7.55 -18.89 64.29
N GLU M 326 -6.28 -18.98 64.67
CA GLU M 326 -5.19 -19.01 63.65
C GLU M 326 -5.45 -20.16 62.69
N ASN M 327 -5.76 -21.34 63.23
CA ASN M 327 -5.99 -22.53 62.36
C ASN M 327 -7.18 -22.26 61.43
N VAL M 328 -8.29 -21.76 61.96
CA VAL M 328 -9.51 -21.60 61.11
C VAL M 328 -9.24 -20.52 60.06
N ASN M 329 -8.53 -19.45 60.42
CA ASN M 329 -8.18 -18.41 59.42
C ASN M 329 -7.42 -19.10 58.28
N ALA M 330 -6.46 -19.94 58.64
CA ALA M 330 -5.66 -20.64 57.62
C ALA M 330 -6.59 -21.47 56.73
N SER M 331 -7.51 -22.22 57.35
CA SER M 331 -8.42 -23.08 56.55
C SER M 331 -9.24 -22.19 55.61
N LYS M 332 -9.76 -21.08 56.13
CA LYS M 332 -10.59 -20.17 55.31
C LYS M 332 -9.75 -19.73 54.10
N SER M 333 -8.48 -19.42 54.35
CA SER M 333 -7.58 -18.98 53.24
C SER M 333 -7.48 -20.09 52.21
N ARG M 334 -7.29 -21.33 52.67
CA ARG M 334 -7.13 -22.47 51.73
C ARG M 334 -8.40 -22.63 50.89
N ILE M 335 -9.53 -22.11 51.35
CA ILE M 335 -10.81 -22.34 50.63
C ILE M 335 -11.23 -21.08 49.86
N LYS M 336 -11.04 -19.89 50.45
CA LYS M 336 -11.54 -18.65 49.80
C LYS M 336 -10.38 -17.80 49.27
N ASP M 337 -9.30 -17.66 50.03
CA ASP M 337 -8.18 -16.76 49.62
C ASP M 337 -7.66 -17.17 48.23
N THR M 338 -7.27 -16.19 47.41
CA THR M 338 -6.83 -16.49 46.02
C THR M 338 -5.31 -16.67 45.94
N ASP M 339 -4.85 -17.46 44.97
CA ASP M 339 -3.39 -17.69 44.78
C ASP M 339 -2.93 -16.80 43.63
N PHE M 340 -2.21 -15.73 43.93
CA PHE M 340 -1.85 -14.76 42.85
C PHE M 340 -1.09 -15.49 41.74
N ALA M 341 -0.23 -16.45 42.09
CA ALA M 341 0.59 -17.10 41.04
C ALA M 341 -0.32 -17.71 39.98
N LYS M 342 -1.23 -18.60 40.38
CA LYS M 342 -2.11 -19.28 39.39
C LYS M 342 -3.00 -18.22 38.73
N GLU M 343 -3.52 -17.28 39.51
CA GLU M 343 -4.47 -16.28 38.96
C GLU M 343 -3.75 -15.39 37.94
N THR M 344 -2.56 -14.91 38.30
CA THR M 344 -1.78 -14.08 37.34
C THR M 344 -1.57 -14.89 36.08
N THR M 345 -1.29 -16.19 36.23
CA THR M 345 -1.05 -17.06 35.05
C THR M 345 -2.29 -17.08 34.16
N ALA M 346 -3.47 -17.25 34.75
CA ALA M 346 -4.71 -17.34 33.93
C ALA M 346 -4.97 -15.99 33.26
N LEU M 347 -4.72 -14.89 33.96
CA LEU M 347 -4.89 -13.55 33.33
C LEU M 347 -3.95 -13.47 32.12
N THR M 348 -2.71 -13.92 32.29
CA THR M 348 -1.75 -13.91 31.16
C THR M 348 -2.30 -14.78 30.04
N LYS M 349 -2.73 -16.00 30.37
CA LYS M 349 -3.23 -16.92 29.32
C LYS M 349 -4.46 -16.30 28.66
N SER M 350 -5.34 -15.71 29.46
CA SER M 350 -6.59 -15.13 28.91
C SER M 350 -6.24 -14.05 27.89
N GLN M 351 -5.30 -13.17 28.25
CA GLN M 351 -4.94 -12.06 27.34
C GLN M 351 -4.46 -12.66 26.03
N ILE M 352 -3.59 -13.67 26.09
CA ILE M 352 -3.01 -14.24 24.84
C ILE M 352 -4.14 -14.81 23.98
N LEU M 353 -5.00 -15.64 24.57
CA LEU M 353 -6.09 -16.29 23.77
C LEU M 353 -6.96 -15.18 23.18
N SER M 354 -7.19 -14.11 23.94
CA SER M 354 -7.96 -12.97 23.39
C SER M 354 -7.24 -12.42 22.17
N GLN M 355 -5.95 -12.11 22.31
CA GLN M 355 -5.21 -11.50 21.18
C GLN M 355 -5.22 -12.48 20.01
N ALA M 356 -5.09 -13.77 20.29
CA ALA M 356 -5.08 -14.79 19.22
C ALA M 356 -6.42 -14.77 18.49
N SER M 357 -7.50 -14.91 19.25
CA SER M 357 -8.86 -14.96 18.63
C SER M 357 -9.08 -13.70 17.80
N SER M 358 -8.73 -12.54 18.37
CA SER M 358 -8.98 -11.27 17.65
C SER M 358 -8.28 -11.32 16.29
N SER M 359 -7.03 -11.79 16.28
CA SER M 359 -6.26 -11.89 15.02
C SER M 359 -7.01 -12.81 14.05
N VAL M 360 -7.41 -13.99 14.54
CA VAL M 360 -8.14 -14.95 13.68
C VAL M 360 -9.41 -14.26 13.18
N LEU M 361 -10.15 -13.63 14.08
CA LEU M 361 -11.41 -12.94 13.68
C LEU M 361 -11.08 -11.98 12.53
N ALA M 362 -10.03 -11.18 12.70
CA ALA M 362 -9.70 -10.17 11.68
C ALA M 362 -9.48 -10.87 10.33
N GLN M 363 -8.68 -11.93 10.34
CA GLN M 363 -8.37 -12.64 9.06
C GLN M 363 -9.67 -13.21 8.51
N ALA M 364 -10.47 -13.85 9.37
CA ALA M 364 -11.76 -14.45 8.92
C ALA M 364 -12.63 -13.35 8.31
N LYS M 365 -12.68 -12.19 8.97
CA LYS M 365 -13.55 -11.09 8.50
C LYS M 365 -13.18 -10.77 7.05
N GLN M 366 -11.98 -11.15 6.61
CA GLN M 366 -11.52 -10.77 5.25
C GLN M 366 -11.69 -11.94 4.29
N ALA M 367 -12.06 -13.10 4.82
CA ALA M 367 -12.26 -14.29 3.96
C ALA M 367 -13.21 -13.93 2.81
N PRO M 368 -14.46 -13.48 3.08
CA PRO M 368 -15.39 -13.21 1.98
C PRO M 368 -14.76 -12.21 0.99
N ASN M 369 -13.89 -11.33 1.49
CA ASN M 369 -13.30 -10.29 0.61
C ASN M 369 -12.66 -11.02 -0.58
N ALA M 370 -12.36 -12.30 -0.43
CA ALA M 370 -11.82 -13.07 -1.57
C ALA M 370 -12.91 -13.31 -2.62
N ALA M 371 -14.17 -13.43 -2.19
CA ALA M 371 -15.24 -13.76 -3.16
C ALA M 371 -15.35 -12.69 -4.23
N LEU M 372 -15.47 -11.41 -3.85
CA LEU M 372 -15.68 -10.34 -4.86
C LEU M 372 -14.52 -10.35 -5.86
N SER M 373 -13.38 -10.91 -5.47
CA SER M 373 -12.22 -10.97 -6.41
C SER M 373 -12.61 -11.80 -7.62
N LEU M 374 -13.56 -12.72 -7.45
CA LEU M 374 -14.04 -13.54 -8.59
C LEU M 374 -15.00 -12.71 -9.43
N LEU M 375 -14.58 -11.49 -9.81
CA LEU M 375 -15.46 -10.58 -10.60
C LEU M 375 -16.85 -10.61 -9.96
N GLY M 376 -16.93 -10.35 -8.65
CA GLY M 376 -18.23 -10.40 -7.96
C GLY M 376 -18.74 -11.82 -7.85
N ALA N 1 -35.00 -26.46 -48.90
CA ALA N 1 -35.27 -25.46 -49.95
C ALA N 1 -34.73 -24.10 -49.52
N VAL N 2 -34.82 -23.10 -50.40
CA VAL N 2 -34.36 -21.73 -50.04
C VAL N 2 -35.61 -20.92 -49.66
N ASN N 3 -36.65 -21.61 -49.17
CA ASN N 3 -37.92 -20.94 -48.79
C ASN N 3 -37.63 -19.79 -47.82
N VAL N 4 -38.31 -18.66 -48.01
CA VAL N 4 -38.04 -17.46 -47.16
C VAL N 4 -39.18 -17.29 -46.14
N ASN N 5 -40.41 -17.65 -46.51
CA ASN N 5 -41.57 -17.43 -45.61
C ASN N 5 -41.34 -18.13 -44.27
N THR N 6 -40.30 -18.98 -44.17
CA THR N 6 -39.99 -19.60 -42.86
C THR N 6 -38.49 -19.58 -42.61
N ASN N 7 -38.08 -19.62 -41.35
CA ASN N 7 -36.64 -19.66 -41.00
C ASN N 7 -36.49 -20.50 -39.73
N VAL N 8 -36.78 -21.80 -39.82
CA VAL N 8 -36.72 -22.66 -38.61
C VAL N 8 -35.33 -22.53 -38.00
N ALA N 9 -34.31 -22.36 -38.84
CA ALA N 9 -32.93 -22.17 -38.32
C ALA N 9 -32.94 -21.04 -37.30
N ALA N 10 -33.47 -19.88 -37.68
CA ALA N 10 -33.50 -18.73 -36.74
C ALA N 10 -34.24 -19.15 -35.47
N MET N 11 -35.43 -19.73 -35.62
CA MET N 11 -36.24 -20.08 -34.43
C MET N 11 -35.36 -20.87 -33.46
N THR N 12 -34.60 -21.82 -33.99
CA THR N 12 -33.77 -22.67 -33.10
C THR N 12 -32.79 -21.77 -32.35
N ALA N 13 -32.14 -20.84 -33.07
CA ALA N 13 -31.21 -19.92 -32.41
C ALA N 13 -31.94 -19.19 -31.28
N GLN N 14 -33.00 -18.46 -31.64
CA GLN N 14 -33.77 -17.70 -30.62
C GLN N 14 -34.04 -18.60 -29.42
N ARG N 15 -34.48 -19.84 -29.67
CA ARG N 15 -34.86 -20.71 -28.53
C ARG N 15 -33.67 -20.79 -27.58
N TYR N 16 -32.47 -21.03 -28.11
CA TYR N 16 -31.29 -21.19 -27.23
C TYR N 16 -30.97 -19.83 -26.60
N LEU N 17 -31.02 -18.77 -27.42
CA LEU N 17 -30.72 -17.41 -26.90
C LEU N 17 -31.53 -17.18 -25.64
N THR N 18 -32.85 -17.41 -25.72
CA THR N 18 -33.72 -17.19 -24.54
C THR N 18 -33.19 -18.03 -23.38
N GLY N 19 -32.94 -19.31 -23.61
CA GLY N 19 -32.42 -20.18 -22.54
C GLY N 19 -31.19 -19.56 -21.91
N ALA N 20 -30.24 -19.12 -22.75
CA ALA N 20 -29.00 -18.53 -22.24
C ALA N 20 -29.33 -17.28 -21.41
N THR N 21 -30.13 -16.38 -21.97
CA THR N 21 -30.46 -15.13 -21.26
C THR N 21 -31.09 -15.48 -19.91
N ASN N 22 -32.04 -16.41 -19.91
CA ASN N 22 -32.74 -16.73 -18.64
C ASN N 22 -31.71 -17.23 -17.62
N ALA N 23 -30.80 -18.09 -18.05
CA ALA N 23 -29.81 -18.65 -17.10
C ALA N 23 -28.98 -17.49 -16.57
N GLN N 24 -28.60 -16.57 -17.45
CA GLN N 24 -27.80 -15.39 -17.02
C GLN N 24 -28.56 -14.68 -15.90
N GLN N 25 -29.84 -14.38 -16.11
CA GLN N 25 -30.62 -13.64 -15.10
C GLN N 25 -30.59 -14.40 -13.78
N THR N 26 -30.87 -15.70 -13.82
CA THR N 26 -30.90 -16.51 -12.57
C THR N 26 -29.57 -16.37 -11.84
N SER N 27 -28.46 -16.59 -12.53
CA SER N 27 -27.13 -16.55 -11.85
C SER N 27 -26.87 -15.12 -11.35
N MET N 28 -27.09 -14.12 -12.20
CA MET N 28 -26.78 -12.72 -11.78
C MET N 28 -27.50 -12.44 -10.46
N GLU N 29 -28.73 -12.93 -10.32
CA GLU N 29 -29.51 -12.69 -9.08
C GLU N 29 -28.81 -13.36 -7.90
N ARG N 30 -28.44 -14.63 -8.05
CA ARG N 30 -27.85 -15.36 -6.91
C ARG N 30 -26.53 -14.68 -6.53
N LEU N 31 -25.83 -14.10 -7.52
CA LEU N 31 -24.52 -13.44 -7.26
C LEU N 31 -24.77 -12.08 -6.62
N SER N 32 -25.98 -11.53 -6.78
CA SER N 32 -26.32 -10.20 -6.21
C SER N 32 -26.92 -10.38 -4.81
N SER N 33 -27.59 -11.50 -4.56
CA SER N 33 -28.23 -11.72 -3.25
C SER N 33 -27.30 -12.51 -2.35
N GLY N 34 -26.36 -13.24 -2.95
CA GLY N 34 -25.46 -14.10 -2.15
C GLY N 34 -26.20 -15.36 -1.72
N PHE N 35 -27.51 -15.41 -1.99
CA PHE N 35 -28.30 -16.62 -1.65
C PHE N 35 -28.61 -17.40 -2.92
N LYS N 36 -28.73 -18.72 -2.81
CA LYS N 36 -29.05 -19.58 -3.99
C LYS N 36 -30.55 -19.82 -4.03
N ILE N 37 -31.10 -20.36 -2.93
CA ILE N 37 -32.57 -20.60 -2.85
C ILE N 37 -33.26 -19.27 -2.58
N ASN N 38 -33.44 -18.45 -3.61
CA ASN N 38 -34.08 -17.12 -3.43
C ASN N 38 -35.59 -17.30 -3.51
N SER N 39 -36.10 -17.80 -4.64
CA SER N 39 -37.55 -18.13 -4.72
C SER N 39 -37.72 -19.61 -4.35
N ALA N 40 -38.94 -20.15 -4.51
CA ALA N 40 -39.18 -21.55 -4.10
C ALA N 40 -38.95 -22.48 -5.28
N LYS N 41 -39.05 -21.95 -6.51
CA LYS N 41 -38.83 -22.76 -7.72
C LYS N 41 -37.42 -23.37 -7.65
N ASP N 42 -36.51 -22.70 -6.94
CA ASP N 42 -35.10 -23.17 -6.84
C ASP N 42 -35.04 -24.54 -6.17
N ASP N 43 -35.37 -24.61 -4.87
CA ASP N 43 -35.27 -25.89 -4.11
C ASP N 43 -36.38 -25.93 -3.07
N ALA N 44 -37.52 -26.52 -3.40
CA ALA N 44 -38.67 -26.52 -2.47
C ALA N 44 -38.22 -26.98 -1.08
N ALA N 45 -37.70 -28.21 -0.97
CA ALA N 45 -37.34 -28.73 0.37
C ALA N 45 -36.30 -27.81 0.99
N GLY N 46 -35.41 -27.26 0.17
CA GLY N 46 -34.40 -26.33 0.69
C GLY N 46 -35.08 -25.14 1.34
N LEU N 47 -35.99 -24.49 0.62
CA LEU N 47 -36.66 -23.29 1.16
C LEU N 47 -37.29 -23.69 2.50
N GLN N 48 -38.00 -24.81 2.52
CA GLN N 48 -38.63 -25.29 3.77
C GLN N 48 -37.56 -25.42 4.86
N ILE N 49 -36.49 -26.17 4.59
CA ILE N 49 -35.49 -26.41 5.67
C ILE N 49 -34.75 -25.10 5.97
N SER N 50 -34.42 -24.34 4.93
CA SER N 50 -33.63 -23.09 5.16
C SER N 50 -34.43 -22.19 6.10
N ASN N 51 -35.71 -22.00 5.80
CA ASN N 51 -36.55 -21.11 6.64
C ASN N 51 -36.56 -21.70 8.05
N ARG N 52 -36.76 -23.01 8.17
CA ARG N 52 -36.79 -23.65 9.52
C ARG N 52 -35.44 -23.45 10.20
N LEU N 53 -34.35 -23.60 9.46
CA LEU N 53 -32.99 -23.40 10.04
C LEU N 53 -32.81 -21.94 10.45
N ASN N 54 -33.23 -21.01 9.59
CA ASN N 54 -33.14 -19.57 9.93
C ASN N 54 -33.93 -19.34 11.22
N VAL N 55 -35.17 -19.83 11.26
CA VAL N 55 -36.03 -19.62 12.45
C VAL N 55 -35.24 -20.11 13.67
N GLN N 56 -34.68 -21.31 13.59
CA GLN N 56 -33.96 -21.87 14.76
C GLN N 56 -32.81 -20.92 15.14
N SER N 57 -32.02 -20.50 14.16
CA SER N 57 -30.84 -19.65 14.49
C SER N 57 -31.31 -18.38 15.20
N ARG N 58 -32.33 -17.72 14.65
CA ARG N 58 -32.85 -16.46 15.26
C ARG N 58 -33.33 -16.81 16.67
N GLY N 59 -34.01 -17.94 16.80
CA GLY N 59 -34.51 -18.36 18.12
C GLY N 59 -33.35 -18.53 19.08
N LEU N 60 -32.28 -19.19 18.63
CA LEU N 60 -31.13 -19.44 19.52
C LEU N 60 -30.53 -18.09 19.93
N ASP N 61 -30.53 -17.13 19.01
CA ASP N 61 -30.03 -15.78 19.36
C ASP N 61 -30.91 -15.21 20.48
N VAL N 62 -32.23 -15.24 20.28
CA VAL N 62 -33.17 -14.71 21.31
C VAL N 62 -32.95 -15.52 22.59
N ALA N 63 -32.78 -16.83 22.46
CA ALA N 63 -32.63 -17.68 23.64
C ALA N 63 -31.40 -17.25 24.44
N VAL N 64 -30.29 -16.99 23.75
CA VAL N 64 -29.03 -16.64 24.48
C VAL N 64 -29.28 -15.31 25.22
N ARG N 65 -29.97 -14.37 24.58
CA ARG N 65 -30.27 -13.08 25.25
C ARG N 65 -31.11 -13.36 26.50
N ASN N 66 -32.14 -14.19 26.34
CA ASN N 66 -33.03 -14.51 27.48
C ASN N 66 -32.16 -15.10 28.59
N ALA N 67 -31.28 -16.05 28.25
CA ALA N 67 -30.47 -16.71 29.29
C ALA N 67 -29.59 -15.68 29.98
N ASN N 68 -28.93 -14.82 29.20
CA ASN N 68 -28.09 -13.76 29.79
C ASN N 68 -28.90 -13.00 30.84
N ASP N 69 -30.04 -12.45 30.43
CA ASP N 69 -30.89 -11.67 31.36
C ASP N 69 -31.06 -12.48 32.66
N GLY N 70 -31.36 -13.78 32.53
CA GLY N 70 -31.58 -14.60 33.74
C GLY N 70 -30.36 -14.53 34.63
N ILE N 71 -29.17 -14.67 34.06
CA ILE N 71 -27.93 -14.56 34.87
C ILE N 71 -27.93 -13.17 35.51
N SER N 72 -28.22 -12.13 34.72
CA SER N 72 -28.20 -10.75 35.26
C SER N 72 -29.10 -10.69 36.48
N ILE N 73 -30.36 -11.13 36.33
CA ILE N 73 -31.33 -11.04 37.45
C ILE N 73 -30.72 -11.76 38.66
N ALA N 74 -30.27 -12.99 38.45
CA ALA N 74 -29.75 -13.78 39.58
C ALA N 74 -28.52 -13.06 40.16
N GLN N 75 -27.67 -12.52 39.29
CA GLN N 75 -26.43 -11.85 39.77
C GLN N 75 -26.84 -10.70 40.68
N THR N 76 -27.85 -9.93 40.28
CA THR N 76 -28.27 -8.76 41.09
C THR N 76 -28.69 -9.27 42.47
N ALA N 77 -29.57 -10.27 42.51
CA ALA N 77 -30.07 -10.79 43.79
C ALA N 77 -28.89 -11.33 44.60
N GLU N 78 -28.00 -12.07 43.94
CA GLU N 78 -26.86 -12.68 44.66
C GLU N 78 -26.09 -11.58 45.39
N GLY N 79 -25.78 -10.48 44.71
CA GLY N 79 -25.00 -9.41 45.32
C GLY N 79 -25.68 -8.86 46.56
N ALA N 80 -26.99 -8.62 46.47
CA ALA N 80 -27.73 -8.07 47.62
C ALA N 80 -27.59 -9.04 48.80
N MET N 81 -27.83 -10.33 48.55
CA MET N 81 -27.77 -11.32 49.65
C MET N 81 -26.37 -11.28 50.26
N ASN N 82 -25.35 -11.05 49.45
CA ASN N 82 -23.97 -10.95 49.99
C ASN N 82 -23.94 -9.89 51.09
N GLU N 83 -24.49 -8.71 50.80
CA GLU N 83 -24.47 -7.61 51.81
C GLU N 83 -25.23 -8.08 53.05
N THR N 84 -26.41 -8.67 52.85
CA THR N 84 -27.23 -9.10 54.01
C THR N 84 -26.37 -10.01 54.89
N THR N 85 -25.66 -10.95 54.26
CA THR N 85 -24.80 -11.87 55.03
C THR N 85 -23.92 -11.05 55.96
N ASN N 86 -23.18 -10.09 55.41
CA ASN N 86 -22.23 -9.30 56.23
C ASN N 86 -23.00 -8.67 57.41
N ILE N 87 -24.16 -8.09 57.12
CA ILE N 87 -24.97 -7.45 58.19
C ILE N 87 -25.32 -8.53 59.22
N LEU N 88 -25.83 -9.66 58.74
CA LEU N 88 -26.19 -10.76 59.67
C LEU N 88 -24.95 -11.11 60.50
N GLN N 89 -23.79 -11.25 59.86
CA GLN N 89 -22.57 -11.64 60.60
C GLN N 89 -22.28 -10.59 61.67
N ARG N 90 -22.40 -9.31 61.30
CA ARG N 90 -22.13 -8.21 62.26
C ARG N 90 -23.05 -8.37 63.46
N MET N 91 -24.33 -8.66 63.21
CA MET N 91 -25.30 -8.76 64.33
C MET N 91 -24.83 -9.88 65.27
N ARG N 92 -24.37 -11.00 64.70
CA ARG N 92 -23.97 -12.15 65.54
C ARG N 92 -22.85 -11.70 66.48
N ASP N 93 -21.91 -10.93 65.96
CA ASP N 93 -20.80 -10.42 66.80
C ASP N 93 -21.39 -9.61 67.96
N LEU N 94 -22.27 -8.67 67.63
CA LEU N 94 -22.87 -7.80 68.68
C LEU N 94 -23.60 -8.68 69.69
N SER N 95 -24.37 -9.63 69.19
CA SER N 95 -25.15 -10.52 70.10
C SER N 95 -24.17 -11.17 71.09
N LEU N 96 -23.10 -11.78 70.56
CA LEU N 96 -22.13 -12.48 71.43
C LEU N 96 -21.59 -11.48 72.46
N GLN N 97 -21.24 -10.27 72.01
CA GLN N 97 -20.70 -9.25 72.93
C GLN N 97 -21.73 -9.02 74.05
N SER N 98 -23.00 -8.88 73.68
CA SER N 98 -24.06 -8.64 74.68
C SER N 98 -24.07 -9.77 75.71
N ALA N 99 -24.08 -11.02 75.25
CA ALA N 99 -24.19 -12.17 76.17
C ALA N 99 -23.17 -12.05 77.30
N ASN N 100 -21.99 -11.47 77.03
CA ASN N 100 -20.92 -11.42 78.05
C ASN N 100 -21.45 -10.72 79.29
N GLY N 101 -21.17 -11.27 80.48
CA GLY N 101 -21.70 -10.70 81.73
C GLY N 101 -21.24 -9.28 81.97
N SER N 102 -19.99 -8.96 81.63
CA SER N 102 -19.45 -7.60 81.90
C SER N 102 -20.46 -6.56 81.42
N ASN N 103 -20.98 -6.73 80.21
CA ASN N 103 -21.92 -5.74 79.65
C ASN N 103 -23.13 -5.63 80.58
N SER N 104 -23.34 -4.46 81.18
CA SER N 104 -24.53 -4.26 82.05
C SER N 104 -25.72 -3.83 81.19
N LYS N 105 -26.87 -3.57 81.82
CA LYS N 105 -28.09 -3.22 81.06
C LYS N 105 -27.78 -2.08 80.08
N SER N 106 -27.11 -1.03 80.57
CA SER N 106 -26.85 0.14 79.70
C SER N 106 -26.15 -0.31 78.42
N GLU N 107 -25.12 -1.15 78.56
CA GLU N 107 -24.33 -1.57 77.37
C GLU N 107 -25.26 -2.33 76.41
N ARG N 108 -26.05 -3.25 76.97
CA ARG N 108 -26.97 -4.06 76.12
C ARG N 108 -27.84 -3.13 75.30
N VAL N 109 -28.40 -2.10 75.96
CA VAL N 109 -29.33 -1.16 75.26
C VAL N 109 -28.56 -0.55 74.09
N ALA N 110 -27.33 -0.12 74.33
CA ALA N 110 -26.54 0.53 73.25
C ALA N 110 -26.33 -0.48 72.12
N ILE N 111 -25.95 -1.71 72.47
CA ILE N 111 -25.82 -2.77 71.41
C ILE N 111 -27.19 -2.89 70.72
N GLN N 112 -28.26 -3.06 71.51
CA GLN N 112 -29.60 -3.25 70.92
C GLN N 112 -29.83 -2.18 69.85
N GLU N 113 -29.43 -0.93 70.16
CA GLU N 113 -29.68 0.17 69.20
C GLU N 113 -29.05 -0.22 67.86
N GLU N 114 -27.77 -0.60 67.86
CA GLU N 114 -27.16 -0.90 66.54
C GLU N 114 -27.91 -2.09 65.94
N ILE N 115 -28.20 -3.09 66.75
CA ILE N 115 -28.94 -4.29 66.26
C ILE N 115 -30.23 -3.80 65.57
N THR N 116 -31.03 -3.01 66.27
CA THR N 116 -32.34 -2.58 65.72
C THR N 116 -32.11 -1.90 64.37
N ALA N 117 -31.14 -1.00 64.30
CA ALA N 117 -30.88 -0.27 63.04
C ALA N 117 -30.52 -1.28 61.95
N LEU N 118 -29.64 -2.24 62.26
CA LEU N 118 -29.19 -3.22 61.25
C LEU N 118 -30.41 -4.05 60.82
N ASN N 119 -31.28 -4.40 61.77
CA ASN N 119 -32.51 -5.15 61.43
C ASN N 119 -33.22 -4.39 60.32
N ASP N 120 -33.40 -3.09 60.51
CA ASP N 120 -34.12 -2.27 59.50
C ASP N 120 -33.37 -2.36 58.16
N GLU N 121 -32.04 -2.20 58.19
CA GLU N 121 -31.27 -2.17 56.93
C GLU N 121 -31.52 -3.49 56.18
N LEU N 122 -31.39 -4.62 56.87
CA LEU N 122 -31.69 -5.92 56.22
C LEU N 122 -33.02 -5.78 55.49
N ASN N 123 -34.08 -5.47 56.24
CA ASN N 123 -35.44 -5.33 55.64
C ASN N 123 -35.38 -4.35 54.46
N ARG N 124 -34.65 -3.25 54.62
CA ARG N 124 -34.65 -2.21 53.55
C ARG N 124 -34.15 -2.86 52.25
N ILE N 125 -33.00 -3.52 52.31
CA ILE N 125 -32.42 -4.14 51.08
C ILE N 125 -33.49 -5.05 50.48
N ALA N 126 -34.16 -5.84 51.32
CA ALA N 126 -35.15 -6.81 50.82
C ALA N 126 -36.24 -6.09 50.03
N GLU N 127 -36.73 -4.95 50.53
CA GLU N 127 -37.86 -4.26 49.85
C GLU N 127 -37.35 -3.32 48.76
N THR N 128 -36.03 -3.19 48.61
CA THR N 128 -35.51 -2.20 47.63
C THR N 128 -34.87 -2.91 46.44
N THR N 129 -34.04 -3.93 46.68
CA THR N 129 -33.33 -4.63 45.59
C THR N 129 -34.26 -4.80 44.40
N SER N 130 -33.84 -4.40 43.20
CA SER N 130 -34.76 -4.47 42.03
C SER N 130 -33.98 -4.56 40.72
N PHE N 131 -34.49 -5.33 39.77
CA PHE N 131 -33.85 -5.38 38.42
C PHE N 131 -34.64 -4.46 37.49
N GLY N 132 -34.52 -3.14 37.68
CA GLY N 132 -35.24 -2.18 36.83
C GLY N 132 -36.70 -2.04 37.22
N GLY N 133 -37.00 -2.16 38.52
CA GLY N 133 -38.38 -1.99 39.00
C GLY N 133 -38.99 -3.32 39.40
N ASN N 134 -38.50 -4.42 38.83
CA ASN N 134 -38.99 -5.76 39.24
C ASN N 134 -38.36 -6.10 40.60
N LYS N 135 -39.10 -5.94 41.68
CA LYS N 135 -38.57 -6.25 43.04
C LYS N 135 -38.16 -7.73 43.05
N LEU N 136 -37.08 -8.06 43.78
CA LEU N 136 -36.57 -9.46 43.74
C LEU N 136 -36.64 -10.12 45.12
N LEU N 137 -36.13 -9.47 46.16
CA LEU N 137 -36.02 -10.16 47.48
C LEU N 137 -37.14 -9.77 48.46
N ASN N 138 -38.20 -9.11 47.99
CA ASN N 138 -39.26 -8.65 48.91
C ASN N 138 -40.25 -9.79 49.16
N GLY N 139 -40.36 -10.72 48.22
CA GLY N 139 -41.29 -11.85 48.37
C GLY N 139 -42.31 -11.85 47.25
N THR N 140 -42.20 -10.89 46.32
CA THR N 140 -43.19 -10.79 45.22
C THR N 140 -42.67 -11.54 43.99
N PHE N 141 -41.34 -11.63 43.84
CA PHE N 141 -40.76 -12.39 42.72
C PHE N 141 -40.99 -13.88 42.97
N SER N 142 -42.16 -14.38 42.57
CA SER N 142 -42.42 -15.83 42.70
C SER N 142 -41.72 -16.56 41.55
N THR N 143 -41.77 -17.89 41.56
CA THR N 143 -41.11 -18.68 40.49
C THR N 143 -41.38 -18.03 39.14
N LYS N 144 -40.32 -17.67 38.40
CA LYS N 144 -40.50 -17.12 37.04
C LYS N 144 -39.71 -17.98 36.05
N SER N 145 -40.24 -18.20 34.85
CA SER N 145 -39.56 -19.10 33.89
C SER N 145 -38.75 -18.29 32.87
N PHE N 146 -37.60 -18.81 32.45
CA PHE N 146 -36.77 -18.11 31.43
C PHE N 146 -36.64 -19.00 30.18
N GLN N 147 -37.27 -18.60 29.07
CA GLN N 147 -37.22 -19.41 27.83
C GLN N 147 -35.81 -19.33 27.25
N ILE N 148 -35.00 -20.38 27.44
CA ILE N 148 -33.59 -20.35 26.96
C ILE N 148 -33.46 -21.31 25.79
N GLY N 149 -34.53 -21.47 25.00
CA GLY N 149 -34.52 -22.39 23.85
C GLY N 149 -35.31 -21.84 22.70
N ALA N 150 -35.07 -22.33 21.48
CA ALA N 150 -35.76 -21.79 20.29
C ALA N 150 -37.24 -22.18 20.30
N ASP N 151 -37.56 -23.42 20.65
CA ASP N 151 -38.97 -23.87 20.58
C ASP N 151 -39.67 -23.57 21.91
N ASN N 152 -40.99 -23.44 21.89
CA ASN N 152 -41.75 -23.13 23.12
C ASN N 152 -41.65 -24.30 24.10
N GLY N 153 -41.77 -24.04 25.40
CA GLY N 153 -41.75 -25.13 26.40
C GLY N 153 -40.34 -25.51 26.81
N GLU N 154 -39.38 -24.64 26.55
CA GLU N 154 -37.97 -24.94 26.90
C GLU N 154 -37.48 -23.87 27.87
N ALA N 155 -38.00 -23.87 29.09
CA ALA N 155 -37.63 -22.82 30.06
C ALA N 155 -37.23 -23.42 31.41
N VAL N 156 -36.55 -22.64 32.25
CA VAL N 156 -36.10 -23.12 33.58
C VAL N 156 -36.82 -22.29 34.64
N MET N 157 -37.23 -22.89 35.75
CA MET N 157 -38.04 -22.16 36.76
C MET N 157 -37.13 -21.59 37.85
N LEU N 158 -36.76 -20.30 37.74
CA LEU N 158 -35.95 -19.67 38.80
C LEU N 158 -36.90 -19.10 39.88
N THR N 159 -36.61 -19.37 41.15
CA THR N 159 -37.52 -18.92 42.23
C THR N 159 -36.75 -18.05 43.24
N LEU N 160 -37.03 -16.75 43.26
CA LEU N 160 -36.39 -15.88 44.29
C LEU N 160 -37.19 -16.05 45.59
N LYS N 161 -36.52 -15.90 46.74
CA LYS N 161 -37.21 -16.12 48.03
C LYS N 161 -37.17 -14.84 48.86
N ASP N 162 -38.08 -14.71 49.83
CA ASP N 162 -38.14 -13.50 50.68
C ASP N 162 -36.90 -13.47 51.57
N MET N 163 -36.16 -12.37 51.52
CA MET N 163 -34.95 -12.21 52.39
C MET N 163 -35.29 -11.27 53.54
N ARG N 164 -36.58 -10.91 53.68
CA ARG N 164 -37.02 -9.99 54.75
C ARG N 164 -36.64 -10.58 56.12
N SER N 165 -36.26 -9.74 57.08
CA SER N 165 -35.77 -10.25 58.39
C SER N 165 -36.89 -10.99 59.13
N ASP N 166 -38.13 -10.85 58.70
CA ASP N 166 -39.26 -11.47 59.45
C ASP N 166 -39.76 -12.72 58.69
N ASN N 167 -38.94 -13.26 57.79
CA ASN N 167 -39.34 -14.49 57.06
C ASN N 167 -39.27 -15.68 58.04
N ARG N 168 -40.20 -16.63 57.92
CA ARG N 168 -40.23 -17.76 58.87
C ARG N 168 -38.86 -18.45 58.84
N MET N 169 -38.33 -18.71 57.64
CA MET N 169 -37.04 -19.43 57.52
C MET N 169 -35.92 -18.61 58.18
N MET N 170 -36.08 -17.29 58.26
CA MET N 170 -35.02 -16.42 58.82
C MET N 170 -34.87 -16.72 60.32
N GLY N 171 -35.83 -17.43 60.91
CA GLY N 171 -35.72 -17.80 62.33
C GLY N 171 -36.32 -19.17 62.59
N GLY N 172 -36.71 -19.46 63.84
CA GLY N 172 -37.37 -20.73 64.15
C GLY N 172 -38.11 -20.70 65.47
N THR N 173 -38.37 -21.89 66.04
CA THR N 173 -39.10 -21.97 67.33
C THR N 173 -38.10 -21.95 68.49
N SER N 174 -38.43 -21.23 69.56
CA SER N 174 -37.56 -21.19 70.77
C SER N 174 -38.32 -21.80 71.95
N TYR N 175 -37.70 -22.73 72.66
CA TYR N 175 -38.34 -23.35 73.85
C TYR N 175 -37.48 -23.01 75.07
N VAL N 176 -38.05 -22.32 76.06
CA VAL N 176 -37.25 -21.86 77.23
C VAL N 176 -37.72 -22.60 78.49
N ALA N 177 -36.78 -23.04 79.32
CA ALA N 177 -37.14 -23.72 80.59
C ALA N 177 -37.84 -22.73 81.52
N ALA N 178 -38.50 -23.25 82.57
CA ALA N 178 -39.14 -22.36 83.55
C ALA N 178 -38.43 -22.47 84.90
N GLU N 179 -37.80 -23.63 85.16
CA GLU N 179 -37.14 -23.85 86.47
C GLU N 179 -35.75 -23.23 86.45
N GLY N 180 -35.61 -22.01 86.99
CA GLY N 180 -34.29 -21.37 87.07
C GLY N 180 -33.34 -22.20 87.90
N LYS N 181 -32.07 -22.31 87.49
CA LYS N 181 -31.11 -23.17 88.21
C LYS N 181 -30.02 -22.31 88.86
N ASP N 182 -29.77 -22.52 90.16
CA ASP N 182 -28.74 -21.75 90.89
C ASP N 182 -27.35 -22.36 90.64
N LYS N 183 -26.30 -21.65 91.04
CA LYS N 183 -24.92 -22.15 90.81
C LYS N 183 -24.75 -23.50 91.51
N ASP N 184 -25.23 -23.62 92.75
CA ASP N 184 -25.01 -24.88 93.52
C ASP N 184 -25.68 -26.04 92.78
N TRP N 185 -26.83 -25.81 92.16
CA TRP N 185 -27.56 -26.93 91.50
C TRP N 185 -26.67 -27.56 90.45
N LYS N 186 -26.61 -28.90 90.45
CA LYS N 186 -25.84 -29.61 89.40
C LYS N 186 -26.76 -30.68 88.82
N VAL N 187 -26.32 -31.38 87.77
CA VAL N 187 -27.16 -32.51 87.27
C VAL N 187 -26.92 -33.68 88.22
N GLN N 188 -27.98 -34.14 88.90
CA GLN N 188 -27.84 -35.28 89.84
C GLN N 188 -28.20 -36.57 89.10
N ALA N 189 -27.95 -37.72 89.72
CA ALA N 189 -28.35 -39.00 89.11
C ALA N 189 -29.86 -39.03 88.97
N GLY N 190 -30.37 -39.70 87.92
CA GLY N 190 -31.83 -39.73 87.69
C GLY N 190 -32.26 -38.52 86.87
N ALA N 191 -31.59 -37.39 87.08
CA ALA N 191 -31.89 -36.19 86.27
C ALA N 191 -30.81 -36.05 85.20
N ASN N 192 -30.07 -37.13 84.94
CA ASN N 192 -28.95 -37.08 83.97
C ASN N 192 -29.46 -37.51 82.59
N ASP N 193 -30.76 -37.42 82.34
CA ASP N 193 -31.31 -37.93 81.05
C ASP N 193 -32.28 -36.92 80.44
N ILE N 194 -32.14 -36.64 79.15
CA ILE N 194 -33.08 -35.74 78.44
C ILE N 194 -33.26 -36.27 77.02
N THR N 195 -34.46 -36.16 76.46
CA THR N 195 -34.72 -36.71 75.10
C THR N 195 -35.35 -35.63 74.23
N PHE N 196 -34.90 -35.53 72.97
CA PHE N 196 -35.43 -34.51 72.04
C PHE N 196 -36.12 -35.21 70.86
N THR N 197 -37.46 -35.28 70.89
CA THR N 197 -38.20 -35.88 69.76
C THR N 197 -38.59 -34.74 68.79
N LEU N 198 -37.91 -34.65 67.65
CA LEU N 198 -38.16 -33.53 66.72
C LEU N 198 -38.29 -34.06 65.28
N LYS N 199 -39.18 -33.47 64.50
CA LYS N 199 -39.34 -33.88 63.08
C LYS N 199 -38.29 -33.15 62.25
N ASP N 200 -37.33 -33.88 61.68
CA ASP N 200 -36.24 -33.24 60.90
C ASP N 200 -36.86 -32.43 59.76
N ILE N 201 -36.18 -31.37 59.33
CA ILE N 201 -36.70 -30.51 58.22
C ILE N 201 -37.19 -31.42 57.10
N ASP N 202 -36.41 -32.45 56.73
CA ASP N 202 -36.78 -33.34 55.59
C ASP N 202 -38.14 -33.99 55.87
N GLY N 203 -38.50 -34.13 57.15
CA GLY N 203 -39.76 -34.81 57.50
C GLY N 203 -39.48 -36.09 58.25
N ASN N 204 -38.29 -36.66 58.08
CA ASN N 204 -37.92 -37.86 58.86
C ASN N 204 -37.91 -37.46 60.34
N ASP N 205 -38.47 -38.31 61.21
CA ASP N 205 -38.47 -38.01 62.66
C ASP N 205 -37.07 -38.34 63.22
N GLN N 206 -36.65 -37.63 64.26
CA GLN N 206 -35.32 -37.87 64.87
C GLN N 206 -35.46 -37.99 66.38
N THR N 207 -34.60 -38.79 67.02
CA THR N 207 -34.63 -38.87 68.51
C THR N 207 -33.21 -38.76 69.04
N ILE N 208 -32.93 -37.70 69.81
CA ILE N 208 -31.57 -37.48 70.37
C ILE N 208 -31.66 -37.57 71.90
N THR N 209 -31.06 -38.60 72.50
CA THR N 209 -31.04 -38.69 73.98
C THR N 209 -29.67 -38.25 74.49
N VAL N 210 -29.59 -37.04 75.03
CA VAL N 210 -28.28 -36.50 75.51
C VAL N 210 -28.18 -36.74 77.02
N ASN N 211 -27.80 -37.95 77.42
CA ASN N 211 -27.59 -38.21 78.88
C ASN N 211 -26.47 -37.31 79.38
N ALA N 212 -26.80 -36.29 80.18
CA ALA N 212 -25.78 -35.32 80.64
C ALA N 212 -24.90 -35.93 81.72
N LYS N 213 -23.70 -35.37 81.93
CA LYS N 213 -22.79 -35.86 82.99
C LYS N 213 -23.31 -35.36 84.33
N GLU N 214 -22.73 -35.82 85.44
CA GLU N 214 -23.25 -35.43 86.78
C GLU N 214 -22.33 -34.37 87.39
N GLY N 215 -22.86 -33.58 88.32
CA GLY N 215 -22.02 -32.58 89.02
C GLY N 215 -21.73 -31.37 88.15
N ASP N 216 -22.35 -31.31 86.97
CA ASP N 216 -22.05 -30.19 86.03
C ASP N 216 -23.13 -29.11 86.19
N ASP N 217 -22.73 -27.85 86.10
CA ASP N 217 -23.68 -26.73 86.27
C ASP N 217 -24.56 -26.61 85.03
N ILE N 218 -25.69 -25.91 85.14
CA ILE N 218 -26.61 -25.76 83.97
C ILE N 218 -25.81 -25.28 82.77
N GLU N 219 -24.84 -24.39 82.99
CA GLU N 219 -23.99 -23.91 81.87
C GLU N 219 -23.33 -25.12 81.21
N GLU N 220 -22.59 -25.91 81.99
CA GLU N 220 -21.88 -27.09 81.43
C GLU N 220 -22.91 -27.96 80.69
N VAL N 221 -24.11 -28.10 81.26
CA VAL N 221 -25.16 -28.93 80.61
C VAL N 221 -25.42 -28.34 79.22
N ALA N 222 -25.60 -27.03 79.15
CA ALA N 222 -25.90 -26.40 77.85
C ALA N 222 -24.79 -26.76 76.85
N THR N 223 -23.53 -26.59 77.25
CA THR N 223 -22.42 -26.86 76.31
C THR N 223 -22.50 -28.33 75.88
N TYR N 224 -22.73 -29.23 76.85
CA TYR N 224 -22.75 -30.68 76.53
C TYR N 224 -23.76 -30.90 75.42
N ILE N 225 -24.97 -30.38 75.60
CA ILE N 225 -26.02 -30.51 74.55
C ILE N 225 -25.45 -29.98 73.24
N ASN N 226 -25.00 -28.72 73.24
CA ASN N 226 -24.52 -28.09 71.99
C ASN N 226 -23.47 -28.99 71.35
N GLY N 227 -22.87 -29.89 72.14
CA GLY N 227 -21.82 -30.78 71.60
C GLY N 227 -22.38 -32.11 71.12
N GLN N 228 -23.27 -32.72 71.90
CA GLN N 228 -23.79 -34.07 71.55
C GLN N 228 -24.85 -33.98 70.46
N THR N 229 -25.13 -32.78 69.97
CA THR N 229 -26.13 -32.62 68.87
C THR N 229 -26.01 -31.25 68.22
N ASP N 230 -26.53 -31.10 67.00
CA ASP N 230 -26.51 -29.80 66.29
C ASP N 230 -27.92 -29.45 65.85
N MET N 231 -28.80 -30.47 65.80
CA MET N 231 -30.19 -30.25 65.36
C MET N 231 -30.82 -29.17 66.25
N VAL N 232 -30.43 -29.15 67.53
CA VAL N 232 -31.00 -28.16 68.48
C VAL N 232 -29.85 -27.33 69.07
N LYS N 233 -30.08 -26.04 69.33
CA LYS N 233 -29.04 -25.18 69.96
C LYS N 233 -29.50 -24.83 71.37
N ALA N 234 -28.62 -24.96 72.36
CA ALA N 234 -29.03 -24.74 73.76
C ALA N 234 -28.37 -23.47 74.32
N SER N 235 -28.99 -22.85 75.33
CA SER N 235 -28.44 -21.63 75.97
C SER N 235 -28.99 -21.52 77.40
N VAL N 236 -28.44 -20.61 78.20
CA VAL N 236 -28.91 -20.43 79.60
C VAL N 236 -29.22 -18.95 79.84
N ASN N 237 -30.42 -18.65 80.35
CA ASN N 237 -30.82 -17.24 80.59
C ASN N 237 -30.34 -16.81 81.98
N GLU N 238 -30.49 -15.52 82.30
CA GLU N 238 -30.04 -14.99 83.61
C GLU N 238 -30.66 -15.83 84.73
N LYS N 239 -31.97 -16.08 84.67
CA LYS N 239 -32.64 -16.81 85.77
C LYS N 239 -31.99 -18.18 85.96
N GLY N 240 -31.30 -18.67 84.93
CA GLY N 240 -30.71 -20.02 85.00
C GLY N 240 -31.64 -21.05 84.38
N GLN N 241 -32.41 -20.64 83.38
CA GLN N 241 -33.34 -21.56 82.70
C GLN N 241 -32.74 -21.95 81.35
N LEU N 242 -32.59 -23.24 81.09
CA LEU N 242 -31.98 -23.71 79.81
C LEU N 242 -32.92 -23.35 78.66
N GLN N 243 -32.41 -22.62 77.67
CA GLN N 243 -33.23 -22.31 76.46
C GLN N 243 -32.76 -23.23 75.34
N ILE N 244 -33.70 -23.61 74.47
CA ILE N 244 -33.36 -24.55 73.36
C ILE N 244 -34.00 -24.02 72.07
N PHE N 245 -33.21 -23.34 71.24
CA PHE N 245 -33.72 -22.83 69.95
C PHE N 245 -33.69 -23.95 68.91
N ALA N 246 -34.70 -24.00 68.05
CA ALA N 246 -34.75 -25.04 67.00
C ALA N 246 -34.97 -24.37 65.64
N GLY N 247 -33.88 -24.19 64.88
CA GLY N 247 -34.01 -23.51 63.58
C GLY N 247 -35.00 -24.23 62.69
N ASN N 248 -36.04 -23.52 62.22
CA ASN N 248 -37.01 -24.14 61.28
C ASN N 248 -36.23 -24.91 60.22
N ASN N 249 -35.13 -24.32 59.74
CA ASN N 249 -34.36 -24.95 58.63
C ASN N 249 -33.86 -26.35 59.01
N LYS N 250 -34.01 -26.74 60.28
CA LYS N 250 -33.44 -28.06 60.70
C LYS N 250 -34.48 -28.88 61.47
N VAL N 251 -35.58 -28.24 61.90
CA VAL N 251 -36.63 -28.95 62.69
C VAL N 251 -37.99 -28.49 62.18
N THR N 252 -38.75 -29.39 61.55
CA THR N 252 -40.11 -29.03 61.07
C THR N 252 -41.15 -29.59 62.03
N GLY N 253 -41.12 -29.19 63.30
CA GLY N 253 -42.05 -29.78 64.28
C GLY N 253 -41.83 -29.22 65.69
N ASP N 254 -42.60 -29.71 66.66
CA ASP N 254 -42.50 -29.22 68.05
C ASP N 254 -41.66 -30.21 68.86
N VAL N 255 -40.48 -29.80 69.33
CA VAL N 255 -39.58 -30.73 70.07
C VAL N 255 -40.31 -31.26 71.31
N ALA N 256 -40.33 -32.58 71.50
CA ALA N 256 -41.00 -33.18 72.68
C ALA N 256 -39.95 -33.42 73.78
N PHE N 257 -39.76 -32.43 74.65
CA PHE N 257 -38.75 -32.55 75.72
C PHE N 257 -39.20 -33.63 76.72
N SER N 258 -38.36 -34.64 76.95
CA SER N 258 -38.73 -35.74 77.88
C SER N 258 -37.47 -36.30 78.55
N GLY N 259 -37.53 -36.53 79.86
CA GLY N 259 -36.38 -37.10 80.58
C GLY N 259 -36.29 -36.57 82.00
N GLY N 260 -35.49 -37.22 82.85
CA GLY N 260 -35.35 -36.78 84.24
C GLY N 260 -34.83 -35.35 84.32
N LEU N 261 -33.91 -35.00 83.42
CA LEU N 261 -33.42 -33.59 83.37
C LEU N 261 -34.62 -32.68 83.10
N ALA N 262 -35.40 -32.99 82.06
CA ALA N 262 -36.63 -32.20 81.81
C ALA N 262 -37.50 -32.28 83.06
N GLY N 263 -37.49 -33.45 83.71
CA GLY N 263 -38.29 -33.63 84.93
C GLY N 263 -37.89 -32.64 86.00
N ALA N 264 -36.70 -32.05 85.85
CA ALA N 264 -36.22 -31.05 86.85
C ALA N 264 -36.31 -29.67 86.21
N LEU N 265 -36.34 -29.63 84.87
CA LEU N 265 -36.48 -28.33 84.17
C LEU N 265 -37.97 -28.12 83.85
N ASN N 266 -38.27 -27.21 82.93
CA ASN N 266 -39.67 -26.96 82.51
C ASN N 266 -39.61 -26.28 81.14
N MET N 267 -39.20 -27.03 80.11
CA MET N 267 -39.01 -26.42 78.76
C MET N 267 -40.27 -25.67 78.32
N GLN N 268 -41.41 -25.92 78.97
CA GLN N 268 -42.66 -25.19 78.64
C GLN N 268 -43.01 -25.37 77.17
N ALA N 269 -43.44 -24.30 76.50
CA ALA N 269 -43.86 -24.40 75.08
C ALA N 269 -42.77 -23.85 74.16
N GLY N 270 -43.12 -23.60 72.90
CA GLY N 270 -42.13 -23.07 71.94
C GLY N 270 -42.63 -21.82 71.24
N THR N 271 -42.04 -20.66 71.57
CA THR N 271 -42.40 -19.40 70.87
C THR N 271 -41.61 -19.32 69.58
N ALA N 272 -42.10 -18.57 68.59
CA ALA N 272 -41.41 -18.50 67.28
C ALA N 272 -40.66 -17.17 67.18
N GLU N 273 -39.33 -17.22 67.02
CA GLU N 273 -38.51 -16.00 66.97
C GLU N 273 -37.84 -15.86 65.60
N THR N 274 -37.73 -14.63 65.09
CA THR N 274 -37.02 -14.40 63.81
C THR N 274 -36.04 -13.25 64.05
N VAL N 275 -35.10 -13.04 63.12
CA VAL N 275 -34.08 -11.97 63.30
C VAL N 275 -34.80 -10.64 63.55
N ASP N 276 -35.94 -10.42 62.89
CA ASP N 276 -36.70 -9.16 63.06
C ASP N 276 -37.13 -8.99 64.51
N THR N 277 -37.08 -10.06 65.31
CA THR N 277 -37.59 -9.96 66.70
C THR N 277 -36.46 -10.16 67.72
N ILE N 278 -35.20 -10.00 67.31
CA ILE N 278 -34.08 -10.28 68.25
C ILE N 278 -33.96 -9.13 69.26
N ASP N 279 -33.83 -9.47 70.54
CA ASP N 279 -33.64 -8.44 71.59
C ASP N 279 -32.42 -8.83 72.42
N VAL N 280 -31.37 -8.00 72.44
CA VAL N 280 -30.12 -8.40 73.15
C VAL N 280 -30.05 -7.71 74.51
N THR N 281 -31.20 -7.27 75.05
CA THR N 281 -31.20 -6.54 76.34
C THR N 281 -31.18 -7.54 77.49
N SER N 282 -31.17 -8.84 77.19
CA SER N 282 -31.18 -9.88 78.25
C SER N 282 -30.19 -10.99 77.90
N VAL N 283 -29.40 -11.44 78.88
CA VAL N 283 -28.40 -12.51 78.62
C VAL N 283 -29.08 -13.61 77.81
N GLY N 284 -30.22 -14.10 78.29
CA GLY N 284 -30.93 -15.18 77.58
C GLY N 284 -31.29 -14.73 76.17
N GLY N 285 -31.81 -13.51 76.04
CA GLY N 285 -32.22 -13.01 74.71
C GLY N 285 -31.05 -13.04 73.75
N ALA N 286 -29.90 -12.54 74.19
CA ALA N 286 -28.70 -12.55 73.33
C ALA N 286 -28.36 -13.99 72.95
N GLN N 287 -28.19 -14.85 73.94
CA GLN N 287 -27.78 -16.25 73.65
C GLN N 287 -28.69 -16.81 72.57
N GLN N 288 -29.99 -16.58 72.69
CA GLN N 288 -30.98 -17.08 71.69
C GLN N 288 -30.74 -16.36 70.37
N SER N 289 -30.48 -15.05 70.44
CA SER N 289 -30.31 -14.30 69.17
C SER N 289 -29.19 -14.94 68.36
N VAL N 290 -28.08 -15.31 69.01
CA VAL N 290 -26.93 -15.85 68.24
C VAL N 290 -27.47 -17.00 67.39
N ALA N 291 -28.22 -17.91 68.00
CA ALA N 291 -28.72 -19.09 67.26
C ALA N 291 -29.64 -18.63 66.12
N VAL N 292 -30.52 -17.68 66.40
CA VAL N 292 -31.48 -17.21 65.36
C VAL N 292 -30.66 -16.68 64.18
N ILE N 293 -29.61 -15.91 64.47
CA ILE N 293 -28.77 -15.33 63.38
C ILE N 293 -28.15 -16.48 62.59
N ASP N 294 -27.69 -17.52 63.28
CA ASP N 294 -27.07 -18.68 62.60
C ASP N 294 -28.08 -19.27 61.60
N SER N 295 -29.29 -19.56 62.06
CA SER N 295 -30.31 -20.15 61.17
C SER N 295 -30.47 -19.25 59.94
N ALA N 296 -30.47 -17.94 60.18
CA ALA N 296 -30.63 -16.97 59.07
C ALA N 296 -29.40 -17.05 58.16
N LEU N 297 -28.20 -17.02 58.74
CA LEU N 297 -26.98 -17.04 57.91
C LEU N 297 -27.05 -18.26 56.99
N LYS N 298 -27.47 -19.40 57.55
CA LYS N 298 -27.56 -20.64 56.73
C LYS N 298 -28.59 -20.43 55.63
N TYR N 299 -29.78 -19.92 55.99
CA TYR N 299 -30.86 -19.73 55.00
C TYR N 299 -30.33 -18.89 53.83
N VAL N 300 -29.76 -17.73 54.13
CA VAL N 300 -29.27 -16.83 53.06
C VAL N 300 -28.30 -17.63 52.21
N ASP N 301 -27.25 -18.18 52.83
CA ASP N 301 -26.23 -18.95 52.07
C ASP N 301 -26.94 -19.99 51.22
N SER N 302 -27.93 -20.67 51.78
CA SER N 302 -28.65 -21.74 51.04
C SER N 302 -29.27 -21.15 49.77
N HIS N 303 -29.99 -20.04 49.92
CA HIS N 303 -30.62 -19.39 48.75
C HIS N 303 -29.50 -19.04 47.77
N ARG N 304 -28.41 -18.45 48.29
CA ARG N 304 -27.28 -18.06 47.42
C ARG N 304 -26.84 -19.28 46.61
N ALA N 305 -26.50 -20.38 47.28
CA ALA N 305 -26.00 -21.58 46.58
C ALA N 305 -26.93 -21.89 45.40
N GLU N 306 -28.23 -22.00 45.69
CA GLU N 306 -29.22 -22.30 44.62
C GLU N 306 -29.03 -21.30 43.48
N LEU N 307 -28.99 -20.01 43.82
CA LEU N 307 -28.86 -18.95 42.78
C LEU N 307 -27.60 -19.25 41.96
N GLY N 308 -26.48 -19.48 42.64
CA GLY N 308 -25.21 -19.75 41.94
C GLY N 308 -25.39 -20.90 40.97
N ALA N 309 -26.11 -21.95 41.40
CA ALA N 309 -26.30 -23.13 40.53
C ALA N 309 -27.03 -22.69 39.26
N PHE N 310 -28.09 -21.89 39.42
CA PHE N 310 -28.84 -21.38 38.25
C PHE N 310 -27.86 -20.69 37.30
N GLN N 311 -27.01 -19.82 37.85
CA GLN N 311 -26.07 -19.05 36.98
C GLN N 311 -25.16 -20.03 36.25
N ASN N 312 -24.56 -20.97 36.98
CA ASN N 312 -23.64 -21.96 36.34
C ASN N 312 -24.41 -22.76 35.29
N ARG N 313 -25.57 -23.29 35.65
CA ARG N 313 -26.39 -24.07 34.69
C ARG N 313 -26.61 -23.20 33.45
N PHE N 314 -27.06 -21.97 33.67
CA PHE N 314 -27.38 -21.07 32.53
C PHE N 314 -26.09 -20.78 31.74
N ASN N 315 -24.98 -20.63 32.44
CA ASN N 315 -23.68 -20.35 31.76
C ASN N 315 -23.39 -21.51 30.79
N HIS N 316 -23.56 -22.75 31.25
CA HIS N 316 -23.36 -23.93 30.37
C HIS N 316 -24.41 -23.89 29.26
N ALA N 317 -25.64 -23.57 29.61
CA ALA N 317 -26.73 -23.56 28.62
C ALA N 317 -26.35 -22.61 27.48
N ILE N 318 -25.90 -21.40 27.83
CA ILE N 318 -25.52 -20.41 26.79
C ILE N 318 -24.45 -21.03 25.90
N SER N 319 -23.41 -21.61 26.49
CA SER N 319 -22.30 -22.16 25.68
C SER N 319 -22.87 -23.17 24.67
N ASN N 320 -23.67 -24.12 25.14
CA ASN N 320 -24.21 -25.17 24.24
C ASN N 320 -25.02 -24.49 23.13
N LEU N 321 -25.82 -23.50 23.49
CA LEU N 321 -26.70 -22.85 22.48
C LEU N 321 -25.84 -22.33 21.34
N ASP N 322 -24.75 -21.62 21.66
CA ASP N 322 -23.92 -21.01 20.59
C ASP N 322 -23.40 -22.11 19.66
N ASN N 323 -22.97 -23.23 20.24
CA ASN N 323 -22.40 -24.33 19.42
C ASN N 323 -23.46 -24.78 18.41
N ILE N 324 -24.66 -25.06 18.90
CA ILE N 324 -25.77 -25.46 17.99
C ILE N 324 -25.98 -24.33 16.98
N ASN N 325 -25.97 -23.09 17.44
CA ASN N 325 -26.22 -21.93 16.54
C ASN N 325 -25.18 -21.93 15.43
N GLU N 326 -23.92 -22.09 15.80
CA GLU N 326 -22.82 -22.03 14.79
C GLU N 326 -23.06 -23.13 13.75
N ASN N 327 -23.27 -24.37 14.20
CA ASN N 327 -23.40 -25.50 13.24
C ASN N 327 -24.64 -25.27 12.37
N VAL N 328 -25.72 -24.76 12.97
CA VAL N 328 -26.99 -24.56 12.19
C VAL N 328 -26.72 -23.55 11.07
N ASN N 329 -26.06 -22.45 11.40
CA ASN N 329 -25.74 -21.42 10.37
C ASN N 329 -24.95 -22.10 9.26
N ALA N 330 -23.91 -22.84 9.63
CA ALA N 330 -23.05 -23.51 8.63
C ALA N 330 -23.92 -24.40 7.75
N SER N 331 -24.85 -25.14 8.37
CA SER N 331 -25.77 -26.00 7.60
C SER N 331 -26.59 -25.13 6.64
N LYS N 332 -27.09 -24.00 7.14
CA LYS N 332 -27.93 -23.11 6.30
C LYS N 332 -27.09 -22.66 5.10
N SER N 333 -25.80 -22.45 5.32
CA SER N 333 -24.91 -21.99 4.22
C SER N 333 -24.94 -23.04 3.10
N ARG N 334 -24.67 -24.29 3.44
CA ARG N 334 -24.57 -25.34 2.41
C ARG N 334 -25.90 -25.40 1.64
N ILE N 335 -27.02 -25.08 2.29
CA ILE N 335 -28.34 -25.24 1.62
C ILE N 335 -28.74 -23.97 0.86
N LYS N 336 -28.69 -22.81 1.52
CA LYS N 336 -29.24 -21.58 0.86
C LYS N 336 -28.15 -20.66 0.30
N ASP N 337 -26.96 -20.63 0.89
CA ASP N 337 -25.93 -19.65 0.44
C ASP N 337 -25.49 -19.95 -0.99
N THR N 338 -24.96 -18.94 -1.69
CA THR N 338 -24.52 -19.10 -3.10
C THR N 338 -22.99 -19.32 -3.14
N ASP N 339 -22.56 -20.36 -3.85
CA ASP N 339 -21.10 -20.59 -4.03
C ASP N 339 -20.65 -19.67 -5.17
N PHE N 340 -20.16 -18.47 -4.84
CA PHE N 340 -19.81 -17.50 -5.90
C PHE N 340 -19.02 -18.23 -6.99
N ALA N 341 -18.00 -19.00 -6.59
CA ALA N 341 -17.15 -19.67 -7.60
C ALA N 341 -18.03 -20.36 -8.64
N LYS N 342 -18.88 -21.29 -8.21
CA LYS N 342 -19.72 -22.05 -9.16
C LYS N 342 -20.60 -21.07 -9.94
N GLU N 343 -21.24 -20.14 -9.23
CA GLU N 343 -22.18 -19.21 -9.92
C GLU N 343 -21.40 -18.34 -10.90
N THR N 344 -20.25 -17.81 -10.49
CA THR N 344 -19.50 -16.88 -11.38
C THR N 344 -19.22 -17.60 -12.70
N THR N 345 -18.80 -18.86 -12.62
CA THR N 345 -18.58 -19.65 -13.85
C THR N 345 -19.89 -19.71 -14.64
N ALA N 346 -20.96 -20.15 -13.99
CA ALA N 346 -22.25 -20.29 -14.71
C ALA N 346 -22.56 -18.99 -15.44
N LEU N 347 -22.37 -17.86 -14.78
CA LEU N 347 -22.61 -16.56 -15.44
C LEU N 347 -21.67 -16.45 -16.65
N THR N 348 -20.37 -16.66 -16.43
CA THR N 348 -19.39 -16.52 -17.54
C THR N 348 -19.84 -17.45 -18.68
N LYS N 349 -20.15 -18.70 -18.36
CA LYS N 349 -20.54 -19.66 -19.40
C LYS N 349 -21.80 -19.14 -20.10
N SER N 350 -22.80 -18.79 -19.32
CA SER N 350 -24.09 -18.36 -19.92
C SER N 350 -23.84 -17.22 -20.90
N GLN N 351 -23.05 -16.23 -20.46
CA GLN N 351 -22.80 -15.05 -21.33
C GLN N 351 -22.20 -15.54 -22.64
N ILE N 352 -21.21 -16.43 -22.57
CA ILE N 352 -20.53 -16.90 -23.81
C ILE N 352 -21.57 -17.58 -24.70
N LEU N 353 -22.45 -18.39 -24.10
CA LEU N 353 -23.49 -19.09 -24.88
C LEU N 353 -24.36 -18.05 -25.58
N SER N 354 -24.74 -16.99 -24.86
CA SER N 354 -25.64 -15.96 -25.44
C SER N 354 -24.94 -15.30 -26.63
N GLN N 355 -23.66 -14.99 -26.47
CA GLN N 355 -22.91 -14.32 -27.56
C GLN N 355 -22.85 -15.28 -28.76
N ALA N 356 -22.66 -16.57 -28.48
CA ALA N 356 -22.62 -17.58 -29.56
C ALA N 356 -23.98 -17.62 -30.26
N SER N 357 -25.05 -17.69 -29.48
CA SER N 357 -26.42 -17.80 -30.08
C SER N 357 -26.68 -16.56 -30.93
N SER N 358 -26.38 -15.38 -30.41
CA SER N 358 -26.67 -14.13 -31.15
C SER N 358 -25.94 -14.17 -32.50
N SER N 359 -24.68 -14.60 -32.50
CA SER N 359 -23.90 -14.65 -33.75
C SER N 359 -24.62 -15.58 -34.74
N VAL N 360 -25.01 -16.77 -34.28
CA VAL N 360 -25.71 -17.73 -35.17
C VAL N 360 -26.98 -17.05 -35.68
N LEU N 361 -27.75 -16.47 -34.77
CA LEU N 361 -29.02 -15.82 -35.17
C LEU N 361 -28.71 -14.82 -36.28
N ALA N 362 -27.68 -13.99 -36.10
CA ALA N 362 -27.37 -12.95 -37.09
C ALA N 362 -27.21 -13.60 -38.45
N GLN N 363 -26.36 -14.62 -38.55
CA GLN N 363 -26.10 -15.26 -39.86
C GLN N 363 -27.40 -15.90 -40.36
N ALA N 364 -28.15 -16.53 -39.47
CA ALA N 364 -29.40 -17.21 -39.89
C ALA N 364 -30.32 -16.21 -40.59
N LYS N 365 -30.42 -15.01 -40.04
CA LYS N 365 -31.33 -13.99 -40.63
C LYS N 365 -30.88 -13.70 -42.06
N GLN N 366 -29.58 -13.85 -42.35
CA GLN N 366 -29.09 -13.49 -43.70
C GLN N 366 -29.36 -14.63 -44.67
N ALA N 367 -29.63 -15.82 -44.14
CA ALA N 367 -29.84 -16.99 -45.02
C ALA N 367 -30.88 -16.65 -46.10
N PRO N 368 -32.11 -16.22 -45.76
CA PRO N 368 -33.12 -15.97 -46.78
C PRO N 368 -32.55 -15.10 -47.91
N ASN N 369 -31.68 -14.14 -47.58
CA ASN N 369 -31.14 -13.22 -48.62
C ASN N 369 -30.71 -14.05 -49.82
N ALA N 370 -30.27 -15.28 -49.60
CA ALA N 370 -29.80 -16.14 -50.71
C ALA N 370 -30.85 -16.13 -51.83
N ALA N 371 -32.10 -16.42 -51.52
CA ALA N 371 -33.13 -16.52 -52.58
C ALA N 371 -33.05 -15.30 -53.49
N LEU N 372 -32.86 -14.10 -52.92
CA LEU N 372 -32.91 -12.87 -53.75
C LEU N 372 -31.91 -13.03 -54.91
N SER N 373 -30.76 -13.66 -54.65
CA SER N 373 -29.79 -13.89 -55.74
C SER N 373 -30.37 -14.90 -56.73
N LEU N 374 -31.03 -15.94 -56.22
CA LEU N 374 -31.57 -17.01 -57.11
C LEU N 374 -32.53 -16.38 -58.12
N LEU N 375 -33.33 -15.40 -57.67
CA LEU N 375 -34.29 -14.74 -58.60
C LEU N 375 -33.56 -13.59 -59.30
N GLY N 376 -34.10 -13.14 -60.43
CA GLY N 376 -33.47 -12.05 -61.19
C GLY N 376 -33.10 -10.88 -60.28
N ALA O 1 -54.47 -25.26 -104.51
CA ALA O 1 -53.99 -24.20 -103.58
C ALA O 1 -53.98 -24.73 -102.15
N VAL O 2 -52.99 -24.33 -101.35
CA VAL O 2 -52.92 -24.77 -99.93
C VAL O 2 -54.00 -24.01 -99.15
N ASN O 3 -54.50 -24.59 -98.06
CA ASN O 3 -55.62 -23.96 -97.29
C ASN O 3 -55.17 -22.58 -96.78
N VAL O 4 -56.07 -21.60 -96.82
CA VAL O 4 -55.77 -20.23 -96.29
C VAL O 4 -56.77 -19.90 -95.20
N ASN O 5 -57.97 -20.50 -95.26
CA ASN O 5 -59.02 -20.21 -94.25
C ASN O 5 -58.67 -20.94 -92.95
N THR O 6 -57.67 -21.83 -92.98
CA THR O 6 -57.33 -22.62 -91.78
C THR O 6 -55.81 -22.70 -91.61
N ASN O 7 -55.29 -22.37 -90.42
CA ASN O 7 -53.84 -22.49 -90.15
C ASN O 7 -53.70 -23.35 -88.90
N VAL O 8 -54.08 -24.64 -89.00
CA VAL O 8 -54.07 -25.51 -87.80
C VAL O 8 -52.78 -25.24 -87.02
N ALA O 9 -51.67 -25.01 -87.74
CA ALA O 9 -50.36 -24.83 -87.07
C ALA O 9 -50.49 -23.76 -85.99
N ALA O 10 -51.05 -22.62 -86.34
CA ALA O 10 -51.14 -21.51 -85.37
C ALA O 10 -51.92 -22.00 -84.16
N MET O 11 -53.03 -22.71 -84.40
CA MET O 11 -53.87 -23.12 -83.26
C MET O 11 -52.99 -23.92 -82.30
N THR O 12 -52.22 -24.86 -82.84
CA THR O 12 -51.32 -25.68 -81.99
C THR O 12 -50.38 -24.74 -81.23
N ALA O 13 -49.80 -23.77 -81.93
CA ALA O 13 -48.86 -22.84 -81.29
C ALA O 13 -49.59 -22.11 -80.16
N GLN O 14 -50.72 -21.49 -80.49
CA GLN O 14 -51.44 -20.67 -79.48
C GLN O 14 -51.69 -21.55 -78.25
N ARG O 15 -52.09 -22.80 -78.47
CA ARG O 15 -52.37 -23.71 -77.34
C ARG O 15 -51.15 -23.74 -76.42
N TYR O 16 -49.97 -23.99 -76.98
CA TYR O 16 -48.75 -24.11 -76.13
C TYR O 16 -48.44 -22.75 -75.52
N LEU O 17 -48.62 -21.68 -76.29
CA LEU O 17 -48.31 -20.33 -75.77
C LEU O 17 -49.14 -20.09 -74.51
N THR O 18 -50.44 -20.37 -74.59
CA THR O 18 -51.34 -20.14 -73.43
C THR O 18 -50.85 -21.01 -72.26
N GLY O 19 -50.55 -22.28 -72.54
CA GLY O 19 -50.09 -23.18 -71.47
C GLY O 19 -48.90 -22.58 -70.74
N ALA O 20 -47.94 -22.05 -71.50
CA ALA O 20 -46.75 -21.44 -70.89
C ALA O 20 -47.19 -20.22 -70.06
N THR O 21 -47.95 -19.32 -70.68
CA THR O 21 -48.43 -18.12 -69.97
C THR O 21 -48.98 -18.55 -68.60
N ASN O 22 -49.91 -19.49 -68.60
CA ASN O 22 -50.55 -19.92 -67.33
C ASN O 22 -49.46 -20.33 -66.34
N ALA O 23 -48.48 -21.10 -66.80
CA ALA O 23 -47.41 -21.58 -65.91
C ALA O 23 -46.59 -20.39 -65.42
N GLN O 24 -46.26 -19.46 -66.32
CA GLN O 24 -45.45 -18.28 -65.95
C GLN O 24 -46.16 -17.55 -64.82
N GLN O 25 -47.47 -17.33 -64.97
CA GLN O 25 -48.23 -16.58 -63.93
C GLN O 25 -48.20 -17.37 -62.63
N THR O 26 -48.38 -18.68 -62.72
CA THR O 26 -48.40 -19.52 -61.49
C THR O 26 -47.07 -19.37 -60.78
N SER O 27 -45.97 -19.52 -61.52
CA SER O 27 -44.63 -19.47 -60.90
C SER O 27 -44.40 -18.07 -60.32
N MET O 28 -44.75 -17.04 -61.08
CA MET O 28 -44.48 -15.66 -60.62
C MET O 28 -45.21 -15.45 -59.29
N GLU O 29 -46.45 -15.92 -59.18
CA GLU O 29 -47.24 -15.71 -57.95
C GLU O 29 -46.53 -16.39 -56.77
N ARG O 30 -46.19 -17.67 -56.93
CA ARG O 30 -45.58 -18.41 -55.79
C ARG O 30 -44.32 -17.70 -55.35
N LEU O 31 -43.55 -17.18 -56.31
CA LEU O 31 -42.31 -16.45 -55.97
C LEU O 31 -42.68 -15.21 -55.15
N SER O 32 -43.60 -14.40 -55.65
CA SER O 32 -44.02 -13.17 -54.93
C SER O 32 -44.60 -13.53 -53.57
N SER O 33 -45.57 -14.44 -53.54
CA SER O 33 -46.23 -14.83 -52.27
C SER O 33 -45.24 -15.51 -51.33
N GLY O 34 -44.16 -16.07 -51.90
CA GLY O 34 -43.21 -16.82 -51.06
C GLY O 34 -43.85 -18.11 -50.60
N PHE O 35 -45.19 -18.21 -50.71
CA PHE O 35 -45.89 -19.47 -50.37
C PHE O 35 -46.20 -20.24 -51.65
N LYS O 36 -46.35 -21.56 -51.53
CA LYS O 36 -46.62 -22.41 -52.72
C LYS O 36 -48.12 -22.62 -52.88
N ILE O 37 -48.78 -23.10 -51.82
CA ILE O 37 -50.25 -23.35 -51.88
C ILE O 37 -50.96 -22.01 -51.72
N ASN O 38 -51.05 -21.24 -52.80
CA ASN O 38 -51.73 -19.91 -52.74
C ASN O 38 -53.25 -20.13 -52.87
N SER O 39 -53.66 -21.18 -53.59
CA SER O 39 -55.11 -21.49 -53.73
C SER O 39 -55.31 -23.01 -53.66
N ALA O 40 -56.53 -23.45 -53.31
CA ALA O 40 -56.79 -24.90 -53.17
C ALA O 40 -56.35 -25.60 -54.47
N LYS O 41 -56.42 -24.89 -55.60
CA LYS O 41 -56.07 -25.51 -56.90
C LYS O 41 -54.67 -26.11 -56.79
N ASP O 42 -53.77 -25.44 -56.07
CA ASP O 42 -52.37 -25.92 -55.93
C ASP O 42 -52.37 -27.28 -55.24
N ASP O 43 -52.92 -27.34 -54.02
CA ASP O 43 -52.95 -28.61 -53.25
C ASP O 43 -54.05 -28.51 -52.19
N ALA O 44 -55.28 -28.88 -52.55
CA ALA O 44 -56.41 -28.77 -51.61
C ALA O 44 -56.05 -29.51 -50.31
N ALA O 45 -55.50 -30.72 -50.45
CA ALA O 45 -55.16 -31.52 -49.26
C ALA O 45 -54.20 -30.72 -48.38
N GLY O 46 -53.11 -30.26 -48.98
CA GLY O 46 -52.12 -29.48 -48.22
C GLY O 46 -52.79 -28.28 -47.58
N LEU O 47 -53.63 -27.58 -48.35
CA LEU O 47 -54.29 -26.35 -47.81
C LEU O 47 -54.93 -26.72 -46.47
N GLN O 48 -55.76 -27.76 -46.46
CA GLN O 48 -56.44 -28.18 -45.21
C GLN O 48 -55.36 -28.50 -44.17
N ILE O 49 -54.40 -29.33 -44.53
CA ILE O 49 -53.35 -29.74 -43.54
C ILE O 49 -52.59 -28.49 -43.09
N SER O 50 -52.18 -27.66 -44.04
CA SER O 50 -51.39 -26.44 -43.70
C SER O 50 -52.20 -25.59 -42.72
N ASN O 51 -53.46 -25.33 -43.07
CA ASN O 51 -54.33 -24.56 -42.14
C ASN O 51 -54.19 -25.17 -40.75
N ARG O 52 -54.41 -26.48 -40.63
CA ARG O 52 -54.37 -27.10 -39.28
C ARG O 52 -53.04 -26.73 -38.62
N LEU O 53 -51.94 -26.93 -39.35
CA LEU O 53 -50.60 -26.63 -38.80
C LEU O 53 -50.54 -25.14 -38.44
N ASN O 54 -51.01 -24.28 -39.33
CA ASN O 54 -50.93 -22.81 -39.07
C ASN O 54 -51.69 -22.53 -37.77
N VAL O 55 -52.91 -23.03 -37.66
CA VAL O 55 -53.73 -22.78 -36.44
C VAL O 55 -52.88 -23.21 -35.24
N GLN O 56 -52.36 -24.43 -35.29
CA GLN O 56 -51.58 -24.96 -34.14
C GLN O 56 -50.50 -23.94 -33.79
N SER O 57 -49.74 -23.49 -34.79
CA SER O 57 -48.62 -22.56 -34.51
C SER O 57 -49.19 -21.32 -33.80
N ARG O 58 -50.22 -20.71 -34.39
CA ARG O 58 -50.82 -19.50 -33.79
C ARG O 58 -51.26 -19.84 -32.36
N GLY O 59 -51.94 -20.97 -32.20
CA GLY O 59 -52.41 -21.38 -30.88
C GLY O 59 -51.25 -21.57 -29.91
N LEU O 60 -50.19 -22.25 -30.37
CA LEU O 60 -49.04 -22.51 -29.49
C LEU O 60 -48.48 -21.16 -29.03
N ASP O 61 -48.45 -20.19 -29.93
CA ASP O 61 -47.89 -18.85 -29.58
C ASP O 61 -48.67 -18.27 -28.41
N VAL O 62 -50.00 -18.21 -28.52
CA VAL O 62 -50.79 -17.57 -27.43
C VAL O 62 -50.57 -18.36 -26.15
N ALA O 63 -50.47 -19.69 -26.25
CA ALA O 63 -50.31 -20.53 -25.05
C ALA O 63 -49.02 -20.15 -24.33
N VAL O 64 -47.90 -20.15 -25.06
CA VAL O 64 -46.59 -19.75 -24.45
C VAL O 64 -46.83 -18.46 -23.68
N ARG O 65 -47.45 -17.47 -24.33
CA ARG O 65 -47.75 -16.18 -23.66
C ARG O 65 -48.57 -16.47 -22.40
N ASN O 66 -49.67 -17.22 -22.53
CA ASN O 66 -50.56 -17.45 -21.37
C ASN O 66 -49.72 -18.06 -20.24
N ALA O 67 -48.75 -18.90 -20.60
CA ALA O 67 -47.91 -19.56 -19.58
C ALA O 67 -47.04 -18.50 -18.88
N ASN O 68 -46.44 -17.60 -19.65
CA ASN O 68 -45.63 -16.52 -19.03
C ASN O 68 -46.55 -15.72 -18.11
N ASP O 69 -47.78 -15.44 -18.53
CA ASP O 69 -48.74 -14.73 -17.66
C ASP O 69 -48.85 -15.51 -16.36
N GLY O 70 -49.09 -16.83 -16.46
CA GLY O 70 -49.26 -17.64 -15.24
C GLY O 70 -48.04 -17.55 -14.36
N ILE O 71 -46.85 -17.71 -14.93
CA ILE O 71 -45.62 -17.73 -14.08
C ILE O 71 -45.48 -16.34 -13.44
N SER O 72 -45.97 -15.30 -14.13
CA SER O 72 -45.90 -13.93 -13.58
C SER O 72 -46.80 -13.84 -12.34
N ILE O 73 -48.02 -14.37 -12.44
CA ILE O 73 -48.98 -14.30 -11.31
C ILE O 73 -48.39 -15.10 -10.15
N ALA O 74 -47.86 -16.29 -10.44
CA ALA O 74 -47.28 -17.12 -9.37
C ALA O 74 -46.10 -16.36 -8.75
N GLN O 75 -45.28 -15.73 -9.58
CA GLN O 75 -44.09 -15.01 -9.07
C GLN O 75 -44.56 -13.91 -8.12
N THR O 76 -45.55 -13.13 -8.54
CA THR O 76 -45.99 -11.98 -7.71
C THR O 76 -46.43 -12.53 -6.35
N ALA O 77 -47.26 -13.57 -6.35
CA ALA O 77 -47.78 -14.12 -5.09
C ALA O 77 -46.61 -14.64 -4.26
N GLU O 78 -45.66 -15.32 -4.91
CA GLU O 78 -44.51 -15.89 -4.19
C GLU O 78 -43.73 -14.76 -3.51
N GLY O 79 -43.48 -13.67 -4.25
CA GLY O 79 -42.70 -12.56 -3.70
C GLY O 79 -43.37 -11.93 -2.50
N ALA O 80 -44.67 -11.71 -2.60
CA ALA O 80 -45.41 -11.15 -1.45
C ALA O 80 -45.30 -12.12 -0.28
N MET O 81 -45.55 -13.41 -0.53
CA MET O 81 -45.55 -14.39 0.58
C MET O 81 -44.18 -14.44 1.24
N ASN O 82 -43.12 -14.07 0.51
CA ASN O 82 -41.77 -14.02 1.12
C ASN O 82 -41.76 -12.96 2.23
N GLU O 83 -42.30 -11.78 1.95
CA GLU O 83 -42.35 -10.72 2.98
C GLU O 83 -43.16 -11.25 4.16
N THR O 84 -44.26 -11.95 3.87
CA THR O 84 -45.08 -12.54 4.96
C THR O 84 -44.16 -13.41 5.83
N THR O 85 -43.34 -14.25 5.20
CA THR O 85 -42.47 -15.16 5.98
C THR O 85 -41.59 -14.34 6.90
N ASN O 86 -40.98 -13.28 6.37
CA ASN O 86 -40.07 -12.43 7.20
C ASN O 86 -40.85 -11.88 8.39
N ILE O 87 -42.04 -11.32 8.13
CA ILE O 87 -42.86 -10.75 9.24
C ILE O 87 -43.06 -11.84 10.28
N LEU O 88 -43.56 -13.00 9.87
CA LEU O 88 -43.88 -14.07 10.84
C LEU O 88 -42.62 -14.38 11.66
N GLN O 89 -41.47 -14.44 11.00
CA GLN O 89 -40.21 -14.77 11.71
C GLN O 89 -39.92 -13.68 12.74
N ARG O 90 -40.01 -12.42 12.35
CA ARG O 90 -39.79 -11.30 13.30
C ARG O 90 -40.71 -11.52 14.51
N MET O 91 -42.01 -11.66 14.26
CA MET O 91 -42.98 -11.83 15.37
C MET O 91 -42.50 -12.97 16.27
N ARG O 92 -42.17 -14.11 15.69
CA ARG O 92 -41.79 -15.28 16.52
C ARG O 92 -40.70 -14.85 17.50
N ASP O 93 -39.71 -14.13 16.99
CA ASP O 93 -38.58 -13.68 17.85
C ASP O 93 -39.14 -12.80 18.97
N LEU O 94 -39.97 -11.82 18.62
CA LEU O 94 -40.57 -10.94 19.63
C LEU O 94 -41.28 -11.81 20.66
N SER O 95 -42.09 -12.75 20.19
CA SER O 95 -42.86 -13.61 21.12
C SER O 95 -41.92 -14.27 22.11
N LEU O 96 -40.83 -14.87 21.60
CA LEU O 96 -39.85 -15.54 22.48
C LEU O 96 -39.31 -14.52 23.48
N GLN O 97 -38.95 -13.33 23.00
CA GLN O 97 -38.35 -12.31 23.89
C GLN O 97 -39.32 -12.06 25.06
N SER O 98 -40.60 -11.95 24.76
CA SER O 98 -41.61 -11.67 25.82
C SER O 98 -41.63 -12.79 26.84
N ALA O 99 -41.58 -14.04 26.38
CA ALA O 99 -41.71 -15.18 27.31
C ALA O 99 -40.67 -15.08 28.43
N ASN O 100 -39.54 -14.42 28.17
CA ASN O 100 -38.45 -14.38 29.19
C ASN O 100 -39.01 -13.80 30.50
N GLY O 101 -38.73 -14.43 31.63
CA GLY O 101 -39.28 -13.99 32.93
C GLY O 101 -38.85 -12.57 33.29
N SER O 102 -37.69 -12.14 32.81
CA SER O 102 -37.17 -10.80 33.18
C SER O 102 -38.16 -9.72 32.74
N ASN O 103 -38.65 -9.83 31.51
CA ASN O 103 -39.58 -8.81 30.97
C ASN O 103 -40.73 -8.63 31.97
N SER O 104 -41.15 -7.39 32.22
CA SER O 104 -42.31 -7.14 33.11
C SER O 104 -43.52 -6.79 32.24
N LYS O 105 -44.71 -6.73 32.84
CA LYS O 105 -45.94 -6.48 32.04
C LYS O 105 -45.65 -5.35 31.04
N SER O 106 -45.02 -4.27 31.50
CA SER O 106 -44.77 -3.11 30.61
C SER O 106 -44.02 -3.56 29.35
N GLU O 107 -42.92 -4.29 29.52
CA GLU O 107 -42.10 -4.69 28.35
C GLU O 107 -42.97 -5.54 27.42
N ARG O 108 -43.78 -6.43 28.01
CA ARG O 108 -44.62 -7.33 27.18
C ARG O 108 -45.58 -6.46 26.38
N VAL O 109 -46.13 -5.42 27.00
CA VAL O 109 -47.02 -4.49 26.25
C VAL O 109 -46.23 -3.93 25.08
N ALA O 110 -45.01 -3.44 25.34
CA ALA O 110 -44.19 -2.84 24.27
C ALA O 110 -44.10 -3.84 23.11
N ILE O 111 -43.80 -5.09 23.44
CA ILE O 111 -43.65 -6.12 22.37
C ILE O 111 -45.00 -6.28 21.67
N GLN O 112 -46.09 -6.36 22.44
CA GLN O 112 -47.42 -6.61 21.84
C GLN O 112 -47.74 -5.49 20.86
N GLU O 113 -47.31 -4.28 21.15
CA GLU O 113 -47.53 -3.14 20.22
C GLU O 113 -46.92 -3.53 18.86
N GLU O 114 -45.67 -3.98 18.87
CA GLU O 114 -45.01 -4.30 17.58
C GLU O 114 -45.75 -5.50 16.98
N ILE O 115 -46.13 -6.46 17.83
CA ILE O 115 -46.88 -7.66 17.34
C ILE O 115 -48.13 -7.16 16.61
N THR O 116 -48.89 -6.27 17.26
CA THR O 116 -50.15 -5.79 16.66
C THR O 116 -49.84 -5.15 15.30
N ALA O 117 -48.82 -4.28 15.27
CA ALA O 117 -48.49 -3.58 14.01
C ALA O 117 -48.15 -4.61 12.93
N LEU O 118 -47.30 -5.57 13.27
CA LEU O 118 -46.87 -6.57 12.26
C LEU O 118 -48.10 -7.36 11.81
N ASN O 119 -48.97 -7.71 12.74
CA ASN O 119 -50.21 -8.44 12.37
C ASN O 119 -50.94 -7.61 11.31
N ASP O 120 -51.04 -6.30 11.54
CA ASP O 120 -51.76 -5.42 10.58
C ASP O 120 -51.06 -5.51 9.23
N GLU O 121 -49.73 -5.41 9.22
CA GLU O 121 -49.01 -5.41 7.92
C GLU O 121 -49.32 -6.72 7.17
N LEU O 122 -49.18 -7.85 7.85
CA LEU O 122 -49.50 -9.16 7.22
C LEU O 122 -50.83 -9.01 6.47
N ASN O 123 -51.89 -8.71 7.21
CA ASN O 123 -53.24 -8.61 6.60
C ASN O 123 -53.18 -7.62 5.43
N ARG O 124 -52.49 -6.49 5.62
CA ARG O 124 -52.42 -5.48 4.55
C ARG O 124 -51.89 -6.15 3.29
N ILE O 125 -50.76 -6.85 3.40
CA ILE O 125 -50.15 -7.52 2.22
C ILE O 125 -51.23 -8.36 1.56
N ALA O 126 -51.96 -9.16 2.35
CA ALA O 126 -52.97 -10.07 1.77
C ALA O 126 -54.00 -9.28 0.96
N GLU O 127 -54.48 -8.15 1.49
CA GLU O 127 -55.56 -7.40 0.80
C GLU O 127 -54.97 -6.46 -0.25
N THR O 128 -53.64 -6.29 -0.28
CA THR O 128 -53.04 -5.32 -1.22
C THR O 128 -52.43 -6.06 -2.41
N THR O 129 -51.65 -7.12 -2.14
CA THR O 129 -50.98 -7.87 -3.23
C THR O 129 -51.93 -8.03 -4.41
N SER O 130 -51.55 -7.54 -5.60
CA SER O 130 -52.48 -7.60 -6.73
C SER O 130 -51.73 -7.62 -8.07
N PHE O 131 -52.13 -8.50 -8.99
CA PHE O 131 -51.50 -8.55 -10.33
C PHE O 131 -52.34 -7.69 -11.28
N GLY O 132 -52.28 -6.37 -11.12
CA GLY O 132 -53.12 -5.48 -11.95
C GLY O 132 -54.58 -5.67 -11.64
N GLY O 133 -55.02 -5.26 -10.44
CA GLY O 133 -56.44 -5.35 -10.07
C GLY O 133 -56.79 -6.68 -9.45
N ASN O 134 -56.68 -7.76 -10.22
CA ASN O 134 -56.94 -9.10 -9.63
C ASN O 134 -56.11 -9.24 -8.35
N LYS O 135 -56.77 -9.38 -7.21
CA LYS O 135 -56.03 -9.60 -5.93
C LYS O 135 -55.53 -11.04 -5.92
N LEU O 136 -54.53 -11.36 -5.10
CA LEU O 136 -53.93 -12.72 -5.15
C LEU O 136 -54.02 -13.41 -3.79
N LEU O 137 -53.60 -12.75 -2.71
CA LEU O 137 -53.53 -13.43 -1.40
C LEU O 137 -54.71 -13.06 -0.49
N ASN O 138 -55.71 -12.33 -0.99
CA ASN O 138 -56.82 -11.87 -0.11
C ASN O 138 -57.81 -13.02 0.10
N GLY O 139 -57.59 -14.15 -0.58
CA GLY O 139 -58.49 -15.31 -0.43
C GLY O 139 -59.60 -15.30 -1.47
N THR O 140 -59.69 -14.22 -2.25
CA THR O 140 -60.78 -14.11 -3.27
C THR O 140 -60.32 -14.75 -4.58
N PHE O 141 -59.01 -14.83 -4.81
CA PHE O 141 -58.51 -15.52 -6.02
C PHE O 141 -58.53 -17.02 -5.74
N SER O 142 -59.56 -17.71 -6.21
CA SER O 142 -59.68 -19.17 -5.99
C SER O 142 -59.09 -19.91 -7.20
N THR O 143 -59.32 -21.22 -7.27
CA THR O 143 -58.80 -22.02 -8.40
C THR O 143 -59.03 -21.27 -9.71
N LYS O 144 -57.96 -20.97 -10.46
CA LYS O 144 -58.16 -20.35 -11.80
C LYS O 144 -57.37 -21.18 -12.82
N SER O 145 -57.98 -21.46 -13.98
CA SER O 145 -57.31 -22.30 -15.00
C SER O 145 -56.40 -21.43 -15.86
N PHE O 146 -55.34 -22.02 -16.42
CA PHE O 146 -54.41 -21.26 -17.30
C PHE O 146 -54.15 -22.05 -18.59
N GLN O 147 -54.92 -21.77 -19.65
CA GLN O 147 -54.78 -22.53 -20.91
C GLN O 147 -53.34 -22.41 -21.41
N ILE O 148 -52.59 -23.51 -21.37
CA ILE O 148 -51.18 -23.50 -21.84
C ILE O 148 -51.07 -24.46 -23.02
N GLY O 149 -52.14 -24.58 -23.81
CA GLY O 149 -52.13 -25.50 -24.96
C GLY O 149 -52.70 -24.86 -26.21
N ALA O 150 -52.36 -25.39 -27.38
CA ALA O 150 -52.85 -24.81 -28.66
C ALA O 150 -54.26 -25.33 -28.94
N ASP O 151 -54.69 -26.34 -28.19
CA ASP O 151 -56.04 -26.93 -28.42
C ASP O 151 -56.87 -26.71 -27.16
N ASN O 152 -58.16 -26.41 -27.30
CA ASN O 152 -58.97 -26.09 -26.10
C ASN O 152 -58.98 -27.31 -25.17
N GLY O 153 -58.88 -27.08 -23.87
CA GLY O 153 -58.98 -28.19 -22.91
C GLY O 153 -57.64 -28.53 -22.28
N GLU O 154 -56.68 -27.62 -22.35
CA GLU O 154 -55.32 -27.92 -21.83
C GLU O 154 -54.93 -26.82 -20.83
N ALA O 155 -55.57 -26.79 -19.66
CA ALA O 155 -55.30 -25.70 -18.71
C ALA O 155 -54.95 -26.25 -17.32
N VAL O 156 -53.83 -25.81 -16.74
CA VAL O 156 -53.47 -26.21 -15.35
C VAL O 156 -54.29 -25.36 -14.38
N MET O 157 -54.65 -25.91 -13.22
CA MET O 157 -55.52 -25.16 -12.27
C MET O 157 -54.67 -24.57 -11.14
N LEU O 158 -54.41 -23.26 -11.18
CA LEU O 158 -53.63 -22.60 -10.09
C LEU O 158 -54.60 -22.13 -9.02
N THR O 159 -54.36 -22.52 -7.77
CA THR O 159 -55.23 -22.08 -6.64
C THR O 159 -54.42 -21.23 -5.66
N LEU O 160 -54.81 -19.98 -5.47
CA LEU O 160 -54.11 -19.11 -4.49
C LEU O 160 -54.86 -19.17 -3.17
N LYS O 161 -54.13 -19.29 -2.05
CA LYS O 161 -54.78 -19.46 -0.73
C LYS O 161 -54.91 -18.10 -0.03
N ASP O 162 -55.76 -18.02 1.00
CA ASP O 162 -55.92 -16.78 1.79
C ASP O 162 -54.72 -16.65 2.72
N MET O 163 -54.01 -15.52 2.65
CA MET O 163 -52.79 -15.35 3.48
C MET O 163 -53.06 -14.35 4.59
N ARG O 164 -54.34 -14.05 4.86
CA ARG O 164 -54.68 -13.15 5.99
C ARG O 164 -54.29 -13.85 7.29
N SER O 165 -54.11 -13.08 8.38
CA SER O 165 -53.64 -13.68 9.65
C SER O 165 -54.80 -14.33 10.41
N ASP O 166 -56.01 -14.25 9.86
CA ASP O 166 -57.19 -14.82 10.56
C ASP O 166 -57.61 -16.12 9.87
N ASN O 167 -56.86 -16.55 8.87
CA ASN O 167 -57.16 -17.84 8.18
C ASN O 167 -57.11 -18.97 9.21
N ARG O 168 -58.03 -19.93 9.12
CA ARG O 168 -58.03 -21.08 10.05
C ARG O 168 -56.67 -21.79 9.97
N MET O 169 -56.27 -22.22 8.77
CA MET O 169 -55.01 -22.98 8.61
C MET O 169 -53.83 -22.18 9.18
N MET O 170 -53.91 -20.83 9.12
CA MET O 170 -52.79 -20.01 9.63
C MET O 170 -52.52 -20.41 11.09
N GLY O 171 -53.58 -20.67 11.84
CA GLY O 171 -53.43 -21.02 13.27
C GLY O 171 -53.82 -22.47 13.55
N GLY O 172 -54.14 -22.78 14.81
CA GLY O 172 -54.52 -24.15 15.20
C GLY O 172 -55.46 -24.15 16.38
N THR O 173 -55.55 -25.27 17.09
CA THR O 173 -56.42 -25.37 18.28
C THR O 173 -55.54 -25.38 19.54
N SER O 174 -55.99 -24.75 20.63
CA SER O 174 -55.16 -24.66 21.85
C SER O 174 -55.93 -25.23 23.05
N TYR O 175 -55.35 -26.23 23.72
CA TYR O 175 -56.00 -26.83 24.91
C TYR O 175 -55.15 -26.50 26.13
N VAL O 176 -55.73 -25.81 27.11
CA VAL O 176 -54.95 -25.38 28.31
C VAL O 176 -55.42 -26.19 29.52
N ALA O 177 -54.48 -26.61 30.38
CA ALA O 177 -54.83 -27.39 31.58
C ALA O 177 -55.60 -26.51 32.56
N ALA O 178 -56.19 -27.12 33.59
CA ALA O 178 -56.92 -26.33 34.61
C ALA O 178 -56.04 -26.20 35.86
N GLU O 179 -55.48 -27.31 36.33
CA GLU O 179 -54.66 -27.27 37.57
C GLU O 179 -53.29 -26.65 37.25
N GLY O 180 -52.89 -25.62 37.99
CA GLY O 180 -51.57 -25.01 37.80
C GLY O 180 -50.57 -25.54 38.80
N LYS O 181 -49.72 -26.48 38.38
CA LYS O 181 -48.72 -27.10 39.30
C LYS O 181 -47.72 -26.03 39.73
N ASP O 182 -47.28 -26.08 40.99
CA ASP O 182 -46.36 -25.03 41.52
C ASP O 182 -44.90 -25.47 41.36
N LYS O 183 -43.96 -24.66 41.85
CA LYS O 183 -42.52 -24.98 41.70
C LYS O 183 -42.15 -26.23 42.49
N ASP O 184 -43.04 -26.68 43.39
CA ASP O 184 -42.69 -27.82 44.27
C ASP O 184 -43.36 -29.10 43.75
N TRP O 185 -44.30 -28.97 42.82
CA TRP O 185 -44.98 -30.16 42.28
C TRP O 185 -44.04 -30.91 41.36
N LYS O 186 -43.98 -32.23 41.48
CA LYS O 186 -43.14 -33.04 40.58
C LYS O 186 -43.93 -34.28 40.14
N VAL O 187 -43.83 -34.65 38.87
CA VAL O 187 -44.54 -35.87 38.38
C VAL O 187 -44.37 -36.95 39.44
N GLN O 188 -45.49 -37.49 39.95
CA GLN O 188 -45.43 -38.54 40.98
C GLN O 188 -45.46 -39.90 40.29
N ALA O 189 -45.35 -40.98 41.07
CA ALA O 189 -45.46 -42.32 40.48
C ALA O 189 -46.93 -42.61 40.17
N GLY O 190 -47.20 -43.29 39.05
CA GLY O 190 -48.58 -43.61 38.67
C GLY O 190 -49.22 -42.48 37.89
N ALA O 191 -48.81 -41.25 38.15
CA ALA O 191 -49.37 -40.07 37.45
C ALA O 191 -48.37 -39.59 36.40
N ASN O 192 -47.65 -40.51 35.76
CA ASN O 192 -46.59 -40.13 34.79
C ASN O 192 -47.02 -40.43 33.36
N ASP O 193 -48.24 -40.91 33.17
CA ASP O 193 -48.67 -41.34 31.80
C ASP O 193 -49.67 -40.33 31.22
N ILE O 194 -49.46 -39.91 29.97
CA ILE O 194 -50.43 -39.00 29.30
C ILE O 194 -50.60 -39.50 27.87
N THR O 195 -51.84 -39.58 27.39
CA THR O 195 -52.09 -40.14 26.04
C THR O 195 -52.71 -39.06 25.14
N PHE O 196 -52.06 -38.75 24.04
CA PHE O 196 -52.64 -37.77 23.08
C PHE O 196 -53.35 -38.55 21.97
N THR O 197 -54.64 -38.82 22.14
CA THR O 197 -55.41 -39.50 21.07
C THR O 197 -55.87 -38.43 20.07
N LEU O 198 -55.24 -38.36 18.90
CA LEU O 198 -55.59 -37.30 17.92
C LEU O 198 -55.81 -37.91 16.53
N LYS O 199 -56.10 -37.07 15.54
CA LYS O 199 -56.26 -37.56 14.14
C LYS O 199 -55.38 -36.70 13.24
N ASP O 200 -54.44 -37.31 12.52
CA ASP O 200 -53.47 -36.53 11.69
C ASP O 200 -54.23 -35.77 10.59
N ILE O 201 -53.60 -34.73 10.04
CA ILE O 201 -54.23 -33.97 8.92
C ILE O 201 -54.54 -34.95 7.79
N ASP O 202 -53.72 -36.00 7.65
CA ASP O 202 -53.89 -36.97 6.53
C ASP O 202 -55.12 -37.85 6.77
N GLY O 203 -55.78 -37.66 7.92
CA GLY O 203 -56.99 -38.45 8.23
C GLY O 203 -56.63 -39.73 8.95
N ASN O 204 -55.44 -39.77 9.55
CA ASN O 204 -54.98 -41.01 10.24
C ASN O 204 -55.00 -40.78 11.75
N ASP O 205 -55.81 -41.55 12.47
CA ASP O 205 -55.89 -41.42 13.95
C ASP O 205 -54.52 -41.76 14.56
N GLN O 206 -54.03 -40.93 15.48
CA GLN O 206 -52.73 -41.17 16.12
C GLN O 206 -52.92 -41.22 17.64
N THR O 207 -52.08 -41.99 18.34
CA THR O 207 -52.17 -42.08 19.82
C THR O 207 -50.75 -42.06 20.40
N ILE O 208 -50.26 -40.87 20.74
CA ILE O 208 -48.87 -40.74 21.28
C ILE O 208 -48.95 -40.76 22.80
N THR O 209 -48.35 -41.76 23.44
CA THR O 209 -48.32 -41.82 24.92
C THR O 209 -46.96 -41.35 25.40
N VAL O 210 -46.91 -40.24 26.14
CA VAL O 210 -45.61 -39.66 26.59
C VAL O 210 -45.46 -39.90 28.09
N ASN O 211 -44.79 -40.98 28.49
CA ASN O 211 -44.67 -41.32 29.94
C ASN O 211 -43.63 -40.40 30.56
N ALA O 212 -44.06 -39.37 31.28
CA ALA O 212 -43.12 -38.39 31.87
C ALA O 212 -42.22 -39.08 32.90
N LYS O 213 -40.97 -38.62 33.00
CA LYS O 213 -40.05 -39.18 34.03
C LYS O 213 -40.52 -38.68 35.40
N GLU O 214 -40.69 -39.59 36.35
CA GLU O 214 -41.12 -39.19 37.71
C GLU O 214 -40.11 -38.20 38.28
N GLY O 215 -40.57 -37.25 39.09
CA GLY O 215 -39.64 -36.26 39.70
C GLY O 215 -39.33 -35.13 38.75
N ASP O 216 -40.28 -34.77 37.90
CA ASP O 216 -40.07 -33.66 36.94
C ASP O 216 -41.02 -32.51 37.27
N ASP O 217 -40.54 -31.27 37.17
CA ASP O 217 -41.43 -30.10 37.40
C ASP O 217 -42.28 -29.92 36.13
N ILE O 218 -43.35 -29.14 36.21
CA ILE O 218 -44.27 -29.02 35.05
C ILE O 218 -43.46 -28.56 33.84
N GLU O 219 -42.50 -27.66 34.02
CA GLU O 219 -41.75 -27.12 32.86
C GLU O 219 -40.96 -28.26 32.20
N GLU O 220 -40.42 -29.17 33.00
CA GLU O 220 -39.70 -30.33 32.42
C GLU O 220 -40.68 -31.22 31.67
N VAL O 221 -41.87 -31.44 32.24
CA VAL O 221 -42.86 -32.35 31.59
C VAL O 221 -43.12 -31.76 30.20
N ALA O 222 -43.24 -30.44 30.13
CA ALA O 222 -43.52 -29.78 28.83
C ALA O 222 -42.33 -30.01 27.89
N THR O 223 -41.12 -29.76 28.36
CA THR O 223 -39.92 -30.03 27.52
C THR O 223 -39.98 -31.48 27.06
N TYR O 224 -40.25 -32.41 27.98
CA TYR O 224 -40.25 -33.86 27.64
C TYR O 224 -41.30 -34.09 26.56
N ILE O 225 -42.50 -33.54 26.78
CA ILE O 225 -43.61 -33.78 25.81
C ILE O 225 -43.14 -33.30 24.43
N ASN O 226 -42.65 -32.06 24.34
CA ASN O 226 -42.24 -31.50 23.03
C ASN O 226 -41.19 -32.42 22.42
N GLY O 227 -40.49 -33.20 23.24
CA GLY O 227 -39.41 -34.08 22.73
C GLY O 227 -39.93 -35.40 22.22
N GLN O 228 -40.98 -35.96 22.84
CA GLN O 228 -41.45 -37.31 22.45
C GLN O 228 -42.45 -37.21 21.29
N THR O 229 -42.67 -36.00 20.76
CA THR O 229 -43.69 -35.86 19.69
C THR O 229 -43.46 -34.58 18.88
N ASP O 230 -43.99 -34.54 17.66
CA ASP O 230 -43.90 -33.29 16.84
C ASP O 230 -45.33 -32.85 16.55
N MET O 231 -46.29 -33.74 16.77
CA MET O 231 -47.72 -33.43 16.45
C MET O 231 -48.20 -32.30 17.35
N VAL O 232 -47.89 -32.36 18.65
CA VAL O 232 -48.42 -31.34 19.61
C VAL O 232 -47.27 -30.55 20.22
N LYS O 233 -47.47 -29.25 20.47
CA LYS O 233 -46.43 -28.41 21.12
C LYS O 233 -46.92 -28.04 22.51
N ALA O 234 -46.13 -28.33 23.55
CA ALA O 234 -46.59 -28.07 24.94
C ALA O 234 -45.88 -26.86 25.52
N SER O 235 -46.47 -26.24 26.55
CA SER O 235 -45.84 -25.07 27.23
C SER O 235 -46.48 -24.90 28.62
N VAL O 236 -45.93 -24.03 29.45
CA VAL O 236 -46.57 -23.78 30.78
C VAL O 236 -46.85 -22.28 30.92
N ASN O 237 -48.05 -21.93 31.39
CA ASN O 237 -48.41 -20.50 31.60
C ASN O 237 -47.84 -20.04 32.95
N GLU O 238 -48.05 -18.77 33.29
CA GLU O 238 -47.53 -18.24 34.58
C GLU O 238 -48.17 -18.98 35.74
N LYS O 239 -49.46 -19.31 35.62
CA LYS O 239 -50.19 -19.97 36.73
C LYS O 239 -49.57 -21.34 37.02
N GLY O 240 -49.04 -22.00 35.99
CA GLY O 240 -48.47 -23.34 36.16
C GLY O 240 -49.26 -24.38 35.39
N GLN O 241 -50.24 -23.92 34.61
CA GLN O 241 -51.09 -24.83 33.81
C GLN O 241 -50.34 -25.19 32.52
N LEU O 242 -50.31 -26.47 32.17
CA LEU O 242 -49.67 -26.87 30.90
C LEU O 242 -50.60 -26.52 29.74
N GLN O 243 -50.07 -25.87 28.71
CA GLN O 243 -50.89 -25.52 27.52
C GLN O 243 -50.41 -26.39 26.36
N ILE O 244 -51.33 -27.00 25.62
CA ILE O 244 -50.95 -27.83 24.44
C ILE O 244 -51.59 -27.23 23.19
N PHE O 245 -50.79 -26.95 22.17
CA PHE O 245 -51.31 -26.32 20.93
C PHE O 245 -51.12 -27.28 19.75
N ALA O 246 -52.22 -27.61 19.07
CA ALA O 246 -52.15 -28.48 17.88
C ALA O 246 -52.60 -27.68 16.66
N GLY O 247 -51.65 -27.29 15.80
CA GLY O 247 -51.99 -26.51 14.59
C GLY O 247 -52.96 -27.28 13.69
N ASN O 248 -53.97 -26.60 13.16
CA ASN O 248 -54.98 -27.27 12.31
C ASN O 248 -54.25 -27.95 11.14
N ASN O 249 -53.13 -27.38 10.71
CA ASN O 249 -52.37 -27.93 9.56
C ASN O 249 -51.86 -29.34 9.88
N LYS O 250 -51.74 -29.69 11.16
CA LYS O 250 -51.16 -31.02 11.52
C LYS O 250 -52.24 -31.94 12.07
N VAL O 251 -53.09 -31.43 12.98
CA VAL O 251 -54.09 -32.33 13.62
C VAL O 251 -55.49 -32.00 13.07
N THR O 252 -56.22 -33.01 12.61
CA THR O 252 -57.62 -32.76 12.18
C THR O 252 -58.54 -33.23 13.29
N GLY O 253 -59.38 -32.34 13.82
CA GLY O 253 -60.35 -32.74 14.86
C GLY O 253 -59.81 -32.53 16.26
N ASP O 254 -60.65 -32.71 17.27
CA ASP O 254 -60.23 -32.44 18.68
C ASP O 254 -59.21 -33.50 19.13
N VAL O 255 -58.33 -33.14 20.08
CA VAL O 255 -57.35 -34.12 20.62
C VAL O 255 -57.88 -34.61 21.97
N ALA O 256 -57.85 -35.92 22.21
CA ALA O 256 -58.32 -36.50 23.49
C ALA O 256 -57.12 -36.65 24.43
N PHE O 257 -57.22 -36.09 25.63
CA PHE O 257 -56.12 -36.21 26.62
C PHE O 257 -56.53 -37.23 27.68
N SER O 258 -55.87 -38.39 27.71
CA SER O 258 -56.17 -39.44 28.70
C SER O 258 -54.88 -39.84 29.42
N GLY O 259 -54.98 -40.46 30.60
CA GLY O 259 -53.79 -40.86 31.37
C GLY O 259 -53.80 -40.24 32.76
N GLY O 260 -52.96 -40.74 33.66
CA GLY O 260 -52.92 -40.24 35.05
C GLY O 260 -52.47 -38.80 35.10
N LEU O 261 -51.35 -38.49 34.44
CA LEU O 261 -50.82 -37.11 34.44
C LEU O 261 -51.90 -36.19 33.86
N ALA O 262 -52.53 -36.61 32.77
CA ALA O 262 -53.62 -35.81 32.17
C ALA O 262 -54.73 -35.62 33.21
N GLY O 263 -54.94 -36.63 34.06
CA GLY O 263 -56.01 -36.56 35.08
C GLY O 263 -55.79 -35.39 36.02
N ALA O 264 -54.53 -35.06 36.31
CA ALA O 264 -54.24 -33.98 37.27
C ALA O 264 -54.15 -32.64 36.55
N LEU O 265 -54.48 -32.60 35.25
CA LEU O 265 -54.34 -31.35 34.47
C LEU O 265 -55.69 -30.93 33.88
N ASN O 266 -56.61 -31.87 33.66
CA ASN O 266 -57.96 -31.56 33.09
C ASN O 266 -57.83 -31.25 31.59
N MET O 267 -57.03 -30.25 31.21
CA MET O 267 -56.77 -29.91 29.78
C MET O 267 -57.91 -29.07 29.18
N GLN O 268 -59.08 -29.02 29.83
CA GLN O 268 -60.18 -28.12 29.40
C GLN O 268 -60.56 -28.23 27.92
N ALA O 269 -61.01 -27.14 27.30
CA ALA O 269 -61.51 -27.14 25.90
C ALA O 269 -60.44 -26.63 24.93
N GLY O 270 -60.61 -26.95 23.65
CA GLY O 270 -59.65 -26.48 22.62
C GLY O 270 -60.07 -25.14 22.04
N THR O 271 -59.61 -24.04 22.63
CA THR O 271 -59.90 -22.70 22.07
C THR O 271 -59.12 -22.55 20.76
N ALA O 272 -59.80 -22.13 19.69
CA ALA O 272 -59.11 -22.02 18.38
C ALA O 272 -58.28 -20.73 18.36
N GLU O 273 -57.04 -20.81 17.88
CA GLU O 273 -56.16 -19.61 17.89
C GLU O 273 -55.52 -19.42 16.52
N THR O 274 -55.42 -18.16 16.06
CA THR O 274 -54.76 -17.85 14.77
C THR O 274 -53.80 -16.69 14.98
N VAL O 275 -52.87 -16.47 14.06
CA VAL O 275 -51.84 -15.39 14.23
C VAL O 275 -52.57 -14.09 14.63
N ASP O 276 -53.74 -13.85 14.03
CA ASP O 276 -54.50 -12.60 14.31
C ASP O 276 -54.84 -12.52 15.80
N THR O 277 -54.96 -13.67 16.47
CA THR O 277 -55.42 -13.67 17.89
C THR O 277 -54.23 -13.77 18.85
N ILE O 278 -52.99 -13.65 18.37
CA ILE O 278 -51.83 -13.88 19.29
C ILE O 278 -51.73 -12.71 20.28
N ASP O 279 -51.50 -13.01 21.55
CA ASP O 279 -51.34 -11.97 22.59
C ASP O 279 -50.08 -12.28 23.39
N VAL O 280 -49.10 -11.37 23.39
CA VAL O 280 -47.81 -11.67 24.08
C VAL O 280 -47.77 -10.93 25.42
N THR O 281 -48.91 -10.38 25.86
CA THR O 281 -48.94 -9.59 27.11
C THR O 281 -48.82 -10.54 28.31
N SER O 282 -48.96 -11.84 28.09
CA SER O 282 -48.83 -12.85 29.18
C SER O 282 -47.80 -13.91 28.76
N VAL O 283 -47.09 -14.49 29.73
CA VAL O 283 -46.03 -15.48 29.38
C VAL O 283 -46.71 -16.69 28.73
N GLY O 284 -47.86 -17.10 29.24
CA GLY O 284 -48.60 -18.21 28.60
C GLY O 284 -48.91 -17.86 27.16
N GLY O 285 -49.39 -16.64 26.94
CA GLY O 285 -49.69 -16.19 25.56
C GLY O 285 -48.44 -16.20 24.70
N ALA O 286 -47.30 -15.81 25.28
CA ALA O 286 -46.05 -15.74 24.51
C ALA O 286 -45.69 -17.13 24.00
N GLN O 287 -45.73 -18.13 24.89
CA GLN O 287 -45.41 -19.52 24.48
C GLN O 287 -46.39 -19.94 23.37
N GLN O 288 -47.68 -19.72 23.59
CA GLN O 288 -48.69 -20.18 22.60
C GLN O 288 -48.46 -19.44 21.28
N SER O 289 -48.11 -18.15 21.36
CA SER O 289 -47.84 -17.36 20.13
C SER O 289 -46.70 -18.00 19.35
N VAL O 290 -45.65 -18.43 20.05
CA VAL O 290 -44.47 -19.01 19.35
C VAL O 290 -44.99 -20.16 18.49
N ALA O 291 -45.81 -21.04 19.08
CA ALA O 291 -46.32 -22.21 18.33
C ALA O 291 -47.23 -21.74 17.18
N VAL O 292 -48.14 -20.81 17.46
CA VAL O 292 -49.09 -20.38 16.41
C VAL O 292 -48.28 -19.89 15.22
N ILE O 293 -47.25 -19.09 15.47
CA ILE O 293 -46.44 -18.52 14.36
C ILE O 293 -45.77 -19.69 13.63
N ASP O 294 -45.28 -20.67 14.37
CA ASP O 294 -44.57 -21.81 13.72
C ASP O 294 -45.50 -22.47 12.71
N SER O 295 -46.73 -22.76 13.14
CA SER O 295 -47.72 -23.38 12.23
C SER O 295 -47.91 -22.48 11.01
N ALA O 296 -48.05 -21.18 11.26
CA ALA O 296 -48.28 -20.23 10.15
C ALA O 296 -47.12 -20.34 9.16
N LEU O 297 -45.89 -20.32 9.67
CA LEU O 297 -44.71 -20.37 8.76
C LEU O 297 -44.83 -21.62 7.90
N LYS O 298 -45.16 -22.75 8.52
CA LYS O 298 -45.31 -24.02 7.75
C LYS O 298 -46.35 -23.81 6.65
N TYR O 299 -47.48 -23.20 7.01
CA TYR O 299 -48.58 -23.00 6.02
C TYR O 299 -48.06 -22.14 4.88
N VAL O 300 -47.46 -20.99 5.23
CA VAL O 300 -46.99 -20.06 4.16
C VAL O 300 -45.96 -20.78 3.29
N ASP O 301 -45.01 -21.48 3.93
CA ASP O 301 -43.96 -22.19 3.18
C ASP O 301 -44.60 -23.24 2.26
N SER O 302 -45.61 -23.95 2.77
CA SER O 302 -46.31 -24.96 1.94
C SER O 302 -46.81 -24.29 0.66
N HIS O 303 -47.48 -23.15 0.79
CA HIS O 303 -48.03 -22.47 -0.41
C HIS O 303 -46.86 -22.12 -1.33
N ARG O 304 -45.74 -21.70 -0.73
CA ARG O 304 -44.57 -21.28 -1.55
C ARG O 304 -44.11 -22.47 -2.38
N ALA O 305 -43.99 -23.64 -1.75
CA ALA O 305 -43.57 -24.85 -2.49
C ALA O 305 -44.57 -25.10 -3.62
N GLU O 306 -45.86 -25.10 -3.30
CA GLU O 306 -46.91 -25.35 -4.34
C GLU O 306 -46.69 -24.37 -5.49
N LEU O 307 -46.57 -23.08 -5.19
CA LEU O 307 -46.46 -22.05 -6.26
C LEU O 307 -45.16 -22.28 -7.04
N GLY O 308 -44.07 -22.56 -6.32
CA GLY O 308 -42.80 -22.84 -7.01
C GLY O 308 -42.95 -24.01 -7.96
N ALA O 309 -43.56 -25.09 -7.50
CA ALA O 309 -43.79 -26.26 -8.39
C ALA O 309 -44.56 -25.77 -9.61
N PHE O 310 -45.59 -24.97 -9.39
CA PHE O 310 -46.42 -24.49 -10.52
C PHE O 310 -45.49 -23.81 -11.53
N GLN O 311 -44.64 -22.91 -11.05
CA GLN O 311 -43.74 -22.17 -11.98
C GLN O 311 -42.80 -23.14 -12.67
N ASN O 312 -42.22 -24.09 -11.91
CA ASN O 312 -41.32 -25.10 -12.50
C ASN O 312 -42.10 -25.87 -13.57
N ARG O 313 -43.28 -26.39 -13.21
CA ARG O 313 -44.09 -27.16 -14.17
C ARG O 313 -44.29 -26.31 -15.43
N PHE O 314 -44.68 -25.06 -15.23
CA PHE O 314 -44.96 -24.17 -16.39
C PHE O 314 -43.66 -23.94 -17.16
N ASN O 315 -42.54 -23.83 -16.46
CA ASN O 315 -41.26 -23.53 -17.16
C ASN O 315 -40.99 -24.66 -18.15
N HIS O 316 -41.12 -25.92 -17.70
CA HIS O 316 -40.90 -27.08 -18.60
C HIS O 316 -41.89 -26.99 -19.76
N ALA O 317 -43.15 -26.66 -19.46
CA ALA O 317 -44.18 -26.60 -20.51
C ALA O 317 -43.74 -25.61 -21.59
N ILE O 318 -43.28 -24.43 -21.19
CA ILE O 318 -42.91 -23.40 -22.20
C ILE O 318 -41.86 -24.00 -23.13
N SER O 319 -40.83 -24.62 -22.56
CA SER O 319 -39.76 -25.23 -23.38
C SER O 319 -40.38 -26.25 -24.35
N ASN O 320 -41.28 -27.09 -23.84
CA ASN O 320 -41.92 -28.12 -24.70
C ASN O 320 -42.70 -27.42 -25.82
N LEU O 321 -43.53 -26.45 -25.47
CA LEU O 321 -44.36 -25.74 -26.47
C LEU O 321 -43.46 -25.16 -27.57
N ASP O 322 -42.36 -24.53 -27.18
CA ASP O 322 -41.49 -23.88 -28.20
C ASP O 322 -40.98 -24.95 -29.15
N ASN O 323 -40.55 -26.09 -28.61
CA ASN O 323 -39.98 -27.18 -29.45
C ASN O 323 -41.06 -27.64 -30.44
N ILE O 324 -42.24 -28.04 -29.94
CA ILE O 324 -43.26 -28.57 -30.88
C ILE O 324 -43.56 -27.49 -31.91
N ASN O 325 -43.72 -26.24 -31.47
CA ASN O 325 -44.00 -25.13 -32.40
C ASN O 325 -42.94 -25.10 -33.50
N GLU O 326 -41.66 -25.12 -33.09
CA GLU O 326 -40.56 -25.02 -34.09
C GLU O 326 -40.73 -26.12 -35.13
N ASN O 327 -40.91 -27.36 -34.68
CA ASN O 327 -41.00 -28.50 -35.63
C ASN O 327 -42.24 -28.33 -36.52
N VAL O 328 -43.34 -27.85 -35.96
CA VAL O 328 -44.60 -27.72 -36.74
C VAL O 328 -44.37 -26.66 -37.83
N ASN O 329 -43.67 -25.58 -37.49
CA ASN O 329 -43.40 -24.52 -38.50
C ASN O 329 -42.57 -25.11 -39.63
N ALA O 330 -41.56 -25.92 -39.29
CA ALA O 330 -40.74 -26.59 -40.33
C ALA O 330 -41.66 -27.45 -41.21
N SER O 331 -42.59 -28.16 -40.59
CA SER O 331 -43.52 -29.02 -41.36
C SER O 331 -44.31 -28.15 -42.33
N LYS O 332 -44.91 -27.07 -41.82
CA LYS O 332 -45.71 -26.18 -42.69
C LYS O 332 -44.82 -25.67 -43.81
N SER O 333 -43.56 -25.38 -43.47
CA SER O 333 -42.60 -24.89 -44.50
C SER O 333 -42.54 -25.90 -45.64
N ARG O 334 -42.30 -27.17 -45.32
CA ARG O 334 -42.13 -28.20 -46.37
C ARG O 334 -43.47 -28.45 -47.07
N ILE O 335 -44.54 -27.84 -46.57
CA ILE O 335 -45.89 -28.10 -47.15
C ILE O 335 -46.39 -26.86 -47.90
N LYS O 336 -46.19 -25.66 -47.36
CA LYS O 336 -46.77 -24.45 -47.99
C LYS O 336 -45.71 -23.52 -48.57
N ASP O 337 -44.47 -23.58 -48.08
CA ASP O 337 -43.45 -22.59 -48.56
C ASP O 337 -42.99 -22.94 -49.99
N THR O 338 -42.33 -21.99 -50.66
CA THR O 338 -41.89 -22.22 -52.06
C THR O 338 -40.38 -22.43 -52.15
N ASP O 339 -39.95 -23.36 -53.00
CA ASP O 339 -38.50 -23.55 -53.23
C ASP O 339 -38.10 -22.54 -54.31
N PHE O 340 -37.68 -21.34 -53.90
CA PHE O 340 -37.37 -20.31 -54.92
C PHE O 340 -36.53 -20.93 -56.03
N ALA O 341 -35.54 -21.74 -55.66
CA ALA O 341 -34.70 -22.42 -56.67
C ALA O 341 -35.61 -23.14 -57.67
N LYS O 342 -36.40 -24.11 -57.19
CA LYS O 342 -37.25 -24.90 -58.12
C LYS O 342 -38.16 -23.93 -58.89
N GLU O 343 -38.74 -22.97 -58.19
CA GLU O 343 -39.69 -22.04 -58.87
C GLU O 343 -38.95 -21.26 -59.95
N THR O 344 -37.85 -20.60 -59.58
CA THR O 344 -37.13 -19.75 -60.57
C THR O 344 -36.90 -20.57 -61.83
N THR O 345 -36.37 -21.78 -61.67
CA THR O 345 -36.08 -22.64 -62.85
C THR O 345 -37.38 -22.76 -63.66
N ALA O 346 -38.48 -23.07 -62.98
CA ALA O 346 -39.75 -23.25 -63.71
C ALA O 346 -40.13 -21.94 -64.41
N LEU O 347 -39.99 -20.82 -63.72
CA LEU O 347 -40.27 -19.51 -64.37
C LEU O 347 -39.37 -19.38 -65.60
N THR O 348 -38.06 -19.52 -65.42
CA THR O 348 -37.12 -19.43 -66.57
C THR O 348 -37.62 -20.33 -67.69
N LYS O 349 -37.94 -21.59 -67.34
CA LYS O 349 -38.36 -22.57 -68.37
C LYS O 349 -39.58 -22.02 -69.10
N SER O 350 -40.59 -21.59 -68.33
CA SER O 350 -41.85 -21.11 -68.94
C SER O 350 -41.54 -19.94 -69.86
N GLN O 351 -40.67 -19.04 -69.41
CA GLN O 351 -40.34 -17.84 -70.22
C GLN O 351 -39.76 -18.31 -71.57
N ILE O 352 -38.77 -19.19 -71.54
CA ILE O 352 -38.12 -19.61 -72.81
C ILE O 352 -39.16 -20.34 -73.67
N LEU O 353 -39.96 -21.22 -73.05
CA LEU O 353 -40.98 -21.97 -73.80
C LEU O 353 -41.92 -20.98 -74.49
N SER O 354 -42.36 -19.96 -73.75
CA SER O 354 -43.31 -18.98 -74.32
C SER O 354 -42.65 -18.31 -75.54
N GLN O 355 -41.43 -17.83 -75.37
CA GLN O 355 -40.75 -17.09 -76.47
C GLN O 355 -40.59 -18.04 -77.67
N ALA O 356 -40.30 -19.31 -77.39
CA ALA O 356 -40.22 -20.29 -78.49
C ALA O 356 -41.58 -20.36 -79.18
N SER O 357 -42.64 -20.55 -78.39
CA SER O 357 -44.00 -20.68 -78.98
C SER O 357 -44.32 -19.43 -79.80
N SER O 358 -44.04 -18.25 -79.25
CA SER O 358 -44.35 -16.99 -79.97
C SER O 358 -43.63 -16.99 -81.31
N SER O 359 -42.35 -17.36 -81.29
CA SER O 359 -41.55 -17.36 -82.54
C SER O 359 -42.23 -18.27 -83.57
N VAL O 360 -42.56 -19.49 -83.15
CA VAL O 360 -43.20 -20.46 -84.08
C VAL O 360 -44.51 -19.84 -84.58
N LEU O 361 -45.30 -19.28 -83.65
CA LEU O 361 -46.61 -18.70 -84.04
C LEU O 361 -46.36 -17.67 -85.13
N ALA O 362 -45.35 -16.82 -84.95
CA ALA O 362 -45.08 -15.77 -85.94
C ALA O 362 -44.88 -16.41 -87.31
N GLN O 363 -44.01 -17.42 -87.39
CA GLN O 363 -43.73 -18.05 -88.70
C GLN O 363 -45.02 -18.65 -89.26
N ALA O 364 -45.74 -19.40 -88.42
CA ALA O 364 -46.99 -20.04 -88.88
C ALA O 364 -47.91 -18.96 -89.45
N LYS O 365 -47.98 -17.81 -88.78
CA LYS O 365 -48.87 -16.73 -89.24
C LYS O 365 -48.51 -16.39 -90.68
N GLN O 366 -47.24 -16.54 -91.05
CA GLN O 366 -46.80 -16.16 -92.42
C GLN O 366 -46.97 -17.33 -93.38
N ALA O 367 -47.25 -18.54 -92.86
CA ALA O 367 -47.33 -19.71 -93.75
C ALA O 367 -48.30 -19.44 -94.90
N PRO O 368 -49.60 -19.10 -94.66
CA PRO O 368 -50.55 -18.94 -95.76
C PRO O 368 -49.96 -18.13 -96.92
N ASN O 369 -49.12 -17.15 -96.62
CA ASN O 369 -48.61 -16.25 -97.69
C ASN O 369 -48.26 -17.09 -98.92
N ALA O 370 -47.75 -18.30 -98.71
CA ALA O 370 -47.34 -19.13 -99.86
C ALA O 370 -48.48 -19.20 -100.88
N ALA O 371 -49.72 -19.15 -100.41
CA ALA O 371 -50.87 -19.32 -101.34
C ALA O 371 -50.91 -18.20 -102.37
N LEU O 372 -50.82 -16.95 -101.95
CA LEU O 372 -50.96 -15.86 -102.95
C LEU O 372 -49.84 -16.04 -103.98
N SER O 373 -48.64 -16.41 -103.51
CA SER O 373 -47.53 -16.67 -104.45
C SER O 373 -47.92 -17.81 -105.38
N LEU O 374 -48.55 -18.86 -104.84
CA LEU O 374 -48.89 -20.04 -105.66
C LEU O 374 -49.67 -19.57 -106.89
N LEU O 375 -50.65 -18.68 -106.71
CA LEU O 375 -51.47 -18.21 -107.85
C LEU O 375 -51.75 -16.71 -107.68
N GLY O 376 -51.21 -15.89 -108.58
CA GLY O 376 -51.44 -14.43 -108.53
C GLY O 376 -50.85 -13.82 -107.26
N ALA P 1 -37.33 -11.27 -24.95
CA ALA P 1 -36.04 -11.94 -24.60
C ALA P 1 -34.93 -10.89 -24.58
N VAL P 2 -34.72 -10.21 -25.70
CA VAL P 2 -33.64 -9.17 -25.79
C VAL P 2 -34.30 -7.79 -25.67
N ASN P 3 -35.48 -7.73 -25.06
CA ASN P 3 -36.19 -6.43 -24.89
C ASN P 3 -35.25 -5.42 -24.22
N VAL P 4 -35.30 -4.16 -24.65
CA VAL P 4 -34.36 -3.13 -24.10
C VAL P 4 -35.16 -2.15 -23.24
N ASN P 5 -36.48 -2.27 -23.22
CA ASN P 5 -37.30 -1.29 -22.47
C ASN P 5 -37.48 -1.73 -21.02
N THR P 6 -36.92 -2.88 -20.64
CA THR P 6 -36.99 -3.33 -19.22
C THR P 6 -35.80 -4.25 -18.91
N ASN P 7 -35.12 -4.02 -17.78
CA ASN P 7 -34.00 -4.90 -17.37
C ASN P 7 -34.31 -5.48 -16.00
N VAL P 8 -35.08 -6.57 -15.97
CA VAL P 8 -35.48 -7.15 -14.66
C VAL P 8 -34.22 -7.40 -13.85
N ALA P 9 -33.15 -7.85 -14.50
CA ALA P 9 -31.88 -8.12 -13.80
C ALA P 9 -31.47 -6.87 -13.04
N ALA P 10 -31.50 -5.71 -13.69
CA ALA P 10 -31.06 -4.46 -13.04
C ALA P 10 -31.91 -4.23 -11.78
N MET P 11 -33.22 -4.37 -11.92
CA MET P 11 -34.12 -4.07 -10.76
C MET P 11 -33.73 -4.99 -9.60
N THR P 12 -33.57 -6.29 -9.86
CA THR P 12 -33.25 -7.23 -8.75
C THR P 12 -31.92 -6.82 -8.14
N ALA P 13 -30.94 -6.52 -8.97
CA ALA P 13 -29.61 -6.11 -8.48
C ALA P 13 -29.77 -4.86 -7.61
N GLN P 14 -30.41 -3.82 -8.15
CA GLN P 14 -30.57 -2.55 -7.41
C GLN P 14 -31.20 -2.87 -6.05
N ARG P 15 -32.23 -3.73 -6.06
CA ARG P 15 -32.94 -4.04 -4.79
C ARG P 15 -31.91 -4.56 -3.77
N TYR P 16 -31.13 -5.58 -4.16
CA TYR P 16 -30.18 -6.18 -3.19
C TYR P 16 -29.14 -5.13 -2.82
N LEU P 17 -28.71 -4.34 -3.81
CA LEU P 17 -27.68 -3.30 -3.55
C LEU P 17 -28.18 -2.38 -2.44
N THR P 18 -29.39 -1.86 -2.60
CA THR P 18 -29.97 -0.92 -1.59
C THR P 18 -30.12 -1.68 -0.28
N GLY P 19 -30.60 -2.93 -0.34
CA GLY P 19 -30.79 -3.74 0.87
C GLY P 19 -29.50 -3.79 1.68
N ALA P 20 -28.38 -4.02 1.01
CA ALA P 20 -27.08 -4.06 1.71
C ALA P 20 -26.70 -2.65 2.19
N THR P 21 -26.73 -1.69 1.27
CA THR P 21 -26.34 -0.30 1.63
C THR P 21 -26.98 0.07 2.97
N ASN P 22 -28.28 -0.14 3.10
CA ASN P 22 -28.98 0.30 4.34
C ASN P 22 -28.35 -0.43 5.52
N ALA P 23 -28.11 -1.73 5.39
CA ALA P 23 -27.57 -2.50 6.52
C ALA P 23 -26.16 -2.01 6.83
N GLN P 24 -25.39 -1.67 5.80
CA GLN P 24 -24.03 -1.14 6.01
C GLN P 24 -24.12 0.08 6.91
N GLN P 25 -25.02 1.01 6.58
CA GLN P 25 -25.19 2.24 7.40
C GLN P 25 -25.61 1.83 8.81
N THR P 26 -26.55 0.89 8.93
CA THR P 26 -27.05 0.52 10.27
C THR P 26 -25.87 0.10 11.14
N SER P 27 -25.04 -0.81 10.62
CA SER P 27 -23.87 -1.28 11.40
C SER P 27 -22.90 -0.11 11.63
N MET P 28 -22.64 0.68 10.58
CA MET P 28 -21.66 1.78 10.72
C MET P 28 -22.10 2.69 11.87
N GLU P 29 -23.39 2.99 11.95
CA GLU P 29 -23.91 3.83 13.07
C GLU P 29 -23.63 3.13 14.39
N ARG P 30 -24.00 1.85 14.50
CA ARG P 30 -23.85 1.15 15.80
C ARG P 30 -22.37 1.19 16.19
N LEU P 31 -21.48 0.97 15.23
CA LEU P 31 -20.03 0.94 15.53
C LEU P 31 -19.61 2.30 16.09
N SER P 32 -20.07 3.39 15.48
CA SER P 32 -19.72 4.75 15.96
C SER P 32 -20.34 5.01 17.33
N SER P 33 -21.63 4.70 17.48
CA SER P 33 -22.33 5.00 18.77
C SER P 33 -21.85 4.06 19.86
N GLY P 34 -21.60 2.81 19.52
CA GLY P 34 -21.25 1.82 20.55
C GLY P 34 -22.51 1.25 21.15
N PHE P 35 -23.67 1.64 20.60
CA PHE P 35 -24.97 1.15 21.12
C PHE P 35 -25.72 0.40 20.03
N LYS P 36 -26.11 -0.84 20.32
CA LYS P 36 -26.90 -1.64 19.34
C LYS P 36 -28.25 -0.97 19.11
N ILE P 37 -28.91 -0.53 20.19
CA ILE P 37 -30.25 0.08 20.08
C ILE P 37 -30.11 1.60 19.98
N ASN P 38 -29.86 2.12 18.78
CA ASN P 38 -29.77 3.59 18.60
C ASN P 38 -31.19 4.16 18.50
N SER P 39 -32.15 3.35 18.01
CA SER P 39 -33.57 3.80 17.95
C SER P 39 -34.47 2.65 18.39
N ALA P 40 -35.70 2.95 18.80
CA ALA P 40 -36.63 1.90 19.25
C ALA P 40 -36.85 0.89 18.12
N LYS P 41 -36.68 1.34 16.87
CA LYS P 41 -36.85 0.42 15.71
C LYS P 41 -35.91 -0.79 15.89
N ASP P 42 -34.77 -0.59 16.54
CA ASP P 42 -33.78 -1.69 16.69
C ASP P 42 -34.31 -2.76 17.66
N ASP P 43 -34.91 -2.34 18.77
CA ASP P 43 -35.40 -3.32 19.78
C ASP P 43 -36.35 -2.61 20.75
N ALA P 44 -37.66 -2.68 20.47
CA ALA P 44 -38.66 -2.02 21.33
C ALA P 44 -38.39 -2.30 22.81
N ALA P 45 -38.45 -3.58 23.21
CA ALA P 45 -38.29 -3.91 24.64
C ALA P 45 -36.96 -3.36 25.13
N GLY P 46 -35.91 -3.48 24.31
CA GLY P 46 -34.59 -3.01 24.73
C GLY P 46 -34.64 -1.54 25.10
N LEU P 47 -35.13 -0.70 24.20
CA LEU P 47 -35.17 0.75 24.49
C LEU P 47 -35.82 0.89 25.87
N GLN P 48 -36.98 0.27 26.05
CA GLN P 48 -37.72 0.41 27.34
C GLN P 48 -36.84 -0.05 28.50
N ILE P 49 -36.53 -1.35 28.57
CA ILE P 49 -35.79 -1.86 29.76
C ILE P 49 -34.45 -1.14 29.89
N SER P 50 -33.74 -0.95 28.76
CA SER P 50 -32.40 -0.33 28.86
C SER P 50 -32.54 1.05 29.52
N ASN P 51 -33.50 1.85 29.04
CA ASN P 51 -33.69 3.21 29.60
C ASN P 51 -33.97 3.07 31.10
N ARG P 52 -34.84 2.12 31.46
CA ARG P 52 -35.22 1.98 32.89
C ARG P 52 -33.98 1.58 33.68
N LEU P 53 -33.15 0.72 33.10
CA LEU P 53 -31.89 0.29 33.78
C LEU P 53 -30.94 1.47 33.86
N ASN P 54 -30.80 2.22 32.76
CA ASN P 54 -29.93 3.43 32.77
C ASN P 54 -30.42 4.35 33.89
N VAL P 55 -31.73 4.58 33.93
CA VAL P 55 -32.31 5.41 35.02
C VAL P 55 -31.87 4.82 36.35
N GLN P 56 -32.01 3.50 36.52
CA GLN P 56 -31.69 2.88 37.84
C GLN P 56 -30.24 3.19 38.19
N SER P 57 -29.32 3.00 37.24
CA SER P 57 -27.88 3.24 37.51
C SER P 57 -27.67 4.71 37.89
N ARG P 58 -28.17 5.62 37.06
CA ARG P 58 -27.95 7.07 37.33
C ARG P 58 -28.51 7.35 38.71
N GLY P 59 -29.69 6.80 39.00
CA GLY P 59 -30.31 7.02 40.32
C GLY P 59 -29.42 6.49 41.42
N LEU P 60 -28.90 5.27 41.26
CA LEU P 60 -28.09 4.67 42.35
C LEU P 60 -26.93 5.61 42.65
N ASP P 61 -26.30 6.17 41.61
CA ASP P 61 -25.16 7.08 41.82
C ASP P 61 -25.62 8.27 42.67
N VAL P 62 -26.78 8.84 42.33
CA VAL P 62 -27.32 9.96 43.14
C VAL P 62 -27.45 9.48 44.58
N ALA P 63 -27.96 8.26 44.77
CA ALA P 63 -28.17 7.73 46.13
C ALA P 63 -26.84 7.62 46.86
N VAL P 64 -25.80 7.16 46.14
CA VAL P 64 -24.46 7.02 46.77
C VAL P 64 -24.01 8.39 47.26
N ARG P 65 -24.14 9.41 46.40
CA ARG P 65 -23.76 10.78 46.80
C ARG P 65 -24.59 11.18 48.02
N ASN P 66 -25.90 10.90 47.97
CA ASN P 66 -26.79 11.29 49.10
C ASN P 66 -26.33 10.57 50.36
N ALA P 67 -26.02 9.28 50.23
CA ALA P 67 -25.56 8.49 51.40
C ALA P 67 -24.25 9.07 51.91
N ASN P 68 -23.40 9.52 51.00
CA ASN P 68 -22.10 10.12 51.39
C ASN P 68 -22.37 11.40 52.18
N ASP P 69 -23.36 12.18 51.76
CA ASP P 69 -23.73 13.38 52.54
C ASP P 69 -24.23 12.92 53.91
N GLY P 70 -24.95 11.81 53.94
CA GLY P 70 -25.47 11.28 55.21
C GLY P 70 -24.33 10.99 56.18
N ILE P 71 -23.31 10.26 55.72
CA ILE P 71 -22.20 9.88 56.63
C ILE P 71 -21.48 11.17 57.03
N SER P 72 -21.41 12.14 56.11
CA SER P 72 -20.72 13.42 56.40
C SER P 72 -21.39 14.12 57.57
N ILE P 73 -22.70 14.34 57.47
CA ILE P 73 -23.44 15.04 58.56
C ILE P 73 -23.19 14.27 59.86
N ALA P 74 -23.34 12.94 59.83
CA ALA P 74 -23.21 12.15 61.07
C ALA P 74 -21.81 12.35 61.65
N GLN P 75 -20.78 12.26 60.80
CA GLN P 75 -19.39 12.34 61.33
C GLN P 75 -19.19 13.72 61.98
N THR P 76 -19.57 14.79 61.27
CA THR P 76 -19.44 16.15 61.83
C THR P 76 -20.15 16.17 63.19
N ALA P 77 -21.37 15.64 63.23
CA ALA P 77 -22.16 15.67 64.49
C ALA P 77 -21.45 14.84 65.55
N GLU P 78 -21.12 13.58 65.24
CA GLU P 78 -20.49 12.68 66.24
C GLU P 78 -19.20 13.34 66.74
N GLY P 79 -18.47 13.98 65.83
CA GLY P 79 -17.20 14.63 66.21
C GLY P 79 -17.44 15.68 67.28
N ALA P 80 -18.46 16.50 67.09
CA ALA P 80 -18.77 17.56 68.06
C ALA P 80 -19.09 16.92 69.42
N MET P 81 -19.86 15.84 69.41
CA MET P 81 -20.21 15.14 70.67
C MET P 81 -18.92 14.72 71.37
N ASN P 82 -17.90 14.35 70.59
CA ASN P 82 -16.64 13.87 71.20
C ASN P 82 -16.15 14.94 72.18
N GLU P 83 -16.06 16.18 71.70
CA GLU P 83 -15.57 17.27 72.57
C GLU P 83 -16.53 17.42 73.75
N THR P 84 -17.84 17.41 73.47
CA THR P 84 -18.84 17.61 74.54
C THR P 84 -18.50 16.65 75.68
N THR P 85 -18.28 15.38 75.34
CA THR P 85 -18.01 14.36 76.38
C THR P 85 -16.78 14.79 77.18
N ASN P 86 -15.69 15.10 76.49
CA ASN P 86 -14.43 15.46 77.20
C ASN P 86 -14.71 16.61 78.17
N ILE P 87 -15.40 17.65 77.70
CA ILE P 87 -15.65 18.83 78.57
C ILE P 87 -16.48 18.35 79.76
N LEU P 88 -17.54 17.58 79.49
CA LEU P 88 -18.39 17.05 80.57
C LEU P 88 -17.50 16.33 81.59
N GLN P 89 -16.60 15.48 81.09
CA GLN P 89 -15.74 14.67 82.01
C GLN P 89 -14.90 15.63 82.85
N ARG P 90 -14.37 16.67 82.23
CA ARG P 90 -13.56 17.67 82.97
C ARG P 90 -14.43 18.26 84.09
N MET P 91 -15.68 18.58 83.76
CA MET P 91 -16.59 19.20 84.76
C MET P 91 -16.74 18.22 85.94
N ARG P 92 -16.94 16.94 85.63
CA ARG P 92 -17.09 15.92 86.69
C ARG P 92 -15.85 15.96 87.59
N ASP P 93 -14.67 15.98 86.99
CA ASP P 93 -13.41 16.02 87.78
C ASP P 93 -13.49 17.25 88.70
N LEU P 94 -13.75 18.43 88.13
CA LEU P 94 -13.77 19.66 88.95
C LEU P 94 -14.77 19.49 90.09
N SER P 95 -15.95 18.95 89.79
CA SER P 95 -17.01 18.82 90.82
C SER P 95 -16.48 17.96 91.97
N LEU P 96 -15.96 16.78 91.67
CA LEU P 96 -15.47 15.87 92.72
C LEU P 96 -14.36 16.59 93.51
N GLN P 97 -13.44 17.23 92.79
CA GLN P 97 -12.30 17.91 93.46
C GLN P 97 -12.87 18.93 94.45
N SER P 98 -13.88 19.69 94.03
CA SER P 98 -14.44 20.74 94.92
C SER P 98 -15.26 20.09 96.05
N ALA P 99 -16.06 19.08 95.73
CA ALA P 99 -16.95 18.49 96.76
C ALA P 99 -16.11 18.04 97.96
N ASN P 100 -14.84 17.69 97.73
CA ASN P 100 -13.96 17.32 98.87
C ASN P 100 -14.02 18.45 99.90
N GLY P 101 -14.43 18.15 101.13
CA GLY P 101 -14.60 19.20 102.16
C GLY P 101 -13.30 19.90 102.50
N SER P 102 -12.17 19.36 102.06
CA SER P 102 -10.84 19.94 102.41
C SER P 102 -10.72 21.37 101.86
N ASN P 103 -11.34 21.64 100.71
CA ASN P 103 -11.19 22.97 100.07
C ASN P 103 -11.95 24.04 100.86
N SER P 104 -11.73 25.31 100.53
CA SER P 104 -12.49 26.41 101.20
C SER P 104 -13.34 27.13 100.15
N LYS P 105 -14.32 27.93 100.59
CA LYS P 105 -15.22 28.60 99.63
C LYS P 105 -14.35 29.26 98.55
N SER P 106 -13.24 29.89 98.95
CA SER P 106 -12.41 30.61 97.96
C SER P 106 -12.07 29.68 96.80
N GLU P 107 -11.58 28.47 97.11
CA GLU P 107 -11.27 27.48 96.04
C GLU P 107 -12.55 27.14 95.30
N ARG P 108 -13.63 26.88 96.04
CA ARG P 108 -14.92 26.48 95.41
C ARG P 108 -15.35 27.60 94.46
N VAL P 109 -15.13 28.85 94.86
CA VAL P 109 -15.46 29.99 93.96
C VAL P 109 -14.70 29.78 92.65
N ALA P 110 -13.40 29.54 92.74
CA ALA P 110 -12.58 29.37 91.52
C ALA P 110 -13.08 28.18 90.73
N ILE P 111 -13.32 27.05 91.40
CA ILE P 111 -13.80 25.83 90.69
C ILE P 111 -15.06 26.23 89.94
N GLN P 112 -16.01 26.84 90.64
CA GLN P 112 -17.31 27.22 90.02
C GLN P 112 -16.99 28.08 88.79
N GLU P 113 -16.04 29.00 88.93
CA GLU P 113 -15.70 29.91 87.80
C GLU P 113 -15.36 29.04 86.59
N GLU P 114 -14.53 28.02 86.78
CA GLU P 114 -14.12 27.19 85.62
C GLU P 114 -15.37 26.51 85.05
N ILE P 115 -16.09 25.75 85.87
CA ILE P 115 -17.25 24.97 85.35
C ILE P 115 -18.20 25.95 84.63
N THR P 116 -18.34 27.17 85.16
CA THR P 116 -19.22 28.17 84.51
C THR P 116 -18.78 28.33 83.06
N ALA P 117 -17.48 28.53 82.85
CA ALA P 117 -16.97 28.74 81.48
C ALA P 117 -17.25 27.48 80.65
N LEU P 118 -16.96 26.31 81.20
CA LEU P 118 -17.15 25.05 80.45
C LEU P 118 -18.62 24.91 80.08
N ASN P 119 -19.51 25.28 81.00
CA ASN P 119 -20.96 25.26 80.69
C ASN P 119 -21.17 26.05 79.41
N ASP P 120 -20.63 27.26 79.34
CA ASP P 120 -20.85 28.14 78.16
C ASP P 120 -20.23 27.47 76.94
N GLU P 121 -19.08 26.82 77.11
CA GLU P 121 -18.40 26.19 75.95
C GLU P 121 -19.29 25.09 75.37
N LEU P 122 -19.90 24.30 76.25
CA LEU P 122 -20.87 23.29 75.76
C LEU P 122 -21.87 24.01 74.87
N ASN P 123 -22.52 25.04 75.41
CA ASN P 123 -23.55 25.79 74.64
C ASN P 123 -22.92 26.27 73.33
N ARG P 124 -21.68 26.78 73.40
CA ARG P 124 -21.02 27.31 72.18
C ARG P 124 -20.99 26.19 71.14
N ILE P 125 -20.48 25.02 71.50
CA ILE P 125 -20.40 23.87 70.56
C ILE P 125 -21.82 23.56 70.10
N ALA P 126 -22.78 23.58 71.04
CA ALA P 126 -24.17 23.22 70.69
C ALA P 126 -24.68 24.13 69.58
N GLU P 127 -24.42 25.43 69.67
CA GLU P 127 -24.99 26.37 68.67
C GLU P 127 -24.10 26.44 67.43
N THR P 128 -22.78 26.53 67.59
CA THR P 128 -21.90 26.75 66.42
C THR P 128 -21.85 25.51 65.51
N THR P 129 -21.81 24.31 66.07
CA THR P 129 -21.65 23.10 65.23
C THR P 129 -22.57 23.22 64.01
N SER P 130 -21.99 23.27 62.81
CA SER P 130 -22.84 23.49 61.61
C SER P 130 -22.27 22.74 60.41
N PHE P 131 -23.14 22.16 59.59
CA PHE P 131 -22.67 21.51 58.34
C PHE P 131 -22.95 22.47 57.19
N GLY P 132 -22.05 23.43 56.97
CA GLY P 132 -22.25 24.42 55.89
C GLY P 132 -23.46 25.28 56.13
N GLY P 133 -23.71 25.66 57.39
CA GLY P 133 -24.83 26.56 57.72
C GLY P 133 -26.00 25.80 58.33
N ASN P 134 -26.17 24.53 57.96
CA ASN P 134 -27.23 23.71 58.58
C ASN P 134 -26.79 23.38 60.01
N LYS P 135 -27.28 24.14 61.00
CA LYS P 135 -26.91 23.90 62.41
C LYS P 135 -27.35 22.49 62.79
N LEU P 136 -26.64 21.84 63.71
CA LEU P 136 -26.95 20.42 64.02
C LEU P 136 -27.38 20.26 65.49
N LEU P 137 -26.43 20.30 66.43
CA LEU P 137 -26.75 20.00 67.84
C LEU P 137 -27.34 21.22 68.58
N ASN P 138 -28.36 21.86 68.01
CA ASN P 138 -29.04 22.96 68.73
C ASN P 138 -30.55 22.68 68.75
N GLY P 139 -30.96 21.54 68.19
CA GLY P 139 -32.39 21.17 68.18
C GLY P 139 -33.06 21.57 66.88
N THR P 140 -32.48 22.56 66.18
CA THR P 140 -33.08 23.04 64.91
C THR P 140 -33.13 21.87 63.92
N PHE P 141 -32.07 21.08 63.86
CA PHE P 141 -32.03 19.90 62.96
C PHE P 141 -32.85 18.77 63.61
N SER P 142 -34.16 18.74 63.35
CA SER P 142 -34.99 17.63 63.88
C SER P 142 -34.88 16.44 62.90
N THR P 143 -35.71 15.41 63.10
CA THR P 143 -35.60 14.21 62.24
C THR P 143 -35.67 14.62 60.76
N LYS P 144 -34.73 14.13 59.95
CA LYS P 144 -34.75 14.43 58.50
C LYS P 144 -34.49 13.12 57.73
N SER P 145 -34.94 13.04 56.47
CA SER P 145 -34.81 11.76 55.71
C SER P 145 -33.72 11.88 54.64
N PHE P 146 -32.88 10.85 54.52
CA PHE P 146 -31.81 10.86 53.49
C PHE P 146 -32.12 9.78 52.44
N GLN P 147 -32.43 10.20 51.21
CA GLN P 147 -32.80 9.23 50.15
C GLN P 147 -31.60 8.37 49.82
N ILE P 148 -31.71 7.06 50.02
CA ILE P 148 -30.57 6.13 49.74
C ILE P 148 -31.01 5.09 48.70
N GLY P 149 -31.94 5.45 47.81
CA GLY P 149 -32.41 4.52 46.78
C GLY P 149 -32.68 5.24 45.47
N ALA P 150 -32.81 4.49 44.38
CA ALA P 150 -33.02 5.10 43.04
C ALA P 150 -34.51 5.31 42.79
N ASP P 151 -35.36 4.96 43.75
CA ASP P 151 -36.81 5.21 43.59
C ASP P 151 -37.32 5.99 44.82
N ASN P 152 -38.46 6.66 44.70
CA ASN P 152 -38.95 7.53 45.80
C ASN P 152 -39.38 6.71 47.02
N GLY P 153 -39.40 7.36 48.20
CA GLY P 153 -39.90 6.68 49.41
C GLY P 153 -38.91 5.76 50.06
N GLU P 154 -37.70 5.64 49.50
CA GLU P 154 -36.72 4.66 50.04
C GLU P 154 -35.95 5.30 51.19
N ALA P 155 -36.04 6.62 51.35
CA ALA P 155 -35.23 7.34 52.36
C ALA P 155 -35.29 6.75 53.77
N VAL P 156 -34.28 7.04 54.58
CA VAL P 156 -34.25 6.58 56.00
C VAL P 156 -34.11 7.84 56.86
N MET P 157 -34.70 7.87 58.05
CA MET P 157 -34.71 9.11 58.87
C MET P 157 -33.45 9.23 59.74
N LEU P 158 -33.20 10.43 60.26
CA LEU P 158 -32.03 10.67 61.16
C LEU P 158 -32.37 11.83 62.08
N THR P 159 -32.43 11.59 63.39
CA THR P 159 -32.83 12.66 64.34
C THR P 159 -31.60 13.15 65.11
N LEU P 160 -31.31 14.45 65.03
CA LEU P 160 -30.17 15.01 65.82
C LEU P 160 -30.73 15.67 67.08
N LYS P 161 -30.69 14.95 68.20
CA LYS P 161 -31.24 15.48 69.48
C LYS P 161 -30.42 16.69 69.93
N ASP P 162 -31.07 17.64 70.62
CA ASP P 162 -30.36 18.82 71.15
C ASP P 162 -29.22 18.37 72.06
N MET P 163 -28.08 19.06 71.99
CA MET P 163 -26.94 18.74 72.89
C MET P 163 -26.68 19.95 73.80
N ARG P 164 -27.62 20.90 73.86
CA ARG P 164 -27.42 22.12 74.68
C ARG P 164 -27.35 21.71 76.16
N SER P 165 -26.59 22.45 76.96
CA SER P 165 -26.37 22.09 78.40
C SER P 165 -27.69 22.13 79.19
N ASP P 166 -28.78 22.60 78.59
CA ASP P 166 -30.04 22.74 79.37
C ASP P 166 -31.02 21.65 78.95
N ASN P 167 -30.64 20.80 77.99
CA ASN P 167 -31.56 19.76 77.49
C ASN P 167 -32.15 18.99 78.67
N ARG P 168 -33.48 18.90 78.74
CA ARG P 168 -34.13 18.25 79.91
C ARG P 168 -33.45 16.90 80.17
N MET P 169 -33.10 16.17 79.12
CA MET P 169 -32.52 14.82 79.28
C MET P 169 -31.15 14.91 79.96
N MET P 170 -30.37 15.95 79.66
CA MET P 170 -28.98 16.03 80.19
C MET P 170 -29.00 16.08 81.73
N GLY P 171 -30.09 16.56 82.33
CA GLY P 171 -30.16 16.67 83.79
C GLY P 171 -31.17 15.71 84.39
N GLY P 172 -31.47 15.85 85.69
CA GLY P 172 -32.47 14.98 86.34
C GLY P 172 -33.27 15.72 87.39
N THR P 173 -33.80 14.99 88.37
CA THR P 173 -34.66 15.60 89.42
C THR P 173 -34.08 15.25 90.79
N SER P 174 -33.63 16.24 91.55
CA SER P 174 -32.98 15.96 92.85
C SER P 174 -33.96 16.23 93.99
N TYR P 175 -34.16 15.24 94.87
CA TYR P 175 -35.03 15.44 96.05
C TYR P 175 -34.13 15.57 97.27
N VAL P 176 -34.34 16.61 98.08
CA VAL P 176 -33.46 16.85 99.26
C VAL P 176 -34.23 16.47 100.52
N ALA P 177 -33.54 16.01 101.56
CA ALA P 177 -34.19 15.62 102.83
C ALA P 177 -34.56 16.88 103.62
N ALA P 178 -35.21 16.70 104.77
CA ALA P 178 -35.59 17.84 105.63
C ALA P 178 -34.97 17.70 107.02
N GLU P 179 -34.35 16.55 107.29
CA GLU P 179 -33.76 16.30 108.64
C GLU P 179 -32.24 16.32 108.55
N GLY P 180 -31.61 17.33 109.16
CA GLY P 180 -30.14 17.44 109.14
C GLY P 180 -29.49 16.48 110.12
N LYS P 181 -29.39 15.20 109.74
CA LYS P 181 -28.73 14.20 110.61
C LYS P 181 -27.38 14.76 111.05
N ASP P 182 -27.11 14.77 112.36
CA ASP P 182 -25.87 15.39 112.86
C ASP P 182 -24.70 14.40 112.82
N LYS P 183 -23.56 14.79 113.39
CA LYS P 183 -22.34 13.94 113.32
C LYS P 183 -22.59 12.61 114.06
N ASP P 184 -23.34 12.64 115.17
CA ASP P 184 -23.50 11.38 115.95
C ASP P 184 -24.73 10.61 115.45
N TRP P 185 -25.60 11.27 114.68
CA TRP P 185 -26.84 10.57 114.24
C TRP P 185 -26.48 9.23 113.61
N LYS P 186 -27.21 8.17 113.97
CA LYS P 186 -26.97 6.83 113.34
C LYS P 186 -28.32 6.20 112.98
N VAL P 187 -28.31 5.25 112.05
CA VAL P 187 -29.57 4.54 111.69
C VAL P 187 -30.15 3.91 112.95
N GLN P 188 -31.42 4.18 113.26
CA GLN P 188 -32.06 3.54 114.43
C GLN P 188 -32.70 2.23 113.98
N ALA P 189 -33.08 1.37 114.93
CA ALA P 189 -33.64 0.05 114.58
C ALA P 189 -34.95 0.21 113.81
N GLY P 190 -35.87 1.02 114.33
CA GLY P 190 -37.19 1.15 113.67
C GLY P 190 -37.06 1.72 112.27
N ALA P 191 -36.37 2.86 112.14
CA ALA P 191 -36.24 3.52 110.82
C ALA P 191 -35.02 2.94 110.10
N ASN P 192 -35.14 1.72 109.58
CA ASN P 192 -34.03 1.14 108.79
C ASN P 192 -34.60 0.69 107.45
N ASP P 193 -35.65 1.35 106.97
CA ASP P 193 -36.32 0.92 105.73
C ASP P 193 -36.76 2.13 104.90
N ILE P 194 -36.45 2.12 103.61
CA ILE P 194 -36.89 3.24 102.72
C ILE P 194 -37.35 2.62 101.39
N THR P 195 -38.47 3.10 100.85
CA THR P 195 -39.03 2.52 99.59
C THR P 195 -39.00 3.56 98.48
N PHE P 196 -38.39 3.22 97.34
CA PHE P 196 -38.34 4.15 96.18
C PHE P 196 -39.30 3.64 95.12
N THR P 197 -40.46 4.30 94.97
CA THR P 197 -41.41 3.91 93.89
C THR P 197 -41.17 4.85 92.71
N LEU P 198 -40.79 4.30 91.56
CA LEU P 198 -40.43 5.19 90.42
C LEU P 198 -40.83 4.54 89.08
N LYS P 199 -41.01 5.36 88.05
CA LYS P 199 -41.33 4.83 86.70
C LYS P 199 -40.07 4.84 85.84
N ASP P 200 -39.62 3.68 85.39
CA ASP P 200 -38.40 3.60 84.53
C ASP P 200 -38.71 4.27 83.19
N ILE P 201 -37.69 4.77 82.49
CA ILE P 201 -37.91 5.48 81.20
C ILE P 201 -38.86 4.65 80.34
N ASP P 202 -38.63 3.33 80.29
CA ASP P 202 -39.45 2.43 79.44
C ASP P 202 -40.93 2.64 79.78
N GLY P 203 -41.22 3.05 81.02
CA GLY P 203 -42.63 3.22 81.44
C GLY P 203 -43.03 2.08 82.36
N ASN P 204 -42.06 1.41 82.96
CA ASN P 204 -42.35 0.29 83.89
C ASN P 204 -42.10 0.76 85.32
N ASP P 205 -43.10 0.58 86.20
CA ASP P 205 -42.97 1.02 87.62
C ASP P 205 -41.85 0.21 88.29
N GLN P 206 -41.09 0.86 89.17
CA GLN P 206 -40.02 0.14 89.91
C GLN P 206 -40.16 0.49 91.40
N THR P 207 -40.16 -0.53 92.26
CA THR P 207 -40.29 -0.31 93.72
C THR P 207 -39.04 -0.81 94.44
N ILE P 208 -38.02 0.05 94.56
CA ILE P 208 -36.77 -0.35 95.28
C ILE P 208 -37.05 -0.23 96.78
N THR P 209 -36.62 -1.21 97.59
CA THR P 209 -36.80 -1.08 99.05
C THR P 209 -35.48 -1.37 99.76
N VAL P 210 -34.58 -0.39 99.77
CA VAL P 210 -33.27 -0.57 100.46
C VAL P 210 -33.52 -0.56 101.97
N ASN P 211 -32.79 -1.41 102.71
CA ASN P 211 -32.93 -1.43 104.19
C ASN P 211 -31.54 -1.22 104.80
N ALA P 212 -31.13 0.04 104.95
CA ALA P 212 -29.77 0.34 105.45
C ALA P 212 -29.56 -0.31 106.83
N LYS P 213 -28.37 -0.87 107.05
CA LYS P 213 -28.06 -1.53 108.35
C LYS P 213 -28.14 -0.48 109.46
N GLU P 214 -28.69 -0.86 110.62
CA GLU P 214 -28.73 0.08 111.78
C GLU P 214 -27.30 0.33 112.27
N GLY P 215 -27.01 1.55 112.71
CA GLY P 215 -25.66 1.87 113.23
C GLY P 215 -24.75 2.41 112.16
N ASP P 216 -25.30 3.14 111.18
CA ASP P 216 -24.47 3.76 110.13
C ASP P 216 -24.72 5.27 110.13
N ASP P 217 -23.72 6.07 109.74
CA ASP P 217 -23.96 7.53 109.65
C ASP P 217 -24.67 7.86 108.32
N ILE P 218 -25.14 9.10 108.17
CA ILE P 218 -25.92 9.46 106.95
C ILE P 218 -25.05 9.22 105.72
N GLU P 219 -23.76 9.51 105.82
CA GLU P 219 -22.83 9.29 104.68
C GLU P 219 -22.90 7.81 104.28
N GLU P 220 -22.75 6.93 105.26
CA GLU P 220 -22.80 5.46 104.97
C GLU P 220 -24.19 5.14 104.43
N VAL P 221 -25.22 5.72 105.02
CA VAL P 221 -26.60 5.40 104.57
C VAL P 221 -26.62 5.63 103.06
N ALA P 222 -26.13 6.78 102.63
CA ALA P 222 -26.12 7.10 101.18
C ALA P 222 -25.27 6.06 100.44
N THR P 223 -24.07 5.79 100.94
CA THR P 223 -23.18 4.86 100.19
C THR P 223 -23.93 3.55 99.96
N TYR P 224 -24.60 3.05 100.99
CA TYR P 224 -25.36 1.78 100.85
C TYR P 224 -26.39 1.98 99.76
N ILE P 225 -27.24 2.99 99.91
CA ILE P 225 -28.31 3.26 98.92
C ILE P 225 -27.66 3.36 97.54
N ASN P 226 -26.58 4.14 97.45
CA ASN P 226 -25.92 4.38 96.15
C ASN P 226 -25.42 3.05 95.57
N GLY P 227 -24.96 2.15 96.45
CA GLY P 227 -24.45 0.84 95.98
C GLY P 227 -25.50 -0.24 96.07
N GLN P 228 -26.74 0.12 96.44
CA GLN P 228 -27.83 -0.89 96.47
C GLN P 228 -28.72 -0.72 95.22
N THR P 229 -28.53 0.36 94.47
CA THR P 229 -29.31 0.51 93.21
C THR P 229 -28.62 1.49 92.26
N ASP P 230 -28.90 1.39 90.96
CA ASP P 230 -28.31 2.32 89.96
C ASP P 230 -29.43 3.21 89.42
N MET P 231 -30.69 2.86 89.71
CA MET P 231 -31.83 3.64 89.20
C MET P 231 -31.74 5.06 89.77
N VAL P 232 -31.38 5.19 91.05
CA VAL P 232 -31.23 6.53 91.69
C VAL P 232 -29.81 6.67 92.23
N LYS P 233 -29.42 7.89 92.61
CA LYS P 233 -28.06 8.14 93.13
C LYS P 233 -28.19 8.75 94.53
N ALA P 234 -27.21 8.53 95.41
CA ALA P 234 -27.34 9.01 96.81
C ALA P 234 -26.16 9.90 97.17
N SER P 235 -26.45 11.06 97.78
CA SER P 235 -25.38 12.01 98.20
C SER P 235 -25.80 12.66 99.52
N VAL P 236 -24.85 13.28 100.23
CA VAL P 236 -25.21 14.02 101.48
C VAL P 236 -24.72 15.46 101.35
N ASN P 237 -25.54 16.44 101.74
CA ASN P 237 -25.16 17.86 101.57
C ASN P 237 -24.43 18.38 102.81
N GLU P 238 -24.09 19.67 102.82
CA GLU P 238 -23.37 20.28 103.97
C GLU P 238 -24.24 20.16 105.23
N LYS P 239 -25.56 20.28 105.10
CA LYS P 239 -26.45 20.25 106.28
C LYS P 239 -26.83 18.80 106.60
N GLY P 240 -25.91 17.86 106.37
CA GLY P 240 -26.17 16.45 106.71
C GLY P 240 -27.54 15.99 106.28
N GLN P 241 -28.05 16.52 105.17
CA GLN P 241 -29.36 16.04 104.64
C GLN P 241 -29.12 15.22 103.37
N LEU P 242 -29.66 13.99 103.33
CA LEU P 242 -29.44 13.09 102.17
C LEU P 242 -29.99 13.73 100.89
N GLN P 243 -29.22 13.67 99.79
CA GLN P 243 -29.70 14.21 98.50
C GLN P 243 -29.83 13.04 97.51
N ILE P 244 -31.03 12.80 97.00
CA ILE P 244 -31.26 11.64 96.09
C ILE P 244 -31.46 12.16 94.66
N PHE P 245 -30.49 11.93 93.78
CA PHE P 245 -30.67 12.33 92.36
C PHE P 245 -31.38 11.23 91.59
N ALA P 246 -31.96 11.57 90.43
CA ALA P 246 -32.67 10.57 89.60
C ALA P 246 -32.71 11.10 88.17
N GLY P 247 -31.67 10.83 87.38
CA GLY P 247 -31.60 11.37 86.02
C GLY P 247 -32.85 11.03 85.21
N ASN P 248 -33.32 11.99 84.40
CA ASN P 248 -34.52 11.77 83.55
C ASN P 248 -34.21 10.68 82.53
N ASN P 249 -32.93 10.30 82.41
CA ASN P 249 -32.51 9.26 81.45
C ASN P 249 -32.69 7.88 82.08
N LYS P 250 -33.20 7.82 83.31
CA LYS P 250 -33.43 6.52 83.98
C LYS P 250 -34.85 6.49 84.56
N VAL P 251 -35.21 7.51 85.34
CA VAL P 251 -36.53 7.48 86.02
C VAL P 251 -37.46 8.51 85.38
N THR P 252 -38.66 8.08 84.96
CA THR P 252 -39.65 9.05 84.43
C THR P 252 -40.58 9.44 85.58
N GLY P 253 -41.57 10.31 85.32
CA GLY P 253 -42.49 10.76 86.37
C GLY P 253 -41.74 11.26 87.59
N ASP P 254 -42.15 10.83 88.78
CA ASP P 254 -41.51 11.27 90.05
C ASP P 254 -41.25 10.03 90.93
N VAL P 255 -40.30 10.13 91.86
CA VAL P 255 -39.97 8.98 92.74
C VAL P 255 -40.61 9.21 94.12
N ALA P 256 -41.77 8.60 94.37
CA ALA P 256 -42.37 8.73 95.72
C ALA P 256 -41.47 7.99 96.72
N PHE P 257 -41.13 8.64 97.83
CA PHE P 257 -40.24 8.02 98.84
C PHE P 257 -41.07 7.57 100.05
N SER P 258 -40.95 6.31 100.45
CA SER P 258 -41.72 5.79 101.60
C SER P 258 -40.80 4.96 102.51
N GLY P 259 -41.35 4.37 103.57
CA GLY P 259 -40.55 3.57 104.51
C GLY P 259 -40.33 4.29 105.83
N GLY P 260 -40.04 3.54 106.89
CA GLY P 260 -39.88 4.15 108.22
C GLY P 260 -38.77 5.19 108.22
N LEU P 261 -37.61 4.82 107.68
CA LEU P 261 -36.47 5.78 107.60
C LEU P 261 -36.94 7.03 106.87
N ALA P 262 -37.72 6.87 105.79
CA ALA P 262 -38.19 8.04 105.00
C ALA P 262 -38.92 8.99 105.93
N GLY P 263 -39.60 8.46 106.95
CA GLY P 263 -40.29 9.33 107.92
C GLY P 263 -39.31 10.28 108.57
N ALA P 264 -38.10 9.80 108.86
CA ALA P 264 -37.07 10.66 109.48
C ALA P 264 -36.28 11.39 108.39
N LEU P 265 -36.68 11.22 107.12
CA LEU P 265 -35.98 11.90 106.00
C LEU P 265 -36.88 13.01 105.44
N ASN P 266 -38.19 12.85 105.57
CA ASN P 266 -39.14 13.89 105.07
C ASN P 266 -38.63 14.42 103.73
N MET P 267 -38.51 13.55 102.74
CA MET P 267 -37.95 13.97 101.43
C MET P 267 -38.80 15.13 100.88
N GLN P 268 -38.14 16.22 100.45
CA GLN P 268 -38.89 17.40 99.93
C GLN P 268 -39.15 17.22 98.44
N ALA P 269 -39.93 18.13 97.83
CA ALA P 269 -40.29 17.97 96.41
C ALA P 269 -39.01 18.02 95.56
N GLY P 270 -38.88 17.09 94.61
CA GLY P 270 -37.70 17.06 93.73
C GLY P 270 -37.65 18.27 92.82
N THR P 271 -36.55 19.02 92.84
CA THR P 271 -36.40 20.18 91.93
C THR P 271 -35.78 19.69 90.61
N ALA P 272 -35.81 20.53 89.57
CA ALA P 272 -35.25 20.14 88.25
C ALA P 272 -33.84 20.69 88.11
N GLU P 273 -32.84 19.80 88.00
CA GLU P 273 -31.44 20.24 87.80
C GLU P 273 -30.95 19.83 86.41
N THR P 274 -30.10 20.66 85.80
CA THR P 274 -29.50 20.32 84.48
C THR P 274 -28.03 20.72 84.54
N VAL P 275 -27.24 20.29 83.56
CA VAL P 275 -25.81 20.71 83.51
C VAL P 275 -25.77 22.24 83.50
N ASP P 276 -26.75 22.86 82.83
CA ASP P 276 -26.79 24.34 82.72
C ASP P 276 -27.06 24.95 84.10
N THR P 277 -27.56 24.17 85.05
CA THR P 277 -27.95 24.75 86.36
C THR P 277 -27.11 24.18 87.50
N ILE P 278 -25.92 23.65 87.22
CA ILE P 278 -25.11 23.00 88.29
C ILE P 278 -24.37 24.08 89.10
N ASP P 279 -24.12 23.82 90.38
CA ASP P 279 -23.35 24.77 91.22
C ASP P 279 -22.46 23.99 92.18
N VAL P 280 -21.15 24.18 92.10
CA VAL P 280 -20.21 23.37 92.95
C VAL P 280 -19.91 24.15 94.24
N THR P 281 -20.30 25.42 94.31
CA THR P 281 -19.92 26.21 95.51
C THR P 281 -20.43 25.49 96.75
N SER P 282 -21.66 24.99 96.70
CA SER P 282 -22.20 24.20 97.83
C SER P 282 -21.81 22.73 97.65
N VAL P 283 -21.20 22.14 98.67
CA VAL P 283 -20.73 20.73 98.54
C VAL P 283 -21.95 19.89 98.16
N GLY P 284 -23.11 20.15 98.77
CA GLY P 284 -24.33 19.43 98.39
C GLY P 284 -24.55 19.53 96.89
N GLY P 285 -24.48 20.74 96.35
CA GLY P 285 -24.64 20.92 94.89
C GLY P 285 -23.54 20.23 94.11
N ALA P 286 -22.32 20.28 94.63
CA ALA P 286 -21.18 19.61 93.96
C ALA P 286 -21.45 18.10 93.88
N GLN P 287 -21.89 17.51 95.00
CA GLN P 287 -22.25 16.07 94.96
C GLN P 287 -23.34 15.88 93.91
N GLN P 288 -24.35 16.75 93.94
CA GLN P 288 -25.46 16.65 92.96
C GLN P 288 -24.89 16.78 91.55
N SER P 289 -23.95 17.72 91.37
CA SER P 289 -23.38 17.96 90.02
C SER P 289 -22.75 16.68 89.48
N VAL P 290 -22.00 15.98 90.33
CA VAL P 290 -21.35 14.71 89.88
C VAL P 290 -22.43 13.83 89.28
N ALA P 291 -23.52 13.63 90.03
CA ALA P 291 -24.62 12.78 89.52
C ALA P 291 -25.20 13.39 88.25
N VAL P 292 -25.44 14.71 88.27
CA VAL P 292 -26.02 15.40 87.08
C VAL P 292 -25.09 15.15 85.89
N ILE P 293 -23.80 15.44 86.06
CA ILE P 293 -22.84 15.31 84.92
C ILE P 293 -22.85 13.85 84.45
N ASP P 294 -22.91 12.89 85.37
CA ASP P 294 -22.88 11.46 84.99
C ASP P 294 -24.06 11.18 84.06
N SER P 295 -25.25 11.64 84.47
CA SER P 295 -26.45 11.41 83.63
C SER P 295 -26.20 12.02 82.24
N ALA P 296 -25.66 13.23 82.22
CA ALA P 296 -25.42 13.89 80.91
C ALA P 296 -24.51 13.00 80.06
N LEU P 297 -23.41 12.52 80.66
CA LEU P 297 -22.44 11.73 79.87
C LEU P 297 -23.20 10.60 79.17
N LYS P 298 -24.09 9.93 79.91
CA LYS P 298 -24.81 8.77 79.33
C LYS P 298 -25.65 9.24 78.14
N TYR P 299 -26.40 10.33 78.32
CA TYR P 299 -27.30 10.85 77.25
C TYR P 299 -26.46 11.14 76.01
N VAL P 300 -25.42 11.96 76.18
CA VAL P 300 -24.55 12.31 75.02
C VAL P 300 -24.11 11.02 74.36
N ASP P 301 -23.45 10.15 75.11
CA ASP P 301 -22.94 8.88 74.52
C ASP P 301 -24.09 8.15 73.85
N SER P 302 -25.26 8.13 74.47
CA SER P 302 -26.43 7.44 73.89
C SER P 302 -26.63 7.92 72.45
N HIS P 303 -26.71 9.24 72.25
CA HIS P 303 -26.94 9.78 70.90
C HIS P 303 -25.76 9.35 70.02
N ARG P 304 -24.55 9.39 70.56
CA ARG P 304 -23.35 9.06 69.75
C ARG P 304 -23.52 7.64 69.21
N ALA P 305 -23.95 6.71 70.07
CA ALA P 305 -24.14 5.30 69.64
C ALA P 305 -25.15 5.27 68.49
N GLU P 306 -26.25 6.00 68.66
CA GLU P 306 -27.31 5.99 67.61
C GLU P 306 -26.71 6.52 66.31
N LEU P 307 -25.97 7.62 66.38
CA LEU P 307 -25.32 8.19 65.17
C LEU P 307 -24.43 7.12 64.55
N GLY P 308 -23.63 6.43 65.37
CA GLY P 308 -22.69 5.43 64.85
C GLY P 308 -23.42 4.32 64.11
N ALA P 309 -24.49 3.79 64.71
CA ALA P 309 -25.29 2.76 64.02
C ALA P 309 -25.67 3.30 62.63
N PHE P 310 -26.16 4.53 62.58
CA PHE P 310 -26.54 5.15 61.29
C PHE P 310 -25.33 5.19 60.37
N GLN P 311 -24.21 5.69 60.87
CA GLN P 311 -23.00 5.81 60.03
C GLN P 311 -22.68 4.43 59.45
N ASN P 312 -22.67 3.41 60.30
CA ASN P 312 -22.38 2.03 59.84
C ASN P 312 -23.47 1.57 58.88
N ARG P 313 -24.73 1.77 59.24
CA ARG P 313 -25.86 1.30 58.39
C ARG P 313 -25.66 1.86 56.99
N PHE P 314 -25.37 3.16 56.89
CA PHE P 314 -25.21 3.79 55.56
C PHE P 314 -24.05 3.12 54.83
N ASN P 315 -22.96 2.80 55.55
CA ASN P 315 -21.78 2.17 54.90
C ASN P 315 -22.20 0.85 54.26
N HIS P 316 -22.91 0.00 55.01
CA HIS P 316 -23.43 -1.27 54.42
C HIS P 316 -24.24 -0.92 53.18
N ALA P 317 -25.15 0.05 53.31
CA ALA P 317 -26.04 0.40 52.18
C ALA P 317 -25.20 0.85 50.98
N ILE P 318 -24.21 1.71 51.21
CA ILE P 318 -23.42 2.25 50.06
C ILE P 318 -22.82 1.04 49.34
N SER P 319 -22.29 0.09 50.09
CA SER P 319 -21.70 -1.11 49.47
C SER P 319 -22.75 -1.83 48.63
N ASN P 320 -23.92 -2.09 49.21
CA ASN P 320 -24.98 -2.85 48.47
C ASN P 320 -25.37 -2.06 47.22
N LEU P 321 -25.61 -0.76 47.35
CA LEU P 321 -26.02 0.07 46.19
C LEU P 321 -24.98 -0.13 45.08
N ASP P 322 -23.70 -0.07 45.43
CA ASP P 322 -22.64 -0.19 44.40
C ASP P 322 -22.77 -1.53 43.69
N ASN P 323 -22.85 -2.62 44.47
CA ASN P 323 -22.91 -3.97 43.84
C ASN P 323 -24.04 -3.95 42.82
N ILE P 324 -25.21 -3.45 43.21
CA ILE P 324 -26.39 -3.46 42.29
C ILE P 324 -26.00 -2.67 41.03
N ASN P 325 -25.41 -1.50 41.21
CA ASN P 325 -25.07 -0.64 40.05
C ASN P 325 -24.30 -1.49 39.03
N GLU P 326 -23.29 -2.23 39.49
CA GLU P 326 -22.44 -3.02 38.55
C GLU P 326 -23.31 -4.05 37.83
N ASN P 327 -24.08 -4.84 38.57
CA ASN P 327 -24.88 -5.91 37.93
C ASN P 327 -25.88 -5.27 36.96
N VAL P 328 -26.41 -4.10 37.33
CA VAL P 328 -27.39 -3.39 36.45
C VAL P 328 -26.67 -2.95 35.18
N ASN P 329 -25.49 -2.33 35.32
CA ASN P 329 -24.73 -1.85 34.14
C ASN P 329 -24.42 -3.06 33.25
N ALA P 330 -24.01 -4.16 33.87
CA ALA P 330 -23.73 -5.38 33.08
C ALA P 330 -24.95 -5.68 32.22
N SER P 331 -26.13 -5.73 32.83
CA SER P 331 -27.36 -6.07 32.09
C SER P 331 -27.61 -5.02 31.01
N LYS P 332 -27.52 -3.74 31.38
CA LYS P 332 -27.83 -2.67 30.40
C LYS P 332 -26.91 -2.85 29.19
N SER P 333 -25.62 -3.11 29.45
CA SER P 333 -24.65 -3.28 28.34
C SER P 333 -25.03 -4.50 27.51
N ARG P 334 -25.42 -5.60 28.18
CA ARG P 334 -25.72 -6.86 27.45
C ARG P 334 -26.94 -6.64 26.55
N ILE P 335 -27.71 -5.57 26.79
CA ILE P 335 -28.95 -5.37 26.01
C ILE P 335 -28.76 -4.19 25.04
N LYS P 336 -27.90 -3.23 25.38
CA LYS P 336 -27.81 -2.01 24.53
C LYS P 336 -26.43 -1.86 23.86
N ASP P 337 -25.34 -2.06 24.58
CA ASP P 337 -23.99 -1.79 23.99
C ASP P 337 -23.73 -2.67 22.76
N THR P 338 -23.12 -2.11 21.73
CA THR P 338 -22.93 -2.89 20.48
C THR P 338 -21.65 -3.72 20.61
N ASP P 339 -21.77 -5.04 20.43
CA ASP P 339 -20.57 -5.91 20.43
C ASP P 339 -19.84 -5.67 19.11
N PHE P 340 -18.76 -4.89 19.13
CA PHE P 340 -18.08 -4.54 17.86
C PHE P 340 -17.79 -5.81 17.07
N ALA P 341 -17.40 -6.89 17.74
CA ALA P 341 -17.03 -8.14 17.04
C ALA P 341 -18.07 -8.46 15.97
N LYS P 342 -19.30 -8.74 16.38
CA LYS P 342 -20.36 -9.13 15.40
C LYS P 342 -20.64 -7.95 14.48
N GLU P 343 -20.75 -6.75 15.04
CA GLU P 343 -21.11 -5.58 14.22
C GLU P 343 -20.10 -5.41 13.09
N THR P 344 -18.81 -5.49 13.42
CA THR P 344 -17.76 -5.29 12.38
C THR P 344 -17.95 -6.32 11.27
N THR P 345 -18.06 -7.59 11.65
CA THR P 345 -18.26 -8.66 10.64
C THR P 345 -19.42 -8.25 9.73
N ALA P 346 -20.51 -7.80 10.33
CA ALA P 346 -21.71 -7.45 9.53
C ALA P 346 -21.35 -6.34 8.54
N LEU P 347 -20.63 -5.33 9.01
CA LEU P 347 -20.28 -4.19 8.12
C LEU P 347 -19.52 -4.76 6.93
N THR P 348 -18.55 -5.65 7.20
CA THR P 348 -17.73 -6.22 6.11
C THR P 348 -18.63 -7.04 5.19
N LYS P 349 -19.45 -7.93 5.75
CA LYS P 349 -20.37 -8.75 4.93
C LYS P 349 -21.21 -7.80 4.07
N SER P 350 -21.72 -6.73 4.67
CA SER P 350 -22.58 -5.78 3.93
C SER P 350 -21.79 -5.13 2.81
N GLN P 351 -20.57 -4.67 3.12
CA GLN P 351 -19.76 -3.96 2.10
C GLN P 351 -19.47 -4.92 0.94
N ILE P 352 -19.05 -6.14 1.26
CA ILE P 352 -18.69 -7.12 0.21
C ILE P 352 -19.93 -7.40 -0.64
N LEU P 353 -21.07 -7.62 0.01
CA LEU P 353 -22.33 -7.88 -0.73
C LEU P 353 -22.60 -6.69 -1.64
N SER P 354 -22.41 -5.47 -1.13
CA SER P 354 -22.66 -4.26 -1.94
C SER P 354 -21.80 -4.30 -3.20
N GLN P 355 -20.49 -4.50 -3.02
CA GLN P 355 -19.56 -4.47 -4.18
C GLN P 355 -20.00 -5.52 -5.20
N ALA P 356 -20.38 -6.71 -4.73
CA ALA P 356 -20.79 -7.79 -5.65
C ALA P 356 -22.04 -7.36 -6.41
N SER P 357 -23.07 -6.91 -5.68
CA SER P 357 -24.31 -6.45 -6.34
C SER P 357 -23.95 -5.39 -7.37
N SER P 358 -23.18 -4.38 -6.96
CA SER P 358 -22.79 -3.29 -7.88
C SER P 358 -22.31 -3.90 -9.20
N SER P 359 -21.35 -4.82 -9.14
CA SER P 359 -20.81 -5.42 -10.38
C SER P 359 -21.94 -6.07 -11.16
N VAL P 360 -22.82 -6.80 -10.47
CA VAL P 360 -23.97 -7.47 -11.14
C VAL P 360 -24.79 -6.40 -11.86
N LEU P 361 -25.02 -5.27 -11.19
CA LEU P 361 -25.76 -4.15 -11.81
C LEU P 361 -25.01 -3.71 -13.07
N ALA P 362 -23.70 -3.53 -12.97
CA ALA P 362 -22.91 -3.04 -14.13
C ALA P 362 -23.01 -4.05 -15.27
N GLN P 363 -22.92 -5.34 -14.97
CA GLN P 363 -23.05 -6.38 -16.02
C GLN P 363 -24.47 -6.30 -16.61
N ALA P 364 -25.48 -6.23 -15.75
CA ALA P 364 -26.89 -6.18 -16.22
C ALA P 364 -27.10 -4.89 -17.03
N LYS P 365 -26.44 -3.82 -16.61
CA LYS P 365 -26.62 -2.52 -17.30
C LYS P 365 -26.24 -2.67 -18.77
N GLN P 366 -25.24 -3.49 -19.07
CA GLN P 366 -24.76 -3.62 -20.48
C GLN P 366 -25.54 -4.72 -21.20
N ALA P 367 -26.31 -5.52 -20.48
CA ALA P 367 -27.04 -6.65 -21.10
C ALA P 367 -27.90 -6.17 -22.28
N PRO P 368 -28.69 -5.09 -22.18
CA PRO P 368 -29.47 -4.62 -23.32
C PRO P 368 -28.63 -4.46 -24.59
N ASN P 369 -27.37 -4.04 -24.47
CA ASN P 369 -26.55 -3.77 -25.68
C ASN P 369 -26.75 -4.89 -26.70
N ALA P 370 -26.91 -6.12 -26.23
CA ALA P 370 -27.05 -7.26 -27.15
C ALA P 370 -27.93 -6.86 -28.34
N ALA P 371 -29.16 -6.42 -28.04
CA ALA P 371 -30.13 -6.09 -29.12
C ALA P 371 -29.45 -5.27 -30.22
N LEU P 372 -28.61 -4.30 -29.84
CA LEU P 372 -28.01 -3.42 -30.87
C LEU P 372 -27.38 -4.30 -31.95
N SER P 373 -26.68 -5.35 -31.55
CA SER P 373 -26.06 -6.27 -32.54
C SER P 373 -27.14 -6.86 -33.44
N LEU P 374 -28.22 -7.37 -32.84
CA LEU P 374 -29.28 -8.01 -33.64
C LEU P 374 -29.86 -7.00 -34.63
N LEU P 375 -30.19 -5.79 -34.16
CA LEU P 375 -30.84 -4.80 -35.06
C LEU P 375 -29.81 -4.26 -36.04
N GLY P 376 -28.52 -4.55 -35.80
CA GLY P 376 -27.47 -4.11 -36.73
C GLY P 376 -27.69 -4.70 -38.11
N ALA Q 1 -53.98 -15.57 -72.50
CA ALA Q 1 -53.28 -15.55 -73.80
C ALA Q 1 -52.24 -14.43 -73.74
N VAL Q 2 -52.31 -13.48 -74.66
CA VAL Q 2 -51.41 -12.30 -74.57
C VAL Q 2 -52.28 -11.04 -74.69
N ASN Q 3 -52.61 -10.43 -73.54
CA ASN Q 3 -53.52 -9.24 -73.56
C ASN Q 3 -52.73 -8.02 -73.08
N VAL Q 4 -53.15 -6.82 -73.48
CA VAL Q 4 -52.42 -5.58 -73.12
C VAL Q 4 -53.29 -4.75 -72.17
N ASN Q 5 -54.59 -5.01 -72.14
CA ASN Q 5 -55.50 -4.18 -71.32
C ASN Q 5 -55.65 -4.79 -69.93
N THR Q 6 -54.71 -5.66 -69.53
CA THR Q 6 -54.74 -6.24 -68.16
C THR Q 6 -53.37 -6.82 -67.82
N ASN Q 7 -53.10 -7.02 -66.53
CA ASN Q 7 -51.83 -7.66 -66.10
C ASN Q 7 -52.07 -8.24 -64.71
N VAL Q 8 -52.90 -9.29 -64.64
CA VAL Q 8 -53.24 -9.90 -63.32
C VAL Q 8 -51.93 -10.19 -62.57
N ALA Q 9 -50.92 -10.65 -63.31
CA ALA Q 9 -49.60 -10.92 -62.69
C ALA Q 9 -49.16 -9.69 -61.91
N ALA Q 10 -49.18 -8.52 -62.55
CA ALA Q 10 -48.73 -7.29 -61.88
C ALA Q 10 -49.60 -7.04 -60.65
N MET Q 11 -50.91 -7.06 -60.84
CA MET Q 11 -51.84 -6.78 -59.71
C MET Q 11 -51.47 -7.70 -58.55
N THR Q 12 -51.29 -8.99 -58.86
CA THR Q 12 -50.92 -9.97 -57.81
C THR Q 12 -49.64 -9.50 -57.12
N ALA Q 13 -48.58 -9.26 -57.89
CA ALA Q 13 -47.29 -8.86 -57.29
C ALA Q 13 -47.53 -7.67 -56.36
N GLN Q 14 -48.06 -6.57 -56.91
CA GLN Q 14 -48.32 -5.36 -56.10
C GLN Q 14 -48.97 -5.79 -54.78
N ARG Q 15 -50.00 -6.63 -54.85
CA ARG Q 15 -50.73 -7.00 -53.61
C ARG Q 15 -49.71 -7.54 -52.60
N TYR Q 16 -48.90 -8.50 -53.01
CA TYR Q 16 -47.95 -9.11 -52.04
C TYR Q 16 -46.94 -8.07 -51.60
N LEU Q 17 -46.46 -7.27 -52.57
CA LEU Q 17 -45.48 -6.20 -52.25
C LEU Q 17 -46.08 -5.31 -51.15
N THR Q 18 -47.30 -4.83 -51.38
CA THR Q 18 -47.93 -3.91 -50.41
C THR Q 18 -47.94 -4.61 -49.04
N GLY Q 19 -48.41 -5.86 -49.00
CA GLY Q 19 -48.49 -6.58 -47.73
C GLY Q 19 -47.13 -6.61 -47.05
N ALA Q 20 -46.09 -6.94 -47.81
CA ALA Q 20 -44.73 -7.01 -47.22
C ALA Q 20 -44.36 -5.65 -46.64
N THR Q 21 -44.49 -4.59 -47.45
CA THR Q 21 -44.06 -3.24 -46.99
C THR Q 21 -44.85 -2.86 -45.73
N ASN Q 22 -46.14 -3.15 -45.72
CA ASN Q 22 -46.96 -2.84 -44.52
C ASN Q 22 -46.34 -3.54 -43.31
N ALA Q 23 -46.05 -4.84 -43.45
CA ALA Q 23 -45.46 -5.61 -42.35
C ALA Q 23 -44.11 -4.99 -41.98
N GLN Q 24 -43.32 -4.61 -42.98
CA GLN Q 24 -41.98 -4.06 -42.70
C GLN Q 24 -42.12 -2.87 -41.75
N GLN Q 25 -43.00 -1.94 -42.09
CA GLN Q 25 -43.20 -0.74 -41.23
C GLN Q 25 -43.58 -1.20 -39.82
N THR Q 26 -44.53 -2.12 -39.73
CA THR Q 26 -44.99 -2.61 -38.41
C THR Q 26 -43.76 -2.98 -37.57
N SER Q 27 -42.88 -3.80 -38.13
CA SER Q 27 -41.68 -4.24 -37.38
C SER Q 27 -40.75 -3.05 -37.14
N MET Q 28 -40.56 -2.21 -38.16
CA MET Q 28 -39.61 -1.07 -38.01
C MET Q 28 -40.08 -0.21 -36.83
N GLU Q 29 -41.38 0.05 -36.75
CA GLU Q 29 -41.92 0.88 -35.65
C GLU Q 29 -41.68 0.16 -34.32
N ARG Q 30 -41.93 -1.15 -34.27
CA ARG Q 30 -41.79 -1.89 -33.00
C ARG Q 30 -40.32 -1.83 -32.57
N LEU Q 31 -39.41 -2.03 -33.52
CA LEU Q 31 -37.96 -1.99 -33.21
C LEU Q 31 -37.60 -0.62 -32.64
N SER Q 32 -38.06 0.45 -33.29
CA SER Q 32 -37.67 1.81 -32.85
C SER Q 32 -38.23 2.10 -31.46
N SER Q 33 -39.53 1.85 -31.25
CA SER Q 33 -40.16 2.18 -29.95
C SER Q 33 -39.68 1.21 -28.88
N GLY Q 34 -39.39 -0.03 -29.27
CA GLY Q 34 -39.02 -1.04 -28.26
C GLY Q 34 -40.27 -1.64 -27.67
N PHE Q 35 -41.43 -1.12 -28.06
CA PHE Q 35 -42.72 -1.66 -27.54
C PHE Q 35 -43.46 -2.38 -28.67
N LYS Q 36 -43.90 -3.61 -28.40
CA LYS Q 36 -44.62 -4.42 -29.43
C LYS Q 36 -46.04 -3.86 -29.58
N ILE Q 37 -46.74 -3.67 -28.46
CA ILE Q 37 -48.14 -3.16 -28.51
C ILE Q 37 -48.11 -1.63 -28.50
N ASN Q 38 -47.68 -1.03 -29.61
CA ASN Q 38 -47.66 0.46 -29.71
C ASN Q 38 -49.11 0.96 -29.78
N SER Q 39 -49.86 0.52 -30.80
CA SER Q 39 -51.28 0.92 -30.93
C SER Q 39 -52.19 -0.24 -30.51
N ALA Q 40 -53.48 0.04 -30.32
CA ALA Q 40 -54.42 -1.03 -29.94
C ALA Q 40 -54.48 -2.08 -31.05
N LYS Q 41 -54.44 -1.64 -32.30
CA LYS Q 41 -54.56 -2.60 -33.43
C LYS Q 41 -53.56 -3.74 -33.23
N ASP Q 42 -52.39 -3.44 -32.65
CA ASP Q 42 -51.36 -4.48 -32.40
C ASP Q 42 -51.95 -5.56 -31.49
N ASP Q 43 -52.50 -5.16 -30.35
CA ASP Q 43 -53.09 -6.13 -29.38
C ASP Q 43 -53.98 -5.37 -28.40
N ALA Q 44 -55.29 -5.31 -28.69
CA ALA Q 44 -56.20 -4.52 -27.83
C ALA Q 44 -56.13 -5.03 -26.39
N ALA Q 45 -56.25 -6.34 -26.20
CA ALA Q 45 -56.27 -6.88 -24.82
C ALA Q 45 -55.02 -6.42 -24.09
N GLY Q 46 -53.85 -6.62 -24.70
CA GLY Q 46 -52.60 -6.23 -24.04
C GLY Q 46 -52.60 -4.75 -23.71
N LEU Q 47 -52.98 -3.92 -24.68
CA LEU Q 47 -52.98 -2.45 -24.45
C LEU Q 47 -53.62 -2.19 -23.09
N GLN Q 48 -54.81 -2.76 -22.87
CA GLN Q 48 -55.53 -2.51 -21.59
C GLN Q 48 -54.71 -3.10 -20.44
N ILE Q 49 -54.36 -4.38 -20.53
CA ILE Q 49 -53.65 -5.03 -19.39
C ILE Q 49 -52.35 -4.28 -19.15
N SER Q 50 -51.57 -4.04 -20.21
CA SER Q 50 -50.26 -3.37 -20.04
C SER Q 50 -50.46 -2.02 -19.36
N ASN Q 51 -51.32 -1.18 -19.93
CA ASN Q 51 -51.60 0.14 -19.31
C ASN Q 51 -51.88 -0.09 -17.82
N ARG Q 52 -52.73 -1.07 -17.50
CA ARG Q 52 -53.12 -1.27 -16.08
C ARG Q 52 -51.87 -1.64 -15.29
N LEU Q 53 -51.06 -2.55 -15.83
CA LEU Q 53 -49.80 -2.96 -15.14
C LEU Q 53 -48.89 -1.74 -15.03
N ASN Q 54 -48.79 -0.95 -16.10
CA ASN Q 54 -47.93 0.26 -16.07
C ASN Q 54 -48.46 1.18 -14.96
N VAL Q 55 -49.78 1.38 -14.92
CA VAL Q 55 -50.38 2.23 -13.86
C VAL Q 55 -49.96 1.66 -12.50
N GLN Q 56 -50.11 0.35 -12.32
CA GLN Q 56 -49.79 -0.27 -11.01
C GLN Q 56 -48.33 0.03 -10.66
N SER Q 57 -47.42 -0.23 -11.61
CA SER Q 57 -45.98 -0.01 -11.33
C SER Q 57 -45.76 1.46 -10.98
N ARG Q 58 -46.10 2.36 -11.91
CA ARG Q 58 -45.85 3.80 -11.67
C ARG Q 58 -46.43 4.12 -10.29
N GLY Q 59 -47.56 3.50 -9.95
CA GLY Q 59 -48.17 3.73 -8.63
C GLY Q 59 -47.25 3.27 -7.52
N LEU Q 60 -46.72 2.07 -7.63
CA LEU Q 60 -45.88 1.53 -6.53
C LEU Q 60 -44.71 2.49 -6.33
N ASP Q 61 -44.20 3.08 -7.41
CA ASP Q 61 -43.04 3.99 -7.30
C ASP Q 61 -43.38 5.17 -6.40
N VAL Q 62 -44.47 5.88 -6.71
CA VAL Q 62 -44.90 7.03 -5.87
C VAL Q 62 -45.21 6.49 -4.47
N ALA Q 63 -45.76 5.29 -4.39
CA ALA Q 63 -46.11 4.69 -3.08
C ALA Q 63 -44.84 4.51 -2.26
N VAL Q 64 -43.76 4.05 -2.90
CA VAL Q 64 -42.47 3.85 -2.19
C VAL Q 64 -42.02 5.19 -1.62
N ARG Q 65 -42.04 6.24 -2.43
CA ARG Q 65 -41.62 7.57 -1.96
C ARG Q 65 -42.50 7.95 -0.77
N ASN Q 66 -43.81 7.79 -0.93
CA ASN Q 66 -44.76 8.20 0.14
C ASN Q 66 -44.37 7.47 1.44
N ALA Q 67 -44.08 6.18 1.35
CA ALA Q 67 -43.69 5.40 2.54
C ALA Q 67 -42.37 5.92 3.11
N ASN Q 68 -41.46 6.30 2.22
CA ASN Q 68 -40.13 6.83 2.67
C ASN Q 68 -40.38 8.10 3.50
N ASP Q 69 -41.31 8.94 3.05
CA ASP Q 69 -41.65 10.15 3.84
C ASP Q 69 -42.22 9.70 5.19
N GLY Q 70 -43.02 8.64 5.19
CA GLY Q 70 -43.54 8.12 6.46
C GLY Q 70 -42.41 7.86 7.41
N ILE Q 71 -41.36 7.19 6.93
CA ILE Q 71 -40.20 6.86 7.80
C ILE Q 71 -39.58 8.17 8.26
N SER Q 72 -39.42 9.13 7.35
CA SER Q 72 -38.74 10.39 7.72
C SER Q 72 -39.49 11.07 8.87
N ILE Q 73 -40.80 11.23 8.73
CA ILE Q 73 -41.53 11.98 9.81
C ILE Q 73 -41.28 11.24 11.13
N ALA Q 74 -41.48 9.92 11.12
CA ALA Q 74 -41.36 9.16 12.39
C ALA Q 74 -39.93 9.26 12.91
N GLN Q 75 -38.94 9.07 12.04
CA GLN Q 75 -37.53 9.07 12.52
C GLN Q 75 -37.18 10.44 13.09
N THR Q 76 -37.67 11.52 12.48
CA THR Q 76 -37.44 12.88 13.02
C THR Q 76 -37.98 12.93 14.45
N ALA Q 77 -39.21 12.45 14.64
CA ALA Q 77 -39.84 12.51 15.98
C ALA Q 77 -39.05 11.67 16.98
N GLU Q 78 -38.71 10.44 16.61
CA GLU Q 78 -37.99 9.54 17.53
C GLU Q 78 -36.73 10.27 17.99
N GLY Q 79 -36.04 10.93 17.05
CA GLY Q 79 -34.81 11.66 17.40
C GLY Q 79 -35.08 12.72 18.45
N ALA Q 80 -36.13 13.51 18.25
CA ALA Q 80 -36.48 14.57 19.21
C ALA Q 80 -36.83 13.94 20.55
N MET Q 81 -37.55 12.82 20.53
CA MET Q 81 -38.01 12.22 21.80
C MET Q 81 -36.80 11.59 22.49
N ASN Q 82 -35.70 11.38 21.77
CA ASN Q 82 -34.47 10.89 22.42
C ASN Q 82 -33.99 11.97 23.39
N GLU Q 83 -33.90 13.20 22.89
CA GLU Q 83 -33.45 14.32 23.77
C GLU Q 83 -34.44 14.44 24.92
N THR Q 84 -35.74 14.30 24.63
CA THR Q 84 -36.77 14.43 25.69
C THR Q 84 -36.45 13.42 26.80
N THR Q 85 -36.19 12.17 26.43
CA THR Q 85 -35.93 11.13 27.45
C THR Q 85 -34.71 11.54 28.27
N ASN Q 86 -33.66 12.02 27.58
CA ASN Q 86 -32.41 12.37 28.30
C ASN Q 86 -32.72 13.47 29.31
N ILE Q 87 -33.42 14.51 28.88
CA ILE Q 87 -33.68 15.66 29.80
C ILE Q 87 -34.45 15.12 31.01
N LEU Q 88 -35.49 14.33 30.79
CA LEU Q 88 -36.31 13.84 31.92
C LEU Q 88 -35.42 13.08 32.91
N GLN Q 89 -34.51 12.25 32.40
CA GLN Q 89 -33.63 11.44 33.28
C GLN Q 89 -32.77 12.38 34.13
N ARG Q 90 -32.20 13.42 33.51
CA ARG Q 90 -31.39 14.40 34.28
C ARG Q 90 -32.28 15.02 35.36
N MET Q 91 -33.49 15.44 34.98
CA MET Q 91 -34.42 16.09 35.94
C MET Q 91 -34.63 15.12 37.10
N ARG Q 92 -34.77 13.83 36.80
CA ARG Q 92 -34.98 12.81 37.87
C ARG Q 92 -33.77 12.85 38.80
N ASP Q 93 -32.56 12.89 38.24
CA ASP Q 93 -31.35 12.84 39.09
C ASP Q 93 -31.38 14.04 40.04
N LEU Q 94 -31.62 15.23 39.49
CA LEU Q 94 -31.61 16.45 40.33
C LEU Q 94 -32.66 16.29 41.42
N SER Q 95 -33.81 15.70 41.08
CA SER Q 95 -34.91 15.55 42.06
C SER Q 95 -34.44 14.70 43.25
N LEU Q 96 -33.81 13.56 42.96
CA LEU Q 96 -33.35 12.67 44.06
C LEU Q 96 -32.31 13.43 44.89
N GLN Q 97 -31.43 14.18 44.23
CA GLN Q 97 -30.41 14.97 44.95
C GLN Q 97 -31.13 15.94 45.88
N SER Q 98 -32.24 16.51 45.42
CA SER Q 98 -33.01 17.49 46.24
C SER Q 98 -33.58 16.80 47.48
N ALA Q 99 -34.08 15.58 47.32
CA ALA Q 99 -34.75 14.90 48.45
C ALA Q 99 -33.79 14.73 49.64
N ASN Q 100 -32.50 14.51 49.37
CA ASN Q 100 -31.58 14.23 50.50
C ASN Q 100 -31.74 15.28 51.59
N GLY Q 101 -31.95 14.86 52.83
CA GLY Q 101 -32.15 15.79 53.95
C GLY Q 101 -30.96 16.71 54.14
N SER Q 102 -29.78 16.30 53.67
CA SER Q 102 -28.57 17.13 53.86
C SER Q 102 -28.73 18.47 53.16
N ASN Q 103 -29.26 18.46 51.94
CA ASN Q 103 -29.43 19.72 51.16
C ASN Q 103 -30.30 20.68 51.98
N SER Q 104 -29.90 21.95 52.04
CA SER Q 104 -30.71 22.97 52.77
C SER Q 104 -31.65 23.66 51.79
N LYS Q 105 -32.63 24.40 52.30
CA LYS Q 105 -33.64 25.04 51.41
C LYS Q 105 -32.93 25.74 50.26
N SER Q 106 -31.81 26.42 50.54
CA SER Q 106 -31.12 27.19 49.48
C SER Q 106 -30.74 26.24 48.34
N GLU Q 107 -30.22 25.06 48.68
CA GLU Q 107 -29.78 24.10 47.63
C GLU Q 107 -30.99 23.66 46.83
N ARG Q 108 -32.07 23.28 47.51
CA ARG Q 108 -33.28 22.80 46.80
C ARG Q 108 -33.70 23.88 45.81
N VAL Q 109 -33.56 25.15 46.20
CA VAL Q 109 -33.97 26.29 45.31
C VAL Q 109 -33.08 26.25 44.07
N ALA Q 110 -31.77 26.10 44.26
CA ALA Q 110 -30.85 26.09 43.11
C ALA Q 110 -31.22 24.93 42.18
N ILE Q 111 -31.43 23.75 42.75
CA ILE Q 111 -31.75 22.56 41.92
C ILE Q 111 -33.04 22.87 41.16
N GLN Q 112 -34.01 23.49 41.82
CA GLN Q 112 -35.31 23.75 41.17
C GLN Q 112 -35.06 24.62 39.93
N GLU Q 113 -34.10 25.54 40.02
CA GLU Q 113 -33.87 26.45 38.89
C GLU Q 113 -33.42 25.62 37.68
N GLU Q 114 -32.49 24.69 37.89
CA GLU Q 114 -32.07 23.81 36.77
C GLU Q 114 -33.31 23.07 36.25
N ILE Q 115 -34.11 22.52 37.17
CA ILE Q 115 -35.35 21.80 36.76
C ILE Q 115 -36.21 22.72 35.91
N THR Q 116 -36.41 23.96 36.37
CA THR Q 116 -37.27 24.91 35.63
C THR Q 116 -36.74 25.04 34.20
N ALA Q 117 -35.44 25.30 34.07
CA ALA Q 117 -34.86 25.49 32.72
C ALA Q 117 -35.09 24.24 31.88
N LEU Q 118 -34.79 23.08 32.44
CA LEU Q 118 -34.92 21.82 31.66
C LEU Q 118 -36.38 21.65 31.24
N ASN Q 119 -37.30 21.91 32.16
CA ASN Q 119 -38.75 21.80 31.84
C ASN Q 119 -39.02 22.67 30.61
N ASP Q 120 -38.53 23.90 30.62
CA ASP Q 120 -38.80 24.83 29.49
C ASP Q 120 -38.21 24.20 28.22
N GLU Q 121 -37.05 23.57 28.34
CA GLU Q 121 -36.39 22.96 27.16
C GLU Q 121 -37.31 21.87 26.59
N LEU Q 122 -37.90 21.05 27.45
CA LEU Q 122 -38.85 20.03 26.95
C LEU Q 122 -39.93 20.77 26.14
N ASN Q 123 -40.49 21.83 26.71
CA ASN Q 123 -41.57 22.58 26.01
C ASN Q 123 -41.04 23.05 24.66
N ARG Q 124 -39.83 23.61 24.64
CA ARG Q 124 -39.27 24.11 23.37
C ARG Q 124 -39.29 22.99 22.34
N ILE Q 125 -38.69 21.85 22.66
CA ILE Q 125 -38.59 20.74 21.67
C ILE Q 125 -40.01 20.38 21.23
N ALA Q 126 -40.94 20.32 22.19
CA ALA Q 126 -42.32 19.92 21.86
C ALA Q 126 -42.97 20.94 20.93
N GLU Q 127 -42.53 22.20 20.98
CA GLU Q 127 -43.20 23.25 20.17
C GLU Q 127 -42.29 23.73 19.04
N THR Q 128 -41.17 23.04 18.81
CA THR Q 128 -40.22 23.52 17.78
C THR Q 128 -39.95 22.40 16.76
N THR Q 129 -39.98 21.14 17.18
CA THR Q 129 -39.66 20.01 16.26
C THR Q 129 -40.53 20.15 15.02
N SER Q 130 -39.93 20.20 13.83
CA SER Q 130 -40.74 20.43 12.62
C SER Q 130 -40.18 19.68 11.42
N PHE Q 131 -41.02 18.92 10.72
CA PHE Q 131 -40.57 18.25 9.48
C PHE Q 131 -40.98 19.13 8.31
N GLY Q 132 -40.10 20.04 7.90
CA GLY Q 132 -40.41 20.95 6.78
C GLY Q 132 -41.40 22.01 7.20
N GLY Q 133 -41.48 22.28 8.50
CA GLY Q 133 -42.42 23.31 9.01
C GLY Q 133 -43.67 22.67 9.59
N ASN Q 134 -43.91 21.39 9.28
CA ASN Q 134 -45.08 20.69 9.87
C ASN Q 134 -44.69 20.21 11.28
N LYS Q 135 -45.14 20.92 12.31
CA LYS Q 135 -44.76 20.57 13.70
C LYS Q 135 -45.22 19.14 13.98
N LEU Q 136 -44.48 18.41 14.81
CA LEU Q 136 -44.80 16.97 15.00
C LEU Q 136 -45.11 16.65 16.47
N LEU Q 137 -44.53 17.38 17.43
CA LEU Q 137 -44.70 16.98 18.85
C LEU Q 137 -45.67 17.89 19.60
N ASN Q 138 -46.17 18.97 18.99
CA ASN Q 138 -47.01 19.92 19.75
C ASN Q 138 -48.43 19.35 19.89
N GLY Q 139 -48.69 18.21 19.24
CA GLY Q 139 -50.03 17.59 19.31
C GLY Q 139 -50.84 17.88 18.07
N THR Q 140 -50.48 18.96 17.36
CA THR Q 140 -51.25 19.34 16.14
C THR Q 140 -51.25 18.16 15.17
N PHE Q 141 -50.08 17.62 14.83
CA PHE Q 141 -50.03 16.41 13.96
C PHE Q 141 -50.80 15.31 14.68
N SER Q 142 -51.86 14.79 14.05
CA SER Q 142 -52.69 13.77 14.74
C SER Q 142 -53.30 12.78 13.73
N THR Q 143 -53.02 11.48 13.92
CA THR Q 143 -53.65 10.44 13.06
C THR Q 143 -53.66 10.87 11.58
N LYS Q 144 -52.50 11.18 11.00
CA LYS Q 144 -52.48 11.46 9.54
C LYS Q 144 -52.26 10.13 8.81
N SER Q 145 -52.65 10.03 7.54
CA SER Q 145 -52.57 8.71 6.86
C SER Q 145 -51.53 8.75 5.74
N PHE Q 146 -50.64 7.77 5.69
CA PHE Q 146 -49.58 7.75 4.66
C PHE Q 146 -49.89 6.66 3.63
N GLN Q 147 -50.24 7.06 2.41
CA GLN Q 147 -50.63 6.08 1.35
C GLN Q 147 -49.46 5.13 1.08
N ILE Q 148 -49.70 3.83 1.22
CA ILE Q 148 -48.63 2.81 0.99
C ILE Q 148 -49.13 1.78 -0.01
N GLY Q 149 -49.99 2.19 -0.94
CA GLY Q 149 -50.53 1.26 -1.95
C GLY Q 149 -50.63 1.91 -3.32
N ALA Q 150 -50.51 1.12 -4.39
CA ALA Q 150 -50.53 1.66 -5.76
C ALA Q 150 -51.95 2.09 -6.13
N ASP Q 151 -52.94 1.69 -5.33
CA ASP Q 151 -54.35 2.09 -5.60
C ASP Q 151 -54.89 2.85 -4.39
N ASN Q 152 -56.08 3.44 -4.51
CA ASN Q 152 -56.65 4.25 -3.41
C ASN Q 152 -57.11 3.35 -2.26
N GLY Q 153 -56.97 3.83 -1.02
CA GLY Q 153 -57.47 3.06 0.13
C GLY Q 153 -56.36 2.36 0.90
N GLU Q 154 -55.25 2.05 0.21
CA GLU Q 154 -54.13 1.33 0.86
C GLU Q 154 -53.28 2.34 1.64
N ALA Q 155 -53.64 2.58 2.90
CA ALA Q 155 -52.91 3.59 3.71
C ALA Q 155 -52.78 3.13 5.15
N VAL Q 156 -51.85 3.73 5.90
CA VAL Q 156 -51.62 3.36 7.33
C VAL Q 156 -51.75 4.64 8.17
N MET Q 157 -52.41 4.57 9.33
CA MET Q 157 -52.63 5.77 10.17
C MET Q 157 -51.48 5.92 11.17
N LEU Q 158 -50.78 7.06 11.14
CA LEU Q 158 -49.68 7.32 12.11
C LEU Q 158 -50.13 8.44 13.04
N THR Q 159 -50.24 8.16 14.34
CA THR Q 159 -50.73 9.18 15.31
C THR Q 159 -49.56 9.67 16.17
N LEU Q 160 -49.33 10.99 16.18
CA LEU Q 160 -48.23 11.57 17.01
C LEU Q 160 -48.86 12.25 18.22
N LYS Q 161 -48.46 11.84 19.42
CA LYS Q 161 -49.05 12.41 20.66
C LYS Q 161 -48.38 13.76 20.98
N ASP Q 162 -48.96 14.52 21.89
CA ASP Q 162 -48.35 15.82 22.30
C ASP Q 162 -47.29 15.53 23.37
N MET Q 163 -46.10 16.10 23.21
CA MET Q 163 -45.00 15.85 24.17
C MET Q 163 -44.86 17.06 25.10
N ARG Q 164 -45.90 17.90 25.20
CA ARG Q 164 -45.80 19.13 26.02
C ARG Q 164 -45.76 18.74 27.50
N SER Q 165 -44.90 19.38 28.29
CA SER Q 165 -44.73 19.00 29.71
C SER Q 165 -46.07 19.06 30.47
N ASP Q 166 -47.09 19.70 29.90
CA ASP Q 166 -48.37 19.86 30.63
C ASP Q 166 -49.39 18.83 30.14
N ASN Q 167 -48.97 17.91 29.28
CA ASN Q 167 -49.88 16.83 28.81
C ASN Q 167 -50.33 16.00 30.02
N ARG Q 168 -51.62 15.70 30.11
CA ARG Q 168 -52.15 14.96 31.29
C ARG Q 168 -51.44 13.61 31.40
N MET Q 169 -51.28 12.91 30.28
CA MET Q 169 -50.67 11.55 30.31
C MET Q 169 -49.28 11.63 30.94
N MET Q 170 -48.54 12.69 30.65
CA MET Q 170 -47.15 12.78 31.18
C MET Q 170 -47.17 12.74 32.70
N GLY Q 171 -48.21 13.30 33.32
CA GLY Q 171 -48.26 13.36 34.80
C GLY Q 171 -49.23 12.35 35.39
N GLY Q 172 -49.66 12.57 36.63
CA GLY Q 172 -50.61 11.68 37.31
C GLY Q 172 -51.38 12.43 38.39
N THR Q 173 -51.94 11.70 39.36
CA THR Q 173 -52.71 12.34 40.45
C THR Q 173 -52.06 11.98 41.79
N SER Q 174 -51.79 12.98 42.64
CA SER Q 174 -51.11 12.72 43.93
C SER Q 174 -52.12 12.75 45.09
N TYR Q 175 -51.89 11.95 46.11
CA TYR Q 175 -52.80 11.96 47.30
C TYR Q 175 -51.91 12.07 48.54
N VAL Q 176 -52.07 13.15 49.32
CA VAL Q 176 -51.20 13.38 50.51
C VAL Q 176 -52.02 13.14 51.79
N ALA Q 177 -51.49 12.35 52.72
CA ALA Q 177 -52.18 12.07 53.99
C ALA Q 177 -52.29 13.36 54.81
N ALA Q 178 -53.42 13.57 55.49
CA ALA Q 178 -53.63 14.82 56.25
C ALA Q 178 -52.82 14.80 57.55
N GLU Q 179 -52.92 13.72 58.33
CA GLU Q 179 -52.21 13.64 59.63
C GLU Q 179 -50.70 13.63 59.39
N GLY Q 180 -49.92 14.18 60.32
CA GLY Q 180 -48.45 14.12 60.15
C GLY Q 180 -47.81 13.24 61.21
N LYS Q 181 -47.50 11.99 60.85
CA LYS Q 181 -46.90 11.04 61.82
C LYS Q 181 -45.49 11.53 62.20
N ASP Q 182 -45.12 11.40 63.48
CA ASP Q 182 -43.80 11.87 63.95
C ASP Q 182 -42.76 10.76 63.78
N LYS Q 183 -41.53 10.99 64.23
CA LYS Q 183 -40.46 9.96 64.12
C LYS Q 183 -40.84 8.74 64.96
N ASP Q 184 -41.40 8.97 66.15
CA ASP Q 184 -41.70 7.84 67.06
C ASP Q 184 -42.91 7.04 66.55
N TRP Q 185 -43.72 7.62 65.67
CA TRP Q 185 -44.93 6.92 65.22
C TRP Q 185 -44.53 5.57 64.65
N LYS Q 186 -45.26 4.52 65.00
CA LYS Q 186 -44.96 3.16 64.47
C LYS Q 186 -46.28 2.45 64.17
N VAL Q 187 -46.38 1.80 63.01
CA VAL Q 187 -47.60 1.03 62.69
C VAL Q 187 -47.97 0.21 63.93
N GLN Q 188 -49.16 0.44 64.49
CA GLN Q 188 -49.62 -0.36 65.66
C GLN Q 188 -50.49 -1.50 65.15
N ALA Q 189 -50.45 -2.64 65.84
CA ALA Q 189 -51.25 -3.81 65.42
C ALA Q 189 -52.72 -3.42 65.36
N GLY Q 190 -53.46 -3.93 64.36
CA GLY Q 190 -54.86 -3.54 64.17
C GLY Q 190 -54.96 -2.40 63.18
N ALA Q 191 -53.88 -1.64 63.03
CA ALA Q 191 -53.85 -0.53 62.06
C ALA Q 191 -52.87 -0.89 60.94
N ASN Q 192 -52.78 -2.18 60.61
CA ASN Q 192 -51.83 -2.65 59.57
C ASN Q 192 -52.57 -2.94 58.27
N ASP Q 193 -53.32 -1.99 57.74
CA ASP Q 193 -54.12 -2.32 56.54
C ASP Q 193 -54.41 -1.10 55.67
N ILE Q 194 -54.00 -1.13 54.40
CA ILE Q 194 -54.34 -0.04 53.45
C ILE Q 194 -54.79 -0.71 52.15
N THR Q 195 -56.07 -0.55 51.79
CA THR Q 195 -56.60 -1.22 50.57
C THR Q 195 -56.71 -0.17 49.45
N PHE Q 196 -55.96 -0.37 48.37
CA PHE Q 196 -55.98 0.60 47.25
C PHE Q 196 -57.05 0.17 46.23
N THR Q 197 -58.23 0.78 46.29
CA THR Q 197 -59.24 0.47 45.25
C THR Q 197 -59.04 1.43 44.07
N LEU Q 198 -58.65 0.90 42.92
CA LEU Q 198 -58.39 1.76 41.72
C LEU Q 198 -58.81 1.01 40.46
N LYS Q 199 -58.75 1.68 39.31
CA LYS Q 199 -59.09 1.02 38.02
C LYS Q 199 -57.88 1.16 37.07
N ASP Q 200 -57.36 0.04 36.59
CA ASP Q 200 -56.18 0.06 35.68
C ASP Q 200 -56.51 0.90 34.43
N ILE Q 201 -55.48 1.40 33.74
CA ILE Q 201 -55.70 2.25 32.54
C ILE Q 201 -56.54 1.47 31.52
N ASP Q 202 -56.32 0.16 31.41
CA ASP Q 202 -57.05 -0.66 30.42
C ASP Q 202 -58.55 -0.62 30.77
N GLY Q 203 -58.88 -0.25 32.00
CA GLY Q 203 -60.29 -0.14 32.41
C GLY Q 203 -60.64 -1.19 33.46
N ASN Q 204 -59.81 -2.23 33.58
CA ASN Q 204 -60.06 -3.25 34.63
C ASN Q 204 -59.95 -2.57 36.00
N ASP Q 205 -60.65 -3.10 37.00
CA ASP Q 205 -60.54 -2.55 38.38
C ASP Q 205 -59.47 -3.34 39.13
N GLN Q 206 -58.97 -2.80 40.24
CA GLN Q 206 -57.95 -3.49 41.05
C GLN Q 206 -58.23 -3.25 42.53
N THR Q 207 -57.93 -4.24 43.38
CA THR Q 207 -58.10 -4.05 44.84
C THR Q 207 -56.82 -4.54 45.53
N ILE Q 208 -55.78 -3.71 45.54
CA ILE Q 208 -54.49 -4.09 46.17
C ILE Q 208 -54.62 -3.91 47.68
N THR Q 209 -54.32 -4.94 48.45
CA THR Q 209 -54.35 -4.80 49.93
C THR Q 209 -52.93 -4.95 50.47
N VAL Q 210 -52.35 -3.86 50.99
CA VAL Q 210 -50.98 -3.90 51.54
C VAL Q 210 -51.08 -3.90 53.07
N ASN Q 211 -50.74 -5.03 53.70
CA ASN Q 211 -50.75 -5.10 55.18
C ASN Q 211 -49.37 -4.74 55.70
N ALA Q 212 -49.16 -3.46 56.06
CA ALA Q 212 -47.84 -3.00 56.51
C ALA Q 212 -47.42 -3.72 57.80
N LYS Q 213 -46.13 -3.99 57.96
CA LYS Q 213 -45.63 -4.73 59.15
C LYS Q 213 -45.68 -3.83 60.37
N GLU Q 214 -45.96 -4.38 61.55
CA GLU Q 214 -46.05 -3.57 62.79
C GLU Q 214 -44.66 -3.09 63.20
N GLY Q 215 -44.58 -1.94 63.86
CA GLY Q 215 -43.29 -1.42 64.35
C GLY Q 215 -42.55 -0.63 63.29
N ASP Q 216 -43.18 -0.36 62.15
CA ASP Q 216 -42.48 0.33 61.04
C ASP Q 216 -42.78 1.83 61.10
N ASP Q 217 -41.79 2.66 60.79
CA ASP Q 217 -41.98 4.14 60.79
C ASP Q 217 -42.62 4.54 59.47
N ILE Q 218 -43.07 5.79 59.36
CA ILE Q 218 -43.78 6.22 58.13
C ILE Q 218 -42.88 5.93 56.91
N GLU Q 219 -41.59 6.24 57.00
CA GLU Q 219 -40.68 6.02 55.84
C GLU Q 219 -40.71 4.54 55.47
N GLU Q 220 -40.65 3.66 56.48
CA GLU Q 220 -40.65 2.20 56.21
C GLU Q 220 -42.00 1.80 55.61
N VAL Q 221 -43.08 2.37 56.15
CA VAL Q 221 -44.43 2.09 55.57
C VAL Q 221 -44.34 2.37 54.08
N ALA Q 222 -43.86 3.55 53.72
CA ALA Q 222 -43.73 3.91 52.29
C ALA Q 222 -42.96 2.79 51.57
N THR Q 223 -41.75 2.50 52.04
CA THR Q 223 -40.93 1.48 51.34
C THR Q 223 -41.78 0.23 51.14
N TYR Q 224 -42.36 -0.28 52.23
CA TYR Q 224 -43.15 -1.54 52.14
C TYR Q 224 -44.16 -1.39 51.01
N ILE Q 225 -44.92 -0.29 51.03
CA ILE Q 225 -45.98 -0.10 49.99
C ILE Q 225 -45.30 -0.19 48.62
N ASN Q 226 -44.23 0.57 48.42
CA ASN Q 226 -43.56 0.60 47.10
C ASN Q 226 -43.22 -0.82 46.68
N GLY Q 227 -42.93 -1.69 47.65
CA GLY Q 227 -42.52 -3.07 47.30
C GLY Q 227 -43.70 -3.98 47.06
N GLN Q 228 -44.80 -3.77 47.78
CA GLN Q 228 -45.95 -4.69 47.68
C GLN Q 228 -46.75 -4.41 46.40
N THR Q 229 -46.53 -3.25 45.77
CA THR Q 229 -47.32 -2.90 44.57
C THR Q 229 -46.51 -2.06 43.59
N ASP Q 230 -47.04 -1.84 42.39
CA ASP Q 230 -46.36 -0.96 41.41
C ASP Q 230 -47.37 0.08 40.92
N MET Q 231 -48.65 -0.29 40.93
CA MET Q 231 -49.71 0.64 40.44
C MET Q 231 -49.52 2.01 41.11
N VAL Q 232 -49.18 2.03 42.40
CA VAL Q 232 -49.06 3.31 43.13
C VAL Q 232 -47.67 3.41 43.75
N LYS Q 233 -47.12 4.61 43.86
CA LYS Q 233 -45.78 4.82 44.47
C LYS Q 233 -45.95 5.63 45.75
N ALA Q 234 -45.11 5.40 46.76
CA ALA Q 234 -45.29 6.10 48.05
C ALA Q 234 -44.15 7.09 48.29
N SER Q 235 -44.35 8.04 49.21
CA SER Q 235 -43.31 9.05 49.54
C SER Q 235 -43.67 9.71 50.86
N VAL Q 236 -42.68 10.22 51.60
CA VAL Q 236 -43.01 10.95 52.84
C VAL Q 236 -42.48 12.38 52.70
N ASN Q 237 -43.28 13.39 53.04
CA ASN Q 237 -42.85 14.80 52.93
C ASN Q 237 -42.07 15.19 54.19
N GLU Q 238 -41.84 16.48 54.38
CA GLU Q 238 -41.03 16.92 55.54
C GLU Q 238 -41.90 17.01 56.78
N LYS Q 239 -43.20 16.70 56.64
CA LYS Q 239 -44.15 16.81 57.77
C LYS Q 239 -44.63 15.41 58.15
N GLY Q 240 -43.92 14.38 57.68
CA GLY Q 240 -44.33 12.99 57.97
C GLY Q 240 -45.71 12.69 57.43
N GLN Q 241 -46.01 13.16 56.22
CA GLN Q 241 -47.32 12.87 55.59
C GLN Q 241 -47.09 11.97 54.37
N LEU Q 242 -47.71 10.79 54.36
CA LEU Q 242 -47.47 9.82 53.26
C LEU Q 242 -48.08 10.37 51.97
N GLN Q 243 -47.27 10.49 50.91
CA GLN Q 243 -47.79 10.97 49.61
C GLN Q 243 -47.88 9.76 48.67
N ILE Q 244 -49.09 9.34 48.30
CA ILE Q 244 -49.26 8.21 47.35
C ILE Q 244 -49.54 8.78 45.96
N PHE Q 245 -48.64 8.52 45.01
CA PHE Q 245 -48.80 9.10 43.65
C PHE Q 245 -49.33 8.01 42.71
N ALA Q 246 -50.25 8.39 41.82
CA ALA Q 246 -50.83 7.43 40.86
C ALA Q 246 -50.64 7.94 39.44
N GLY Q 247 -49.79 7.26 38.66
CA GLY Q 247 -49.53 7.69 37.27
C GLY Q 247 -50.76 7.51 36.39
N ASN Q 248 -51.05 8.50 35.54
CA ASN Q 248 -52.19 8.40 34.61
C ASN Q 248 -52.02 7.16 33.74
N ASN Q 249 -50.78 6.85 33.37
CA ASN Q 249 -50.50 5.65 32.53
C ASN Q 249 -50.93 4.38 33.28
N LYS Q 250 -50.96 4.43 34.61
CA LYS Q 250 -51.32 3.23 35.41
C LYS Q 250 -52.79 3.35 35.85
N VAL Q 251 -53.04 4.18 36.86
CA VAL Q 251 -54.43 4.32 37.39
C VAL Q 251 -55.22 5.27 36.49
N THR Q 252 -56.50 4.97 36.25
CA THR Q 252 -57.36 5.88 35.46
C THR Q 252 -58.56 6.26 36.33
N GLY Q 253 -58.47 7.36 37.08
CA GLY Q 253 -59.57 7.69 38.01
C GLY Q 253 -59.06 8.11 39.38
N ASP Q 254 -59.74 7.69 40.45
CA ASP Q 254 -59.28 7.98 41.83
C ASP Q 254 -58.87 6.67 42.53
N VAL Q 255 -57.75 6.70 43.25
CA VAL Q 255 -57.30 5.50 44.01
C VAL Q 255 -57.98 5.56 45.38
N ALA Q 256 -59.24 5.15 45.45
CA ALA Q 256 -59.95 5.18 46.75
C ALA Q 256 -59.15 4.36 47.76
N PHE Q 257 -58.81 4.98 48.90
CA PHE Q 257 -58.00 4.27 49.92
C PHE Q 257 -58.92 3.78 51.04
N SER Q 258 -58.75 2.52 51.45
CA SER Q 258 -59.57 1.96 52.56
C SER Q 258 -58.65 1.24 53.55
N GLY Q 259 -59.06 1.14 54.82
CA GLY Q 259 -58.26 0.40 55.80
C GLY Q 259 -57.97 1.19 57.06
N GLY Q 260 -57.58 0.50 58.14
CA GLY Q 260 -57.29 1.18 59.42
C GLY Q 260 -56.14 2.16 59.30
N LEU Q 261 -55.01 1.71 58.75
CA LEU Q 261 -53.85 2.61 58.57
C LEU Q 261 -54.32 3.81 57.76
N ALA Q 262 -55.02 3.56 56.65
CA ALA Q 262 -55.56 4.66 55.83
C ALA Q 262 -56.34 5.62 56.75
N GLY Q 263 -57.10 5.06 57.69
CA GLY Q 263 -57.87 5.90 58.63
C GLY Q 263 -56.93 6.77 59.46
N ALA Q 264 -55.85 6.18 59.98
CA ALA Q 264 -54.90 6.92 60.82
C ALA Q 264 -54.20 8.00 59.98
N LEU Q 265 -54.14 7.81 58.66
CA LEU Q 265 -53.44 8.78 57.78
C LEU Q 265 -54.46 9.75 57.18
N ASN Q 266 -55.74 9.38 57.14
CA ASN Q 266 -56.78 10.22 56.51
C ASN Q 266 -56.61 10.18 54.98
N MET Q 267 -55.41 10.52 54.49
CA MET Q 267 -55.12 10.48 53.03
C MET Q 267 -55.81 11.66 52.33
N GLN Q 268 -56.72 12.34 53.02
CA GLN Q 268 -57.37 13.55 52.47
C GLN Q 268 -57.85 13.35 51.03
N ALA Q 269 -57.42 14.22 50.10
CA ALA Q 269 -57.93 14.19 48.71
C ALA Q 269 -56.78 14.05 47.70
N GLY Q 270 -57.00 14.48 46.45
CA GLY Q 270 -55.98 14.33 45.40
C GLY Q 270 -55.76 15.59 44.59
N THR Q 271 -54.73 15.61 43.74
CA THR Q 271 -54.39 16.78 42.90
C THR Q 271 -53.73 16.30 41.61
N ALA Q 272 -53.88 17.06 40.52
CA ALA Q 272 -53.21 16.69 39.25
C ALA Q 272 -51.77 17.20 39.30
N GLU Q 273 -50.83 16.38 38.81
CA GLU Q 273 -49.39 16.77 38.84
C GLU Q 273 -48.72 16.29 37.56
N THR Q 274 -48.40 17.22 36.65
CA THR Q 274 -47.66 16.85 35.41
C THR Q 274 -46.25 17.41 35.52
N VAL Q 275 -45.30 16.85 34.77
CA VAL Q 275 -43.88 17.30 34.85
C VAL Q 275 -43.87 18.82 34.97
N ASP Q 276 -44.73 19.50 34.21
CA ASP Q 276 -44.71 20.99 34.20
C ASP Q 276 -44.86 21.50 35.63
N THR Q 277 -45.65 20.81 36.45
CA THR Q 277 -45.92 21.29 37.83
C THR Q 277 -45.08 20.51 38.84
N ILE Q 278 -43.76 20.72 38.86
CA ILE Q 278 -42.91 20.06 39.90
C ILE Q 278 -42.16 21.15 40.69
N ASP Q 279 -42.17 21.05 42.02
CA ASP Q 279 -41.46 22.05 42.88
C ASP Q 279 -40.55 21.31 43.85
N VAL Q 280 -39.33 20.98 43.41
CA VAL Q 280 -38.39 20.19 44.27
C VAL Q 280 -38.02 20.99 45.52
N THR Q 281 -38.44 22.25 45.61
CA THR Q 281 -38.03 23.11 46.75
C THR Q 281 -38.47 22.49 48.08
N SER Q 282 -39.46 21.60 48.06
CA SER Q 282 -39.89 20.90 49.30
C SER Q 282 -39.44 19.44 49.22
N VAL Q 283 -38.96 18.87 50.33
CA VAL Q 283 -38.42 17.48 50.27
C VAL Q 283 -39.52 16.58 49.68
N GLY Q 284 -40.77 16.82 50.07
CA GLY Q 284 -41.89 16.03 49.52
C GLY Q 284 -42.01 16.26 48.03
N GLY Q 285 -41.84 17.52 47.60
CA GLY Q 285 -41.92 17.83 46.16
C GLY Q 285 -40.92 16.97 45.41
N ALA Q 286 -39.69 16.87 45.94
CA ALA Q 286 -38.65 16.07 45.27
C ALA Q 286 -39.12 14.61 45.18
N GLN Q 287 -39.52 14.02 46.30
CA GLN Q 287 -39.92 12.59 46.28
C GLN Q 287 -41.03 12.42 45.25
N GLN Q 288 -42.07 13.26 45.32
CA GLN Q 288 -43.22 13.13 44.39
C GLN Q 288 -42.73 13.34 42.96
N SER Q 289 -41.77 14.24 42.78
CA SER Q 289 -41.30 14.56 41.40
C SER Q 289 -40.60 13.33 40.79
N VAL Q 290 -39.87 12.58 41.61
CA VAL Q 290 -39.24 11.33 41.09
C VAL Q 290 -40.35 10.50 40.46
N ALA Q 291 -41.46 10.34 41.19
CA ALA Q 291 -42.60 9.56 40.66
C ALA Q 291 -43.14 10.21 39.39
N VAL Q 292 -43.39 11.52 39.41
CA VAL Q 292 -44.01 12.19 38.23
C VAL Q 292 -43.11 11.97 37.02
N ILE Q 293 -41.81 12.24 37.17
CA ILE Q 293 -40.86 12.08 36.03
C ILE Q 293 -40.91 10.62 35.57
N ASP Q 294 -40.90 9.69 36.51
CA ASP Q 294 -40.92 8.25 36.14
C ASP Q 294 -42.10 8.01 35.21
N SER Q 295 -43.30 8.43 35.62
CA SER Q 295 -44.50 8.22 34.79
C SER Q 295 -44.22 8.73 33.38
N ALA Q 296 -43.88 10.01 33.25
CA ALA Q 296 -43.65 10.59 31.91
C ALA Q 296 -42.65 9.72 31.16
N LEU Q 297 -41.56 9.32 31.82
CA LEU Q 297 -40.50 8.58 31.11
C LEU Q 297 -41.17 7.40 30.39
N LYS Q 298 -42.05 6.68 31.09
CA LYS Q 298 -42.79 5.56 30.47
C LYS Q 298 -43.53 6.09 29.23
N TYR Q 299 -44.40 7.07 29.43
CA TYR Q 299 -45.23 7.60 28.32
C TYR Q 299 -44.35 7.85 27.11
N VAL Q 300 -43.32 8.67 27.29
CA VAL Q 300 -42.42 9.02 26.15
C VAL Q 300 -41.99 7.73 25.46
N ASP Q 301 -41.37 6.82 26.20
CA ASP Q 301 -40.84 5.58 25.59
C ASP Q 301 -41.98 4.82 24.89
N SER Q 302 -43.16 4.79 25.51
CA SER Q 302 -44.32 4.09 24.91
C SER Q 302 -44.58 4.68 23.51
N HIS Q 303 -44.69 6.00 23.42
CA HIS Q 303 -44.91 6.64 22.10
C HIS Q 303 -43.75 6.25 21.19
N ARG Q 304 -42.52 6.32 21.70
CA ARG Q 304 -41.35 6.01 20.86
C ARG Q 304 -41.46 4.58 20.35
N ALA Q 305 -41.84 3.64 21.22
CA ALA Q 305 -41.93 2.22 20.81
C ALA Q 305 -42.91 2.10 19.65
N GLU Q 306 -44.06 2.76 19.76
CA GLU Q 306 -45.08 2.70 18.69
C GLU Q 306 -44.47 3.26 17.41
N LEU Q 307 -43.79 4.40 17.52
CA LEU Q 307 -43.18 5.04 16.32
C LEU Q 307 -42.14 4.08 15.74
N GLY Q 308 -41.38 3.42 16.61
CA GLY Q 308 -40.37 2.45 16.13
C GLY Q 308 -41.02 1.32 15.36
N ALA Q 309 -42.05 0.71 15.94
CA ALA Q 309 -42.79 -0.37 15.25
C ALA Q 309 -43.30 0.16 13.91
N PHE Q 310 -43.81 1.39 13.91
CA PHE Q 310 -44.34 1.99 12.65
C PHE Q 310 -43.24 1.95 11.59
N GLN Q 311 -42.05 2.44 11.95
CA GLN Q 311 -40.95 2.49 10.97
C GLN Q 311 -40.65 1.07 10.51
N ASN Q 312 -40.58 0.13 11.46
CA ASN Q 312 -40.28 -1.28 11.11
C ASN Q 312 -41.32 -1.76 10.10
N ARG Q 313 -42.60 -1.53 10.38
CA ARG Q 313 -43.68 -2.02 9.48
C ARG Q 313 -43.44 -1.45 8.08
N PHE Q 314 -43.14 -0.16 7.98
CA PHE Q 314 -43.00 0.47 6.64
C PHE Q 314 -41.75 -0.09 5.94
N ASN Q 315 -40.69 -0.36 6.69
CA ASN Q 315 -39.50 -0.99 6.06
C ASN Q 315 -39.96 -2.27 5.37
N HIS Q 316 -40.64 -3.15 6.10
CA HIS Q 316 -41.14 -4.41 5.51
C HIS Q 316 -42.03 -4.08 4.30
N ALA Q 317 -42.90 -3.08 4.47
CA ALA Q 317 -43.85 -2.75 3.39
C ALA Q 317 -43.06 -2.38 2.13
N ILE Q 318 -42.06 -1.52 2.26
CA ILE Q 318 -41.32 -1.07 1.06
C ILE Q 318 -40.76 -2.31 0.37
N SER Q 319 -40.25 -3.26 1.15
CA SER Q 319 -39.65 -4.48 0.57
C SER Q 319 -40.69 -5.21 -0.27
N ASN Q 320 -41.87 -5.47 0.31
CA ASN Q 320 -42.95 -6.13 -0.46
C ASN Q 320 -43.26 -5.28 -1.70
N LEU Q 321 -43.44 -3.97 -1.50
CA LEU Q 321 -43.82 -3.09 -2.64
C LEU Q 321 -42.78 -3.22 -3.75
N ASP Q 322 -41.49 -3.15 -3.42
CA ASP Q 322 -40.48 -3.16 -4.51
C ASP Q 322 -40.48 -4.53 -5.19
N ASN Q 323 -40.57 -5.60 -4.41
CA ASN Q 323 -40.64 -6.96 -5.00
C ASN Q 323 -41.80 -7.02 -5.99
N ILE Q 324 -42.98 -6.61 -5.55
CA ILE Q 324 -44.18 -6.69 -6.44
C ILE Q 324 -43.88 -5.86 -7.70
N ASN Q 325 -43.25 -4.71 -7.52
CA ASN Q 325 -42.94 -3.83 -8.66
C ASN Q 325 -42.13 -4.62 -9.69
N GLU Q 326 -41.07 -5.29 -9.24
CA GLU Q 326 -40.18 -6.01 -10.20
C GLU Q 326 -41.00 -7.05 -10.96
N ASN Q 327 -41.76 -7.88 -10.24
CA ASN Q 327 -42.52 -8.96 -10.91
C ASN Q 327 -43.51 -8.33 -11.88
N VAL Q 328 -44.20 -7.29 -11.45
CA VAL Q 328 -45.19 -6.61 -12.35
C VAL Q 328 -44.45 -6.14 -13.60
N ASN Q 329 -43.35 -5.41 -13.43
CA ASN Q 329 -42.64 -4.84 -14.60
C ASN Q 329 -42.28 -5.97 -15.56
N ALA Q 330 -41.76 -7.08 -15.03
CA ALA Q 330 -41.41 -8.23 -15.87
C ALA Q 330 -42.63 -8.64 -16.68
N SER Q 331 -43.79 -8.74 -16.03
CA SER Q 331 -45.03 -9.16 -16.73
C SER Q 331 -45.33 -8.18 -17.87
N LYS Q 332 -45.25 -6.88 -17.58
CA LYS Q 332 -45.51 -5.87 -18.63
C LYS Q 332 -44.55 -6.11 -19.79
N SER Q 333 -43.28 -6.41 -19.47
CA SER Q 333 -42.26 -6.59 -20.52
C SER Q 333 -42.71 -7.68 -21.48
N ARG Q 334 -43.21 -8.79 -20.95
CA ARG Q 334 -43.63 -9.93 -21.80
C ARG Q 334 -44.74 -9.48 -22.74
N ILE Q 335 -45.66 -8.64 -22.26
CA ILE Q 335 -46.83 -8.27 -23.10
C ILE Q 335 -46.50 -7.10 -24.02
N LYS Q 336 -45.78 -6.09 -23.53
CA LYS Q 336 -45.57 -4.87 -24.37
C LYS Q 336 -44.19 -4.85 -25.02
N ASP Q 337 -43.10 -5.06 -24.28
CA ASP Q 337 -41.73 -4.91 -24.85
C ASP Q 337 -41.56 -5.76 -26.11
N THR Q 338 -40.77 -5.26 -27.07
CA THR Q 338 -40.52 -6.02 -28.33
C THR Q 338 -39.30 -6.92 -28.19
N ASP Q 339 -39.41 -8.16 -28.68
CA ASP Q 339 -38.24 -9.07 -28.67
C ASP Q 339 -37.46 -8.77 -29.95
N PHE Q 340 -36.46 -7.89 -29.88
CA PHE Q 340 -35.76 -7.48 -31.11
C PHE Q 340 -35.45 -8.73 -31.95
N ALA Q 341 -35.04 -9.81 -31.30
CA ALA Q 341 -34.72 -11.06 -32.03
C ALA Q 341 -35.84 -11.38 -33.02
N LYS Q 342 -37.04 -11.65 -32.51
CA LYS Q 342 -38.16 -12.02 -33.41
C LYS Q 342 -38.41 -10.87 -34.38
N GLU Q 343 -38.42 -9.64 -33.88
CA GLU Q 343 -38.74 -8.47 -34.76
C GLU Q 343 -37.69 -8.37 -35.87
N THR Q 344 -36.40 -8.37 -35.53
CA THR Q 344 -35.37 -8.17 -36.58
C THR Q 344 -35.52 -9.28 -37.61
N THR Q 345 -35.73 -10.51 -37.16
CA THR Q 345 -35.95 -11.62 -38.11
C THR Q 345 -37.10 -11.24 -39.04
N ALA Q 346 -38.27 -10.95 -38.47
CA ALA Q 346 -39.45 -10.61 -39.28
C ALA Q 346 -39.12 -9.41 -40.17
N LEU Q 347 -38.37 -8.44 -39.63
CA LEU Q 347 -38.05 -7.23 -40.41
C LEU Q 347 -37.25 -7.66 -41.64
N THR Q 348 -36.23 -8.49 -41.43
CA THR Q 348 -35.40 -8.98 -42.56
C THR Q 348 -36.29 -9.79 -43.49
N LYS Q 349 -37.11 -10.69 -42.94
CA LYS Q 349 -38.04 -11.50 -43.77
C LYS Q 349 -38.83 -10.54 -44.67
N SER Q 350 -39.41 -9.50 -44.08
CA SER Q 350 -40.25 -8.57 -44.87
C SER Q 350 -39.43 -8.02 -46.04
N GLN Q 351 -38.21 -7.57 -45.76
CA GLN Q 351 -37.38 -6.95 -46.82
C GLN Q 351 -37.19 -7.95 -47.97
N ILE Q 352 -36.85 -9.20 -47.63
CA ILE Q 352 -36.60 -10.23 -48.68
C ILE Q 352 -37.85 -10.33 -49.55
N LEU Q 353 -39.00 -10.56 -48.91
CA LEU Q 353 -40.25 -10.75 -49.69
C LEU Q 353 -40.50 -9.49 -50.52
N SER Q 354 -40.28 -8.32 -49.92
CA SER Q 354 -40.53 -7.05 -50.65
C SER Q 354 -39.72 -7.02 -51.93
N GLN Q 355 -38.40 -7.22 -51.82
CA GLN Q 355 -37.53 -7.16 -53.02
C GLN Q 355 -37.97 -8.24 -54.00
N ALA Q 356 -38.28 -9.43 -53.49
CA ALA Q 356 -38.71 -10.53 -54.37
C ALA Q 356 -39.92 -10.07 -55.18
N SER Q 357 -40.96 -9.61 -54.49
CA SER Q 357 -42.20 -9.21 -55.18
C SER Q 357 -41.87 -8.18 -56.26
N SER Q 358 -41.02 -7.20 -55.91
CA SER Q 358 -40.68 -6.14 -56.87
C SER Q 358 -40.09 -6.77 -58.13
N SER Q 359 -39.22 -7.77 -57.95
CA SER Q 359 -38.60 -8.46 -59.10
C SER Q 359 -39.70 -9.10 -59.95
N VAL Q 360 -40.61 -9.82 -59.30
CA VAL Q 360 -41.74 -10.47 -60.03
C VAL Q 360 -42.52 -9.36 -60.74
N LEU Q 361 -42.82 -8.28 -60.03
CA LEU Q 361 -43.56 -7.15 -60.65
C LEU Q 361 -42.79 -6.69 -61.89
N ALA Q 362 -41.48 -6.51 -61.75
CA ALA Q 362 -40.66 -6.02 -62.87
C ALA Q 362 -40.88 -6.93 -64.07
N GLN Q 363 -40.80 -8.24 -63.86
CA GLN Q 363 -41.02 -9.21 -64.96
C GLN Q 363 -42.43 -9.04 -65.50
N ALA Q 364 -43.42 -8.95 -64.60
CA ALA Q 364 -44.83 -8.83 -65.03
C ALA Q 364 -44.98 -7.60 -65.93
N LYS Q 365 -44.38 -6.48 -65.54
CA LYS Q 365 -44.53 -5.24 -66.33
C LYS Q 365 -44.10 -5.49 -67.78
N GLN Q 366 -43.08 -6.34 -67.98
CA GLN Q 366 -42.56 -6.56 -69.35
C GLN Q 366 -43.28 -7.74 -70.02
N ALA Q 367 -44.26 -8.32 -69.34
CA ALA Q 367 -45.04 -9.43 -69.94
C ALA Q 367 -45.81 -8.94 -71.17
N PRO Q 368 -46.65 -7.87 -71.12
CA PRO Q 368 -47.42 -7.47 -72.29
C PRO Q 368 -46.53 -7.37 -73.54
N ASN Q 369 -45.26 -7.02 -73.37
CA ASN Q 369 -44.39 -6.79 -74.57
C ASN Q 369 -44.63 -7.91 -75.58
N ALA Q 370 -44.90 -9.13 -75.10
CA ALA Q 370 -45.06 -10.27 -76.03
C ALA Q 370 -45.95 -9.88 -77.21
N ALA Q 371 -47.03 -9.13 -76.93
CA ALA Q 371 -47.98 -8.81 -78.02
C ALA Q 371 -47.24 -8.09 -79.15
N LEU Q 372 -46.42 -7.10 -78.80
CA LEU Q 372 -45.74 -6.29 -79.85
C LEU Q 372 -44.92 -7.23 -80.74
N SER Q 373 -44.35 -8.29 -80.16
CA SER Q 373 -43.58 -9.26 -80.97
C SER Q 373 -44.51 -9.84 -82.05
N LEU Q 374 -45.79 -10.00 -81.73
CA LEU Q 374 -46.76 -10.53 -82.74
C LEU Q 374 -47.11 -9.41 -83.72
N LEU Q 375 -46.35 -8.30 -83.69
CA LEU Q 375 -46.55 -7.19 -84.66
C LEU Q 375 -48.04 -6.83 -84.71
N GLY Q 376 -48.60 -6.42 -83.58
CA GLY Q 376 -50.03 -6.05 -83.54
C GLY Q 376 -50.34 -5.25 -82.28
N ALA R 1 -72.13 -17.60 -123.21
CA ALA R 1 -70.74 -18.10 -122.99
C ALA R 1 -69.79 -16.93 -122.71
N VAL R 2 -69.79 -15.93 -123.58
CA VAL R 2 -68.84 -14.79 -123.42
C VAL R 2 -69.64 -13.52 -123.09
N ASN R 3 -70.79 -13.68 -122.44
CA ASN R 3 -71.64 -12.50 -122.12
C ASN R 3 -70.72 -11.36 -121.67
N VAL R 4 -70.70 -10.27 -122.43
CA VAL R 4 -69.85 -9.10 -122.10
C VAL R 4 -70.60 -8.21 -121.09
N ASN R 5 -71.92 -8.21 -121.14
CA ASN R 5 -72.70 -7.29 -120.27
C ASN R 5 -72.49 -7.60 -118.79
N THR R 6 -72.62 -8.87 -118.39
CA THR R 6 -72.52 -9.21 -116.95
C THR R 6 -71.25 -10.02 -116.66
N ASN R 7 -70.66 -9.83 -115.48
CA ASN R 7 -69.44 -10.58 -115.11
C ASN R 7 -69.69 -11.25 -113.75
N VAL R 8 -70.48 -12.33 -113.75
CA VAL R 8 -70.84 -13.00 -112.46
C VAL R 8 -69.55 -13.23 -111.67
N ALA R 9 -68.49 -13.68 -112.35
CA ALA R 9 -67.23 -13.97 -111.65
C ALA R 9 -66.79 -12.74 -110.87
N ALA R 10 -66.80 -11.57 -111.53
CA ALA R 10 -66.34 -10.34 -110.87
C ALA R 10 -67.21 -10.06 -109.64
N MET R 11 -68.53 -10.10 -109.82
CA MET R 11 -69.44 -9.79 -108.69
C MET R 11 -69.07 -10.68 -107.51
N THR R 12 -68.89 -11.98 -107.77
CA THR R 12 -68.62 -12.92 -106.66
C THR R 12 -67.33 -12.49 -105.97
N ALA R 13 -66.30 -12.18 -106.75
CA ALA R 13 -65.00 -11.82 -106.14
C ALA R 13 -65.18 -10.61 -105.24
N GLN R 14 -65.95 -9.63 -105.71
CA GLN R 14 -66.16 -8.38 -104.92
C GLN R 14 -66.79 -8.77 -103.59
N ARG R 15 -67.79 -9.66 -103.61
CA ARG R 15 -68.49 -10.04 -102.36
C ARG R 15 -67.46 -10.50 -101.34
N TYR R 16 -66.57 -11.43 -101.74
CA TYR R 16 -65.60 -11.97 -100.76
C TYR R 16 -64.59 -10.89 -100.39
N LEU R 17 -64.20 -10.06 -101.37
CA LEU R 17 -63.26 -8.95 -101.08
C LEU R 17 -63.90 -8.02 -100.03
N THR R 18 -65.17 -7.69 -100.22
CA THR R 18 -65.87 -6.84 -99.21
C THR R 18 -65.84 -7.58 -97.87
N GLY R 19 -66.13 -8.88 -97.89
CA GLY R 19 -66.12 -9.66 -96.64
C GLY R 19 -64.75 -9.62 -95.99
N ALA R 20 -63.70 -9.75 -96.80
CA ALA R 20 -62.32 -9.74 -96.28
C ALA R 20 -62.02 -8.37 -95.67
N THR R 21 -62.35 -7.30 -96.38
CA THR R 21 -62.02 -5.93 -95.90
C THR R 21 -62.70 -5.72 -94.54
N ASN R 22 -63.96 -6.10 -94.43
CA ASN R 22 -64.68 -5.84 -93.15
C ASN R 22 -63.91 -6.54 -92.02
N ALA R 23 -63.53 -7.80 -92.24
CA ALA R 23 -62.84 -8.57 -91.18
C ALA R 23 -61.53 -7.87 -90.84
N GLN R 24 -60.79 -7.43 -91.86
CA GLN R 24 -59.47 -6.78 -91.63
C GLN R 24 -59.70 -5.60 -90.68
N GLN R 25 -60.72 -4.78 -90.95
CA GLN R 25 -60.97 -3.58 -90.11
C GLN R 25 -61.34 -4.03 -88.70
N THR R 26 -62.24 -5.00 -88.59
CA THR R 26 -62.70 -5.45 -87.24
C THR R 26 -61.47 -5.88 -86.44
N SER R 27 -60.61 -6.69 -87.05
CA SER R 27 -59.42 -7.20 -86.32
C SER R 27 -58.52 -6.00 -85.99
N MET R 28 -58.32 -5.10 -86.95
CA MET R 28 -57.40 -3.96 -86.71
C MET R 28 -57.89 -3.15 -85.50
N GLU R 29 -59.20 -2.88 -85.45
CA GLU R 29 -59.77 -2.09 -84.33
C GLU R 29 -59.53 -2.85 -83.02
N ARG R 30 -59.70 -4.17 -83.03
CA ARG R 30 -59.52 -4.98 -81.80
C ARG R 30 -58.04 -4.94 -81.41
N LEU R 31 -57.15 -4.96 -82.39
CA LEU R 31 -55.69 -4.92 -82.09
C LEU R 31 -55.32 -3.53 -81.59
N SER R 32 -55.85 -2.48 -82.23
CA SER R 32 -55.44 -1.10 -81.83
C SER R 32 -55.93 -0.80 -80.41
N SER R 33 -57.22 -0.99 -80.16
CA SER R 33 -57.78 -0.67 -78.82
C SER R 33 -57.25 -1.65 -77.78
N GLY R 34 -57.20 -2.94 -78.13
CA GLY R 34 -56.79 -3.95 -77.14
C GLY R 34 -58.02 -4.60 -76.54
N PHE R 35 -59.20 -4.07 -76.88
CA PHE R 35 -60.47 -4.62 -76.35
C PHE R 35 -61.20 -5.35 -77.47
N LYS R 36 -61.53 -6.63 -77.25
CA LYS R 36 -62.27 -7.42 -78.26
C LYS R 36 -63.67 -6.82 -78.43
N ILE R 37 -64.41 -6.67 -77.34
CA ILE R 37 -65.82 -6.18 -77.42
C ILE R 37 -65.80 -4.65 -77.52
N ASN R 38 -65.46 -4.12 -78.70
CA ASN R 38 -65.39 -2.65 -78.88
C ASN R 38 -66.79 -2.07 -78.94
N SER R 39 -67.72 -2.74 -79.63
CA SER R 39 -69.11 -2.25 -79.76
C SER R 39 -70.09 -3.38 -79.47
N ALA R 40 -71.37 -3.07 -79.32
CA ALA R 40 -72.37 -4.10 -78.97
C ALA R 40 -72.44 -5.15 -80.08
N LYS R 41 -72.22 -4.73 -81.33
CA LYS R 41 -72.34 -5.68 -82.46
C LYS R 41 -71.37 -6.85 -82.23
N ASP R 42 -70.26 -6.59 -81.53
CA ASP R 42 -69.27 -7.66 -81.26
C ASP R 42 -69.89 -8.74 -80.38
N ASP R 43 -70.40 -8.36 -79.21
CA ASP R 43 -70.96 -9.35 -78.25
C ASP R 43 -71.89 -8.62 -77.28
N ALA R 44 -73.20 -8.67 -77.53
CA ALA R 44 -74.16 -7.93 -76.70
C ALA R 44 -74.03 -8.37 -75.24
N ALA R 45 -74.10 -9.67 -75.00
CA ALA R 45 -74.07 -10.17 -73.61
C ALA R 45 -72.77 -9.71 -72.96
N GLY R 46 -71.66 -9.83 -73.68
CA GLY R 46 -70.36 -9.45 -73.11
C GLY R 46 -70.39 -8.01 -72.65
N LEU R 47 -70.81 -7.09 -73.52
CA LEU R 47 -70.80 -5.66 -73.16
C LEU R 47 -71.51 -5.52 -71.81
N GLN R 48 -72.70 -6.11 -71.69
CA GLN R 48 -73.48 -5.96 -70.43
C GLN R 48 -72.66 -6.50 -69.26
N ILE R 49 -72.23 -7.76 -69.34
CA ILE R 49 -71.49 -8.37 -68.20
C ILE R 49 -70.18 -7.61 -68.01
N SER R 50 -69.45 -7.34 -69.11
CA SER R 50 -68.12 -6.70 -68.98
C SER R 50 -68.28 -5.34 -68.32
N ASN R 51 -69.22 -4.51 -68.80
CA ASN R 51 -69.35 -3.14 -68.25
C ASN R 51 -69.72 -3.26 -66.77
N ARG R 52 -70.61 -4.19 -66.43
CA ARG R 52 -71.01 -4.39 -65.01
C ARG R 52 -69.78 -4.84 -64.22
N LEU R 53 -68.99 -5.76 -64.79
CA LEU R 53 -67.75 -6.20 -64.11
C LEU R 53 -66.82 -4.99 -63.95
N ASN R 54 -66.67 -4.20 -65.02
CA ASN R 54 -65.79 -3.01 -64.95
C ASN R 54 -66.29 -2.08 -63.85
N VAL R 55 -67.59 -1.81 -63.85
CA VAL R 55 -68.18 -0.96 -62.78
C VAL R 55 -67.69 -1.49 -61.43
N GLN R 56 -67.84 -2.80 -61.21
CA GLN R 56 -67.45 -3.36 -59.90
C GLN R 56 -65.98 -3.05 -59.62
N SER R 57 -65.10 -3.31 -60.58
CA SER R 57 -63.65 -3.12 -60.32
C SER R 57 -63.39 -1.65 -59.97
N ARG R 58 -63.88 -0.73 -60.80
CA ARG R 58 -63.60 0.70 -60.54
C ARG R 58 -64.12 1.02 -59.14
N GLY R 59 -65.32 0.55 -58.83
CA GLY R 59 -65.92 0.81 -57.51
C GLY R 59 -65.03 0.28 -56.39
N LEU R 60 -64.55 -0.94 -56.55
CA LEU R 60 -63.72 -1.57 -55.47
C LEU R 60 -62.51 -0.66 -55.21
N ASP R 61 -61.95 -0.05 -56.25
CA ASP R 61 -60.82 0.88 -56.06
C ASP R 61 -61.25 2.04 -55.15
N VAL R 62 -62.39 2.66 -55.46
CA VAL R 62 -62.90 3.78 -54.62
C VAL R 62 -63.13 3.23 -53.21
N ALA R 63 -63.67 2.02 -53.10
CA ALA R 63 -63.99 1.46 -51.77
C ALA R 63 -62.69 1.31 -50.97
N VAL R 64 -61.64 0.83 -51.63
CA VAL R 64 -60.32 0.66 -50.95
C VAL R 64 -59.87 2.02 -50.43
N ARG R 65 -59.95 3.05 -51.29
CA ARG R 65 -59.55 4.41 -50.87
C ARG R 65 -60.35 4.80 -49.64
N ASN R 66 -61.67 4.55 -49.68
CA ASN R 66 -62.54 4.96 -48.55
C ASN R 66 -62.04 4.29 -47.28
N ALA R 67 -61.84 2.97 -47.32
CA ALA R 67 -61.42 2.23 -46.10
C ALA R 67 -60.09 2.77 -45.60
N ASN R 68 -59.16 3.05 -46.53
CA ASN R 68 -57.83 3.58 -46.12
C ASN R 68 -58.04 4.89 -45.37
N ASP R 69 -58.89 5.77 -45.91
CA ASP R 69 -59.18 7.07 -45.26
C ASP R 69 -59.91 6.79 -43.94
N GLY R 70 -60.75 5.76 -43.91
CA GLY R 70 -61.42 5.39 -42.65
C GLY R 70 -60.42 4.99 -41.60
N ILE R 71 -59.45 4.16 -41.97
CA ILE R 71 -58.39 3.73 -41.00
C ILE R 71 -57.61 4.97 -40.60
N SER R 72 -57.49 5.94 -41.51
CA SER R 72 -56.74 7.18 -41.21
C SER R 72 -57.42 7.92 -40.05
N ILE R 73 -58.73 8.16 -40.19
CA ILE R 73 -59.47 8.91 -39.13
C ILE R 73 -59.28 8.16 -37.81
N ALA R 74 -59.44 6.83 -37.84
CA ALA R 74 -59.34 6.04 -36.60
C ALA R 74 -57.92 6.11 -36.05
N GLN R 75 -56.91 5.94 -36.92
CA GLN R 75 -55.51 5.91 -36.44
C GLN R 75 -55.18 7.25 -35.78
N THR R 76 -55.57 8.35 -36.42
CA THR R 76 -55.31 9.69 -35.82
C THR R 76 -55.94 9.72 -34.44
N ALA R 77 -57.21 9.33 -34.33
CA ALA R 77 -57.91 9.39 -33.04
C ALA R 77 -57.16 8.56 -32.00
N GLU R 78 -56.87 7.30 -32.31
CA GLU R 78 -56.21 6.42 -31.32
C GLU R 78 -54.94 7.12 -30.83
N GLY R 79 -54.17 7.68 -31.75
CA GLY R 79 -52.89 8.32 -31.38
C GLY R 79 -53.12 9.44 -30.36
N ALA R 80 -54.14 10.25 -30.59
CA ALA R 80 -54.45 11.36 -29.66
C ALA R 80 -54.83 10.78 -28.30
N MET R 81 -55.69 9.76 -28.28
CA MET R 81 -56.16 9.21 -26.99
C MET R 81 -54.97 8.60 -26.25
N ASN R 82 -53.88 8.30 -26.97
CA ASN R 82 -52.67 7.78 -26.30
C ASN R 82 -52.12 8.84 -25.35
N GLU R 83 -51.97 10.08 -25.83
CA GLU R 83 -51.50 11.17 -24.94
C GLU R 83 -52.48 11.31 -23.77
N THR R 84 -53.78 11.19 -24.05
CA THR R 84 -54.79 11.26 -22.97
C THR R 84 -54.40 10.27 -21.86
N THR R 85 -54.12 9.01 -22.24
CA THR R 85 -53.81 7.99 -21.21
C THR R 85 -52.60 8.45 -20.42
N ASN R 86 -51.57 8.95 -21.12
CA ASN R 86 -50.33 9.36 -20.42
C ASN R 86 -50.65 10.47 -19.43
N ILE R 87 -51.39 11.49 -19.86
CA ILE R 87 -51.71 12.65 -18.98
C ILE R 87 -52.46 12.13 -17.76
N LEU R 88 -53.46 11.28 -17.98
CA LEU R 88 -54.29 10.76 -16.86
C LEU R 88 -53.39 9.98 -15.90
N GLN R 89 -52.46 9.19 -16.43
CA GLN R 89 -51.57 8.37 -15.57
C GLN R 89 -50.74 9.30 -14.66
N ARG R 90 -50.21 10.38 -15.22
CA ARG R 90 -49.40 11.34 -14.43
C ARG R 90 -50.29 11.96 -13.35
N MET R 91 -51.53 12.28 -13.71
CA MET R 91 -52.48 12.85 -12.72
C MET R 91 -52.64 11.86 -11.57
N ARG R 92 -52.78 10.58 -11.88
CA ARG R 92 -52.91 9.56 -10.82
C ARG R 92 -51.67 9.63 -9.92
N ASP R 93 -50.48 9.67 -10.52
CA ASP R 93 -49.23 9.68 -9.72
C ASP R 93 -49.26 10.90 -8.80
N LEU R 94 -49.53 12.08 -9.37
CA LEU R 94 -49.57 13.32 -8.57
C LEU R 94 -50.59 13.15 -7.45
N SER R 95 -51.72 12.51 -7.75
CA SER R 95 -52.79 12.38 -6.72
C SER R 95 -52.31 11.52 -5.56
N LEU R 96 -51.80 10.32 -5.87
CA LEU R 96 -51.31 9.41 -4.80
C LEU R 96 -50.22 10.13 -4.02
N GLN R 97 -49.41 10.96 -4.70
CA GLN R 97 -48.35 11.73 -4.01
C GLN R 97 -49.00 12.69 -3.03
N SER R 98 -50.10 13.33 -3.42
CA SER R 98 -50.82 14.27 -2.52
C SER R 98 -51.40 13.51 -1.33
N ALA R 99 -51.98 12.34 -1.56
CA ALA R 99 -52.64 11.60 -0.47
C ALA R 99 -51.68 11.39 0.71
N ASN R 100 -50.40 11.14 0.43
CA ASN R 100 -49.45 10.85 1.52
C ASN R 100 -49.61 11.93 2.60
N GLY R 101 -49.81 11.52 3.85
CA GLY R 101 -50.06 12.50 4.94
C GLY R 101 -48.95 13.52 5.10
N SER R 102 -47.72 13.16 4.72
CA SER R 102 -46.59 14.09 4.95
C SER R 102 -46.85 15.41 4.22
N ASN R 103 -47.45 15.35 3.02
CA ASN R 103 -47.67 16.58 2.21
C ASN R 103 -48.45 17.61 3.04
N SER R 104 -48.10 18.90 2.88
CA SER R 104 -48.81 19.98 3.60
C SER R 104 -49.69 20.76 2.62
N LYS R 105 -50.57 21.63 3.15
CA LYS R 105 -51.52 22.34 2.26
C LYS R 105 -50.75 22.89 1.06
N SER R 106 -49.59 23.50 1.30
CA SER R 106 -48.83 24.11 0.20
C SER R 106 -48.54 23.05 -0.86
N GLU R 107 -48.14 21.86 -0.43
CA GLU R 107 -47.77 20.79 -1.40
C GLU R 107 -49.02 20.42 -2.21
N ARG R 108 -50.12 20.17 -1.52
CA ARG R 108 -51.36 19.76 -2.24
C ARG R 108 -51.70 20.89 -3.22
N VAL R 109 -51.54 22.13 -2.79
CA VAL R 109 -51.86 23.30 -3.67
C VAL R 109 -50.95 23.22 -4.90
N ALA R 110 -49.66 23.01 -4.68
CA ALA R 110 -48.72 22.96 -5.82
C ALA R 110 -49.16 21.85 -6.77
N ILE R 111 -49.43 20.67 -6.23
CA ILE R 111 -49.84 19.51 -7.07
C ILE R 111 -51.11 19.91 -7.82
N GLN R 112 -52.05 20.57 -7.15
CA GLN R 112 -53.34 20.90 -7.81
C GLN R 112 -53.04 21.78 -9.03
N GLU R 113 -52.04 22.64 -8.91
CA GLU R 113 -51.71 23.53 -10.05
C GLU R 113 -51.41 22.65 -11.25
N GLU R 114 -50.54 21.66 -11.08
CA GLU R 114 -50.18 20.76 -12.21
C GLU R 114 -51.42 19.99 -12.65
N ILE R 115 -52.21 19.50 -11.70
CA ILE R 115 -53.44 18.72 -12.03
C ILE R 115 -54.33 19.59 -12.92
N THR R 116 -54.58 20.83 -12.49
CA THR R 116 -55.46 21.74 -13.26
C THR R 116 -54.86 21.92 -14.65
N ALA R 117 -53.54 22.11 -14.73
CA ALA R 117 -52.87 22.32 -16.03
C ALA R 117 -53.10 21.10 -16.92
N LEU R 118 -52.85 19.91 -16.40
CA LEU R 118 -52.99 18.68 -17.21
C LEU R 118 -54.46 18.50 -17.59
N ASN R 119 -55.37 18.85 -16.69
CA ASN R 119 -56.82 18.78 -17.02
C ASN R 119 -57.08 19.66 -18.24
N ASP R 120 -56.54 20.87 -18.24
CA ASP R 120 -56.75 21.79 -19.37
C ASP R 120 -56.26 21.11 -20.66
N GLU R 121 -55.05 20.57 -20.62
CA GLU R 121 -54.50 19.94 -21.85
C GLU R 121 -55.42 18.81 -22.27
N LEU R 122 -55.91 18.02 -21.31
CA LEU R 122 -56.77 16.86 -21.63
C LEU R 122 -57.95 17.39 -22.45
N ASN R 123 -58.55 18.49 -22.01
CA ASN R 123 -59.69 19.08 -22.75
C ASN R 123 -59.18 19.65 -24.07
N ARG R 124 -58.02 20.30 -24.05
CA ARG R 124 -57.48 20.90 -25.29
C ARG R 124 -57.39 19.80 -26.35
N ILE R 125 -56.71 18.69 -26.03
CA ILE R 125 -56.53 17.57 -27.00
C ILE R 125 -57.90 17.19 -27.55
N ALA R 126 -58.91 17.10 -26.66
CA ALA R 126 -60.25 16.68 -27.08
C ALA R 126 -60.88 17.74 -27.98
N GLU R 127 -60.41 18.99 -27.91
CA GLU R 127 -61.06 20.06 -28.71
C GLU R 127 -60.20 20.44 -29.92
N THR R 128 -58.95 19.99 -29.96
CA THR R 128 -58.06 20.41 -31.08
C THR R 128 -57.93 19.29 -32.11
N THR R 129 -57.78 18.04 -31.67
CA THR R 129 -57.57 16.92 -32.62
C THR R 129 -58.54 17.08 -33.78
N SER R 130 -58.03 17.31 -34.99
CA SER R 130 -58.93 17.54 -36.15
C SER R 130 -58.38 16.83 -37.39
N PHE R 131 -59.20 16.04 -38.07
CA PHE R 131 -58.76 15.37 -39.32
C PHE R 131 -59.09 16.30 -40.49
N GLY R 132 -58.27 17.33 -40.69
CA GLY R 132 -58.51 18.29 -41.78
C GLY R 132 -59.64 19.24 -41.45
N GLY R 133 -59.82 19.55 -40.16
CA GLY R 133 -60.92 20.43 -39.72
C GLY R 133 -62.06 19.63 -39.14
N ASN R 134 -62.13 18.34 -39.46
CA ASN R 134 -63.19 17.47 -38.86
C ASN R 134 -62.75 17.11 -37.43
N LYS R 135 -63.31 17.79 -36.44
CA LYS R 135 -62.96 17.50 -35.02
C LYS R 135 -63.38 16.06 -34.71
N LEU R 136 -62.63 15.37 -33.83
CA LEU R 136 -62.94 13.93 -33.61
C LEU R 136 -63.28 13.63 -32.15
N LEU R 137 -62.45 14.11 -31.21
CA LEU R 137 -62.66 13.72 -29.78
C LEU R 137 -63.65 14.65 -29.06
N ASN R 138 -64.12 15.71 -29.72
CA ASN R 138 -65.00 16.68 -29.00
C ASN R 138 -66.43 16.12 -28.91
N GLY R 139 -66.72 15.07 -29.67
CA GLY R 139 -68.07 14.48 -29.66
C GLY R 139 -68.82 14.79 -30.94
N THR R 140 -68.51 15.93 -31.57
CA THR R 140 -69.22 16.32 -32.82
C THR R 140 -69.24 15.13 -33.79
N PHE R 141 -68.08 14.54 -34.07
CA PHE R 141 -68.05 13.33 -34.92
C PHE R 141 -68.77 12.22 -34.15
N SER R 142 -69.90 11.75 -34.68
CA SER R 142 -70.69 10.74 -33.92
C SER R 142 -71.23 9.66 -34.86
N THR R 143 -70.78 8.42 -34.68
CA THR R 143 -71.31 7.28 -35.48
C THR R 143 -71.47 7.68 -36.95
N LYS R 144 -70.38 8.05 -37.63
CA LYS R 144 -70.47 8.32 -39.08
C LYS R 144 -70.28 6.98 -39.80
N SER R 145 -70.49 6.93 -41.12
CA SER R 145 -70.41 5.60 -41.78
C SER R 145 -69.39 5.67 -42.91
N PHE R 146 -68.58 4.63 -43.09
CA PHE R 146 -67.58 4.60 -44.19
C PHE R 146 -67.96 3.51 -45.19
N GLN R 147 -68.24 3.90 -46.44
CA GLN R 147 -68.58 2.90 -47.49
C GLN R 147 -67.37 2.01 -47.74
N ILE R 148 -67.52 0.70 -47.53
CA ILE R 148 -66.41 -0.26 -47.76
C ILE R 148 -66.85 -1.27 -48.83
N GLY R 149 -67.65 -0.83 -49.80
CA GLY R 149 -68.15 -1.75 -50.83
C GLY R 149 -68.29 -1.07 -52.18
N ALA R 150 -68.50 -1.85 -53.23
CA ALA R 150 -68.62 -1.29 -54.60
C ALA R 150 -70.10 -1.11 -54.95
N ASP R 151 -70.98 -1.12 -53.96
CA ASP R 151 -72.43 -0.89 -54.21
C ASP R 151 -73.05 -0.25 -52.98
N ASN R 152 -74.21 0.40 -53.15
CA ASN R 152 -74.88 1.10 -52.04
C ASN R 152 -75.18 0.12 -50.92
N GLY R 153 -75.05 0.56 -49.66
CA GLY R 153 -75.43 -0.30 -48.52
C GLY R 153 -74.32 -1.24 -48.10
N GLU R 154 -73.06 -0.82 -48.25
CA GLU R 154 -71.93 -1.65 -47.75
C GLU R 154 -71.06 -0.74 -46.90
N ALA R 155 -71.57 -0.27 -45.75
CA ALA R 155 -70.79 0.70 -44.95
C ALA R 155 -70.74 0.30 -43.48
N VAL R 156 -69.59 0.50 -42.84
CA VAL R 156 -69.44 0.22 -41.39
C VAL R 156 -69.56 1.55 -40.65
N MET R 157 -70.21 1.56 -39.49
CA MET R 157 -70.44 2.83 -38.74
C MET R 157 -69.39 2.96 -37.65
N LEU R 158 -68.52 3.98 -37.73
CA LEU R 158 -67.53 4.23 -36.66
C LEU R 158 -68.06 5.33 -35.75
N THR R 159 -68.10 5.07 -34.44
CA THR R 159 -68.56 6.10 -33.47
C THR R 159 -67.37 6.63 -32.67
N LEU R 160 -67.10 7.94 -32.77
CA LEU R 160 -66.00 8.55 -31.97
C LEU R 160 -66.61 9.23 -30.74
N LYS R 161 -66.59 8.55 -29.59
CA LYS R 161 -67.21 9.10 -28.36
C LYS R 161 -66.46 10.36 -27.90
N ASP R 162 -67.15 11.28 -27.24
CA ASP R 162 -66.49 12.50 -26.71
C ASP R 162 -65.45 12.06 -25.68
N MET R 163 -64.26 12.65 -25.73
CA MET R 163 -63.18 12.28 -24.78
C MET R 163 -62.81 13.50 -23.93
N ARG R 164 -63.79 14.36 -23.67
CA ARG R 164 -63.54 15.58 -22.84
C ARG R 164 -63.40 15.18 -21.36
N SER R 165 -62.74 16.01 -20.56
CA SER R 165 -62.48 15.65 -19.14
C SER R 165 -63.78 15.72 -18.33
N ASP R 166 -64.85 16.24 -18.92
CA ASP R 166 -66.11 16.42 -18.16
C ASP R 166 -67.17 15.49 -18.75
N ASN R 167 -66.79 14.66 -19.71
CA ASN R 167 -67.74 13.64 -20.23
C ASN R 167 -68.25 12.81 -19.05
N ARG R 168 -69.55 12.50 -19.03
CA ARG R 168 -70.14 11.75 -17.88
C ARG R 168 -69.41 10.43 -17.70
N MET R 169 -69.11 9.73 -18.79
CA MET R 169 -68.49 8.38 -18.70
C MET R 169 -67.03 8.52 -18.23
N MET R 170 -66.56 9.75 -18.02
CA MET R 170 -65.14 9.97 -17.64
C MET R 170 -65.05 10.02 -16.11
N GLY R 171 -66.05 9.47 -15.40
CA GLY R 171 -66.01 9.44 -13.94
C GLY R 171 -67.11 8.57 -13.35
N GLY R 172 -67.61 8.95 -12.16
CA GLY R 172 -68.68 8.18 -11.51
C GLY R 172 -69.23 8.88 -10.28
N THR R 173 -70.17 8.25 -9.59
CA THR R 173 -70.83 8.87 -8.41
C THR R 173 -69.96 8.64 -7.16
N SER R 174 -69.72 9.69 -6.38
CA SER R 174 -68.92 9.57 -5.13
C SER R 174 -69.83 9.65 -3.91
N TYR R 175 -70.03 8.50 -3.24
CA TYR R 175 -70.87 8.45 -2.02
C TYR R 175 -69.96 8.52 -0.81
N VAL R 176 -70.19 9.49 0.07
CA VAL R 176 -69.32 9.69 1.28
C VAL R 176 -70.16 9.49 2.54
N ALA R 177 -69.56 8.94 3.61
CA ALA R 177 -70.29 8.71 4.88
C ALA R 177 -70.39 10.04 5.65
N ALA R 178 -71.11 10.04 6.77
CA ALA R 178 -71.30 11.28 7.56
C ALA R 178 -70.64 11.13 8.93
N GLU R 179 -70.72 9.95 9.54
CA GLU R 179 -70.17 9.77 10.91
C GLU R 179 -68.65 9.61 10.85
N GLY R 180 -67.91 10.69 11.14
CA GLY R 180 -66.44 10.60 11.18
C GLY R 180 -65.97 9.67 12.28
N LYS R 181 -65.14 8.69 11.93
CA LYS R 181 -64.64 7.71 12.94
C LYS R 181 -63.25 8.15 13.41
N ASP R 182 -62.99 8.08 14.72
CA ASP R 182 -61.68 8.47 15.29
C ASP R 182 -60.71 7.29 15.17
N LYS R 183 -59.43 7.51 15.48
CA LYS R 183 -58.41 6.43 15.32
C LYS R 183 -58.83 5.21 16.13
N ASP R 184 -59.29 5.42 17.37
CA ASP R 184 -59.66 4.29 18.26
C ASP R 184 -60.83 3.52 17.63
N TRP R 185 -61.75 4.22 16.95
CA TRP R 185 -62.94 3.52 16.41
C TRP R 185 -62.50 2.22 15.73
N LYS R 186 -63.04 1.10 16.19
CA LYS R 186 -62.76 -0.21 15.54
C LYS R 186 -64.09 -0.88 15.24
N VAL R 187 -64.21 -1.53 14.09
CA VAL R 187 -65.46 -2.28 13.77
C VAL R 187 -65.87 -3.03 15.03
N GLN R 188 -67.12 -2.87 15.46
CA GLN R 188 -67.59 -3.53 16.70
C GLN R 188 -68.34 -4.81 16.33
N ALA R 189 -68.68 -5.62 17.34
CA ALA R 189 -69.43 -6.87 17.08
C ALA R 189 -70.89 -6.54 16.77
N GLY R 190 -71.45 -7.14 15.72
CA GLY R 190 -72.86 -6.89 15.35
C GLY R 190 -72.96 -5.83 14.26
N ALA R 191 -71.98 -4.93 14.18
CA ALA R 191 -72.02 -3.84 13.18
C ALA R 191 -70.87 -4.07 12.19
N ASN R 192 -70.68 -5.32 11.79
CA ASN R 192 -69.56 -5.66 10.87
C ASN R 192 -70.14 -5.98 9.49
N ASP R 193 -71.43 -5.76 9.30
CA ASP R 193 -72.08 -6.14 8.02
C ASP R 193 -72.32 -4.89 7.17
N ILE R 194 -71.87 -4.90 5.91
CA ILE R 194 -72.18 -3.77 4.99
C ILE R 194 -72.52 -4.37 3.63
N THR R 195 -73.73 -4.12 3.15
CA THR R 195 -74.18 -4.74 1.86
C THR R 195 -74.39 -3.65 0.82
N PHE R 196 -73.68 -3.73 -0.30
CA PHE R 196 -73.83 -2.75 -1.39
C PHE R 196 -74.78 -3.33 -2.44
N THR R 197 -75.89 -2.64 -2.71
CA THR R 197 -76.86 -3.14 -3.73
C THR R 197 -76.78 -2.22 -4.94
N LEU R 198 -76.31 -2.73 -6.08
CA LEU R 198 -76.11 -1.85 -7.27
C LEU R 198 -76.46 -2.61 -8.55
N LYS R 199 -76.56 -1.91 -9.68
CA LYS R 199 -76.80 -2.58 -10.97
C LYS R 199 -75.56 -2.40 -11.84
N ASP R 200 -75.04 -3.49 -12.40
CA ASP R 200 -73.83 -3.43 -13.25
C ASP R 200 -74.14 -2.63 -14.52
N ILE R 201 -73.11 -2.29 -15.30
CA ILE R 201 -73.31 -1.52 -16.56
C ILE R 201 -74.31 -2.29 -17.44
N ASP R 202 -74.34 -3.61 -17.33
CA ASP R 202 -75.20 -4.43 -18.22
C ASP R 202 -76.64 -4.38 -17.71
N GLY R 203 -76.85 -3.76 -16.55
CA GLY R 203 -78.20 -3.66 -15.97
C GLY R 203 -78.42 -4.75 -14.92
N ASN R 204 -77.65 -5.83 -15.02
CA ASN R 204 -77.75 -6.93 -14.02
C ASN R 204 -77.47 -6.36 -12.64
N ASP R 205 -78.14 -6.86 -11.61
CA ASP R 205 -77.98 -6.30 -10.24
C ASP R 205 -76.96 -7.12 -9.46
N GLN R 206 -76.29 -6.48 -8.49
CA GLN R 206 -75.34 -7.20 -7.62
C GLN R 206 -75.68 -6.86 -6.17
N THR R 207 -75.42 -7.78 -5.23
CA THR R 207 -75.67 -7.50 -3.79
C THR R 207 -74.37 -7.81 -3.03
N ILE R 208 -73.33 -7.03 -3.31
CA ILE R 208 -72.01 -7.23 -2.63
C ILE R 208 -72.20 -7.11 -1.12
N THR R 209 -72.06 -8.22 -0.40
CA THR R 209 -72.16 -8.18 1.08
C THR R 209 -70.76 -8.34 1.67
N VAL R 210 -70.20 -7.27 2.24
CA VAL R 210 -68.83 -7.34 2.83
C VAL R 210 -68.98 -7.46 4.35
N ASN R 211 -68.57 -8.60 4.92
CA ASN R 211 -68.61 -8.75 6.40
C ASN R 211 -67.25 -8.32 6.96
N ALA R 212 -67.16 -7.09 7.46
CA ALA R 212 -65.87 -6.55 7.94
C ALA R 212 -65.34 -7.36 9.12
N LYS R 213 -64.01 -7.37 9.29
CA LYS R 213 -63.40 -8.09 10.44
C LYS R 213 -63.42 -7.18 11.67
N GLU R 214 -63.83 -7.70 12.81
CA GLU R 214 -63.93 -6.86 14.04
C GLU R 214 -62.53 -6.47 14.50
N GLY R 215 -62.37 -5.23 14.98
CA GLY R 215 -61.07 -4.79 15.52
C GLY R 215 -60.26 -4.01 14.50
N ASP R 216 -60.86 -3.69 13.36
CA ASP R 216 -60.13 -2.97 12.28
C ASP R 216 -60.54 -1.50 12.28
N ASP R 217 -59.62 -0.61 11.92
CA ASP R 217 -59.91 0.84 11.90
C ASP R 217 -60.55 1.22 10.56
N ILE R 218 -61.09 2.44 10.48
CA ILE R 218 -61.79 2.87 9.23
C ILE R 218 -60.84 2.64 8.05
N GLU R 219 -59.55 2.94 8.22
CA GLU R 219 -58.59 2.79 7.10
C GLU R 219 -58.55 1.32 6.68
N GLU R 220 -58.43 0.43 7.66
CA GLU R 220 -58.37 -1.03 7.35
C GLU R 220 -59.70 -1.47 6.76
N VAL R 221 -60.82 -0.94 7.27
CA VAL R 221 -62.14 -1.27 6.68
C VAL R 221 -62.05 -0.97 5.19
N ALA R 222 -61.50 0.20 4.84
CA ALA R 222 -61.44 0.59 3.41
C ALA R 222 -60.69 -0.49 2.64
N THR R 223 -59.48 -0.81 3.09
CA THR R 223 -58.67 -1.83 2.37
C THR R 223 -59.52 -3.09 2.22
N TYR R 224 -60.07 -3.58 3.33
CA TYR R 224 -60.85 -4.85 3.28
C TYR R 224 -61.84 -4.76 2.12
N ILE R 225 -62.73 -3.76 2.18
CA ILE R 225 -63.76 -3.59 1.12
C ILE R 225 -63.05 -3.66 -0.25
N ASN R 226 -62.05 -2.79 -0.46
CA ASN R 226 -61.40 -2.73 -1.79
C ASN R 226 -61.01 -4.16 -2.22
N GLY R 227 -60.70 -5.03 -1.26
CA GLY R 227 -60.27 -6.40 -1.60
C GLY R 227 -61.46 -7.31 -1.84
N GLN R 228 -62.54 -7.15 -1.08
CA GLN R 228 -63.69 -8.08 -1.20
C GLN R 228 -64.49 -7.77 -2.47
N THR R 229 -64.54 -6.50 -2.87
CA THR R 229 -65.36 -6.11 -4.06
C THR R 229 -64.47 -5.49 -5.14
N ASP R 230 -65.03 -5.23 -6.32
CA ASP R 230 -64.25 -4.57 -7.40
C ASP R 230 -65.12 -3.48 -8.04
N MET R 231 -66.43 -3.51 -7.78
CA MET R 231 -67.33 -2.46 -8.31
C MET R 231 -67.10 -1.15 -7.56
N VAL R 232 -67.08 -1.19 -6.23
CA VAL R 232 -66.98 0.07 -5.43
C VAL R 232 -65.59 0.18 -4.81
N LYS R 233 -64.82 1.22 -5.19
CA LYS R 233 -63.49 1.44 -4.58
C LYS R 233 -63.68 2.38 -3.38
N ALA R 234 -63.22 1.96 -2.19
CA ALA R 234 -63.45 2.76 -0.97
C ALA R 234 -62.23 3.61 -0.64
N SER R 235 -62.43 4.67 0.15
CA SER R 235 -61.31 5.56 0.55
C SER R 235 -61.67 6.20 1.90
N VAL R 236 -60.72 6.88 2.54
CA VAL R 236 -61.03 7.59 3.81
C VAL R 236 -60.53 9.03 3.69
N ASN R 237 -61.32 10.00 4.15
CA ASN R 237 -60.93 11.42 4.05
C ASN R 237 -60.04 11.80 5.22
N GLU R 238 -59.87 13.10 5.47
CA GLU R 238 -58.99 13.57 6.58
C GLU R 238 -59.75 13.50 7.91
N LYS R 239 -61.06 13.23 7.87
CA LYS R 239 -61.86 13.25 9.11
C LYS R 239 -62.38 11.84 9.40
N GLY R 240 -61.71 10.81 8.85
CA GLY R 240 -62.12 9.42 9.11
C GLY R 240 -63.52 9.13 8.63
N GLN R 241 -63.84 9.54 7.41
CA GLN R 241 -65.18 9.26 6.82
C GLN R 241 -64.99 8.44 5.54
N LEU R 242 -65.53 7.22 5.50
CA LEU R 242 -65.30 6.35 4.32
C LEU R 242 -65.86 7.03 3.07
N GLN R 243 -65.02 7.25 2.05
CA GLN R 243 -65.49 7.85 0.79
C GLN R 243 -65.55 6.77 -0.29
N ILE R 244 -66.68 6.09 -0.42
CA ILE R 244 -66.86 5.03 -1.46
C ILE R 244 -67.00 5.70 -2.83
N PHE R 245 -66.70 4.97 -3.91
CA PHE R 245 -66.85 5.52 -5.28
C PHE R 245 -67.54 4.47 -6.16
N ALA R 246 -68.17 4.89 -7.25
CA ALA R 246 -68.76 3.92 -8.18
C ALA R 246 -68.62 4.45 -9.61
N GLY R 247 -67.61 3.98 -10.34
CA GLY R 247 -67.36 4.46 -11.71
C GLY R 247 -68.56 4.26 -12.63
N ASN R 248 -69.00 5.31 -13.30
CA ASN R 248 -70.19 5.21 -14.18
C ASN R 248 -70.01 4.00 -15.10
N ASN R 249 -68.78 3.73 -15.52
CA ASN R 249 -68.52 2.61 -16.46
C ASN R 249 -68.87 1.28 -15.79
N LYS R 250 -68.53 1.12 -14.51
CA LYS R 250 -68.76 -0.17 -13.82
C LYS R 250 -70.15 -0.22 -13.18
N VAL R 251 -70.63 0.91 -12.65
CA VAL R 251 -71.93 0.86 -11.92
C VAL R 251 -72.93 1.80 -12.60
N THR R 252 -74.08 1.27 -13.00
CA THR R 252 -75.15 2.12 -13.59
C THR R 252 -76.30 2.17 -12.60
N GLY R 253 -76.64 3.34 -12.06
CA GLY R 253 -77.69 3.41 -11.03
C GLY R 253 -77.09 3.61 -9.65
N ASP R 254 -77.86 4.14 -8.71
CA ASP R 254 -77.32 4.47 -7.35
C ASP R 254 -76.90 3.21 -6.61
N VAL R 255 -75.92 3.34 -5.71
CA VAL R 255 -75.49 2.18 -4.88
C VAL R 255 -76.20 2.28 -3.53
N ALA R 256 -76.99 1.27 -3.18
CA ALA R 256 -77.73 1.28 -1.90
C ALA R 256 -76.88 0.61 -0.82
N PHE R 257 -76.54 1.34 0.24
CA PHE R 257 -75.67 0.80 1.30
C PHE R 257 -76.52 0.31 2.47
N SER R 258 -76.52 -1.00 2.72
CA SER R 258 -77.35 -1.57 3.82
C SER R 258 -76.47 -2.36 4.77
N GLY R 259 -76.84 -2.42 6.05
CA GLY R 259 -76.07 -3.23 7.02
C GLY R 259 -75.69 -2.44 8.26
N GLY R 260 -75.34 -3.15 9.34
CA GLY R 260 -75.01 -2.48 10.61
C GLY R 260 -73.88 -1.48 10.46
N LEU R 261 -72.81 -1.89 9.77
CA LEU R 261 -71.68 -0.96 9.54
C LEU R 261 -72.21 0.29 8.84
N ALA R 262 -73.03 0.11 7.81
CA ALA R 262 -73.62 1.26 7.09
C ALA R 262 -74.40 2.11 8.09
N GLY R 263 -75.08 1.46 9.04
CA GLY R 263 -75.81 2.21 10.08
C GLY R 263 -74.83 3.06 10.87
N ALA R 264 -73.67 2.49 11.20
CA ALA R 264 -72.65 3.22 12.00
C ALA R 264 -72.10 4.37 11.16
N LEU R 265 -72.06 4.22 9.83
CA LEU R 265 -71.48 5.27 8.95
C LEU R 265 -72.53 5.69 7.93
N ASN R 266 -73.55 6.43 8.34
CA ASN R 266 -74.64 6.79 7.40
C ASN R 266 -74.01 7.38 6.12
N MET R 267 -74.14 6.68 5.00
CA MET R 267 -73.64 7.26 3.73
C MET R 267 -74.59 8.37 3.31
N GLN R 268 -74.08 9.43 2.69
CA GLN R 268 -74.94 10.59 2.35
C GLN R 268 -75.04 10.78 0.84
N ALA R 269 -75.96 10.07 0.18
CA ALA R 269 -76.18 10.29 -1.27
C ALA R 269 -74.87 10.11 -2.06
N GLY R 270 -74.73 10.83 -3.17
CA GLY R 270 -73.51 10.73 -4.00
C GLY R 270 -73.46 11.85 -5.02
N THR R 271 -72.27 12.40 -5.28
CA THR R 271 -72.14 13.55 -6.20
C THR R 271 -71.33 13.12 -7.43
N ALA R 272 -71.87 13.36 -8.64
CA ALA R 272 -71.17 12.94 -9.87
C ALA R 272 -69.78 13.57 -9.89
N GLU R 273 -68.74 12.77 -10.15
CA GLU R 273 -67.36 13.30 -10.19
C GLU R 273 -66.71 12.93 -11.53
N THR R 274 -66.37 13.93 -12.34
CA THR R 274 -65.64 13.65 -13.61
C THR R 274 -64.19 14.09 -13.41
N VAL R 275 -63.33 13.82 -14.38
CA VAL R 275 -61.88 14.14 -14.23
C VAL R 275 -61.72 15.65 -14.33
N ASP R 276 -62.74 16.37 -14.77
CA ASP R 276 -62.64 17.86 -14.77
C ASP R 276 -62.85 18.33 -13.35
N THR R 277 -63.75 17.67 -12.62
CA THR R 277 -64.09 18.12 -11.24
C THR R 277 -63.27 17.33 -10.22
N ILE R 278 -61.94 17.32 -10.34
CA ILE R 278 -61.11 16.65 -9.28
C ILE R 278 -60.36 17.72 -8.50
N ASP R 279 -60.12 17.48 -7.21
CA ASP R 279 -59.35 18.43 -6.38
C ASP R 279 -58.44 17.64 -5.44
N VAL R 280 -57.14 17.89 -5.50
CA VAL R 280 -56.18 17.09 -4.69
C VAL R 280 -55.75 17.91 -3.48
N THR R 281 -56.45 19.00 -3.17
CA THR R 281 -55.99 19.87 -2.07
C THR R 281 -56.50 19.32 -0.73
N SER R 282 -57.23 18.20 -0.77
CA SER R 282 -57.69 17.55 0.48
C SER R 282 -57.36 16.06 0.40
N VAL R 283 -56.88 15.47 1.49
CA VAL R 283 -56.44 14.04 1.45
C VAL R 283 -57.61 13.21 0.92
N GLY R 284 -58.83 13.55 1.33
CA GLY R 284 -60.01 12.84 0.82
C GLY R 284 -60.10 12.99 -0.68
N GLY R 285 -59.90 14.22 -1.16
CA GLY R 285 -59.97 14.47 -2.61
C GLY R 285 -58.93 13.64 -3.35
N ALA R 286 -57.72 13.57 -2.81
CA ALA R 286 -56.65 12.77 -3.44
C ALA R 286 -57.13 11.33 -3.59
N GLN R 287 -57.46 10.67 -2.47
CA GLN R 287 -57.84 9.25 -2.56
C GLN R 287 -58.96 9.13 -3.58
N GLN R 288 -59.97 10.00 -3.47
CA GLN R 288 -61.13 9.91 -4.39
C GLN R 288 -60.68 10.18 -5.82
N SER R 289 -59.72 11.08 -6.00
CA SER R 289 -59.28 11.45 -7.37
C SER R 289 -58.64 10.24 -8.04
N VAL R 290 -57.85 9.48 -7.30
CA VAL R 290 -57.23 8.25 -7.87
C VAL R 290 -58.37 7.43 -8.49
N ALA R 291 -59.45 7.23 -7.73
CA ALA R 291 -60.57 6.41 -8.22
C ALA R 291 -61.16 7.04 -9.49
N VAL R 292 -61.42 8.35 -9.46
CA VAL R 292 -62.04 9.03 -10.64
C VAL R 292 -61.12 8.81 -11.84
N ILE R 293 -59.81 9.01 -11.67
CA ILE R 293 -58.86 8.86 -12.80
C ILE R 293 -58.89 7.41 -13.27
N ASP R 294 -58.97 6.46 -12.34
CA ASP R 294 -58.90 5.02 -12.73
C ASP R 294 -60.05 4.72 -13.69
N SER R 295 -61.27 5.12 -13.33
CA SER R 295 -62.44 4.85 -14.18
C SER R 295 -62.21 5.51 -15.54
N ALA R 296 -61.64 6.71 -15.54
CA ALA R 296 -61.38 7.44 -16.80
C ALA R 296 -60.44 6.61 -17.66
N LEU R 297 -59.32 6.18 -17.09
CA LEU R 297 -58.33 5.42 -17.88
C LEU R 297 -59.05 4.27 -18.57
N LYS R 298 -59.96 3.60 -17.85
CA LYS R 298 -60.72 2.47 -18.45
C LYS R 298 -61.53 2.98 -19.64
N TYR R 299 -62.22 4.11 -19.48
CA TYR R 299 -63.07 4.66 -20.56
C TYR R 299 -62.21 4.85 -21.80
N VAL R 300 -61.07 5.51 -21.64
CA VAL R 300 -60.19 5.79 -22.81
C VAL R 300 -59.69 4.47 -23.38
N ASP R 301 -59.16 3.59 -22.53
CA ASP R 301 -58.61 2.31 -23.03
C ASP R 301 -59.71 1.60 -23.83
N SER R 302 -60.85 1.33 -23.19
CA SER R 302 -61.95 0.60 -23.87
C SER R 302 -62.22 1.28 -25.22
N HIS R 303 -62.28 2.60 -25.22
CA HIS R 303 -62.58 3.33 -26.47
C HIS R 303 -61.47 3.03 -27.49
N ARG R 304 -60.22 3.16 -27.05
CA ARG R 304 -59.08 2.92 -27.98
C ARG R 304 -59.25 1.52 -28.57
N ALA R 305 -59.56 0.54 -27.71
CA ALA R 305 -59.73 -0.85 -28.19
C ALA R 305 -60.75 -0.85 -29.33
N GLU R 306 -61.96 -0.35 -29.08
CA GLU R 306 -63.01 -0.35 -30.11
C GLU R 306 -62.42 0.18 -31.42
N LEU R 307 -61.74 1.32 -31.36
CA LEU R 307 -61.14 1.91 -32.57
C LEU R 307 -60.12 0.92 -33.13
N GLY R 308 -59.33 0.28 -32.26
CA GLY R 308 -58.29 -0.65 -32.74
C GLY R 308 -58.91 -1.77 -33.54
N ALA R 309 -60.01 -2.34 -33.04
CA ALA R 309 -60.72 -3.40 -33.79
C ALA R 309 -61.17 -2.82 -35.14
N PHE R 310 -61.69 -1.59 -35.13
CA PHE R 310 -62.16 -0.97 -36.39
C PHE R 310 -61.00 -0.97 -37.37
N GLN R 311 -59.83 -0.52 -36.93
CA GLN R 311 -58.66 -0.45 -37.83
C GLN R 311 -58.38 -1.86 -38.35
N ASN R 312 -58.35 -2.84 -37.46
CA ASN R 312 -58.05 -4.24 -37.86
C ASN R 312 -59.10 -4.70 -38.89
N ARG R 313 -60.38 -4.53 -38.57
CA ARG R 313 -61.45 -5.02 -39.48
C ARG R 313 -61.22 -4.41 -40.86
N PHE R 314 -61.04 -3.10 -40.93
CA PHE R 314 -60.91 -2.46 -42.26
C PHE R 314 -59.69 -3.04 -42.97
N ASN R 315 -58.60 -3.30 -42.23
CA ASN R 315 -57.39 -3.88 -42.86
C ASN R 315 -57.76 -5.19 -43.55
N HIS R 316 -58.42 -6.10 -42.83
CA HIS R 316 -58.85 -7.40 -43.42
C HIS R 316 -59.76 -7.10 -44.62
N ALA R 317 -60.64 -6.12 -44.47
CA ALA R 317 -61.59 -5.81 -45.56
C ALA R 317 -60.83 -5.33 -46.80
N ILE R 318 -59.83 -4.47 -46.60
CA ILE R 318 -59.02 -3.99 -47.76
C ILE R 318 -58.45 -5.21 -48.46
N SER R 319 -57.91 -6.15 -47.68
CA SER R 319 -57.31 -7.36 -48.29
C SER R 319 -58.36 -8.06 -49.15
N ASN R 320 -59.55 -8.28 -48.59
CA ASN R 320 -60.61 -9.01 -49.34
C ASN R 320 -60.96 -8.20 -50.60
N LEU R 321 -61.14 -6.89 -50.46
CA LEU R 321 -61.55 -6.07 -51.62
C LEU R 321 -60.49 -6.23 -52.71
N ASP R 322 -59.22 -6.29 -52.32
CA ASP R 322 -58.13 -6.44 -53.31
C ASP R 322 -58.31 -7.78 -54.03
N ASN R 323 -58.49 -8.86 -53.27
CA ASN R 323 -58.62 -10.20 -53.89
C ASN R 323 -59.75 -10.17 -54.92
N ILE R 324 -60.96 -9.76 -54.51
CA ILE R 324 -62.09 -9.82 -55.47
C ILE R 324 -61.74 -8.94 -56.67
N ASN R 325 -61.10 -7.80 -56.43
CA ASN R 325 -60.79 -6.87 -57.56
C ASN R 325 -59.96 -7.64 -58.58
N GLU R 326 -58.89 -8.30 -58.15
CA GLU R 326 -58.02 -9.00 -59.11
C GLU R 326 -58.84 -10.00 -59.92
N ASN R 327 -59.58 -10.89 -59.24
CA ASN R 327 -60.29 -11.96 -59.96
C ASN R 327 -61.31 -11.33 -60.90
N VAL R 328 -61.94 -10.23 -60.49
CA VAL R 328 -62.89 -9.53 -61.41
C VAL R 328 -62.10 -9.07 -62.64
N ASN R 329 -60.95 -8.45 -62.42
CA ASN R 329 -60.16 -7.92 -63.56
C ASN R 329 -59.82 -9.10 -64.48
N ALA R 330 -59.45 -10.23 -63.88
CA ALA R 330 -59.14 -11.42 -64.69
C ALA R 330 -60.34 -11.78 -65.55
N SER R 331 -61.52 -11.85 -64.95
CA SER R 331 -62.74 -12.25 -65.69
C SER R 331 -63.03 -11.23 -66.80
N LYS R 332 -62.98 -9.94 -66.45
CA LYS R 332 -63.31 -8.90 -67.44
C LYS R 332 -62.42 -9.13 -68.67
N SER R 333 -61.13 -9.38 -68.43
CA SER R 333 -60.18 -9.58 -69.56
C SER R 333 -60.65 -10.75 -70.42
N ARG R 334 -60.92 -11.90 -69.81
CA ARG R 334 -61.32 -13.10 -70.59
C ARG R 334 -62.49 -12.72 -71.49
N ILE R 335 -63.23 -11.67 -71.14
CA ILE R 335 -64.44 -11.30 -71.94
C ILE R 335 -64.14 -10.11 -72.85
N LYS R 336 -63.71 -8.97 -72.29
CA LYS R 336 -63.55 -7.75 -73.11
C LYS R 336 -62.17 -7.67 -73.79
N ASP R 337 -61.08 -8.04 -73.09
CA ASP R 337 -59.72 -7.86 -73.68
C ASP R 337 -59.56 -8.69 -74.95
N THR R 338 -58.58 -8.34 -75.79
CA THR R 338 -58.40 -9.05 -77.09
C THR R 338 -57.21 -10.01 -77.01
N ASP R 339 -57.39 -11.24 -77.48
CA ASP R 339 -56.26 -12.20 -77.53
C ASP R 339 -55.38 -11.79 -78.71
N PHE R 340 -54.19 -11.25 -78.43
CA PHE R 340 -53.40 -10.73 -79.57
C PHE R 340 -53.08 -11.90 -80.52
N ALA R 341 -52.79 -13.08 -79.97
CA ALA R 341 -52.39 -14.22 -80.82
C ALA R 341 -53.53 -14.54 -81.80
N LYS R 342 -54.73 -14.77 -81.27
CA LYS R 342 -55.86 -15.19 -82.15
C LYS R 342 -56.17 -14.07 -83.15
N GLU R 343 -56.23 -12.82 -82.69
CA GLU R 343 -56.62 -11.71 -83.60
C GLU R 343 -55.51 -11.47 -84.62
N THR R 344 -54.24 -11.53 -84.21
CA THR R 344 -53.16 -11.20 -85.15
C THR R 344 -53.20 -12.24 -86.28
N THR R 345 -53.45 -13.51 -85.93
CA THR R 345 -53.54 -14.56 -86.97
C THR R 345 -54.72 -14.23 -87.89
N ALA R 346 -55.83 -13.82 -87.31
CA ALA R 346 -57.02 -13.49 -88.12
C ALA R 346 -56.67 -12.35 -89.07
N LEU R 347 -55.99 -11.31 -88.56
CA LEU R 347 -55.69 -10.14 -89.42
C LEU R 347 -54.92 -10.65 -90.63
N THR R 348 -53.89 -11.48 -90.39
CA THR R 348 -53.05 -11.95 -91.52
C THR R 348 -53.94 -12.70 -92.50
N LYS R 349 -54.70 -13.68 -92.01
CA LYS R 349 -55.61 -14.43 -92.90
C LYS R 349 -56.44 -13.45 -93.72
N SER R 350 -57.05 -12.47 -93.06
CA SER R 350 -57.94 -11.52 -93.75
C SER R 350 -57.16 -10.79 -94.85
N GLN R 351 -55.96 -10.32 -94.52
CA GLN R 351 -55.14 -9.58 -95.52
C GLN R 351 -54.84 -10.52 -96.69
N ILE R 352 -54.51 -11.78 -96.40
CA ILE R 352 -54.23 -12.76 -97.49
C ILE R 352 -55.49 -12.88 -98.34
N LEU R 353 -56.62 -13.22 -97.71
CA LEU R 353 -57.87 -13.40 -98.48
C LEU R 353 -58.05 -12.20 -99.40
N SER R 354 -57.83 -11.00 -98.86
CA SER R 354 -58.05 -9.78 -99.67
C SER R 354 -57.17 -9.86 -100.92
N GLN R 355 -55.89 -10.15 -100.74
CA GLN R 355 -54.96 -10.19 -101.90
C GLN R 355 -55.47 -11.23 -102.90
N ALA R 356 -55.91 -12.38 -102.38
CA ALA R 356 -56.40 -13.46 -103.27
C ALA R 356 -57.59 -12.95 -104.06
N SER R 357 -58.61 -12.44 -103.37
CA SER R 357 -59.85 -12.02 -104.07
C SER R 357 -59.51 -10.97 -105.13
N SER R 358 -58.74 -9.96 -104.74
CA SER R 358 -58.38 -8.88 -105.71
C SER R 358 -57.76 -9.52 -106.94
N SER R 359 -56.85 -10.47 -106.75
CA SER R 359 -56.14 -11.09 -107.90
C SER R 359 -57.14 -11.88 -108.76
N VAL R 360 -58.05 -12.60 -108.11
CA VAL R 360 -59.09 -13.34 -108.88
C VAL R 360 -59.92 -12.30 -109.63
N LEU R 361 -60.19 -11.16 -108.97
CA LEU R 361 -60.99 -10.09 -109.61
C LEU R 361 -60.26 -9.59 -110.86
N ALA R 362 -58.93 -9.45 -110.76
CA ALA R 362 -58.14 -8.98 -111.92
C ALA R 362 -58.36 -9.95 -113.08
N GLN R 363 -58.18 -11.24 -112.84
CA GLN R 363 -58.42 -12.25 -113.90
C GLN R 363 -59.90 -12.16 -114.32
N ALA R 364 -60.78 -11.85 -113.36
CA ALA R 364 -62.23 -11.80 -113.66
C ALA R 364 -62.54 -10.65 -114.61
N LYS R 365 -62.07 -9.44 -114.32
CA LYS R 365 -62.44 -8.28 -115.15
C LYS R 365 -61.93 -8.49 -116.58
N GLN R 366 -60.87 -9.29 -116.76
CA GLN R 366 -60.28 -9.47 -118.10
C GLN R 366 -61.02 -10.59 -118.84
N ALA R 367 -62.03 -11.19 -118.21
CA ALA R 367 -62.73 -12.33 -118.84
C ALA R 367 -63.50 -11.89 -120.10
N PRO R 368 -64.33 -10.83 -120.08
CA PRO R 368 -65.13 -10.47 -121.25
C PRO R 368 -64.27 -10.16 -122.48
N ASN R 369 -62.98 -9.89 -122.28
CA ASN R 369 -62.07 -9.60 -123.43
C ASN R 369 -62.14 -10.77 -124.41
N ALA R 370 -62.56 -11.94 -123.93
CA ALA R 370 -62.70 -13.11 -124.82
C ALA R 370 -63.67 -12.77 -125.95
N ALA R 371 -64.78 -12.12 -125.62
CA ALA R 371 -65.80 -11.82 -126.65
C ALA R 371 -65.19 -10.96 -127.76
N LEU R 372 -64.40 -9.96 -127.38
CA LEU R 372 -63.79 -9.06 -128.39
C LEU R 372 -63.02 -9.93 -129.39
N SER R 373 -62.19 -10.84 -128.87
CA SER R 373 -61.41 -11.74 -129.76
C SER R 373 -62.37 -12.66 -130.53
N LEU R 374 -63.40 -13.18 -129.85
CA LEU R 374 -64.33 -14.14 -130.50
C LEU R 374 -64.78 -13.56 -131.84
N LEU R 375 -65.33 -12.34 -131.81
CA LEU R 375 -65.84 -11.73 -133.07
C LEU R 375 -65.36 -10.27 -133.14
N GLY R 376 -64.70 -9.91 -134.23
CA GLY R 376 -64.18 -8.54 -134.39
C GLY R 376 -63.19 -8.21 -133.29
N ALA S 1 -30.15 3.49 -1.66
CA ALA S 1 -30.10 4.32 -2.89
C ALA S 1 -28.74 5.04 -2.95
N VAL S 2 -27.83 4.55 -3.80
CA VAL S 2 -26.50 5.18 -3.93
C VAL S 2 -26.70 6.65 -4.31
N ASN S 3 -26.30 7.57 -3.44
CA ASN S 3 -26.44 9.03 -3.72
C ASN S 3 -25.10 9.70 -3.41
N VAL S 4 -24.87 10.88 -3.96
CA VAL S 4 -23.55 11.55 -3.75
C VAL S 4 -23.76 12.87 -3.00
N ASN S 5 -24.81 13.62 -3.35
CA ASN S 5 -25.01 14.96 -2.74
C ASN S 5 -25.27 14.83 -1.23
N THR S 6 -25.63 13.65 -0.74
CA THR S 6 -25.95 13.50 0.69
C THR S 6 -25.24 12.28 1.27
N ASN S 7 -24.55 12.43 2.41
CA ASN S 7 -23.91 11.27 3.07
C ASN S 7 -24.46 11.15 4.49
N VAL S 8 -25.65 10.60 4.64
CA VAL S 8 -26.29 10.55 5.99
C VAL S 8 -25.33 9.86 6.97
N ALA S 9 -24.63 8.83 6.51
CA ALA S 9 -23.76 8.06 7.43
C ALA S 9 -22.67 8.97 8.01
N ALA S 10 -21.99 9.74 7.14
CA ALA S 10 -20.88 10.58 7.63
C ALA S 10 -21.42 11.53 8.69
N MET S 11 -22.55 12.17 8.38
CA MET S 11 -23.17 13.10 9.37
C MET S 11 -23.33 12.35 10.69
N THR S 12 -23.89 11.13 10.65
CA THR S 12 -24.15 10.40 11.91
C THR S 12 -22.82 10.21 12.65
N ALA S 13 -21.80 9.73 11.94
CA ALA S 13 -20.49 9.49 12.59
C ALA S 13 -19.99 10.80 13.21
N GLN S 14 -20.07 11.89 12.46
CA GLN S 14 -19.57 13.19 12.98
C GLN S 14 -20.28 13.48 14.29
N ARG S 15 -21.60 13.29 14.34
CA ARG S 15 -22.35 13.62 15.57
C ARG S 15 -21.71 12.88 16.75
N TYR S 16 -21.53 11.57 16.63
CA TYR S 16 -21.00 10.77 17.76
C TYR S 16 -19.57 11.21 18.07
N LEU S 17 -18.78 11.48 17.03
CA LEU S 17 -17.38 11.93 17.24
C LEU S 17 -17.38 13.20 18.08
N THR S 18 -18.22 14.18 17.70
CA THR S 18 -18.22 15.48 18.43
C THR S 18 -18.58 15.19 19.88
N GLY S 19 -19.63 14.39 20.10
CA GLY S 19 -20.00 14.04 21.48
C GLY S 19 -18.81 13.47 22.24
N ALA S 20 -18.13 12.49 21.65
CA ALA S 20 -16.99 11.86 22.36
C ALA S 20 -15.90 12.89 22.63
N THR S 21 -15.56 13.70 21.63
CA THR S 21 -14.47 14.69 21.81
C THR S 21 -14.81 15.59 23.00
N ASN S 22 -16.07 16.01 23.11
CA ASN S 22 -16.48 16.90 24.22
C ASN S 22 -16.21 16.19 25.55
N ALA S 23 -16.62 14.93 25.66
CA ALA S 23 -16.46 14.21 26.95
C ALA S 23 -14.96 14.12 27.26
N GLN S 24 -14.16 13.80 26.24
CA GLN S 24 -12.70 13.70 26.45
C GLN S 24 -12.23 15.03 27.03
N GLN S 25 -12.60 16.14 26.36
CA GLN S 25 -12.18 17.47 26.83
C GLN S 25 -12.65 17.65 28.27
N THR S 26 -13.91 17.29 28.54
CA THR S 26 -14.48 17.52 29.88
C THR S 26 -13.67 16.76 30.93
N SER S 27 -13.43 15.46 30.69
CA SER S 27 -12.72 14.64 31.69
C SER S 27 -11.28 15.11 31.80
N MET S 28 -10.67 15.46 30.68
CA MET S 28 -9.27 15.95 30.70
C MET S 28 -9.22 17.14 31.68
N GLU S 29 -10.17 18.06 31.56
CA GLU S 29 -10.22 19.19 32.51
C GLU S 29 -10.32 18.63 33.92
N ARG S 30 -11.30 17.76 34.16
CA ARG S 30 -11.51 17.19 35.51
C ARG S 30 -10.18 16.71 36.07
N LEU S 31 -9.45 15.90 35.29
CA LEU S 31 -8.18 15.29 35.78
C LEU S 31 -7.16 16.39 36.08
N SER S 32 -7.01 17.35 35.17
CA SER S 32 -5.99 18.42 35.35
C SER S 32 -6.31 19.24 36.60
N SER S 33 -7.55 19.71 36.72
CA SER S 33 -7.94 20.57 37.86
C SER S 33 -7.94 19.74 39.16
N GLY S 34 -8.39 18.49 39.07
CA GLY S 34 -8.50 17.65 40.27
C GLY S 34 -9.85 17.83 40.93
N PHE S 35 -10.70 18.66 40.34
CA PHE S 35 -12.04 18.92 40.92
C PHE S 35 -13.12 18.43 39.94
N LYS S 36 -14.11 17.72 40.46
CA LYS S 36 -15.24 17.25 39.61
C LYS S 36 -16.08 18.45 39.21
N ILE S 37 -16.56 19.20 40.21
CA ILE S 37 -17.42 20.39 39.93
C ILE S 37 -16.50 21.56 39.53
N ASN S 38 -16.14 21.64 38.26
CA ASN S 38 -15.27 22.74 37.78
C ASN S 38 -16.13 23.96 37.45
N SER S 39 -17.13 23.78 36.58
CA SER S 39 -18.02 24.91 36.20
C SER S 39 -19.44 24.62 36.70
N ALA S 40 -20.22 25.66 36.97
CA ALA S 40 -21.58 25.48 37.54
C ALA S 40 -22.38 24.54 36.64
N LYS S 41 -21.98 24.41 35.37
CA LYS S 41 -22.73 23.56 34.41
C LYS S 41 -22.94 22.16 34.99
N ASP S 42 -22.07 21.71 35.90
CA ASP S 42 -22.31 20.39 36.54
C ASP S 42 -22.66 20.58 38.03
N ASP S 43 -23.54 19.72 38.55
CA ASP S 43 -23.90 19.76 39.99
C ASP S 43 -23.98 21.21 40.49
N ALA S 44 -24.85 22.02 39.88
CA ALA S 44 -25.03 23.40 40.39
C ALA S 44 -25.23 23.33 41.90
N ALA S 45 -26.10 22.42 42.35
CA ALA S 45 -26.31 22.25 43.80
C ALA S 45 -24.97 22.09 44.49
N GLY S 46 -24.15 21.15 44.00
CA GLY S 46 -22.85 20.90 44.62
C GLY S 46 -22.02 22.18 44.64
N LEU S 47 -21.96 22.88 43.51
CA LEU S 47 -21.18 24.14 43.46
C LEU S 47 -21.52 24.95 44.71
N GLN S 48 -22.80 25.22 44.92
CA GLN S 48 -23.23 26.03 46.09
C GLN S 48 -22.74 25.35 47.37
N ILE S 49 -23.13 24.09 47.58
CA ILE S 49 -22.78 23.42 48.88
C ILE S 49 -21.27 23.44 49.03
N SER S 50 -20.55 23.06 47.97
CA SER S 50 -19.07 22.99 48.05
C SER S 50 -18.51 24.36 48.41
N ASN S 51 -18.93 25.41 47.68
CA ASN S 51 -18.48 26.77 48.03
C ASN S 51 -18.76 27.02 49.52
N ARG S 52 -19.98 26.74 49.97
CA ARG S 52 -20.36 27.04 51.38
C ARG S 52 -19.45 26.23 52.31
N LEU S 53 -19.25 24.94 52.01
CA LEU S 53 -18.37 24.09 52.83
C LEU S 53 -16.95 24.65 52.80
N ASN S 54 -16.48 25.03 51.62
CA ASN S 54 -15.11 25.59 51.49
C ASN S 54 -15.02 26.86 52.33
N VAL S 55 -16.02 27.73 52.20
CA VAL S 55 -16.02 29.00 52.97
C VAL S 55 -15.83 28.63 54.45
N GLN S 56 -16.59 27.64 54.93
CA GLN S 56 -16.49 27.25 56.35
C GLN S 56 -15.04 26.85 56.64
N SER S 57 -14.44 26.00 55.81
CA SER S 57 -13.07 25.51 56.12
C SER S 57 -12.11 26.70 56.23
N ARG S 58 -12.12 27.57 55.22
CA ARG S 58 -11.20 28.73 55.22
C ARG S 58 -11.44 29.53 56.51
N GLY S 59 -12.71 29.78 56.81
CA GLY S 59 -13.06 30.51 58.04
C GLY S 59 -12.60 29.75 59.27
N LEU S 60 -12.75 28.41 59.26
CA LEU S 60 -12.37 27.60 60.45
C LEU S 60 -10.87 27.75 60.69
N ASP S 61 -10.08 27.77 59.63
CA ASP S 61 -8.62 27.97 59.80
C ASP S 61 -8.41 29.31 60.50
N VAL S 62 -9.06 30.36 60.02
CA VAL S 62 -8.94 31.69 60.68
C VAL S 62 -9.39 31.53 62.13
N ALA S 63 -10.52 30.84 62.34
CA ALA S 63 -11.05 30.71 63.72
C ALA S 63 -9.93 30.16 64.61
N VAL S 64 -9.34 29.03 64.21
CA VAL S 64 -8.22 28.45 65.00
C VAL S 64 -7.23 29.57 65.28
N ARG S 65 -6.71 30.20 64.23
CA ARG S 65 -5.71 31.29 64.42
C ARG S 65 -6.24 32.25 65.48
N ASN S 66 -7.49 32.71 65.32
CA ASN S 66 -8.02 33.73 66.26
C ASN S 66 -7.92 33.17 67.68
N ALA S 67 -8.33 31.92 67.88
CA ALA S 67 -8.25 31.31 69.23
C ALA S 67 -6.78 31.31 69.67
N ASN S 68 -5.88 30.88 68.79
CA ASN S 68 -4.45 30.82 69.16
C ASN S 68 -4.00 32.19 69.66
N ASP S 69 -4.45 33.25 68.96
CA ASP S 69 -4.08 34.62 69.40
C ASP S 69 -4.57 34.80 70.84
N GLY S 70 -5.84 34.46 71.08
CA GLY S 70 -6.41 34.66 72.42
C GLY S 70 -5.50 34.05 73.48
N ILE S 71 -5.23 32.75 73.37
CA ILE S 71 -4.44 32.09 74.45
C ILE S 71 -3.06 32.78 74.53
N SER S 72 -2.47 33.16 73.38
CA SER S 72 -1.20 33.89 73.48
C SER S 72 -1.39 35.09 74.41
N ILE S 73 -2.42 35.90 74.15
CA ILE S 73 -2.66 37.11 74.99
C ILE S 73 -2.87 36.66 76.44
N ALA S 74 -3.73 35.66 76.64
CA ALA S 74 -4.04 35.22 78.01
C ALA S 74 -2.75 34.79 78.70
N GLN S 75 -2.00 33.87 78.08
CA GLN S 75 -0.79 33.32 78.75
C GLN S 75 0.11 34.50 79.14
N THR S 76 0.41 35.38 78.17
CA THR S 76 1.34 36.49 78.47
C THR S 76 0.81 37.25 79.68
N ALA S 77 -0.47 37.62 79.64
CA ALA S 77 -1.06 38.40 80.74
C ALA S 77 -0.92 37.61 82.05
N GLU S 78 -1.42 36.38 82.06
CA GLU S 78 -1.39 35.58 83.31
C GLU S 78 0.05 35.47 83.82
N GLY S 79 1.01 35.27 82.90
CA GLY S 79 2.41 35.05 83.34
C GLY S 79 2.92 36.23 84.16
N ALA S 80 2.68 37.44 83.68
CA ALA S 80 3.10 38.63 84.45
C ALA S 80 2.47 38.55 85.84
N MET S 81 1.17 38.25 85.89
CA MET S 81 0.46 38.21 87.19
C MET S 81 1.14 37.19 88.11
N ASN S 82 1.74 36.14 87.53
CA ASN S 82 2.46 35.15 88.35
C ASN S 82 3.58 35.84 89.12
N GLU S 83 4.34 36.70 88.42
CA GLU S 83 5.48 37.39 89.08
C GLU S 83 4.92 38.35 90.14
N THR S 84 3.78 38.98 89.86
CA THR S 84 3.16 39.85 90.90
C THR S 84 2.93 39.01 92.16
N THR S 85 2.40 37.80 91.99
CA THR S 85 2.16 36.89 93.15
C THR S 85 3.47 36.77 93.92
N ASN S 86 4.59 36.55 93.22
CA ASN S 86 5.89 36.39 93.89
C ASN S 86 6.23 37.67 94.66
N ILE S 87 6.06 38.83 94.01
CA ILE S 87 6.36 40.12 94.67
C ILE S 87 5.47 40.24 95.90
N LEU S 88 4.17 40.00 95.74
CA LEU S 88 3.24 40.16 96.88
C LEU S 88 3.69 39.25 98.03
N GLN S 89 4.05 38.01 97.74
CA GLN S 89 4.43 37.06 98.81
C GLN S 89 5.62 37.64 99.56
N ARG S 90 6.59 38.17 98.83
CA ARG S 90 7.76 38.83 99.47
C ARG S 90 7.24 39.98 100.34
N MET S 91 6.38 40.82 99.77
CA MET S 91 5.79 41.94 100.55
C MET S 91 5.21 41.36 101.85
N ARG S 92 4.27 40.43 101.73
CA ARG S 92 3.69 39.77 102.93
C ARG S 92 4.80 39.50 103.93
N ASP S 93 5.83 38.77 103.53
CA ASP S 93 6.89 38.39 104.50
C ASP S 93 7.47 39.67 105.11
N LEU S 94 7.84 40.63 104.26
CA LEU S 94 8.46 41.88 104.74
C LEU S 94 7.50 42.54 105.74
N SER S 95 6.21 42.58 105.39
CA SER S 95 5.24 43.28 106.26
C SER S 95 5.23 42.63 107.65
N LEU S 96 5.06 41.31 107.71
CA LEU S 96 4.99 40.62 109.01
C LEU S 96 6.39 40.67 109.65
N GLN S 97 7.44 40.68 108.83
CA GLN S 97 8.82 40.80 109.38
C GLN S 97 8.92 42.11 110.14
N SER S 98 8.35 43.19 109.60
CA SER S 98 8.45 44.52 110.25
C SER S 98 7.27 44.74 111.19
N ALA S 99 6.60 43.66 111.60
CA ALA S 99 5.44 43.76 112.50
C ALA S 99 5.85 43.40 113.93
N ASN S 100 7.16 43.35 114.19
CA ASN S 100 7.65 42.94 115.54
C ASN S 100 8.38 44.11 116.20
N GLY S 101 8.05 44.40 117.45
CA GLY S 101 8.68 45.52 118.19
C GLY S 101 10.19 45.51 118.03
N SER S 102 10.80 44.32 118.12
CA SER S 102 12.28 44.21 117.99
C SER S 102 12.75 45.03 116.80
N ASN S 103 11.95 45.06 115.72
CA ASN S 103 12.29 45.92 114.56
C ASN S 103 12.18 47.38 114.99
N SER S 104 13.32 48.06 115.15
CA SER S 104 13.29 49.51 115.53
C SER S 104 12.81 50.34 114.34
N LYS S 105 12.50 51.61 114.57
CA LYS S 105 11.96 52.46 113.48
C LYS S 105 12.90 52.38 112.26
N SER S 106 14.21 52.40 112.51
CA SER S 106 15.17 52.26 111.39
C SER S 106 14.81 51.02 110.58
N GLU S 107 14.61 49.88 111.25
CA GLU S 107 14.19 48.64 110.54
C GLU S 107 12.88 48.91 109.81
N ARG S 108 11.90 49.47 110.53
CA ARG S 108 10.58 49.74 109.91
C ARG S 108 10.81 50.55 108.63
N VAL S 109 11.58 51.64 108.73
CA VAL S 109 11.84 52.50 107.55
C VAL S 109 12.52 51.68 106.46
N ALA S 110 13.53 50.90 106.84
CA ALA S 110 14.28 50.10 105.84
C ALA S 110 13.32 49.16 105.13
N ILE S 111 12.48 48.46 105.89
CA ILE S 111 11.47 47.55 105.27
C ILE S 111 10.55 48.41 104.40
N GLN S 112 10.04 49.51 104.96
CA GLN S 112 9.14 50.41 104.19
C GLN S 112 9.81 50.71 102.85
N GLU S 113 11.12 50.98 102.88
CA GLU S 113 11.84 51.26 101.61
C GLU S 113 11.58 50.12 100.63
N GLU S 114 11.77 48.87 101.07
CA GLU S 114 11.60 47.74 100.14
C GLU S 114 10.13 47.71 99.70
N ILE S 115 9.21 47.79 100.65
CA ILE S 115 7.76 47.83 100.30
C ILE S 115 7.59 48.85 99.17
N THR S 116 8.07 50.07 99.40
CA THR S 116 7.95 51.14 98.37
C THR S 116 8.57 50.63 97.07
N ALA S 117 9.76 50.05 97.14
CA ALA S 117 10.45 49.63 95.91
C ALA S 117 9.56 48.64 95.17
N LEU S 118 9.17 47.56 95.86
CA LEU S 118 8.32 46.54 95.20
C LEU S 118 7.06 47.22 94.66
N ASN S 119 6.47 48.12 95.44
CA ASN S 119 5.21 48.79 95.02
C ASN S 119 5.41 49.35 93.62
N ASP S 120 6.50 50.09 93.42
CA ASP S 120 6.73 50.72 92.10
C ASP S 120 6.85 49.62 91.04
N GLU S 121 7.55 48.53 91.36
CA GLU S 121 7.74 47.44 90.37
C GLU S 121 6.39 46.84 90.00
N LEU S 122 5.52 46.63 90.99
CA LEU S 122 4.16 46.09 90.71
C LEU S 122 3.47 47.04 89.72
N ASN S 123 3.52 48.33 90.02
CA ASN S 123 2.90 49.33 89.12
C ASN S 123 3.55 49.18 87.74
N ARG S 124 4.87 48.97 87.71
CA ARG S 124 5.58 48.84 86.42
C ARG S 124 5.02 47.66 85.64
N ILE S 125 4.98 46.47 86.24
CA ILE S 125 4.54 45.27 85.49
C ILE S 125 3.16 45.57 84.89
N ALA S 126 2.33 46.31 85.62
CA ALA S 126 0.96 46.61 85.14
C ALA S 126 1.02 47.61 83.99
N GLU S 127 1.93 48.57 84.05
CA GLU S 127 1.97 49.64 83.02
C GLU S 127 3.06 49.34 81.99
N THR S 128 3.56 48.11 81.95
CA THR S 128 4.57 47.75 80.91
C THR S 128 4.09 46.53 80.13
N THR S 129 3.55 45.52 80.81
CA THR S 129 3.14 44.27 80.11
C THR S 129 2.30 44.66 78.89
N SER S 130 2.77 44.30 77.69
CA SER S 130 2.03 44.65 76.45
C SER S 130 2.13 43.51 75.43
N PHE S 131 1.01 43.13 74.83
CA PHE S 131 1.02 42.09 73.77
C PHE S 131 1.29 42.76 72.42
N GLY S 132 2.55 43.15 72.19
CA GLY S 132 2.91 43.82 70.92
C GLY S 132 2.57 45.29 70.97
N GLY S 133 2.07 45.77 72.10
CA GLY S 133 1.67 47.18 72.22
C GLY S 133 0.34 47.34 72.93
N ASN S 134 -0.65 46.49 72.60
CA ASN S 134 -1.94 46.55 73.33
C ASN S 134 -1.65 46.27 74.80
N LYS S 135 -1.72 47.30 75.66
CA LYS S 135 -1.34 47.11 77.08
C LYS S 135 -2.32 46.10 77.69
N LEU S 136 -1.86 45.29 78.63
CA LEU S 136 -2.74 44.21 79.15
C LEU S 136 -3.15 44.46 80.61
N LEU S 137 -2.22 44.84 81.47
CA LEU S 137 -2.57 44.95 82.92
C LEU S 137 -2.69 46.41 83.39
N ASN S 138 -2.75 47.39 82.48
CA ASN S 138 -2.99 48.78 82.93
C ASN S 138 -4.49 49.04 82.97
N GLY S 139 -5.28 48.09 82.45
CA GLY S 139 -6.76 48.23 82.48
C GLY S 139 -7.30 48.71 81.15
N THR S 140 -6.46 49.37 80.34
CA THR S 140 -6.94 49.92 79.06
C THR S 140 -7.55 48.78 78.25
N PHE S 141 -6.90 47.62 78.25
CA PHE S 141 -7.50 46.44 77.59
C PHE S 141 -8.73 46.04 78.40
N SER S 142 -9.92 46.38 77.91
CA SER S 142 -11.17 45.98 78.62
C SER S 142 -11.76 44.77 77.91
N THR S 143 -13.02 44.45 78.20
CA THR S 143 -13.62 43.23 77.62
C THR S 143 -13.38 43.25 76.11
N LYS S 144 -12.62 42.28 75.60
CA LYS S 144 -12.40 42.16 74.13
C LYS S 144 -12.88 40.78 73.70
N SER S 145 -13.56 40.68 72.56
CA SER S 145 -14.12 39.38 72.12
C SER S 145 -13.22 38.74 71.07
N PHE S 146 -13.04 37.43 71.15
CA PHE S 146 -12.22 36.73 70.12
C PHE S 146 -13.13 35.85 69.26
N GLN S 147 -13.41 36.29 68.03
CA GLN S 147 -14.29 35.51 67.13
C GLN S 147 -13.65 34.14 66.91
N ILE S 148 -14.32 33.08 67.33
CA ILE S 148 -13.73 31.72 67.22
C ILE S 148 -14.72 30.83 66.45
N GLY S 149 -15.27 31.34 65.36
CA GLY S 149 -16.21 30.53 64.54
C GLY S 149 -16.16 30.95 63.08
N ALA S 150 -16.56 30.06 62.18
CA ALA S 150 -16.52 30.35 60.72
C ALA S 150 -17.63 31.34 60.38
N ASP S 151 -18.75 31.27 61.09
CA ASP S 151 -19.87 32.22 60.86
C ASP S 151 -19.60 33.52 61.61
N ASN S 152 -20.52 34.47 61.57
CA ASN S 152 -20.36 35.69 62.40
C ASN S 152 -20.95 35.38 63.77
N GLY S 153 -21.01 36.38 64.65
CA GLY S 153 -21.67 36.18 65.95
C GLY S 153 -21.24 34.89 66.62
N GLU S 154 -19.94 34.70 66.81
CA GLU S 154 -19.44 33.50 67.53
C GLU S 154 -18.18 33.91 68.25
N ALA S 155 -18.30 34.51 69.43
CA ALA S 155 -17.10 35.03 70.12
C ALA S 155 -17.14 34.77 71.62
N VAL S 156 -16.03 35.05 72.31
CA VAL S 156 -15.99 34.87 73.79
C VAL S 156 -15.37 36.15 74.36
N MET S 157 -16.10 36.84 75.25
CA MET S 157 -15.60 38.12 75.80
C MET S 157 -14.51 37.84 76.82
N LEU S 158 -13.32 38.40 76.62
CA LEU S 158 -12.24 38.24 77.62
C LEU S 158 -12.04 39.57 78.35
N THR S 159 -12.31 39.60 79.66
CA THR S 159 -12.04 40.84 80.43
C THR S 159 -10.71 40.68 81.17
N LEU S 160 -9.90 41.75 81.18
CA LEU S 160 -8.61 41.71 81.93
C LEU S 160 -8.70 42.74 83.06
N LYS S 161 -8.05 42.48 84.19
CA LYS S 161 -8.20 43.40 85.34
C LYS S 161 -6.92 44.21 85.54
N ASP S 162 -7.07 45.52 85.80
CA ASP S 162 -5.88 46.37 86.09
C ASP S 162 -5.18 45.81 87.33
N MET S 163 -3.84 45.80 87.31
CA MET S 163 -3.08 45.22 88.44
C MET S 163 -2.23 46.33 89.08
N ARG S 164 -2.64 47.60 88.90
CA ARG S 164 -1.90 48.73 89.51
C ARG S 164 -2.03 48.67 91.03
N SER S 165 -0.91 48.76 91.76
CA SER S 165 -0.93 48.60 93.23
C SER S 165 -2.02 49.45 93.89
N ASP S 166 -2.51 50.49 93.20
CA ASP S 166 -3.50 51.40 93.82
C ASP S 166 -4.90 51.01 93.36
N ASN S 167 -5.06 49.79 92.83
CA ASN S 167 -6.39 49.32 92.35
C ASN S 167 -7.35 49.21 93.53
N ARG S 168 -8.58 49.67 93.37
CA ARG S 168 -9.57 49.66 94.48
C ARG S 168 -9.80 48.23 94.96
N MET S 169 -9.74 47.25 94.06
CA MET S 169 -10.05 45.85 94.45
C MET S 169 -8.92 45.29 95.30
N MET S 170 -7.69 45.76 95.09
CA MET S 170 -6.52 45.18 95.81
C MET S 170 -6.67 45.40 97.32
N GLY S 171 -7.12 46.58 97.75
CA GLY S 171 -7.23 46.87 99.19
C GLY S 171 -8.66 47.14 99.62
N GLY S 172 -8.94 47.06 100.93
CA GLY S 172 -10.31 47.25 101.43
C GLY S 172 -10.40 48.32 102.49
N THR S 173 -11.21 48.10 103.53
CA THR S 173 -11.41 49.14 104.57
C THR S 173 -10.96 48.62 105.93
N SER S 174 -10.01 49.29 106.56
CA SER S 174 -9.53 48.88 107.92
C SER S 174 -10.21 49.75 108.97
N TYR S 175 -11.18 49.19 109.71
CA TYR S 175 -11.92 49.97 110.73
C TYR S 175 -11.12 50.00 112.02
N VAL S 176 -9.87 50.47 111.96
CA VAL S 176 -9.03 50.60 113.19
C VAL S 176 -9.87 51.35 114.24
N ALA S 177 -9.78 50.94 115.50
CA ALA S 177 -10.61 51.57 116.57
C ALA S 177 -10.05 52.95 116.91
N ALA S 178 -10.76 53.71 117.73
CA ALA S 178 -10.32 55.08 118.08
C ALA S 178 -9.34 55.06 119.26
N GLU S 179 -9.65 54.31 120.32
CA GLU S 179 -8.79 54.32 121.54
C GLU S 179 -8.13 52.95 121.73
N GLY S 180 -6.92 52.93 122.28
CA GLY S 180 -6.24 51.65 122.55
C GLY S 180 -6.50 51.17 123.97
N LYS S 181 -7.00 49.94 124.12
CA LYS S 181 -7.32 49.40 125.46
C LYS S 181 -6.02 49.30 126.28
N ASP S 182 -6.13 49.42 127.61
CA ASP S 182 -4.92 49.41 128.47
C ASP S 182 -4.27 48.03 128.42
N LYS S 183 -2.96 47.97 128.70
CA LYS S 183 -2.23 46.68 128.65
C LYS S 183 -2.89 45.70 129.64
N ASP S 184 -3.54 46.23 130.68
CA ASP S 184 -4.16 45.36 131.71
C ASP S 184 -5.62 45.09 131.34
N TRP S 185 -6.16 45.83 130.38
CA TRP S 185 -7.60 45.66 130.01
C TRP S 185 -7.89 44.18 129.77
N LYS S 186 -8.91 43.65 130.44
CA LYS S 186 -9.32 42.24 130.20
C LYS S 186 -10.81 42.22 129.88
N VAL S 187 -11.31 41.14 129.30
CA VAL S 187 -12.75 41.10 128.88
C VAL S 187 -13.64 41.31 130.11
N GLN S 188 -14.60 42.22 130.00
CA GLN S 188 -15.52 42.51 131.15
C GLN S 188 -16.87 41.82 130.87
N ALA S 189 -17.41 41.13 131.88
CA ALA S 189 -18.72 40.46 131.72
C ALA S 189 -19.78 41.52 131.40
N GLY S 190 -20.72 41.19 130.51
CA GLY S 190 -21.77 42.16 130.13
C GLY S 190 -21.44 42.79 128.80
N ALA S 191 -20.15 42.95 128.50
CA ALA S 191 -19.72 43.53 127.21
C ALA S 191 -18.62 42.65 126.62
N ASN S 192 -18.96 41.44 126.18
CA ASN S 192 -17.96 40.54 125.54
C ASN S 192 -18.39 40.27 124.10
N ASP S 193 -19.58 40.75 123.72
CA ASP S 193 -20.11 40.46 122.36
C ASP S 193 -19.75 41.60 121.40
N ILE S 194 -19.46 41.27 120.13
CA ILE S 194 -19.21 42.34 119.11
C ILE S 194 -19.99 41.97 117.85
N THR S 195 -20.91 42.83 117.41
CA THR S 195 -21.72 42.57 116.21
C THR S 195 -21.06 43.22 115.00
N PHE S 196 -20.29 42.46 114.22
CA PHE S 196 -19.68 43.01 112.98
C PHE S 196 -20.72 42.95 111.87
N THR S 197 -21.61 43.94 111.81
CA THR S 197 -22.69 43.91 110.79
C THR S 197 -22.09 44.33 109.44
N LEU S 198 -22.19 43.47 108.43
CA LEU S 198 -21.59 43.78 107.10
C LEU S 198 -22.39 43.07 106.00
N LYS S 199 -21.99 43.25 104.74
CA LYS S 199 -22.72 42.61 103.60
C LYS S 199 -21.72 41.83 102.75
N ASP S 200 -22.06 40.58 102.41
CA ASP S 200 -21.11 39.72 101.65
C ASP S 200 -20.97 40.27 100.23
N ILE S 201 -19.86 39.96 99.55
CA ILE S 201 -19.63 40.45 98.16
C ILE S 201 -20.93 40.28 97.37
N ASP S 202 -21.52 39.10 97.40
CA ASP S 202 -22.74 38.82 96.59
C ASP S 202 -23.83 39.84 96.92
N GLY S 203 -23.73 40.50 98.08
CA GLY S 203 -24.79 41.45 98.49
C GLY S 203 -25.58 40.86 99.65
N ASN S 204 -25.04 39.82 100.28
CA ASN S 204 -25.79 39.13 101.37
C ASN S 204 -25.47 39.80 102.71
N ASP S 205 -26.31 40.74 103.16
CA ASP S 205 -26.11 41.34 104.50
C ASP S 205 -25.75 40.22 105.48
N GLN S 206 -24.63 40.36 106.19
CA GLN S 206 -24.18 39.31 107.13
C GLN S 206 -23.89 39.92 108.50
N THR S 207 -24.56 39.45 109.54
CA THR S 207 -24.32 39.97 110.92
C THR S 207 -23.43 38.97 111.67
N ILE S 208 -22.26 39.43 112.12
CA ILE S 208 -21.33 38.54 112.88
C ILE S 208 -21.23 39.05 114.32
N THR S 209 -21.90 38.40 115.26
CA THR S 209 -21.79 38.80 116.69
C THR S 209 -20.90 37.78 117.41
N VAL S 210 -19.82 38.24 118.04
CA VAL S 210 -18.86 37.29 118.65
C VAL S 210 -18.81 37.52 120.17
N ASN S 211 -19.10 36.48 120.96
CA ASN S 211 -18.99 36.61 122.44
C ASN S 211 -17.55 36.29 122.85
N ALA S 212 -16.77 37.31 123.21
CA ALA S 212 -15.34 37.11 123.57
C ALA S 212 -15.24 36.41 124.92
N LYS S 213 -14.07 35.85 125.23
CA LYS S 213 -13.89 35.10 126.50
C LYS S 213 -13.26 36.02 127.56
N GLU S 214 -13.82 36.03 128.77
CA GLU S 214 -13.26 36.87 129.86
C GLU S 214 -11.85 36.36 130.21
N GLY S 215 -10.99 37.25 130.71
CA GLY S 215 -9.60 36.87 131.01
C GLY S 215 -8.71 37.05 129.80
N ASP S 216 -9.27 37.64 128.73
CA ASP S 216 -8.49 37.86 127.48
C ASP S 216 -8.19 39.35 127.31
N ASP S 217 -6.99 39.68 126.82
CA ASP S 217 -6.66 41.10 126.55
C ASP S 217 -7.08 41.42 125.10
N ILE S 218 -6.91 42.68 124.68
CA ILE S 218 -7.38 43.09 123.33
C ILE S 218 -6.79 42.14 122.28
N GLU S 219 -5.49 41.84 122.38
CA GLU S 219 -4.84 41.00 121.34
C GLU S 219 -5.53 39.63 121.30
N GLU S 220 -5.71 39.00 122.47
CA GLU S 220 -6.32 37.66 122.50
C GLU S 220 -7.69 37.76 121.83
N VAL S 221 -8.42 38.84 122.11
CA VAL S 221 -9.78 39.02 121.52
C VAL S 221 -9.64 39.03 120.00
N ALA S 222 -8.75 39.88 119.48
CA ALA S 222 -8.55 39.94 118.01
C ALA S 222 -8.35 38.51 117.51
N THR S 223 -7.43 37.78 118.15
CA THR S 223 -7.17 36.38 117.73
C THR S 223 -8.50 35.62 117.74
N TYR S 224 -9.27 35.78 118.82
CA TYR S 224 -10.55 35.03 118.92
C TYR S 224 -11.44 35.41 117.74
N ILE S 225 -11.59 36.70 117.50
CA ILE S 225 -12.39 37.18 116.34
C ILE S 225 -11.85 36.50 115.08
N ASN S 226 -10.54 36.63 114.84
CA ASN S 226 -9.93 36.02 113.64
C ASN S 226 -10.36 34.56 113.56
N GLY S 227 -10.17 33.81 114.65
CA GLY S 227 -10.58 32.39 114.66
C GLY S 227 -12.07 32.26 114.42
N GLN S 228 -12.85 33.20 114.94
CA GLN S 228 -14.33 33.13 114.80
C GLN S 228 -14.70 33.24 113.32
N THR S 229 -14.11 34.20 112.61
CA THR S 229 -14.51 34.40 111.19
C THR S 229 -13.37 35.02 110.39
N ASP S 230 -13.29 34.72 109.10
CA ASP S 230 -12.25 35.33 108.21
C ASP S 230 -12.89 36.44 107.38
N MET S 231 -14.22 36.55 107.44
CA MET S 231 -14.93 37.56 106.61
C MET S 231 -14.27 38.91 106.85
N VAL S 232 -13.82 39.16 108.09
CA VAL S 232 -13.12 40.43 108.42
C VAL S 232 -11.89 40.10 109.27
N LYS S 233 -10.77 40.79 109.01
CA LYS S 233 -9.50 40.46 109.73
C LYS S 233 -9.25 41.53 110.80
N ALA S 234 -9.33 41.14 112.07
CA ALA S 234 -9.10 42.10 113.18
C ALA S 234 -7.62 42.04 113.61
N SER S 235 -7.05 43.18 114.00
CA SER S 235 -5.65 43.21 114.49
C SER S 235 -5.53 44.17 115.66
N VAL S 236 -4.34 44.30 116.24
CA VAL S 236 -4.13 45.27 117.36
C VAL S 236 -2.87 46.09 117.05
N ASN S 237 -2.98 47.42 117.08
CA ASN S 237 -1.79 48.29 116.87
C ASN S 237 -1.09 48.51 118.21
N GLU S 238 0.09 49.13 118.20
CA GLU S 238 0.80 49.44 119.47
C GLU S 238 -0.13 50.28 120.35
N LYS S 239 -0.97 51.10 119.72
CA LYS S 239 -1.96 51.88 120.51
C LYS S 239 -2.86 50.90 121.25
N GLY S 240 -3.25 49.80 120.59
CA GLY S 240 -4.18 48.84 121.21
C GLY S 240 -5.53 48.91 120.50
N GLN S 241 -5.70 49.90 119.63
CA GLN S 241 -6.96 50.08 118.88
C GLN S 241 -7.18 48.84 118.01
N LEU S 242 -8.42 48.34 117.94
CA LEU S 242 -8.68 47.10 117.16
C LEU S 242 -8.53 47.41 115.67
N GLN S 243 -7.45 46.92 115.06
CA GLN S 243 -7.23 47.14 113.60
C GLN S 243 -8.02 46.09 112.82
N ILE S 244 -9.35 46.17 112.88
CA ILE S 244 -10.19 45.20 112.11
C ILE S 244 -10.24 45.67 110.65
N PHE S 245 -9.71 44.86 109.73
CA PHE S 245 -9.67 45.24 108.29
C PHE S 245 -10.73 44.45 107.53
N ALA S 246 -11.30 45.05 106.48
CA ALA S 246 -12.30 44.35 105.66
C ALA S 246 -11.84 44.34 104.20
N GLY S 247 -11.33 43.20 103.73
CA GLY S 247 -10.88 43.09 102.33
C GLY S 247 -12.00 43.50 101.39
N ASN S 248 -11.74 44.48 100.52
CA ASN S 248 -12.77 44.94 99.55
C ASN S 248 -13.33 43.71 98.83
N ASN S 249 -12.50 42.70 98.58
CA ASN S 249 -12.94 41.52 97.81
C ASN S 249 -13.55 40.47 98.75
N LYS S 250 -13.99 40.88 99.94
CA LYS S 250 -14.68 39.92 100.83
C LYS S 250 -16.00 40.54 101.32
N VAL S 251 -16.01 41.86 101.52
CA VAL S 251 -17.23 42.54 102.05
C VAL S 251 -17.65 43.65 101.10
N THR S 252 -18.93 43.66 100.69
CA THR S 252 -19.45 44.76 99.84
C THR S 252 -20.35 45.67 100.68
N GLY S 253 -19.89 46.88 101.00
CA GLY S 253 -20.67 47.78 101.87
C GLY S 253 -19.94 48.04 103.17
N ASP S 254 -20.39 49.05 103.94
CA ASP S 254 -19.68 49.43 105.19
C ASP S 254 -19.93 48.37 106.26
N VAL S 255 -19.01 48.25 107.23
CA VAL S 255 -19.19 47.28 108.36
C VAL S 255 -19.71 48.05 109.57
N ALA S 256 -21.02 48.04 109.79
CA ALA S 256 -21.62 48.76 110.95
C ALA S 256 -21.26 48.00 112.23
N PHE S 257 -20.29 48.52 112.99
CA PHE S 257 -19.84 47.76 114.19
C PHE S 257 -20.85 47.92 115.34
N SER S 258 -21.20 46.81 115.98
CA SER S 258 -22.13 46.84 117.15
C SER S 258 -21.67 45.77 118.14
N GLY S 259 -22.49 45.46 119.14
CA GLY S 259 -22.09 44.48 120.17
C GLY S 259 -21.59 45.17 121.42
N GLY S 260 -21.71 44.52 122.58
CA GLY S 260 -21.33 45.16 123.85
C GLY S 260 -19.85 45.51 123.90
N LEU S 261 -18.99 44.55 123.60
CA LEU S 261 -17.53 44.80 123.69
C LEU S 261 -17.17 45.92 122.72
N ALA S 262 -17.80 45.94 121.54
CA ALA S 262 -17.55 47.03 120.56
C ALA S 262 -18.03 48.35 121.16
N GLY S 263 -19.17 48.33 121.87
CA GLY S 263 -19.62 49.56 122.53
C GLY S 263 -18.54 50.10 123.45
N ALA S 264 -17.86 49.20 124.17
CA ALA S 264 -16.76 49.62 125.07
C ALA S 264 -15.60 50.18 124.24
N LEU S 265 -15.36 49.63 123.04
CA LEU S 265 -14.20 50.06 122.23
C LEU S 265 -14.67 51.05 121.16
N ASN S 266 -14.41 52.34 121.36
CA ASN S 266 -14.78 53.37 120.36
C ASN S 266 -14.36 52.89 118.97
N MET S 267 -15.31 52.82 118.03
CA MET S 267 -14.99 52.32 116.65
C MET S 267 -14.70 53.52 115.74
N GLN S 268 -13.44 53.69 115.35
CA GLN S 268 -13.07 54.80 114.42
C GLN S 268 -13.47 54.39 113.00
N ALA S 269 -13.94 55.34 112.19
CA ALA S 269 -14.40 55.03 110.81
C ALA S 269 -13.33 54.22 110.08
N GLY S 270 -13.74 53.18 109.35
CA GLY S 270 -12.78 52.32 108.62
C GLY S 270 -11.98 53.11 107.60
N THR S 271 -10.74 52.69 107.33
CA THR S 271 -9.87 53.44 106.39
C THR S 271 -9.79 52.70 105.06
N ALA S 272 -10.08 53.39 103.96
CA ALA S 272 -10.01 52.76 102.61
C ALA S 272 -8.61 52.93 102.04
N GLU S 273 -7.93 51.84 101.69
CA GLU S 273 -6.53 51.96 101.23
C GLU S 273 -6.20 50.86 100.22
N THR S 274 -5.01 50.91 99.62
CA THR S 274 -4.57 49.85 98.67
C THR S 274 -3.13 49.47 99.02
N VAL S 275 -2.63 48.38 98.45
CA VAL S 275 -1.21 47.99 98.70
C VAL S 275 -0.33 49.22 98.49
N ASP S 276 -0.60 50.00 97.44
CA ASP S 276 0.26 51.17 97.13
C ASP S 276 0.42 52.02 98.38
N THR S 277 -0.62 52.12 99.20
CA THR S 277 -0.56 53.03 100.37
C THR S 277 -0.06 52.33 101.63
N ILE S 278 0.18 51.02 101.60
CA ILE S 278 0.56 50.33 102.86
C ILE S 278 1.82 50.98 103.43
N ASP S 279 1.89 51.10 104.76
CA ASP S 279 3.11 51.66 105.42
C ASP S 279 3.47 50.72 106.57
N VAL S 280 4.71 50.23 106.62
CA VAL S 280 5.08 49.25 107.68
C VAL S 280 5.94 49.94 108.74
N THR S 281 6.16 51.26 108.61
CA THR S 281 6.92 51.98 109.66
C THR S 281 6.18 51.84 110.99
N SER S 282 4.87 52.08 111.00
CA SER S 282 4.07 51.88 112.24
C SER S 282 3.81 50.38 112.40
N VAL S 283 4.27 49.80 113.50
CA VAL S 283 4.09 48.33 113.72
C VAL S 283 2.62 47.99 113.46
N GLY S 284 1.69 48.87 113.87
CA GLY S 284 0.27 48.63 113.59
C GLY S 284 0.04 48.50 112.09
N GLY S 285 0.62 49.41 111.31
CA GLY S 285 0.44 49.37 109.85
C GLY S 285 0.98 48.08 109.28
N ALA S 286 2.08 47.57 109.85
CA ALA S 286 2.66 46.30 109.38
C ALA S 286 1.58 45.21 109.45
N GLN S 287 0.91 45.10 110.61
CA GLN S 287 -0.19 44.11 110.72
C GLN S 287 -1.29 44.47 109.72
N GLN S 288 -1.66 45.75 109.68
CA GLN S 288 -2.75 46.18 108.75
C GLN S 288 -2.34 45.80 107.32
N SER S 289 -1.12 46.14 106.93
CA SER S 289 -0.68 45.87 105.54
C SER S 289 -0.86 44.38 105.22
N VAL S 290 -0.52 43.50 106.16
CA VAL S 290 -0.57 42.04 105.88
C VAL S 290 -1.94 41.74 105.26
N ALA S 291 -3.01 42.11 105.95
CA ALA S 291 -4.36 41.79 105.45
C ALA S 291 -4.59 42.48 104.10
N VAL S 292 -4.14 43.73 103.99
CA VAL S 292 -4.38 44.49 102.72
C VAL S 292 -3.78 43.69 101.56
N ILE S 293 -2.52 43.27 101.70
CA ILE S 293 -1.85 42.57 100.56
C ILE S 293 -2.52 41.21 100.37
N ASP S 294 -3.01 40.60 101.45
CA ASP S 294 -3.71 39.30 101.33
C ASP S 294 -4.93 39.49 100.42
N SER S 295 -5.66 40.59 100.63
CA SER S 295 -6.84 40.88 99.78
C SER S 295 -6.38 40.94 98.32
N ALA S 296 -5.29 41.66 98.06
CA ALA S 296 -4.76 41.74 96.68
C ALA S 296 -4.35 40.35 96.21
N LEU S 297 -3.53 39.65 97.01
CA LEU S 297 -3.13 38.27 96.65
C LEU S 297 -4.36 37.56 96.09
N LYS S 298 -5.49 37.66 96.80
CA LYS S 298 -6.73 36.98 96.36
C LYS S 298 -7.12 37.55 94.99
N TYR S 299 -7.12 38.87 94.86
CA TYR S 299 -7.53 39.52 93.59
C TYR S 299 -6.74 38.89 92.45
N VAL S 300 -5.41 38.81 92.60
CA VAL S 300 -4.56 38.25 91.51
C VAL S 300 -5.02 36.82 91.23
N ASP S 301 -5.07 35.98 92.26
CA ASP S 301 -5.44 34.56 92.05
C ASP S 301 -6.75 34.50 91.27
N SER S 302 -7.75 35.24 91.74
CA SER S 302 -9.08 35.20 91.09
C SER S 302 -8.92 35.45 89.59
N HIS S 303 -8.41 36.63 89.23
CA HIS S 303 -8.28 37.00 87.79
C HIS S 303 -7.52 35.89 87.06
N ARG S 304 -6.43 35.40 87.66
CA ARG S 304 -5.61 34.36 86.99
C ARG S 304 -6.49 33.14 86.72
N ALA S 305 -7.31 32.75 87.71
CA ALA S 305 -8.17 31.57 87.56
C ALA S 305 -9.11 31.79 86.37
N GLU S 306 -9.69 32.98 86.29
CA GLU S 306 -10.61 33.29 85.17
C GLU S 306 -9.86 33.09 83.85
N LEU S 307 -8.66 33.65 83.74
CA LEU S 307 -7.86 33.52 82.49
C LEU S 307 -7.62 32.04 82.21
N GLY S 308 -7.29 31.27 83.24
CA GLY S 308 -6.99 29.84 83.04
C GLY S 308 -8.17 29.13 82.41
N ALA S 309 -9.36 29.33 82.96
CA ALA S 309 -10.57 28.71 82.37
C ALA S 309 -10.70 29.19 80.92
N PHE S 310 -10.61 30.51 80.72
CA PHE S 310 -10.68 31.07 79.35
C PHE S 310 -9.73 30.28 78.46
N GLN S 311 -8.47 30.17 78.88
CA GLN S 311 -7.47 29.43 78.06
C GLN S 311 -7.99 28.01 77.82
N ASN S 312 -8.32 27.29 78.90
CA ASN S 312 -8.79 25.89 78.74
C ASN S 312 -9.97 25.89 77.78
N ARG S 313 -10.91 26.82 77.98
CA ARG S 313 -12.13 26.85 77.13
C ARG S 313 -11.69 26.96 75.68
N PHE S 314 -10.78 27.90 75.38
CA PHE S 314 -10.36 28.10 73.98
C PHE S 314 -9.76 26.80 73.45
N ASN S 315 -8.87 26.18 74.22
CA ASN S 315 -8.21 24.95 73.74
C ASN S 315 -9.28 23.93 73.38
N HIS S 316 -10.25 23.73 74.27
CA HIS S 316 -11.31 22.72 74.01
C HIS S 316 -11.99 23.08 72.69
N ALA S 317 -12.32 24.36 72.51
CA ALA S 317 -12.99 24.80 71.27
C ALA S 317 -12.09 24.49 70.07
N ILE S 318 -10.84 24.94 70.11
CA ILE S 318 -9.92 24.71 68.96
C ILE S 318 -10.10 23.27 68.50
N SER S 319 -9.95 22.33 69.43
CA SER S 319 -10.06 20.89 69.07
C SER S 319 -11.36 20.68 68.29
N ASN S 320 -12.48 21.16 68.85
CA ASN S 320 -13.79 20.94 68.19
C ASN S 320 -13.72 21.50 66.77
N LEU S 321 -13.22 22.73 66.63
CA LEU S 321 -13.18 23.37 65.29
C LEU S 321 -12.40 22.47 64.33
N ASP S 322 -11.18 22.07 64.72
CA ASP S 322 -10.35 21.25 63.81
C ASP S 322 -11.14 20.00 63.41
N ASN S 323 -11.66 19.28 64.39
CA ASN S 323 -12.42 18.04 64.09
C ASN S 323 -13.46 18.37 63.03
N ILE S 324 -14.21 19.46 63.23
CA ILE S 324 -15.24 19.87 62.24
C ILE S 324 -14.53 20.17 60.92
N ASN S 325 -13.40 20.86 60.98
CA ASN S 325 -12.66 21.24 59.74
C ASN S 325 -12.37 19.96 58.95
N GLU S 326 -11.91 18.92 59.65
CA GLU S 326 -11.57 17.64 58.97
C GLU S 326 -12.82 17.08 58.29
N ASN S 327 -13.91 16.93 59.03
CA ASN S 327 -15.13 16.30 58.45
C ASN S 327 -15.65 17.18 57.31
N VAL S 328 -15.60 18.50 57.48
CA VAL S 328 -16.09 19.43 56.41
C VAL S 328 -15.18 19.27 55.18
N ASN S 329 -13.87 19.24 55.40
CA ASN S 329 -12.93 19.05 54.26
C ASN S 329 -13.27 17.70 53.63
N ALA S 330 -13.53 16.69 54.45
CA ALA S 330 -13.91 15.37 53.91
C ALA S 330 -15.17 15.52 53.06
N SER S 331 -16.15 16.26 53.57
CA SER S 331 -17.43 16.39 52.84
C SER S 331 -17.20 17.04 51.48
N LYS S 332 -16.43 18.12 51.44
CA LYS S 332 -16.26 18.83 50.15
C LYS S 332 -15.61 17.85 49.16
N SER S 333 -14.73 16.98 49.67
CA SER S 333 -14.02 16.05 48.76
C SER S 333 -15.04 15.10 48.12
N ARG S 334 -15.98 14.59 48.91
CA ARG S 334 -16.97 13.62 48.38
C ARG S 334 -17.91 14.33 47.40
N ILE S 335 -17.79 15.65 47.31
CA ILE S 335 -18.71 16.44 46.43
C ILE S 335 -17.92 17.05 45.27
N LYS S 336 -16.78 17.69 45.56
CA LYS S 336 -16.02 18.43 44.52
C LYS S 336 -14.82 17.61 44.01
N ASP S 337 -14.11 16.93 44.89
CA ASP S 337 -12.87 16.21 44.47
C ASP S 337 -13.21 15.25 43.32
N THR S 338 -12.25 15.04 42.40
CA THR S 338 -12.48 14.11 41.28
C THR S 338 -12.02 12.70 41.66
N ASP S 339 -12.78 11.67 41.29
CA ASP S 339 -12.33 10.29 41.52
C ASP S 339 -11.40 9.94 40.36
N PHE S 340 -10.08 10.05 40.57
CA PHE S 340 -9.16 9.87 39.42
C PHE S 340 -9.45 8.52 38.73
N ALA S 341 -9.79 7.51 39.52
CA ALA S 341 -10.01 6.18 38.92
C ALA S 341 -11.14 6.26 37.89
N LYS S 342 -12.31 6.74 38.31
CA LYS S 342 -13.47 6.76 37.39
C LYS S 342 -13.16 7.69 36.21
N GLU S 343 -12.55 8.85 36.48
CA GLU S 343 -12.33 9.82 35.40
C GLU S 343 -11.36 9.23 34.36
N THR S 344 -10.25 8.65 34.83
CA THR S 344 -9.25 8.09 33.89
C THR S 344 -9.96 7.04 33.02
N THR S 345 -10.79 6.21 33.65
CA THR S 345 -11.55 5.18 32.88
C THR S 345 -12.33 5.88 31.78
N ALA S 346 -13.05 6.94 32.13
CA ALA S 346 -13.86 7.68 31.14
C ALA S 346 -12.94 8.26 30.06
N LEU S 347 -11.81 8.86 30.47
CA LEU S 347 -10.94 9.53 29.47
C LEU S 347 -10.57 8.50 28.40
N THR S 348 -10.15 7.30 28.84
CA THR S 348 -9.81 6.23 27.88
C THR S 348 -11.06 5.86 27.08
N LYS S 349 -12.18 5.65 27.78
CA LYS S 349 -13.41 5.21 27.08
C LYS S 349 -13.71 6.21 25.96
N SER S 350 -13.62 7.50 26.27
CA SER S 350 -13.93 8.53 25.26
C SER S 350 -12.93 8.43 24.12
N GLN S 351 -11.64 8.34 24.46
CA GLN S 351 -10.59 8.28 23.42
C GLN S 351 -10.93 7.12 22.48
N ILE S 352 -11.31 5.97 23.04
CA ILE S 352 -11.63 4.78 22.21
C ILE S 352 -12.80 5.12 21.28
N LEU S 353 -13.90 5.62 21.83
CA LEU S 353 -15.10 5.92 21.00
C LEU S 353 -14.72 6.96 19.94
N SER S 354 -13.79 7.86 20.29
CA SER S 354 -13.33 8.88 19.31
C SER S 354 -12.63 8.18 18.15
N GLN S 355 -11.73 7.25 18.47
CA GLN S 355 -11.01 6.50 17.42
C GLN S 355 -12.04 5.70 16.61
N ALA S 356 -13.04 5.16 17.30
CA ALA S 356 -14.08 4.37 16.62
C ALA S 356 -14.76 5.25 15.58
N SER S 357 -15.24 6.41 16.02
CA SER S 357 -15.94 7.34 15.11
C SER S 357 -15.00 7.73 13.97
N SER S 358 -13.74 8.01 14.28
CA SER S 358 -12.82 8.49 13.21
C SER S 358 -12.75 7.43 12.12
N SER S 359 -12.57 6.17 12.49
CA SER S 359 -12.42 5.09 11.49
C SER S 359 -13.73 4.93 10.70
N VAL S 360 -14.85 4.84 11.42
CA VAL S 360 -16.14 4.59 10.72
C VAL S 360 -16.42 5.79 9.79
N LEU S 361 -16.05 6.99 10.23
CA LEU S 361 -16.29 8.20 9.41
C LEU S 361 -15.51 8.05 8.10
N ALA S 362 -14.24 7.65 8.19
CA ALA S 362 -13.42 7.48 6.98
C ALA S 362 -14.06 6.43 6.09
N GLN S 363 -14.57 5.36 6.70
CA GLN S 363 -15.24 4.30 5.93
C GLN S 363 -16.40 4.93 5.16
N ALA S 364 -17.13 5.84 5.81
CA ALA S 364 -18.33 6.45 5.18
C ALA S 364 -17.92 7.49 4.13
N LYS S 365 -16.89 8.29 4.43
CA LYS S 365 -16.53 9.37 3.48
C LYS S 365 -16.24 8.74 2.11
N GLN S 366 -15.83 7.47 2.08
CA GLN S 366 -15.49 6.80 0.80
C GLN S 366 -16.74 6.15 0.18
N ALA S 367 -17.84 6.07 0.94
CA ALA S 367 -19.04 5.39 0.43
C ALA S 367 -19.51 5.99 -0.90
N PRO S 368 -19.65 7.32 -1.06
CA PRO S 368 -20.18 7.88 -2.30
C PRO S 368 -19.40 7.41 -3.53
N ASN S 369 -18.13 7.07 -3.36
CA ASN S 369 -17.27 6.65 -4.51
C ASN S 369 -17.98 5.52 -5.27
N ALA S 370 -18.81 4.74 -4.57
CA ALA S 370 -19.51 3.61 -5.21
C ALA S 370 -20.18 4.09 -6.50
N ALA S 371 -20.76 5.29 -6.47
CA ALA S 371 -21.47 5.82 -7.66
C ALA S 371 -20.50 5.83 -8.84
N LEU S 372 -19.32 6.42 -8.65
CA LEU S 372 -18.35 6.53 -9.77
C LEU S 372 -18.25 5.19 -10.50
N SER S 373 -18.33 4.08 -9.76
CA SER S 373 -18.16 2.75 -10.40
C SER S 373 -19.36 2.47 -11.30
N LEU S 374 -20.57 2.52 -10.74
CA LEU S 374 -21.79 2.19 -11.53
C LEU S 374 -21.99 3.30 -12.56
N LEU S 375 -21.28 4.42 -12.39
CA LEU S 375 -21.35 5.50 -13.40
C LEU S 375 -20.71 4.99 -14.69
N GLY S 376 -21.50 4.97 -15.78
CA GLY S 376 -20.96 4.53 -17.08
C GLY S 376 -19.77 5.36 -17.49
N ALA T 1 -48.37 0.98 -52.58
CA ALA T 1 -47.68 1.94 -51.69
C ALA T 1 -46.45 2.49 -52.42
N VAL T 2 -45.25 2.06 -52.03
CA VAL T 2 -43.98 2.55 -52.66
C VAL T 2 -44.12 4.04 -53.01
N ASN T 3 -44.68 4.83 -52.09
CA ASN T 3 -44.76 6.29 -52.32
C ASN T 3 -43.38 6.89 -52.09
N VAL T 4 -43.00 7.90 -52.87
CA VAL T 4 -41.63 8.48 -52.75
C VAL T 4 -41.71 9.79 -51.98
N ASN T 5 -42.83 10.50 -52.07
CA ASN T 5 -42.93 11.83 -51.42
C ASN T 5 -42.97 11.69 -49.90
N THR T 6 -43.48 10.58 -49.37
CA THR T 6 -43.62 10.46 -47.90
C THR T 6 -42.92 9.21 -47.36
N ASN T 7 -42.45 9.26 -46.11
CA ASN T 7 -41.81 8.09 -45.46
C ASN T 7 -42.30 8.04 -44.02
N VAL T 8 -43.55 7.61 -43.80
CA VAL T 8 -44.14 7.62 -42.44
C VAL T 8 -43.20 6.88 -41.49
N ALA T 9 -42.56 5.82 -41.98
CA ALA T 9 -41.66 5.01 -41.13
C ALA T 9 -40.53 5.90 -40.62
N ALA T 10 -39.92 6.67 -41.51
CA ALA T 10 -38.86 7.60 -41.06
C ALA T 10 -39.46 8.53 -39.99
N MET T 11 -40.64 9.08 -40.26
CA MET T 11 -41.24 10.04 -39.30
C MET T 11 -41.38 9.33 -37.95
N THR T 12 -41.91 8.11 -37.93
CA THR T 12 -42.14 7.44 -36.62
C THR T 12 -40.79 7.23 -35.95
N ALA T 13 -39.79 6.81 -36.71
CA ALA T 13 -38.46 6.54 -36.12
C ALA T 13 -37.93 7.83 -35.49
N GLN T 14 -37.99 8.93 -36.22
CA GLN T 14 -37.43 10.20 -35.70
C GLN T 14 -38.14 10.52 -34.39
N ARG T 15 -39.45 10.27 -34.34
CA ARG T 15 -40.22 10.61 -33.11
C ARG T 15 -39.59 9.87 -31.94
N TYR T 16 -39.35 8.57 -32.09
CA TYR T 16 -38.79 7.76 -30.99
C TYR T 16 -37.35 8.23 -30.72
N LEU T 17 -36.61 8.59 -31.77
CA LEU T 17 -35.21 9.06 -31.62
C LEU T 17 -35.19 10.33 -30.76
N THR T 18 -36.06 11.30 -31.09
CA THR T 18 -36.13 12.53 -30.27
C THR T 18 -36.51 12.14 -28.85
N GLY T 19 -37.46 11.22 -28.72
CA GLY T 19 -37.84 10.74 -27.38
C GLY T 19 -36.62 10.26 -26.63
N ALA T 20 -35.81 9.42 -27.27
CA ALA T 20 -34.63 8.83 -26.58
C ALA T 20 -33.62 9.93 -26.27
N THR T 21 -33.30 10.78 -27.26
CA THR T 21 -32.30 11.84 -27.05
C THR T 21 -32.70 12.67 -25.84
N ASN T 22 -33.96 13.12 -25.81
CA ASN T 22 -34.42 14.00 -24.70
C ASN T 22 -34.24 13.26 -23.38
N ALA T 23 -34.63 11.98 -23.33
CA ALA T 23 -34.49 11.20 -22.08
C ALA T 23 -33.02 11.17 -21.68
N GLN T 24 -32.13 10.94 -22.65
CA GLN T 24 -30.68 10.91 -22.36
C GLN T 24 -30.28 12.25 -21.72
N GLN T 25 -30.70 13.36 -22.35
CA GLN T 25 -30.33 14.69 -21.82
C GLN T 25 -30.76 14.76 -20.35
N THR T 26 -32.02 14.39 -20.08
CA THR T 26 -32.55 14.50 -18.70
C THR T 26 -31.63 13.71 -17.76
N SER T 27 -31.40 12.43 -18.07
CA SER T 27 -30.59 11.58 -17.15
C SER T 27 -29.19 12.18 -17.01
N MET T 28 -28.57 12.53 -18.14
CA MET T 28 -27.17 13.02 -18.08
C MET T 28 -27.08 14.19 -17.11
N GLU T 29 -28.02 15.13 -17.24
CA GLU T 29 -28.01 16.31 -16.34
C GLU T 29 -28.19 15.82 -14.91
N ARG T 30 -29.18 14.97 -14.67
CA ARG T 30 -29.45 14.48 -13.29
C ARG T 30 -28.18 13.86 -12.72
N LEU T 31 -27.51 13.02 -13.51
CA LEU T 31 -26.25 12.38 -13.03
C LEU T 31 -25.22 13.48 -12.75
N SER T 32 -25.08 14.42 -13.67
CA SER T 32 -24.08 15.51 -13.49
C SER T 32 -24.41 16.31 -12.22
N SER T 33 -25.63 16.83 -12.11
CA SER T 33 -26.00 17.69 -10.95
C SER T 33 -26.00 16.88 -9.65
N GLY T 34 -26.33 15.59 -9.73
CA GLY T 34 -26.43 14.75 -8.53
C GLY T 34 -27.80 14.89 -7.88
N PHE T 35 -28.64 15.77 -8.43
CA PHE T 35 -30.01 15.97 -7.88
C PHE T 35 -31.05 15.50 -8.89
N LYS T 36 -32.05 14.75 -8.42
CA LYS T 36 -33.12 14.26 -9.32
C LYS T 36 -34.00 15.42 -9.74
N ILE T 37 -34.50 16.20 -8.76
CA ILE T 37 -35.39 17.35 -9.05
C ILE T 37 -34.52 18.57 -9.33
N ASN T 38 -34.26 18.87 -10.60
CA ASN T 38 -33.46 20.07 -10.96
C ASN T 38 -34.45 21.18 -11.32
N SER T 39 -35.03 21.15 -12.51
CA SER T 39 -36.09 22.14 -12.85
C SER T 39 -37.39 21.67 -12.20
N ALA T 40 -38.38 22.55 -12.07
CA ALA T 40 -39.62 22.15 -11.36
C ALA T 40 -40.43 21.20 -12.25
N LYS T 41 -40.10 21.14 -13.54
CA LYS T 41 -40.79 20.22 -14.46
C LYS T 41 -40.70 18.80 -13.89
N ASP T 42 -39.57 18.49 -13.24
CA ASP T 42 -39.36 17.13 -12.67
C ASP T 42 -40.44 16.82 -11.64
N ASP T 43 -40.54 17.65 -10.59
CA ASP T 43 -41.50 17.34 -9.50
C ASP T 43 -41.89 18.64 -8.79
N ALA T 44 -43.06 19.20 -9.12
CA ALA T 44 -43.46 20.49 -8.54
C ALA T 44 -43.44 20.41 -7.02
N ALA T 45 -44.22 19.49 -6.44
CA ALA T 45 -44.31 19.42 -4.97
C ALA T 45 -42.91 19.18 -4.39
N GLY T 46 -42.20 18.22 -4.95
CA GLY T 46 -40.85 17.88 -4.42
C GLY T 46 -39.98 19.12 -4.37
N LEU T 47 -39.93 19.90 -5.46
CA LEU T 47 -39.16 21.17 -5.43
C LEU T 47 -39.55 21.94 -4.17
N GLN T 48 -40.85 22.17 -3.99
CA GLN T 48 -41.32 22.97 -2.83
C GLN T 48 -40.90 22.26 -1.53
N ILE T 49 -41.25 20.99 -1.36
CA ILE T 49 -40.93 20.31 -0.07
C ILE T 49 -39.42 20.35 0.13
N SER T 50 -38.66 20.03 -0.93
CA SER T 50 -37.18 20.00 -0.83
C SER T 50 -36.67 21.39 -0.45
N ASN T 51 -37.11 22.41 -1.19
CA ASN T 51 -36.62 23.79 -0.92
C ASN T 51 -36.88 24.11 0.54
N ARG T 52 -38.09 23.79 1.03
CA ARG T 52 -38.43 24.16 2.43
C ARG T 52 -37.53 23.37 3.39
N LEU T 53 -37.35 22.07 3.14
CA LEU T 53 -36.48 21.24 4.00
C LEU T 53 -35.05 21.79 3.92
N ASN T 54 -34.59 22.13 2.73
CA ASN T 54 -33.22 22.67 2.56
C ASN T 54 -33.10 23.93 3.41
N VAL T 55 -34.12 24.79 3.35
CA VAL T 55 -34.12 26.03 4.15
C VAL T 55 -33.98 25.62 5.63
N GLN T 56 -34.76 24.62 6.05
CA GLN T 56 -34.73 24.21 7.48
C GLN T 56 -33.32 23.75 7.83
N SER T 57 -32.70 22.95 6.97
CA SER T 57 -31.36 22.41 7.29
C SER T 57 -30.39 23.57 7.51
N ARG T 58 -30.32 24.49 6.55
CA ARG T 58 -29.36 25.61 6.66
C ARG T 58 -29.69 26.40 7.92
N GLY T 59 -30.98 26.61 8.19
CA GLY T 59 -31.39 27.33 9.41
C GLY T 59 -30.95 26.59 10.65
N LEU T 60 -31.13 25.27 10.67
CA LEU T 60 -30.69 24.46 11.82
C LEU T 60 -29.20 24.69 12.02
N ASP T 61 -28.43 24.71 10.93
CA ASP T 61 -26.97 24.93 11.04
C ASP T 61 -26.73 26.27 11.72
N VAL T 62 -27.37 27.32 11.23
CA VAL T 62 -27.15 28.68 11.78
C VAL T 62 -27.54 28.66 13.26
N ALA T 63 -28.67 28.01 13.57
CA ALA T 63 -29.11 27.90 14.97
C ALA T 63 -28.00 27.27 15.81
N VAL T 64 -27.38 26.21 15.30
CA VAL T 64 -26.34 25.49 16.10
C VAL T 64 -25.21 26.48 16.40
N ARG T 65 -24.76 27.23 15.40
CA ARG T 65 -23.72 28.27 15.66
C ARG T 65 -24.26 29.24 16.71
N ASN T 66 -25.50 29.70 16.53
CA ASN T 66 -26.08 30.71 17.46
C ASN T 66 -26.08 30.10 18.87
N ALA T 67 -26.45 28.82 18.98
CA ALA T 67 -26.48 28.16 20.30
C ALA T 67 -25.07 28.12 20.87
N ASN T 68 -24.10 27.73 20.05
CA ASN T 68 -22.69 27.66 20.52
C ASN T 68 -22.27 29.04 21.00
N ASP T 69 -22.58 30.08 20.24
CA ASP T 69 -22.18 31.47 20.61
C ASP T 69 -22.77 31.79 21.97
N GLY T 70 -24.03 31.38 22.20
CA GLY T 70 -24.65 31.62 23.50
C GLY T 70 -23.86 30.97 24.61
N ILE T 71 -23.48 29.70 24.41
CA ILE T 71 -22.70 28.98 25.46
C ILE T 71 -21.39 29.75 25.69
N SER T 72 -20.77 30.22 24.60
CA SER T 72 -19.49 30.96 24.74
C SER T 72 -19.69 32.16 25.67
N ILE T 73 -20.76 32.92 25.44
CA ILE T 73 -21.04 34.10 26.31
C ILE T 73 -21.24 33.60 27.74
N ALA T 74 -22.02 32.54 27.91
CA ALA T 74 -22.31 32.05 29.28
C ALA T 74 -21.00 31.67 29.98
N GLN T 75 -20.17 30.87 29.32
CA GLN T 75 -18.89 30.44 29.94
C GLN T 75 -18.08 31.67 30.29
N THR T 76 -17.89 32.57 29.33
CA THR T 76 -17.02 33.76 29.56
C THR T 76 -17.49 34.45 30.85
N ALA T 77 -18.78 34.78 30.91
CA ALA T 77 -19.34 35.48 32.09
C ALA T 77 -19.16 34.60 33.32
N GLU T 78 -19.62 33.36 33.26
CA GLU T 78 -19.53 32.46 34.44
C GLU T 78 -18.06 32.38 34.87
N GLY T 79 -17.16 32.30 33.89
CA GLY T 79 -15.72 32.17 34.23
C GLY T 79 -15.28 33.33 35.10
N ALA T 80 -15.62 34.55 34.71
CA ALA T 80 -15.20 35.74 35.49
C ALA T 80 -15.82 35.65 36.89
N MET T 81 -17.08 35.23 36.97
CA MET T 81 -17.76 35.20 38.29
C MET T 81 -16.98 34.30 39.25
N ASN T 82 -16.35 33.24 38.75
CA ASN T 82 -15.67 32.29 39.68
C ASN T 82 -14.56 33.06 40.41
N GLU T 83 -13.84 33.92 39.68
CA GLU T 83 -12.74 34.70 40.31
C GLU T 83 -13.34 35.65 41.34
N THR T 84 -14.47 36.28 41.02
CA THR T 84 -15.13 37.16 42.02
C THR T 84 -15.36 36.34 43.30
N THR T 85 -15.90 35.14 43.15
CA THR T 85 -16.11 34.26 44.33
C THR T 85 -14.81 34.21 45.13
N ASN T 86 -13.70 33.88 44.46
CA ASN T 86 -12.41 33.76 45.19
C ASN T 86 -12.17 35.05 45.98
N ILE T 87 -12.26 36.20 45.31
CA ILE T 87 -11.96 37.49 46.00
C ILE T 87 -12.90 37.62 47.19
N LEU T 88 -14.19 37.34 46.99
CA LEU T 88 -15.18 37.50 48.07
C LEU T 88 -14.75 36.64 49.26
N GLN T 89 -14.44 35.37 49.02
CA GLN T 89 -14.06 34.46 50.12
C GLN T 89 -12.81 35.02 50.81
N ARG T 90 -11.88 35.55 50.03
CA ARG T 90 -10.65 36.15 50.61
C ARG T 90 -11.09 37.28 51.55
N MET T 91 -11.90 38.21 51.06
CA MET T 91 -12.31 39.37 51.89
C MET T 91 -12.98 38.83 53.15
N ARG T 92 -13.74 37.75 53.02
CA ARG T 92 -14.47 37.19 54.18
C ARG T 92 -13.46 36.80 55.27
N ASP T 93 -12.44 36.04 54.90
CA ASP T 93 -11.47 35.57 55.92
C ASP T 93 -10.75 36.79 56.50
N LEU T 94 -10.43 37.76 55.64
CA LEU T 94 -9.74 38.99 56.12
C LEU T 94 -10.61 39.61 57.21
N SER T 95 -11.90 39.75 56.94
CA SER T 95 -12.81 40.38 57.92
C SER T 95 -12.84 39.54 59.20
N LEU T 96 -12.93 38.22 59.05
CA LEU T 96 -13.02 37.34 60.24
C LEU T 96 -11.75 37.54 61.09
N GLN T 97 -10.60 37.63 60.44
CA GLN T 97 -9.35 37.90 61.19
C GLN T 97 -9.51 39.23 61.91
N SER T 98 -9.82 40.29 61.16
CA SER T 98 -9.98 41.64 61.77
C SER T 98 -10.86 41.56 63.02
N ALA T 99 -11.90 40.72 62.99
CA ALA T 99 -12.85 40.66 64.13
C ALA T 99 -12.11 40.28 65.41
N ASN T 100 -11.04 39.48 65.31
CA ASN T 100 -10.34 39.02 66.53
C ASN T 100 -9.93 40.23 67.37
N GLY T 101 -10.20 40.18 68.67
CA GLY T 101 -9.89 41.32 69.56
C GLY T 101 -8.41 41.64 69.58
N SER T 102 -7.55 40.65 69.35
CA SER T 102 -6.09 40.88 69.44
C SER T 102 -5.69 42.02 68.49
N ASN T 103 -6.17 41.98 67.25
CA ASN T 103 -5.77 43.01 66.25
C ASN T 103 -6.03 44.40 66.82
N SER T 104 -5.03 45.26 66.82
CA SER T 104 -5.23 46.66 67.27
C SER T 104 -5.57 47.53 66.06
N LYS T 105 -6.04 48.75 66.29
CA LYS T 105 -6.45 49.62 65.16
C LYS T 105 -5.42 49.48 64.03
N SER T 106 -4.15 49.69 64.35
CA SER T 106 -3.11 49.64 63.29
C SER T 106 -3.28 48.37 62.44
N GLU T 107 -3.37 47.21 63.10
CA GLU T 107 -3.59 45.94 62.37
C GLU T 107 -4.83 46.10 61.49
N ARG T 108 -6.00 46.26 62.11
CA ARG T 108 -7.25 46.32 61.32
C ARG T 108 -7.08 47.27 60.13
N VAL T 109 -6.38 48.38 60.33
CA VAL T 109 -6.29 49.39 59.23
C VAL T 109 -5.55 48.75 58.04
N ALA T 110 -4.52 47.97 58.33
CA ALA T 110 -3.79 47.27 57.24
C ALA T 110 -4.75 46.30 56.55
N ILE T 111 -5.52 45.56 57.34
CA ILE T 111 -6.51 44.60 56.75
C ILE T 111 -7.46 45.41 55.88
N GLN T 112 -7.83 46.60 56.34
CA GLN T 112 -8.76 47.46 55.57
C GLN T 112 -8.14 47.77 54.22
N GLU T 113 -6.83 48.02 54.19
CA GLU T 113 -6.14 48.31 52.91
C GLU T 113 -6.36 47.12 51.97
N GLU T 114 -6.25 45.90 52.50
CA GLU T 114 -6.41 44.71 51.64
C GLU T 114 -7.83 44.69 51.09
N ILE T 115 -8.84 44.72 51.96
CA ILE T 115 -10.23 44.61 51.45
C ILE T 115 -10.47 45.74 50.46
N THR T 116 -9.99 46.95 50.77
CA THR T 116 -10.20 48.11 49.85
C THR T 116 -9.66 47.74 48.47
N ALA T 117 -8.45 47.20 48.41
CA ALA T 117 -7.86 46.81 47.12
C ALA T 117 -8.74 45.74 46.47
N LEU T 118 -9.10 44.70 47.22
CA LEU T 118 -9.90 43.60 46.62
C LEU T 118 -11.22 44.19 46.15
N ASN T 119 -11.83 45.05 46.96
CA ASN T 119 -13.12 45.68 46.58
C ASN T 119 -12.94 46.26 45.18
N ASP T 120 -11.86 46.98 44.97
CA ASP T 120 -11.61 47.61 43.65
C ASP T 120 -11.53 46.51 42.58
N GLU T 121 -10.88 45.39 42.90
CA GLU T 121 -10.70 44.32 41.90
C GLU T 121 -12.06 43.79 41.45
N LEU T 122 -12.97 43.55 42.42
CA LEU T 122 -14.33 43.10 42.06
C LEU T 122 -14.91 44.09 41.05
N ASN T 123 -14.98 45.36 41.43
CA ASN T 123 -15.50 46.40 40.49
C ASN T 123 -14.79 46.23 39.15
N ARG T 124 -13.45 46.22 39.15
CA ARG T 124 -12.72 46.13 37.86
C ARG T 124 -13.29 44.96 37.06
N ILE T 125 -13.41 43.78 37.69
CA ILE T 125 -13.85 42.56 36.94
C ILE T 125 -15.20 42.87 36.29
N ALA T 126 -16.12 43.51 37.03
CA ALA T 126 -17.47 43.76 36.50
C ALA T 126 -17.42 44.72 35.32
N GLU T 127 -16.53 45.71 35.37
CA GLU T 127 -16.51 46.75 34.30
C GLU T 127 -15.54 46.37 33.18
N THR T 128 -14.90 45.21 33.26
CA THR T 128 -13.89 44.87 32.21
C THR T 128 -14.29 43.59 31.47
N THR T 129 -14.72 42.54 32.18
CA THR T 129 -15.00 41.25 31.47
C THR T 129 -15.84 41.56 30.24
N SER T 130 -15.38 41.16 29.06
CA SER T 130 -16.11 41.52 27.82
C SER T 130 -16.03 40.41 26.77
N PHE T 131 -17.08 40.27 25.95
CA PHE T 131 -17.05 39.30 24.84
C PHE T 131 -16.89 40.12 23.55
N GLY T 132 -15.66 40.26 23.06
CA GLY T 132 -15.42 41.07 21.86
C GLY T 132 -16.00 42.46 22.03
N GLY T 133 -15.59 43.17 23.09
CA GLY T 133 -16.14 44.51 23.36
C GLY T 133 -17.40 44.45 24.20
N ASN T 134 -18.45 43.80 23.69
CA ASN T 134 -19.75 43.73 24.42
C ASN T 134 -19.46 43.38 25.88
N LYS T 135 -19.74 44.30 26.81
CA LYS T 135 -19.47 44.06 28.25
C LYS T 135 -20.43 43.00 28.76
N LEU T 136 -20.13 42.38 29.90
CA LEU T 136 -20.98 41.25 30.35
C LEU T 136 -21.46 41.44 31.79
N LEU T 137 -20.58 41.77 32.73
CA LEU T 137 -21.03 41.81 34.16
C LEU T 137 -21.22 43.26 34.64
N ASN T 138 -21.03 44.24 33.76
CA ASN T 138 -21.26 45.66 34.15
C ASN T 138 -22.76 45.88 34.39
N GLY T 139 -23.60 45.26 33.57
CA GLY T 139 -25.06 45.44 33.70
C GLY T 139 -25.67 45.83 32.37
N THR T 140 -24.88 46.46 31.51
CA THR T 140 -25.40 46.92 30.20
C THR T 140 -25.92 45.69 29.43
N PHE T 141 -25.18 44.59 29.48
CA PHE T 141 -25.70 43.35 28.84
C PHE T 141 -26.86 42.88 29.72
N SER T 142 -28.06 43.39 29.45
CA SER T 142 -29.24 42.92 30.20
C SER T 142 -29.84 41.75 29.42
N THR T 143 -31.09 41.40 29.73
CA THR T 143 -31.71 40.23 29.06
C THR T 143 -31.48 40.33 27.56
N LYS T 144 -30.91 39.29 26.95
CA LYS T 144 -30.74 39.27 25.47
C LYS T 144 -31.26 37.93 24.95
N SER T 145 -31.94 37.92 23.80
CA SER T 145 -32.54 36.66 23.30
C SER T 145 -31.56 35.92 22.38
N PHE T 146 -31.50 34.60 22.50
CA PHE T 146 -30.59 33.80 21.65
C PHE T 146 -31.43 32.90 20.73
N GLN T 147 -31.50 33.25 19.45
CA GLN T 147 -32.25 32.42 18.48
C GLN T 147 -31.61 31.04 18.45
N ILE T 148 -32.40 29.99 18.68
CA ILE T 148 -31.87 28.60 18.62
C ILE T 148 -32.85 27.75 17.80
N GLY T 149 -33.38 28.32 16.73
CA GLY T 149 -34.32 27.58 15.86
C GLY T 149 -34.19 28.01 14.42
N ALA T 150 -34.64 27.17 13.49
CA ALA T 150 -34.52 27.48 12.04
C ALA T 150 -35.60 28.47 11.63
N ASP T 151 -36.57 28.71 12.52
CA ASP T 151 -37.68 29.65 12.22
C ASP T 151 -37.70 30.74 13.30
N ASN T 152 -38.36 31.86 13.01
CA ASN T 152 -38.38 32.99 13.97
C ASN T 152 -39.17 32.60 15.21
N GLY T 153 -38.88 33.22 16.35
CA GLY T 153 -39.69 32.97 17.57
C GLY T 153 -39.06 31.94 18.48
N GLU T 154 -38.39 30.95 17.89
CA GLU T 154 -37.77 29.87 18.70
C GLU T 154 -36.50 30.41 19.33
N ALA T 155 -36.61 31.16 20.43
CA ALA T 155 -35.42 31.79 21.05
C ALA T 155 -35.48 31.68 22.57
N VAL T 156 -34.36 31.96 23.25
CA VAL T 156 -34.30 31.84 24.73
C VAL T 156 -33.68 33.14 25.28
N MET T 157 -34.09 33.57 26.47
CA MET T 157 -33.60 34.85 27.03
C MET T 157 -32.48 34.59 28.03
N LEU T 158 -31.31 35.19 27.84
CA LEU T 158 -30.22 35.07 28.83
C LEU T 158 -30.13 36.39 29.59
N THR T 159 -29.98 36.33 30.91
CA THR T 159 -29.96 37.57 31.72
C THR T 159 -28.68 37.63 32.55
N LEU T 160 -27.80 38.59 32.26
CA LEU T 160 -26.53 38.72 33.01
C LEU T 160 -26.68 39.85 34.03
N LYS T 161 -26.63 39.53 35.32
CA LYS T 161 -26.88 40.55 36.37
C LYS T 161 -25.63 41.41 36.60
N ASP T 162 -25.80 42.58 37.21
CA ASP T 162 -24.64 43.45 37.54
C ASP T 162 -23.87 42.79 38.69
N MET T 163 -22.55 42.72 38.59
CA MET T 163 -21.72 42.06 39.63
C MET T 163 -20.88 43.13 40.34
N ARG T 164 -21.16 44.41 40.10
CA ARG T 164 -20.41 45.50 40.79
C ARG T 164 -20.58 45.31 42.30
N SER T 165 -19.58 45.72 43.07
CA SER T 165 -19.61 45.51 44.55
C SER T 165 -20.70 46.36 45.19
N ASP T 166 -21.26 47.32 44.45
CA ASP T 166 -22.27 48.23 45.03
C ASP T 166 -23.67 47.77 44.64
N ASN T 167 -23.79 46.70 43.85
CA ASN T 167 -25.13 46.16 43.52
C ASN T 167 -25.88 45.91 44.83
N ARG T 168 -27.13 46.35 44.93
CA ARG T 168 -27.88 46.22 46.20
C ARG T 168 -27.82 44.76 46.67
N MET T 169 -28.02 43.80 45.78
CA MET T 169 -28.07 42.37 46.18
C MET T 169 -26.73 41.97 46.79
N MET T 170 -25.63 42.57 46.33
CA MET T 170 -24.28 42.20 46.83
C MET T 170 -24.18 42.49 48.32
N GLY T 171 -25.15 43.23 48.87
CA GLY T 171 -25.16 43.54 50.31
C GLY T 171 -26.53 43.36 50.94
N GLY T 172 -26.93 44.27 51.83
CA GLY T 172 -28.23 44.15 52.52
C GLY T 172 -28.43 45.25 53.55
N THR T 173 -29.33 45.03 54.52
CA THR T 173 -29.65 46.07 55.53
C THR T 173 -29.07 45.68 56.89
N SER T 174 -28.41 46.62 57.57
CA SER T 174 -27.81 46.35 58.90
C SER T 174 -28.50 47.20 59.97
N TYR T 175 -29.03 46.57 61.01
CA TYR T 175 -29.66 47.32 62.12
C TYR T 175 -28.83 47.11 63.37
N VAL T 176 -28.39 48.20 63.99
CA VAL T 176 -27.52 48.11 65.20
C VAL T 176 -28.35 48.50 66.42
N ALA T 177 -27.93 48.06 67.61
CA ALA T 177 -28.67 48.39 68.85
C ALA T 177 -28.26 49.79 69.32
N ALA T 178 -29.22 50.59 69.81
CA ALA T 178 -28.88 51.92 70.36
C ALA T 178 -28.20 51.73 71.72
N GLU T 179 -28.74 50.83 72.54
CA GLU T 179 -28.19 50.63 73.91
C GLU T 179 -27.08 49.57 73.86
N GLY T 180 -25.96 49.84 74.51
CA GLY T 180 -24.83 48.88 74.52
C GLY T 180 -24.75 48.12 75.84
N LYS T 181 -24.94 46.80 75.79
CA LYS T 181 -24.90 45.96 77.01
C LYS T 181 -23.44 45.63 77.34
N ASP T 182 -23.05 45.71 78.61
CA ASP T 182 -21.62 45.50 78.99
C ASP T 182 -21.34 44.05 79.37
N LYS T 183 -20.15 43.79 79.93
CA LYS T 183 -19.76 42.42 80.34
C LYS T 183 -20.73 41.91 81.40
N ASP T 184 -21.22 42.78 82.27
CA ASP T 184 -22.08 42.32 83.39
C ASP T 184 -23.56 42.49 83.03
N TRP T 185 -23.89 42.57 81.74
CA TRP T 185 -25.32 42.61 81.36
C TRP T 185 -25.74 41.23 80.86
N LYS T 186 -26.85 40.69 81.38
CA LYS T 186 -27.30 39.35 80.98
C LYS T 186 -28.80 39.41 80.67
N VAL T 187 -29.32 38.44 79.93
CA VAL T 187 -30.79 38.40 79.66
C VAL T 187 -31.50 38.32 81.01
N GLN T 188 -32.22 39.38 81.38
CA GLN T 188 -32.92 39.42 82.68
C GLN T 188 -34.20 38.60 82.58
N ALA T 189 -34.66 38.04 83.70
CA ALA T 189 -35.92 37.26 83.69
C ALA T 189 -37.04 38.14 83.14
N GLY T 190 -37.80 37.62 82.17
CA GLY T 190 -38.89 38.41 81.56
C GLY T 190 -38.42 39.12 80.30
N ALA T 191 -37.10 39.20 80.11
CA ALA T 191 -36.55 39.92 78.94
C ALA T 191 -35.98 38.91 77.94
N ASN T 192 -36.49 37.67 77.96
CA ASN T 192 -35.94 36.62 77.08
C ASN T 192 -36.73 36.54 75.79
N ASP T 193 -37.41 37.61 75.39
CA ASP T 193 -38.28 37.52 74.19
C ASP T 193 -37.82 38.50 73.12
N ILE T 194 -37.58 38.01 71.89
CA ILE T 194 -37.23 38.90 70.75
C ILE T 194 -37.98 38.37 69.53
N THR T 195 -38.83 39.21 68.93
CA THR T 195 -39.65 38.74 67.78
C THR T 195 -39.25 39.51 66.52
N PHE T 196 -38.67 38.82 65.53
CA PHE T 196 -38.32 39.48 64.25
C PHE T 196 -39.46 39.28 63.27
N THR T 197 -40.14 40.37 62.89
CA THR T 197 -41.24 40.27 61.89
C THR T 197 -40.74 40.90 60.59
N LEU T 198 -40.76 40.14 59.50
CA LEU T 198 -40.21 40.64 58.21
C LEU T 198 -40.89 39.91 57.06
N LYS T 199 -40.61 40.33 55.83
CA LYS T 199 -41.18 39.63 54.65
C LYS T 199 -40.06 38.89 53.92
N ASP T 200 -40.26 37.60 53.61
CA ASP T 200 -39.23 36.77 52.93
C ASP T 200 -38.96 37.32 51.54
N ILE T 201 -37.89 36.84 50.88
CA ILE T 201 -37.61 37.25 49.48
C ILE T 201 -38.85 36.92 48.65
N ASP T 202 -39.47 35.77 48.92
CA ASP T 202 -40.73 35.40 48.22
C ASP T 202 -41.81 36.39 48.63
N GLY T 203 -41.77 36.86 49.88
CA GLY T 203 -42.79 37.79 50.38
C GLY T 203 -43.48 37.21 51.61
N ASN T 204 -43.48 35.89 51.72
CA ASN T 204 -44.14 35.22 52.87
C ASN T 204 -43.73 35.95 54.15
N ASP T 205 -44.72 36.43 54.91
CA ASP T 205 -44.40 37.11 56.19
C ASP T 205 -43.70 36.11 57.10
N GLN T 206 -42.56 36.50 57.65
CA GLN T 206 -41.86 35.60 58.60
C GLN T 206 -41.79 36.28 59.98
N THR T 207 -42.36 35.63 60.99
CA THR T 207 -42.27 36.17 62.38
C THR T 207 -41.52 35.14 63.21
N ILE T 208 -40.29 35.45 63.60
CA ILE T 208 -39.46 34.46 64.36
C ILE T 208 -39.29 34.99 65.78
N THR T 209 -39.76 34.23 66.77
CA THR T 209 -39.57 34.64 68.19
C THR T 209 -38.39 33.86 68.77
N VAL T 210 -37.23 34.50 68.85
CA VAL T 210 -36.05 33.83 69.46
C VAL T 210 -36.12 34.05 70.97
N ASN T 211 -36.89 33.20 71.67
CA ASN T 211 -36.89 33.30 73.16
C ASN T 211 -35.47 32.98 73.63
N ALA T 212 -34.79 33.95 74.23
CA ALA T 212 -33.37 33.76 74.65
C ALA T 212 -33.28 32.97 75.95
N LYS T 213 -32.07 32.89 76.52
CA LYS T 213 -31.87 32.13 77.78
C LYS T 213 -31.48 33.09 78.90
N GLU T 214 -32.01 32.87 80.10
CA GLU T 214 -31.70 33.76 81.25
C GLU T 214 -30.26 33.53 81.69
N GLY T 215 -29.43 34.56 81.64
CA GLY T 215 -28.01 34.43 82.04
C GLY T 215 -27.06 34.69 80.89
N ASP T 216 -27.50 34.46 79.65
CA ASP T 216 -26.62 34.63 78.48
C ASP T 216 -26.14 36.08 78.37
N ASP T 217 -24.86 36.29 78.04
CA ASP T 217 -24.33 37.66 77.86
C ASP T 217 -24.67 38.12 76.44
N ILE T 218 -24.50 39.42 76.15
CA ILE T 218 -24.91 39.93 74.82
C ILE T 218 -24.30 39.04 73.76
N GLU T 219 -23.04 38.62 73.94
CA GLU T 219 -22.36 37.78 72.92
C GLU T 219 -23.11 36.46 72.77
N GLU T 220 -23.49 35.85 73.89
CA GLU T 220 -24.20 34.55 73.85
C GLU T 220 -25.57 34.77 73.21
N VAL T 221 -26.20 35.92 73.46
CA VAL T 221 -27.50 36.23 72.79
C VAL T 221 -27.25 36.19 71.29
N ALA T 222 -26.16 36.81 70.85
CA ALA T 222 -25.89 36.88 69.39
C ALA T 222 -25.81 35.46 68.83
N THR T 223 -25.04 34.60 69.49
CA THR T 223 -24.86 33.22 68.96
C THR T 223 -26.22 32.53 68.93
N TYR T 224 -27.01 32.71 69.99
CA TYR T 224 -28.32 32.00 70.04
C TYR T 224 -29.12 32.39 68.82
N ILE T 225 -29.25 33.70 68.60
CA ILE T 225 -30.08 34.19 67.45
C ILE T 225 -29.54 33.56 66.16
N ASN T 226 -28.21 33.62 65.96
CA ASN T 226 -27.62 33.10 64.71
C ASN T 226 -28.04 31.63 64.54
N GLY T 227 -28.03 30.86 65.63
CA GLY T 227 -28.36 29.44 65.54
C GLY T 227 -29.84 29.19 65.34
N GLN T 228 -30.70 29.92 66.06
CA GLN T 228 -32.15 29.63 65.99
C GLN T 228 -32.68 29.89 64.58
N THR T 229 -32.28 30.99 63.94
CA THR T 229 -32.86 31.35 62.62
C THR T 229 -31.77 31.55 61.57
N ASP T 230 -32.14 31.48 60.30
CA ASP T 230 -31.16 31.68 59.20
C ASP T 230 -31.49 32.97 58.45
N MET T 231 -32.64 33.57 58.75
CA MET T 231 -33.06 34.77 57.99
C MET T 231 -32.16 35.95 58.34
N VAL T 232 -31.73 36.05 59.60
CA VAL T 232 -30.93 37.23 60.03
C VAL T 232 -29.56 36.77 60.50
N LYS T 233 -28.61 37.70 60.63
CA LYS T 233 -27.27 37.36 61.16
C LYS T 233 -26.97 38.32 62.31
N ALA T 234 -26.78 37.79 63.53
CA ALA T 234 -26.57 38.66 64.70
C ALA T 234 -25.09 38.73 65.05
N SER T 235 -24.64 39.88 65.58
CA SER T 235 -23.23 40.09 65.97
C SER T 235 -23.17 41.27 66.97
N VAL T 236 -22.00 41.53 67.55
CA VAL T 236 -21.90 42.60 68.58
C VAL T 236 -20.75 43.55 68.22
N ASN T 237 -21.00 44.86 68.28
CA ASN T 237 -19.92 45.86 67.99
C ASN T 237 -19.09 46.11 69.25
N GLU T 238 -18.06 46.95 69.14
CA GLU T 238 -17.17 47.23 70.29
C GLU T 238 -17.99 47.86 71.42
N LYS T 239 -19.02 48.63 71.08
CA LYS T 239 -19.83 49.33 72.11
C LYS T 239 -20.73 48.34 72.84
N GLY T 240 -20.70 47.07 72.43
CA GLY T 240 -21.55 46.04 73.05
C GLY T 240 -22.99 46.17 72.59
N GLN T 241 -23.18 46.68 71.36
CA GLN T 241 -24.55 46.83 70.81
C GLN T 241 -24.80 45.69 69.80
N LEU T 242 -25.81 44.86 70.06
CA LEU T 242 -26.15 43.73 69.15
C LEU T 242 -26.48 44.30 67.77
N GLN T 243 -25.85 43.76 66.73
CA GLN T 243 -26.12 44.21 65.34
C GLN T 243 -26.79 43.06 64.58
N ILE T 244 -27.87 43.34 63.85
CA ILE T 244 -28.58 42.30 63.06
C ILE T 244 -28.51 42.69 61.59
N PHE T 245 -28.00 41.80 60.74
CA PHE T 245 -27.89 42.09 59.28
C PHE T 245 -29.00 41.33 58.56
N ALA T 246 -29.43 41.85 57.41
CA ALA T 246 -30.47 41.16 56.62
C ALA T 246 -30.08 41.20 55.14
N GLY T 247 -29.66 40.06 54.60
CA GLY T 247 -29.29 39.98 53.18
C GLY T 247 -30.51 40.18 52.29
N ASN T 248 -30.41 41.08 51.32
CA ASN T 248 -31.56 41.37 50.43
C ASN T 248 -32.05 40.06 49.83
N ASN T 249 -31.13 39.13 49.56
CA ASN T 249 -31.50 37.84 48.92
C ASN T 249 -32.42 37.05 49.85
N LYS T 250 -32.52 37.45 51.12
CA LYS T 250 -33.33 36.68 52.09
C LYS T 250 -34.55 37.48 52.53
N VAL T 251 -34.34 38.71 53.01
CA VAL T 251 -35.50 39.48 53.55
C VAL T 251 -35.85 40.62 52.60
N THR T 252 -37.10 40.68 52.13
CA THR T 252 -37.54 41.81 51.28
C THR T 252 -38.33 42.80 52.15
N GLY T 253 -37.73 43.93 52.48
CA GLY T 253 -38.44 44.95 53.28
C GLY T 253 -37.75 45.19 54.62
N ASP T 254 -38.39 45.98 55.49
CA ASP T 254 -37.80 46.31 56.81
C ASP T 254 -37.98 45.12 57.75
N VAL T 255 -37.27 45.13 58.89
CA VAL T 255 -37.45 44.05 59.90
C VAL T 255 -38.06 44.67 61.15
N ALA T 256 -39.35 44.38 61.41
CA ALA T 256 -40.00 44.88 62.64
C ALA T 256 -39.40 44.16 63.84
N PHE T 257 -38.63 44.88 64.66
CA PHE T 257 -37.95 44.23 65.80
C PHE T 257 -38.81 44.33 67.06
N SER T 258 -39.79 43.44 67.20
CA SER T 258 -40.62 43.42 68.43
C SER T 258 -39.93 42.57 69.50
N GLY T 259 -40.38 42.67 70.75
CA GLY T 259 -39.81 41.82 71.82
C GLY T 259 -39.36 42.64 73.01
N GLY T 260 -39.42 42.06 74.21
CA GLY T 260 -38.99 42.76 75.43
C GLY T 260 -37.51 43.06 75.40
N LEU T 261 -36.69 42.06 75.06
CA LEU T 261 -35.23 42.30 74.94
C LEU T 261 -35.00 43.27 73.79
N ALA T 262 -35.83 43.21 72.75
CA ALA T 262 -35.71 44.17 71.64
C ALA T 262 -35.87 45.58 72.21
N GLY T 263 -36.88 45.80 73.04
CA GLY T 263 -37.05 47.12 73.68
C GLY T 263 -35.86 47.44 74.56
N ALA T 264 -35.30 46.43 75.22
CA ALA T 264 -34.11 46.62 76.07
C ALA T 264 -32.91 46.99 75.20
N LEU T 265 -32.81 46.41 74.00
CA LEU T 265 -31.64 46.67 73.12
C LEU T 265 -31.85 47.95 72.33
N ASN T 266 -33.11 48.34 72.08
CA ASN T 266 -33.42 49.55 71.28
C ASN T 266 -32.91 49.37 69.84
N MET T 267 -33.45 48.38 69.13
CA MET T 267 -33.05 48.18 67.70
C MET T 267 -33.24 49.51 66.96
N GLN T 268 -32.24 49.91 66.16
CA GLN T 268 -32.30 51.23 65.49
C GLN T 268 -32.74 51.11 64.04
N ALA T 269 -32.48 52.16 63.25
CA ALA T 269 -32.90 52.18 61.83
C ALA T 269 -32.01 51.26 61.00
N GLY T 270 -32.50 50.81 59.85
CA GLY T 270 -31.72 49.90 58.98
C GLY T 270 -30.91 50.66 57.95
N THR T 271 -29.60 50.40 57.89
CA THR T 271 -28.73 51.08 56.90
C THR T 271 -28.35 50.09 55.80
N ALA T 272 -28.66 50.40 54.55
CA ALA T 272 -28.30 49.51 53.43
C ALA T 272 -26.77 49.48 53.30
N GLU T 273 -26.18 48.29 53.28
CA GLU T 273 -24.71 48.15 53.20
C GLU T 273 -24.38 47.10 52.14
N THR T 274 -23.54 47.44 51.16
CA THR T 274 -23.11 46.46 50.14
C THR T 274 -21.62 46.19 50.33
N VAL T 275 -21.05 45.31 49.51
CA VAL T 275 -19.59 45.01 49.60
C VAL T 275 -18.83 46.32 49.45
N ASP T 276 -19.31 47.22 48.58
CA ASP T 276 -18.59 48.49 48.32
C ASP T 276 -18.58 49.36 49.59
N THR T 277 -19.40 49.03 50.57
CA THR T 277 -19.50 49.90 51.78
C THR T 277 -18.91 49.22 53.01
N ILE T 278 -18.28 48.05 52.85
CA ILE T 278 -17.78 47.32 54.05
C ILE T 278 -16.54 48.04 54.62
N ASP T 279 -16.31 47.89 55.93
CA ASP T 279 -15.13 48.53 56.57
C ASP T 279 -14.71 47.64 57.73
N VAL T 280 -13.45 47.17 57.74
CA VAL T 280 -13.04 46.21 58.80
C VAL T 280 -12.32 46.96 59.93
N THR T 281 -12.18 48.29 59.79
CA THR T 281 -11.42 49.06 60.82
C THR T 281 -12.10 48.90 62.17
N SER T 282 -13.44 48.88 62.20
CA SER T 282 -14.19 48.77 63.47
C SER T 282 -14.54 47.30 63.75
N VAL T 283 -14.54 46.91 65.02
CA VAL T 283 -14.87 45.50 65.40
C VAL T 283 -16.25 45.16 64.84
N GLY T 284 -17.24 46.01 65.11
CA GLY T 284 -18.60 45.75 64.63
C GLY T 284 -18.63 45.66 63.12
N GLY T 285 -17.94 46.58 62.45
CA GLY T 285 -17.92 46.59 60.97
C GLY T 285 -17.42 45.25 60.44
N ALA T 286 -16.39 44.70 61.09
CA ALA T 286 -15.85 43.39 60.67
C ALA T 286 -16.96 42.34 60.76
N GLN T 287 -17.41 42.03 61.98
CA GLN T 287 -18.43 40.98 62.15
C GLN T 287 -19.53 41.20 61.13
N GLN T 288 -19.92 42.45 60.91
CA GLN T 288 -21.00 42.77 59.93
C GLN T 288 -20.51 42.43 58.53
N SER T 289 -19.25 42.75 58.22
CA SER T 289 -18.75 42.51 56.85
C SER T 289 -18.81 41.01 56.53
N VAL T 290 -18.57 40.16 57.53
CA VAL T 290 -18.69 38.70 57.29
C VAL T 290 -20.08 38.45 56.69
N ALA T 291 -21.12 38.98 57.33
CA ALA T 291 -22.49 38.74 56.84
C ALA T 291 -22.64 39.32 55.43
N VAL T 292 -22.21 40.55 55.22
CA VAL T 292 -22.41 41.18 53.88
C VAL T 292 -21.81 40.25 52.84
N ILE T 293 -20.56 39.83 53.05
CA ILE T 293 -19.87 38.98 52.03
C ILE T 293 -20.69 37.71 51.84
N ASP T 294 -21.21 37.12 52.91
CA ASP T 294 -21.93 35.83 52.77
C ASP T 294 -23.13 36.04 51.84
N SER T 295 -23.88 37.11 52.06
CA SER T 295 -25.05 37.40 51.21
C SER T 295 -24.56 37.56 49.77
N ALA T 296 -23.42 38.23 49.60
CA ALA T 296 -22.85 38.41 48.25
C ALA T 296 -22.53 37.03 47.65
N LEU T 297 -21.90 36.16 48.43
CA LEU T 297 -21.49 34.85 47.90
C LEU T 297 -22.75 34.12 47.40
N LYS T 298 -23.84 34.24 48.15
CA LYS T 298 -25.11 33.58 47.74
C LYS T 298 -25.55 34.14 46.39
N TYR T 299 -25.53 35.47 46.27
CA TYR T 299 -25.96 36.13 45.00
C TYR T 299 -25.11 35.60 43.85
N VAL T 300 -23.79 35.75 43.95
CA VAL T 300 -22.93 35.36 42.80
C VAL T 300 -23.19 33.87 42.52
N ASP T 301 -23.21 33.05 43.57
CA ASP T 301 -23.44 31.60 43.38
C ASP T 301 -24.74 31.39 42.61
N SER T 302 -25.82 32.00 43.09
CA SER T 302 -27.15 31.78 42.44
C SER T 302 -27.04 32.13 40.97
N HIS T 303 -26.50 33.31 40.66
CA HIS T 303 -26.41 33.77 39.25
C HIS T 303 -25.60 32.75 38.47
N ARG T 304 -24.50 32.29 39.04
CA ARG T 304 -23.68 31.25 38.36
C ARG T 304 -24.60 30.07 38.02
N ALA T 305 -25.31 29.54 39.02
CA ALA T 305 -26.24 28.42 38.78
C ALA T 305 -27.09 28.73 37.55
N GLU T 306 -27.69 29.91 37.50
CA GLU T 306 -28.55 30.28 36.35
C GLU T 306 -27.74 30.11 35.07
N LEU T 307 -26.57 30.74 35.01
CA LEU T 307 -25.71 30.64 33.81
C LEU T 307 -25.46 29.15 33.52
N GLY T 308 -25.14 28.39 34.57
CA GLY T 308 -24.88 26.95 34.38
C GLY T 308 -26.07 26.29 33.71
N ALA T 309 -27.26 26.48 34.29
CA ALA T 309 -28.46 25.86 33.72
C ALA T 309 -28.57 26.25 32.25
N PHE T 310 -28.31 27.53 31.95
CA PHE T 310 -28.37 28.01 30.55
C PHE T 310 -27.46 27.14 29.69
N GLN T 311 -26.19 27.04 30.09
CA GLN T 311 -25.23 26.23 29.30
C GLN T 311 -25.79 24.82 29.13
N ASN T 312 -26.20 24.18 30.23
CA ASN T 312 -26.70 22.79 30.15
C ASN T 312 -27.87 22.75 29.15
N ARG T 313 -28.84 23.63 29.36
CA ARG T 313 -30.05 23.61 28.50
C ARG T 313 -29.61 23.70 27.04
N PHE T 314 -28.78 24.69 26.72
CA PHE T 314 -28.38 24.90 25.30
C PHE T 314 -27.71 23.63 24.79
N ASN T 315 -26.92 22.98 25.63
CA ASN T 315 -26.18 21.77 25.17
C ASN T 315 -27.19 20.75 24.66
N HIS T 316 -28.22 20.46 25.46
CA HIS T 316 -29.25 19.47 25.03
C HIS T 316 -29.87 19.96 23.73
N ALA T 317 -30.14 21.27 23.66
CA ALA T 317 -30.74 21.85 22.44
C ALA T 317 -29.85 21.56 21.24
N ILE T 318 -28.55 21.84 21.38
CA ILE T 318 -27.62 21.63 20.23
C ILE T 318 -27.83 20.18 19.74
N SER T 319 -27.86 19.24 20.69
CA SER T 319 -28.04 17.82 20.33
C SER T 319 -29.36 17.66 19.58
N ASN T 320 -30.44 18.18 20.15
CA ASN T 320 -31.78 18.01 19.51
C ASN T 320 -31.71 18.57 18.10
N LEU T 321 -31.17 19.77 17.95
CA LEU T 321 -31.14 20.41 16.60
C LEU T 321 -30.41 19.47 15.64
N ASP T 322 -29.28 18.92 16.06
CA ASP T 322 -28.48 18.04 15.17
C ASP T 322 -29.33 16.85 14.74
N ASN T 323 -29.99 16.19 15.70
CA ASN T 323 -30.78 14.97 15.36
C ASN T 323 -31.78 15.35 14.27
N ILE T 324 -32.48 16.47 14.46
CA ILE T 324 -33.48 16.91 13.45
C ILE T 324 -32.74 17.16 12.13
N ASN T 325 -31.62 17.89 12.19
CA ASN T 325 -30.89 18.25 10.95
C ASN T 325 -30.62 16.97 10.16
N GLU T 326 -30.13 15.93 10.84
CA GLU T 326 -29.79 14.67 10.15
C GLU T 326 -31.05 14.13 9.46
N ASN T 327 -32.05 13.73 10.24
CA ASN T 327 -33.27 13.14 9.64
C ASN T 327 -33.75 14.05 8.51
N VAL T 328 -33.61 15.36 8.69
CA VAL T 328 -34.07 16.34 7.65
C VAL T 328 -33.21 16.16 6.39
N ASN T 329 -31.89 16.13 6.55
CA ASN T 329 -31.00 15.92 5.38
C ASN T 329 -31.35 14.57 4.74
N ALA T 330 -31.59 13.56 5.57
CA ALA T 330 -31.94 12.23 5.04
C ALA T 330 -33.20 12.36 4.20
N SER T 331 -34.21 13.05 4.73
CA SER T 331 -35.49 13.18 3.99
C SER T 331 -35.26 13.93 2.69
N LYS T 332 -34.54 15.05 2.75
CA LYS T 332 -34.34 15.86 1.52
C LYS T 332 -33.70 14.96 0.47
N SER T 333 -32.83 14.05 0.92
CA SER T 333 -32.16 13.13 -0.01
C SER T 333 -33.19 12.19 -0.66
N ARG T 334 -34.04 11.57 0.16
CA ARG T 334 -35.00 10.57 -0.40
C ARG T 334 -35.89 11.23 -1.47
N ILE T 335 -35.82 12.55 -1.61
CA ILE T 335 -36.73 13.25 -2.56
C ILE T 335 -35.93 14.02 -3.60
N LYS T 336 -34.89 14.77 -3.19
CA LYS T 336 -34.18 15.65 -4.16
C LYS T 336 -32.95 14.98 -4.78
N ASP T 337 -32.14 14.26 -4.00
CA ASP T 337 -30.87 13.72 -4.55
C ASP T 337 -31.14 12.68 -5.64
N THR T 338 -30.09 12.17 -6.28
CA THR T 338 -30.26 11.21 -7.40
C THR T 338 -29.82 9.81 -7.00
N ASP T 339 -30.64 8.79 -7.28
CA ASP T 339 -30.22 7.38 -7.02
C ASP T 339 -29.35 6.98 -8.21
N PHE T 340 -28.03 7.17 -8.10
CA PHE T 340 -27.16 6.92 -9.27
C PHE T 340 -27.48 5.58 -9.94
N ALA T 341 -27.70 4.54 -9.14
CA ALA T 341 -27.94 3.20 -9.74
C ALA T 341 -29.05 3.29 -10.78
N LYS T 342 -30.24 3.73 -10.35
CA LYS T 342 -31.41 3.75 -11.27
C LYS T 342 -31.11 4.66 -12.45
N GLU T 343 -30.56 5.83 -12.18
CA GLU T 343 -30.31 6.80 -13.28
C GLU T 343 -29.31 6.21 -14.27
N THR T 344 -28.22 5.62 -13.78
CA THR T 344 -27.18 5.12 -14.70
C THR T 344 -27.84 4.07 -15.61
N THR T 345 -28.70 3.23 -15.04
CA THR T 345 -29.44 2.22 -15.83
C THR T 345 -30.23 2.94 -16.91
N ALA T 346 -30.97 4.00 -16.52
CA ALA T 346 -31.82 4.72 -17.49
C ALA T 346 -30.97 5.29 -18.62
N LEU T 347 -29.85 5.92 -18.28
CA LEU T 347 -29.03 6.56 -19.34
C LEU T 347 -28.66 5.48 -20.36
N THR T 348 -28.28 4.31 -19.88
CA THR T 348 -27.93 3.19 -20.79
C THR T 348 -29.14 2.89 -21.68
N LYS T 349 -30.31 2.65 -21.08
CA LYS T 349 -31.49 2.28 -21.89
C LYS T 349 -31.71 3.35 -22.95
N SER T 350 -31.67 4.62 -22.53
CA SER T 350 -31.92 5.73 -23.49
C SER T 350 -30.93 5.60 -24.65
N GLN T 351 -29.64 5.43 -24.34
CA GLN T 351 -28.62 5.33 -25.39
C GLN T 351 -28.95 4.16 -26.31
N ILE T 352 -29.29 3.01 -25.73
CA ILE T 352 -29.58 1.79 -26.55
C ILE T 352 -30.74 2.12 -27.49
N LEU T 353 -31.83 2.66 -26.95
CA LEU T 353 -33.02 3.01 -27.77
C LEU T 353 -32.58 3.96 -28.89
N SER T 354 -31.69 4.89 -28.57
CA SER T 354 -31.24 5.88 -29.58
C SER T 354 -30.52 5.13 -30.70
N GLN T 355 -29.56 4.28 -30.34
CA GLN T 355 -28.77 3.58 -31.40
C GLN T 355 -29.74 2.72 -32.21
N ALA T 356 -30.71 2.12 -31.53
CA ALA T 356 -31.72 1.30 -32.24
C ALA T 356 -32.45 2.19 -33.23
N SER T 357 -33.02 3.30 -32.75
CA SER T 357 -33.83 4.18 -33.63
C SER T 357 -33.00 4.61 -34.83
N SER T 358 -31.75 5.01 -34.60
CA SER T 358 -30.91 5.50 -35.73
C SER T 358 -30.80 4.38 -36.77
N SER T 359 -30.59 3.15 -36.32
CA SER T 359 -30.43 2.03 -37.28
C SER T 359 -31.69 1.90 -38.11
N VAL T 360 -32.84 1.83 -37.45
CA VAL T 360 -34.14 1.73 -38.18
C VAL T 360 -34.23 2.93 -39.13
N LEU T 361 -33.94 4.13 -38.63
CA LEU T 361 -34.13 5.34 -39.47
C LEU T 361 -33.33 5.18 -40.76
N ALA T 362 -32.09 4.72 -40.67
CA ALA T 362 -31.25 4.63 -41.87
C ALA T 362 -31.92 3.70 -42.88
N GLN T 363 -32.41 2.56 -42.38
CA GLN T 363 -33.08 1.57 -43.27
C GLN T 363 -34.28 2.26 -43.91
N ALA T 364 -34.96 3.13 -43.16
CA ALA T 364 -36.14 3.83 -43.68
C ALA T 364 -35.71 4.85 -44.75
N LYS T 365 -34.61 5.56 -44.50
CA LYS T 365 -34.22 6.61 -45.46
C LYS T 365 -34.03 5.99 -46.85
N GLN T 366 -33.72 4.70 -46.91
CA GLN T 366 -33.45 4.05 -48.22
C GLN T 366 -34.72 3.33 -48.71
N ALA T 367 -35.77 3.31 -47.90
CA ALA T 367 -37.02 2.62 -48.30
C ALA T 367 -37.50 3.15 -49.66
N PRO T 368 -37.67 4.47 -49.87
CA PRO T 368 -38.22 4.95 -51.15
C PRO T 368 -37.39 4.48 -52.35
N ASN T 369 -36.16 4.03 -52.11
CA ASN T 369 -35.28 3.63 -53.24
C ASN T 369 -35.96 2.52 -54.03
N ALA T 370 -36.85 1.77 -53.38
CA ALA T 370 -37.54 0.64 -54.05
C ALA T 370 -38.16 1.14 -55.35
N ALA T 371 -38.68 2.37 -55.35
CA ALA T 371 -39.31 2.93 -56.57
C ALA T 371 -38.30 2.84 -57.72
N LEU T 372 -37.07 3.26 -57.47
CA LEU T 372 -36.05 3.30 -58.55
C LEU T 372 -35.95 1.89 -59.16
N SER T 373 -36.21 0.85 -58.38
CA SER T 373 -36.21 -0.52 -58.95
C SER T 373 -37.31 -0.60 -60.02
N LEU T 374 -38.50 -0.10 -59.72
CA LEU T 374 -39.59 -0.07 -60.73
C LEU T 374 -39.33 1.11 -61.67
N LEU T 375 -38.24 1.07 -62.43
CA LEU T 375 -37.87 2.22 -63.30
C LEU T 375 -37.95 3.49 -62.46
N GLY T 376 -38.50 4.57 -63.03
CA GLY T 376 -38.61 5.84 -62.31
C GLY T 376 -39.31 6.91 -63.15
N ALA U 1 -66.43 -1.04 -100.25
CA ALA U 1 -65.50 -1.34 -101.36
C ALA U 1 -64.10 -0.88 -100.97
N VAL U 2 -63.11 -1.12 -101.84
CA VAL U 2 -61.75 -0.60 -101.55
C VAL U 2 -61.74 0.89 -101.94
N ASN U 3 -62.24 1.74 -101.05
CA ASN U 3 -62.33 3.20 -101.34
C ASN U 3 -60.96 3.84 -101.17
N VAL U 4 -60.75 5.02 -101.75
CA VAL U 4 -59.40 5.67 -101.70
C VAL U 4 -59.51 7.01 -100.98
N ASN U 5 -60.72 7.51 -100.74
CA ASN U 5 -60.86 8.86 -100.14
C ASN U 5 -61.10 8.78 -98.63
N THR U 6 -61.44 7.60 -98.12
CA THR U 6 -61.75 7.45 -96.67
C THR U 6 -61.03 6.23 -96.11
N ASN U 7 -60.45 6.34 -94.92
CA ASN U 7 -59.77 5.18 -94.28
C ASN U 7 -60.22 5.11 -92.83
N VAL U 8 -61.46 4.71 -92.58
CA VAL U 8 -61.98 4.70 -91.18
C VAL U 8 -60.97 3.97 -90.28
N ALA U 9 -60.36 2.90 -90.80
CA ALA U 9 -59.43 2.11 -89.97
C ALA U 9 -58.34 3.04 -89.42
N ALA U 10 -57.76 3.88 -90.29
CA ALA U 10 -56.68 4.79 -89.86
C ALA U 10 -57.24 5.74 -88.79
N MET U 11 -58.45 6.24 -89.01
CA MET U 11 -59.09 7.16 -88.03
C MET U 11 -59.26 6.41 -86.70
N THR U 12 -59.69 5.15 -86.77
CA THR U 12 -59.90 4.36 -85.54
C THR U 12 -58.55 4.26 -84.82
N ALA U 13 -57.51 3.91 -85.55
CA ALA U 13 -56.17 3.75 -84.93
C ALA U 13 -55.76 5.07 -84.30
N GLN U 14 -55.87 6.17 -85.06
CA GLN U 14 -55.38 7.47 -84.54
C GLN U 14 -56.10 7.75 -83.23
N ARG U 15 -57.41 7.51 -83.19
CA ARG U 15 -58.19 7.82 -81.96
C ARG U 15 -57.55 7.06 -80.80
N TYR U 16 -57.33 5.76 -80.98
CA TYR U 16 -56.78 4.94 -79.88
C TYR U 16 -55.33 5.36 -79.61
N LEU U 17 -54.59 5.66 -80.67
CA LEU U 17 -53.18 6.09 -80.51
C LEU U 17 -53.16 7.29 -79.57
N THR U 18 -53.90 8.34 -79.93
CA THR U 18 -53.93 9.55 -79.09
C THR U 18 -54.37 9.13 -77.69
N GLY U 19 -55.37 8.26 -77.61
CA GLY U 19 -55.82 7.76 -76.30
C GLY U 19 -54.63 7.29 -75.48
N ALA U 20 -53.79 6.44 -76.07
CA ALA U 20 -52.65 5.87 -75.31
C ALA U 20 -51.62 6.95 -75.02
N THR U 21 -51.30 7.76 -76.04
CA THR U 21 -50.31 8.86 -75.86
C THR U 21 -50.74 9.73 -74.69
N ASN U 22 -52.00 10.16 -74.69
CA ASN U 22 -52.48 11.07 -73.62
C ASN U 22 -52.25 10.40 -72.25
N ALA U 23 -52.64 9.13 -72.15
CA ALA U 23 -52.49 8.41 -70.86
C ALA U 23 -51.01 8.38 -70.50
N GLN U 24 -50.15 8.09 -71.49
CA GLN U 24 -48.69 8.03 -71.23
C GLN U 24 -48.27 9.37 -70.62
N GLN U 25 -48.66 10.48 -71.27
CA GLN U 25 -48.26 11.82 -70.77
C GLN U 25 -48.71 11.94 -69.31
N THR U 26 -49.98 11.62 -69.05
CA THR U 26 -50.51 11.76 -67.68
C THR U 26 -49.62 11.00 -66.71
N SER U 27 -49.45 9.70 -66.94
CA SER U 27 -48.67 8.86 -65.99
C SER U 27 -47.25 9.42 -65.86
N MET U 28 -46.62 9.76 -66.99
CA MET U 28 -45.20 10.21 -66.93
C MET U 28 -45.11 11.39 -65.96
N GLU U 29 -46.04 12.34 -66.07
CA GLU U 29 -46.04 13.50 -65.14
C GLU U 29 -46.20 12.97 -63.71
N ARG U 30 -47.27 12.21 -63.46
CA ARG U 30 -47.54 11.72 -62.09
C ARG U 30 -46.24 11.17 -61.51
N LEU U 31 -45.63 10.22 -62.22
CA LEU U 31 -44.37 9.59 -61.75
C LEU U 31 -43.36 10.70 -61.43
N SER U 32 -43.01 11.51 -62.43
CA SER U 32 -41.96 12.54 -62.22
C SER U 32 -42.27 13.36 -60.96
N SER U 33 -43.51 13.83 -60.84
CA SER U 33 -43.89 14.69 -59.69
C SER U 33 -43.96 13.85 -58.41
N GLY U 34 -44.46 12.62 -58.53
CA GLY U 34 -44.62 11.77 -57.33
C GLY U 34 -46.01 11.92 -56.74
N PHE U 35 -46.87 12.73 -57.37
CA PHE U 35 -48.22 12.98 -56.80
C PHE U 35 -49.30 12.46 -57.75
N LYS U 36 -50.23 11.66 -57.23
CA LYS U 36 -51.33 11.10 -58.06
C LYS U 36 -52.24 12.24 -58.50
N ILE U 37 -52.33 13.28 -57.67
CA ILE U 37 -53.20 14.45 -57.99
C ILE U 37 -52.32 15.68 -58.24
N ASN U 38 -52.02 15.98 -59.50
CA ASN U 38 -51.22 17.19 -59.84
C ASN U 38 -52.19 18.33 -60.17
N SER U 39 -53.16 18.07 -61.05
CA SER U 39 -54.20 19.08 -61.36
C SER U 39 -55.53 18.61 -60.75
N ALA U 40 -56.51 19.51 -60.63
CA ALA U 40 -57.83 19.10 -60.11
C ALA U 40 -58.47 18.10 -61.07
N LYS U 41 -58.05 18.11 -62.33
CA LYS U 41 -58.59 17.17 -63.33
C LYS U 41 -58.51 15.75 -62.74
N ASP U 42 -57.43 15.44 -62.04
CA ASP U 42 -57.22 14.09 -61.47
C ASP U 42 -58.32 13.78 -60.46
N ASP U 43 -58.53 14.64 -59.46
CA ASP U 43 -59.52 14.34 -58.39
C ASP U 43 -59.80 15.62 -57.59
N ALA U 44 -60.85 16.35 -57.96
CA ALA U 44 -61.14 17.63 -57.29
C ALA U 44 -61.32 17.37 -55.79
N ALA U 45 -62.07 16.35 -55.44
CA ALA U 45 -62.34 16.08 -54.02
C ALA U 45 -61.00 15.87 -53.31
N GLY U 46 -60.14 15.04 -53.91
CA GLY U 46 -58.81 14.80 -53.32
C GLY U 46 -58.04 16.10 -53.21
N LEU U 47 -58.04 16.91 -54.28
CA LEU U 47 -57.24 18.15 -54.27
C LEU U 47 -57.68 18.99 -53.07
N GLN U 48 -58.98 19.14 -52.86
CA GLN U 48 -59.48 19.92 -51.71
C GLN U 48 -58.95 19.28 -50.42
N ILE U 49 -59.28 18.02 -50.15
CA ILE U 49 -58.86 17.43 -48.85
C ILE U 49 -57.33 17.44 -48.77
N SER U 50 -56.65 17.14 -49.89
CA SER U 50 -55.17 17.05 -49.84
C SER U 50 -54.61 18.39 -49.36
N ASN U 51 -55.04 19.48 -50.00
CA ASN U 51 -54.57 20.83 -49.59
C ASN U 51 -54.92 21.04 -48.12
N ARG U 52 -56.16 20.76 -47.74
CA ARG U 52 -56.59 21.02 -46.35
C ARG U 52 -55.72 20.22 -45.39
N LEU U 53 -55.44 18.96 -45.71
CA LEU U 53 -54.56 18.12 -44.85
C LEU U 53 -53.14 18.67 -44.91
N ASN U 54 -52.65 18.99 -46.11
CA ASN U 54 -51.28 19.55 -46.26
C ASN U 54 -51.16 20.76 -45.33
N VAL U 55 -52.15 21.65 -45.38
CA VAL U 55 -52.09 22.89 -44.57
C VAL U 55 -52.03 22.49 -43.10
N GLN U 56 -52.88 21.54 -42.69
CA GLN U 56 -52.91 21.17 -41.25
C GLN U 56 -51.53 20.67 -40.85
N SER U 57 -50.92 19.84 -41.68
CA SER U 57 -49.57 19.30 -41.37
C SER U 57 -48.58 20.45 -41.19
N ARG U 58 -48.52 21.36 -42.17
CA ARG U 58 -47.54 22.46 -42.10
C ARG U 58 -47.87 23.30 -40.85
N GLY U 59 -49.16 23.49 -40.56
CA GLY U 59 -49.53 24.20 -39.34
C GLY U 59 -49.01 23.47 -38.11
N LEU U 60 -49.18 22.15 -38.07
CA LEU U 60 -48.66 21.35 -36.94
C LEU U 60 -47.14 21.58 -36.83
N ASP U 61 -46.46 21.67 -37.98
CA ASP U 61 -45.01 21.92 -37.97
C ASP U 61 -44.75 23.24 -37.24
N VAL U 62 -45.40 24.31 -37.69
CA VAL U 62 -45.19 25.64 -37.07
C VAL U 62 -45.59 25.52 -35.60
N ALA U 63 -46.70 24.84 -35.34
CA ALA U 63 -47.18 24.71 -33.95
C ALA U 63 -46.05 24.13 -33.08
N VAL U 64 -45.45 23.03 -33.52
CA VAL U 64 -44.39 22.37 -32.71
C VAL U 64 -43.32 23.41 -32.39
N ARG U 65 -42.88 24.17 -33.40
CA ARG U 65 -41.86 25.22 -33.18
C ARG U 65 -42.40 26.23 -32.17
N ASN U 66 -43.64 26.67 -32.36
CA ASN U 66 -44.26 27.66 -31.42
C ASN U 66 -44.14 27.11 -30.01
N ALA U 67 -44.57 25.86 -29.81
CA ALA U 67 -44.51 25.24 -28.48
C ALA U 67 -43.06 25.27 -28.00
N ASN U 68 -42.13 24.84 -28.85
CA ASN U 68 -40.71 24.80 -28.45
C ASN U 68 -40.34 26.17 -27.88
N ASP U 69 -40.78 27.24 -28.55
CA ASP U 69 -40.47 28.60 -28.06
C ASP U 69 -41.05 28.72 -26.65
N GLY U 70 -42.28 28.26 -26.45
CA GLY U 70 -42.93 28.38 -25.14
C GLY U 70 -42.07 27.79 -24.04
N ILE U 71 -41.61 26.54 -24.24
CA ILE U 71 -40.83 25.87 -23.18
C ILE U 71 -39.53 26.66 -23.00
N SER U 72 -38.95 27.14 -24.10
CA SER U 72 -37.67 27.89 -24.02
C SER U 72 -37.84 29.12 -23.14
N ILE U 73 -38.89 29.91 -23.39
CA ILE U 73 -39.14 31.13 -22.57
C ILE U 73 -39.41 30.69 -21.14
N ALA U 74 -40.21 29.64 -20.96
CA ALA U 74 -40.55 29.20 -19.60
C ALA U 74 -39.28 28.79 -18.86
N GLN U 75 -38.43 27.97 -19.48
CA GLN U 75 -37.24 27.46 -18.75
C GLN U 75 -36.28 28.61 -18.46
N THR U 76 -36.09 29.52 -19.41
CA THR U 76 -35.21 30.68 -19.19
C THR U 76 -35.71 31.42 -17.95
N ALA U 77 -37.01 31.68 -17.90
CA ALA U 77 -37.60 32.40 -16.76
C ALA U 77 -37.34 31.59 -15.47
N GLU U 78 -37.80 30.35 -15.44
CA GLU U 78 -37.65 29.53 -14.22
C GLU U 78 -36.16 29.48 -13.84
N GLY U 79 -35.29 29.44 -14.84
CA GLY U 79 -33.84 29.33 -14.56
C GLY U 79 -33.40 30.44 -13.63
N ALA U 80 -33.77 31.68 -13.96
CA ALA U 80 -33.41 32.82 -13.11
C ALA U 80 -34.09 32.67 -11.74
N MET U 81 -35.37 32.28 -11.75
CA MET U 81 -36.12 32.13 -10.48
C MET U 81 -35.28 31.27 -9.52
N ASN U 82 -34.58 30.27 -10.06
CA ASN U 82 -33.78 29.36 -9.20
C ASN U 82 -32.74 30.18 -8.43
N GLU U 83 -32.00 31.04 -9.12
CA GLU U 83 -30.92 31.80 -8.45
C GLU U 83 -31.57 32.68 -7.35
N THR U 84 -32.71 33.27 -7.66
CA THR U 84 -33.42 34.10 -6.65
C THR U 84 -33.64 33.25 -5.41
N THR U 85 -34.20 32.06 -5.57
CA THR U 85 -34.41 31.15 -4.42
C THR U 85 -33.13 31.12 -3.59
N ASN U 86 -31.99 30.86 -4.24
CA ASN U 86 -30.71 30.74 -3.51
C ASN U 86 -30.44 32.04 -2.75
N ILE U 87 -30.52 33.18 -3.44
CA ILE U 87 -30.15 34.47 -2.77
C ILE U 87 -31.09 34.68 -1.57
N LEU U 88 -32.38 34.40 -1.76
CA LEU U 88 -33.35 34.55 -0.65
C LEU U 88 -32.90 33.68 0.53
N GLN U 89 -32.54 32.43 0.25
CA GLN U 89 -32.17 31.51 1.36
C GLN U 89 -30.94 32.07 2.06
N ARG U 90 -29.98 32.59 1.30
CA ARG U 90 -28.78 33.20 1.91
C ARG U 90 -29.24 34.31 2.84
N MET U 91 -30.12 35.18 2.35
CA MET U 91 -30.61 36.31 3.19
C MET U 91 -31.24 35.73 4.45
N ARG U 92 -32.04 34.67 4.29
CA ARG U 92 -32.76 34.11 5.46
C ARG U 92 -31.75 33.67 6.52
N ASP U 93 -30.76 32.86 6.12
CA ASP U 93 -29.80 32.34 7.12
C ASP U 93 -29.03 33.52 7.72
N LEU U 94 -28.66 34.48 6.87
CA LEU U 94 -27.89 35.65 7.34
C LEU U 94 -28.74 36.37 8.39
N SER U 95 -30.03 36.51 8.12
CA SER U 95 -30.94 37.22 9.06
C SER U 95 -31.00 36.44 10.37
N LEU U 96 -31.12 35.12 10.28
CA LEU U 96 -31.16 34.28 11.51
C LEU U 96 -29.91 34.58 12.35
N GLN U 97 -28.75 34.66 11.70
CA GLN U 97 -27.50 34.94 12.43
C GLN U 97 -27.64 36.29 13.12
N SER U 98 -28.11 37.30 12.39
CA SER U 98 -28.24 38.66 12.96
C SER U 98 -29.07 38.62 14.25
N ALA U 99 -30.13 37.82 14.26
CA ALA U 99 -31.03 37.80 15.42
C ALA U 99 -30.30 37.34 16.68
N ASN U 100 -29.20 36.59 16.53
CA ASN U 100 -28.53 36.03 17.73
C ASN U 100 -28.07 37.17 18.64
N GLY U 101 -28.27 37.03 19.96
CA GLY U 101 -27.90 38.09 20.91
C GLY U 101 -26.42 38.37 20.93
N SER U 102 -25.60 37.32 20.77
CA SER U 102 -24.13 37.51 20.75
C SER U 102 -23.79 38.67 19.80
N ASN U 103 -24.45 38.73 18.66
CA ASN U 103 -24.11 39.76 17.64
C ASN U 103 -24.31 41.16 18.22
N SER U 104 -23.35 42.05 17.99
CA SER U 104 -23.48 43.46 18.47
C SER U 104 -24.13 44.28 17.36
N LYS U 105 -24.38 45.57 17.61
CA LYS U 105 -24.93 46.44 16.54
C LYS U 105 -23.97 46.44 15.36
N SER U 106 -22.68 46.57 15.63
CA SER U 106 -21.67 46.57 14.54
C SER U 106 -21.83 45.29 13.73
N GLU U 107 -22.00 44.16 14.42
CA GLU U 107 -22.17 42.87 13.73
C GLU U 107 -23.40 42.95 12.83
N ARG U 108 -24.52 43.43 13.38
CA ARG U 108 -25.77 43.51 12.59
C ARG U 108 -25.54 44.42 11.38
N VAL U 109 -24.83 45.53 11.60
CA VAL U 109 -24.56 46.48 10.49
C VAL U 109 -23.90 45.71 9.35
N ALA U 110 -22.88 44.91 9.68
CA ALA U 110 -22.15 44.15 8.64
C ALA U 110 -23.13 43.19 7.93
N ILE U 111 -23.86 42.40 8.71
CA ILE U 111 -24.81 41.42 8.11
C ILE U 111 -25.72 42.20 7.16
N GLN U 112 -26.03 43.44 7.52
CA GLN U 112 -26.95 44.27 6.70
C GLN U 112 -26.26 44.56 5.35
N GLU U 113 -24.97 44.88 5.38
CA GLU U 113 -24.29 45.26 4.12
C GLU U 113 -24.48 44.11 3.13
N GLU U 114 -24.30 42.88 3.59
CA GLU U 114 -24.44 41.70 2.69
C GLU U 114 -25.88 41.66 2.16
N ILE U 115 -26.85 41.67 3.07
CA ILE U 115 -28.28 41.62 2.65
C ILE U 115 -28.52 42.74 1.63
N THR U 116 -28.12 43.96 1.96
CA THR U 116 -28.42 45.10 1.06
C THR U 116 -28.01 44.74 -0.36
N ALA U 117 -26.77 44.27 -0.53
CA ALA U 117 -26.27 43.96 -1.89
C ALA U 117 -27.08 42.81 -2.49
N LEU U 118 -27.31 41.76 -1.71
CA LEU U 118 -28.08 40.60 -2.22
C LEU U 118 -29.45 41.10 -2.69
N ASN U 119 -30.08 41.95 -1.87
CA ASN U 119 -31.41 42.49 -2.25
C ASN U 119 -31.29 43.14 -3.63
N ASP U 120 -30.24 43.92 -3.83
CA ASP U 120 -30.04 44.63 -5.12
C ASP U 120 -29.84 43.59 -6.23
N GLU U 121 -29.21 42.47 -5.91
CA GLU U 121 -28.99 41.40 -6.92
C GLU U 121 -30.34 40.82 -7.33
N LEU U 122 -31.21 40.53 -6.36
CA LEU U 122 -32.57 40.06 -6.70
C LEU U 122 -33.16 41.01 -7.73
N ASN U 123 -33.23 42.29 -7.39
CA ASN U 123 -33.81 43.29 -8.33
C ASN U 123 -33.09 43.18 -9.67
N ARG U 124 -31.76 43.10 -9.66
CA ARG U 124 -31.01 43.07 -10.94
C ARG U 124 -31.50 41.86 -11.74
N ILE U 125 -31.54 40.68 -11.11
CA ILE U 125 -31.99 39.45 -11.81
C ILE U 125 -33.35 39.75 -12.44
N ALA U 126 -34.22 40.44 -11.71
CA ALA U 126 -35.58 40.70 -12.22
C ALA U 126 -35.51 41.62 -13.43
N GLU U 127 -34.64 42.64 -13.40
CA GLU U 127 -34.60 43.64 -14.50
C GLU U 127 -33.57 43.24 -15.57
N THR U 128 -32.90 42.10 -15.42
CA THR U 128 -31.85 41.75 -16.41
C THR U 128 -32.17 40.42 -17.09
N THR U 129 -32.95 39.55 -16.45
CA THR U 129 -33.36 38.28 -17.10
C THR U 129 -34.20 38.63 -18.33
N SER U 130 -33.80 38.17 -19.51
CA SER U 130 -34.54 38.52 -20.74
C SER U 130 -34.39 37.42 -21.79
N PHE U 131 -35.48 37.10 -22.50
CA PHE U 131 -35.39 36.11 -23.59
C PHE U 131 -35.16 36.85 -24.91
N GLY U 132 -33.92 36.95 -25.35
CA GLY U 132 -33.62 37.59 -26.65
C GLY U 132 -34.10 39.02 -26.70
N GLY U 133 -34.11 39.71 -25.56
CA GLY U 133 -34.55 41.12 -25.52
C GLY U 133 -35.88 41.29 -24.83
N ASN U 134 -36.70 40.24 -24.81
CA ASN U 134 -38.00 40.31 -24.07
C ASN U 134 -37.72 40.17 -22.58
N LYS U 135 -37.87 41.25 -21.81
CA LYS U 135 -37.69 41.15 -20.34
C LYS U 135 -38.71 40.14 -19.80
N LEU U 136 -38.36 39.38 -18.77
CA LEU U 136 -39.27 38.31 -18.32
C LEU U 136 -39.75 38.52 -16.89
N LEU U 137 -38.84 38.62 -15.91
CA LEU U 137 -39.28 38.69 -14.49
C LEU U 137 -39.36 40.13 -13.97
N ASN U 138 -39.22 41.12 -14.85
CA ASN U 138 -39.38 42.52 -14.37
C ASN U 138 -40.87 42.79 -14.13
N GLY U 139 -41.73 41.96 -14.74
CA GLY U 139 -43.18 42.12 -14.58
C GLY U 139 -43.85 42.56 -15.87
N THR U 140 -43.08 43.11 -16.81
CA THR U 140 -43.66 43.64 -18.07
C THR U 140 -44.27 42.50 -18.91
N PHE U 141 -43.66 41.32 -18.90
CA PHE U 141 -44.15 40.21 -19.76
C PHE U 141 -45.65 40.01 -19.55
N SER U 142 -46.12 40.07 -18.31
CA SER U 142 -47.56 39.85 -17.99
C SER U 142 -48.01 38.49 -18.51
N THR U 143 -48.97 38.46 -19.43
CA THR U 143 -49.49 37.18 -19.98
C THR U 143 -49.43 37.20 -21.50
N LYS U 144 -49.09 36.08 -22.13
CA LYS U 144 -49.06 36.00 -23.61
C LYS U 144 -49.51 34.60 -24.04
N SER U 145 -50.21 34.49 -25.17
CA SER U 145 -50.72 33.16 -25.59
C SER U 145 -49.69 32.49 -26.52
N PHE U 146 -49.74 31.17 -26.61
CA PHE U 146 -48.88 30.44 -27.57
C PHE U 146 -49.80 29.61 -28.44
N GLN U 147 -49.96 29.96 -29.73
CA GLN U 147 -50.95 29.27 -30.60
C GLN U 147 -50.94 27.75 -30.33
N ILE U 148 -49.77 27.12 -30.41
CA ILE U 148 -49.66 25.63 -30.21
C ILE U 148 -50.88 24.95 -30.86
N GLY U 149 -51.30 25.44 -32.03
CA GLY U 149 -52.49 24.86 -32.69
C GLY U 149 -52.45 25.06 -34.19
N ALA U 150 -52.91 24.04 -34.94
CA ALA U 150 -52.89 24.12 -36.41
C ALA U 150 -53.81 25.26 -36.87
N ASP U 151 -54.97 25.38 -36.24
CA ASP U 151 -55.92 26.47 -36.59
C ASP U 151 -55.68 27.65 -35.63
N ASN U 152 -56.67 28.52 -35.48
CA ASN U 152 -56.55 29.67 -34.56
C ASN U 152 -57.43 29.43 -33.34
N GLY U 153 -56.95 29.75 -32.13
CA GLY U 153 -57.77 29.62 -30.93
C GLY U 153 -57.30 28.50 -30.02
N GLU U 154 -56.25 27.78 -30.39
CA GLU U 154 -55.68 26.75 -29.50
C GLU U 154 -54.64 27.40 -28.60
N ALA U 155 -54.51 28.73 -28.70
CA ALA U 155 -53.46 29.45 -27.94
C ALA U 155 -53.57 29.17 -26.44
N VAL U 156 -52.44 28.86 -25.79
CA VAL U 156 -52.44 28.68 -24.31
C VAL U 156 -51.70 29.89 -23.72
N MET U 157 -52.19 30.45 -22.63
CA MET U 157 -51.59 31.70 -22.08
C MET U 157 -50.50 31.37 -21.06
N LEU U 158 -49.46 32.19 -20.99
CA LEU U 158 -48.40 32.01 -19.97
C LEU U 158 -48.26 33.30 -19.18
N THR U 159 -48.39 33.24 -17.86
CA THR U 159 -48.35 34.46 -17.04
C THR U 159 -47.02 34.53 -16.28
N LEU U 160 -46.09 35.36 -16.75
CA LEU U 160 -44.82 35.56 -16.01
C LEU U 160 -45.04 36.67 -14.99
N LYS U 161 -44.78 36.40 -13.70
CA LYS U 161 -45.09 37.39 -12.64
C LYS U 161 -43.91 38.35 -12.45
N ASP U 162 -43.99 39.23 -11.45
CA ASP U 162 -42.88 40.18 -11.17
C ASP U 162 -42.04 39.62 -10.03
N MET U 163 -40.72 39.58 -10.22
CA MET U 163 -39.82 39.05 -9.16
C MET U 163 -39.06 40.23 -8.51
N ARG U 164 -39.49 41.46 -8.79
CA ARG U 164 -38.85 42.63 -8.13
C ARG U 164 -38.98 42.45 -6.62
N SER U 165 -37.97 42.89 -5.86
CA SER U 165 -37.96 42.68 -4.39
C SER U 165 -39.11 43.42 -3.72
N ASP U 166 -39.80 44.31 -4.44
CA ASP U 166 -40.86 45.13 -3.80
C ASP U 166 -42.25 44.60 -4.19
N ASN U 167 -42.32 43.46 -4.86
CA ASN U 167 -43.64 42.86 -5.20
C ASN U 167 -44.38 42.57 -3.90
N ARG U 168 -45.64 42.98 -3.80
CA ARG U 168 -46.40 42.82 -2.53
C ARG U 168 -46.33 41.35 -2.10
N MET U 169 -46.29 40.43 -3.06
CA MET U 169 -46.28 38.98 -2.76
C MET U 169 -44.96 38.63 -2.07
N MET U 170 -43.87 39.32 -2.42
CA MET U 170 -42.54 39.00 -1.86
C MET U 170 -42.52 39.23 -0.35
N GLY U 171 -43.61 39.74 0.22
CA GLY U 171 -43.65 40.03 1.66
C GLY U 171 -45.04 39.92 2.25
N GLY U 172 -45.36 40.80 3.20
CA GLY U 172 -46.68 40.76 3.87
C GLY U 172 -46.87 41.95 4.80
N THR U 173 -47.69 41.78 5.83
CA THR U 173 -47.99 42.91 6.75
C THR U 173 -47.55 42.54 8.17
N SER U 174 -46.78 43.42 8.81
CA SER U 174 -46.27 43.14 10.17
C SER U 174 -47.03 43.97 11.20
N TYR U 175 -47.32 43.39 12.37
CA TYR U 175 -48.10 44.11 13.40
C TYR U 175 -47.33 44.08 14.71
N VAL U 176 -46.43 45.06 14.90
CA VAL U 176 -45.58 45.09 16.12
C VAL U 176 -46.47 45.44 17.32
N ALA U 177 -46.22 44.83 18.47
CA ALA U 177 -46.99 45.14 19.69
C ALA U 177 -46.49 46.47 20.29
N ALA U 178 -47.20 46.98 21.30
CA ALA U 178 -46.77 48.24 21.96
C ALA U 178 -46.13 47.91 23.31
N GLU U 179 -46.95 47.57 24.31
CA GLU U 179 -46.43 47.28 25.67
C GLU U 179 -45.30 46.24 25.57
N GLY U 180 -44.06 46.66 25.85
CA GLY U 180 -42.94 45.72 25.84
C GLY U 180 -42.92 44.91 27.12
N LYS U 181 -42.99 43.58 27.02
CA LYS U 181 -42.94 42.71 28.21
C LYS U 181 -41.48 42.38 28.52
N ASP U 182 -41.04 42.62 29.76
CA ASP U 182 -39.64 42.32 30.16
C ASP U 182 -39.52 40.83 30.50
N LYS U 183 -38.35 40.39 30.97
CA LYS U 183 -38.13 38.95 31.25
C LYS U 183 -39.08 38.48 32.36
N ASP U 184 -39.35 39.33 33.35
CA ASP U 184 -40.19 38.91 34.49
C ASP U 184 -41.63 38.62 34.02
N TRP U 185 -42.14 39.42 33.08
CA TRP U 185 -43.56 39.30 32.66
C TRP U 185 -43.97 37.84 32.39
N LYS U 186 -45.20 37.49 32.77
CA LYS U 186 -45.75 36.13 32.48
C LYS U 186 -47.21 36.31 32.07
N VAL U 187 -47.79 35.25 31.52
CA VAL U 187 -49.21 35.29 31.07
C VAL U 187 -50.09 35.10 32.31
N GLN U 188 -50.43 36.19 32.98
CA GLN U 188 -51.33 36.10 34.17
C GLN U 188 -52.56 35.28 33.78
N ALA U 189 -52.99 34.37 34.65
CA ALA U 189 -54.14 33.50 34.34
C ALA U 189 -55.37 34.36 34.03
N GLY U 190 -56.21 33.92 33.09
CA GLY U 190 -57.41 34.68 32.71
C GLY U 190 -57.17 35.53 31.48
N ALA U 191 -55.95 36.05 31.33
CA ALA U 191 -55.59 36.84 30.13
C ALA U 191 -54.73 35.97 29.22
N ASN U 192 -54.93 34.66 29.27
CA ASN U 192 -54.09 33.73 28.46
C ASN U 192 -54.72 33.52 27.08
N ASP U 193 -55.56 34.43 26.62
CA ASP U 193 -56.25 34.22 25.33
C ASP U 193 -55.87 35.28 24.30
N ILE U 194 -55.58 34.86 23.07
CA ILE U 194 -55.28 35.82 21.97
C ILE U 194 -55.90 35.24 20.70
N THR U 195 -56.95 35.86 20.19
CA THR U 195 -57.66 35.27 19.02
C THR U 195 -57.44 36.13 17.77
N PHE U 196 -56.90 35.52 16.71
CA PHE U 196 -56.63 36.25 15.46
C PHE U 196 -57.78 36.00 14.48
N THR U 197 -58.54 37.04 14.15
CA THR U 197 -59.61 36.87 13.13
C THR U 197 -59.10 37.51 11.83
N LEU U 198 -59.07 36.75 10.74
CA LEU U 198 -58.48 37.30 9.49
C LEU U 198 -59.16 36.63 8.29
N LYS U 199 -58.92 37.17 7.09
CA LYS U 199 -59.49 36.54 5.86
C LYS U 199 -58.35 35.88 5.09
N ASP U 200 -58.42 34.56 4.91
CA ASP U 200 -57.38 33.85 4.11
C ASP U 200 -57.30 34.52 2.73
N ILE U 201 -56.10 34.70 2.21
CA ILE U 201 -55.96 35.27 0.84
C ILE U 201 -57.02 34.63 -0.06
N ASP U 202 -57.28 33.33 0.13
CA ASP U 202 -58.33 32.63 -0.67
C ASP U 202 -59.68 33.31 -0.44
N GLY U 203 -60.03 33.59 0.82
CA GLY U 203 -61.29 34.30 1.13
C GLY U 203 -61.89 33.80 2.42
N ASN U 204 -61.68 32.52 2.73
CA ASN U 204 -62.31 31.94 3.95
C ASN U 204 -61.89 32.76 5.17
N ASP U 205 -62.84 33.06 6.05
CA ASP U 205 -62.52 33.82 7.28
C ASP U 205 -62.00 32.84 8.33
N GLN U 206 -60.86 33.16 8.96
CA GLN U 206 -60.26 32.24 9.95
C GLN U 206 -60.22 32.90 11.31
N THR U 207 -60.61 32.17 12.36
CA THR U 207 -60.52 32.72 13.73
C THR U 207 -59.63 31.77 14.54
N ILE U 208 -58.41 32.17 14.85
CA ILE U 208 -57.47 31.24 15.54
C ILE U 208 -57.30 31.68 16.99
N THR U 209 -57.85 30.91 17.92
CA THR U 209 -57.69 31.24 19.36
C THR U 209 -56.47 30.49 19.91
N VAL U 210 -55.39 31.21 20.19
CA VAL U 210 -54.20 30.56 20.80
C VAL U 210 -54.26 30.81 22.31
N ASN U 211 -54.74 29.81 23.07
CA ASN U 211 -54.78 29.95 24.55
C ASN U 211 -53.38 29.69 25.11
N ALA U 212 -52.59 30.75 25.29
CA ALA U 212 -51.19 30.59 25.76
C ALA U 212 -51.16 29.88 27.12
N LYS U 213 -50.15 29.03 27.34
CA LYS U 213 -50.03 28.38 28.66
C LYS U 213 -49.65 29.43 29.70
N GLU U 214 -50.21 29.36 30.90
CA GLU U 214 -49.94 30.39 31.92
C GLU U 214 -48.49 30.28 32.40
N GLY U 215 -47.88 31.40 32.77
CA GLY U 215 -46.51 31.38 33.31
C GLY U 215 -45.43 31.52 32.24
N ASP U 216 -45.81 31.44 30.96
CA ASP U 216 -44.80 31.48 29.88
C ASP U 216 -44.19 32.88 29.76
N ASP U 217 -42.93 32.97 29.31
CA ASP U 217 -42.32 34.30 29.09
C ASP U 217 -42.73 34.82 27.72
N ILE U 218 -42.49 36.10 27.43
CA ILE U 218 -42.95 36.68 26.13
C ILE U 218 -42.43 35.79 24.99
N GLU U 219 -41.15 35.40 25.04
CA GLU U 219 -40.57 34.60 23.94
C GLU U 219 -41.32 33.26 23.84
N GLU U 220 -41.62 32.65 24.99
CA GLU U 220 -42.32 31.34 24.99
C GLU U 220 -43.70 31.51 24.35
N VAL U 221 -44.37 32.63 24.61
CA VAL U 221 -45.67 32.87 23.91
C VAL U 221 -45.39 32.76 22.41
N ALA U 222 -44.35 33.45 21.93
CA ALA U 222 -44.08 33.47 20.48
C ALA U 222 -43.98 32.04 19.97
N THR U 223 -43.22 31.19 20.68
CA THR U 223 -43.04 29.80 20.21
C THR U 223 -44.41 29.12 20.20
N TYR U 224 -45.17 29.26 21.28
CA TYR U 224 -46.49 28.58 21.35
C TYR U 224 -47.32 29.01 20.15
N ILE U 225 -47.43 30.32 19.93
CA ILE U 225 -48.28 30.84 18.83
C ILE U 225 -47.77 30.22 17.53
N ASN U 226 -46.48 30.38 17.24
CA ASN U 226 -45.92 29.87 15.97
C ASN U 226 -46.24 28.38 15.82
N GLY U 227 -46.35 27.64 16.93
CA GLY U 227 -46.61 26.20 16.86
C GLY U 227 -48.06 25.90 16.55
N GLN U 228 -48.99 26.57 17.24
CA GLN U 228 -50.43 26.26 17.07
C GLN U 228 -50.89 26.62 15.66
N THR U 229 -50.44 27.75 15.11
CA THR U 229 -50.98 28.19 13.80
C THR U 229 -49.86 28.36 12.76
N ASP U 230 -50.24 28.59 11.51
CA ASP U 230 -49.23 28.83 10.44
C ASP U 230 -49.59 30.14 9.72
N MET U 231 -50.86 30.56 9.82
CA MET U 231 -51.30 31.79 9.10
C MET U 231 -50.45 32.98 9.56
N VAL U 232 -50.25 33.12 10.87
CA VAL U 232 -49.49 34.29 11.40
C VAL U 232 -48.18 33.81 12.02
N LYS U 233 -47.12 34.61 11.89
CA LYS U 233 -45.83 34.26 12.53
C LYS U 233 -45.58 35.24 13.67
N ALA U 234 -44.80 34.84 14.68
CA ALA U 234 -44.59 35.72 15.85
C ALA U 234 -43.10 35.80 16.20
N SER U 235 -42.66 36.94 16.72
CA SER U 235 -41.25 37.14 17.12
C SER U 235 -41.20 38.23 18.20
N VAL U 236 -40.17 38.24 19.04
CA VAL U 236 -40.10 39.24 20.14
C VAL U 236 -38.94 40.20 19.87
N ASN U 237 -39.22 41.49 19.76
CA ASN U 237 -38.15 42.47 19.41
C ASN U 237 -37.27 42.71 20.64
N GLU U 238 -36.18 43.45 20.49
CA GLU U 238 -35.23 43.67 21.61
C GLU U 238 -35.94 44.33 22.79
N LYS U 239 -37.01 45.09 22.51
CA LYS U 239 -37.72 45.82 23.58
C LYS U 239 -38.74 44.89 24.25
N GLY U 240 -38.89 43.67 23.73
CA GLY U 240 -39.80 42.70 24.35
C GLY U 240 -41.23 42.85 23.84
N GLN U 241 -41.38 43.26 22.58
CA GLN U 241 -42.74 43.42 21.99
C GLN U 241 -42.99 42.27 21.03
N LEU U 242 -44.19 41.69 21.07
CA LEU U 242 -44.48 40.49 20.23
C LEU U 242 -44.81 40.93 18.80
N GLN U 243 -43.79 41.06 17.94
CA GLN U 243 -44.08 41.37 16.52
C GLN U 243 -44.80 40.17 15.90
N ILE U 244 -45.85 40.43 15.12
CA ILE U 244 -46.62 39.35 14.44
C ILE U 244 -46.68 39.66 12.95
N PHE U 245 -46.29 38.71 12.10
CA PHE U 245 -46.26 38.95 10.64
C PHE U 245 -47.32 38.11 9.95
N ALA U 246 -47.97 38.66 8.92
CA ALA U 246 -48.97 37.88 8.15
C ALA U 246 -48.59 37.92 6.67
N GLY U 247 -48.23 36.77 6.10
CA GLY U 247 -47.77 36.75 4.70
C GLY U 247 -48.90 37.09 3.75
N ASN U 248 -48.68 38.03 2.84
CA ASN U 248 -49.73 38.45 1.88
C ASN U 248 -50.07 37.25 0.98
N ASN U 249 -49.34 36.15 1.14
CA ASN U 249 -49.59 34.93 0.32
C ASN U 249 -50.40 33.93 1.15
N LYS U 250 -50.89 34.34 2.32
CA LYS U 250 -51.75 33.43 3.13
C LYS U 250 -52.97 34.21 3.66
N VAL U 251 -52.78 35.47 4.03
CA VAL U 251 -53.90 36.24 4.65
C VAL U 251 -54.19 37.48 3.81
N THR U 252 -55.46 37.78 3.54
CA THR U 252 -55.83 39.02 2.82
C THR U 252 -56.50 39.98 3.80
N GLY U 253 -56.30 41.28 3.62
CA GLY U 253 -56.89 42.29 4.53
C GLY U 253 -56.14 42.38 5.84
N ASP U 254 -56.71 43.07 6.83
CA ASP U 254 -56.03 43.24 8.14
C ASP U 254 -56.23 42.00 9.01
N VAL U 255 -55.52 41.90 10.13
CA VAL U 255 -55.70 40.74 11.04
C VAL U 255 -56.25 41.28 12.37
N ALA U 256 -57.42 40.77 12.80
CA ALA U 256 -58.06 41.29 14.03
C ALA U 256 -57.49 40.59 15.25
N PHE U 257 -56.67 41.29 16.04
CA PHE U 257 -56.07 40.72 17.25
C PHE U 257 -56.98 41.02 18.44
N SER U 258 -57.80 40.05 18.85
CA SER U 258 -58.75 40.28 19.96
C SER U 258 -58.61 39.19 21.03
N GLY U 259 -58.53 39.58 22.30
CA GLY U 259 -58.41 38.60 23.39
C GLY U 259 -57.68 39.20 24.59
N GLY U 260 -57.68 38.49 25.72
CA GLY U 260 -57.07 39.04 26.95
C GLY U 260 -55.60 39.35 26.77
N LEU U 261 -54.82 38.38 26.29
CA LEU U 261 -53.38 38.63 26.05
C LEU U 261 -53.26 39.85 25.12
N ALA U 262 -54.12 39.93 24.11
CA ALA U 262 -54.08 41.07 23.17
C ALA U 262 -54.34 42.36 23.95
N GLY U 263 -55.22 42.31 24.95
CA GLY U 263 -55.51 43.49 25.77
C GLY U 263 -54.24 44.02 26.40
N ALA U 264 -53.42 43.13 26.96
CA ALA U 264 -52.17 43.53 27.64
C ALA U 264 -51.28 44.26 26.63
N LEU U 265 -51.05 43.65 25.46
CA LEU U 265 -50.27 44.33 24.41
C LEU U 265 -51.20 45.35 23.74
N ASN U 266 -50.74 46.01 22.68
CA ASN U 266 -51.66 46.91 21.94
C ASN U 266 -51.75 46.42 20.49
N MET U 267 -50.71 45.71 20.03
CA MET U 267 -50.68 45.17 18.64
C MET U 267 -50.61 46.35 17.65
N GLN U 268 -50.68 47.58 18.14
CA GLN U 268 -50.53 48.78 17.27
C GLN U 268 -51.30 48.57 15.96
N ALA U 269 -50.62 48.77 14.82
CA ALA U 269 -51.31 48.67 13.52
C ALA U 269 -50.49 47.81 12.55
N GLY U 270 -51.05 47.52 11.37
CA GLY U 270 -50.35 46.67 10.39
C GLY U 270 -49.54 47.49 9.40
N THR U 271 -48.24 47.23 9.31
CA THR U 271 -47.38 47.94 8.33
C THR U 271 -46.94 46.95 7.25
N ALA U 272 -47.10 47.33 5.97
CA ALA U 272 -46.70 46.44 4.86
C ALA U 272 -45.17 46.32 4.85
N GLU U 273 -44.66 45.10 4.61
CA GLU U 273 -43.19 44.87 4.58
C GLU U 273 -42.86 43.93 3.41
N THR U 274 -41.86 44.30 2.60
CA THR U 274 -41.44 43.42 1.48
C THR U 274 -39.92 43.26 1.60
N VAL U 275 -39.34 42.30 0.89
CA VAL U 275 -37.88 42.05 1.05
C VAL U 275 -37.16 43.38 0.82
N ASP U 276 -37.56 44.13 -0.21
CA ASP U 276 -36.89 45.41 -0.53
C ASP U 276 -36.78 46.27 0.72
N THR U 277 -37.57 45.98 1.77
CA THR U 277 -37.58 46.86 2.96
C THR U 277 -36.92 46.20 4.17
N ILE U 278 -36.50 44.94 4.08
CA ILE U 278 -35.98 44.25 5.29
C ILE U 278 -34.73 44.95 5.80
N ASP U 279 -34.58 45.04 7.13
CA ASP U 279 -33.37 45.63 7.76
C ASP U 279 -33.03 44.77 8.97
N VAL U 280 -31.76 44.34 9.10
CA VAL U 280 -31.42 43.40 10.20
C VAL U 280 -30.45 44.10 11.17
N THR U 281 -30.46 45.43 11.18
CA THR U 281 -29.61 46.18 12.14
C THR U 281 -30.18 46.01 13.55
N SER U 282 -31.38 45.45 13.67
CA SER U 282 -32.03 45.28 14.99
C SER U 282 -32.53 43.84 15.15
N VAL U 283 -32.67 43.37 16.38
CA VAL U 283 -33.05 41.94 16.60
C VAL U 283 -34.46 41.70 16.07
N GLY U 284 -35.37 42.66 16.28
CA GLY U 284 -36.73 42.51 15.74
C GLY U 284 -36.68 42.41 14.22
N GLY U 285 -35.92 43.29 13.59
CA GLY U 285 -35.84 43.31 12.12
C GLY U 285 -35.35 41.96 11.61
N ALA U 286 -34.38 41.37 12.30
CA ALA U 286 -33.87 40.05 11.90
C ALA U 286 -34.99 39.02 11.99
N GLN U 287 -35.65 38.93 13.15
CA GLN U 287 -36.70 37.92 13.33
C GLN U 287 -37.79 38.17 12.28
N GLN U 288 -38.18 39.43 12.09
CA GLN U 288 -39.26 39.76 11.13
C GLN U 288 -38.80 39.40 9.71
N SER U 289 -37.53 39.65 9.42
CA SER U 289 -37.04 39.40 8.05
C SER U 289 -37.19 37.90 7.74
N VAL U 290 -36.89 37.04 8.71
CA VAL U 290 -36.97 35.58 8.45
C VAL U 290 -38.34 35.32 7.84
N ALA U 291 -39.37 35.90 8.44
CA ALA U 291 -40.75 35.67 7.96
C ALA U 291 -40.90 36.20 6.53
N VAL U 292 -40.48 37.44 6.30
CA VAL U 292 -40.69 38.04 4.95
C VAL U 292 -39.99 37.15 3.92
N ILE U 293 -38.74 36.79 4.19
CA ILE U 293 -37.96 35.98 3.21
C ILE U 293 -38.72 34.67 2.99
N ASP U 294 -39.27 34.08 4.05
CA ASP U 294 -39.97 32.77 3.93
C ASP U 294 -41.18 32.92 3.00
N SER U 295 -42.00 33.95 3.21
CA SER U 295 -43.17 34.19 2.32
C SER U 295 -42.67 34.42 0.89
N ALA U 296 -41.55 35.14 0.75
CA ALA U 296 -40.98 35.39 -0.59
C ALA U 296 -40.62 34.05 -1.22
N LEU U 297 -39.94 33.20 -0.47
CA LEU U 297 -39.52 31.88 -1.01
C LEU U 297 -40.77 31.12 -1.45
N LYS U 298 -41.84 31.19 -0.65
CA LYS U 298 -43.08 30.46 -0.99
C LYS U 298 -43.62 30.99 -2.31
N TYR U 299 -43.68 32.32 -2.45
CA TYR U 299 -44.13 32.94 -3.72
C TYR U 299 -43.25 32.44 -4.84
N VAL U 300 -41.94 32.62 -4.69
CA VAL U 300 -40.98 32.19 -5.75
C VAL U 300 -41.30 30.74 -6.09
N ASP U 301 -41.30 29.86 -5.07
CA ASP U 301 -41.55 28.42 -5.31
C ASP U 301 -42.84 28.25 -6.12
N SER U 302 -43.90 28.94 -5.72
CA SER U 302 -45.21 28.79 -6.40
C SER U 302 -45.07 29.13 -7.89
N HIS U 303 -44.52 30.31 -8.18
CA HIS U 303 -44.43 30.74 -9.61
C HIS U 303 -43.64 29.68 -10.38
N ARG U 304 -42.56 29.21 -9.78
CA ARG U 304 -41.74 28.16 -10.43
C ARG U 304 -42.65 26.95 -10.68
N ALA U 305 -43.45 26.57 -9.69
CA ALA U 305 -44.34 25.41 -9.83
C ALA U 305 -45.28 25.65 -11.02
N GLU U 306 -45.90 26.83 -11.07
CA GLU U 306 -46.85 27.13 -12.16
C GLU U 306 -46.11 27.01 -13.50
N LEU U 307 -44.92 27.60 -13.59
CA LEU U 307 -44.15 27.56 -14.86
C LEU U 307 -43.83 26.09 -15.19
N GLY U 308 -43.47 25.31 -14.17
CA GLY U 308 -43.13 23.89 -14.41
C GLY U 308 -44.30 23.17 -15.07
N ALA U 309 -45.51 23.40 -14.56
CA ALA U 309 -46.70 22.78 -15.17
C ALA U 309 -46.80 23.22 -16.63
N PHE U 310 -46.65 24.53 -16.86
CA PHE U 310 -46.74 25.07 -18.24
C PHE U 310 -45.81 24.25 -19.14
N GLN U 311 -44.58 24.02 -18.65
CA GLN U 311 -43.61 23.22 -19.45
C GLN U 311 -44.17 21.82 -19.65
N ASN U 312 -44.35 21.06 -18.56
CA ASN U 312 -44.87 19.68 -18.68
C ASN U 312 -46.05 19.67 -19.66
N ARG U 313 -46.97 20.61 -19.50
CA ARG U 313 -48.18 20.61 -20.36
C ARG U 313 -47.72 20.72 -21.82
N PHE U 314 -46.89 21.73 -22.13
CA PHE U 314 -46.49 21.92 -23.54
C PHE U 314 -45.82 20.63 -24.04
N ASN U 315 -45.03 19.99 -23.18
CA ASN U 315 -44.29 18.78 -23.62
C ASN U 315 -45.29 17.76 -24.17
N HIS U 316 -46.34 17.45 -23.40
CA HIS U 316 -47.34 16.46 -23.84
C HIS U 316 -47.97 16.97 -25.14
N ALA U 317 -48.24 18.27 -25.21
CA ALA U 317 -48.87 18.83 -26.42
C ALA U 317 -47.97 18.51 -27.61
N ILE U 318 -46.68 18.84 -27.51
CA ILE U 318 -45.75 18.63 -28.64
C ILE U 318 -45.83 17.15 -29.05
N SER U 319 -45.87 16.26 -28.06
CA SER U 319 -45.95 14.82 -28.36
C SER U 319 -47.21 14.54 -29.16
N ASN U 320 -48.36 15.03 -28.69
CA ASN U 320 -49.64 14.76 -29.39
C ASN U 320 -49.54 15.36 -30.79
N LEU U 321 -49.02 16.59 -30.88
CA LEU U 321 -48.95 17.28 -32.19
C LEU U 321 -48.21 16.38 -33.19
N ASP U 322 -47.04 15.87 -32.83
CA ASP U 322 -46.24 15.11 -33.82
C ASP U 322 -47.02 13.85 -34.23
N ASN U 323 -47.67 13.19 -33.27
CA ASN U 323 -48.41 11.95 -33.58
C ASN U 323 -49.49 12.28 -34.61
N ILE U 324 -50.25 13.33 -34.35
CA ILE U 324 -51.33 13.73 -35.31
C ILE U 324 -50.63 14.06 -36.64
N ASN U 325 -49.49 14.74 -36.57
CA ASN U 325 -48.77 15.13 -37.81
C ASN U 325 -48.50 13.87 -38.63
N GLU U 326 -47.98 12.82 -37.99
CA GLU U 326 -47.60 11.60 -38.73
C GLU U 326 -48.84 11.03 -39.43
N ASN U 327 -49.93 10.87 -38.69
CA ASN U 327 -51.15 10.25 -39.29
C ASN U 327 -51.66 11.15 -40.42
N VAL U 328 -51.54 12.47 -40.25
CA VAL U 328 -52.05 13.41 -41.29
C VAL U 328 -51.21 13.24 -42.55
N ASN U 329 -49.88 13.22 -42.41
CA ASN U 329 -49.01 13.01 -43.60
C ASN U 329 -49.31 11.62 -44.17
N ALA U 330 -49.56 10.64 -43.29
CA ALA U 330 -49.86 9.27 -43.76
C ALA U 330 -51.11 9.29 -44.62
N SER U 331 -52.17 9.94 -44.14
CA SER U 331 -53.43 10.01 -44.90
C SER U 331 -53.20 10.78 -46.20
N LYS U 332 -52.47 11.90 -46.14
CA LYS U 332 -52.22 12.70 -47.35
C LYS U 332 -51.59 11.78 -48.38
N SER U 333 -50.73 10.89 -47.93
CA SER U 333 -50.04 9.97 -48.87
C SER U 333 -51.08 9.11 -49.58
N ARG U 334 -52.00 8.50 -48.83
CA ARG U 334 -52.96 7.56 -49.45
C ARG U 334 -53.85 8.32 -50.43
N ILE U 335 -53.71 9.65 -50.51
CA ILE U 335 -54.62 10.45 -51.38
C ILE U 335 -53.84 11.20 -52.44
N LYS U 336 -52.71 11.82 -52.09
CA LYS U 336 -52.00 12.67 -53.08
C LYS U 336 -50.79 11.95 -53.69
N ASP U 337 -50.12 11.07 -52.93
CA ASP U 337 -48.88 10.43 -53.44
C ASP U 337 -49.19 9.44 -54.57
N THR U 338 -48.20 9.12 -55.40
CA THR U 338 -48.40 8.15 -56.50
C THR U 338 -47.95 6.75 -56.09
N ASP U 339 -48.73 5.72 -56.42
CA ASP U 339 -48.26 4.34 -56.16
C ASP U 339 -47.37 3.95 -57.34
N PHE U 340 -46.07 4.19 -57.22
CA PHE U 340 -45.16 3.95 -58.38
C PHE U 340 -45.51 2.60 -59.02
N ALA U 341 -45.77 1.58 -58.20
CA ALA U 341 -46.09 0.25 -58.74
C ALA U 341 -47.18 0.38 -59.80
N LYS U 342 -48.37 0.84 -59.40
CA LYS U 342 -49.50 0.95 -60.35
C LYS U 342 -49.09 1.89 -61.48
N GLU U 343 -48.55 3.05 -61.14
CA GLU U 343 -48.21 4.07 -62.17
C GLU U 343 -47.25 3.45 -63.19
N THR U 344 -46.17 2.82 -62.72
CA THR U 344 -45.17 2.28 -63.66
C THR U 344 -45.84 1.23 -64.55
N THR U 345 -46.56 0.29 -63.93
CA THR U 345 -47.28 -0.74 -64.73
C THR U 345 -48.11 -0.04 -65.79
N ALA U 346 -48.82 1.01 -65.41
CA ALA U 346 -49.71 1.70 -66.36
C ALA U 346 -48.89 2.31 -67.49
N LEU U 347 -47.79 2.99 -67.15
CA LEU U 347 -47.00 3.65 -68.20
C LEU U 347 -46.59 2.60 -69.23
N THR U 348 -46.09 1.45 -68.76
CA THR U 348 -45.65 0.38 -69.69
C THR U 348 -46.83 -0.02 -70.57
N LYS U 349 -47.98 -0.29 -69.96
CA LYS U 349 -49.18 -0.73 -70.73
C LYS U 349 -49.49 0.33 -71.78
N SER U 350 -49.42 1.60 -71.40
CA SER U 350 -49.75 2.69 -72.35
C SER U 350 -48.78 2.63 -73.53
N GLN U 351 -47.49 2.47 -73.23
CA GLN U 351 -46.47 2.43 -74.32
C GLN U 351 -46.71 1.22 -75.22
N ILE U 352 -47.09 0.08 -74.63
CA ILE U 352 -47.40 -1.13 -75.45
C ILE U 352 -48.56 -0.80 -76.37
N LEU U 353 -49.66 -0.29 -75.82
CA LEU U 353 -50.84 0.10 -76.63
C LEU U 353 -50.40 1.16 -77.65
N SER U 354 -49.47 2.03 -77.26
CA SER U 354 -48.97 3.07 -78.19
C SER U 354 -48.32 2.41 -79.41
N GLN U 355 -47.37 1.50 -79.17
CA GLN U 355 -46.65 0.86 -80.29
C GLN U 355 -47.63 0.02 -81.10
N ALA U 356 -48.56 -0.65 -80.42
CA ALA U 356 -49.58 -1.45 -81.13
C ALA U 356 -50.35 -0.54 -82.09
N SER U 357 -50.86 0.58 -81.57
CA SER U 357 -51.68 1.47 -82.42
C SER U 357 -50.87 1.97 -83.61
N SER U 358 -49.65 2.44 -83.37
CA SER U 358 -48.80 2.87 -84.50
C SER U 358 -48.69 1.72 -85.50
N SER U 359 -48.40 0.52 -85.01
CA SER U 359 -48.19 -0.63 -85.93
C SER U 359 -49.45 -0.83 -86.77
N VAL U 360 -50.60 -0.84 -86.11
CA VAL U 360 -51.89 -1.06 -86.84
C VAL U 360 -52.07 0.10 -87.82
N LEU U 361 -51.89 1.33 -87.34
CA LEU U 361 -52.07 2.51 -88.22
C LEU U 361 -51.21 2.30 -89.47
N ALA U 362 -49.92 2.02 -89.28
CA ALA U 362 -49.01 1.89 -90.43
C ALA U 362 -49.58 0.86 -91.40
N GLN U 363 -50.13 -0.23 -90.87
CA GLN U 363 -50.67 -1.32 -91.73
C GLN U 363 -51.90 -0.81 -92.46
N ALA U 364 -52.78 -0.10 -91.77
CA ALA U 364 -54.04 0.38 -92.38
C ALA U 364 -53.73 1.43 -93.44
N LYS U 365 -52.73 2.28 -93.20
CA LYS U 365 -52.44 3.38 -94.16
C LYS U 365 -52.28 2.80 -95.57
N GLN U 366 -51.88 1.54 -95.70
CA GLN U 366 -51.60 0.98 -97.05
C GLN U 366 -52.88 0.41 -97.67
N ALA U 367 -54.00 0.45 -96.96
CA ALA U 367 -55.24 -0.16 -97.48
C ALA U 367 -55.59 0.44 -98.85
N PRO U 368 -55.54 1.77 -99.06
CA PRO U 368 -55.78 2.34 -100.39
C PRO U 368 -54.91 1.71 -101.47
N ASN U 369 -53.68 1.31 -101.13
CA ASN U 369 -52.76 0.75 -102.16
C ASN U 369 -53.44 -0.43 -102.84
N ALA U 370 -54.31 -1.13 -102.12
CA ALA U 370 -55.05 -2.26 -102.72
C ALA U 370 -55.81 -1.76 -103.96
N ALA U 371 -56.40 -0.57 -103.86
CA ALA U 371 -57.23 -0.06 -104.98
C ALA U 371 -56.36 0.16 -106.22
N LEU U 372 -55.16 0.71 -106.02
CA LEU U 372 -54.27 0.99 -107.18
C LEU U 372 -54.11 -0.32 -107.96
N SER U 373 -53.86 -1.41 -107.24
CA SER U 373 -53.71 -2.74 -107.91
C SER U 373 -55.03 -3.14 -108.55
N LEU U 374 -56.15 -2.95 -107.84
CA LEU U 374 -57.46 -3.39 -108.37
C LEU U 374 -57.61 -2.92 -109.81
N LEU U 375 -57.34 -1.63 -110.05
CA LEU U 375 -57.51 -1.09 -111.42
C LEU U 375 -56.30 -0.22 -111.77
N GLY U 376 -55.57 -0.60 -112.82
CA GLY U 376 -54.38 0.17 -113.23
C GLY U 376 -53.28 0.08 -112.18
N ALA V 1 -33.32 16.32 -30.80
CA ALA V 1 -33.16 15.88 -32.20
C ALA V 1 -31.73 15.44 -32.45
N VAL V 2 -31.16 15.79 -33.60
CA VAL V 2 -29.74 15.44 -33.91
C VAL V 2 -29.03 16.69 -34.39
N ASN V 3 -28.86 17.67 -33.49
CA ASN V 3 -28.15 18.93 -33.85
C ASN V 3 -26.65 18.68 -33.76
N VAL V 4 -25.86 19.50 -34.46
CA VAL V 4 -24.38 19.31 -34.46
C VAL V 4 -23.75 20.62 -34.02
N ASN V 5 -24.43 21.74 -34.26
CA ASN V 5 -23.82 23.06 -33.95
C ASN V 5 -24.08 23.45 -32.49
N THR V 6 -24.62 22.53 -31.69
CA THR V 6 -24.84 22.83 -30.25
C THR V 6 -24.77 21.54 -29.42
N ASN V 7 -24.68 21.67 -28.10
CA ASN V 7 -24.59 20.48 -27.20
C ASN V 7 -25.06 20.89 -25.81
N VAL V 8 -26.32 21.31 -25.68
CA VAL V 8 -26.83 21.79 -24.36
C VAL V 8 -26.30 20.84 -23.27
N ALA V 9 -26.42 19.54 -23.51
CA ALA V 9 -25.93 18.55 -22.53
C ALA V 9 -24.53 18.96 -22.06
N ALA V 10 -23.60 19.12 -22.99
CA ALA V 10 -22.22 19.47 -22.61
C ALA V 10 -22.27 20.65 -21.64
N MET V 11 -22.91 21.75 -22.06
CA MET V 11 -22.95 22.96 -21.22
C MET V 11 -23.45 22.59 -19.84
N THR V 12 -24.57 21.86 -19.75
CA THR V 12 -25.15 21.56 -18.43
C THR V 12 -24.06 20.95 -17.54
N ALA V 13 -23.36 19.95 -18.05
CA ALA V 13 -22.27 19.33 -17.28
C ALA V 13 -21.23 20.40 -16.95
N GLN V 14 -20.62 20.99 -17.98
CA GLN V 14 -19.55 21.99 -17.74
C GLN V 14 -19.93 22.84 -16.54
N ARG V 15 -21.16 23.34 -16.51
CA ARG V 15 -21.58 24.24 -15.41
C ARG V 15 -21.43 23.50 -14.08
N TYR V 16 -21.86 22.24 -14.02
CA TYR V 16 -21.82 21.51 -12.73
C TYR V 16 -20.37 21.21 -12.38
N LEU V 17 -19.57 20.85 -13.39
CA LEU V 17 -18.14 20.57 -13.15
C LEU V 17 -17.53 21.79 -12.43
N THR V 18 -17.78 22.98 -12.97
CA THR V 18 -17.17 24.20 -12.39
C THR V 18 -17.58 24.27 -10.91
N GLY V 19 -18.84 24.00 -10.63
CA GLY V 19 -19.32 24.10 -9.23
C GLY V 19 -18.46 23.26 -8.32
N ALA V 20 -18.30 21.98 -8.65
CA ALA V 20 -17.46 21.09 -7.82
C ALA V 20 -16.02 21.63 -7.80
N THR V 21 -15.48 21.95 -8.97
CA THR V 21 -14.07 22.39 -9.03
C THR V 21 -13.89 23.52 -8.01
N ASN V 22 -14.81 24.48 -8.03
CA ASN V 22 -14.72 25.64 -7.09
C ASN V 22 -14.96 25.14 -5.67
N ALA V 23 -15.86 24.17 -5.51
CA ALA V 23 -16.13 23.63 -4.17
C ALA V 23 -14.83 23.03 -3.61
N GLN V 24 -14.08 22.33 -4.45
CA GLN V 24 -12.79 21.74 -4.00
C GLN V 24 -11.89 22.88 -3.54
N GLN V 25 -11.71 23.91 -4.37
CA GLN V 25 -10.76 24.99 -3.99
C GLN V 25 -11.14 25.50 -2.60
N THR V 26 -12.43 25.73 -2.36
CA THR V 26 -12.86 26.29 -1.06
C THR V 26 -12.47 25.33 0.06
N SER V 27 -12.84 24.06 -0.08
CA SER V 27 -12.57 23.07 0.98
C SER V 27 -11.06 22.95 1.18
N MET V 28 -10.32 22.77 0.09
CA MET V 28 -8.85 22.60 0.21
C MET V 28 -8.28 23.81 0.97
N GLU V 29 -8.71 25.01 0.60
CA GLU V 29 -8.17 26.23 1.23
C GLU V 29 -8.43 26.14 2.74
N ARG V 30 -9.66 25.83 3.12
CA ARG V 30 -10.02 25.75 4.55
C ARG V 30 -9.14 24.68 5.21
N LEU V 31 -8.98 23.53 4.55
CA LEU V 31 -8.16 22.44 5.13
C LEU V 31 -6.72 22.92 5.30
N SER V 32 -6.19 23.60 4.29
CA SER V 32 -4.78 24.07 4.34
C SER V 32 -4.63 25.13 5.43
N SER V 33 -5.41 26.21 5.36
CA SER V 33 -5.26 27.32 6.32
C SER V 33 -5.56 26.87 7.75
N GLY V 34 -6.53 25.97 7.92
CA GLY V 34 -6.94 25.58 9.28
C GLY V 34 -8.04 26.51 9.78
N PHE V 35 -8.48 27.44 8.93
CA PHE V 35 -9.56 28.39 9.30
C PHE V 35 -10.68 28.32 8.28
N LYS V 36 -11.93 28.16 8.74
CA LYS V 36 -13.10 28.11 7.83
C LYS V 36 -13.28 29.47 7.15
N ILE V 37 -13.15 30.57 7.91
CA ILE V 37 -13.30 31.94 7.34
C ILE V 37 -11.91 32.50 6.98
N ASN V 38 -11.54 32.43 5.70
CA ASN V 38 -10.22 32.95 5.26
C ASN V 38 -10.43 34.23 4.46
N SER V 39 -11.68 34.62 4.25
CA SER V 39 -12.02 35.87 3.52
C SER V 39 -13.44 36.26 3.90
N ALA V 40 -13.80 37.54 3.78
CA ALA V 40 -15.14 37.98 4.24
C ALA V 40 -16.24 37.21 3.49
N LYS V 41 -15.96 36.82 2.24
CA LYS V 41 -16.98 36.12 1.42
C LYS V 41 -17.57 34.96 2.25
N ASP V 42 -16.76 34.34 3.10
CA ASP V 42 -17.23 33.17 3.89
C ASP V 42 -18.25 33.61 4.94
N ASP V 43 -17.88 34.57 5.80
CA ASP V 43 -18.80 35.03 6.89
C ASP V 43 -18.34 36.40 7.37
N ALA V 44 -18.77 37.47 6.70
CA ALA V 44 -18.30 38.82 7.06
C ALA V 44 -18.55 39.06 8.55
N ALA V 45 -19.73 38.68 9.02
CA ALA V 45 -20.08 38.89 10.44
C ALA V 45 -19.01 38.21 11.31
N GLY V 46 -18.73 36.95 11.01
CA GLY V 46 -17.72 36.20 11.79
C GLY V 46 -16.34 36.82 11.65
N LEU V 47 -15.94 37.11 10.42
CA LEU V 47 -14.63 37.78 10.23
C LEU V 47 -14.54 38.90 11.26
N GLN V 48 -15.52 39.79 11.27
CA GLN V 48 -15.47 40.96 12.19
C GLN V 48 -15.46 40.47 13.64
N ILE V 49 -16.43 39.64 14.02
CA ILE V 49 -16.52 39.23 15.46
C ILE V 49 -15.28 38.41 15.83
N SER V 50 -14.81 37.55 14.92
CA SER V 50 -13.60 36.74 15.21
C SER V 50 -12.40 37.67 15.32
N ASN V 51 -12.27 38.61 14.39
CA ASN V 51 -11.10 39.53 14.42
C ASN V 51 -11.09 40.20 15.78
N ARG V 52 -12.26 40.66 16.23
CA ARG V 52 -12.35 41.32 17.55
C ARG V 52 -11.90 40.33 18.63
N LEU V 53 -12.38 39.09 18.54
CA LEU V 53 -11.98 38.06 19.54
C LEU V 53 -10.47 37.83 19.44
N ASN V 54 -9.95 37.73 18.22
CA ASN V 54 -8.49 37.52 18.04
C ASN V 54 -7.77 38.69 18.71
N VAL V 55 -8.22 39.91 18.43
CA VAL V 55 -7.58 41.11 19.05
C VAL V 55 -7.69 40.98 20.57
N GLN V 56 -8.88 40.69 21.07
CA GLN V 56 -9.07 40.65 22.55
C GLN V 56 -8.07 39.66 23.14
N SER V 57 -7.97 38.47 22.54
CA SER V 57 -7.08 37.43 23.12
C SER V 57 -5.64 37.92 23.10
N ARG V 58 -5.20 38.48 21.97
CA ARG V 58 -3.80 38.93 21.86
C ARG V 58 -3.56 39.99 22.93
N GLY V 59 -4.50 40.91 23.10
CA GLY V 59 -4.38 41.93 24.15
C GLY V 59 -4.37 41.31 25.53
N LEU V 60 -5.20 40.29 25.75
CA LEU V 60 -5.25 39.60 27.06
C LEU V 60 -3.86 39.03 27.38
N ASP V 61 -3.16 38.53 26.36
CA ASP V 61 -1.78 38.03 26.58
C ASP V 61 -0.89 39.19 27.04
N VAL V 62 -0.93 40.31 26.31
CA VAL V 62 -0.08 41.47 26.69
C VAL V 62 -0.40 41.85 28.13
N ALA V 63 -1.68 41.81 28.50
CA ALA V 63 -2.06 42.22 29.87
C ALA V 63 -1.35 41.31 30.88
N VAL V 64 -1.48 39.99 30.71
CA VAL V 64 -0.89 39.04 31.70
C VAL V 64 0.61 39.36 31.82
N ARG V 65 1.27 39.56 30.68
CA ARG V 65 2.71 39.95 30.72
C ARG V 65 2.84 41.24 31.53
N ASN V 66 2.08 42.28 31.15
CA ASN V 66 2.18 43.58 31.85
C ASN V 66 1.90 43.37 33.34
N ALA V 67 0.88 42.58 33.66
CA ALA V 67 0.50 42.37 35.08
C ALA V 67 1.64 41.68 35.82
N ASN V 68 2.18 40.60 35.25
CA ASN V 68 3.30 39.89 35.89
C ASN V 68 4.43 40.89 36.13
N ASP V 69 4.70 41.73 35.13
CA ASP V 69 5.78 42.74 35.26
C ASP V 69 5.49 43.61 36.48
N GLY V 70 4.22 43.99 36.65
CA GLY V 70 3.84 44.81 37.82
C GLY V 70 4.15 44.07 39.11
N ILE V 71 3.73 42.81 39.21
CA ILE V 71 4.02 42.00 40.43
C ILE V 71 5.53 42.00 40.63
N SER V 72 6.28 41.80 39.54
CA SER V 72 7.76 41.73 39.64
C SER V 72 8.26 43.01 40.32
N ILE V 73 7.90 44.16 39.75
CA ILE V 73 8.37 45.45 40.32
C ILE V 73 8.03 45.44 41.82
N ALA V 74 6.78 45.15 42.16
CA ALA V 74 6.37 45.18 43.57
C ALA V 74 7.27 44.24 44.37
N GLN V 75 7.46 43.02 43.89
CA GLN V 75 8.27 42.03 44.64
C GLN V 75 9.63 42.66 44.93
N THR V 76 10.28 43.20 43.91
CA THR V 76 11.63 43.78 44.09
C THR V 76 11.56 44.87 45.16
N ALA V 77 10.54 45.72 45.08
CA ALA V 77 10.42 46.84 46.05
C ALA V 77 10.22 46.30 47.47
N GLU V 78 9.28 45.37 47.65
CA GLU V 78 8.99 44.87 49.02
C GLU V 78 10.26 44.24 49.59
N GLY V 79 10.98 43.47 48.77
CA GLY V 79 12.19 42.78 49.27
C GLY V 79 13.22 43.76 49.76
N ALA V 80 13.43 44.83 49.00
CA ALA V 80 14.40 45.87 49.41
C ALA V 80 13.97 46.41 50.78
N MET V 81 12.68 46.65 50.96
CA MET V 81 12.18 47.23 52.23
C MET V 81 12.36 46.21 53.35
N ASN V 82 12.45 44.93 53.02
CA ASN V 82 12.70 43.88 54.04
C ASN V 82 14.03 44.19 54.71
N GLU V 83 15.05 44.50 53.92
CA GLU V 83 16.36 44.87 54.50
C GLU V 83 16.20 46.20 55.26
N THR V 84 15.41 47.12 54.72
CA THR V 84 15.17 48.39 55.45
C THR V 84 14.63 48.03 56.84
N THR V 85 13.61 47.17 56.89
CA THR V 85 13.00 46.82 58.20
C THR V 85 14.07 46.23 59.10
N ASN V 86 14.86 45.29 58.58
CA ASN V 86 15.87 44.62 59.43
C ASN V 86 16.80 45.68 60.01
N ILE V 87 17.27 46.60 59.17
CA ILE V 87 18.24 47.63 59.64
C ILE V 87 17.58 48.50 60.71
N LEU V 88 16.36 48.97 60.45
CA LEU V 88 15.68 49.86 61.42
C LEU V 88 15.57 49.14 62.76
N GLN V 89 15.15 47.87 62.74
CA GLN V 89 14.97 47.12 64.00
C GLN V 89 16.31 47.08 64.74
N ARG V 90 17.40 46.80 64.03
CA ARG V 90 18.73 46.70 64.68
C ARG V 90 19.02 48.03 65.37
N MET V 91 18.78 49.14 64.69
CA MET V 91 19.06 50.47 65.28
C MET V 91 18.24 50.59 66.56
N ARG V 92 16.98 50.12 66.52
CA ARG V 92 16.09 50.20 67.71
C ARG V 92 16.76 49.47 68.86
N ASP V 93 17.27 48.27 68.60
CA ASP V 93 17.90 47.47 69.68
C ASP V 93 19.10 48.25 70.21
N LEU V 94 19.88 48.86 69.31
CA LEU V 94 21.08 49.63 69.73
C LEU V 94 20.62 50.81 70.59
N SER V 95 19.48 51.40 70.25
CA SER V 95 18.99 52.59 71.01
C SER V 95 18.71 52.18 72.45
N LEU V 96 18.04 51.04 72.64
CA LEU V 96 17.76 50.55 74.02
C LEU V 96 19.09 50.29 74.72
N GLN V 97 20.08 49.77 73.98
CA GLN V 97 21.41 49.48 74.57
C GLN V 97 22.01 50.79 75.09
N SER V 98 21.92 51.87 74.31
CA SER V 98 22.44 53.18 74.74
C SER V 98 21.64 53.70 75.93
N ALA V 99 20.31 53.61 75.87
CA ALA V 99 19.46 54.16 76.95
C ALA V 99 20.04 53.78 78.32
N ASN V 100 20.41 52.51 78.52
CA ASN V 100 20.88 52.06 79.85
C ASN V 100 21.97 53.03 80.35
N GLY V 101 21.87 53.45 81.60
CA GLY V 101 22.83 54.44 82.15
C GLY V 101 24.25 53.94 82.18
N SER V 102 24.47 52.64 82.36
CA SER V 102 25.86 52.13 82.51
C SER V 102 26.74 52.71 81.39
N ASN V 103 26.25 52.67 80.16
CA ASN V 103 27.06 53.15 79.01
C ASN V 103 27.51 54.60 79.25
N SER V 104 28.76 54.91 78.93
CA SER V 104 29.24 56.31 79.04
C SER V 104 29.36 56.91 77.64
N LYS V 105 29.71 58.20 77.55
CA LYS V 105 29.78 58.87 76.22
C LYS V 105 30.54 57.98 75.24
N SER V 106 31.73 57.52 75.61
CA SER V 106 32.56 56.75 74.66
C SER V 106 31.78 55.55 74.12
N GLU V 107 31.13 54.80 75.02
CA GLU V 107 30.36 53.61 74.59
C GLU V 107 29.22 54.07 73.68
N ARG V 108 28.43 55.05 74.12
CA ARG V 108 27.33 55.58 73.28
C ARG V 108 27.92 56.06 71.95
N VAL V 109 29.10 56.70 72.00
CA VAL V 109 29.72 57.24 70.76
C VAL V 109 29.92 56.09 69.78
N ALA V 110 30.34 54.93 70.29
CA ALA V 110 30.52 53.75 69.42
C ALA V 110 29.16 53.38 68.84
N ILE V 111 28.13 53.30 69.68
CA ILE V 111 26.78 52.93 69.21
C ILE V 111 26.37 53.94 68.14
N GLN V 112 26.66 55.22 68.38
CA GLN V 112 26.28 56.28 67.41
C GLN V 112 26.93 55.95 66.08
N GLU V 113 28.20 55.55 66.10
CA GLU V 113 28.91 55.25 64.84
C GLU V 113 28.12 54.19 64.08
N GLU V 114 27.76 53.09 64.76
CA GLU V 114 27.06 52.00 64.05
C GLU V 114 25.75 52.54 63.47
N ILE V 115 25.01 53.32 64.28
CA ILE V 115 23.75 53.93 63.79
C ILE V 115 24.09 54.81 62.57
N THR V 116 25.13 55.63 62.69
CA THR V 116 25.46 56.56 61.58
C THR V 116 25.64 55.75 60.30
N ALA V 117 26.40 54.66 60.38
CA ALA V 117 26.62 53.81 59.20
C ALA V 117 25.30 53.19 58.76
N LEU V 118 24.52 52.66 59.72
CA LEU V 118 23.25 51.98 59.34
C LEU V 118 22.33 53.00 58.68
N ASN V 119 22.32 54.22 59.21
CA ASN V 119 21.51 55.30 58.58
C ASN V 119 21.95 55.42 57.11
N ASP V 120 23.26 55.48 56.89
CA ASP V 120 23.78 55.64 55.51
C ASP V 120 23.33 54.45 54.67
N GLU V 121 23.39 53.24 55.24
CA GLU V 121 23.01 52.03 54.47
C GLU V 121 21.55 52.15 54.06
N LEU V 122 20.67 52.53 55.00
CA LEU V 122 19.23 52.64 54.70
C LEU V 122 19.05 53.60 53.53
N ASN V 123 19.69 54.76 53.60
CA ASN V 123 19.63 55.73 52.47
C ASN V 123 20.13 55.03 51.20
N ARG V 124 21.26 54.34 51.29
CA ARG V 124 21.84 53.69 50.09
C ARG V 124 20.77 52.81 49.46
N ILE V 125 20.16 51.92 50.26
CA ILE V 125 19.16 50.97 49.70
C ILE V 125 18.12 51.77 48.93
N ALA V 126 17.69 52.90 49.50
CA ALA V 126 16.63 53.72 48.86
C ALA V 126 17.12 54.29 47.54
N GLU V 127 18.36 54.77 47.48
CA GLU V 127 18.83 55.46 46.24
C GLU V 127 19.38 54.45 45.24
N THR V 128 19.44 53.17 45.59
CA THR V 128 20.06 52.18 44.68
C THR V 128 18.99 51.21 44.17
N THR V 129 18.18 50.65 45.07
CA THR V 129 17.19 49.62 44.64
C THR V 129 16.58 50.04 43.30
N SER V 130 16.73 49.22 42.26
CA SER V 130 16.25 49.62 40.92
C SER V 130 15.80 48.40 40.11
N PHE V 131 14.83 48.60 39.22
CA PHE V 131 14.34 47.50 38.34
C PHE V 131 14.86 47.76 36.94
N GLY V 132 16.09 47.32 36.65
CA GLY V 132 16.69 47.55 35.31
C GLY V 132 16.79 49.03 35.00
N GLY V 133 17.40 49.80 35.90
CA GLY V 133 17.59 51.25 35.66
C GLY V 133 16.58 52.08 36.41
N ASN V 134 15.30 51.72 36.34
CA ASN V 134 14.23 52.51 37.01
C ASN V 134 14.44 52.45 38.52
N LYS V 135 14.67 53.59 39.17
CA LYS V 135 14.80 53.60 40.65
C LYS V 135 13.43 53.28 41.25
N LEU V 136 13.39 52.74 42.46
CA LEU V 136 12.07 52.29 43.01
C LEU V 136 11.76 52.93 44.36
N LEU V 137 12.76 53.18 45.20
CA LEU V 137 12.45 53.67 46.57
C LEU V 137 13.20 54.96 46.90
N ASN V 138 13.42 55.85 45.92
CA ASN V 138 14.04 57.16 46.21
C ASN V 138 12.98 58.26 46.04
N GLY V 139 11.75 57.87 45.72
CA GLY V 139 10.67 58.86 45.53
C GLY V 139 10.55 59.28 44.07
N THR V 140 11.56 58.94 43.26
CA THR V 140 11.49 59.25 41.81
C THR V 140 10.37 58.41 41.18
N PHE V 141 10.09 57.25 41.75
CA PHE V 141 9.00 56.39 41.24
C PHE V 141 7.67 56.91 41.80
N SER V 142 7.03 57.84 41.10
CA SER V 142 5.70 58.33 41.53
C SER V 142 4.66 57.29 41.13
N THR V 143 3.38 57.57 41.41
CA THR V 143 2.32 56.62 40.98
C THR V 143 2.46 56.40 39.46
N LYS V 144 2.46 55.14 39.04
CA LYS V 144 2.53 54.82 37.60
C LYS V 144 1.37 53.86 37.30
N SER V 145 0.93 53.79 36.03
CA SER V 145 -0.25 52.96 35.71
C SER V 145 0.17 51.67 35.00
N PHE V 146 -0.41 50.53 35.39
CA PHE V 146 -0.07 49.24 34.76
C PHE V 146 -1.30 48.71 34.02
N GLN V 147 -1.33 48.86 32.70
CA GLN V 147 -2.50 48.43 31.91
C GLN V 147 -2.65 46.90 32.02
N ILE V 148 -3.67 46.44 32.74
CA ILE V 148 -3.89 44.98 32.91
C ILE V 148 -5.19 44.60 32.20
N GLY V 149 -5.53 45.34 31.14
CA GLY V 149 -6.79 45.07 30.42
C GLY V 149 -6.57 44.82 28.94
N ALA V 150 -7.55 44.21 28.28
CA ALA V 150 -7.44 43.90 26.84
C ALA V 150 -7.72 45.18 26.04
N ASP V 151 -8.38 46.16 26.66
CA ASP V 151 -8.73 47.42 25.96
C ASP V 151 -8.11 48.59 26.73
N ASN V 152 -8.05 49.76 26.11
CA ASN V 152 -7.39 50.93 26.74
C ASN V 152 -8.17 51.36 27.99
N GLY V 153 -7.49 52.00 28.95
CA GLY V 153 -8.19 52.56 30.12
C GLY V 153 -8.42 51.53 31.21
N GLU V 154 -8.18 50.26 30.91
CA GLU V 154 -8.30 49.20 31.95
C GLU V 154 -6.94 49.05 32.64
N ALA V 155 -6.62 49.95 33.57
CA ALA V 155 -5.30 49.91 34.23
C ALA V 155 -5.40 50.25 35.72
N VAL V 156 -4.59 49.58 36.55
CA VAL V 156 -4.56 49.90 38.01
C VAL V 156 -3.31 50.74 38.26
N MET V 157 -3.25 51.50 39.34
CA MET V 157 -2.08 52.41 39.53
C MET V 157 -1.26 51.97 40.75
N LEU V 158 0.04 51.78 40.56
CA LEU V 158 0.94 51.41 41.68
C LEU V 158 1.76 52.64 42.06
N THR V 159 1.87 52.92 43.36
CA THR V 159 2.71 54.06 43.81
C THR V 159 3.68 53.58 44.88
N LEU V 160 4.94 53.99 44.78
CA LEU V 160 5.97 53.56 45.76
C LEU V 160 6.37 54.78 46.58
N LYS V 161 6.48 54.64 47.89
CA LYS V 161 6.78 55.80 48.76
C LYS V 161 8.29 55.90 48.99
N ASP V 162 8.82 57.11 49.17
CA ASP V 162 10.26 57.28 49.47
C ASP V 162 10.57 56.57 50.79
N MET V 163 11.57 55.71 50.81
CA MET V 163 11.97 55.05 52.07
C MET V 163 13.30 55.64 52.52
N ARG V 164 13.61 56.87 52.10
CA ARG V 164 14.85 57.54 52.56
C ARG V 164 14.75 57.80 54.06
N SER V 165 15.89 57.89 54.75
CA SER V 165 15.88 58.07 56.22
C SER V 165 15.30 59.43 56.60
N ASP V 166 15.18 60.34 55.63
CA ASP V 166 14.73 61.72 55.94
C ASP V 166 13.29 61.94 55.44
N ASN V 167 12.57 60.88 55.08
CA ASN V 167 11.16 61.10 54.69
C ASN V 167 10.38 61.51 55.94
N ARG V 168 9.47 62.48 55.81
CA ARG V 168 8.72 62.97 57.00
C ARG V 168 8.02 61.78 57.66
N MET V 169 7.46 60.87 56.86
CA MET V 169 6.69 59.73 57.41
C MET V 169 7.64 58.78 58.15
N MET V 170 8.96 58.92 57.94
CA MET V 170 9.94 58.01 58.59
C MET V 170 10.25 58.55 59.99
N GLY V 171 9.54 59.59 60.40
CA GLY V 171 9.78 60.19 61.73
C GLY V 171 8.57 60.98 62.19
N GLY V 172 8.76 61.87 63.17
CA GLY V 172 7.63 62.66 63.72
C GLY V 172 8.10 63.98 64.30
N THR V 173 7.45 64.45 65.36
CA THR V 173 7.82 65.76 65.97
C THR V 173 8.06 65.56 67.47
N SER V 174 9.21 65.99 67.97
CA SER V 174 9.54 65.75 69.39
C SER V 174 9.41 67.04 70.21
N TYR V 175 8.48 67.06 71.16
CA TYR V 175 8.33 68.24 72.05
C TYR V 175 8.93 67.88 73.40
N VAL V 176 9.78 68.75 73.94
CA VAL V 176 10.47 68.43 75.23
C VAL V 176 10.13 69.50 76.28
N ALA V 177 9.83 69.07 77.51
CA ALA V 177 9.52 70.02 78.59
C ALA V 177 10.79 70.82 78.94
N ALA V 178 10.64 72.12 79.19
CA ALA V 178 11.80 72.95 79.58
C ALA V 178 12.25 72.58 80.99
N GLU V 179 11.31 72.54 81.94
CA GLU V 179 11.67 72.27 83.35
C GLU V 179 12.26 70.87 83.47
N GLY V 180 13.48 70.76 84.03
CA GLY V 180 14.11 69.44 84.23
C GLY V 180 13.78 68.89 85.61
N LYS V 181 12.75 68.05 85.70
CA LYS V 181 12.33 67.50 87.01
C LYS V 181 13.49 66.69 87.60
N ASP V 182 13.88 66.99 88.84
CA ASP V 182 15.04 66.30 89.46
C ASP V 182 14.60 64.93 89.98
N LYS V 183 15.48 64.25 90.72
CA LYS V 183 15.16 62.89 91.23
C LYS V 183 14.24 62.99 92.45
N ASP V 184 13.93 64.21 92.89
CA ASP V 184 13.12 64.38 94.12
C ASP V 184 11.78 65.07 93.78
N TRP V 185 11.58 65.42 92.52
CA TRP V 185 10.27 66.00 92.12
C TRP V 185 9.25 64.88 92.02
N LYS V 186 8.23 64.89 92.88
CA LYS V 186 7.17 63.87 92.79
C LYS V 186 5.98 64.50 92.06
N VAL V 187 4.88 63.75 91.95
CA VAL V 187 3.65 64.31 91.32
C VAL V 187 2.91 65.13 92.37
N GLN V 188 3.04 66.46 92.30
CA GLN V 188 2.32 67.34 93.26
C GLN V 188 0.82 67.14 93.08
N ALA V 189 0.07 67.10 94.19
CA ALA V 189 -1.40 66.92 94.10
C ALA V 189 -2.02 68.14 93.41
N GLY V 190 -3.21 67.98 92.84
CA GLY V 190 -3.87 69.08 92.11
C GLY V 190 -3.28 69.24 90.71
N ALA V 191 -1.98 69.52 90.63
CA ALA V 191 -1.31 69.65 89.31
C ALA V 191 -0.84 68.28 88.85
N ASN V 192 -1.75 67.30 88.88
CA ASN V 192 -1.41 65.93 88.40
C ASN V 192 -2.18 65.68 87.11
N ASP V 193 -2.57 66.74 86.41
CA ASP V 193 -3.40 66.56 85.20
C ASP V 193 -2.64 67.00 83.96
N ILE V 194 -2.52 66.13 82.96
CA ILE V 194 -1.89 66.55 81.67
C ILE V 194 -2.89 66.27 80.55
N THR V 195 -3.30 67.30 79.82
CA THR V 195 -4.30 67.14 78.74
C THR V 195 -3.62 67.33 77.39
N PHE V 196 -3.63 66.29 76.55
CA PHE V 196 -3.02 66.39 75.21
C PHE V 196 -4.12 66.70 74.18
N THR V 197 -3.96 67.77 73.42
CA THR V 197 -4.93 68.07 72.35
C THR V 197 -4.21 67.98 71.00
N LEU V 198 -4.58 67.01 70.17
CA LEU V 198 -3.87 66.80 68.88
C LEU V 198 -4.86 66.24 67.84
N LYS V 199 -4.52 66.36 66.56
CA LYS V 199 -5.39 65.81 65.49
C LYS V 199 -4.82 64.47 64.99
N ASP V 200 -5.68 63.46 64.85
CA ASP V 200 -5.25 62.12 64.39
C ASP V 200 -4.68 62.23 62.97
N ILE V 201 -3.78 61.32 62.59
CA ILE V 201 -3.26 61.32 61.20
C ILE V 201 -4.48 61.31 60.28
N ASP V 202 -5.51 60.54 60.63
CA ASP V 202 -6.75 60.55 59.84
C ASP V 202 -7.22 61.99 59.72
N GLY V 203 -7.23 62.73 60.83
CA GLY V 203 -7.65 64.15 60.81
C GLY V 203 -8.51 64.49 62.01
N ASN V 204 -9.10 63.48 62.64
CA ASN V 204 -10.01 63.72 63.79
C ASN V 204 -9.24 64.32 64.96
N ASP V 205 -9.67 65.47 65.47
CA ASP V 205 -9.02 66.07 66.66
C ASP V 205 -9.34 65.17 67.86
N GLN V 206 -8.40 65.03 68.79
CA GLN V 206 -8.60 64.12 69.95
C GLN V 206 -8.02 64.76 71.20
N THR V 207 -8.60 64.44 72.37
CA THR V 207 -8.07 64.98 73.65
C THR V 207 -7.64 63.83 74.55
N ILE V 208 -6.47 63.93 75.17
CA ILE V 208 -5.97 62.86 76.09
C ILE V 208 -5.67 63.50 77.45
N THR V 209 -6.36 63.05 78.51
CA THR V 209 -6.07 63.56 79.86
C THR V 209 -5.51 62.43 80.72
N VAL V 210 -4.27 62.57 81.19
CA VAL V 210 -3.64 61.51 82.02
C VAL V 210 -3.46 62.07 83.44
N ASN V 211 -4.31 61.65 84.37
CA ASN V 211 -4.22 62.14 85.77
C ASN V 211 -3.08 61.40 86.46
N ALA V 212 -1.84 61.88 86.31
CA ALA V 212 -0.68 61.22 86.92
C ALA V 212 -0.95 60.93 88.40
N LYS V 213 -0.80 59.67 88.81
CA LYS V 213 -0.99 59.32 90.25
C LYS V 213 0.01 60.11 91.08
N GLU V 214 -0.42 60.63 92.24
CA GLU V 214 0.51 61.36 93.14
C GLU V 214 1.61 60.41 93.62
N GLY V 215 2.79 60.95 93.91
CA GLY V 215 3.88 60.12 94.46
C GLY V 215 4.84 59.64 93.38
N ASP V 216 4.40 59.66 92.12
CA ASP V 216 5.25 59.13 91.02
C ASP V 216 6.32 60.16 90.67
N ASP V 217 7.35 59.74 89.94
CA ASP V 217 8.46 60.66 89.56
C ASP V 217 8.38 60.92 88.05
N ILE V 218 9.26 61.78 87.54
CA ILE V 218 9.18 62.14 86.10
C ILE V 218 9.20 60.85 85.28
N GLU V 219 10.07 59.90 85.62
CA GLU V 219 10.14 58.62 84.88
C GLU V 219 8.81 57.87 85.01
N GLU V 220 8.34 57.67 86.24
CA GLU V 220 7.09 56.90 86.46
C GLU V 220 5.95 57.61 85.72
N VAL V 221 5.94 58.94 85.74
CA VAL V 221 4.89 59.70 85.00
C VAL V 221 4.92 59.23 83.55
N ALA V 222 6.10 59.19 82.94
CA ALA V 222 6.19 58.80 81.52
C ALA V 222 5.60 57.41 81.35
N THR V 223 6.01 56.46 82.21
CA THR V 223 5.53 55.06 82.02
C THR V 223 4.00 55.08 82.04
N TYR V 224 3.43 55.81 83.00
CA TYR V 224 1.95 55.87 83.12
C TYR V 224 1.40 56.47 81.85
N ILE V 225 1.97 57.60 81.42
CA ILE V 225 1.45 58.29 80.21
C ILE V 225 1.54 57.31 79.04
N ASN V 226 2.70 56.67 78.86
CA ASN V 226 2.89 55.77 77.70
C ASN V 226 1.82 54.67 77.78
N GLY V 227 1.55 54.18 78.98
CA GLY V 227 0.56 53.10 79.14
C GLY V 227 -0.85 53.58 78.86
N GLN V 228 -1.19 54.80 79.29
CA GLN V 228 -2.58 55.29 79.16
C GLN V 228 -2.89 55.72 77.72
N THR V 229 -1.87 55.82 76.86
CA THR V 229 -2.15 56.34 75.50
C THR V 229 -1.42 55.53 74.43
N ASP V 230 -1.72 55.79 73.16
CA ASP V 230 -1.01 55.12 72.05
C ASP V 230 -0.58 56.21 71.07
N MET V 231 -1.29 57.34 71.07
CA MET V 231 -1.01 58.42 70.10
C MET V 231 0.37 59.04 70.36
N VAL V 232 0.72 59.28 71.63
CA VAL V 232 2.00 59.99 71.93
C VAL V 232 2.97 59.04 72.65
N LYS V 233 4.26 59.37 72.63
CA LYS V 233 5.28 58.54 73.33
C LYS V 233 6.11 59.45 74.24
N ALA V 234 6.22 59.12 75.51
CA ALA V 234 6.92 60.00 76.47
C ALA V 234 8.21 59.36 76.96
N SER V 235 9.28 60.15 77.11
CA SER V 235 10.58 59.62 77.62
C SER V 235 11.27 60.72 78.43
N VAL V 236 12.18 60.34 79.34
CA VAL V 236 12.83 61.37 80.22
C VAL V 236 14.28 61.54 79.77
N ASN V 237 14.70 62.78 79.51
CA ASN V 237 16.12 63.03 79.13
C ASN V 237 17.00 62.96 80.39
N GLU V 238 18.31 62.80 80.21
CA GLU V 238 19.24 62.71 81.36
C GLU V 238 19.00 63.89 82.31
N LYS V 239 18.77 65.09 81.76
CA LYS V 239 18.59 66.30 82.60
C LYS V 239 17.42 66.09 83.55
N GLY V 240 16.39 65.34 83.11
CA GLY V 240 15.20 65.11 83.94
C GLY V 240 13.96 65.70 83.29
N GLN V 241 14.10 66.23 82.08
CA GLN V 241 12.95 66.82 81.34
C GLN V 241 12.20 65.70 80.63
N LEU V 242 10.86 65.80 80.57
CA LEU V 242 10.06 64.78 79.84
C LEU V 242 10.05 65.14 78.36
N GLN V 243 10.14 64.13 77.50
CA GLN V 243 10.13 64.36 76.03
C GLN V 243 8.94 63.60 75.44
N ILE V 244 8.07 64.29 74.70
CA ILE V 244 6.92 63.60 74.04
C ILE V 244 7.20 63.54 72.53
N PHE V 245 7.23 62.34 71.95
CA PHE V 245 7.43 62.23 70.48
C PHE V 245 6.11 61.83 69.82
N ALA V 246 5.66 62.59 68.82
CA ALA V 246 4.42 62.25 68.10
C ALA V 246 4.76 61.91 66.64
N GLY V 247 4.64 60.65 66.26
CA GLY V 247 4.99 60.22 64.89
C GLY V 247 4.10 60.86 63.85
N ASN V 248 4.69 61.36 62.76
CA ASN V 248 3.91 62.04 61.69
C ASN V 248 2.90 61.06 61.11
N ASN V 249 3.11 59.76 61.33
CA ASN V 249 2.21 58.72 60.77
C ASN V 249 1.06 58.47 61.75
N LYS V 250 0.97 59.28 62.81
CA LYS V 250 -0.08 59.06 63.83
C LYS V 250 -0.73 60.38 64.23
N VAL V 251 0.03 61.48 64.21
CA VAL V 251 -0.53 62.77 64.71
C VAL V 251 -0.36 63.87 63.66
N THR V 252 -1.46 64.36 63.09
CA THR V 252 -1.39 65.50 62.13
C THR V 252 -1.30 66.80 62.92
N GLY V 253 -0.81 67.87 62.29
CA GLY V 253 -0.68 69.17 62.97
C GLY V 253 0.24 69.10 64.17
N ASP V 254 0.05 70.01 65.14
CA ASP V 254 0.93 70.05 66.34
C ASP V 254 0.15 69.61 67.58
N VAL V 255 0.85 69.13 68.61
CA VAL V 255 0.18 68.66 69.85
C VAL V 255 0.11 69.83 70.84
N ALA V 256 -1.10 70.21 71.25
CA ALA V 256 -1.26 71.29 72.25
C ALA V 256 -1.35 70.67 73.64
N PHE V 257 -0.26 70.76 74.42
CA PHE V 257 -0.26 70.20 75.79
C PHE V 257 -1.10 71.12 76.70
N SER V 258 -1.74 70.52 77.71
CA SER V 258 -2.60 71.32 78.64
C SER V 258 -2.55 70.69 80.03
N GLY V 259 -2.92 71.46 81.06
CA GLY V 259 -2.96 70.91 82.43
C GLY V 259 -1.85 71.47 83.30
N GLY V 260 -2.07 71.52 84.61
CA GLY V 260 -1.05 72.03 85.55
C GLY V 260 0.19 71.16 85.54
N LEU V 261 0.02 69.84 85.50
CA LEU V 261 1.19 68.94 85.39
C LEU V 261 1.99 69.36 84.17
N ALA V 262 1.31 69.57 83.05
CA ALA V 262 2.00 70.04 81.82
C ALA V 262 2.65 71.40 82.12
N GLY V 263 1.92 72.27 82.81
CA GLY V 263 2.47 73.60 83.15
C GLY V 263 3.74 73.49 83.97
N ALA V 264 3.73 72.60 84.97
CA ALA V 264 4.93 72.39 85.82
C ALA V 264 6.08 71.93 84.93
N LEU V 265 5.78 71.12 83.91
CA LEU V 265 6.82 70.61 83.00
C LEU V 265 7.25 71.74 82.05
N ASN V 266 6.32 72.64 81.72
CA ASN V 266 6.63 73.75 80.77
C ASN V 266 7.16 73.14 79.46
N MET V 267 6.31 72.38 78.78
CA MET V 267 6.72 71.74 77.49
C MET V 267 7.13 72.84 76.51
N GLN V 268 8.19 72.61 75.73
CA GLN V 268 8.64 73.62 74.72
C GLN V 268 8.10 73.23 73.34
N ALA V 269 8.63 73.84 72.28
CA ALA V 269 8.10 73.56 70.92
C ALA V 269 8.57 72.18 70.44
N GLY V 270 7.95 71.67 69.39
CA GLY V 270 8.30 70.34 68.87
C GLY V 270 9.19 70.40 67.65
N THR V 271 10.42 69.90 67.76
CA THR V 271 11.33 69.85 66.59
C THR V 271 11.02 68.59 65.77
N ALA V 272 11.10 68.68 64.45
CA ALA V 272 10.87 67.50 63.59
C ALA V 272 12.07 66.57 63.72
N GLU V 273 11.84 65.34 64.18
CA GLU V 273 12.95 64.37 64.33
C GLU V 273 12.70 63.20 63.38
N THR V 274 13.68 62.88 62.53
CA THR V 274 13.54 61.74 61.58
C THR V 274 14.67 60.74 61.84
N VAL V 275 14.58 59.57 61.21
CA VAL V 275 15.66 58.54 61.36
C VAL V 275 16.98 59.18 60.94
N ASP V 276 16.94 60.03 59.92
CA ASP V 276 18.18 60.67 59.41
C ASP V 276 18.74 61.60 60.49
N THR V 277 17.95 61.96 61.49
CA THR V 277 18.41 62.96 62.51
C THR V 277 18.61 62.30 63.86
N ILE V 278 18.60 60.96 63.94
CA ILE V 278 18.69 60.30 65.28
C ILE V 278 20.10 60.48 65.85
N ASP V 279 20.21 60.59 67.18
CA ASP V 279 21.52 60.73 67.85
C ASP V 279 21.42 60.02 69.20
N VAL V 280 22.24 59.01 69.43
CA VAL V 280 22.13 58.22 70.68
C VAL V 280 23.23 58.67 71.64
N THR V 281 23.96 59.73 71.29
CA THR V 281 25.07 60.20 72.14
C THR V 281 24.50 60.63 73.50
N SER V 282 23.21 60.98 73.54
CA SER V 282 22.56 61.41 74.79
C SER V 282 21.49 60.40 75.21
N VAL V 283 21.34 60.18 76.51
CA VAL V 283 20.33 59.21 77.02
C VAL V 283 18.95 59.66 76.49
N GLY V 284 18.64 60.94 76.63
CA GLY V 284 17.35 61.45 76.13
C GLY V 284 17.21 61.15 74.65
N GLY V 285 18.26 61.43 73.87
CA GLY V 285 18.21 61.18 72.42
C GLY V 285 17.90 59.73 72.13
N ALA V 286 18.52 58.82 72.89
CA ALA V 286 18.30 57.37 72.66
C ALA V 286 16.81 57.06 72.81
N GLN V 287 16.24 57.38 73.97
CA GLN V 287 14.81 57.09 74.21
C GLN V 287 14.01 57.70 73.05
N GLN V 288 14.36 58.92 72.66
CA GLN V 288 13.66 59.60 71.54
C GLN V 288 13.84 58.77 70.27
N SER V 289 15.04 58.22 70.07
CA SER V 289 15.32 57.45 68.84
C SER V 289 14.47 56.17 68.82
N VAL V 290 14.30 55.51 69.96
CA VAL V 290 13.40 54.32 69.97
C VAL V 290 12.08 54.75 69.33
N ALA V 291 11.57 55.90 69.77
CA ALA V 291 10.26 56.36 69.25
C ALA V 291 10.36 56.61 67.74
N VAL V 292 11.42 57.27 67.29
CA VAL V 292 11.58 57.60 65.84
C VAL V 292 11.58 56.29 65.06
N ILE V 293 12.42 55.34 65.48
CA ILE V 293 12.52 54.05 64.72
C ILE V 293 11.15 53.40 64.69
N ASP V 294 10.43 53.37 65.81
CA ASP V 294 9.13 52.67 65.86
C ASP V 294 8.21 53.28 64.78
N SER V 295 8.14 54.60 64.72
CA SER V 295 7.26 55.26 63.72
C SER V 295 7.72 54.87 62.31
N ALA V 296 9.04 54.80 62.13
CA ALA V 296 9.58 54.43 60.81
C ALA V 296 9.14 53.00 60.47
N LEU V 297 9.34 52.08 61.41
CA LEU V 297 8.99 50.67 61.15
C LEU V 297 7.54 50.61 60.68
N LYS V 298 6.66 51.34 61.37
CA LYS V 298 5.22 51.31 61.01
C LYS V 298 5.07 51.76 59.56
N TYR V 299 5.69 52.89 59.21
CA TYR V 299 5.55 53.44 57.83
C TYR V 299 6.03 52.40 56.84
N VAL V 300 7.20 51.81 57.12
CA VAL V 300 7.77 50.80 56.19
C VAL V 300 6.76 49.67 56.05
N ASP V 301 6.25 49.16 57.17
CA ASP V 301 5.32 48.01 57.12
C ASP V 301 4.05 48.42 56.37
N SER V 302 3.57 49.63 56.59
CA SER V 302 2.35 50.11 55.90
C SER V 302 2.55 49.99 54.40
N HIS V 303 3.65 50.55 53.90
CA HIS V 303 3.93 50.52 52.45
C HIS V 303 4.05 49.06 52.01
N ARG V 304 4.77 48.25 52.78
CA ARG V 304 5.00 46.84 52.37
C ARG V 304 3.65 46.12 52.25
N ALA V 305 2.79 46.27 53.25
CA ALA V 305 1.47 45.60 53.22
C ALA V 305 0.68 46.06 51.98
N GLU V 306 0.67 47.37 51.72
CA GLU V 306 -0.03 47.90 50.54
C GLU V 306 0.52 47.22 49.29
N LEU V 307 1.85 47.11 49.21
CA LEU V 307 2.47 46.49 48.01
C LEU V 307 1.98 45.06 47.90
N GLY V 308 1.92 44.34 49.02
CA GLY V 308 1.46 42.94 49.01
C GLY V 308 0.04 42.86 48.49
N ALA V 309 -0.83 43.76 48.97
CA ALA V 309 -2.21 43.78 48.45
C ALA V 309 -2.14 43.91 46.92
N PHE V 310 -1.39 44.89 46.44
CA PHE V 310 -1.29 45.12 44.98
C PHE V 310 -0.92 43.80 44.31
N GLN V 311 0.07 43.09 44.87
CA GLN V 311 0.55 41.84 44.26
C GLN V 311 -0.60 40.81 44.26
N ASN V 312 -1.26 40.65 45.41
CA ASN V 312 -2.36 39.66 45.51
C ASN V 312 -3.45 40.07 44.51
N ARG V 313 -3.71 41.37 44.40
CA ARG V 313 -4.76 41.85 43.48
C ARG V 313 -4.36 41.46 42.06
N PHE V 314 -3.14 41.82 41.65
CA PHE V 314 -2.69 41.50 40.29
C PHE V 314 -2.78 39.98 40.08
N ASN V 315 -2.45 39.22 41.13
CA ASN V 315 -2.48 37.73 41.02
C ASN V 315 -3.88 37.30 40.61
N HIS V 316 -4.88 37.66 41.41
CA HIS V 316 -6.29 37.29 41.08
C HIS V 316 -6.57 37.77 39.67
N ALA V 317 -6.10 38.96 39.34
CA ALA V 317 -6.41 39.53 38.00
C ALA V 317 -5.84 38.60 36.93
N ILE V 318 -4.55 38.28 37.02
CA ILE V 318 -3.92 37.45 35.95
C ILE V 318 -4.77 36.20 35.77
N SER V 319 -5.15 35.56 36.89
CA SER V 319 -5.95 34.31 36.82
C SER V 319 -7.26 34.59 36.08
N ASN V 320 -7.94 35.67 36.44
CA ASN V 320 -9.23 36.03 35.78
C ASN V 320 -8.99 36.17 34.27
N LEU V 321 -7.95 36.90 33.90
CA LEU V 321 -7.67 37.13 32.45
C LEU V 321 -7.51 35.78 31.77
N ASP V 322 -6.80 34.86 32.42
CA ASP V 322 -6.51 33.55 31.78
C ASP V 322 -7.83 32.84 31.47
N ASN V 323 -8.75 32.83 32.42
CA ASN V 323 -10.05 32.13 32.22
C ASN V 323 -10.73 32.73 31.00
N ILE V 324 -10.79 34.07 30.93
CA ILE V 324 -11.43 34.75 29.76
C ILE V 324 -10.68 34.34 28.51
N ASN V 325 -9.34 34.38 28.54
CA ASN V 325 -8.53 34.05 27.35
C ASN V 325 -8.99 32.69 26.81
N GLU V 326 -9.07 31.69 27.69
CA GLU V 326 -9.43 30.33 27.22
C GLU V 326 -10.78 30.37 26.52
N ASN V 327 -11.81 30.90 27.18
CA ASN V 327 -13.17 30.86 26.59
C ASN V 327 -13.22 31.75 25.35
N VAL V 328 -12.46 32.85 25.34
CA VAL V 328 -12.43 33.75 24.15
C VAL V 328 -11.87 32.95 22.97
N ASN V 329 -10.74 32.27 23.18
CA ASN V 329 -10.15 31.44 22.09
C ASN V 329 -11.20 30.42 21.65
N ALA V 330 -11.85 29.75 22.60
CA ALA V 330 -12.84 28.72 22.25
C ALA V 330 -13.92 29.36 21.39
N SER V 331 -14.33 30.57 21.76
CA SER V 331 -15.40 31.27 21.00
C SER V 331 -14.93 31.49 19.56
N LYS V 332 -13.72 32.02 19.41
CA LYS V 332 -13.16 32.28 18.05
C LYS V 332 -13.11 30.95 17.30
N SER V 333 -12.73 29.87 17.99
CA SER V 333 -12.58 28.56 17.31
C SER V 333 -13.91 28.19 16.65
N ARG V 334 -15.01 28.30 17.40
CA ARG V 334 -16.34 27.88 16.86
C ARG V 334 -16.65 28.69 15.61
N ILE V 335 -16.16 29.93 15.53
CA ILE V 335 -16.52 30.81 14.38
C ILE V 335 -15.49 30.67 13.26
N LYS V 336 -14.20 30.70 13.57
CA LYS V 336 -13.17 30.73 12.48
C LYS V 336 -12.58 29.34 12.23
N ASP V 337 -12.19 28.61 13.27
CA ASP V 337 -11.48 27.31 13.07
C ASP V 337 -12.31 26.36 12.19
N THR V 338 -11.65 25.60 11.31
CA THR V 338 -12.35 24.68 10.38
C THR V 338 -12.68 23.38 11.10
N ASP V 339 -13.78 22.72 10.71
CA ASP V 339 -14.11 21.39 11.29
C ASP V 339 -13.57 20.35 10.32
N PHE V 340 -12.35 19.85 10.56
CA PHE V 340 -11.74 18.94 9.57
C PHE V 340 -12.76 17.86 9.16
N ALA V 341 -13.47 17.27 10.12
CA ALA V 341 -14.40 16.17 9.80
C ALA V 341 -15.30 16.60 8.63
N LYS V 342 -16.08 17.67 8.81
CA LYS V 342 -17.04 18.07 7.76
C LYS V 342 -16.30 18.48 6.49
N GLU V 343 -15.22 19.26 6.63
CA GLU V 343 -14.51 19.77 5.43
C GLU V 343 -13.99 18.59 4.62
N THR V 344 -13.36 17.62 5.29
CA THR V 344 -12.86 16.42 4.58
C THR V 344 -14.01 15.76 3.84
N THR V 345 -15.15 15.57 4.52
CA THR V 345 -16.34 14.93 3.88
C THR V 345 -16.74 15.74 2.65
N ALA V 346 -16.80 17.06 2.79
CA ALA V 346 -17.24 17.92 1.67
C ALA V 346 -16.26 17.81 0.50
N LEU V 347 -14.95 17.87 0.80
CA LEU V 347 -13.94 17.81 -0.28
C LEU V 347 -14.13 16.49 -1.03
N THR V 348 -14.36 15.40 -0.30
CA THR V 348 -14.51 14.07 -0.95
C THR V 348 -15.73 14.11 -1.87
N LYS V 349 -16.87 14.54 -1.34
CA LYS V 349 -18.10 14.66 -2.17
C LYS V 349 -17.77 15.50 -3.40
N SER V 350 -17.12 16.64 -3.20
CA SER V 350 -16.82 17.55 -4.34
C SER V 350 -16.04 16.77 -5.41
N GLN V 351 -15.01 16.03 -4.99
CA GLN V 351 -14.18 15.28 -5.96
C GLN V 351 -15.07 14.30 -6.73
N ILE V 352 -15.86 13.50 -6.00
CA ILE V 352 -16.75 12.51 -6.65
C ILE V 352 -17.63 13.25 -7.66
N LEU V 353 -18.31 14.31 -7.21
CA LEU V 353 -19.23 15.06 -8.09
C LEU V 353 -18.47 15.51 -9.33
N SER V 354 -17.26 16.04 -9.14
CA SER V 354 -16.46 16.55 -10.28
C SER V 354 -16.22 15.40 -11.26
N GLN V 355 -15.79 14.25 -10.74
CA GLN V 355 -15.50 13.09 -11.63
C GLN V 355 -16.80 12.68 -12.33
N ALA V 356 -17.89 12.63 -11.57
CA ALA V 356 -19.20 12.23 -12.15
C ALA V 356 -19.49 13.14 -13.34
N SER V 357 -19.40 14.45 -13.12
CA SER V 357 -19.70 15.44 -14.19
C SER V 357 -18.76 15.20 -15.37
N SER V 358 -17.46 15.08 -15.11
CA SER V 358 -16.48 14.89 -16.21
C SER V 358 -16.95 13.71 -17.07
N SER V 359 -17.35 12.62 -16.42
CA SER V 359 -17.80 11.42 -17.16
C SER V 359 -18.99 11.79 -18.03
N VAL V 360 -19.97 12.48 -17.46
CA VAL V 360 -21.18 12.90 -18.22
C VAL V 360 -20.72 13.75 -19.40
N LEU V 361 -19.82 14.71 -19.14
CA LEU V 361 -19.35 15.61 -20.21
C LEU V 361 -18.80 14.75 -21.36
N ALA V 362 -17.92 13.80 -21.03
CA ALA V 362 -17.30 12.95 -22.07
C ALA V 362 -18.41 12.27 -22.86
N GLN V 363 -19.38 11.67 -22.17
CA GLN V 363 -20.49 10.96 -22.87
C GLN V 363 -21.21 11.96 -23.77
N ALA V 364 -21.44 13.18 -23.25
CA ALA V 364 -22.18 14.20 -24.02
C ALA V 364 -21.38 14.61 -25.26
N LYS V 365 -20.06 14.74 -25.12
CA LYS V 365 -19.23 15.20 -26.26
C LYS V 365 -19.44 14.24 -27.43
N GLN V 366 -19.78 12.98 -27.13
CA GLN V 366 -19.95 11.96 -28.20
C GLN V 366 -21.37 12.01 -28.75
N ALA V 367 -22.27 12.75 -28.09
CA ALA V 367 -23.68 12.77 -28.54
C ALA V 367 -23.79 13.25 -29.99
N PRO V 368 -23.20 14.39 -30.39
CA PRO V 368 -23.37 14.89 -31.76
C PRO V 368 -22.85 13.88 -32.78
N ASN V 369 -21.92 13.00 -32.36
CA ASN V 369 -21.33 12.00 -33.28
C ASN V 369 -22.47 11.25 -33.98
N ALA V 370 -23.59 11.05 -33.27
CA ALA V 370 -24.71 10.28 -33.84
C ALA V 370 -25.03 10.79 -35.25
N ALA V 371 -24.99 12.11 -35.44
CA ALA V 371 -25.33 12.69 -36.76
C ALA V 371 -24.46 12.05 -37.83
N LEU V 372 -23.15 11.97 -37.56
CA LEU V 372 -22.22 11.39 -38.57
C LEU V 372 -22.81 10.09 -39.09
N SER V 373 -23.19 9.18 -38.20
CA SER V 373 -23.72 7.88 -38.67
C SER V 373 -25.00 8.12 -39.47
N LEU V 374 -25.87 8.99 -38.96
CA LEU V 374 -27.17 9.24 -39.62
C LEU V 374 -26.92 9.76 -41.04
N LEU V 375 -25.99 10.71 -41.19
CA LEU V 375 -25.79 11.30 -42.53
C LEU V 375 -25.17 10.23 -43.44
N GLY V 376 -25.39 10.33 -44.74
CA GLY V 376 -24.88 9.30 -45.66
C GLY V 376 -25.18 7.91 -45.14
N ALA W 1 -51.59 14.92 -80.91
CA ALA W 1 -51.27 13.47 -80.96
C ALA W 1 -49.75 13.30 -81.06
N VAL W 2 -49.31 12.68 -82.15
CA VAL W 2 -47.85 12.49 -82.36
C VAL W 2 -47.29 13.74 -83.04
N ASN W 3 -46.63 14.60 -82.26
CA ASN W 3 -46.00 15.82 -82.83
C ASN W 3 -44.52 15.78 -82.48
N VAL W 4 -43.67 16.43 -83.28
CA VAL W 4 -42.20 16.34 -83.03
C VAL W 4 -41.67 17.71 -82.62
N ASN W 5 -42.43 18.78 -82.85
CA ASN W 5 -41.89 20.13 -82.58
C ASN W 5 -42.14 20.53 -81.12
N THR W 6 -42.70 19.63 -80.30
CA THR W 6 -42.88 19.95 -78.87
C THR W 6 -42.97 18.66 -78.04
N ASN W 7 -42.44 18.68 -76.82
CA ASN W 7 -42.49 17.50 -75.92
C ASN W 7 -42.93 17.99 -74.54
N VAL W 8 -44.21 18.30 -74.38
CA VAL W 8 -44.69 18.89 -73.09
C VAL W 8 -44.31 17.96 -71.93
N ALA W 9 -44.37 16.64 -72.15
CA ALA W 9 -43.93 15.71 -71.09
C ALA W 9 -42.53 16.10 -70.64
N ALA W 10 -41.62 16.25 -71.60
CA ALA W 10 -40.22 16.59 -71.26
C ALA W 10 -40.22 17.87 -70.42
N MET W 11 -40.95 18.89 -70.88
CA MET W 11 -40.97 20.17 -70.15
C MET W 11 -41.44 19.89 -68.72
N THR W 12 -42.47 19.05 -68.58
CA THR W 12 -43.01 18.74 -67.22
C THR W 12 -41.91 18.08 -66.39
N ALA W 13 -41.22 17.11 -66.99
CA ALA W 13 -40.16 16.38 -66.25
C ALA W 13 -39.05 17.36 -65.86
N GLN W 14 -38.60 18.18 -66.82
CA GLN W 14 -37.49 19.12 -66.53
C GLN W 14 -37.90 20.02 -65.36
N ARG W 15 -39.15 20.47 -65.37
CA ARG W 15 -39.62 21.38 -64.30
C ARG W 15 -39.42 20.67 -62.96
N TYR W 16 -39.86 19.43 -62.86
CA TYR W 16 -39.77 18.70 -61.56
C TYR W 16 -38.31 18.38 -61.25
N LEU W 17 -37.53 18.08 -62.29
CA LEU W 17 -36.08 17.80 -62.08
C LEU W 17 -35.48 19.01 -61.35
N THR W 18 -35.57 20.18 -61.97
CA THR W 18 -35.03 21.42 -61.34
C THR W 18 -35.51 21.47 -59.89
N GLY W 19 -36.82 21.31 -59.67
CA GLY W 19 -37.34 21.44 -58.29
C GLY W 19 -36.54 20.58 -57.33
N ALA W 20 -36.35 19.30 -57.67
CA ALA W 20 -35.66 18.37 -56.76
C ALA W 20 -34.17 18.70 -56.71
N THR W 21 -33.60 19.12 -57.83
CA THR W 21 -32.17 19.53 -57.83
C THR W 21 -31.98 20.62 -56.77
N ASN W 22 -32.83 21.64 -56.80
CA ASN W 22 -32.71 22.76 -55.83
C ASN W 22 -32.96 22.22 -54.42
N ALA W 23 -33.89 21.27 -54.28
CA ALA W 23 -34.15 20.67 -52.96
C ALA W 23 -32.86 20.06 -52.43
N GLN W 24 -32.14 19.33 -53.29
CA GLN W 24 -30.85 18.75 -52.88
C GLN W 24 -29.93 19.88 -52.42
N GLN W 25 -29.84 20.95 -53.22
CA GLN W 25 -28.90 22.03 -52.86
C GLN W 25 -29.26 22.57 -51.48
N THR W 26 -30.56 22.78 -51.21
CA THR W 26 -30.96 23.37 -49.92
C THR W 26 -30.52 22.44 -48.79
N SER W 27 -30.82 21.15 -48.92
CA SER W 27 -30.46 20.18 -47.86
C SER W 27 -28.94 20.18 -47.67
N MET W 28 -28.20 20.01 -48.78
CA MET W 28 -26.72 19.91 -48.67
C MET W 28 -26.19 21.14 -47.93
N GLU W 29 -26.64 22.34 -48.32
CA GLU W 29 -26.12 23.58 -47.68
C GLU W 29 -26.41 23.52 -46.19
N ARG W 30 -27.65 23.20 -45.82
CA ARG W 30 -28.03 23.20 -44.39
C ARG W 30 -27.18 22.14 -43.67
N LEU W 31 -26.99 20.98 -44.29
CA LEU W 31 -26.19 19.90 -43.66
C LEU W 31 -24.75 20.39 -43.47
N SER W 32 -24.15 20.98 -44.51
CA SER W 32 -22.74 21.44 -44.41
C SER W 32 -22.61 22.51 -43.33
N SER W 33 -23.60 23.39 -43.22
CA SER W 33 -23.53 24.50 -42.24
C SER W 33 -24.15 24.05 -40.91
N GLY W 34 -24.78 22.88 -40.91
CA GLY W 34 -25.45 22.40 -39.68
C GLY W 34 -26.49 23.40 -39.18
N PHE W 35 -26.66 24.51 -39.90
CA PHE W 35 -27.69 25.50 -39.50
C PHE W 35 -28.83 25.51 -40.54
N LYS W 36 -30.07 25.36 -40.08
CA LYS W 36 -31.24 25.37 -40.98
C LYS W 36 -31.41 26.76 -41.59
N ILE W 37 -31.33 27.82 -40.78
CA ILE W 37 -31.53 29.21 -41.27
C ILE W 37 -30.18 29.76 -41.76
N ASN W 38 -29.64 29.18 -42.83
CA ASN W 38 -28.32 29.62 -43.34
C ASN W 38 -28.47 31.02 -43.95
N SER W 39 -29.59 31.27 -44.63
CA SER W 39 -29.85 32.60 -45.24
C SER W 39 -31.27 33.05 -44.88
N ALA W 40 -31.57 34.35 -45.00
CA ALA W 40 -32.90 34.84 -44.54
C ALA W 40 -34.00 34.11 -45.31
N LYS W 41 -33.77 33.81 -46.58
CA LYS W 41 -34.80 33.13 -47.40
C LYS W 41 -35.35 31.93 -46.62
N ASP W 42 -34.51 31.31 -45.79
CA ASP W 42 -34.93 30.10 -45.02
C ASP W 42 -36.02 30.46 -44.01
N ASP W 43 -35.78 31.47 -43.17
CA ASP W 43 -36.76 31.88 -42.13
C ASP W 43 -36.41 33.31 -41.68
N ALA W 44 -37.12 34.32 -42.20
CA ALA W 44 -36.80 35.72 -41.86
C ALA W 44 -36.94 35.94 -40.36
N ALA W 45 -38.09 35.58 -39.80
CA ALA W 45 -38.31 35.79 -38.35
C ALA W 45 -37.17 35.12 -37.59
N GLY W 46 -36.80 33.92 -38.03
CA GLY W 46 -35.71 33.19 -37.37
C GLY W 46 -34.42 33.99 -37.44
N LEU W 47 -34.06 34.47 -38.62
CA LEU W 47 -32.76 35.18 -38.74
C LEU W 47 -32.75 36.26 -37.65
N GLN W 48 -33.85 36.99 -37.52
CA GLN W 48 -33.90 38.09 -36.53
C GLN W 48 -33.74 37.53 -35.12
N ILE W 49 -34.58 36.56 -34.73
CA ILE W 49 -34.52 36.07 -33.33
C ILE W 49 -33.20 35.33 -33.12
N SER W 50 -32.73 34.59 -34.14
CA SER W 50 -31.50 33.80 -33.98
C SER W 50 -30.34 34.74 -33.74
N ASN W 51 -30.19 35.74 -34.60
CA ASN W 51 -29.08 36.71 -34.46
C ASN W 51 -29.20 37.37 -33.09
N ARG W 52 -30.42 37.70 -32.69
CA ARG W 52 -30.61 38.43 -31.40
C ARG W 52 -30.16 37.51 -30.27
N LEU W 53 -30.59 36.25 -30.29
CA LEU W 53 -30.15 35.29 -29.24
C LEU W 53 -28.62 35.12 -29.33
N ASN W 54 -28.08 35.04 -30.55
CA ASN W 54 -26.61 34.94 -30.74
C ASN W 54 -25.95 36.12 -30.02
N VAL W 55 -26.46 37.33 -30.28
CA VAL W 55 -25.87 38.53 -29.65
C VAL W 55 -25.93 38.34 -28.13
N GLN W 56 -27.09 37.94 -27.62
CA GLN W 56 -27.23 37.80 -26.15
C GLN W 56 -26.20 36.78 -25.66
N SER W 57 -26.10 35.64 -26.34
CA SER W 57 -25.18 34.58 -25.86
C SER W 57 -23.75 35.13 -25.83
N ARG W 58 -23.29 35.70 -26.95
CA ARG W 58 -21.89 36.18 -27.03
C ARG W 58 -21.70 37.26 -25.95
N GLY W 59 -22.67 38.16 -25.81
CA GLY W 59 -22.59 39.18 -24.75
C GLY W 59 -22.55 38.53 -23.38
N LEU W 60 -23.36 37.50 -23.16
CA LEU W 60 -23.40 36.80 -21.85
C LEU W 60 -21.99 36.28 -21.55
N ASP W 61 -21.30 35.76 -22.57
CA ASP W 61 -19.92 35.26 -22.39
C ASP W 61 -19.03 36.41 -21.91
N VAL W 62 -19.08 37.54 -22.62
CA VAL W 62 -18.24 38.70 -22.24
C VAL W 62 -18.55 39.05 -20.79
N ALA W 63 -19.82 39.09 -20.44
CA ALA W 63 -20.21 39.49 -19.06
C ALA W 63 -19.55 38.56 -18.05
N VAL W 64 -19.63 37.25 -18.25
CA VAL W 64 -19.09 36.30 -17.24
C VAL W 64 -17.62 36.65 -17.01
N ARG W 65 -16.85 36.81 -18.10
CA ARG W 65 -15.43 37.23 -17.96
C ARG W 65 -15.38 38.50 -17.12
N ASN W 66 -16.15 39.51 -17.53
CA ASN W 66 -16.12 40.82 -16.81
C ASN W 66 -16.38 40.57 -15.32
N ALA W 67 -17.38 39.75 -15.02
CA ALA W 67 -17.72 39.45 -13.60
C ALA W 67 -16.53 38.74 -12.96
N ASN W 68 -15.90 37.84 -13.71
CA ASN W 68 -14.73 37.10 -13.17
C ASN W 68 -13.69 38.12 -12.73
N ASP W 69 -13.36 39.07 -13.61
CA ASP W 69 -12.35 40.11 -13.28
C ASP W 69 -12.85 40.91 -12.08
N GLY W 70 -14.15 41.14 -12.00
CA GLY W 70 -14.70 41.86 -10.83
C GLY W 70 -14.32 41.16 -9.55
N ILE W 71 -14.57 39.85 -9.49
CA ILE W 71 -14.15 39.07 -8.28
C ILE W 71 -12.63 39.16 -8.16
N SER W 72 -11.92 39.12 -9.28
CA SER W 72 -10.44 39.13 -9.23
C SER W 72 -9.96 40.39 -8.51
N ILE W 73 -10.45 41.55 -8.94
CA ILE W 73 -10.02 42.84 -8.32
C ILE W 73 -10.40 42.80 -6.84
N ALA W 74 -11.61 42.35 -6.55
CA ALA W 74 -12.08 42.31 -5.16
C ALA W 74 -11.14 41.44 -4.33
N GLN W 75 -10.82 40.24 -4.84
CA GLN W 75 -9.96 39.31 -4.08
C GLN W 75 -8.61 39.99 -3.81
N THR W 76 -7.99 40.53 -4.86
CA THR W 76 -6.65 41.16 -4.70
C THR W 76 -6.74 42.20 -3.58
N ALA W 77 -7.75 43.07 -3.63
CA ALA W 77 -7.88 44.15 -2.64
C ALA W 77 -8.10 43.56 -1.25
N GLU W 78 -9.01 42.60 -1.14
CA GLU W 78 -9.30 41.99 0.19
C GLU W 78 -8.01 41.36 0.71
N GLY W 79 -7.25 40.73 -0.17
CA GLY W 79 -6.03 40.04 0.27
C GLY W 79 -5.05 41.01 0.89
N ALA W 80 -4.78 42.11 0.20
CA ALA W 80 -3.88 43.13 0.76
C ALA W 80 -4.39 43.55 2.14
N MET W 81 -5.71 43.79 2.24
CA MET W 81 -6.28 44.28 3.52
C MET W 81 -5.99 43.29 4.64
N ASN W 82 -5.89 42.00 4.30
CA ASN W 82 -5.68 40.98 5.35
C ASN W 82 -4.38 41.32 6.07
N GLU W 83 -3.32 41.60 5.31
CA GLU W 83 -2.02 41.98 5.92
C GLU W 83 -2.22 43.29 6.69
N THR W 84 -2.97 44.22 6.12
CA THR W 84 -3.22 45.53 6.77
C THR W 84 -3.73 45.26 8.20
N THR W 85 -4.73 44.41 8.33
CA THR W 85 -5.31 44.13 9.68
C THR W 85 -4.21 43.59 10.59
N ASN W 86 -3.42 42.63 10.10
CA ASN W 86 -2.38 42.02 10.94
C ASN W 86 -1.43 43.11 11.43
N ILE W 87 -0.98 43.98 10.52
CA ILE W 87 0.00 45.04 10.90
C ILE W 87 -0.65 45.91 11.99
N LEU W 88 -1.92 46.28 11.79
CA LEU W 88 -2.63 47.09 12.80
C LEU W 88 -2.65 46.32 14.13
N GLN W 89 -3.04 45.05 14.09
CA GLN W 89 -3.14 44.26 15.34
C GLN W 89 -1.79 44.28 16.06
N ARG W 90 -0.72 43.95 15.36
CA ARG W 90 0.62 43.99 15.99
C ARG W 90 0.81 45.36 16.63
N MET W 91 0.55 46.43 15.87
CA MET W 91 0.77 47.80 16.39
C MET W 91 -0.06 47.98 17.66
N ARG W 92 -1.27 47.43 17.67
CA ARG W 92 -2.15 47.54 18.87
C ARG W 92 -1.45 46.89 20.06
N ASP W 93 -0.94 45.68 19.85
CA ASP W 93 -0.29 44.94 20.97
C ASP W 93 0.91 45.75 21.45
N LEU W 94 1.71 46.29 20.53
CA LEU W 94 2.92 47.05 20.92
C LEU W 94 2.48 48.23 21.78
N SER W 95 1.37 48.86 21.40
CA SER W 95 0.84 50.01 22.18
C SER W 95 0.45 49.54 23.58
N LEU W 96 -0.15 48.35 23.69
CA LEU W 96 -0.61 47.85 25.00
C LEU W 96 0.62 47.61 25.89
N GLN W 97 1.72 47.12 25.30
CA GLN W 97 2.97 46.96 26.07
C GLN W 97 3.47 48.34 26.51
N SER W 98 3.49 49.30 25.58
CA SER W 98 4.03 50.64 25.91
C SER W 98 3.28 51.23 27.09
N ALA W 99 1.97 50.98 27.17
CA ALA W 99 1.16 51.59 28.25
C ALA W 99 1.69 51.18 29.62
N ASN W 100 2.09 49.92 29.80
CA ASN W 100 2.52 49.45 31.14
C ASN W 100 3.54 50.43 31.74
N GLY W 101 3.44 50.72 33.04
CA GLY W 101 4.35 51.69 33.68
C GLY W 101 5.78 51.21 33.79
N SER W 102 5.99 49.89 33.76
CA SER W 102 7.36 49.33 33.92
C SER W 102 8.26 49.90 32.84
N ASN W 103 7.76 49.99 31.60
CA ASN W 103 8.57 50.46 30.47
C ASN W 103 9.12 51.86 30.79
N SER W 104 10.34 52.16 30.36
CA SER W 104 10.93 53.51 30.59
C SER W 104 11.12 54.21 29.25
N LYS W 105 11.48 55.49 29.27
CA LYS W 105 11.60 56.24 27.99
C LYS W 105 12.28 55.37 26.95
N SER W 106 13.43 54.80 27.30
CA SER W 106 14.18 53.94 26.35
C SER W 106 13.24 52.88 25.78
N GLU W 107 12.47 52.20 26.63
CA GLU W 107 11.63 51.09 26.13
C GLU W 107 10.63 51.64 25.11
N ARG W 108 9.91 52.70 25.50
CA ARG W 108 8.86 53.22 24.58
C ARG W 108 9.55 53.65 23.29
N VAL W 109 10.74 54.26 23.39
CA VAL W 109 11.45 54.74 22.16
C VAL W 109 11.62 53.56 21.22
N ALA W 110 12.04 52.41 21.75
CA ALA W 110 12.21 51.21 20.92
C ALA W 110 10.87 50.80 20.30
N ILE W 111 9.83 50.69 21.12
CA ILE W 111 8.51 50.23 20.59
C ILE W 111 8.09 51.22 19.51
N GLN W 112 8.27 52.53 19.75
CA GLN W 112 7.88 53.55 18.76
C GLN W 112 8.60 53.26 17.46
N GLU W 113 9.87 52.88 17.54
CA GLU W 113 10.64 52.52 16.32
C GLU W 113 9.86 51.46 15.56
N GLU W 114 9.47 50.37 16.24
CA GLU W 114 8.79 49.27 15.52
C GLU W 114 7.50 49.81 14.90
N ILE W 115 6.73 50.57 15.68
CA ILE W 115 5.44 51.11 15.16
C ILE W 115 5.73 51.94 13.91
N THR W 116 6.75 52.81 13.97
CA THR W 116 7.04 53.68 12.82
C THR W 116 7.25 52.81 11.58
N ALA W 117 7.97 51.71 11.75
CA ALA W 117 8.24 50.81 10.60
C ALA W 117 6.92 50.24 10.10
N LEU W 118 6.10 49.71 11.01
CA LEU W 118 4.82 49.09 10.60
C LEU W 118 3.96 50.16 9.94
N ASN W 119 4.01 51.39 10.44
CA ASN W 119 3.23 52.50 9.86
C ASN W 119 3.59 52.62 8.38
N ASP W 120 4.89 52.60 8.07
CA ASP W 120 5.35 52.73 6.67
C ASP W 120 4.82 51.52 5.89
N GLU W 121 4.88 50.34 6.49
CA GLU W 121 4.46 49.12 5.76
C GLU W 121 3.01 49.29 5.32
N LEU W 122 2.16 49.81 6.21
CA LEU W 122 0.73 50.00 5.88
C LEU W 122 0.65 50.91 4.64
N ASN W 123 1.35 52.04 4.68
CA ASN W 123 1.28 53.01 3.54
C ASN W 123 1.84 52.33 2.27
N ARG W 124 2.90 51.54 2.41
CA ARG W 124 3.52 50.89 1.23
C ARG W 124 2.47 49.98 0.59
N ILE W 125 1.89 49.07 1.37
CA ILE W 125 0.81 48.20 0.83
C ILE W 125 -0.19 49.10 0.10
N ALA W 126 -0.63 50.18 0.75
CA ALA W 126 -1.65 51.05 0.15
C ALA W 126 -1.16 51.66 -1.17
N GLU W 127 0.11 52.05 -1.24
CA GLU W 127 0.60 52.75 -2.46
C GLU W 127 1.19 51.77 -3.46
N THR W 128 1.08 50.45 -3.21
CA THR W 128 1.74 49.47 -4.12
C THR W 128 0.72 48.50 -4.68
N THR W 129 -0.14 47.92 -3.83
CA THR W 129 -1.08 46.88 -4.31
C THR W 129 -1.71 47.33 -5.63
N SER W 130 -1.60 46.50 -6.67
CA SER W 130 -2.13 46.90 -8.00
C SER W 130 -2.64 45.68 -8.77
N PHE W 131 -3.73 45.85 -9.53
CA PHE W 131 -4.25 44.75 -10.38
C PHE W 131 -3.67 44.91 -11.79
N GLY W 132 -2.40 44.57 -11.96
CA GLY W 132 -1.76 44.70 -13.28
C GLY W 132 -1.46 46.15 -13.63
N GLY W 133 -1.27 47.02 -12.63
CA GLY W 133 -0.91 48.42 -12.88
C GLY W 133 -1.98 49.37 -12.37
N ASN W 134 -3.22 48.91 -12.28
CA ASN W 134 -4.29 49.76 -11.69
C ASN W 134 -4.16 49.71 -10.17
N LYS W 135 -3.57 50.73 -9.56
CA LYS W 135 -3.45 50.78 -8.09
C LYS W 135 -4.84 50.62 -7.48
N LEU W 136 -4.96 49.88 -6.37
CA LEU W 136 -6.32 49.59 -5.84
C LEU W 136 -6.60 50.33 -4.53
N LEU W 137 -5.70 50.29 -3.55
CA LEU W 137 -6.02 50.89 -2.22
C LEU W 137 -5.22 52.16 -1.95
N ASN W 138 -4.83 52.90 -3.00
CA ASN W 138 -4.15 54.20 -2.78
C ASN W 138 -5.18 55.33 -2.76
N GLY W 139 -6.45 55.00 -3.02
CA GLY W 139 -7.51 56.02 -3.03
C GLY W 139 -7.74 56.58 -4.41
N THR W 140 -7.01 56.08 -5.41
CA THR W 140 -7.21 56.56 -6.80
C THR W 140 -8.30 55.74 -7.50
N PHE W 141 -8.56 54.52 -7.04
CA PHE W 141 -9.54 53.65 -7.73
C PHE W 141 -10.93 54.31 -7.69
N SER W 142 -11.21 55.08 -6.64
CA SER W 142 -12.53 55.73 -6.49
C SER W 142 -13.64 54.69 -6.65
N THR W 143 -14.59 54.93 -7.56
CA THR W 143 -15.70 53.98 -7.78
C THR W 143 -15.71 53.57 -9.26
N LYS W 144 -15.98 52.29 -9.54
CA LYS W 144 -15.95 51.80 -10.94
C LYS W 144 -17.15 50.89 -11.21
N SER W 145 -17.69 50.95 -12.43
CA SER W 145 -18.85 50.11 -12.81
C SER W 145 -18.36 48.86 -13.56
N PHE W 146 -18.77 47.68 -13.09
CA PHE W 146 -18.40 46.42 -13.79
C PHE W 146 -19.62 45.87 -14.52
N GLN W 147 -19.66 46.05 -15.85
CA GLN W 147 -20.81 45.55 -16.65
C GLN W 147 -20.91 44.04 -16.46
N ILE W 148 -22.00 43.57 -15.86
CA ILE W 148 -22.21 42.10 -15.64
C ILE W 148 -23.49 41.69 -16.37
N GLY W 149 -23.76 42.32 -17.51
CA GLY W 149 -25.00 42.01 -18.25
C GLY W 149 -24.75 41.82 -19.73
N ALA W 150 -25.72 41.24 -20.44
CA ALA W 150 -25.55 40.97 -21.89
C ALA W 150 -25.77 42.25 -22.69
N ASP W 151 -26.39 43.27 -22.08
CA ASP W 151 -26.69 44.53 -22.82
C ASP W 151 -26.23 45.74 -22.00
N ASN W 152 -26.39 46.94 -22.52
CA ASN W 152 -25.88 48.15 -21.83
C ASN W 152 -26.64 48.41 -20.53
N GLY W 153 -26.09 49.26 -19.67
CA GLY W 153 -26.79 49.64 -18.43
C GLY W 153 -27.03 48.45 -17.52
N GLU W 154 -26.09 47.51 -17.48
CA GLU W 154 -26.21 46.35 -16.57
C GLU W 154 -24.89 46.23 -15.80
N ALA W 155 -24.47 47.32 -15.15
CA ALA W 155 -23.18 47.31 -14.41
C ALA W 155 -23.45 47.56 -12.92
N VAL W 156 -22.47 47.23 -12.08
CA VAL W 156 -22.62 47.45 -10.60
C VAL W 156 -21.48 48.37 -10.15
N MET W 157 -21.81 49.41 -9.39
CA MET W 157 -20.77 50.39 -8.96
C MET W 157 -19.96 49.79 -7.81
N LEU W 158 -18.66 49.57 -8.03
CA LEU W 158 -17.78 49.07 -6.94
C LEU W 158 -16.84 50.20 -6.52
N THR W 159 -16.79 50.49 -5.21
CA THR W 159 -15.94 51.60 -4.73
C THR W 159 -14.85 51.06 -3.80
N LEU W 160 -13.58 51.25 -4.16
CA LEU W 160 -12.47 50.82 -3.28
C LEU W 160 -12.04 52.05 -2.47
N LYS W 161 -11.85 51.88 -1.16
CA LYS W 161 -11.49 53.04 -0.29
C LYS W 161 -9.97 53.18 -0.24
N ASP W 162 -9.48 54.07 0.62
CA ASP W 162 -8.02 54.27 0.78
C ASP W 162 -7.60 53.77 2.16
N MET W 163 -6.67 52.81 2.21
CA MET W 163 -6.25 52.22 3.50
C MET W 163 -4.98 52.93 3.98
N ARG W 164 -4.66 54.09 3.38
CA ARG W 164 -3.48 54.87 3.83
C ARG W 164 -3.61 55.17 5.33
N SER W 165 -2.50 55.15 6.07
CA SER W 165 -2.55 55.31 7.54
C SER W 165 -3.08 56.70 7.92
N ASP W 166 -3.08 57.64 6.98
CA ASP W 166 -3.49 59.04 7.32
C ASP W 166 -4.93 59.28 6.86
N ASN W 167 -5.64 58.22 6.45
CA ASN W 167 -7.06 58.38 6.06
C ASN W 167 -7.86 58.83 7.29
N ARG W 168 -8.76 59.80 7.13
CA ARG W 168 -9.51 60.33 8.29
C ARG W 168 -10.27 59.19 8.98
N MET W 169 -10.91 58.32 8.20
CA MET W 169 -11.67 57.18 8.78
C MET W 169 -10.71 56.33 9.62
N MET W 170 -9.46 56.18 9.16
CA MET W 170 -8.45 55.44 9.96
C MET W 170 -7.94 56.35 11.07
N GLY W 171 -8.85 56.79 11.96
CA GLY W 171 -8.48 57.70 13.05
C GLY W 171 -9.71 58.38 13.60
N GLY W 172 -9.53 59.39 14.46
CA GLY W 172 -10.67 60.11 15.05
C GLY W 172 -10.24 61.38 15.77
N THR W 173 -10.95 61.74 16.84
CA THR W 173 -10.64 62.99 17.58
C THR W 173 -10.11 62.62 18.97
N SER W 174 -9.17 63.41 19.51
CA SER W 174 -8.56 63.07 20.81
C SER W 174 -8.75 64.21 21.82
N TYR W 175 -9.87 64.22 22.53
CA TYR W 175 -10.12 65.25 23.57
C TYR W 175 -9.37 64.86 24.82
N VAL W 176 -8.57 65.77 25.38
CA VAL W 176 -7.75 65.45 26.58
C VAL W 176 -8.08 66.46 27.68
N ALA W 177 -8.21 65.99 28.93
CA ALA W 177 -8.58 66.88 30.05
C ALA W 177 -7.41 67.82 30.36
N ALA W 178 -7.68 68.94 31.03
CA ALA W 178 -6.63 69.92 31.34
C ALA W 178 -6.11 69.69 32.77
N GLU W 179 -7.02 69.51 33.72
CA GLU W 179 -6.59 69.37 35.14
C GLU W 179 -6.17 67.93 35.39
N GLY W 180 -4.90 67.71 35.75
CA GLY W 180 -4.42 66.34 36.03
C GLY W 180 -4.77 65.93 37.44
N LYS W 181 -5.60 64.90 37.59
CA LYS W 181 -6.04 64.44 38.94
C LYS W 181 -4.94 63.57 39.55
N ASP W 182 -4.54 63.85 40.79
CA ASP W 182 -3.46 63.08 41.46
C ASP W 182 -4.01 61.76 41.99
N LYS W 183 -3.13 60.91 42.54
CA LYS W 183 -3.56 59.56 43.00
C LYS W 183 -4.61 59.67 44.10
N ASP W 184 -4.54 60.70 44.95
CA ASP W 184 -5.48 60.78 46.09
C ASP W 184 -6.77 61.48 45.66
N TRP W 185 -6.76 62.17 44.51
CA TRP W 185 -8.03 62.76 44.04
C TRP W 185 -9.06 61.65 43.89
N LYS W 186 -10.29 61.90 44.35
CA LYS W 186 -11.37 60.89 44.20
C LYS W 186 -12.61 61.59 43.67
N VAL W 187 -13.52 60.83 43.06
CA VAL W 187 -14.81 61.43 42.61
C VAL W 187 -15.48 62.03 43.84
N GLN W 188 -15.88 63.29 43.78
CA GLN W 188 -16.59 63.94 44.91
C GLN W 188 -18.00 63.35 44.98
N ALA W 189 -18.70 63.57 46.11
CA ALA W 189 -20.08 63.06 46.26
C ALA W 189 -20.93 63.57 45.09
N GLY W 190 -20.83 64.87 44.79
CA GLY W 190 -21.55 65.42 43.63
C GLY W 190 -20.63 65.54 42.43
N ALA W 191 -20.90 66.47 41.53
CA ALA W 191 -20.00 66.69 40.38
C ALA W 191 -19.56 65.33 39.81
N ASN W 192 -20.50 64.39 39.70
CA ASN W 192 -20.18 63.04 39.18
C ASN W 192 -21.20 62.69 38.11
N ASP W 193 -21.42 63.59 37.15
CA ASP W 193 -22.46 63.35 36.12
C ASP W 193 -21.94 63.79 34.74
N ILE W 194 -20.77 63.28 34.35
CA ILE W 194 -20.18 63.74 33.05
C ILE W 194 -21.17 63.36 31.94
N THR W 195 -21.62 64.34 31.15
CA THR W 195 -22.61 64.08 30.09
C THR W 195 -21.92 64.16 28.73
N PHE W 196 -22.33 63.31 27.79
CA PHE W 196 -21.72 63.32 26.43
C PHE W 196 -22.81 63.62 25.41
N THR W 197 -22.65 64.70 24.65
CA THR W 197 -23.62 65.04 23.58
C THR W 197 -22.91 64.99 22.23
N LEU W 198 -23.31 64.09 21.35
CA LEU W 198 -22.63 63.93 20.05
C LEU W 198 -23.63 63.40 19.02
N LYS W 199 -23.22 63.32 17.76
CA LYS W 199 -24.12 62.72 16.73
C LYS W 199 -23.51 61.41 16.23
N ASP W 200 -24.32 60.36 16.13
CA ASP W 200 -23.83 59.05 15.64
C ASP W 200 -23.50 59.17 14.15
N ILE W 201 -22.88 58.14 13.57
CA ILE W 201 -22.48 58.21 12.13
C ILE W 201 -23.74 58.43 11.29
N ASP W 202 -24.90 57.95 11.77
CA ASP W 202 -26.16 58.09 11.01
C ASP W 202 -26.77 59.47 11.25
N GLY W 203 -26.06 60.35 11.97
CA GLY W 203 -26.58 61.69 12.27
C GLY W 203 -27.47 61.67 13.51
N ASN W 204 -27.85 60.47 13.97
CA ASN W 204 -28.70 60.34 15.18
C ASN W 204 -28.00 61.05 16.33
N ASP W 205 -28.69 61.99 16.98
CA ASP W 205 -28.10 62.70 18.14
C ASP W 205 -28.01 61.74 19.31
N GLN W 206 -26.94 61.84 20.10
CA GLN W 206 -26.73 60.90 21.24
C GLN W 206 -26.45 61.69 22.51
N THR W 207 -27.11 61.32 23.61
CA THR W 207 -26.85 62.00 24.91
C THR W 207 -26.62 60.92 25.97
N ILE W 208 -25.39 60.83 26.50
CA ILE W 208 -25.07 59.78 27.50
C ILE W 208 -24.44 60.45 28.73
N THR W 209 -25.06 60.27 29.91
CA THR W 209 -24.51 60.86 31.14
C THR W 209 -23.91 59.75 32.01
N VAL W 210 -22.59 59.60 31.97
CA VAL W 210 -21.93 58.59 32.84
C VAL W 210 -21.92 59.13 34.27
N ASN W 211 -22.91 58.75 35.09
CA ASN W 211 -22.92 59.18 36.51
C ASN W 211 -21.79 58.43 37.23
N ALA W 212 -20.66 59.10 37.44
CA ALA W 212 -19.51 58.46 38.10
C ALA W 212 -19.86 58.08 39.55
N LYS W 213 -19.09 57.17 40.14
CA LYS W 213 -19.35 56.74 41.53
C LYS W 213 -18.33 57.39 42.46
N GLU W 214 -18.78 58.02 43.54
CA GLU W 214 -17.85 58.75 44.45
C GLU W 214 -16.78 57.81 44.99
N GLY W 215 -15.57 58.33 45.23
CA GLY W 215 -14.50 57.52 45.83
C GLY W 215 -13.62 56.84 44.79
N ASP W 216 -13.93 57.02 43.51
CA ASP W 216 -13.15 56.35 42.43
C ASP W 216 -11.94 57.20 42.08
N ASP W 217 -10.82 56.58 41.71
CA ASP W 217 -9.65 57.37 41.28
C ASP W 217 -9.78 57.68 39.78
N ILE W 218 -8.87 58.48 39.23
CA ILE W 218 -9.00 58.87 37.80
C ILE W 218 -9.08 57.60 36.96
N GLU W 219 -8.25 56.60 37.25
CA GLU W 219 -8.23 55.35 36.44
C GLU W 219 -9.58 54.63 36.55
N GLU W 220 -10.13 54.54 37.76
CA GLU W 220 -11.42 53.81 37.95
C GLU W 220 -12.53 54.56 37.22
N VAL W 221 -12.48 55.89 37.22
CA VAL W 221 -13.48 56.67 36.45
C VAL W 221 -13.38 56.23 34.99
N ALA W 222 -12.16 56.16 34.46
CA ALA W 222 -11.98 55.82 33.04
C ALA W 222 -12.62 54.45 32.76
N THR W 223 -12.32 53.45 33.59
CA THR W 223 -12.85 52.10 33.29
C THR W 223 -14.37 52.20 33.29
N TYR W 224 -14.94 52.93 34.24
CA TYR W 224 -16.42 53.01 34.33
C TYR W 224 -16.95 53.56 33.02
N ILE W 225 -16.35 54.63 32.52
CA ILE W 225 -16.87 55.28 31.28
C ILE W 225 -16.80 54.25 30.16
N ASN W 226 -15.66 53.58 30.01
CA ASN W 226 -15.50 52.58 28.92
C ASN W 226 -16.54 51.48 29.10
N GLY W 227 -16.86 51.15 30.35
CA GLY W 227 -17.87 50.11 30.63
C GLY W 227 -19.28 50.61 30.37
N GLN W 228 -19.56 51.89 30.65
CA GLN W 228 -20.95 52.40 30.52
C GLN W 228 -21.29 52.66 29.06
N THR W 229 -20.29 52.96 28.21
CA THR W 229 -20.62 53.31 26.81
C THR W 229 -19.57 52.78 25.83
N ASP W 230 -19.93 52.69 24.55
CA ASP W 230 -18.98 52.22 23.51
C ASP W 230 -18.72 53.35 22.53
N MET W 231 -19.60 54.35 22.51
CA MET W 231 -19.46 55.50 21.56
C MET W 231 -18.09 56.15 21.79
N VAL W 232 -17.71 56.35 23.06
CA VAL W 232 -16.43 57.04 23.37
C VAL W 232 -15.50 56.08 24.13
N LYS W 233 -14.19 56.32 24.06
CA LYS W 233 -13.20 55.48 24.80
C LYS W 233 -12.36 56.40 25.68
N ALA W 234 -12.09 56.00 26.93
CA ALA W 234 -11.37 56.92 27.84
C ALA W 234 -10.07 56.28 28.32
N SER W 235 -9.08 57.10 28.67
CA SER W 235 -7.77 56.59 29.16
C SER W 235 -7.10 57.69 29.99
N VAL W 236 -6.13 57.33 30.82
CA VAL W 236 -5.51 58.35 31.72
C VAL W 236 -4.05 58.52 31.34
N ASN W 237 -3.61 59.77 31.10
CA ASN W 237 -2.21 60.02 30.68
C ASN W 237 -1.29 59.98 31.90
N GLU W 238 0.01 60.21 31.70
CA GLU W 238 0.98 60.15 32.82
C GLU W 238 0.68 61.25 33.83
N LYS W 239 0.10 62.36 33.38
CA LYS W 239 -0.12 63.52 34.29
C LYS W 239 -1.44 63.34 35.05
N GLY W 240 -2.17 62.27 34.77
CA GLY W 240 -3.48 62.05 35.41
C GLY W 240 -4.58 62.81 34.72
N GLN W 241 -4.35 63.21 33.47
CA GLN W 241 -5.36 63.96 32.69
C GLN W 241 -6.15 62.96 31.85
N LEU W 242 -7.44 62.79 32.15
CA LEU W 242 -8.26 61.80 31.43
C LEU W 242 -8.27 62.14 29.94
N GLN W 243 -8.24 61.12 29.08
CA GLN W 243 -8.29 61.36 27.62
C GLN W 243 -9.55 60.67 27.09
N ILE W 244 -10.17 61.23 26.06
CA ILE W 244 -11.34 60.57 25.43
C ILE W 244 -11.11 60.54 23.91
N PHE W 245 -11.21 59.37 23.30
CA PHE W 245 -11.06 59.25 21.83
C PHE W 245 -12.42 58.95 21.19
N ALA W 246 -12.80 59.73 20.18
CA ALA W 246 -14.07 59.46 19.46
C ALA W 246 -13.73 58.95 18.06
N GLY W 247 -14.10 57.70 17.76
CA GLY W 247 -13.76 57.12 16.46
C GLY W 247 -14.59 57.72 15.34
N ASN W 248 -13.95 58.31 14.33
CA ASN W 248 -14.71 58.99 13.24
C ASN W 248 -15.82 58.04 12.76
N ASN W 249 -15.52 56.73 12.74
CA ASN W 249 -16.50 55.75 12.21
C ASN W 249 -17.82 55.84 12.99
N LYS W 250 -17.79 56.42 14.19
CA LYS W 250 -19.02 56.57 15.01
C LYS W 250 -19.29 58.05 15.21
N VAL W 251 -18.77 58.62 16.29
CA VAL W 251 -19.07 60.05 16.62
C VAL W 251 -18.79 60.93 15.40
N THR W 252 -19.72 61.83 15.07
CA THR W 252 -19.49 62.79 13.96
C THR W 252 -19.35 64.19 14.56
N GLY W 253 -18.67 65.10 13.87
CA GLY W 253 -18.44 66.45 14.41
C GLY W 253 -17.67 66.41 15.72
N ASP W 254 -18.14 67.12 16.74
CA ASP W 254 -17.38 67.21 18.02
C ASP W 254 -18.22 66.67 19.18
N VAL W 255 -17.58 66.32 20.28
CA VAL W 255 -18.32 65.76 21.46
C VAL W 255 -18.53 66.87 22.48
N ALA W 256 -19.75 66.99 23.04
CA ALA W 256 -20.03 68.00 24.07
C ALA W 256 -19.80 67.38 25.46
N PHE W 257 -19.18 68.14 26.36
CA PHE W 257 -18.88 67.62 27.72
C PHE W 257 -19.63 68.47 28.74
N SER W 258 -20.43 67.83 29.59
CA SER W 258 -21.25 68.58 30.59
C SER W 258 -21.29 67.84 31.92
N GLY W 259 -21.42 68.56 33.02
CA GLY W 259 -21.55 67.90 34.34
C GLY W 259 -20.47 68.34 35.31
N GLY W 260 -20.63 68.00 36.59
CA GLY W 260 -19.64 68.40 37.61
C GLY W 260 -18.27 67.83 37.30
N LEU W 261 -18.21 66.53 37.00
CA LEU W 261 -16.91 65.89 36.66
C LEU W 261 -16.33 66.61 35.44
N ALA W 262 -17.17 66.87 34.44
CA ALA W 262 -16.69 67.59 33.24
C ALA W 262 -16.04 68.90 33.68
N GLY W 263 -16.70 69.64 34.56
CA GLY W 263 -16.16 70.92 35.03
C GLY W 263 -14.79 70.72 35.67
N ALA W 264 -14.68 69.73 36.56
CA ALA W 264 -13.40 69.50 37.28
C ALA W 264 -12.31 69.10 36.27
N LEU W 265 -12.64 68.20 35.34
CA LEU W 265 -11.64 67.71 34.36
C LEU W 265 -11.33 68.85 33.38
N ASN W 266 -12.29 69.74 33.15
CA ASN W 266 -12.10 70.86 32.18
C ASN W 266 -11.63 70.27 30.86
N MET W 267 -12.42 69.35 30.29
CA MET W 267 -12.00 68.68 29.03
C MET W 267 -11.67 69.75 27.99
N GLN W 268 -10.55 69.57 27.29
CA GLN W 268 -10.12 70.57 26.26
C GLN W 268 -10.75 70.22 24.91
N ALA W 269 -10.22 70.78 23.83
CA ALA W 269 -10.74 70.49 22.47
C ALA W 269 -10.15 69.16 21.99
N GLY W 270 -10.33 68.84 20.71
CA GLY W 270 -9.87 67.52 20.23
C GLY W 270 -8.95 67.59 19.03
N THR W 271 -7.72 67.12 19.17
CA THR W 271 -6.80 67.06 18.01
C THR W 271 -7.25 65.93 17.09
N ALA W 272 -7.03 66.06 15.79
CA ALA W 272 -7.37 64.95 14.88
C ALA W 272 -6.25 63.90 14.95
N GLU W 273 -6.54 62.74 15.55
CA GLU W 273 -5.53 61.65 15.67
C GLU W 273 -5.80 60.58 14.62
N THR W 274 -4.80 60.24 13.82
CA THR W 274 -4.93 59.14 12.83
C THR W 274 -3.83 58.12 13.10
N VAL W 275 -3.93 56.92 12.53
CA VAL W 275 -2.93 55.86 12.85
C VAL W 275 -1.54 56.41 12.55
N ASP W 276 -1.38 57.16 11.47
CA ASP W 276 -0.05 57.71 11.10
C ASP W 276 0.46 58.64 12.20
N THR W 277 -0.44 59.24 12.99
CA THR W 277 -0.01 60.23 14.01
C THR W 277 0.23 59.57 15.36
N ILE W 278 0.07 58.24 15.46
CA ILE W 278 0.21 57.60 16.80
C ILE W 278 1.65 57.71 17.28
N ASP W 279 1.85 57.93 18.58
CA ASP W 279 3.21 58.02 19.16
C ASP W 279 3.16 57.37 20.54
N VAL W 280 3.81 56.23 20.73
CA VAL W 280 3.68 55.50 22.03
C VAL W 280 4.80 55.92 22.98
N THR W 281 5.53 57.00 22.66
CA THR W 281 6.68 57.41 23.51
C THR W 281 6.15 57.87 24.88
N SER W 282 4.84 58.02 25.02
CA SER W 282 4.24 58.40 26.32
C SER W 282 3.06 57.48 26.61
N VAL W 283 2.79 57.21 27.89
CA VAL W 283 1.66 56.30 28.24
C VAL W 283 0.38 56.89 27.65
N GLY W 284 0.24 58.21 27.74
CA GLY W 284 -0.96 58.86 27.16
C GLY W 284 -1.07 58.52 25.69
N GLY W 285 0.04 58.68 24.96
CA GLY W 285 0.04 58.33 23.53
C GLY W 285 -0.26 56.86 23.34
N ALA W 286 0.29 56.01 24.21
CA ALA W 286 0.07 54.56 24.08
C ALA W 286 -1.43 54.28 24.25
N GLN W 287 -2.04 54.84 25.27
CA GLN W 287 -3.48 54.54 25.53
C GLN W 287 -4.30 55.04 24.35
N GLN W 288 -4.05 56.27 23.90
CA GLN W 288 -4.83 56.84 22.76
C GLN W 288 -4.61 55.96 21.54
N SER W 289 -3.37 55.52 21.30
CA SER W 289 -3.09 54.73 20.08
C SER W 289 -3.95 53.46 20.08
N VAL W 290 -4.08 52.79 21.22
CA VAL W 290 -4.84 51.52 21.25
C VAL W 290 -6.20 51.80 20.63
N ALA W 291 -6.87 52.85 21.12
CA ALA W 291 -8.23 53.17 20.61
C ALA W 291 -8.16 53.50 19.12
N VAL W 292 -7.19 54.32 18.71
CA VAL W 292 -7.09 54.72 17.28
C VAL W 292 -6.98 53.45 16.44
N ILE W 293 -6.12 52.53 16.85
CA ILE W 293 -5.92 51.28 16.06
C ILE W 293 -7.24 50.52 16.02
N ASP W 294 -7.95 50.47 17.14
CA ASP W 294 -9.28 49.80 17.16
C ASP W 294 -10.15 50.40 16.06
N SER W 295 -10.20 51.73 15.98
CA SER W 295 -11.08 52.38 14.97
C SER W 295 -10.63 51.95 13.57
N ALA W 296 -9.32 51.99 13.34
CA ALA W 296 -8.79 51.61 12.02
C ALA W 296 -9.21 50.18 11.72
N LEU W 297 -9.00 49.27 12.66
CA LEU W 297 -9.35 47.85 12.44
C LEU W 297 -10.81 47.79 11.98
N LYS W 298 -11.70 48.46 12.72
CA LYS W 298 -13.15 48.39 12.41
C LYS W 298 -13.35 48.90 10.97
N TYR W 299 -12.70 50.00 10.62
CA TYR W 299 -12.83 50.57 9.25
C TYR W 299 -12.41 49.53 8.24
N VAL W 300 -11.25 48.90 8.46
CA VAL W 300 -10.73 47.94 7.43
C VAL W 300 -11.71 46.78 7.34
N ASP W 301 -12.16 46.27 8.49
CA ASP W 301 -13.09 45.12 8.49
C ASP W 301 -14.36 45.50 7.74
N SER W 302 -14.89 46.69 8.01
CA SER W 302 -16.08 47.15 7.27
C SER W 302 -15.81 47.02 5.77
N HIS W 303 -14.70 47.61 5.30
CA HIS W 303 -14.41 47.57 3.84
C HIS W 303 -14.39 46.11 3.39
N ARG W 304 -13.69 45.25 4.14
CA ARG W 304 -13.57 43.83 3.74
C ARG W 304 -14.99 43.26 3.59
N ALA W 305 -15.84 43.48 4.59
CA ALA W 305 -17.21 42.91 4.55
C ALA W 305 -17.92 43.39 3.28
N GLU W 306 -17.72 44.65 2.91
CA GLU W 306 -18.36 45.19 1.68
C GLU W 306 -17.83 44.45 0.46
N LEU W 307 -16.51 44.33 0.36
CA LEU W 307 -15.90 43.57 -0.76
C LEU W 307 -16.40 42.13 -0.69
N GLY W 308 -16.64 41.63 0.54
CA GLY W 308 -17.15 40.27 0.69
C GLY W 308 -18.48 40.12 -0.02
N ALA W 309 -19.41 41.04 0.25
CA ALA W 309 -20.72 41.00 -0.45
C ALA W 309 -20.47 41.12 -1.95
N PHE W 310 -19.63 42.07 -2.36
CA PHE W 310 -19.43 42.29 -3.81
C PHE W 310 -19.14 40.94 -4.46
N GLN W 311 -18.20 40.19 -3.89
CA GLN W 311 -17.81 38.89 -4.49
C GLN W 311 -19.02 37.95 -4.46
N ASN W 312 -19.62 37.77 -3.28
CA ASN W 312 -20.77 36.84 -3.15
C ASN W 312 -21.87 37.27 -4.14
N ARG W 313 -22.14 38.58 -4.22
CA ARG W 313 -23.16 39.09 -5.17
C ARG W 313 -22.73 38.69 -6.58
N PHE W 314 -21.49 38.96 -6.94
CA PHE W 314 -21.03 38.63 -8.32
C PHE W 314 -21.15 37.12 -8.54
N ASN W 315 -20.83 36.34 -7.50
CA ASN W 315 -20.88 34.86 -7.64
C ASN W 315 -22.29 34.45 -8.06
N HIS W 316 -23.29 34.82 -7.26
CA HIS W 316 -24.68 34.38 -7.57
C HIS W 316 -25.01 34.88 -8.98
N ALA W 317 -24.58 36.10 -9.30
CA ALA W 317 -24.88 36.68 -10.62
C ALA W 317 -24.29 35.80 -11.71
N ILE W 318 -23.01 35.43 -11.58
CA ILE W 318 -22.36 34.64 -12.66
C ILE W 318 -23.21 33.39 -12.89
N SER W 319 -23.60 32.71 -11.82
CA SER W 319 -24.37 31.45 -11.98
C SER W 319 -25.63 31.74 -12.78
N ASN W 320 -26.31 32.85 -12.48
CA ASN W 320 -27.54 33.23 -13.22
C ASN W 320 -27.19 33.42 -14.69
N LEU W 321 -26.13 34.17 -14.98
CA LEU W 321 -25.80 34.46 -16.40
C LEU W 321 -25.55 33.13 -17.11
N ASP W 322 -24.94 32.17 -16.40
CA ASP W 322 -24.65 30.85 -17.00
C ASP W 322 -25.95 30.13 -17.35
N ASN W 323 -26.92 30.14 -16.43
CA ASN W 323 -28.23 29.48 -16.69
C ASN W 323 -28.87 30.14 -17.92
N ILE W 324 -28.90 31.47 -17.95
CA ILE W 324 -29.49 32.20 -19.11
C ILE W 324 -28.75 31.76 -20.37
N ASN W 325 -27.42 31.78 -20.33
CA ASN W 325 -26.62 31.41 -21.52
C ASN W 325 -27.11 30.04 -22.00
N GLU W 326 -27.19 29.07 -21.09
CA GLU W 326 -27.59 27.69 -21.47
C GLU W 326 -28.96 27.72 -22.14
N ASN W 327 -29.96 28.28 -21.46
CA ASN W 327 -31.34 28.27 -22.00
C ASN W 327 -31.37 29.04 -23.32
N VAL W 328 -30.74 30.22 -23.37
CA VAL W 328 -30.80 31.05 -24.60
C VAL W 328 -30.17 30.26 -25.75
N ASN W 329 -28.99 29.67 -25.51
CA ASN W 329 -28.30 28.92 -26.57
C ASN W 329 -29.24 27.80 -27.03
N ALA W 330 -29.88 27.12 -26.08
CA ALA W 330 -30.79 26.01 -26.43
C ALA W 330 -31.91 26.53 -27.33
N SER W 331 -32.48 27.68 -26.96
CA SER W 331 -33.60 28.24 -27.75
C SER W 331 -33.12 28.54 -29.16
N LYS W 332 -31.96 29.20 -29.28
CA LYS W 332 -31.42 29.55 -30.61
C LYS W 332 -31.29 28.25 -31.40
N SER W 333 -30.80 27.20 -30.74
CA SER W 333 -30.67 25.88 -31.40
C SER W 333 -32.00 25.49 -32.04
N ARG W 334 -33.07 25.47 -31.24
CA ARG W 334 -34.39 25.00 -31.76
C ARG W 334 -34.74 25.76 -33.03
N ILE W 335 -34.04 26.85 -33.33
CA ILE W 335 -34.43 27.68 -34.51
C ILE W 335 -33.33 27.66 -35.58
N LYS W 336 -32.09 28.01 -35.23
CA LYS W 336 -31.03 28.16 -36.27
C LYS W 336 -30.46 26.82 -36.75
N ASP W 337 -30.05 25.94 -35.85
CA ASP W 337 -29.35 24.70 -36.32
C ASP W 337 -30.32 23.73 -37.01
N THR W 338 -29.83 22.57 -37.43
CA THR W 338 -30.68 21.63 -38.20
C THR W 338 -30.82 20.28 -37.50
N ASP W 339 -31.92 19.57 -37.73
CA ASP W 339 -32.04 18.19 -37.19
C ASP W 339 -31.56 17.26 -38.30
N PHE W 340 -30.36 16.69 -38.16
CA PHE W 340 -29.82 15.86 -39.26
C PHE W 340 -30.89 14.85 -39.69
N ALA W 341 -31.55 14.20 -38.73
CA ALA W 341 -32.52 13.15 -39.09
C ALA W 341 -33.42 13.67 -40.20
N LYS W 342 -34.10 14.80 -39.99
CA LYS W 342 -35.05 15.32 -41.00
C LYS W 342 -34.28 15.71 -42.27
N GLU W 343 -33.17 16.42 -42.14
CA GLU W 343 -32.49 16.90 -43.38
C GLU W 343 -32.07 15.70 -44.23
N THR W 344 -31.24 14.82 -43.66
CA THR W 344 -30.80 13.62 -44.41
C THR W 344 -32.01 12.99 -45.11
N THR W 345 -33.05 12.67 -44.34
CA THR W 345 -34.24 12.03 -44.93
C THR W 345 -34.67 12.83 -46.15
N ALA W 346 -34.73 14.15 -46.02
CA ALA W 346 -35.17 15.02 -47.14
C ALA W 346 -34.15 14.93 -48.28
N LEU W 347 -32.86 14.94 -47.94
CA LEU W 347 -31.81 14.88 -48.98
C LEU W 347 -32.05 13.63 -49.81
N THR W 348 -32.25 12.49 -49.14
CA THR W 348 -32.44 11.22 -49.88
C THR W 348 -33.69 11.35 -50.76
N LYS W 349 -34.79 11.83 -50.19
CA LYS W 349 -36.05 11.96 -50.95
C LYS W 349 -35.76 12.78 -52.20
N SER W 350 -35.04 13.89 -52.03
CA SER W 350 -34.73 14.77 -53.18
C SER W 350 -33.94 13.99 -54.22
N GLN W 351 -32.90 13.27 -53.78
CA GLN W 351 -32.05 12.53 -54.73
C GLN W 351 -32.91 11.52 -55.48
N ILE W 352 -33.73 10.75 -54.76
CA ILE W 352 -34.61 9.72 -55.39
C ILE W 352 -35.48 10.41 -56.44
N LEU W 353 -36.19 11.46 -56.04
CA LEU W 353 -37.12 12.15 -56.96
C LEU W 353 -36.34 12.61 -58.19
N SER W 354 -35.10 13.06 -58.00
CA SER W 354 -34.27 13.53 -59.12
C SER W 354 -34.04 12.37 -60.09
N GLN W 355 -33.65 11.21 -59.56
CA GLN W 355 -33.46 10.02 -60.44
C GLN W 355 -34.76 9.80 -61.20
N ALA W 356 -35.87 9.68 -60.47
CA ALA W 356 -37.18 9.43 -61.12
C ALA W 356 -37.35 10.42 -62.27
N SER W 357 -37.23 11.72 -61.98
CA SER W 357 -37.48 12.73 -63.02
C SER W 357 -36.53 12.47 -64.20
N SER W 358 -35.27 12.18 -63.90
CA SER W 358 -34.27 11.97 -64.97
C SER W 358 -34.71 10.77 -65.82
N SER W 359 -35.14 9.69 -65.17
CA SER W 359 -35.61 8.51 -65.91
C SER W 359 -36.80 8.92 -66.79
N VAL W 360 -37.78 9.58 -66.19
CA VAL W 360 -39.01 9.98 -66.93
C VAL W 360 -38.56 10.83 -68.11
N LEU W 361 -37.61 11.74 -67.88
CA LEU W 361 -37.16 12.66 -68.96
C LEU W 361 -36.59 11.82 -70.10
N ALA W 362 -35.79 10.82 -69.77
CA ALA W 362 -35.18 9.98 -70.82
C ALA W 362 -36.30 9.39 -71.69
N GLN W 363 -37.31 8.79 -71.07
CA GLN W 363 -38.43 8.18 -71.84
C GLN W 363 -39.07 9.28 -72.68
N ALA W 364 -39.30 10.45 -72.08
CA ALA W 364 -39.98 11.55 -72.79
C ALA W 364 -39.17 11.94 -74.03
N LYS W 365 -37.85 12.07 -73.88
CA LYS W 365 -37.01 12.54 -75.01
C LYS W 365 -37.21 11.63 -76.22
N GLN W 366 -37.45 10.34 -76.00
CA GLN W 366 -37.56 9.38 -77.14
C GLN W 366 -39.00 9.36 -77.67
N ALA W 367 -39.94 9.93 -76.92
CA ALA W 367 -41.35 9.87 -77.35
C ALA W 367 -41.48 10.46 -78.76
N PRO W 368 -40.93 11.66 -79.07
CA PRO W 368 -41.00 12.19 -80.43
C PRO W 368 -40.50 11.17 -81.46
N ASN W 369 -39.47 10.38 -81.11
CA ASN W 369 -38.89 9.43 -82.09
C ASN W 369 -40.00 8.59 -82.70
N ALA W 370 -41.08 8.37 -81.96
CA ALA W 370 -42.20 7.54 -82.46
C ALA W 370 -42.66 8.05 -83.84
N ALA W 371 -42.66 9.36 -84.04
CA ALA W 371 -43.19 9.93 -85.31
C ALA W 371 -42.50 9.26 -86.51
N LEU W 372 -41.17 9.22 -86.49
CA LEU W 372 -40.42 8.68 -87.66
C LEU W 372 -40.99 7.30 -88.03
N SER W 373 -41.38 6.52 -87.02
CA SER W 373 -41.90 5.15 -87.28
C SER W 373 -43.04 5.23 -88.30
N LEU W 374 -43.87 6.27 -88.21
CA LEU W 374 -44.99 6.44 -89.18
C LEU W 374 -44.43 7.10 -90.44
N LEU W 375 -43.35 6.56 -90.99
CA LEU W 375 -42.72 7.18 -92.19
C LEU W 375 -42.60 8.68 -91.93
N GLY W 376 -42.12 9.06 -90.74
CA GLY W 376 -42.00 10.48 -90.38
C GLY W 376 -41.52 11.32 -91.56
N ALA X 1 -69.88 11.35 -129.51
CA ALA X 1 -69.31 10.48 -130.57
C ALA X 1 -67.80 10.66 -130.56
N VAL X 2 -67.05 9.63 -130.95
CA VAL X 2 -65.57 9.75 -130.82
C VAL X 2 -65.11 11.05 -131.50
N ASN X 3 -64.51 11.96 -130.73
CA ASN X 3 -64.03 13.24 -131.30
C ASN X 3 -62.52 13.34 -131.01
N VAL X 4 -61.69 13.33 -132.06
CA VAL X 4 -60.22 13.33 -131.86
C VAL X 4 -59.77 14.68 -131.29
N ASN X 5 -60.35 15.78 -131.74
CA ASN X 5 -59.86 17.12 -131.33
C ASN X 5 -59.96 17.34 -129.83
N THR X 6 -61.05 16.89 -129.18
CA THR X 6 -61.23 17.22 -127.75
C THR X 6 -61.26 15.95 -126.89
N ASN X 7 -60.50 15.93 -125.79
CA ASN X 7 -60.53 14.77 -124.86
C ASN X 7 -61.00 15.28 -123.50
N VAL X 8 -62.31 15.45 -123.32
CA VAL X 8 -62.83 16.02 -122.05
C VAL X 8 -62.34 15.16 -120.88
N ALA X 9 -62.33 13.85 -121.05
CA ALA X 9 -61.95 12.94 -119.94
C ALA X 9 -60.52 13.26 -119.50
N ALA X 10 -59.63 13.52 -120.47
CA ALA X 10 -58.23 13.84 -120.14
C ALA X 10 -58.19 15.10 -119.27
N MET X 11 -58.96 16.11 -119.65
CA MET X 11 -58.99 17.39 -118.87
C MET X 11 -59.47 17.06 -117.46
N THR X 12 -60.55 16.28 -117.36
CA THR X 12 -61.10 15.89 -116.03
C THR X 12 -59.97 15.25 -115.24
N ALA X 13 -59.22 14.35 -115.87
CA ALA X 13 -58.13 13.64 -115.16
C ALA X 13 -57.07 14.65 -114.72
N GLN X 14 -56.61 15.50 -115.64
CA GLN X 14 -55.52 16.43 -115.29
C GLN X 14 -55.94 17.24 -114.07
N ARG X 15 -57.21 17.61 -114.00
CA ARG X 15 -57.69 18.44 -112.86
C ARG X 15 -57.43 17.67 -111.56
N TYR X 16 -57.88 16.41 -111.50
CA TYR X 16 -57.75 15.62 -110.25
C TYR X 16 -56.27 15.36 -109.96
N LEU X 17 -55.49 15.07 -111.01
CA LEU X 17 -54.05 14.78 -110.83
C LEU X 17 -53.38 16.00 -110.20
N THR X 18 -53.66 17.19 -110.75
CA THR X 18 -53.03 18.43 -110.24
C THR X 18 -53.50 18.65 -108.80
N GLY X 19 -54.80 18.48 -108.56
CA GLY X 19 -55.32 18.65 -107.20
C GLY X 19 -54.56 17.76 -106.24
N ALA X 20 -54.44 16.48 -106.58
CA ALA X 20 -53.77 15.52 -105.67
C ALA X 20 -52.31 15.93 -105.51
N THR X 21 -51.67 16.35 -106.61
CA THR X 21 -50.24 16.73 -106.54
C THR X 21 -50.09 17.86 -105.51
N ASN X 22 -51.01 18.81 -105.51
CA ASN X 22 -50.96 19.94 -104.55
C ASN X 22 -51.11 19.39 -103.13
N ALA X 23 -52.07 18.49 -102.93
CA ALA X 23 -52.28 17.90 -101.59
C ALA X 23 -50.97 17.32 -101.10
N GLN X 24 -50.25 16.64 -102.00
CA GLN X 24 -48.94 16.05 -101.62
C GLN X 24 -48.03 17.18 -101.13
N GLN X 25 -47.80 18.20 -101.96
CA GLN X 25 -46.87 19.30 -101.58
C GLN X 25 -47.25 19.81 -100.20
N THR X 26 -48.53 20.11 -100.00
CA THR X 26 -48.97 20.71 -98.71
C THR X 26 -48.55 19.79 -97.56
N SER X 27 -48.96 18.51 -97.63
CA SER X 27 -48.64 17.57 -96.54
C SER X 27 -47.13 17.45 -96.38
N MET X 28 -46.41 17.33 -97.50
CA MET X 28 -44.95 17.13 -97.41
C MET X 28 -44.34 18.29 -96.62
N GLU X 29 -44.73 19.52 -96.94
CA GLU X 29 -44.13 20.69 -96.25
C GLU X 29 -44.44 20.57 -94.76
N ARG X 30 -45.68 20.27 -94.43
CA ARG X 30 -46.07 20.21 -92.99
C ARG X 30 -45.13 19.24 -92.27
N LEU X 31 -44.87 18.10 -92.89
CA LEU X 31 -43.99 17.07 -92.26
C LEU X 31 -42.56 17.62 -92.17
N SER X 32 -42.02 18.14 -93.27
CA SER X 32 -40.61 18.61 -93.29
C SER X 32 -40.42 19.70 -92.24
N SER X 33 -41.48 20.41 -91.88
CA SER X 33 -41.36 21.55 -90.95
C SER X 33 -41.75 21.13 -89.52
N GLY X 34 -42.77 20.29 -89.40
CA GLY X 34 -43.26 19.91 -88.06
C GLY X 34 -44.38 20.83 -87.62
N PHE X 35 -44.87 21.69 -88.53
CA PHE X 35 -45.96 22.64 -88.20
C PHE X 35 -47.10 22.50 -89.21
N LYS X 36 -48.33 22.38 -88.72
CA LYS X 36 -49.52 22.31 -89.61
C LYS X 36 -49.66 23.66 -90.32
N ILE X 37 -49.34 24.76 -89.62
CA ILE X 37 -49.47 26.12 -90.20
C ILE X 37 -48.07 26.63 -90.58
N ASN X 38 -47.70 26.51 -91.85
CA ASN X 38 -46.37 27.01 -92.30
C ASN X 38 -46.58 28.34 -93.02
N SER X 39 -47.72 28.48 -93.71
CA SER X 39 -48.05 29.75 -94.40
C SER X 39 -49.36 30.28 -93.84
N ALA X 40 -49.65 31.56 -94.05
CA ALA X 40 -50.90 32.16 -93.52
C ALA X 40 -52.09 31.44 -94.15
N LYS X 41 -51.94 30.99 -95.39
CA LYS X 41 -53.08 30.35 -96.09
C LYS X 41 -53.62 29.20 -95.23
N ASP X 42 -52.75 28.53 -94.47
CA ASP X 42 -53.19 27.35 -93.68
C ASP X 42 -54.31 27.74 -92.71
N ASP X 43 -54.04 28.71 -91.83
CA ASP X 43 -55.04 29.15 -90.81
C ASP X 43 -54.68 30.56 -90.35
N ALA X 44 -55.02 31.58 -91.14
CA ALA X 44 -54.63 32.95 -90.79
C ALA X 44 -54.82 33.15 -89.28
N ALA X 45 -56.01 32.84 -88.78
CA ALA X 45 -56.28 33.05 -87.35
C ALA X 45 -55.23 32.30 -86.53
N GLY X 46 -55.07 31.01 -86.80
CA GLY X 46 -54.08 30.22 -86.06
C GLY X 46 -52.72 30.89 -86.11
N LEU X 47 -52.31 31.36 -87.28
CA LEU X 47 -50.96 31.96 -87.41
C LEU X 47 -50.85 33.09 -86.39
N GLN X 48 -51.81 34.01 -86.40
CA GLN X 48 -51.74 35.18 -85.48
C GLN X 48 -51.78 34.68 -84.03
N ILE X 49 -52.70 33.77 -83.74
CA ILE X 49 -52.81 33.22 -82.34
C ILE X 49 -51.50 32.52 -82.01
N SER X 50 -50.99 31.68 -82.91
CA SER X 50 -49.74 30.93 -82.65
C SER X 50 -48.59 31.91 -82.47
N ASN X 51 -48.49 32.91 -83.35
CA ASN X 51 -47.38 33.90 -83.26
C ASN X 51 -47.47 34.55 -81.88
N ARG X 52 -48.66 34.93 -81.47
CA ARG X 52 -48.84 35.59 -80.15
C ARG X 52 -48.41 34.60 -79.06
N LEU X 53 -48.88 33.36 -79.15
CA LEU X 53 -48.55 32.35 -78.11
C LEU X 53 -47.04 32.12 -78.12
N ASN X 54 -46.43 32.08 -79.31
CA ASN X 54 -44.96 31.91 -79.40
C ASN X 54 -44.29 33.09 -78.69
N VAL X 55 -44.74 34.31 -78.99
CA VAL X 55 -44.08 35.51 -78.38
C VAL X 55 -44.17 35.35 -76.87
N GLN X 56 -45.35 34.98 -76.37
CA GLN X 56 -45.53 34.85 -74.90
C GLN X 56 -44.50 33.84 -74.39
N SER X 57 -44.36 32.71 -75.08
CA SER X 57 -43.43 31.65 -74.61
C SER X 57 -42.01 32.21 -74.59
N ARG X 58 -41.59 32.85 -75.67
CA ARG X 58 -40.21 33.40 -75.75
C ARG X 58 -40.04 34.42 -74.63
N GLY X 59 -41.01 35.32 -74.48
CA GLY X 59 -40.93 36.35 -73.44
C GLY X 59 -40.84 35.72 -72.06
N LEU X 60 -41.62 34.68 -71.82
CA LEU X 60 -41.61 34.00 -70.50
C LEU X 60 -40.20 33.50 -70.22
N ASP X 61 -39.52 32.98 -71.24
CA ASP X 61 -38.15 32.45 -71.06
C ASP X 61 -37.23 33.57 -70.57
N VAL X 62 -37.25 34.70 -71.28
CA VAL X 62 -36.36 35.84 -70.90
C VAL X 62 -36.76 36.27 -69.49
N ALA X 63 -38.06 36.29 -69.19
CA ALA X 63 -38.54 36.75 -67.86
C ALA X 63 -37.97 35.84 -66.77
N VAL X 64 -38.01 34.53 -66.98
CA VAL X 64 -37.44 33.59 -65.99
C VAL X 64 -35.96 33.97 -65.81
N ARG X 65 -35.25 34.17 -66.92
CA ARG X 65 -33.81 34.55 -66.84
C ARG X 65 -33.67 35.82 -66.02
N ASN X 66 -34.44 36.86 -66.35
CA ASN X 66 -34.31 38.16 -65.64
C ASN X 66 -34.51 37.93 -64.15
N ALA X 67 -35.52 37.14 -63.79
CA ALA X 67 -35.82 36.93 -62.37
C ALA X 67 -34.69 36.15 -61.72
N ASN X 68 -34.11 35.19 -62.45
CA ASN X 68 -32.95 34.45 -61.90
C ASN X 68 -31.86 35.46 -61.55
N ASP X 69 -31.59 36.40 -62.47
CA ASP X 69 -30.57 37.45 -62.20
C ASP X 69 -30.98 38.19 -60.93
N GLY X 70 -32.27 38.51 -60.81
CA GLY X 70 -32.75 39.23 -59.61
C GLY X 70 -32.36 38.49 -58.35
N ILE X 71 -32.69 37.20 -58.27
CA ILE X 71 -32.37 36.39 -57.06
C ILE X 71 -30.86 36.43 -56.88
N SER X 72 -30.12 36.35 -57.99
CA SER X 72 -28.64 36.33 -57.92
C SER X 72 -28.15 37.60 -57.23
N ILE X 73 -28.62 38.77 -57.68
CA ILE X 73 -28.16 40.06 -57.09
C ILE X 73 -28.49 40.02 -55.60
N ALA X 74 -29.70 39.60 -55.26
CA ALA X 74 -30.10 39.59 -53.84
C ALA X 74 -29.17 38.65 -53.08
N GLN X 75 -28.91 37.47 -53.63
CA GLN X 75 -28.03 36.50 -52.95
C GLN X 75 -26.69 37.18 -52.66
N THR X 76 -26.09 37.82 -53.67
CA THR X 76 -24.75 38.43 -53.48
C THR X 76 -24.85 39.43 -52.32
N ALA X 77 -25.84 40.32 -52.39
CA ALA X 77 -25.99 41.37 -51.34
C ALA X 77 -26.24 40.72 -49.99
N GLU X 78 -27.19 39.79 -49.92
CA GLU X 78 -27.54 39.19 -48.61
C GLU X 78 -26.29 38.54 -48.02
N GLY X 79 -25.52 37.84 -48.84
CA GLY X 79 -24.33 37.14 -48.36
C GLY X 79 -23.31 38.12 -47.80
N ALA X 80 -23.08 39.22 -48.51
CA ALA X 80 -22.16 40.25 -48.00
C ALA X 80 -22.65 40.71 -46.62
N MET X 81 -23.94 40.94 -46.48
CA MET X 81 -24.48 41.46 -45.19
C MET X 81 -24.27 40.42 -44.08
N ASN X 82 -24.12 39.15 -44.45
CA ASN X 82 -23.85 38.12 -43.42
C ASN X 82 -22.54 38.48 -42.71
N GLU X 83 -21.51 38.80 -43.49
CA GLU X 83 -20.20 39.18 -42.88
C GLU X 83 -20.37 40.52 -42.16
N THR X 84 -21.10 41.46 -42.77
CA THR X 84 -21.37 42.75 -42.09
C THR X 84 -21.85 42.46 -40.68
N THR X 85 -22.84 41.56 -40.54
CA THR X 85 -23.41 41.26 -39.21
C THR X 85 -22.32 40.73 -38.28
N ASN X 86 -21.51 39.78 -38.75
CA ASN X 86 -20.49 39.17 -37.87
C ASN X 86 -19.56 40.28 -37.37
N ILE X 87 -19.10 41.14 -38.29
CA ILE X 87 -18.16 42.22 -37.90
C ILE X 87 -18.82 43.05 -36.80
N LEU X 88 -20.09 43.41 -37.01
CA LEU X 88 -20.80 44.25 -36.01
C LEU X 88 -20.86 43.49 -34.68
N GLN X 89 -21.22 42.21 -34.71
CA GLN X 89 -21.37 41.47 -33.44
C GLN X 89 -20.01 41.42 -32.74
N ARG X 90 -18.95 41.20 -33.50
CA ARG X 90 -17.60 41.22 -32.89
C ARG X 90 -17.43 42.57 -32.20
N MET X 91 -17.74 43.66 -32.92
CA MET X 91 -17.61 45.01 -32.32
C MET X 91 -18.42 45.06 -31.03
N ARG X 92 -19.63 44.50 -31.03
CA ARG X 92 -20.49 44.61 -29.81
C ARG X 92 -19.76 43.98 -28.63
N ASP X 93 -19.22 42.79 -28.82
CA ASP X 93 -18.55 42.08 -27.69
C ASP X 93 -17.36 42.90 -27.24
N LEU X 94 -16.58 43.43 -28.19
CA LEU X 94 -15.40 44.26 -27.82
C LEU X 94 -15.87 45.47 -27.05
N SER X 95 -17.00 46.04 -27.43
CA SER X 95 -17.55 47.21 -26.70
C SER X 95 -17.84 46.78 -25.25
N LEU X 96 -18.57 45.68 -25.08
CA LEU X 96 -18.96 45.24 -23.71
C LEU X 96 -17.68 45.01 -22.91
N GLN X 97 -16.64 44.51 -23.57
CA GLN X 97 -15.35 44.31 -22.88
C GLN X 97 -14.85 45.67 -22.39
N SER X 98 -14.69 46.63 -23.31
CA SER X 98 -14.13 47.94 -22.92
C SER X 98 -14.95 48.50 -21.75
N ALA X 99 -16.26 48.27 -21.75
CA ALA X 99 -17.13 48.84 -20.70
C ALA X 99 -16.69 48.33 -19.31
N ASN X 100 -16.28 47.07 -19.22
CA ASN X 100 -15.95 46.50 -17.89
C ASN X 100 -14.97 47.43 -17.20
N GLY X 101 -15.17 47.71 -15.91
CA GLY X 101 -14.32 48.67 -15.18
C GLY X 101 -12.88 48.21 -15.07
N SER X 102 -12.64 46.90 -14.94
CA SER X 102 -11.25 46.42 -14.71
C SER X 102 -10.33 46.95 -15.81
N ASN X 103 -10.83 47.01 -17.05
CA ASN X 103 -10.01 47.47 -18.19
C ASN X 103 -9.47 48.87 -17.89
N SER X 104 -8.19 49.11 -18.18
CA SER X 104 -7.58 50.45 -17.97
C SER X 104 -7.58 51.23 -19.29
N LYS X 105 -7.22 52.52 -19.24
CA LYS X 105 -7.27 53.36 -20.46
C LYS X 105 -6.45 52.67 -21.55
N SER X 106 -5.27 52.18 -21.18
CA SER X 106 -4.40 51.50 -22.18
C SER X 106 -5.19 50.40 -22.86
N GLU X 107 -5.90 49.58 -22.07
CA GLU X 107 -6.68 48.46 -22.65
C GLU X 107 -7.71 49.02 -23.63
N ARG X 108 -8.43 50.06 -23.21
CA ARG X 108 -9.49 50.62 -24.08
C ARG X 108 -8.84 51.02 -25.40
N VAL X 109 -7.68 51.68 -25.33
CA VAL X 109 -6.95 52.04 -26.57
C VAL X 109 -6.85 50.79 -27.45
N ALA X 110 -6.33 49.70 -26.90
CA ALA X 110 -6.15 48.47 -27.70
C ALA X 110 -7.49 48.08 -28.32
N ILE X 111 -8.52 47.94 -27.50
CA ILE X 111 -9.86 47.52 -28.03
C ILE X 111 -10.19 48.44 -29.20
N GLN X 112 -10.06 49.75 -29.00
CA GLN X 112 -10.44 50.71 -30.07
C GLN X 112 -9.74 50.32 -31.37
N GLU X 113 -8.46 49.91 -31.28
CA GLU X 113 -7.71 49.63 -32.52
C GLU X 113 -8.45 48.55 -33.31
N GLU X 114 -8.82 47.45 -32.63
CA GLU X 114 -9.57 46.36 -33.31
C GLU X 114 -10.90 46.93 -33.82
N ILE X 115 -11.58 47.71 -32.97
CA ILE X 115 -12.87 48.33 -33.39
C ILE X 115 -12.62 49.11 -34.67
N THR X 116 -11.61 49.98 -34.68
CA THR X 116 -11.38 50.85 -35.86
C THR X 116 -11.19 49.97 -37.10
N ALA X 117 -10.40 48.91 -36.97
CA ALA X 117 -10.12 48.04 -38.13
C ALA X 117 -11.43 47.46 -38.64
N LEU X 118 -12.23 46.91 -37.73
CA LEU X 118 -13.52 46.27 -38.15
C LEU X 118 -14.38 47.33 -38.83
N ASN X 119 -14.41 48.54 -38.28
CA ASN X 119 -15.22 49.63 -38.87
C ASN X 119 -14.83 49.77 -40.34
N ASP X 120 -13.53 49.84 -40.62
CA ASP X 120 -13.07 50.04 -42.01
C ASP X 120 -13.56 48.88 -42.87
N GLU X 121 -13.61 47.68 -42.27
CA GLU X 121 -14.03 46.48 -43.04
C GLU X 121 -15.48 46.65 -43.48
N LEU X 122 -16.34 47.14 -42.58
CA LEU X 122 -17.76 47.37 -42.95
C LEU X 122 -17.77 48.32 -44.14
N ASN X 123 -16.99 49.40 -44.06
CA ASN X 123 -16.94 50.39 -45.16
C ASN X 123 -16.32 49.73 -46.40
N ARG X 124 -15.32 48.86 -46.22
CA ARG X 124 -14.74 48.14 -47.38
C ARG X 124 -15.82 47.27 -48.02
N ILE X 125 -16.47 46.42 -47.22
CA ILE X 125 -17.52 45.50 -47.76
C ILE X 125 -18.57 46.37 -48.47
N ALA X 126 -18.89 47.51 -47.89
CA ALA X 126 -19.94 48.37 -48.49
C ALA X 126 -19.47 48.92 -49.84
N GLU X 127 -18.21 49.31 -49.94
CA GLU X 127 -17.73 49.96 -51.19
C GLU X 127 -17.18 48.91 -52.17
N THR X 128 -17.30 47.62 -51.86
CA THR X 128 -16.68 46.59 -52.74
C THR X 128 -17.74 45.63 -53.27
N THR X 129 -18.56 45.04 -52.39
CA THR X 129 -19.54 44.03 -52.85
C THR X 129 -20.12 44.49 -54.20
N SER X 130 -19.93 43.70 -55.25
CA SER X 130 -20.37 44.13 -56.60
C SER X 130 -20.91 42.94 -57.40
N PHE X 131 -21.68 43.23 -58.46
CA PHE X 131 -22.20 42.16 -59.34
C PHE X 131 -21.65 42.40 -60.74
N GLY X 132 -20.34 42.23 -60.91
CA GLY X 132 -19.71 42.51 -62.21
C GLY X 132 -19.53 44.00 -62.44
N GLY X 133 -19.02 44.71 -61.43
CA GLY X 133 -18.79 46.16 -61.56
C GLY X 133 -19.97 46.97 -61.07
N ASN X 134 -21.16 46.38 -61.05
CA ASN X 134 -22.35 47.08 -60.52
C ASN X 134 -22.31 46.97 -58.99
N LYS X 135 -21.79 48.01 -58.31
CA LYS X 135 -21.68 47.96 -56.83
C LYS X 135 -23.08 47.77 -56.25
N LEU X 136 -23.20 47.10 -55.11
CA LEU X 136 -24.55 46.78 -54.59
C LEU X 136 -24.85 47.55 -53.30
N LEU X 137 -24.25 47.17 -52.18
CA LEU X 137 -24.60 47.80 -50.88
C LEU X 137 -23.71 48.99 -50.57
N ASN X 138 -23.88 50.12 -51.27
CA ASN X 138 -23.11 51.35 -50.97
C ASN X 138 -24.00 52.58 -51.13
N GLY X 139 -25.24 52.37 -51.61
CA GLY X 139 -26.16 53.49 -51.83
C GLY X 139 -26.33 53.78 -53.31
N THR X 140 -25.28 53.55 -54.10
CA THR X 140 -25.35 53.89 -55.55
C THR X 140 -26.44 53.06 -56.22
N PHE X 141 -26.56 51.79 -55.85
CA PHE X 141 -27.60 50.90 -56.44
C PHE X 141 -28.88 51.05 -55.62
N SER X 142 -29.96 51.51 -56.24
CA SER X 142 -31.23 51.72 -55.50
C SER X 142 -32.42 51.76 -56.47
N THR X 143 -33.60 51.37 -55.99
CA THR X 143 -34.83 51.47 -56.83
C THR X 143 -34.55 50.96 -58.25
N LYS X 144 -34.27 49.66 -58.39
CA LYS X 144 -34.08 49.09 -59.74
C LYS X 144 -35.22 48.10 -60.02
N SER X 145 -35.92 48.29 -61.15
CA SER X 145 -37.06 47.40 -61.48
C SER X 145 -36.55 46.14 -62.20
N PHE X 146 -37.15 44.98 -61.90
CA PHE X 146 -36.74 43.71 -62.57
C PHE X 146 -37.96 43.16 -63.31
N GLN X 147 -37.96 43.26 -64.65
CA GLN X 147 -39.12 42.78 -65.45
C GLN X 147 -39.20 41.25 -65.34
N ILE X 148 -40.20 40.74 -64.61
CA ILE X 148 -40.34 39.27 -64.44
C ILE X 148 -41.59 38.80 -65.19
N GLY X 149 -42.07 39.60 -66.14
CA GLY X 149 -43.29 39.24 -66.89
C GLY X 149 -43.05 39.24 -68.38
N ALA X 150 -43.78 38.40 -69.11
CA ALA X 150 -43.58 38.29 -70.59
C ALA X 150 -43.91 39.63 -71.24
N ASP X 151 -45.03 40.24 -70.86
CA ASP X 151 -45.44 41.54 -71.46
C ASP X 151 -44.74 42.67 -70.72
N ASN X 152 -44.80 43.89 -71.26
CA ASN X 152 -44.10 45.05 -70.65
C ASN X 152 -44.82 45.50 -69.38
N GLY X 153 -44.20 46.39 -68.61
CA GLY X 153 -44.86 46.95 -67.41
C GLY X 153 -45.18 45.88 -66.38
N GLU X 154 -44.36 44.83 -66.31
CA GLU X 154 -44.56 43.78 -65.29
C GLU X 154 -43.23 43.62 -64.54
N ALA X 155 -42.88 44.58 -63.70
CA ALA X 155 -41.55 44.55 -63.05
C ALA X 155 -41.63 44.76 -61.54
N VAL X 156 -41.02 43.86 -60.76
CA VAL X 156 -40.93 44.01 -59.28
C VAL X 156 -39.76 44.94 -58.98
N MET X 157 -39.90 45.83 -58.00
CA MET X 157 -38.85 46.83 -57.71
C MET X 157 -37.98 46.34 -56.56
N LEU X 158 -36.65 46.50 -56.69
CA LEU X 158 -35.73 46.13 -55.60
C LEU X 158 -34.89 47.36 -55.23
N THR X 159 -34.73 47.63 -53.94
CA THR X 159 -33.88 48.77 -53.50
C THR X 159 -32.84 48.25 -52.50
N LEU X 160 -31.56 48.42 -52.80
CA LEU X 160 -30.48 47.98 -51.88
C LEU X 160 -30.05 49.18 -51.04
N LYS X 161 -30.31 49.15 -49.73
CA LYS X 161 -30.00 50.31 -48.86
C LYS X 161 -28.49 50.43 -48.66
N ASP X 162 -28.02 51.65 -48.36
CA ASP X 162 -26.57 51.85 -48.07
C ASP X 162 -26.23 51.09 -46.79
N MET X 163 -25.10 50.38 -46.78
CA MET X 163 -24.68 49.66 -45.55
C MET X 163 -23.46 50.37 -44.95
N ARG X 164 -23.09 51.52 -45.49
CA ARG X 164 -21.89 52.25 -45.01
C ARG X 164 -22.04 52.56 -43.52
N SER X 165 -20.99 52.35 -42.73
CA SER X 165 -21.06 52.54 -41.25
C SER X 165 -21.53 53.96 -40.91
N ASP X 166 -21.53 54.86 -41.89
CA ASP X 166 -21.89 56.27 -41.60
C ASP X 166 -23.32 56.55 -42.07
N ASN X 167 -24.16 55.51 -42.20
CA ASN X 167 -25.57 55.73 -42.57
C ASN X 167 -26.35 56.20 -41.35
N ARG X 168 -27.36 57.06 -41.55
CA ARG X 168 -28.13 57.61 -40.41
C ARG X 168 -28.84 56.46 -39.68
N MET X 169 -29.36 55.49 -40.44
CA MET X 169 -30.07 54.33 -39.83
C MET X 169 -29.07 53.50 -39.02
N MET X 170 -27.78 53.57 -39.39
CA MET X 170 -26.76 52.72 -38.71
C MET X 170 -26.70 53.10 -37.22
N GLY X 171 -27.16 54.30 -36.87
CA GLY X 171 -27.07 54.74 -35.46
C GLY X 171 -28.30 55.49 -34.99
N GLY X 172 -28.15 56.36 -33.99
CA GLY X 172 -29.27 57.13 -33.45
C GLY X 172 -28.81 58.41 -32.78
N THR X 173 -29.56 58.88 -31.78
CA THR X 173 -29.22 60.18 -31.14
C THR X 173 -28.81 59.92 -29.69
N SER X 174 -27.77 60.60 -29.22
CA SER X 174 -27.27 60.38 -27.85
C SER X 174 -27.55 61.60 -26.98
N TYR X 175 -28.43 61.46 -25.98
CA TYR X 175 -28.70 62.58 -25.04
C TYR X 175 -28.03 62.21 -23.73
N VAL X 176 -27.15 63.08 -23.22
CA VAL X 176 -26.38 62.73 -21.98
C VAL X 176 -26.75 63.71 -20.88
N ALA X 177 -26.98 63.21 -19.67
CA ALA X 177 -27.31 64.09 -18.51
C ALA X 177 -26.10 64.97 -18.20
N ALA X 178 -26.33 66.06 -17.46
CA ALA X 178 -25.23 66.97 -17.07
C ALA X 178 -25.08 66.97 -15.55
N GLU X 179 -25.26 65.81 -14.92
CA GLU X 179 -25.07 65.68 -13.44
C GLU X 179 -24.43 64.33 -13.17
N GLY X 180 -23.14 64.33 -12.83
CA GLY X 180 -22.42 63.05 -12.61
C GLY X 180 -22.98 62.27 -11.43
N LYS X 181 -23.90 62.86 -10.69
CA LYS X 181 -24.44 62.19 -9.48
C LYS X 181 -23.27 61.78 -8.59
N ASP X 182 -23.32 60.61 -7.96
CA ASP X 182 -22.24 60.24 -7.01
C ASP X 182 -22.44 58.79 -6.55
N LYS X 183 -21.37 58.16 -6.08
CA LYS X 183 -21.51 56.79 -5.53
C LYS X 183 -22.60 56.82 -4.46
N ASP X 184 -22.89 58.00 -3.90
CA ASP X 184 -23.88 58.07 -2.80
C ASP X 184 -25.15 58.80 -3.25
N TRP X 185 -25.31 59.00 -4.57
CA TRP X 185 -26.57 59.63 -5.04
C TRP X 185 -27.69 58.60 -5.09
N LYS X 186 -28.84 58.92 -4.51
CA LYS X 186 -30.00 58.00 -4.59
C LYS X 186 -31.10 58.69 -5.39
N VAL X 187 -32.15 57.97 -5.74
CA VAL X 187 -33.30 58.58 -6.48
C VAL X 187 -34.04 59.51 -5.51
N GLN X 188 -33.54 59.62 -4.27
CA GLN X 188 -34.18 60.49 -3.26
C GLN X 188 -35.65 60.08 -3.15
N ALA X 189 -36.57 61.03 -3.31
CA ALA X 189 -38.01 60.72 -3.28
C ALA X 189 -38.77 61.88 -3.94
N GLY X 190 -39.96 61.61 -4.48
CA GLY X 190 -40.68 62.67 -5.20
C GLY X 190 -40.05 62.94 -6.56
N ALA X 191 -38.75 63.23 -6.58
CA ALA X 191 -38.03 63.42 -7.85
C ALA X 191 -37.68 62.05 -8.44
N ASN X 192 -38.65 61.14 -8.46
CA ASN X 192 -38.41 59.77 -9.00
C ASN X 192 -39.19 59.61 -10.29
N ASP X 193 -39.56 60.73 -10.92
CA ASP X 193 -40.38 60.67 -12.15
C ASP X 193 -39.56 61.12 -13.36
N ILE X 194 -39.39 60.24 -14.34
CA ILE X 194 -38.69 60.63 -15.60
C ILE X 194 -39.58 60.19 -16.76
N THR X 195 -40.12 61.16 -17.52
CA THR X 195 -41.06 60.83 -18.62
C THR X 195 -40.37 61.11 -19.95
N PHE X 196 -40.51 60.19 -20.90
CA PHE X 196 -39.91 60.38 -22.25
C PHE X 196 -41.02 60.71 -23.24
N THR X 197 -40.93 61.87 -23.89
CA THR X 197 -41.93 62.23 -24.93
C THR X 197 -41.25 62.14 -26.30
N LEU X 198 -41.72 61.24 -27.17
CA LEU X 198 -41.07 61.04 -28.49
C LEU X 198 -42.11 60.50 -29.48
N LYS X 199 -41.74 60.40 -30.76
CA LYS X 199 -42.66 59.81 -31.76
C LYS X 199 -42.04 58.51 -32.28
N ASP X 200 -42.81 57.42 -32.26
CA ASP X 200 -42.29 56.12 -32.76
C ASP X 200 -41.88 56.30 -34.22
N ILE X 201 -40.83 55.61 -34.66
CA ILE X 201 -40.33 55.76 -36.06
C ILE X 201 -41.53 55.80 -37.01
N ASP X 202 -42.58 55.01 -36.73
CA ASP X 202 -43.80 55.00 -37.59
C ASP X 202 -44.39 56.40 -37.65
N GLY X 203 -44.16 57.22 -36.62
CA GLY X 203 -44.72 58.58 -36.58
C GLY X 203 -45.61 58.75 -35.36
N ASN X 204 -46.26 57.66 -34.93
CA ASN X 204 -47.16 57.72 -33.75
C ASN X 204 -46.37 58.23 -32.54
N ASP X 205 -46.83 59.34 -31.94
CA ASP X 205 -46.14 59.91 -30.75
C ASP X 205 -46.34 58.96 -29.56
N GLN X 206 -45.29 58.70 -28.79
CA GLN X 206 -45.37 57.77 -27.64
C GLN X 206 -44.88 58.49 -26.38
N THR X 207 -45.61 58.33 -25.27
CA THR X 207 -45.16 58.93 -23.99
C THR X 207 -44.75 57.80 -23.03
N ILE X 208 -43.46 57.73 -22.70
CA ILE X 208 -42.97 56.70 -21.74
C ILE X 208 -42.77 57.39 -20.39
N THR X 209 -43.35 56.85 -19.32
CA THR X 209 -43.09 57.45 -17.99
C THR X 209 -42.46 56.38 -17.09
N VAL X 210 -41.23 56.61 -16.67
CA VAL X 210 -40.54 55.63 -15.78
C VAL X 210 -40.56 56.20 -14.36
N ASN X 211 -41.22 55.52 -13.43
CA ASN X 211 -41.21 55.96 -12.02
C ASN X 211 -40.09 55.23 -11.30
N ALA X 212 -38.88 55.80 -11.30
CA ALA X 212 -37.71 55.11 -10.70
C ALA X 212 -37.98 54.78 -9.23
N LYS X 213 -37.66 53.55 -8.80
CA LYS X 213 -37.82 53.19 -7.37
C LYS X 213 -36.81 54.00 -6.56
N GLU X 214 -37.23 54.59 -5.44
CA GLU X 214 -36.32 55.46 -4.64
C GLU X 214 -35.23 54.60 -4.00
N GLY X 215 -34.08 55.21 -3.69
CA GLY X 215 -32.99 54.48 -3.01
C GLY X 215 -31.99 53.90 -4.00
N ASP X 216 -32.35 53.83 -5.28
CA ASP X 216 -31.45 53.21 -6.29
C ASP X 216 -30.31 54.16 -6.63
N ASP X 217 -29.19 53.64 -7.10
CA ASP X 217 -28.06 54.53 -7.52
C ASP X 217 -28.15 54.77 -9.02
N ILE X 218 -27.28 55.62 -9.57
CA ILE X 218 -27.41 55.96 -11.02
C ILE X 218 -27.43 54.67 -11.84
N GLU X 219 -26.53 53.72 -11.55
CA GLU X 219 -26.49 52.46 -12.32
C GLU X 219 -27.83 51.75 -12.18
N GLU X 220 -28.34 51.64 -10.96
CA GLU X 220 -29.62 50.91 -10.74
C GLU X 220 -30.72 51.64 -11.51
N VAL X 221 -30.69 52.96 -11.52
CA VAL X 221 -31.70 53.73 -12.31
C VAL X 221 -31.60 53.27 -13.77
N ALA X 222 -30.38 53.29 -14.33
CA ALA X 222 -30.23 52.94 -15.77
C ALA X 222 -30.89 51.57 -16.02
N THR X 223 -30.55 50.58 -15.20
CA THR X 223 -31.09 49.22 -15.45
C THR X 223 -32.61 49.31 -15.43
N TYR X 224 -33.19 50.04 -14.48
CA TYR X 224 -34.67 50.12 -14.37
C TYR X 224 -35.22 50.68 -15.67
N ILE X 225 -34.62 51.77 -16.16
CA ILE X 225 -35.09 52.39 -17.43
C ILE X 225 -35.05 51.34 -18.53
N ASN X 226 -33.88 50.71 -18.72
CA ASN X 226 -33.73 49.71 -19.82
C ASN X 226 -34.77 48.60 -19.62
N GLY X 227 -35.09 48.29 -18.36
CA GLY X 227 -36.04 47.20 -18.09
C GLY X 227 -37.48 47.58 -18.39
N GLN X 228 -37.85 48.84 -18.20
CA GLN X 228 -39.27 49.22 -18.36
C GLN X 228 -39.55 49.71 -19.79
N THR X 229 -38.50 49.87 -20.61
CA THR X 229 -38.73 50.43 -21.96
C THR X 229 -37.89 49.68 -23.00
N ASP X 230 -38.19 49.88 -24.27
CA ASP X 230 -37.40 49.24 -25.35
C ASP X 230 -36.95 50.34 -26.30
N MET X 231 -37.71 51.44 -26.38
CA MET X 231 -37.39 52.52 -27.34
C MET X 231 -36.01 53.09 -27.01
N VAL X 232 -35.75 53.43 -25.75
CA VAL X 232 -34.46 54.08 -25.38
C VAL X 232 -33.63 53.10 -24.55
N LYS X 233 -32.31 53.30 -24.51
CA LYS X 233 -31.42 52.43 -23.71
C LYS X 233 -30.56 53.33 -22.81
N ALA X 234 -30.65 53.15 -21.50
CA ALA X 234 -29.93 54.05 -20.57
C ALA X 234 -28.61 53.42 -20.12
N SER X 235 -27.61 54.25 -19.85
CA SER X 235 -26.29 53.76 -19.38
C SER X 235 -25.69 54.82 -18.46
N VAL X 236 -24.50 54.56 -17.90
CA VAL X 236 -23.82 55.56 -17.03
C VAL X 236 -22.40 55.78 -17.55
N ASN X 237 -21.94 57.04 -17.60
CA ASN X 237 -20.55 57.33 -18.06
C ASN X 237 -19.59 57.30 -16.86
N GLU X 238 -18.30 57.51 -17.11
CA GLU X 238 -17.30 57.43 -16.02
C GLU X 238 -17.59 58.49 -14.95
N LYS X 239 -18.06 59.67 -15.38
CA LYS X 239 -18.39 60.77 -14.44
C LYS X 239 -19.68 60.41 -13.68
N GLY X 240 -20.49 59.50 -14.24
CA GLY X 240 -21.72 59.07 -13.55
C GLY X 240 -22.96 59.77 -14.11
N GLN X 241 -22.84 60.35 -15.31
CA GLN X 241 -24.00 61.02 -15.95
C GLN X 241 -24.81 59.98 -16.74
N LEU X 242 -26.11 59.86 -16.44
CA LEU X 242 -27.00 58.92 -17.19
C LEU X 242 -26.94 59.26 -18.69
N GLN X 243 -26.84 58.23 -19.53
CA GLN X 243 -26.83 58.45 -21.00
C GLN X 243 -28.04 57.74 -21.60
N ILE X 244 -28.82 58.45 -22.41
CA ILE X 244 -30.00 57.83 -23.09
C ILE X 244 -29.71 57.76 -24.59
N PHE X 245 -29.80 56.55 -25.17
CA PHE X 245 -29.61 56.43 -26.64
C PHE X 245 -30.94 56.06 -27.30
N ALA X 246 -31.31 56.80 -28.34
CA ALA X 246 -32.57 56.51 -29.07
C ALA X 246 -32.22 56.11 -30.51
N GLY X 247 -32.47 54.85 -30.87
CA GLY X 247 -32.13 54.37 -32.21
C GLY X 247 -32.92 55.10 -33.29
N ASN X 248 -32.26 55.49 -34.38
CA ASN X 248 -32.98 56.15 -35.50
C ASN X 248 -33.95 55.17 -36.14
N ASN X 249 -33.98 53.92 -35.66
CA ASN X 249 -34.85 52.89 -36.27
C ASN X 249 -36.05 52.60 -35.35
N LYS X 250 -36.08 53.25 -34.18
CA LYS X 250 -37.21 53.04 -33.23
C LYS X 250 -37.82 54.40 -32.87
N VAL X 251 -37.00 55.46 -32.83
CA VAL X 251 -37.52 56.77 -32.39
C VAL X 251 -37.26 57.82 -33.47
N THR X 252 -38.31 58.49 -33.94
CA THR X 252 -38.11 59.60 -34.91
C THR X 252 -38.17 60.92 -34.14
N GLY X 253 -37.60 62.00 -34.68
CA GLY X 253 -37.57 63.28 -33.96
C GLY X 253 -36.63 63.24 -32.78
N ASP X 254 -36.79 64.15 -31.82
CA ASP X 254 -35.89 64.22 -30.64
C ASP X 254 -36.68 63.88 -29.38
N VAL X 255 -36.13 63.01 -28.53
CA VAL X 255 -36.82 62.61 -27.26
C VAL X 255 -36.92 63.85 -26.37
N ALA X 256 -38.06 64.03 -25.70
CA ALA X 256 -38.26 65.19 -24.80
C ALA X 256 -38.28 64.67 -23.36
N PHE X 257 -37.21 64.93 -22.61
CA PHE X 257 -37.11 64.45 -21.21
C PHE X 257 -37.92 65.36 -20.30
N SER X 258 -38.80 64.79 -19.49
CA SER X 258 -39.66 65.59 -18.58
C SER X 258 -39.78 64.87 -17.25
N GLY X 259 -39.65 65.59 -16.12
CA GLY X 259 -39.87 64.94 -14.82
C GLY X 259 -38.89 65.39 -13.77
N GLY X 260 -39.14 65.03 -12.50
CA GLY X 260 -38.28 65.47 -11.39
C GLY X 260 -36.88 64.91 -11.53
N LEU X 261 -36.76 63.59 -11.67
CA LEU X 261 -35.43 62.98 -11.89
C LEU X 261 -34.82 63.67 -13.10
N ALA X 262 -35.57 63.74 -14.19
CA ALA X 262 -35.08 64.43 -15.40
C ALA X 262 -34.47 65.77 -14.97
N GLY X 263 -35.16 66.49 -14.10
CA GLY X 263 -34.66 67.78 -13.62
C GLY X 263 -33.31 67.60 -12.94
N ALA X 264 -33.21 66.61 -12.04
CA ALA X 264 -31.96 66.38 -11.29
C ALA X 264 -30.85 65.97 -12.25
N LEU X 265 -31.16 65.15 -13.26
CA LEU X 265 -30.13 64.66 -14.20
C LEU X 265 -29.70 65.78 -15.13
N ASN X 266 -30.64 66.63 -15.54
CA ASN X 266 -30.34 67.73 -16.51
C ASN X 266 -29.81 67.12 -17.81
N MET X 267 -30.68 66.39 -18.52
CA MET X 267 -30.29 65.75 -19.80
C MET X 267 -29.94 66.86 -20.79
N GLN X 268 -28.91 66.65 -21.61
CA GLN X 268 -28.47 67.71 -22.56
C GLN X 268 -29.09 67.45 -23.94
N ALA X 269 -28.49 68.04 -24.99
CA ALA X 269 -29.06 67.92 -26.35
C ALA X 269 -28.74 66.55 -26.95
N GLY X 270 -29.34 66.24 -28.10
CA GLY X 270 -29.09 64.94 -28.77
C GLY X 270 -27.95 65.05 -29.77
N THR X 271 -26.92 64.22 -29.59
CA THR X 271 -25.76 64.20 -30.54
C THR X 271 -25.91 63.00 -31.46
N ALA X 272 -25.70 63.19 -32.76
CA ALA X 272 -25.84 62.09 -33.74
C ALA X 272 -24.72 61.07 -33.52
N GLU X 273 -25.10 59.78 -33.40
CA GLU X 273 -24.08 58.72 -33.16
C GLU X 273 -24.25 57.62 -34.21
N THR X 274 -23.33 57.53 -35.17
CA THR X 274 -23.36 56.43 -36.16
C THR X 274 -22.23 55.46 -35.83
N VAL X 275 -22.41 54.17 -36.12
CA VAL X 275 -21.37 53.16 -35.75
C VAL X 275 -19.99 53.74 -36.11
N ASP X 276 -19.85 54.25 -37.33
CA ASP X 276 -18.55 54.81 -37.78
C ASP X 276 -17.99 55.68 -36.65
N THR X 277 -18.86 56.43 -35.96
CA THR X 277 -18.38 57.36 -34.92
C THR X 277 -18.49 56.72 -33.53
N ILE X 278 -17.88 55.55 -33.33
CA ILE X 278 -17.89 54.96 -31.96
C ILE X 278 -16.48 55.00 -31.38
N ASP X 279 -16.36 55.28 -30.08
CA ASP X 279 -15.04 55.29 -29.41
C ASP X 279 -15.17 54.55 -28.08
N VAL X 280 -14.42 53.47 -27.89
CA VAL X 280 -14.58 52.66 -26.65
C VAL X 280 -13.54 53.09 -25.62
N THR X 281 -12.79 54.17 -25.90
CA THR X 281 -11.71 54.59 -24.97
C THR X 281 -12.32 55.20 -23.71
N SER X 282 -13.65 55.30 -23.65
CA SER X 282 -14.35 55.81 -22.45
C SER X 282 -15.54 54.91 -22.12
N VAL X 283 -15.66 54.48 -20.86
CA VAL X 283 -16.77 53.56 -20.48
C VAL X 283 -18.06 54.13 -21.05
N GLY X 284 -18.19 55.46 -21.08
CA GLY X 284 -19.38 56.08 -21.67
C GLY X 284 -19.46 55.74 -23.15
N GLY X 285 -18.38 55.99 -23.87
CA GLY X 285 -18.36 55.66 -25.31
C GLY X 285 -18.68 54.19 -25.49
N ALA X 286 -18.07 53.34 -24.66
CA ALA X 286 -18.32 51.89 -24.76
C ALA X 286 -19.82 51.62 -24.64
N GLN X 287 -20.44 52.02 -23.54
CA GLN X 287 -21.87 51.72 -23.32
C GLN X 287 -22.70 52.27 -24.48
N GLN X 288 -22.45 53.52 -24.88
CA GLN X 288 -23.19 54.11 -26.03
C GLN X 288 -22.97 53.23 -27.25
N SER X 289 -21.72 52.86 -27.53
CA SER X 289 -21.44 52.05 -28.73
C SER X 289 -22.28 50.78 -28.68
N VAL X 290 -22.39 50.15 -27.51
CA VAL X 290 -23.14 48.86 -27.40
C VAL X 290 -24.52 49.09 -28.02
N ALA X 291 -25.20 50.14 -27.59
CA ALA X 291 -26.55 50.44 -28.14
C ALA X 291 -26.43 50.76 -29.63
N VAL X 292 -25.43 51.56 -30.00
CA VAL X 292 -25.30 51.96 -31.44
C VAL X 292 -25.26 50.69 -32.28
N ILE X 293 -24.39 49.74 -31.89
CA ILE X 293 -24.24 48.49 -32.69
C ILE X 293 -25.59 47.76 -32.69
N ASP X 294 -26.27 47.70 -31.54
CA ASP X 294 -27.58 46.99 -31.45
C ASP X 294 -28.52 47.57 -32.52
N SER X 295 -28.60 48.89 -32.60
CA SER X 295 -29.51 49.53 -33.57
C SER X 295 -29.09 49.10 -34.99
N ALA X 296 -27.80 49.18 -35.28
CA ALA X 296 -27.31 48.79 -36.61
C ALA X 296 -27.73 47.35 -36.89
N LEU X 297 -27.39 46.44 -35.99
CA LEU X 297 -27.70 45.00 -36.25
C LEU X 297 -29.14 44.92 -36.75
N LYS X 298 -30.04 45.65 -36.11
CA LYS X 298 -31.47 45.64 -36.53
C LYS X 298 -31.57 46.08 -37.98
N TYR X 299 -30.96 47.23 -38.31
CA TYR X 299 -31.06 47.78 -39.69
C TYR X 299 -30.63 46.73 -40.68
N VAL X 300 -29.43 46.17 -40.45
CA VAL X 300 -28.92 45.10 -41.36
C VAL X 300 -29.95 43.99 -41.40
N ASP X 301 -30.22 43.36 -40.25
CA ASP X 301 -31.19 42.25 -40.19
C ASP X 301 -32.41 42.61 -41.06
N SER X 302 -32.92 43.84 -40.90
CA SER X 302 -34.13 44.24 -41.65
C SER X 302 -33.85 44.11 -43.15
N HIS X 303 -32.78 44.73 -43.63
CA HIS X 303 -32.50 44.69 -45.09
C HIS X 303 -32.37 43.23 -45.53
N ARG X 304 -31.67 42.41 -44.74
CA ARG X 304 -31.45 41.00 -45.13
C ARG X 304 -32.80 40.34 -45.34
N ALA X 305 -33.74 40.56 -44.42
CA ALA X 305 -35.07 39.93 -44.52
C ALA X 305 -35.76 40.39 -45.81
N GLU X 306 -35.74 41.69 -46.07
CA GLU X 306 -36.43 42.23 -47.27
C GLU X 306 -35.88 41.55 -48.51
N LEU X 307 -34.55 41.48 -48.61
CA LEU X 307 -33.92 40.79 -49.77
C LEU X 307 -34.38 39.33 -49.77
N GLY X 308 -34.48 38.73 -48.58
CA GLY X 308 -34.96 37.34 -48.49
C GLY X 308 -36.34 37.23 -49.12
N ALA X 309 -37.25 38.13 -48.75
CA ALA X 309 -38.60 38.13 -49.35
C ALA X 309 -38.45 38.27 -50.86
N PHE X 310 -37.65 39.23 -51.30
CA PHE X 310 -37.49 39.46 -52.76
C PHE X 310 -37.19 38.11 -53.41
N GLN X 311 -36.23 37.38 -52.85
CA GLN X 311 -35.82 36.09 -53.44
C GLN X 311 -37.00 35.12 -53.36
N ASN X 312 -37.62 35.01 -52.18
CA ASN X 312 -38.75 34.07 -52.00
C ASN X 312 -39.84 34.45 -53.00
N ARG X 313 -40.12 35.74 -53.12
CA ARG X 313 -41.14 36.21 -54.09
C ARG X 313 -40.70 35.79 -55.49
N PHE X 314 -39.47 36.13 -55.87
CA PHE X 314 -39.03 35.82 -57.25
C PHE X 314 -39.08 34.31 -57.45
N ASN X 315 -38.79 33.55 -56.38
CA ASN X 315 -38.84 32.08 -56.47
C ASN X 315 -40.22 31.65 -56.94
N HIS X 316 -41.24 32.00 -56.17
CA HIS X 316 -42.63 31.58 -56.53
C HIS X 316 -42.94 32.10 -57.94
N ALA X 317 -42.46 33.30 -58.25
CA ALA X 317 -42.71 33.87 -59.59
C ALA X 317 -42.17 32.93 -60.66
N ILE X 318 -40.90 32.50 -60.52
CA ILE X 318 -40.27 31.63 -61.56
C ILE X 318 -41.17 30.40 -61.76
N SER X 319 -41.57 29.76 -60.66
CA SER X 319 -42.39 28.53 -60.76
C SER X 319 -43.67 28.82 -61.55
N ASN X 320 -44.37 29.90 -61.20
CA ASN X 320 -45.62 30.26 -61.92
C ASN X 320 -45.27 30.42 -63.40
N LEU X 321 -44.26 31.23 -63.71
CA LEU X 321 -43.92 31.49 -65.12
C LEU X 321 -43.72 30.15 -65.82
N ASP X 322 -43.06 29.19 -65.17
CA ASP X 322 -42.76 27.90 -65.85
C ASP X 322 -44.06 27.17 -66.17
N ASN X 323 -44.99 27.12 -65.20
CA ASN X 323 -46.28 26.42 -65.43
C ASN X 323 -47.01 27.10 -66.60
N ILE X 324 -47.04 28.43 -66.61
CA ILE X 324 -47.66 29.16 -67.75
C ILE X 324 -46.93 28.77 -69.03
N ASN X 325 -45.60 28.75 -69.00
CA ASN X 325 -44.81 28.42 -70.21
C ASN X 325 -45.19 27.02 -70.70
N GLU X 326 -45.23 26.06 -69.79
CA GLU X 326 -45.54 24.66 -70.18
C GLU X 326 -46.87 24.66 -70.92
N ASN X 327 -47.90 25.26 -70.32
CA ASN X 327 -49.25 25.22 -70.92
C ASN X 327 -49.29 26.03 -72.22
N VAL X 328 -48.58 27.15 -72.30
CA VAL X 328 -48.70 28.00 -73.53
C VAL X 328 -48.06 27.24 -74.70
N ASN X 329 -46.95 26.53 -74.44
CA ASN X 329 -46.33 25.72 -75.51
C ASN X 329 -47.30 24.60 -75.88
N ALA X 330 -47.91 23.97 -74.88
CA ALA X 330 -48.89 22.89 -75.14
C ALA X 330 -50.02 23.43 -76.02
N SER X 331 -50.49 24.63 -75.73
CA SER X 331 -51.62 25.19 -76.51
C SER X 331 -51.15 25.47 -77.94
N LYS X 332 -49.94 26.01 -78.08
CA LYS X 332 -49.40 26.31 -79.43
C LYS X 332 -49.34 25.00 -80.20
N SER X 333 -48.98 23.91 -79.53
CA SER X 333 -48.83 22.61 -80.22
C SER X 333 -50.16 22.23 -80.87
N ARG X 334 -51.25 22.34 -80.12
CA ARG X 334 -52.57 21.91 -80.65
C ARG X 334 -52.95 22.80 -81.85
N ILE X 335 -52.29 23.94 -82.00
CA ILE X 335 -52.69 24.90 -83.08
C ILE X 335 -51.67 24.87 -84.23
N LYS X 336 -50.37 24.83 -83.92
CA LYS X 336 -49.35 24.94 -85.00
C LYS X 336 -48.69 23.60 -85.32
N ASP X 337 -48.32 22.82 -84.30
CA ASP X 337 -47.55 21.56 -84.56
C ASP X 337 -48.38 20.57 -85.38
N THR X 338 -47.70 19.78 -86.23
CA THR X 338 -48.42 18.85 -87.15
C THR X 338 -48.65 17.49 -86.49
N ASP X 339 -49.82 16.89 -86.72
CA ASP X 339 -50.08 15.52 -86.20
C ASP X 339 -49.57 14.54 -87.24
N PHE X 340 -48.31 14.13 -87.13
CA PHE X 340 -47.74 13.23 -88.17
C PHE X 340 -48.79 12.19 -88.55
N ALA X 341 -49.36 11.50 -87.56
CA ALA X 341 -50.34 10.43 -87.84
C ALA X 341 -51.26 10.83 -88.99
N LYS X 342 -51.92 11.97 -88.85
CA LYS X 342 -52.90 12.42 -89.88
C LYS X 342 -52.17 12.83 -91.16
N GLU X 343 -51.10 13.63 -91.04
CA GLU X 343 -50.45 14.14 -92.28
C GLU X 343 -49.92 12.96 -93.10
N THR X 344 -49.30 12.00 -92.43
CA THR X 344 -48.77 10.81 -93.15
C THR X 344 -49.92 10.14 -93.89
N THR X 345 -51.02 9.89 -93.18
CA THR X 345 -52.19 9.23 -93.81
C THR X 345 -52.61 10.06 -95.04
N ALA X 346 -52.63 11.38 -94.90
CA ALA X 346 -53.07 12.24 -96.02
C ALA X 346 -52.06 12.15 -97.17
N LEU X 347 -50.77 12.19 -96.83
CA LEU X 347 -49.74 12.02 -97.88
C LEU X 347 -50.04 10.71 -98.61
N THR X 348 -50.20 9.63 -97.86
CA THR X 348 -50.46 8.31 -98.50
C THR X 348 -51.69 8.44 -99.39
N LYS X 349 -52.77 8.97 -98.84
CA LYS X 349 -54.03 9.09 -99.63
C LYS X 349 -53.74 9.90 -100.89
N SER X 350 -53.03 11.01 -100.75
CA SER X 350 -52.76 11.89 -101.91
C SER X 350 -52.01 11.11 -102.99
N GLN X 351 -51.00 10.35 -102.59
CA GLN X 351 -50.17 9.62 -103.59
C GLN X 351 -51.05 8.63 -104.36
N ILE X 352 -51.88 7.86 -103.66
CA ILE X 352 -52.75 6.86 -104.34
C ILE X 352 -53.63 7.63 -105.33
N LEU X 353 -54.23 8.73 -104.88
CA LEU X 353 -55.10 9.53 -105.77
C LEU X 353 -54.29 9.93 -107.00
N SER X 354 -53.06 10.42 -106.78
CA SER X 354 -52.20 10.85 -107.89
C SER X 354 -51.99 9.69 -108.85
N GLN X 355 -51.60 8.53 -108.33
CA GLN X 355 -51.30 7.36 -109.22
C GLN X 355 -52.60 6.94 -109.92
N ALA X 356 -53.71 6.94 -109.19
CA ALA X 356 -55.00 6.55 -109.78
C ALA X 356 -55.32 7.50 -110.93
N SER X 357 -55.22 8.80 -110.67
CA SER X 357 -55.55 9.81 -111.70
C SER X 357 -54.60 9.66 -112.89
N SER X 358 -53.30 9.59 -112.62
CA SER X 358 -52.32 9.43 -113.72
C SER X 358 -52.71 8.22 -114.55
N SER X 359 -53.02 7.10 -113.90
CA SER X 359 -53.34 5.85 -114.63
C SER X 359 -54.51 6.12 -115.57
N VAL X 360 -55.54 6.79 -115.07
CA VAL X 360 -56.71 7.13 -115.92
C VAL X 360 -56.23 8.05 -117.05
N LEU X 361 -55.47 9.09 -116.69
CA LEU X 361 -55.04 10.07 -117.72
C LEU X 361 -54.33 9.29 -118.83
N ALA X 362 -53.40 8.42 -118.45
CA ALA X 362 -52.69 7.59 -119.45
C ALA X 362 -53.73 6.84 -120.29
N GLN X 363 -54.61 6.08 -119.64
CA GLN X 363 -55.63 5.30 -120.38
C GLN X 363 -56.45 6.26 -121.25
N ALA X 364 -56.84 7.41 -120.68
CA ALA X 364 -57.65 8.39 -121.43
C ALA X 364 -56.86 8.89 -122.65
N LYS X 365 -55.55 9.09 -122.49
CA LYS X 365 -54.73 9.62 -123.59
C LYS X 365 -54.88 8.70 -124.81
N GLN X 366 -55.15 7.42 -124.59
CA GLN X 366 -55.23 6.45 -125.71
C GLN X 366 -56.69 6.25 -126.12
N ALA X 367 -57.61 7.02 -125.55
CA ALA X 367 -59.03 6.92 -125.99
C ALA X 367 -59.18 7.40 -127.45
N PRO X 368 -58.64 8.57 -127.85
CA PRO X 368 -58.86 9.09 -129.20
C PRO X 368 -58.60 8.10 -130.34
N ASN X 369 -57.56 7.26 -130.22
CA ASN X 369 -57.21 6.35 -131.34
C ASN X 369 -58.45 5.55 -131.78
N ALA X 370 -59.42 5.40 -130.88
CA ALA X 370 -60.67 4.68 -131.24
C ALA X 370 -61.16 5.19 -132.59
N ALA X 371 -61.17 6.51 -132.77
CA ALA X 371 -61.63 7.11 -134.05
C ALA X 371 -60.71 6.64 -135.17
N LEU X 372 -59.40 6.75 -134.96
CA LEU X 372 -58.45 6.39 -136.03
C LEU X 372 -58.89 5.05 -136.61
N SER X 373 -59.25 4.10 -135.75
CA SER X 373 -59.75 2.79 -136.24
C SER X 373 -61.15 2.95 -136.83
N LEU X 374 -62.02 3.71 -136.17
CA LEU X 374 -63.44 3.85 -136.62
C LEU X 374 -63.49 3.94 -138.14
N LEU X 375 -62.80 4.92 -138.71
CA LEU X 375 -62.85 5.12 -140.19
C LEU X 375 -61.43 5.35 -140.70
N GLY X 376 -61.17 4.99 -141.97
CA GLY X 376 -59.82 5.15 -142.53
C GLY X 376 -58.76 4.69 -141.55
N ALA Y 1 -12.68 26.37 -16.10
CA ALA Y 1 -12.72 25.24 -15.15
C ALA Y 1 -11.30 24.72 -14.92
N VAL Y 2 -10.91 23.71 -15.70
CA VAL Y 2 -9.58 23.07 -15.49
C VAL Y 2 -8.51 23.91 -16.19
N ASN Y 3 -7.54 24.38 -15.42
CA ASN Y 3 -6.42 25.14 -16.02
C ASN Y 3 -5.16 24.28 -15.90
N VAL Y 4 -4.61 23.86 -17.04
CA VAL Y 4 -3.35 23.07 -17.00
C VAL Y 4 -2.18 24.05 -16.75
N ASN Y 5 -2.40 25.34 -17.02
CA ASN Y 5 -1.28 26.32 -16.90
C ASN Y 5 -1.29 27.00 -15.54
N THR Y 6 -2.32 26.77 -14.70
CA THR Y 6 -2.29 27.36 -13.33
C THR Y 6 -3.07 26.47 -12.34
N ASN Y 7 -2.58 26.37 -11.11
CA ASN Y 7 -3.23 25.56 -10.05
C ASN Y 7 -3.28 26.40 -8.77
N VAL Y 8 -4.07 27.47 -8.78
CA VAL Y 8 -4.15 28.37 -7.60
C VAL Y 8 -4.15 27.50 -6.34
N ALA Y 9 -4.89 26.40 -6.36
CA ALA Y 9 -4.99 25.55 -5.15
C ALA Y 9 -3.58 25.24 -4.64
N ALA Y 10 -2.71 24.77 -5.54
CA ALA Y 10 -1.32 24.48 -5.13
C ALA Y 10 -0.74 25.72 -4.48
N MET Y 11 -0.80 26.86 -5.18
CA MET Y 11 -0.19 28.10 -4.64
C MET Y 11 -0.72 28.31 -3.22
N THR Y 12 -2.03 28.18 -3.04
CA THR Y 12 -2.65 28.42 -1.71
C THR Y 12 -2.01 27.46 -0.70
N ALA Y 13 -2.03 26.17 -1.00
CA ALA Y 13 -1.45 25.18 -0.07
C ALA Y 13 -0.02 25.61 0.26
N GLN Y 14 0.84 25.66 -0.76
CA GLN Y 14 2.25 26.06 -0.54
C GLN Y 14 2.29 27.26 0.40
N ARG Y 15 1.52 28.29 0.11
CA ARG Y 15 1.56 29.53 0.93
C ARG Y 15 1.39 29.14 2.41
N TYR Y 16 0.41 28.27 2.68
CA TYR Y 16 0.13 27.89 4.08
C TYR Y 16 1.23 26.96 4.60
N LEU Y 17 1.63 25.99 3.78
CA LEU Y 17 2.72 25.07 4.18
C LEU Y 17 3.93 25.90 4.59
N THR Y 18 4.34 26.83 3.72
CA THR Y 18 5.54 27.64 3.99
C THR Y 18 5.35 28.36 5.32
N GLY Y 19 4.13 28.88 5.55
CA GLY Y 19 3.85 29.55 6.82
C GLY Y 19 4.05 28.61 7.98
N ALA Y 20 3.41 27.44 7.94
CA ALA Y 20 3.54 26.47 9.05
C ALA Y 20 5.02 26.13 9.25
N THR Y 21 5.72 25.83 8.16
CA THR Y 21 7.15 25.41 8.27
C THR Y 21 7.92 26.49 9.03
N ASN Y 22 7.78 27.74 8.60
CA ASN Y 22 8.58 28.83 9.23
C ASN Y 22 8.17 28.95 10.71
N ALA Y 23 6.89 28.78 11.01
CA ALA Y 23 6.46 28.81 12.43
C ALA Y 23 7.19 27.71 13.19
N GLN Y 24 7.19 26.50 12.64
CA GLN Y 24 7.85 25.36 13.31
C GLN Y 24 9.30 25.74 13.60
N GLN Y 25 10.01 26.22 12.58
CA GLN Y 25 11.45 26.54 12.76
C GLN Y 25 11.59 27.52 13.91
N THR Y 26 10.76 28.56 13.92
CA THR Y 26 10.87 29.60 14.99
C THR Y 26 10.68 28.93 16.34
N SER Y 27 9.63 28.12 16.48
CA SER Y 27 9.34 27.46 17.77
C SER Y 27 10.50 26.56 18.17
N MET Y 28 11.08 25.83 17.22
CA MET Y 28 12.16 24.87 17.56
C MET Y 28 13.33 25.62 18.17
N GLU Y 29 13.69 26.78 17.63
CA GLU Y 29 14.77 27.57 18.28
C GLU Y 29 14.36 27.87 19.72
N ARG Y 30 13.13 28.35 19.92
CA ARG Y 30 12.68 28.72 21.28
C ARG Y 30 12.91 27.53 22.21
N LEU Y 31 12.47 26.34 21.79
CA LEU Y 31 12.62 25.14 22.66
C LEU Y 31 14.10 24.89 22.91
N SER Y 32 14.90 24.72 21.85
CA SER Y 32 16.33 24.37 22.02
C SER Y 32 17.02 25.41 22.88
N SER Y 33 17.01 26.67 22.46
CA SER Y 33 17.72 27.73 23.20
C SER Y 33 17.10 27.88 24.60
N GLY Y 34 15.79 27.67 24.69
CA GLY Y 34 15.10 27.85 25.98
C GLY Y 34 14.72 29.32 26.18
N PHE Y 35 15.02 30.16 25.20
CA PHE Y 35 14.72 31.61 25.32
C PHE Y 35 13.65 32.00 24.31
N LYS Y 36 12.73 32.89 24.71
CA LYS Y 36 11.66 33.37 23.80
C LYS Y 36 12.21 34.53 22.97
N ILE Y 37 12.89 35.46 23.63
CA ILE Y 37 13.47 36.64 22.93
C ILE Y 37 14.27 36.14 21.71
N ASN Y 38 15.32 35.37 21.94
CA ASN Y 38 16.17 34.87 20.82
C ASN Y 38 16.51 36.05 19.92
N SER Y 39 16.06 36.01 18.66
CA SER Y 39 16.34 37.11 17.69
C SER Y 39 15.58 38.37 18.11
N ALA Y 40 16.20 39.54 17.93
CA ALA Y 40 15.56 40.81 18.34
C ALA Y 40 14.21 40.97 17.64
N LYS Y 41 14.05 40.35 16.47
CA LYS Y 41 12.79 40.49 15.69
C LYS Y 41 11.61 40.04 16.57
N ASP Y 42 11.82 39.08 17.46
CA ASP Y 42 10.71 38.53 18.28
C ASP Y 42 10.14 39.63 19.19
N ASP Y 43 10.99 40.30 19.98
CA ASP Y 43 10.49 41.32 20.94
C ASP Y 43 11.58 42.36 21.16
N ALA Y 44 11.38 43.58 20.66
CA ALA Y 44 12.40 44.64 20.81
C ALA Y 44 12.45 45.11 22.26
N ALA Y 45 11.36 45.68 22.77
CA ALA Y 45 11.39 46.25 24.13
C ALA Y 45 11.80 45.17 25.13
N GLY Y 46 11.30 43.95 24.93
CA GLY Y 46 11.73 42.84 25.80
C GLY Y 46 13.24 42.67 25.70
N LEU Y 47 13.75 42.44 24.48
CA LEU Y 47 15.21 42.35 24.31
C LEU Y 47 15.85 43.43 25.19
N GLN Y 48 15.42 44.69 25.02
CA GLN Y 48 16.08 45.78 25.77
C GLN Y 48 15.88 45.55 27.27
N ILE Y 49 14.64 45.32 27.71
CA ILE Y 49 14.43 45.21 29.19
C ILE Y 49 15.18 43.98 29.70
N SER Y 50 15.09 42.87 28.97
CA SER Y 50 15.78 41.63 29.39
C SER Y 50 17.29 41.90 29.46
N ASN Y 51 17.83 42.49 28.40
CA ASN Y 51 19.30 42.73 28.34
C ASN Y 51 19.68 43.60 29.54
N ARG Y 52 18.91 44.67 29.78
CA ARG Y 52 19.29 45.60 30.88
C ARG Y 52 19.11 44.87 32.21
N LEU Y 53 18.06 44.05 32.33
CA LEU Y 53 17.85 43.26 33.57
C LEU Y 53 19.02 42.30 33.73
N ASN Y 54 19.40 41.62 32.64
CA ASN Y 54 20.52 40.67 32.71
C ASN Y 54 21.76 41.43 33.17
N VAL Y 55 22.00 42.59 32.56
CA VAL Y 55 23.19 43.41 32.95
C VAL Y 55 23.12 43.61 34.46
N GLN Y 56 21.95 43.98 34.97
CA GLN Y 56 21.81 44.26 36.42
C GLN Y 56 22.15 43.00 37.21
N SER Y 57 21.64 41.85 36.76
CA SER Y 57 21.88 40.60 37.52
C SER Y 57 23.39 40.33 37.60
N ARG Y 58 24.06 40.34 36.45
CA ARG Y 58 25.51 40.04 36.41
C ARG Y 58 26.22 41.08 37.27
N GLY Y 59 25.82 42.35 37.13
CA GLY Y 59 26.44 43.42 37.92
C GLY Y 59 26.28 43.14 39.41
N LEU Y 60 25.08 42.77 39.83
CA LEU Y 60 24.83 42.54 41.27
C LEU Y 60 25.80 41.47 41.77
N ASP Y 61 25.93 40.38 41.00
CA ASP Y 61 26.81 39.26 41.43
C ASP Y 61 28.20 39.82 41.70
N VAL Y 62 28.74 40.59 40.76
CA VAL Y 62 30.12 41.14 40.92
C VAL Y 62 30.15 41.96 42.19
N ALA Y 63 29.12 42.78 42.39
CA ALA Y 63 29.08 43.65 43.60
C ALA Y 63 29.15 42.76 44.84
N VAL Y 64 28.29 41.74 44.90
CA VAL Y 64 28.26 40.84 46.09
C VAL Y 64 29.69 40.36 46.35
N ARG Y 65 30.39 39.92 45.31
CA ARG Y 65 31.78 39.45 45.47
C ARG Y 65 32.61 40.59 46.06
N ASN Y 66 32.53 41.76 45.43
CA ASN Y 66 33.26 42.95 45.94
C ASN Y 66 32.95 43.11 47.43
N ALA Y 67 31.66 43.12 47.78
CA ALA Y 67 31.26 43.30 49.19
C ALA Y 67 32.05 42.31 50.06
N ASN Y 68 31.96 41.02 49.73
CA ASN Y 68 32.64 39.99 50.55
C ASN Y 68 34.11 40.38 50.72
N ASP Y 69 34.76 40.76 49.63
CA ASP Y 69 36.19 41.20 49.69
C ASP Y 69 36.30 42.32 50.72
N GLY Y 70 35.38 43.28 50.67
CA GLY Y 70 35.40 44.38 51.65
C GLY Y 70 35.34 43.84 53.06
N ILE Y 71 34.43 42.90 53.33
CA ILE Y 71 34.27 42.39 54.72
C ILE Y 71 35.55 41.64 55.10
N SER Y 72 36.08 40.86 54.16
CA SER Y 72 37.33 40.10 54.44
C SER Y 72 38.47 41.07 54.71
N ILE Y 73 38.65 42.08 53.85
CA ILE Y 73 39.71 43.10 54.10
C ILE Y 73 39.48 43.64 55.52
N ALA Y 74 38.24 43.99 55.84
CA ALA Y 74 37.94 44.57 57.16
C ALA Y 74 38.21 43.53 58.24
N GLN Y 75 37.75 42.31 58.06
CA GLN Y 75 37.92 41.25 59.09
C GLN Y 75 39.41 41.05 59.35
N THR Y 76 40.20 40.92 58.28
CA THR Y 76 41.65 40.64 58.45
C THR Y 76 42.26 41.75 59.31
N ALA Y 77 42.01 43.00 58.95
CA ALA Y 77 42.54 44.14 59.74
C ALA Y 77 41.98 44.07 61.16
N GLU Y 78 40.69 43.76 61.29
CA GLU Y 78 40.05 43.73 62.63
C GLU Y 78 40.80 42.73 63.52
N GLY Y 79 41.04 41.53 63.01
CA GLY Y 79 41.71 40.49 63.81
C GLY Y 79 43.06 40.96 64.28
N ALA Y 80 43.80 41.64 63.41
CA ALA Y 80 45.13 42.14 63.77
C ALA Y 80 44.98 43.09 64.97
N MET Y 81 44.05 44.02 64.87
CA MET Y 81 43.87 45.01 65.96
C MET Y 81 43.48 44.28 67.25
N ASN Y 82 42.85 43.12 67.12
CA ASN Y 82 42.39 42.36 68.32
C ASN Y 82 43.62 41.97 69.14
N GLU Y 83 44.61 41.35 68.50
CA GLU Y 83 45.86 40.98 69.22
C GLU Y 83 46.52 42.27 69.72
N THR Y 84 46.46 43.33 68.90
CA THR Y 84 47.08 44.61 69.31
C THR Y 84 46.56 44.98 70.70
N THR Y 85 45.23 44.96 70.88
CA THR Y 85 44.64 45.34 72.18
C THR Y 85 45.23 44.44 73.28
N ASN Y 86 45.28 43.14 73.02
CA ASN Y 86 45.80 42.19 74.05
C ASN Y 86 47.21 42.64 74.43
N ILE Y 87 48.03 42.98 73.45
CA ILE Y 87 49.42 43.46 73.75
C ILE Y 87 49.31 44.71 74.61
N LEU Y 88 48.44 45.65 74.23
CA LEU Y 88 48.33 46.93 74.97
C LEU Y 88 47.97 46.62 76.43
N GLN Y 89 47.00 45.73 76.64
CA GLN Y 89 46.56 45.40 78.03
C GLN Y 89 47.75 44.85 78.80
N ARG Y 90 48.53 43.97 78.19
CA ARG Y 90 49.74 43.41 78.85
C ARG Y 90 50.67 44.57 79.22
N MET Y 91 50.89 45.50 78.27
CA MET Y 91 51.81 46.65 78.53
C MET Y 91 51.31 47.39 79.76
N ARG Y 92 50.00 47.63 79.83
CA ARG Y 92 49.41 48.34 81.00
C ARG Y 92 49.78 47.56 82.27
N ASP Y 93 49.59 46.24 82.25
CA ASP Y 93 49.87 45.41 83.45
C ASP Y 93 51.33 45.63 83.85
N LEU Y 94 52.24 45.57 82.87
CA LEU Y 94 53.69 45.74 83.18
C LEU Y 94 53.89 47.10 83.83
N SER Y 95 53.26 48.14 83.27
CA SER Y 95 53.48 49.52 83.78
C SER Y 95 53.05 49.61 85.24
N LEU Y 96 51.77 49.36 85.53
CA LEU Y 96 51.29 49.56 86.92
C LEU Y 96 52.20 48.77 87.87
N GLN Y 97 52.63 47.58 87.45
CA GLN Y 97 53.51 46.74 88.30
C GLN Y 97 54.75 47.55 88.66
N SER Y 98 55.41 48.13 87.65
CA SER Y 98 56.62 48.95 87.89
C SER Y 98 56.23 50.25 88.59
N ALA Y 99 55.05 50.79 88.26
CA ALA Y 99 54.62 52.07 88.86
C ALA Y 99 54.68 51.93 90.39
N ASN Y 100 54.30 50.76 90.93
CA ASN Y 100 54.41 50.54 92.38
C ASN Y 100 55.86 50.80 92.80
N GLY Y 101 56.07 51.63 93.82
CA GLY Y 101 57.45 52.00 94.22
C GLY Y 101 58.31 50.80 94.58
N SER Y 102 57.69 49.66 94.88
CA SER Y 102 58.46 48.46 95.31
C SER Y 102 59.57 48.14 94.30
N ASN Y 103 59.30 48.31 93.00
CA ASN Y 103 60.29 47.93 91.96
C ASN Y 103 61.54 48.80 92.06
N SER Y 104 62.72 48.17 92.06
CA SER Y 104 63.99 48.94 92.06
C SER Y 104 64.54 48.96 90.63
N LYS Y 105 65.69 49.58 90.40
CA LYS Y 105 66.19 49.70 89.01
C LYS Y 105 66.15 48.33 88.34
N SER Y 106 66.73 47.32 88.97
CA SER Y 106 66.80 45.97 88.35
C SER Y 106 65.42 45.61 87.79
N GLU Y 107 64.40 45.57 88.65
CA GLU Y 107 63.04 45.19 88.20
C GLU Y 107 62.57 46.18 87.12
N ARG Y 108 62.73 47.48 87.37
CA ARG Y 108 62.22 48.48 86.40
C ARG Y 108 62.88 48.23 85.04
N VAL Y 109 64.20 48.11 85.01
CA VAL Y 109 64.94 47.92 83.73
C VAL Y 109 64.41 46.66 83.06
N ALA Y 110 64.18 45.60 83.84
CA ALA Y 110 63.69 44.33 83.28
C ALA Y 110 62.36 44.57 82.55
N ILE Y 111 61.43 45.26 83.23
CA ILE Y 111 60.11 45.55 82.61
C ILE Y 111 60.33 46.44 81.38
N GLN Y 112 61.29 47.37 81.46
CA GLN Y 112 61.58 48.27 80.32
C GLN Y 112 61.93 47.39 79.13
N GLU Y 113 62.75 46.36 79.37
CA GLU Y 113 63.08 45.41 78.28
C GLU Y 113 61.77 44.84 77.75
N GLU Y 114 60.90 44.37 78.63
CA GLU Y 114 59.63 43.71 78.17
C GLU Y 114 58.81 44.72 77.37
N ILE Y 115 58.55 45.90 77.95
CA ILE Y 115 57.66 46.88 77.23
C ILE Y 115 58.30 47.20 75.89
N THR Y 116 59.63 47.33 75.85
CA THR Y 116 60.32 47.66 74.58
C THR Y 116 59.99 46.59 73.55
N ALA Y 117 60.14 45.32 73.91
CA ALA Y 117 59.85 44.22 72.97
C ALA Y 117 58.38 44.32 72.54
N LEU Y 118 57.48 44.47 73.51
CA LEU Y 118 56.04 44.56 73.18
C LEU Y 118 55.85 45.72 72.20
N ASN Y 119 56.41 46.88 72.53
CA ASN Y 119 56.30 48.06 71.63
C ASN Y 119 56.71 47.64 70.23
N ASP Y 120 57.89 47.01 70.09
CA ASP Y 120 58.40 46.64 68.75
C ASP Y 120 57.35 45.78 68.04
N GLU Y 121 56.76 44.83 68.77
CA GLU Y 121 55.78 43.92 68.13
C GLU Y 121 54.62 44.75 67.58
N LEU Y 122 54.05 45.62 68.41
CA LEU Y 122 52.98 46.52 67.91
C LEU Y 122 53.45 47.10 66.58
N ASN Y 123 54.65 47.68 66.57
CA ASN Y 123 55.15 48.32 65.32
C ASN Y 123 55.16 47.26 64.21
N ARG Y 124 55.61 46.04 64.53
CA ARG Y 124 55.70 44.98 63.50
C ARG Y 124 54.30 44.66 62.98
N ILE Y 125 53.35 44.34 63.86
CA ILE Y 125 52.00 43.91 63.40
C ILE Y 125 51.43 44.99 62.47
N ALA Y 126 51.75 46.26 62.74
CA ALA Y 126 51.25 47.35 61.89
C ALA Y 126 51.91 47.30 60.52
N GLU Y 127 53.23 47.09 60.48
CA GLU Y 127 53.95 47.13 59.17
C GLU Y 127 53.87 45.77 58.47
N THR Y 128 53.31 44.75 59.13
CA THR Y 128 53.29 43.39 58.51
C THR Y 128 51.89 43.04 58.02
N THR Y 129 50.85 43.35 58.79
CA THR Y 129 49.47 42.94 58.39
C THR Y 129 49.20 43.37 56.95
N SER Y 130 48.74 42.45 56.11
CA SER Y 130 48.47 42.77 54.68
C SER Y 130 47.39 41.84 54.14
N PHE Y 131 46.79 42.20 53.01
CA PHE Y 131 45.76 41.33 52.36
C PHE Y 131 46.23 41.07 50.93
N GLY Y 132 47.19 40.16 50.77
CA GLY Y 132 47.74 39.89 49.43
C GLY Y 132 48.91 40.82 49.13
N GLY Y 133 49.37 41.56 50.13
CA GLY Y 133 50.52 42.46 49.95
C GLY Y 133 50.16 43.93 50.14
N ASN Y 134 48.87 44.25 50.08
CA ASN Y 134 48.42 45.65 50.32
C ASN Y 134 48.39 45.87 51.83
N LYS Y 135 49.52 46.30 52.42
CA LYS Y 135 49.58 46.43 53.90
C LYS Y 135 48.39 47.27 54.37
N LEU Y 136 47.83 46.94 55.54
CA LEU Y 136 46.58 47.62 55.98
C LEU Y 136 46.83 48.53 57.20
N LEU Y 137 47.33 47.99 58.30
CA LEU Y 137 47.44 48.81 59.55
C LEU Y 137 48.65 49.75 59.52
N ASN Y 138 49.49 49.71 58.48
CA ASN Y 138 50.73 50.54 58.51
C ASN Y 138 50.39 52.00 58.18
N GLY Y 139 49.16 52.25 57.74
CA GLY Y 139 48.74 53.63 57.41
C GLY Y 139 48.86 53.89 55.92
N THR Y 140 49.65 53.09 55.20
CA THR Y 140 49.72 53.25 53.73
C THR Y 140 48.31 53.04 53.17
N PHE Y 141 47.67 51.94 53.56
CA PHE Y 141 46.27 51.72 53.12
C PHE Y 141 45.46 52.93 53.58
N SER Y 142 44.73 53.56 52.66
CA SER Y 142 43.95 54.77 53.00
C SER Y 142 42.46 54.50 52.80
N THR Y 143 41.65 55.56 52.80
CA THR Y 143 40.19 55.38 52.55
C THR Y 143 40.01 54.82 51.13
N LYS Y 144 39.35 53.68 51.00
CA LYS Y 144 39.17 53.04 49.67
C LYS Y 144 37.68 52.80 49.45
N SER Y 145 37.21 52.98 48.21
CA SER Y 145 35.77 52.77 47.91
C SER Y 145 35.54 51.32 47.49
N PHE Y 146 34.45 50.71 47.97
CA PHE Y 146 34.12 49.32 47.54
C PHE Y 146 32.79 49.35 46.79
N GLN Y 147 32.85 49.40 45.46
CA GLN Y 147 31.62 49.48 44.64
C GLN Y 147 30.71 48.31 45.02
N ILE Y 148 29.60 48.60 45.68
CA ILE Y 148 28.64 47.52 46.09
C ILE Y 148 27.31 47.78 45.38
N GLY Y 149 27.38 48.23 44.13
CA GLY Y 149 26.15 48.51 43.37
C GLY Y 149 26.23 47.97 41.95
N ALA Y 150 25.08 47.61 41.37
CA ALA Y 150 25.05 47.05 40.00
C ALA Y 150 25.36 48.15 38.98
N ASP Y 151 25.41 49.39 39.44
CA ASP Y 151 25.71 50.53 38.52
C ASP Y 151 26.93 51.28 39.08
N ASN Y 152 27.26 52.43 38.51
CA ASN Y 152 28.49 53.15 38.95
C ASN Y 152 28.17 54.05 40.15
N GLY Y 153 29.20 54.58 40.81
CA GLY Y 153 28.99 55.52 41.92
C GLY Y 153 28.02 55.00 42.96
N GLU Y 154 28.28 53.81 43.52
CA GLU Y 154 27.42 53.26 44.61
C GLU Y 154 28.32 52.65 45.68
N ALA Y 155 29.57 53.12 45.79
CA ALA Y 155 30.55 52.49 46.71
C ALA Y 155 30.47 53.06 48.13
N VAL Y 156 31.06 52.36 49.10
CA VAL Y 156 31.12 52.87 50.50
C VAL Y 156 32.60 53.00 50.89
N MET Y 157 33.08 54.24 51.09
CA MET Y 157 34.50 54.46 51.40
C MET Y 157 34.85 53.83 52.74
N LEU Y 158 35.92 53.02 52.78
CA LEU Y 158 36.37 52.41 54.06
C LEU Y 158 37.79 52.91 54.36
N THR Y 159 37.98 53.56 55.50
CA THR Y 159 39.32 54.12 55.84
C THR Y 159 39.96 53.28 56.96
N LEU Y 160 41.23 52.91 56.78
CA LEU Y 160 41.94 52.15 57.84
C LEU Y 160 43.02 53.07 58.44
N LYS Y 161 42.95 53.33 59.74
CA LYS Y 161 43.91 54.26 60.40
C LYS Y 161 45.22 53.54 60.69
N ASP Y 162 46.28 54.30 60.93
CA ASP Y 162 47.62 53.70 61.25
C ASP Y 162 47.64 53.32 62.72
N MET Y 163 48.04 52.08 63.02
CA MET Y 163 48.09 51.60 64.42
C MET Y 163 49.54 51.62 64.91
N ARG Y 164 50.44 52.22 64.14
CA ARG Y 164 51.86 52.33 64.59
C ARG Y 164 51.89 52.96 65.99
N SER Y 165 52.80 52.50 66.84
CA SER Y 165 52.86 52.99 68.25
C SER Y 165 53.05 54.51 68.28
N ASP Y 166 53.73 55.06 67.27
CA ASP Y 166 54.03 56.52 67.28
C ASP Y 166 52.91 57.28 66.56
N ASN Y 167 51.70 56.71 66.50
CA ASN Y 167 50.56 57.43 65.90
C ASN Y 167 50.12 58.56 66.84
N ARG Y 168 49.74 59.72 66.28
CA ARG Y 168 49.35 60.88 67.13
C ARG Y 168 48.12 60.51 67.95
N MET Y 169 47.30 59.59 67.46
CA MET Y 169 46.05 59.20 68.18
C MET Y 169 46.37 58.06 69.15
N MET Y 170 47.61 57.57 69.13
CA MET Y 170 48.01 56.46 70.03
C MET Y 170 48.55 57.05 71.33
N GLY Y 171 48.59 58.38 71.43
CA GLY Y 171 49.09 59.04 72.65
C GLY Y 171 48.87 60.54 72.63
N GLY Y 172 48.57 61.13 73.79
CA GLY Y 172 48.30 62.58 73.85
C GLY Y 172 49.48 63.37 74.37
N THR Y 173 49.22 64.43 75.13
CA THR Y 173 50.31 65.29 75.67
C THR Y 173 50.33 65.20 77.19
N SER Y 174 51.51 64.98 77.78
CA SER Y 174 51.62 64.93 79.26
C SER Y 174 52.17 66.25 79.79
N TYR Y 175 51.48 66.88 80.74
CA TYR Y 175 51.96 68.15 81.34
C TYR Y 175 52.41 67.85 82.77
N VAL Y 176 53.68 68.08 83.08
CA VAL Y 176 54.17 67.70 84.45
C VAL Y 176 54.37 68.98 85.27
N ALA Y 177 53.87 68.97 86.51
CA ALA Y 177 54.06 70.13 87.41
C ALA Y 177 55.57 70.36 87.59
N ALA Y 178 55.98 71.61 87.86
CA ALA Y 178 57.41 71.89 88.08
C ALA Y 178 57.65 72.27 89.53
N GLU Y 179 56.60 72.25 90.37
CA GLU Y 179 56.77 72.53 91.81
C GLU Y 179 56.79 71.21 92.57
N GLY Y 180 57.98 70.70 92.91
CA GLY Y 180 58.08 69.40 93.59
C GLY Y 180 57.28 69.40 94.88
N LYS Y 181 56.56 68.30 95.14
CA LYS Y 181 55.76 68.19 96.39
C LYS Y 181 56.30 67.01 97.22
N ASP Y 182 56.79 67.29 98.44
CA ASP Y 182 57.34 66.22 99.31
C ASP Y 182 56.18 65.58 100.09
N LYS Y 183 56.49 64.58 100.91
CA LYS Y 183 55.42 63.86 101.66
C LYS Y 183 54.71 64.86 102.58
N ASP Y 184 55.46 65.75 103.21
CA ASP Y 184 54.86 66.74 104.15
C ASP Y 184 53.92 67.66 103.37
N TRP Y 185 54.31 68.06 102.16
CA TRP Y 185 53.47 69.00 101.39
C TRP Y 185 52.01 68.57 101.47
N LYS Y 186 51.14 69.47 101.94
CA LYS Y 186 49.69 69.15 102.01
C LYS Y 186 48.93 70.25 101.27
N VAL Y 187 47.61 70.30 101.41
CA VAL Y 187 46.80 71.29 100.67
C VAL Y 187 46.39 72.42 101.62
N GLN Y 188 46.34 73.65 101.13
CA GLN Y 188 45.91 74.81 101.96
C GLN Y 188 44.81 75.54 101.17
N ALA Y 189 43.85 76.13 101.88
CA ALA Y 189 42.72 76.79 101.19
C ALA Y 189 43.25 77.89 100.25
N GLY Y 190 42.57 78.10 99.12
CA GLY Y 190 43.02 79.11 98.14
C GLY Y 190 44.15 78.56 97.29
N ALA Y 191 44.73 77.43 97.70
CA ALA Y 191 45.80 76.78 96.90
C ALA Y 191 45.28 75.42 96.44
N ASN Y 192 43.96 75.28 96.29
CA ASN Y 192 43.36 73.99 95.85
C ASN Y 192 42.64 74.21 94.53
N ASP Y 193 42.21 75.45 94.26
CA ASP Y 193 41.43 75.74 93.03
C ASP Y 193 42.30 75.46 91.81
N ILE Y 194 41.80 74.64 90.88
CA ILE Y 194 42.55 74.39 89.60
C ILE Y 194 41.52 74.31 88.47
N THR Y 195 41.39 75.40 87.71
CA THR Y 195 40.42 75.42 86.58
C THR Y 195 41.15 74.99 85.31
N PHE Y 196 41.01 73.72 84.93
CA PHE Y 196 41.65 73.22 83.69
C PHE Y 196 40.91 73.81 82.49
N THR Y 197 41.62 74.55 81.64
CA THR Y 197 40.99 75.12 80.42
C THR Y 197 41.56 74.41 79.20
N LEU Y 198 40.69 73.86 78.35
CA LEU Y 198 41.15 73.09 77.16
C LEU Y 198 40.00 72.98 76.17
N LYS Y 199 40.24 72.35 75.02
CA LYS Y 199 39.13 72.13 74.05
C LYS Y 199 38.86 70.63 73.93
N ASP Y 200 37.62 70.22 74.20
CA ASP Y 200 37.24 68.79 74.06
C ASP Y 200 37.41 68.40 72.59
N ILE Y 201 37.80 67.15 72.32
CA ILE Y 201 38.06 66.71 70.92
C ILE Y 201 36.82 67.02 70.07
N ASP Y 202 35.62 66.82 70.60
CA ASP Y 202 34.38 67.04 69.83
C ASP Y 202 34.47 68.37 69.09
N GLY Y 203 35.29 69.30 69.59
CA GLY Y 203 35.38 70.65 68.99
C GLY Y 203 34.83 71.71 69.92
N ASN Y 204 34.44 71.30 71.13
CA ASN Y 204 33.91 72.27 72.13
C ASN Y 204 35.00 72.56 73.15
N ASP Y 205 34.99 73.76 73.74
CA ASP Y 205 35.98 74.08 74.80
C ASP Y 205 35.60 73.34 76.08
N GLN Y 206 36.49 73.34 77.08
CA GLN Y 206 36.22 72.55 78.31
C GLN Y 206 36.85 73.27 79.51
N THR Y 207 36.08 73.44 80.58
CA THR Y 207 36.60 74.12 81.80
C THR Y 207 36.20 73.30 83.03
N ILE Y 208 37.19 72.74 83.73
CA ILE Y 208 36.90 71.96 84.97
C ILE Y 208 37.63 72.59 86.14
N THR Y 209 36.87 73.07 87.13
CA THR Y 209 37.48 73.68 88.33
C THR Y 209 37.46 72.65 89.46
N VAL Y 210 38.62 72.07 89.78
CA VAL Y 210 38.71 71.09 90.89
C VAL Y 210 39.17 71.84 92.14
N ASN Y 211 38.35 71.82 93.19
CA ASN Y 211 38.75 72.46 94.47
C ASN Y 211 39.07 71.35 95.47
N ALA Y 212 40.31 70.86 95.48
CA ALA Y 212 40.68 69.73 96.36
C ALA Y 212 40.50 70.12 97.82
N LYS Y 213 40.21 69.14 98.68
CA LYS Y 213 40.10 69.43 100.14
C LYS Y 213 41.51 69.72 100.67
N GLU Y 214 41.62 70.54 101.72
CA GLU Y 214 42.96 70.95 102.20
C GLU Y 214 43.55 69.89 103.14
N GLY Y 215 44.87 69.92 103.34
CA GLY Y 215 45.53 68.96 104.25
C GLY Y 215 45.72 67.61 103.59
N ASP Y 216 45.40 67.50 102.30
CA ASP Y 216 45.50 66.21 101.57
C ASP Y 216 46.93 66.06 101.01
N ASP Y 217 47.34 64.83 100.73
CA ASP Y 217 48.68 64.60 100.14
C ASP Y 217 48.61 64.82 98.63
N ILE Y 218 49.75 65.12 98.00
CA ILE Y 218 49.76 65.41 96.53
C ILE Y 218 49.07 64.24 95.82
N GLU Y 219 49.28 63.02 96.31
CA GLU Y 219 48.60 61.84 95.73
C GLU Y 219 47.09 62.05 95.81
N GLU Y 220 46.61 62.44 96.99
CA GLU Y 220 45.14 62.65 97.18
C GLU Y 220 44.69 63.82 96.31
N VAL Y 221 45.57 64.80 96.11
CA VAL Y 221 45.22 65.93 95.20
C VAL Y 221 44.81 65.32 93.86
N ALA Y 222 45.71 64.57 93.24
CA ALA Y 222 45.41 63.93 91.94
C ALA Y 222 44.16 63.07 92.11
N THR Y 223 44.10 62.29 93.20
CA THR Y 223 42.96 61.37 93.41
C THR Y 223 41.65 62.16 93.32
N TYR Y 224 41.59 63.31 93.99
CA TYR Y 224 40.34 64.10 93.99
C TYR Y 224 39.98 64.41 92.55
N ILE Y 225 40.95 64.92 91.80
CA ILE Y 225 40.70 65.28 90.36
C ILE Y 225 40.24 64.01 89.63
N ASN Y 226 40.95 62.91 89.85
CA ASN Y 226 40.62 61.65 89.12
C ASN Y 226 39.17 61.29 89.43
N GLY Y 227 38.78 61.35 90.69
CA GLY Y 227 37.37 61.09 91.04
C GLY Y 227 36.47 62.14 90.43
N GLN Y 228 36.90 63.41 90.41
CA GLN Y 228 36.04 64.49 89.90
C GLN Y 228 35.68 64.23 88.44
N THR Y 229 36.68 64.14 87.56
CA THR Y 229 36.38 63.99 86.12
C THR Y 229 37.38 63.06 85.44
N ASP Y 230 37.10 62.68 84.19
CA ASP Y 230 38.01 61.79 83.44
C ASP Y 230 38.64 62.57 82.28
N MET Y 231 38.24 63.82 82.08
CA MET Y 231 38.76 64.59 80.92
C MET Y 231 40.29 64.52 80.92
N VAL Y 232 40.92 64.66 82.09
CA VAL Y 232 42.40 64.57 82.18
C VAL Y 232 42.77 63.44 83.16
N LYS Y 233 44.03 63.01 83.14
CA LYS Y 233 44.49 61.94 84.06
C LYS Y 233 45.60 62.50 84.96
N ALA Y 234 45.50 62.32 86.27
CA ALA Y 234 46.48 62.93 87.19
C ALA Y 234 47.34 61.86 87.88
N SER Y 235 48.65 62.06 87.93
CA SER Y 235 49.57 61.12 88.61
C SER Y 235 50.61 61.92 89.41
N VAL Y 236 51.48 61.24 90.14
CA VAL Y 236 52.53 61.93 90.96
C VAL Y 236 53.85 61.22 90.70
N ASN Y 237 54.88 61.95 90.23
CA ASN Y 237 56.16 61.29 89.88
C ASN Y 237 56.98 61.09 91.16
N GLU Y 238 58.14 60.43 91.04
CA GLU Y 238 58.99 60.17 92.23
C GLU Y 238 59.31 61.49 92.92
N LYS Y 239 59.58 62.56 92.16
CA LYS Y 239 59.95 63.87 92.75
C LYS Y 239 58.69 64.58 93.26
N GLY Y 240 57.54 63.91 93.18
CA GLY Y 240 56.28 64.48 93.71
C GLY Y 240 55.56 65.34 92.69
N GLN Y 241 56.28 65.89 91.72
CA GLN Y 241 55.64 66.80 90.74
C GLN Y 241 54.43 66.09 90.13
N LEU Y 242 53.23 66.68 90.27
CA LEU Y 242 51.99 66.03 89.78
C LEU Y 242 52.10 65.80 88.27
N GLN Y 243 51.55 64.67 87.79
CA GLN Y 243 51.66 64.33 86.35
C GLN Y 243 50.25 64.32 85.72
N ILE Y 244 49.81 65.46 85.20
CA ILE Y 244 48.50 65.48 84.49
C ILE Y 244 48.72 65.01 83.06
N PHE Y 245 47.78 64.22 82.51
CA PHE Y 245 47.90 63.74 81.11
C PHE Y 245 46.57 63.94 80.39
N ALA Y 246 46.64 64.24 79.09
CA ALA Y 246 45.40 64.41 78.30
C ALA Y 246 45.45 63.47 77.09
N GLY Y 247 44.53 62.51 77.02
CA GLY Y 247 44.46 61.63 75.84
C GLY Y 247 43.95 62.41 74.64
N ASN Y 248 44.75 62.49 73.57
CA ASN Y 248 44.30 63.18 72.34
C ASN Y 248 42.88 62.75 72.01
N ASN Y 249 42.54 61.49 72.30
CA ASN Y 249 41.20 60.95 71.94
C ASN Y 249 40.10 61.72 72.66
N LYS Y 250 40.44 62.50 73.69
CA LYS Y 250 39.40 63.19 74.48
C LYS Y 250 39.75 64.68 74.63
N VAL Y 251 41.03 65.03 74.48
CA VAL Y 251 41.44 66.45 74.73
C VAL Y 251 42.15 67.00 73.50
N THR Y 252 41.51 67.90 72.75
CA THR Y 252 42.19 68.55 71.60
C THR Y 252 42.89 69.82 72.10
N GLY Y 253 43.73 70.43 71.26
CA GLY Y 253 44.46 71.64 71.66
C GLY Y 253 45.37 71.36 72.86
N ASP Y 254 45.72 72.41 73.61
CA ASP Y 254 46.58 72.26 74.81
C ASP Y 254 45.70 72.32 76.07
N VAL Y 255 46.33 72.28 77.25
CA VAL Y 255 45.55 72.39 78.52
C VAL Y 255 46.10 73.57 79.33
N ALA Y 256 45.24 74.51 79.70
CA ALA Y 256 45.67 75.67 80.51
C ALA Y 256 45.30 75.43 81.97
N PHE Y 257 46.30 75.33 82.84
CA PHE Y 257 46.04 75.11 84.28
C PHE Y 257 46.01 76.48 84.97
N SER Y 258 44.90 76.82 85.63
CA SER Y 258 44.76 78.16 86.26
C SER Y 258 44.28 78.03 87.70
N GLY Y 259 44.88 78.76 88.63
CA GLY Y 259 44.38 78.74 90.02
C GLY Y 259 45.51 78.74 91.04
N GLY Y 260 45.17 78.90 92.32
CA GLY Y 260 46.20 78.90 93.39
C GLY Y 260 46.95 77.59 93.41
N LEU Y 261 46.23 76.47 93.28
CA LEU Y 261 46.92 75.17 93.19
C LEU Y 261 47.85 75.20 91.98
N ALA Y 262 47.33 75.66 90.83
CA ALA Y 262 48.15 75.74 89.60
C ALA Y 262 49.36 76.63 89.89
N GLY Y 263 49.15 77.74 90.58
CA GLY Y 263 50.28 78.63 90.94
C GLY Y 263 51.31 77.85 91.75
N ALA Y 264 50.84 76.92 92.59
CA ALA Y 264 51.77 76.10 93.41
C ALA Y 264 52.14 74.83 92.64
N LEU Y 265 51.82 74.77 91.34
CA LEU Y 265 52.09 73.54 90.56
C LEU Y 265 53.15 73.80 89.49
N ASN Y 266 53.20 75.02 88.95
CA ASN Y 266 54.14 75.30 87.83
C ASN Y 266 53.91 74.21 86.76
N MET Y 267 52.64 73.88 86.53
CA MET Y 267 52.29 72.82 85.54
C MET Y 267 52.50 73.38 84.14
N GLN Y 268 53.75 73.56 83.74
CA GLN Y 268 54.04 74.10 82.38
C GLN Y 268 55.06 73.17 81.71
N ALA Y 269 54.65 71.94 81.41
CA ALA Y 269 55.54 70.98 80.73
C ALA Y 269 54.71 70.04 79.86
N GLY Y 270 54.03 70.56 78.83
CA GLY Y 270 53.30 69.69 77.90
C GLY Y 270 54.27 68.96 76.99
N THR Y 271 54.31 67.63 77.08
CA THR Y 271 55.30 66.85 76.28
C THR Y 271 54.56 65.77 75.47
N ALA Y 272 54.95 65.61 74.21
CA ALA Y 272 54.35 64.56 73.37
C ALA Y 272 54.67 63.19 73.97
N GLU Y 273 53.66 62.33 74.11
CA GLU Y 273 53.87 61.01 74.77
C GLU Y 273 53.14 59.91 74.00
N THR Y 274 53.78 59.31 73.00
CA THR Y 274 53.16 58.18 72.26
C THR Y 274 53.52 56.87 72.96
N VAL Y 275 52.77 55.80 72.71
CA VAL Y 275 53.16 54.49 73.29
C VAL Y 275 54.60 54.23 72.86
N ASP Y 276 54.92 54.56 71.61
CA ASP Y 276 56.29 54.32 71.09
C ASP Y 276 57.30 54.96 72.04
N THR Y 277 56.86 55.94 72.84
CA THR Y 277 57.77 56.65 73.76
C THR Y 277 57.28 56.51 75.20
N ILE Y 278 57.31 55.30 75.76
CA ILE Y 278 56.91 55.11 77.18
C ILE Y 278 58.10 54.52 77.94
N ASP Y 279 58.11 54.62 79.28
CA ASP Y 279 59.27 54.14 80.07
C ASP Y 279 58.79 53.73 81.47
N VAL Y 280 59.40 52.71 82.06
CA VAL Y 280 58.94 52.22 83.39
C VAL Y 280 60.08 52.40 84.40
N THR Y 281 61.29 52.66 83.91
CA THR Y 281 62.43 52.92 84.83
C THR Y 281 62.05 54.12 85.70
N SER Y 282 61.37 55.12 85.12
CA SER Y 282 60.88 56.27 85.91
C SER Y 282 59.54 55.91 86.55
N VAL Y 283 59.46 55.99 87.89
CA VAL Y 283 58.21 55.63 88.60
C VAL Y 283 57.06 56.46 87.99
N GLY Y 284 57.25 57.78 87.93
CA GLY Y 284 56.22 58.65 87.35
C GLY Y 284 56.00 58.35 85.89
N GLY Y 285 57.07 58.06 85.15
CA GLY Y 285 56.94 57.72 83.72
C GLY Y 285 56.02 56.52 83.56
N ALA Y 286 56.18 55.51 84.42
CA ALA Y 286 55.27 54.35 84.38
C ALA Y 286 53.84 54.85 84.57
N GLN Y 287 53.62 55.68 85.60
CA GLN Y 287 52.26 56.26 85.80
C GLN Y 287 51.80 56.90 84.50
N GLN Y 288 52.66 57.72 83.88
CA GLN Y 288 52.26 58.43 82.65
C GLN Y 288 51.91 57.40 81.59
N SER Y 289 52.72 56.34 81.49
CA SER Y 289 52.48 55.30 80.47
C SER Y 289 51.09 54.70 80.69
N VAL Y 290 50.71 54.51 81.96
CA VAL Y 290 49.39 53.90 82.28
C VAL Y 290 48.32 54.67 81.50
N ALA Y 291 48.33 55.99 81.63
CA ALA Y 291 47.32 56.82 80.91
C ALA Y 291 47.56 56.70 79.40
N VAL Y 292 48.82 56.74 78.98
CA VAL Y 292 49.12 56.72 77.53
C VAL Y 292 48.50 55.46 76.93
N ILE Y 293 48.76 54.30 77.52
CA ILE Y 293 48.27 53.01 76.93
C ILE Y 293 46.74 53.02 76.91
N ASP Y 294 46.11 53.52 77.98
CA ASP Y 294 44.62 53.48 78.05
C ASP Y 294 44.05 54.32 76.90
N SER Y 295 44.65 55.48 76.63
CA SER Y 295 44.20 56.29 75.48
C SER Y 295 44.33 55.44 74.22
N ALA Y 296 45.47 54.78 74.05
CA ALA Y 296 45.71 53.97 72.85
C ALA Y 296 44.65 52.87 72.77
N LEU Y 297 44.40 52.18 73.89
CA LEU Y 297 43.42 51.08 73.89
C LEU Y 297 42.11 51.62 73.30
N LYS Y 298 41.63 52.75 73.83
CA LYS Y 298 40.37 53.35 73.33
C LYS Y 298 40.49 53.57 71.82
N TYR Y 299 41.58 54.23 71.39
CA TYR Y 299 41.78 54.52 69.95
C TYR Y 299 41.61 53.23 69.17
N VAL Y 300 42.38 52.19 69.53
CA VAL Y 300 42.31 50.90 68.79
C VAL Y 300 40.85 50.45 68.77
N ASP Y 301 40.27 50.18 69.93
CA ASP Y 301 38.87 49.68 70.00
C ASP Y 301 37.98 50.52 69.08
N SER Y 302 38.09 51.85 69.17
CA SER Y 302 37.18 52.72 68.39
C SER Y 302 37.30 52.36 66.92
N HIS Y 303 38.53 52.38 66.39
CA HIS Y 303 38.72 52.08 64.95
C HIS Y 303 38.17 50.68 64.70
N ARG Y 304 38.40 49.78 65.66
CA ARG Y 304 37.88 48.39 65.52
C ARG Y 304 36.36 48.44 65.33
N ALA Y 305 35.65 48.93 66.34
CA ALA Y 305 34.17 48.92 66.26
C ALA Y 305 33.72 49.54 64.93
N GLU Y 306 34.35 50.64 64.54
CA GLU Y 306 33.97 51.33 63.28
C GLU Y 306 34.07 50.31 62.14
N LEU Y 307 35.19 49.59 62.07
CA LEU Y 307 35.33 48.54 61.04
C LEU Y 307 34.14 47.60 61.16
N GLY Y 308 33.81 47.18 62.39
CA GLY Y 308 32.72 46.22 62.58
C GLY Y 308 31.42 46.74 61.99
N ALA Y 309 31.13 48.01 62.22
CA ALA Y 309 29.90 48.62 61.63
C ALA Y 309 29.95 48.46 60.12
N PHE Y 310 31.12 48.71 59.51
CA PHE Y 310 31.25 48.54 58.04
C PHE Y 310 30.95 47.08 57.70
N GLN Y 311 31.50 46.15 58.48
CA GLN Y 311 31.25 44.70 58.22
C GLN Y 311 29.74 44.45 58.31
N ASN Y 312 29.12 44.85 59.42
CA ASN Y 312 27.68 44.61 59.61
C ASN Y 312 26.90 45.26 58.47
N ARG Y 313 27.22 46.51 58.15
CA ARG Y 313 26.48 47.24 57.09
C ARG Y 313 26.58 46.42 55.80
N PHE Y 314 27.80 46.00 55.46
CA PHE Y 314 28.01 45.24 54.21
C PHE Y 314 27.19 43.95 54.26
N ASN Y 315 27.13 43.31 55.43
CA ASN Y 315 26.32 42.07 55.56
C ASN Y 315 24.88 42.37 55.14
N HIS Y 316 24.29 43.44 55.69
CA HIS Y 316 22.90 43.81 55.33
C HIS Y 316 22.86 44.11 53.83
N ALA Y 317 23.88 44.81 53.35
CA ALA Y 317 23.93 45.15 51.92
C ALA Y 317 23.89 43.85 51.11
N ILE Y 318 24.76 42.89 51.44
CA ILE Y 318 24.84 41.64 50.63
C ILE Y 318 23.45 41.02 50.58
N SER Y 319 22.77 40.98 51.73
CA SER Y 319 21.41 40.37 51.76
C SER Y 319 20.50 41.13 50.81
N ASN Y 320 20.54 42.46 50.87
CA ASN Y 320 19.65 43.28 50.02
C ASN Y 320 19.96 42.98 48.55
N LEU Y 321 21.24 43.00 48.19
CA LEU Y 321 21.63 42.75 46.78
C LEU Y 321 21.09 41.38 46.38
N ASP Y 322 21.28 40.38 47.25
CA ASP Y 322 20.85 38.99 46.93
C ASP Y 322 19.36 39.01 46.61
N ASN Y 323 18.54 39.56 47.50
CA ASN Y 323 17.07 39.53 47.30
C ASN Y 323 16.75 40.22 45.98
N ILE Y 324 17.33 41.40 45.75
CA ILE Y 324 17.01 42.17 44.51
C ILE Y 324 17.40 41.29 43.32
N ASN Y 325 18.54 40.60 43.41
CA ASN Y 325 19.02 39.76 42.29
C ASN Y 325 17.97 38.68 42.02
N GLU Y 326 17.48 38.03 43.07
CA GLU Y 326 16.51 36.92 42.89
C GLU Y 326 15.29 37.43 42.12
N ASN Y 327 14.72 38.55 42.57
CA ASN Y 327 13.50 39.07 41.92
C ASN Y 327 13.83 39.49 40.49
N VAL Y 328 14.99 40.11 40.27
CA VAL Y 328 15.34 40.60 38.91
C VAL Y 328 15.41 39.41 37.97
N ASN Y 329 16.07 38.33 38.40
CA ASN Y 329 16.18 37.13 37.55
C ASN Y 329 14.77 36.63 37.21
N ALA Y 330 13.88 36.61 38.20
CA ALA Y 330 12.51 36.13 37.98
C ALA Y 330 11.85 37.01 36.92
N SER Y 331 12.05 38.33 37.03
CA SER Y 331 11.46 39.26 36.05
C SER Y 331 12.02 38.94 34.66
N LYS Y 332 13.33 38.79 34.57
CA LYS Y 332 13.95 38.50 33.25
C LYS Y 332 13.33 37.22 32.69
N SER Y 333 13.20 36.20 33.54
CA SER Y 333 12.69 34.89 33.05
C SER Y 333 11.32 35.10 32.41
N ARG Y 334 10.44 35.86 33.07
CA ARG Y 334 9.06 36.04 32.55
C ARG Y 334 9.14 36.68 31.17
N ILE Y 335 10.22 37.42 30.89
CA ILE Y 335 10.29 38.17 29.60
C ILE Y 335 11.13 37.39 28.57
N LYS Y 336 12.19 36.73 29.01
CA LYS Y 336 13.11 36.09 28.03
C LYS Y 336 12.90 34.56 27.95
N ASP Y 337 12.73 33.89 29.09
CA ASP Y 337 12.64 32.40 29.06
C ASP Y 337 11.40 31.94 28.31
N THR Y 338 11.39 30.69 27.86
CA THR Y 338 10.25 30.16 27.05
C THR Y 338 9.30 29.33 27.92
N ASP Y 339 7.99 29.44 27.68
CA ASP Y 339 7.03 28.56 28.39
C ASP Y 339 6.99 27.25 27.60
N PHE Y 340 7.90 26.33 27.89
CA PHE Y 340 7.97 25.08 27.10
C PHE Y 340 6.56 24.59 26.80
N ALA Y 341 5.70 24.57 27.81
CA ALA Y 341 4.31 24.08 27.62
C ALA Y 341 3.72 24.72 26.36
N LYS Y 342 3.58 26.05 26.36
CA LYS Y 342 2.95 26.73 25.20
C LYS Y 342 3.80 26.52 23.95
N GLU Y 343 5.12 26.69 24.08
CA GLU Y 343 6.00 26.58 22.89
C GLU Y 343 5.83 25.20 22.25
N THR Y 344 5.90 24.15 23.06
CA THR Y 344 5.76 22.76 22.53
C THR Y 344 4.42 22.66 21.81
N THR Y 345 3.35 23.07 22.48
CA THR Y 345 1.99 22.96 21.88
C THR Y 345 2.03 23.58 20.49
N ALA Y 346 2.66 24.75 20.37
CA ALA Y 346 2.73 25.43 19.06
C ALA Y 346 3.44 24.53 18.07
N LEU Y 347 4.59 23.98 18.47
CA LEU Y 347 5.36 23.10 17.55
C LEU Y 347 4.42 21.98 17.10
N THR Y 348 3.69 21.38 18.04
CA THR Y 348 2.80 20.24 17.71
C THR Y 348 1.76 20.70 16.67
N LYS Y 349 1.09 21.81 16.96
CA LYS Y 349 0.08 22.37 16.02
C LYS Y 349 0.78 22.64 14.69
N SER Y 350 1.92 23.33 14.73
CA SER Y 350 2.63 23.68 13.48
C SER Y 350 2.86 22.40 12.67
N GLN Y 351 3.36 21.36 13.33
CA GLN Y 351 3.65 20.09 12.63
C GLN Y 351 2.36 19.58 11.99
N ILE Y 352 1.28 19.54 12.77
CA ILE Y 352 -0.01 19.00 12.24
C ILE Y 352 -0.40 19.83 11.02
N LEU Y 353 -0.36 21.16 11.16
CA LEU Y 353 -0.78 22.04 10.03
C LEU Y 353 0.12 21.74 8.83
N SER Y 354 1.42 21.59 9.07
CA SER Y 354 2.37 21.31 7.97
C SER Y 354 1.94 20.04 7.26
N GLN Y 355 1.65 18.98 8.01
CA GLN Y 355 1.26 17.69 7.40
C GLN Y 355 0.00 17.93 6.56
N ALA Y 356 -0.97 18.64 7.12
CA ALA Y 356 -2.24 18.89 6.42
C ALA Y 356 -1.97 19.68 5.14
N SER Y 357 -1.21 20.76 5.25
CA SER Y 357 -0.91 21.60 4.07
C SER Y 357 -0.35 20.71 2.97
N SER Y 358 0.62 19.86 3.32
CA SER Y 358 1.24 18.95 2.33
C SER Y 358 0.15 18.06 1.72
N SER Y 359 -0.75 17.54 2.56
CA SER Y 359 -1.79 16.62 2.07
C SER Y 359 -2.61 17.31 0.97
N VAL Y 360 -3.11 18.52 1.25
CA VAL Y 360 -3.98 19.21 0.26
C VAL Y 360 -3.14 19.58 -0.96
N LEU Y 361 -1.87 19.96 -0.74
CA LEU Y 361 -0.98 20.29 -1.87
C LEU Y 361 -0.92 19.07 -2.80
N ALA Y 362 -0.75 17.88 -2.22
CA ALA Y 362 -0.67 16.65 -3.03
C ALA Y 362 -1.95 16.54 -3.86
N GLN Y 363 -3.10 16.69 -3.22
CA GLN Y 363 -4.39 16.57 -3.93
C GLN Y 363 -4.41 17.57 -5.08
N ALA Y 364 -4.00 18.81 -4.80
CA ALA Y 364 -4.06 19.87 -5.84
C ALA Y 364 -3.19 19.46 -7.04
N LYS Y 365 -1.97 19.01 -6.78
CA LYS Y 365 -1.04 18.69 -7.90
C LYS Y 365 -1.77 17.77 -8.89
N GLN Y 366 -2.74 17.00 -8.42
CA GLN Y 366 -3.41 16.00 -9.31
C GLN Y 366 -4.57 16.65 -10.06
N ALA Y 367 -4.93 17.88 -9.70
CA ALA Y 367 -6.10 18.53 -10.34
C ALA Y 367 -5.92 18.64 -11.85
N PRO Y 368 -4.85 19.28 -12.40
CA PRO Y 368 -4.76 19.47 -13.84
C PRO Y 368 -5.02 18.14 -14.55
N ASN Y 369 -4.56 17.03 -13.97
CA ASN Y 369 -4.71 15.72 -14.64
C ASN Y 369 -6.13 15.59 -15.18
N ALA Y 370 -7.12 16.06 -14.43
CA ALA Y 370 -8.53 15.93 -14.85
C ALA Y 370 -8.66 16.27 -16.34
N ALA Y 371 -7.92 17.28 -16.80
CA ALA Y 371 -8.04 17.72 -18.20
C ALA Y 371 -7.69 16.54 -19.12
N LEU Y 372 -6.65 15.78 -18.75
CA LEU Y 372 -6.22 14.64 -19.58
C LEU Y 372 -7.38 13.64 -19.66
N SER Y 373 -8.12 13.49 -18.56
CA SER Y 373 -9.31 12.58 -18.58
C SER Y 373 -10.27 13.06 -19.66
N LEU Y 374 -10.37 14.38 -19.85
CA LEU Y 374 -11.24 14.94 -20.91
C LEU Y 374 -10.48 14.85 -22.24
N LEU Y 375 -9.91 13.67 -22.53
CA LEU Y 375 -9.13 13.48 -23.78
C LEU Y 375 -8.07 14.57 -23.89
N GLY Y 376 -7.93 15.17 -25.08
CA GLY Y 376 -6.92 16.23 -25.29
C GLY Y 376 -6.79 17.11 -24.06
N ALA Z 1 -31.70 22.68 -63.41
CA ALA Z 1 -30.95 22.71 -64.68
C ALA Z 1 -29.62 21.99 -64.50
N VAL Z 2 -29.62 20.66 -64.69
CA VAL Z 2 -28.37 19.88 -64.46
C VAL Z 2 -27.25 20.56 -65.25
N ASN Z 3 -26.21 21.02 -64.55
CA ASN Z 3 -25.10 21.72 -65.23
C ASN Z 3 -23.77 21.03 -64.86
N VAL Z 4 -22.81 21.05 -65.79
CA VAL Z 4 -21.51 20.37 -65.54
C VAL Z 4 -20.43 21.42 -65.26
N ASN Z 5 -20.49 22.57 -65.92
CA ASN Z 5 -19.39 23.56 -65.77
C ASN Z 5 -19.37 24.15 -64.35
N THR Z 6 -20.48 24.05 -63.61
CA THR Z 6 -20.53 24.70 -62.27
C THR Z 6 -21.22 23.79 -61.26
N ASN Z 7 -20.67 23.68 -60.05
CA ASN Z 7 -21.30 22.88 -58.96
C ASN Z 7 -21.33 23.74 -57.71
N VAL Z 8 -22.11 24.83 -57.73
CA VAL Z 8 -22.15 25.77 -56.58
C VAL Z 8 -22.23 24.97 -55.28
N ALA Z 9 -23.00 23.88 -55.29
CA ALA Z 9 -23.17 23.09 -54.06
C ALA Z 9 -21.79 22.69 -53.53
N ALA Z 10 -20.92 22.21 -54.42
CA ALA Z 10 -19.57 21.79 -54.01
C ALA Z 10 -18.87 22.98 -53.34
N MET Z 11 -18.95 24.15 -53.97
CA MET Z 11 -18.28 25.35 -53.42
C MET Z 11 -18.81 25.57 -52.00
N THR Z 12 -20.12 25.46 -51.82
CA THR Z 12 -20.73 25.73 -50.49
C THR Z 12 -20.11 24.78 -49.46
N ALA Z 13 -20.10 23.49 -49.76
CA ALA Z 13 -19.57 22.50 -48.79
C ALA Z 13 -18.10 22.81 -48.53
N GLN Z 14 -17.31 23.05 -49.57
CA GLN Z 14 -15.86 23.29 -49.39
C GLN Z 14 -15.69 24.50 -48.47
N ARG Z 15 -16.52 25.52 -48.65
CA ARG Z 15 -16.39 26.75 -47.84
C ARG Z 15 -16.59 26.37 -46.37
N TYR Z 16 -17.62 25.58 -46.08
CA TYR Z 16 -17.91 25.23 -44.67
C TYR Z 16 -16.82 24.29 -44.16
N LEU Z 17 -16.30 23.44 -45.04
CA LEU Z 17 -15.18 22.55 -44.63
C LEU Z 17 -14.04 23.44 -44.14
N THR Z 18 -13.65 24.43 -44.94
CA THR Z 18 -12.50 25.30 -44.58
C THR Z 18 -12.82 25.95 -43.24
N GLY Z 19 -14.08 26.33 -43.02
CA GLY Z 19 -14.47 26.90 -41.72
C GLY Z 19 -14.21 25.90 -40.61
N ALA Z 20 -14.66 24.66 -40.80
CA ALA Z 20 -14.51 23.63 -39.76
C ALA Z 20 -13.02 23.30 -39.53
N THR Z 21 -12.25 23.20 -40.63
CA THR Z 21 -10.83 22.81 -40.50
C THR Z 21 -10.10 23.87 -39.67
N ASN Z 22 -10.27 25.15 -40.03
CA ASN Z 22 -9.58 26.24 -39.31
C ASN Z 22 -10.00 26.18 -37.83
N ALA Z 23 -11.27 25.88 -37.59
CA ALA Z 23 -11.76 25.80 -36.20
C ALA Z 23 -10.95 24.75 -35.45
N GLN Z 24 -10.82 23.55 -36.02
CA GLN Z 24 -10.06 22.48 -35.36
C GLN Z 24 -8.67 23.02 -35.02
N GLN Z 25 -7.96 23.57 -36.00
CA GLN Z 25 -6.57 24.02 -35.76
C GLN Z 25 -6.56 24.96 -34.56
N THR Z 26 -7.45 25.95 -34.57
CA THR Z 26 -7.47 26.95 -33.47
C THR Z 26 -7.63 26.21 -32.14
N SER Z 27 -8.64 25.35 -32.04
CA SER Z 27 -8.88 24.62 -30.77
C SER Z 27 -7.64 23.81 -30.43
N MET Z 28 -7.23 22.92 -31.33
CA MET Z 28 -6.06 22.04 -31.06
C MET Z 28 -4.91 22.90 -30.54
N GLU Z 29 -4.59 23.99 -31.25
CA GLU Z 29 -3.47 24.87 -30.83
C GLU Z 29 -3.68 25.25 -29.37
N ARG Z 30 -4.87 25.75 -29.03
CA ARG Z 30 -5.13 26.20 -27.64
C ARG Z 30 -4.90 25.03 -26.69
N LEU Z 31 -5.40 23.84 -27.04
CA LEU Z 31 -5.24 22.67 -26.15
C LEU Z 31 -3.75 22.41 -25.93
N SER Z 32 -2.95 22.42 -26.99
CA SER Z 32 -1.50 22.08 -26.87
C SER Z 32 -0.80 23.09 -25.97
N SER Z 33 -1.01 24.37 -26.20
CA SER Z 33 -0.31 25.42 -25.42
C SER Z 33 -0.96 25.51 -24.05
N GLY Z 34 -2.26 25.22 -23.97
CA GLY Z 34 -2.99 25.40 -22.70
C GLY Z 34 -3.38 26.85 -22.54
N PHE Z 35 -3.07 27.68 -23.53
CA PHE Z 35 -3.36 29.14 -23.42
C PHE Z 35 -4.45 29.52 -24.41
N LYS Z 36 -5.52 30.13 -23.91
CA LYS Z 36 -6.64 30.55 -24.79
C LYS Z 36 -6.11 31.60 -25.78
N ILE Z 37 -5.35 32.57 -25.28
CA ILE Z 37 -4.82 33.65 -26.16
C ILE Z 37 -3.36 33.32 -26.51
N ASN Z 38 -3.14 32.83 -27.74
CA ASN Z 38 -1.77 32.51 -28.19
C ASN Z 38 -1.36 33.52 -29.26
N SER Z 39 -2.22 34.50 -29.53
CA SER Z 39 -1.91 35.58 -30.50
C SER Z 39 -2.89 36.73 -30.27
N ALA Z 40 -2.53 37.94 -30.72
CA ALA Z 40 -3.43 39.11 -30.55
C ALA Z 40 -4.77 38.80 -31.20
N LYS Z 41 -4.75 38.09 -32.33
CA LYS Z 41 -6.01 37.78 -33.06
C LYS Z 41 -6.99 37.06 -32.12
N ASP Z 42 -6.47 36.39 -31.09
CA ASP Z 42 -7.37 35.72 -30.12
C ASP Z 42 -8.07 36.78 -29.26
N ASP Z 43 -7.30 37.68 -28.65
CA ASP Z 43 -7.87 38.76 -27.80
C ASP Z 43 -6.80 39.81 -27.53
N ALA Z 44 -6.82 40.90 -28.30
CA ALA Z 44 -5.77 41.93 -28.14
C ALA Z 44 -5.76 42.41 -26.69
N ALA Z 45 -6.93 42.77 -26.15
CA ALA Z 45 -6.98 43.32 -24.77
C ALA Z 45 -6.36 42.31 -23.81
N GLY Z 46 -6.77 41.05 -23.93
CA GLY Z 46 -6.19 40.01 -23.06
C GLY Z 46 -4.69 39.98 -23.21
N LEU Z 47 -4.20 39.77 -24.44
CA LEU Z 47 -2.74 39.80 -24.67
C LEU Z 47 -2.15 40.93 -23.83
N GLN Z 48 -2.75 42.11 -23.89
CA GLN Z 48 -2.19 43.29 -23.16
C GLN Z 48 -2.30 43.05 -21.66
N ILE Z 49 -3.51 42.86 -21.14
CA ILE Z 49 -3.67 42.74 -19.65
C ILE Z 49 -2.92 41.49 -19.17
N SER Z 50 -3.00 40.39 -19.93
CA SER Z 50 -2.37 39.12 -19.49
C SER Z 50 -0.85 39.30 -19.44
N ASN Z 51 -0.29 39.91 -20.49
CA ASN Z 51 1.18 40.17 -20.47
C ASN Z 51 1.47 41.04 -19.25
N ARG Z 52 0.66 42.06 -19.00
CA ARG Z 52 0.98 42.98 -17.89
C ARG Z 52 0.77 42.25 -16.57
N LEU Z 53 -0.29 41.46 -16.46
CA LEU Z 53 -0.49 40.65 -15.24
C LEU Z 53 0.68 39.68 -15.10
N ASN Z 54 1.13 39.12 -16.22
CA ASN Z 54 2.29 38.19 -16.20
C ASN Z 54 3.48 38.93 -15.62
N VAL Z 55 3.77 40.11 -16.16
CA VAL Z 55 4.96 40.87 -15.69
C VAL Z 55 4.84 41.03 -14.18
N GLN Z 56 3.63 41.32 -13.70
CA GLN Z 56 3.45 41.56 -12.25
C GLN Z 56 3.84 40.30 -11.49
N SER Z 57 3.40 39.13 -11.95
CA SER Z 57 3.69 37.86 -11.24
C SER Z 57 5.19 37.59 -11.23
N ARG Z 58 5.82 37.63 -12.41
CA ARG Z 58 7.27 37.33 -12.49
C ARG Z 58 7.99 38.34 -11.61
N GLY Z 59 7.61 39.61 -11.73
CA GLY Z 59 8.24 40.65 -10.90
C GLY Z 59 8.03 40.39 -9.44
N LEU Z 60 6.81 40.00 -9.06
CA LEU Z 60 6.49 39.80 -7.62
C LEU Z 60 7.36 38.66 -7.08
N ASP Z 61 7.69 37.68 -7.93
CA ASP Z 61 8.60 36.61 -7.49
C ASP Z 61 9.96 37.22 -7.17
N VAL Z 62 10.52 37.96 -8.12
CA VAL Z 62 11.85 38.61 -7.90
C VAL Z 62 11.73 39.44 -6.61
N ALA Z 63 10.61 40.15 -6.44
CA ALA Z 63 10.42 41.01 -5.25
C ALA Z 63 10.48 40.17 -3.99
N VAL Z 64 9.81 39.02 -4.00
CA VAL Z 64 9.80 38.12 -2.81
C VAL Z 64 11.25 37.73 -2.49
N ARG Z 65 12.02 37.35 -3.52
CA ARG Z 65 13.43 36.95 -3.30
C ARG Z 65 14.21 38.15 -2.73
N ASN Z 66 14.05 39.32 -3.33
CA ASN Z 66 14.83 40.50 -2.88
C ASN Z 66 14.56 40.72 -1.40
N ALA Z 67 13.32 40.52 -0.97
CA ALA Z 67 12.96 40.75 0.44
C ALA Z 67 13.74 39.78 1.32
N ASN Z 68 13.83 38.52 0.88
CA ASN Z 68 14.56 37.50 1.67
C ASN Z 68 16.00 37.96 1.86
N ASP Z 69 16.64 38.41 0.77
CA ASP Z 69 18.05 38.88 0.85
C ASP Z 69 18.14 39.99 1.90
N GLY Z 70 17.14 40.88 1.91
CA GLY Z 70 17.11 41.95 2.93
C GLY Z 70 17.03 41.39 4.32
N ILE Z 71 16.12 40.44 4.54
CA ILE Z 71 16.02 39.77 5.87
C ILE Z 71 17.37 39.13 6.17
N SER Z 72 17.96 38.47 5.18
CA SER Z 72 19.24 37.76 5.41
C SER Z 72 20.31 38.74 5.86
N ILE Z 73 20.48 39.85 5.13
CA ILE Z 73 21.57 40.80 5.48
C ILE Z 73 21.35 41.25 6.92
N ALA Z 74 20.12 41.60 7.27
CA ALA Z 74 19.83 42.04 8.65
C ALA Z 74 20.11 40.89 9.61
N GLN Z 75 19.62 39.69 9.30
CA GLN Z 75 19.80 38.53 10.22
C GLN Z 75 21.28 38.40 10.58
N THR Z 76 22.16 38.37 9.58
CA THR Z 76 23.61 38.19 9.84
C THR Z 76 24.08 39.29 10.79
N ALA Z 77 23.78 40.54 10.47
CA ALA Z 77 24.27 41.67 11.29
C ALA Z 77 23.69 41.58 12.70
N GLU Z 78 22.40 41.29 12.82
CA GLU Z 78 21.75 41.25 14.14
C GLU Z 78 22.51 40.23 15.01
N GLY Z 79 22.65 39.00 14.51
CA GLY Z 79 23.31 37.94 15.30
C GLY Z 79 24.74 38.34 15.62
N ALA Z 80 25.45 38.91 14.65
CA ALA Z 80 26.81 39.39 14.94
C ALA Z 80 26.76 40.33 16.14
N MET Z 81 25.78 41.25 16.16
CA MET Z 81 25.73 42.24 17.25
C MET Z 81 25.34 41.55 18.56
N ASN Z 82 24.74 40.37 18.48
CA ASN Z 82 24.40 39.62 19.73
C ASN Z 82 25.71 39.39 20.47
N GLU Z 83 26.73 38.91 19.76
CA GLU Z 83 28.05 38.66 20.40
C GLU Z 83 28.60 39.99 20.90
N THR Z 84 28.46 41.05 20.09
CA THR Z 84 28.93 42.39 20.53
C THR Z 84 28.39 42.64 21.94
N THR Z 85 27.10 42.39 22.15
CA THR Z 85 26.49 42.66 23.48
C THR Z 85 27.22 41.83 24.53
N ASN Z 86 27.32 40.52 24.32
CA ASN Z 86 27.96 39.66 25.35
C ASN Z 86 29.31 40.24 25.73
N ILE Z 87 30.12 40.63 24.75
CA ILE Z 87 31.50 41.14 25.04
C ILE Z 87 31.40 42.43 25.84
N LEU Z 88 30.53 43.35 25.43
CA LEU Z 88 30.34 44.61 26.19
C LEU Z 88 29.95 44.25 27.62
N GLN Z 89 28.99 43.35 27.79
CA GLN Z 89 28.52 42.99 29.15
C GLN Z 89 29.71 42.44 29.94
N ARG Z 90 30.46 41.52 29.35
CA ARG Z 90 31.64 40.94 30.04
C ARG Z 90 32.52 42.10 30.50
N MET Z 91 32.82 43.03 29.60
CA MET Z 91 33.73 44.15 29.95
C MET Z 91 33.13 44.94 31.12
N ARG Z 92 31.81 45.17 31.08
CA ARG Z 92 31.16 45.97 32.15
C ARG Z 92 31.42 45.29 33.50
N ASP Z 93 31.18 43.98 33.58
CA ASP Z 93 31.37 43.26 34.86
C ASP Z 93 32.84 43.36 35.26
N LEU Z 94 33.75 43.14 34.32
CA LEU Z 94 35.19 43.18 34.64
C LEU Z 94 35.50 44.56 35.21
N SER Z 95 34.98 45.61 34.57
CA SER Z 95 35.28 46.99 35.03
C SER Z 95 34.77 47.17 36.45
N LEU Z 96 33.55 46.70 36.72
CA LEU Z 96 32.97 46.82 38.07
C LEU Z 96 33.97 46.20 39.07
N GLN Z 97 34.52 45.04 38.72
CA GLN Z 97 35.46 44.34 39.64
C GLN Z 97 36.68 45.23 39.86
N SER Z 98 37.22 45.81 38.79
CA SER Z 98 38.45 46.63 38.90
C SER Z 98 38.23 47.78 39.89
N ALA Z 99 36.98 48.17 40.10
CA ALA Z 99 36.68 49.33 40.97
C ALA Z 99 36.92 48.96 42.44
N ASN Z 100 36.50 47.76 42.85
CA ASN Z 100 36.62 47.35 44.27
C ASN Z 100 37.99 47.77 44.82
N GLY Z 101 38.02 48.50 45.92
CA GLY Z 101 39.29 49.01 46.48
C GLY Z 101 40.31 47.91 46.76
N SER Z 102 39.85 46.68 47.03
CA SER Z 102 40.79 45.60 47.42
C SER Z 102 41.85 45.39 46.33
N ASN Z 103 41.43 45.32 45.07
CA ASN Z 103 42.38 45.03 43.98
C ASN Z 103 43.51 46.06 44.01
N SER Z 104 44.76 45.61 43.86
CA SER Z 104 45.87 46.58 43.75
C SER Z 104 46.20 46.76 42.26
N LYS Z 105 47.24 47.54 41.94
CA LYS Z 105 47.54 47.82 40.51
C LYS Z 105 47.65 46.51 39.74
N SER Z 106 48.36 45.52 40.30
CA SER Z 106 48.56 44.24 39.57
C SER Z 106 47.20 43.66 39.18
N GLU Z 107 46.29 43.58 40.15
CA GLU Z 107 44.95 43.00 39.88
C GLU Z 107 44.26 43.84 38.80
N ARG Z 108 44.34 45.17 38.95
CA ARG Z 108 43.73 46.06 37.93
C ARG Z 108 44.38 45.78 36.56
N VAL Z 109 45.71 45.67 36.53
CA VAL Z 109 46.41 45.49 35.22
C VAL Z 109 45.87 44.24 34.55
N ALA Z 110 45.73 43.15 35.32
CA ALA Z 110 45.20 41.89 34.75
C ALA Z 110 43.87 42.18 34.06
N ILE Z 111 42.95 42.83 34.75
CA ILE Z 111 41.61 43.10 34.17
C ILE Z 111 41.79 43.91 32.89
N GLN Z 112 42.64 44.94 32.93
CA GLN Z 112 42.81 45.81 31.74
C GLN Z 112 43.22 44.95 30.55
N GLU Z 113 44.14 44.00 30.78
CA GLU Z 113 44.58 43.10 29.69
C GLU Z 113 43.33 42.48 29.05
N GLU Z 114 42.45 41.92 29.87
CA GLU Z 114 41.26 41.23 29.30
C GLU Z 114 40.47 42.27 28.50
N ILE Z 115 40.09 43.37 29.14
CA ILE Z 115 39.35 44.45 28.43
C ILE Z 115 40.03 44.68 27.08
N THR Z 116 41.34 44.91 27.09
CA THR Z 116 42.04 45.24 25.82
C THR Z 116 41.72 44.16 24.79
N ALA Z 117 41.87 42.90 25.18
CA ALA Z 117 41.64 41.80 24.21
C ALA Z 117 40.19 41.85 23.73
N LEU Z 118 39.25 41.85 24.67
CA LEU Z 118 37.81 41.91 24.29
C LEU Z 118 37.62 43.11 23.37
N ASN Z 119 38.24 44.23 23.71
CA ASN Z 119 38.07 45.47 22.91
C ASN Z 119 38.43 45.13 21.46
N ASP Z 120 39.57 44.47 21.27
CA ASP Z 120 40.03 44.16 19.90
C ASP Z 120 39.00 43.25 19.22
N GLU Z 121 38.42 42.32 20.00
CA GLU Z 121 37.42 41.38 19.42
C GLU Z 121 36.20 42.17 18.95
N LEU Z 122 35.80 43.20 19.70
CA LEU Z 122 34.67 44.06 19.24
C LEU Z 122 35.03 44.62 17.88
N ASN Z 123 36.20 45.24 17.78
CA ASN Z 123 36.64 45.85 16.50
C ASN Z 123 36.71 44.77 15.43
N ARG Z 124 37.11 43.55 15.80
CA ARG Z 124 37.22 42.45 14.82
C ARG Z 124 35.82 42.15 14.27
N ILE Z 125 34.85 41.90 15.16
CA ILE Z 125 33.49 41.53 14.69
C ILE Z 125 33.01 42.64 13.77
N ALA Z 126 33.32 43.89 14.11
CA ALA Z 126 32.89 45.04 13.30
C ALA Z 126 33.52 44.97 11.91
N GLU Z 127 34.82 44.71 11.82
CA GLU Z 127 35.50 44.78 10.50
C GLU Z 127 35.47 43.42 9.78
N THR Z 128 34.95 42.37 10.42
CA THR Z 128 34.99 41.04 9.79
C THR Z 128 33.60 40.62 9.30
N THR Z 129 32.57 40.83 10.12
CA THR Z 129 31.20 40.38 9.73
C THR Z 129 30.93 40.81 8.30
N SER Z 130 30.72 39.86 7.40
CA SER Z 130 30.53 40.19 5.97
C SER Z 130 29.40 39.35 5.38
N PHE Z 131 28.82 39.80 4.27
CA PHE Z 131 27.76 39.01 3.60
C PHE Z 131 28.26 38.65 2.19
N GLY Z 132 29.17 37.69 2.12
CA GLY Z 132 29.74 37.32 0.81
C GLY Z 132 30.69 38.39 0.31
N GLY Z 133 31.25 39.19 1.22
CA GLY Z 133 32.25 40.19 0.83
C GLY Z 133 31.80 41.62 1.11
N ASN Z 134 30.49 41.83 1.20
CA ASN Z 134 29.96 43.18 1.54
C ASN Z 134 29.97 43.32 3.06
N LYS Z 135 31.05 43.87 3.63
CA LYS Z 135 31.15 44.00 5.10
C LYS Z 135 29.98 44.84 5.61
N LEU Z 136 29.49 44.57 6.81
CA LEU Z 136 28.27 45.26 7.29
C LEU Z 136 28.59 46.24 8.42
N LEU Z 137 28.87 45.73 9.62
CA LEU Z 137 29.04 46.61 10.81
C LEU Z 137 30.23 47.59 10.66
N ASN Z 138 31.15 47.34 9.73
CA ASN Z 138 32.36 48.21 9.64
C ASN Z 138 31.94 49.67 9.43
N GLY Z 139 30.72 49.89 8.94
CA GLY Z 139 30.25 51.26 8.68
C GLY Z 139 30.09 51.51 7.19
N THR Z 140 30.88 50.82 6.37
CA THR Z 140 30.82 51.04 4.89
C THR Z 140 29.38 50.82 4.41
N PHE Z 141 28.79 49.68 4.76
CA PHE Z 141 27.37 49.41 4.40
C PHE Z 141 26.51 50.52 5.00
N SER Z 142 25.96 51.39 4.15
CA SER Z 142 25.16 52.53 4.67
C SER Z 142 23.99 52.84 3.73
N THR Z 143 22.78 52.96 4.30
CA THR Z 143 21.60 53.37 3.49
C THR Z 143 21.54 52.60 2.16
N LYS Z 144 21.43 51.27 2.21
CA LYS Z 144 21.27 50.51 0.94
C LYS Z 144 19.79 50.11 0.82
N SER Z 145 19.16 50.42 -0.32
CA SER Z 145 17.71 50.15 -0.48
C SER Z 145 17.47 48.70 -0.91
N PHE Z 146 16.26 48.19 -0.66
CA PHE Z 146 15.92 46.80 -1.06
C PHE Z 146 14.59 46.82 -1.82
N GLN Z 147 14.64 46.58 -3.14
CA GLN Z 147 13.40 46.67 -3.96
C GLN Z 147 12.52 45.46 -3.65
N ILE Z 148 11.38 45.71 -2.99
CA ILE Z 148 10.50 44.58 -2.59
C ILE Z 148 9.15 44.73 -3.28
N GLY Z 149 9.14 45.21 -4.52
CA GLY Z 149 7.87 45.45 -5.23
C GLY Z 149 7.91 44.98 -6.69
N ALA Z 150 6.77 45.01 -7.37
CA ALA Z 150 6.71 44.57 -8.77
C ALA Z 150 7.04 45.76 -9.69
N ASP Z 151 7.05 46.97 -9.15
CA ASP Z 151 7.34 48.18 -9.96
C ASP Z 151 8.54 48.91 -9.36
N ASN Z 152 9.24 49.69 -10.18
CA ASN Z 152 10.45 50.40 -9.71
C ASN Z 152 10.08 51.44 -8.65
N GLY Z 153 10.99 51.76 -7.73
CA GLY Z 153 10.75 52.82 -6.75
C GLY Z 153 10.07 52.31 -5.48
N GLU Z 154 9.62 51.06 -5.50
CA GLU Z 154 8.90 50.48 -4.32
C GLU Z 154 9.91 50.20 -3.20
N ALA Z 155 11.20 50.27 -3.49
CA ALA Z 155 12.26 49.88 -2.51
C ALA Z 155 12.07 50.43 -1.09
N VAL Z 156 12.58 49.70 -0.10
CA VAL Z 156 12.55 50.15 1.33
C VAL Z 156 14.01 50.37 1.72
N MET Z 157 14.30 51.40 2.52
CA MET Z 157 15.72 51.74 2.82
C MET Z 157 16.13 51.09 4.15
N LEU Z 158 17.27 50.40 4.17
CA LEU Z 158 17.80 49.83 5.43
C LEU Z 158 19.20 50.40 5.66
N THR Z 159 19.51 50.80 6.89
CA THR Z 159 20.84 51.43 7.11
C THR Z 159 21.55 50.76 8.30
N LEU Z 160 22.76 50.27 8.09
CA LEU Z 160 23.55 49.69 9.19
C LEU Z 160 24.45 50.79 9.77
N LYS Z 161 24.99 50.60 10.96
CA LYS Z 161 25.80 51.70 11.59
C LYS Z 161 27.09 51.13 12.14
N ASP Z 162 28.18 51.90 12.07
CA ASP Z 162 29.50 51.45 12.56
C ASP Z 162 29.31 50.85 13.96
N MET Z 163 29.74 49.60 14.14
CA MET Z 163 29.65 48.94 15.47
C MET Z 163 31.04 48.86 16.06
N ARG Z 164 31.99 49.64 15.53
CA ARG Z 164 33.38 49.60 16.04
C ARG Z 164 33.41 50.16 17.47
N SER Z 165 34.51 49.93 18.19
CA SER Z 165 34.58 50.35 19.61
C SER Z 165 34.99 51.82 19.72
N ASP Z 166 35.18 52.49 18.59
CA ASP Z 166 35.61 53.91 18.60
C ASP Z 166 34.52 54.79 17.98
N ASN Z 167 33.39 54.19 17.62
CA ASN Z 167 32.25 54.98 17.05
C ASN Z 167 31.81 56.00 18.10
N ARG Z 168 31.46 57.22 17.66
CA ARG Z 168 31.13 58.29 18.64
C ARG Z 168 29.98 57.81 19.54
N MET Z 169 28.98 57.16 18.98
CA MET Z 169 27.80 56.75 19.77
C MET Z 169 28.23 55.72 20.81
N MET Z 170 29.27 54.95 20.52
CA MET Z 170 29.72 53.89 21.46
C MET Z 170 30.49 54.57 22.59
N GLY Z 171 29.81 55.42 23.33
CA GLY Z 171 30.46 56.18 24.42
C GLY Z 171 29.83 57.56 24.55
N GLY Z 172 30.52 58.48 25.23
CA GLY Z 172 29.97 59.83 25.43
C GLY Z 172 31.04 60.83 25.82
N THR Z 173 30.73 61.70 26.77
CA THR Z 173 31.71 62.73 27.22
C THR Z 173 31.93 62.57 28.73
N SER Z 174 33.16 62.76 29.20
CA SER Z 174 33.45 62.54 30.64
C SER Z 174 33.99 63.82 31.28
N TYR Z 175 33.16 64.51 32.05
CA TYR Z 175 33.63 65.73 32.75
C TYR Z 175 34.09 65.32 34.14
N VAL Z 176 35.29 65.75 34.55
CA VAL Z 176 35.84 65.33 35.86
C VAL Z 176 35.92 66.57 36.75
N ALA Z 177 36.05 66.37 38.07
CA ALA Z 177 36.12 67.50 39.02
C ALA Z 177 37.57 67.95 39.17
N ALA Z 178 37.81 68.98 39.97
CA ALA Z 178 39.17 69.51 40.15
C ALA Z 178 39.61 69.31 41.60
N GLU Z 179 38.79 69.77 42.56
CA GLU Z 179 39.16 69.66 43.98
C GLU Z 179 38.79 68.26 44.49
N GLY Z 180 39.80 67.46 44.84
CA GLY Z 180 39.55 66.09 45.32
C GLY Z 180 39.13 66.08 46.77
N LYS Z 181 37.82 66.18 47.03
CA LYS Z 181 37.30 66.20 48.41
C LYS Z 181 37.74 64.92 49.13
N ASP Z 182 38.24 65.06 50.37
CA ASP Z 182 38.72 63.89 51.13
C ASP Z 182 37.55 63.19 51.82
N LYS Z 183 37.83 62.17 52.64
CA LYS Z 183 36.75 61.41 53.31
C LYS Z 183 36.03 62.31 54.31
N ASP Z 184 36.76 63.23 54.94
CA ASP Z 184 36.13 64.09 55.99
C ASP Z 184 35.24 65.14 55.34
N TRP Z 185 35.34 65.30 54.01
CA TRP Z 185 34.55 66.36 53.33
C TRP Z 185 33.08 65.97 53.31
N LYS Z 186 32.28 66.51 54.22
CA LYS Z 186 30.83 66.26 54.18
C LYS Z 186 30.22 67.38 53.32
N VAL Z 187 28.99 67.21 52.83
CA VAL Z 187 28.34 68.32 52.09
C VAL Z 187 27.96 69.40 53.12
N GLN Z 188 28.07 70.67 52.74
CA GLN Z 188 27.72 71.79 53.66
C GLN Z 188 26.52 72.54 53.09
N ALA Z 189 25.76 73.22 53.95
CA ALA Z 189 24.60 74.01 53.47
C ALA Z 189 25.09 75.12 52.54
N GLY Z 190 24.33 75.45 51.50
CA GLY Z 190 24.75 76.47 50.53
C GLY Z 190 25.45 75.82 49.35
N ALA Z 191 26.07 74.67 49.60
CA ALA Z 191 26.69 73.90 48.49
C ALA Z 191 25.87 72.62 48.33
N ASN Z 192 24.67 72.62 48.88
CA ASN Z 192 23.78 71.42 48.77
C ASN Z 192 22.93 71.57 47.51
N ASP Z 193 23.56 71.89 46.38
CA ASP Z 193 22.79 72.14 45.12
C ASP Z 193 23.73 72.04 43.92
N ILE Z 194 23.29 71.38 42.85
CA ILE Z 194 24.10 71.31 41.61
C ILE Z 194 23.12 71.27 40.43
N THR Z 195 23.39 72.03 39.38
CA THR Z 195 22.41 72.11 38.26
C THR Z 195 23.09 71.75 36.94
N PHE Z 196 22.34 71.14 36.02
CA PHE Z 196 22.93 70.71 34.74
C PHE Z 196 22.14 71.34 33.59
N THR Z 197 22.80 72.15 32.76
CA THR Z 197 22.11 72.72 31.58
C THR Z 197 22.60 71.96 30.34
N LEU Z 198 21.74 71.11 29.77
CA LEU Z 198 22.13 70.29 28.59
C LEU Z 198 20.97 70.26 27.60
N LYS Z 199 21.24 69.96 26.33
CA LYS Z 199 20.17 70.02 25.29
C LYS Z 199 19.63 68.61 25.01
N ASP Z 200 19.63 67.73 26.01
CA ASP Z 200 19.08 66.36 25.84
C ASP Z 200 19.65 65.77 24.54
N ILE Z 201 18.82 65.06 23.78
CA ILE Z 201 19.29 64.45 22.50
C ILE Z 201 18.46 65.05 21.35
N ASP Z 202 17.21 65.41 21.63
CA ASP Z 202 16.34 66.00 20.58
C ASP Z 202 16.65 67.49 20.46
N GLY Z 203 17.61 67.99 21.23
CA GLY Z 203 17.93 69.43 21.23
C GLY Z 203 17.14 70.14 22.30
N ASN Z 204 16.06 69.51 22.77
CA ASN Z 204 15.22 70.10 23.84
C ASN Z 204 16.09 70.35 25.08
N ASP Z 205 16.21 71.60 25.49
CA ASP Z 205 17.06 71.95 26.66
C ASP Z 205 16.45 71.31 27.91
N GLN Z 206 17.28 70.70 28.75
CA GLN Z 206 16.79 70.11 30.03
C GLN Z 206 17.58 70.72 31.18
N THR Z 207 16.91 71.00 32.30
CA THR Z 207 17.60 71.59 33.48
C THR Z 207 17.40 70.68 34.69
N ILE Z 208 18.44 69.92 35.04
CA ILE Z 208 18.35 68.99 36.20
C ILE Z 208 19.03 69.65 37.40
N THR Z 209 18.25 69.97 38.44
CA THR Z 209 18.81 70.61 39.65
C THR Z 209 18.84 69.58 40.79
N VAL Z 210 20.03 69.12 41.18
CA VAL Z 210 20.14 68.09 42.24
C VAL Z 210 20.53 68.78 43.55
N ASN Z 211 19.57 68.94 44.47
CA ASN Z 211 19.90 69.53 45.79
C ASN Z 211 20.47 68.42 46.67
N ALA Z 212 21.79 68.28 46.69
CA ALA Z 212 22.43 67.19 47.45
C ALA Z 212 22.02 67.25 48.92
N LYS Z 213 21.75 66.11 49.54
CA LYS Z 213 21.44 66.09 51.00
C LYS Z 213 22.72 66.47 51.75
N GLU Z 214 22.59 67.30 52.79
CA GLU Z 214 23.79 67.79 53.51
C GLU Z 214 24.39 66.65 54.36
N GLY Z 215 25.70 66.73 54.62
CA GLY Z 215 26.35 65.72 55.47
C GLY Z 215 26.84 64.52 54.68
N ASP Z 216 26.39 64.41 53.42
CA ASP Z 216 26.80 63.26 52.57
C ASP Z 216 28.26 63.43 52.17
N ASP Z 217 28.96 62.31 51.92
CA ASP Z 217 30.36 62.40 51.44
C ASP Z 217 30.35 62.42 49.91
N ILE Z 218 31.49 62.73 49.29
CA ILE Z 218 31.53 62.84 47.81
C ILE Z 218 30.90 61.57 47.22
N GLU Z 219 31.17 60.42 47.84
CA GLU Z 219 30.62 59.14 47.34
C GLU Z 219 29.09 59.20 47.41
N GLU Z 220 28.54 59.52 48.57
CA GLU Z 220 27.06 59.54 48.73
C GLU Z 220 26.49 60.57 47.76
N VAL Z 221 27.14 61.72 47.64
CA VAL Z 221 26.69 62.73 46.64
C VAL Z 221 26.51 62.01 45.30
N ALA Z 222 27.50 61.22 44.90
CA ALA Z 222 27.42 60.60 43.57
C ALA Z 222 26.18 59.69 43.53
N THR Z 223 25.96 58.94 44.60
CA THR Z 223 24.80 57.99 44.61
C THR Z 223 23.51 58.79 44.47
N TYR Z 224 23.39 59.88 45.24
CA TYR Z 224 22.17 60.71 45.17
C TYR Z 224 21.98 61.16 43.73
N ILE Z 225 23.02 61.76 43.15
CA ILE Z 225 22.91 62.29 41.76
C ILE Z 225 22.47 61.14 40.86
N ASN Z 226 23.12 59.98 40.97
CA ASN Z 226 22.80 58.83 40.09
C ASN Z 226 21.32 58.47 40.23
N GLY Z 227 20.79 58.52 41.44
CA GLY Z 227 19.38 58.16 41.68
C GLY Z 227 18.42 59.23 41.19
N GLN Z 228 18.78 60.49 41.36
CA GLN Z 228 17.86 61.60 40.99
C GLN Z 228 17.73 61.72 39.47
N THR Z 229 18.82 61.52 38.73
CA THR Z 229 18.75 61.76 37.26
C THR Z 229 19.20 60.52 36.48
N ASP Z 230 18.76 60.40 35.23
CA ASP Z 230 19.19 59.27 34.36
C ASP Z 230 19.99 59.84 33.19
N MET Z 231 20.28 61.14 33.21
CA MET Z 231 20.98 61.78 32.07
C MET Z 231 22.49 61.81 32.34
N VAL Z 232 22.89 62.01 33.59
CA VAL Z 232 24.33 62.12 33.94
C VAL Z 232 24.68 60.96 34.88
N LYS Z 233 25.75 60.23 34.57
CA LYS Z 233 26.19 59.13 35.46
C LYS Z 233 27.32 59.64 36.36
N ALA Z 234 27.16 59.55 37.68
CA ALA Z 234 28.17 60.12 38.60
C ALA Z 234 29.13 59.03 39.08
N SER Z 235 30.32 59.42 39.50
CA SER Z 235 31.33 58.46 40.00
C SER Z 235 32.40 59.24 40.79
N VAL Z 236 33.21 58.54 41.57
CA VAL Z 236 34.29 59.21 42.36
C VAL Z 236 35.62 58.52 42.04
N ASN Z 237 36.63 59.30 41.67
CA ASN Z 237 37.97 58.72 41.34
C ASN Z 237 38.74 58.49 42.64
N GLU Z 238 39.98 58.02 42.53
CA GLU Z 238 40.79 57.75 43.75
C GLU Z 238 41.04 59.06 44.50
N LYS Z 239 41.37 60.13 43.76
CA LYS Z 239 41.70 61.43 44.41
C LYS Z 239 40.48 61.95 45.17
N GLY Z 240 39.30 61.41 44.89
CA GLY Z 240 38.06 61.89 45.53
C GLY Z 240 37.35 62.86 44.61
N GLN Z 241 37.78 62.93 43.35
CA GLN Z 241 37.17 63.90 42.39
C GLN Z 241 35.94 63.28 41.76
N LEU Z 242 34.76 63.87 42.00
CA LEU Z 242 33.52 63.37 41.36
C LEU Z 242 33.72 63.41 39.85
N GLN Z 243 33.26 62.38 39.15
CA GLN Z 243 33.34 62.39 37.67
C GLN Z 243 31.91 62.29 37.13
N ILE Z 244 31.63 62.99 36.03
CA ILE Z 244 30.26 62.93 35.41
C ILE Z 244 30.40 62.42 33.98
N PHE Z 245 29.60 61.41 33.63
CA PHE Z 245 29.62 60.88 32.24
C PHE Z 245 28.34 61.30 31.54
N ALA Z 246 28.47 61.91 30.36
CA ALA Z 246 27.28 62.29 29.57
C ALA Z 246 27.24 61.43 28.31
N GLY Z 247 26.47 60.33 28.35
CA GLY Z 247 26.33 59.45 27.18
C GLY Z 247 25.90 60.21 25.94
N ASN Z 248 26.70 60.15 24.87
CA ASN Z 248 26.39 60.90 23.64
C ASN Z 248 24.98 60.54 23.17
N ASN Z 249 24.55 59.30 23.40
CA ASN Z 249 23.23 58.85 22.92
C ASN Z 249 22.13 59.67 23.58
N LYS Z 250 22.30 60.06 24.84
CA LYS Z 250 21.20 60.76 25.56
C LYS Z 250 21.42 62.27 25.59
N VAL Z 251 22.67 62.73 25.61
CA VAL Z 251 22.91 64.19 25.78
C VAL Z 251 23.45 64.79 24.48
N THR Z 252 23.36 66.11 24.33
CA THR Z 252 23.92 66.81 23.14
C THR Z 252 24.57 68.12 23.61
N GLY Z 253 25.71 68.48 23.02
CA GLY Z 253 26.43 69.70 23.44
C GLY Z 253 27.17 69.48 24.75
N ASP Z 254 27.65 70.56 25.36
CA ASP Z 254 28.45 70.42 26.60
C ASP Z 254 27.56 70.66 27.83
N VAL Z 255 27.47 69.68 28.73
CA VAL Z 255 26.70 69.90 29.99
C VAL Z 255 27.28 71.12 30.70
N ALA Z 256 26.43 72.06 31.11
CA ALA Z 256 26.90 73.27 31.82
C ALA Z 256 26.63 73.10 33.31
N PHE Z 257 27.69 73.01 34.11
CA PHE Z 257 27.53 72.74 35.56
C PHE Z 257 27.32 74.06 36.30
N SER Z 258 26.42 74.07 37.29
CA SER Z 258 26.16 75.30 38.08
C SER Z 258 25.72 74.91 39.49
N GLY Z 259 25.89 75.81 40.45
CA GLY Z 259 25.46 75.53 41.84
C GLY Z 259 26.63 75.56 42.80
N GLY Z 260 26.36 75.74 44.09
CA GLY Z 260 27.43 75.83 45.09
C GLY Z 260 28.27 74.57 45.11
N LEU Z 261 27.62 73.41 45.14
CA LEU Z 261 28.36 72.13 45.08
C LEU Z 261 29.26 72.16 43.85
N ALA Z 262 28.71 72.58 42.71
CA ALA Z 262 29.50 72.57 41.45
C ALA Z 262 30.73 73.45 41.62
N GLY Z 263 30.56 74.63 42.22
CA GLY Z 263 31.72 75.51 42.45
C GLY Z 263 32.77 74.81 43.29
N ALA Z 264 32.34 74.18 44.39
CA ALA Z 264 33.29 73.49 45.28
C ALA Z 264 34.02 72.41 44.47
N LEU Z 265 33.29 71.69 43.62
CA LEU Z 265 33.92 70.59 42.84
C LEU Z 265 34.73 71.19 41.69
N ASN Z 266 34.49 72.46 41.36
CA ASN Z 266 35.19 73.11 40.23
C ASN Z 266 35.14 72.17 39.02
N MET Z 267 33.94 71.83 38.55
CA MET Z 267 33.81 70.86 37.43
C MET Z 267 34.72 71.33 36.29
N GLN Z 268 35.57 70.45 35.78
CA GLN Z 268 36.54 70.85 34.74
C GLN Z 268 36.03 70.45 33.35
N ALA Z 269 36.94 70.34 32.37
CA ALA Z 269 36.52 70.05 30.97
C ALA Z 269 36.10 68.58 30.83
N GLY Z 270 35.34 68.28 29.77
CA GLY Z 270 34.87 66.89 29.55
C GLY Z 270 35.48 66.29 28.31
N THR Z 271 36.11 65.11 28.44
CA THR Z 271 36.79 64.48 27.29
C THR Z 271 35.85 63.47 26.63
N ALA Z 272 35.70 63.55 25.31
CA ALA Z 272 34.86 62.56 24.60
C ALA Z 272 35.47 61.17 24.85
N GLU Z 273 34.68 60.25 25.42
CA GLU Z 273 35.22 58.91 25.75
C GLU Z 273 34.46 57.83 24.97
N THR Z 274 35.20 56.93 24.32
CA THR Z 274 34.54 55.80 23.61
C THR Z 274 35.00 54.50 24.27
N VAL Z 275 34.33 53.38 23.96
CA VAL Z 275 34.71 52.07 24.55
C VAL Z 275 36.20 51.83 24.27
N ASP Z 276 36.67 52.25 23.09
CA ASP Z 276 38.08 52.02 22.71
C ASP Z 276 39.00 52.77 23.66
N THR Z 277 38.50 53.78 24.36
CA THR Z 277 39.37 54.61 25.23
C THR Z 277 39.29 54.18 26.69
N ILE Z 278 38.55 53.12 27.00
CA ILE Z 278 38.36 52.74 28.43
C ILE Z 278 39.67 52.19 29.00
N ASP Z 279 39.94 52.42 30.29
CA ASP Z 279 41.15 51.87 30.96
C ASP Z 279 40.77 51.56 32.40
N VAL Z 280 41.00 50.32 32.85
CA VAL Z 280 40.53 49.96 34.23
C VAL Z 280 41.72 49.80 35.17
N THR Z 281 42.85 50.46 34.86
CA THR Z 281 44.01 50.41 35.78
C THR Z 281 43.83 51.53 36.82
N SER Z 282 42.74 52.28 36.73
CA SER Z 282 42.48 53.39 37.68
C SER Z 282 41.06 53.28 38.23
N VAL Z 283 40.87 53.50 39.54
CA VAL Z 283 39.53 53.34 40.15
C VAL Z 283 38.54 54.21 39.39
N GLY Z 284 38.88 55.49 39.18
CA GLY Z 284 37.98 56.40 38.47
C GLY Z 284 37.70 55.89 37.08
N GLY Z 285 38.74 55.45 36.37
CA GLY Z 285 38.56 54.93 35.00
C GLY Z 285 37.59 53.76 35.01
N ALA Z 286 37.71 52.88 36.00
CA ALA Z 286 36.80 51.73 36.10
C ALA Z 286 35.37 52.25 36.17
N GLN Z 287 35.08 53.09 37.17
CA GLN Z 287 33.72 53.68 37.28
C GLN Z 287 33.34 54.28 35.93
N GLN Z 288 34.25 55.08 35.35
CA GLN Z 288 33.93 55.77 34.08
C GLN Z 288 33.59 54.73 33.02
N SER Z 289 34.38 53.66 32.95
CA SER Z 289 34.15 52.61 31.92
C SER Z 289 32.75 52.03 32.11
N VAL Z 290 32.37 51.72 33.36
CA VAL Z 290 31.05 51.08 33.56
C VAL Z 290 30.03 51.93 32.81
N ALA Z 291 30.09 53.24 33.00
CA ALA Z 291 29.13 54.15 32.33
C ALA Z 291 29.30 54.05 30.81
N VAL Z 292 30.53 54.15 30.32
CA VAL Z 292 30.76 54.13 28.85
C VAL Z 292 30.16 52.84 28.30
N ILE Z 293 30.48 51.71 28.91
CA ILE Z 293 30.01 50.40 28.38
C ILE Z 293 28.48 50.42 28.35
N ASP Z 294 27.85 50.93 29.41
CA ASP Z 294 26.37 50.95 29.47
C ASP Z 294 25.84 51.79 28.29
N SER Z 295 26.42 52.97 28.08
CA SER Z 295 26.00 53.81 26.94
C SER Z 295 26.06 52.98 25.65
N ALA Z 296 27.19 52.31 25.43
CA ALA Z 296 27.37 51.51 24.19
C ALA Z 296 26.31 50.41 24.15
N LEU Z 297 26.03 49.79 25.29
CA LEU Z 297 25.05 48.68 25.31
C LEU Z 297 23.74 49.24 24.74
N LYS Z 298 23.36 50.44 25.18
CA LYS Z 298 22.11 51.06 24.69
C LYS Z 298 22.23 51.24 23.18
N TYR Z 299 23.39 51.68 22.71
CA TYR Z 299 23.56 51.93 21.26
C TYR Z 299 23.29 50.63 20.50
N VAL Z 300 23.94 49.54 20.93
CA VAL Z 300 23.79 48.25 20.22
C VAL Z 300 22.32 47.82 20.31
N ASP Z 301 21.77 47.80 21.52
CA ASP Z 301 20.38 47.33 21.70
C ASP Z 301 19.46 48.12 20.76
N SER Z 302 19.64 49.44 20.72
CA SER Z 302 18.78 50.29 19.85
C SER Z 302 18.93 49.85 18.39
N HIS Z 303 20.16 49.74 17.91
CA HIS Z 303 20.37 49.40 16.48
C HIS Z 303 19.71 48.05 16.19
N ARG Z 304 19.90 47.10 17.11
CA ARG Z 304 19.34 45.74 16.88
C ARG Z 304 17.83 45.86 16.78
N ALA Z 305 17.22 46.64 17.67
CA ALA Z 305 15.75 46.79 17.65
C ALA Z 305 15.30 47.26 16.27
N GLU Z 306 16.00 48.24 15.70
CA GLU Z 306 15.60 48.79 14.38
C GLU Z 306 15.67 47.66 13.35
N LEU Z 307 16.77 46.90 13.35
CA LEU Z 307 16.93 45.78 12.39
C LEU Z 307 15.82 44.77 12.67
N GLY Z 308 15.45 44.61 13.94
CA GLY Z 308 14.35 43.69 14.28
C GLY Z 308 13.10 44.12 13.56
N ALA Z 309 12.72 45.39 13.69
CA ALA Z 309 11.53 45.90 12.98
C ALA Z 309 11.72 45.62 11.49
N PHE Z 310 12.89 45.96 10.96
CA PHE Z 310 13.11 45.80 9.50
C PHE Z 310 12.69 44.38 9.12
N GLN Z 311 13.18 43.40 9.88
CA GLN Z 311 12.84 41.99 9.58
C GLN Z 311 11.32 41.82 9.65
N ASN Z 312 10.74 42.09 10.82
CA ASN Z 312 9.28 41.95 10.99
C ASN Z 312 8.57 42.59 9.79
N ARG Z 313 8.92 43.83 9.45
CA ARG Z 313 8.19 44.54 8.37
C ARG Z 313 8.35 43.72 7.08
N PHE Z 314 9.57 43.34 6.74
CA PHE Z 314 9.78 42.62 5.47
C PHE Z 314 8.99 41.32 5.49
N ASN Z 315 8.89 40.69 6.66
CA ASN Z 315 8.08 39.46 6.77
C ASN Z 315 6.67 39.82 6.32
N HIS Z 316 6.09 40.86 6.91
CA HIS Z 316 4.69 41.25 6.57
C HIS Z 316 4.64 41.46 5.05
N ALA Z 317 5.62 42.17 4.52
CA ALA Z 317 5.64 42.47 3.07
C ALA Z 317 5.62 41.15 2.29
N ILE Z 318 6.43 40.19 2.71
CA ILE Z 318 6.51 38.91 1.94
C ILE Z 318 5.10 38.32 1.89
N SER Z 319 4.38 38.39 3.00
CA SER Z 319 3.03 37.79 3.06
C SER Z 319 2.11 38.52 2.07
N ASN Z 320 2.13 39.85 2.11
CA ASN Z 320 1.28 40.64 1.19
C ASN Z 320 1.66 40.30 -0.25
N LEU Z 321 2.96 40.31 -0.55
CA LEU Z 321 3.39 40.09 -1.96
C LEU Z 321 2.84 38.74 -2.43
N ASP Z 322 2.94 37.72 -1.59
CA ASP Z 322 2.50 36.36 -2.00
C ASP Z 322 1.00 36.39 -2.28
N ASN Z 323 0.23 37.01 -1.38
CA ASN Z 323 -1.25 37.04 -1.55
C ASN Z 323 -1.57 37.66 -2.90
N ILE Z 324 -1.05 38.86 -3.16
CA ILE Z 324 -1.29 39.51 -4.48
C ILE Z 324 -0.86 38.52 -5.57
N ASN Z 325 0.34 37.97 -5.46
CA ASN Z 325 0.87 37.10 -6.55
C ASN Z 325 -0.16 36.01 -6.83
N GLU Z 326 -0.71 35.41 -5.78
CA GLU Z 326 -1.66 34.30 -5.97
C GLU Z 326 -2.86 34.82 -6.75
N ASN Z 327 -3.48 35.90 -6.28
CA ASN Z 327 -4.69 36.44 -6.93
C ASN Z 327 -4.35 36.88 -8.36
N VAL Z 328 -3.18 37.49 -8.54
CA VAL Z 328 -2.77 37.98 -9.89
C VAL Z 328 -2.71 36.77 -10.82
N ASN Z 329 -2.06 35.70 -10.36
CA ASN Z 329 -1.93 34.49 -11.22
C ASN Z 329 -3.34 34.00 -11.56
N ALA Z 330 -4.20 33.90 -10.55
CA ALA Z 330 -5.59 33.43 -10.81
C ALA Z 330 -6.24 34.35 -11.84
N SER Z 331 -6.05 35.66 -11.67
CA SER Z 331 -6.64 36.65 -12.60
C SER Z 331 -6.07 36.42 -14.00
N LYS Z 332 -4.77 36.17 -14.09
CA LYS Z 332 -4.12 35.99 -15.42
C LYS Z 332 -4.72 34.75 -16.08
N SER Z 333 -4.95 33.70 -15.31
CA SER Z 333 -5.49 32.46 -15.89
C SER Z 333 -6.85 32.76 -16.52
N ARG Z 334 -7.79 33.28 -15.73
CA ARG Z 334 -9.17 33.47 -16.24
C ARG Z 334 -9.12 34.11 -17.62
N ILE Z 335 -8.13 34.96 -17.88
CA ILE Z 335 -8.09 35.71 -19.19
C ILE Z 335 -7.22 34.97 -20.19
N LYS Z 336 -6.32 34.08 -19.74
CA LYS Z 336 -5.37 33.47 -20.70
C LYS Z 336 -5.47 31.94 -20.71
N ASP Z 337 -5.95 31.33 -19.62
CA ASP Z 337 -5.94 29.85 -19.55
C ASP Z 337 -6.87 29.25 -20.60
N THR Z 338 -6.67 27.97 -20.93
CA THR Z 338 -7.58 27.28 -21.87
C THR Z 338 -8.53 26.40 -21.05
N ASP Z 339 -9.83 26.69 -21.07
CA ASP Z 339 -10.80 25.81 -20.38
C ASP Z 339 -10.93 24.52 -21.21
N PHE Z 340 -10.13 23.51 -20.91
CA PHE Z 340 -10.13 22.28 -21.73
C PHE Z 340 -11.58 21.84 -21.96
N ALA Z 341 -12.38 21.82 -20.89
CA ALA Z 341 -13.78 21.35 -21.00
C ALA Z 341 -14.43 21.95 -22.25
N LYS Z 342 -14.59 23.28 -22.27
CA LYS Z 342 -15.27 23.93 -23.43
C LYS Z 342 -14.43 23.72 -24.68
N GLU Z 343 -13.12 23.95 -24.59
CA GLU Z 343 -12.26 23.85 -25.80
C GLU Z 343 -12.39 22.45 -26.41
N THR Z 344 -12.26 21.41 -25.58
CA THR Z 344 -12.31 20.03 -26.11
C THR Z 344 -13.68 19.84 -26.78
N THR Z 345 -14.76 20.18 -26.06
CA THR Z 345 -16.11 20.08 -26.64
C THR Z 345 -16.11 20.75 -28.01
N ALA Z 346 -15.60 21.97 -28.07
CA ALA Z 346 -15.57 22.71 -29.36
C ALA Z 346 -14.83 21.87 -30.40
N LEU Z 347 -13.61 21.45 -30.08
CA LEU Z 347 -12.82 20.70 -31.09
C LEU Z 347 -13.65 19.51 -31.57
N THR Z 348 -14.24 18.77 -30.63
CA THR Z 348 -15.08 17.61 -31.01
C THR Z 348 -16.10 18.07 -32.06
N LYS Z 349 -16.88 19.09 -31.72
CA LYS Z 349 -17.91 19.60 -32.66
C LYS Z 349 -17.23 19.95 -33.99
N SER Z 350 -16.10 20.64 -33.92
CA SER Z 350 -15.42 21.08 -35.17
C SER Z 350 -15.15 19.86 -36.05
N GLN Z 351 -14.57 18.81 -35.46
CA GLN Z 351 -14.21 17.60 -36.25
C GLN Z 351 -15.48 17.03 -36.87
N ILE Z 352 -16.54 16.91 -36.06
CA ILE Z 352 -17.81 16.32 -36.55
C ILE Z 352 -18.28 17.17 -37.74
N LEU Z 353 -18.33 18.49 -37.55
CA LEU Z 353 -18.77 19.40 -38.64
C LEU Z 353 -17.92 19.11 -39.88
N SER Z 354 -16.60 19.00 -39.69
CA SER Z 354 -15.69 18.78 -40.85
C SER Z 354 -16.13 17.50 -41.57
N GLN Z 355 -16.34 16.42 -40.80
CA GLN Z 355 -16.70 15.13 -41.43
C GLN Z 355 -18.00 15.30 -42.23
N ALA Z 356 -18.97 16.01 -41.64
CA ALA Z 356 -20.23 16.26 -42.37
C ALA Z 356 -19.90 16.96 -43.69
N SER Z 357 -19.21 18.10 -43.61
CA SER Z 357 -18.90 18.87 -44.84
C SER Z 357 -18.26 17.94 -45.86
N SER Z 358 -17.31 17.11 -45.41
CA SER Z 358 -16.60 16.21 -46.34
C SER Z 358 -17.60 15.26 -46.99
N SER Z 359 -18.53 14.71 -46.20
CA SER Z 359 -19.53 13.76 -46.73
C SER Z 359 -20.39 14.46 -47.79
N VAL Z 360 -20.91 15.64 -47.48
CA VAL Z 360 -21.81 16.31 -48.46
C VAL Z 360 -20.97 16.70 -49.67
N LEU Z 361 -19.71 17.10 -49.44
CA LEU Z 361 -18.81 17.45 -50.57
C LEU Z 361 -18.74 16.24 -51.51
N ALA Z 362 -18.64 15.04 -50.95
CA ALA Z 362 -18.56 13.82 -51.79
C ALA Z 362 -19.81 13.71 -52.66
N GLN Z 363 -20.99 13.78 -52.02
CA GLN Z 363 -22.25 13.69 -52.77
C GLN Z 363 -22.31 14.81 -53.80
N ALA Z 364 -21.79 16.00 -53.45
CA ALA Z 364 -21.85 17.15 -54.36
C ALA Z 364 -21.08 16.86 -55.64
N LYS Z 365 -19.87 16.29 -55.52
CA LYS Z 365 -19.04 16.05 -56.72
C LYS Z 365 -19.82 15.18 -57.71
N GLN Z 366 -20.74 14.35 -57.22
CA GLN Z 366 -21.47 13.41 -58.11
C GLN Z 366 -22.55 14.17 -58.90
N ALA Z 367 -22.80 15.43 -58.57
CA ALA Z 367 -23.90 16.16 -59.24
C ALA Z 367 -23.78 15.99 -60.76
N PRO Z 368 -22.71 16.46 -61.44
CA PRO Z 368 -22.65 16.41 -62.91
C PRO Z 368 -22.97 15.00 -63.45
N ASN Z 369 -22.75 13.97 -62.64
CA ASN Z 369 -22.95 12.58 -63.15
C ASN Z 369 -24.35 12.48 -63.76
N ALA Z 370 -25.33 13.15 -63.14
CA ALA Z 370 -26.71 13.11 -63.64
C ALA Z 370 -26.72 13.51 -65.12
N ALA Z 371 -26.01 14.57 -65.47
CA ALA Z 371 -26.03 15.07 -66.87
C ALA Z 371 -25.76 13.91 -67.83
N LEU Z 372 -24.62 13.24 -67.66
CA LEU Z 372 -24.27 12.16 -68.62
C LEU Z 372 -25.38 11.10 -68.57
N SER Z 373 -25.87 10.79 -67.37
CA SER Z 373 -26.97 9.80 -67.24
C SER Z 373 -28.18 10.31 -68.01
N LEU Z 374 -28.45 11.61 -67.92
CA LEU Z 374 -29.61 12.20 -68.64
C LEU Z 374 -29.48 11.83 -70.11
N LEU Z 375 -28.33 12.10 -70.71
CA LEU Z 375 -28.09 11.75 -72.13
C LEU Z 375 -26.63 12.10 -72.45
N GLY Z 376 -26.16 11.72 -73.64
CA GLY Z 376 -24.79 12.07 -74.05
C GLY Z 376 -24.38 13.45 -73.56
N ALA AA 1 -11.02 -1.81 -106.27
CA ALA AA 1 -9.97 -2.45 -105.46
C ALA AA 1 -10.61 -3.40 -104.44
N VAL AA 2 -11.81 -3.90 -104.77
CA VAL AA 2 -12.53 -4.83 -103.84
C VAL AA 2 -11.63 -6.04 -103.58
N ASN AA 3 -11.02 -6.60 -104.63
CA ASN AA 3 -10.07 -7.74 -104.46
C ASN AA 3 -10.62 -8.69 -103.39
N VAL AA 4 -11.77 -9.31 -103.65
CA VAL AA 4 -12.42 -10.20 -102.65
C VAL AA 4 -11.45 -11.31 -102.19
N ASN AA 5 -10.56 -11.80 -103.05
CA ASN AA 5 -9.73 -12.96 -102.66
C ASN AA 5 -8.72 -12.57 -101.57
N THR AA 6 -8.48 -11.40 -101.25
CA THR AA 6 -7.44 -11.02 -100.24
C THR AA 6 -7.91 -9.82 -99.43
N ASN AA 7 -7.56 -9.78 -98.14
CA ASN AA 7 -7.91 -8.61 -97.28
C ASN AA 7 -6.67 -8.20 -96.50
N VAL AA 8 -5.75 -7.48 -97.15
CA VAL AA 8 -4.48 -7.09 -96.49
C VAL AA 8 -4.82 -6.42 -95.15
N ALA AA 9 -5.90 -5.63 -95.12
CA ALA AA 9 -6.29 -4.94 -93.89
C ALA AA 9 -6.48 -5.97 -92.77
N ALA AA 10 -7.23 -7.03 -93.05
CA ALA AA 10 -7.51 -8.05 -92.01
C ALA AA 10 -6.17 -8.59 -91.48
N MET AA 11 -5.28 -8.95 -92.41
CA MET AA 11 -3.95 -9.46 -91.99
C MET AA 11 -3.32 -8.43 -91.04
N THR AA 12 -3.18 -7.19 -91.50
CA THR AA 12 -2.52 -6.15 -90.68
C THR AA 12 -3.16 -6.16 -89.29
N ALA AA 13 -4.48 -6.26 -89.23
CA ALA AA 13 -5.20 -6.26 -87.94
C ALA AA 13 -4.76 -7.47 -87.11
N GLN AA 14 -4.83 -8.66 -87.71
CA GLN AA 14 -4.46 -9.90 -86.97
C GLN AA 14 -3.03 -9.75 -86.47
N ARG AA 15 -2.13 -9.25 -87.32
CA ARG AA 15 -0.70 -9.13 -86.90
C ARG AA 15 -0.63 -8.30 -85.62
N TYR AA 16 -1.18 -7.10 -85.64
CA TYR AA 16 -1.05 -6.20 -84.44
C TYR AA 16 -1.79 -6.86 -83.28
N LEU AA 17 -2.87 -7.57 -83.58
CA LEU AA 17 -3.62 -8.27 -82.51
C LEU AA 17 -2.71 -9.27 -81.82
N THR AA 18 -1.97 -10.06 -82.60
CA THR AA 18 -1.12 -11.10 -82.00
C THR AA 18 -0.14 -10.43 -81.05
N GLY AA 19 0.50 -9.36 -81.51
CA GLY AA 19 1.47 -8.64 -80.67
C GLY AA 19 0.84 -8.24 -79.35
N ALA AA 20 -0.40 -7.74 -79.40
CA ALA AA 20 -1.11 -7.37 -78.16
C ALA AA 20 -1.27 -8.60 -77.27
N THR AA 21 -1.81 -9.69 -77.83
CA THR AA 21 -2.04 -10.90 -77.00
C THR AA 21 -0.72 -11.33 -76.39
N ASN AA 22 0.36 -11.28 -77.18
CA ASN AA 22 1.69 -11.65 -76.65
C ASN AA 22 1.99 -10.81 -75.41
N ALA AA 23 1.90 -9.49 -75.53
CA ALA AA 23 2.24 -8.61 -74.41
C ALA AA 23 1.29 -8.88 -73.24
N GLN AA 24 0.01 -9.10 -73.55
CA GLN AA 24 -0.99 -9.35 -72.48
C GLN AA 24 -0.54 -10.58 -71.70
N GLN AA 25 -0.30 -11.69 -72.40
CA GLN AA 25 0.12 -12.94 -71.71
C GLN AA 25 1.42 -12.64 -70.96
N THR AA 26 2.34 -11.94 -71.61
CA THR AA 26 3.65 -11.65 -70.96
C THR AA 26 3.39 -10.96 -69.62
N SER AA 27 2.67 -9.85 -69.64
CA SER AA 27 2.44 -9.08 -68.39
C SER AA 27 1.69 -9.96 -67.39
N MET AA 28 0.71 -10.74 -67.87
CA MET AA 28 -0.12 -11.54 -66.94
C MET AA 28 0.79 -12.47 -66.12
N GLU AA 29 1.71 -13.17 -66.78
CA GLU AA 29 2.54 -14.14 -66.03
C GLU AA 29 3.47 -13.37 -65.07
N ARG AA 30 3.99 -12.22 -65.52
CA ARG AA 30 4.85 -11.39 -64.63
C ARG AA 30 4.09 -11.13 -63.33
N LEU AA 31 2.82 -10.71 -63.45
CA LEU AA 31 2.01 -10.39 -62.25
C LEU AA 31 1.75 -11.67 -61.46
N SER AA 32 1.28 -12.73 -62.12
CA SER AA 32 0.94 -13.98 -61.39
C SER AA 32 2.15 -14.47 -60.60
N SER AA 33 3.35 -14.33 -61.17
CA SER AA 33 4.57 -14.84 -60.50
C SER AA 33 5.10 -13.82 -59.52
N GLY AA 34 5.11 -12.54 -59.91
CA GLY AA 34 5.69 -11.49 -59.06
C GLY AA 34 7.12 -11.22 -59.49
N PHE AA 35 7.62 -11.97 -60.47
CA PHE AA 35 9.01 -11.81 -60.95
C PHE AA 35 9.01 -11.27 -62.38
N LYS AA 36 9.79 -10.20 -62.62
CA LYS AA 36 9.90 -9.62 -63.98
C LYS AA 36 10.61 -10.63 -64.88
N ILE AA 37 11.65 -11.28 -64.37
CA ILE AA 37 12.43 -12.26 -65.19
C ILE AA 37 11.90 -13.66 -64.89
N ASN AA 38 10.86 -14.09 -65.61
CA ASN AA 38 10.32 -15.46 -65.43
C ASN AA 38 10.96 -16.38 -66.47
N SER AA 39 11.81 -15.84 -67.34
CA SER AA 39 12.52 -16.65 -68.35
C SER AA 39 13.77 -15.89 -68.83
N ALA AA 40 14.75 -16.61 -69.38
CA ALA AA 40 15.97 -15.94 -69.89
C ALA AA 40 15.57 -14.96 -70.98
N LYS AA 41 14.56 -15.31 -71.78
CA LYS AA 41 14.12 -14.44 -72.89
C LYS AA 41 13.80 -13.05 -72.34
N ASP AA 42 13.29 -12.99 -71.11
CA ASP AA 42 12.95 -11.67 -70.49
C ASP AA 42 14.23 -10.85 -70.35
N ASP AA 43 15.24 -11.38 -69.65
CA ASP AA 43 16.50 -10.62 -69.43
C ASP AA 43 17.63 -11.60 -69.12
N ALA AA 44 18.49 -11.86 -70.10
CA ALA AA 44 19.59 -12.83 -69.90
C ALA AA 44 20.48 -12.38 -68.74
N ALA AA 45 21.19 -11.26 -68.90
CA ALA AA 45 22.14 -10.85 -67.85
C ALA AA 45 21.41 -10.80 -66.51
N GLY AA 46 20.15 -10.38 -66.54
CA GLY AA 46 19.38 -10.27 -65.30
C GLY AA 46 19.22 -11.63 -64.65
N LEU AA 47 18.73 -12.60 -65.42
CA LEU AA 47 18.59 -13.98 -64.89
C LEU AA 47 19.88 -14.34 -64.17
N GLN AA 48 21.02 -14.17 -64.86
CA GLN AA 48 22.32 -14.55 -64.27
C GLN AA 48 22.57 -13.76 -62.97
N ILE AA 49 22.72 -12.44 -63.08
CA ILE AA 49 23.08 -11.64 -61.87
C ILE AA 49 22.12 -12.04 -60.74
N SER AA 50 20.82 -12.07 -61.03
CA SER AA 50 19.82 -12.41 -59.99
C SER AA 50 20.13 -13.79 -59.42
N ASN AA 51 20.31 -14.77 -60.29
CA ASN AA 51 20.61 -16.15 -59.82
C ASN AA 51 21.75 -16.05 -58.79
N ARG AA 52 22.84 -15.41 -59.17
CA ARG AA 52 24.01 -15.33 -58.26
C ARG AA 52 23.59 -14.59 -56.99
N LEU AA 53 22.86 -13.48 -57.15
CA LEU AA 53 22.39 -12.72 -55.97
C LEU AA 53 21.60 -13.67 -55.06
N ASN AA 54 20.60 -14.34 -55.63
CA ASN AA 54 19.74 -15.26 -54.82
C ASN AA 54 20.65 -16.30 -54.16
N VAL AA 55 21.63 -16.80 -54.92
CA VAL AA 55 22.58 -17.78 -54.36
C VAL AA 55 23.25 -17.14 -53.15
N GLN AA 56 23.78 -15.92 -53.32
CA GLN AA 56 24.48 -15.24 -52.22
C GLN AA 56 23.54 -15.14 -51.03
N SER AA 57 22.31 -14.67 -51.26
CA SER AA 57 21.35 -14.50 -50.14
C SER AA 57 21.18 -15.83 -49.40
N ARG AA 58 20.74 -16.87 -50.13
CA ARG AA 58 20.47 -18.16 -49.46
C ARG AA 58 21.74 -18.56 -48.71
N GLY AA 59 22.90 -18.36 -49.34
CA GLY AA 59 24.16 -18.68 -48.68
C GLY AA 59 24.34 -17.87 -47.41
N LEU AA 60 24.07 -16.57 -47.48
CA LEU AA 60 24.27 -15.70 -46.29
C LEU AA 60 23.38 -16.22 -45.17
N ASP AA 61 22.19 -16.70 -45.53
CA ASP AA 61 21.26 -17.25 -44.51
C ASP AA 61 21.93 -18.44 -43.83
N VAL AA 62 22.45 -19.37 -44.63
CA VAL AA 62 23.07 -20.60 -44.05
C VAL AA 62 24.22 -20.17 -43.15
N ALA AA 63 25.01 -19.19 -43.59
CA ALA AA 63 26.19 -18.74 -42.81
C ALA AA 63 25.74 -18.19 -41.46
N VAL AA 64 24.61 -17.48 -41.45
CA VAL AA 64 24.08 -16.90 -40.18
C VAL AA 64 23.69 -18.05 -39.25
N ARG AA 65 22.94 -19.04 -39.76
CA ARG AA 65 22.62 -20.22 -38.92
C ARG AA 65 23.92 -20.85 -38.44
N ASN AA 66 24.83 -21.13 -39.36
CA ASN AA 66 26.11 -21.78 -38.99
C ASN AA 66 26.75 -21.00 -37.85
N ALA AA 67 26.88 -19.68 -38.01
CA ALA AA 67 27.55 -18.85 -36.98
C ALA AA 67 26.82 -19.01 -35.65
N ASN AA 68 25.49 -19.01 -35.68
CA ASN AA 68 24.74 -19.06 -34.40
C ASN AA 68 25.13 -20.35 -33.68
N ASP AA 69 25.21 -21.46 -34.42
CA ASP AA 69 25.66 -22.73 -33.81
C ASP AA 69 27.03 -22.49 -33.18
N GLY AA 70 27.91 -21.84 -33.92
CA GLY AA 70 29.26 -21.56 -33.40
C GLY AA 70 29.20 -20.82 -32.08
N ILE AA 71 28.36 -19.79 -32.01
CA ILE AA 71 28.20 -19.03 -30.74
C ILE AA 71 27.66 -19.99 -29.69
N SER AA 72 26.72 -20.86 -30.08
CA SER AA 72 26.10 -21.80 -29.11
C SER AA 72 27.15 -22.78 -28.58
N ILE AA 73 27.92 -23.40 -29.49
CA ILE AA 73 28.98 -24.34 -29.06
C ILE AA 73 29.84 -23.62 -28.03
N ALA AA 74 30.38 -22.46 -28.39
CA ALA AA 74 31.28 -21.72 -27.48
C ALA AA 74 30.53 -21.40 -26.19
N GLN AA 75 29.24 -21.05 -26.32
CA GLN AA 75 28.44 -20.68 -25.13
C GLN AA 75 28.38 -21.88 -24.18
N THR AA 76 28.07 -23.06 -24.72
CA THR AA 76 28.00 -24.28 -23.87
C THR AA 76 29.35 -24.48 -23.17
N ALA AA 77 30.43 -24.44 -23.94
CA ALA AA 77 31.77 -24.69 -23.37
C ALA AA 77 32.07 -23.67 -22.27
N GLU AA 78 31.91 -22.39 -22.57
CA GLU AA 78 32.30 -21.36 -21.57
C GLU AA 78 31.51 -21.58 -20.29
N GLY AA 79 30.20 -21.82 -20.41
CA GLY AA 79 29.36 -22.00 -19.21
C GLY AA 79 29.86 -23.16 -18.37
N ALA AA 80 30.17 -24.28 -19.02
CA ALA AA 80 30.71 -25.44 -18.26
C ALA AA 80 31.96 -24.99 -17.52
N MET AA 81 32.86 -24.28 -18.21
CA MET AA 81 34.14 -23.89 -17.58
C MET AA 81 33.87 -23.01 -16.36
N ASN AA 82 32.71 -22.35 -16.34
CA ASN AA 82 32.37 -21.44 -15.22
C ASN AA 82 32.25 -22.26 -13.94
N GLU AA 83 31.60 -23.42 -14.01
CA GLU AA 83 31.54 -24.30 -12.81
C GLU AA 83 32.95 -24.81 -12.52
N THR AA 84 33.72 -25.07 -13.57
CA THR AA 84 35.10 -25.58 -13.38
C THR AA 84 35.86 -24.61 -12.48
N THR AA 85 35.77 -23.30 -12.77
CA THR AA 85 36.58 -22.34 -11.96
C THR AA 85 36.05 -22.30 -10.53
N ASN AA 86 34.74 -22.37 -10.35
CA ASN AA 86 34.20 -22.41 -8.97
C ASN AA 86 34.84 -23.58 -8.23
N ILE AA 87 34.81 -24.77 -8.80
CA ILE AA 87 35.35 -25.97 -8.09
C ILE AA 87 36.82 -25.70 -7.76
N LEU AA 88 37.55 -25.10 -8.70
CA LEU AA 88 38.99 -24.84 -8.48
C LEU AA 88 39.14 -23.91 -7.26
N GLN AA 89 38.27 -22.92 -7.13
CA GLN AA 89 38.41 -21.93 -6.03
C GLN AA 89 38.03 -22.59 -4.71
N ARG AA 90 37.05 -23.49 -4.73
CA ARG AA 90 36.72 -24.23 -3.47
C ARG AA 90 37.97 -25.01 -3.07
N MET AA 91 38.61 -25.65 -4.05
CA MET AA 91 39.82 -26.46 -3.76
C MET AA 91 40.91 -25.53 -3.23
N ARG AA 92 41.06 -24.36 -3.84
CA ARG AA 92 42.12 -23.42 -3.42
C ARG AA 92 41.90 -23.07 -1.95
N ASP AA 93 40.65 -22.77 -1.58
CA ASP AA 93 40.34 -22.37 -0.19
C ASP AA 93 40.60 -23.56 0.74
N LEU AA 94 40.09 -24.74 0.37
CA LEU AA 94 40.38 -25.95 1.18
C LEU AA 94 41.90 -26.06 1.33
N SER AA 95 42.63 -25.79 0.25
CA SER AA 95 44.11 -25.91 0.28
C SER AA 95 44.69 -24.96 1.33
N LEU AA 96 44.32 -23.68 1.24
CA LEU AA 96 44.87 -22.68 2.20
C LEU AA 96 44.62 -23.19 3.62
N GLN AA 97 43.39 -23.61 3.89
CA GLN AA 97 43.04 -24.11 5.25
C GLN AA 97 44.02 -25.23 5.62
N SER AA 98 44.14 -26.23 4.75
CA SER AA 98 45.02 -27.39 5.07
C SER AA 98 46.40 -26.90 5.49
N ALA AA 99 46.89 -25.83 4.87
CA ALA AA 99 48.27 -25.36 5.16
C ALA AA 99 48.37 -24.91 6.61
N ASN AA 100 47.29 -24.38 7.18
CA ASN AA 100 47.37 -23.84 8.56
C ASN AA 100 47.92 -24.92 9.49
N GLY AA 101 48.93 -24.57 10.30
CA GLY AA 101 49.57 -25.57 11.19
C GLY AA 101 48.60 -26.15 12.20
N SER AA 102 47.53 -25.42 12.53
CA SER AA 102 46.58 -25.90 13.57
C SER AA 102 46.04 -27.27 13.19
N ASN AA 103 45.70 -27.46 11.92
CA ASN AA 103 45.10 -28.75 11.47
C ASN AA 103 46.07 -29.90 11.74
N SER AA 104 45.56 -31.05 12.20
CA SER AA 104 46.42 -32.24 12.41
C SER AA 104 46.13 -33.24 11.28
N LYS AA 105 46.99 -34.24 11.10
CA LYS AA 105 46.80 -35.18 9.96
C LYS AA 105 45.31 -35.48 9.80
N SER AA 106 44.62 -35.79 10.89
CA SER AA 106 43.19 -36.17 10.78
C SER AA 106 42.42 -35.10 9.98
N GLU AA 107 42.63 -33.83 10.32
CA GLU AA 107 41.96 -32.75 9.56
C GLU AA 107 42.37 -32.84 8.09
N ARG AA 108 43.66 -32.65 7.82
CA ARG AA 108 44.13 -32.65 6.41
C ARG AA 108 43.43 -33.79 5.67
N VAL AA 109 43.34 -34.97 6.30
CA VAL AA 109 42.73 -36.15 5.62
C VAL AA 109 41.31 -35.78 5.20
N ALA AA 110 40.55 -35.18 6.12
CA ALA AA 110 39.17 -34.77 5.79
C ALA AA 110 39.21 -33.85 4.57
N ILE AA 111 39.99 -32.77 4.64
CA ILE AA 111 40.04 -31.80 3.52
C ILE AA 111 40.38 -32.57 2.24
N GLN AA 112 41.41 -33.43 2.30
CA GLN AA 112 41.85 -34.13 1.05
C GLN AA 112 40.67 -34.90 0.48
N GLU AA 113 39.89 -35.55 1.36
CA GLU AA 113 38.75 -36.35 0.87
C GLU AA 113 37.91 -35.48 -0.06
N GLU AA 114 37.56 -34.28 0.40
CA GLU AA 114 36.72 -33.37 -0.43
C GLU AA 114 37.50 -32.97 -1.69
N ILE AA 115 38.78 -32.63 -1.53
CA ILE AA 115 39.58 -32.15 -2.70
C ILE AA 115 39.60 -33.27 -3.75
N THR AA 116 39.77 -34.51 -3.30
CA THR AA 116 39.76 -35.66 -4.25
C THR AA 116 38.40 -35.71 -4.94
N ALA AA 117 37.33 -35.58 -4.17
CA ALA AA 117 35.96 -35.65 -4.73
C ALA AA 117 35.77 -34.52 -5.74
N LEU AA 118 36.20 -33.31 -5.38
CA LEU AA 118 36.07 -32.15 -6.32
C LEU AA 118 36.95 -32.42 -7.54
N ASN AA 119 38.16 -32.96 -7.33
CA ASN AA 119 39.02 -33.29 -8.48
C ASN AA 119 38.21 -34.14 -9.45
N ASP AA 120 37.46 -35.11 -8.91
CA ASP AA 120 36.65 -36.00 -9.78
C ASP AA 120 35.64 -35.12 -10.52
N GLU AA 121 35.02 -34.17 -9.83
CA GLU AA 121 33.97 -33.36 -10.48
C GLU AA 121 34.58 -32.65 -11.69
N LEU AA 122 35.76 -32.07 -11.51
CA LEU AA 122 36.40 -31.34 -12.63
C LEU AA 122 36.46 -32.28 -13.82
N ASN AA 123 36.98 -33.50 -13.62
CA ASN AA 123 37.15 -34.47 -14.73
C ASN AA 123 35.78 -34.86 -15.29
N ARG AA 124 34.79 -35.02 -14.42
CA ARG AA 124 33.43 -35.40 -14.88
C ARG AA 124 32.86 -34.29 -15.77
N ILE AA 125 32.96 -33.04 -15.33
CA ILE AA 125 32.49 -31.91 -16.18
C ILE AA 125 33.15 -32.05 -17.55
N ALA AA 126 34.47 -32.26 -17.57
CA ALA AA 126 35.20 -32.32 -18.84
C ALA AA 126 34.74 -33.52 -19.70
N GLU AA 127 34.49 -34.67 -19.07
CA GLU AA 127 34.16 -35.88 -19.87
C GLU AA 127 32.67 -35.92 -20.19
N THR AA 128 31.89 -34.96 -19.69
CA THR AA 128 30.42 -35.02 -19.91
C THR AA 128 29.97 -33.87 -20.82
N THR AA 129 30.56 -32.68 -20.65
CA THR AA 129 30.10 -31.51 -21.44
C THR AA 129 29.97 -31.94 -22.90
N SER AA 130 28.74 -31.97 -23.42
CA SER AA 130 28.53 -32.44 -24.81
C SER AA 130 27.48 -31.56 -25.51
N PHE AA 131 27.80 -31.07 -26.71
CA PHE AA 131 26.82 -30.27 -27.48
C PHE AA 131 26.01 -31.21 -28.36
N GLY AA 132 25.19 -32.07 -27.75
CA GLY AA 132 24.36 -33.00 -28.53
C GLY AA 132 25.08 -34.32 -28.78
N GLY AA 133 26.09 -34.61 -27.96
CA GLY AA 133 26.84 -35.87 -28.12
C GLY AA 133 28.26 -35.61 -28.56
N ASN AA 134 28.51 -34.44 -29.14
CA ASN AA 134 29.90 -34.06 -29.52
C ASN AA 134 30.57 -33.51 -28.26
N LYS AA 135 31.25 -34.38 -27.51
CA LYS AA 135 31.92 -33.94 -26.26
C LYS AA 135 32.74 -32.69 -26.58
N LEU AA 136 32.76 -31.71 -25.68
CA LEU AA 136 33.44 -30.43 -26.01
C LEU AA 136 34.76 -30.28 -25.25
N LEU AA 137 34.87 -30.79 -24.03
CA LEU AA 137 36.10 -30.52 -23.22
C LEU AA 137 36.86 -31.80 -22.86
N ASN AA 138 36.97 -32.75 -23.79
CA ASN AA 138 37.82 -33.95 -23.51
C ASN AA 138 38.96 -33.97 -24.51
N GLY AA 139 39.47 -32.80 -24.90
CA GLY AA 139 40.58 -32.72 -25.86
C GLY AA 139 40.21 -33.32 -27.20
N THR AA 140 38.93 -33.66 -27.38
CA THR AA 140 38.49 -34.30 -28.65
C THR AA 140 37.99 -33.23 -29.63
N PHE AA 141 37.57 -32.08 -29.10
CA PHE AA 141 37.15 -30.97 -30.00
C PHE AA 141 38.41 -30.29 -30.53
N SER AA 142 39.16 -30.99 -31.39
CA SER AA 142 40.35 -30.39 -32.02
C SER AA 142 39.91 -29.20 -32.85
N THR AA 143 40.80 -28.23 -33.09
CA THR AA 143 40.44 -27.01 -33.85
C THR AA 143 39.47 -27.37 -34.98
N LYS AA 144 38.28 -26.77 -35.00
CA LYS AA 144 37.31 -27.00 -36.10
C LYS AA 144 36.92 -25.66 -36.72
N SER AA 145 36.63 -25.64 -38.02
CA SER AA 145 36.26 -24.37 -38.70
C SER AA 145 34.74 -24.26 -38.80
N PHE AA 146 34.20 -23.06 -38.61
CA PHE AA 146 32.73 -22.86 -38.76
C PHE AA 146 32.48 -21.93 -39.95
N GLN AA 147 31.86 -22.47 -41.01
CA GLN AA 147 31.67 -21.65 -42.24
C GLN AA 147 30.78 -20.46 -41.93
N ILE AA 148 31.26 -19.25 -42.22
CA ILE AA 148 30.46 -18.01 -41.99
C ILE AA 148 30.48 -17.16 -43.27
N GLY AA 149 30.15 -17.76 -44.41
CA GLY AA 149 30.09 -17.00 -45.68
C GLY AA 149 29.29 -17.73 -46.75
N ALA AA 150 28.79 -17.02 -47.75
CA ALA AA 150 28.02 -17.64 -48.84
C ALA AA 150 28.97 -18.34 -49.79
N ASP AA 151 30.15 -17.75 -50.00
CA ASP AA 151 31.17 -18.39 -50.89
C ASP AA 151 31.98 -19.36 -50.04
N ASN AA 152 32.75 -20.23 -50.68
CA ASN AA 152 33.50 -21.26 -49.93
C ASN AA 152 34.74 -20.65 -49.27
N GLY AA 153 35.35 -21.36 -48.33
CA GLY AA 153 36.61 -20.88 -47.72
C GLY AA 153 36.46 -19.59 -46.92
N GLU AA 154 35.31 -19.38 -46.29
CA GLU AA 154 35.15 -18.20 -45.40
C GLU AA 154 34.82 -18.73 -44.01
N ALA AA 155 35.78 -19.41 -43.37
CA ALA AA 155 35.50 -20.03 -42.06
C ALA AA 155 36.54 -19.60 -41.03
N VAL AA 156 36.15 -19.48 -39.76
CA VAL AA 156 37.11 -19.16 -38.67
C VAL AA 156 37.34 -20.45 -37.87
N MET AA 157 38.55 -20.65 -37.35
CA MET AA 157 38.86 -21.91 -36.64
C MET AA 157 38.58 -21.74 -35.14
N LEU AA 158 37.78 -22.64 -34.56
CA LEU AA 158 37.51 -22.59 -33.10
C LEU AA 158 38.14 -23.82 -32.44
N THR AA 159 38.96 -23.61 -31.41
CA THR AA 159 39.63 -24.74 -30.73
C THR AA 159 39.14 -24.84 -29.29
N LEU AA 160 38.64 -26.01 -28.88
CA LEU AA 160 38.21 -26.20 -27.47
C LEU AA 160 39.29 -27.02 -26.75
N LYS AA 161 40.13 -26.35 -25.97
CA LYS AA 161 41.25 -27.04 -25.27
C LYS AA 161 40.70 -28.04 -24.26
N ASP AA 162 41.45 -29.11 -23.98
CA ASP AA 162 41.03 -30.11 -22.96
C ASP AA 162 41.04 -29.44 -21.59
N MET AA 163 39.96 -29.60 -20.82
CA MET AA 163 39.87 -28.95 -19.48
C MET AA 163 40.06 -30.00 -18.38
N ARG AA 164 40.42 -31.24 -18.76
CA ARG AA 164 40.64 -32.32 -17.76
C ARG AA 164 41.74 -31.89 -16.80
N SER AA 165 41.60 -32.20 -15.51
CA SER AA 165 42.59 -31.76 -14.49
C SER AA 165 44.00 -32.20 -14.85
N ASP AA 166 44.17 -33.39 -15.42
CA ASP AA 166 45.53 -33.92 -15.70
C ASP AA 166 46.22 -33.08 -16.77
N ASN AA 167 45.45 -32.39 -17.60
CA ASN AA 167 46.03 -31.58 -18.70
C ASN AA 167 47.28 -30.87 -18.19
N ARG AA 168 48.42 -31.07 -18.86
CA ARG AA 168 49.70 -30.48 -18.37
C ARG AA 168 49.50 -28.99 -18.09
N MET AA 169 48.84 -28.28 -18.99
CA MET AA 169 48.69 -26.81 -18.83
C MET AA 169 48.06 -26.52 -17.45
N MET AA 170 47.12 -27.36 -17.02
CA MET AA 170 46.50 -27.18 -15.69
C MET AA 170 47.48 -27.67 -14.61
N GLY AA 171 48.67 -27.09 -14.57
CA GLY AA 171 49.69 -27.49 -13.57
C GLY AA 171 51.06 -26.92 -13.91
N GLY AA 172 52.12 -27.53 -13.38
CA GLY AA 172 53.49 -27.06 -13.62
C GLY AA 172 54.50 -27.89 -12.87
N THR AA 173 55.78 -27.52 -12.96
CA THR AA 173 56.85 -28.31 -12.30
C THR AA 173 57.05 -27.80 -10.87
N SER AA 174 57.36 -28.70 -9.93
CA SER AA 174 57.60 -28.30 -8.53
C SER AA 174 59.02 -28.68 -8.12
N TYR AA 175 59.89 -27.67 -7.93
CA TYR AA 175 61.29 -27.94 -7.50
C TYR AA 175 61.35 -27.75 -6.00
N VAL AA 176 61.79 -28.79 -5.28
CA VAL AA 176 61.87 -28.71 -3.79
C VAL AA 176 63.35 -28.67 -3.39
N ALA AA 177 63.67 -27.93 -2.33
CA ALA AA 177 65.08 -27.82 -1.86
C ALA AA 177 65.49 -29.13 -1.19
N ALA AA 178 66.77 -29.26 -0.83
CA ALA AA 178 67.27 -30.50 -0.21
C ALA AA 178 67.41 -30.31 1.31
N GLU AA 179 68.07 -29.23 1.73
CA GLU AA 179 68.31 -29.03 3.19
C GLU AA 179 67.10 -28.38 3.86
N GLY AA 180 66.74 -28.85 5.05
CA GLY AA 180 65.57 -28.32 5.76
C GLY AA 180 65.98 -27.32 6.82
N LYS AA 181 65.97 -26.03 6.49
CA LYS AA 181 66.42 -24.98 7.45
C LYS AA 181 65.51 -25.00 8.68
N ASP AA 182 66.11 -24.93 9.88
CA ASP AA 182 65.33 -24.92 11.14
C ASP AA 182 64.94 -23.48 11.47
N LYS AA 183 64.09 -23.29 12.48
CA LYS AA 183 63.62 -21.93 12.84
C LYS AA 183 64.84 -21.04 13.10
N ASP AA 184 65.87 -21.59 13.75
CA ASP AA 184 67.07 -20.79 14.10
C ASP AA 184 67.74 -20.30 12.82
N TRP AA 185 67.78 -21.14 11.77
CA TRP AA 185 68.50 -20.75 10.53
C TRP AA 185 68.01 -19.39 10.06
N LYS AA 186 68.95 -18.52 9.68
CA LYS AA 186 68.56 -17.18 9.14
C LYS AA 186 69.34 -16.97 7.84
N VAL AA 187 68.91 -16.00 7.02
CA VAL AA 187 69.70 -15.69 5.80
C VAL AA 187 71.11 -15.30 6.25
N GLN AA 188 72.12 -16.04 5.80
CA GLN AA 188 73.52 -15.75 6.21
C GLN AA 188 74.14 -14.78 5.18
N ALA AA 189 74.87 -13.78 5.67
CA ALA AA 189 75.50 -12.80 4.76
C ALA AA 189 76.50 -13.53 3.84
N GLY AA 190 76.57 -13.09 2.57
CA GLY AA 190 77.44 -13.77 1.60
C GLY AA 190 76.62 -14.77 0.79
N ALA AA 191 75.73 -15.49 1.47
CA ALA AA 191 74.85 -16.46 0.76
C ALA AA 191 73.45 -15.86 0.63
N ASN AA 192 73.38 -14.53 0.57
CA ASN AA 192 72.06 -13.83 0.50
C ASN AA 192 71.63 -13.69 -0.96
N ASP AA 193 72.21 -14.49 -1.85
CA ASP AA 193 71.91 -14.32 -3.29
C ASP AA 193 71.27 -15.59 -3.86
N ILE AA 194 70.22 -15.43 -4.67
CA ILE AA 194 69.62 -16.61 -5.36
C ILE AA 194 69.19 -16.16 -6.75
N THR AA 195 69.56 -16.90 -7.79
CA THR AA 195 69.27 -16.47 -9.18
C THR AA 195 68.42 -17.53 -9.89
N PHE AA 196 67.34 -17.10 -10.53
CA PHE AA 196 66.46 -18.05 -11.26
C PHE AA 196 66.64 -17.84 -12.76
N THR AA 197 67.40 -18.71 -13.43
CA THR AA 197 67.50 -18.63 -14.90
C THR AA 197 66.36 -19.43 -15.50
N LEU AA 198 65.50 -18.81 -16.31
CA LEU AA 198 64.31 -19.55 -16.82
C LEU AA 198 63.79 -18.89 -18.09
N LYS AA 199 63.14 -19.67 -18.97
CA LYS AA 199 62.56 -19.10 -20.20
C LYS AA 199 61.04 -19.02 -20.04
N ASP AA 200 60.43 -17.94 -20.51
CA ASP AA 200 58.96 -17.74 -20.38
C ASP AA 200 58.26 -18.49 -21.50
N ILE AA 201 56.93 -18.67 -21.38
CA ILE AA 201 56.14 -19.35 -22.44
C ILE AA 201 56.50 -18.74 -23.79
N ASP AA 202 56.65 -17.41 -23.84
CA ASP AA 202 56.94 -16.72 -25.13
C ASP AA 202 58.23 -17.27 -25.73
N GLY AA 203 59.11 -17.81 -24.88
CA GLY AA 203 60.41 -18.33 -25.35
C GLY AA 203 61.53 -17.44 -24.84
N ASN AA 204 61.22 -16.20 -24.48
CA ASN AA 204 62.25 -15.23 -24.01
C ASN AA 204 62.86 -15.74 -22.70
N ASP AA 205 64.15 -15.46 -22.48
CA ASP AA 205 64.85 -15.95 -21.26
C ASP AA 205 64.81 -14.87 -20.18
N GLN AA 206 64.85 -15.28 -18.91
CA GLN AA 206 64.87 -14.30 -17.79
C GLN AA 206 65.97 -14.71 -16.81
N THR AA 207 66.53 -13.74 -16.07
CA THR AA 207 67.55 -14.10 -15.04
C THR AA 207 67.14 -13.43 -13.72
N ILE AA 208 66.03 -13.86 -13.14
CA ILE AA 208 65.51 -13.23 -11.89
C ILE AA 208 66.51 -13.47 -10.76
N THR AA 209 67.01 -12.40 -10.15
CA THR AA 209 68.00 -12.53 -9.06
C THR AA 209 67.45 -11.89 -7.79
N VAL AA 210 67.01 -12.73 -6.84
CA VAL AA 210 66.43 -12.20 -5.57
C VAL AA 210 67.53 -12.19 -4.51
N ASN AA 211 67.96 -10.98 -4.09
CA ASN AA 211 68.98 -10.89 -3.01
C ASN AA 211 68.24 -10.90 -1.68
N ALA AA 212 68.14 -12.07 -1.03
CA ALA AA 212 67.40 -12.17 0.25
C ALA AA 212 68.07 -11.29 1.31
N LYS AA 213 67.31 -10.90 2.33
CA LYS AA 213 67.87 -9.97 3.36
C LYS AA 213 68.36 -10.78 4.56
N GLU AA 214 69.58 -10.51 5.01
CA GLU AA 214 70.19 -11.26 6.15
C GLU AA 214 69.22 -11.29 7.34
N GLY AA 215 69.17 -12.41 8.05
CA GLY AA 215 68.34 -12.49 9.27
C GLY AA 215 66.98 -13.10 8.99
N ASP AA 216 66.56 -13.13 7.71
CA ASP AA 216 65.20 -13.63 7.39
C ASP AA 216 65.15 -15.14 7.62
N ASP AA 217 64.03 -15.63 8.18
CA ASP AA 217 63.85 -17.09 8.40
C ASP AA 217 63.40 -17.69 7.06
N ILE AA 218 63.43 -19.02 6.95
CA ILE AA 218 63.10 -19.65 5.64
C ILE AA 218 61.71 -19.16 5.21
N GLU AA 219 60.76 -19.12 6.13
CA GLU AA 219 59.36 -18.74 5.75
C GLU AA 219 59.40 -17.33 5.16
N GLU AA 220 60.20 -16.43 5.74
CA GLU AA 220 60.29 -15.04 5.24
C GLU AA 220 60.98 -15.03 3.88
N VAL AA 221 61.98 -15.89 3.69
CA VAL AA 221 62.62 -15.97 2.35
C VAL AA 221 61.51 -16.24 1.34
N ALA AA 222 60.63 -17.20 1.65
CA ALA AA 222 59.57 -17.56 0.69
C ALA AA 222 58.79 -16.30 0.35
N THR AA 223 58.36 -15.57 1.37
CA THR AA 223 57.54 -14.36 1.12
C THR AA 223 58.36 -13.39 0.27
N TYR AA 224 59.63 -13.17 0.64
CA TYR AA 224 60.45 -12.19 -0.10
C TYR AA 224 60.43 -12.57 -1.57
N ILE AA 225 60.73 -13.84 -1.87
CA ILE AA 225 60.80 -14.30 -3.29
C ILE AA 225 59.45 -14.03 -3.94
N ASN AA 226 58.37 -14.48 -3.32
CA ASN AA 226 57.01 -14.31 -3.90
C ASN AA 226 56.76 -12.83 -4.17
N GLY AA 227 57.27 -11.96 -3.29
CA GLY AA 227 57.04 -10.51 -3.44
C GLY AA 227 57.84 -9.91 -4.58
N GLN AA 228 59.10 -10.32 -4.74
CA GLN AA 228 59.95 -9.69 -5.78
C GLN AA 228 59.55 -10.16 -7.18
N THR AA 229 59.20 -11.44 -7.35
CA THR AA 229 58.91 -11.94 -8.72
C THR AA 229 57.52 -12.58 -8.79
N ASP AA 230 57.00 -12.73 -10.00
CA ASP AA 230 55.66 -13.36 -10.19
C ASP AA 230 55.84 -14.64 -11.02
N MET AA 231 57.01 -14.80 -11.65
CA MET AA 231 57.26 -15.98 -12.51
C MET AA 231 57.25 -17.24 -11.65
N VAL AA 232 57.98 -17.23 -10.54
CA VAL AA 232 58.07 -18.43 -9.66
C VAL AA 232 57.35 -18.13 -8.34
N LYS AA 233 56.61 -19.09 -7.80
CA LYS AA 233 55.96 -18.91 -6.48
C LYS AA 233 56.70 -19.80 -5.48
N ALA AA 234 56.90 -19.33 -4.25
CA ALA AA 234 57.72 -20.12 -3.30
C ALA AA 234 56.88 -20.53 -2.09
N SER AA 235 57.29 -21.60 -1.40
CA SER AA 235 56.57 -22.08 -0.20
C SER AA 235 57.58 -22.76 0.73
N VAL AA 236 57.15 -23.17 1.92
CA VAL AA 236 58.06 -23.89 2.86
C VAL AA 236 57.33 -25.13 3.35
N ASN AA 237 57.98 -26.29 3.29
CA ASN AA 237 57.32 -27.56 3.70
C ASN AA 237 57.47 -27.76 5.21
N GLU AA 238 56.97 -28.89 5.72
CA GLU AA 238 57.06 -29.19 7.18
C GLU AA 238 58.52 -29.28 7.63
N LYS AA 239 59.41 -29.81 6.78
CA LYS AA 239 60.81 -30.02 7.21
C LYS AA 239 61.60 -28.70 7.15
N GLY AA 240 61.08 -27.72 6.42
CA GLY AA 240 61.76 -26.42 6.32
C GLY AA 240 62.47 -26.28 4.99
N GLN AA 241 62.16 -27.15 4.03
CA GLN AA 241 62.77 -27.07 2.69
C GLN AA 241 61.93 -26.14 1.82
N LEU AA 242 62.52 -25.07 1.30
CA LEU AA 242 61.80 -24.12 0.42
C LEU AA 242 61.31 -24.88 -0.82
N GLN AA 243 60.09 -24.62 -1.26
CA GLN AA 243 59.52 -25.33 -2.45
C GLN AA 243 59.10 -24.30 -3.50
N ILE AA 244 59.73 -24.31 -4.68
CA ILE AA 244 59.42 -23.31 -5.74
C ILE AA 244 58.64 -24.00 -6.87
N PHE AA 245 57.47 -23.44 -7.23
CA PHE AA 245 56.62 -24.02 -8.29
C PHE AA 245 56.70 -23.14 -9.54
N ALA AA 246 56.93 -23.74 -10.70
CA ALA AA 246 56.95 -22.95 -11.96
C ALA AA 246 55.73 -23.31 -12.81
N GLY AA 247 54.83 -22.36 -13.00
CA GLY AA 247 53.59 -22.64 -13.74
C GLY AA 247 53.84 -22.84 -15.22
N ASN AA 248 53.29 -23.90 -15.80
CA ASN AA 248 53.47 -24.16 -17.25
C ASN AA 248 53.10 -22.91 -18.05
N ASN AA 249 51.98 -22.26 -17.70
CA ASN AA 249 51.51 -21.10 -18.50
C ASN AA 249 52.50 -19.94 -18.47
N LYS AA 250 53.34 -19.84 -17.44
CA LYS AA 250 54.22 -18.65 -17.34
C LYS AA 250 55.70 -19.05 -17.36
N VAL AA 251 56.00 -20.35 -17.48
CA VAL AA 251 57.42 -20.77 -17.60
C VAL AA 251 57.51 -21.97 -18.53
N THR AA 252 58.33 -21.88 -19.58
CA THR AA 252 58.54 -23.05 -20.48
C THR AA 252 60.00 -23.48 -20.36
N GLY AA 253 60.23 -24.72 -19.92
CA GLY AA 253 61.61 -25.20 -19.72
C GLY AA 253 61.96 -25.30 -18.25
N ASP AA 254 63.05 -26.01 -17.92
CA ASP AA 254 63.45 -26.22 -16.50
C ASP AA 254 63.98 -24.91 -15.92
N VAL AA 255 63.92 -24.77 -14.60
CA VAL AA 255 64.42 -23.53 -13.93
C VAL AA 255 65.84 -23.81 -13.43
N ALA AA 256 66.75 -22.86 -13.61
CA ALA AA 256 68.14 -23.02 -13.14
C ALA AA 256 68.35 -22.17 -11.88
N PHE AA 257 68.62 -22.83 -10.75
CA PHE AA 257 68.81 -22.10 -9.47
C PHE AA 257 70.30 -21.83 -9.25
N SER AA 258 70.66 -20.57 -9.01
CA SER AA 258 72.08 -20.18 -8.77
C SER AA 258 72.15 -19.27 -7.54
N GLY AA 259 73.36 -18.94 -7.08
CA GLY AA 259 73.53 -18.06 -5.91
C GLY AA 259 73.88 -18.84 -4.67
N GLY AA 260 74.45 -18.17 -3.67
CA GLY AA 260 74.87 -18.86 -2.43
C GLY AA 260 73.69 -19.46 -1.70
N LEU AA 261 72.61 -18.69 -1.58
CA LEU AA 261 71.39 -19.23 -0.91
C LEU AA 261 71.01 -20.53 -1.62
N ALA AA 262 71.01 -20.51 -2.95
CA ALA AA 262 70.71 -21.75 -3.72
C ALA AA 262 71.57 -22.88 -3.16
N GLY AA 263 72.88 -22.65 -3.05
CA GLY AA 263 73.77 -23.73 -2.58
C GLY AA 263 73.31 -24.27 -1.24
N ALA AA 264 72.96 -23.37 -0.31
CA ALA AA 264 72.55 -23.79 1.04
C ALA AA 264 71.27 -24.61 0.96
N LEU AA 265 70.49 -24.43 -0.11
CA LEU AA 265 69.20 -25.14 -0.25
C LEU AA 265 69.38 -26.38 -1.12
N ASN AA 266 70.39 -26.38 -1.99
CA ASN AA 266 70.63 -27.52 -2.91
C ASN AA 266 69.29 -27.92 -3.55
N MET AA 267 68.70 -27.01 -4.32
CA MET AA 267 67.41 -27.30 -5.00
C MET AA 267 67.58 -28.59 -5.81
N GLN AA 268 66.61 -29.51 -5.74
CA GLN AA 268 66.74 -30.82 -6.43
C GLN AA 268 66.05 -30.76 -7.80
N ALA AA 269 65.68 -31.91 -8.37
CA ALA AA 269 65.09 -31.93 -9.73
C ALA AA 269 63.62 -31.52 -9.69
N GLY AA 270 63.02 -31.32 -10.86
CA GLY AA 270 61.61 -30.89 -10.94
C GLY AA 270 60.67 -32.06 -11.15
N THR AA 271 59.56 -32.07 -10.41
CA THR AA 271 58.55 -33.14 -10.58
C THR AA 271 57.25 -32.49 -11.08
N ALA AA 272 56.83 -32.83 -12.31
CA ALA AA 272 55.62 -32.19 -12.88
C ALA AA 272 54.42 -32.44 -11.97
N GLU AA 273 53.65 -31.38 -11.68
CA GLU AA 273 52.47 -31.52 -10.80
C GLU AA 273 51.25 -30.92 -11.50
N THR AA 274 50.15 -31.68 -11.59
CA THR AA 274 48.91 -31.12 -12.17
C THR AA 274 47.81 -31.23 -11.11
N VAL AA 275 46.75 -30.43 -11.24
CA VAL AA 275 45.67 -30.42 -10.20
C VAL AA 275 45.31 -31.88 -9.88
N ASP AA 276 45.37 -32.77 -10.88
CA ASP AA 276 44.95 -34.17 -10.62
C ASP AA 276 45.91 -34.78 -9.61
N THR AA 277 47.10 -34.22 -9.46
CA THR AA 277 48.13 -34.82 -8.57
C THR AA 277 48.30 -34.00 -7.29
N ILE AA 278 47.25 -33.34 -6.80
CA ILE AA 278 47.45 -32.48 -5.59
C ILE AA 278 47.02 -33.24 -4.34
N ASP AA 279 47.90 -33.29 -3.33
CA ASP AA 279 47.58 -33.96 -2.04
C ASP AA 279 47.81 -32.94 -0.91
N VAL AA 280 46.87 -32.84 0.02
CA VAL AA 280 46.98 -31.83 1.09
C VAL AA 280 47.10 -32.52 2.45
N THR AA 281 47.46 -33.81 2.46
CA THR AA 281 47.64 -34.54 3.73
C THR AA 281 48.89 -34.04 4.44
N SER AA 282 49.75 -33.30 3.74
CA SER AA 282 50.96 -32.72 4.36
C SER AA 282 50.99 -31.22 4.09
N VAL AA 283 51.45 -30.43 5.05
CA VAL AA 283 51.43 -28.95 4.88
C VAL AA 283 52.13 -28.61 3.57
N GLY AA 284 53.29 -29.20 3.31
CA GLY AA 284 54.04 -28.84 2.10
C GLY AA 284 53.16 -28.96 0.87
N GLY AA 285 52.41 -30.05 0.78
CA GLY AA 285 51.54 -30.27 -0.40
C GLY AA 285 50.50 -29.18 -0.48
N ALA AA 286 49.96 -28.78 0.66
CA ALA AA 286 48.91 -27.74 0.68
C ALA AA 286 49.48 -26.46 0.05
N GLN AA 287 50.63 -26.01 0.54
CA GLN AA 287 51.24 -24.78 0.00
C GLN AA 287 51.38 -24.93 -1.52
N GLN AA 288 52.04 -26.00 -1.96
CA GLN AA 288 52.24 -26.21 -3.41
C GLN AA 288 50.88 -26.20 -4.11
N SER AA 289 49.90 -26.91 -3.54
CA SER AA 289 48.59 -27.04 -4.23
C SER AA 289 48.00 -25.65 -4.48
N VAL AA 290 48.06 -24.77 -3.48
CA VAL AA 290 47.56 -23.39 -3.68
C VAL AA 290 48.09 -22.90 -5.03
N ALA AA 291 49.41 -22.92 -5.21
CA ALA AA 291 50.01 -22.44 -6.46
C ALA AA 291 49.51 -23.30 -7.63
N VAL AA 292 49.60 -24.63 -7.49
CA VAL AA 292 49.22 -25.50 -8.65
C VAL AA 292 47.88 -25.01 -9.18
N ILE AA 293 46.89 -24.86 -8.28
CA ILE AA 293 45.53 -24.46 -8.72
C ILE AA 293 45.62 -23.08 -9.38
N ASP AA 294 46.39 -22.16 -8.78
CA ASP AA 294 46.47 -20.79 -9.33
C ASP AA 294 46.78 -20.88 -10.83
N SER AA 295 47.89 -21.51 -11.18
CA SER AA 295 48.28 -21.64 -12.60
C SER AA 295 47.09 -22.23 -13.36
N ALA AA 296 46.53 -23.32 -12.84
CA ALA AA 296 45.39 -23.96 -13.51
C ALA AA 296 44.30 -22.92 -13.74
N LEU AA 297 44.02 -22.11 -12.73
CA LEU AA 297 42.92 -21.12 -12.84
C LEU AA 297 43.16 -20.28 -14.10
N LYS AA 298 44.39 -19.78 -14.27
CA LYS AA 298 44.71 -18.93 -15.44
C LYS AA 298 44.38 -19.70 -16.72
N TYR AA 299 44.70 -20.99 -16.77
CA TYR AA 299 44.48 -21.77 -18.01
C TYR AA 299 43.01 -21.74 -18.37
N VAL AA 300 42.15 -22.11 -17.42
CA VAL AA 300 40.68 -22.12 -17.68
C VAL AA 300 40.27 -20.70 -18.06
N ASP AA 301 40.76 -19.72 -17.30
CA ASP AA 301 40.40 -18.30 -17.56
C ASP AA 301 40.80 -17.93 -18.99
N SER AA 302 42.03 -18.26 -19.37
CA SER AA 302 42.51 -17.89 -20.73
C SER AA 302 41.56 -18.47 -21.78
N HIS AA 303 41.23 -19.77 -21.64
CA HIS AA 303 40.36 -20.42 -22.66
C HIS AA 303 39.05 -19.63 -22.72
N ARG AA 304 38.47 -19.35 -21.55
CA ARG AA 304 37.16 -18.65 -21.52
C ARG AA 304 37.30 -17.34 -22.31
N ALA AA 305 38.38 -16.60 -22.05
CA ALA AA 305 38.60 -15.33 -22.79
C ALA AA 305 38.50 -15.63 -24.29
N GLU AA 306 39.28 -16.59 -24.77
CA GLU AA 306 39.28 -16.88 -26.23
C GLU AA 306 37.85 -17.20 -26.67
N LEU AA 307 37.14 -18.00 -25.88
CA LEU AA 307 35.74 -18.35 -26.21
C LEU AA 307 34.93 -17.05 -26.28
N GLY AA 308 35.18 -16.13 -25.34
CA GLY AA 308 34.48 -14.84 -25.36
C GLY AA 308 34.79 -14.09 -26.64
N ALA AA 309 36.07 -14.01 -27.01
CA ALA AA 309 36.45 -13.31 -28.25
C ALA AA 309 35.76 -13.99 -29.43
N PHE AA 310 35.76 -15.31 -29.47
CA PHE AA 310 35.12 -16.05 -30.58
C PHE AA 310 33.66 -15.62 -30.66
N GLN AA 311 32.98 -15.62 -29.51
CA GLN AA 311 31.54 -15.24 -29.49
C GLN AA 311 31.42 -13.79 -29.96
N ASN AA 312 32.23 -12.89 -29.40
CA ASN AA 312 32.15 -11.45 -29.77
C ASN AA 312 32.44 -11.31 -31.27
N ARG AA 313 33.52 -11.92 -31.76
CA ARG AA 313 33.86 -11.82 -33.19
C ARG AA 313 32.69 -12.34 -34.00
N PHE AA 314 32.20 -13.52 -33.67
CA PHE AA 314 31.10 -14.14 -34.46
C PHE AA 314 29.86 -13.24 -34.38
N ASN AA 315 29.63 -12.65 -33.21
CA ASN AA 315 28.45 -11.76 -33.04
C ASN AA 315 28.53 -10.61 -34.04
N HIS AA 316 29.67 -9.92 -34.08
CA HIS AA 316 29.86 -8.81 -35.04
C HIS AA 316 29.65 -9.33 -36.46
N ALA AA 317 30.18 -10.53 -36.74
CA ALA AA 317 30.09 -11.08 -38.11
C ALA AA 317 28.62 -11.23 -38.51
N ILE AA 318 27.78 -11.77 -37.63
CA ILE AA 318 26.36 -12.04 -38.01
C ILE AA 318 25.73 -10.72 -38.46
N SER AA 319 26.04 -9.63 -37.76
CA SER AA 319 25.50 -8.31 -38.16
C SER AA 319 25.89 -8.01 -39.60
N ASN AA 320 27.18 -8.01 -39.92
CA ASN AA 320 27.63 -7.66 -41.28
C ASN AA 320 26.92 -8.59 -42.27
N LEU AA 321 26.79 -9.86 -41.91
CA LEU AA 321 26.18 -10.85 -42.84
C LEU AA 321 24.74 -10.43 -43.15
N ASP AA 322 23.93 -10.15 -42.13
CA ASP AA 322 22.50 -9.83 -42.38
C ASP AA 322 22.41 -8.51 -43.14
N ASN AA 323 23.29 -7.55 -42.80
CA ASN AA 323 23.24 -6.23 -43.45
C ASN AA 323 23.47 -6.44 -44.95
N ILE AA 324 24.51 -7.20 -45.31
CA ILE AA 324 24.73 -7.52 -46.73
C ILE AA 324 23.47 -8.20 -47.27
N ASN AA 325 22.89 -9.12 -46.48
CA ASN AA 325 21.72 -9.88 -46.97
C ASN AA 325 20.62 -8.89 -47.38
N GLU AA 326 20.36 -7.88 -46.54
CA GLU AA 326 19.26 -6.94 -46.86
C GLU AA 326 19.60 -6.25 -48.18
N ASN AA 327 20.82 -5.72 -48.30
CA ASN AA 327 21.19 -4.98 -49.54
C ASN AA 327 21.11 -5.93 -50.74
N VAL AA 328 21.56 -7.17 -50.58
CA VAL AA 328 21.59 -8.09 -51.75
C VAL AA 328 20.15 -8.40 -52.17
N ASN AA 329 19.27 -8.61 -51.21
CA ASN AA 329 17.84 -8.84 -51.53
C ASN AA 329 17.30 -7.59 -52.23
N ALA AA 330 17.67 -6.42 -51.70
CA ALA AA 330 17.21 -5.14 -52.30
C ALA AA 330 17.62 -5.11 -53.77
N SER AA 331 18.88 -5.45 -54.04
CA SER AA 331 19.38 -5.44 -55.44
C SER AA 331 18.59 -6.47 -56.25
N LYS AA 332 18.51 -7.70 -55.73
CA LYS AA 332 17.78 -8.78 -56.45
C LYS AA 332 16.43 -8.23 -56.89
N SER AA 333 15.74 -7.55 -55.98
CA SER AA 333 14.39 -7.01 -56.30
C SER AA 333 14.51 -6.11 -57.53
N ARG AA 334 15.32 -5.06 -57.45
CA ARG AA 334 15.44 -4.09 -58.57
C ARG AA 334 15.65 -4.83 -59.90
N ILE AA 335 16.24 -6.04 -59.88
CA ILE AA 335 16.56 -6.73 -61.15
C ILE AA 335 15.48 -7.77 -61.49
N LYS AA 336 15.00 -8.53 -60.50
CA LYS AA 336 14.07 -9.64 -60.83
C LYS AA 336 12.61 -9.35 -60.44
N ASP AA 337 12.37 -8.52 -59.42
CA ASP AA 337 10.97 -8.33 -58.95
C ASP AA 337 10.08 -7.73 -60.04
N THR AA 338 8.75 -7.81 -59.87
CA THR AA 338 7.80 -7.21 -60.84
C THR AA 338 7.24 -5.91 -60.25
N ASP AA 339 7.35 -4.80 -60.98
CA ASP AA 339 6.75 -3.53 -60.52
C ASP AA 339 5.29 -3.52 -60.98
N PHE AA 340 4.37 -3.91 -60.10
CA PHE AA 340 2.94 -3.99 -60.52
C PHE AA 340 2.55 -2.65 -61.16
N ALA AA 341 2.86 -1.53 -60.50
CA ALA AA 341 2.57 -0.20 -61.06
C ALA AA 341 2.81 -0.22 -62.56
N LYS AA 342 4.02 -0.58 -62.98
CA LYS AA 342 4.36 -0.58 -64.43
C LYS AA 342 3.63 -1.71 -65.13
N GLU AA 343 3.66 -2.91 -64.56
CA GLU AA 343 3.05 -4.09 -65.23
C GLU AA 343 1.54 -3.92 -65.34
N THR AA 344 0.88 -3.44 -64.28
CA THR AA 344 -0.59 -3.37 -64.37
C THR AA 344 -0.94 -2.43 -65.52
N THR AA 345 -0.18 -1.35 -65.66
CA THR AA 345 -0.44 -0.36 -66.75
C THR AA 345 -0.24 -1.06 -68.10
N ALA AA 346 0.82 -1.86 -68.23
CA ALA AA 346 1.11 -2.55 -69.50
C ALA AA 346 -0.04 -3.51 -69.82
N LEU AA 347 -0.48 -4.26 -68.81
CA LEU AA 347 -1.61 -5.21 -69.03
C LEU AA 347 -2.81 -4.43 -69.56
N THR AA 348 -3.11 -3.29 -68.93
CA THR AA 348 -4.31 -2.51 -69.34
C THR AA 348 -4.12 -2.02 -70.78
N LYS AA 349 -2.94 -1.49 -71.09
CA LYS AA 349 -2.68 -0.98 -72.46
C LYS AA 349 -2.89 -2.12 -73.44
N SER AA 350 -2.37 -3.30 -73.10
CA SER AA 350 -2.45 -4.45 -74.03
C SER AA 350 -3.92 -4.81 -74.28
N GLN AA 351 -4.73 -4.82 -73.22
CA GLN AA 351 -6.14 -5.23 -73.37
C GLN AA 351 -6.84 -4.27 -74.33
N ILE AA 352 -6.63 -2.97 -74.15
CA ILE AA 352 -7.27 -1.96 -75.04
C ILE AA 352 -6.78 -2.19 -76.46
N LEU AA 353 -5.46 -2.27 -76.65
CA LEU AA 353 -4.91 -2.42 -78.01
C LEU AA 353 -5.53 -3.67 -78.65
N SER AA 354 -5.68 -4.74 -77.87
CA SER AA 354 -6.24 -6.01 -78.41
C SER AA 354 -7.69 -5.79 -78.84
N GLN AA 355 -8.49 -5.13 -78.00
CA GLN AA 355 -9.91 -4.93 -78.32
C GLN AA 355 -10.02 -4.00 -79.54
N ALA AA 356 -9.18 -2.96 -79.59
CA ALA AA 356 -9.19 -2.08 -80.77
C ALA AA 356 -8.89 -2.93 -82.00
N SER AA 357 -7.84 -3.75 -81.93
CA SER AA 357 -7.45 -4.55 -83.11
C SER AA 357 -8.61 -5.48 -83.50
N SER AA 358 -9.23 -6.13 -82.52
CA SER AA 358 -10.37 -7.04 -82.80
C SER AA 358 -11.48 -6.25 -83.49
N SER AA 359 -11.69 -5.01 -83.04
CA SER AA 359 -12.73 -4.15 -83.65
C SER AA 359 -12.37 -3.88 -85.10
N VAL AA 360 -11.15 -3.40 -85.35
CA VAL AA 360 -10.70 -3.09 -86.74
C VAL AA 360 -10.81 -4.38 -87.55
N LEU AA 361 -10.48 -5.50 -86.94
CA LEU AA 361 -10.51 -6.79 -87.68
C LEU AA 361 -11.94 -7.03 -88.17
N ALA AA 362 -12.93 -6.81 -87.30
CA ALA AA 362 -14.33 -7.06 -87.69
C ALA AA 362 -14.68 -6.23 -88.92
N GLN AA 363 -14.35 -4.95 -88.91
CA GLN AA 363 -14.72 -4.06 -90.05
C GLN AA 363 -13.99 -4.55 -91.30
N ALA AA 364 -12.71 -4.87 -91.16
CA ALA AA 364 -11.96 -5.42 -92.32
C ALA AA 364 -12.71 -6.64 -92.85
N LYS AA 365 -13.09 -7.55 -91.96
CA LYS AA 365 -13.75 -8.81 -92.40
C LYS AA 365 -14.90 -8.47 -93.34
N GLN AA 366 -15.52 -7.29 -93.18
CA GLN AA 366 -16.71 -6.93 -93.99
C GLN AA 366 -16.30 -6.23 -95.29
N ALA AA 367 -15.05 -5.77 -95.37
CA ALA AA 367 -14.64 -4.99 -96.56
C ALA AA 367 -15.09 -5.72 -97.82
N PRO AA 368 -14.69 -6.98 -98.08
CA PRO AA 368 -15.04 -7.64 -99.33
C PRO AA 368 -16.55 -7.57 -99.61
N ASN AA 369 -17.38 -7.65 -98.57
CA ASN AA 369 -18.85 -7.68 -98.80
C ASN AA 369 -19.18 -6.63 -99.84
N ALA AA 370 -18.51 -5.47 -99.77
CA ALA AA 370 -18.78 -4.39 -100.73
C ALA AA 370 -18.86 -4.97 -102.14
N ALA AA 371 -17.85 -5.75 -102.53
CA ALA AA 371 -17.83 -6.31 -103.89
C ALA AA 371 -19.20 -6.88 -104.23
N LEU AA 372 -19.73 -7.74 -103.36
CA LEU AA 372 -21.02 -8.39 -103.68
C LEU AA 372 -21.99 -7.32 -104.15
N SER AA 373 -21.93 -6.13 -103.54
CA SER AA 373 -22.85 -5.03 -103.91
C SER AA 373 -22.62 -4.63 -105.37
N LEU AA 374 -21.35 -4.50 -105.79
CA LEU AA 374 -21.07 -4.03 -107.16
C LEU AA 374 -21.82 -4.93 -108.14
N LEU AA 375 -21.82 -6.25 -107.91
CA LEU AA 375 -22.61 -7.17 -108.76
C LEU AA 375 -22.78 -8.50 -108.03
N GLY AA 376 -23.89 -8.65 -107.33
CA GLY AA 376 -24.18 -9.92 -106.62
C GLY AA 376 -25.67 -10.13 -106.46
N ALA BA 1 7.82 -1.15 -57.53
CA ALA BA 1 7.33 -0.29 -56.41
C ALA BA 1 6.70 -1.19 -55.34
N VAL BA 2 5.59 -1.83 -55.67
CA VAL BA 2 4.89 -2.70 -54.70
C VAL BA 2 5.81 -3.87 -54.36
N ASN BA 3 6.57 -4.36 -55.35
CA ASN BA 3 7.56 -5.44 -55.09
C ASN BA 3 6.92 -6.50 -54.19
N VAL BA 4 5.79 -7.07 -54.60
CA VAL BA 4 5.07 -8.04 -53.73
C VAL BA 4 6.06 -9.05 -53.16
N ASN BA 5 7.05 -9.48 -53.95
CA ASN BA 5 7.99 -10.54 -53.50
C ASN BA 5 8.91 -10.05 -52.38
N THR BA 6 9.37 -8.80 -52.44
CA THR BA 6 10.37 -8.35 -51.43
C THR BA 6 9.79 -7.30 -50.48
N ASN BA 7 10.34 -7.20 -49.27
CA ASN BA 7 9.89 -6.17 -48.31
C ASN BA 7 11.10 -5.75 -47.47
N VAL BA 8 12.00 -4.97 -48.04
CA VAL BA 8 13.25 -4.60 -47.33
C VAL BA 8 12.90 -3.92 -46.01
N ALA BA 9 11.83 -3.12 -46.03
CA ALA BA 9 11.38 -2.48 -44.77
C ALA BA 9 11.26 -3.54 -43.69
N ALA BA 10 10.59 -4.65 -44.01
CA ALA BA 10 10.43 -5.75 -43.03
C ALA BA 10 11.80 -6.26 -42.58
N MET BA 11 12.68 -6.55 -43.54
CA MET BA 11 14.00 -7.11 -43.17
C MET BA 11 14.69 -6.15 -42.21
N THR BA 12 14.70 -4.86 -42.55
CA THR BA 12 15.37 -3.86 -41.69
C THR BA 12 14.68 -3.88 -40.32
N ALA BA 13 13.36 -3.88 -40.31
CA ALA BA 13 12.62 -3.89 -39.03
C ALA BA 13 13.06 -5.12 -38.23
N GLN BA 14 12.86 -6.30 -38.80
CA GLN BA 14 13.22 -7.55 -38.08
C GLN BA 14 14.64 -7.41 -37.54
N ARG BA 15 15.57 -6.97 -38.38
CA ARG BA 15 16.99 -6.87 -37.94
C ARG BA 15 17.03 -6.06 -36.64
N TYR BA 16 16.40 -4.89 -36.63
CA TYR BA 16 16.49 -4.03 -35.43
C TYR BA 16 15.77 -4.71 -34.27
N LEU BA 17 14.63 -5.33 -34.57
CA LEU BA 17 13.89 -6.06 -33.52
C LEU BA 17 14.86 -7.03 -32.84
N THR BA 18 15.54 -7.86 -33.64
CA THR BA 18 16.50 -8.84 -33.07
C THR BA 18 17.47 -8.08 -32.17
N GLY BA 19 18.13 -7.06 -32.71
CA GLY BA 19 19.12 -6.31 -31.90
C GLY BA 19 18.53 -5.93 -30.56
N ALA BA 20 17.31 -5.39 -30.57
CA ALA BA 20 16.65 -4.96 -29.31
C ALA BA 20 16.41 -6.20 -28.44
N THR BA 21 15.78 -7.23 -29.00
CA THR BA 21 15.45 -8.43 -28.20
C THR BA 21 16.72 -8.94 -27.51
N ASN BA 22 17.82 -9.03 -28.25
CA ASN BA 22 19.07 -9.58 -27.68
C ASN BA 22 19.55 -8.68 -26.55
N ALA BA 23 19.50 -7.37 -26.76
CA ALA BA 23 19.93 -6.41 -25.71
C ALA BA 23 19.02 -6.57 -24.50
N GLN BA 24 17.71 -6.70 -24.74
CA GLN BA 24 16.75 -6.89 -23.63
C GLN BA 24 17.21 -8.11 -22.84
N GLN BA 25 17.48 -9.22 -23.53
CA GLN BA 25 17.90 -10.45 -22.83
C GLN BA 25 19.15 -10.16 -22.03
N THR BA 26 20.12 -9.47 -22.62
CA THR BA 26 21.40 -9.22 -21.92
C THR BA 26 21.10 -8.54 -20.58
N SER BA 27 20.29 -7.48 -20.61
CA SER BA 27 20.00 -6.73 -19.37
C SER BA 27 19.23 -7.63 -18.40
N MET BA 28 18.21 -8.33 -18.89
CA MET BA 28 17.36 -9.16 -18.01
C MET BA 28 18.27 -10.18 -17.30
N GLU BA 29 19.23 -10.72 -18.04
CA GLU BA 29 20.18 -11.68 -17.44
C GLU BA 29 20.93 -10.99 -16.31
N ARG BA 30 21.52 -9.83 -16.59
CA ARG BA 30 22.33 -9.12 -15.56
C ARG BA 30 21.46 -8.75 -14.35
N LEU BA 31 20.25 -8.25 -14.60
CA LEU BA 31 19.38 -7.80 -13.49
C LEU BA 31 19.07 -8.99 -12.59
N SER BA 32 18.69 -10.13 -13.17
CA SER BA 32 18.42 -11.35 -12.38
C SER BA 32 19.71 -11.83 -11.69
N SER BA 33 20.82 -11.85 -12.43
CA SER BA 33 22.09 -12.38 -11.87
C SER BA 33 22.61 -11.46 -10.77
N GLY BA 34 22.58 -10.15 -11.02
CA GLY BA 34 23.13 -9.19 -10.05
C GLY BA 34 24.56 -8.86 -10.39
N PHE BA 35 25.10 -9.51 -11.43
CA PHE BA 35 26.50 -9.25 -11.85
C PHE BA 35 26.52 -8.76 -13.30
N LYS BA 36 27.33 -7.73 -13.58
CA LYS BA 36 27.44 -7.20 -14.95
C LYS BA 36 28.15 -8.24 -15.82
N ILE BA 37 29.21 -8.84 -15.30
CA ILE BA 37 29.97 -9.87 -16.07
C ILE BA 37 29.39 -11.25 -15.75
N ASN BA 38 28.66 -11.82 -16.69
CA ASN BA 38 28.10 -13.19 -16.49
C ASN BA 38 28.70 -14.12 -17.54
N SER BA 39 29.67 -13.62 -18.31
CA SER BA 39 30.36 -14.44 -19.35
C SER BA 39 31.51 -13.60 -19.91
N ALA BA 40 32.41 -14.22 -20.67
CA ALA BA 40 33.52 -13.46 -21.28
C ALA BA 40 32.99 -12.63 -22.46
N LYS BA 41 31.85 -13.02 -23.02
CA LYS BA 41 31.26 -12.19 -24.10
C LYS BA 41 31.03 -10.79 -23.53
N ASP BA 42 30.63 -10.69 -22.25
CA ASP BA 42 30.46 -9.36 -21.61
C ASP BA 42 31.81 -8.64 -21.61
N ASP BA 43 32.85 -9.27 -21.06
CA ASP BA 43 34.21 -8.68 -21.11
C ASP BA 43 35.25 -9.76 -20.85
N ALA BA 44 36.50 -9.54 -21.24
CA ALA BA 44 37.55 -10.56 -21.04
C ALA BA 44 38.42 -10.13 -19.86
N ALA BA 45 39.02 -8.95 -19.94
CA ALA BA 45 39.93 -8.50 -18.87
C ALA BA 45 39.16 -8.58 -17.55
N GLY BA 46 37.88 -8.21 -17.58
CA GLY BA 46 37.08 -8.22 -16.35
C GLY BA 46 37.00 -9.61 -15.76
N LEU BA 47 36.49 -10.56 -16.54
CA LEU BA 47 36.40 -11.97 -16.07
C LEU BA 47 37.71 -12.31 -15.38
N GLN BA 48 38.84 -11.95 -16.00
CA GLN BA 48 40.16 -12.29 -15.42
C GLN BA 48 40.33 -11.59 -14.08
N ILE BA 49 40.44 -10.26 -14.10
CA ILE BA 49 40.73 -9.52 -12.84
C ILE BA 49 39.63 -9.83 -11.81
N SER BA 50 38.37 -9.89 -12.26
CA SER BA 50 37.26 -10.12 -11.30
C SER BA 50 37.51 -11.44 -10.57
N ASN BA 51 37.71 -12.51 -11.33
CA ASN BA 51 37.90 -13.84 -10.69
C ASN BA 51 39.13 -13.75 -9.79
N ARG BA 52 40.17 -13.04 -10.23
CA ARG BA 52 41.41 -13.03 -9.41
C ARG BA 52 41.14 -12.26 -8.12
N LEU BA 53 40.44 -11.13 -8.19
CA LEU BA 53 40.09 -10.38 -6.96
C LEU BA 53 39.21 -11.26 -6.07
N ASN BA 54 38.27 -12.00 -6.68
CA ASN BA 54 37.39 -12.90 -5.91
C ASN BA 54 38.27 -13.93 -5.20
N VAL BA 55 39.28 -14.43 -5.90
CA VAL BA 55 40.19 -15.44 -5.28
C VAL BA 55 40.86 -14.77 -4.08
N GLN BA 56 41.42 -13.58 -4.28
CA GLN BA 56 42.14 -12.90 -3.17
C GLN BA 56 41.19 -12.70 -1.98
N SER BA 57 39.93 -12.37 -2.26
CA SER BA 57 38.97 -12.11 -1.15
C SER BA 57 38.71 -13.40 -0.38
N ARG BA 58 38.33 -14.47 -1.08
CA ARG BA 58 38.05 -15.76 -0.41
C ARG BA 58 39.32 -16.19 0.33
N GLY BA 59 40.47 -16.00 -0.30
CA GLY BA 59 41.76 -16.39 0.32
C GLY BA 59 41.98 -15.62 1.60
N LEU BA 60 41.77 -14.31 1.55
CA LEU BA 60 41.94 -13.46 2.76
C LEU BA 60 41.04 -14.02 3.86
N ASP BA 61 39.81 -14.40 3.50
CA ASP BA 61 38.87 -14.92 4.53
C ASP BA 61 39.48 -16.16 5.18
N VAL BA 62 39.96 -17.10 4.37
CA VAL BA 62 40.57 -18.34 4.92
C VAL BA 62 41.75 -17.92 5.79
N ALA BA 63 42.54 -16.96 5.31
CA ALA BA 63 43.73 -16.54 6.08
C ALA BA 63 43.28 -16.05 7.46
N VAL BA 64 42.25 -15.20 7.49
CA VAL BA 64 41.79 -14.62 8.78
C VAL BA 64 41.39 -15.76 9.73
N ARG BA 65 40.63 -16.73 9.23
CA ARG BA 65 40.24 -17.90 10.06
C ARG BA 65 41.50 -18.62 10.52
N ASN BA 66 42.42 -18.89 9.59
CA ASN BA 66 43.67 -19.62 9.93
C ASN BA 66 44.40 -18.84 11.02
N ALA BA 67 44.47 -17.52 10.87
CA ALA BA 67 45.14 -16.68 11.88
C ALA BA 67 44.43 -16.87 13.22
N ASN BA 68 43.10 -16.82 13.20
CA ASN BA 68 42.33 -16.96 14.47
C ASN BA 68 42.79 -18.24 15.16
N ASP BA 69 42.86 -19.34 14.42
CA ASP BA 69 43.27 -20.64 15.02
C ASP BA 69 44.65 -20.44 15.64
N GLY BA 70 45.48 -19.62 15.00
CA GLY BA 70 46.82 -19.33 15.56
C GLY BA 70 46.73 -18.70 16.92
N ILE BA 71 46.00 -17.59 17.03
CA ILE BA 71 45.93 -16.87 18.33
C ILE BA 71 45.24 -17.80 19.32
N SER BA 72 44.30 -18.63 18.83
CA SER BA 72 43.59 -19.58 19.71
C SER BA 72 44.59 -20.57 20.31
N ILE BA 73 45.40 -21.21 19.48
CA ILE BA 73 46.39 -22.21 19.98
C ILE BA 73 47.33 -21.49 20.95
N ALA BA 74 47.79 -20.30 20.57
CA ALA BA 74 48.75 -19.56 21.42
C ALA BA 74 48.08 -19.23 22.75
N GLN BA 75 46.87 -18.68 22.69
CA GLN BA 75 46.13 -18.35 23.93
C GLN BA 75 46.12 -19.59 24.82
N THR BA 76 45.56 -20.69 24.31
CA THR BA 76 45.50 -21.95 25.09
C THR BA 76 46.82 -22.16 25.83
N ALA BA 77 47.92 -22.20 25.07
CA ALA BA 77 49.24 -22.46 25.70
C ALA BA 77 49.57 -21.40 26.74
N GLU BA 78 49.43 -20.13 26.41
CA GLU BA 78 49.84 -19.07 27.36
C GLU BA 78 49.10 -19.28 28.68
N GLY BA 79 47.79 -19.47 28.62
CA GLY BA 79 47.00 -19.62 29.85
C GLY BA 79 47.44 -20.84 30.64
N ALA BA 80 47.71 -21.94 29.95
CA ALA BA 80 48.17 -23.16 30.63
C ALA BA 80 49.47 -22.81 31.37
N MET BA 81 50.36 -22.08 30.70
CA MET BA 81 51.67 -21.74 31.32
C MET BA 81 51.44 -20.82 32.51
N ASN BA 82 50.31 -20.11 32.55
CA ASN BA 82 50.01 -19.27 33.73
C ASN BA 82 50.00 -20.16 34.98
N GLU BA 83 49.30 -21.29 34.91
CA GLU BA 83 49.21 -22.16 36.11
C GLU BA 83 50.60 -22.68 36.47
N THR BA 84 51.43 -22.96 35.45
CA THR BA 84 52.82 -23.40 35.73
C THR BA 84 53.51 -22.33 36.58
N THR BA 85 53.39 -21.06 36.18
CA THR BA 85 54.06 -19.97 36.93
C THR BA 85 53.57 -20.00 38.38
N ASN BA 86 52.26 -20.11 38.58
CA ASN BA 86 51.69 -20.18 39.95
C ASN BA 86 52.34 -21.34 40.69
N ILE BA 87 52.27 -22.55 40.14
CA ILE BA 87 52.80 -23.74 40.87
C ILE BA 87 54.28 -23.48 41.17
N LEU BA 88 55.05 -23.07 40.16
CA LEU BA 88 56.51 -22.86 40.37
C LEU BA 88 56.70 -21.88 41.52
N GLN BA 89 55.93 -20.79 41.55
CA GLN BA 89 56.12 -19.75 42.60
C GLN BA 89 55.76 -20.34 43.96
N ARG BA 90 54.72 -21.17 44.02
CA ARG BA 90 54.39 -21.84 45.32
C ARG BA 90 55.60 -22.65 45.78
N MET BA 91 56.25 -23.34 44.84
CA MET BA 91 57.41 -24.19 45.21
C MET BA 91 58.52 -23.28 45.75
N ARG BA 92 58.71 -22.12 45.13
CA ARG BA 92 59.75 -21.17 45.60
C ARG BA 92 59.48 -20.84 47.06
N ASP BA 93 58.23 -20.54 47.38
CA ASP BA 93 57.86 -20.18 48.78
C ASP BA 93 58.21 -21.35 49.70
N LEU BA 94 57.70 -22.54 49.39
CA LEU BA 94 57.95 -23.71 50.26
C LEU BA 94 59.46 -23.86 50.47
N SER BA 95 60.24 -23.62 49.42
CA SER BA 95 61.71 -23.82 49.51
C SER BA 95 62.28 -22.85 50.55
N LEU BA 96 61.92 -21.58 50.44
CA LEU BA 96 62.41 -20.56 51.40
C LEU BA 96 62.01 -20.98 52.82
N GLN BA 97 60.78 -21.46 52.96
CA GLN BA 97 60.34 -21.95 54.29
C GLN BA 97 61.37 -22.98 54.76
N SER BA 98 61.53 -24.07 54.00
CA SER BA 98 62.45 -25.16 54.42
C SER BA 98 63.84 -24.61 54.78
N ALA BA 99 64.36 -23.67 54.00
CA ALA BA 99 65.73 -23.18 54.22
C ALA BA 99 65.87 -22.65 55.66
N ASN BA 100 64.81 -22.03 56.18
CA ASN BA 100 64.86 -21.58 57.60
C ASN BA 100 65.40 -22.74 58.44
N GLY BA 101 66.52 -22.51 59.14
CA GLY BA 101 67.15 -23.57 59.94
C GLY BA 101 66.18 -24.25 60.90
N SER BA 102 65.23 -23.49 61.45
CA SER BA 102 64.32 -24.08 62.46
C SER BA 102 63.62 -25.29 61.87
N ASN BA 103 63.22 -25.21 60.60
CA ASN BA 103 62.59 -26.38 59.93
C ASN BA 103 63.43 -27.62 60.24
N SER BA 104 62.91 -28.53 61.05
CA SER BA 104 63.65 -29.79 61.35
C SER BA 104 63.50 -30.75 60.17
N LYS BA 105 64.32 -31.80 60.13
CA LYS BA 105 64.28 -32.75 58.99
C LYS BA 105 62.83 -33.12 58.71
N SER BA 106 62.10 -33.55 59.74
CA SER BA 106 60.71 -33.99 59.53
C SER BA 106 59.93 -32.93 58.76
N GLU BA 107 60.06 -31.66 59.17
CA GLU BA 107 59.33 -30.57 58.49
C GLU BA 107 59.82 -30.50 57.04
N ARG BA 108 61.12 -30.39 56.84
CA ARG BA 108 61.69 -30.36 55.46
C ARG BA 108 61.05 -31.50 54.68
N VAL BA 109 60.92 -32.67 55.31
CA VAL BA 109 60.38 -33.85 54.60
C VAL BA 109 58.96 -33.52 54.14
N ALA BA 110 58.13 -33.03 55.05
CA ALA BA 110 56.73 -32.72 54.69
C ALA BA 110 56.74 -31.72 53.54
N ILE BA 111 57.56 -30.67 53.65
CA ILE BA 111 57.60 -29.64 52.59
C ILE BA 111 57.99 -30.31 51.27
N GLN BA 112 59.00 -31.18 51.29
CA GLN BA 112 59.48 -31.81 50.03
C GLN BA 112 58.33 -32.62 49.42
N GLU BA 113 57.56 -33.32 50.25
CA GLU BA 113 56.49 -34.19 49.71
C GLU BA 113 55.48 -33.31 48.96
N GLU BA 114 55.16 -32.13 49.51
CA GLU BA 114 54.24 -31.20 48.81
C GLU BA 114 54.91 -30.75 47.51
N ILE BA 115 56.19 -30.35 47.58
CA ILE BA 115 56.93 -29.92 46.37
C ILE BA 115 56.86 -31.07 45.35
N THR BA 116 57.10 -32.30 45.81
CA THR BA 116 57.09 -33.47 44.89
C THR BA 116 55.76 -33.48 44.14
N ALA BA 117 54.66 -33.35 44.87
CA ALA BA 117 53.32 -33.37 44.23
C ALA BA 117 53.25 -32.26 43.18
N LEU BA 118 53.63 -31.04 43.57
CA LEU BA 118 53.59 -29.90 42.64
C LEU BA 118 54.40 -30.25 41.38
N ASN BA 119 55.61 -30.75 41.59
CA ASN BA 119 56.48 -31.10 40.43
C ASN BA 119 55.64 -31.96 39.48
N ASP BA 120 54.95 -32.96 40.03
CA ASP BA 120 54.13 -33.85 39.18
C ASP BA 120 53.08 -33.00 38.47
N GLU BA 121 52.46 -32.06 39.18
CA GLU BA 121 51.39 -31.24 38.58
C GLU BA 121 51.95 -30.47 37.38
N LEU BA 122 53.14 -29.88 37.56
CA LEU BA 122 53.77 -29.11 36.45
C LEU BA 122 53.89 -30.03 35.24
N ASN BA 123 54.45 -31.22 35.44
CA ASN BA 123 54.67 -32.16 34.30
C ASN BA 123 53.31 -32.52 33.70
N ARG BA 124 52.31 -32.75 34.55
CA ARG BA 124 50.97 -33.12 34.04
C ARG BA 124 50.55 -32.06 33.03
N ILE BA 125 50.53 -30.80 33.44
CA ILE BA 125 50.06 -29.70 32.55
C ILE BA 125 50.84 -29.80 31.24
N ALA BA 126 52.15 -29.98 31.34
CA ALA BA 126 53.00 -30.03 30.11
C ALA BA 126 52.60 -31.23 29.25
N GLU BA 127 52.17 -32.33 29.85
CA GLU BA 127 51.86 -33.56 29.06
C GLU BA 127 50.35 -33.76 28.95
N THR BA 128 49.57 -32.72 29.21
CA THR BA 128 48.10 -32.84 29.05
C THR BA 128 47.55 -31.66 28.22
N THR BA 129 48.10 -30.46 28.41
CA THR BA 129 47.52 -29.28 27.69
C THR BA 129 47.45 -29.63 26.20
N SER BA 130 46.27 -29.51 25.60
CA SER BA 130 46.13 -29.94 24.18
C SER BA 130 45.04 -29.12 23.48
N PHE BA 131 45.31 -28.69 22.25
CA PHE BA 131 44.30 -27.98 21.44
C PHE BA 131 43.69 -28.99 20.47
N GLY BA 132 42.57 -29.59 20.84
CA GLY BA 132 41.93 -30.61 19.97
C GLY BA 132 42.80 -31.84 19.82
N GLY BA 133 43.48 -32.26 20.90
CA GLY BA 133 44.28 -33.49 20.85
C GLY BA 133 45.75 -33.23 20.50
N ASN BA 134 46.04 -32.05 19.95
CA ASN BA 134 47.44 -31.69 19.61
C ASN BA 134 48.14 -31.24 20.89
N LYS BA 135 48.91 -32.13 21.52
CA LYS BA 135 49.67 -31.74 22.73
C LYS BA 135 50.44 -30.45 22.39
N LEU BA 136 50.55 -29.52 23.35
CA LEU BA 136 51.17 -28.21 23.03
C LEU BA 136 52.46 -28.00 23.82
N LEU BA 137 52.47 -28.33 25.11
CA LEU BA 137 53.65 -27.99 25.95
C LEU BA 137 54.61 -29.17 26.17
N ASN BA 138 54.37 -30.33 25.55
CA ASN BA 138 55.24 -31.51 25.83
C ASN BA 138 56.47 -31.47 24.92
N GLY BA 139 56.49 -30.56 23.96
CA GLY BA 139 57.63 -30.48 23.02
C GLY BA 139 57.31 -31.17 21.70
N THR BA 140 56.23 -31.95 21.66
CA THR BA 140 55.82 -32.57 20.37
C THR BA 140 55.48 -31.45 19.38
N PHE BA 141 54.67 -30.48 19.81
CA PHE BA 141 54.38 -29.31 18.95
C PHE BA 141 55.63 -28.43 18.91
N SER BA 142 56.13 -28.14 17.71
CA SER BA 142 57.37 -27.35 17.60
C SER BA 142 57.48 -26.73 16.20
N THR BA 143 57.83 -25.45 16.12
CA THR BA 143 58.04 -24.78 14.81
C THR BA 143 56.95 -25.18 13.81
N LYS BA 144 55.69 -24.85 14.09
CA LYS BA 144 54.62 -25.11 13.10
C LYS BA 144 54.21 -23.76 12.49
N SER BA 145 54.08 -23.68 11.17
CA SER BA 145 53.77 -22.40 10.49
C SER BA 145 52.26 -22.21 10.36
N PHE BA 146 51.78 -20.96 10.36
CA PHE BA 146 50.33 -20.69 10.20
C PHE BA 146 50.11 -19.81 8.97
N GLN BA 147 49.52 -20.37 7.91
CA GLN BA 147 49.27 -19.59 6.65
C GLN BA 147 48.38 -18.41 6.98
N ILE BA 148 48.87 -17.19 6.76
CA ILE BA 148 48.08 -15.97 7.11
C ILE BA 148 48.07 -15.03 5.91
N GLY BA 149 47.76 -15.55 4.72
CA GLY BA 149 47.71 -14.74 3.49
C GLY BA 149 46.94 -15.48 2.42
N ALA BA 150 46.91 -14.93 1.20
CA ALA BA 150 46.10 -15.54 0.13
C ALA BA 150 47.04 -16.30 -0.81
N ASP BA 151 48.23 -15.76 -1.03
CA ASP BA 151 49.23 -16.47 -1.87
C ASP BA 151 50.02 -17.42 -0.97
N ASN BA 152 50.74 -18.36 -1.57
CA ASN BA 152 51.48 -19.37 -0.77
C ASN BA 152 52.72 -18.71 -0.15
N GLY BA 153 53.35 -19.36 0.82
CA GLY BA 153 54.60 -18.83 1.40
C GLY BA 153 54.38 -17.63 2.29
N GLU BA 154 53.12 -17.38 2.69
CA GLU BA 154 52.84 -16.27 3.63
C GLU BA 154 52.45 -16.89 4.97
N ALA BA 155 53.44 -17.22 5.80
CA ALA BA 155 53.11 -17.91 7.08
C ALA BA 155 54.11 -17.50 8.16
N VAL BA 156 53.63 -17.31 9.39
CA VAL BA 156 54.54 -16.99 10.53
C VAL BA 156 54.84 -18.27 11.30
N MET BA 157 56.07 -18.43 11.78
CA MET BA 157 56.46 -19.69 12.47
C MET BA 157 56.20 -19.57 13.97
N LEU BA 158 55.33 -20.41 14.52
CA LEU BA 158 55.08 -20.41 15.98
C LEU BA 158 55.79 -21.63 16.58
N THR BA 159 56.62 -21.41 17.61
CA THR BA 159 57.40 -22.53 18.20
C THR BA 159 57.04 -22.69 19.68
N LEU BA 160 56.18 -23.65 20.00
CA LEU BA 160 55.88 -23.92 21.44
C LEU BA 160 57.05 -24.71 22.01
N LYS BA 161 57.46 -24.43 23.25
CA LYS BA 161 58.66 -25.10 23.83
C LYS BA 161 58.24 -26.03 24.96
N ASP BA 162 59.03 -27.07 25.23
CA ASP BA 162 58.68 -28.05 26.27
C ASP BA 162 58.66 -27.35 27.64
N MET BA 163 57.56 -27.46 28.37
CA MET BA 163 57.45 -26.82 29.70
C MET BA 163 57.55 -27.90 30.78
N ARG BA 164 57.99 -29.11 30.42
CA ARG BA 164 58.20 -30.16 31.43
C ARG BA 164 59.26 -29.67 32.42
N SER BA 165 59.22 -30.15 33.66
CA SER BA 165 60.15 -29.61 34.69
C SER BA 165 61.55 -30.22 34.53
N ASP BA 166 61.74 -31.07 33.53
CA ASP BA 166 63.08 -31.65 33.29
C ASP BA 166 63.72 -31.00 32.05
N ASN BA 167 63.11 -29.95 31.52
CA ASN BA 167 63.73 -29.23 30.38
C ASN BA 167 65.06 -28.63 30.85
N ARG BA 168 66.11 -28.71 30.04
CA ARG BA 168 67.45 -28.23 30.46
C ARG BA 168 67.39 -26.75 30.81
N MET BA 169 66.57 -25.98 30.08
CA MET BA 169 66.54 -24.50 30.30
C MET BA 169 65.64 -24.20 31.51
N MET BA 170 65.14 -25.23 32.19
CA MET BA 170 64.31 -25.01 33.41
C MET BA 170 65.21 -25.06 34.64
N GLY BA 171 66.51 -25.26 34.46
CA GLY BA 171 67.44 -25.36 35.60
C GLY BA 171 68.77 -24.71 35.33
N GLY BA 172 69.86 -25.49 35.37
CA GLY BA 172 71.20 -24.94 35.14
C GLY BA 172 72.28 -25.86 35.67
N THR BA 173 73.48 -25.32 35.93
CA THR BA 173 74.60 -26.13 36.47
C THR BA 173 74.98 -25.57 37.84
N SER BA 174 75.21 -26.44 38.83
CA SER BA 174 75.52 -25.96 40.20
C SER BA 174 76.88 -26.49 40.66
N TYR BA 175 77.74 -25.59 41.14
CA TYR BA 175 79.10 -25.99 41.58
C TYR BA 175 79.20 -25.73 43.07
N VAL BA 176 79.45 -26.76 43.87
CA VAL BA 176 79.51 -26.60 45.34
C VAL BA 176 80.95 -26.78 45.82
N ALA BA 177 81.43 -25.89 46.69
CA ALA BA 177 82.82 -25.97 47.20
C ALA BA 177 82.99 -27.23 48.05
N ALA BA 178 84.13 -27.91 47.92
CA ALA BA 178 84.39 -29.12 48.74
C ALA BA 178 84.61 -28.69 50.20
N GLU BA 179 85.50 -27.72 50.43
CA GLU BA 179 85.82 -27.30 51.81
C GLU BA 179 84.56 -26.73 52.46
N GLY BA 180 84.38 -26.99 53.76
CA GLY BA 180 83.20 -26.48 54.48
C GLY BA 180 83.59 -25.51 55.58
N LYS BA 181 83.62 -24.20 55.26
CA LYS BA 181 83.94 -23.17 56.30
C LYS BA 181 82.96 -23.32 57.46
N ASP BA 182 83.39 -22.99 58.68
CA ASP BA 182 82.51 -23.18 59.87
C ASP BA 182 82.09 -21.82 60.41
N LYS BA 183 81.74 -21.76 61.70
CA LYS BA 183 81.22 -20.49 62.29
C LYS BA 183 82.38 -19.66 62.83
N ASP BA 184 83.59 -19.82 62.28
CA ASP BA 184 84.71 -18.96 62.73
C ASP BA 184 85.42 -18.37 61.50
N TRP BA 185 85.44 -19.11 60.40
CA TRP BA 185 86.19 -18.63 59.21
C TRP BA 185 85.66 -17.27 58.79
N LYS BA 186 86.56 -16.32 58.53
CA LYS BA 186 86.15 -14.99 58.03
C LYS BA 186 87.01 -14.69 56.79
N VAL BA 187 86.48 -13.93 55.83
CA VAL BA 187 87.32 -13.55 54.67
C VAL BA 187 88.67 -13.08 55.23
N GLN BA 188 89.76 -13.74 54.83
CA GLN BA 188 91.10 -13.38 55.34
C GLN BA 188 91.82 -12.53 54.30
N ALA BA 189 92.68 -11.62 54.75
CA ALA BA 189 93.43 -10.74 53.81
C ALA BA 189 94.34 -11.60 52.93
N GLY BA 190 94.49 -11.23 51.66
CA GLY BA 190 95.35 -11.98 50.72
C GLY BA 190 94.58 -13.07 50.02
N ALA BA 191 93.48 -13.54 50.64
CA ALA BA 191 92.63 -14.56 50.00
C ALA BA 191 91.19 -14.04 49.99
N ASN BA 192 90.94 -12.99 49.20
CA ASN BA 192 89.59 -12.38 49.16
C ASN BA 192 89.15 -12.27 47.69
N ASP BA 193 89.94 -12.82 46.78
CA ASP BA 193 89.62 -12.67 45.34
C ASP BA 193 88.90 -13.91 44.80
N ILE BA 194 87.82 -13.72 44.04
CA ILE BA 194 87.16 -14.89 43.39
C ILE BA 194 86.69 -14.45 42.00
N THR BA 195 87.23 -15.08 40.95
CA THR BA 195 86.89 -14.69 39.56
C THR BA 195 86.04 -15.78 38.90
N PHE BA 196 84.93 -15.38 38.29
CA PHE BA 196 84.02 -16.37 37.64
C PHE BA 196 84.19 -16.28 36.12
N THR BA 197 84.96 -17.20 35.54
CA THR BA 197 85.15 -17.22 34.08
C THR BA 197 83.97 -17.95 33.43
N LEU BA 198 83.15 -17.23 32.66
CA LEU BA 198 81.92 -17.88 32.12
C LEU BA 198 81.53 -17.26 30.77
N LYS BA 199 80.70 -17.97 30.00
CA LYS BA 199 80.21 -17.44 28.71
C LYS BA 199 78.71 -17.18 28.83
N ASP BA 200 78.26 -15.99 28.45
CA ASP BA 200 76.82 -15.65 28.57
C ASP BA 200 76.03 -16.42 27.52
N ILE BA 201 74.70 -16.51 27.70
CA ILE BA 201 73.84 -17.25 26.73
C ILE BA 201 74.11 -16.72 25.32
N ASP BA 202 74.38 -15.43 25.20
CA ASP BA 202 74.58 -14.83 23.84
C ASP BA 202 76.04 -15.01 23.42
N GLY BA 203 76.71 -16.02 23.97
CA GLY BA 203 78.10 -16.33 23.56
C GLY BA 203 79.03 -15.15 23.78
N ASN BA 204 78.79 -14.36 24.83
CA ASN BA 204 79.72 -13.24 25.15
C ASN BA 204 80.47 -13.59 26.42
N ASP BA 205 81.81 -13.61 26.36
CA ASP BA 205 82.63 -14.01 27.53
C ASP BA 205 82.46 -12.97 28.64
N GLN BA 206 82.12 -13.42 29.84
CA GLN BA 206 81.98 -12.48 30.99
C GLN BA 206 82.90 -12.97 32.11
N THR BA 207 83.79 -12.10 32.59
CA THR BA 207 84.65 -12.48 33.75
C THR BA 207 84.43 -11.47 34.87
N ILE BA 208 83.95 -11.93 36.03
CA ILE BA 208 83.67 -11.02 37.17
C ILE BA 208 84.55 -11.42 38.34
N THR BA 209 85.00 -10.45 39.14
CA THR BA 209 85.84 -10.75 40.33
C THR BA 209 85.20 -10.10 41.56
N VAL BA 210 84.91 -10.89 42.60
CA VAL BA 210 84.26 -10.35 43.82
C VAL BA 210 85.29 -10.31 44.94
N ASN BA 211 85.78 -9.11 45.27
CA ASN BA 211 86.75 -8.97 46.38
C ASN BA 211 85.96 -8.93 47.69
N ALA BA 212 85.50 -10.08 48.17
CA ALA BA 212 84.70 -10.13 49.41
C ALA BA 212 85.45 -9.38 50.52
N LYS BA 213 84.76 -8.45 51.19
CA LYS BA 213 85.40 -7.65 52.27
C LYS BA 213 85.83 -8.59 53.40
N GLU BA 214 87.00 -8.34 53.99
CA GLU BA 214 87.53 -9.23 55.06
C GLU BA 214 86.56 -9.24 56.25
N GLY BA 215 86.53 -10.35 57.00
CA GLY BA 215 85.65 -10.46 58.17
C GLY BA 215 84.32 -11.08 57.82
N ASP BA 216 83.97 -11.10 56.53
CA ASP BA 216 82.68 -11.66 56.08
C ASP BA 216 82.67 -13.16 56.34
N ASP BA 217 81.56 -13.68 56.87
CA ASP BA 217 81.45 -15.14 57.13
C ASP BA 217 80.96 -15.83 55.84
N ILE BA 218 81.08 -17.15 55.76
CA ILE BA 218 80.71 -17.87 54.51
C ILE BA 218 79.35 -17.36 54.00
N GLU BA 219 78.36 -17.21 54.89
CA GLU BA 219 77.00 -16.78 54.45
C GLU BA 219 77.10 -15.37 53.89
N GLU BA 220 77.79 -14.47 54.60
CA GLU BA 220 77.93 -13.07 54.15
C GLU BA 220 78.64 -13.05 52.79
N VAL BA 221 79.67 -13.88 52.64
CA VAL BA 221 80.37 -13.97 51.34
C VAL BA 221 79.31 -14.19 50.25
N ALA BA 222 78.43 -15.17 50.47
CA ALA BA 222 77.41 -15.48 49.44
C ALA BA 222 76.58 -14.24 49.15
N THR BA 223 76.15 -13.54 50.21
CA THR BA 223 75.35 -12.31 50.02
C THR BA 223 76.16 -11.32 49.17
N TYR BA 224 77.44 -11.14 49.49
CA TYR BA 224 78.25 -10.14 48.74
C TYR BA 224 78.34 -10.57 47.29
N ILE BA 225 78.55 -11.86 47.06
CA ILE BA 225 78.63 -12.37 45.67
C ILE BA 225 77.29 -12.09 45.00
N ASN BA 226 76.20 -12.39 45.69
CA ASN BA 226 74.85 -12.20 45.10
C ASN BA 226 74.66 -10.73 44.75
N GLY BA 227 75.24 -9.83 45.54
CA GLY BA 227 75.05 -8.38 45.31
C GLY BA 227 75.95 -7.88 44.19
N GLN BA 228 77.21 -8.28 44.20
CA GLN BA 228 78.17 -7.73 43.20
C GLN BA 228 77.76 -8.17 41.80
N THR BA 229 77.24 -9.39 41.66
CA THR BA 229 76.90 -9.90 40.30
C THR BA 229 75.54 -10.58 40.32
N ASP BA 230 74.92 -10.72 39.15
CA ASP BA 230 73.58 -11.35 39.05
C ASP BA 230 73.69 -12.60 38.19
N MET BA 231 74.81 -12.77 37.48
CA MET BA 231 74.95 -13.92 36.55
C MET BA 231 74.80 -15.22 37.34
N VAL BA 232 75.47 -15.32 38.50
CA VAL BA 232 75.43 -16.58 39.31
C VAL BA 232 74.77 -16.26 40.66
N LYS BA 233 74.04 -17.23 41.22
CA LYS BA 233 73.38 -17.03 42.54
C LYS BA 233 74.12 -17.86 43.57
N ALA BA 234 74.47 -17.27 44.71
CA ALA BA 234 75.29 -17.98 45.72
C ALA BA 234 74.44 -18.45 46.90
N SER BA 235 75.00 -19.33 47.74
CA SER BA 235 74.25 -19.88 48.90
C SER BA 235 75.21 -20.76 49.70
N VAL BA 236 74.84 -21.08 50.94
CA VAL BA 236 75.72 -21.93 51.81
C VAL BA 236 74.91 -23.13 52.30
N ASN BA 237 75.41 -24.34 52.08
CA ASN BA 237 74.71 -25.56 52.57
C ASN BA 237 74.95 -25.69 54.09
N GLU BA 238 74.23 -26.61 54.73
CA GLU BA 238 74.37 -26.82 56.19
C GLU BA 238 75.83 -27.13 56.53
N LYS BA 239 76.57 -27.73 55.59
CA LYS BA 239 77.98 -28.13 55.86
C LYS BA 239 78.89 -26.90 55.79
N GLY BA 240 78.30 -25.72 55.59
CA GLY BA 240 79.10 -24.48 55.52
C GLY BA 240 79.90 -24.42 54.24
N GLN BA 241 79.39 -25.02 53.17
CA GLN BA 241 80.08 -24.97 51.85
C GLN BA 241 79.30 -24.01 50.93
N LEU BA 242 79.98 -23.03 50.34
CA LEU BA 242 79.32 -22.10 49.40
C LEU BA 242 78.84 -22.89 48.18
N GLN BA 243 77.67 -22.52 47.64
CA GLN BA 243 77.10 -23.20 46.45
C GLN BA 243 76.74 -22.15 45.40
N ILE BA 244 77.32 -22.22 44.21
CA ILE BA 244 76.97 -21.27 43.13
C ILE BA 244 76.13 -22.00 42.08
N PHE BA 245 74.92 -21.51 41.80
CA PHE BA 245 74.08 -22.11 40.73
C PHE BA 245 74.00 -21.15 39.55
N ALA BA 246 74.41 -21.59 38.36
CA ALA BA 246 74.41 -20.70 37.19
C ALA BA 246 73.23 -21.03 36.28
N GLY BA 247 72.24 -20.15 36.23
CA GLY BA 247 71.03 -20.41 35.42
C GLY BA 247 71.40 -20.68 33.98
N ASN BA 248 70.92 -21.80 33.43
CA ASN BA 248 71.23 -22.15 32.02
C ASN BA 248 70.88 -20.97 31.12
N ASN BA 249 69.76 -20.31 31.39
CA ASN BA 249 69.32 -19.19 30.52
C ASN BA 249 70.31 -18.03 30.64
N LYS BA 250 71.17 -18.06 31.65
CA LYS BA 250 72.12 -16.93 31.87
C LYS BA 250 73.54 -17.32 31.44
N VAL BA 251 74.02 -18.49 31.86
CA VAL BA 251 75.44 -18.82 31.58
C VAL BA 251 75.55 -20.05 30.68
N THR BA 252 76.14 -19.91 29.49
CA THR BA 252 76.39 -21.08 28.62
C THR BA 252 77.79 -21.60 28.95
N GLY BA 253 78.26 -22.60 28.22
CA GLY BA 253 79.59 -23.18 28.50
C GLY BA 253 79.72 -23.60 29.96
N ASP BA 254 80.89 -23.40 30.55
CA ASP BA 254 81.12 -23.81 31.96
C ASP BA 254 81.52 -22.58 32.79
N VAL BA 255 81.15 -22.55 34.07
CA VAL BA 255 81.56 -21.42 34.94
C VAL BA 255 82.88 -21.80 35.65
N ALA BA 256 84.01 -21.33 35.12
CA ALA BA 256 85.32 -21.67 35.71
C ALA BA 256 85.57 -20.82 36.94
N PHE BA 257 85.92 -21.46 38.06
CA PHE BA 257 86.11 -20.71 39.33
C PHE BA 257 87.61 -20.59 39.62
N SER BA 258 88.11 -19.35 39.73
CA SER BA 258 89.56 -19.15 39.99
C SER BA 258 89.75 -17.93 40.91
N GLY BA 259 90.57 -18.09 41.96
CA GLY BA 259 90.87 -16.97 42.86
C GLY BA 259 91.40 -17.44 44.20
N GLY BA 260 91.98 -16.53 44.98
CA GLY BA 260 92.52 -16.90 46.29
C GLY BA 260 91.42 -17.30 47.24
N LEU BA 261 90.35 -16.50 47.30
CA LEU BA 261 89.18 -16.90 48.12
C LEU BA 261 88.65 -18.23 47.56
N ALA BA 262 88.54 -18.31 46.23
CA ALA BA 262 88.05 -19.55 45.58
C ALA BA 262 88.96 -20.72 45.98
N GLY BA 263 90.27 -20.47 46.03
CA GLY BA 263 91.23 -21.53 46.38
C GLY BA 263 90.91 -22.11 47.74
N ALA BA 264 90.70 -21.24 48.73
CA ALA BA 264 90.38 -21.71 50.10
C ALA BA 264 89.07 -22.50 50.05
N LEU BA 265 88.10 -22.04 49.26
CA LEU BA 265 86.79 -22.72 49.16
C LEU BA 265 86.97 -24.07 48.46
N ASN BA 266 87.83 -24.13 47.44
CA ASN BA 266 88.01 -25.38 46.66
C ASN BA 266 86.66 -25.76 46.03
N MET BA 267 86.11 -24.89 45.18
CA MET BA 267 84.83 -25.19 44.49
C MET BA 267 85.04 -26.40 43.57
N GLN BA 268 84.01 -27.23 43.40
CA GLN BA 268 84.18 -28.49 42.61
C GLN BA 268 83.46 -28.38 41.26
N ALA BA 269 83.29 -29.52 40.57
CA ALA BA 269 82.68 -29.52 39.22
C ALA BA 269 81.18 -29.23 39.30
N GLY BA 270 80.56 -28.91 38.16
CA GLY BA 270 79.12 -28.55 38.15
C GLY BA 270 78.21 -29.73 37.92
N THR BA 271 77.16 -29.86 38.73
CA THR BA 271 76.17 -30.95 38.54
C THR BA 271 74.92 -30.35 37.90
N ALA BA 272 74.38 -31.01 36.87
CA ALA BA 272 73.21 -30.45 36.15
C ALA BA 272 71.98 -30.56 37.05
N GLU BA 273 71.34 -29.42 37.34
CA GLU BA 273 70.17 -29.43 38.26
C GLU BA 273 68.97 -28.75 37.59
N THR BA 274 67.82 -29.43 37.59
CA THR BA 274 66.58 -28.82 37.03
C THR BA 274 65.53 -28.82 38.13
N VAL BA 275 64.32 -28.35 37.81
CA VAL BA 275 63.21 -28.31 38.81
C VAL BA 275 62.81 -29.73 39.13
N ASP BA 276 62.84 -30.62 38.14
CA ASP BA 276 62.39 -32.02 38.32
C ASP BA 276 63.27 -32.72 39.36
N THR BA 277 64.41 -32.13 39.72
CA THR BA 277 65.36 -32.81 40.64
C THR BA 277 65.54 -32.02 41.93
N ILE BA 278 64.58 -31.16 42.28
CA ILE BA 278 64.79 -30.29 43.48
C ILE BA 278 64.44 -31.10 44.74
N ASP BA 279 65.26 -30.96 45.79
CA ASP BA 279 64.98 -31.66 47.07
C ASP BA 279 65.28 -30.70 48.22
N VAL BA 280 64.42 -30.65 49.23
CA VAL BA 280 64.61 -29.68 50.34
C VAL BA 280 64.81 -30.43 51.66
N THR BA 281 64.98 -31.75 51.59
CA THR BA 281 65.26 -32.52 52.83
C THR BA 281 66.51 -31.94 53.48
N SER BA 282 67.41 -31.36 52.69
CA SER BA 282 68.62 -30.71 53.25
C SER BA 282 68.52 -29.20 53.04
N VAL BA 283 68.95 -28.41 54.02
CA VAL BA 283 68.85 -26.92 53.89
C VAL BA 283 69.60 -26.51 52.62
N GLY BA 284 70.80 -27.04 52.43
CA GLY BA 284 71.57 -26.72 51.21
C GLY BA 284 70.70 -26.84 49.98
N GLY BA 285 70.07 -28.01 49.80
CA GLY BA 285 69.25 -28.24 48.61
C GLY BA 285 68.18 -27.17 48.50
N ALA BA 286 67.60 -26.76 49.63
CA ALA BA 286 66.51 -25.77 49.60
C ALA BA 286 67.03 -24.46 49.01
N GLN BA 287 68.15 -23.96 49.54
CA GLN BA 287 68.74 -22.71 49.00
C GLN BA 287 68.93 -22.90 47.49
N GLN BA 288 69.51 -24.03 47.09
CA GLN BA 288 69.78 -24.25 45.65
C GLN BA 288 68.45 -24.19 44.89
N SER BA 289 67.42 -24.86 45.41
CA SER BA 289 66.14 -24.92 44.69
C SER BA 289 65.67 -23.49 44.42
N VAL BA 290 65.81 -22.60 45.40
CA VAL BA 290 65.28 -21.22 45.22
C VAL BA 290 65.84 -20.68 43.89
N ALA BA 291 67.15 -20.78 43.70
CA ALA BA 291 67.77 -20.27 42.45
C ALA BA 291 67.24 -21.07 41.25
N VAL BA 292 67.20 -22.40 41.36
CA VAL BA 292 66.78 -23.23 40.20
C VAL BA 292 65.39 -22.75 39.78
N ILE BA 293 64.47 -22.62 40.74
CA ILE BA 293 63.08 -22.20 40.42
C ILE BA 293 63.10 -20.80 39.80
N ASP BA 294 63.95 -19.91 40.34
CA ASP BA 294 63.99 -18.53 39.83
C ASP BA 294 64.33 -18.54 38.34
N SER BA 295 65.38 -19.27 37.96
CA SER BA 295 65.77 -19.36 36.54
C SER BA 295 64.64 -20.02 35.76
N ALA BA 296 63.98 -20.99 36.38
CA ALA BA 296 62.84 -21.65 35.71
C ALA BA 296 61.74 -20.63 35.44
N LEU BA 297 61.44 -19.79 36.44
CA LEU BA 297 60.36 -18.78 36.28
C LEU BA 297 60.69 -17.94 35.04
N LYS BA 298 61.95 -17.49 34.92
CA LYS BA 298 62.30 -16.59 33.80
C LYS BA 298 61.95 -17.29 32.48
N TYR BA 299 62.30 -18.57 32.36
CA TYR BA 299 62.05 -19.31 31.10
C TYR BA 299 60.55 -19.28 30.80
N VAL BA 300 59.73 -19.64 31.78
CA VAL BA 300 58.26 -19.73 31.52
C VAL BA 300 57.79 -18.36 31.04
N ASP BA 301 58.14 -17.31 31.79
CA ASP BA 301 57.71 -15.94 31.42
C ASP BA 301 58.28 -15.61 30.04
N SER BA 302 59.54 -15.92 29.81
CA SER BA 302 60.18 -15.67 28.49
C SER BA 302 59.26 -16.22 27.40
N HIS BA 303 58.92 -17.50 27.48
CA HIS BA 303 58.10 -18.11 26.40
C HIS BA 303 56.79 -17.33 26.33
N ARG BA 304 56.21 -17.01 27.48
CA ARG BA 304 54.88 -16.34 27.47
C ARG BA 304 54.99 -15.05 26.66
N ALA BA 305 56.07 -14.29 26.87
CA ALA BA 305 56.26 -13.03 26.14
C ALA BA 305 56.31 -13.31 24.63
N GLU BA 306 57.11 -14.31 24.23
CA GLU BA 306 57.16 -14.69 22.80
C GLU BA 306 55.75 -15.06 22.34
N LEU BA 307 55.06 -15.89 23.11
CA LEU BA 307 53.68 -16.30 22.74
C LEU BA 307 52.83 -15.05 22.59
N GLY BA 308 52.96 -14.12 23.54
CA GLY BA 308 52.19 -12.86 23.49
C GLY BA 308 52.49 -12.10 22.20
N ALA BA 309 53.77 -11.97 21.87
CA ALA BA 309 54.15 -11.22 20.65
C ALA BA 309 53.42 -11.84 19.48
N PHE BA 310 53.49 -13.16 19.35
CA PHE BA 310 52.83 -13.87 18.24
C PHE BA 310 51.36 -13.43 18.20
N GLN BA 311 50.70 -13.47 19.36
CA GLN BA 311 49.25 -13.13 19.41
C GLN BA 311 49.06 -11.69 18.93
N ASN BA 312 49.82 -10.76 19.50
CA ASN BA 312 49.66 -9.33 19.13
C ASN BA 312 49.91 -9.18 17.62
N ARG BA 313 50.96 -9.82 17.12
CA ARG BA 313 51.30 -9.69 15.68
C ARG BA 313 50.11 -10.17 14.88
N PHE BA 314 49.62 -11.37 15.18
CA PHE BA 314 48.49 -11.91 14.40
C PHE BA 314 47.35 -10.89 14.43
N ASN BA 315 47.08 -10.33 15.61
CA ASN BA 315 45.94 -9.38 15.73
C ASN BA 315 46.11 -8.28 14.69
N HIS BA 316 47.30 -7.71 14.60
CA HIS BA 316 47.54 -6.60 13.64
C HIS BA 316 47.26 -7.13 12.23
N ALA BA 317 47.78 -8.33 11.93
CA ALA BA 317 47.61 -8.90 10.58
C ALA BA 317 46.11 -9.08 10.31
N ILE BA 318 45.37 -9.65 11.26
CA ILE BA 318 43.93 -9.92 11.02
C ILE BA 318 43.30 -8.62 10.51
N SER BA 319 43.58 -7.50 11.19
CA SER BA 319 43.05 -6.20 10.76
C SER BA 319 43.49 -5.88 9.34
N ASN BA 320 44.80 -5.90 9.09
CA ASN BA 320 45.31 -5.51 7.75
C ASN BA 320 44.64 -6.40 6.69
N LEU BA 321 44.48 -7.69 6.97
CA LEU BA 321 43.84 -8.59 6.00
C LEU BA 321 42.41 -8.10 5.76
N ASP BA 322 41.66 -7.85 6.84
CA ASP BA 322 40.25 -7.41 6.70
C ASP BA 322 40.20 -6.13 5.88
N ASN BA 323 41.11 -5.20 6.14
CA ASN BA 323 41.10 -3.90 5.43
C ASN BA 323 41.31 -4.17 3.94
N ILE BA 324 42.29 -5.00 3.62
CA ILE BA 324 42.55 -5.34 2.19
C ILE BA 324 41.29 -6.02 1.65
N ASN BA 325 40.66 -6.85 2.48
CA ASN BA 325 39.44 -7.57 2.04
C ASN BA 325 38.40 -6.54 1.62
N GLU BA 326 38.14 -5.56 2.48
CA GLU BA 326 37.10 -4.56 2.17
C GLU BA 326 37.45 -3.88 0.86
N ASN BA 327 38.69 -3.43 0.72
CA ASN BA 327 39.08 -2.70 -0.51
C ASN BA 327 38.97 -3.63 -1.71
N VAL BA 328 39.39 -4.89 -1.58
CA VAL BA 328 39.39 -5.79 -2.77
C VAL BA 328 37.94 -6.12 -3.14
N ASN BA 329 37.07 -6.29 -2.16
CA ASN BA 329 35.63 -6.54 -2.46
C ASN BA 329 35.07 -5.30 -3.14
N ALA BA 330 35.39 -4.12 -2.61
CA ALA BA 330 34.94 -2.87 -3.27
C ALA BA 330 35.45 -2.88 -4.71
N SER BA 331 36.73 -3.22 -4.90
CA SER BA 331 37.30 -3.17 -6.26
C SER BA 331 36.51 -4.08 -7.19
N LYS BA 332 36.31 -5.33 -6.78
CA LYS BA 332 35.62 -6.30 -7.67
C LYS BA 332 34.22 -5.76 -7.99
N SER BA 333 33.59 -5.09 -7.02
CA SER BA 333 32.20 -4.61 -7.23
C SER BA 333 32.19 -3.64 -8.41
N ARG BA 334 33.14 -2.70 -8.43
CA ARG BA 334 33.16 -1.68 -9.50
C ARG BA 334 33.28 -2.38 -10.85
N ILE BA 335 33.80 -3.61 -10.86
CA ILE BA 335 34.05 -4.31 -12.16
C ILE BA 335 32.93 -5.33 -12.44
N LYS BA 336 32.55 -6.13 -11.44
CA LYS BA 336 31.58 -7.23 -11.71
C LYS BA 336 30.16 -6.81 -11.31
N ASP BA 337 30.00 -6.05 -10.22
CA ASP BA 337 28.63 -5.72 -9.74
C ASP BA 337 27.87 -4.97 -10.83
N THR BA 338 26.54 -5.18 -10.90
CA THR BA 338 25.72 -4.52 -11.94
C THR BA 338 25.15 -3.21 -11.39
N ASP BA 339 25.16 -2.14 -12.19
CA ASP BA 339 24.56 -0.85 -11.76
C ASP BA 339 23.07 -0.88 -12.08
N PHE BA 340 22.24 -1.18 -11.09
CA PHE BA 340 20.79 -1.35 -11.38
C PHE BA 340 20.27 -0.08 -12.04
N ALA BA 341 20.73 1.08 -11.58
CA ALA BA 341 20.31 2.36 -12.19
C ALA BA 341 20.56 2.30 -13.70
N LYS BA 342 21.81 2.11 -14.09
CA LYS BA 342 22.16 2.12 -15.54
C LYS BA 342 21.49 0.94 -16.24
N GLU BA 343 21.53 -0.25 -15.64
CA GLU BA 343 20.98 -1.44 -16.33
C GLU BA 343 19.47 -1.30 -16.47
N THR BA 344 18.77 -0.91 -15.40
CA THR BA 344 17.30 -0.84 -15.51
C THR BA 344 16.97 0.04 -16.71
N THR BA 345 17.61 1.21 -16.78
CA THR BA 345 17.39 2.13 -17.93
C THR BA 345 17.54 1.33 -19.23
N ALA BA 346 18.65 0.61 -19.38
CA ALA BA 346 18.88 -0.11 -20.65
C ALA BA 346 17.71 -1.06 -20.93
N LEU BA 347 17.26 -1.78 -19.90
CA LEU BA 347 16.17 -2.76 -20.13
C LEU BA 347 14.95 -2.01 -20.68
N THR BA 348 14.64 -0.86 -20.10
CA THR BA 348 13.47 -0.09 -20.55
C THR BA 348 13.69 0.29 -22.02
N LYS BA 349 14.83 0.89 -22.33
CA LYS BA 349 15.08 1.33 -23.73
C LYS BA 349 14.84 0.12 -24.64
N SER BA 350 15.38 -1.03 -24.27
CA SER BA 350 15.24 -2.25 -25.12
C SER BA 350 13.75 -2.52 -25.33
N GLN BA 351 12.97 -2.52 -24.25
CA GLN BA 351 11.53 -2.86 -24.37
C GLN BA 351 10.83 -1.84 -25.28
N ILE BA 352 11.12 -0.55 -25.08
CA ILE BA 352 10.50 0.51 -25.93
C ILE BA 352 10.91 0.24 -27.38
N LEU BA 353 12.21 0.27 -27.67
CA LEU BA 353 12.70 0.01 -29.05
C LEU BA 353 11.99 -1.24 -29.60
N SER BA 354 11.92 -2.31 -28.80
CA SER BA 354 11.32 -3.57 -29.29
C SER BA 354 9.90 -3.27 -29.77
N GLN BA 355 9.10 -2.63 -28.91
CA GLN BA 355 7.69 -2.37 -29.28
C GLN BA 355 7.67 -1.47 -30.51
N ALA BA 356 8.58 -0.49 -30.56
CA ALA BA 356 8.65 0.43 -31.71
C ALA BA 356 8.87 -0.40 -32.97
N SER BA 357 9.94 -1.20 -32.99
CA SER BA 357 10.27 -2.00 -34.19
C SER BA 357 9.08 -2.89 -34.53
N SER BA 358 8.49 -3.54 -33.52
CA SER BA 358 7.36 -4.46 -33.79
C SER BA 358 6.26 -3.66 -34.48
N SER BA 359 6.00 -2.44 -34.01
CA SER BA 359 4.92 -1.61 -34.60
C SER BA 359 5.22 -1.36 -36.09
N VAL BA 360 6.41 -0.83 -36.39
CA VAL BA 360 6.72 -0.49 -37.81
C VAL BA 360 6.72 -1.78 -38.60
N LEU BA 361 7.24 -2.86 -38.02
CA LEU BA 361 7.25 -4.17 -38.72
C LEU BA 361 5.83 -4.44 -39.18
N ALA BA 362 4.87 -4.33 -38.27
CA ALA BA 362 3.46 -4.65 -38.61
C ALA BA 362 3.05 -3.81 -39.83
N GLN BA 363 3.30 -2.51 -39.78
CA GLN BA 363 2.89 -1.62 -40.89
C GLN BA 363 3.57 -2.10 -42.17
N ALA BA 364 4.89 -2.30 -42.11
CA ALA BA 364 5.64 -2.72 -43.32
C ALA BA 364 5.03 -4.01 -43.87
N LYS BA 365 4.81 -5.00 -43.00
CA LYS BA 365 4.29 -6.31 -43.48
C LYS BA 365 3.07 -6.07 -44.35
N GLN BA 366 2.43 -4.90 -44.24
CA GLN BA 366 1.19 -4.62 -45.00
C GLN BA 366 1.51 -3.87 -46.30
N ALA BA 367 2.78 -3.55 -46.53
CA ALA BA 367 3.14 -2.76 -47.73
C ALA BA 367 2.68 -3.49 -48.99
N PRO BA 368 2.98 -4.78 -49.22
CA PRO BA 368 2.59 -5.42 -50.47
C PRO BA 368 1.10 -5.20 -50.80
N ASN BA 369 0.26 -5.10 -49.77
CA ASN BA 369 -1.20 -5.00 -50.02
C ASN BA 369 -1.46 -4.02 -51.17
N ALA BA 370 -0.69 -2.93 -51.23
CA ALA BA 370 -0.90 -1.91 -52.27
C ALA BA 370 -1.15 -2.60 -53.62
N ALA BA 371 -0.25 -3.49 -54.01
CA ALA BA 371 -0.39 -4.14 -55.33
C ALA BA 371 -1.83 -4.58 -55.55
N LEU BA 372 -2.40 -5.31 -54.60
CA LEU BA 372 -3.77 -5.85 -54.81
C LEU BA 372 -4.66 -4.71 -55.31
N SER BA 373 -4.48 -3.52 -54.75
CA SER BA 373 -5.30 -2.35 -55.18
C SER BA 373 -5.08 -2.11 -56.68
N LEU BA 374 -3.83 -2.10 -57.12
CA LEU BA 374 -3.52 -1.87 -58.56
C LEU BA 374 -4.13 -3.00 -59.38
N LEU BA 375 -4.03 -4.25 -58.89
CA LEU BA 375 -4.61 -5.40 -59.62
C LEU BA 375 -6.13 -5.22 -59.69
N GLY BA 376 -6.73 -4.72 -58.61
CA GLY BA 376 -8.20 -4.54 -58.57
C GLY BA 376 -8.71 -4.51 -57.14
N ALA CA 1 -26.24 -4.48 -154.52
CA ALA CA 1 -27.70 -4.46 -154.81
C ALA CA 1 -28.38 -5.62 -154.08
N VAL CA 2 -29.70 -5.57 -153.93
CA VAL CA 2 -30.40 -6.63 -153.14
C VAL CA 2 -29.93 -8.01 -153.62
N ASN CA 3 -29.41 -8.82 -152.70
CA ASN CA 3 -28.92 -10.18 -153.06
C ASN CA 3 -29.42 -11.18 -152.01
N VAL CA 4 -29.62 -12.44 -152.40
CA VAL CA 4 -30.17 -13.46 -151.45
C VAL CA 4 -29.04 -14.38 -150.99
N ASN CA 5 -28.08 -14.67 -151.86
CA ASN CA 5 -27.01 -15.64 -151.51
C ASN CA 5 -26.04 -15.02 -150.49
N THR CA 6 -26.02 -13.70 -150.35
CA THR CA 6 -25.01 -13.07 -149.46
C THR CA 6 -25.68 -12.11 -148.46
N ASN CA 7 -25.10 -11.98 -147.26
CA ASN CA 7 -25.62 -11.02 -146.25
C ASN CA 7 -24.44 -10.64 -145.34
N VAL CA 8 -23.45 -9.95 -145.90
CA VAL CA 8 -22.22 -9.59 -145.12
C VAL CA 8 -22.64 -8.88 -143.84
N ALA CA 9 -23.69 -8.05 -143.93
CA ALA CA 9 -24.14 -7.29 -142.75
C ALA CA 9 -24.31 -8.26 -141.57
N ALA CA 10 -25.01 -9.37 -141.79
CA ALA CA 10 -25.26 -10.34 -140.70
C ALA CA 10 -23.92 -10.89 -140.21
N MET CA 11 -23.09 -11.37 -141.14
CA MET CA 11 -21.77 -11.92 -140.76
C MET CA 11 -21.05 -10.91 -139.87
N THR CA 12 -20.82 -9.71 -140.40
CA THR CA 12 -20.08 -8.68 -139.62
C THR CA 12 -20.67 -8.61 -138.23
N ALA CA 13 -22.00 -8.54 -138.13
CA ALA CA 13 -22.64 -8.39 -136.81
C ALA CA 13 -22.34 -9.63 -135.96
N GLN CA 14 -22.41 -10.80 -136.59
CA GLN CA 14 -22.12 -12.06 -135.85
C GLN CA 14 -20.68 -11.97 -135.32
N ARG CA 15 -19.75 -11.51 -136.15
CA ARG CA 15 -18.33 -11.47 -135.72
C ARG CA 15 -18.26 -10.69 -134.41
N TYR CA 16 -18.91 -9.53 -134.36
CA TYR CA 16 -18.85 -8.69 -133.14
C TYR CA 16 -19.54 -9.43 -132.01
N LEU CA 17 -20.67 -10.08 -132.32
CA LEU CA 17 -21.42 -10.82 -131.28
C LEU CA 17 -20.50 -11.85 -130.63
N THR CA 18 -19.73 -12.56 -131.46
CA THR CA 18 -18.79 -13.57 -130.90
C THR CA 18 -17.84 -12.85 -129.95
N GLY CA 19 -17.24 -11.75 -130.41
CA GLY CA 19 -16.28 -11.01 -129.56
C GLY CA 19 -16.92 -10.69 -128.23
N ALA CA 20 -18.19 -10.27 -128.25
CA ALA CA 20 -18.91 -9.93 -127.00
C ALA CA 20 -19.04 -11.18 -126.13
N THR CA 21 -19.56 -12.28 -126.69
CA THR CA 21 -19.81 -13.50 -125.87
C THR CA 21 -18.50 -13.93 -125.22
N ASN CA 22 -17.40 -13.91 -125.98
CA ASN CA 22 -16.08 -14.26 -125.40
C ASN CA 22 -15.80 -13.34 -124.22
N ALA CA 23 -15.92 -12.03 -124.41
CA ALA CA 23 -15.59 -11.08 -123.32
C ALA CA 23 -16.49 -11.36 -122.12
N GLN CA 24 -17.76 -11.64 -122.38
CA GLN CA 24 -18.73 -11.88 -121.28
C GLN CA 24 -18.23 -13.07 -120.46
N GLN CA 25 -17.87 -14.17 -121.12
CA GLN CA 25 -17.44 -15.38 -120.38
C GLN CA 25 -16.13 -15.09 -119.66
N THR CA 26 -15.25 -14.31 -120.30
CA THR CA 26 -13.95 -13.99 -119.69
C THR CA 26 -14.19 -13.30 -118.35
N SER CA 27 -15.04 -12.26 -118.37
CA SER CA 27 -15.32 -11.50 -117.14
C SER CA 27 -16.05 -12.39 -116.14
N MET CA 28 -17.04 -13.15 -116.61
CA MET CA 28 -17.85 -13.98 -115.68
C MET CA 28 -16.91 -14.97 -114.98
N GLU CA 29 -15.95 -15.52 -115.73
CA GLU CA 29 -14.95 -16.43 -115.10
C GLU CA 29 -14.23 -15.65 -114.02
N ARG CA 30 -13.68 -14.48 -114.36
CA ARG CA 30 -12.89 -13.71 -113.37
C ARG CA 30 -13.75 -13.44 -112.14
N LEU CA 31 -14.99 -12.99 -112.34
CA LEU CA 31 -15.88 -12.65 -111.20
C LEU CA 31 -16.12 -13.91 -110.36
N SER CA 32 -16.32 -15.06 -111.02
CA SER CA 32 -16.60 -16.32 -110.29
C SER CA 32 -15.37 -16.77 -109.51
N SER CA 33 -14.21 -16.79 -110.18
CA SER CA 33 -12.96 -17.25 -109.52
C SER CA 33 -12.45 -16.17 -108.57
N GLY CA 34 -12.65 -14.91 -108.93
CA GLY CA 34 -12.11 -13.81 -108.11
C GLY CA 34 -10.66 -13.55 -108.47
N PHE CA 35 -10.13 -14.31 -109.43
CA PHE CA 35 -8.73 -14.10 -109.88
C PHE CA 35 -8.73 -13.52 -111.30
N LYS CA 36 -7.98 -12.43 -111.49
CA LYS CA 36 -7.89 -11.80 -112.84
C LYS CA 36 -7.18 -12.77 -113.78
N ILE CA 37 -6.12 -13.43 -113.28
CA ILE CA 37 -5.36 -14.39 -114.12
C ILE CA 37 -5.80 -15.81 -113.75
N ASN CA 38 -6.40 -16.52 -114.71
CA ASN CA 38 -6.84 -17.92 -114.46
C ASN CA 38 -6.31 -18.81 -115.60
N SER CA 39 -5.59 -18.21 -116.54
CA SER CA 39 -4.99 -18.99 -117.67
C SER CA 39 -3.86 -18.17 -118.27
N ALA CA 40 -2.75 -18.81 -118.66
CA ALA CA 40 -1.59 -18.06 -119.19
C ALA CA 40 -2.08 -17.05 -120.23
N LYS CA 41 -3.20 -17.37 -120.90
CA LYS CA 41 -3.75 -16.43 -121.90
C LYS CA 41 -4.02 -15.08 -121.22
N ASP CA 42 -4.44 -15.11 -119.96
CA ASP CA 42 -4.77 -13.85 -119.23
C ASP CA 42 -3.51 -12.97 -119.18
N ASP CA 43 -2.42 -13.48 -118.61
CA ASP CA 43 -1.15 -12.72 -118.55
C ASP CA 43 -0.01 -13.70 -118.30
N ALA CA 44 0.59 -14.24 -119.36
CA ALA CA 44 1.65 -15.26 -119.20
C ALA CA 44 2.63 -14.83 -118.11
N ALA CA 45 3.26 -13.67 -118.29
CA ALA CA 45 4.27 -13.23 -117.31
C ALA CA 45 3.60 -13.15 -115.94
N GLY CA 46 2.32 -12.78 -115.92
CA GLY CA 46 1.59 -12.68 -114.65
C GLY CA 46 1.59 -14.00 -113.92
N LEU CA 47 1.24 -15.07 -114.62
CA LEU CA 47 1.17 -16.40 -113.95
C LEU CA 47 2.52 -16.68 -113.33
N GLN CA 48 3.60 -16.52 -114.10
CA GLN CA 48 4.94 -16.86 -113.57
C GLN CA 48 5.19 -16.07 -112.28
N ILE CA 49 5.14 -14.75 -112.35
CA ILE CA 49 5.48 -13.94 -111.13
C ILE CA 49 4.48 -14.24 -110.03
N SER CA 50 3.19 -14.32 -110.36
CA SER CA 50 2.16 -14.52 -109.32
C SER CA 50 2.41 -15.84 -108.60
N ASN CA 51 2.51 -16.94 -109.35
CA ASN CA 51 2.67 -18.26 -108.70
C ASN CA 51 3.89 -18.19 -107.78
N ARG CA 52 4.95 -17.53 -108.25
CA ARG CA 52 6.21 -17.49 -107.44
C ARG CA 52 5.90 -16.78 -106.12
N LEU CA 53 5.19 -15.65 -106.17
CA LEU CA 53 4.84 -14.91 -104.93
C LEU CA 53 3.97 -15.82 -104.05
N ASN CA 54 2.97 -16.47 -104.64
CA ASN CA 54 2.08 -17.37 -103.87
C ASN CA 54 2.93 -18.49 -103.25
N VAL CA 55 3.91 -18.99 -104.01
CA VAL CA 55 4.84 -20.01 -103.46
C VAL CA 55 5.51 -19.41 -102.23
N GLN CA 56 6.03 -18.18 -102.37
CA GLN CA 56 6.76 -17.55 -101.24
C GLN CA 56 5.84 -17.44 -100.03
N SER CA 57 4.63 -16.91 -100.23
CA SER CA 57 3.71 -16.71 -99.08
C SER CA 57 3.43 -18.06 -98.41
N ARG CA 58 3.09 -19.07 -99.21
CA ARG CA 58 2.70 -20.37 -98.63
C ARG CA 58 3.89 -20.89 -97.83
N GLY CA 59 5.09 -20.79 -98.41
CA GLY CA 59 6.29 -21.21 -97.68
C GLY CA 59 6.51 -20.33 -96.47
N LEU CA 60 6.29 -19.03 -96.61
CA LEU CA 60 6.56 -18.10 -95.48
C LEU CA 60 5.76 -18.56 -94.27
N ASP CA 61 4.51 -18.95 -94.46
CA ASP CA 61 3.68 -19.31 -93.29
C ASP CA 61 4.24 -20.60 -92.67
N VAL CA 62 4.62 -21.56 -93.51
CA VAL CA 62 5.23 -22.81 -92.99
C VAL CA 62 6.44 -22.42 -92.13
N ALA CA 63 7.25 -21.49 -92.61
CA ALA CA 63 8.44 -21.06 -91.86
C ALA CA 63 7.99 -20.54 -90.49
N VAL CA 64 6.95 -19.72 -90.47
CA VAL CA 64 6.45 -19.13 -89.19
C VAL CA 64 6.03 -20.28 -88.26
N ARG CA 65 5.33 -21.28 -88.79
CA ARG CA 65 4.96 -22.45 -87.96
C ARG CA 65 6.25 -23.12 -87.48
N ASN CA 66 7.18 -23.34 -88.40
CA ASN CA 66 8.47 -23.99 -88.04
C ASN CA 66 9.08 -23.22 -86.87
N ALA CA 67 9.12 -21.89 -86.99
CA ALA CA 67 9.71 -21.04 -85.93
C ALA CA 67 8.91 -21.21 -84.64
N ASN CA 68 7.58 -21.23 -84.75
CA ASN CA 68 6.73 -21.33 -83.53
C ASN CA 68 7.11 -22.63 -82.80
N ASP CA 69 7.21 -23.73 -83.55
CA ASP CA 69 7.63 -25.01 -82.93
C ASP CA 69 9.04 -24.82 -82.36
N GLY CA 70 9.90 -24.13 -83.10
CA GLY CA 70 11.28 -23.91 -82.64
C GLY CA 70 11.31 -23.28 -81.26
N ILE CA 71 10.61 -22.16 -81.10
CA ILE CA 71 10.69 -21.45 -79.78
C ILE CA 71 10.06 -22.38 -78.74
N SER CA 72 9.03 -23.13 -79.12
CA SER CA 72 8.37 -24.05 -78.17
C SER CA 72 9.40 -25.04 -77.62
N ILE CA 73 10.20 -25.64 -78.51
CA ILE CA 73 11.21 -26.64 -78.07
C ILE CA 73 12.15 -25.94 -77.10
N ALA CA 74 12.64 -24.75 -77.47
CA ALA CA 74 13.59 -24.02 -76.60
C ALA CA 74 12.93 -23.76 -75.25
N GLN CA 75 11.69 -23.27 -75.27
CA GLN CA 75 10.96 -22.98 -74.01
C GLN CA 75 10.97 -24.24 -73.14
N THR CA 76 10.50 -25.37 -73.70
CA THR CA 76 10.39 -26.60 -72.88
C THR CA 76 11.72 -26.83 -72.18
N ALA CA 77 12.81 -26.74 -72.93
CA ALA CA 77 14.16 -26.99 -72.35
C ALA CA 77 14.44 -26.00 -71.23
N GLU CA 78 14.28 -24.70 -71.49
CA GLU CA 78 14.65 -23.70 -70.46
C GLU CA 78 13.85 -23.98 -69.18
N GLY CA 79 12.58 -24.33 -69.32
CA GLY CA 79 11.72 -24.55 -68.14
C GLY CA 79 12.24 -25.71 -67.30
N ALA CA 80 12.63 -26.81 -67.95
CA ALA CA 80 13.20 -27.93 -67.20
C ALA CA 80 14.46 -27.45 -66.48
N MET CA 81 15.30 -26.68 -67.18
CA MET CA 81 16.57 -26.22 -66.57
C MET CA 81 16.26 -25.31 -65.38
N ASN CA 82 15.03 -24.81 -65.31
CA ASN CA 82 14.63 -23.92 -64.19
C ASN CA 82 14.61 -24.73 -62.89
N GLU CA 83 14.00 -25.93 -62.92
CA GLU CA 83 14.04 -26.78 -61.72
C GLU CA 83 15.48 -27.24 -61.49
N THR CA 84 16.21 -27.50 -62.57
CA THR CA 84 17.63 -27.90 -62.42
C THR CA 84 18.36 -26.85 -61.57
N THR CA 85 18.26 -25.57 -61.94
CA THR CA 85 19.04 -24.55 -61.19
C THR CA 85 18.51 -24.51 -59.75
N ASN CA 86 17.21 -24.64 -59.58
CA ASN CA 86 16.61 -24.56 -58.22
C ASN CA 86 17.19 -25.69 -57.36
N ILE CA 87 17.23 -26.90 -57.92
CA ILE CA 87 17.76 -28.07 -57.16
C ILE CA 87 19.23 -27.82 -56.85
N LEU CA 88 19.98 -27.32 -57.82
CA LEU CA 88 21.44 -27.11 -57.61
C LEU CA 88 21.61 -26.20 -56.39
N GLN CA 89 20.84 -25.12 -56.30
CA GLN CA 89 21.01 -24.15 -55.19
C GLN CA 89 20.70 -24.86 -53.87
N ARG CA 90 19.68 -25.73 -53.87
CA ARG CA 90 19.33 -26.47 -52.63
C ARG CA 90 20.54 -27.31 -52.22
N MET CA 91 21.18 -27.98 -53.18
CA MET CA 91 22.39 -28.77 -52.87
C MET CA 91 23.44 -27.83 -52.28
N ARG CA 92 23.65 -26.66 -52.90
CA ARG CA 92 24.71 -25.73 -52.45
C ARG CA 92 24.46 -25.34 -50.99
N ASP CA 93 23.24 -24.95 -50.65
CA ASP CA 93 22.98 -24.46 -49.28
C ASP CA 93 23.13 -25.64 -48.31
N LEU CA 94 22.65 -26.81 -48.70
CA LEU CA 94 22.79 -28.01 -47.83
C LEU CA 94 24.27 -28.27 -47.62
N SER CA 95 25.06 -28.20 -48.70
CA SER CA 95 26.52 -28.44 -48.60
C SER CA 95 27.10 -27.42 -47.63
N LEU CA 96 26.73 -26.15 -47.80
CA LEU CA 96 27.28 -25.08 -46.93
C LEU CA 96 26.94 -25.44 -45.48
N GLN CA 97 25.73 -25.92 -45.24
CA GLN CA 97 25.31 -26.30 -43.87
C GLN CA 97 26.26 -27.38 -43.35
N SER CA 98 26.59 -28.35 -44.20
CA SER CA 98 27.47 -29.47 -43.77
C SER CA 98 28.83 -28.91 -43.35
N ALA CA 99 29.35 -27.93 -44.08
CA ALA CA 99 30.69 -27.39 -43.79
C ALA CA 99 30.78 -26.91 -42.34
N ASN CA 100 29.69 -26.36 -41.80
CA ASN CA 100 29.78 -25.80 -40.43
C ASN CA 100 30.38 -26.84 -39.49
N GLY CA 101 31.33 -26.44 -38.66
CA GLY CA 101 32.01 -27.40 -37.76
C GLY CA 101 31.05 -28.11 -36.82
N SER CA 102 30.01 -27.42 -36.36
CA SER CA 102 29.09 -28.01 -35.35
C SER CA 102 28.55 -29.35 -35.86
N ASN CA 103 28.15 -29.41 -37.14
CA ASN CA 103 27.55 -30.64 -37.69
C ASN CA 103 28.48 -31.83 -37.45
N SER CA 104 27.97 -32.91 -36.83
CA SER CA 104 28.79 -34.14 -36.65
C SER CA 104 28.55 -35.07 -37.84
N LYS CA 105 29.23 -36.22 -37.87
CA LYS CA 105 29.10 -37.15 -39.02
C LYS CA 105 27.63 -37.52 -39.21
N SER CA 106 26.88 -37.64 -38.11
CA SER CA 106 25.48 -38.08 -38.21
C SER CA 106 24.73 -37.18 -39.20
N GLU CA 107 24.79 -35.86 -38.99
CA GLU CA 107 24.00 -34.95 -39.87
C GLU CA 107 24.70 -34.81 -41.22
N ARG CA 108 26.03 -34.94 -41.25
CA ARG CA 108 26.72 -34.92 -42.57
C ARG CA 108 26.10 -36.04 -43.41
N VAL CA 109 25.90 -37.21 -42.82
CA VAL CA 109 25.28 -38.36 -43.55
C VAL CA 109 23.88 -37.95 -43.97
N ALA CA 110 23.14 -37.30 -43.08
CA ALA CA 110 21.76 -36.86 -43.40
C ALA CA 110 21.79 -35.91 -44.59
N ILE CA 111 22.66 -34.89 -44.53
CA ILE CA 111 22.73 -33.90 -45.63
C ILE CA 111 23.08 -34.65 -46.92
N GLN CA 112 24.02 -35.57 -46.85
CA GLN CA 112 24.45 -36.31 -48.07
C GLN CA 112 23.25 -37.10 -48.59
N GLU CA 113 22.47 -37.66 -47.67
CA GLU CA 113 21.28 -38.44 -48.08
C GLU CA 113 20.39 -37.58 -48.98
N GLU CA 114 20.14 -36.34 -48.56
CA GLU CA 114 19.26 -35.44 -49.36
C GLU CA 114 19.98 -35.05 -50.65
N ILE CA 115 21.29 -34.78 -50.56
CA ILE CA 115 22.07 -34.43 -51.78
C ILE CA 115 21.99 -35.60 -52.75
N THR CA 116 22.11 -36.83 -52.24
CA THR CA 116 22.08 -38.03 -53.11
C THR CA 116 20.77 -38.05 -53.89
N ALA CA 117 19.65 -37.85 -53.18
CA ALA CA 117 18.33 -37.82 -53.84
C ALA CA 117 18.28 -36.69 -54.86
N LEU CA 118 18.71 -35.50 -54.48
CA LEU CA 118 18.62 -34.33 -55.40
C LEU CA 118 19.49 -34.58 -56.63
N ASN CA 119 20.67 -35.16 -56.43
CA ASN CA 119 21.54 -35.51 -57.58
C ASN CA 119 20.72 -36.41 -58.51
N ASP CA 120 20.08 -37.43 -57.94
CA ASP CA 120 19.27 -38.37 -58.76
C ASP CA 120 18.22 -37.55 -59.52
N GLU CA 121 17.61 -36.57 -58.85
CA GLU CA 121 16.52 -35.80 -59.49
C GLU CA 121 17.08 -35.05 -60.71
N LEU CA 122 18.25 -34.43 -60.57
CA LEU CA 122 18.87 -33.75 -61.73
C LEU CA 122 19.01 -34.75 -62.86
N ASN CA 123 19.57 -35.93 -62.56
CA ASN CA 123 19.77 -36.95 -63.61
C ASN CA 123 18.43 -37.24 -64.28
N ARG CA 124 17.39 -37.43 -63.46
CA ARG CA 124 16.03 -37.73 -64.02
C ARG CA 124 15.60 -36.58 -64.92
N ILE CA 125 15.67 -35.35 -64.43
CA ILE CA 125 15.19 -34.17 -65.23
C ILE CA 125 15.90 -34.17 -66.58
N ALA CA 126 17.12 -34.71 -66.65
CA ALA CA 126 17.90 -34.66 -67.90
C ALA CA 126 17.52 -35.85 -68.80
N GLU CA 127 17.11 -36.96 -68.20
CA GLU CA 127 16.82 -38.17 -69.01
C GLU CA 127 15.31 -38.33 -69.20
N THR CA 128 14.53 -37.36 -68.72
CA THR CA 128 13.05 -37.42 -68.86
C THR CA 128 12.55 -36.28 -69.75
N THR CA 129 13.05 -35.06 -69.55
CA THR CA 129 12.53 -33.91 -70.32
C THR CA 129 12.47 -34.30 -71.79
N SER CA 130 11.29 -34.24 -72.41
CA SER CA 130 11.20 -34.72 -73.81
C SER CA 130 10.09 -34.02 -74.59
N PHE CA 131 10.45 -33.08 -75.46
CA PHE CA 131 9.42 -32.46 -76.33
C PHE CA 131 8.79 -33.59 -77.13
N GLY CA 132 7.51 -33.88 -76.89
CA GLY CA 132 6.91 -35.05 -77.57
C GLY CA 132 7.71 -36.29 -77.22
N GLY CA 133 8.39 -36.88 -78.20
CA GLY CA 133 9.23 -38.06 -77.93
C GLY CA 133 10.70 -37.69 -77.86
N ASN CA 134 11.13 -36.72 -78.68
CA ASN CA 134 12.57 -36.35 -78.72
C ASN CA 134 13.01 -35.87 -77.34
N LYS CA 135 13.99 -36.54 -76.72
CA LYS CA 135 14.51 -36.06 -75.42
C LYS CA 135 15.21 -34.73 -75.67
N LEU CA 136 15.52 -33.97 -74.61
CA LEU CA 136 16.08 -32.62 -74.84
C LEU CA 136 17.41 -32.40 -74.12
N LEU CA 137 17.46 -32.61 -72.80
CA LEU CA 137 18.70 -32.24 -72.05
C LEU CA 137 19.65 -33.43 -71.81
N ASN CA 138 19.46 -34.56 -72.48
CA ASN CA 138 20.35 -35.72 -72.18
C ASN CA 138 21.61 -35.64 -73.04
N GLY CA 139 21.69 -34.66 -73.94
CA GLY CA 139 22.84 -34.54 -74.85
C GLY CA 139 22.56 -35.17 -76.20
N THR CA 140 21.50 -35.98 -76.28
CA THR CA 140 21.20 -36.68 -77.56
C THR CA 140 20.75 -35.70 -78.63
N PHE CA 141 20.06 -34.62 -78.24
CA PHE CA 141 19.53 -33.65 -79.23
C PHE CA 141 20.68 -33.08 -80.07
N SER CA 142 21.84 -32.85 -79.43
CA SER CA 142 23.01 -32.28 -80.14
C SER CA 142 22.60 -30.96 -80.82
N THR CA 143 22.89 -30.82 -82.10
CA THR CA 143 22.60 -29.55 -82.81
C THR CA 143 21.62 -29.82 -83.97
N LYS CA 144 20.50 -29.10 -84.00
CA LYS CA 144 19.52 -29.24 -85.11
C LYS CA 144 19.20 -27.87 -85.68
N SER CA 145 19.07 -27.77 -87.01
CA SER CA 145 18.82 -26.45 -87.66
C SER CA 145 17.33 -26.32 -88.03
N PHE CA 146 16.69 -25.25 -87.59
CA PHE CA 146 15.23 -25.10 -87.83
C PHE CA 146 15.01 -24.21 -89.06
N GLN CA 147 14.55 -24.81 -90.16
CA GLN CA 147 14.29 -24.01 -91.39
C GLN CA 147 13.30 -22.91 -91.04
N ILE CA 148 13.76 -21.66 -91.04
CA ILE CA 148 12.86 -20.51 -90.71
C ILE CA 148 12.88 -19.53 -91.88
N GLY CA 149 12.99 -20.06 -93.10
CA GLY CA 149 12.98 -19.20 -94.30
C GLY CA 149 12.03 -19.72 -95.35
N ALA CA 150 11.63 -18.86 -96.30
CA ALA CA 150 10.66 -19.27 -97.34
C ALA CA 150 11.37 -20.13 -98.38
N ASP CA 151 12.69 -20.28 -98.27
CA ASP CA 151 13.47 -21.03 -99.27
C ASP CA 151 14.56 -21.85 -98.56
N ASN CA 152 15.09 -22.87 -99.22
CA ASN CA 152 16.10 -23.74 -98.58
C ASN CA 152 17.34 -22.93 -98.23
N GLY CA 153 18.04 -23.32 -97.15
CA GLY CA 153 19.29 -22.65 -96.79
C GLY CA 153 19.09 -21.53 -95.78
N GLU CA 154 17.90 -21.49 -95.18
CA GLU CA 154 17.59 -20.42 -94.19
C GLU CA 154 17.22 -21.07 -92.85
N ALA CA 155 18.20 -21.68 -92.17
CA ALA CA 155 17.93 -22.37 -90.90
C ALA CA 155 18.96 -21.94 -89.84
N VAL CA 156 18.50 -21.70 -88.62
CA VAL CA 156 19.42 -21.34 -87.50
C VAL CA 156 19.72 -22.60 -86.71
N MET CA 157 20.98 -22.83 -86.33
CA MET CA 157 21.35 -24.09 -85.64
C MET CA 157 21.10 -23.97 -84.14
N LEU CA 158 20.17 -24.78 -83.60
CA LEU CA 158 19.96 -24.79 -82.13
C LEU CA 158 20.64 -26.03 -81.55
N THR CA 159 21.51 -25.83 -80.56
CA THR CA 159 22.20 -26.98 -79.91
C THR CA 159 21.73 -27.09 -78.45
N LEU CA 160 21.37 -28.30 -78.02
CA LEU CA 160 20.97 -28.52 -76.61
C LEU CA 160 22.08 -29.30 -75.90
N LYS CA 161 22.84 -28.64 -75.03
CA LYS CA 161 23.97 -29.30 -74.33
C LYS CA 161 23.44 -30.34 -73.35
N ASP CA 162 24.30 -31.29 -72.93
CA ASP CA 162 23.85 -32.26 -71.90
C ASP CA 162 23.66 -31.49 -70.58
N MET CA 163 22.64 -31.87 -69.80
CA MET CA 163 22.42 -31.22 -68.49
C MET CA 163 22.44 -32.30 -67.40
N ARG CA 164 23.08 -33.43 -67.67
CA ARG CA 164 23.21 -34.49 -66.63
C ARG CA 164 24.23 -34.02 -65.59
N SER CA 165 24.28 -34.70 -64.44
CA SER CA 165 25.18 -34.27 -63.33
C SER CA 165 26.61 -34.76 -63.57
N ASP CA 166 26.81 -35.59 -64.59
CA ASP CA 166 28.16 -36.16 -64.86
C ASP CA 166 28.86 -35.33 -65.93
N ASN CA 167 28.12 -34.41 -66.57
CA ASN CA 167 28.70 -33.58 -67.66
C ASN CA 167 30.01 -32.94 -67.16
N ARG CA 168 31.04 -32.93 -68.00
CA ARG CA 168 32.36 -32.39 -67.57
C ARG CA 168 32.22 -30.90 -67.24
N MET CA 169 31.53 -30.14 -68.09
CA MET CA 169 31.37 -28.68 -67.85
C MET CA 169 30.70 -28.47 -66.50
N MET CA 170 29.93 -29.46 -66.03
CA MET CA 170 29.19 -29.30 -64.75
C MET CA 170 30.17 -29.29 -63.58
N GLY CA 171 31.45 -29.57 -63.83
CA GLY CA 171 32.42 -29.66 -62.71
C GLY CA 171 33.77 -29.04 -63.04
N GLY CA 172 34.84 -29.58 -62.45
CA GLY CA 172 36.20 -29.06 -62.68
C GLY CA 172 37.25 -29.97 -62.08
N THR CA 173 38.41 -29.41 -61.69
CA THR CA 173 39.52 -30.23 -61.15
C THR CA 173 39.79 -29.83 -59.70
N SER CA 174 40.00 -30.81 -58.81
CA SER CA 174 40.19 -30.51 -57.37
C SER CA 174 41.64 -30.79 -56.95
N TYR CA 175 42.46 -29.74 -56.87
CA TYR CA 175 43.86 -29.90 -56.43
C TYR CA 175 43.89 -29.81 -54.91
N VAL CA 176 44.51 -30.78 -54.25
CA VAL CA 176 44.52 -30.80 -52.75
C VAL CA 176 45.97 -30.78 -52.28
N ALA CA 177 46.25 -30.11 -51.16
CA ALA CA 177 47.61 -30.08 -50.59
C ALA CA 177 47.88 -31.39 -49.85
N ALA CA 178 49.12 -31.59 -49.40
CA ALA CA 178 49.47 -32.80 -48.64
C ALA CA 178 49.88 -32.43 -47.22
N GLU CA 179 50.10 -31.14 -46.96
CA GLU CA 179 50.59 -30.72 -45.63
C GLU CA 179 49.41 -30.26 -44.77
N GLY CA 180 49.10 -31.02 -43.71
CA GLY CA 180 47.95 -30.67 -42.85
C GLY CA 180 48.32 -29.59 -41.86
N LYS CA 181 48.41 -28.34 -42.33
CA LYS CA 181 48.76 -27.19 -41.46
C LYS CA 181 47.75 -27.16 -40.29
N ASP CA 182 48.25 -26.97 -39.07
CA ASP CA 182 47.35 -27.02 -37.88
C ASP CA 182 46.85 -25.61 -37.55
N LYS CA 183 46.21 -25.45 -36.39
CA LYS CA 183 45.68 -24.12 -35.97
C LYS CA 183 46.84 -23.18 -35.65
N ASP CA 184 48.04 -23.72 -35.44
CA ASP CA 184 49.18 -22.86 -35.02
C ASP CA 184 50.04 -22.51 -36.24
N TRP CA 185 49.94 -23.27 -37.32
CA TRP CA 185 50.71 -22.89 -38.53
C TRP CA 185 50.29 -21.49 -38.96
N LYS CA 186 51.26 -20.63 -39.26
CA LYS CA 186 50.95 -19.27 -39.75
C LYS CA 186 51.79 -19.01 -40.99
N VAL CA 187 51.29 -18.19 -41.92
CA VAL CA 187 52.11 -17.83 -43.11
C VAL CA 187 53.48 -17.35 -42.61
N GLN CA 188 54.55 -18.04 -42.99
CA GLN CA 188 55.91 -17.58 -42.61
C GLN CA 188 56.29 -16.42 -43.55
N ALA CA 189 57.03 -15.43 -43.04
CA ALA CA 189 57.35 -14.24 -43.86
C ALA CA 189 58.04 -14.66 -45.16
N GLY CA 190 58.98 -15.60 -45.07
CA GLY CA 190 59.74 -16.02 -46.27
C GLY CA 190 58.83 -16.60 -47.34
N ALA CA 191 57.95 -17.53 -46.96
CA ALA CA 191 57.06 -18.18 -47.93
C ALA CA 191 55.70 -17.46 -47.95
N ASN CA 192 55.61 -16.38 -48.73
CA ASN CA 192 54.34 -15.59 -48.79
C ASN CA 192 53.94 -15.39 -50.24
N ASP CA 193 54.04 -16.44 -51.06
CA ASP CA 193 53.70 -16.32 -52.50
C ASP CA 193 53.22 -17.68 -53.02
N ILE CA 194 52.14 -17.69 -53.79
CA ILE CA 194 51.63 -18.97 -54.39
C ILE CA 194 51.20 -18.68 -55.83
N THR CA 195 52.17 -18.55 -56.73
CA THR CA 195 51.85 -18.22 -58.15
C THR CA 195 50.97 -19.32 -58.74
N PHE CA 196 49.83 -18.94 -59.33
CA PHE CA 196 48.93 -19.93 -59.98
C PHE CA 196 49.09 -19.81 -61.50
N THR CA 197 49.85 -20.71 -62.10
CA THR CA 197 50.01 -20.70 -63.57
C THR CA 197 48.90 -21.55 -64.20
N LEU CA 198 48.06 -20.96 -65.04
CA LEU CA 198 46.91 -21.70 -65.62
C LEU CA 198 46.50 -21.07 -66.96
N LYS CA 199 45.70 -21.80 -67.75
CA LYS CA 199 45.23 -21.27 -69.06
C LYS CA 199 43.71 -21.08 -68.98
N ASP CA 200 43.22 -19.90 -69.34
CA ASP CA 200 41.77 -19.61 -69.23
C ASP CA 200 40.99 -20.57 -70.13
N ILE CA 201 39.71 -20.78 -69.82
CA ILE CA 201 38.86 -21.65 -70.69
C ILE CA 201 38.97 -21.13 -72.13
N ASP CA 202 39.06 -19.81 -72.29
CA ASP CA 202 39.21 -19.21 -73.64
C ASP CA 202 40.51 -19.71 -74.28
N GLY CA 203 41.57 -19.85 -73.47
CA GLY CA 203 42.88 -20.26 -74.00
C GLY CA 203 43.96 -19.27 -73.63
N ASN CA 204 43.56 -18.03 -73.30
CA ASN CA 204 44.52 -16.99 -72.87
C ASN CA 204 45.26 -17.50 -71.63
N ASP CA 205 46.54 -17.15 -71.49
CA ASP CA 205 47.35 -17.67 -70.35
C ASP CA 205 47.36 -16.63 -69.23
N GLN CA 206 47.18 -17.09 -67.99
CA GLN CA 206 47.15 -16.16 -66.83
C GLN CA 206 48.12 -16.66 -65.76
N THR CA 207 48.85 -15.75 -65.12
CA THR CA 207 49.75 -16.14 -64.01
C THR CA 207 49.31 -15.36 -62.77
N ILE CA 208 48.58 -16.01 -61.87
CA ILE CA 208 48.02 -15.30 -60.68
C ILE CA 208 49.00 -15.45 -59.51
N THR CA 209 49.75 -14.39 -59.19
CA THR CA 209 50.66 -14.45 -58.02
C THR CA 209 49.94 -13.91 -56.79
N VAL CA 210 49.55 -14.80 -55.86
CA VAL CA 210 48.89 -14.34 -54.61
C VAL CA 210 49.97 -14.19 -53.53
N ASN CA 211 50.51 -12.98 -53.38
CA ASN CA 211 51.51 -12.76 -52.29
C ASN CA 211 50.74 -12.78 -50.97
N ALA CA 212 50.68 -13.94 -50.30
CA ALA CA 212 49.92 -14.07 -49.04
C ALA CA 212 50.52 -13.15 -47.96
N LYS CA 213 49.82 -12.99 -46.84
CA LYS CA 213 50.28 -12.07 -45.78
C LYS CA 213 50.80 -12.86 -44.59
N GLU CA 214 52.04 -12.59 -44.18
CA GLU CA 214 52.68 -13.31 -43.04
C GLU CA 214 51.75 -13.27 -41.82
N GLY CA 215 51.66 -14.37 -41.08
CA GLY CA 215 50.87 -14.38 -39.84
C GLY CA 215 49.48 -14.97 -40.06
N ASP CA 216 49.12 -15.23 -41.32
CA ASP CA 216 47.73 -15.71 -41.59
C ASP CA 216 47.65 -17.21 -41.28
N ASP CA 217 46.49 -17.67 -40.80
CA ASP CA 217 46.30 -19.12 -40.53
C ASP CA 217 45.89 -19.80 -41.83
N ILE CA 218 45.83 -21.13 -41.82
CA ILE CA 218 45.53 -21.85 -43.09
C ILE CA 218 44.22 -21.31 -43.67
N GLU CA 219 43.19 -21.20 -42.83
CA GLU CA 219 41.87 -20.76 -43.33
C GLU CA 219 41.98 -19.34 -43.91
N GLU CA 220 42.77 -18.49 -43.26
CA GLU CA 220 42.90 -17.08 -43.73
C GLU CA 220 43.57 -17.08 -45.11
N VAL CA 221 44.58 -17.92 -45.32
CA VAL CA 221 45.19 -18.02 -46.67
C VAL CA 221 44.04 -18.29 -47.65
N ALA CA 222 43.17 -19.24 -47.32
CA ALA CA 222 42.08 -19.61 -48.26
C ALA CA 222 41.29 -18.36 -48.60
N THR CA 223 40.83 -17.64 -47.59
CA THR CA 223 40.00 -16.43 -47.83
C THR CA 223 40.81 -15.46 -48.70
N TYR CA 224 42.08 -15.25 -48.37
CA TYR CA 224 42.88 -14.24 -49.13
C TYR CA 224 42.89 -14.64 -50.58
N ILE CA 225 43.25 -15.89 -50.87
CA ILE CA 225 43.30 -16.36 -52.28
C ILE CA 225 41.92 -16.15 -52.89
N ASN CA 226 40.89 -16.72 -52.26
CA ASN CA 226 39.50 -16.62 -52.81
C ASN CA 226 39.16 -15.16 -53.09
N GLY CA 227 39.72 -14.23 -52.33
CA GLY CA 227 39.38 -12.81 -52.50
C GLY CA 227 40.22 -12.13 -53.57
N GLN CA 228 41.50 -12.48 -53.67
CA GLN CA 228 42.40 -11.79 -54.63
C GLN CA 228 42.03 -12.18 -56.06
N THR CA 229 41.62 -13.43 -56.28
CA THR CA 229 41.33 -13.89 -57.66
C THR CA 229 39.98 -14.63 -57.71
N ASP CA 230 39.40 -14.76 -58.90
CA ASP CA 230 38.12 -15.48 -59.05
C ASP CA 230 38.32 -16.70 -59.95
N MET CA 231 39.40 -16.72 -60.73
CA MET CA 231 39.60 -17.82 -61.70
C MET CA 231 39.60 -19.15 -60.94
N VAL CA 232 40.22 -19.21 -59.77
CA VAL CA 232 40.22 -20.45 -58.94
C VAL CA 232 39.45 -20.18 -57.66
N LYS CA 233 39.11 -21.23 -56.90
CA LYS CA 233 38.45 -21.04 -55.58
C LYS CA 233 39.18 -21.92 -54.57
N ALA CA 234 39.51 -21.39 -53.40
CA ALA CA 234 40.30 -22.16 -52.41
C ALA CA 234 39.46 -22.54 -51.20
N SER CA 235 39.79 -23.65 -50.54
CA SER CA 235 39.05 -24.10 -49.33
C SER CA 235 40.01 -24.88 -48.43
N VAL CA 236 39.56 -25.26 -47.24
CA VAL CA 236 40.43 -26.02 -46.29
C VAL CA 236 39.68 -27.26 -45.83
N ASN CA 237 40.35 -28.42 -45.84
CA ASN CA 237 39.70 -29.69 -45.42
C ASN CA 237 39.88 -29.88 -43.90
N GLU CA 238 39.42 -31.01 -43.37
CA GLU CA 238 39.51 -31.27 -41.91
C GLU CA 238 40.97 -31.40 -41.50
N LYS CA 239 41.81 -31.94 -42.37
CA LYS CA 239 43.23 -32.20 -42.00
C LYS CA 239 44.03 -30.89 -42.05
N GLY CA 240 43.42 -29.81 -42.54
CA GLY CA 240 44.14 -28.54 -42.67
C GLY CA 240 44.96 -28.53 -43.94
N GLN CA 241 44.47 -29.17 -45.00
CA GLN CA 241 45.17 -29.16 -46.31
C GLN CA 241 44.36 -28.29 -47.25
N LEU CA 242 44.96 -27.22 -47.77
CA LEU CA 242 44.21 -26.26 -48.63
C LEU CA 242 43.70 -26.99 -49.88
N GLN CA 243 42.38 -26.96 -50.11
CA GLN CA 243 41.83 -27.53 -51.36
C GLN CA 243 41.68 -26.40 -52.36
N ILE CA 244 42.02 -26.62 -53.62
CA ILE CA 244 41.84 -25.56 -54.66
C ILE CA 244 41.09 -26.14 -55.87
N PHE CA 245 39.84 -25.74 -56.06
CA PHE CA 245 39.04 -26.20 -57.23
C PHE CA 245 39.42 -25.37 -58.46
N ALA CA 246 39.09 -25.85 -59.65
CA ALA CA 246 39.35 -25.07 -60.88
C ALA CA 246 38.18 -25.30 -61.83
N GLY CA 247 37.22 -24.38 -61.84
CA GLY CA 247 36.01 -24.56 -62.67
C GLY CA 247 36.34 -24.83 -64.13
N ASN CA 248 35.84 -25.93 -64.68
CA ASN CA 248 36.07 -26.26 -66.11
C ASN CA 248 35.62 -25.07 -66.95
N ASN CA 249 34.65 -24.32 -66.46
CA ASN CA 249 34.09 -23.18 -67.25
C ASN CA 249 35.02 -21.96 -67.13
N LYS CA 250 36.13 -22.09 -66.40
CA LYS CA 250 37.02 -20.93 -66.19
C LYS CA 250 38.45 -21.27 -66.63
N VAL CA 251 38.87 -22.53 -66.44
CA VAL CA 251 40.28 -22.89 -66.75
C VAL CA 251 40.29 -24.11 -67.69
N THR CA 252 41.07 -24.04 -68.77
CA THR CA 252 41.22 -25.21 -69.66
C THR CA 252 42.67 -25.66 -69.65
N GLY CA 253 43.05 -26.49 -68.67
CA GLY CA 253 44.44 -26.97 -68.57
C GLY CA 253 44.87 -27.12 -67.14
N ASP CA 254 45.63 -28.18 -66.83
CA ASP CA 254 46.07 -28.44 -65.44
C ASP CA 254 46.70 -27.17 -64.87
N VAL CA 255 46.23 -26.72 -63.70
CA VAL CA 255 46.79 -25.50 -63.06
C VAL CA 255 48.16 -25.84 -62.49
N ALA CA 256 49.15 -24.98 -62.72
CA ALA CA 256 50.51 -25.22 -62.14
C ALA CA 256 50.68 -24.32 -60.91
N PHE CA 257 51.02 -24.91 -59.77
CA PHE CA 257 51.23 -24.13 -58.52
C PHE CA 257 52.73 -23.93 -58.32
N SER CA 258 53.14 -22.70 -58.01
CA SER CA 258 54.59 -22.40 -57.82
C SER CA 258 54.74 -21.29 -56.76
N GLY CA 259 55.88 -21.26 -56.07
CA GLY CA 259 56.09 -20.25 -55.01
C GLY CA 259 56.44 -20.89 -53.68
N GLY CA 260 56.98 -20.10 -52.75
CA GLY CA 260 57.35 -20.62 -51.43
C GLY CA 260 56.16 -21.25 -50.74
N LEU CA 261 55.14 -20.44 -50.43
CA LEU CA 261 53.91 -20.99 -49.82
C LEU CA 261 53.57 -22.30 -50.55
N ALA CA 262 53.51 -22.25 -51.88
CA ALA CA 262 53.17 -23.44 -52.67
C ALA CA 262 54.04 -24.61 -52.20
N GLY CA 263 55.36 -24.39 -52.13
CA GLY CA 263 56.26 -25.47 -51.68
C GLY CA 263 55.85 -25.98 -50.31
N ALA CA 264 55.61 -25.07 -49.35
CA ALA CA 264 55.26 -25.49 -47.98
C ALA CA 264 53.93 -26.24 -48.00
N LEU CA 265 53.15 -26.09 -49.08
CA LEU CA 265 51.82 -26.75 -49.15
C LEU CA 265 51.93 -28.04 -49.96
N ASN CA 266 52.88 -28.09 -50.90
CA ASN CA 266 53.09 -29.30 -51.74
C ASN CA 266 51.75 -29.68 -52.40
N MET CA 267 51.21 -28.80 -53.23
CA MET CA 267 49.93 -29.09 -53.92
C MET CA 267 50.09 -30.36 -54.74
N GLN CA 268 49.17 -31.31 -54.58
CA GLN CA 268 49.28 -32.61 -55.30
C GLN CA 268 48.60 -32.50 -56.67
N ALA CA 269 48.29 -33.65 -57.30
CA ALA CA 269 47.68 -33.63 -58.65
C ALA CA 269 46.17 -33.47 -58.55
N GLY CA 270 45.55 -32.90 -59.58
CA GLY CA 270 44.09 -32.63 -59.56
C GLY CA 270 43.26 -33.83 -59.96
N THR CA 271 42.07 -33.97 -59.37
CA THR CA 271 41.16 -35.08 -59.70
C THR CA 271 39.86 -34.50 -60.27
N ALA CA 272 39.51 -34.87 -61.50
CA ALA CA 272 38.27 -34.37 -62.12
C ALA CA 272 37.11 -34.63 -61.17
N GLU CA 273 36.29 -33.61 -60.91
CA GLU CA 273 35.18 -33.75 -59.94
C GLU CA 273 33.91 -33.14 -60.55
N THR CA 274 32.81 -33.89 -60.61
CA THR CA 274 31.54 -33.35 -61.13
C THR CA 274 30.50 -33.31 -60.01
N VAL CA 275 29.32 -32.75 -60.29
CA VAL CA 275 28.25 -32.64 -59.25
C VAL CA 275 27.88 -34.06 -58.82
N ASP CA 276 27.88 -34.99 -59.77
CA ASP CA 276 27.53 -36.40 -59.44
C ASP CA 276 28.55 -36.94 -58.44
N THR CA 277 29.73 -36.32 -58.36
CA THR CA 277 30.80 -36.84 -57.48
C THR CA 277 30.97 -35.96 -56.24
N ILE CA 278 29.91 -35.27 -55.81
CA ILE CA 278 30.02 -34.46 -54.56
C ILE CA 278 29.69 -35.35 -53.36
N ASP CA 279 30.33 -35.09 -52.21
CA ASP CA 279 30.10 -35.90 -51.00
C ASP CA 279 30.31 -35.00 -49.78
N VAL CA 280 29.28 -34.83 -48.96
CA VAL CA 280 29.39 -33.87 -47.81
C VAL CA 280 29.50 -34.66 -46.51
N THR CA 281 29.91 -35.94 -46.58
CA THR CA 281 30.11 -36.73 -45.35
C THR CA 281 31.31 -36.18 -44.59
N SER CA 282 32.20 -35.44 -45.27
CA SER CA 282 33.36 -34.81 -44.60
C SER CA 282 33.35 -33.31 -44.88
N VAL CA 283 33.87 -32.50 -43.96
CA VAL CA 283 33.83 -31.02 -44.11
C VAL CA 283 34.53 -30.62 -45.42
N GLY CA 284 35.72 -31.17 -45.67
CA GLY CA 284 36.46 -30.77 -46.87
C GLY CA 284 35.65 -31.01 -48.14
N GLY CA 285 35.03 -32.17 -48.24
CA GLY CA 285 34.19 -32.46 -49.42
C GLY CA 285 33.08 -31.44 -49.55
N ALA CA 286 32.49 -31.05 -48.41
CA ALA CA 286 31.43 -30.02 -48.44
C ALA CA 286 32.02 -28.72 -49.01
N GLN CA 287 33.21 -28.34 -48.55
CA GLN CA 287 33.81 -27.06 -49.00
C GLN CA 287 34.02 -27.11 -50.52
N GLN CA 288 34.48 -28.25 -51.04
CA GLN CA 288 34.69 -28.38 -52.51
C GLN CA 288 33.32 -28.36 -53.20
N SER CA 289 32.33 -29.03 -52.61
CA SER CA 289 31.00 -29.14 -53.27
C SER CA 289 30.43 -27.74 -53.54
N VAL CA 290 30.63 -26.80 -52.61
CA VAL CA 290 30.16 -25.41 -52.84
C VAL CA 290 30.69 -24.95 -54.20
N ALA CA 291 31.99 -25.13 -54.44
CA ALA CA 291 32.59 -24.70 -55.72
C ALA CA 291 32.04 -25.55 -56.87
N VAL CA 292 32.01 -26.87 -56.71
CA VAL CA 292 31.57 -27.75 -57.83
C VAL CA 292 30.17 -27.29 -58.24
N ILE CA 293 29.28 -27.15 -57.26
CA ILE CA 293 27.87 -26.74 -57.56
C ILE CA 293 27.89 -25.36 -58.20
N ASP CA 294 28.74 -24.46 -57.70
CA ASP CA 294 28.78 -23.06 -58.23
C ASP CA 294 29.10 -23.12 -59.72
N SER CA 295 30.12 -23.88 -60.09
CA SER CA 295 30.46 -24.04 -61.53
C SER CA 295 29.22 -24.55 -62.26
N ALA CA 296 28.58 -25.58 -61.70
CA ALA CA 296 27.38 -26.15 -62.35
C ALA CA 296 26.38 -25.03 -62.60
N LEU CA 297 26.12 -24.21 -61.59
CA LEU CA 297 25.13 -23.10 -61.74
C LEU CA 297 25.50 -22.29 -62.98
N LYS CA 298 26.76 -21.86 -63.07
CA LYS CA 298 27.19 -21.01 -64.21
C LYS CA 298 26.86 -21.75 -65.51
N TYR CA 299 27.21 -23.02 -65.60
CA TYR CA 299 26.98 -23.77 -66.87
C TYR CA 299 25.50 -23.77 -67.19
N VAL CA 300 24.66 -24.12 -66.21
CA VAL CA 300 23.20 -24.24 -66.49
C VAL CA 300 22.65 -22.91 -66.99
N ASP CA 301 22.86 -21.82 -66.24
CA ASP CA 301 22.23 -20.53 -66.63
C ASP CA 301 22.82 -20.08 -67.98
N SER CA 302 24.09 -20.38 -68.23
CA SER CA 302 24.70 -20.03 -69.53
C SER CA 302 23.84 -20.61 -70.65
N HIS CA 303 23.52 -21.90 -70.55
CA HIS CA 303 22.73 -22.56 -71.63
C HIS CA 303 21.38 -21.84 -71.72
N ARG CA 304 20.78 -21.57 -70.57
CA ARG CA 304 19.45 -20.92 -70.55
C ARG CA 304 19.55 -19.61 -71.36
N ALA CA 305 20.59 -18.82 -71.09
CA ALA CA 305 20.74 -17.52 -71.78
C ALA CA 305 20.84 -17.75 -73.28
N GLU CA 306 21.70 -18.68 -73.69
CA GLU CA 306 21.86 -18.97 -75.13
C GLU CA 306 20.50 -19.38 -75.70
N LEU CA 307 19.80 -20.27 -74.99
CA LEU CA 307 18.44 -20.67 -75.43
C LEU CA 307 17.58 -19.41 -75.51
N GLY CA 308 17.70 -18.54 -74.50
CA GLY CA 308 16.88 -17.31 -74.50
C GLY CA 308 17.13 -16.46 -75.72
N ALA CA 309 18.40 -16.29 -76.10
CA ALA CA 309 18.74 -15.52 -77.31
C ALA CA 309 18.04 -16.17 -78.50
N PHE CA 310 18.20 -17.49 -78.62
CA PHE CA 310 17.53 -18.24 -79.71
C PHE CA 310 16.06 -17.84 -79.73
N GLN CA 311 15.39 -17.96 -78.58
CA GLN CA 311 13.95 -17.62 -78.51
C GLN CA 311 13.76 -16.22 -79.07
N ASN CA 312 14.41 -15.22 -78.45
CA ASN CA 312 14.18 -13.82 -78.89
C ASN CA 312 14.49 -13.70 -80.39
N ARG CA 313 15.61 -14.28 -80.83
CA ARG CA 313 16.01 -14.18 -82.26
C ARG CA 313 14.86 -14.72 -83.10
N PHE CA 314 14.34 -15.89 -82.74
CA PHE CA 314 13.22 -16.50 -83.50
C PHE CA 314 12.05 -15.52 -83.52
N ASN CA 315 11.72 -14.96 -82.36
CA ASN CA 315 10.56 -14.02 -82.28
C ASN CA 315 10.76 -12.93 -83.34
N HIS CA 316 11.89 -12.22 -83.27
CA HIS CA 316 12.13 -11.11 -84.22
C HIS CA 316 11.96 -11.64 -85.64
N ALA CA 317 12.46 -12.86 -85.89
CA ALA CA 317 12.34 -13.46 -87.24
C ALA CA 317 10.86 -13.59 -87.61
N ILE CA 318 10.04 -14.10 -86.70
CA ILE CA 318 8.59 -14.29 -86.99
C ILE CA 318 8.00 -12.96 -87.43
N SER CA 319 8.31 -11.88 -86.70
CA SER CA 319 7.74 -10.55 -87.04
C SER CA 319 8.12 -10.17 -88.47
N ASN CA 320 9.42 -10.26 -88.79
CA ASN CA 320 9.86 -9.91 -90.17
C ASN CA 320 9.13 -10.81 -91.15
N LEU CA 321 9.02 -12.10 -90.82
CA LEU CA 321 8.39 -13.05 -91.77
C LEU CA 321 6.96 -12.62 -92.09
N ASP CA 322 6.14 -12.39 -91.07
CA ASP CA 322 4.71 -12.09 -91.35
C ASP CA 322 4.61 -10.71 -92.04
N ASN CA 323 5.49 -9.78 -91.67
CA ASN CA 323 5.51 -8.46 -92.35
C ASN CA 323 5.71 -8.69 -93.84
N ILE CA 324 6.74 -9.47 -94.20
CA ILE CA 324 7.00 -9.78 -95.63
C ILE CA 324 5.77 -10.53 -96.17
N ASN CA 325 5.27 -11.51 -95.42
CA ASN CA 325 4.10 -12.28 -95.86
C ASN CA 325 3.02 -11.29 -96.31
N GLU CA 326 2.70 -10.31 -95.46
CA GLU CA 326 1.62 -9.36 -95.79
C GLU CA 326 1.94 -8.65 -97.11
N ASN CA 327 3.13 -8.05 -97.20
CA ASN CA 327 3.47 -7.26 -98.42
C ASN CA 327 3.42 -8.19 -99.64
N VAL CA 328 3.90 -9.43 -99.48
CA VAL CA 328 3.94 -10.38 -100.62
C VAL CA 328 2.50 -10.64 -101.06
N ASN CA 329 1.62 -10.96 -100.12
CA ASN CA 329 0.20 -11.22 -100.46
C ASN CA 329 -0.38 -9.96 -101.10
N ALA CA 330 -0.02 -8.79 -100.56
CA ALA CA 330 -0.54 -7.52 -101.09
C ALA CA 330 -0.09 -7.36 -102.54
N SER CA 331 1.20 -7.56 -102.80
CA SER CA 331 1.72 -7.46 -104.18
C SER CA 331 1.01 -8.51 -105.04
N LYS CA 332 0.84 -9.72 -104.51
CA LYS CA 332 0.19 -10.81 -105.28
C LYS CA 332 -1.19 -10.32 -105.72
N SER CA 333 -1.93 -9.71 -104.79
CA SER CA 333 -3.28 -9.21 -105.12
C SER CA 333 -3.18 -8.29 -106.34
N ARG CA 334 -2.26 -7.31 -106.30
CA ARG CA 334 -2.20 -6.33 -107.41
C ARG CA 334 -1.85 -7.04 -108.73
N ILE CA 335 -1.59 -8.35 -108.68
CA ILE CA 335 -1.15 -9.04 -109.93
C ILE CA 335 -2.15 -10.14 -110.31
N LYS CA 336 -2.80 -10.76 -109.32
CA LYS CA 336 -3.69 -11.90 -109.65
C LYS CA 336 -5.13 -11.62 -109.22
N ASP CA 337 -5.33 -11.07 -108.02
CA ASP CA 337 -6.71 -10.86 -107.51
C ASP CA 337 -7.48 -9.98 -108.49
N THR CA 338 -8.74 -10.34 -108.77
CA THR CA 338 -9.55 -9.57 -109.76
C THR CA 338 -10.19 -8.37 -109.06
N ASP CA 339 -10.46 -7.29 -109.80
CA ASP CA 339 -11.13 -6.10 -109.22
C ASP CA 339 -12.56 -6.06 -109.76
N PHE CA 340 -13.53 -6.44 -108.91
CA PHE CA 340 -14.94 -6.48 -109.38
C PHE CA 340 -15.27 -5.13 -110.02
N ALA CA 341 -14.93 -4.03 -109.35
CA ALA CA 341 -15.21 -2.68 -109.88
C ALA CA 341 -14.98 -2.69 -111.40
N LYS CA 342 -13.78 -3.06 -111.83
CA LYS CA 342 -13.46 -2.98 -113.28
C LYS CA 342 -14.16 -4.14 -114.01
N GLU CA 343 -14.06 -5.34 -113.47
CA GLU CA 343 -14.64 -6.51 -114.17
C GLU CA 343 -16.14 -6.29 -114.33
N THR CA 344 -16.84 -5.97 -113.24
CA THR CA 344 -18.31 -5.86 -113.33
C THR CA 344 -18.64 -4.89 -114.48
N THR CA 345 -17.90 -3.79 -114.58
CA THR CA 345 -18.16 -2.78 -115.63
C THR CA 345 -17.98 -3.43 -117.01
N ALA CA 346 -16.87 -4.15 -117.20
CA ALA CA 346 -16.60 -4.78 -118.51
C ALA CA 346 -17.73 -5.74 -118.85
N LEU CA 347 -18.16 -6.54 -117.87
CA LEU CA 347 -19.23 -7.53 -118.12
C LEU CA 347 -20.44 -6.77 -118.68
N THR CA 348 -20.82 -5.68 -118.02
CA THR CA 348 -22.02 -4.93 -118.47
C THR CA 348 -21.76 -4.38 -119.87
N LYS CA 349 -20.60 -3.75 -120.07
CA LYS CA 349 -20.27 -3.16 -121.40
C LYS CA 349 -20.41 -4.26 -122.45
N SER CA 350 -19.82 -5.43 -122.17
CA SER CA 350 -19.91 -6.55 -123.12
C SER CA 350 -21.37 -6.97 -123.27
N GLN CA 351 -22.08 -7.15 -122.15
CA GLN CA 351 -23.47 -7.63 -122.22
C GLN CA 351 -24.25 -6.73 -123.18
N ILE CA 352 -24.13 -5.41 -123.01
CA ILE CA 352 -24.93 -4.48 -123.87
C ILE CA 352 -24.50 -4.67 -125.32
N LEU CA 353 -23.19 -4.77 -125.57
CA LEU CA 353 -22.69 -4.98 -126.95
C LEU CA 353 -23.32 -6.26 -127.51
N SER CA 354 -23.41 -7.31 -126.70
CA SER CA 354 -24.03 -8.58 -127.15
C SER CA 354 -25.48 -8.32 -127.55
N GLN CA 355 -26.26 -7.69 -126.67
CA GLN CA 355 -27.69 -7.44 -126.96
C GLN CA 355 -27.78 -6.54 -128.21
N ALA CA 356 -26.93 -5.53 -128.28
CA ALA CA 356 -26.92 -4.62 -129.46
C ALA CA 356 -26.61 -5.45 -130.71
N SER CA 357 -25.58 -6.29 -130.63
CA SER CA 357 -25.18 -7.08 -131.82
C SER CA 357 -26.34 -7.99 -132.24
N SER CA 358 -26.99 -8.64 -131.28
CA SER CA 358 -28.13 -9.53 -131.59
C SER CA 358 -29.21 -8.70 -132.28
N SER CA 359 -29.48 -7.50 -131.74
CA SER CA 359 -30.53 -6.64 -132.31
C SER CA 359 -30.20 -6.31 -133.77
N VAL CA 360 -28.98 -5.83 -134.01
CA VAL CA 360 -28.63 -5.40 -135.41
C VAL CA 360 -28.60 -6.64 -136.30
N LEU CA 361 -28.11 -7.76 -135.77
CA LEU CA 361 -28.06 -9.01 -136.57
C LEU CA 361 -29.47 -9.29 -137.07
N ALA CA 362 -30.45 -9.30 -136.16
CA ALA CA 362 -31.83 -9.62 -136.56
C ALA CA 362 -32.27 -8.66 -137.67
N GLN CA 363 -32.09 -7.36 -137.45
CA GLN CA 363 -32.56 -6.36 -138.44
C GLN CA 363 -31.94 -6.69 -139.80
N ALA CA 364 -30.64 -6.96 -139.83
CA ALA CA 364 -29.95 -7.31 -141.09
C ALA CA 364 -30.49 -8.66 -141.60
N LYS CA 365 -30.69 -9.62 -140.69
CA LYS CA 365 -31.15 -10.96 -141.12
C LYS CA 365 -32.38 -10.80 -142.02
N GLN CA 366 -33.17 -9.74 -141.80
CA GLN CA 366 -34.43 -9.57 -142.57
C GLN CA 366 -34.14 -8.78 -143.85
N ALA CA 367 -32.91 -8.27 -144.01
CA ALA CA 367 -32.61 -7.44 -145.19
C ALA CA 367 -32.85 -8.24 -146.47
N PRO CA 368 -32.34 -9.48 -146.63
CA PRO CA 368 -32.65 -10.27 -147.83
C PRO CA 368 -34.14 -10.22 -148.20
N ASN CA 369 -35.01 -10.10 -147.20
CA ASN CA 369 -36.48 -10.14 -147.48
C ASN CA 369 -36.84 -9.03 -148.47
N ALA CA 370 -35.88 -8.15 -148.78
CA ALA CA 370 -36.15 -7.06 -149.74
C ALA CA 370 -36.55 -7.64 -151.10
N ALA CA 371 -35.74 -8.56 -151.62
CA ALA CA 371 -36.01 -9.11 -152.98
C ALA CA 371 -37.41 -9.70 -153.04
N LEU CA 372 -37.85 -10.35 -151.96
CA LEU CA 372 -39.17 -11.03 -152.00
C LEU CA 372 -40.20 -10.04 -152.56
N SER CA 373 -40.09 -8.77 -152.18
CA SER CA 373 -41.03 -7.74 -152.67
C SER CA 373 -40.45 -7.05 -153.92
N LEU CA 374 -39.13 -7.07 -154.06
CA LEU CA 374 -38.49 -6.35 -155.20
C LEU CA 374 -39.26 -6.64 -156.48
N LEU CA 375 -39.36 -7.92 -156.85
CA LEU CA 375 -40.05 -8.30 -158.12
C LEU CA 375 -40.94 -9.52 -157.83
N GLY CA 376 -40.88 -10.05 -156.61
CA GLY CA 376 -41.64 -11.26 -156.29
C GLY CA 376 -40.75 -12.48 -156.24
N ALA DA 1 -3.87 -16.28 -82.21
CA ALA DA 1 -4.42 -14.91 -82.12
C ALA DA 1 -5.56 -14.95 -81.09
N VAL DA 2 -6.54 -15.81 -81.33
CA VAL DA 2 -7.66 -15.99 -80.35
C VAL DA 2 -8.01 -17.47 -80.37
N ASN DA 3 -7.41 -18.24 -79.47
CA ASN DA 3 -7.69 -19.70 -79.43
C ASN DA 3 -8.61 -19.97 -78.23
N VAL DA 4 -9.63 -20.80 -78.42
CA VAL DA 4 -10.60 -21.11 -77.33
C VAL DA 4 -10.21 -22.43 -76.66
N ASN DA 5 -9.54 -23.32 -77.38
CA ASN DA 5 -9.25 -24.66 -76.80
C ASN DA 5 -8.18 -24.57 -75.71
N THR DA 6 -7.18 -23.70 -75.87
CA THR DA 6 -6.08 -23.67 -74.86
C THR DA 6 -5.87 -22.26 -74.31
N ASN DA 7 -5.69 -22.14 -72.99
CA ASN DA 7 -5.43 -20.83 -72.36
C ASN DA 7 -4.16 -20.98 -71.53
N VAL DA 8 -3.00 -21.00 -72.19
CA VAL DA 8 -1.72 -21.23 -71.46
C VAL DA 8 -1.55 -20.14 -70.40
N ALA DA 9 -2.14 -18.97 -70.63
CA ALA DA 9 -2.08 -17.90 -69.61
C ALA DA 9 -2.67 -18.45 -68.31
N ALA DA 10 -3.84 -19.08 -68.42
CA ALA DA 10 -4.52 -19.60 -67.20
C ALA DA 10 -3.60 -20.63 -66.53
N MET DA 11 -3.05 -21.55 -67.32
CA MET DA 11 -2.19 -22.60 -66.75
C MET DA 11 -1.04 -21.93 -65.97
N THR DA 12 -0.41 -20.94 -66.59
CA THR DA 12 0.73 -20.27 -65.92
C THR DA 12 0.23 -19.70 -64.60
N ALA DA 13 -0.94 -19.08 -64.62
CA ALA DA 13 -1.50 -18.48 -63.40
C ALA DA 13 -1.78 -19.55 -62.35
N GLN DA 14 -2.50 -20.63 -62.72
CA GLN DA 14 -2.88 -21.63 -61.71
C GLN DA 14 -1.60 -22.18 -61.07
N ARG DA 15 -0.54 -22.37 -61.87
CA ARG DA 15 0.71 -22.94 -61.33
C ARG DA 15 1.25 -21.99 -60.25
N TYR DA 16 1.43 -20.72 -60.60
CA TYR DA 16 2.02 -19.77 -59.62
C TYR DA 16 1.10 -19.67 -58.42
N LEU DA 17 -0.22 -19.81 -58.66
CA LEU DA 17 -1.22 -19.76 -57.56
C LEU DA 17 -0.99 -20.94 -56.62
N THR DA 18 -0.93 -22.15 -57.18
CA THR DA 18 -0.78 -23.35 -56.32
C THR DA 18 0.45 -23.13 -55.42
N GLY DA 19 1.54 -22.62 -56.01
CA GLY DA 19 2.76 -22.39 -55.22
C GLY DA 19 2.47 -21.53 -54.02
N ALA DA 20 1.75 -20.42 -54.22
CA ALA DA 20 1.44 -19.49 -53.12
C ALA DA 20 0.57 -20.21 -52.07
N THR DA 21 -0.48 -20.90 -52.51
CA THR DA 21 -1.40 -21.57 -51.55
C THR DA 21 -0.57 -22.53 -50.69
N ASN DA 22 0.32 -23.29 -51.33
CA ASN DA 22 1.15 -24.27 -50.57
C ASN DA 22 2.01 -23.51 -49.56
N ALA DA 23 2.66 -22.43 -50.01
CA ALA DA 23 3.52 -21.64 -49.10
C ALA DA 23 2.67 -21.13 -47.94
N GLN DA 24 1.47 -20.64 -48.25
CA GLN DA 24 0.57 -20.12 -47.20
C GLN DA 24 0.36 -21.22 -46.16
N GLN DA 25 0.00 -22.42 -46.61
CA GLN DA 25 -0.20 -23.55 -45.68
C GLN DA 25 1.09 -23.75 -44.88
N THR DA 26 2.21 -23.98 -45.56
CA THR DA 26 3.47 -24.24 -44.84
C THR DA 26 3.65 -23.21 -43.73
N SER DA 27 3.49 -21.93 -44.07
CA SER DA 27 3.73 -20.87 -43.07
C SER DA 27 2.69 -21.00 -41.95
N MET DA 28 1.43 -21.21 -42.31
CA MET DA 28 0.37 -21.26 -41.28
C MET DA 28 0.72 -22.38 -40.29
N GLU DA 29 1.11 -23.54 -40.83
CA GLU DA 29 1.45 -24.68 -39.94
C GLU DA 29 2.55 -24.23 -38.99
N ARG DA 30 3.66 -23.72 -39.54
CA ARG DA 30 4.81 -23.32 -38.68
C ARG DA 30 4.30 -22.37 -37.59
N LEU DA 31 3.57 -21.34 -37.98
CA LEU DA 31 3.04 -20.38 -36.98
C LEU DA 31 2.28 -21.15 -35.91
N SER DA 32 1.30 -21.96 -36.31
CA SER DA 32 0.49 -22.71 -35.32
C SER DA 32 1.40 -23.63 -34.50
N SER DA 33 2.20 -24.45 -35.16
CA SER DA 33 3.05 -25.43 -34.44
C SER DA 33 4.05 -24.70 -33.54
N GLY DA 34 4.47 -23.50 -33.94
CA GLY DA 34 5.49 -22.78 -33.16
C GLY DA 34 6.89 -23.28 -33.52
N PHE DA 35 6.97 -24.27 -34.41
CA PHE DA 35 8.29 -24.77 -34.86
C PHE DA 35 8.38 -24.63 -36.38
N LYS DA 36 9.59 -24.53 -36.92
CA LYS DA 36 9.76 -24.44 -38.40
C LYS DA 36 10.00 -25.85 -38.95
N ILE DA 37 10.85 -26.63 -38.29
CA ILE DA 37 11.11 -28.03 -38.74
C ILE DA 37 10.03 -28.93 -38.12
N ASN DA 38 8.84 -28.93 -38.72
CA ASN DA 38 7.73 -29.78 -38.22
C ASN DA 38 7.75 -31.10 -38.99
N SER DA 39 8.38 -31.11 -40.16
CA SER DA 39 8.51 -32.35 -40.96
C SER DA 39 9.92 -32.43 -41.55
N ALA DA 40 10.47 -33.64 -41.64
CA ALA DA 40 11.80 -33.78 -42.27
C ALA DA 40 11.80 -32.99 -43.57
N LYS DA 41 10.66 -32.97 -44.27
CA LYS DA 41 10.59 -32.24 -45.56
C LYS DA 41 11.20 -30.85 -45.38
N ASP DA 42 10.90 -30.18 -44.26
CA ASP DA 42 11.41 -28.81 -44.03
C ASP DA 42 12.94 -28.84 -43.97
N ASP DA 43 13.52 -29.67 -43.10
CA ASP DA 43 14.99 -29.69 -42.93
C ASP DA 43 15.39 -30.99 -42.23
N ALA DA 44 15.37 -32.11 -42.96
CA ALA DA 44 15.67 -33.41 -42.34
C ALA DA 44 16.93 -33.29 -41.49
N ALA DA 45 17.96 -32.63 -42.01
CA ALA DA 45 19.24 -32.52 -41.28
C ALA DA 45 18.98 -31.90 -39.90
N GLY DA 46 18.33 -30.73 -39.87
CA GLY DA 46 18.06 -30.07 -38.60
C GLY DA 46 17.23 -30.97 -37.70
N LEU DA 47 16.17 -31.57 -38.26
CA LEU DA 47 15.32 -32.51 -37.49
C LEU DA 47 16.23 -33.38 -36.62
N GLN DA 48 17.14 -34.12 -37.24
CA GLN DA 48 17.99 -35.06 -36.46
C GLN DA 48 18.74 -34.26 -35.39
N ILE DA 49 19.41 -33.18 -35.81
CA ILE DA 49 20.24 -32.41 -34.84
C ILE DA 49 19.35 -31.96 -33.68
N SER DA 50 18.21 -31.35 -34.01
CA SER DA 50 17.28 -30.82 -32.97
C SER DA 50 16.77 -31.99 -32.12
N ASN DA 51 16.34 -33.08 -32.77
CA ASN DA 51 15.88 -34.26 -31.99
C ASN DA 51 16.97 -34.61 -30.98
N ARG DA 52 18.23 -34.63 -31.43
CA ARG DA 52 19.34 -35.02 -30.52
C ARG DA 52 19.40 -34.02 -29.36
N LEU DA 53 19.35 -32.73 -29.67
CA LEU DA 53 19.41 -31.68 -28.62
C LEU DA 53 18.21 -31.87 -27.68
N ASN DA 54 17.03 -32.09 -28.24
CA ASN DA 54 15.80 -32.21 -27.41
C ASN DA 54 16.00 -33.38 -26.43
N VAL DA 55 16.49 -34.51 -26.94
CA VAL DA 55 16.73 -35.68 -26.07
C VAL DA 55 17.68 -35.24 -24.95
N GLN DA 56 18.77 -34.56 -25.31
CA GLN DA 56 19.77 -34.15 -24.29
C GLN DA 56 19.06 -33.28 -23.25
N SER DA 57 18.28 -32.30 -23.70
CA SER DA 57 17.59 -31.38 -22.76
C SER DA 57 16.61 -32.19 -21.91
N ARG DA 58 15.77 -32.99 -22.56
CA ARG DA 58 14.74 -33.79 -21.83
C ARG DA 58 15.46 -34.73 -20.87
N GLY DA 59 16.72 -35.06 -21.17
CA GLY DA 59 17.50 -35.94 -20.28
C GLY DA 59 18.20 -35.15 -19.19
N LEU DA 60 18.92 -34.09 -19.57
CA LEU DA 60 19.71 -33.33 -18.57
C LEU DA 60 18.85 -33.10 -17.33
N ASP DA 61 17.57 -32.75 -17.51
CA ASP DA 61 16.74 -32.41 -16.33
C ASP DA 61 16.48 -33.68 -15.51
N VAL DA 62 16.24 -34.81 -16.18
CA VAL DA 62 16.06 -36.08 -15.42
C VAL DA 62 17.29 -36.25 -14.54
N ALA DA 63 18.47 -35.95 -15.07
CA ALA DA 63 19.71 -36.11 -14.30
C ALA DA 63 19.65 -35.21 -13.07
N VAL DA 64 19.22 -33.97 -13.25
CA VAL DA 64 19.14 -33.02 -12.10
C VAL DA 64 18.22 -33.66 -11.06
N ARG DA 65 17.08 -34.21 -11.51
CA ARG DA 65 16.15 -34.89 -10.58
C ARG DA 65 16.90 -36.01 -9.86
N ASN DA 66 17.57 -36.88 -10.62
CA ASN DA 66 18.29 -38.03 -10.02
C ASN DA 66 19.35 -37.48 -9.06
N ALA DA 67 20.00 -36.38 -9.44
CA ALA DA 67 21.04 -35.77 -8.59
C ALA DA 67 20.40 -35.28 -7.29
N ASN DA 68 19.25 -34.60 -7.40
CA ASN DA 68 18.57 -34.07 -6.19
C ASN DA 68 18.27 -35.23 -5.24
N ASP DA 69 17.75 -36.33 -5.79
CA ASP DA 69 17.48 -37.52 -4.96
C ASP DA 69 18.79 -37.96 -4.31
N GLY DA 70 19.88 -37.92 -5.06
CA GLY DA 70 21.18 -38.27 -4.50
C GLY DA 70 21.49 -37.42 -3.27
N ILE DA 71 21.32 -36.10 -3.39
CA ILE DA 71 21.64 -35.21 -2.25
C ILE DA 71 20.68 -35.56 -1.11
N SER DA 72 19.43 -35.86 -1.44
CA SER DA 72 18.42 -36.12 -0.39
C SER DA 72 18.85 -37.34 0.43
N ILE DA 73 19.25 -38.41 -0.25
CA ILE DA 73 19.68 -39.64 0.48
C ILE DA 73 20.83 -39.24 1.41
N ALA DA 74 21.79 -38.48 0.89
CA ALA DA 74 22.96 -38.11 1.71
C ALA DA 74 22.49 -37.33 2.93
N GLN DA 75 21.62 -36.33 2.73
CA GLN DA 75 21.19 -35.47 3.86
C GLN DA 75 20.52 -36.37 4.91
N THR DA 76 19.64 -37.26 4.46
CA THR DA 76 18.91 -38.12 5.42
C THR DA 76 19.95 -38.87 6.24
N ALA DA 77 20.94 -39.46 5.55
CA ALA DA 77 21.97 -40.25 6.25
C ALA DA 77 22.78 -39.34 7.17
N GLU DA 78 23.28 -38.22 6.66
CA GLU DA 78 24.15 -37.33 7.48
C GLU DA 78 23.36 -36.82 8.69
N GLY DA 79 22.09 -36.47 8.50
CA GLY DA 79 21.26 -36.04 9.64
C GLY DA 79 21.20 -37.12 10.70
N ALA DA 80 21.02 -38.38 10.28
CA ALA DA 80 21.04 -39.48 11.27
C ALA DA 80 22.41 -39.49 11.94
N MET DA 81 23.48 -39.46 11.15
CA MET DA 81 24.85 -39.53 11.73
C MET DA 81 24.95 -38.47 12.84
N ASN DA 82 24.36 -37.30 12.60
CA ASN DA 82 24.42 -36.21 13.62
C ASN DA 82 23.96 -36.78 14.95
N GLU DA 83 22.83 -37.47 14.97
CA GLU DA 83 22.30 -38.02 16.24
C GLU DA 83 23.37 -38.93 16.83
N THR DA 84 23.91 -39.85 16.04
CA THR DA 84 24.88 -40.82 16.59
C THR DA 84 26.00 -40.04 17.28
N THR DA 85 26.48 -38.99 16.64
CA THR DA 85 27.63 -38.22 17.22
C THR DA 85 27.27 -37.77 18.62
N ASN DA 86 26.13 -37.09 18.80
CA ASN DA 86 25.80 -36.54 20.13
C ASN DA 86 25.70 -37.71 21.13
N ILE DA 87 24.96 -38.75 20.76
CA ILE DA 87 24.78 -39.92 21.68
C ILE DA 87 26.17 -40.38 22.11
N LEU DA 88 27.06 -40.61 21.15
CA LEU DA 88 28.41 -41.12 21.47
C LEU DA 88 29.06 -40.18 22.48
N GLN DA 89 29.03 -38.88 22.20
CA GLN DA 89 29.72 -37.90 23.10
C GLN DA 89 29.20 -38.13 24.51
N ARG DA 90 27.88 -38.23 24.67
CA ARG DA 90 27.31 -38.50 26.01
C ARG DA 90 28.01 -39.73 26.59
N MET DA 91 27.98 -40.85 25.87
CA MET DA 91 28.59 -42.10 26.39
C MET DA 91 30.01 -41.79 26.86
N ARG DA 92 30.74 -40.96 26.10
CA ARG DA 92 32.14 -40.64 26.47
C ARG DA 92 32.15 -39.92 27.81
N ASP DA 93 31.29 -38.91 27.96
CA ASP DA 93 31.27 -38.13 29.22
C ASP DA 93 30.89 -39.05 30.38
N LEU DA 94 29.85 -39.85 30.19
CA LEU DA 94 29.43 -40.80 31.25
C LEU DA 94 30.62 -41.69 31.58
N SER DA 95 31.33 -42.16 30.56
CA SER DA 95 32.47 -43.08 30.78
C SER DA 95 33.56 -42.37 31.59
N LEU DA 96 33.91 -41.14 31.20
CA LEU DA 96 34.94 -40.37 31.94
C LEU DA 96 34.53 -40.31 33.41
N GLN DA 97 33.27 -39.96 33.67
CA GLN DA 97 32.79 -39.87 35.08
C GLN DA 97 33.05 -41.22 35.75
N SER DA 98 32.51 -42.31 35.18
CA SER DA 98 32.67 -43.64 35.81
C SER DA 98 34.13 -43.90 36.17
N ALA DA 99 35.08 -43.44 35.35
CA ALA DA 99 36.50 -43.72 35.60
C ALA DA 99 36.94 -43.09 36.92
N ASN DA 100 36.21 -42.08 37.40
CA ASN DA 100 36.64 -41.37 38.64
C ASN DA 100 36.59 -42.33 39.83
N GLY DA 101 37.57 -42.24 40.72
CA GLY DA 101 37.65 -43.15 41.88
C GLY DA 101 36.48 -42.97 42.83
N SER DA 102 35.98 -41.75 42.99
CA SER DA 102 34.92 -41.48 43.99
C SER DA 102 33.75 -42.45 43.79
N ASN DA 103 33.33 -42.67 42.54
CA ASN DA 103 32.16 -43.53 42.27
C ASN DA 103 32.42 -44.94 42.80
N SER DA 104 31.39 -45.60 43.34
CA SER DA 104 31.54 -47.00 43.81
C SER DA 104 30.82 -47.95 42.85
N LYS DA 105 30.78 -49.24 43.18
CA LYS DA 105 30.18 -50.23 42.25
C LYS DA 105 28.77 -49.80 41.86
N SER DA 106 27.91 -49.59 42.86
CA SER DA 106 26.49 -49.24 42.55
C SER DA 106 26.49 -48.00 41.66
N GLU DA 107 27.34 -47.02 41.98
CA GLU DA 107 27.39 -45.78 41.19
C GLU DA 107 27.65 -46.15 39.73
N ARG DA 108 28.78 -46.81 39.48
CA ARG DA 108 29.13 -47.17 38.08
C ARG DA 108 27.99 -47.98 37.49
N VAL DA 109 27.40 -48.89 38.27
CA VAL DA 109 26.35 -49.79 37.71
C VAL DA 109 25.30 -48.89 37.04
N ALA DA 110 24.90 -47.83 37.73
CA ALA DA 110 23.86 -46.92 37.18
C ALA DA 110 24.37 -46.32 35.88
N ILE DA 111 25.62 -45.84 35.89
CA ILE DA 111 26.17 -45.21 34.66
C ILE DA 111 26.08 -46.24 33.54
N GLN DA 112 26.50 -47.47 33.81
CA GLN DA 112 26.50 -48.52 32.76
C GLN DA 112 25.06 -48.67 32.26
N GLU DA 113 24.11 -48.64 33.18
CA GLU DA 113 22.68 -48.80 32.79
C GLU DA 113 22.36 -47.77 31.71
N GLU DA 114 22.72 -46.51 31.94
CA GLU DA 114 22.45 -45.45 30.95
C GLU DA 114 23.25 -45.72 29.67
N ILE DA 115 24.53 -46.07 29.81
CA ILE DA 115 25.40 -46.34 28.61
C ILE DA 115 24.79 -47.50 27.82
N THR DA 116 24.32 -48.54 28.51
CA THR DA 116 23.72 -49.72 27.82
C THR DA 116 22.53 -49.24 26.99
N ALA DA 117 21.70 -48.37 27.57
CA ALA DA 117 20.52 -47.86 26.84
C ALA DA 117 20.99 -47.09 25.61
N LEU DA 118 21.92 -46.16 25.79
CA LEU DA 118 22.41 -45.35 24.66
C LEU DA 118 22.92 -46.29 23.58
N ASN DA 119 23.67 -47.32 23.98
CA ASN DA 119 24.21 -48.28 22.99
C ASN DA 119 23.06 -48.77 22.11
N ASP DA 120 21.97 -49.21 22.75
CA ASP DA 120 20.84 -49.78 21.99
C ASP DA 120 20.32 -48.71 21.02
N GLU DA 121 20.28 -47.45 21.45
CA GLU DA 121 19.70 -46.38 20.61
C GLU DA 121 20.57 -46.23 19.35
N LEU DA 122 21.89 -46.23 19.52
CA LEU DA 122 22.79 -46.15 18.35
C LEU DA 122 22.38 -47.25 17.36
N ASN DA 123 22.33 -48.49 17.85
CA ASN DA 123 21.94 -49.63 16.98
C ASN DA 123 20.55 -49.34 16.41
N ARG DA 124 19.65 -48.83 17.23
CA ARG DA 124 18.25 -48.62 16.76
C ARG DA 124 18.27 -47.68 15.55
N ILE DA 125 18.91 -46.51 15.68
CA ILE DA 125 18.84 -45.53 14.55
C ILE DA 125 19.49 -46.20 13.33
N ALA DA 126 20.55 -46.97 13.54
CA ALA DA 126 21.26 -47.60 12.41
C ALA DA 126 20.29 -48.45 11.61
N GLU DA 127 19.42 -49.20 12.29
CA GLU DA 127 18.49 -50.12 11.60
C GLU DA 127 17.26 -49.33 11.13
N THR DA 128 16.69 -48.50 11.99
CA THR DA 128 15.43 -47.79 11.64
C THR DA 128 15.67 -46.83 10.47
N THR DA 129 16.70 -45.98 10.57
CA THR DA 129 16.93 -44.95 9.51
C THR DA 129 16.69 -45.56 8.13
N SER DA 130 15.77 -44.97 7.36
CA SER DA 130 15.46 -45.51 6.01
C SER DA 130 14.80 -44.43 5.15
N PHE DA 131 15.32 -44.22 3.95
CA PHE DA 131 14.70 -43.25 3.00
C PHE DA 131 13.63 -43.98 2.18
N GLY DA 132 12.38 -43.95 2.66
CA GLY DA 132 11.29 -44.61 1.93
C GLY DA 132 11.44 -46.12 1.91
N GLY DA 133 11.84 -46.71 3.04
CA GLY DA 133 11.93 -48.19 3.13
C GLY DA 133 13.31 -48.71 2.79
N ASN DA 134 14.17 -47.86 2.21
CA ASN DA 134 15.54 -48.28 1.84
C ASN DA 134 16.47 -47.99 3.02
N LYS DA 135 16.81 -49.01 3.80
CA LYS DA 135 17.68 -48.82 4.99
C LYS DA 135 18.97 -48.16 4.54
N LEU DA 136 19.47 -47.17 5.28
CA LEU DA 136 20.64 -46.41 4.81
C LEU DA 136 21.86 -46.62 5.72
N LEU DA 137 21.63 -46.99 6.99
CA LEU DA 137 22.78 -47.06 7.94
C LEU DA 137 22.90 -48.44 8.61
N ASN DA 138 22.40 -49.51 7.98
CA ASN DA 138 22.60 -50.86 8.57
C ASN DA 138 23.70 -51.58 7.81
N GLY DA 139 24.06 -51.06 6.63
CA GLY DA 139 25.11 -51.70 5.80
C GLY DA 139 24.53 -52.19 4.49
N THR DA 140 23.26 -52.57 4.48
CA THR DA 140 22.64 -53.14 3.24
C THR DA 140 22.86 -52.18 2.08
N PHE DA 141 22.48 -50.90 2.26
CA PHE DA 141 22.74 -49.89 1.20
C PHE DA 141 24.25 -49.68 1.11
N SER DA 142 24.84 -49.89 -0.07
CA SER DA 142 26.32 -49.78 -0.18
C SER DA 142 26.74 -49.55 -1.64
N THR DA 143 27.69 -48.64 -1.85
CA THR DA 143 28.23 -48.42 -3.22
C THR DA 143 27.11 -48.47 -4.26
N LYS DA 144 26.14 -47.56 -4.17
CA LYS DA 144 25.08 -47.49 -5.22
C LYS DA 144 25.42 -46.30 -6.13
N SER DA 145 25.23 -46.44 -7.44
CA SER DA 145 25.64 -45.35 -8.36
C SER DA 145 24.44 -44.47 -8.71
N PHE DA 146 24.65 -43.15 -8.77
CA PHE DA 146 23.54 -42.22 -9.08
C PHE DA 146 23.81 -41.55 -10.44
N GLN DA 147 23.06 -41.94 -11.47
CA GLN DA 147 23.23 -41.33 -12.81
C GLN DA 147 22.94 -39.84 -12.71
N ILE DA 148 23.89 -39.00 -13.13
CA ILE DA 148 23.70 -37.52 -13.03
C ILE DA 148 24.10 -36.90 -14.39
N GLY DA 149 23.91 -37.65 -15.47
CA GLY DA 149 24.28 -37.15 -16.81
C GLY DA 149 23.24 -37.50 -17.86
N ALA DA 150 23.27 -36.83 -19.00
CA ALA DA 150 22.25 -37.06 -20.05
C ALA DA 150 22.47 -38.42 -20.69
N ASP DA 151 23.72 -38.81 -20.92
CA ASP DA 151 24.01 -40.10 -21.59
C ASP DA 151 24.24 -41.17 -20.52
N ASN DA 152 24.19 -42.44 -20.91
CA ASN DA 152 24.37 -43.56 -19.95
C ASN DA 152 25.81 -43.60 -19.46
N GLY DA 153 26.08 -44.38 -18.41
CA GLY DA 153 27.45 -44.52 -17.92
C GLY DA 153 28.06 -43.19 -17.54
N GLU DA 154 27.35 -42.38 -16.77
CA GLU DA 154 27.93 -41.11 -16.27
C GLU DA 154 27.75 -41.12 -14.76
N ALA DA 155 27.05 -42.11 -14.23
CA ALA DA 155 26.72 -42.17 -12.80
C ALA DA 155 27.94 -42.00 -11.89
N VAL DA 156 27.71 -41.52 -10.67
CA VAL DA 156 28.81 -41.39 -9.66
C VAL DA 156 28.45 -42.34 -8.52
N MET DA 157 29.45 -42.90 -7.83
CA MET DA 157 29.17 -43.93 -6.80
C MET DA 157 29.01 -43.29 -5.42
N LEU DA 158 28.07 -43.79 -4.61
CA LEU DA 158 27.90 -43.29 -3.23
C LEU DA 158 27.82 -44.51 -2.30
N THR DA 159 28.65 -44.53 -1.25
CA THR DA 159 28.67 -45.70 -0.34
C THR DA 159 28.29 -45.27 1.08
N LEU DA 160 27.22 -45.85 1.63
CA LEU DA 160 26.83 -45.54 3.03
C LEU DA 160 27.34 -46.68 3.91
N LYS DA 161 28.22 -46.37 4.87
CA LYS DA 161 28.82 -47.41 5.75
C LYS DA 161 27.79 -47.87 6.78
N ASP DA 162 28.14 -48.91 7.55
CA ASP DA 162 27.24 -49.40 8.63
C ASP DA 162 27.51 -48.59 9.89
N MET DA 163 26.46 -48.16 10.59
CA MET DA 163 26.63 -47.38 11.84
C MET DA 163 26.27 -48.25 13.04
N ARG DA 164 26.12 -49.55 12.82
CA ARG DA 164 25.85 -50.47 13.96
C ARG DA 164 26.99 -50.30 14.98
N SER DA 165 26.69 -50.32 16.26
CA SER DA 165 27.73 -50.07 17.30
C SER DA 165 28.80 -51.16 17.28
N ASP DA 166 28.61 -52.21 16.49
CA ASP DA 166 29.57 -53.35 16.49
C ASP DA 166 30.39 -53.37 15.19
N ASN DA 167 30.31 -52.32 14.37
CA ASN DA 167 31.13 -52.26 13.14
C ASN DA 167 32.60 -52.22 13.57
N ARG DA 168 33.44 -53.06 12.95
CA ARG DA 168 34.86 -53.15 13.39
C ARG DA 168 35.42 -51.75 13.60
N MET DA 169 35.18 -50.83 12.64
CA MET DA 169 35.77 -49.47 12.72
C MET DA 169 35.35 -48.77 14.01
N MET DA 170 34.10 -48.94 14.44
CA MET DA 170 33.59 -48.23 15.64
C MET DA 170 34.58 -48.40 16.79
N GLY DA 171 35.14 -49.60 16.97
CA GLY DA 171 36.03 -49.87 18.11
C GLY DA 171 37.49 -50.00 17.71
N GLY DA 172 38.26 -50.77 18.49
CA GLY DA 172 39.68 -50.98 18.18
C GLY DA 172 40.19 -52.23 18.90
N THR DA 173 41.52 -52.39 18.97
CA THR DA 173 42.11 -53.55 19.70
C THR DA 173 42.68 -53.07 21.03
N SER DA 174 42.31 -53.73 22.13
CA SER DA 174 42.78 -53.30 23.47
C SER DA 174 43.79 -54.30 24.01
N TYR DA 175 45.03 -53.85 24.22
CA TYR DA 175 46.07 -54.75 24.80
C TYR DA 175 46.27 -54.37 26.25
N VAL DA 176 46.10 -55.32 27.17
CA VAL DA 176 46.25 -55.03 28.62
C VAL DA 176 47.39 -55.88 29.18
N ALA DA 177 48.34 -55.24 29.87
CA ALA DA 177 49.47 -55.97 30.49
C ALA DA 177 48.94 -56.85 31.63
N ALA DA 178 49.54 -58.01 31.83
CA ALA DA 178 49.13 -58.90 32.94
C ALA DA 178 49.76 -58.39 34.24
N GLU DA 179 51.09 -58.24 34.25
CA GLU DA 179 51.79 -57.81 35.49
C GLU DA 179 51.19 -56.47 35.95
N GLY DA 180 50.85 -56.35 37.24
CA GLY DA 180 50.20 -55.12 37.72
C GLY DA 180 51.12 -54.30 38.59
N LYS DA 181 51.46 -53.08 38.16
CA LYS DA 181 52.35 -52.20 38.95
C LYS DA 181 51.57 -51.61 40.13
N ASP DA 182 52.17 -51.64 41.33
CA ASP DA 182 51.52 -51.05 42.52
C ASP DA 182 51.95 -49.59 42.66
N LYS DA 183 51.29 -48.83 43.53
CA LYS DA 183 51.61 -47.39 43.71
C LYS DA 183 53.12 -47.23 43.89
N ASP DA 184 53.74 -48.06 44.73
CA ASP DA 184 55.18 -47.89 45.04
C ASP DA 184 56.01 -47.97 43.76
N TRP DA 185 55.66 -48.87 42.84
CA TRP DA 185 56.50 -49.06 41.64
C TRP DA 185 56.74 -47.72 40.94
N LYS DA 186 57.96 -47.51 40.45
CA LYS DA 186 58.25 -46.28 39.65
C LYS DA 186 59.25 -46.68 38.56
N VAL DA 187 59.12 -46.11 37.36
CA VAL DA 187 60.01 -46.52 36.24
C VAL DA 187 61.44 -46.62 36.76
N GLN DA 188 62.06 -47.78 36.63
CA GLN DA 188 63.47 -47.98 37.08
C GLN DA 188 64.38 -47.83 35.88
N ALA DA 189 65.64 -47.43 36.10
CA ALA DA 189 66.56 -47.20 34.97
C ALA DA 189 66.77 -48.51 34.21
N GLY DA 190 66.99 -48.43 32.90
CA GLY DA 190 67.16 -49.65 32.08
C GLY DA 190 65.82 -50.14 31.58
N ALA DA 191 64.80 -50.10 32.44
CA ALA DA 191 63.43 -50.51 32.03
C ALA DA 191 62.59 -49.27 31.76
N ASN DA 192 63.08 -48.38 30.91
CA ASN DA 192 62.35 -47.11 30.62
C ASN DA 192 62.04 -47.04 29.13
N ASP DA 193 62.03 -48.19 28.45
CA ASP DA 193 61.85 -48.17 26.97
C ASP DA 193 60.65 -49.02 26.57
N ILE DA 194 59.76 -48.48 25.75
CA ILE DA 194 58.62 -49.27 25.23
C ILE DA 194 58.45 -48.96 23.74
N THR DA 195 59.05 -49.79 22.89
CA THR DA 195 58.92 -49.60 21.42
C THR DA 195 57.56 -50.11 20.96
N PHE DA 196 56.87 -49.31 20.14
CA PHE DA 196 55.54 -49.70 19.62
C PHE DA 196 55.65 -49.98 18.13
N THR DA 197 55.76 -51.25 17.73
CA THR DA 197 55.80 -51.59 16.29
C THR DA 197 54.37 -51.93 15.85
N LEU DA 198 53.84 -51.19 14.86
CA LEU DA 198 52.43 -51.40 14.45
C LEU DA 198 52.25 -50.97 13.00
N LYS DA 199 51.37 -51.65 12.25
CA LYS DA 199 51.09 -51.23 10.85
C LYS DA 199 50.10 -50.07 10.88
N ASP DA 200 50.58 -48.86 10.58
CA ASP DA 200 49.67 -47.69 10.50
C ASP DA 200 48.54 -48.05 9.52
N ILE DA 201 47.32 -47.60 9.80
CA ILE DA 201 46.14 -48.00 8.96
C ILE DA 201 46.58 -47.99 7.49
N ASP DA 202 47.22 -46.92 7.03
CA ASP DA 202 47.58 -46.82 5.58
C ASP DA 202 48.40 -48.05 5.18
N GLY DA 203 49.36 -48.43 6.01
CA GLY DA 203 50.22 -49.61 5.71
C GLY DA 203 51.61 -49.46 6.29
N ASN DA 204 52.19 -48.25 6.21
CA ASN DA 204 53.58 -48.06 6.68
C ASN DA 204 53.67 -48.42 8.17
N ASP DA 205 54.42 -49.46 8.51
CA ASP DA 205 54.61 -49.80 9.94
C ASP DA 205 55.38 -48.64 10.59
N GLN DA 206 54.98 -48.28 11.81
CA GLN DA 206 55.68 -47.17 12.53
C GLN DA 206 56.29 -47.74 13.82
N THR DA 207 57.50 -47.29 14.16
CA THR DA 207 58.15 -47.75 15.41
C THR DA 207 58.18 -46.59 16.41
N ILE DA 208 57.28 -46.61 17.39
CA ILE DA 208 57.21 -45.50 18.40
C ILE DA 208 57.99 -45.95 19.64
N THR DA 209 59.21 -45.43 19.82
CA THR DA 209 60.06 -45.83 20.97
C THR DA 209 59.86 -44.82 22.11
N VAL DA 210 58.92 -45.10 23.02
CA VAL DA 210 58.64 -44.14 24.14
C VAL DA 210 59.64 -44.41 25.26
N ASN DA 211 60.59 -43.49 25.47
CA ASN DA 211 61.54 -43.64 26.60
C ASN DA 211 60.95 -42.94 27.82
N ALA DA 212 60.32 -43.69 28.71
CA ALA DA 212 59.65 -43.08 29.89
C ALA DA 212 60.70 -42.45 30.81
N LYS DA 213 60.25 -41.75 31.85
CA LYS DA 213 61.20 -41.03 32.74
C LYS DA 213 61.19 -41.67 34.12
N GLU DA 214 62.38 -41.93 34.68
CA GLU DA 214 62.46 -42.63 35.99
C GLU DA 214 61.72 -41.84 37.07
N GLY DA 215 61.03 -42.55 37.97
CA GLY DA 215 60.31 -41.89 39.07
C GLY DA 215 58.84 -41.67 38.76
N ASP DA 216 58.36 -42.22 37.65
CA ASP DA 216 56.94 -42.00 37.24
C ASP DA 216 56.09 -43.17 37.72
N ASP DA 217 54.89 -42.90 38.24
CA ASP DA 217 53.97 -43.99 38.63
C ASP DA 217 53.31 -44.51 37.35
N ILE DA 218 52.64 -45.66 37.42
CA ILE DA 218 52.06 -46.25 36.18
C ILE DA 218 51.18 -45.20 35.49
N GLU DA 219 50.41 -44.44 36.26
CA GLU DA 219 49.49 -43.44 35.65
C GLU DA 219 50.32 -42.44 34.84
N GLU DA 220 51.40 -41.95 35.43
CA GLU DA 220 52.24 -40.93 34.74
C GLU DA 220 52.80 -41.54 33.46
N VAL DA 221 53.21 -42.81 33.53
CA VAL DA 221 53.75 -43.50 32.33
C VAL DA 221 52.68 -43.42 31.24
N ALA DA 222 51.44 -43.78 31.59
CA ALA DA 222 50.35 -43.75 30.59
C ALA DA 222 50.26 -42.34 30.00
N THR DA 223 50.17 -41.34 30.87
CA THR DA 223 50.10 -39.94 30.39
C THR DA 223 51.26 -39.71 29.41
N TYR DA 224 52.50 -39.95 29.85
CA TYR DA 224 53.66 -39.68 28.99
C TYR DA 224 53.45 -40.41 27.66
N ILE DA 225 53.07 -41.68 27.72
CA ILE DA 225 52.83 -42.46 26.48
C ILE DA 225 51.83 -41.66 25.64
N ASN DA 226 50.65 -41.40 26.20
CA ASN DA 226 49.60 -40.66 25.46
C ASN DA 226 50.20 -39.37 24.91
N GLY DA 227 51.09 -38.75 25.68
CA GLY DA 227 51.68 -37.46 25.27
C GLY DA 227 52.64 -37.61 24.10
N GLN DA 228 53.44 -38.67 24.09
CA GLN DA 228 54.47 -38.81 23.03
C GLN DA 228 53.83 -39.09 21.67
N THR DA 229 52.83 -39.97 21.62
CA THR DA 229 52.24 -40.36 20.31
C THR DA 229 50.71 -40.39 20.38
N ASP DA 230 50.04 -40.42 19.23
CA ASP DA 230 48.56 -40.53 19.20
C ASP DA 230 48.16 -41.93 18.72
N MET DA 231 49.00 -42.54 17.88
CA MET DA 231 48.67 -43.87 17.30
C MET DA 231 48.00 -44.74 18.38
N VAL DA 232 48.56 -44.76 19.58
CA VAL DA 232 48.03 -45.66 20.65
C VAL DA 232 47.50 -44.83 21.82
N LYS DA 233 46.54 -45.35 22.57
CA LYS DA 233 46.01 -44.65 23.77
C LYS DA 233 46.37 -45.51 24.98
N ALA DA 234 46.77 -44.89 26.09
CA ALA DA 234 47.22 -45.66 27.26
C ALA DA 234 46.41 -45.30 28.50
N SER DA 235 46.08 -46.28 29.34
CA SER DA 235 45.28 -46.05 30.57
C SER DA 235 45.64 -47.14 31.58
N VAL DA 236 45.21 -46.98 32.84
CA VAL DA 236 45.59 -47.96 33.89
C VAL DA 236 44.31 -48.53 34.52
N ASN DA 237 44.20 -49.86 34.59
CA ASN DA 237 43.03 -50.48 35.27
C ASN DA 237 43.20 -50.37 36.78
N GLU DA 238 42.18 -50.77 37.54
CA GLU DA 238 42.23 -50.62 39.03
C GLU DA 238 43.36 -51.49 39.57
N LYS DA 239 43.58 -52.67 38.98
CA LYS DA 239 44.60 -53.62 39.49
C LYS DA 239 45.97 -52.96 39.43
N GLY DA 240 46.15 -51.98 38.53
CA GLY DA 240 47.44 -51.31 38.36
C GLY DA 240 48.11 -51.75 37.08
N GLN DA 241 47.32 -52.27 36.14
CA GLN DA 241 47.87 -52.77 34.86
C GLN DA 241 47.66 -51.71 33.79
N LEU DA 242 48.72 -51.38 33.04
CA LEU DA 242 48.57 -50.41 31.92
C LEU DA 242 47.70 -51.05 30.85
N GLN DA 243 46.87 -50.23 30.18
CA GLN DA 243 45.96 -50.76 29.14
C GLN DA 243 46.15 -49.95 27.87
N ILE DA 244 46.76 -50.55 26.85
CA ILE DA 244 47.03 -49.83 25.57
C ILE DA 244 45.84 -50.07 24.62
N PHE DA 245 45.54 -49.09 23.76
CA PHE DA 245 44.44 -49.23 22.78
C PHE DA 245 44.95 -48.78 21.42
N ALA DA 246 44.45 -49.41 20.35
CA ALA DA 246 44.85 -48.98 18.98
C ALA DA 246 43.59 -48.83 18.13
N GLY DA 247 43.31 -47.62 17.68
CA GLY DA 247 42.11 -47.37 16.87
C GLY DA 247 42.11 -48.22 15.60
N ASN DA 248 41.01 -48.93 15.34
CA ASN DA 248 40.90 -49.74 14.10
C ASN DA 248 40.88 -48.79 12.90
N ASN DA 249 40.97 -47.49 13.17
CA ASN DA 249 41.02 -46.48 12.09
C ASN DA 249 42.41 -45.82 12.09
N LYS DA 250 43.31 -46.30 12.95
CA LYS DA 250 44.68 -45.72 13.04
C LYS DA 250 45.71 -46.83 12.90
N VAL DA 251 45.43 -48.01 13.45
CA VAL DA 251 46.42 -49.12 13.42
C VAL DA 251 45.80 -50.36 12.79
N THR DA 252 46.43 -50.91 11.75
CA THR DA 252 45.94 -52.16 11.11
C THR DA 252 46.74 -53.34 11.64
N GLY DA 253 46.11 -54.50 11.79
CA GLY DA 253 46.83 -55.71 12.24
C GLY DA 253 47.20 -55.66 13.71
N ASP DA 254 48.13 -56.52 14.12
CA ASP DA 254 48.52 -56.61 15.55
C ASP DA 254 49.48 -55.46 15.91
N VAL DA 255 49.56 -55.11 17.19
CA VAL DA 255 50.49 -54.04 17.65
C VAL DA 255 51.55 -54.71 18.54
N ALA DA 256 52.73 -54.99 17.99
CA ALA DA 256 53.76 -55.71 18.76
C ALA DA 256 54.49 -54.73 19.69
N PHE DA 257 54.65 -55.10 20.96
CA PHE DA 257 55.28 -54.21 21.95
C PHE DA 257 56.69 -54.73 22.26
N SER DA 258 57.66 -53.81 22.40
CA SER DA 258 59.07 -54.23 22.65
C SER DA 258 59.73 -53.25 23.62
N GLY DA 259 60.68 -53.73 24.42
CA GLY DA 259 61.42 -52.82 25.31
C GLY DA 259 61.56 -53.33 26.72
N GLY DA 260 62.53 -52.78 27.47
CA GLY DA 260 62.75 -53.21 28.86
C GLY DA 260 61.53 -52.95 29.73
N LEU DA 261 60.96 -51.75 29.61
CA LEU DA 261 59.73 -51.42 30.36
C LEU DA 261 58.65 -52.42 29.96
N ALA DA 262 58.56 -52.73 28.67
CA ALA DA 262 57.57 -53.72 28.20
C ALA DA 262 57.89 -55.06 28.85
N GLY DA 263 59.15 -55.27 29.23
CA GLY DA 263 59.50 -56.52 29.94
C GLY DA 263 58.73 -56.58 31.25
N ALA DA 264 58.67 -55.46 31.97
CA ALA DA 264 57.95 -55.42 33.26
C ALA DA 264 56.45 -55.60 33.01
N LEU DA 265 55.90 -54.88 32.03
CA LEU DA 265 54.45 -54.95 31.75
C LEU DA 265 54.21 -56.01 30.68
N ASN DA 266 53.81 -57.21 31.09
CA ASN DA 266 53.57 -58.32 30.13
C ASN DA 266 52.25 -58.05 29.39
N MET DA 267 52.31 -57.21 28.36
CA MET DA 267 51.10 -56.91 27.54
C MET DA 267 50.54 -58.22 27.02
N GLN DA 268 49.23 -58.46 27.22
CA GLN DA 268 48.62 -59.74 26.80
C GLN DA 268 48.13 -59.65 25.36
N ALA DA 269 47.28 -60.59 24.93
CA ALA DA 269 46.79 -60.62 23.53
C ALA DA 269 45.83 -59.47 23.27
N GLY DA 270 45.68 -59.08 22.01
CA GLY DA 270 44.78 -57.96 21.66
C GLY DA 270 43.32 -58.40 21.57
N THR DA 271 42.42 -57.65 22.21
CA THR DA 271 40.98 -57.96 22.15
C THR DA 271 40.29 -56.87 21.32
N ALA DA 272 39.45 -57.26 20.36
CA ALA DA 272 38.68 -56.24 19.59
C ALA DA 272 37.64 -55.63 20.53
N GLU DA 273 37.49 -54.31 20.52
CA GLU DA 273 36.56 -53.67 21.48
C GLU DA 273 35.67 -52.66 20.76
N THR DA 274 34.55 -53.11 20.20
CA THR DA 274 33.59 -52.17 19.56
C THR DA 274 32.78 -51.48 20.66
N VAL DA 275 32.17 -50.32 20.34
CA VAL DA 275 31.35 -49.58 21.33
C VAL DA 275 30.25 -50.51 21.83
N ASP DA 276 29.75 -51.38 20.95
CA ASP DA 276 28.67 -52.33 21.34
C ASP DA 276 29.18 -53.17 22.51
N THR DA 277 30.50 -53.26 22.69
CA THR DA 277 31.07 -54.11 23.76
C THR DA 277 31.90 -53.26 24.72
N ILE DA 278 31.27 -52.30 25.41
CA ILE DA 278 32.02 -51.50 26.43
C ILE DA 278 31.31 -51.66 27.78
N ASP DA 279 32.09 -51.78 28.86
CA ASP DA 279 31.49 -51.89 30.20
C ASP DA 279 32.23 -50.92 31.13
N VAL DA 280 31.51 -50.07 31.85
CA VAL DA 280 32.19 -49.03 32.68
C VAL DA 280 32.11 -49.44 34.16
N THR DA 281 31.61 -50.63 34.45
CA THR DA 281 31.44 -51.05 35.87
C THR DA 281 32.81 -51.12 36.54
N SER DA 282 33.86 -51.41 35.77
CA SER DA 282 35.23 -51.45 36.33
C SER DA 282 35.98 -50.20 35.89
N VAL DA 283 36.94 -49.75 36.70
CA VAL DA 283 37.69 -48.50 36.38
C VAL DA 283 38.34 -48.71 35.01
N GLY DA 284 38.97 -49.87 34.80
CA GLY DA 284 39.65 -50.15 33.54
C GLY DA 284 38.69 -50.09 32.37
N GLY DA 285 37.51 -50.68 32.55
CA GLY DA 285 36.50 -50.66 31.49
C GLY DA 285 36.25 -49.23 31.04
N ALA DA 286 36.09 -48.32 32.00
CA ALA DA 286 35.80 -46.91 31.66
C ALA DA 286 36.96 -46.32 30.85
N GLN DA 287 38.19 -46.48 31.33
CA GLN DA 287 39.35 -45.86 30.64
C GLN DA 287 39.39 -46.35 29.19
N GLN DA 288 39.31 -47.67 29.00
CA GLN DA 288 39.38 -48.24 27.63
C GLN DA 288 38.20 -47.69 26.83
N SER DA 289 37.04 -47.53 27.48
CA SER DA 289 35.84 -47.08 26.74
C SER DA 289 36.10 -45.70 26.16
N VAL DA 290 36.71 -44.82 26.94
CA VAL DA 290 36.97 -43.43 26.46
C VAL DA 290 37.64 -43.56 25.09
N ALA DA 291 38.68 -44.38 25.01
CA ALA DA 291 39.43 -44.54 23.74
C ALA DA 291 38.51 -45.13 22.67
N VAL DA 292 37.74 -46.16 23.04
CA VAL DA 292 36.87 -46.82 22.03
C VAL DA 292 35.93 -45.77 21.46
N ILE DA 293 35.30 -44.99 22.34
CA ILE DA 293 34.30 -43.96 21.88
C ILE DA 293 35.03 -42.93 21.03
N ASP DA 294 36.27 -42.59 21.41
CA ASP DA 294 37.05 -41.59 20.64
C ASP DA 294 37.22 -42.11 19.21
N SER DA 295 37.58 -43.38 19.07
CA SER DA 295 37.80 -43.96 17.73
C SER DA 295 36.47 -43.92 16.96
N ALA DA 296 35.37 -44.20 17.66
CA ALA DA 296 34.05 -44.22 17.01
C ALA DA 296 33.73 -42.83 16.46
N LEU DA 297 33.92 -41.80 17.28
CA LEU DA 297 33.54 -40.44 16.86
C LEU DA 297 34.29 -40.11 15.55
N LYS DA 298 35.57 -40.45 15.50
CA LYS DA 298 36.36 -40.22 14.25
C LYS DA 298 35.72 -40.99 13.10
N TYR DA 299 35.38 -42.26 13.34
CA TYR DA 299 34.81 -43.10 12.25
C TYR DA 299 33.58 -42.40 11.70
N VAL DA 300 32.67 -42.02 12.59
CA VAL DA 300 31.40 -41.38 12.16
C VAL DA 300 31.73 -40.11 11.37
N ASP DA 301 32.50 -39.20 11.98
CA ASP DA 301 32.78 -37.90 11.32
C ASP DA 301 33.38 -38.15 9.94
N SER DA 302 34.29 -39.12 9.84
CA SER DA 302 34.96 -39.37 8.54
C SER DA 302 33.89 -39.65 7.49
N HIS DA 303 32.95 -40.54 7.81
CA HIS DA 303 31.83 -40.83 6.86
C HIS DA 303 31.06 -39.53 6.62
N ARG DA 304 30.83 -38.77 7.69
CA ARG DA 304 30.04 -37.52 7.55
C ARG DA 304 30.74 -36.63 6.52
N ALA DA 305 32.05 -36.46 6.66
CA ALA DA 305 32.81 -35.63 5.70
C ALA DA 305 32.51 -36.15 4.29
N GLU DA 306 32.72 -37.44 4.07
CA GLU DA 306 32.49 -38.04 2.73
C GLU DA 306 31.11 -37.62 2.23
N LEU DA 307 30.07 -37.86 3.03
CA LEU DA 307 28.69 -37.57 2.57
C LEU DA 307 28.56 -36.09 2.22
N GLY DA 308 29.21 -35.22 3.00
CA GLY DA 308 29.19 -33.79 2.70
C GLY DA 308 29.90 -33.47 1.40
N ALA DA 309 31.09 -34.03 1.20
CA ALA DA 309 31.81 -33.83 -0.07
C ALA DA 309 30.92 -34.32 -1.21
N PHE DA 310 30.28 -35.47 -1.02
CA PHE DA 310 29.36 -36.01 -2.05
C PHE DA 310 28.28 -34.97 -2.33
N GLN DA 311 27.68 -34.42 -1.27
CA GLN DA 311 26.59 -33.45 -1.46
C GLN DA 311 27.13 -32.24 -2.23
N ASN DA 312 28.28 -31.72 -1.81
CA ASN DA 312 28.88 -30.53 -2.48
C ASN DA 312 29.18 -30.89 -3.95
N ARG DA 313 29.77 -32.05 -4.18
CA ARG DA 313 30.13 -32.47 -5.55
C ARG DA 313 28.84 -32.52 -6.38
N PHE DA 314 27.82 -33.20 -5.87
CA PHE DA 314 26.54 -33.33 -6.63
C PHE DA 314 25.96 -31.93 -6.85
N ASN DA 315 26.13 -31.03 -5.88
CA ASN DA 315 25.63 -29.64 -6.03
C ASN DA 315 26.34 -28.99 -7.22
N HIS DA 316 27.67 -29.02 -7.23
CA HIS DA 316 28.43 -28.34 -8.32
C HIS DA 316 28.00 -28.97 -9.64
N ALA DA 317 27.77 -30.28 -9.63
CA ALA DA 317 27.33 -30.98 -10.86
C ALA DA 317 26.02 -30.36 -11.35
N ILE DA 318 25.03 -30.23 -10.48
CA ILE DA 318 23.70 -29.70 -10.91
C ILE DA 318 23.91 -28.31 -11.50
N SER DA 319 24.75 -27.49 -10.87
CA SER DA 319 24.94 -26.10 -11.34
C SER DA 319 25.36 -26.14 -12.82
N ASN DA 320 26.35 -26.97 -13.14
CA ASN DA 320 26.76 -27.10 -14.56
C ASN DA 320 25.59 -27.65 -15.37
N LEU DA 321 24.95 -28.71 -14.89
CA LEU DA 321 23.89 -29.35 -15.69
C LEU DA 321 22.91 -28.27 -16.15
N ASP DA 322 22.51 -27.38 -15.25
CA ASP DA 322 21.50 -26.35 -15.61
C ASP DA 322 22.06 -25.46 -16.73
N ASN DA 323 23.30 -25.01 -16.59
CA ASN DA 323 23.91 -24.10 -17.60
C ASN DA 323 23.90 -24.81 -18.96
N ILE DA 324 24.34 -26.07 -18.98
CA ILE DA 324 24.29 -26.84 -20.25
C ILE DA 324 22.84 -26.86 -20.73
N ASN DA 325 21.91 -27.24 -19.86
CA ASN DA 325 20.49 -27.35 -20.27
C ASN DA 325 20.08 -26.04 -20.94
N GLU DA 326 20.42 -24.92 -20.30
CA GLU DA 326 20.04 -23.59 -20.85
C GLU DA 326 20.70 -23.42 -22.22
N ASN DA 327 22.01 -23.62 -22.30
CA ASN DA 327 22.73 -23.39 -23.56
C ASN DA 327 22.19 -24.32 -24.64
N VAL DA 328 21.95 -25.59 -24.30
CA VAL DA 328 21.50 -26.55 -25.35
C VAL DA 328 20.13 -26.10 -25.84
N ASN DA 329 19.25 -25.70 -24.91
CA ASN DA 329 17.87 -25.32 -25.32
C ASN DA 329 17.97 -24.12 -26.26
N ALA DA 330 18.83 -23.17 -25.93
CA ALA DA 330 19.00 -21.98 -26.79
C ALA DA 330 19.34 -22.44 -28.20
N SER DA 331 20.28 -23.39 -28.31
CA SER DA 331 20.70 -23.86 -29.64
C SER DA 331 19.51 -24.52 -30.34
N LYS DA 332 18.77 -25.35 -29.62
CA LYS DA 332 17.60 -26.03 -30.21
C LYS DA 332 16.67 -24.97 -30.78
N SER DA 333 16.40 -23.93 -30.00
CA SER DA 333 15.47 -22.87 -30.45
C SER DA 333 15.92 -22.37 -31.82
N ARG DA 334 17.20 -22.01 -31.94
CA ARG DA 334 17.73 -21.47 -33.22
C ARG DA 334 17.47 -22.50 -34.31
N ILE DA 335 17.61 -23.79 -34.00
CA ILE DA 335 17.50 -24.81 -35.09
C ILE DA 335 16.05 -25.28 -35.27
N LYS DA 336 15.14 -25.02 -34.33
CA LYS DA 336 13.77 -25.60 -34.49
C LYS DA 336 12.67 -24.55 -34.38
N ASP DA 337 12.81 -23.57 -33.48
CA ASP DA 337 11.70 -22.59 -33.26
C ASP DA 337 11.49 -21.70 -34.49
N THR DA 338 10.33 -21.05 -34.58
CA THR DA 338 10.03 -20.21 -35.78
C THR DA 338 10.04 -18.73 -35.38
N ASP DA 339 10.85 -17.92 -36.05
CA ASP DA 339 10.84 -16.46 -35.80
C ASP DA 339 9.50 -15.93 -36.30
N PHE DA 340 8.53 -15.76 -35.41
CA PHE DA 340 7.18 -15.35 -35.88
C PHE DA 340 7.35 -14.20 -36.87
N ALA DA 341 8.14 -13.18 -36.49
CA ALA DA 341 8.33 -12.01 -37.37
C ALA DA 341 8.54 -12.48 -38.80
N LYS DA 342 9.61 -13.26 -39.04
CA LYS DA 342 9.93 -13.68 -40.43
C LYS DA 342 8.76 -14.50 -40.99
N GLU DA 343 8.26 -15.45 -40.22
CA GLU DA 343 7.20 -16.35 -40.76
C GLU DA 343 5.95 -15.51 -41.04
N THR DA 344 5.56 -14.66 -40.10
CA THR DA 344 4.33 -13.85 -40.29
C THR DA 344 4.49 -13.05 -41.58
N THR DA 345 5.68 -12.47 -41.79
CA THR DA 345 5.93 -11.71 -43.03
C THR DA 345 5.64 -12.62 -44.23
N ALA DA 346 6.28 -13.79 -44.29
CA ALA DA 346 6.09 -14.68 -45.45
C ALA DA 346 4.60 -14.98 -45.63
N LEU DA 347 3.89 -15.28 -44.53
CA LEU DA 347 2.46 -15.66 -44.67
C LEU DA 347 1.74 -14.54 -45.41
N THR DA 348 2.00 -13.29 -45.01
CA THR DA 348 1.36 -12.14 -45.69
C THR DA 348 1.80 -12.13 -47.16
N LYS DA 349 3.11 -12.16 -47.42
CA LYS DA 349 3.62 -12.17 -48.80
C LYS DA 349 2.84 -13.22 -49.59
N SER DA 350 2.75 -14.43 -49.06
CA SER DA 350 2.09 -15.54 -49.78
C SER DA 350 0.63 -15.15 -50.03
N GLN DA 351 -0.04 -14.62 -49.02
CA GLN DA 351 -1.46 -14.23 -49.17
C GLN DA 351 -1.59 -13.25 -50.33
N ILE DA 352 -0.81 -12.16 -50.29
CA ILE DA 352 -0.85 -11.17 -51.41
C ILE DA 352 -0.69 -11.94 -52.71
N LEU DA 353 0.44 -12.62 -52.88
CA LEU DA 353 0.69 -13.38 -54.14
C LEU DA 353 -0.56 -14.16 -54.50
N SER DA 354 -1.11 -14.91 -53.54
CA SER DA 354 -2.28 -15.76 -53.84
C SER DA 354 -3.36 -14.87 -54.48
N GLN DA 355 -3.64 -13.73 -53.86
CA GLN DA 355 -4.69 -12.82 -54.40
C GLN DA 355 -4.27 -12.37 -55.80
N ALA DA 356 -2.98 -12.08 -55.98
CA ALA DA 356 -2.49 -11.59 -57.30
C ALA DA 356 -2.79 -12.63 -58.37
N SER DA 357 -2.44 -13.89 -58.10
CA SER DA 357 -2.66 -14.96 -59.10
C SER DA 357 -4.16 -15.12 -59.36
N SER DA 358 -4.99 -15.06 -58.32
CA SER DA 358 -6.45 -15.27 -58.51
C SER DA 358 -6.96 -14.24 -59.51
N SER DA 359 -6.56 -12.99 -59.35
CA SER DA 359 -7.03 -11.91 -60.26
C SER DA 359 -6.56 -12.20 -61.69
N VAL DA 360 -5.28 -12.51 -61.84
CA VAL DA 360 -4.74 -12.85 -63.19
C VAL DA 360 -5.59 -13.98 -63.75
N LEU DA 361 -5.81 -15.04 -62.96
CA LEU DA 361 -6.55 -16.22 -63.48
C LEU DA 361 -7.89 -15.75 -64.01
N ALA DA 362 -8.59 -14.91 -63.24
CA ALA DA 362 -9.94 -14.46 -63.65
C ALA DA 362 -9.83 -13.76 -65.00
N GLN DA 363 -8.94 -12.78 -65.12
CA GLN DA 363 -8.82 -12.00 -66.38
C GLN DA 363 -8.48 -12.97 -67.52
N ALA DA 364 -7.59 -13.94 -67.26
CA ALA DA 364 -7.18 -14.89 -68.32
C ALA DA 364 -8.37 -15.77 -68.69
N LYS DA 365 -9.08 -16.27 -67.67
CA LYS DA 365 -10.27 -17.13 -67.94
C LYS DA 365 -11.17 -16.44 -68.96
N GLN DA 366 -11.13 -15.11 -69.03
CA GLN DA 366 -12.06 -14.38 -69.93
C GLN DA 366 -11.41 -14.15 -71.29
N ALA DA 367 -10.10 -14.35 -71.39
CA ALA DA 367 -9.40 -14.06 -72.67
C ALA DA 367 -10.09 -14.76 -73.84
N PRO DA 368 -10.40 -16.08 -73.79
CA PRO DA 368 -10.97 -16.76 -74.95
C PRO DA 368 -12.28 -16.10 -75.43
N ASN DA 369 -12.99 -15.41 -74.52
CA ASN DA 369 -14.30 -14.81 -74.90
C ASN DA 369 -14.10 -13.91 -76.12
N ALA DA 370 -12.91 -13.34 -76.28
CA ALA DA 370 -12.66 -12.42 -77.41
C ALA DA 370 -13.02 -13.11 -78.72
N ALA DA 371 -12.82 -14.42 -78.81
CA ALA DA 371 -13.11 -15.15 -80.07
C ALA DA 371 -14.58 -14.93 -80.44
N LEU DA 372 -15.49 -15.08 -79.47
CA LEU DA 372 -16.93 -14.96 -79.77
C LEU DA 372 -17.18 -13.61 -80.46
N SER DA 373 -16.51 -12.56 -80.00
CA SER DA 373 -16.69 -11.22 -80.60
C SER DA 373 -16.44 -11.31 -82.10
N LEU DA 374 -15.43 -12.07 -82.52
CA LEU DA 374 -15.15 -12.27 -83.96
C LEU DA 374 -16.14 -13.29 -84.51
N LEU DA 375 -17.44 -13.02 -84.36
CA LEU DA 375 -18.47 -13.96 -84.85
C LEU DA 375 -18.04 -15.38 -84.48
N GLY DA 376 -17.64 -15.59 -83.23
CA GLY DA 376 -17.17 -16.92 -82.79
C GLY DA 376 -17.92 -18.04 -83.45
N ALA EA 1 -23.61 -18.08 -129.85
CA ALA EA 1 -24.82 -18.12 -129.02
C ALA EA 1 -25.61 -19.35 -129.42
N VAL EA 2 -25.46 -19.77 -130.68
CA VAL EA 2 -26.22 -20.93 -131.19
C VAL EA 2 -26.06 -22.11 -130.21
N ASN EA 3 -24.99 -22.11 -129.41
CA ASN EA 3 -24.74 -23.27 -128.51
C ASN EA 3 -25.71 -23.22 -127.34
N VAL EA 4 -26.97 -23.61 -127.57
CA VAL EA 4 -27.96 -23.68 -126.46
C VAL EA 4 -27.73 -24.99 -125.72
N ASN EA 5 -27.00 -25.92 -126.33
CA ASN EA 5 -26.82 -27.26 -125.69
C ASN EA 5 -25.60 -27.23 -124.76
N THR EA 6 -24.81 -26.16 -124.79
CA THR EA 6 -23.58 -26.10 -123.97
C THR EA 6 -23.42 -24.73 -123.33
N ASN EA 7 -23.11 -24.68 -122.04
CA ASN EA 7 -22.87 -23.38 -121.34
C ASN EA 7 -21.59 -23.49 -120.53
N VAL EA 8 -20.44 -23.32 -121.19
CA VAL EA 8 -19.14 -23.46 -120.48
C VAL EA 8 -19.15 -22.54 -119.26
N ALA EA 9 -19.65 -21.31 -119.44
CA ALA EA 9 -19.65 -20.35 -118.32
C ALA EA 9 -20.32 -21.01 -117.13
N ALA EA 10 -21.46 -21.66 -117.36
CA ALA EA 10 -22.20 -22.27 -116.24
C ALA EA 10 -21.29 -23.28 -115.54
N MET EA 11 -20.62 -24.12 -116.31
CA MET EA 11 -19.76 -25.17 -115.70
C MET EA 11 -18.66 -24.49 -114.90
N THR EA 12 -18.04 -23.46 -115.47
CA THR EA 12 -16.93 -22.77 -114.78
C THR EA 12 -17.47 -22.16 -113.49
N ALA EA 13 -18.66 -21.58 -113.55
CA ALA EA 13 -19.26 -20.95 -112.37
C ALA EA 13 -19.57 -22.02 -111.32
N GLN EA 14 -20.15 -23.14 -111.76
CA GLN EA 14 -20.47 -24.25 -110.82
C GLN EA 14 -19.16 -24.69 -110.14
N ARG EA 15 -18.06 -24.70 -110.90
CA ARG EA 15 -16.79 -25.19 -110.31
C ARG EA 15 -16.41 -24.32 -109.12
N TYR EA 16 -16.26 -23.01 -109.35
CA TYR EA 16 -15.83 -22.11 -108.25
C TYR EA 16 -16.84 -22.21 -107.12
N LEU EA 17 -18.13 -22.26 -107.45
CA LEU EA 17 -19.18 -22.33 -106.41
C LEU EA 17 -18.92 -23.53 -105.50
N THR EA 18 -18.76 -24.72 -106.09
CA THR EA 18 -18.53 -25.94 -105.28
C THR EA 18 -17.27 -25.73 -104.44
N GLY EA 19 -16.22 -25.18 -105.05
CA GLY EA 19 -14.96 -25.00 -104.32
C GLY EA 19 -15.19 -24.17 -103.07
N ALA EA 20 -15.86 -23.02 -103.22
CA ALA EA 20 -16.10 -22.13 -102.06
C ALA EA 20 -16.96 -22.86 -101.04
N THR EA 21 -18.03 -23.51 -101.48
CA THR EA 21 -18.96 -24.18 -100.54
C THR EA 21 -18.15 -25.17 -99.69
N ASN EA 22 -17.23 -25.91 -100.32
CA ASN EA 22 -16.39 -26.88 -99.59
C ASN EA 22 -15.46 -26.12 -98.63
N ALA EA 23 -14.85 -25.05 -99.12
CA ALA EA 23 -13.97 -24.21 -98.27
C ALA EA 23 -14.77 -23.71 -97.07
N GLN EA 24 -16.00 -23.27 -97.30
CA GLN EA 24 -16.86 -22.74 -96.21
C GLN EA 24 -17.07 -23.87 -95.20
N GLN EA 25 -17.49 -25.05 -95.67
CA GLN EA 25 -17.77 -26.18 -94.75
C GLN EA 25 -16.52 -26.44 -93.92
N THR EA 26 -15.35 -26.48 -94.54
CA THR EA 26 -14.10 -26.79 -93.82
C THR EA 26 -13.90 -25.78 -92.69
N SER EA 27 -14.07 -24.50 -93.00
CA SER EA 27 -13.83 -23.44 -91.98
C SER EA 27 -14.86 -23.59 -90.85
N MET EA 28 -16.12 -23.83 -91.20
CA MET EA 28 -17.17 -23.90 -90.15
C MET EA 28 -16.76 -25.00 -89.16
N GLU EA 29 -16.29 -26.13 -89.68
CA GLU EA 29 -15.85 -27.23 -88.80
C GLU EA 29 -14.76 -26.69 -87.88
N ARG EA 30 -13.76 -26.04 -88.45
CA ARG EA 30 -12.61 -25.58 -87.63
C ARG EA 30 -13.12 -24.65 -86.53
N LEU EA 31 -13.96 -23.69 -86.89
CA LEU EA 31 -14.46 -22.71 -85.89
C LEU EA 31 -15.30 -23.44 -84.84
N SER EA 32 -16.09 -24.43 -85.24
CA SER EA 32 -16.97 -25.16 -84.28
C SER EA 32 -16.11 -25.99 -83.32
N SER EA 33 -15.19 -26.79 -83.85
CA SER EA 33 -14.39 -27.69 -82.98
C SER EA 33 -13.38 -26.88 -82.18
N GLY EA 34 -12.75 -25.88 -82.82
CA GLY EA 34 -11.70 -25.11 -82.14
C GLY EA 34 -10.33 -25.66 -82.51
N PHE EA 35 -10.30 -26.78 -83.22
CA PHE EA 35 -9.02 -27.37 -83.66
C PHE EA 35 -8.86 -27.19 -85.17
N LYS EA 36 -7.69 -26.73 -85.61
CA LYS EA 36 -7.42 -26.55 -87.06
C LYS EA 36 -7.31 -27.92 -87.69
N ILE EA 37 -6.60 -28.85 -87.04
CA ILE EA 37 -6.40 -30.22 -87.58
C ILE EA 37 -7.47 -31.14 -86.99
N ASN EA 38 -8.64 -31.20 -87.62
CA ASN EA 38 -9.74 -32.07 -87.12
C ASN EA 38 -9.70 -33.40 -87.87
N SER EA 39 -8.82 -33.52 -88.86
CA SER EA 39 -8.68 -34.79 -89.63
C SER EA 39 -7.27 -34.88 -90.22
N ALA EA 40 -6.88 -36.06 -90.69
CA ALA EA 40 -5.51 -36.24 -91.23
C ALA EA 40 -5.36 -35.38 -92.48
N LYS EA 41 -6.47 -35.17 -93.21
CA LYS EA 41 -6.42 -34.36 -94.45
C LYS EA 41 -5.94 -32.95 -94.10
N ASP EA 42 -6.26 -32.48 -92.88
CA ASP EA 42 -5.86 -31.11 -92.47
C ASP EA 42 -4.34 -31.03 -92.34
N ASP EA 43 -3.71 -31.98 -91.62
CA ASP EA 43 -2.23 -32.01 -91.51
C ASP EA 43 -1.77 -33.38 -91.03
N ALA EA 44 -1.13 -34.14 -91.91
CA ALA EA 44 -0.65 -35.49 -91.56
C ALA EA 44 0.35 -35.39 -90.41
N ALA EA 45 1.49 -34.73 -90.66
CA ALA EA 45 2.54 -34.64 -89.62
C ALA EA 45 1.93 -34.00 -88.37
N GLY EA 46 1.08 -33.00 -88.56
CA GLY EA 46 0.51 -32.30 -87.40
C GLY EA 46 -0.27 -33.27 -86.54
N LEU EA 47 -1.15 -34.05 -87.16
CA LEU EA 47 -1.97 -35.03 -86.39
C LEU EA 47 -1.00 -35.90 -85.59
N GLN EA 48 0.05 -36.40 -86.24
CA GLN EA 48 1.02 -37.29 -85.54
C GLN EA 48 1.63 -36.53 -84.37
N ILE EA 49 2.26 -35.38 -84.63
CA ILE EA 49 2.95 -34.64 -83.54
C ILE EA 49 1.92 -34.24 -82.49
N SER EA 50 0.78 -33.73 -82.93
CA SER EA 50 -0.26 -33.25 -81.98
C SER EA 50 -0.68 -34.41 -81.08
N ASN EA 51 -0.99 -35.57 -81.66
CA ASN EA 51 -1.46 -36.69 -80.82
C ASN EA 51 -0.34 -37.03 -79.85
N ARG EA 52 0.88 -37.12 -80.35
CA ARG EA 52 2.04 -37.49 -79.49
C ARG EA 52 2.17 -36.45 -78.37
N LEU EA 53 2.13 -35.17 -78.72
CA LEU EA 53 2.25 -34.10 -77.71
C LEU EA 53 1.08 -34.22 -76.73
N ASN EA 54 -0.12 -34.45 -77.25
CA ASN EA 54 -1.32 -34.56 -76.38
C ASN EA 54 -1.10 -35.69 -75.39
N VAL EA 55 -0.65 -36.85 -75.88
CA VAL EA 55 -0.43 -38.01 -74.98
C VAL EA 55 0.52 -37.57 -73.87
N GLN EA 56 1.61 -36.91 -74.24
CA GLN EA 56 2.61 -36.51 -73.21
C GLN EA 56 1.90 -35.64 -72.18
N SER EA 57 1.08 -34.69 -72.62
CA SER EA 57 0.41 -33.77 -71.67
C SER EA 57 -0.52 -34.57 -70.76
N ARG EA 58 -1.38 -35.39 -71.33
CA ARG EA 58 -2.34 -36.17 -70.52
C ARG EA 58 -1.52 -37.06 -69.59
N GLY EA 59 -0.44 -37.64 -70.12
CA GLY EA 59 0.42 -38.51 -69.30
C GLY EA 59 1.05 -37.72 -68.17
N LEU EA 60 1.53 -36.51 -68.47
CA LEU EA 60 2.17 -35.68 -67.45
C LEU EA 60 1.17 -35.43 -66.32
N ASP EA 61 -0.12 -35.28 -66.68
CA ASP EA 61 -1.18 -35.07 -65.66
C ASP EA 61 -1.27 -36.32 -64.77
N VAL EA 62 -1.31 -37.50 -65.37
CA VAL EA 62 -1.36 -38.76 -64.57
C VAL EA 62 -0.14 -38.77 -63.65
N ALA EA 63 1.02 -38.39 -64.17
CA ALA EA 63 2.26 -38.43 -63.36
C ALA EA 63 2.12 -37.48 -62.18
N VAL EA 64 1.57 -36.30 -62.42
CA VAL EA 64 1.39 -35.31 -61.32
C VAL EA 64 0.61 -36.01 -60.21
N ARG EA 65 -0.50 -36.65 -60.57
CA ARG EA 65 -1.34 -37.33 -59.55
C ARG EA 65 -0.49 -38.38 -58.83
N ASN EA 66 0.27 -39.18 -59.58
CA ASN EA 66 1.03 -40.28 -58.93
C ASN EA 66 1.99 -39.71 -57.91
N ALA EA 67 2.71 -38.64 -58.26
CA ALA EA 67 3.71 -38.07 -57.33
C ALA EA 67 3.00 -37.51 -56.11
N ASN EA 68 1.78 -37.00 -56.30
CA ASN EA 68 1.01 -36.53 -55.12
C ASN EA 68 0.77 -37.71 -54.19
N ASP EA 69 0.40 -38.86 -54.75
CA ASP EA 69 0.23 -40.07 -53.90
C ASP EA 69 1.55 -40.38 -53.22
N GLY EA 70 2.65 -40.20 -53.95
CA GLY EA 70 3.99 -40.44 -53.38
C GLY EA 70 4.20 -39.62 -52.13
N ILE EA 71 4.04 -38.31 -52.23
CA ILE EA 71 4.32 -37.43 -51.05
C ILE EA 71 3.30 -37.79 -49.96
N SER EA 72 2.08 -38.11 -50.36
CA SER EA 72 1.02 -38.47 -49.38
C SER EA 72 1.46 -39.69 -48.57
N ILE EA 73 1.83 -40.78 -49.26
CA ILE EA 73 2.23 -42.02 -48.53
C ILE EA 73 3.40 -41.68 -47.63
N ALA EA 74 4.38 -40.94 -48.17
CA ALA EA 74 5.58 -40.59 -47.38
C ALA EA 74 5.16 -39.74 -46.17
N GLN EA 75 4.28 -38.76 -46.41
CA GLN EA 75 3.79 -37.91 -45.30
C GLN EA 75 3.16 -38.80 -44.23
N THR EA 76 2.24 -39.67 -44.64
CA THR EA 76 1.53 -40.53 -43.67
C THR EA 76 2.58 -41.31 -42.87
N ALA EA 77 3.52 -41.93 -43.57
CA ALA EA 77 4.56 -42.72 -42.88
C ALA EA 77 5.31 -41.80 -41.91
N GLU EA 78 5.88 -40.71 -42.42
CA GLU EA 78 6.66 -39.79 -41.55
C GLU EA 78 5.82 -39.43 -40.33
N GLY EA 79 4.54 -39.14 -40.53
CA GLY EA 79 3.68 -38.70 -39.41
C GLY EA 79 3.73 -39.71 -38.27
N ALA EA 80 3.57 -40.99 -38.60
CA ALA EA 80 3.64 -42.04 -37.57
C ALA EA 80 5.04 -42.02 -36.93
N MET EA 81 6.07 -41.99 -37.77
CA MET EA 81 7.47 -41.99 -37.25
C MET EA 81 7.58 -40.90 -36.19
N ASN EA 82 6.84 -39.81 -36.36
CA ASN EA 82 6.95 -38.66 -35.42
C ASN EA 82 6.53 -39.13 -34.03
N GLU EA 83 5.36 -39.74 -33.93
CA GLU EA 83 4.88 -40.23 -32.61
C GLU EA 83 5.86 -41.30 -32.13
N THR EA 84 6.36 -42.12 -33.05
CA THR EA 84 7.28 -43.22 -32.67
C THR EA 84 8.45 -42.62 -31.90
N THR EA 85 9.12 -41.61 -32.48
CA THR EA 85 10.32 -41.04 -31.81
C THR EA 85 9.89 -40.41 -30.48
N ASN EA 86 8.71 -39.80 -30.45
CA ASN EA 86 8.22 -39.17 -29.20
C ASN EA 86 8.14 -40.25 -28.12
N ILE EA 87 7.50 -41.38 -28.45
CA ILE EA 87 7.35 -42.48 -27.46
C ILE EA 87 8.75 -42.94 -27.05
N LEU EA 88 9.63 -43.11 -28.02
CA LEU EA 88 11.01 -43.60 -27.72
C LEU EA 88 11.64 -42.65 -26.70
N GLN EA 89 11.64 -41.36 -26.99
CA GLN EA 89 12.27 -40.38 -26.07
C GLN EA 89 11.74 -40.66 -24.66
N ARG EA 90 10.42 -40.70 -24.51
CA ARG EA 90 9.82 -40.90 -23.17
C ARG EA 90 10.51 -42.10 -22.51
N MET EA 91 10.65 -43.20 -23.26
CA MET EA 91 11.25 -44.42 -22.69
C MET EA 91 12.66 -44.06 -22.19
N ARG EA 92 13.42 -43.31 -22.99
CA ARG EA 92 14.81 -42.97 -22.60
C ARG EA 92 14.77 -42.19 -21.29
N ASP EA 93 13.86 -41.23 -21.18
CA ASP EA 93 13.74 -40.42 -19.95
C ASP EA 93 13.46 -41.35 -18.77
N LEU EA 94 12.45 -42.22 -18.92
CA LEU EA 94 12.10 -43.16 -17.83
C LEU EA 94 13.33 -43.98 -17.49
N SER EA 95 14.05 -44.44 -18.52
CA SER EA 95 15.24 -45.31 -18.28
C SER EA 95 16.25 -44.55 -17.42
N LEU EA 96 16.54 -43.30 -17.78
CA LEU EA 96 17.54 -42.52 -17.02
C LEU EA 96 17.07 -42.42 -15.57
N GLN EA 97 15.76 -42.20 -15.37
CA GLN EA 97 15.21 -42.07 -14.00
C GLN EA 97 15.47 -43.37 -13.23
N SER EA 98 15.30 -44.52 -13.88
CA SER EA 98 15.48 -45.83 -13.19
C SER EA 98 16.93 -46.02 -12.77
N ALA EA 99 17.88 -45.80 -13.67
CA ALA EA 99 19.31 -46.04 -13.36
C ALA EA 99 19.66 -45.42 -12.01
N ASN EA 100 19.03 -44.31 -11.65
CA ASN EA 100 19.41 -43.61 -10.39
C ASN EA 100 19.41 -44.62 -9.24
N GLY EA 101 20.41 -44.54 -8.37
CA GLY EA 101 20.55 -45.50 -7.26
C GLY EA 101 19.40 -45.43 -6.27
N SER EA 102 18.84 -44.24 -6.03
CA SER EA 102 17.79 -44.09 -5.01
C SER EA 102 16.63 -45.04 -5.30
N ASN EA 103 16.21 -45.10 -6.56
CA ASN EA 103 15.02 -45.93 -6.90
C ASN EA 103 15.20 -47.32 -6.29
N SER EA 104 14.19 -47.80 -5.57
CA SER EA 104 14.23 -49.17 -5.00
C SER EA 104 13.56 -50.13 -5.98
N LYS EA 105 13.79 -51.44 -5.86
CA LYS EA 105 13.26 -52.39 -6.85
C LYS EA 105 11.80 -52.07 -7.13
N SER EA 106 11.02 -51.81 -6.08
CA SER EA 106 9.56 -51.58 -6.27
C SER EA 106 9.32 -50.57 -7.38
N GLU EA 107 9.89 -49.37 -7.29
CA GLU EA 107 9.58 -48.33 -8.30
C GLU EA 107 10.21 -48.71 -9.64
N ARG EA 108 11.36 -49.38 -9.62
CA ARG EA 108 11.93 -49.83 -10.91
C ARG EA 108 10.85 -50.62 -11.66
N VAL EA 109 10.11 -51.47 -10.96
CA VAL EA 109 9.05 -52.29 -11.60
C VAL EA 109 8.02 -51.34 -12.21
N ALA EA 110 7.64 -50.30 -11.46
CA ALA EA 110 6.64 -49.33 -11.95
C ALA EA 110 7.12 -48.73 -13.28
N ILE EA 111 8.37 -48.29 -13.31
CA ILE EA 111 8.93 -47.70 -14.57
C ILE EA 111 8.80 -48.76 -15.67
N GLN EA 112 9.21 -49.99 -15.39
CA GLN EA 112 9.21 -51.04 -16.44
C GLN EA 112 7.77 -51.24 -16.92
N GLU EA 113 6.81 -51.20 -16.01
CA GLU EA 113 5.39 -51.38 -16.38
C GLU EA 113 5.04 -50.36 -17.46
N GLU EA 114 5.34 -49.08 -17.23
CA GLU EA 114 5.03 -48.04 -18.23
C GLU EA 114 5.81 -48.37 -19.51
N ILE EA 115 7.12 -48.60 -19.37
CA ILE EA 115 7.95 -48.89 -20.58
C ILE EA 115 7.29 -50.03 -21.35
N THR EA 116 6.90 -51.10 -20.66
CA THR EA 116 6.24 -52.23 -21.34
C THR EA 116 5.12 -51.68 -22.22
N ALA EA 117 4.28 -50.81 -21.66
CA ALA EA 117 3.15 -50.25 -22.42
C ALA EA 117 3.66 -49.45 -23.62
N LEU EA 118 4.62 -48.55 -23.38
CA LEU EA 118 5.16 -47.73 -24.48
C LEU EA 118 5.65 -48.67 -25.58
N ASN EA 119 6.32 -49.76 -25.19
CA ASN EA 119 6.84 -50.72 -26.19
C ASN EA 119 5.67 -51.27 -27.00
N ASP EA 120 4.59 -51.67 -26.31
CA ASP EA 120 3.41 -52.22 -27.01
C ASP EA 120 2.87 -51.16 -27.98
N GLU EA 121 2.76 -49.92 -27.53
CA GLU EA 121 2.21 -48.85 -28.39
C GLU EA 121 3.06 -48.76 -29.66
N LEU EA 122 4.39 -48.68 -29.49
CA LEU EA 122 5.28 -48.59 -30.67
C LEU EA 122 4.88 -49.69 -31.67
N ASN EA 123 4.83 -50.93 -31.20
CA ASN EA 123 4.46 -52.05 -32.10
C ASN EA 123 3.08 -51.77 -32.69
N ARG EA 124 2.11 -51.41 -31.85
CA ARG EA 124 0.73 -51.18 -32.35
C ARG EA 124 0.80 -50.22 -33.52
N ILE EA 125 1.47 -49.08 -33.33
CA ILE EA 125 1.50 -48.04 -34.40
C ILE EA 125 2.01 -48.71 -35.68
N ALA EA 126 3.16 -49.38 -35.60
CA ALA EA 126 3.75 -49.98 -36.81
C ALA EA 126 2.75 -50.94 -37.46
N GLU EA 127 2.09 -51.77 -36.67
CA GLU EA 127 1.16 -52.78 -37.23
C GLU EA 127 -0.10 -52.10 -37.76
N THR EA 128 -0.58 -51.06 -37.09
CA THR EA 128 -1.87 -50.44 -37.49
C THR EA 128 -1.66 -49.44 -38.63
N THR EA 129 -0.72 -48.51 -38.47
CA THR EA 129 -0.53 -47.44 -39.48
C THR EA 129 -0.73 -48.01 -40.89
N SER EA 130 -1.62 -47.39 -41.67
CA SER EA 130 -1.92 -47.89 -43.03
C SER EA 130 -2.40 -46.75 -43.92
N PHE EA 131 -2.29 -46.91 -45.24
CA PHE EA 131 -2.79 -45.89 -46.18
C PHE EA 131 -3.89 -46.52 -47.03
N GLY EA 132 -5.13 -46.46 -46.55
CA GLY EA 132 -6.24 -47.09 -47.28
C GLY EA 132 -6.07 -48.60 -47.36
N GLY EA 133 -5.59 -49.23 -46.30
CA GLY EA 133 -5.48 -50.69 -46.28
C GLY EA 133 -4.10 -51.20 -46.68
N ASN EA 134 -3.16 -50.30 -46.95
CA ASN EA 134 -1.78 -50.75 -47.25
C ASN EA 134 -0.88 -50.41 -46.06
N LYS EA 135 -0.53 -51.41 -45.25
CA LYS EA 135 0.33 -51.18 -44.05
C LYS EA 135 1.62 -50.52 -44.52
N LEU EA 136 2.16 -49.58 -43.74
CA LEU EA 136 3.33 -48.81 -44.23
C LEU EA 136 4.56 -49.02 -43.32
N LEU EA 137 4.35 -49.19 -42.02
CA LEU EA 137 5.52 -49.25 -41.10
C LEU EA 137 5.72 -50.65 -40.51
N ASN EA 138 5.08 -51.68 -41.08
CA ASN EA 138 5.20 -53.04 -40.48
C ASN EA 138 6.29 -53.83 -41.22
N GLY EA 139 6.71 -53.34 -42.39
CA GLY EA 139 7.76 -54.02 -43.16
C GLY EA 139 7.23 -54.58 -44.47
N THR EA 140 5.94 -54.92 -44.50
CA THR EA 140 5.35 -55.53 -45.73
C THR EA 140 5.57 -54.59 -46.91
N PHE EA 141 5.17 -53.33 -46.80
CA PHE EA 141 5.45 -52.35 -47.88
C PHE EA 141 6.97 -52.14 -47.93
N SER EA 142 7.57 -52.42 -49.08
CA SER EA 142 9.05 -52.30 -49.19
C SER EA 142 9.46 -52.06 -50.64
N THR EA 143 10.36 -51.11 -50.89
CA THR EA 143 10.86 -50.85 -52.26
C THR EA 143 9.70 -50.86 -53.25
N LYS EA 144 8.79 -49.88 -53.16
CA LYS EA 144 7.70 -49.78 -54.17
C LYS EA 144 7.93 -48.52 -54.99
N SER EA 145 8.00 -48.64 -56.32
CA SER EA 145 8.32 -47.46 -57.18
C SER EA 145 7.07 -46.63 -57.46
N PHE EA 146 7.26 -45.38 -57.87
CA PHE EA 146 6.12 -44.49 -58.22
C PHE EA 146 6.38 -43.83 -59.58
N GLN EA 147 5.54 -44.14 -60.58
CA GLN EA 147 5.74 -43.58 -61.94
C GLN EA 147 5.53 -42.06 -61.90
N ILE EA 148 6.59 -41.29 -62.14
CA ILE EA 148 6.49 -39.82 -62.07
C ILE EA 148 6.91 -39.24 -63.41
N GLY EA 149 6.64 -39.97 -64.50
CA GLY EA 149 7.03 -39.50 -65.84
C GLY EA 149 5.96 -39.77 -66.87
N ALA EA 150 5.99 -39.04 -67.99
CA ALA EA 150 4.96 -39.19 -69.03
C ALA EA 150 5.07 -40.56 -69.69
N ASP EA 151 6.29 -41.08 -69.87
CA ASP EA 151 6.46 -42.37 -70.59
C ASP EA 151 6.82 -43.48 -69.59
N ASN EA 152 6.71 -44.74 -70.03
CA ASN EA 152 7.03 -45.89 -69.15
C ASN EA 152 8.51 -45.86 -68.78
N GLY EA 153 8.84 -46.29 -67.56
CA GLY EA 153 10.25 -46.37 -67.15
C GLY EA 153 10.64 -45.23 -66.23
N GLU EA 154 9.90 -44.12 -66.27
CA GLU EA 154 10.27 -42.95 -65.44
C GLU EA 154 9.67 -43.10 -64.04
N ALA EA 155 10.30 -43.90 -63.17
CA ALA EA 155 9.70 -44.16 -61.85
C ALA EA 155 10.75 -44.05 -60.75
N VAL EA 156 10.35 -43.64 -59.55
CA VAL EA 156 11.29 -43.57 -58.40
C VAL EA 156 10.77 -44.53 -57.32
N MET EA 157 11.60 -45.50 -56.91
CA MET EA 157 11.18 -46.50 -55.89
C MET EA 157 11.33 -45.88 -54.50
N LEU EA 158 10.56 -46.39 -53.53
CA LEU EA 158 10.63 -45.88 -52.14
C LEU EA 158 10.62 -47.07 -51.18
N THR EA 159 11.50 -47.08 -50.18
CA THR EA 159 11.59 -48.23 -49.25
C THR EA 159 11.09 -47.82 -47.87
N LEU EA 160 9.99 -48.42 -47.40
CA LEU EA 160 9.48 -48.14 -46.04
C LEU EA 160 9.97 -49.26 -45.11
N LYS EA 161 10.88 -48.93 -44.19
CA LYS EA 161 11.48 -49.97 -43.32
C LYS EA 161 10.54 -50.32 -42.17
N ASP EA 162 10.72 -51.49 -41.56
CA ASP EA 162 9.90 -51.88 -40.38
C ASP EA 162 10.27 -50.97 -39.21
N MET EA 163 9.26 -50.45 -38.51
CA MET EA 163 9.53 -49.60 -37.32
C MET EA 163 9.08 -50.37 -36.07
N ARG EA 164 8.86 -51.67 -36.21
CA ARG EA 164 8.49 -52.49 -35.03
C ARG EA 164 9.66 -52.46 -34.04
N SER EA 165 9.36 -52.53 -32.74
CA SER EA 165 10.42 -52.47 -31.71
C SER EA 165 11.42 -53.60 -31.94
N ASP EA 166 10.94 -54.78 -32.31
CA ASP EA 166 11.83 -55.95 -32.51
C ASP EA 166 12.44 -55.90 -33.91
N ASN EA 167 13.22 -54.87 -34.22
CA ASN EA 167 13.90 -54.79 -35.54
C ASN EA 167 15.42 -54.77 -35.31
N ARG EA 168 16.17 -55.54 -36.11
CA ARG EA 168 17.64 -55.63 -35.91
C ARG EA 168 18.22 -54.22 -35.81
N MET EA 169 17.84 -53.34 -36.74
CA MET EA 169 18.42 -51.98 -36.79
C MET EA 169 18.03 -51.20 -35.54
N MET EA 170 16.86 -51.48 -34.95
CA MET EA 170 16.38 -50.69 -33.80
C MET EA 170 17.40 -50.76 -32.66
N GLY EA 171 18.09 -51.89 -32.50
CA GLY EA 171 19.02 -52.03 -31.38
C GLY EA 171 20.43 -52.40 -31.82
N GLY EA 172 21.24 -52.95 -30.91
CA GLY EA 172 22.62 -53.35 -31.24
C GLY EA 172 23.11 -54.47 -30.34
N THR EA 173 24.33 -54.95 -30.58
CA THR EA 173 24.87 -56.08 -29.77
C THR EA 173 25.29 -55.53 -28.39
N SER EA 174 25.00 -56.29 -27.33
CA SER EA 174 25.36 -55.84 -25.96
C SER EA 174 26.40 -56.78 -25.36
N TYR EA 175 27.48 -56.23 -24.80
CA TYR EA 175 28.54 -57.05 -24.19
C TYR EA 175 28.73 -56.60 -22.75
N VAL EA 176 28.63 -57.54 -21.80
CA VAL EA 176 28.85 -57.20 -20.36
C VAL EA 176 30.06 -57.99 -19.86
N ALA EA 177 30.83 -57.42 -18.94
CA ALA EA 177 32.05 -58.07 -18.44
C ALA EA 177 31.69 -59.21 -17.48
N ALA EA 178 32.68 -60.03 -17.13
CA ALA EA 178 32.44 -61.14 -16.17
C ALA EA 178 32.95 -60.69 -14.79
N GLU EA 179 34.12 -60.09 -14.75
CA GLU EA 179 34.71 -59.66 -13.45
C GLU EA 179 34.08 -58.33 -13.03
N GLY EA 180 33.57 -58.26 -11.80
CA GLY EA 180 32.96 -57.03 -11.30
C GLY EA 180 33.86 -56.34 -10.28
N LYS EA 181 34.34 -55.14 -10.60
CA LYS EA 181 35.25 -54.41 -9.68
C LYS EA 181 34.43 -53.60 -8.68
N ASP EA 182 34.79 -53.67 -7.39
CA ASP EA 182 34.02 -52.96 -6.33
C ASP EA 182 34.50 -51.51 -6.27
N LYS EA 183 33.95 -50.74 -5.33
CA LYS EA 183 34.30 -49.30 -5.21
C LYS EA 183 35.82 -49.16 -5.02
N ASP EA 184 36.41 -49.97 -4.14
CA ASP EA 184 37.85 -49.80 -3.83
C ASP EA 184 38.69 -49.94 -5.11
N TRP EA 185 38.31 -50.85 -6.00
CA TRP EA 185 39.14 -51.11 -7.20
C TRP EA 185 39.37 -49.83 -7.98
N LYS EA 186 40.59 -49.63 -8.48
CA LYS EA 186 40.89 -48.44 -9.32
C LYS EA 186 41.71 -48.90 -10.52
N VAL EA 187 41.69 -48.12 -11.61
CA VAL EA 187 42.56 -48.46 -12.77
C VAL EA 187 43.98 -48.64 -12.23
N GLN EA 188 44.53 -49.84 -12.33
CA GLN EA 188 45.91 -50.09 -11.87
C GLN EA 188 46.88 -49.35 -12.79
N ALA EA 189 48.11 -49.12 -12.34
CA ALA EA 189 49.11 -48.47 -13.21
C ALA EA 189 49.19 -49.27 -14.50
N GLY EA 190 49.18 -50.60 -14.39
CA GLY EA 190 49.19 -51.45 -15.60
C GLY EA 190 47.78 -51.81 -16.01
N ALA EA 191 47.64 -52.71 -16.99
CA ALA EA 191 46.31 -53.12 -17.48
C ALA EA 191 45.37 -51.90 -17.49
N ASN EA 192 45.84 -50.79 -18.07
CA ASN EA 192 45.02 -49.55 -18.13
C ASN EA 192 44.57 -49.33 -19.56
N ASP EA 193 44.87 -50.27 -20.46
CA ASP EA 193 44.53 -50.07 -21.88
C ASP EA 193 43.43 -51.04 -22.29
N ILE EA 194 42.41 -50.54 -23.00
CA ILE EA 194 41.34 -51.42 -23.51
C ILE EA 194 41.15 -51.09 -24.99
N THR EA 195 41.61 -51.97 -25.88
CA THR EA 195 41.56 -51.65 -27.33
C THR EA 195 40.37 -52.39 -27.95
N PHE EA 196 39.46 -51.64 -28.58
CA PHE EA 196 38.28 -52.25 -29.24
C PHE EA 196 38.55 -52.36 -30.74
N THR EA 197 38.56 -53.56 -31.28
CA THR EA 197 38.71 -53.73 -32.74
C THR EA 197 37.35 -54.14 -33.31
N LEU EA 198 36.75 -53.32 -34.16
CA LEU EA 198 35.39 -53.64 -34.65
C LEU EA 198 35.25 -53.17 -36.11
N LYS EA 199 34.29 -53.77 -36.83
CA LYS EA 199 34.04 -53.36 -38.23
C LYS EA 199 32.96 -52.27 -38.23
N ASP EA 200 33.24 -51.11 -38.83
CA ASP EA 200 32.29 -49.98 -38.83
C ASP EA 200 31.08 -50.34 -39.69
N ILE EA 201 30.03 -49.51 -39.64
CA ILE EA 201 28.80 -49.78 -40.44
C ILE EA 201 29.18 -49.87 -41.92
N ASP EA 202 30.22 -49.14 -42.35
CA ASP EA 202 30.60 -49.12 -43.79
C ASP EA 202 31.62 -50.23 -44.08
N GLY EA 203 31.87 -51.11 -43.11
CA GLY EA 203 32.79 -52.25 -43.34
C GLY EA 203 34.23 -51.89 -43.04
N ASN EA 204 34.52 -50.60 -42.87
CA ASN EA 204 35.90 -50.19 -42.49
C ASN EA 204 36.21 -50.79 -41.12
N ASP EA 205 37.45 -51.24 -40.89
CA ASP EA 205 37.82 -51.77 -39.56
C ASP EA 205 38.25 -50.61 -38.66
N GLN EA 206 38.00 -50.72 -37.36
CA GLN EA 206 38.33 -49.62 -36.42
C GLN EA 206 39.16 -50.20 -35.28
N THR EA 207 40.08 -49.41 -34.73
CA THR EA 207 40.89 -49.86 -33.57
C THR EA 207 41.00 -48.71 -32.58
N ILE EA 208 40.00 -48.57 -31.71
CA ILE EA 208 40.01 -47.48 -30.68
C ILE EA 208 40.87 -47.95 -29.50
N THR EA 209 41.94 -47.22 -29.20
CA THR EA 209 42.76 -47.57 -28.00
C THR EA 209 42.39 -46.62 -26.86
N VAL EA 210 41.56 -47.09 -25.93
CA VAL EA 210 41.21 -46.27 -24.75
C VAL EA 210 42.24 -46.53 -23.66
N ASN EA 211 43.06 -45.54 -23.33
CA ASN EA 211 44.03 -45.69 -22.22
C ASN EA 211 43.42 -45.05 -20.96
N ALA EA 212 42.81 -45.86 -20.10
CA ALA EA 212 42.11 -45.31 -18.91
C ALA EA 212 43.13 -44.62 -18.00
N LYS EA 213 42.75 -43.47 -17.42
CA LYS EA 213 43.64 -42.76 -16.47
C LYS EA 213 43.76 -43.60 -15.20
N GLU EA 214 45.00 -43.91 -14.78
CA GLU EA 214 45.22 -44.76 -13.59
C GLU EA 214 44.56 -44.13 -12.37
N GLY EA 215 43.92 -44.94 -11.53
CA GLY EA 215 43.31 -44.42 -10.29
C GLY EA 215 41.86 -44.01 -10.50
N ASP EA 216 41.20 -44.57 -11.52
CA ASP EA 216 39.76 -44.28 -11.74
C ASP EA 216 38.93 -45.50 -11.32
N ASP EA 217 37.73 -45.27 -10.79
CA ASP EA 217 36.85 -46.40 -10.39
C ASP EA 217 36.13 -46.91 -11.63
N ILE EA 218 35.48 -48.07 -11.53
CA ILE EA 218 34.82 -48.68 -12.72
C ILE EA 218 33.93 -47.62 -13.38
N GLU EA 219 33.17 -46.86 -12.60
CA GLU EA 219 32.21 -45.88 -13.20
C GLU EA 219 32.98 -44.82 -14.00
N GLU EA 220 34.08 -44.31 -13.43
CA GLU EA 220 34.85 -43.24 -14.13
C GLU EA 220 35.38 -43.79 -15.44
N VAL EA 221 35.81 -45.04 -15.44
CA VAL EA 221 36.30 -45.68 -16.70
C VAL EA 221 35.18 -45.61 -17.73
N ALA EA 222 33.97 -46.02 -17.34
CA ALA EA 222 32.86 -46.07 -18.31
C ALA EA 222 32.72 -44.68 -18.92
N THR EA 223 32.66 -43.64 -18.08
CA THR EA 223 32.55 -42.26 -18.59
C THR EA 223 33.73 -41.99 -19.52
N TYR EA 224 34.96 -42.30 -19.08
CA TYR EA 224 36.15 -42.01 -19.91
C TYR EA 224 35.98 -42.70 -21.25
N ILE EA 225 35.55 -43.97 -21.23
CA ILE EA 225 35.39 -44.73 -22.50
C ILE EA 225 34.38 -43.99 -23.38
N ASN EA 226 33.22 -43.68 -22.81
CA ASN EA 226 32.17 -42.98 -23.60
C ASN EA 226 32.79 -41.71 -24.19
N GLY EA 227 33.64 -41.04 -23.43
CA GLY EA 227 34.22 -39.76 -23.88
C GLY EA 227 35.18 -39.91 -25.06
N GLN EA 228 35.97 -40.97 -25.07
CA GLN EA 228 37.01 -41.09 -26.13
C GLN EA 228 36.42 -41.67 -27.41
N THR EA 229 35.31 -42.42 -27.32
CA THR EA 229 34.77 -43.08 -28.54
C THR EA 229 33.25 -42.98 -28.60
N ASP EA 230 32.70 -42.71 -29.78
CA ASP EA 230 31.23 -42.65 -29.94
C ASP EA 230 30.77 -43.96 -30.59
N MET EA 231 31.72 -44.81 -30.96
CA MET EA 231 31.38 -46.11 -31.60
C MET EA 231 30.69 -47.00 -30.57
N VAL EA 232 31.25 -47.10 -29.37
CA VAL EA 232 30.69 -48.02 -28.33
C VAL EA 232 30.36 -47.20 -27.09
N LYS EA 233 29.22 -47.48 -26.44
CA LYS EA 233 28.85 -46.78 -25.20
C LYS EA 233 29.06 -47.71 -24.01
N ALA EA 234 29.64 -47.21 -22.91
CA ALA EA 234 29.96 -48.06 -21.76
C ALA EA 234 29.10 -47.69 -20.56
N SER EA 235 28.73 -48.68 -19.74
CA SER EA 235 27.94 -48.43 -18.51
C SER EA 235 28.42 -49.42 -17.45
N VAL EA 236 27.90 -49.31 -16.23
CA VAL EA 236 28.29 -50.28 -15.17
C VAL EA 236 27.01 -50.80 -14.49
N ASN EA 237 26.89 -52.11 -14.32
CA ASN EA 237 25.69 -52.71 -13.67
C ASN EA 237 25.80 -52.57 -12.15
N GLU EA 238 24.95 -53.28 -11.41
CA GLU EA 238 24.95 -53.18 -9.92
C GLU EA 238 26.05 -54.08 -9.34
N LYS EA 239 26.69 -54.88 -10.19
CA LYS EA 239 27.78 -55.79 -9.73
C LYS EA 239 29.14 -55.21 -10.12
N GLY EA 240 29.14 -54.05 -10.80
CA GLY EA 240 30.41 -53.40 -11.17
C GLY EA 240 31.01 -54.03 -12.41
N GLN EA 241 30.18 -54.62 -13.27
CA GLN EA 241 30.67 -55.25 -14.52
C GLN EA 241 30.42 -54.27 -15.67
N LEU EA 242 31.49 -53.80 -16.32
CA LEU EA 242 31.32 -52.80 -17.40
C LEU EA 242 30.39 -53.36 -18.48
N GLN EA 243 29.37 -52.60 -18.85
CA GLN EA 243 28.42 -53.05 -19.91
C GLN EA 243 28.68 -52.22 -21.18
N ILE EA 244 29.27 -52.84 -22.19
CA ILE EA 244 29.58 -52.11 -23.45
C ILE EA 244 28.49 -52.40 -24.48
N PHE EA 245 28.00 -51.36 -25.16
CA PHE EA 245 26.95 -51.53 -26.18
C PHE EA 245 27.50 -51.14 -27.54
N ALA EA 246 27.02 -51.80 -28.60
CA ALA EA 246 27.47 -51.46 -29.97
C ALA EA 246 26.24 -51.36 -30.88
N GLY EA 247 25.90 -50.15 -31.32
CA GLY EA 247 24.68 -49.99 -32.13
C GLY EA 247 24.81 -50.61 -33.51
N ASN EA 248 23.83 -51.42 -33.92
CA ASN EA 248 23.86 -52.01 -35.27
C ASN EA 248 24.04 -50.89 -36.28
N ASN EA 249 23.48 -49.71 -36.00
CA ASN EA 249 23.54 -48.58 -36.96
C ASN EA 249 24.97 -48.05 -37.08
N LYS EA 250 25.88 -48.53 -36.23
CA LYS EA 250 27.26 -47.97 -36.23
C LYS EA 250 28.28 -49.11 -36.31
N VAL EA 251 28.09 -50.15 -35.49
CA VAL EA 251 29.09 -51.26 -35.46
C VAL EA 251 28.53 -52.44 -36.23
N THR EA 252 29.30 -52.99 -37.16
CA THR EA 252 28.86 -54.21 -37.90
C THR EA 252 29.70 -55.40 -37.43
N GLY EA 253 29.04 -56.48 -37.00
CA GLY EA 253 29.76 -57.67 -36.52
C GLY EA 253 30.11 -57.57 -35.05
N ASP EA 254 30.96 -58.49 -34.56
CA ASP EA 254 31.31 -58.51 -33.11
C ASP EA 254 32.33 -57.41 -32.81
N VAL EA 255 32.50 -57.07 -31.52
CA VAL EA 255 33.53 -56.07 -31.13
C VAL EA 255 34.68 -56.82 -30.47
N ALA EA 256 35.86 -56.82 -31.10
CA ALA EA 256 37.02 -57.55 -30.55
C ALA EA 256 37.63 -56.74 -29.42
N PHE EA 257 37.58 -57.26 -28.19
CA PHE EA 257 38.15 -56.56 -27.02
C PHE EA 257 39.58 -57.04 -26.82
N SER EA 258 40.48 -56.14 -26.42
CA SER EA 258 41.91 -56.50 -26.20
C SER EA 258 42.56 -55.47 -25.27
N GLY EA 259 43.71 -55.80 -24.70
CA GLY EA 259 44.43 -54.83 -23.86
C GLY EA 259 44.55 -55.29 -22.41
N GLY EA 260 45.35 -54.58 -21.61
CA GLY EA 260 45.47 -54.93 -20.19
C GLY EA 260 44.12 -54.91 -19.52
N LEU EA 261 43.44 -53.75 -19.54
CA LEU EA 261 42.14 -53.61 -18.84
C LEU EA 261 41.22 -54.76 -19.26
N ALA EA 262 41.22 -55.12 -20.54
CA ALA EA 262 40.27 -56.15 -21.01
C ALA EA 262 40.45 -57.42 -20.17
N GLY EA 263 41.69 -57.85 -19.96
CA GLY EA 263 41.96 -59.06 -19.16
C GLY EA 263 41.35 -58.89 -17.79
N ALA EA 264 41.57 -57.74 -17.16
CA ALA EA 264 41.06 -57.52 -15.80
C ALA EA 264 39.54 -57.60 -15.79
N LEU EA 265 38.88 -57.10 -16.83
CA LEU EA 265 37.38 -57.06 -16.84
C LEU EA 265 36.81 -58.33 -17.47
N ASN EA 266 37.61 -59.03 -18.29
CA ASN EA 266 37.15 -60.29 -18.94
C ASN EA 266 35.82 -60.05 -19.64
N MET EA 267 35.81 -59.20 -20.68
CA MET EA 267 34.56 -58.90 -21.41
C MET EA 267 33.98 -60.20 -21.95
N GLN EA 268 32.67 -60.41 -21.81
CA GLN EA 268 32.06 -61.71 -22.22
C GLN EA 268 31.56 -61.63 -23.66
N ALA EA 269 30.69 -62.59 -24.05
CA ALA EA 269 30.20 -62.66 -25.44
C ALA EA 269 29.17 -61.58 -25.73
N GLY EA 270 28.81 -61.40 -27.01
CA GLY EA 270 27.83 -60.38 -27.39
C GLY EA 270 26.41 -60.90 -27.40
N THR EA 271 25.44 -60.07 -27.03
CA THR EA 271 24.02 -60.46 -27.03
C THR EA 271 23.22 -59.33 -27.69
N ALA EA 272 22.54 -59.62 -28.80
CA ALA EA 272 21.81 -58.56 -29.52
C ALA EA 272 20.66 -58.07 -28.64
N GLU EA 273 20.44 -56.75 -28.62
CA GLU EA 273 19.34 -56.17 -27.80
C GLU EA 273 18.56 -55.18 -28.66
N THR EA 274 17.23 -55.23 -28.60
CA THR EA 274 16.38 -54.26 -29.33
C THR EA 274 15.39 -53.68 -28.32
N VAL EA 275 14.81 -52.52 -28.61
CA VAL EA 275 13.91 -51.87 -27.60
C VAL EA 275 12.95 -52.93 -27.06
N ASP EA 276 12.45 -53.82 -27.93
CA ASP EA 276 11.48 -54.85 -27.49
C ASP EA 276 12.07 -55.63 -26.32
N THR EA 277 13.38 -55.88 -26.33
CA THR EA 277 14.02 -56.69 -25.26
C THR EA 277 14.72 -55.78 -24.25
N ILE EA 278 14.00 -54.83 -23.66
CA ILE EA 278 14.64 -53.99 -22.60
C ILE EA 278 13.93 -54.24 -21.26
N ASP EA 279 14.71 -54.28 -20.17
CA ASP EA 279 14.12 -54.44 -18.82
C ASP EA 279 14.83 -53.47 -17.89
N VAL EA 280 14.10 -52.54 -17.29
CA VAL EA 280 14.76 -51.50 -16.46
C VAL EA 280 14.56 -51.84 -14.98
N THR EA 281 14.15 -53.07 -14.68
CA THR EA 281 14.02 -53.47 -13.25
C THR EA 281 15.42 -53.64 -12.68
N SER EA 282 16.43 -53.74 -13.55
CA SER EA 282 17.83 -53.89 -13.10
C SER EA 282 18.62 -52.62 -13.43
N VAL EA 283 19.35 -52.08 -12.46
CA VAL EA 283 20.11 -50.82 -12.69
C VAL EA 283 20.88 -50.96 -13.99
N GLY EA 284 21.61 -52.07 -14.13
CA GLY EA 284 22.39 -52.29 -15.37
C GLY EA 284 21.49 -52.30 -16.58
N GLY EA 285 20.34 -52.96 -16.47
CA GLY EA 285 19.40 -53.02 -17.60
C GLY EA 285 19.03 -51.63 -18.06
N ALA EA 286 18.69 -50.76 -17.11
CA ALA EA 286 18.31 -49.37 -17.45
C ALA EA 286 19.48 -48.69 -18.18
N GLN EA 287 20.67 -48.76 -17.59
CA GLN EA 287 21.84 -48.09 -18.21
C GLN EA 287 21.95 -48.57 -19.66
N GLN EA 288 21.94 -49.88 -19.88
CA GLN EA 288 22.10 -50.43 -21.25
C GLN EA 288 20.91 -50.01 -22.08
N SER EA 289 19.72 -50.02 -21.49
CA SER EA 289 18.50 -49.68 -22.26
C SER EA 289 18.66 -48.28 -22.84
N VAL EA 290 19.25 -47.36 -22.07
CA VAL EA 290 19.38 -45.96 -22.56
C VAL EA 290 20.07 -46.01 -23.92
N ALA EA 291 21.18 -46.74 -23.99
CA ALA EA 291 21.95 -46.78 -25.25
C ALA EA 291 21.08 -47.39 -26.35
N VAL EA 292 20.34 -48.44 -26.03
CA VAL EA 292 19.52 -49.13 -27.07
C VAL EA 292 18.58 -48.07 -27.67
N ILE EA 293 17.95 -47.27 -26.81
CA ILE EA 293 16.96 -46.28 -27.31
C ILE EA 293 17.70 -45.27 -28.20
N ASP EA 294 18.88 -44.84 -27.78
CA ASP EA 294 19.65 -43.86 -28.58
C ASP EA 294 19.82 -44.40 -30.00
N SER EA 295 20.27 -45.65 -30.10
CA SER EA 295 20.47 -46.26 -31.44
C SER EA 295 19.14 -46.25 -32.19
N ALA EA 296 18.08 -46.67 -31.51
CA ALA EA 296 16.74 -46.75 -32.15
C ALA EA 296 16.39 -45.37 -32.70
N LEU EA 297 16.60 -44.33 -31.90
CA LEU EA 297 16.30 -42.96 -32.37
C LEU EA 297 17.03 -42.74 -33.69
N LYS EA 298 18.35 -42.95 -33.70
CA LYS EA 298 19.13 -42.72 -34.93
C LYS EA 298 18.45 -43.45 -36.09
N TYR EA 299 17.97 -44.66 -35.84
CA TYR EA 299 17.31 -45.46 -36.91
C TYR EA 299 16.07 -44.68 -37.37
N VAL EA 300 15.24 -44.29 -36.41
CA VAL EA 300 14.00 -43.54 -36.76
C VAL EA 300 14.41 -42.30 -37.54
N ASP EA 301 15.32 -41.51 -36.98
CA ASP EA 301 15.70 -40.23 -37.64
C ASP EA 301 16.20 -40.53 -39.05
N SER EA 302 16.93 -41.63 -39.22
CA SER EA 302 17.48 -41.96 -40.55
C SER EA 302 16.32 -42.13 -41.54
N HIS EA 303 15.40 -43.03 -41.23
CA HIS EA 303 14.27 -43.31 -42.16
C HIS EA 303 13.57 -41.99 -42.47
N ARG EA 304 13.36 -41.17 -41.44
CA ARG EA 304 12.68 -39.86 -41.64
C ARG EA 304 13.46 -39.06 -42.68
N ALA EA 305 14.76 -38.84 -42.44
CA ALA EA 305 15.57 -38.03 -43.37
C ALA EA 305 15.35 -38.53 -44.79
N GLU EA 306 15.41 -39.85 -44.98
CA GLU EA 306 15.21 -40.44 -46.32
C GLU EA 306 13.83 -40.06 -46.84
N LEU EA 307 12.79 -40.24 -46.02
CA LEU EA 307 11.41 -39.94 -46.47
C LEU EA 307 11.31 -38.45 -46.80
N GLY EA 308 11.99 -37.60 -46.03
CA GLY EA 308 11.98 -36.16 -46.30
C GLY EA 308 12.58 -35.84 -47.64
N ALA EA 309 13.76 -36.41 -47.94
CA ALA EA 309 14.38 -36.20 -49.26
C ALA EA 309 13.45 -36.76 -50.33
N PHE EA 310 12.81 -37.89 -50.07
CA PHE EA 310 11.84 -38.42 -51.05
C PHE EA 310 10.79 -37.35 -51.32
N GLN EA 311 10.16 -36.84 -50.26
CA GLN EA 311 9.15 -35.78 -50.43
C GLN EA 311 9.77 -34.63 -51.23
N ASN EA 312 10.92 -34.12 -50.78
CA ASN EA 312 11.53 -32.94 -51.44
C ASN EA 312 11.73 -33.24 -52.92
N ARG EA 313 12.27 -34.42 -53.23
CA ARG EA 313 12.55 -34.76 -54.65
C ARG EA 313 11.23 -34.69 -55.42
N PHE EA 314 10.18 -35.32 -54.89
CA PHE EA 314 8.90 -35.36 -55.64
C PHE EA 314 8.38 -33.93 -55.82
N ASN EA 315 8.55 -33.09 -54.80
CA ASN EA 315 8.05 -31.70 -54.90
C ASN EA 315 8.73 -31.02 -56.08
N HIS EA 316 10.06 -31.08 -56.14
CA HIS EA 316 10.80 -30.49 -57.28
C HIS EA 316 10.31 -31.14 -58.57
N ALA EA 317 10.09 -32.46 -58.52
CA ALA EA 317 9.67 -33.19 -59.73
C ALA EA 317 8.31 -32.65 -60.19
N ILE EA 318 7.38 -32.49 -59.25
CA ILE EA 318 6.00 -32.06 -59.65
C ILE EA 318 6.12 -30.73 -60.40
N SER EA 319 7.01 -29.85 -59.95
CA SER EA 319 7.16 -28.52 -60.60
C SER EA 319 7.61 -28.73 -62.04
N ASN EA 320 8.64 -29.56 -62.23
CA ASN EA 320 9.16 -29.79 -63.59
C ASN EA 320 8.03 -30.37 -64.45
N LEU EA 321 7.28 -31.33 -63.91
CA LEU EA 321 6.21 -31.99 -64.71
C LEU EA 321 5.25 -30.89 -65.19
N ASP EA 322 4.92 -29.95 -64.32
CA ASP EA 322 3.96 -28.87 -64.69
C ASP EA 322 4.59 -27.99 -65.77
N ASN EA 323 5.83 -27.55 -65.57
CA ASN EA 323 6.44 -26.61 -66.55
C ASN EA 323 6.44 -27.27 -67.92
N ILE EA 324 6.84 -28.54 -67.98
CA ILE EA 324 6.81 -29.26 -69.29
C ILE EA 324 5.37 -29.32 -69.78
N ASN EA 325 4.43 -29.67 -68.91
CA ASN EA 325 3.00 -29.76 -69.31
C ASN EA 325 2.57 -28.43 -69.94
N GLU EA 326 2.83 -27.32 -69.25
CA GLU EA 326 2.39 -25.99 -69.76
C GLU EA 326 3.03 -25.77 -71.14
N ASN EA 327 4.35 -25.91 -71.22
CA ASN EA 327 5.06 -25.66 -72.49
C ASN EA 327 4.54 -26.64 -73.55
N VAL EA 328 4.27 -27.88 -73.16
CA VAL EA 328 3.82 -28.90 -74.15
C VAL EA 328 2.46 -28.46 -74.69
N ASN EA 329 1.54 -28.09 -73.80
CA ASN EA 329 0.18 -27.72 -74.26
C ASN EA 329 0.32 -26.52 -75.20
N ALA EA 330 1.14 -25.55 -74.82
CA ALA EA 330 1.39 -24.37 -75.69
C ALA EA 330 1.78 -24.86 -77.08
N SER EA 331 2.69 -25.82 -77.15
CA SER EA 331 3.18 -26.29 -78.48
C SER EA 331 2.03 -26.95 -79.24
N LYS EA 332 1.29 -27.83 -78.57
CA LYS EA 332 0.15 -28.51 -79.23
C LYS EA 332 -0.82 -27.44 -79.71
N SER EA 333 -0.98 -26.38 -78.92
CA SER EA 333 -1.94 -25.31 -79.29
C SER EA 333 -1.56 -24.74 -80.66
N ARG EA 334 -0.30 -24.33 -80.82
CA ARG EA 334 0.12 -23.70 -82.10
C ARG EA 334 -0.15 -24.64 -83.27
N ILE EA 335 -0.12 -25.95 -83.03
CA ILE EA 335 -0.26 -26.92 -84.16
C ILE EA 335 -1.72 -27.34 -84.37
N LYS EA 336 -2.43 -27.71 -83.30
CA LYS EA 336 -3.80 -28.27 -83.49
C LYS EA 336 -4.88 -27.20 -83.29
N ASP EA 337 -4.70 -26.26 -82.36
CA ASP EA 337 -5.77 -25.28 -82.05
C ASP EA 337 -5.97 -24.30 -83.20
N THR EA 338 -7.20 -23.79 -83.38
CA THR EA 338 -7.48 -22.87 -84.51
C THR EA 338 -7.38 -21.41 -84.05
N ASP EA 339 -6.79 -20.54 -84.88
CA ASP EA 339 -6.74 -19.09 -84.56
C ASP EA 339 -8.02 -18.49 -85.12
N PHE EA 340 -9.03 -18.31 -84.28
CA PHE EA 340 -10.35 -17.85 -84.80
C PHE EA 340 -10.11 -16.71 -85.80
N ALA EA 341 -9.28 -15.74 -85.45
CA ALA EA 341 -9.06 -14.59 -86.34
C ALA EA 341 -8.89 -15.08 -87.78
N LYS EA 342 -7.88 -15.90 -88.03
CA LYS EA 342 -7.61 -16.33 -89.42
C LYS EA 342 -8.84 -17.08 -89.95
N GLU EA 343 -9.35 -18.03 -89.17
CA GLU EA 343 -10.47 -18.86 -89.67
C GLU EA 343 -11.69 -17.97 -89.91
N THR EA 344 -12.02 -17.10 -88.96
CA THR EA 344 -13.26 -16.29 -89.11
C THR EA 344 -13.15 -15.45 -90.39
N THR EA 345 -11.96 -14.91 -90.65
CA THR EA 345 -11.75 -14.11 -91.89
C THR EA 345 -12.00 -14.99 -93.10
N ALA EA 346 -11.44 -16.20 -93.11
CA ALA EA 346 -11.58 -17.09 -94.28
C ALA EA 346 -13.05 -17.42 -94.49
N LEU EA 347 -13.75 -17.79 -93.43
CA LEU EA 347 -15.18 -18.18 -93.56
C LEU EA 347 -15.90 -17.02 -94.24
N THR EA 348 -15.65 -15.80 -93.76
CA THR EA 348 -16.31 -14.61 -94.35
C THR EA 348 -15.96 -14.55 -95.84
N LYS EA 349 -14.68 -14.60 -96.16
CA LYS EA 349 -14.27 -14.51 -97.59
C LYS EA 349 -14.99 -15.60 -98.38
N SER EA 350 -14.94 -16.84 -97.90
CA SER EA 350 -15.53 -17.95 -98.68
C SER EA 350 -17.00 -17.67 -98.93
N GLN EA 351 -17.71 -17.21 -97.90
CA GLN EA 351 -19.16 -16.93 -98.05
C GLN EA 351 -19.34 -15.89 -99.16
N ILE EA 352 -18.52 -14.84 -99.14
CA ILE EA 352 -18.69 -13.76 -100.16
C ILE EA 352 -18.44 -14.38 -101.54
N LEU EA 353 -17.32 -15.09 -101.70
CA LEU EA 353 -17.02 -15.76 -102.98
C LEU EA 353 -18.25 -16.56 -103.41
N SER EA 354 -18.78 -17.38 -102.50
CA SER EA 354 -19.95 -18.22 -102.84
C SER EA 354 -21.04 -17.34 -103.44
N GLN EA 355 -21.34 -16.21 -102.78
CA GLN EA 355 -22.37 -15.28 -103.30
C GLN EA 355 -21.94 -14.81 -104.69
N ALA EA 356 -20.67 -14.45 -104.84
CA ALA EA 356 -20.18 -13.94 -106.13
C ALA EA 356 -20.42 -15.00 -107.20
N SER EA 357 -19.97 -16.22 -106.96
CA SER EA 357 -20.09 -17.29 -107.97
C SER EA 357 -21.57 -17.59 -108.25
N SER EA 358 -22.37 -17.69 -107.19
CA SER EA 358 -23.81 -18.00 -107.36
C SER EA 358 -24.42 -16.97 -108.30
N SER EA 359 -24.20 -15.69 -107.99
CA SER EA 359 -24.76 -14.61 -108.85
C SER EA 359 -24.28 -14.82 -110.28
N VAL EA 360 -22.97 -15.04 -110.46
CA VAL EA 360 -22.41 -15.26 -111.81
C VAL EA 360 -23.16 -16.43 -112.46
N LEU EA 361 -23.40 -17.50 -111.69
CA LEU EA 361 -24.08 -18.68 -112.26
C LEU EA 361 -25.43 -18.25 -112.82
N ALA EA 362 -26.14 -17.41 -112.07
CA ALA EA 362 -27.49 -16.98 -112.50
C ALA EA 362 -27.37 -16.25 -113.85
N GLN EA 363 -26.47 -15.28 -113.93
CA GLN EA 363 -26.35 -14.51 -115.19
C GLN EA 363 -26.07 -15.49 -116.33
N ALA EA 364 -25.19 -16.46 -116.08
CA ALA EA 364 -24.83 -17.43 -117.14
C ALA EA 364 -26.03 -18.30 -117.49
N LYS EA 365 -26.75 -18.77 -116.46
CA LYS EA 365 -27.91 -19.67 -116.70
C LYS EA 365 -28.86 -18.99 -117.69
N GLN EA 366 -28.81 -17.66 -117.78
CA GLN EA 366 -29.78 -16.94 -118.64
C GLN EA 366 -29.10 -16.48 -119.92
N ALA EA 367 -27.82 -16.82 -120.11
CA ALA EA 367 -27.12 -16.43 -121.35
C ALA EA 367 -27.76 -17.08 -122.57
N PRO EA 368 -28.05 -18.40 -122.60
CA PRO EA 368 -28.57 -19.05 -123.81
C PRO EA 368 -29.88 -18.44 -124.33
N ASN EA 369 -30.79 -18.04 -123.45
CA ASN EA 369 -32.11 -17.54 -123.92
C ASN EA 369 -31.91 -16.38 -124.88
N ALA EA 370 -30.77 -15.69 -124.79
CA ALA EA 370 -30.48 -14.59 -125.74
C ALA EA 370 -30.58 -15.14 -127.16
N ALA EA 371 -29.98 -16.31 -127.40
CA ALA EA 371 -30.03 -16.93 -128.74
C ALA EA 371 -31.48 -17.30 -129.07
N LEU EA 372 -32.22 -17.76 -128.07
CA LEU EA 372 -33.63 -18.16 -128.30
C LEU EA 372 -34.34 -17.01 -129.02
N SER EA 373 -34.01 -15.77 -128.65
CA SER EA 373 -34.59 -14.61 -129.35
C SER EA 373 -34.06 -14.55 -130.78
N LEU EA 374 -32.73 -14.67 -130.96
CA LEU EA 374 -32.17 -14.50 -132.33
C LEU EA 374 -33.05 -15.23 -133.34
N LEU EA 375 -33.45 -16.47 -133.05
CA LEU EA 375 -34.22 -17.22 -134.09
C LEU EA 375 -35.62 -17.53 -133.56
N GLY EA 376 -36.63 -17.02 -134.25
CA GLY EA 376 -38.03 -17.24 -133.83
C GLY EA 376 -38.70 -15.93 -133.41
N ALA FA 1 13.92 -15.11 -33.86
CA ALA FA 1 14.14 -13.98 -32.94
C ALA FA 1 13.07 -13.99 -31.85
N VAL FA 2 11.86 -13.53 -32.20
CA VAL FA 2 10.72 -13.57 -31.23
C VAL FA 2 10.10 -14.97 -31.29
N ASN FA 3 10.78 -15.96 -30.69
CA ASN FA 3 10.25 -17.35 -30.65
C ASN FA 3 9.21 -17.45 -29.54
N VAL FA 4 8.41 -18.52 -29.55
CA VAL FA 4 7.33 -18.66 -28.54
C VAL FA 4 7.56 -19.93 -27.72
N ASN FA 5 8.08 -20.99 -28.34
CA ASN FA 5 8.23 -22.29 -27.63
C ASN FA 5 9.36 -22.21 -26.60
N THR FA 6 10.33 -21.33 -26.80
CA THR FA 6 11.50 -21.28 -25.87
C THR FA 6 11.63 -19.88 -25.26
N ASN FA 7 12.04 -19.78 -24.00
CA ASN FA 7 12.27 -18.46 -23.37
C ASN FA 7 13.56 -18.54 -22.57
N VAL FA 8 14.70 -18.62 -23.24
CA VAL FA 8 15.99 -18.80 -22.52
C VAL FA 8 16.04 -17.81 -21.35
N ALA FA 9 15.54 -16.59 -21.57
CA ALA FA 9 15.61 -15.54 -20.53
C ALA FA 9 14.92 -16.06 -19.26
N ALA FA 10 13.78 -16.74 -19.42
CA ALA FA 10 13.08 -17.30 -18.25
C ALA FA 10 14.03 -18.23 -17.49
N MET FA 11 14.60 -19.20 -18.18
CA MET FA 11 15.47 -20.19 -17.52
C MET FA 11 16.64 -19.44 -16.87
N THR FA 12 17.11 -18.37 -17.52
CA THR FA 12 18.18 -17.56 -16.90
C THR FA 12 17.71 -17.07 -15.54
N ALA FA 13 16.55 -16.41 -15.50
CA ALA FA 13 16.01 -15.92 -14.22
C ALA FA 13 15.91 -17.10 -13.24
N GLN FA 14 15.12 -18.11 -13.59
CA GLN FA 14 14.91 -19.25 -12.67
C GLN FA 14 16.25 -19.70 -12.10
N ARG FA 15 17.26 -19.88 -12.95
CA ARG FA 15 18.55 -20.42 -12.44
C ARG FA 15 19.01 -19.56 -11.27
N TYR FA 16 19.16 -18.26 -11.49
CA TYR FA 16 19.70 -17.39 -10.42
C TYR FA 16 18.73 -17.40 -9.24
N LEU FA 17 17.43 -17.32 -9.52
CA LEU FA 17 16.42 -17.28 -8.42
C LEU FA 17 16.64 -18.49 -7.51
N THR FA 18 16.67 -19.69 -8.08
CA THR FA 18 16.80 -20.91 -7.25
C THR FA 18 18.06 -20.78 -6.40
N GLY FA 19 19.16 -20.34 -7.00
CA GLY FA 19 20.41 -20.17 -6.24
C GLY FA 19 20.19 -19.24 -5.06
N ALA FA 20 19.56 -18.08 -5.28
CA ALA FA 20 19.32 -17.11 -4.20
C ALA FA 20 18.41 -17.74 -3.15
N THR FA 21 17.36 -18.45 -3.58
CA THR FA 21 16.47 -19.14 -2.62
C THR FA 21 17.31 -20.08 -1.77
N ASN FA 22 18.22 -20.81 -2.41
CA ASN FA 22 19.08 -21.78 -1.69
C ASN FA 22 19.88 -21.02 -0.62
N ALA FA 23 20.42 -19.86 -0.99
CA ALA FA 23 21.22 -19.07 -0.04
C ALA FA 23 20.29 -18.61 1.10
N GLN FA 24 19.10 -18.14 0.74
CA GLN FA 24 18.16 -17.65 1.77
C GLN FA 24 17.92 -18.78 2.77
N GLN FA 25 17.66 -19.99 2.27
CA GLN FA 25 17.43 -21.14 3.17
C GLN FA 25 18.69 -21.38 4.00
N THR FA 26 19.85 -21.43 3.35
CA THR FA 26 21.10 -21.74 4.08
C THR FA 26 21.27 -20.76 5.24
N SER FA 27 21.21 -19.46 4.94
CA SER FA 27 21.44 -18.45 6.01
C SER FA 27 20.38 -18.61 7.10
N MET FA 28 19.12 -18.79 6.70
CA MET FA 28 18.04 -18.88 7.71
C MET FA 28 18.40 -19.96 8.72
N GLU FA 29 18.86 -21.11 8.24
CA GLU FA 29 19.27 -22.21 9.15
C GLU FA 29 20.32 -21.66 10.11
N ARG FA 30 21.46 -21.24 9.59
CA ARG FA 30 22.56 -20.77 10.47
C ARG FA 30 21.98 -19.79 11.50
N LEU FA 31 21.22 -18.79 11.04
CA LEU FA 31 20.70 -17.77 11.98
C LEU FA 31 19.86 -18.46 13.06
N SER FA 32 19.11 -19.51 12.68
CA SER FA 32 18.20 -20.18 13.65
C SER FA 32 18.94 -21.26 14.43
N SER FA 33 20.27 -21.31 14.31
CA SER FA 33 21.03 -22.40 14.96
C SER FA 33 22.14 -21.84 15.85
N GLY FA 34 22.73 -20.71 15.46
CA GLY FA 34 23.86 -20.17 16.22
C GLY FA 34 25.13 -20.89 15.81
N PHE FA 35 25.04 -21.73 14.78
CA PHE FA 35 26.21 -22.52 14.32
C PHE FA 35 26.34 -22.40 12.81
N LYS FA 36 27.48 -21.86 12.34
CA LYS FA 36 27.71 -21.72 10.88
C LYS FA 36 27.81 -23.11 10.25
N ILE FA 37 28.54 -24.02 10.90
CA ILE FA 37 28.67 -25.42 10.38
C ILE FA 37 27.54 -26.25 10.97
N ASN FA 38 26.44 -26.41 10.24
CA ASN FA 38 25.32 -27.26 10.72
C ASN FA 38 25.36 -28.58 9.97
N SER FA 39 26.32 -28.75 9.06
CA SER FA 39 26.46 -30.00 8.27
C SER FA 39 27.80 -29.97 7.51
N ALA FA 40 28.47 -31.12 7.41
CA ALA FA 40 29.79 -31.14 6.74
C ALA FA 40 29.67 -30.43 5.40
N LYS FA 41 28.47 -30.41 4.83
CA LYS FA 41 28.25 -29.69 3.55
C LYS FA 41 28.79 -28.27 3.71
N ASP FA 42 28.66 -27.71 4.92
CA ASP FA 42 29.16 -26.33 5.17
C ASP FA 42 30.69 -26.36 5.24
N ASP FA 43 31.25 -27.18 6.12
CA ASP FA 43 32.73 -27.21 6.29
C ASP FA 43 33.17 -28.56 6.86
N ALA FA 44 33.82 -29.40 6.05
CA ALA FA 44 34.21 -30.74 6.52
C ALA FA 44 35.18 -30.63 7.70
N ALA FA 45 36.34 -29.99 7.47
CA ALA FA 45 37.35 -29.91 8.55
C ALA FA 45 36.74 -29.27 9.79
N GLY FA 46 35.98 -28.20 9.60
CA GLY FA 46 35.39 -27.51 10.77
C GLY FA 46 34.59 -28.48 11.61
N LEU FA 47 33.74 -29.28 10.96
CA LEU FA 47 32.92 -30.27 11.69
C LEU FA 47 33.86 -31.13 12.53
N GLN FA 48 34.90 -31.70 11.90
CA GLN FA 48 35.81 -32.60 12.63
C GLN FA 48 36.40 -31.85 13.84
N ILE FA 49 37.03 -30.71 13.59
CA ILE FA 49 37.71 -29.98 14.71
C ILE FA 49 36.66 -29.56 15.74
N SER FA 50 35.55 -28.98 15.28
CA SER FA 50 34.54 -28.48 16.24
C SER FA 50 34.10 -29.65 17.12
N ASN FA 51 33.74 -30.77 16.50
CA ASN FA 51 33.32 -31.95 17.27
C ASN FA 51 34.41 -32.26 18.29
N ARG FA 52 35.65 -32.37 17.82
CA ARG FA 52 36.79 -32.68 18.72
C ARG FA 52 36.80 -31.66 19.86
N LEU FA 53 36.86 -30.37 19.54
CA LEU FA 53 36.95 -29.32 20.59
C LEU FA 53 35.75 -29.47 21.52
N ASN FA 54 34.56 -29.64 20.95
CA ASN FA 54 33.33 -29.76 21.78
C ASN FA 54 33.53 -30.94 22.73
N VAL FA 55 33.98 -32.07 22.19
CA VAL FA 55 34.20 -33.28 23.03
C VAL FA 55 35.19 -32.92 24.13
N GLN FA 56 36.29 -32.26 23.76
CA GLN FA 56 37.33 -31.91 24.76
C GLN FA 56 36.72 -31.02 25.84
N SER FA 57 35.99 -29.98 25.42
CA SER FA 57 35.36 -29.07 26.41
C SER FA 57 34.45 -29.87 27.33
N ARG FA 58 33.51 -30.62 26.75
CA ARG FA 58 32.57 -31.42 27.57
C ARG FA 58 33.40 -32.27 28.53
N GLY FA 59 34.43 -32.92 28.02
CA GLY FA 59 35.28 -33.75 28.89
C GLY FA 59 35.92 -32.91 29.98
N LEU FA 60 36.39 -31.71 29.62
CA LEU FA 60 37.09 -30.86 30.62
C LEU FA 60 36.19 -30.65 31.83
N ASP FA 61 34.90 -30.39 31.60
CA ASP FA 61 33.99 -30.11 32.74
C ASP FA 61 33.80 -31.40 33.54
N VAL FA 62 33.57 -32.53 32.86
CA VAL FA 62 33.48 -33.82 33.61
C VAL FA 62 34.70 -33.92 34.51
N ALA FA 63 35.88 -33.60 33.96
CA ALA FA 63 37.13 -33.72 34.75
C ALA FA 63 37.05 -32.80 35.96
N VAL FA 64 36.65 -31.54 35.74
CA VAL FA 64 36.56 -30.57 36.86
C VAL FA 64 35.69 -31.20 37.94
N ARG FA 65 34.52 -31.70 37.56
CA ARG FA 65 33.61 -32.34 38.54
C ARG FA 65 34.37 -33.46 39.25
N ASN FA 66 35.01 -34.35 38.48
CA ASN FA 66 35.73 -35.50 39.08
C ASN FA 66 36.80 -34.98 40.04
N ALA FA 67 37.54 -33.95 39.63
CA ALA FA 67 38.60 -33.37 40.48
C ALA FA 67 37.99 -32.80 41.76
N ASN FA 68 36.85 -32.11 41.62
CA ASN FA 68 36.18 -31.56 42.83
C ASN FA 68 35.85 -32.72 43.77
N ASP FA 69 35.31 -33.81 43.22
CA ASP FA 69 35.03 -35.00 44.05
C ASP FA 69 36.31 -35.38 44.78
N GLY FA 70 37.43 -35.40 44.05
CA GLY FA 70 38.70 -35.79 44.67
C GLY FA 70 38.98 -34.94 45.88
N ILE FA 71 38.87 -33.62 45.73
CA ILE FA 71 39.20 -32.72 46.86
C ILE FA 71 38.24 -33.04 48.01
N SER FA 72 36.96 -33.28 47.68
CA SER FA 72 35.95 -33.55 48.73
C SER FA 72 36.40 -34.76 49.54
N ILE FA 73 36.71 -35.87 48.87
CA ILE FA 73 37.08 -37.11 49.60
C ILE FA 73 38.29 -36.81 50.49
N ALA FA 74 39.26 -36.07 49.95
CA ALA FA 74 40.45 -35.71 50.74
C ALA FA 74 40.02 -34.90 51.96
N GLN FA 75 39.19 -33.88 51.75
CA GLN FA 75 38.79 -32.99 52.87
C GLN FA 75 38.05 -33.83 53.92
N THR FA 76 37.12 -34.67 53.47
CA THR FA 76 36.34 -35.49 54.43
C THR FA 76 37.33 -36.34 55.24
N ALA FA 77 38.29 -36.95 54.56
CA ALA FA 77 39.32 -37.76 55.26
C ALA FA 77 40.20 -36.87 56.14
N GLU FA 78 40.67 -35.75 55.60
CA GLU FA 78 41.58 -34.86 56.37
C GLU FA 78 40.91 -34.46 57.67
N GLY FA 79 39.64 -34.06 57.60
CA GLY FA 79 38.92 -33.61 58.81
C GLY FA 79 38.81 -34.74 59.82
N ALA FA 80 38.53 -35.96 59.34
CA ALA FA 80 38.48 -37.10 60.26
C ALA FA 80 39.78 -37.13 61.07
N MET FA 81 40.93 -37.12 60.37
CA MET FA 81 42.22 -37.27 61.09
C MET FA 81 42.37 -36.14 62.12
N ASN FA 82 41.76 -34.98 61.85
CA ASN FA 82 41.90 -33.83 62.78
C ASN FA 82 41.48 -34.29 64.17
N GLU FA 83 40.33 -34.94 64.27
CA GLU FA 83 39.82 -35.40 65.58
C GLU FA 83 40.75 -36.49 66.10
N THR FA 84 41.16 -37.41 65.23
CA THR FA 84 42.13 -38.45 65.67
C THR FA 84 43.31 -37.73 66.33
N THR FA 85 43.83 -36.71 65.65
CA THR FA 85 44.98 -35.94 66.22
C THR FA 85 44.60 -35.46 67.62
N ASN FA 86 43.43 -34.83 67.74
CA ASN FA 86 43.01 -34.28 69.06
C ASN FA 86 42.99 -35.41 70.08
N ILE FA 87 42.34 -36.52 69.75
CA ILE FA 87 42.22 -37.66 70.72
C ILE FA 87 43.63 -38.10 71.10
N LEU FA 88 44.49 -38.32 70.11
CA LEU FA 88 45.88 -38.73 70.39
C LEU FA 88 46.47 -37.75 71.41
N GLN FA 89 46.58 -36.48 71.02
CA GLN FA 89 47.18 -35.46 71.93
C GLN FA 89 46.64 -35.69 73.35
N ARG FA 90 45.31 -35.77 73.50
CA ARG FA 90 44.72 -35.90 74.86
C ARG FA 90 45.34 -37.12 75.54
N MET FA 91 45.32 -38.27 74.85
CA MET FA 91 45.86 -39.51 75.46
C MET FA 91 47.33 -39.30 75.84
N ARG FA 92 48.12 -38.77 74.91
CA ARG FA 92 49.54 -38.47 75.21
C ARG FA 92 49.60 -37.73 76.56
N ASP FA 93 48.88 -36.62 76.65
CA ASP FA 93 48.90 -35.80 77.88
C ASP FA 93 48.45 -36.68 79.05
N LEU FA 94 47.37 -37.43 78.86
CA LEU FA 94 46.85 -38.31 79.94
C LEU FA 94 47.98 -39.20 80.44
N SER FA 95 48.68 -39.87 79.52
CA SER FA 95 49.73 -40.82 79.94
C SER FA 95 50.81 -40.04 80.71
N LEU FA 96 51.21 -38.87 80.19
CA LEU FA 96 52.25 -38.06 80.88
C LEU FA 96 51.75 -37.72 82.28
N GLN FA 97 50.49 -37.30 82.38
CA GLN FA 97 49.92 -36.98 83.71
C GLN FA 97 50.15 -38.17 84.63
N SER FA 98 49.62 -39.33 84.26
CA SER FA 98 49.77 -40.54 85.11
C SER FA 98 51.25 -40.84 85.36
N ALA FA 99 52.07 -40.82 84.30
CA ALA FA 99 53.49 -41.21 84.46
C ALA FA 99 54.06 -40.61 85.75
N ASN FA 100 53.78 -39.33 86.02
CA ASN FA 100 54.37 -38.67 87.21
C ASN FA 100 54.30 -39.64 88.40
N GLY FA 101 55.45 -39.90 89.05
CA GLY FA 101 55.49 -40.88 90.15
C GLY FA 101 54.46 -40.64 91.22
N SER FA 102 54.20 -39.38 91.58
CA SER FA 102 53.27 -39.10 92.71
C SER FA 102 51.96 -39.86 92.51
N ASN FA 103 51.53 -39.99 91.24
CA ASN FA 103 50.25 -40.68 90.95
C ASN FA 103 50.29 -42.12 91.48
N SER FA 104 49.33 -42.48 92.33
CA SER FA 104 49.26 -43.86 92.86
C SER FA 104 48.55 -44.77 91.86
N LYS FA 105 48.36 -46.05 92.20
CA LYS FA 105 47.75 -47.00 91.23
C LYS FA 105 46.33 -46.58 90.89
N SER FA 106 45.54 -46.17 91.89
CA SER FA 106 44.12 -45.84 91.63
C SER FA 106 44.00 -44.89 90.44
N GLU FA 107 44.72 -43.77 90.47
CA GLU FA 107 44.54 -42.78 89.37
C GLU FA 107 45.02 -43.42 88.06
N ARG FA 108 46.10 -44.19 88.12
CA ARG FA 108 46.62 -44.86 86.90
C ARG FA 108 45.52 -45.76 86.35
N VAL FA 109 44.80 -46.47 87.25
CA VAL FA 109 43.69 -47.35 86.81
C VAL FA 109 42.64 -46.47 86.09
N ALA FA 110 42.21 -45.38 86.74
CA ALA FA 110 41.16 -44.52 86.14
C ALA FA 110 41.65 -43.95 84.80
N ILE FA 111 42.90 -43.48 84.77
CA ILE FA 111 43.43 -42.85 83.52
C ILE FA 111 43.41 -43.91 82.43
N GLN FA 112 43.84 -45.13 82.75
CA GLN FA 112 43.86 -46.22 81.75
C GLN FA 112 42.45 -46.40 81.21
N GLU FA 113 41.46 -46.38 82.10
CA GLU FA 113 40.05 -46.52 81.65
C GLU FA 113 39.78 -45.47 80.57
N GLU FA 114 40.11 -44.20 80.84
CA GLU FA 114 39.85 -43.13 79.86
C GLU FA 114 40.64 -43.42 78.58
N ILE FA 115 41.93 -43.73 78.71
CA ILE FA 115 42.74 -44.08 77.53
C ILE FA 115 41.96 -45.14 76.74
N THR FA 116 41.65 -46.26 77.39
CA THR FA 116 40.90 -47.34 76.72
C THR FA 116 39.76 -46.72 75.91
N ALA FA 117 39.01 -45.81 76.53
CA ALA FA 117 37.85 -45.22 75.84
C ALA FA 117 38.31 -44.51 74.57
N LEU FA 118 39.31 -43.63 74.70
CA LEU FA 118 39.76 -42.85 73.52
C LEU FA 118 40.28 -43.80 72.46
N ASN FA 119 40.93 -44.89 72.89
CA ASN FA 119 41.45 -45.89 71.92
C ASN FA 119 40.28 -46.36 71.05
N ASP FA 120 39.19 -46.75 71.68
CA ASP FA 120 38.03 -47.29 70.91
C ASP FA 120 37.55 -46.20 69.95
N GLU FA 121 37.50 -44.95 70.40
CA GLU FA 121 36.96 -43.87 69.54
C GLU FA 121 37.88 -43.70 68.33
N LEU FA 122 39.20 -43.77 68.53
CA LEU FA 122 40.12 -43.71 67.36
C LEU FA 122 39.71 -44.82 66.40
N ASN FA 123 39.58 -46.05 66.91
CA ASN FA 123 39.25 -47.20 66.03
C ASN FA 123 37.90 -46.92 65.36
N ARG FA 124 36.94 -46.45 66.15
CA ARG FA 124 35.58 -46.19 65.60
C ARG FA 124 35.68 -45.20 64.46
N ILE FA 125 36.33 -44.06 64.68
CA ILE FA 125 36.37 -43.02 63.62
C ILE FA 125 36.95 -43.64 62.34
N ALA FA 126 37.96 -44.49 62.48
CA ALA FA 126 38.61 -45.11 61.30
C ALA FA 126 37.63 -46.09 60.64
N GLU FA 127 36.85 -46.83 61.44
CA GLU FA 127 35.94 -47.86 60.88
C GLU FA 127 34.52 -47.31 60.71
N THR FA 128 34.36 -45.98 60.72
CA THR FA 128 33.03 -45.39 60.48
C THR FA 128 33.10 -44.37 59.34
N THR FA 129 34.13 -43.52 59.33
CA THR FA 129 34.21 -42.44 58.31
C THR FA 129 33.92 -43.05 56.93
N SER FA 130 32.88 -42.55 56.25
CA SER FA 130 32.49 -43.10 54.93
C SER FA 130 31.89 -42.01 54.06
N PHE FA 131 32.50 -41.76 52.89
CA PHE FA 131 32.00 -40.73 51.95
C PHE FA 131 30.84 -41.34 51.16
N GLY FA 132 29.62 -41.14 51.64
CA GLY FA 132 28.45 -41.73 50.97
C GLY FA 132 28.47 -43.25 51.05
N GLY FA 133 29.09 -43.80 52.11
CA GLY FA 133 29.13 -45.25 52.31
C GLY FA 133 30.48 -45.85 51.97
N ASN FA 134 31.28 -45.13 51.19
CA ASN FA 134 32.64 -45.60 50.84
C ASN FA 134 33.56 -45.39 52.05
N LYS FA 135 33.88 -46.46 52.78
CA LYS FA 135 34.78 -46.35 53.95
C LYS FA 135 36.07 -45.67 53.49
N LEU FA 136 36.62 -44.76 54.31
CA LEU FA 136 37.80 -43.99 53.84
C LEU FA 136 39.06 -44.34 54.63
N LEU FA 137 39.03 -44.31 55.96
CA LEU FA 137 40.28 -44.51 56.73
C LEU FA 137 40.31 -45.86 57.46
N ASN FA 138 39.52 -46.85 57.01
CA ASN FA 138 39.62 -48.20 57.63
C ASN FA 138 40.74 -48.97 56.95
N GLY FA 139 41.28 -48.40 55.86
CA GLY FA 139 42.36 -49.08 55.12
C GLY FA 139 41.89 -49.57 53.76
N THR FA 140 40.60 -49.88 53.63
CA THR FA 140 40.08 -50.44 52.36
C THR FA 140 40.32 -49.45 51.22
N PHE FA 141 39.85 -48.21 51.37
CA PHE FA 141 40.12 -47.17 50.34
C PHE FA 141 41.62 -47.01 50.22
N SER FA 142 42.19 -47.46 49.10
CA SER FA 142 43.66 -47.37 48.91
C SER FA 142 44.00 -47.20 47.43
N THR FA 143 44.96 -46.33 47.12
CA THR FA 143 45.41 -46.16 45.71
C THR FA 143 44.22 -46.17 44.75
N LYS FA 144 43.31 -45.20 44.89
CA LYS FA 144 42.19 -45.10 43.92
C LYS FA 144 42.48 -43.92 42.97
N SER FA 145 42.30 -44.12 41.67
CA SER FA 145 42.63 -43.07 40.68
C SER FA 145 41.54 -41.99 40.64
N PHE FA 146 41.85 -40.82 40.10
CA PHE FA 146 40.85 -39.73 39.97
C PHE FA 146 41.06 -39.05 38.61
N GLN FA 147 40.27 -39.43 37.60
CA GLN FA 147 40.45 -38.88 36.24
C GLN FA 147 40.29 -37.36 36.30
N ILE FA 148 41.29 -36.60 35.85
CA ILE FA 148 41.22 -35.11 35.97
C ILE FA 148 41.58 -34.47 34.63
N GLY FA 149 41.12 -35.06 33.52
CA GLY FA 149 41.43 -34.52 32.18
C GLY FA 149 40.53 -35.08 31.10
N ALA FA 150 40.37 -34.34 30.00
CA ALA FA 150 39.50 -34.78 28.89
C ALA FA 150 40.08 -36.07 28.28
N ASP FA 151 41.41 -36.17 28.20
CA ASP FA 151 42.06 -37.38 27.65
C ASP FA 151 41.90 -38.53 28.66
N ASN FA 152 42.25 -39.75 28.26
CA ASN FA 152 42.04 -40.92 29.14
C ASN FA 152 43.34 -41.31 29.86
N GLY FA 153 43.23 -42.06 30.97
CA GLY FA 153 44.42 -42.57 31.67
C GLY FA 153 45.23 -41.49 32.38
N GLU FA 154 44.86 -40.21 32.24
CA GLU FA 154 45.71 -39.15 32.84
C GLU FA 154 45.32 -38.95 34.31
N ALA FA 155 44.71 -39.96 34.93
CA ALA FA 155 44.20 -39.81 36.32
C ALA FA 155 45.34 -39.59 37.31
N VAL FA 156 45.00 -39.29 38.56
CA VAL FA 156 46.01 -39.12 39.64
C VAL FA 156 45.67 -40.09 40.78
N MET FA 157 46.65 -40.87 41.23
CA MET FA 157 46.40 -41.88 42.29
C MET FA 157 46.36 -41.19 43.65
N LEU FA 158 45.40 -41.57 44.50
CA LEU FA 158 45.34 -41.02 45.89
C LEU FA 158 45.42 -42.19 46.88
N THR FA 159 46.08 -41.98 48.02
CA THR FA 159 46.27 -43.09 48.99
C THR FA 159 45.66 -42.70 50.33
N LEU FA 160 44.79 -43.55 50.89
CA LEU FA 160 44.18 -43.28 52.23
C LEU FA 160 44.69 -44.33 53.22
N LYS FA 161 45.83 -44.06 53.85
CA LYS FA 161 46.43 -45.03 54.80
C LYS FA 161 45.45 -45.34 55.94
N ASP FA 162 45.48 -46.56 56.46
CA ASP FA 162 44.61 -46.93 57.60
C ASP FA 162 44.91 -46.01 58.77
N MET FA 163 43.88 -45.60 59.52
CA MET FA 163 44.11 -44.77 60.72
C MET FA 163 43.65 -45.56 61.95
N ARG FA 164 43.48 -46.87 61.81
CA ARG FA 164 43.10 -47.71 62.98
C ARG FA 164 44.21 -47.62 64.04
N SER FA 165 43.85 -47.67 65.32
CA SER FA 165 44.84 -47.51 66.41
C SER FA 165 45.86 -48.66 66.37
N ASP FA 166 45.47 -49.80 65.82
CA ASP FA 166 46.36 -50.99 65.84
C ASP FA 166 47.25 -50.99 64.59
N ASN FA 167 47.21 -49.92 63.80
CA ASN FA 167 48.11 -49.84 62.61
C ASN FA 167 49.55 -49.81 63.11
N ARG FA 168 50.41 -50.66 62.52
CA ARG FA 168 51.81 -50.74 63.00
C ARG FA 168 52.45 -49.36 62.94
N MET FA 169 52.17 -48.61 61.86
CA MET FA 169 52.80 -47.27 61.69
C MET FA 169 52.48 -46.40 62.91
N MET FA 170 51.30 -46.59 63.49
CA MET FA 170 50.88 -45.75 64.64
C MET FA 170 51.91 -45.88 65.76
N GLY FA 171 52.41 -47.09 66.01
CA GLY FA 171 53.34 -47.31 67.13
C GLY FA 171 54.74 -47.67 66.65
N GLY FA 172 55.52 -48.36 67.50
CA GLY FA 172 56.89 -48.77 67.13
C GLY FA 172 57.25 -50.10 67.77
N THR FA 173 58.56 -50.35 67.95
CA THR FA 173 59.00 -51.59 68.63
C THR FA 173 59.71 -51.19 69.93
N SER FA 174 59.27 -51.69 71.08
CA SER FA 174 59.84 -51.22 72.36
C SER FA 174 60.91 -52.20 72.87
N TYR FA 175 62.17 -51.76 72.86
CA TYR FA 175 63.28 -52.61 73.37
C TYR FA 175 63.53 -52.23 74.83
N VAL FA 176 63.06 -53.05 75.77
CA VAL FA 176 63.20 -52.73 77.21
C VAL FA 176 64.41 -53.49 77.78
N ALA FA 177 65.22 -52.82 78.59
CA ALA FA 177 66.39 -53.48 79.22
C ALA FA 177 65.90 -54.49 80.26
N ALA FA 178 66.52 -55.67 80.31
CA ALA FA 178 66.17 -56.66 81.36
C ALA FA 178 66.90 -56.28 82.65
N GLU FA 179 68.21 -56.07 82.55
CA GLU FA 179 69.00 -55.73 83.77
C GLU FA 179 68.49 -54.40 84.32
N GLY FA 180 68.53 -54.22 85.64
CA GLY FA 180 68.01 -52.99 86.24
C GLY FA 180 69.06 -52.25 87.04
N LYS FA 181 68.99 -50.93 87.06
CA LYS FA 181 69.94 -50.13 87.87
C LYS FA 181 69.20 -49.54 89.07
N ASP FA 182 69.80 -49.64 90.26
CA ASP FA 182 69.13 -49.12 91.49
C ASP FA 182 69.45 -47.63 91.62
N LYS FA 183 68.80 -46.96 92.58
CA LYS FA 183 69.02 -45.49 92.76
C LYS FA 183 70.49 -45.24 93.06
N ASP FA 184 71.16 -46.22 93.69
CA ASP FA 184 72.57 -46.02 94.11
C ASP FA 184 73.51 -46.44 92.98
N TRP FA 185 72.97 -46.85 91.83
CA TRP FA 185 73.85 -47.14 90.67
C TRP FA 185 74.18 -45.82 89.98
N LYS FA 186 75.46 -45.59 89.68
CA LYS FA 186 75.86 -44.36 88.95
C LYS FA 186 76.74 -44.77 87.78
N VAL FA 187 76.91 -43.89 86.79
CA VAL FA 187 77.69 -44.29 85.59
C VAL FA 187 79.14 -44.58 86.03
N GLN FA 188 79.56 -45.84 85.97
CA GLN FA 188 80.96 -46.20 86.32
C GLN FA 188 81.88 -45.80 85.16
N ALA FA 189 83.18 -45.73 85.42
CA ALA FA 189 84.14 -45.31 84.37
C ALA FA 189 84.25 -46.38 83.29
N GLY FA 190 84.56 -45.98 82.06
CA GLY FA 190 84.73 -46.94 80.94
C GLY FA 190 83.40 -47.41 80.40
N ALA FA 191 82.62 -48.15 81.20
CA ALA FA 191 81.33 -48.71 80.72
C ALA FA 191 80.27 -47.60 80.69
N ASN FA 192 80.52 -46.53 79.94
CA ASN FA 192 79.56 -45.40 79.86
C ASN FA 192 79.03 -45.30 78.42
N ASP FA 193 79.83 -45.74 77.45
CA ASP FA 193 79.43 -45.62 76.03
C ASP FA 193 78.31 -46.62 75.72
N ILE FA 194 77.45 -46.29 74.75
CA ILE FA 194 76.39 -47.25 74.31
C ILE FA 194 76.11 -46.99 72.83
N THR FA 195 76.45 -47.95 71.96
CA THR FA 195 76.30 -47.73 70.50
C THR FA 195 74.94 -48.27 70.04
N PHE FA 196 74.25 -47.52 69.18
CA PHE FA 196 72.94 -47.96 68.65
C PHE FA 196 73.04 -48.13 67.14
N THR FA 197 73.03 -49.37 66.66
CA THR FA 197 73.02 -49.59 65.19
C THR FA 197 71.58 -49.86 64.76
N LEU FA 198 71.03 -49.02 63.88
CA LEU FA 198 69.60 -49.17 63.50
C LEU FA 198 69.39 -48.63 62.08
N LYS FA 199 68.76 -49.43 61.22
CA LYS FA 199 68.44 -48.92 59.85
C LYS FA 199 67.39 -47.82 59.98
N ASP FA 200 67.64 -46.66 59.38
CA ASP FA 200 66.66 -45.54 59.41
C ASP FA 200 65.41 -45.98 58.67
N ILE FA 201 64.24 -45.40 58.99
CA ILE FA 201 63.02 -45.72 58.20
C ILE FA 201 63.39 -45.57 56.72
N ASP FA 202 64.31 -44.66 56.40
CA ASP FA 202 64.75 -44.45 55.01
C ASP FA 202 65.36 -45.75 54.49
N GLY FA 203 65.84 -46.60 55.41
CA GLY FA 203 66.48 -47.88 55.01
C GLY FA 203 67.94 -47.88 55.40
N ASN FA 204 68.63 -46.75 55.18
CA ASN FA 204 70.08 -46.66 55.49
C ASN FA 204 70.31 -47.00 56.97
N ASP FA 205 71.25 -47.90 57.26
CA ASP FA 205 71.59 -48.23 58.67
C ASP FA 205 72.17 -46.98 59.34
N GLN FA 206 71.75 -46.70 60.57
CA GLN FA 206 72.27 -45.52 61.31
C GLN FA 206 73.03 -46.02 62.54
N THR FA 207 74.26 -45.53 62.74
CA THR FA 207 75.06 -45.93 63.92
C THR FA 207 75.08 -44.78 64.93
N ILE FA 208 74.51 -44.99 66.11
CA ILE FA 208 74.52 -43.95 67.17
C ILE FA 208 75.49 -44.39 68.26
N THR FA 209 75.99 -43.46 69.08
CA THR FA 209 76.89 -43.81 70.20
C THR FA 209 76.78 -42.73 71.28
N VAL FA 210 76.03 -43.01 72.35
CA VAL FA 210 75.83 -42.01 73.43
C VAL FA 210 76.84 -42.29 74.55
N ASN FA 211 77.87 -41.45 74.67
CA ASN FA 211 78.86 -41.62 75.76
C ASN FA 211 78.29 -40.97 77.02
N ALA FA 212 77.48 -41.71 77.78
CA ALA FA 212 76.85 -41.15 78.99
C ALA FA 212 77.91 -40.54 79.90
N LYS FA 213 77.64 -39.35 80.43
CA LYS FA 213 78.58 -38.72 81.39
C LYS FA 213 78.68 -39.62 82.63
N GLU FA 214 79.84 -39.66 83.27
CA GLU FA 214 80.03 -40.60 84.42
C GLU FA 214 79.27 -40.11 85.65
N GLY FA 215 79.08 -41.01 86.62
CA GLY FA 215 78.37 -40.63 87.86
C GLY FA 215 77.04 -39.99 87.55
N ASP FA 216 76.22 -40.65 86.72
CA ASP FA 216 74.87 -40.13 86.40
C ASP FA 216 73.81 -41.15 86.82
N ASP FA 217 72.63 -40.68 87.20
CA ASP FA 217 71.53 -41.60 87.60
C ASP FA 217 70.90 -42.21 86.34
N ILE FA 218 70.22 -43.35 86.49
CA ILE FA 218 69.62 -44.03 85.31
C ILE FA 218 68.79 -43.01 84.53
N GLU FA 219 68.04 -42.16 85.24
CA GLU FA 219 67.18 -41.15 84.57
C GLU FA 219 68.08 -40.20 83.77
N GLU FA 220 69.20 -39.77 84.36
CA GLU FA 220 70.13 -38.86 83.66
C GLU FA 220 70.63 -39.56 82.39
N VAL FA 221 70.97 -40.84 82.51
CA VAL FA 221 71.38 -41.61 81.31
C VAL FA 221 70.29 -41.40 80.25
N ALA FA 222 69.05 -41.75 80.59
CA ALA FA 222 67.93 -41.61 79.63
C ALA FA 222 67.90 -40.18 79.09
N THR FA 223 67.77 -39.19 79.97
CA THR FA 223 67.62 -37.81 79.47
C THR FA 223 68.77 -37.52 78.50
N TYR FA 224 69.99 -37.82 78.92
CA TYR FA 224 71.17 -37.53 78.04
C TYR FA 224 70.97 -38.29 76.74
N ILE FA 225 70.60 -39.57 76.84
CA ILE FA 225 70.30 -40.35 75.61
C ILE FA 225 69.23 -39.60 74.83
N ASN FA 226 68.12 -39.25 75.50
CA ASN FA 226 67.01 -38.55 74.82
C ASN FA 226 67.57 -37.32 74.10
N GLY FA 227 68.37 -36.52 74.80
CA GLY FA 227 68.92 -35.30 74.19
C GLY FA 227 69.91 -35.61 73.09
N GLN FA 228 70.76 -36.61 73.30
CA GLN FA 228 71.83 -36.91 72.29
C GLN FA 228 71.20 -37.28 70.94
N THR FA 229 70.19 -38.15 70.93
CA THR FA 229 69.65 -38.62 69.62
C THR FA 229 68.14 -38.45 69.56
N ASP FA 230 67.62 -38.07 68.38
CA ASP FA 230 66.14 -37.96 68.21
C ASP FA 230 65.63 -39.25 67.56
N MET FA 231 66.53 -40.02 66.94
CA MET FA 231 66.10 -41.26 66.24
C MET FA 231 65.34 -42.14 67.22
N VAL FA 232 65.84 -42.28 68.45
CA VAL FA 232 65.18 -43.16 69.46
C VAL FA 232 64.76 -42.32 70.67
N LYS FA 233 63.85 -42.84 71.49
CA LYS FA 233 63.40 -42.12 72.71
C LYS FA 233 63.72 -43.00 73.92
N ALA FA 234 64.32 -42.42 74.96
CA ALA FA 234 64.75 -43.22 76.14
C ALA FA 234 63.74 -43.05 77.28
N SER FA 235 63.31 -44.15 77.89
CA SER FA 235 62.37 -44.08 79.03
C SER FA 235 62.82 -45.06 80.13
N VAL FA 236 62.49 -44.77 81.39
CA VAL FA 236 62.91 -45.65 82.52
C VAL FA 236 61.66 -46.13 83.27
N ASN FA 237 61.57 -47.42 83.56
CA ASN FA 237 60.40 -47.98 84.28
C ASN FA 237 60.63 -47.89 85.79
N GLU FA 238 59.69 -48.39 86.59
CA GLU FA 238 59.84 -48.36 88.07
C GLU FA 238 60.97 -49.31 88.47
N LYS FA 239 61.30 -50.28 87.62
CA LYS FA 239 62.36 -51.27 87.94
C LYS FA 239 63.72 -50.70 87.50
N GLY FA 240 63.75 -49.46 87.03
CA GLY FA 240 65.00 -48.82 86.61
C GLY FA 240 65.53 -49.47 85.34
N GLN FA 241 64.70 -50.26 84.68
CA GLN FA 241 65.11 -50.94 83.42
C GLN FA 241 64.85 -50.00 82.25
N LEU FA 242 65.76 -49.04 82.02
CA LEU FA 242 65.59 -48.06 80.94
C LEU FA 242 65.08 -48.76 79.68
N GLN FA 243 63.88 -48.39 79.21
CA GLN FA 243 63.35 -48.98 77.96
C GLN FA 243 63.64 -48.00 76.80
N ILE FA 244 64.32 -48.47 75.76
CA ILE FA 244 64.58 -47.61 74.58
C ILE FA 244 63.52 -47.90 73.53
N PHE FA 245 62.60 -46.95 73.32
CA PHE FA 245 61.55 -47.14 72.29
C PHE FA 245 61.98 -46.46 70.99
N ALA FA 246 61.86 -47.17 69.86
CA ALA FA 246 62.21 -46.59 68.55
C ALA FA 246 60.99 -46.62 67.64
N GLY FA 247 60.57 -45.46 67.13
CA GLY FA 247 59.35 -45.41 66.29
C GLY FA 247 59.47 -46.27 65.05
N ASN FA 248 58.49 -47.14 64.80
CA ASN FA 248 58.50 -47.95 63.56
C ASN FA 248 58.38 -47.01 62.36
N ASN FA 249 57.99 -45.76 62.60
CA ASN FA 249 57.84 -44.77 61.52
C ASN FA 249 59.16 -44.00 61.35
N LYS FA 250 60.17 -44.36 62.15
CA LYS FA 250 61.47 -43.65 62.08
C LYS FA 250 62.62 -44.68 62.01
N VAL FA 251 62.37 -45.90 62.47
CA VAL FA 251 63.47 -46.92 62.51
C VAL FA 251 62.99 -48.19 61.79
N THR FA 252 63.84 -48.76 60.94
CA THR FA 252 63.49 -50.03 60.26
C THR FA 252 64.37 -51.15 60.82
N GLY FA 253 63.76 -52.29 61.19
CA GLY FA 253 64.55 -53.44 61.67
C GLY FA 253 64.87 -53.36 63.16
N ASP FA 254 65.68 -54.29 63.66
CA ASP FA 254 66.01 -54.34 65.11
C ASP FA 254 67.04 -53.25 65.43
N VAL FA 255 67.08 -52.81 66.69
CA VAL FA 255 68.06 -51.77 67.12
C VAL FA 255 69.20 -52.45 67.87
N ALA FA 256 70.41 -52.45 67.29
CA ALA FA 256 71.58 -53.06 67.96
C ALA FA 256 71.99 -52.18 69.15
N PHE FA 257 72.46 -52.80 70.23
CA PHE FA 257 72.92 -52.04 71.42
C PHE FA 257 74.32 -52.53 71.80
N SER FA 258 75.37 -51.78 71.46
CA SER FA 258 76.74 -52.32 71.70
C SER FA 258 77.67 -51.28 72.35
N GLY FA 259 77.68 -51.21 73.69
CA GLY FA 259 78.58 -50.27 74.40
C GLY FA 259 78.91 -50.76 75.80
N GLY FA 260 79.87 -50.12 76.48
CA GLY FA 260 80.18 -50.50 77.86
C GLY FA 260 78.91 -50.45 78.71
N LEU FA 261 78.16 -49.36 78.58
CA LEU FA 261 76.86 -49.25 79.30
C LEU FA 261 75.90 -50.30 78.74
N ALA FA 262 75.91 -50.52 77.43
CA ALA FA 262 74.97 -51.48 76.82
C ALA FA 262 75.14 -52.83 77.52
N GLY FA 263 76.35 -53.17 77.93
CA GLY FA 263 76.53 -54.42 78.70
C GLY FA 263 75.88 -54.27 80.07
N ALA FA 264 76.05 -53.10 80.70
CA ALA FA 264 75.50 -52.88 82.06
C ALA FA 264 73.97 -53.04 82.02
N LEU FA 265 73.34 -52.46 81.01
CA LEU FA 265 71.85 -52.58 80.86
C LEU FA 265 71.54 -53.63 79.80
N ASN FA 266 71.14 -54.83 80.20
CA ASN FA 266 70.88 -55.92 79.22
C ASN FA 266 69.50 -55.71 78.59
N MET FA 267 69.41 -54.86 77.56
CA MET FA 267 68.12 -54.67 76.85
C MET FA 267 67.68 -56.02 76.29
N GLN FA 268 66.37 -56.29 76.30
CA GLN FA 268 65.84 -57.54 75.72
C GLN FA 268 65.21 -57.26 74.34
N ALA FA 269 64.57 -58.27 73.75
CA ALA FA 269 64.00 -58.09 72.39
C ALA FA 269 62.97 -56.96 72.40
N GLY FA 270 62.84 -56.25 71.28
CA GLY FA 270 61.82 -55.19 71.18
C GLY FA 270 60.44 -55.79 71.01
N THR FA 271 59.55 -55.56 71.97
CA THR FA 271 58.16 -56.05 71.85
C THR FA 271 57.36 -54.99 71.07
N ALA FA 272 56.89 -55.34 69.87
CA ALA FA 272 56.19 -54.34 69.04
C ALA FA 272 55.03 -53.74 69.84
N GLU FA 273 54.95 -52.41 69.91
CA GLU FA 273 53.88 -51.75 70.72
C GLU FA 273 53.10 -50.78 69.83
N THR FA 274 51.76 -50.87 69.85
CA THR FA 274 50.92 -49.96 69.03
C THR FA 274 49.99 -49.16 69.95
N VAL FA 275 49.50 -48.01 69.47
CA VAL FA 275 48.61 -47.16 70.30
C VAL FA 275 47.49 -48.04 70.86
N ASP FA 276 46.96 -48.95 70.05
CA ASP FA 276 45.85 -49.83 70.48
C ASP FA 276 46.27 -50.65 71.71
N THR FA 277 47.56 -50.94 71.86
CA THR FA 277 48.00 -51.83 72.95
C THR FA 277 48.57 -51.04 74.13
N ILE FA 278 48.44 -49.71 74.12
CA ILE FA 278 49.09 -48.90 75.19
C ILE FA 278 48.39 -49.13 76.54
N ASP FA 279 49.14 -49.01 77.63
CA ASP FA 279 48.57 -49.14 79.00
C ASP FA 279 49.34 -48.18 79.89
N VAL FA 280 48.67 -47.50 80.82
CA VAL FA 280 49.36 -46.46 81.64
C VAL FA 280 49.55 -46.97 83.07
N THR FA 281 49.11 -48.20 83.36
CA THR FA 281 49.19 -48.74 84.74
C THR FA 281 50.62 -48.58 85.27
N SER FA 282 51.61 -49.04 84.49
CA SER FA 282 53.02 -48.96 84.94
C SER FA 282 53.65 -47.64 84.51
N VAL FA 283 54.44 -47.02 85.38
CA VAL FA 283 55.12 -45.74 85.01
C VAL FA 283 55.87 -45.99 83.70
N GLY FA 284 56.45 -47.20 83.56
CA GLY FA 284 57.14 -47.54 82.30
C GLY FA 284 56.16 -47.54 81.16
N GLY FA 285 55.06 -48.29 81.30
CA GLY FA 285 54.02 -48.29 80.26
C GLY FA 285 53.71 -46.86 79.85
N ALA FA 286 53.51 -45.98 80.84
CA ALA FA 286 53.16 -44.58 80.54
C ALA FA 286 54.26 -43.96 79.67
N GLN FA 287 55.52 -44.09 80.10
CA GLN FA 287 56.64 -43.46 79.35
C GLN FA 287 56.69 -44.05 77.93
N GLN FA 288 56.62 -45.37 77.83
CA GLN FA 288 56.63 -46.02 76.49
C GLN FA 288 55.45 -45.47 75.70
N SER FA 289 54.28 -45.40 76.32
CA SER FA 289 53.07 -44.93 75.62
C SER FA 289 53.28 -43.48 75.15
N VAL FA 290 53.81 -42.63 76.03
CA VAL FA 290 53.96 -41.20 75.64
C VAL FA 290 54.67 -41.18 74.28
N ALA FA 291 55.76 -41.93 74.16
CA ALA FA 291 56.52 -41.97 72.90
C ALA FA 291 55.67 -42.63 71.80
N VAL FA 292 55.00 -43.74 72.12
CA VAL FA 292 54.23 -44.47 71.08
C VAL FA 292 53.21 -43.48 70.50
N ILE FA 293 52.56 -42.71 71.37
CA ILE FA 293 51.51 -41.76 70.91
C ILE FA 293 52.19 -40.70 70.03
N ASP FA 294 53.37 -40.25 70.44
CA ASP FA 294 54.10 -39.21 69.66
C ASP FA 294 54.34 -39.74 68.25
N SER FA 295 54.75 -41.01 68.15
CA SER FA 295 55.02 -41.61 66.82
C SER FA 295 53.74 -41.56 65.99
N ALA FA 296 52.62 -41.91 66.60
CA ALA FA 296 51.32 -41.90 65.89
C ALA FA 296 51.04 -40.49 65.37
N LEU FA 297 51.25 -39.50 66.23
CA LEU FA 297 50.99 -38.09 65.83
C LEU FA 297 51.69 -37.86 64.49
N LYS FA 298 52.97 -38.22 64.41
CA LYS FA 298 53.74 -38.01 63.16
C LYS FA 298 53.06 -38.77 62.02
N TYR FA 299 52.74 -40.04 62.25
CA TYR FA 299 52.14 -40.87 61.16
C TYR FA 299 50.87 -40.19 60.68
N VAL FA 300 50.01 -39.80 61.61
CA VAL FA 300 48.73 -39.14 61.23
C VAL FA 300 49.07 -37.88 60.43
N ASP FA 301 49.87 -36.99 61.02
CA ASP FA 301 50.22 -35.73 60.34
C ASP FA 301 50.74 -36.06 58.95
N SER FA 302 51.69 -37.00 58.87
CA SER FA 302 52.28 -37.30 57.55
C SER FA 302 51.16 -37.52 56.53
N HIS FA 303 50.23 -38.42 56.85
CA HIS FA 303 49.11 -38.71 55.91
C HIS FA 303 48.35 -37.42 55.65
N ARG FA 304 48.07 -36.66 56.71
CA ARG FA 304 47.28 -35.40 56.56
C ARG FA 304 48.01 -34.51 55.56
N ALA FA 305 49.32 -34.33 55.74
CA ALA FA 305 50.08 -33.43 54.86
C ALA FA 305 49.96 -33.91 53.42
N GLU FA 306 50.12 -35.22 53.21
CA GLU FA 306 49.99 -35.77 51.84
C GLU FA 306 48.63 -35.34 51.28
N LEU FA 307 47.56 -35.57 52.03
CA LEU FA 307 46.20 -35.23 51.53
C LEU FA 307 46.19 -33.76 51.12
N GLY FA 308 46.73 -32.89 51.97
CA GLY FA 308 46.74 -31.45 51.67
C GLY FA 308 47.39 -31.19 50.33
N ALA FA 309 48.55 -31.80 50.10
CA ALA FA 309 49.19 -31.66 48.77
C ALA FA 309 48.16 -32.04 47.71
N PHE FA 310 47.56 -33.22 47.85
CA PHE FA 310 46.60 -33.71 46.83
C PHE FA 310 45.57 -32.61 46.58
N GLN FA 311 45.03 -32.03 47.66
CA GLN FA 311 44.01 -30.97 47.52
C GLN FA 311 44.61 -29.78 46.77
N ASN FA 312 45.73 -29.25 47.26
CA ASN FA 312 46.38 -28.10 46.58
C ASN FA 312 46.61 -28.45 45.10
N ARG FA 313 47.19 -29.63 44.85
CA ARG FA 313 47.50 -30.03 43.46
C ARG FA 313 46.21 -29.98 42.65
N PHE FA 314 45.14 -30.56 43.17
CA PHE FA 314 43.86 -30.59 42.42
C PHE FA 314 43.38 -29.16 42.19
N ASN FA 315 43.55 -28.29 43.19
CA ASN FA 315 43.10 -26.88 43.06
C ASN FA 315 43.80 -26.26 41.85
N HIS FA 316 45.13 -26.37 41.81
CA HIS FA 316 45.90 -25.81 40.65
C HIS FA 316 45.39 -26.48 39.37
N ALA FA 317 45.12 -27.79 39.44
CA ALA FA 317 44.65 -28.51 38.24
C ALA FA 317 43.33 -27.92 37.77
N ILE FA 318 42.37 -27.77 38.68
CA ILE FA 318 41.02 -27.28 38.27
C ILE FA 318 41.21 -25.94 37.54
N SER FA 319 42.01 -25.05 38.11
CA SER FA 319 42.18 -23.70 37.49
C SER FA 319 42.63 -23.87 36.03
N ASN FA 320 43.68 -24.67 35.81
CA ASN FA 320 44.21 -24.86 34.44
C ASN FA 320 43.09 -25.46 33.58
N LEU FA 321 42.37 -26.45 34.11
CA LEU FA 321 41.31 -27.12 33.32
C LEU FA 321 40.35 -26.04 32.82
N ASP FA 322 39.89 -25.17 33.72
CA ASP FA 322 38.91 -24.13 33.34
C ASP FA 322 39.53 -23.20 32.30
N ASN FA 323 40.76 -22.74 32.56
CA ASN FA 323 41.43 -21.82 31.62
C ASN FA 323 41.38 -22.45 30.22
N ILE FA 324 41.83 -23.70 30.11
CA ILE FA 324 41.82 -24.41 28.80
C ILE FA 324 40.37 -24.43 28.30
N ASN FA 325 39.42 -24.75 29.18
CA ASN FA 325 38.01 -24.85 28.75
C ASN FA 325 37.62 -23.55 28.04
N GLU FA 326 37.92 -22.40 28.67
CA GLU FA 326 37.56 -21.09 28.08
C GLU FA 326 38.17 -20.99 26.69
N ASN FA 327 39.49 -21.15 26.59
CA ASN FA 327 40.16 -20.96 25.28
C ASN FA 327 39.56 -21.96 24.28
N VAL FA 328 39.35 -23.20 24.70
CA VAL FA 328 38.85 -24.25 23.76
C VAL FA 328 37.51 -23.79 23.18
N ASN FA 329 36.54 -23.50 24.03
CA ASN FA 329 35.19 -23.15 23.50
C ASN FA 329 35.32 -21.88 22.66
N ALA FA 330 36.13 -20.92 23.12
CA ALA FA 330 36.31 -19.66 22.39
C ALA FA 330 36.76 -19.98 20.96
N SER FA 331 37.75 -20.87 20.84
CA SER FA 331 38.20 -21.28 19.50
C SER FA 331 37.02 -21.95 18.78
N LYS FA 332 36.37 -22.90 19.45
CA LYS FA 332 35.26 -23.64 18.82
C LYS FA 332 34.30 -22.62 18.20
N SER FA 333 34.01 -21.56 18.95
CA SER FA 333 33.09 -20.52 18.44
C SER FA 333 33.61 -19.98 17.11
N ARG FA 334 34.88 -19.57 17.08
CA ARG FA 334 35.42 -18.95 15.84
C ARG FA 334 35.29 -19.91 14.67
N ILE FA 335 35.01 -21.19 14.94
CA ILE FA 335 34.93 -22.20 13.84
C ILE FA 335 33.48 -22.64 13.65
N LYS FA 336 32.73 -22.85 14.73
CA LYS FA 336 31.36 -23.42 14.58
C LYS FA 336 30.28 -22.34 14.67
N ASP FA 337 30.45 -21.31 15.49
CA ASP FA 337 29.35 -20.32 15.71
C ASP FA 337 29.20 -19.41 14.50
N THR FA 338 28.06 -18.73 14.39
CA THR FA 338 27.78 -17.86 13.20
C THR FA 338 27.81 -16.39 13.60
N ASP FA 339 28.55 -15.57 12.84
CA ASP FA 339 28.58 -14.10 13.10
C ASP FA 339 27.25 -13.54 12.57
N PHE FA 340 26.27 -13.34 13.46
CA PHE FA 340 24.93 -12.93 12.98
C PHE FA 340 25.07 -11.69 12.08
N ALA FA 341 26.04 -10.83 12.38
CA ALA FA 341 26.27 -9.65 11.52
C ALA FA 341 26.40 -10.11 10.06
N LYS FA 342 27.44 -10.89 9.77
CA LYS FA 342 27.67 -11.29 8.36
C LYS FA 342 26.50 -12.14 7.89
N GLU FA 343 26.01 -13.04 8.74
CA GLU FA 343 24.93 -13.95 8.29
C GLU FA 343 23.68 -13.13 7.95
N THR FA 344 23.30 -12.19 8.80
CA THR FA 344 22.05 -11.42 8.55
C THR FA 344 22.21 -10.64 7.25
N THR FA 345 23.40 -10.08 7.02
CA THR FA 345 23.65 -9.31 5.78
C THR FA 345 23.42 -10.24 4.58
N ALA FA 346 23.92 -11.47 4.66
CA ALA FA 346 23.72 -12.44 3.57
C ALA FA 346 22.22 -12.64 3.34
N LEU FA 347 21.47 -12.87 4.42
CA LEU FA 347 20.02 -13.16 4.25
C LEU FA 347 19.38 -11.98 3.50
N THR FA 348 19.72 -10.76 3.91
CA THR FA 348 19.13 -9.56 3.26
C THR FA 348 19.48 -9.59 1.77
N LYS FA 349 20.76 -9.79 1.44
CA LYS FA 349 21.19 -9.82 0.03
C LYS FA 349 20.38 -10.87 -0.72
N SER FA 350 20.30 -12.08 -0.17
CA SER FA 350 19.61 -13.18 -0.88
C SER FA 350 18.16 -12.78 -1.14
N GLN FA 351 17.52 -12.16 -0.16
CA GLN FA 351 16.11 -11.74 -0.32
C GLN FA 351 16.01 -10.76 -1.49
N ILE FA 352 16.86 -9.74 -1.51
CA ILE FA 352 16.77 -8.71 -2.59
C ILE FA 352 17.01 -9.40 -3.93
N LEU FA 353 18.01 -10.27 -4.00
CA LEU FA 353 18.32 -10.98 -5.28
C LEU FA 353 17.11 -11.82 -5.70
N SER FA 354 16.48 -12.49 -4.73
CA SER FA 354 15.28 -13.30 -5.06
C SER FA 354 14.21 -12.42 -5.67
N GLN FA 355 13.96 -11.26 -5.06
CA GLN FA 355 12.90 -10.35 -5.55
C GLN FA 355 13.31 -9.87 -6.95
N ALA FA 356 14.59 -9.53 -7.11
CA ALA FA 356 15.07 -9.03 -8.42
C ALA FA 356 14.76 -10.07 -9.49
N SER FA 357 15.23 -11.30 -9.28
CA SER FA 357 14.99 -12.37 -10.28
C SER FA 357 13.48 -12.50 -10.52
N SER FA 358 12.68 -12.45 -9.45
CA SER FA 358 11.23 -12.67 -9.60
C SER FA 358 10.66 -11.63 -10.57
N SER FA 359 11.03 -10.36 -10.38
CA SER FA 359 10.54 -9.28 -11.29
C SER FA 359 10.98 -9.60 -12.72
N VAL FA 360 12.27 -9.93 -12.89
CA VAL FA 360 12.79 -10.25 -14.25
C VAL FA 360 11.97 -11.41 -14.81
N LEU FA 361 11.76 -12.46 -13.99
CA LEU FA 361 11.03 -13.65 -14.49
C LEU FA 361 9.67 -13.19 -15.01
N ALA FA 362 8.97 -12.36 -14.24
CA ALA FA 362 7.62 -11.92 -14.65
C ALA FA 362 7.72 -11.22 -16.01
N GLN FA 363 8.67 -10.29 -16.15
CA GLN FA 363 8.82 -9.56 -17.43
C GLN FA 363 9.09 -10.57 -18.54
N ALA FA 364 9.97 -11.53 -18.30
CA ALA FA 364 10.33 -12.51 -19.33
C ALA FA 364 9.09 -13.31 -19.74
N LYS FA 365 8.32 -13.79 -18.76
CA LYS FA 365 7.13 -14.61 -19.07
C LYS FA 365 6.28 -13.87 -20.10
N GLN FA 366 6.41 -12.55 -20.19
CA GLN FA 366 5.54 -11.76 -21.09
C GLN FA 366 6.25 -11.52 -22.44
N ALA FA 367 7.53 -11.88 -22.53
CA ALA FA 367 8.28 -11.61 -23.78
C ALA FA 367 7.63 -12.33 -24.96
N PRO FA 368 7.30 -13.64 -24.89
CA PRO FA 368 6.63 -14.28 -26.02
C PRO FA 368 5.37 -13.50 -26.42
N ASN FA 369 4.70 -12.85 -25.47
CA ASN FA 369 3.42 -12.19 -25.81
C ASN FA 369 3.61 -11.38 -27.09
N ALA FA 370 4.72 -10.66 -27.20
CA ALA FA 370 4.96 -9.83 -28.39
C ALA FA 370 4.58 -10.62 -29.64
N ALA FA 371 5.14 -11.83 -29.78
CA ALA FA 371 4.88 -12.64 -30.99
C ALA FA 371 3.41 -12.55 -31.39
N LEU FA 372 2.50 -12.75 -30.44
CA LEU FA 372 1.07 -12.80 -30.84
C LEU FA 372 0.71 -11.55 -31.64
N SER FA 373 1.14 -10.37 -31.19
CA SER FA 373 0.73 -9.12 -31.87
C SER FA 373 1.11 -9.16 -33.35
N LEU FA 374 2.32 -9.63 -33.66
CA LEU FA 374 2.80 -9.66 -35.06
C LEU FA 374 1.64 -10.05 -35.97
N LEU FA 375 1.02 -11.20 -35.73
CA LEU FA 375 -0.15 -11.63 -36.54
C LEU FA 375 -1.14 -12.35 -35.62
N GLY FA 376 -2.19 -11.65 -35.19
CA GLY FA 376 -3.20 -12.27 -34.31
C GLY FA 376 -4.59 -12.21 -34.92
N ALA GA 1 -5.44 -27.30 -55.64
CA ALA GA 1 -5.21 -25.88 -55.31
C ALA GA 1 -6.39 -25.34 -54.50
N VAL GA 2 -7.33 -24.68 -55.19
CA VAL GA 2 -8.52 -24.11 -54.50
C VAL GA 2 -9.57 -25.21 -54.34
N ASN GA 3 -9.66 -25.80 -53.16
CA ASN GA 3 -10.65 -26.88 -52.91
C ASN GA 3 -11.51 -26.49 -51.70
N VAL GA 4 -12.83 -26.69 -51.79
CA VAL GA 4 -13.73 -26.23 -50.69
C VAL GA 4 -14.07 -27.41 -49.78
N ASN GA 5 -14.07 -28.64 -50.32
CA ASN GA 5 -14.49 -29.80 -49.50
C ASN GA 5 -13.44 -30.10 -48.42
N THR GA 6 -12.17 -29.81 -48.70
CA THR GA 6 -11.11 -30.17 -47.71
C THR GA 6 -10.28 -28.94 -47.34
N ASN GA 7 -9.97 -28.79 -46.04
CA ASN GA 7 -9.10 -27.67 -45.58
C ASN GA 7 -8.04 -28.25 -44.64
N VAL GA 8 -7.12 -29.04 -45.20
CA VAL GA 8 -6.06 -29.68 -44.36
C VAL GA 8 -5.52 -28.64 -43.37
N ALA GA 9 -5.21 -27.44 -43.86
CA ALA GA 9 -4.60 -26.43 -42.98
C ALA GA 9 -5.41 -26.32 -41.69
N ALA GA 10 -6.73 -26.18 -41.80
CA ALA GA 10 -7.57 -26.01 -40.60
C ALA GA 10 -7.34 -27.18 -39.65
N MET GA 11 -7.36 -28.40 -40.19
CA MET GA 11 -7.17 -29.60 -39.34
C MET GA 11 -5.84 -29.47 -38.60
N THR GA 12 -4.76 -29.16 -39.32
CA THR GA 12 -3.42 -29.11 -38.66
C THR GA 12 -3.48 -28.10 -37.51
N ALA GA 13 -4.05 -26.92 -37.77
CA ALA GA 13 -4.11 -25.88 -36.73
C ALA GA 13 -4.91 -26.41 -35.53
N GLN GA 14 -6.05 -27.05 -35.80
CA GLN GA 14 -6.90 -27.57 -34.69
C GLN GA 14 -6.04 -28.53 -33.84
N ARG GA 15 -5.28 -29.39 -34.49
CA ARG GA 15 -4.48 -30.40 -33.76
C ARG GA 15 -3.55 -29.66 -32.78
N TYR GA 16 -2.86 -28.63 -33.28
CA TYR GA 16 -1.93 -27.86 -32.42
C TYR GA 16 -2.72 -27.09 -31.37
N LEU GA 17 -3.89 -26.56 -31.76
CA LEU GA 17 -4.74 -25.85 -30.78
C LEU GA 17 -5.05 -26.81 -29.63
N THR GA 18 -5.63 -27.97 -29.94
CA THR GA 18 -6.02 -28.93 -28.88
C THR GA 18 -4.77 -29.27 -28.05
N GLY GA 19 -3.62 -29.39 -28.71
CA GLY GA 19 -2.38 -29.68 -27.99
C GLY GA 19 -2.19 -28.68 -26.85
N ALA GA 20 -2.22 -27.38 -27.18
CA ALA GA 20 -1.98 -26.36 -26.14
C ALA GA 20 -3.10 -26.41 -25.10
N THR GA 21 -4.35 -26.49 -25.56
CA THR GA 21 -5.49 -26.43 -24.61
C THR GA 21 -5.26 -27.48 -23.52
N ASN GA 22 -4.87 -28.70 -23.91
CA ASN GA 22 -4.68 -29.79 -22.93
C ASN GA 22 -3.48 -29.48 -22.03
N ALA GA 23 -2.40 -28.96 -22.61
CA ALA GA 23 -1.24 -28.57 -21.79
C ALA GA 23 -1.68 -27.48 -20.81
N GLN GA 24 -2.41 -26.49 -21.30
CA GLN GA 24 -2.90 -25.41 -20.41
C GLN GA 24 -3.60 -26.07 -19.22
N GLN GA 25 -4.56 -26.95 -19.51
CA GLN GA 25 -5.34 -27.58 -18.41
C GLN GA 25 -4.35 -28.24 -17.43
N THR GA 26 -3.36 -28.96 -17.96
CA THR GA 26 -2.43 -29.68 -17.05
C THR GA 26 -1.70 -28.64 -16.18
N SER GA 27 -1.12 -27.62 -16.80
CA SER GA 27 -0.32 -26.63 -16.03
C SER GA 27 -1.22 -25.99 -14.97
N MET GA 28 -2.43 -25.59 -15.36
CA MET GA 28 -3.37 -24.96 -14.40
C MET GA 28 -3.52 -25.89 -13.20
N GLU GA 29 -3.89 -27.14 -13.45
CA GLU GA 29 -4.10 -28.11 -12.34
C GLU GA 29 -2.86 -28.10 -11.46
N ARG GA 30 -1.68 -28.31 -12.06
CA ARG GA 30 -0.42 -28.34 -11.27
C ARG GA 30 -0.39 -27.15 -10.33
N LEU GA 31 -0.61 -25.95 -10.86
CA LEU GA 31 -0.53 -24.72 -10.04
C LEU GA 31 -1.66 -24.74 -9.00
N SER GA 32 -2.89 -25.05 -9.41
CA SER GA 32 -4.03 -24.98 -8.47
C SER GA 32 -3.75 -25.85 -7.24
N SER GA 33 -3.42 -27.13 -7.49
CA SER GA 33 -3.15 -28.08 -6.37
C SER GA 33 -1.76 -27.80 -5.80
N GLY GA 34 -0.88 -27.17 -6.57
CA GLY GA 34 0.49 -26.92 -6.11
C GLY GA 34 1.31 -28.20 -6.14
N PHE GA 35 0.83 -29.21 -6.86
CA PHE GA 35 1.54 -30.53 -6.89
C PHE GA 35 1.91 -30.89 -8.32
N LYS GA 36 3.18 -31.29 -8.53
CA LYS GA 36 3.63 -31.72 -9.87
C LYS GA 36 2.93 -33.03 -10.23
N ILE GA 37 2.91 -33.98 -9.30
CA ILE GA 37 2.29 -35.31 -9.59
C ILE GA 37 0.88 -35.33 -8.99
N ASN GA 38 -0.14 -35.39 -9.84
CA ASN GA 38 -1.55 -35.41 -9.37
C ASN GA 38 -2.26 -36.61 -10.00
N SER GA 39 -1.51 -37.40 -10.77
CA SER GA 39 -2.08 -38.61 -11.42
C SER GA 39 -0.93 -39.46 -11.96
N ALA GA 40 -1.02 -40.79 -11.83
CA ALA GA 40 0.09 -41.67 -12.26
C ALA GA 40 0.52 -41.27 -13.68
N LYS GA 41 -0.36 -40.59 -14.41
CA LYS GA 41 -0.05 -40.18 -15.81
C LYS GA 41 1.12 -39.19 -15.78
N ASP GA 42 1.33 -38.55 -14.63
CA ASP GA 42 2.44 -37.57 -14.49
C ASP GA 42 3.74 -38.35 -14.34
N ASP GA 43 3.87 -39.11 -13.25
CA ASP GA 43 5.09 -39.93 -13.04
C ASP GA 43 4.75 -41.12 -12.13
N ALA GA 44 4.56 -42.30 -12.72
CA ALA GA 44 4.14 -43.48 -11.93
C ALA GA 44 5.19 -43.74 -10.84
N ALA GA 45 6.46 -43.77 -11.23
CA ALA GA 45 7.54 -44.04 -10.25
C ALA GA 45 7.53 -42.97 -9.17
N GLY GA 46 7.43 -41.70 -9.59
CA GLY GA 46 7.39 -40.59 -8.63
C GLY GA 46 6.19 -40.73 -7.70
N LEU GA 47 5.02 -41.02 -8.26
CA LEU GA 47 3.84 -41.25 -7.41
C LEU GA 47 4.21 -42.28 -6.35
N GLN GA 48 4.79 -43.41 -6.77
CA GLN GA 48 5.10 -44.50 -5.80
C GLN GA 48 6.07 -43.97 -4.74
N ILE GA 49 7.20 -43.39 -5.15
CA ILE GA 49 8.21 -42.97 -4.14
C ILE GA 49 7.59 -41.88 -3.27
N SER GA 50 6.80 -40.99 -3.88
CA SER GA 50 6.14 -39.91 -3.11
C SER GA 50 5.15 -40.53 -2.11
N ASN GA 51 4.28 -41.41 -2.60
CA ASN GA 51 3.26 -42.00 -1.70
C ASN GA 51 3.99 -42.62 -0.51
N ARG GA 52 5.06 -43.37 -0.79
CA ARG GA 52 5.81 -44.04 0.30
C ARG GA 52 6.42 -42.97 1.20
N LEU GA 53 6.98 -41.92 0.61
CA LEU GA 53 7.62 -40.85 1.41
C LEU GA 53 6.55 -40.16 2.27
N ASN GA 54 5.41 -39.84 1.68
CA ASN GA 54 4.32 -39.21 2.46
C ASN GA 54 3.96 -40.14 3.61
N VAL GA 55 3.81 -41.43 3.31
CA VAL GA 55 3.49 -42.42 4.36
C VAL GA 55 4.56 -42.30 5.45
N GLN GA 56 5.84 -42.30 5.05
CA GLN GA 56 6.94 -42.25 6.05
C GLN GA 56 6.76 -41.02 6.93
N SER GA 57 6.55 -39.85 6.32
CA SER GA 57 6.45 -38.61 7.12
C SER GA 57 5.28 -38.74 8.11
N ARG GA 58 4.08 -39.01 7.60
CA ARG GA 58 2.90 -39.13 8.49
C ARG GA 58 3.26 -40.11 9.60
N GLY GA 59 3.94 -41.20 9.25
CA GLY GA 59 4.33 -42.20 10.25
C GLY GA 59 5.31 -41.61 11.25
N LEU GA 60 6.32 -40.91 10.78
CA LEU GA 60 7.34 -40.33 11.69
C LEU GA 60 6.63 -39.39 12.67
N ASP GA 61 5.65 -38.63 12.19
CA ASP GA 61 4.88 -37.74 13.09
C ASP GA 61 4.27 -38.58 14.23
N VAL GA 62 3.56 -39.65 13.86
CA VAL GA 62 2.88 -40.49 14.90
C VAL GA 62 3.95 -41.00 15.85
N ALA GA 63 5.10 -41.42 15.31
CA ALA GA 63 6.18 -41.99 16.15
C ALA GA 63 6.63 -40.95 17.16
N VAL GA 64 6.86 -39.71 16.71
CA VAL GA 64 7.34 -38.65 17.63
C VAL GA 64 6.33 -38.54 18.77
N ARG GA 65 5.03 -38.47 18.43
CA ARG GA 65 3.97 -38.33 19.47
C ARG GA 65 4.02 -39.55 20.38
N ASN GA 66 4.19 -40.74 19.81
CA ASN GA 66 4.20 -41.98 20.63
C ASN GA 66 5.36 -41.89 21.61
N ALA GA 67 6.50 -41.37 21.16
CA ALA GA 67 7.66 -41.21 22.05
C ALA GA 67 7.32 -40.16 23.11
N ASN GA 68 6.65 -39.09 22.71
CA ASN GA 68 6.22 -38.07 23.70
C ASN GA 68 5.36 -38.76 24.76
N ASP GA 69 4.52 -39.72 24.35
CA ASP GA 69 3.72 -40.48 25.35
C ASP GA 69 4.67 -41.19 26.29
N GLY GA 70 5.71 -41.81 25.74
CA GLY GA 70 6.71 -42.52 26.58
C GLY GA 70 7.40 -41.56 27.53
N ILE GA 71 7.88 -40.42 27.03
CA ILE GA 71 8.65 -39.49 27.91
C ILE GA 71 7.73 -39.07 29.06
N SER GA 72 6.43 -38.90 28.78
CA SER GA 72 5.48 -38.45 29.81
C SER GA 72 5.29 -39.55 30.86
N ILE GA 73 4.95 -40.76 30.43
CA ILE GA 73 4.67 -41.87 31.38
C ILE GA 73 5.89 -42.02 32.29
N ALA GA 74 7.09 -41.97 31.72
CA ALA GA 74 8.32 -42.11 32.52
C ALA GA 74 8.35 -41.00 33.56
N GLN GA 75 8.17 -39.75 33.12
CA GLN GA 75 8.24 -38.59 34.06
C GLN GA 75 7.24 -38.84 35.19
N THR GA 76 5.99 -39.17 34.83
CA THR GA 76 4.95 -39.36 35.87
C THR GA 76 5.50 -40.32 36.90
N ALA GA 77 5.99 -41.48 36.46
CA ALA GA 77 6.49 -42.50 37.41
C ALA GA 77 7.70 -41.95 38.16
N GLU GA 78 8.68 -41.41 37.43
CA GLU GA 78 9.91 -40.90 38.09
C GLU GA 78 9.51 -39.98 39.24
N GLY GA 79 8.51 -39.12 39.01
CA GLY GA 79 8.10 -38.16 40.05
C GLY GA 79 7.56 -38.87 41.26
N ALA GA 80 6.65 -39.82 41.05
CA ALA GA 80 6.09 -40.59 42.17
C ALA GA 80 7.25 -41.19 42.97
N MET GA 81 8.23 -41.75 42.28
CA MET GA 81 9.38 -42.39 42.97
C MET GA 81 10.08 -41.33 43.83
N ASN GA 82 10.10 -40.07 43.37
CA ASN GA 82 10.81 -39.00 44.11
C ASN GA 82 10.19 -38.85 45.49
N GLU GA 83 8.86 -38.78 45.57
CA GLU GA 83 8.17 -38.69 46.88
C GLU GA 83 8.44 -39.97 47.65
N THR GA 84 8.41 -41.12 46.97
CA THR GA 84 8.67 -42.42 47.64
C THR GA 84 10.06 -42.36 48.28
N THR GA 85 11.04 -41.84 47.54
CA THR GA 85 12.41 -41.73 48.09
C THR GA 85 12.36 -40.87 49.36
N ASN GA 86 11.78 -39.68 49.26
CA ASN GA 86 11.78 -38.75 50.42
C ASN GA 86 11.20 -39.48 51.63
N ILE GA 87 10.08 -40.18 51.44
CA ILE GA 87 9.40 -40.84 52.59
C ILE GA 87 10.35 -41.89 53.18
N LEU GA 88 10.93 -42.73 52.32
CA LEU GA 88 11.87 -43.76 52.80
C LEU GA 88 12.92 -43.09 53.69
N GLN GA 89 13.55 -42.03 53.17
CA GLN GA 89 14.59 -41.31 53.96
C GLN GA 89 13.97 -40.90 55.29
N ARG GA 90 12.78 -40.31 55.26
CA ARG GA 90 12.15 -39.82 56.51
C ARG GA 90 12.03 -41.00 57.47
N MET GA 91 11.51 -42.12 56.98
CA MET GA 91 11.39 -43.33 57.83
C MET GA 91 12.77 -43.66 58.40
N ARG GA 92 13.80 -43.63 57.55
CA ARG GA 92 15.16 -43.99 57.99
C ARG GA 92 15.55 -43.11 59.19
N ASP GA 93 15.32 -41.79 59.06
CA ASP GA 93 15.70 -40.86 60.15
C ASP GA 93 14.97 -41.30 61.42
N LEU GA 94 13.67 -41.51 61.32
CA LEU GA 94 12.86 -41.91 62.50
C LEU GA 94 13.48 -43.19 63.08
N SER GA 95 13.80 -44.16 62.22
CA SER GA 95 14.36 -45.44 62.70
C SER GA 95 15.67 -45.18 63.44
N LEU GA 96 16.55 -44.39 62.84
CA LEU GA 96 17.87 -44.11 63.46
C LEU GA 96 17.61 -43.60 64.88
N GLN GA 97 16.69 -42.65 65.01
CA GLN GA 97 16.40 -42.05 66.34
C GLN GA 97 15.91 -43.15 67.29
N SER GA 98 14.94 -43.96 66.86
CA SER GA 98 14.35 -44.98 67.76
C SER GA 98 15.45 -45.85 68.32
N ALA GA 99 16.41 -46.25 67.49
CA ALA GA 99 17.49 -47.15 67.94
C ALA GA 99 18.18 -46.54 69.16
N ASN GA 100 18.39 -45.22 69.16
CA ASN GA 100 19.14 -44.58 70.27
C ASN GA 100 18.61 -45.11 71.60
N GLY GA 101 19.50 -45.52 72.50
CA GLY GA 101 19.06 -46.12 73.77
C GLY GA 101 18.21 -45.18 74.59
N SER GA 102 18.52 -43.88 74.57
CA SER GA 102 17.78 -42.91 75.42
C SER GA 102 16.28 -43.08 75.24
N ASN GA 103 15.83 -43.28 73.99
CA ASN GA 103 14.38 -43.39 73.71
C ASN GA 103 13.79 -44.56 74.50
N SER GA 104 12.70 -44.33 75.22
CA SER GA 104 12.03 -45.43 75.96
C SER GA 104 10.95 -46.06 75.07
N LYS GA 105 10.36 -47.17 75.52
CA LYS GA 105 9.35 -47.87 74.68
C LYS GA 105 8.32 -46.85 74.20
N SER GA 106 7.83 -46.01 75.09
CA SER GA 106 6.78 -45.03 74.71
C SER GA 106 7.20 -44.28 73.45
N GLU GA 107 8.42 -43.73 73.46
CA GLU GA 107 8.90 -42.94 72.29
C GLU GA 107 8.93 -43.87 71.06
N ARG GA 108 9.44 -45.09 71.24
CA ARG GA 108 9.54 -46.03 70.11
C ARG GA 108 8.14 -46.37 69.62
N VAL GA 109 7.19 -46.52 70.54
CA VAL GA 109 5.77 -46.80 70.14
C VAL GA 109 5.32 -45.68 69.22
N ALA GA 110 5.55 -44.43 69.62
CA ALA GA 110 5.12 -43.28 68.79
C ALA GA 110 5.80 -43.35 67.43
N ILE GA 111 7.12 -43.56 67.42
CA ILE GA 111 7.87 -43.59 66.14
C ILE GA 111 7.28 -44.71 65.28
N GLN GA 112 7.02 -45.88 65.90
CA GLN GA 112 6.45 -47.02 65.14
C GLN GA 112 5.13 -46.58 64.54
N GLU GA 113 4.28 -45.95 65.36
CA GLU GA 113 2.97 -45.47 64.85
C GLU GA 113 3.23 -44.54 63.67
N GLU GA 114 4.17 -43.61 63.82
CA GLU GA 114 4.45 -42.62 62.75
C GLU GA 114 4.83 -43.40 61.48
N ILE GA 115 5.78 -44.33 61.59
CA ILE GA 115 6.24 -45.07 60.39
C ILE GA 115 5.07 -45.88 59.85
N THR GA 116 4.33 -46.55 60.75
CA THR GA 116 3.13 -47.31 60.31
C THR GA 116 2.38 -46.45 59.30
N ALA GA 117 2.23 -45.16 59.59
CA ALA GA 117 1.45 -44.27 58.70
C ALA GA 117 2.21 -44.12 57.37
N LEU GA 118 3.51 -43.83 57.44
CA LEU GA 118 4.29 -43.61 56.20
C LEU GA 118 4.23 -44.88 55.35
N ASN GA 119 4.33 -46.03 55.99
CA ASN GA 119 4.23 -47.32 55.25
C ASN GA 119 2.97 -47.26 54.40
N ASP GA 120 1.84 -46.92 55.01
CA ASP GA 120 0.55 -46.92 54.28
C ASP GA 120 0.64 -45.90 53.14
N GLU GA 121 1.26 -44.75 53.39
CA GLU GA 121 1.33 -43.69 52.35
C GLU GA 121 2.08 -44.25 51.13
N LEU GA 122 3.19 -44.94 51.37
CA LEU GA 122 3.96 -45.54 50.26
C LEU GA 122 3.02 -46.43 49.45
N ASN GA 123 2.30 -47.31 50.14
CA ASN GA 123 1.40 -48.26 49.44
C ASN GA 123 0.36 -47.44 48.64
N ARG GA 124 -0.16 -46.38 49.24
CA ARG GA 124 -1.15 -45.52 48.54
C ARG GA 124 -0.51 -45.01 47.26
N ILE GA 125 0.63 -44.32 47.37
CA ILE GA 125 1.28 -43.74 46.17
C ILE GA 125 1.38 -44.83 45.11
N ALA GA 126 1.84 -46.01 45.50
CA ALA GA 126 2.03 -47.11 44.53
C ALA GA 126 0.69 -47.51 43.92
N GLU GA 127 -0.35 -47.65 44.74
CA GLU GA 127 -1.64 -48.15 44.22
C GLU GA 127 -2.53 -46.97 43.80
N THR GA 128 -1.94 -45.82 43.53
CA THR GA 128 -2.75 -44.67 43.02
C THR GA 128 -2.07 -44.00 41.84
N THR GA 129 -0.74 -43.89 41.85
CA THR GA 129 -0.02 -43.19 40.76
C THR GA 129 -0.51 -43.75 39.42
N SER GA 130 -0.99 -42.88 38.52
CA SER GA 130 -1.58 -43.39 37.26
C SER GA 130 -1.42 -42.38 36.13
N PHE GA 131 -1.17 -42.85 34.91
CA PHE GA 131 -1.13 -41.95 33.74
C PHE GA 131 -2.47 -42.11 33.01
N GLY GA 132 -3.55 -41.65 33.62
CA GLY GA 132 -4.88 -41.79 33.02
C GLY GA 132 -5.54 -43.10 33.44
N GLY GA 133 -5.30 -43.53 34.67
CA GLY GA 133 -5.95 -44.76 35.18
C GLY GA 133 -5.13 -45.99 34.91
N ASN GA 134 -4.09 -45.88 34.07
CA ASN GA 134 -3.18 -47.02 33.82
C ASN GA 134 -2.19 -47.08 34.98
N LYS GA 135 -2.60 -47.61 36.14
CA LYS GA 135 -1.73 -47.63 37.35
C LYS GA 135 -0.29 -47.95 36.92
N LEU GA 136 0.68 -47.15 37.36
CA LEU GA 136 2.07 -47.32 36.87
C LEU GA 136 2.98 -48.03 37.90
N LEU GA 137 2.85 -47.73 39.19
CA LEU GA 137 3.85 -48.28 40.16
C LEU GA 137 3.31 -49.48 40.95
N ASN GA 138 2.14 -50.02 40.62
CA ASN GA 138 1.60 -51.14 41.45
C ASN GA 138 2.10 -52.47 40.91
N GLY GA 139 2.68 -52.46 39.71
CA GLY GA 139 3.15 -53.71 39.07
C GLY GA 139 2.30 -54.05 37.86
N THR GA 140 1.04 -53.64 37.87
CA THR GA 140 0.12 -54.01 36.75
C THR GA 140 0.74 -53.55 35.42
N PHE GA 141 1.45 -52.42 35.42
CA PHE GA 141 2.12 -51.93 34.20
C PHE GA 141 3.44 -52.68 34.05
N SER GA 142 3.41 -53.86 33.42
CA SER GA 142 4.68 -54.57 33.16
C SER GA 142 5.26 -54.04 31.84
N THR GA 143 6.25 -54.74 31.28
CA THR GA 143 6.91 -54.25 30.05
C THR GA 143 5.87 -53.88 29.00
N LYS GA 144 5.86 -52.61 28.55
CA LYS GA 144 4.94 -52.20 27.47
C LYS GA 144 5.79 -51.59 26.34
N SER GA 145 5.53 -51.96 25.10
CA SER GA 145 6.39 -51.49 23.98
C SER GA 145 5.87 -50.14 23.44
N PHE GA 146 6.77 -49.23 23.09
CA PHE GA 146 6.36 -47.93 22.52
C PHE GA 146 6.89 -47.82 21.08
N GLN GA 147 6.00 -47.95 20.09
CA GLN GA 147 6.40 -47.91 18.66
C GLN GA 147 6.95 -46.52 18.35
N ILE GA 148 8.28 -46.39 18.28
CA ILE GA 148 8.91 -45.06 18.03
C ILE GA 148 9.46 -45.04 16.59
N GLY GA 149 8.91 -45.88 15.73
CA GLY GA 149 9.37 -45.93 14.33
C GLY GA 149 8.21 -45.80 13.36
N ALA GA 150 8.50 -45.37 12.12
CA ALA GA 150 7.44 -45.18 11.11
C ALA GA 150 6.91 -46.54 10.64
N ASP GA 151 7.68 -47.61 10.83
CA ASP GA 151 7.26 -48.95 10.36
C ASP GA 151 7.07 -49.88 11.56
N ASN GA 152 6.40 -51.02 11.34
CA ASN GA 152 6.11 -51.94 12.47
C ASN GA 152 7.40 -52.56 13.00
N GLY GA 153 7.41 -52.92 14.29
CA GLY GA 153 8.58 -53.61 14.87
C GLY GA 153 9.61 -52.65 15.45
N GLU GA 154 9.52 -51.37 15.09
CA GLU GA 154 10.53 -50.38 15.57
C GLU GA 154 10.08 -49.83 16.93
N ALA GA 155 10.00 -50.67 17.95
CA ALA GA 155 9.45 -50.20 19.24
C ALA GA 155 10.49 -50.35 20.36
N VAL GA 156 10.21 -49.75 21.52
CA VAL GA 156 11.12 -49.90 22.69
C VAL GA 156 10.28 -50.31 23.90
N MET GA 157 10.66 -51.38 24.58
CA MET GA 157 9.89 -51.87 25.75
C MET GA 157 10.24 -51.04 26.98
N LEU GA 158 9.25 -50.67 27.78
CA LEU GA 158 9.51 -49.93 29.04
C LEU GA 158 8.93 -50.75 30.19
N THR GA 159 9.72 -51.00 31.24
CA THR GA 159 9.25 -51.86 32.35
C THR GA 159 9.13 -51.05 33.64
N LEU GA 160 7.93 -51.02 34.23
CA LEU GA 160 7.71 -50.32 35.52
C LEU GA 160 7.53 -51.38 36.60
N LYS GA 161 8.47 -51.46 37.54
CA LYS GA 161 8.43 -52.53 38.58
C LYS GA 161 7.50 -52.10 39.72
N ASP GA 162 7.11 -53.06 40.57
CA ASP GA 162 6.27 -52.73 41.74
C ASP GA 162 7.08 -51.86 42.69
N MET GA 163 6.52 -50.73 43.13
CA MET GA 163 7.21 -49.88 44.12
C MET GA 163 6.46 -49.97 45.44
N ARG GA 164 5.73 -51.07 45.65
CA ARG GA 164 5.00 -51.26 46.93
C ARG GA 164 6.02 -51.51 48.05
N SER GA 165 5.59 -51.35 49.31
CA SER GA 165 6.52 -51.49 50.46
C SER GA 165 6.71 -52.97 50.81
N ASP GA 166 5.99 -53.87 50.15
CA ASP GA 166 6.08 -55.31 50.50
C ASP GA 166 6.78 -56.08 49.38
N ASN GA 167 7.00 -55.43 48.23
CA ASN GA 167 7.75 -56.10 47.13
C ASN GA 167 9.06 -56.65 47.71
N ARG GA 168 9.37 -57.90 47.37
CA ARG GA 168 10.58 -58.56 47.97
C ARG GA 168 11.81 -57.68 47.75
N MET GA 169 12.01 -57.16 46.54
CA MET GA 169 13.24 -56.40 46.23
C MET GA 169 13.34 -55.17 47.14
N MET GA 170 12.23 -54.75 47.76
CA MET GA 170 12.23 -53.52 48.58
C MET GA 170 12.90 -53.79 49.93
N GLY GA 171 13.31 -55.04 50.17
CA GLY GA 171 13.93 -55.39 51.47
C GLY GA 171 15.09 -56.35 51.32
N GLY GA 172 15.04 -57.50 52.01
CA GLY GA 172 16.13 -58.49 51.96
C GLY GA 172 15.99 -59.53 53.05
N THR GA 173 17.03 -60.32 53.27
CA THR GA 173 16.98 -61.41 54.28
C THR GA 173 17.77 -61.00 55.51
N SER GA 174 17.25 -61.26 56.71
CA SER GA 174 17.92 -60.78 57.94
C SER GA 174 18.17 -61.95 58.90
N TYR GA 175 19.43 -62.37 59.01
CA TYR GA 175 19.79 -63.49 59.92
C TYR GA 175 20.10 -62.90 61.29
N VAL GA 176 19.87 -63.69 62.35
CA VAL GA 176 20.09 -63.16 63.73
C VAL GA 176 20.86 -64.20 64.55
N ALA GA 177 21.77 -63.74 65.42
CA ALA GA 177 22.60 -64.67 66.21
C ALA GA 177 21.74 -65.33 67.30
N ALA GA 178 21.88 -66.65 67.48
CA ALA GA 178 21.15 -67.34 68.57
C ALA GA 178 21.78 -66.99 69.92
N GLU GA 179 23.11 -67.12 70.02
CA GLU GA 179 23.79 -66.88 71.32
C GLU GA 179 23.81 -65.38 71.65
N GLY GA 180 23.66 -65.05 72.93
CA GLY GA 180 23.70 -63.63 73.34
C GLY GA 180 25.05 -63.26 73.94
N LYS GA 181 25.49 -62.03 73.71
CA LYS GA 181 26.80 -61.56 74.24
C LYS GA 181 26.54 -60.46 75.29
N ASP GA 182 27.27 -60.51 76.41
CA ASP GA 182 27.05 -59.53 77.50
C ASP GA 182 27.90 -58.28 77.26
N LYS GA 183 27.78 -57.30 78.15
CA LYS GA 183 28.55 -56.04 77.99
C LYS GA 183 30.04 -56.33 78.09
N ASP GA 184 30.43 -57.29 78.93
CA ASP GA 184 31.88 -57.55 79.15
C ASP GA 184 32.36 -58.66 78.20
N TRP GA 185 31.49 -59.15 77.32
CA TRP GA 185 31.93 -60.16 76.33
C TRP GA 185 33.01 -59.57 75.43
N LYS GA 186 34.05 -60.35 75.11
CA LYS GA 186 35.10 -59.86 74.19
C LYS GA 186 35.32 -60.94 73.13
N VAL GA 187 36.08 -60.61 72.08
CA VAL GA 187 36.35 -61.59 70.99
C VAL GA 187 37.49 -62.51 71.45
N GLN GA 188 37.14 -63.70 71.94
CA GLN GA 188 38.16 -64.66 72.41
C GLN GA 188 39.10 -64.98 71.25
N ALA GA 189 40.42 -65.02 71.51
CA ALA GA 189 41.38 -65.26 70.42
C ALA GA 189 41.20 -66.66 69.84
N GLY GA 190 41.76 -66.91 68.66
CA GLY GA 190 41.63 -68.22 68.01
C GLY GA 190 40.33 -68.32 67.24
N ALA GA 191 39.22 -67.91 67.87
CA ALA GA 191 37.91 -67.92 67.19
C ALA GA 191 37.56 -66.48 66.79
N ASN GA 192 38.57 -65.67 66.49
CA ASN GA 192 38.32 -64.24 66.14
C ASN GA 192 38.13 -64.13 64.63
N ASP GA 193 37.51 -65.13 64.01
CA ASP GA 193 37.35 -65.13 62.54
C ASP GA 193 35.92 -65.53 62.17
N ILE GA 194 35.25 -64.71 61.36
CA ILE GA 194 33.89 -65.08 60.89
C ILE GA 194 33.92 -65.06 59.36
N THR GA 195 33.28 -66.03 58.71
CA THR GA 195 33.37 -66.11 57.23
C THR GA 195 31.96 -66.17 56.65
N PHE GA 196 31.66 -65.30 55.68
CA PHE GA 196 30.32 -65.26 55.06
C PHE GA 196 30.43 -65.70 53.59
N THR GA 197 29.78 -66.81 53.24
CA THR GA 197 29.78 -67.24 51.81
C THR GA 197 28.40 -66.89 51.22
N LEU GA 198 28.35 -65.91 50.32
CA LEU GA 198 27.04 -65.47 49.78
C LEU GA 198 27.09 -65.42 48.26
N LYS GA 199 25.94 -65.63 47.60
CA LYS GA 199 25.89 -65.54 46.12
C LYS GA 199 25.54 -64.11 45.73
N ASP GA 200 26.42 -63.44 44.99
CA ASP GA 200 26.17 -62.03 44.61
C ASP GA 200 24.88 -61.95 43.80
N ILE GA 201 24.18 -60.82 43.89
CA ILE GA 201 22.91 -60.64 43.12
C ILE GA 201 23.15 -61.09 41.68
N ASP GA 202 24.22 -60.61 41.05
CA ASP GA 202 24.47 -60.95 39.62
C ASP GA 202 24.60 -62.47 39.48
N GLY GA 203 25.23 -63.13 40.44
CA GLY GA 203 25.32 -64.60 40.41
C GLY GA 203 26.74 -65.11 40.58
N ASN GA 204 27.63 -64.31 41.17
CA ASN GA 204 29.00 -64.83 41.45
C ASN GA 204 29.14 -65.09 42.94
N ASP GA 205 29.50 -66.32 43.33
CA ASP GA 205 29.63 -66.66 44.76
C ASP GA 205 30.73 -65.80 45.38
N GLN GA 206 30.47 -65.27 46.58
CA GLN GA 206 31.49 -64.45 47.28
C GLN GA 206 31.70 -65.04 48.68
N THR GA 207 32.94 -65.00 49.18
CA THR GA 207 33.24 -65.60 50.52
C THR GA 207 33.93 -64.55 51.38
N ILE GA 208 33.17 -63.61 51.93
CA ILE GA 208 33.77 -62.53 52.75
C ILE GA 208 34.34 -63.14 54.03
N THR GA 209 35.66 -62.99 54.24
CA THR GA 209 36.27 -63.50 55.50
C THR GA 209 36.69 -62.31 56.34
N VAL GA 210 36.07 -62.15 57.51
CA VAL GA 210 36.41 -61.01 58.41
C VAL GA 210 37.20 -61.57 59.59
N ASN GA 211 38.48 -61.20 59.70
CA ASN GA 211 39.30 -61.64 60.86
C ASN GA 211 39.11 -60.60 61.97
N ALA GA 212 38.09 -60.77 62.80
CA ALA GA 212 37.78 -59.76 63.84
C ALA GA 212 38.94 -59.67 64.83
N LYS GA 213 39.00 -58.58 65.59
CA LYS GA 213 40.15 -58.37 66.53
C LYS GA 213 39.69 -58.62 67.97
N GLU GA 214 40.63 -58.98 68.85
CA GLU GA 214 40.30 -59.27 70.26
C GLU GA 214 39.95 -57.98 70.99
N GLY GA 215 39.24 -58.07 72.12
CA GLY GA 215 38.91 -56.88 72.92
C GLY GA 215 37.68 -56.17 72.37
N ASP GA 216 37.28 -56.52 71.15
CA ASP GA 216 36.11 -55.86 70.51
C ASP GA 216 34.83 -56.34 71.22
N ASP GA 217 33.96 -55.41 71.59
CA ASP GA 217 32.65 -55.80 72.19
C ASP GA 217 31.74 -56.22 71.04
N ILE GA 218 30.59 -56.82 71.35
CA ILE GA 218 29.72 -57.34 70.26
C ILE GA 218 29.37 -56.17 69.33
N GLU GA 219 29.17 -54.97 69.88
CA GLU GA 219 28.89 -53.78 69.05
C GLU GA 219 30.07 -53.54 68.11
N GLU GA 220 31.30 -53.61 68.65
CA GLU GA 220 32.51 -53.35 67.82
C GLU GA 220 32.65 -54.47 66.77
N VAL GA 221 32.25 -55.68 67.14
CA VAL GA 221 32.27 -56.78 66.11
C VAL GA 221 31.43 -56.29 64.93
N ALA GA 222 30.22 -55.79 65.23
CA ALA GA 222 29.31 -55.36 64.14
C ALA GA 222 29.99 -54.25 63.33
N THR GA 223 30.60 -53.28 64.00
CA THR GA 223 31.19 -52.15 63.25
C THR GA 223 32.28 -52.69 62.32
N TYR GA 224 33.08 -53.64 62.81
CA TYR GA 224 34.21 -54.14 61.98
C TYR GA 224 33.61 -54.81 60.76
N ILE GA 225 32.61 -55.67 60.99
CA ILE GA 225 31.93 -56.34 59.86
C ILE GA 225 31.39 -55.25 58.93
N ASN GA 226 30.63 -54.30 59.48
CA ASN GA 226 30.02 -53.24 58.64
C ASN GA 226 31.10 -52.55 57.82
N GLY GA 227 32.25 -52.28 58.43
CA GLY GA 227 33.32 -51.56 57.73
C GLY GA 227 34.00 -52.41 56.67
N GLN GA 228 34.41 -53.63 57.03
CA GLN GA 228 35.19 -54.46 56.09
C GLN GA 228 34.36 -54.79 54.84
N THR GA 229 33.11 -55.21 55.00
CA THR GA 229 32.33 -55.65 53.81
C THR GA 229 31.12 -54.76 53.59
N ASP GA 230 30.56 -54.80 52.38
CA ASP GA 230 29.34 -54.01 52.07
C ASP GA 230 28.21 -54.97 51.69
N MET GA 231 28.55 -56.24 51.43
CA MET GA 231 27.53 -57.23 51.01
C MET GA 231 26.51 -57.38 52.13
N VAL GA 232 26.97 -57.43 53.38
CA VAL GA 232 26.05 -57.64 54.54
C VAL GA 232 26.14 -56.45 55.49
N LYS GA 233 25.06 -56.15 56.21
CA LYS GA 233 25.10 -55.05 57.22
C LYS GA 233 24.85 -55.70 58.59
N ALA GA 234 25.60 -55.28 59.60
CA ALA GA 234 25.49 -55.96 60.92
C ALA GA 234 25.16 -54.97 62.03
N SER GA 235 24.35 -55.38 63.00
CA SER GA 235 24.00 -54.51 64.14
C SER GA 235 23.56 -55.37 65.33
N VAL GA 236 23.79 -54.90 66.55
CA VAL GA 236 23.47 -55.72 67.76
C VAL GA 236 22.08 -55.33 68.27
N ASN GA 237 21.42 -56.25 68.99
CA ASN GA 237 20.06 -55.97 69.54
C ASN GA 237 20.16 -55.71 71.04
N GLU GA 238 19.03 -55.37 71.67
CA GLU GA 238 19.03 -55.11 73.14
C GLU GA 238 19.50 -56.36 73.87
N LYS GA 239 19.02 -57.53 73.44
CA LYS GA 239 19.38 -58.80 74.13
C LYS GA 239 20.90 -58.99 74.03
N GLY GA 240 21.55 -58.33 73.07
CA GLY GA 240 23.00 -58.44 72.91
C GLY GA 240 23.36 -59.41 71.79
N GLN GA 241 22.37 -59.88 71.05
CA GLN GA 241 22.63 -60.79 69.91
C GLN GA 241 22.93 -59.94 68.67
N LEU GA 242 24.04 -60.20 67.99
CA LEU GA 242 24.35 -59.48 66.73
C LEU GA 242 23.35 -59.91 65.65
N GLN GA 243 23.06 -59.03 64.69
CA GLN GA 243 22.11 -59.36 63.60
C GLN GA 243 22.79 -59.07 62.26
N ILE GA 244 22.50 -59.86 61.23
CA ILE GA 244 23.11 -59.65 59.89
C ILE GA 244 21.99 -59.52 58.85
N PHE GA 245 21.98 -58.43 58.09
CA PHE GA 245 20.96 -58.23 57.03
C PHE GA 245 21.62 -58.34 55.66
N ALA GA 246 20.95 -58.96 54.69
CA ALA GA 246 21.50 -59.06 53.32
C ALA GA 246 20.41 -58.66 52.32
N GLY GA 247 20.54 -57.47 51.73
CA GLY GA 247 19.54 -57.00 50.77
C GLY GA 247 19.53 -57.86 49.53
N ASN GA 248 18.34 -58.15 49.01
CA ASN GA 248 18.24 -58.96 47.76
C ASN GA 248 19.02 -58.23 46.67
N ASN GA 249 19.06 -56.90 46.73
CA ASN GA 249 19.72 -56.11 45.67
C ASN GA 249 21.21 -56.47 45.57
N LYS GA 250 21.84 -56.86 46.68
CA LYS GA 250 23.31 -57.11 46.65
C LYS GA 250 23.62 -58.59 46.85
N VAL GA 251 22.70 -59.36 47.45
CA VAL GA 251 23.03 -60.77 47.76
C VAL GA 251 21.85 -61.68 47.43
N THR GA 252 22.02 -62.57 46.44
CA THR GA 252 20.95 -63.54 46.12
C THR GA 252 21.15 -64.81 46.93
N GLY GA 253 20.07 -65.52 47.27
CA GLY GA 253 20.20 -66.82 47.97
C GLY GA 253 20.53 -66.68 49.44
N ASP GA 254 20.82 -67.81 50.10
CA ASP GA 254 21.14 -67.83 51.55
C ASP GA 254 22.62 -67.48 51.78
N VAL GA 255 22.90 -66.74 52.86
CA VAL GA 255 24.32 -66.42 53.21
C VAL GA 255 24.87 -67.61 54.03
N ALA GA 256 26.05 -68.11 53.65
CA ALA GA 256 26.64 -69.28 54.35
C ALA GA 256 27.62 -68.78 55.41
N PHE GA 257 27.22 -68.86 56.69
CA PHE GA 257 28.08 -68.40 57.80
C PHE GA 257 29.10 -69.48 58.16
N SER GA 258 30.36 -69.09 58.37
CA SER GA 258 31.42 -70.05 58.77
C SER GA 258 32.43 -69.36 59.68
N GLY GA 259 33.33 -70.10 60.32
CA GLY GA 259 34.37 -69.46 61.14
C GLY GA 259 34.11 -69.62 62.63
N GLY GA 260 35.16 -69.48 63.46
CA GLY GA 260 35.02 -69.69 64.91
C GLY GA 260 34.08 -68.69 65.54
N LEU GA 261 34.22 -67.40 65.20
CA LEU GA 261 33.33 -66.36 65.75
C LEU GA 261 31.89 -66.73 65.41
N ALA GA 262 31.65 -67.24 64.21
CA ALA GA 262 30.29 -67.62 63.78
C ALA GA 262 29.75 -68.66 64.76
N GLY GA 263 30.58 -69.62 65.15
CA GLY GA 263 30.15 -70.64 66.15
C GLY GA 263 29.79 -69.98 67.46
N ALA GA 264 30.61 -69.03 67.91
CA ALA GA 264 30.32 -68.31 69.17
C ALA GA 264 28.99 -67.57 69.03
N LEU GA 265 28.65 -67.14 67.81
CA LEU GA 265 27.40 -66.38 67.58
C LEU GA 265 26.24 -67.35 67.34
N ASN GA 266 26.53 -68.51 66.74
CA ASN GA 266 25.45 -69.48 66.41
C ASN GA 266 24.38 -68.74 65.58
N MET GA 267 24.80 -68.09 64.50
CA MET GA 267 23.85 -67.33 63.65
C MET GA 267 22.69 -68.26 63.28
N GLN GA 268 21.44 -67.77 63.38
CA GLN GA 268 20.25 -68.58 63.04
C GLN GA 268 19.78 -68.28 61.62
N ALA GA 269 18.61 -68.81 61.25
CA ALA GA 269 18.07 -68.61 59.88
C ALA GA 269 17.63 -67.15 59.71
N GLY GA 270 17.72 -66.65 58.48
CA GLY GA 270 17.24 -65.28 58.20
C GLY GA 270 15.79 -65.29 57.76
N THR GA 271 15.14 -64.13 57.76
CA THR GA 271 13.71 -64.04 57.36
C THR GA 271 13.54 -62.89 56.36
N ALA GA 272 12.43 -62.88 55.62
CA ALA GA 272 12.24 -61.84 54.58
C ALA GA 272 11.75 -60.54 55.23
N GLU GA 273 12.67 -59.79 55.81
CA GLU GA 273 12.31 -58.51 56.47
C GLU GA 273 12.16 -57.42 55.42
N THR GA 274 10.94 -57.21 54.91
CA THR GA 274 10.68 -56.14 53.91
C THR GA 274 10.25 -54.87 54.62
N VAL GA 275 10.14 -53.77 53.89
CA VAL GA 275 9.75 -52.46 54.51
C VAL GA 275 8.40 -52.68 55.21
N ASP GA 276 7.46 -53.35 54.54
CA ASP GA 276 6.10 -53.53 55.12
C ASP GA 276 6.21 -54.22 56.49
N THR GA 277 7.33 -54.90 56.77
CA THR GA 277 7.46 -55.66 58.03
C THR GA 277 8.54 -55.03 58.91
N ILE GA 278 8.56 -53.70 59.02
CA ILE GA 278 9.51 -53.02 59.94
C ILE GA 278 8.93 -53.01 61.35
N ASP GA 279 9.75 -52.71 62.36
CA ASP GA 279 9.27 -52.66 63.77
C ASP GA 279 10.33 -51.97 64.62
N VAL GA 280 10.24 -50.64 64.77
CA VAL GA 280 11.29 -49.90 65.52
C VAL GA 280 11.05 -50.05 67.03
N THR GA 281 9.89 -50.59 67.42
CA THR GA 281 9.57 -50.74 68.86
C THR GA 281 10.75 -51.38 69.58
N SER GA 282 11.64 -52.06 68.84
CA SER GA 282 12.78 -52.77 69.47
C SER GA 282 14.10 -52.23 68.89
N VAL GA 283 15.13 -52.10 69.73
CA VAL GA 283 16.42 -51.54 69.27
C VAL GA 283 16.86 -52.34 68.05
N GLY GA 284 16.94 -53.67 68.19
CA GLY GA 284 17.37 -54.52 67.07
C GLY GA 284 16.48 -54.28 65.87
N GLY GA 285 15.17 -54.20 66.08
CA GLY GA 285 14.23 -53.97 64.97
C GLY GA 285 14.54 -52.66 64.28
N ALA GA 286 14.78 -51.61 65.06
CA ALA GA 286 15.13 -50.29 64.48
C ALA GA 286 16.39 -50.46 63.63
N GLN GA 287 17.42 -51.11 64.20
CA GLN GA 287 18.68 -51.29 63.46
C GLN GA 287 18.37 -52.03 62.16
N GLN GA 288 17.63 -53.14 62.25
CA GLN GA 288 17.32 -53.93 61.04
C GLN GA 288 16.58 -53.04 60.04
N SER GA 289 15.61 -52.27 60.52
CA SER GA 289 14.82 -51.42 59.60
C SER GA 289 15.77 -50.49 58.85
N VAL GA 290 16.72 -49.89 59.56
CA VAL GA 290 17.65 -48.91 58.91
C VAL GA 290 18.19 -49.57 57.64
N ALA GA 291 18.73 -50.79 57.78
CA ALA GA 291 19.32 -51.47 56.61
C ALA GA 291 18.22 -51.74 55.58
N VAL GA 292 17.11 -52.36 56.01
CA VAL GA 292 15.99 -52.66 55.09
C VAL GA 292 15.70 -51.39 54.28
N ILE GA 293 15.61 -50.25 54.96
CA ILE GA 293 15.26 -48.98 54.26
C ILE GA 293 16.38 -48.65 53.27
N ASP GA 294 17.64 -48.85 53.68
CA ASP GA 294 18.77 -48.47 52.79
C ASP GA 294 18.66 -49.26 51.48
N SER GA 295 18.40 -50.57 51.58
CA SER GA 295 18.29 -51.41 50.36
C SER GA 295 17.14 -50.87 49.51
N ALA GA 296 16.02 -50.54 50.15
CA ALA GA 296 14.85 -50.04 49.41
C ALA GA 296 15.26 -48.79 48.63
N LEU GA 297 16.02 -47.91 49.27
CA LEU GA 297 16.42 -46.65 48.60
C LEU GA 297 17.11 -47.01 47.28
N LYS GA 298 18.07 -47.93 47.32
CA LYS GA 298 18.82 -48.29 46.10
C LYS GA 298 17.85 -48.88 45.08
N TYR GA 299 16.92 -49.72 45.55
CA TYR GA 299 15.94 -50.36 44.63
C TYR GA 299 15.19 -49.25 43.90
N VAL GA 300 14.69 -48.27 44.67
CA VAL GA 300 13.96 -47.13 44.05
C VAL GA 300 14.91 -46.43 43.09
N ASP GA 301 16.09 -46.04 43.60
CA ASP GA 301 17.08 -45.33 42.75
C ASP GA 301 17.26 -46.13 41.45
N SER GA 302 17.56 -47.43 41.58
CA SER GA 302 17.81 -48.23 40.35
C SER GA 302 16.71 -47.94 39.35
N HIS GA 303 15.45 -48.11 39.75
CA HIS GA 303 14.34 -47.93 38.78
C HIS GA 303 14.34 -46.50 38.27
N ARG GA 304 14.60 -45.54 39.17
CA ARG GA 304 14.57 -44.11 38.76
C ARG GA 304 15.60 -43.90 37.64
N ALA GA 305 16.80 -44.43 37.82
CA ALA GA 305 17.85 -44.27 36.79
C ALA GA 305 17.42 -44.94 35.49
N GLU GA 306 16.87 -46.15 35.59
CA GLU GA 306 16.42 -46.88 34.37
C GLU GA 306 15.36 -46.04 33.66
N LEU GA 307 14.41 -45.49 34.41
CA LEU GA 307 13.38 -44.62 33.81
C LEU GA 307 14.07 -43.41 33.19
N GLY GA 308 15.08 -42.89 33.88
CA GLY GA 308 15.82 -41.73 33.36
C GLY GA 308 16.48 -42.05 32.04
N ALA GA 309 17.13 -43.20 31.95
CA ALA GA 309 17.74 -43.62 30.67
C ALA GA 309 16.65 -43.71 29.60
N PHE GA 310 15.52 -44.32 29.95
CA PHE GA 310 14.40 -44.45 28.99
C PHE GA 310 13.99 -43.05 28.51
N GLN GA 311 14.00 -42.09 29.44
CA GLN GA 311 13.66 -40.70 29.06
C GLN GA 311 14.73 -40.18 28.11
N ASN GA 312 15.99 -40.21 28.53
CA ASN GA 312 17.08 -39.67 27.69
C ASN GA 312 16.99 -40.34 26.31
N ARG GA 313 16.76 -41.65 26.29
CA ARG GA 313 16.76 -42.37 24.99
C ARG GA 313 15.71 -41.75 24.06
N PHE GA 314 14.47 -41.64 24.54
CA PHE GA 314 13.41 -41.12 23.64
C PHE GA 314 13.77 -39.72 23.18
N ASN GA 315 14.37 -38.91 24.05
CA ASN GA 315 14.69 -37.52 23.68
C ASN GA 315 15.58 -37.54 22.43
N HIS GA 316 16.70 -38.27 22.50
CA HIS GA 316 17.61 -38.35 21.34
C HIS GA 316 16.85 -38.90 20.14
N ALA GA 317 16.04 -39.93 20.37
CA ALA GA 317 15.30 -40.57 19.27
C ALA GA 317 14.43 -39.52 18.57
N ILE GA 318 13.67 -38.75 19.35
CA ILE GA 318 12.77 -37.72 18.76
C ILE GA 318 13.64 -36.77 17.94
N SER GA 319 14.78 -36.34 18.50
CA SER GA 319 15.65 -35.38 17.79
C SER GA 319 16.00 -35.93 16.40
N ASN GA 320 16.36 -37.21 16.33
CA ASN GA 320 16.67 -37.84 15.03
C ASN GA 320 15.39 -37.89 14.20
N LEU GA 321 14.31 -38.38 14.78
CA LEU GA 321 13.06 -38.55 14.00
C LEU GA 321 12.75 -37.23 13.27
N ASP GA 322 12.86 -36.11 13.98
CA ASP GA 322 12.49 -34.81 13.35
C ASP GA 322 13.50 -34.48 12.24
N ASN GA 323 14.78 -34.76 12.47
CA ASN GA 323 15.80 -34.52 11.41
C ASN GA 323 15.40 -35.29 10.16
N ILE GA 324 15.09 -36.58 10.32
CA ILE GA 324 14.75 -37.42 9.14
C ILE GA 324 13.50 -36.83 8.50
N ASN GA 325 12.51 -36.48 9.31
CA ASN GA 325 11.23 -35.97 8.74
C ASN GA 325 11.57 -34.81 7.82
N GLU GA 326 12.40 -33.88 8.29
CA GLU GA 326 12.71 -32.67 7.48
C GLU GA 326 13.32 -33.10 6.15
N ASN GA 327 14.36 -33.93 6.19
CA ASN GA 327 15.05 -34.31 4.92
C ASN GA 327 14.07 -35.06 4.04
N VAL GA 328 13.28 -35.96 4.63
CA VAL GA 328 12.29 -36.74 3.85
C VAL GA 328 11.27 -35.78 3.24
N ASN GA 329 10.77 -34.84 4.04
CA ASN GA 329 9.73 -33.92 3.54
C ASN GA 329 10.31 -33.13 2.37
N ALA GA 330 11.58 -32.73 2.47
CA ALA GA 330 12.24 -31.98 1.38
C ALA GA 330 12.31 -32.83 0.12
N SER GA 331 12.64 -34.11 0.27
CA SER GA 331 12.78 -35.00 -0.91
C SER GA 331 11.41 -35.18 -1.59
N LYS GA 332 10.35 -35.29 -0.78
CA LYS GA 332 8.99 -35.39 -1.35
C LYS GA 332 8.74 -34.13 -2.19
N SER GA 333 9.19 -32.99 -1.70
CA SER GA 333 8.94 -31.71 -2.42
C SER GA 333 9.63 -31.78 -3.78
N ARG GA 334 10.85 -32.33 -3.81
CA ARG GA 334 11.62 -32.41 -5.08
C ARG GA 334 10.88 -33.28 -6.09
N ILE GA 335 9.97 -34.15 -5.64
CA ILE GA 335 9.32 -35.09 -6.60
C ILE GA 335 7.85 -34.69 -6.82
N LYS GA 336 7.16 -34.19 -5.79
CA LYS GA 336 5.70 -33.95 -5.95
C LYS GA 336 5.38 -32.45 -6.00
N ASP GA 337 6.17 -31.61 -5.32
CA ASP GA 337 5.83 -30.17 -5.26
C ASP GA 337 5.91 -29.56 -6.67
N THR GA 338 4.99 -28.65 -7.01
CA THR GA 338 5.05 -27.97 -8.33
C THR GA 338 5.98 -26.77 -8.23
N ASP GA 339 6.97 -26.66 -9.13
CA ASP GA 339 7.84 -25.46 -9.15
C ASP GA 339 7.03 -24.35 -9.81
N PHE GA 340 6.51 -23.41 -9.01
CA PHE GA 340 5.61 -22.38 -9.58
C PHE GA 340 6.31 -21.70 -10.75
N ALA GA 341 7.59 -21.35 -10.62
CA ALA GA 341 8.27 -20.61 -11.71
C ALA GA 341 8.12 -21.37 -13.03
N LYS GA 342 8.53 -22.64 -13.06
CA LYS GA 342 8.49 -23.41 -14.32
C LYS GA 342 7.05 -23.53 -14.82
N GLU GA 343 6.12 -23.88 -13.93
CA GLU GA 343 4.71 -24.10 -14.37
C GLU GA 343 4.10 -22.78 -14.84
N THR GA 344 4.32 -21.69 -14.10
CA THR GA 344 3.75 -20.38 -14.50
C THR GA 344 4.28 -20.01 -15.87
N THR GA 345 5.58 -20.22 -16.10
CA THR GA 345 6.15 -19.96 -17.45
C THR GA 345 5.39 -20.82 -18.47
N ALA GA 346 5.25 -22.11 -18.20
CA ALA GA 346 4.62 -23.02 -19.19
C ALA GA 346 3.19 -22.55 -19.47
N LEU GA 347 2.45 -22.21 -18.42
CA LEU GA 347 1.04 -21.81 -18.61
C LEU GA 347 0.99 -20.66 -19.62
N THR GA 348 1.81 -19.63 -19.39
CA THR GA 348 1.79 -18.46 -20.29
C THR GA 348 2.05 -18.92 -21.72
N LYS GA 349 3.13 -19.68 -21.93
CA LYS GA 349 3.46 -20.13 -23.29
C LYS GA 349 2.22 -20.81 -23.87
N SER GA 350 1.65 -21.76 -23.12
CA SER GA 350 0.49 -22.52 -23.64
C SER GA 350 -0.59 -21.53 -24.09
N GLN GA 351 -0.90 -20.57 -23.23
CA GLN GA 351 -1.98 -19.60 -23.55
C GLN GA 351 -1.61 -18.86 -24.84
N ILE GA 352 -0.38 -18.37 -24.92
CA ILE GA 352 0.03 -17.58 -26.12
C ILE GA 352 -0.15 -18.48 -27.35
N LEU GA 353 0.44 -19.67 -27.32
CA LEU GA 353 0.29 -20.63 -28.44
C LEU GA 353 -1.20 -20.77 -28.77
N SER GA 354 -2.01 -21.08 -27.75
CA SER GA 354 -3.46 -21.31 -28.00
C SER GA 354 -4.00 -20.15 -28.81
N GLN GA 355 -3.76 -18.92 -28.35
CA GLN GA 355 -4.27 -17.72 -29.06
C GLN GA 355 -3.69 -17.71 -30.48
N ALA GA 356 -2.38 -17.93 -30.59
CA ALA GA 356 -1.74 -17.92 -31.92
C ALA GA 356 -2.44 -18.92 -32.83
N SER GA 357 -2.49 -20.18 -32.40
CA SER GA 357 -3.09 -21.24 -33.25
C SER GA 357 -4.47 -20.78 -33.70
N SER GA 358 -5.32 -20.44 -32.73
CA SER GA 358 -6.71 -20.03 -33.06
C SER GA 358 -6.66 -18.99 -34.18
N SER GA 359 -5.75 -18.01 -34.05
CA SER GA 359 -5.67 -16.93 -35.05
C SER GA 359 -5.38 -17.55 -36.43
N VAL GA 360 -4.40 -18.45 -36.49
CA VAL GA 360 -4.09 -19.14 -37.77
C VAL GA 360 -5.33 -19.89 -38.21
N LEU GA 361 -5.98 -20.60 -37.29
CA LEU GA 361 -7.20 -21.38 -37.63
C LEU GA 361 -8.22 -20.43 -38.26
N ALA GA 362 -8.34 -19.22 -37.71
CA ALA GA 362 -9.31 -18.25 -38.25
C ALA GA 362 -8.96 -17.91 -39.70
N GLN GA 363 -7.67 -17.63 -39.95
CA GLN GA 363 -7.25 -17.36 -41.35
C GLN GA 363 -7.49 -18.61 -42.18
N ALA GA 364 -7.25 -19.79 -41.61
CA ALA GA 364 -7.42 -21.06 -42.34
C ALA GA 364 -8.86 -21.21 -42.81
N LYS GA 365 -9.81 -20.86 -41.94
CA LYS GA 365 -11.25 -21.03 -42.29
C LYS GA 365 -11.58 -20.21 -43.54
N GLN GA 366 -10.84 -19.13 -43.79
CA GLN GA 366 -11.18 -18.25 -44.94
C GLN GA 366 -10.47 -18.72 -46.21
N ALA GA 367 -9.59 -19.71 -46.09
CA ALA GA 367 -8.83 -20.17 -47.27
C ALA GA 367 -9.80 -20.64 -48.37
N PRO GA 368 -10.82 -21.47 -48.10
CA PRO GA 368 -11.76 -21.86 -49.14
C PRO GA 368 -12.49 -20.66 -49.77
N ASN GA 369 -12.60 -19.55 -49.04
CA ASN GA 369 -13.38 -18.38 -49.54
C ASN GA 369 -12.85 -17.99 -50.93
N ALA GA 370 -11.55 -18.15 -51.15
CA ALA GA 370 -10.96 -17.74 -52.45
C ALA GA 370 -11.69 -18.39 -53.61
N ALA GA 371 -12.30 -19.56 -53.38
CA ALA GA 371 -13.04 -20.25 -54.47
C ALA GA 371 -14.09 -19.31 -55.07
N LEU GA 372 -15.00 -18.81 -54.23
CA LEU GA 372 -16.11 -17.98 -54.76
C LEU GA 372 -15.55 -16.95 -55.73
N SER GA 373 -14.39 -16.37 -55.41
CA SER GA 373 -13.82 -15.30 -56.27
C SER GA 373 -13.72 -15.83 -57.69
N LEU GA 374 -13.36 -17.10 -57.85
CA LEU GA 374 -13.29 -17.71 -59.21
C LEU GA 374 -14.72 -18.09 -59.62
N LEU GA 375 -15.65 -17.15 -59.56
CA LEU GA 375 -17.06 -17.41 -59.95
C LEU GA 375 -17.56 -18.65 -59.20
N GLY GA 376 -17.07 -18.85 -57.97
CA GLY GA 376 -17.50 -20.01 -57.16
C GLY GA 376 -17.85 -21.20 -58.02
#